data_9BGM
#
_entry.id   9BGM
#
_cell.length_a   1.00
_cell.length_b   1.00
_cell.length_c   1.00
_cell.angle_alpha   90.00
_cell.angle_beta   90.00
_cell.angle_gamma   90.00
#
_symmetry.space_group_name_H-M   'P 1'
#
loop_
_entity.id
_entity.type
_entity.pdbx_description
1 polymer 'gp75 tail tube'
2 polymer 'gp83 head-to-tail'
3 polymer 'gp80 portal protein'
#
loop_
_entity_poly.entity_id
_entity_poly.type
_entity_poly.pdbx_seq_one_letter_code
_entity_poly.pdbx_strand_id
1 'polypeptide(L)'
;MAVEPITIADLTEVKLDGKGALDQLLQVTRLHLAKEHDAGRLKGQEYAAVLTGGITAVLQNAVMFLLQKDEAANKAALVE
AQIKLTEKQGELLDKQIAQADKDAELIAAKVKLTLEQAKLPDSQIRSAGFQDLLVQEQTKVQTAQTRRIDQEILSAGFQD
LLVKEQTAKTKQDVLTAVQQTKVMEQQVLESTQKVLNMKQELLNLVAQECLLKAQFDLTKDQGLNTQEQTILVRQKVASE
RAQTIGAGVDADSVIGRQKELYKAQADGFKRDAEQKAAKILIDTWNVRRTTDTGTQANTTNRLDDANVGRVVNMLMTGVG
A
;
a,A,D,G,J,M,P,S,W,Z,f,i
2 'polypeptide(L)'
;MTIQLKQVIDLLAEGELSNIKYVNIDTGALVLERVPSLIRAINLGVLDLHKRFLLKEGMLKIQLEEGRRLYPLRPAYQVG
QKPKPGVPQFITEGNKLGRQSILKIEKIIGDNGVEYYLNDTWQPLNITTPEFDVLEISDEFYCHSSSKTLEVRYRRAPTP
MKICVDNLDSWGCIDIDLPYTHLQALLYFVASRCQTPIGFMENTAQEGFNFSQKYEAECANLDAQNLRIDPVGNQDRFTR
GGWV
;
b,B,E,H,K,N,Q,T,X,d,g,j
3 'polypeptide(L)'
;MADVDEDYLTLPNEDGDPSKRLQPEWSNAPSLAQLKQDYQEAKQVTDEKITQINRWLDYMHVRGEGKPKTEKGKSAVQPP
TIRKQAEWRYSSLSEPFLSSPNIFEVNPVTWEDAESARQNGLVLNQQFNTKLNKQRFIDEYVRAGVDEGTIIVKVGWNYQ
SRTVKEQVVTYEMMPDSSEELAQIYQTAAQIREESPSEYPEIPEDVRLGLEETEANGIQVRAVPVGSEEEEREETVENHP
TVQVCDYNNIVIDPSCGSDFSKAKFLIETFESSYAELKADGRYKNLDKIQVEGQNLLSEPDYTGPSEGVRNFDFQDKSRK
RLVVHEYWGYYDIHGDGVLHPIVATWVGAVMIRMEENPFPDKKIPYVVVSYIPRKRDLYGESDGALLIDNQRIIGAVTRG
MIDTMARSANGQVGVMKGALDVTNRRRFDRGENYEFNPGADPRAAVHMHTFPEIPQSAQYMINLQQAEAESMTGVKAFNA
GISGAALGDTATAVRGALDAASKRELGILRRLSAGIIEIGRKIIAMNAEFLDDVEVVRITNEHFVDIRRDDLAGNFDLKL
DISTAEEDNAKVNDLTFMLQTMGPNMDPMMAQQIMGQIMELKKMPDFAKRIREFQPQPDPIAQQKAQLELMLLQAQIEAE
RARAAHYMSGAGLQDSKVGTEQAKARALASQADMTDLNFLEQESGVQQARKRELQQAQSEAQGKLAMLNSQLKRLDEATS
ARTSQK
;
c,C,F,I,L,O,R,V,Y,e,h,k
#
# COMPACT_ATOMS: atom_id res chain seq x y z
N ALA A 2 77.27 -36.82 -94.75
CA ALA A 2 77.42 -35.96 -93.58
C ALA A 2 76.06 -35.49 -93.09
N VAL A 3 75.02 -36.26 -93.40
CA VAL A 3 73.65 -35.91 -93.07
C VAL A 3 73.20 -36.81 -91.93
N GLU A 4 73.25 -36.29 -90.70
CA GLU A 4 72.70 -36.99 -89.56
C GLU A 4 71.27 -36.54 -89.37
N PRO A 5 70.28 -37.43 -89.44
CA PRO A 5 68.89 -37.01 -89.36
C PRO A 5 68.48 -36.78 -87.93
N ILE A 6 68.10 -35.54 -87.61
CA ILE A 6 67.62 -35.24 -86.28
C ILE A 6 66.22 -35.82 -86.12
N THR A 7 66.01 -36.56 -85.03
CA THR A 7 64.77 -37.30 -84.85
C THR A 7 64.18 -36.98 -83.49
N ILE A 8 63.02 -37.58 -83.23
CA ILE A 8 62.36 -37.43 -81.95
C ILE A 8 63.26 -37.97 -80.85
N ALA A 9 64.01 -39.03 -81.13
CA ALA A 9 64.97 -39.53 -80.16
C ALA A 9 66.02 -38.48 -79.86
N ASP A 10 66.47 -37.76 -80.87
CA ASP A 10 67.43 -36.68 -80.65
C ASP A 10 66.83 -35.60 -79.76
N LEU A 11 65.57 -35.24 -80.01
CA LEU A 11 64.93 -34.24 -79.16
C LEU A 11 64.80 -34.72 -77.73
N THR A 12 64.19 -35.88 -77.55
CA THR A 12 64.04 -36.49 -76.24
C THR A 12 63.64 -37.96 -76.36
N GLU A 13 64.40 -38.84 -75.72
CA GLU A 13 63.91 -40.19 -75.51
C GLU A 13 63.04 -40.21 -74.27
N VAL A 14 62.17 -41.22 -74.18
CA VAL A 14 61.06 -41.15 -73.24
C VAL A 14 61.54 -41.26 -71.80
N LYS A 15 62.70 -41.85 -71.57
CA LYS A 15 63.18 -42.07 -70.21
C LYS A 15 63.40 -40.74 -69.48
N LEU A 16 63.25 -40.79 -68.16
CA LEU A 16 63.48 -39.59 -67.35
C LEU A 16 64.94 -39.16 -67.38
N ASP A 17 65.86 -40.12 -67.32
CA ASP A 17 67.28 -39.83 -67.26
C ASP A 17 67.94 -39.84 -68.63
N GLY A 18 67.18 -39.62 -69.69
CA GLY A 18 67.73 -39.67 -71.02
C GLY A 18 68.70 -38.55 -71.30
N LYS A 19 69.14 -38.49 -72.55
CA LYS A 19 70.08 -37.47 -73.01
C LYS A 19 69.46 -36.47 -73.96
N GLY A 20 68.13 -36.49 -74.12
CA GLY A 20 67.48 -35.50 -74.94
C GLY A 20 67.63 -34.11 -74.38
N ALA A 21 67.53 -33.13 -75.28
CA ALA A 21 67.70 -31.74 -74.86
C ALA A 21 66.64 -31.34 -73.83
N LEU A 22 65.39 -31.71 -74.09
CA LEU A 22 64.33 -31.44 -73.13
C LEU A 22 64.64 -32.10 -71.79
N ASP A 23 65.11 -33.34 -71.83
CA ASP A 23 65.39 -34.06 -70.60
C ASP A 23 66.47 -33.36 -69.79
N GLN A 24 67.54 -32.92 -70.45
CA GLN A 24 68.63 -32.34 -69.68
C GLN A 24 68.29 -30.94 -69.19
N LEU A 25 67.52 -30.19 -69.96
CA LEU A 25 67.05 -28.89 -69.45
C LEU A 25 66.18 -29.08 -68.21
N LEU A 26 65.27 -30.05 -68.25
CA LEU A 26 64.46 -30.31 -67.08
C LEU A 26 65.32 -30.76 -65.91
N GLN A 27 66.35 -31.56 -66.17
CA GLN A 27 67.23 -32.01 -65.09
C GLN A 27 67.95 -30.83 -64.44
N VAL A 28 68.46 -29.89 -65.23
CA VAL A 28 69.18 -28.78 -64.62
C VAL A 28 68.22 -27.89 -63.83
N THR A 29 66.99 -27.71 -64.35
CA THR A 29 66.01 -26.97 -63.57
C THR A 29 65.72 -27.68 -62.25
N ARG A 30 65.59 -29.00 -62.29
CA ARG A 30 65.37 -29.75 -61.06
C ARG A 30 66.52 -29.57 -60.09
N LEU A 31 67.76 -29.57 -60.58
CA LEU A 31 68.89 -29.40 -59.67
C LEU A 31 68.87 -28.05 -59.00
N HIS A 32 68.61 -27.00 -59.77
CA HIS A 32 68.56 -25.67 -59.15
C HIS A 32 67.46 -25.59 -58.11
N LEU A 33 66.28 -26.10 -58.44
CA LEU A 33 65.20 -26.07 -57.46
C LEU A 33 65.53 -26.92 -56.24
N ALA A 34 66.21 -28.05 -56.45
CA ALA A 34 66.55 -28.91 -55.33
C ALA A 34 67.51 -28.22 -54.37
N LYS A 35 68.52 -27.55 -54.90
CA LYS A 35 69.41 -26.80 -54.01
C LYS A 35 68.64 -25.69 -53.30
N GLU A 36 67.73 -25.02 -54.00
CA GLU A 36 66.96 -23.98 -53.34
C GLU A 36 66.14 -24.52 -52.19
N HIS A 37 65.52 -25.69 -52.38
CA HIS A 37 64.74 -26.29 -51.31
C HIS A 37 65.62 -26.79 -50.19
N ASP A 38 66.80 -27.29 -50.51
CA ASP A 38 67.71 -27.75 -49.47
C ASP A 38 68.12 -26.61 -48.56
N ALA A 39 68.43 -25.46 -49.14
CA ALA A 39 68.50 -24.28 -48.31
C ALA A 39 67.08 -23.92 -47.87
N GLY A 40 66.98 -23.23 -46.74
CA GLY A 40 65.66 -22.95 -46.22
C GLY A 40 64.93 -21.87 -47.00
N ARG A 41 64.57 -22.15 -48.25
CA ARG A 41 63.94 -21.11 -49.06
C ARG A 41 62.74 -21.57 -49.88
N LEU A 42 62.49 -22.85 -50.04
CA LEU A 42 61.32 -23.32 -50.79
C LEU A 42 60.58 -24.39 -50.03
N LYS A 43 59.26 -24.32 -50.05
CA LYS A 43 58.46 -25.44 -49.61
C LYS A 43 58.31 -26.44 -50.74
N GLY A 44 57.76 -27.59 -50.42
CA GLY A 44 57.64 -28.64 -51.41
C GLY A 44 56.56 -28.44 -52.44
N GLN A 45 55.84 -27.32 -52.39
CA GLN A 45 54.75 -27.06 -53.32
C GLN A 45 55.11 -26.05 -54.39
N GLU A 46 55.83 -24.98 -54.04
CA GLU A 46 56.35 -24.10 -55.08
C GLU A 46 57.26 -24.87 -56.02
N TYR A 47 57.94 -25.90 -55.51
CA TYR A 47 58.76 -26.74 -56.35
C TYR A 47 57.94 -27.32 -57.50
N ALA A 48 56.74 -27.82 -57.20
CA ALA A 48 55.90 -28.37 -58.25
C ALA A 48 55.31 -27.27 -59.12
N ALA A 49 54.90 -26.17 -58.50
CA ALA A 49 54.25 -25.11 -59.24
C ALA A 49 55.16 -24.54 -60.32
N VAL A 50 56.41 -24.26 -59.96
CA VAL A 50 57.34 -23.68 -60.91
C VAL A 50 57.59 -24.62 -62.07
N LEU A 51 57.80 -25.89 -61.77
CA LEU A 51 58.09 -26.87 -62.82
C LEU A 51 56.92 -26.98 -63.79
N THR A 52 55.71 -27.13 -63.25
CA THR A 52 54.55 -27.28 -64.12
C THR A 52 54.33 -26.04 -64.96
N GLY A 53 54.56 -24.86 -64.38
CA GLY A 53 54.46 -23.65 -65.17
C GLY A 53 55.49 -23.61 -66.28
N GLY A 54 56.69 -24.11 -66.01
CA GLY A 54 57.78 -23.97 -66.95
C GLY A 54 57.74 -24.92 -68.12
N ILE A 55 57.10 -26.09 -67.95
CA ILE A 55 57.18 -27.18 -68.92
C ILE A 55 57.09 -26.71 -70.37
N THR A 56 56.02 -25.99 -70.72
CA THR A 56 55.79 -25.68 -72.13
C THR A 56 56.80 -24.67 -72.66
N ALA A 57 57.19 -23.69 -71.85
CA ALA A 57 58.19 -22.74 -72.30
C ALA A 57 59.52 -23.42 -72.53
N VAL A 58 59.89 -24.34 -71.64
CA VAL A 58 61.12 -25.09 -71.83
C VAL A 58 61.05 -25.89 -73.13
N LEU A 59 59.90 -26.51 -73.39
CA LEU A 59 59.74 -27.26 -74.62
C LEU A 59 59.95 -26.37 -75.84
N GLN A 60 59.32 -25.20 -75.84
CA GLN A 60 59.44 -24.29 -76.97
C GLN A 60 60.88 -23.87 -77.18
N ASN A 61 61.59 -23.54 -76.09
CA ASN A 61 62.97 -23.13 -76.23
C ASN A 61 63.84 -24.25 -76.77
N ALA A 62 63.62 -25.48 -76.31
CA ALA A 62 64.41 -26.60 -76.81
C ALA A 62 64.16 -26.82 -78.30
N VAL A 63 62.91 -26.73 -78.73
CA VAL A 63 62.61 -26.89 -80.15
C VAL A 63 63.30 -25.79 -80.95
N MET A 64 63.25 -24.56 -80.47
CA MET A 64 63.98 -23.48 -81.14
C MET A 64 65.46 -23.79 -81.23
N PHE A 65 66.01 -24.39 -80.18
CA PHE A 65 67.45 -24.61 -80.13
C PHE A 65 67.89 -25.66 -81.13
N LEU A 66 67.17 -26.78 -81.19
CA LEU A 66 67.64 -27.89 -82.02
C LEU A 66 67.70 -27.52 -83.49
N LEU A 67 66.70 -26.79 -83.98
CA LEU A 67 66.66 -26.48 -85.40
C LEU A 67 67.83 -25.62 -85.82
N GLN A 68 68.15 -24.59 -85.05
CA GLN A 68 69.19 -23.66 -85.45
C GLN A 68 70.57 -24.04 -84.96
N LYS A 69 70.69 -25.05 -84.09
CA LYS A 69 71.97 -25.37 -83.48
C LYS A 69 73.06 -25.66 -84.50
N ASP A 70 72.86 -26.73 -85.26
CA ASP A 70 73.97 -27.32 -86.02
C ASP A 70 74.49 -26.38 -87.10
N GLU A 71 73.61 -25.77 -87.88
CA GLU A 71 74.05 -25.08 -89.08
C GLU A 71 74.80 -23.79 -88.79
N ALA A 72 74.71 -23.26 -87.57
CA ALA A 72 75.37 -21.99 -87.28
C ALA A 72 76.89 -22.12 -87.39
N ALA A 73 77.45 -23.19 -86.83
CA ALA A 73 78.89 -23.39 -86.92
C ALA A 73 79.33 -23.54 -88.37
N ASN A 74 78.53 -24.26 -89.16
CA ASN A 74 78.84 -24.40 -90.57
C ASN A 74 78.85 -23.04 -91.27
N LYS A 75 77.86 -22.20 -90.94
CA LYS A 75 77.82 -20.88 -91.54
C LYS A 75 79.06 -20.08 -91.17
N ALA A 76 79.50 -20.17 -89.92
CA ALA A 76 80.69 -19.44 -89.50
C ALA A 76 81.92 -19.90 -90.26
N ALA A 77 82.08 -21.22 -90.41
CA ALA A 77 83.24 -21.72 -91.16
C ALA A 77 83.19 -21.25 -92.60
N LEU A 78 82.00 -21.26 -93.20
CA LEU A 78 81.87 -20.74 -94.56
C LEU A 78 82.31 -19.28 -94.63
N VAL A 79 81.93 -18.49 -93.63
CA VAL A 79 82.28 -17.08 -93.64
C VAL A 79 83.80 -16.90 -93.58
N GLU A 80 84.47 -17.65 -92.70
CA GLU A 80 85.92 -17.46 -92.61
C GLU A 80 86.63 -17.94 -93.88
N ALA A 81 86.11 -19.00 -94.51
CA ALA A 81 86.65 -19.39 -95.81
C ALA A 81 86.51 -18.26 -96.82
N GLN A 82 85.35 -17.60 -96.83
CA GLN A 82 85.19 -16.44 -97.71
C GLN A 82 86.17 -15.34 -97.36
N ILE A 83 86.51 -15.21 -96.08
CA ILE A 83 87.51 -14.21 -95.68
C ILE A 83 88.83 -14.48 -96.37
N LYS A 84 89.28 -15.73 -96.32
CA LYS A 84 90.53 -16.08 -96.99
C LYS A 84 90.43 -15.84 -98.49
N LEU A 85 89.28 -16.16 -99.07
CA LEU A 85 89.09 -15.94 -100.51
C LEU A 85 89.23 -14.47 -100.87
N THR A 86 88.63 -13.59 -100.06
CA THR A 86 88.77 -12.16 -100.32
C THR A 86 90.22 -11.71 -100.14
N GLU A 87 90.93 -12.29 -99.18
CA GLU A 87 92.36 -12.01 -99.06
C GLU A 87 93.05 -12.25 -100.41
N LYS A 88 92.79 -13.42 -100.99
CA LYS A 88 93.48 -13.76 -102.24
C LYS A 88 93.04 -12.88 -103.40
N GLN A 89 91.75 -12.52 -103.46
CA GLN A 89 91.32 -11.60 -104.51
C GLN A 89 92.03 -10.25 -104.38
N GLY A 90 92.16 -9.75 -103.15
CA GLY A 90 92.88 -8.51 -102.96
C GLY A 90 94.31 -8.61 -103.42
N GLU A 91 94.97 -9.72 -103.12
CA GLU A 91 96.35 -9.90 -103.59
C GLU A 91 96.40 -9.88 -105.12
N LEU A 92 95.46 -10.56 -105.77
CA LEU A 92 95.46 -10.59 -107.22
C LEU A 92 95.28 -9.19 -107.80
N LEU A 93 94.41 -8.39 -107.21
CA LEU A 93 94.25 -7.03 -107.72
C LEU A 93 95.49 -6.18 -107.48
N ASP A 94 96.19 -6.44 -106.37
CA ASP A 94 97.47 -5.78 -106.15
C ASP A 94 98.43 -6.12 -107.27
N LYS A 95 98.41 -7.36 -107.73
CA LYS A 95 99.18 -7.70 -108.92
C LYS A 95 98.67 -6.98 -110.15
N GLN A 96 97.35 -6.80 -110.23
CA GLN A 96 96.70 -6.22 -111.39
C GLN A 96 97.17 -4.80 -111.66
N ILE A 97 97.29 -3.99 -110.61
CA ILE A 97 97.62 -2.57 -110.81
C ILE A 97 99.01 -2.44 -111.42
N ALA A 98 99.98 -3.19 -110.87
CA ALA A 98 101.33 -3.15 -111.40
C ALA A 98 101.39 -3.70 -112.82
N GLN A 99 100.63 -4.77 -113.08
CA GLN A 99 100.60 -5.31 -114.43
C GLN A 99 100.14 -4.26 -115.44
N ALA A 100 99.04 -3.58 -115.12
CA ALA A 100 98.52 -2.58 -116.04
C ALA A 100 99.50 -1.42 -116.21
N ASP A 101 100.11 -0.98 -115.11
CA ASP A 101 101.04 0.14 -115.19
C ASP A 101 102.22 -0.21 -116.09
N LYS A 102 102.72 -1.43 -116.00
CA LYS A 102 103.76 -1.87 -116.94
C LYS A 102 103.21 -1.98 -118.35
N ASP A 103 101.94 -2.36 -118.50
CA ASP A 103 101.31 -2.45 -119.82
C ASP A 103 101.05 -1.10 -120.46
N ALA A 104 101.25 -0.01 -119.72
CA ALA A 104 100.81 1.31 -120.17
C ALA A 104 101.26 1.64 -121.60
N GLU A 105 102.54 1.45 -121.91
CA GLU A 105 103.13 2.04 -123.12
C GLU A 105 102.90 1.24 -124.39
N LEU A 106 102.34 0.03 -124.30
CA LEU A 106 102.08 -0.74 -125.52
C LEU A 106 101.17 0.04 -126.46
N ILE A 107 100.22 0.79 -125.92
CA ILE A 107 99.36 1.61 -126.76
C ILE A 107 100.18 2.69 -127.46
N ALA A 108 101.20 3.24 -126.78
CA ALA A 108 102.06 4.21 -127.43
C ALA A 108 102.84 3.59 -128.58
N ALA A 109 103.31 2.36 -128.38
CA ALA A 109 103.97 1.66 -129.48
C ALA A 109 103.01 1.49 -130.66
N LYS A 110 101.77 1.09 -130.36
CA LYS A 110 100.77 0.97 -131.42
C LYS A 110 100.53 2.30 -132.11
N VAL A 111 100.56 3.38 -131.34
CA VAL A 111 100.42 4.72 -131.90
C VAL A 111 101.52 4.98 -132.91
N LYS A 112 102.76 4.62 -132.56
CA LYS A 112 103.86 4.86 -133.48
C LYS A 112 103.70 4.02 -134.74
N LEU A 113 103.25 2.77 -134.58
CA LEU A 113 102.92 1.96 -135.76
C LEU A 113 101.96 2.70 -136.68
N THR A 114 100.87 3.20 -136.11
CA THR A 114 99.87 3.90 -136.91
C THR A 114 100.47 5.11 -137.60
N LEU A 115 101.23 5.92 -136.86
CA LEU A 115 101.84 7.13 -137.40
C LEU A 115 102.71 6.81 -138.60
N GLU A 116 103.62 5.85 -138.45
CA GLU A 116 104.54 5.53 -139.53
C GLU A 116 103.79 4.98 -140.74
N GLN A 117 102.84 4.06 -140.49
CA GLN A 117 102.11 3.45 -141.60
C GLN A 117 101.30 4.50 -142.36
N ALA A 118 100.68 5.43 -141.65
CA ALA A 118 99.92 6.48 -142.32
C ALA A 118 100.82 7.40 -143.12
N LYS A 119 101.90 7.86 -142.49
CA LYS A 119 102.76 8.86 -143.13
C LYS A 119 103.39 8.31 -144.40
N LEU A 120 104.03 7.15 -144.31
CA LEU A 120 104.80 6.68 -145.47
C LEU A 120 103.90 6.10 -146.56
N PRO A 121 103.16 5.04 -146.24
CA PRO A 121 102.59 4.20 -147.29
C PRO A 121 101.63 4.91 -148.23
N ASP A 122 100.59 5.53 -147.66
CA ASP A 122 99.54 6.11 -148.49
C ASP A 122 100.10 7.11 -149.49
N SER A 123 100.72 8.18 -148.99
CA SER A 123 101.19 9.24 -149.87
C SER A 123 102.29 8.74 -150.81
N GLN A 124 103.24 7.96 -150.28
CA GLN A 124 104.34 7.48 -151.13
C GLN A 124 103.81 6.65 -152.28
N ILE A 125 102.96 5.67 -151.98
CA ILE A 125 102.40 4.82 -153.02
C ILE A 125 101.60 5.65 -154.00
N ARG A 126 100.76 6.56 -153.50
CA ARG A 126 99.96 7.40 -154.38
C ARG A 126 100.83 8.10 -155.40
N SER A 127 101.79 8.90 -154.92
CA SER A 127 102.60 9.70 -155.83
C SER A 127 103.39 8.82 -156.80
N ALA A 128 104.14 7.85 -156.27
CA ALA A 128 105.03 7.06 -157.11
C ALA A 128 104.25 6.25 -158.12
N GLY A 129 103.21 5.53 -157.67
CA GLY A 129 102.43 4.73 -158.59
C GLY A 129 101.74 5.58 -159.65
N PHE A 130 101.17 6.72 -159.25
CA PHE A 130 100.49 7.56 -160.23
C PHE A 130 101.46 8.00 -161.32
N GLN A 131 102.61 8.57 -160.92
CA GLN A 131 103.56 9.08 -161.91
C GLN A 131 104.06 7.95 -162.80
N ASP A 132 104.51 6.84 -162.19
CA ASP A 132 105.09 5.75 -162.96
C ASP A 132 104.07 5.14 -163.91
N LEU A 133 102.87 4.87 -163.42
CA LEU A 133 101.85 4.26 -164.26
C LEU A 133 101.47 5.17 -165.41
N LEU A 134 101.27 6.47 -165.15
CA LEU A 134 100.89 7.37 -166.22
C LEU A 134 101.97 7.44 -167.30
N VAL A 135 103.23 7.62 -166.88
CA VAL A 135 104.31 7.75 -167.86
C VAL A 135 104.45 6.45 -168.66
N GLN A 136 104.46 5.32 -167.98
CA GLN A 136 104.63 4.04 -168.66
C GLN A 136 103.46 3.75 -169.60
N GLU A 137 102.24 4.08 -169.18
CA GLU A 137 101.08 3.84 -170.04
C GLU A 137 101.14 4.69 -171.29
N GLN A 138 101.49 5.98 -171.15
CA GLN A 138 101.60 6.84 -172.32
C GLN A 138 102.68 6.34 -173.27
N THR A 139 103.85 5.98 -172.72
CA THR A 139 104.93 5.50 -173.57
C THR A 139 104.55 4.19 -174.26
N LYS A 140 103.89 3.28 -173.54
CA LYS A 140 103.50 2.02 -174.13
C LYS A 140 102.45 2.20 -175.21
N VAL A 141 101.50 3.12 -175.00
CA VAL A 141 100.50 3.39 -176.02
C VAL A 141 101.16 3.94 -177.28
N GLN A 142 102.07 4.89 -177.12
CA GLN A 142 102.78 5.43 -178.28
C GLN A 142 103.58 4.35 -178.99
N THR A 143 104.27 3.50 -178.23
CA THR A 143 105.06 2.43 -178.84
C THR A 143 104.18 1.44 -179.57
N ALA A 144 103.02 1.11 -179.01
CA ALA A 144 102.10 0.20 -179.67
C ALA A 144 101.58 0.79 -180.97
N GLN A 145 101.25 2.09 -180.96
CA GLN A 145 100.81 2.74 -182.20
C GLN A 145 101.90 2.71 -183.26
N THR A 146 103.14 3.02 -182.85
CA THR A 146 104.25 2.99 -183.80
C THR A 146 104.49 1.60 -184.35
N ARG A 147 104.41 0.58 -183.50
CA ARG A 147 104.58 -0.79 -183.95
C ARG A 147 103.47 -1.20 -184.91
N ARG A 148 102.25 -0.77 -184.64
CA ARG A 148 101.15 -1.05 -185.56
C ARG A 148 101.39 -0.41 -186.92
N ILE A 149 101.86 0.84 -186.91
CA ILE A 149 102.16 1.52 -188.17
C ILE A 149 103.25 0.80 -188.94
N ASP A 150 104.32 0.40 -188.23
CA ASP A 150 105.43 -0.29 -188.90
C ASP A 150 104.98 -1.64 -189.45
N GLN A 151 104.18 -2.38 -188.69
CA GLN A 151 103.68 -3.67 -189.16
C GLN A 151 102.79 -3.49 -190.38
N GLU A 152 101.95 -2.45 -190.37
CA GLU A 152 101.12 -2.18 -191.54
C GLU A 152 101.96 -1.84 -192.76
N ILE A 153 103.02 -1.05 -192.56
CA ILE A 153 103.91 -0.70 -193.67
C ILE A 153 104.58 -1.94 -194.23
N LEU A 154 105.08 -2.81 -193.34
CA LEU A 154 105.72 -4.03 -193.80
C LEU A 154 104.74 -4.95 -194.53
N SER A 155 103.50 -5.05 -194.03
CA SER A 155 102.51 -5.88 -194.69
C SER A 155 102.15 -5.31 -196.07
N ALA A 156 102.03 -3.99 -196.17
CA ALA A 156 101.75 -3.38 -197.46
C ALA A 156 102.90 -3.60 -198.44
N GLY A 157 104.14 -3.50 -197.97
CA GLY A 157 105.27 -3.78 -198.83
C GLY A 157 105.33 -5.22 -199.27
N PHE A 158 104.91 -6.14 -198.39
CA PHE A 158 104.92 -7.56 -198.69
C PHE A 158 103.92 -7.90 -199.79
N THR B 2 56.21 -40.89 -17.63
CA THR B 2 55.97 -39.63 -18.32
C THR B 2 57.00 -39.42 -19.42
N ILE B 3 57.42 -40.51 -20.06
CA ILE B 3 58.54 -40.46 -20.98
C ILE B 3 58.08 -40.89 -22.37
N GLN B 4 58.84 -40.44 -23.37
CA GLN B 4 58.63 -40.85 -24.74
C GLN B 4 59.98 -40.95 -25.43
N LEU B 5 60.16 -41.98 -26.24
CA LEU B 5 61.35 -42.10 -27.03
C LEU B 5 61.41 -40.98 -28.05
N LYS B 6 62.58 -40.35 -28.18
CA LYS B 6 62.75 -39.33 -29.19
C LYS B 6 62.49 -39.86 -30.59
N GLN B 7 62.74 -41.15 -30.80
CA GLN B 7 62.53 -41.75 -32.10
C GLN B 7 61.10 -41.53 -32.58
N VAL B 8 60.13 -41.90 -31.75
CA VAL B 8 58.73 -41.78 -32.13
C VAL B 8 58.40 -40.34 -32.46
N ILE B 9 58.95 -39.41 -31.69
CA ILE B 9 58.62 -38.00 -31.88
C ILE B 9 59.08 -37.56 -33.25
N ASP B 10 60.32 -37.90 -33.62
CA ASP B 10 60.83 -37.47 -34.90
C ASP B 10 60.09 -38.15 -36.04
N LEU B 11 59.76 -39.43 -35.89
CA LEU B 11 59.02 -40.11 -36.95
C LEU B 11 57.67 -39.46 -37.18
N LEU B 12 57.00 -39.03 -36.11
CA LEU B 12 55.72 -38.37 -36.30
C LEU B 12 55.90 -36.97 -36.87
N ALA B 13 56.88 -36.22 -36.38
CA ALA B 13 57.10 -34.86 -36.88
C ALA B 13 57.52 -34.87 -38.34
N GLU B 14 57.97 -36.03 -38.85
CA GLU B 14 58.14 -36.17 -40.29
C GLU B 14 56.83 -35.90 -41.03
N GLY B 15 55.70 -36.30 -40.46
CA GLY B 15 54.43 -36.17 -41.14
C GLY B 15 53.90 -34.76 -41.25
N GLU B 16 54.51 -33.81 -40.53
CA GLU B 16 54.09 -32.41 -40.61
C GLU B 16 55.22 -31.48 -41.00
N LEU B 17 56.47 -31.93 -40.96
CA LEU B 17 57.58 -31.17 -41.50
C LEU B 17 57.99 -31.68 -42.87
N SER B 18 57.13 -32.42 -43.54
CA SER B 18 57.49 -33.01 -44.82
C SER B 18 57.68 -31.98 -45.91
N ASN B 19 57.20 -30.76 -45.72
CA ASN B 19 57.32 -29.74 -46.75
C ASN B 19 58.71 -29.17 -46.88
N ILE B 20 59.53 -29.25 -45.84
CA ILE B 20 60.65 -28.34 -45.73
C ILE B 20 61.97 -29.07 -45.55
N LYS B 21 63.04 -28.29 -45.33
CA LYS B 21 64.38 -28.84 -45.33
C LYS B 21 64.63 -29.76 -44.15
N TYR B 22 63.95 -29.55 -43.03
CA TYR B 22 64.39 -30.13 -41.76
C TYR B 22 64.54 -31.63 -41.83
N VAL B 23 63.75 -32.30 -42.65
CA VAL B 23 63.63 -33.73 -42.48
C VAL B 23 63.74 -34.46 -43.81
N ASN B 24 63.78 -33.73 -44.91
CA ASN B 24 63.64 -34.41 -46.18
C ASN B 24 64.64 -33.94 -47.22
N ILE B 25 65.34 -34.91 -47.81
CA ILE B 25 65.86 -34.75 -49.15
C ILE B 25 64.68 -34.74 -50.11
N ASP B 26 64.77 -33.92 -51.16
CA ASP B 26 63.69 -33.89 -52.14
C ASP B 26 63.44 -35.25 -52.76
N THR B 27 64.48 -36.07 -52.88
CA THR B 27 64.37 -37.41 -53.43
C THR B 27 64.62 -38.41 -52.32
N GLY B 28 63.70 -39.34 -52.14
CA GLY B 28 63.85 -40.29 -51.06
C GLY B 28 63.86 -39.53 -49.74
N ALA B 29 62.69 -39.07 -49.32
CA ALA B 29 62.62 -38.20 -48.15
C ALA B 29 63.04 -38.94 -46.88
N LEU B 30 64.23 -38.64 -46.38
CA LEU B 30 64.75 -39.25 -45.16
C LEU B 30 65.35 -38.16 -44.27
N VAL B 31 65.34 -38.42 -42.97
CA VAL B 31 65.71 -37.41 -41.99
C VAL B 31 67.15 -36.97 -42.23
N LEU B 32 67.37 -35.65 -42.15
CA LEU B 32 68.71 -35.11 -42.26
C LEU B 32 69.43 -35.13 -40.91
N GLU B 33 70.50 -34.36 -40.78
CA GLU B 33 71.22 -34.24 -39.53
C GLU B 33 71.20 -32.82 -38.99
N ARG B 34 70.01 -32.21 -38.99
CA ARG B 34 69.72 -31.02 -38.20
C ARG B 34 69.04 -31.38 -36.89
N VAL B 35 69.20 -32.62 -36.47
CA VAL B 35 68.64 -33.16 -35.22
C VAL B 35 69.03 -32.28 -34.04
N PRO B 36 70.26 -31.76 -33.95
CA PRO B 36 70.54 -30.81 -32.85
C PRO B 36 69.58 -29.65 -32.77
N SER B 37 69.30 -29.00 -33.90
CA SER B 37 68.36 -27.87 -33.87
C SER B 37 66.97 -28.35 -33.52
N LEU B 38 66.56 -29.52 -34.03
CA LEU B 38 65.25 -30.03 -33.66
C LEU B 38 65.14 -30.25 -32.15
N ILE B 39 66.19 -30.82 -31.55
CA ILE B 39 66.17 -31.05 -30.11
C ILE B 39 66.06 -29.72 -29.37
N ARG B 40 66.83 -28.73 -29.80
CA ARG B 40 66.80 -27.44 -29.13
C ARG B 40 65.42 -26.82 -29.20
N ALA B 41 64.69 -27.06 -30.29
CA ALA B 41 63.32 -26.56 -30.36
C ALA B 41 62.39 -27.35 -29.44
N ILE B 42 62.55 -28.66 -29.42
CA ILE B 42 61.63 -29.50 -28.64
C ILE B 42 61.76 -29.20 -27.16
N ASN B 43 62.97 -28.92 -26.69
CA ASN B 43 63.14 -28.59 -25.27
C ASN B 43 62.36 -27.32 -24.91
N LEU B 44 62.44 -26.31 -25.77
CA LEU B 44 61.66 -25.10 -25.54
C LEU B 44 60.18 -25.39 -25.50
N GLY B 45 59.71 -26.25 -26.40
CA GLY B 45 58.30 -26.61 -26.39
C GLY B 45 57.88 -27.27 -25.08
N VAL B 46 58.72 -28.18 -24.58
CA VAL B 46 58.40 -28.84 -23.32
C VAL B 46 58.34 -27.84 -22.20
N LEU B 47 59.28 -26.90 -22.17
CA LEU B 47 59.25 -25.88 -21.12
C LEU B 47 57.97 -25.06 -21.20
N ASP B 48 57.54 -24.70 -22.41
CA ASP B 48 56.32 -23.93 -22.53
C ASP B 48 55.11 -24.70 -22.01
N LEU B 49 55.03 -25.99 -22.34
CA LEU B 49 53.90 -26.77 -21.85
C LEU B 49 53.91 -26.87 -20.33
N HIS B 50 55.10 -27.01 -19.74
CA HIS B 50 55.17 -27.04 -18.29
C HIS B 50 54.80 -25.69 -17.69
N LYS B 51 55.01 -24.60 -18.43
CA LYS B 51 54.51 -23.31 -17.96
C LYS B 51 53.00 -23.30 -17.95
N ARG B 52 52.38 -23.82 -19.02
CA ARG B 52 50.93 -23.67 -19.15
C ARG B 52 50.18 -24.58 -18.19
N PHE B 53 50.67 -25.79 -17.96
CA PHE B 53 50.03 -26.70 -17.02
C PHE B 53 51.03 -27.17 -15.97
N LEU B 54 50.53 -27.54 -14.80
CA LEU B 54 51.42 -27.92 -13.72
C LEU B 54 52.24 -29.17 -14.05
N LEU B 55 51.57 -30.31 -14.13
CA LEU B 55 52.16 -31.55 -14.59
C LEU B 55 53.27 -32.07 -13.68
N LYS B 56 53.68 -31.29 -12.69
CA LYS B 56 54.81 -31.66 -11.83
C LYS B 56 54.83 -30.74 -10.62
N GLU B 57 55.53 -31.20 -9.59
CA GLU B 57 55.81 -30.37 -8.42
C GLU B 57 56.94 -31.01 -7.65
N GLY B 58 57.70 -30.18 -6.94
CA GLY B 58 58.90 -30.68 -6.28
C GLY B 58 58.93 -30.42 -4.79
N MET B 59 60.07 -30.71 -4.17
CA MET B 59 60.20 -30.56 -2.73
C MET B 59 61.65 -30.33 -2.38
N LEU B 60 61.90 -29.47 -1.40
CA LEU B 60 63.24 -29.30 -0.85
C LEU B 60 63.20 -29.49 0.66
N LYS B 61 64.31 -29.20 1.32
CA LYS B 61 64.33 -29.19 2.78
C LYS B 61 65.52 -28.34 3.20
N ILE B 62 65.25 -27.17 3.76
CA ILE B 62 66.27 -26.21 4.13
C ILE B 62 66.56 -26.34 5.61
N GLN B 63 67.83 -26.41 5.96
CA GLN B 63 68.24 -26.43 7.36
C GLN B 63 68.63 -25.02 7.76
N LEU B 64 67.88 -24.45 8.69
CA LEU B 64 68.03 -23.04 9.01
C LEU B 64 69.34 -22.77 9.71
N GLU B 65 69.72 -21.49 9.71
CA GLU B 65 70.92 -21.01 10.39
C GLU B 65 70.63 -19.64 10.95
N GLU B 66 70.68 -19.50 12.27
CA GLU B 66 70.27 -18.27 12.91
C GLU B 66 71.13 -17.10 12.45
N GLY B 67 70.50 -15.94 12.29
CA GLY B 67 71.18 -14.75 11.85
C GLY B 67 71.33 -14.61 10.36
N ARG B 68 70.88 -15.58 9.58
CA ARG B 68 70.94 -15.49 8.13
C ARG B 68 69.75 -14.69 7.61
N ARG B 69 69.98 -13.95 6.54
CA ARG B 69 68.94 -13.11 5.96
C ARG B 69 68.42 -13.62 4.63
N LEU B 70 69.31 -14.02 3.73
CA LEU B 70 68.94 -14.46 2.39
C LEU B 70 69.34 -15.92 2.20
N TYR B 71 68.40 -16.73 1.75
CA TYR B 71 68.66 -18.12 1.36
C TYR B 71 68.38 -18.25 -0.12
N PRO B 72 69.39 -18.29 -0.98
CA PRO B 72 69.14 -18.56 -2.39
C PRO B 72 68.98 -20.05 -2.63
N LEU B 73 68.15 -20.38 -3.61
CA LEU B 73 67.93 -21.78 -3.98
C LEU B 73 68.59 -22.00 -5.34
N ARG B 74 69.85 -22.40 -5.31
CA ARG B 74 70.64 -22.56 -6.51
C ARG B 74 71.40 -23.87 -6.40
N PRO B 75 71.77 -24.48 -7.53
CA PRO B 75 72.31 -25.84 -7.48
C PRO B 75 73.72 -25.92 -6.94
N ALA B 76 74.24 -24.84 -6.38
CA ALA B 76 75.52 -24.89 -5.70
C ALA B 76 75.39 -25.11 -4.20
N TYR B 77 74.19 -24.96 -3.65
CA TYR B 77 73.95 -25.13 -2.24
C TYR B 77 73.27 -26.45 -1.92
N GLN B 78 72.99 -27.27 -2.91
CA GLN B 78 72.18 -28.46 -2.75
C GLN B 78 73.08 -29.66 -2.53
N VAL B 79 72.72 -30.50 -1.56
CA VAL B 79 73.53 -31.67 -1.26
C VAL B 79 73.62 -32.58 -2.47
N GLY B 80 74.80 -33.15 -2.67
CA GLY B 80 75.05 -34.00 -3.82
C GLY B 80 75.47 -33.25 -5.06
N GLN B 81 75.40 -31.93 -5.05
CA GLN B 81 75.86 -31.12 -6.17
C GLN B 81 77.34 -30.81 -5.95
N LYS B 82 77.87 -29.91 -6.75
CA LYS B 82 79.27 -29.51 -6.61
C LYS B 82 79.42 -28.58 -5.42
N PRO B 83 80.23 -28.94 -4.43
CA PRO B 83 80.35 -28.08 -3.23
C PRO B 83 81.29 -26.91 -3.43
N LYS B 84 80.79 -25.80 -3.95
CA LYS B 84 81.61 -24.60 -4.07
C LYS B 84 82.10 -24.19 -2.69
N PRO B 85 83.42 -24.00 -2.51
CA PRO B 85 83.94 -23.76 -1.14
C PRO B 85 83.34 -22.55 -0.44
N GLY B 86 83.05 -21.47 -1.17
CA GLY B 86 82.55 -20.28 -0.52
C GLY B 86 81.15 -20.37 0.02
N VAL B 87 80.43 -21.45 -0.28
CA VAL B 87 79.04 -21.57 0.14
C VAL B 87 78.87 -22.79 1.04
N PRO B 88 78.06 -22.69 2.08
CA PRO B 88 77.71 -23.88 2.86
C PRO B 88 76.48 -24.56 2.28
N GLN B 89 76.56 -25.88 2.13
CA GLN B 89 75.53 -26.65 1.45
C GLN B 89 74.40 -26.91 2.44
N PHE B 90 73.36 -26.08 2.42
CA PHE B 90 72.30 -26.22 3.40
C PHE B 90 71.04 -26.89 2.87
N ILE B 91 70.88 -27.01 1.56
CA ILE B 91 69.74 -27.74 1.01
C ILE B 91 70.07 -29.23 1.08
N THR B 92 69.48 -29.93 2.03
CA THR B 92 69.92 -31.28 2.37
C THR B 92 69.06 -32.39 1.79
N GLU B 93 68.02 -32.09 1.04
CA GLU B 93 67.14 -33.16 0.60
C GLU B 93 66.18 -32.63 -0.44
N GLY B 94 65.89 -33.45 -1.45
CA GLY B 94 64.91 -33.10 -2.44
C GLY B 94 65.33 -33.42 -3.86
N ASN B 95 64.49 -33.07 -4.83
CA ASN B 95 64.81 -33.32 -6.22
C ASN B 95 66.07 -32.57 -6.61
N LYS B 96 66.88 -33.21 -7.45
CA LYS B 96 68.11 -32.59 -7.90
C LYS B 96 67.80 -31.29 -8.63
N LEU B 97 68.48 -30.22 -8.25
CA LEU B 97 68.19 -28.89 -8.76
C LEU B 97 68.94 -28.65 -10.06
N GLY B 98 68.26 -28.00 -11.00
CA GLY B 98 68.88 -27.65 -12.26
C GLY B 98 68.79 -26.16 -12.53
N ARG B 99 69.12 -25.75 -13.75
CA ARG B 99 69.05 -24.33 -14.07
C ARG B 99 67.62 -23.85 -14.14
N GLN B 100 66.74 -24.62 -14.77
CA GLN B 100 65.32 -24.28 -14.82
C GLN B 100 64.55 -25.38 -14.08
N SER B 101 64.36 -25.18 -12.79
CA SER B 101 63.58 -26.13 -12.02
C SER B 101 62.51 -25.39 -11.23
N ILE B 102 62.83 -24.21 -10.74
CA ILE B 102 61.93 -23.45 -9.89
C ILE B 102 61.15 -22.49 -10.79
N LEU B 103 59.91 -22.84 -11.10
CA LEU B 103 59.04 -21.91 -11.80
C LEU B 103 58.32 -20.99 -10.82
N LYS B 104 57.97 -21.48 -9.64
CA LYS B 104 57.32 -20.67 -8.63
C LYS B 104 57.27 -21.42 -7.31
N ILE B 105 57.61 -20.75 -6.22
CA ILE B 105 57.47 -21.33 -4.89
C ILE B 105 56.02 -21.19 -4.45
N GLU B 106 55.46 -22.26 -3.88
CA GLU B 106 54.04 -22.26 -3.57
C GLU B 106 53.73 -22.43 -2.09
N LYS B 107 54.36 -23.39 -1.42
CA LYS B 107 54.04 -23.67 -0.03
C LYS B 107 55.32 -23.76 0.79
N ILE B 108 55.22 -23.33 2.04
CA ILE B 108 56.32 -23.46 3.00
C ILE B 108 55.74 -24.06 4.26
N ILE B 109 56.25 -25.24 4.63
CA ILE B 109 55.75 -25.97 5.78
C ILE B 109 56.91 -26.23 6.73
N GLY B 110 56.72 -25.89 7.99
N GLY B 110 56.72 -25.89 7.99
CA GLY B 110 57.74 -26.10 8.99
CA GLY B 110 57.74 -26.10 8.99
C GLY B 110 57.78 -27.53 9.48
C GLY B 110 57.78 -27.53 9.48
N ASP B 111 58.68 -27.78 10.43
CA ASP B 111 58.80 -29.11 10.99
C ASP B 111 57.67 -29.45 11.95
N ASN B 112 56.93 -28.44 12.42
CA ASN B 112 55.86 -28.66 13.36
C ASN B 112 54.52 -28.87 12.68
N GLY B 113 54.48 -28.82 11.35
CA GLY B 113 53.23 -28.89 10.64
C GLY B 113 52.56 -27.56 10.40
N VAL B 114 53.11 -26.47 10.93
CA VAL B 114 52.52 -25.16 10.65
C VAL B 114 52.75 -24.79 9.19
N GLU B 115 52.00 -23.80 8.74
CA GLU B 115 52.08 -23.33 7.36
C GLU B 115 52.31 -21.83 7.38
N TYR B 116 53.47 -21.41 6.91
CA TYR B 116 53.80 -19.99 6.94
C TYR B 116 53.18 -19.28 5.74
N TYR B 117 53.30 -17.96 5.74
CA TYR B 117 52.72 -17.12 4.71
C TYR B 117 53.78 -16.66 3.74
N LEU B 118 53.41 -16.56 2.47
CA LEU B 118 54.32 -16.19 1.40
C LEU B 118 53.84 -14.92 0.74
N ASN B 119 54.66 -13.87 0.79
CA ASN B 119 54.37 -12.59 0.15
C ASN B 119 53.01 -12.04 0.57
N ASP B 120 52.61 -12.31 1.80
CA ASP B 120 51.38 -11.75 2.35
C ASP B 120 51.80 -10.74 3.41
N THR B 121 51.88 -9.48 3.01
CA THR B 121 52.43 -8.45 3.87
C THR B 121 51.59 -8.28 5.13
N TRP B 122 52.27 -7.94 6.23
CA TRP B 122 51.70 -7.67 7.54
C TRP B 122 51.12 -8.92 8.19
N GLN B 123 51.23 -10.09 7.57
CA GLN B 123 50.82 -11.30 8.24
C GLN B 123 51.83 -11.64 9.33
N PRO B 124 51.43 -12.45 10.31
CA PRO B 124 52.28 -12.69 11.48
C PRO B 124 53.72 -13.05 11.15
N LEU B 125 53.93 -14.15 10.42
CA LEU B 125 55.26 -14.62 10.10
C LEU B 125 55.35 -14.70 8.58
N ASN B 126 55.72 -13.60 7.96
CA ASN B 126 55.72 -13.49 6.51
C ASN B 126 57.10 -13.78 5.96
N ILE B 127 57.14 -14.49 4.84
CA ILE B 127 58.38 -14.80 4.15
C ILE B 127 58.33 -14.15 2.78
N THR B 128 59.36 -13.39 2.44
CA THR B 128 59.39 -12.58 1.24
C THR B 128 60.41 -13.12 0.25
N THR B 129 60.04 -13.13 -1.02
CA THR B 129 60.97 -13.52 -2.07
C THR B 129 61.41 -12.27 -2.81
N PRO B 130 62.63 -11.80 -2.62
CA PRO B 130 63.05 -10.56 -3.27
C PRO B 130 63.44 -10.77 -4.73
N GLU B 131 63.85 -11.98 -5.08
CA GLU B 131 64.39 -12.20 -6.42
C GLU B 131 63.92 -13.52 -7.01
N PHE B 132 62.74 -13.99 -6.61
CA PHE B 132 62.06 -15.07 -7.32
C PHE B 132 62.70 -16.43 -7.13
N ASP B 133 63.91 -16.46 -6.57
CA ASP B 133 64.61 -17.71 -6.30
C ASP B 133 65.34 -17.62 -4.97
N VAL B 134 64.97 -16.65 -4.14
CA VAL B 134 65.65 -16.37 -2.88
C VAL B 134 64.58 -16.15 -1.82
N LEU B 135 64.81 -16.70 -0.64
CA LEU B 135 63.93 -16.48 0.50
C LEU B 135 64.58 -15.46 1.42
N GLU B 136 63.87 -14.38 1.72
CA GLU B 136 64.33 -13.39 2.69
C GLU B 136 63.60 -13.65 3.99
N ILE B 137 64.35 -13.93 5.05
CA ILE B 137 63.78 -14.29 6.34
C ILE B 137 64.13 -13.22 7.34
N SER B 138 63.12 -12.55 7.87
CA SER B 138 63.34 -11.47 8.81
C SER B 138 63.76 -12.02 10.16
N ASP B 139 64.20 -11.11 11.04
CA ASP B 139 64.67 -11.51 12.36
C ASP B 139 63.52 -11.90 13.28
N GLU B 140 62.33 -11.32 13.07
CA GLU B 140 61.19 -11.72 13.87
C GLU B 140 60.87 -13.19 13.70
N PHE B 141 61.15 -13.74 12.51
CA PHE B 141 60.98 -15.16 12.31
C PHE B 141 61.87 -15.95 13.26
N TYR B 142 63.12 -15.54 13.41
CA TYR B 142 64.00 -16.21 14.35
C TYR B 142 63.52 -15.99 15.78
N CYS B 143 62.99 -14.81 16.07
CA CYS B 143 62.48 -14.53 17.40
C CYS B 143 61.37 -15.49 17.78
N HIS B 144 60.41 -15.70 16.87
CA HIS B 144 59.33 -16.65 17.09
C HIS B 144 59.31 -17.61 15.90
N SER B 145 60.19 -18.59 15.93
CA SER B 145 60.20 -19.64 14.92
C SER B 145 59.91 -21.01 15.49
N SER B 146 60.69 -21.47 16.45
CA SER B 146 60.54 -22.80 17.04
C SER B 146 60.62 -23.90 15.99
N SER B 147 61.29 -23.63 14.87
CA SER B 147 61.40 -24.58 13.78
C SER B 147 62.83 -24.60 13.30
N LYS B 148 63.44 -25.78 13.25
CA LYS B 148 64.83 -25.90 12.85
C LYS B 148 65.02 -26.20 11.38
N THR B 149 63.93 -26.38 10.64
CA THR B 149 64.04 -26.72 9.22
C THR B 149 62.76 -26.30 8.53
N LEU B 150 62.82 -26.30 7.21
CA LEU B 150 61.70 -25.89 6.38
C LEU B 150 61.52 -26.89 5.25
N GLU B 151 60.31 -26.99 4.74
CA GLU B 151 60.00 -27.79 3.57
C GLU B 151 59.34 -26.89 2.54
N VAL B 152 59.86 -26.90 1.32
CA VAL B 152 59.42 -26.01 0.27
C VAL B 152 58.84 -26.84 -0.87
N ARG B 153 57.75 -26.36 -1.45
CA ARG B 153 57.18 -26.96 -2.63
C ARG B 153 57.08 -25.93 -3.73
N TYR B 154 57.23 -26.37 -4.97
CA TYR B 154 57.38 -25.44 -6.07
C TYR B 154 57.00 -26.13 -7.36
N ARG B 155 56.67 -25.33 -8.36
CA ARG B 155 56.31 -25.85 -9.66
C ARG B 155 57.55 -26.15 -10.47
N ARG B 156 57.65 -27.37 -10.98
CA ARG B 156 58.88 -27.85 -11.62
C ARG B 156 58.77 -27.83 -13.13
N ALA B 157 59.94 -27.89 -13.77
CA ALA B 157 60.09 -28.18 -15.17
C ALA B 157 61.26 -29.14 -15.27
N PRO B 158 61.18 -30.14 -16.15
CA PRO B 158 62.21 -31.16 -16.19
C PRO B 158 63.53 -30.60 -16.70
N THR B 159 64.61 -31.29 -16.36
CA THR B 159 65.93 -30.92 -16.84
C THR B 159 66.23 -31.66 -18.13
N PRO B 160 66.45 -30.98 -19.25
CA PRO B 160 66.65 -31.68 -20.52
C PRO B 160 67.93 -32.50 -20.50
N MET B 161 67.88 -33.63 -21.21
CA MET B 161 69.04 -34.49 -21.30
C MET B 161 70.08 -33.89 -22.24
N LYS B 162 71.34 -34.13 -21.92
CA LYS B 162 72.46 -33.54 -22.65
C LYS B 162 72.79 -34.36 -23.88
N ILE B 163 72.66 -33.75 -25.04
CA ILE B 163 73.08 -34.40 -26.29
C ILE B 163 74.58 -34.20 -26.46
N CYS B 164 75.22 -35.11 -27.21
CA CYS B 164 76.65 -35.06 -27.41
C CYS B 164 77.01 -35.51 -28.82
N VAL B 165 78.16 -35.02 -29.30
CA VAL B 165 78.57 -35.28 -30.68
C VAL B 165 78.77 -36.77 -30.91
N ASP B 166 79.26 -37.49 -29.90
CA ASP B 166 79.31 -38.95 -30.01
C ASP B 166 77.92 -39.54 -29.90
N ASN B 167 77.03 -38.91 -29.12
CA ASN B 167 75.66 -39.37 -28.99
C ASN B 167 74.86 -39.20 -30.27
N LEU B 168 75.37 -38.44 -31.25
CA LEU B 168 74.73 -38.39 -32.56
C LEU B 168 74.58 -39.76 -33.20
N ASP B 169 75.19 -40.80 -32.65
CA ASP B 169 75.01 -42.14 -33.18
C ASP B 169 73.56 -42.59 -33.03
N SER B 170 73.00 -42.48 -31.82
CA SER B 170 71.70 -43.06 -31.52
C SER B 170 70.59 -42.02 -31.55
N TRP B 171 70.67 -41.01 -30.67
CA TRP B 171 69.71 -39.92 -30.55
C TRP B 171 68.31 -40.46 -30.30
N GLY B 172 68.17 -41.78 -30.21
CA GLY B 172 66.87 -42.41 -30.07
C GLY B 172 66.67 -42.97 -28.68
N CYS B 173 67.73 -42.97 -27.89
CA CYS B 173 67.60 -43.34 -26.48
C CYS B 173 67.25 -42.15 -25.61
N ILE B 174 67.31 -40.93 -26.14
CA ILE B 174 66.87 -39.77 -25.38
C ILE B 174 65.39 -39.90 -25.10
N ASP B 175 64.98 -39.45 -23.91
CA ASP B 175 63.60 -39.57 -23.46
C ASP B 175 63.06 -38.19 -23.12
N ILE B 176 62.08 -37.73 -23.89
CA ILE B 176 61.35 -36.53 -23.53
C ILE B 176 60.45 -36.84 -22.34
N ASP B 177 60.27 -35.86 -21.46
CA ASP B 177 59.51 -36.04 -20.23
C ASP B 177 58.15 -35.36 -20.36
N LEU B 178 57.17 -36.10 -20.87
CA LEU B 178 55.82 -35.58 -21.05
C LEU B 178 54.82 -36.72 -21.07
N PRO B 179 53.58 -36.47 -20.67
CA PRO B 179 52.50 -37.39 -21.01
C PRO B 179 52.15 -37.26 -22.47
N TYR B 180 51.47 -38.28 -23.00
CA TYR B 180 51.26 -38.36 -24.44
C TYR B 180 50.30 -37.29 -24.97
N THR B 181 49.33 -36.90 -24.15
CA THR B 181 48.43 -35.82 -24.53
C THR B 181 49.20 -34.57 -24.94
N HIS B 182 50.01 -34.09 -24.03
CA HIS B 182 50.80 -32.91 -24.35
C HIS B 182 51.81 -33.19 -25.44
N LEU B 183 52.07 -34.46 -25.76
CA LEU B 183 52.76 -34.76 -27.00
C LEU B 183 51.97 -34.31 -28.21
N GLN B 184 50.69 -34.68 -28.26
CA GLN B 184 49.89 -34.25 -29.40
C GLN B 184 49.93 -32.74 -29.52
N ALA B 185 49.94 -32.02 -28.39
CA ALA B 185 50.02 -30.57 -28.48
C ALA B 185 51.41 -30.09 -28.91
N LEU B 186 52.45 -30.72 -28.41
CA LEU B 186 53.82 -30.33 -28.69
C LEU B 186 54.11 -30.42 -30.18
N LEU B 187 53.50 -31.39 -30.85
CA LEU B 187 53.67 -31.49 -32.29
C LEU B 187 53.31 -30.18 -32.99
N TYR B 188 52.13 -29.64 -32.68
CA TYR B 188 51.72 -28.39 -33.29
C TYR B 188 52.65 -27.27 -32.92
N PHE B 189 53.07 -27.21 -31.66
CA PHE B 189 53.98 -26.13 -31.28
C PHE B 189 55.22 -26.13 -32.15
N VAL B 190 55.89 -27.28 -32.23
CA VAL B 190 57.14 -27.35 -32.98
C VAL B 190 56.90 -27.05 -34.45
N ALA B 191 55.81 -27.59 -35.01
CA ALA B 191 55.54 -27.36 -36.42
C ALA B 191 55.38 -25.88 -36.71
N SER B 192 54.64 -25.17 -35.86
CA SER B 192 54.47 -23.73 -36.08
C SER B 192 55.81 -23.02 -36.03
N ARG B 193 56.61 -23.32 -35.01
CA ARG B 193 57.87 -22.61 -34.85
C ARG B 193 58.78 -22.84 -36.04
N CYS B 194 58.81 -24.07 -36.56
CA CYS B 194 59.71 -24.36 -37.67
C CYS B 194 59.19 -23.82 -38.99
N GLN B 195 57.88 -23.85 -39.20
CA GLN B 195 57.33 -23.44 -40.49
C GLN B 195 57.16 -21.94 -40.61
N THR B 196 57.28 -21.18 -39.54
CA THR B 196 57.03 -19.75 -39.67
C THR B 196 57.86 -19.06 -40.76
N PRO B 197 59.20 -19.16 -40.77
CA PRO B 197 60.02 -18.31 -41.65
C PRO B 197 60.35 -18.91 -43.01
N ILE B 198 59.32 -19.38 -43.73
CA ILE B 198 59.52 -19.99 -45.04
C ILE B 198 58.27 -19.77 -45.88
N GLY B 199 58.47 -19.45 -47.15
CA GLY B 199 57.36 -19.47 -48.09
C GLY B 199 57.01 -18.09 -48.59
N PHE B 200 56.64 -18.01 -49.87
CA PHE B 200 56.29 -16.74 -50.49
C PHE B 200 55.02 -16.80 -51.31
N MET B 201 54.30 -17.91 -51.32
CA MET B 201 53.05 -18.01 -52.04
C MET B 201 51.88 -17.74 -51.10
N GLU B 202 50.73 -17.45 -51.70
CA GLU B 202 49.59 -16.95 -50.93
C GLU B 202 49.17 -17.93 -49.85
N ASN B 203 48.97 -19.19 -50.22
CA ASN B 203 48.52 -20.18 -49.25
C ASN B 203 49.66 -20.78 -48.45
N THR B 204 50.89 -20.68 -48.93
CA THR B 204 52.02 -21.24 -48.20
C THR B 204 52.62 -20.25 -47.21
N ALA B 205 52.17 -19.01 -47.20
CA ALA B 205 52.66 -18.05 -46.23
C ALA B 205 51.85 -18.02 -44.95
N GLN B 206 50.86 -18.90 -44.80
CA GLN B 206 49.98 -18.88 -43.64
C GLN B 206 50.07 -20.14 -42.80
N GLU B 207 50.99 -21.06 -43.13
CA GLU B 207 51.03 -22.32 -42.39
C GLU B 207 51.44 -22.11 -40.95
N GLY B 208 52.40 -21.23 -40.70
CA GLY B 208 52.78 -20.95 -39.32
C GLY B 208 51.63 -20.40 -38.50
N PHE B 209 50.89 -19.46 -39.07
CA PHE B 209 49.75 -18.90 -38.37
C PHE B 209 48.70 -19.98 -38.10
N ASN B 210 48.42 -20.82 -39.09
CA ASN B 210 47.42 -21.87 -38.89
C ASN B 210 47.85 -22.81 -37.78
N PHE B 211 49.13 -23.18 -37.76
CA PHE B 211 49.58 -24.10 -36.73
C PHE B 211 49.52 -23.46 -35.35
N SER B 212 49.80 -22.16 -35.26
CA SER B 212 49.63 -21.48 -33.98
C SER B 212 48.18 -21.54 -33.52
N GLN B 213 47.24 -21.30 -34.43
CA GLN B 213 45.84 -21.37 -34.06
C GLN B 213 45.48 -22.76 -33.56
N LYS B 214 45.92 -23.80 -34.26
CA LYS B 214 45.60 -25.15 -33.84
C LYS B 214 46.23 -25.47 -32.48
N TYR B 215 47.42 -24.94 -32.23
CA TYR B 215 48.08 -25.14 -30.95
C TYR B 215 47.24 -24.56 -29.82
N GLU B 216 46.75 -23.32 -30.02
CA GLU B 216 45.91 -22.72 -28.99
C GLU B 216 44.62 -23.51 -28.78
N ALA B 217 44.01 -23.96 -29.87
CA ALA B 217 42.78 -24.73 -29.73
C ALA B 217 43.03 -26.01 -28.95
N GLU B 218 44.14 -26.68 -29.22
CA GLU B 218 44.44 -27.91 -28.49
C GLU B 218 44.68 -27.65 -27.01
N CYS B 219 45.38 -26.56 -26.69
CA CYS B 219 45.57 -26.25 -25.28
C CYS B 219 44.24 -26.01 -24.59
N ALA B 220 43.33 -25.30 -25.25
CA ALA B 220 42.00 -25.09 -24.67
C ALA B 220 41.28 -26.41 -24.46
N ASN B 221 41.39 -27.32 -25.43
CA ASN B 221 40.72 -28.62 -25.29
C ASN B 221 41.28 -29.40 -24.11
N LEU B 222 42.60 -29.37 -23.92
CA LEU B 222 43.17 -30.07 -22.77
C LEU B 222 42.67 -29.46 -21.47
N ASP B 223 42.59 -28.14 -21.40
CA ASP B 223 42.05 -27.50 -20.22
C ASP B 223 40.62 -27.98 -19.95
N ALA B 224 39.80 -28.02 -21.00
CA ALA B 224 38.41 -28.44 -20.83
C ALA B 224 38.33 -29.88 -20.34
N GLN B 225 39.13 -30.77 -20.94
CA GLN B 225 39.09 -32.17 -20.52
C GLN B 225 39.69 -32.38 -19.15
N ASN B 226 40.44 -31.40 -18.64
CA ASN B 226 41.01 -31.48 -17.30
C ASN B 226 41.95 -32.67 -17.16
N LEU B 227 43.00 -32.66 -18.00
CA LEU B 227 44.04 -33.68 -17.95
C LEU B 227 45.31 -33.18 -17.26
N ARG B 228 45.16 -32.30 -16.27
CA ARG B 228 46.29 -31.84 -15.48
C ARG B 228 45.91 -31.84 -14.01
N ILE B 229 46.93 -31.69 -13.16
CA ILE B 229 46.71 -31.69 -11.72
C ILE B 229 45.95 -30.43 -11.32
N ASP B 230 45.03 -30.57 -10.36
CA ASP B 230 44.25 -29.44 -9.89
C ASP B 230 43.81 -29.69 -8.45
N PRO B 231 44.58 -29.21 -7.48
CA PRO B 231 44.10 -29.26 -6.10
C PRO B 231 42.90 -28.36 -5.91
N VAL B 232 42.02 -28.77 -5.00
CA VAL B 232 40.85 -27.98 -4.63
C VAL B 232 40.74 -28.01 -3.11
N GLY B 233 40.55 -26.83 -2.51
CA GLY B 233 40.65 -26.68 -1.07
C GLY B 233 39.33 -26.89 -0.35
N ASN B 234 39.38 -27.66 0.73
CA ASN B 234 38.26 -27.87 1.63
C ASN B 234 38.77 -27.66 3.06
N GLN B 235 38.75 -26.42 3.53
CA GLN B 235 39.17 -26.21 4.91
C GLN B 235 38.20 -26.86 5.88
N ASP B 236 38.62 -26.89 7.15
CA ASP B 236 37.76 -27.39 8.20
C ASP B 236 36.83 -26.28 8.72
N ARG B 237 37.40 -25.22 9.27
CA ARG B 237 36.66 -24.08 9.79
C ARG B 237 35.85 -24.42 11.03
N PHE B 238 35.81 -25.69 11.42
CA PHE B 238 34.99 -26.12 12.54
C PHE B 238 35.80 -26.55 13.75
N THR B 239 37.12 -26.60 13.64
CA THR B 239 37.96 -27.01 14.75
C THR B 239 38.66 -25.84 15.42
N ARG B 240 38.54 -24.63 14.89
CA ARG B 240 39.13 -23.47 15.55
C ARG B 240 38.57 -23.29 16.95
N GLY B 241 37.34 -23.72 17.16
CA GLY B 241 36.68 -23.56 18.44
C GLY B 241 35.76 -22.37 18.37
N GLY B 242 34.47 -22.59 18.15
CA GLY B 242 33.54 -21.50 18.01
C GLY B 242 32.54 -21.66 16.89
N TRP B 243 32.93 -22.31 15.80
CA TRP B 243 32.00 -22.47 14.68
C TRP B 243 31.20 -23.77 14.80
N VAL B 244 30.60 -24.03 15.95
CA VAL B 244 29.84 -25.25 16.11
C VAL B 244 28.93 -25.16 17.32
N ARG C 21 45.82 -44.58 72.00
CA ARG C 21 45.17 -45.28 70.91
C ARG C 21 43.82 -44.63 70.60
N LEU C 22 43.39 -43.77 71.51
CA LEU C 22 42.22 -42.91 71.36
C LEU C 22 40.91 -43.65 71.48
N GLN C 23 40.96 -44.98 71.48
CA GLN C 23 39.76 -45.81 71.58
C GLN C 23 40.16 -47.21 72.00
N PRO C 24 40.64 -47.40 73.24
CA PRO C 24 41.11 -48.72 73.64
C PRO C 24 40.03 -49.78 73.67
N GLU C 25 38.76 -49.40 73.77
CA GLU C 25 37.68 -50.37 73.90
C GLU C 25 37.08 -50.78 72.56
N TRP C 26 37.61 -50.29 71.44
CA TRP C 26 37.11 -50.66 70.12
C TRP C 26 37.93 -51.84 69.63
N SER C 27 37.30 -53.00 69.52
CA SER C 27 38.01 -54.21 69.15
C SER C 27 38.60 -54.09 67.76
N ASN C 28 37.88 -53.48 66.83
CA ASN C 28 38.31 -53.34 65.45
C ASN C 28 38.19 -51.87 65.06
N ALA C 29 39.18 -51.12 65.36
CA ALA C 29 39.08 -49.74 64.95
C ALA C 29 39.77 -49.51 63.62
N PRO C 30 39.26 -48.60 62.80
CA PRO C 30 39.90 -48.34 61.51
C PRO C 30 41.28 -47.75 61.71
N SER C 31 42.18 -48.06 60.79
CA SER C 31 43.49 -47.45 60.75
C SER C 31 43.56 -46.46 59.61
N LEU C 32 44.56 -45.58 59.68
CA LEU C 32 44.70 -44.55 58.66
C LEU C 32 44.83 -45.16 57.27
N ALA C 33 45.32 -46.39 57.18
CA ALA C 33 45.49 -47.02 55.88
C ALA C 33 44.16 -47.23 55.19
N GLN C 34 43.18 -47.82 55.89
CA GLN C 34 41.90 -48.11 55.26
C GLN C 34 41.18 -46.83 54.87
N LEU C 35 41.26 -45.80 55.71
CA LEU C 35 40.57 -44.55 55.40
C LEU C 35 41.08 -43.96 54.09
N LYS C 36 42.40 -43.80 53.97
CA LYS C 36 42.95 -43.28 52.73
C LYS C 36 42.69 -44.24 51.58
N GLN C 37 42.60 -45.54 51.86
CA GLN C 37 42.31 -46.50 50.81
C GLN C 37 40.94 -46.25 50.21
N ASP C 38 39.92 -46.08 51.06
CA ASP C 38 38.59 -45.79 50.55
C ASP C 38 38.55 -44.42 49.89
N TYR C 39 39.36 -43.49 50.37
CA TYR C 39 39.39 -42.16 49.77
C TYR C 39 39.83 -42.23 48.32
N GLN C 40 40.82 -43.07 48.02
CA GLN C 40 41.31 -43.17 46.65
C GLN C 40 40.24 -43.72 45.72
N GLU C 41 39.53 -44.75 46.15
CA GLU C 41 38.61 -45.45 45.25
C GLU C 41 37.39 -44.63 44.88
N ALA C 42 37.14 -43.51 45.54
CA ALA C 42 35.99 -42.69 45.21
C ALA C 42 36.33 -41.47 44.36
N LYS C 43 37.57 -40.99 44.43
CA LYS C 43 37.99 -39.95 43.51
C LYS C 43 37.91 -40.44 42.07
N GLN C 44 38.16 -41.72 41.85
CA GLN C 44 38.08 -42.27 40.51
C GLN C 44 36.71 -42.05 39.90
N VAL C 45 35.68 -41.90 40.73
CA VAL C 45 34.34 -41.63 40.25
C VAL C 45 34.05 -40.13 40.25
N THR C 46 34.40 -39.43 41.32
CA THR C 46 34.04 -38.02 41.41
C THR C 46 34.79 -37.15 40.40
N ASP C 47 35.93 -37.61 39.88
CA ASP C 47 36.68 -36.78 38.96
C ASP C 47 35.91 -36.50 37.69
N GLU C 48 35.12 -37.47 37.23
CA GLU C 48 34.33 -37.26 36.02
C GLU C 48 33.38 -36.08 36.19
N LYS C 49 32.63 -36.08 37.30
CA LYS C 49 31.69 -34.99 37.54
C LYS C 49 32.41 -33.68 37.78
N ILE C 50 33.58 -33.72 38.42
CA ILE C 50 34.32 -32.48 38.63
C ILE C 50 34.75 -31.89 37.30
N THR C 51 35.25 -32.72 36.38
CA THR C 51 35.64 -32.21 35.07
C THR C 51 34.43 -31.67 34.32
N GLN C 52 33.30 -32.37 34.42
CA GLN C 52 32.09 -31.89 33.75
C GLN C 52 31.70 -30.51 34.25
N ILE C 53 31.71 -30.33 35.56
CA ILE C 53 31.33 -29.04 36.13
C ILE C 53 32.34 -27.97 35.75
N ASN C 54 33.62 -28.32 35.70
CA ASN C 54 34.63 -27.37 35.27
C ASN C 54 34.37 -26.92 33.84
N ARG C 55 34.02 -27.86 32.97
CA ARG C 55 33.72 -27.50 31.59
C ARG C 55 32.52 -26.57 31.53
N TRP C 56 31.48 -26.85 32.31
CA TRP C 56 30.33 -25.95 32.35
C TRP C 56 30.75 -24.56 32.79
N LEU C 57 31.55 -24.47 33.85
CA LEU C 57 31.93 -23.17 34.38
C LEU C 57 32.79 -22.39 33.40
N ASP C 58 33.65 -23.08 32.65
CA ASP C 58 34.53 -22.38 31.74
C ASP C 58 33.81 -21.74 30.57
N TYR C 59 32.48 -21.81 30.52
CA TYR C 59 31.75 -21.17 29.44
C TYR C 59 31.00 -19.93 29.88
N MET C 60 30.41 -19.92 31.07
CA MET C 60 29.75 -18.70 31.51
C MET C 60 30.76 -17.60 31.74
N HIS C 61 31.91 -17.92 32.30
CA HIS C 61 33.07 -17.05 32.24
C HIS C 61 33.90 -17.51 31.06
N VAL C 62 34.15 -16.62 30.11
CA VAL C 62 34.84 -17.05 28.90
C VAL C 62 36.31 -17.23 29.26
N ARG C 63 36.70 -18.46 29.60
CA ARG C 63 38.07 -18.76 29.98
C ARG C 63 38.44 -20.10 29.37
N GLY C 64 39.71 -20.45 29.52
CA GLY C 64 40.23 -21.75 29.13
C GLY C 64 39.71 -22.24 27.80
N GLU C 65 39.07 -23.40 27.80
CA GLU C 65 38.55 -23.95 26.55
C GLU C 65 37.30 -23.23 26.08
N GLY C 66 36.73 -22.34 26.88
CA GLY C 66 35.63 -21.53 26.40
C GLY C 66 36.04 -20.33 25.58
N LYS C 67 37.32 -19.99 25.60
CA LYS C 67 37.81 -18.87 24.81
C LYS C 67 38.07 -19.34 23.39
N PRO C 68 37.43 -18.75 22.38
CA PRO C 68 37.65 -19.19 21.01
C PRO C 68 39.03 -18.79 20.52
N LYS C 69 39.64 -19.69 19.73
CA LYS C 69 40.95 -19.43 19.14
C LYS C 69 40.74 -18.79 17.78
N THR C 70 41.26 -17.57 17.59
CA THR C 70 41.09 -16.84 16.35
C THR C 70 42.43 -16.39 15.81
N GLU C 71 42.51 -16.28 14.49
CA GLU C 71 43.73 -15.86 13.84
C GLU C 71 44.02 -14.39 14.11
N LYS C 72 45.29 -14.03 14.00
CA LYS C 72 45.66 -12.63 14.11
C LYS C 72 45.18 -11.87 12.89
N GLY C 73 44.56 -10.73 13.11
CA GLY C 73 43.97 -9.95 12.04
C GLY C 73 42.49 -10.09 11.90
N LYS C 74 41.84 -10.88 12.75
CA LYS C 74 40.39 -11.02 12.75
C LYS C 74 39.88 -10.79 14.16
N SER C 75 38.57 -10.58 14.27
CA SER C 75 38.00 -10.21 15.55
C SER C 75 38.05 -11.37 16.53
N ALA C 76 37.91 -11.03 17.81
CA ALA C 76 37.91 -12.05 18.87
C ALA C 76 36.86 -11.73 19.93
N VAL C 77 35.78 -11.05 19.55
CA VAL C 77 34.72 -10.74 20.49
C VAL C 77 33.87 -11.98 20.74
N GLN C 78 33.24 -12.02 21.91
CA GLN C 78 32.43 -13.17 22.27
C GLN C 78 31.34 -12.76 23.26
N PRO C 79 30.10 -12.66 22.82
CA PRO C 79 29.03 -12.20 23.71
C PRO C 79 28.64 -13.29 24.69
N PRO C 80 28.64 -12.98 25.99
CA PRO C 80 28.18 -13.97 26.97
C PRO C 80 26.67 -14.13 26.89
N THR C 81 26.20 -15.37 26.93
CA THR C 81 24.78 -15.63 27.01
C THR C 81 24.39 -16.46 28.22
N ILE C 82 25.23 -17.40 28.65
CA ILE C 82 24.91 -18.16 29.84
C ILE C 82 24.87 -17.24 31.05
N ARG C 83 25.86 -16.37 31.18
CA ARG C 83 25.85 -15.39 32.26
C ARG C 83 24.65 -14.46 32.13
N LYS C 84 24.35 -14.06 30.90
CA LYS C 84 23.18 -13.24 30.65
C LYS C 84 21.93 -13.89 31.20
N GLN C 85 21.77 -15.19 30.98
CA GLN C 85 20.60 -15.88 31.48
C GLN C 85 20.61 -15.97 33.00
N ALA C 86 21.76 -16.31 33.58
CA ALA C 86 21.81 -16.49 35.03
C ALA C 86 21.53 -15.20 35.78
N GLU C 87 21.92 -14.06 35.21
CA GLU C 87 21.69 -12.79 35.89
C GLU C 87 20.22 -12.52 36.06
N TRP C 88 19.38 -12.99 35.13
CA TRP C 88 17.96 -12.74 35.19
C TRP C 88 17.21 -13.78 35.98
N ARG C 89 17.91 -14.74 36.57
CA ARG C 89 17.29 -15.75 37.40
C ARG C 89 17.71 -15.68 38.85
N TYR C 90 18.91 -15.16 39.13
CA TYR C 90 19.39 -15.11 40.50
C TYR C 90 18.37 -14.44 41.42
N SER C 91 17.94 -13.23 41.06
CA SER C 91 17.10 -12.46 41.95
C SER C 91 15.71 -13.07 42.08
N SER C 92 15.13 -13.50 40.96
CA SER C 92 13.81 -14.11 41.01
C SER C 92 13.82 -15.39 41.82
N LEU C 93 14.97 -16.03 41.96
CA LEU C 93 15.02 -17.21 42.83
C LEU C 93 15.25 -16.82 44.29
N SER C 94 16.12 -15.86 44.55
CA SER C 94 16.49 -15.56 45.92
C SER C 94 15.46 -14.71 46.65
N GLU C 95 14.59 -14.02 45.92
CA GLU C 95 13.67 -13.09 46.58
C GLU C 95 12.72 -13.76 47.57
N PRO C 96 12.02 -14.86 47.23
CA PRO C 96 10.97 -15.36 48.13
C PRO C 96 11.45 -15.80 49.49
N PHE C 97 12.75 -15.74 49.74
CA PHE C 97 13.27 -16.03 51.06
C PHE C 97 13.52 -14.78 51.88
N LEU C 98 14.13 -13.76 51.28
CA LEU C 98 14.46 -12.54 52.00
C LEU C 98 13.35 -11.50 51.97
N SER C 99 12.28 -11.73 51.22
CA SER C 99 11.23 -10.73 51.16
C SER C 99 10.45 -10.60 52.47
N SER C 100 10.64 -11.50 53.42
CA SER C 100 9.88 -11.52 54.66
C SER C 100 10.78 -11.19 55.84
N PRO C 101 10.21 -10.68 56.94
CA PRO C 101 11.05 -10.35 58.10
C PRO C 101 11.81 -11.53 58.66
N ASN C 102 11.21 -12.71 58.69
CA ASN C 102 11.91 -13.90 59.15
C ASN C 102 11.53 -15.07 58.25
N ILE C 103 12.45 -16.02 58.11
CA ILE C 103 12.28 -17.09 57.13
C ILE C 103 11.21 -18.07 57.60
N PHE C 104 11.47 -18.72 58.73
CA PHE C 104 10.70 -19.90 59.09
C PHE C 104 9.35 -19.52 59.69
N GLU C 105 8.53 -20.54 59.89
CA GLU C 105 7.20 -20.37 60.48
C GLU C 105 6.78 -21.71 61.06
N VAL C 106 6.61 -21.77 62.37
CA VAL C 106 6.35 -23.01 63.07
C VAL C 106 4.92 -23.00 63.60
N ASN C 107 4.19 -24.08 63.35
CA ASN C 107 2.82 -24.22 63.78
C ASN C 107 2.64 -25.53 64.52
N PRO C 108 1.74 -25.58 65.50
CA PRO C 108 1.53 -26.82 66.24
C PRO C 108 0.79 -27.84 65.42
N VAL C 109 0.91 -29.09 65.82
CA VAL C 109 0.16 -30.18 65.22
C VAL C 109 -1.07 -30.51 66.04
N THR C 110 -0.94 -30.54 67.35
CA THR C 110 -2.04 -30.83 68.26
C THR C 110 -2.05 -29.81 69.37
N TRP C 111 -3.20 -29.64 70.00
CA TRP C 111 -3.37 -28.60 71.00
C TRP C 111 -2.42 -28.75 72.17
N GLU C 112 -1.88 -29.94 72.40
CA GLU C 112 -0.85 -30.12 73.42
C GLU C 112 0.33 -29.19 73.17
N ASP C 113 0.56 -28.85 71.91
CA ASP C 113 1.63 -27.97 71.48
C ASP C 113 1.14 -26.51 71.58
N ALA C 114 1.82 -25.60 70.89
CA ALA C 114 1.60 -24.17 70.81
C ALA C 114 2.26 -23.41 71.96
N GLU C 115 2.96 -24.09 72.86
CA GLU C 115 3.95 -23.44 73.71
C GLU C 115 5.36 -23.78 73.26
N SER C 116 5.66 -25.08 73.17
CA SER C 116 6.92 -25.50 72.57
C SER C 116 7.06 -24.96 71.16
N ALA C 117 5.98 -24.98 70.39
CA ALA C 117 6.04 -24.47 69.03
C ALA C 117 6.44 -23.01 69.00
N ARG C 118 5.76 -22.17 69.79
CA ARG C 118 6.06 -20.76 69.80
C ARG C 118 7.49 -20.49 70.26
N GLN C 119 7.91 -21.18 71.32
CA GLN C 119 9.25 -20.97 71.85
C GLN C 119 10.30 -21.34 70.83
N ASN C 120 10.20 -22.53 70.24
CA ASN C 120 11.20 -22.97 69.28
C ASN C 120 11.23 -22.07 68.06
N GLY C 121 10.06 -21.70 67.55
CA GLY C 121 10.03 -20.81 66.41
C GLY C 121 10.72 -19.50 66.68
N LEU C 122 10.44 -18.90 67.84
CA LEU C 122 11.07 -17.63 68.15
C LEU C 122 12.58 -17.77 68.27
N VAL C 123 13.05 -18.82 68.94
CA VAL C 123 14.49 -19.00 69.12
C VAL C 123 15.17 -19.16 67.76
N LEU C 124 14.62 -20.04 66.92
CA LEU C 124 15.24 -20.30 65.63
C LEU C 124 15.27 -19.06 64.76
N ASN C 125 14.15 -18.33 64.71
CA ASN C 125 14.12 -17.13 63.88
C ASN C 125 15.13 -16.11 64.36
N GLN C 126 15.24 -15.92 65.67
CA GLN C 126 16.24 -14.98 66.17
C GLN C 126 17.64 -15.42 65.82
N GLN C 127 17.91 -16.72 65.92
CA GLN C 127 19.25 -17.21 65.60
C GLN C 127 19.59 -16.88 64.16
N PHE C 128 18.70 -17.21 63.22
CA PHE C 128 18.97 -16.89 61.82
C PHE C 128 19.11 -15.40 61.59
N ASN C 129 18.26 -14.59 62.22
CA ASN C 129 18.30 -13.16 61.96
C ASN C 129 19.61 -12.55 62.41
N THR C 130 20.11 -12.94 63.59
CA THR C 130 21.26 -12.25 64.17
C THR C 130 22.57 -13.00 63.94
N LYS C 131 22.67 -14.24 64.41
CA LYS C 131 23.99 -14.87 64.49
C LYS C 131 24.54 -15.17 63.10
N LEU C 132 23.74 -15.79 62.25
CA LEU C 132 24.15 -16.09 60.89
C LEU C 132 23.84 -14.91 59.99
N ASN C 133 24.64 -14.75 58.93
CA ASN C 133 24.41 -13.64 58.01
C ASN C 133 23.05 -13.76 57.34
N LYS C 134 22.75 -14.94 56.81
CA LYS C 134 21.54 -15.29 56.08
C LYS C 134 21.51 -14.60 54.73
N GLN C 135 22.24 -13.50 54.59
CA GLN C 135 22.23 -12.77 53.33
C GLN C 135 23.28 -13.33 52.39
N ARG C 136 24.53 -13.31 52.84
CA ARG C 136 25.58 -14.02 52.13
C ARG C 136 25.20 -15.47 51.94
N PHE C 137 24.55 -16.06 52.94
CA PHE C 137 24.20 -17.47 52.86
C PHE C 137 23.22 -17.71 51.71
N ILE C 138 22.12 -16.96 51.67
CA ILE C 138 21.14 -17.19 50.61
C ILE C 138 21.75 -16.90 49.25
N ASP C 139 22.56 -15.85 49.16
CA ASP C 139 23.14 -15.50 47.87
C ASP C 139 24.03 -16.63 47.36
N GLU C 140 24.95 -17.10 48.18
CA GLU C 140 25.83 -18.19 47.75
C GLU C 140 25.02 -19.44 47.44
N TYR C 141 24.03 -19.73 48.28
CA TYR C 141 23.14 -20.86 48.05
C TYR C 141 22.60 -20.86 46.63
N VAL C 142 21.85 -19.80 46.29
CA VAL C 142 21.19 -19.79 44.99
C VAL C 142 22.20 -19.75 43.86
N ARG C 143 23.30 -19.02 44.03
CA ARG C 143 24.24 -18.89 42.92
C ARG C 143 24.91 -20.22 42.62
N ALA C 144 25.40 -20.90 43.65
CA ALA C 144 26.00 -22.21 43.43
C ALA C 144 24.99 -23.15 42.81
N GLY C 145 23.75 -23.13 43.30
CA GLY C 145 22.75 -24.00 42.73
C GLY C 145 22.51 -23.75 41.26
N VAL C 146 22.44 -22.47 40.87
CA VAL C 146 22.11 -22.14 39.49
C VAL C 146 23.24 -22.53 38.56
N ASP C 147 24.48 -22.19 38.91
CA ASP C 147 25.56 -22.34 37.94
C ASP C 147 26.47 -23.53 38.22
N GLU C 148 26.08 -24.45 39.10
CA GLU C 148 26.87 -25.66 39.29
C GLU C 148 26.05 -26.93 39.30
N GLY C 149 24.73 -26.86 39.48
CA GLY C 149 23.89 -28.02 39.43
C GLY C 149 23.63 -28.69 40.75
N THR C 150 24.45 -28.44 41.76
CA THR C 150 24.24 -29.07 43.05
C THR C 150 24.70 -28.14 44.16
N ILE C 151 24.08 -28.30 45.32
CA ILE C 151 24.44 -27.56 46.51
C ILE C 151 24.74 -28.55 47.61
N ILE C 152 25.89 -28.39 48.24
CA ILE C 152 26.21 -29.09 49.48
C ILE C 152 26.22 -28.05 50.58
N VAL C 153 25.67 -28.39 51.74
CA VAL C 153 25.64 -27.50 52.88
C VAL C 153 26.08 -28.26 54.11
N LYS C 154 27.01 -27.69 54.87
CA LYS C 154 27.52 -28.31 56.08
C LYS C 154 26.94 -27.60 57.30
N VAL C 155 26.39 -28.39 58.21
CA VAL C 155 25.74 -27.88 59.42
C VAL C 155 26.55 -28.36 60.61
N GLY C 156 26.91 -27.44 61.50
CA GLY C 156 27.71 -27.79 62.65
C GLY C 156 27.37 -26.90 63.83
N TRP C 157 28.07 -27.11 64.93
CA TRP C 157 27.86 -26.35 66.15
C TRP C 157 29.18 -25.74 66.59
N ASN C 158 29.13 -24.50 67.06
CA ASN C 158 30.31 -23.80 67.55
C ASN C 158 30.15 -23.53 69.03
N TYR C 159 31.22 -23.75 69.79
CA TYR C 159 31.17 -23.65 71.24
C TYR C 159 32.56 -23.24 71.74
N GLN C 160 32.73 -21.95 72.02
CA GLN C 160 34.00 -21.41 72.48
C GLN C 160 33.86 -20.96 73.93
N SER C 161 34.90 -21.19 74.72
CA SER C 161 34.85 -20.94 76.16
C SER C 161 36.28 -20.79 76.68
N ARG C 162 36.47 -21.00 77.98
CA ARG C 162 37.71 -20.98 78.77
C ARG C 162 38.06 -19.58 79.23
N THR C 163 37.32 -18.55 78.85
CA THR C 163 37.69 -17.20 79.24
C THR C 163 37.37 -16.99 80.71
N VAL C 164 38.32 -17.33 81.59
CA VAL C 164 38.03 -17.39 83.02
C VAL C 164 37.87 -15.98 83.58
N LYS C 165 37.03 -15.84 84.59
CA LYS C 165 36.86 -14.62 85.35
C LYS C 165 37.22 -14.88 86.81
N GLU C 166 37.22 -13.83 87.62
CA GLU C 166 37.81 -13.92 88.96
C GLU C 166 37.01 -13.06 89.94
N GLN C 167 37.54 -12.99 91.17
CA GLN C 167 37.12 -12.06 92.22
C GLN C 167 35.66 -12.26 92.62
N VAL C 168 35.40 -13.43 93.22
CA VAL C 168 34.13 -13.66 93.90
C VAL C 168 34.12 -12.93 95.23
N VAL C 169 32.93 -12.75 95.79
CA VAL C 169 32.79 -12.14 97.11
C VAL C 169 32.04 -13.07 98.04
N THR C 170 31.82 -12.65 99.28
CA THR C 170 31.14 -13.46 100.28
C THR C 170 30.19 -12.60 101.09
N TYR C 171 29.02 -13.13 101.37
CA TYR C 171 28.01 -12.45 102.16
C TYR C 171 27.75 -13.23 103.44
N GLU C 172 27.79 -12.54 104.57
CA GLU C 172 27.45 -13.15 105.84
C GLU C 172 25.95 -13.04 106.08
N MET C 173 25.39 -14.06 106.72
CA MET C 173 23.97 -14.06 107.01
C MET C 173 23.68 -13.12 108.17
N MET C 174 22.45 -12.59 108.21
CA MET C 174 22.09 -11.68 109.28
C MET C 174 20.59 -11.76 109.54
N PRO C 175 20.16 -11.92 110.80
CA PRO C 175 18.74 -12.12 111.08
C PRO C 175 17.93 -10.83 111.22
N ASP C 176 18.40 -9.73 110.68
CA ASP C 176 17.66 -8.47 110.75
C ASP C 176 16.53 -8.47 109.73
N SER C 177 15.29 -8.29 110.21
CA SER C 177 14.12 -8.20 109.35
C SER C 177 13.40 -6.88 109.61
N SER C 178 12.88 -6.29 108.55
CA SER C 178 12.21 -4.99 108.65
C SER C 178 11.12 -4.94 107.58
N GLU C 179 10.63 -3.74 107.30
CA GLU C 179 9.53 -3.54 106.37
C GLU C 179 10.02 -3.30 104.95
N GLU C 180 11.10 -2.53 104.81
CA GLU C 180 11.67 -2.27 103.49
C GLU C 180 12.18 -3.56 102.85
N LEU C 181 12.77 -4.45 103.66
CA LEU C 181 13.20 -5.74 103.14
C LEU C 181 12.01 -6.52 102.61
N ALA C 182 10.89 -6.50 103.33
CA ALA C 182 9.70 -7.20 102.85
C ALA C 182 9.21 -6.62 101.52
N GLN C 183 9.18 -5.29 101.41
CA GLN C 183 8.76 -4.68 100.16
C GLN C 183 9.67 -5.08 99.01
N ILE C 184 10.98 -4.95 99.21
CA ILE C 184 11.94 -5.23 98.15
C ILE C 184 11.85 -6.70 97.75
N TYR C 185 11.73 -7.59 98.74
CA TYR C 185 11.66 -9.01 98.43
C TYR C 185 10.37 -9.35 97.69
N GLN C 186 9.27 -8.70 98.06
CA GLN C 186 8.03 -8.90 97.32
C GLN C 186 8.19 -8.46 95.86
N THR C 187 8.80 -7.30 95.64
CA THR C 187 8.99 -6.83 94.28
C THR C 187 9.89 -7.77 93.49
N ALA C 188 10.96 -8.25 94.12
CA ALA C 188 11.87 -9.16 93.44
C ALA C 188 11.18 -10.47 93.11
N ALA C 189 10.34 -10.96 94.01
CA ALA C 189 9.57 -12.17 93.72
C ALA C 189 8.64 -11.94 92.52
N GLN C 190 8.00 -10.77 92.48
CA GLN C 190 7.14 -10.46 91.35
C GLN C 190 7.92 -10.44 90.05
N ILE C 191 9.13 -9.87 90.08
CA ILE C 191 9.97 -9.85 88.88
C ILE C 191 10.34 -11.26 88.47
N ARG C 192 10.84 -12.06 89.41
CA ARG C 192 11.19 -13.43 89.09
C ARG C 192 10.00 -14.21 88.58
N GLU C 193 8.80 -13.82 88.96
CA GLU C 193 7.61 -14.50 88.47
C GLU C 193 7.31 -14.12 87.03
N GLU C 194 7.19 -12.82 86.74
CA GLU C 194 6.60 -12.43 85.47
C GLU C 194 7.61 -12.02 84.40
N SER C 195 8.83 -11.68 84.77
CA SER C 195 9.88 -11.31 83.82
C SER C 195 11.16 -12.05 84.18
N PRO C 196 11.20 -13.36 83.96
CA PRO C 196 12.36 -14.13 84.36
C PRO C 196 13.64 -13.70 83.69
N SER C 197 13.56 -13.05 82.53
CA SER C 197 14.75 -12.60 81.84
C SER C 197 15.51 -11.58 82.68
N GLU C 198 14.80 -10.68 83.34
CA GLU C 198 15.43 -9.61 84.10
C GLU C 198 15.87 -10.05 85.49
N TYR C 199 15.44 -11.22 85.95
CA TYR C 199 15.74 -11.62 87.31
C TYR C 199 17.23 -11.72 87.60
N PRO C 200 18.07 -12.32 86.75
CA PRO C 200 19.50 -12.36 87.07
C PRO C 200 20.16 -10.99 87.15
N GLU C 201 19.53 -9.96 86.58
CA GLU C 201 20.15 -8.64 86.60
C GLU C 201 19.94 -7.90 87.91
N ILE C 202 19.13 -8.41 88.82
CA ILE C 202 18.95 -7.78 90.12
C ILE C 202 20.20 -8.03 90.94
N PRO C 203 20.50 -7.21 91.95
CA PRO C 203 21.74 -7.37 92.70
C PRO C 203 21.86 -8.72 93.38
N GLU C 204 23.09 -9.22 93.46
CA GLU C 204 23.34 -10.56 93.96
C GLU C 204 22.96 -10.69 95.43
N ASP C 205 23.28 -9.68 96.23
CA ASP C 205 22.99 -9.74 97.65
C ASP C 205 21.49 -9.86 97.90
N VAL C 206 20.71 -8.97 97.30
CA VAL C 206 19.27 -9.01 97.51
C VAL C 206 18.69 -10.29 96.93
N ARG C 207 19.24 -10.78 95.83
CA ARG C 207 18.77 -12.04 95.27
C ARG C 207 18.94 -13.17 96.26
N LEU C 208 20.16 -13.33 96.78
CA LEU C 208 20.43 -14.48 97.65
C LEU C 208 19.69 -14.35 98.96
N GLY C 209 19.57 -13.13 99.48
CA GLY C 209 18.70 -12.91 100.62
C GLY C 209 17.27 -13.27 100.32
N LEU C 210 16.84 -13.07 99.08
CA LEU C 210 15.47 -13.42 98.72
C LEU C 210 15.26 -14.93 98.80
N GLU C 211 16.17 -15.73 98.25
CA GLU C 211 15.90 -17.17 98.40
C GLU C 211 16.10 -17.62 99.84
N GLU C 212 16.95 -16.93 100.60
CA GLU C 212 17.02 -17.24 102.03
C GLU C 212 15.69 -16.95 102.72
N THR C 213 14.96 -15.95 102.22
CA THR C 213 13.68 -15.57 102.83
C THR C 213 12.65 -16.68 102.75
N GLU C 214 12.80 -17.63 101.83
CA GLU C 214 11.98 -18.83 101.87
C GLU C 214 12.74 -20.03 102.41
N ALA C 215 14.08 -19.96 102.45
CA ALA C 215 14.83 -20.98 103.17
C ALA C 215 14.49 -20.99 104.65
N ASN C 216 14.13 -19.83 105.19
CA ASN C 216 13.73 -19.70 106.59
C ASN C 216 12.88 -18.44 106.71
N GLY C 217 12.72 -17.93 107.92
CA GLY C 217 11.96 -16.71 108.13
C GLY C 217 12.58 -15.51 107.43
N ILE C 218 11.85 -14.39 107.50
CA ILE C 218 12.19 -13.17 106.76
C ILE C 218 13.39 -12.49 107.41
N GLN C 219 13.89 -13.06 108.52
CA GLN C 219 14.99 -12.44 109.24
C GLN C 219 16.21 -12.23 108.35
N VAL C 220 16.37 -13.05 107.30
CA VAL C 220 17.58 -13.04 106.51
C VAL C 220 17.84 -11.65 105.94
N ARG C 221 19.10 -11.21 106.02
CA ARG C 221 19.49 -9.95 105.41
C ARG C 221 20.80 -10.00 104.63
N ALA C 222 21.70 -10.95 104.90
CA ALA C 222 22.84 -11.26 104.03
C ALA C 222 23.79 -10.06 103.89
N VAL C 223 24.42 -9.71 105.00
CA VAL C 223 25.43 -8.66 104.98
C VAL C 223 26.68 -9.16 104.26
N PRO C 224 27.35 -8.34 103.45
CA PRO C 224 28.54 -8.81 102.75
C PRO C 224 29.75 -8.96 103.66
N VAL C 225 30.72 -9.75 103.20
CA VAL C 225 32.01 -9.89 103.87
C VAL C 225 33.14 -9.63 102.89
N GLY C 226 33.21 -10.42 101.83
CA GLY C 226 34.25 -10.27 100.83
C GLY C 226 35.18 -11.47 100.79
N SER C 227 35.71 -11.74 99.61
CA SER C 227 36.61 -12.87 99.36
C SER C 227 37.24 -12.67 97.99
N GLU C 228 37.90 -13.71 97.48
CA GLU C 228 38.45 -13.70 96.12
C GLU C 228 38.69 -15.13 95.68
N GLU C 229 38.42 -15.41 94.41
CA GLU C 229 38.60 -16.74 93.84
C GLU C 229 38.50 -16.65 92.32
N GLU C 230 39.11 -17.62 91.64
CA GLU C 230 39.30 -17.59 90.19
C GLU C 230 38.78 -18.89 89.58
N GLU C 231 37.58 -18.85 89.02
CA GLU C 231 36.90 -20.02 88.44
C GLU C 231 35.87 -19.52 87.43
N ARG C 232 34.90 -20.39 87.13
CA ARG C 232 33.67 -20.09 86.37
C ARG C 232 34.00 -19.53 84.98
N GLU C 233 34.55 -20.41 84.16
CA GLU C 233 34.77 -20.13 82.75
C GLU C 233 33.47 -19.69 82.09
N GLU C 234 33.55 -18.68 81.24
CA GLU C 234 32.40 -18.16 80.52
C GLU C 234 32.34 -18.71 79.10
N THR C 235 31.13 -18.99 78.65
CA THR C 235 30.89 -19.45 77.30
C THR C 235 30.85 -18.22 76.40
N VAL C 236 31.98 -17.91 75.78
CA VAL C 236 32.03 -16.74 74.90
C VAL C 236 31.22 -17.00 73.63
N GLU C 237 31.14 -18.25 73.19
CA GLU C 237 30.40 -18.57 71.97
C GLU C 237 29.68 -19.89 72.12
N ASN C 238 28.40 -19.91 71.77
CA ASN C 238 27.61 -21.14 71.82
C ASN C 238 26.45 -20.97 70.85
N HIS C 239 26.56 -21.57 69.67
CA HIS C 239 25.54 -21.35 68.65
C HIS C 239 25.69 -22.36 67.52
N PRO C 240 24.78 -22.38 66.55
CA PRO C 240 24.97 -23.21 65.36
C PRO C 240 25.79 -22.48 64.30
N THR C 241 26.17 -23.23 63.27
CA THR C 241 26.95 -22.72 62.17
C THR C 241 26.54 -23.44 60.91
N VAL C 242 26.54 -22.73 59.79
CA VAL C 242 26.15 -23.28 58.50
C VAL C 242 27.04 -22.70 57.43
N GLN C 243 27.81 -23.56 56.76
CA GLN C 243 28.71 -23.16 55.69
C GLN C 243 28.25 -23.84 54.42
N VAL C 244 28.55 -23.27 53.25
CA VAL C 244 27.95 -23.90 52.10
C VAL C 244 28.75 -25.12 51.70
N CYS C 245 29.81 -24.93 50.90
CA CYS C 245 31.05 -25.70 50.76
C CYS C 245 31.67 -25.32 49.41
N ASP C 246 32.83 -25.86 49.12
CA ASP C 246 33.30 -25.92 47.74
C ASP C 246 33.10 -27.34 47.22
N TYR C 247 32.82 -27.46 45.94
CA TYR C 247 32.54 -28.76 45.36
C TYR C 247 33.79 -29.51 44.96
N ASN C 248 34.97 -28.93 45.15
CA ASN C 248 36.22 -29.63 44.83
C ASN C 248 36.82 -30.38 46.00
N ASN C 249 36.31 -30.19 47.22
CA ASN C 249 36.93 -30.74 48.40
C ASN C 249 36.05 -31.75 49.11
N ILE C 250 35.05 -32.29 48.42
CA ILE C 250 34.06 -33.16 49.02
C ILE C 250 33.93 -34.41 48.17
N VAL C 251 33.94 -35.58 48.82
CA VAL C 251 33.84 -36.85 48.13
C VAL C 251 32.81 -37.71 48.85
N ILE C 252 31.89 -38.30 48.10
CA ILE C 252 30.79 -39.04 48.68
C ILE C 252 30.85 -40.48 48.19
N ASP C 253 30.24 -41.38 48.95
CA ASP C 253 30.02 -42.73 48.47
C ASP C 253 29.25 -42.67 47.15
N PRO C 254 29.77 -43.29 46.09
CA PRO C 254 29.07 -43.28 44.80
C PRO C 254 28.10 -44.42 44.59
N SER C 255 27.99 -45.34 45.53
CA SER C 255 27.09 -46.48 45.39
C SER C 255 25.70 -46.19 45.91
N CYS C 256 25.45 -44.99 46.43
CA CYS C 256 24.19 -44.67 47.08
C CYS C 256 23.04 -44.51 46.09
N GLY C 257 23.30 -44.53 44.80
CA GLY C 257 22.25 -44.15 43.87
C GLY C 257 21.99 -42.68 44.04
N SER C 258 20.71 -42.30 44.23
CA SER C 258 20.37 -40.93 44.61
C SER C 258 19.43 -41.00 45.80
N ASP C 259 19.99 -41.20 46.99
CA ASP C 259 19.23 -41.06 48.23
C ASP C 259 19.90 -40.11 49.19
N PHE C 260 21.19 -40.33 49.41
CA PHE C 260 22.00 -39.68 50.43
C PHE C 260 21.56 -40.08 51.83
N SER C 261 20.46 -40.83 51.94
CA SER C 261 20.12 -41.45 53.20
C SER C 261 20.74 -42.84 53.32
N LYS C 262 21.34 -43.34 52.25
CA LYS C 262 22.02 -44.62 52.26
C LYS C 262 23.48 -44.51 51.91
N ALA C 263 23.99 -43.31 51.67
CA ALA C 263 25.43 -43.15 51.47
C ALA C 263 26.17 -43.55 52.73
N LYS C 264 27.28 -44.25 52.55
CA LYS C 264 27.96 -44.85 53.69
C LYS C 264 29.14 -44.04 54.19
N PHE C 265 29.63 -43.08 53.42
CA PHE C 265 30.72 -42.25 53.91
C PHE C 265 30.84 -40.98 53.09
N LEU C 266 31.29 -39.93 53.77
CA LEU C 266 31.57 -38.65 53.15
C LEU C 266 32.87 -38.12 53.71
N ILE C 267 33.71 -37.59 52.83
CA ILE C 267 35.03 -37.09 53.19
C ILE C 267 35.15 -35.65 52.73
N GLU C 268 35.60 -34.78 53.62
CA GLU C 268 35.78 -33.37 53.31
C GLU C 268 37.18 -32.93 53.68
N THR C 269 37.80 -32.15 52.81
CA THR C 269 39.11 -31.57 53.10
C THR C 269 38.98 -30.08 53.24
N PHE C 270 39.50 -29.53 54.34
CA PHE C 270 39.45 -28.08 54.51
C PHE C 270 40.79 -27.61 55.08
N GLU C 271 40.85 -26.34 55.43
CA GLU C 271 42.10 -25.70 55.84
C GLU C 271 41.89 -24.97 57.15
N SER C 272 42.89 -25.06 58.03
CA SER C 272 42.80 -24.45 59.35
C SER C 272 44.21 -24.17 59.85
N SER C 273 44.31 -23.84 61.14
CA SER C 273 45.58 -23.48 61.73
C SER C 273 45.69 -24.08 63.12
N TYR C 274 46.93 -24.15 63.61
CA TYR C 274 47.17 -24.79 64.90
C TYR C 274 46.45 -24.06 66.02
N ALA C 275 46.49 -22.73 66.01
CA ALA C 275 45.82 -21.97 67.06
C ALA C 275 44.31 -22.22 67.05
N GLU C 276 43.71 -22.24 65.86
CA GLU C 276 42.27 -22.49 65.77
C GLU C 276 41.92 -23.88 66.26
N LEU C 277 42.72 -24.87 65.88
CA LEU C 277 42.47 -26.23 66.34
C LEU C 277 42.56 -26.31 67.85
N LYS C 278 43.57 -25.67 68.45
CA LYS C 278 43.70 -25.69 69.89
C LYS C 278 42.53 -24.99 70.55
N ALA C 279 42.09 -23.87 69.98
CA ALA C 279 40.97 -23.13 70.56
C ALA C 279 39.70 -23.96 70.55
N ASP C 280 39.44 -24.66 69.45
CA ASP C 280 38.30 -25.56 69.41
C ASP C 280 38.65 -26.83 70.16
N GLY C 281 38.20 -26.93 71.40
CA GLY C 281 38.61 -28.03 72.26
C GLY C 281 37.98 -29.36 71.92
N ARG C 282 38.34 -29.93 70.77
CA ARG C 282 37.79 -31.20 70.35
C ARG C 282 38.82 -32.10 69.71
N TYR C 283 40.08 -31.99 70.13
CA TYR C 283 41.14 -32.71 69.44
C TYR C 283 42.19 -33.18 70.44
N LYS C 284 42.97 -34.16 70.02
CA LYS C 284 44.07 -34.71 70.81
C LYS C 284 45.30 -34.83 69.93
N ASN C 285 46.43 -35.14 70.57
CA ASN C 285 47.70 -35.33 69.88
C ASN C 285 48.14 -34.08 69.12
N LEU C 286 47.68 -32.91 69.57
CA LEU C 286 47.95 -31.69 68.81
C LEU C 286 49.42 -31.35 68.76
N ASP C 287 50.24 -31.96 69.61
CA ASP C 287 51.64 -31.60 69.71
C ASP C 287 52.54 -32.41 68.78
N LYS C 288 51.97 -33.28 67.97
CA LYS C 288 52.75 -34.11 67.05
C LYS C 288 52.36 -33.83 65.61
N ILE C 289 52.20 -32.56 65.28
CA ILE C 289 51.71 -32.19 63.96
C ILE C 289 52.85 -31.86 63.01
N GLN C 290 53.92 -31.25 63.51
CA GLN C 290 55.06 -30.82 62.69
C GLN C 290 54.59 -29.81 61.62
N VAL C 291 54.18 -28.65 62.13
CA VAL C 291 53.57 -27.61 61.32
C VAL C 291 54.57 -27.02 60.32
N GLU C 292 55.82 -27.46 60.39
CA GLU C 292 56.84 -27.07 59.43
C GLU C 292 56.84 -27.96 58.19
N GLY C 293 55.71 -28.59 57.91
CA GLY C 293 55.59 -29.58 56.85
C GLY C 293 54.83 -29.09 55.64
N GLN C 294 53.52 -29.40 55.64
CA GLN C 294 52.67 -29.38 54.44
C GLN C 294 52.99 -28.26 53.46
N ASN C 295 53.16 -27.04 53.95
CA ASN C 295 53.35 -25.86 53.12
C ASN C 295 52.21 -25.66 52.12
N LEU C 296 51.07 -26.32 52.37
CA LEU C 296 49.89 -26.22 51.51
C LEU C 296 50.24 -26.57 50.06
N LEU C 297 51.11 -27.57 49.89
CA LEU C 297 51.52 -28.01 48.56
C LEU C 297 51.35 -29.52 48.49
N SER C 298 50.13 -29.95 48.17
CA SER C 298 49.84 -31.36 47.94
C SER C 298 48.69 -31.45 46.95
N GLU C 299 48.61 -32.58 46.26
CA GLU C 299 47.67 -32.71 45.15
C GLU C 299 46.22 -32.61 45.59
N PRO C 300 45.68 -33.52 46.40
CA PRO C 300 44.24 -33.48 46.70
C PRO C 300 43.84 -32.38 47.66
N ASP C 301 44.74 -31.47 47.95
CA ASP C 301 44.61 -30.57 49.08
C ASP C 301 43.49 -29.57 48.86
N TYR C 302 43.32 -28.70 49.85
CA TYR C 302 42.37 -27.60 49.79
C TYR C 302 42.64 -26.79 48.53
N THR C 303 41.71 -26.80 47.59
CA THR C 303 41.82 -25.94 46.43
C THR C 303 41.51 -24.51 46.86
N GLY C 304 42.52 -23.66 46.88
CA GLY C 304 42.41 -22.34 47.45
C GLY C 304 41.43 -21.46 46.70
N PRO C 305 41.13 -20.29 47.27
CA PRO C 305 40.17 -19.39 46.62
C PRO C 305 40.59 -19.00 45.20
N SER C 306 41.88 -18.83 44.98
CA SER C 306 42.39 -18.45 43.66
C SER C 306 43.73 -19.14 43.47
N GLU C 307 44.47 -18.70 42.46
CA GLU C 307 45.80 -19.24 42.22
C GLU C 307 46.88 -18.45 42.93
N GLY C 308 46.74 -17.13 43.02
CA GLY C 308 47.74 -16.32 43.67
C GLY C 308 47.89 -16.64 45.15
N VAL C 309 46.78 -16.95 45.81
CA VAL C 309 46.80 -17.21 47.24
C VAL C 309 47.59 -18.45 47.60
N ARG C 310 47.93 -19.29 46.62
CA ARG C 310 48.73 -20.48 46.91
C ARG C 310 50.11 -20.13 47.44
N ASN C 311 50.60 -18.93 47.14
CA ASN C 311 51.93 -18.51 47.55
C ASN C 311 51.93 -17.75 48.87
N PHE C 312 50.80 -17.62 49.54
CA PHE C 312 50.70 -16.84 50.75
C PHE C 312 50.87 -17.73 51.97
N ASP C 313 51.54 -17.21 52.99
CA ASP C 313 51.73 -17.95 54.24
C ASP C 313 52.09 -16.96 55.34
N PHE C 314 52.11 -17.46 56.57
CA PHE C 314 52.24 -16.61 57.74
C PHE C 314 53.57 -16.73 58.48
N GLN C 315 54.24 -17.88 58.37
CA GLN C 315 55.55 -18.14 59.01
C GLN C 315 55.56 -17.73 60.48
N ASP C 316 54.52 -18.13 61.20
CA ASP C 316 54.43 -17.83 62.63
C ASP C 316 54.31 -19.06 63.52
N LYS C 317 54.05 -20.24 62.96
CA LYS C 317 53.94 -21.51 63.68
C LYS C 317 52.68 -21.55 64.53
N SER C 318 51.97 -20.42 64.62
CA SER C 318 50.68 -20.39 65.28
C SER C 318 49.55 -20.06 64.33
N ARG C 319 49.86 -19.44 63.19
CA ARG C 319 48.87 -19.14 62.18
C ARG C 319 49.21 -19.78 60.84
N LYS C 320 50.20 -20.65 60.81
CA LYS C 320 50.54 -21.34 59.57
C LYS C 320 49.37 -22.21 59.13
N ARG C 321 49.15 -22.28 57.83
CA ARG C 321 47.99 -22.96 57.28
C ARG C 321 48.24 -24.45 57.14
N LEU C 322 47.23 -25.24 57.47
CA LEU C 322 47.29 -26.69 57.40
C LEU C 322 46.13 -27.21 56.58
N VAL C 323 46.18 -28.50 56.25
CA VAL C 323 45.12 -29.19 55.53
C VAL C 323 44.61 -30.33 56.40
N VAL C 324 43.30 -30.38 56.59
CA VAL C 324 42.67 -31.34 57.49
C VAL C 324 41.65 -32.16 56.72
N HIS C 325 41.66 -33.48 56.93
CA HIS C 325 40.69 -34.38 56.34
C HIS C 325 39.72 -34.85 57.40
N GLU C 326 38.43 -34.87 57.04
CA GLU C 326 37.38 -35.37 57.89
C GLU C 326 36.63 -36.48 57.15
N TYR C 327 36.23 -37.50 57.91
CA TYR C 327 35.56 -38.67 57.39
C TYR C 327 34.38 -38.98 58.29
N TRP C 328 33.17 -38.74 57.80
CA TRP C 328 31.96 -39.14 58.49
C TRP C 328 31.41 -40.39 57.83
N GLY C 329 30.90 -41.32 58.62
CA GLY C 329 30.28 -42.47 57.99
C GLY C 329 29.95 -43.56 58.98
N TYR C 330 29.84 -44.77 58.44
CA TYR C 330 29.47 -45.95 59.19
C TYR C 330 30.60 -46.95 59.12
N TYR C 331 30.82 -47.68 60.21
CA TYR C 331 31.90 -48.65 60.23
C TYR C 331 31.58 -49.73 61.25
N ASP C 332 32.26 -50.86 61.12
CA ASP C 332 32.08 -52.00 62.01
C ASP C 332 33.13 -51.92 63.11
N ILE C 333 32.86 -51.06 64.09
CA ILE C 333 33.84 -50.79 65.14
C ILE C 333 34.15 -52.06 65.92
N HIS C 334 33.13 -52.84 66.25
CA HIS C 334 33.37 -54.13 66.86
C HIS C 334 33.41 -55.20 65.77
N GLY C 335 33.56 -56.45 66.17
CA GLY C 335 33.51 -57.53 65.21
C GLY C 335 32.13 -58.06 64.93
N ASP C 336 31.11 -57.44 65.53
CA ASP C 336 29.75 -57.96 65.43
C ASP C 336 29.16 -57.86 64.04
N GLY C 337 29.80 -57.15 63.12
CA GLY C 337 29.19 -56.92 61.84
C GLY C 337 27.96 -56.04 61.93
N VAL C 338 27.97 -55.05 62.82
CA VAL C 338 26.92 -54.04 62.91
C VAL C 338 27.58 -52.68 62.78
N LEU C 339 27.03 -51.84 61.93
CA LEU C 339 27.64 -50.56 61.64
C LEU C 339 27.23 -49.52 62.67
N HIS C 340 28.17 -48.65 63.03
CA HIS C 340 27.92 -47.56 63.94
C HIS C 340 28.32 -46.25 63.29
N PRO C 341 27.68 -45.14 63.64
CA PRO C 341 28.02 -43.85 63.04
C PRO C 341 29.24 -43.25 63.72
N ILE C 342 30.30 -43.04 62.96
CA ILE C 342 31.56 -42.55 63.50
C ILE C 342 32.07 -41.38 62.66
N VAL C 343 33.00 -40.64 63.27
CA VAL C 343 33.70 -39.53 62.65
C VAL C 343 35.18 -39.64 62.97
N ALA C 344 36.02 -39.42 61.96
CA ALA C 344 37.46 -39.51 62.12
C ALA C 344 38.12 -38.36 61.40
N THR C 345 39.05 -37.69 62.07
CA THR C 345 39.68 -36.49 61.56
C THR C 345 41.18 -36.63 61.69
N TRP C 346 41.90 -36.33 60.61
CA TRP C 346 43.35 -36.46 60.65
C TRP C 346 44.00 -35.39 59.77
N VAL C 347 45.26 -35.10 60.09
CA VAL C 347 46.07 -34.16 59.35
C VAL C 347 47.41 -34.81 59.05
N GLY C 348 47.89 -34.66 57.82
CA GLY C 348 49.15 -35.24 57.43
C GLY C 348 49.14 -36.75 57.59
N ALA C 349 49.87 -37.25 58.59
CA ALA C 349 49.90 -38.68 58.89
C ALA C 349 49.51 -38.95 60.34
N VAL C 350 48.91 -37.99 61.02
CA VAL C 350 48.57 -38.12 62.44
C VAL C 350 47.07 -38.08 62.57
N MET C 351 46.52 -39.05 63.29
CA MET C 351 45.08 -39.08 63.57
C MET C 351 44.80 -38.15 64.75
N ILE C 352 43.88 -37.21 64.55
CA ILE C 352 43.61 -36.20 65.56
C ILE C 352 42.31 -36.47 66.32
N ARG C 353 41.36 -37.17 65.71
CA ARG C 353 40.07 -37.35 66.37
C ARG C 353 39.42 -38.62 65.86
N MET C 354 38.89 -39.42 66.78
CA MET C 354 38.09 -40.57 66.41
C MET C 354 36.98 -40.74 67.43
N GLU C 355 35.74 -40.76 66.97
CA GLU C 355 34.63 -40.73 67.91
C GLU C 355 33.38 -41.25 67.23
N GLU C 356 32.38 -41.57 68.03
CA GLU C 356 31.07 -41.81 67.48
C GLU C 356 30.38 -40.49 67.18
N ASN C 357 29.36 -40.55 66.34
CA ASN C 357 28.69 -39.34 65.91
C ASN C 357 28.08 -38.62 67.11
N PRO C 358 28.42 -37.36 67.35
CA PRO C 358 27.94 -36.67 68.56
C PRO C 358 26.66 -35.88 68.40
N PHE C 359 26.13 -35.76 67.21
CA PHE C 359 24.92 -34.98 67.05
C PHE C 359 23.69 -35.75 67.52
N PRO C 360 22.63 -35.06 67.93
CA PRO C 360 21.46 -35.76 68.48
C PRO C 360 20.86 -36.74 67.50
N ASP C 361 20.88 -36.43 66.21
CA ASP C 361 20.44 -37.35 65.18
C ASP C 361 21.67 -37.98 64.56
N LYS C 362 21.79 -39.31 64.71
CA LYS C 362 23.03 -39.97 64.30
C LYS C 362 23.12 -40.05 62.78
N LYS C 363 23.26 -38.90 62.12
CA LYS C 363 23.39 -38.84 60.68
C LYS C 363 24.53 -37.92 60.31
N ILE C 364 24.84 -37.89 59.02
CA ILE C 364 25.91 -37.03 58.51
C ILE C 364 25.42 -35.59 58.50
N PRO C 365 26.16 -34.66 59.06
CA PRO C 365 25.70 -33.27 59.16
C PRO C 365 25.84 -32.47 57.86
N TYR C 366 25.36 -33.05 56.77
CA TYR C 366 25.40 -32.39 55.47
C TYR C 366 24.04 -32.52 54.80
N VAL C 367 23.76 -31.59 53.90
CA VAL C 367 22.53 -31.59 53.12
C VAL C 367 22.89 -31.34 51.66
N VAL C 368 22.39 -32.19 50.77
CA VAL C 368 22.69 -32.12 49.35
C VAL C 368 21.40 -31.89 48.60
N VAL C 369 21.40 -30.88 47.73
CA VAL C 369 20.23 -30.53 46.93
C VAL C 369 20.65 -30.46 45.47
N SER C 370 19.88 -31.10 44.60
CA SER C 370 20.17 -31.12 43.18
C SER C 370 19.25 -30.15 42.45
N TYR C 371 19.85 -29.25 41.67
CA TYR C 371 19.09 -28.23 40.96
C TYR C 371 18.12 -28.86 39.96
N ILE C 372 18.67 -29.52 38.96
CA ILE C 372 17.90 -30.25 37.96
C ILE C 372 18.21 -31.74 38.13
N PRO C 373 17.24 -32.58 38.42
CA PRO C 373 17.54 -33.97 38.75
C PRO C 373 18.06 -34.75 37.56
N ARG C 374 18.82 -35.79 37.86
CA ARG C 374 19.27 -36.75 36.87
C ARG C 374 18.90 -38.15 37.35
N LYS C 375 18.82 -39.08 36.40
CA LYS C 375 18.34 -40.42 36.72
C LYS C 375 19.34 -41.13 37.61
N ARG C 376 18.97 -41.32 38.88
CA ARG C 376 19.75 -42.08 39.85
C ARG C 376 21.16 -41.50 39.99
N ASP C 377 21.21 -40.25 40.43
CA ASP C 377 22.49 -39.58 40.65
C ASP C 377 22.28 -38.42 41.60
N LEU C 378 23.25 -38.20 42.48
CA LEU C 378 23.14 -37.11 43.43
C LEU C 378 23.31 -35.76 42.77
N TYR C 379 24.33 -35.63 41.93
CA TYR C 379 24.62 -34.34 41.31
C TYR C 379 23.59 -34.02 40.25
N GLY C 380 23.21 -32.75 40.18
CA GLY C 380 22.25 -32.27 39.21
C GLY C 380 22.93 -31.80 37.94
N GLU C 381 22.24 -30.93 37.21
CA GLU C 381 22.77 -30.29 36.03
C GLU C 381 22.66 -28.79 36.17
N SER C 382 23.67 -28.08 35.70
CA SER C 382 23.63 -26.62 35.75
C SER C 382 22.52 -26.10 34.85
N ASP C 383 22.14 -24.85 35.09
CA ASP C 383 21.06 -24.25 34.32
C ASP C 383 21.43 -24.13 32.85
N GLY C 384 22.61 -23.59 32.57
CA GLY C 384 23.06 -23.39 31.21
C GLY C 384 23.90 -24.53 30.67
N ALA C 385 23.45 -25.77 30.87
CA ALA C 385 24.20 -26.91 30.38
C ALA C 385 23.87 -27.25 28.93
N LEU C 386 22.88 -26.59 28.34
CA LEU C 386 22.46 -26.90 26.98
C LEU C 386 22.56 -25.70 26.05
N LEU C 387 23.14 -24.60 26.49
CA LEU C 387 23.22 -23.39 25.69
C LEU C 387 24.58 -23.19 25.06
N ILE C 388 25.48 -24.17 25.20
CA ILE C 388 26.84 -23.99 24.71
C ILE C 388 26.84 -23.79 23.20
N ASP C 389 26.05 -24.60 22.49
CA ASP C 389 26.00 -24.45 21.03
C ASP C 389 25.48 -23.09 20.64
N ASN C 390 24.44 -22.61 21.32
CA ASN C 390 23.89 -21.31 20.99
C ASN C 390 24.92 -20.21 21.24
N GLN C 391 25.63 -20.29 22.36
CA GLN C 391 26.65 -19.27 22.63
C GLN C 391 27.71 -19.28 21.55
N ARG C 392 28.17 -20.48 21.16
CA ARG C 392 29.21 -20.55 20.14
C ARG C 392 28.73 -19.98 18.82
N ILE C 393 27.51 -20.32 18.41
CA ILE C 393 27.01 -19.84 17.12
C ILE C 393 26.86 -18.33 17.13
N ILE C 394 26.31 -17.78 18.22
CA ILE C 394 26.13 -16.33 18.28
C ILE C 394 27.48 -15.63 18.23
N GLY C 395 28.46 -16.15 18.98
CA GLY C 395 29.78 -15.56 18.92
C GLY C 395 30.36 -15.60 17.53
N ALA C 396 30.21 -16.72 16.83
CA ALA C 396 30.77 -16.83 15.49
C ALA C 396 30.14 -15.82 14.54
N VAL C 397 28.82 -15.70 14.59
CA VAL C 397 28.14 -14.79 13.67
C VAL C 397 28.55 -13.35 13.96
N THR C 398 28.61 -12.99 15.23
CA THR C 398 28.99 -11.62 15.57
C THR C 398 30.41 -11.32 15.10
N ARG C 399 31.33 -12.27 15.31
CA ARG C 399 32.70 -12.06 14.84
C ARG C 399 32.73 -11.90 13.33
N GLY C 400 31.92 -12.68 12.62
CA GLY C 400 31.88 -12.55 11.18
C GLY C 400 31.43 -11.16 10.74
N MET C 401 30.38 -10.65 11.37
CA MET C 401 29.90 -9.32 11.00
C MET C 401 30.93 -8.25 11.31
N ILE C 402 31.58 -8.35 12.46
CA ILE C 402 32.64 -7.41 12.79
C ILE C 402 33.74 -7.44 11.74
N ASP C 403 34.18 -8.64 11.36
CA ASP C 403 35.25 -8.74 10.37
C ASP C 403 34.84 -8.09 9.06
N THR C 404 33.61 -8.37 8.62
CA THR C 404 33.15 -7.80 7.36
C THR C 404 33.17 -6.28 7.41
N MET C 405 32.72 -5.70 8.52
CA MET C 405 32.68 -4.24 8.57
C MET C 405 34.06 -3.64 8.77
N ALA C 406 34.97 -4.35 9.41
CA ALA C 406 36.24 -3.75 9.78
C ALA C 406 37.30 -3.88 8.71
N ARG C 407 37.45 -5.05 8.10
CA ARG C 407 38.47 -5.21 7.06
C ARG C 407 38.09 -4.54 5.76
N SER C 408 37.05 -3.72 5.74
CA SER C 408 36.63 -3.06 4.51
C SER C 408 37.54 -1.87 4.24
N ALA C 409 37.17 -1.03 3.28
CA ALA C 409 37.97 0.11 2.90
C ALA C 409 37.25 1.42 3.17
N ASN C 410 36.43 1.45 4.22
CA ASN C 410 35.68 2.66 4.54
C ASN C 410 36.62 3.82 4.83
N GLY C 411 36.29 4.98 4.28
CA GLY C 411 37.02 6.19 4.52
C GLY C 411 37.94 6.62 3.40
N GLN C 412 38.39 5.68 2.58
CA GLN C 412 39.32 6.02 1.50
C GLN C 412 38.54 6.47 0.27
N VAL C 413 39.17 7.34 -0.51
CA VAL C 413 38.58 7.88 -1.72
C VAL C 413 39.51 7.59 -2.88
N GLY C 414 38.96 7.08 -3.97
CA GLY C 414 39.75 6.72 -5.14
C GLY C 414 39.35 7.56 -6.34
N VAL C 415 40.33 7.92 -7.14
CA VAL C 415 40.14 8.80 -8.30
C VAL C 415 40.68 8.11 -9.52
N MET C 416 39.92 8.15 -10.62
CA MET C 416 40.39 7.59 -11.88
C MET C 416 41.61 8.34 -12.37
N LYS C 417 42.62 7.61 -12.80
CA LYS C 417 43.79 8.25 -13.40
C LYS C 417 43.39 8.96 -14.67
N GLY C 418 44.00 10.11 -14.90
CA GLY C 418 43.76 10.85 -16.12
C GLY C 418 42.47 11.64 -16.17
N ALA C 419 41.71 11.67 -15.08
CA ALA C 419 40.53 12.52 -15.04
C ALA C 419 40.85 13.94 -14.61
N LEU C 420 41.87 14.13 -13.80
CA LEU C 420 42.28 15.45 -13.34
C LEU C 420 43.76 15.65 -13.64
N ASP C 421 44.10 16.83 -14.13
CA ASP C 421 45.49 17.19 -14.33
C ASP C 421 46.10 17.54 -12.97
N VAL C 422 47.34 18.02 -12.96
CA VAL C 422 48.01 18.29 -11.69
C VAL C 422 47.37 19.47 -10.97
N THR C 423 47.15 20.57 -11.69
CA THR C 423 46.58 21.76 -11.04
C THR C 423 45.17 21.48 -10.54
N ASN C 424 44.35 20.84 -11.35
CA ASN C 424 42.99 20.54 -10.91
C ASN C 424 42.99 19.53 -9.78
N ARG C 425 43.93 18.59 -9.79
CA ARG C 425 44.06 17.67 -8.67
C ARG C 425 44.37 18.42 -7.39
N ARG C 426 45.28 19.38 -7.47
CA ARG C 426 45.61 20.16 -6.28
C ARG C 426 44.42 20.97 -5.81
N ARG C 427 43.68 21.57 -6.73
CA ARG C 427 42.50 22.33 -6.33
C ARG C 427 41.48 21.43 -5.64
N PHE C 428 41.25 20.25 -6.22
CA PHE C 428 40.29 19.32 -5.65
C PHE C 428 40.70 18.90 -4.26
N ASP C 429 41.99 18.63 -4.06
CA ASP C 429 42.45 18.30 -2.72
C ASP C 429 42.30 19.48 -1.77
N ARG C 430 42.62 20.69 -2.24
CA ARG C 430 42.53 21.86 -1.37
C ARG C 430 41.11 22.08 -0.90
N GLY C 431 40.14 21.86 -1.77
CA GLY C 431 38.76 21.95 -1.34
C GLY C 431 38.00 23.09 -1.98
N GLU C 432 38.49 23.57 -3.12
CA GLU C 432 37.82 24.62 -3.87
C GLU C 432 37.27 24.04 -5.16
N ASN C 433 36.67 24.89 -5.96
CA ASN C 433 36.10 24.44 -7.23
C ASN C 433 37.21 24.03 -8.19
N TYR C 434 36.86 23.19 -9.15
CA TYR C 434 37.86 22.58 -10.01
C TYR C 434 37.25 22.32 -11.37
N GLU C 435 38.01 21.62 -12.23
CA GLU C 435 37.57 21.28 -13.56
C GLU C 435 38.08 19.89 -13.90
N PHE C 436 37.29 19.12 -14.65
CA PHE C 436 37.64 17.75 -14.97
C PHE C 436 37.58 17.54 -16.47
N ASN C 437 38.43 16.64 -16.96
CA ASN C 437 38.54 16.40 -18.38
C ASN C 437 37.25 15.78 -18.92
N PRO C 438 36.94 16.02 -20.18
CA PRO C 438 35.69 15.50 -20.73
C PRO C 438 35.71 13.99 -20.81
N GLY C 439 34.51 13.41 -20.80
CA GLY C 439 34.36 11.98 -20.89
C GLY C 439 34.47 11.25 -19.56
N ALA C 440 34.68 11.96 -18.46
CA ALA C 440 34.76 11.34 -17.14
C ALA C 440 33.93 12.18 -16.17
N ASP C 441 32.64 11.88 -16.08
CA ASP C 441 31.80 12.60 -15.14
C ASP C 441 32.19 12.22 -13.71
N PRO C 442 32.14 13.17 -12.78
CA PRO C 442 32.62 12.89 -11.42
C PRO C 442 31.89 11.75 -10.74
N ARG C 443 30.59 11.60 -11.00
CA ARG C 443 29.81 10.58 -10.31
C ARG C 443 30.34 9.18 -10.57
N ALA C 444 31.11 8.99 -11.63
CA ALA C 444 31.81 7.74 -11.85
C ALA C 444 33.32 7.86 -11.70
N ALA C 445 33.87 9.06 -11.86
CA ALA C 445 35.32 9.21 -11.78
C ALA C 445 35.82 9.12 -10.35
N VAL C 446 35.08 9.68 -9.40
CA VAL C 446 35.48 9.62 -8.00
C VAL C 446 34.57 8.65 -7.29
N HIS C 447 35.08 8.07 -6.20
CA HIS C 447 34.31 7.10 -5.45
C HIS C 447 34.78 7.11 -4.01
N MET C 448 33.83 7.09 -3.09
CA MET C 448 34.10 7.20 -1.66
C MET C 448 33.59 5.93 -1.00
N HIS C 449 34.50 5.05 -0.63
CA HIS C 449 34.11 3.75 -0.09
C HIS C 449 33.39 3.91 1.24
N THR C 450 32.45 3.02 1.50
CA THR C 450 31.68 3.01 2.74
C THR C 450 31.57 1.58 3.22
N PHE C 451 30.89 1.40 4.35
CA PHE C 451 30.70 0.07 4.90
C PHE C 451 29.88 -0.78 3.93
N PRO C 452 30.20 -2.07 3.82
CA PRO C 452 29.39 -2.94 2.97
C PRO C 452 28.03 -3.19 3.56
N GLU C 453 27.22 -3.99 2.89
CA GLU C 453 25.84 -4.24 3.30
C GLU C 453 25.74 -5.60 3.97
N ILE C 454 25.21 -5.61 5.19
CA ILE C 454 24.99 -6.87 5.90
C ILE C 454 23.80 -7.59 5.27
N PRO C 455 23.93 -8.86 4.90
CA PRO C 455 22.80 -9.57 4.32
C PRO C 455 21.73 -9.85 5.36
N GLN C 456 20.54 -10.08 4.88
CA GLN C 456 19.38 -10.26 5.75
C GLN C 456 19.35 -11.58 6.44
N SER C 457 20.40 -12.39 6.43
CA SER C 457 20.35 -13.70 7.04
C SER C 457 20.99 -13.75 8.43
N ALA C 458 22.02 -12.95 8.67
CA ALA C 458 22.65 -12.97 9.98
C ALA C 458 21.68 -12.54 11.07
N GLN C 459 20.87 -11.51 10.78
CA GLN C 459 19.87 -11.08 11.74
C GLN C 459 18.94 -12.22 12.10
N TYR C 460 18.43 -12.91 11.08
CA TYR C 460 17.52 -14.02 11.33
C TYR C 460 18.18 -15.10 12.15
N MET C 461 19.44 -15.42 11.85
CA MET C 461 20.09 -16.51 12.56
C MET C 461 20.28 -16.16 14.03
N ILE C 462 20.69 -14.92 14.31
CA ILE C 462 20.85 -14.52 15.70
C ILE C 462 19.51 -14.57 16.43
N ASN C 463 18.46 -14.09 15.79
CA ASN C 463 17.15 -14.13 16.43
C ASN C 463 16.74 -15.56 16.73
N LEU C 464 16.98 -16.47 15.79
CA LEU C 464 16.62 -17.86 15.99
C LEU C 464 17.36 -18.46 17.17
N GLN C 465 18.67 -18.23 17.23
CA GLN C 465 19.45 -18.80 18.33
C GLN C 465 18.99 -18.25 19.67
N GLN C 466 18.76 -16.94 19.75
CA GLN C 466 18.34 -16.36 21.02
C GLN C 466 16.98 -16.89 21.45
N ALA C 467 16.05 -17.00 20.51
CA ALA C 467 14.74 -17.52 20.85
C ALA C 467 14.83 -18.96 21.33
N GLU C 468 15.67 -19.76 20.69
CA GLU C 468 15.84 -21.13 21.14
C GLU C 468 16.40 -21.19 22.55
N ALA C 469 17.39 -20.36 22.86
CA ALA C 469 17.96 -20.36 24.20
C ALA C 469 16.91 -19.96 25.24
N GLU C 470 16.13 -18.93 24.93
CA GLU C 470 15.09 -18.50 25.86
C GLU C 470 14.07 -19.59 26.09
N SER C 471 13.67 -20.28 25.03
CA SER C 471 12.73 -21.38 25.19
C SER C 471 13.31 -22.49 26.05
N MET C 472 14.58 -22.82 25.82
CA MET C 472 15.21 -23.90 26.59
C MET C 472 15.23 -23.57 28.07
N THR C 473 15.74 -22.38 28.43
CA THR C 473 15.89 -22.07 29.85
C THR C 473 14.53 -21.83 30.50
N GLY C 474 13.68 -21.05 29.87
CA GLY C 474 12.41 -20.70 30.45
C GLY C 474 12.34 -19.32 31.07
N VAL C 475 13.38 -18.51 30.95
CA VAL C 475 13.38 -17.15 31.45
C VAL C 475 13.58 -16.20 30.28
N LYS C 476 12.65 -15.27 30.10
CA LYS C 476 12.70 -14.37 28.96
C LYS C 476 13.70 -13.24 29.15
N ALA C 477 14.03 -12.90 30.39
CA ALA C 477 15.08 -11.95 30.71
C ALA C 477 14.81 -10.55 30.20
N PHE C 478 13.65 -10.34 29.57
CA PHE C 478 13.27 -9.05 28.99
C PHE C 478 14.45 -8.43 28.26
N ASN C 479 14.90 -9.15 27.25
CA ASN C 479 16.19 -8.89 26.62
C ASN C 479 16.01 -8.97 25.11
N ALA C 480 17.13 -9.09 24.40
CA ALA C 480 17.13 -9.07 22.94
C ALA C 480 16.45 -7.79 22.43
N GLY C 481 16.78 -6.68 23.09
CA GLY C 481 16.14 -5.41 22.84
C GLY C 481 16.27 -4.55 24.07
N ILE C 482 15.41 -3.54 24.16
CA ILE C 482 15.36 -2.73 25.36
C ILE C 482 15.00 -3.60 26.56
N SER C 483 15.74 -3.43 27.67
CA SER C 483 15.44 -4.19 28.87
C SER C 483 14.01 -3.97 29.31
N GLY C 484 13.49 -2.77 29.08
CA GLY C 484 12.08 -2.52 29.17
C GLY C 484 11.38 -2.86 27.88
N ALA C 485 11.38 -4.15 27.53
CA ALA C 485 10.84 -4.60 26.25
C ALA C 485 9.38 -4.20 26.09
N ALA C 486 8.95 -4.09 24.84
CA ALA C 486 7.60 -3.65 24.49
C ALA C 486 7.32 -2.27 25.06
N LEU C 487 8.08 -1.28 24.58
CA LEU C 487 7.93 0.11 25.01
C LEU C 487 6.65 0.74 24.43
N GLY C 488 5.54 0.12 24.80
CA GLY C 488 4.22 0.63 24.51
C GLY C 488 3.53 -0.07 23.36
N ASP C 489 2.76 -1.09 23.71
CA ASP C 489 1.70 -1.64 22.86
C ASP C 489 0.44 -1.99 23.62
N THR C 490 0.54 -2.21 24.93
CA THR C 490 -0.60 -2.52 25.79
C THR C 490 -0.19 -2.12 27.21
N ALA C 491 -1.17 -1.70 28.01
CA ALA C 491 -0.89 -1.27 29.37
C ALA C 491 -0.24 -2.39 30.17
N THR C 492 -0.74 -3.62 30.01
CA THR C 492 -0.15 -4.76 30.71
C THR C 492 1.20 -5.14 30.12
N ALA C 493 1.37 -5.02 28.80
CA ALA C 493 2.60 -5.46 28.15
C ALA C 493 3.79 -4.58 28.49
N VAL C 494 3.59 -3.42 29.11
CA VAL C 494 4.69 -2.61 29.61
C VAL C 494 4.89 -2.79 31.10
N ARG C 495 3.89 -3.28 31.83
CA ARG C 495 4.04 -3.49 33.26
C ARG C 495 5.06 -4.59 33.56
N GLY C 496 5.11 -5.62 32.72
CA GLY C 496 6.03 -6.72 32.97
C GLY C 496 7.49 -6.29 32.95
N ALA C 497 7.84 -5.43 31.99
CA ALA C 497 9.23 -5.01 31.85
C ALA C 497 9.72 -4.27 33.08
N LEU C 498 8.95 -3.28 33.53
CA LEU C 498 9.33 -2.53 34.72
C LEU C 498 9.35 -3.45 35.94
N ASP C 499 8.42 -4.40 36.01
CA ASP C 499 8.41 -5.35 37.10
C ASP C 499 9.70 -6.14 37.15
N ALA C 500 10.13 -6.69 36.02
CA ALA C 500 11.36 -7.48 36.01
C ALA C 500 12.57 -6.62 36.35
N ALA C 501 12.62 -5.40 35.83
CA ALA C 501 13.75 -4.52 36.14
C ALA C 501 13.83 -4.23 37.63
N SER C 502 12.69 -3.90 38.24
CA SER C 502 12.68 -3.62 39.67
C SER C 502 13.07 -4.85 40.47
N LYS C 503 12.56 -6.01 40.07
CA LYS C 503 12.89 -7.23 40.78
C LYS C 503 14.38 -7.51 40.73
N ARG C 504 15.01 -7.20 39.60
CA ARG C 504 16.46 -7.38 39.52
C ARG C 504 17.19 -6.37 40.40
N GLU C 505 16.73 -5.13 40.43
CA GLU C 505 17.38 -4.12 41.27
C GLU C 505 17.29 -4.48 42.75
N LEU C 506 16.23 -5.21 43.12
CA LEU C 506 15.96 -5.43 44.53
C LEU C 506 17.09 -6.16 45.23
N GLY C 507 17.75 -7.10 44.54
CA GLY C 507 18.83 -7.83 45.19
C GLY C 507 19.99 -6.94 45.60
N ILE C 508 20.42 -6.07 44.68
CA ILE C 508 21.49 -5.14 45.00
C ILE C 508 21.05 -4.23 46.13
N LEU C 509 19.81 -3.77 46.08
CA LEU C 509 19.32 -2.92 47.16
C LEU C 509 19.41 -3.63 48.50
N ARG C 510 19.07 -4.92 48.52
CA ARG C 510 19.11 -5.66 49.77
C ARG C 510 20.52 -5.82 50.29
N ARG C 511 21.48 -6.07 49.39
CA ARG C 511 22.86 -6.18 49.85
C ARG C 511 23.35 -4.89 50.49
N LEU C 512 23.08 -3.77 49.83
CA LEU C 512 23.49 -2.49 50.41
C LEU C 512 22.80 -2.23 51.74
N SER C 513 21.52 -2.60 51.83
CA SER C 513 20.79 -2.44 53.08
C SER C 513 21.44 -3.24 54.19
N ALA C 514 21.86 -4.47 53.89
CA ALA C 514 22.52 -5.28 54.90
C ALA C 514 23.79 -4.62 55.40
N GLY C 515 24.57 -4.04 54.48
CA GLY C 515 25.75 -3.32 54.91
C GLY C 515 25.42 -2.18 55.87
N ILE C 516 24.40 -1.41 55.53
CA ILE C 516 24.02 -0.28 56.37
C ILE C 516 23.58 -0.77 57.74
N ILE C 517 22.81 -1.85 57.79
CA ILE C 517 22.37 -2.41 59.07
C ILE C 517 23.56 -2.78 59.92
N GLU C 518 24.57 -3.41 59.32
CA GLU C 518 25.74 -3.78 60.10
C GLU C 518 26.43 -2.56 60.69
N ILE C 519 26.58 -1.50 59.88
CA ILE C 519 27.17 -0.27 60.39
C ILE C 519 26.38 0.23 61.58
N GLY C 520 25.05 0.24 61.46
CA GLY C 520 24.22 0.74 62.53
C GLY C 520 24.38 -0.06 63.81
N ARG C 521 24.47 -1.38 63.69
CA ARG C 521 24.63 -2.19 64.89
C ARG C 521 25.96 -1.90 65.57
N LYS C 522 27.03 -1.73 64.79
CA LYS C 522 28.30 -1.35 65.40
C LYS C 522 28.19 -0.02 66.12
N ILE C 523 27.49 0.94 65.51
CA ILE C 523 27.36 2.25 66.14
C ILE C 523 26.60 2.15 67.45
N ILE C 524 25.54 1.34 67.47
CA ILE C 524 24.79 1.15 68.71
C ILE C 524 25.68 0.58 69.79
N ALA C 525 26.47 -0.44 69.42
CA ALA C 525 27.37 -1.04 70.40
C ALA C 525 28.32 -0.01 70.98
N MET C 526 28.87 0.86 70.14
CA MET C 526 29.79 1.86 70.67
C MET C 526 29.06 2.88 71.53
N ASN C 527 27.85 3.29 71.13
CA ASN C 527 27.09 4.21 71.97
C ASN C 527 26.81 3.62 73.34
N ALA C 528 26.75 2.29 73.42
CA ALA C 528 26.35 1.66 74.67
C ALA C 528 27.20 2.10 75.84
N GLU C 529 28.52 2.18 75.65
CA GLU C 529 29.40 2.45 76.78
C GLU C 529 30.18 3.75 76.67
N PHE C 530 30.57 4.18 75.48
CA PHE C 530 31.38 5.38 75.37
C PHE C 530 30.62 6.65 75.73
N LEU C 531 29.30 6.57 75.83
CA LEU C 531 28.47 7.75 75.98
C LEU C 531 27.86 7.78 77.38
N ASP C 532 27.62 8.97 77.89
CA ASP C 532 27.23 9.16 79.27
C ASP C 532 25.74 9.36 79.43
N ASP C 533 25.24 9.02 80.61
CA ASP C 533 23.80 9.09 80.87
C ASP C 533 23.29 10.52 80.78
N VAL C 534 24.07 11.48 81.28
CA VAL C 534 23.64 12.87 81.18
C VAL C 534 23.57 13.30 79.73
N GLU C 535 24.51 12.82 78.91
CA GLU C 535 24.48 13.15 77.49
C GLU C 535 23.25 12.56 76.82
N VAL C 536 22.88 11.33 77.17
CA VAL C 536 21.69 10.73 76.57
C VAL C 536 20.43 11.44 77.04
N VAL C 537 20.41 11.84 78.31
CA VAL C 537 19.25 12.55 78.83
C VAL C 537 19.10 13.89 78.14
N ARG C 538 20.21 14.58 77.90
CA ARG C 538 20.13 15.89 77.23
C ARG C 538 19.40 15.79 75.90
N ILE C 539 19.47 14.64 75.24
CA ILE C 539 18.77 14.46 73.98
C ILE C 539 17.35 13.99 74.19
N THR C 540 17.17 12.91 74.95
CA THR C 540 15.85 12.28 75.01
C THR C 540 14.86 13.03 75.87
N ASN C 541 15.33 13.78 76.86
CA ASN C 541 14.48 14.44 77.85
C ASN C 541 13.59 13.44 78.57
N GLU C 542 14.11 12.23 78.80
CA GLU C 542 13.41 11.23 79.59
C GLU C 542 14.41 10.61 80.55
N HIS C 543 13.88 9.98 81.60
CA HIS C 543 14.75 9.38 82.59
C HIS C 543 15.58 8.28 81.96
N PHE C 544 16.86 8.21 82.34
CA PHE C 544 17.78 7.29 81.72
C PHE C 544 17.34 5.85 81.94
N VAL C 545 17.34 5.06 80.88
CA VAL C 545 17.04 3.65 80.96
C VAL C 545 18.35 2.90 81.13
N ASP C 546 18.40 2.00 82.10
CA ASP C 546 19.62 1.27 82.38
C ASP C 546 20.00 0.41 81.18
N ILE C 547 21.22 -0.11 81.24
CA ILE C 547 21.81 -0.86 80.13
C ILE C 547 22.10 -2.28 80.59
N ARG C 548 21.82 -3.23 79.72
CA ARG C 548 22.09 -4.63 80.03
C ARG C 548 23.53 -4.95 79.64
N ARG C 549 24.28 -5.52 80.59
CA ARG C 549 25.70 -5.76 80.35
C ARG C 549 25.95 -7.03 79.55
N ASP C 550 24.95 -7.90 79.42
CA ASP C 550 25.14 -9.13 78.66
C ASP C 550 25.48 -8.82 77.21
N ASP C 551 24.56 -8.19 76.51
CA ASP C 551 24.76 -7.75 75.14
C ASP C 551 24.73 -6.23 75.10
N LEU C 552 25.52 -5.66 74.21
CA LEU C 552 25.52 -4.22 74.02
C LEU C 552 25.00 -3.79 72.66
N ALA C 553 25.05 -4.67 71.67
CA ALA C 553 24.60 -4.36 70.32
C ALA C 553 23.22 -4.92 70.02
N GLY C 554 22.40 -5.08 71.05
CA GLY C 554 21.13 -5.75 70.85
C GLY C 554 21.33 -7.23 70.68
N ASN C 555 20.91 -7.77 69.54
CA ASN C 555 21.04 -9.20 69.23
C ASN C 555 20.16 -10.04 70.14
N PHE C 556 19.53 -9.40 71.11
CA PHE C 556 18.59 -10.05 72.00
C PHE C 556 17.32 -9.26 72.21
N ASP C 557 17.33 -7.95 71.97
CA ASP C 557 16.17 -7.15 72.30
C ASP C 557 15.88 -6.05 71.27
N LEU C 558 16.61 -5.96 70.18
CA LEU C 558 16.41 -4.91 69.20
C LEU C 558 16.37 -5.49 67.80
N LYS C 559 15.41 -5.03 67.01
CA LYS C 559 15.33 -5.36 65.60
C LYS C 559 15.57 -4.10 64.80
N LEU C 560 16.53 -4.15 63.88
CA LEU C 560 17.03 -2.98 63.19
C LEU C 560 16.73 -3.08 61.70
N ASP C 561 16.11 -2.04 61.14
CA ASP C 561 15.73 -2.06 59.74
C ASP C 561 15.65 -0.65 59.19
N ILE C 562 15.66 -0.55 57.87
CA ILE C 562 15.60 0.74 57.20
C ILE C 562 14.17 1.24 57.19
N SER C 563 13.97 2.47 57.66
CA SER C 563 12.64 3.06 57.70
C SER C 563 12.30 3.69 56.35
N THR C 564 11.03 3.61 55.98
CA THR C 564 10.54 4.20 54.75
C THR C 564 9.14 4.75 54.94
N ALA C 565 8.81 5.74 54.08
CA ALA C 565 7.59 6.50 54.26
C ALA C 565 6.36 5.62 54.14
N GLU C 566 6.39 4.65 53.23
CA GLU C 566 5.21 3.80 53.04
C GLU C 566 4.95 2.93 54.26
N GLU C 567 6.01 2.41 54.90
CA GLU C 567 5.80 1.68 56.14
C GLU C 567 5.29 2.59 57.24
N ASP C 568 5.79 3.83 57.28
CA ASP C 568 5.25 4.77 58.27
C ASP C 568 3.76 4.99 58.05
N ASN C 569 3.35 5.18 56.79
CA ASN C 569 1.95 5.38 56.48
C ASN C 569 1.13 4.15 56.86
N ALA C 570 1.67 2.96 56.59
CA ALA C 570 0.96 1.75 56.95
C ALA C 570 0.74 1.67 58.45
N LYS C 571 1.79 1.99 59.22
CA LYS C 571 1.65 1.96 60.68
C LYS C 571 0.60 2.95 61.15
N VAL C 572 0.61 4.16 60.59
CA VAL C 572 -0.36 5.17 60.99
C VAL C 572 -1.77 4.70 60.66
N ASN C 573 -1.97 4.15 59.47
CA ASN C 573 -3.29 3.69 59.08
C ASN C 573 -3.78 2.57 59.98
N ASP C 574 -2.89 1.63 60.29
CA ASP C 574 -3.29 0.53 61.17
C ASP C 574 -3.70 1.07 62.53
N LEU C 575 -2.91 1.98 63.09
CA LEU C 575 -3.23 2.54 64.39
C LEU C 575 -4.58 3.24 64.36
N THR C 576 -4.80 4.11 63.36
CA THR C 576 -6.04 4.85 63.29
C THR C 576 -7.23 3.91 63.18
N PHE C 577 -7.16 2.96 62.24
CA PHE C 577 -8.28 2.06 62.02
C PHE C 577 -8.57 1.24 63.27
N MET C 578 -7.54 0.70 63.89
CA MET C 578 -7.79 -0.26 64.94
C MET C 578 -8.21 0.44 66.22
N LEU C 579 -7.76 1.68 66.42
CA LEU C 579 -8.34 2.51 67.46
C LEU C 579 -9.81 2.79 67.19
N GLN C 580 -10.14 3.21 65.97
CA GLN C 580 -11.52 3.62 65.71
C GLN C 580 -12.46 2.45 65.82
N THR C 581 -12.00 1.24 65.49
CA THR C 581 -12.78 0.02 65.71
C THR C 581 -11.89 -0.97 66.44
N MET C 582 -11.77 -0.79 67.75
CA MET C 582 -11.20 -1.81 68.63
C MET C 582 -12.26 -2.49 69.48
N GLY C 583 -13.05 -1.72 70.23
CA GLY C 583 -14.09 -2.28 71.04
C GLY C 583 -14.25 -1.55 72.36
N PRO C 584 -15.16 -2.04 73.19
CA PRO C 584 -15.43 -1.38 74.47
C PRO C 584 -14.43 -1.74 75.54
N ASN C 585 -13.32 -2.36 75.13
CA ASN C 585 -12.30 -2.81 76.08
C ASN C 585 -11.88 -1.69 77.02
N MET C 586 -11.63 -2.05 78.27
CA MET C 586 -11.37 -1.06 79.31
C MET C 586 -9.94 -0.56 79.18
N ASP C 587 -9.46 0.11 80.22
CA ASP C 587 -8.15 0.74 80.27
C ASP C 587 -8.06 1.81 79.19
N PRO C 588 -8.82 2.89 79.31
CA PRO C 588 -8.72 3.97 78.32
C PRO C 588 -7.36 4.63 78.30
N MET C 589 -6.56 4.40 79.34
CA MET C 589 -5.16 4.81 79.28
C MET C 589 -4.51 4.29 78.02
N MET C 590 -4.84 3.06 77.63
CA MET C 590 -4.26 2.49 76.41
C MET C 590 -4.65 3.29 75.17
N ALA C 591 -5.93 3.66 75.08
CA ALA C 591 -6.36 4.47 73.94
C ALA C 591 -5.63 5.80 73.92
N GLN C 592 -5.42 6.40 75.09
CA GLN C 592 -4.64 7.62 75.16
C GLN C 592 -3.21 7.40 74.66
N GLN C 593 -2.59 6.29 75.07
CA GLN C 593 -1.24 6.00 74.60
C GLN C 593 -1.21 5.92 73.09
N ILE C 594 -2.18 5.21 72.50
CA ILE C 594 -2.22 5.06 71.05
C ILE C 594 -2.34 6.44 70.39
N MET C 595 -3.31 7.23 70.83
CA MET C 595 -3.56 8.51 70.20
C MET C 595 -2.32 9.42 70.31
N GLY C 596 -1.66 9.38 71.47
CA GLY C 596 -0.42 10.11 71.60
C GLY C 596 0.64 9.62 70.63
N GLN C 597 0.66 8.32 70.35
CA GLN C 597 1.62 7.83 69.38
C GLN C 597 1.32 8.33 67.98
N ILE C 598 0.04 8.43 67.61
CA ILE C 598 -0.26 9.04 66.32
C ILE C 598 0.18 10.49 66.28
N MET C 599 -0.09 11.25 67.35
CA MET C 599 0.46 12.60 67.44
C MET C 599 1.96 12.62 67.19
N GLU C 600 2.70 11.76 67.90
CA GLU C 600 4.16 11.80 67.80
C GLU C 600 4.61 11.44 66.40
N LEU C 601 3.97 10.45 65.78
CA LEU C 601 4.31 10.10 64.41
C LEU C 601 3.99 11.24 63.45
N LYS C 602 2.99 12.04 63.77
CA LYS C 602 2.66 13.19 62.95
C LYS C 602 3.36 14.46 63.40
N LYS C 603 4.32 14.33 64.33
CA LYS C 603 5.24 15.41 64.67
C LYS C 603 4.54 16.58 65.37
N MET C 604 3.82 16.28 66.43
CA MET C 604 3.36 17.27 67.39
C MET C 604 3.63 16.75 68.79
N PRO C 605 4.90 16.67 69.19
CA PRO C 605 5.25 16.03 70.46
C PRO C 605 4.60 16.68 71.67
N ASP C 606 4.40 18.00 71.65
CA ASP C 606 3.73 18.65 72.78
C ASP C 606 2.31 18.11 72.96
N PHE C 607 1.55 18.07 71.86
CA PHE C 607 0.21 17.49 71.93
C PHE C 607 0.28 16.03 72.35
N ALA C 608 1.27 15.30 71.84
CA ALA C 608 1.38 13.89 72.19
C ALA C 608 1.56 13.71 73.69
N LYS C 609 2.48 14.46 74.28
CA LYS C 609 2.70 14.32 75.71
C LYS C 609 1.47 14.75 76.49
N ARG C 610 0.85 15.86 76.08
CA ARG C 610 -0.30 16.34 76.82
C ARG C 610 -1.43 15.33 76.80
N ILE C 611 -1.69 14.72 75.64
CA ILE C 611 -2.75 13.73 75.56
C ILE C 611 -2.40 12.50 76.39
N ARG C 612 -1.18 11.98 76.22
CA ARG C 612 -0.87 10.73 76.89
C ARG C 612 -0.83 10.90 78.40
N GLU C 613 -0.55 12.10 78.89
CA GLU C 613 -0.58 12.35 80.32
C GLU C 613 -1.92 12.89 80.80
N PHE C 614 -2.84 13.16 79.89
CA PHE C 614 -4.13 13.72 80.29
C PHE C 614 -4.91 12.72 81.12
N GLN C 615 -5.50 13.21 82.21
CA GLN C 615 -6.29 12.38 83.10
C GLN C 615 -7.75 12.77 83.02
N PRO C 616 -8.64 11.92 82.51
CA PRO C 616 -10.06 12.25 82.48
C PRO C 616 -10.63 12.35 83.88
N GLN C 617 -11.64 13.21 84.03
CA GLN C 617 -12.31 13.42 85.31
C GLN C 617 -13.81 13.33 85.10
N PRO C 618 -14.49 12.63 86.00
CA PRO C 618 -15.93 12.46 85.90
C PRO C 618 -16.66 13.67 86.46
N ASP C 619 -17.93 13.80 86.08
CA ASP C 619 -18.77 14.91 86.52
C ASP C 619 -19.44 14.55 87.85
N PRO C 620 -20.40 15.37 88.26
CA PRO C 620 -21.14 15.14 89.50
C PRO C 620 -22.49 14.48 89.25
N ILE C 621 -22.58 13.62 88.25
CA ILE C 621 -23.82 12.90 87.96
C ILE C 621 -23.94 11.61 88.75
N ALA C 622 -22.90 11.19 89.47
CA ALA C 622 -23.03 10.04 90.35
C ALA C 622 -24.06 10.30 91.44
N GLN C 623 -24.33 11.57 91.73
CA GLN C 623 -25.44 11.90 92.61
C GLN C 623 -26.73 11.28 92.10
N GLN C 624 -26.94 11.29 90.78
CA GLN C 624 -28.14 10.70 90.23
C GLN C 624 -28.25 9.23 90.57
N LYS C 625 -27.14 8.49 90.41
CA LYS C 625 -27.17 7.07 90.72
C LYS C 625 -27.45 6.84 92.20
N ALA C 626 -26.81 7.62 93.07
CA ALA C 626 -27.05 7.45 94.50
C ALA C 626 -28.52 7.73 94.83
N GLN C 627 -29.08 8.79 94.26
CA GLN C 627 -30.45 9.16 94.60
C GLN C 627 -31.44 8.15 94.05
N LEU C 628 -31.20 7.60 92.87
CA LEU C 628 -32.13 6.58 92.38
C LEU C 628 -31.99 5.28 93.17
N GLU C 629 -30.79 4.99 93.65
CA GLU C 629 -30.64 3.86 94.57
C GLU C 629 -31.48 4.07 95.81
N LEU C 630 -31.46 5.28 96.36
CA LEU C 630 -32.31 5.57 97.52
C LEU C 630 -33.79 5.48 97.16
N MET C 631 -34.17 6.02 96.01
CA MET C 631 -35.50 5.80 95.44
C MET C 631 -35.94 4.36 95.63
N LEU C 632 -35.18 3.45 95.01
CA LEU C 632 -35.59 2.05 95.00
C LEU C 632 -35.62 1.47 96.40
N LEU C 633 -34.59 1.75 97.20
CA LEU C 633 -34.51 1.16 98.54
C LEU C 633 -35.72 1.55 99.37
N GLN C 634 -36.04 2.85 99.39
CA GLN C 634 -37.16 3.31 100.20
C GLN C 634 -38.48 2.83 99.62
N ALA C 635 -38.64 2.90 98.29
CA ALA C 635 -39.89 2.47 97.69
C ALA C 635 -40.15 0.99 97.97
N GLN C 636 -39.10 0.19 98.16
CA GLN C 636 -39.41 -1.20 98.44
C GLN C 636 -39.61 -1.46 99.92
N ILE C 637 -38.61 -1.15 100.76
CA ILE C 637 -38.75 -1.48 102.18
C ILE C 637 -39.91 -0.71 102.79
N GLU C 638 -39.96 0.59 102.54
CA GLU C 638 -40.89 1.44 103.27
C GLU C 638 -42.32 1.25 102.81
N ALA C 639 -42.54 1.12 101.50
CA ALA C 639 -43.91 1.10 101.01
C ALA C 639 -44.54 -0.28 101.18
N GLU C 640 -43.98 -1.29 100.52
CA GLU C 640 -44.73 -2.52 100.29
C GLU C 640 -44.92 -3.31 101.58
N ARG C 641 -43.86 -3.47 102.36
CA ARG C 641 -43.99 -4.22 103.60
C ARG C 641 -44.98 -3.55 104.54
N ALA C 642 -44.96 -2.22 104.58
CA ALA C 642 -45.92 -1.49 105.40
C ALA C 642 -47.34 -1.75 104.92
N ARG C 643 -47.55 -1.76 103.61
CA ARG C 643 -48.88 -2.06 103.08
C ARG C 643 -49.33 -3.44 103.49
N ALA C 644 -48.43 -4.42 103.43
CA ALA C 644 -48.78 -5.77 103.84
C ALA C 644 -49.21 -5.79 105.30
N ALA C 645 -48.42 -5.15 106.16
CA ALA C 645 -48.76 -5.14 107.58
C ALA C 645 -50.13 -4.51 107.79
N HIS C 646 -50.39 -3.40 107.10
CA HIS C 646 -51.67 -2.72 107.25
C HIS C 646 -52.82 -3.63 106.83
N TYR C 647 -52.67 -4.33 105.72
CA TYR C 647 -53.77 -5.17 105.24
C TYR C 647 -54.01 -6.34 106.17
N MET C 648 -52.95 -6.97 106.67
CA MET C 648 -53.15 -8.07 107.61
C MET C 648 -53.84 -7.58 108.88
N SER C 649 -53.46 -6.41 109.36
CA SER C 649 -54.13 -5.86 110.54
C SER C 649 -55.60 -5.64 110.26
N GLY C 650 -55.93 -5.11 109.08
CA GLY C 650 -57.33 -4.91 108.73
C GLY C 650 -58.11 -6.21 108.70
N ALA C 651 -57.50 -7.26 108.14
CA ALA C 651 -58.17 -8.55 108.08
C ALA C 651 -58.46 -9.07 109.49
N GLY C 652 -57.48 -8.97 110.38
CA GLY C 652 -57.70 -9.37 111.75
C GLY C 652 -58.83 -8.59 112.39
N LEU C 653 -58.89 -7.28 112.12
CA LEU C 653 -59.95 -6.47 112.69
C LEU C 653 -61.32 -6.91 112.22
N GLN C 654 -61.46 -7.22 110.93
CA GLN C 654 -62.76 -7.70 110.44
C GLN C 654 -63.15 -9.00 111.13
N ASP C 655 -62.19 -9.94 111.21
CA ASP C 655 -62.47 -11.21 111.86
C ASP C 655 -62.89 -11.00 113.30
N SER C 656 -62.37 -9.96 113.95
CA SER C 656 -62.84 -9.64 115.29
C SER C 656 -64.27 -9.10 115.25
N LYS C 657 -64.57 -8.20 114.32
CA LYS C 657 -65.87 -7.54 114.29
C LYS C 657 -67.01 -8.52 114.06
N VAL C 658 -66.71 -9.68 113.48
CA VAL C 658 -67.76 -10.68 113.25
C VAL C 658 -68.49 -11.01 114.55
N GLY C 659 -67.73 -11.21 115.64
CA GLY C 659 -68.35 -11.58 116.90
C GLY C 659 -69.28 -10.51 117.43
N THR C 660 -68.88 -9.24 117.31
CA THR C 660 -69.76 -8.16 117.73
C THR C 660 -71.04 -8.16 116.93
N GLU C 661 -70.94 -8.48 115.64
CA GLU C 661 -72.16 -8.60 114.85
C GLU C 661 -73.08 -9.68 115.43
N GLN C 662 -72.50 -10.83 115.77
CA GLN C 662 -73.30 -11.90 116.36
C GLN C 662 -74.02 -11.42 117.62
N ALA C 663 -73.26 -10.74 118.49
CA ALA C 663 -73.84 -10.30 119.76
C ALA C 663 -74.97 -9.30 119.53
N LYS C 664 -74.79 -8.38 118.58
CA LYS C 664 -75.85 -7.42 118.29
C LYS C 664 -77.11 -8.15 117.83
N ALA C 665 -76.96 -9.14 116.95
CA ALA C 665 -78.11 -9.88 116.48
C ALA C 665 -78.87 -10.52 117.64
N ARG C 666 -78.12 -11.18 118.53
CA ARG C 666 -78.76 -11.86 119.65
C ARG C 666 -79.50 -10.87 120.55
N ALA C 667 -78.86 -9.74 120.86
CA ALA C 667 -79.49 -8.77 121.75
C ALA C 667 -80.77 -8.21 121.15
N LEU C 668 -80.75 -7.89 119.86
CA LEU C 668 -81.96 -7.35 119.24
C LEU C 668 -83.08 -8.40 119.23
N ALA C 669 -82.73 -9.67 119.00
CA ALA C 669 -83.76 -10.70 119.07
C ALA C 669 -84.40 -10.73 120.45
N SER C 670 -83.58 -10.65 121.50
CA SER C 670 -84.13 -10.67 122.86
C SER C 670 -85.05 -9.48 123.10
N GLN C 671 -84.65 -8.30 122.63
CA GLN C 671 -85.49 -7.12 122.82
C GLN C 671 -86.83 -7.27 122.11
N ALA C 672 -86.80 -7.82 120.89
CA ALA C 672 -88.06 -8.05 120.18
C ALA C 672 -88.96 -9.01 120.96
N ASP C 673 -88.36 -10.04 121.56
CA ASP C 673 -89.14 -10.97 122.36
C ASP C 673 -89.80 -10.25 123.54
N MET C 674 -89.06 -9.39 124.21
CA MET C 674 -89.63 -8.61 125.32
C MET C 674 -90.82 -7.79 124.85
N THR C 675 -90.67 -7.10 123.71
CA THR C 675 -91.74 -6.26 123.21
C THR C 675 -92.98 -7.10 122.90
N ASP C 676 -92.79 -8.25 122.28
CA ASP C 676 -93.92 -9.11 121.96
C ASP C 676 -94.62 -9.58 123.22
N LEU C 677 -93.86 -9.91 124.26
CA LEU C 677 -94.46 -10.33 125.52
C LEU C 677 -95.33 -9.22 126.10
N ASN C 678 -94.81 -7.99 126.12
CA ASN C 678 -95.59 -6.88 126.68
C ASN C 678 -96.84 -6.64 125.86
N PHE C 679 -96.74 -6.75 124.54
CA PHE C 679 -97.92 -6.61 123.68
C PHE C 679 -98.97 -7.65 124.04
N LEU C 680 -98.56 -8.90 124.20
CA LEU C 680 -99.50 -9.96 124.55
C LEU C 680 -100.16 -9.66 125.89
N GLU C 681 -99.38 -9.21 126.87
CA GLU C 681 -99.96 -8.91 128.18
C GLU C 681 -100.99 -7.79 128.08
N GLN C 682 -100.65 -6.69 127.43
CA GLN C 682 -101.60 -5.59 127.29
C GLN C 682 -102.86 -6.04 126.56
N GLU C 683 -102.74 -7.00 125.66
CA GLU C 683 -103.95 -7.58 125.09
C GLU C 683 -104.49 -8.62 126.06
N SER C 684 -105.26 -8.14 127.04
CA SER C 684 -106.09 -8.97 127.90
C SER C 684 -105.25 -10.01 128.66
N GLY C 685 -104.40 -9.51 129.55
CA GLY C 685 -103.74 -10.38 130.49
C GLY C 685 -103.42 -9.73 131.81
N VAL C 686 -102.31 -10.17 132.41
CA VAL C 686 -101.88 -9.69 133.71
C VAL C 686 -101.75 -8.18 133.73
N GLN C 687 -101.51 -7.57 132.56
CA GLN C 687 -101.32 -6.13 132.49
C GLN C 687 -102.44 -5.38 133.18
N GLN C 688 -103.68 -5.71 132.86
CA GLN C 688 -104.82 -5.10 133.54
C GLN C 688 -105.54 -6.07 134.45
N ALA C 689 -105.03 -7.29 134.60
CA ALA C 689 -105.55 -8.20 135.62
C ALA C 689 -104.95 -7.90 136.99
N ARG C 690 -103.61 -7.90 137.07
CA ARG C 690 -102.96 -7.79 138.36
C ARG C 690 -103.01 -6.38 138.91
N LYS C 691 -102.78 -5.37 138.06
CA LYS C 691 -102.45 -4.05 138.55
C LYS C 691 -103.51 -3.47 139.47
N ARG C 692 -104.77 -3.89 139.33
CA ARG C 692 -105.74 -3.59 140.39
C ARG C 692 -105.69 -4.66 141.47
N GLU C 693 -105.79 -5.93 141.07
CA GLU C 693 -105.81 -7.07 141.97
C GLU C 693 -104.84 -6.89 143.13
N LEU C 694 -103.58 -6.62 142.81
CA LEU C 694 -102.55 -6.44 143.83
C LEU C 694 -103.00 -5.48 144.91
N GLN C 695 -103.22 -4.22 144.55
CA GLN C 695 -103.48 -3.20 145.55
C GLN C 695 -104.83 -3.39 146.23
N GLN C 696 -105.87 -3.73 145.46
CA GLN C 696 -107.18 -3.89 146.07
C GLN C 696 -107.18 -5.03 147.08
N ALA C 697 -106.66 -6.19 146.69
CA ALA C 697 -106.64 -7.33 147.59
C ALA C 697 -105.78 -7.03 148.81
N GLN C 698 -104.59 -6.46 148.61
CA GLN C 698 -103.70 -6.20 149.73
C GLN C 698 -104.33 -5.23 150.71
N SER C 699 -104.78 -4.07 150.22
CA SER C 699 -105.33 -3.06 151.11
C SER C 699 -106.59 -3.56 151.80
N GLU C 700 -107.50 -4.18 151.05
CA GLU C 700 -108.73 -4.67 151.64
C GLU C 700 -108.45 -5.71 152.71
N ALA C 701 -107.64 -6.73 152.38
CA ALA C 701 -107.38 -7.80 153.33
C ALA C 701 -106.67 -7.27 154.57
N GLN C 702 -105.66 -6.42 154.39
CA GLN C 702 -104.93 -5.89 155.53
C GLN C 702 -105.84 -5.07 156.44
N GLY C 703 -106.56 -4.11 155.85
CA GLY C 703 -107.44 -3.28 156.66
C GLY C 703 -108.52 -4.09 157.35
N LYS C 704 -109.10 -5.06 156.64
CA LYS C 704 -110.17 -5.86 157.22
C LYS C 704 -109.64 -6.72 158.37
N LEU C 705 -108.47 -7.33 158.19
CA LEU C 705 -107.93 -8.16 159.26
C LEU C 705 -107.55 -7.33 160.48
N ALA C 706 -106.92 -6.17 160.26
CA ALA C 706 -106.58 -5.30 161.38
C ALA C 706 -107.83 -4.82 162.11
N MET C 707 -108.85 -4.41 161.35
CA MET C 707 -110.06 -3.88 161.98
C MET C 707 -110.90 -4.99 162.62
N LEU C 708 -110.80 -6.21 162.13
CA LEU C 708 -111.40 -7.35 162.82
C LEU C 708 -110.66 -7.65 164.11
N ASN C 709 -109.33 -7.53 164.10
CA ASN C 709 -108.57 -7.64 165.33
C ASN C 709 -108.90 -6.51 166.29
N SER C 710 -109.43 -5.39 165.78
CA SER C 710 -109.86 -4.32 166.66
C SER C 710 -110.95 -4.77 167.62
N GLN C 711 -111.93 -5.54 167.11
CA GLN C 711 -112.97 -6.04 168.01
C GLN C 711 -112.41 -7.05 169.00
N LEU C 712 -111.40 -7.82 168.61
CA LEU C 712 -110.74 -8.71 169.56
C LEU C 712 -110.05 -7.92 170.67
N LYS C 713 -109.37 -6.83 170.30
CA LYS C 713 -108.76 -5.98 171.31
C LYS C 713 -109.81 -5.38 172.23
N ARG C 714 -110.95 -4.96 171.66
CA ARG C 714 -112.00 -4.38 172.49
C ARG C 714 -112.63 -5.42 173.42
N LEU C 715 -112.78 -6.66 172.93
CA LEU C 715 -113.28 -7.72 173.80
C LEU C 715 -112.31 -7.99 174.94
N ASP C 716 -111.01 -7.96 174.65
CA ASP C 716 -110.01 -8.07 175.72
C ASP C 716 -110.13 -6.91 176.69
N GLU C 717 -110.36 -5.70 176.18
CA GLU C 717 -110.60 -4.55 177.03
C GLU C 717 -111.76 -4.80 177.98
N ALA C 718 -112.88 -5.29 177.43
CA ALA C 718 -114.07 -5.52 178.23
C ALA C 718 -113.83 -6.60 179.27
N THR C 719 -113.16 -7.69 178.89
CA THR C 719 -112.93 -8.79 179.82
C THR C 719 -111.83 -8.50 180.84
N SER C 720 -111.01 -7.47 180.61
CA SER C 720 -109.96 -7.11 181.55
C SER C 720 -110.37 -5.97 182.48
N ALA C 721 -110.74 -4.82 181.91
CA ALA C 721 -111.11 -3.66 182.72
C ALA C 721 -112.18 -2.83 182.01
N ALA D 2 64.14 -40.05 -102.86
CA ALA D 2 64.53 -39.66 -101.51
C ALA D 2 63.43 -38.81 -100.87
N VAL D 3 62.21 -38.96 -101.36
CA VAL D 3 61.07 -38.16 -100.92
C VAL D 3 60.19 -39.05 -100.06
N GLU D 4 60.33 -38.93 -98.75
CA GLU D 4 59.43 -39.60 -97.83
C GLU D 4 58.29 -38.65 -97.50
N PRO D 5 57.04 -39.00 -97.79
CA PRO D 5 55.94 -38.06 -97.58
C PRO D 5 55.52 -38.06 -96.12
N ILE D 6 55.66 -36.91 -95.47
CA ILE D 6 55.21 -36.79 -94.09
C ILE D 6 53.69 -36.74 -94.07
N THR D 7 53.09 -37.57 -93.23
CA THR D 7 51.64 -37.74 -93.23
C THR D 7 51.10 -37.56 -91.83
N ILE D 8 49.77 -37.66 -91.73
CA ILE D 8 49.12 -37.58 -90.43
C ILE D 8 49.59 -38.71 -89.54
N ALA D 9 49.86 -39.88 -90.13
CA ALA D 9 50.43 -40.97 -89.35
C ALA D 9 51.79 -40.59 -88.78
N ASP D 10 52.60 -39.88 -89.57
CA ASP D 10 53.88 -39.42 -89.09
C ASP D 10 53.70 -38.45 -87.93
N LEU D 11 52.73 -37.54 -88.03
CA LEU D 11 52.48 -36.62 -86.93
C LEU D 11 52.02 -37.36 -85.68
N THR D 12 50.97 -38.16 -85.81
CA THR D 12 50.44 -38.96 -84.72
C THR D 12 49.49 -40.04 -85.24
N GLU D 13 49.75 -41.28 -84.89
CA GLU D 13 48.74 -42.30 -85.04
C GLU D 13 47.81 -42.27 -83.84
N VAL D 14 46.60 -42.80 -84.03
CA VAL D 14 45.53 -42.51 -83.07
C VAL D 14 45.79 -43.19 -81.73
N LYS D 15 46.57 -44.25 -81.69
CA LYS D 15 46.77 -45.00 -80.46
C LYS D 15 47.45 -44.13 -79.40
N LEU D 16 47.16 -44.44 -78.13
CA LEU D 16 47.77 -43.71 -77.03
C LEU D 16 49.27 -43.95 -76.98
N ASP D 17 49.71 -45.19 -77.20
CA ASP D 17 51.12 -45.56 -77.08
C ASP D 17 51.85 -45.48 -78.41
N GLY D 18 51.36 -44.69 -79.36
CA GLY D 18 51.96 -44.64 -80.66
C GLY D 18 53.33 -43.99 -80.64
N LYS D 19 53.89 -43.80 -81.84
CA LYS D 19 55.20 -43.20 -82.01
C LYS D 19 55.13 -41.82 -82.64
N GLY D 20 53.95 -41.24 -82.76
CA GLY D 20 53.85 -39.90 -83.28
C GLY D 20 54.50 -38.89 -82.35
N ALA D 21 54.90 -37.76 -82.94
CA ALA D 21 55.58 -36.74 -82.16
C ALA D 21 54.69 -36.21 -81.04
N LEU D 22 53.42 -35.93 -81.36
CA LEU D 22 52.48 -35.50 -80.34
C LEU D 22 52.36 -36.55 -79.25
N ASP D 23 52.28 -37.82 -79.63
CA ASP D 23 52.11 -38.88 -78.66
C ASP D 23 53.30 -38.94 -77.72
N GLN D 24 54.51 -38.84 -78.24
CA GLN D 24 55.66 -39.00 -77.37
C GLN D 24 55.88 -37.76 -76.50
N LEU D 25 55.56 -36.57 -77.02
CA LEU D 25 55.63 -35.40 -76.15
C LEU D 25 54.63 -35.50 -75.01
N LEU D 26 53.42 -35.95 -75.29
CA LEU D 26 52.46 -36.14 -74.22
C LEU D 26 52.94 -37.19 -73.24
N GLN D 27 53.57 -38.25 -73.74
CA GLN D 27 54.07 -39.29 -72.84
C GLN D 27 55.14 -38.76 -71.90
N VAL D 28 56.07 -37.94 -72.41
CA VAL D 28 57.11 -37.45 -71.52
C VAL D 28 56.53 -36.47 -70.51
N THR D 29 55.55 -35.66 -70.93
CA THR D 29 54.88 -34.80 -69.97
C THR D 29 54.21 -35.63 -68.88
N ARG D 30 53.55 -36.72 -69.28
CA ARG D 30 52.91 -37.59 -68.31
C ARG D 30 53.93 -38.18 -67.35
N LEU D 31 55.10 -38.57 -67.84
CA LEU D 31 56.10 -39.15 -66.94
C LEU D 31 56.58 -38.13 -65.92
N HIS D 32 56.84 -36.91 -66.36
CA HIS D 32 57.29 -35.90 -65.41
C HIS D 32 56.23 -35.63 -64.36
N LEU D 33 54.98 -35.48 -64.78
CA LEU D 33 53.91 -35.26 -63.82
C LEU D 33 53.74 -36.45 -62.90
N ALA D 34 53.92 -37.66 -63.41
CA ALA D 34 53.75 -38.85 -62.58
C ALA D 34 54.81 -38.90 -61.50
N LYS D 35 56.06 -38.61 -61.85
CA LYS D 35 57.07 -38.57 -60.79
C LYS D 35 56.77 -37.46 -59.78
N GLU D 36 56.29 -36.31 -60.26
CA GLU D 36 55.96 -35.25 -59.32
C GLU D 36 54.87 -35.68 -58.35
N HIS D 37 53.86 -36.37 -58.85
CA HIS D 37 52.78 -36.85 -57.97
C HIS D 37 53.27 -37.94 -57.04
N ASP D 38 54.17 -38.80 -57.51
CA ASP D 38 54.69 -39.84 -56.66
C ASP D 38 55.45 -39.26 -55.48
N ALA D 39 56.26 -38.25 -55.73
CA ALA D 39 56.72 -37.46 -54.60
C ALA D 39 55.55 -36.67 -54.05
N GLY D 40 55.62 -36.32 -52.77
CA GLY D 40 54.48 -35.65 -52.17
C GLY D 40 54.35 -34.21 -52.60
N ARG D 41 54.03 -33.97 -53.87
CA ARG D 41 53.97 -32.60 -54.35
C ARG D 41 52.78 -32.27 -55.24
N LEU D 42 52.03 -33.24 -55.75
CA LEU D 42 50.87 -32.96 -56.58
C LEU D 42 49.68 -33.77 -56.13
N LYS D 43 48.51 -33.14 -56.11
CA LYS D 43 47.28 -33.89 -55.97
C LYS D 43 46.84 -34.41 -57.33
N GLY D 44 45.84 -35.26 -57.33
CA GLY D 44 45.40 -35.86 -58.57
C GLY D 44 44.61 -34.96 -59.48
N GLN D 45 44.41 -33.70 -59.11
CA GLN D 45 43.62 -32.77 -59.91
C GLN D 45 44.47 -31.77 -60.67
N GLU D 46 45.53 -31.23 -60.05
CA GLU D 46 46.46 -30.43 -60.81
C GLU D 46 47.06 -31.23 -61.95
N TYR D 47 47.21 -32.54 -61.75
CA TYR D 47 47.69 -33.40 -62.82
C TYR D 47 46.82 -33.27 -64.06
N ALA D 48 45.50 -33.27 -63.88
CA ALA D 48 44.62 -33.12 -65.03
C ALA D 48 44.62 -31.69 -65.55
N ALA D 49 44.64 -30.72 -64.64
CA ALA D 49 44.56 -29.32 -65.05
C ALA D 49 45.72 -28.95 -65.95
N VAL D 50 46.94 -29.32 -65.55
CA VAL D 50 48.13 -28.96 -66.32
C VAL D 50 48.07 -29.59 -67.71
N LEU D 51 47.71 -30.86 -67.77
CA LEU D 51 47.68 -31.56 -69.06
C LEU D 51 46.67 -30.92 -70.00
N THR D 52 45.46 -30.67 -69.50
CA THR D 52 44.43 -30.08 -70.33
C THR D 52 44.83 -28.69 -70.80
N GLY D 53 45.45 -27.91 -69.93
CA GLY D 53 45.95 -26.61 -70.35
C GLY D 53 47.02 -26.72 -71.42
N GLY D 54 47.87 -27.75 -71.33
CA GLY D 54 49.01 -27.84 -72.22
C GLY D 54 48.69 -28.35 -73.60
N ILE D 55 47.62 -29.14 -73.74
CA ILE D 55 47.33 -29.86 -74.99
C ILE D 55 47.59 -29.04 -76.25
N THR D 56 46.95 -27.88 -76.36
CA THR D 56 47.01 -27.15 -77.61
C THR D 56 48.40 -26.56 -77.87
N ALA D 57 49.07 -26.08 -76.82
CA ALA D 57 50.41 -25.56 -77.02
C ALA D 57 51.37 -26.65 -77.46
N VAL D 58 51.23 -27.84 -76.86
CA VAL D 58 52.06 -28.97 -77.28
C VAL D 58 51.79 -29.29 -78.75
N LEU D 59 50.53 -29.27 -79.14
CA LEU D 59 50.19 -29.54 -80.54
C LEU D 59 50.87 -28.54 -81.46
N GLN D 60 50.78 -27.25 -81.12
CA GLN D 60 51.38 -26.23 -81.96
C GLN D 60 52.89 -26.41 -82.07
N ASN D 61 53.54 -26.71 -80.95
CA ASN D 61 54.98 -26.90 -80.99
C ASN D 61 55.36 -28.11 -81.85
N ALA D 62 54.60 -29.20 -81.74
CA ALA D 62 54.92 -30.38 -82.55
C ALA D 62 54.75 -30.08 -84.03
N VAL D 63 53.70 -29.36 -84.40
CA VAL D 63 53.50 -29.00 -85.80
C VAL D 63 54.65 -28.14 -86.28
N MET D 64 55.07 -27.16 -85.48
CA MET D 64 56.23 -26.36 -85.84
C MET D 64 57.46 -27.24 -86.03
N PHE D 65 57.61 -28.27 -85.19
CA PHE D 65 58.82 -29.07 -85.24
C PHE D 65 58.88 -29.92 -86.51
N LEU D 66 57.78 -30.58 -86.86
CA LEU D 66 57.83 -31.52 -87.97
C LEU D 66 58.18 -30.83 -89.28
N LEU D 67 57.62 -29.66 -89.52
CA LEU D 67 57.85 -29.01 -90.81
C LEU D 67 59.31 -28.64 -91.00
N GLN D 68 59.95 -28.08 -89.97
CA GLN D 68 61.32 -27.61 -90.12
C GLN D 68 62.36 -28.66 -89.78
N LYS D 69 61.96 -29.80 -89.24
CA LYS D 69 62.93 -30.77 -88.76
C LYS D 69 63.90 -31.23 -89.85
N ASP D 70 63.36 -31.89 -90.87
CA ASP D 70 64.19 -32.66 -91.78
C ASP D 70 65.17 -31.80 -92.57
N GLU D 71 64.70 -30.67 -93.12
CA GLU D 71 65.50 -29.96 -94.10
C GLU D 71 66.69 -29.22 -93.48
N ALA D 72 66.70 -29.04 -92.16
CA ALA D 72 67.78 -28.30 -91.54
C ALA D 72 69.12 -29.02 -91.71
N ALA D 73 69.14 -30.34 -91.48
CA ALA D 73 70.37 -31.09 -91.65
C ALA D 73 70.84 -31.03 -93.09
N ASN D 74 69.91 -31.12 -94.04
CA ASN D 74 70.27 -31.01 -95.45
C ASN D 74 70.90 -29.66 -95.73
N LYS D 75 70.32 -28.60 -95.17
CA LYS D 75 70.89 -27.26 -95.36
C LYS D 75 72.31 -27.19 -94.83
N ALA D 76 72.54 -27.78 -93.66
CA ALA D 76 73.88 -27.76 -93.07
C ALA D 76 74.88 -28.49 -93.96
N ALA D 77 74.50 -29.65 -94.47
CA ALA D 77 75.41 -30.39 -95.34
C ALA D 77 75.70 -29.59 -96.60
N LEU D 78 74.69 -28.92 -97.15
CA LEU D 78 74.91 -28.08 -98.32
C LEU D 78 75.92 -26.98 -97.99
N VAL D 79 75.80 -26.40 -96.80
CA VAL D 79 76.70 -25.32 -96.43
C VAL D 79 78.15 -25.82 -96.35
N GLU D 80 78.36 -26.98 -95.73
CA GLU D 80 79.74 -27.45 -95.62
C GLU D 80 80.31 -27.84 -96.98
N ALA D 81 79.46 -28.37 -97.87
CA ALA D 81 79.93 -28.60 -99.24
C ALA D 81 80.36 -27.30 -99.90
N GLN D 82 79.59 -26.24 -99.70
CA GLN D 82 80.01 -24.94 -100.22
C GLN D 82 81.32 -24.48 -99.59
N ILE D 83 81.55 -24.85 -98.34
CA ILE D 83 82.82 -24.50 -97.70
C ILE D 83 83.98 -25.12 -98.46
N LYS D 84 83.87 -26.41 -98.77
CA LYS D 84 84.92 -27.06 -99.53
C LYS D 84 85.08 -26.43 -100.90
N LEU D 85 83.96 -26.07 -101.53
CA LEU D 85 84.03 -25.43 -102.84
C LEU D 85 84.80 -24.12 -102.78
N THR D 86 84.53 -23.30 -101.75
CA THR D 86 85.28 -22.06 -101.61
C THR D 86 86.75 -22.32 -101.35
N GLU D 87 87.07 -23.38 -100.60
CA GLU D 87 88.46 -23.77 -100.44
C GLU D 87 89.12 -23.92 -101.80
N LYS D 88 88.47 -24.67 -102.68
CA LYS D 88 89.07 -24.95 -103.99
C LYS D 88 89.15 -23.68 -104.85
N GLN D 89 88.15 -22.82 -104.78
CA GLN D 89 88.24 -21.56 -105.53
C GLN D 89 89.41 -20.72 -105.05
N GLY D 90 89.62 -20.67 -103.73
CA GLY D 90 90.77 -19.94 -103.22
C GLY D 90 92.07 -20.51 -103.72
N GLU D 91 92.18 -21.84 -103.75
CA GLU D 91 93.40 -22.45 -104.28
C GLU D 91 93.61 -22.07 -105.74
N LEU D 92 92.53 -22.09 -106.54
CA LEU D 92 92.67 -21.73 -107.94
C LEU D 92 93.15 -20.30 -108.10
N LEU D 93 92.63 -19.38 -107.30
CA LEU D 93 93.09 -18.00 -107.42
C LEU D 93 94.54 -17.85 -106.97
N ASP D 94 94.96 -18.66 -105.99
CA ASP D 94 96.36 -18.68 -105.62
C ASP D 94 97.22 -19.10 -106.80
N LYS D 95 96.72 -20.05 -107.59
CA LYS D 95 97.40 -20.37 -108.84
C LYS D 95 97.35 -19.19 -109.82
N GLN D 96 96.24 -18.46 -109.82
CA GLN D 96 96.01 -17.38 -110.76
C GLN D 96 97.05 -16.28 -110.64
N ILE D 97 97.38 -15.90 -109.40
CA ILE D 97 98.29 -14.76 -109.21
C ILE D 97 99.65 -15.08 -109.79
N ALA D 98 100.17 -16.27 -109.49
CA ALA D 98 101.47 -16.67 -110.01
C ALA D 98 101.43 -16.81 -111.52
N GLN D 99 100.33 -17.36 -112.06
CA GLN D 99 100.22 -17.46 -113.51
C GLN D 99 100.33 -16.09 -114.17
N ALA D 100 99.58 -15.11 -113.66
CA ALA D 100 99.62 -13.78 -114.25
C ALA D 100 101.00 -13.15 -114.12
N ASP D 101 101.63 -13.32 -112.95
CA ASP D 101 102.93 -12.71 -112.74
C ASP D 101 103.95 -13.28 -113.72
N LYS D 102 103.89 -14.59 -113.98
CA LYS D 102 104.74 -15.15 -115.03
C LYS D 102 104.35 -14.65 -116.41
N ASP D 103 103.06 -14.41 -116.63
CA ASP D 103 102.57 -13.88 -117.90
C ASP D 103 102.96 -12.43 -118.14
N ALA D 104 103.52 -11.77 -117.13
CA ALA D 104 103.71 -10.31 -117.20
C ALA D 104 104.39 -9.85 -118.49
N GLU D 105 105.51 -10.48 -118.86
CA GLU D 105 106.40 -9.89 -119.86
C GLU D 105 105.99 -10.17 -121.31
N LEU D 106 104.99 -11.00 -121.55
CA LEU D 106 104.54 -11.24 -122.92
C LEU D 106 104.14 -9.94 -123.60
N ILE D 107 103.54 -9.03 -122.85
CA ILE D 107 103.18 -7.74 -123.41
C ILE D 107 104.43 -6.96 -123.80
N ALA D 108 105.51 -7.09 -123.02
CA ALA D 108 106.76 -6.44 -123.39
C ALA D 108 107.32 -7.01 -124.68
N ALA D 109 107.23 -8.33 -124.84
CA ALA D 109 107.64 -8.93 -126.11
C ALA D 109 106.83 -8.37 -127.27
N LYS D 110 105.51 -8.27 -127.07
CA LYS D 110 104.65 -7.69 -128.10
C LYS D 110 105.06 -6.25 -128.38
N VAL D 111 105.45 -5.51 -127.34
CA VAL D 111 105.93 -4.15 -127.50
C VAL D 111 107.14 -4.14 -128.43
N LYS D 112 108.08 -5.06 -128.21
CA LYS D 112 109.27 -5.07 -129.05
C LYS D 112 108.90 -5.41 -130.49
N LEU D 113 107.96 -6.34 -130.69
CA LEU D 113 107.45 -6.60 -132.02
C LEU D 113 106.98 -5.32 -132.68
N THR D 114 106.14 -4.57 -131.98
CA THR D 114 105.60 -3.34 -132.53
C THR D 114 106.71 -2.36 -132.87
N LEU D 115 107.66 -2.17 -131.96
CA LEU D 115 108.76 -1.24 -132.15
C LEU D 115 109.55 -1.57 -133.41
N GLU D 116 109.96 -2.83 -133.54
CA GLU D 116 110.76 -3.22 -134.70
C GLU D 116 109.97 -3.06 -135.99
N GLN D 117 108.71 -3.51 -136.00
CA GLN D 117 107.91 -3.45 -137.21
C GLN D 117 107.69 -2.00 -137.64
N ALA D 118 107.42 -1.12 -136.69
CA ALA D 118 107.24 0.28 -137.03
C ALA D 118 108.52 0.91 -137.55
N LYS D 119 109.63 0.69 -136.84
CA LYS D 119 110.87 1.36 -137.20
C LYS D 119 111.35 0.95 -138.59
N LEU D 120 111.44 -0.36 -138.83
CA LEU D 120 112.06 -0.78 -140.08
C LEU D 120 111.13 -0.64 -141.28
N PRO D 121 109.97 -1.31 -141.25
CA PRO D 121 109.22 -1.55 -142.48
C PRO D 121 108.74 -0.28 -143.17
N ASP D 122 108.01 0.56 -142.44
CA ASP D 122 107.36 1.72 -143.05
C ASP D 122 108.38 2.62 -143.74
N SER D 123 109.34 3.14 -142.98
CA SER D 123 110.29 4.10 -143.55
C SER D 123 111.17 3.45 -144.60
N GLN D 124 111.66 2.23 -144.34
CA GLN D 124 112.54 1.57 -145.30
C GLN D 124 111.85 1.36 -146.63
N ILE D 125 110.63 0.80 -146.58
CA ILE D 125 109.88 0.56 -147.81
C ILE D 125 109.59 1.88 -148.51
N ARG D 126 109.16 2.89 -147.75
CA ARG D 126 108.86 4.19 -148.35
C ARG D 126 110.05 4.69 -149.16
N SER D 127 111.19 4.85 -148.50
CA SER D 127 112.35 5.44 -149.17
C SER D 127 112.80 4.60 -150.35
N ALA D 128 113.03 3.30 -150.12
CA ALA D 128 113.59 2.46 -151.17
C ALA D 128 112.65 2.35 -152.36
N GLY D 129 111.38 2.05 -152.10
CA GLY D 129 110.42 1.92 -153.18
C GLY D 129 110.25 3.21 -153.96
N PHE D 130 110.17 4.35 -153.25
CA PHE D 130 110.01 5.62 -153.94
C PHE D 130 111.17 5.87 -154.88
N GLN D 131 112.40 5.78 -154.37
CA GLN D 131 113.56 6.07 -155.20
C GLN D 131 113.65 5.11 -156.38
N ASP D 132 113.54 3.81 -156.10
CA ASP D 132 113.70 2.81 -157.15
C ASP D 132 112.62 2.96 -158.22
N LEU D 133 111.37 3.10 -157.80
CA LEU D 133 110.27 3.22 -158.75
C LEU D 133 110.41 4.47 -159.60
N LEU D 134 110.75 5.61 -158.98
CA LEU D 134 110.88 6.84 -159.76
C LEU D 134 111.99 6.72 -160.80
N VAL D 135 113.17 6.24 -160.37
CA VAL D 135 114.29 6.13 -161.30
C VAL D 135 113.97 5.16 -162.43
N GLN D 136 113.43 4.00 -162.08
CA GLN D 136 113.14 3.00 -163.09
C GLN D 136 112.06 3.47 -164.06
N GLU D 137 111.03 4.17 -163.54
CA GLU D 137 109.99 4.68 -164.41
C GLU D 137 110.52 5.72 -165.37
N GLN D 138 111.35 6.64 -164.88
CA GLN D 138 111.91 7.65 -165.78
C GLN D 138 112.78 7.01 -166.85
N THR D 139 113.64 6.07 -166.45
CA THR D 139 114.50 5.40 -167.41
C THR D 139 113.70 4.61 -168.43
N LYS D 140 112.65 3.91 -167.98
CA LYS D 140 111.83 3.12 -168.89
C LYS D 140 111.07 4.01 -169.85
N VAL D 141 110.57 5.16 -169.38
CA VAL D 141 109.86 6.08 -170.26
C VAL D 141 110.81 6.61 -171.34
N GLN D 142 112.02 6.99 -170.94
CA GLN D 142 113.00 7.47 -171.92
C GLN D 142 113.35 6.38 -172.92
N THR D 143 113.55 5.16 -172.44
CA THR D 143 113.89 4.05 -173.33
C THR D 143 112.76 3.75 -174.30
N ALA D 144 111.51 3.81 -173.82
CA ALA D 144 110.37 3.57 -174.69
C ALA D 144 110.27 4.66 -175.77
N GLN D 145 110.51 5.92 -175.39
CA GLN D 145 110.49 6.98 -176.38
C GLN D 145 111.59 6.77 -177.42
N THR D 146 112.79 6.40 -176.98
CA THR D 146 113.89 6.17 -177.92
C THR D 146 113.57 4.99 -178.84
N ARG D 147 113.00 3.92 -178.30
CA ARG D 147 112.64 2.78 -179.12
C ARG D 147 111.57 3.14 -180.13
N ARG D 148 110.59 3.96 -179.73
CA ARG D 148 109.58 4.42 -180.67
C ARG D 148 110.20 5.23 -181.79
N ILE D 149 111.15 6.11 -181.46
CA ILE D 149 111.81 6.90 -182.49
C ILE D 149 112.58 6.00 -183.45
N ASP D 150 113.32 5.03 -182.91
CA ASP D 150 114.10 4.14 -183.75
C ASP D 150 113.20 3.29 -184.65
N GLN D 151 112.09 2.79 -184.11
CA GLN D 151 111.17 2.01 -184.91
C GLN D 151 110.55 2.85 -186.01
N GLU D 152 110.21 4.11 -185.70
CA GLU D 152 109.69 5.00 -186.73
C GLU D 152 110.72 5.25 -187.82
N ILE D 153 111.98 5.44 -187.43
CA ILE D 153 113.04 5.66 -188.42
C ILE D 153 113.19 4.44 -189.32
N LEU D 154 113.20 3.24 -188.72
CA LEU D 154 113.32 2.02 -189.50
C LEU D 154 112.13 1.85 -190.44
N SER D 155 110.92 2.15 -189.96
CA SER D 155 109.74 2.02 -190.81
C SER D 155 109.79 3.01 -191.97
N ALA D 156 110.24 4.24 -191.70
CA ALA D 156 110.37 5.23 -192.77
C ALA D 156 111.40 4.80 -193.79
N GLY D 157 112.53 4.25 -193.33
CA GLY D 157 113.53 3.74 -194.26
C GLY D 157 113.02 2.58 -195.08
N PHE D 158 112.19 1.73 -194.48
CA PHE D 158 111.63 0.57 -195.17
C PHE D 158 110.70 0.98 -196.29
N THR E 2 35.68 -54.64 -29.49
CA THR E 2 36.05 -53.26 -29.80
C THR E 2 37.20 -53.22 -30.81
N ILE E 3 37.20 -54.18 -31.73
CA ILE E 3 38.33 -54.38 -32.62
C ILE E 3 37.88 -54.22 -34.06
N GLN E 4 38.84 -53.88 -34.91
CA GLN E 4 38.63 -53.78 -36.34
C GLN E 4 39.87 -54.25 -37.06
N LEU E 5 39.69 -55.02 -38.12
CA LEU E 5 40.82 -55.44 -38.94
C LEU E 5 41.43 -54.23 -39.63
N LYS E 6 42.76 -54.15 -39.59
CA LYS E 6 43.43 -53.09 -40.31
C LYS E 6 43.09 -53.08 -41.79
N GLN E 7 42.80 -54.25 -42.35
CA GLN E 7 42.50 -54.34 -43.76
C GLN E 7 41.35 -53.42 -44.13
N VAL E 8 40.23 -53.54 -43.42
CA VAL E 8 39.06 -52.73 -43.73
C VAL E 8 39.39 -51.26 -43.62
N ILE E 9 40.20 -50.89 -42.63
CA ILE E 9 40.52 -49.49 -42.42
C ILE E 9 41.24 -48.94 -43.63
N ASP E 10 42.25 -49.66 -44.10
CA ASP E 10 43.01 -49.17 -45.23
C ASP E 10 42.17 -49.14 -46.50
N LEU E 11 41.33 -50.16 -46.70
CA LEU E 11 40.49 -50.15 -47.88
C LEU E 11 39.56 -48.96 -47.89
N LEU E 12 39.03 -48.58 -46.73
CA LEU E 12 38.16 -47.41 -46.70
C LEU E 12 38.96 -46.12 -46.86
N ALA E 13 40.12 -46.02 -46.21
CA ALA E 13 40.93 -44.82 -46.33
C ALA E 13 41.44 -44.63 -47.73
N GLU E 14 41.41 -45.68 -48.55
CA GLU E 14 41.64 -45.50 -49.98
C GLU E 14 40.65 -44.52 -50.59
N GLY E 15 39.39 -44.56 -50.14
CA GLY E 15 38.37 -43.72 -50.73
C GLY E 15 38.50 -42.25 -50.42
N GLU E 16 39.36 -41.87 -49.49
CA GLU E 16 39.58 -40.47 -49.14
C GLU E 16 41.01 -40.03 -49.29
N LEU E 17 41.96 -40.95 -49.42
CA LEU E 17 43.34 -40.62 -49.74
C LEU E 17 43.64 -40.87 -51.21
N SER E 18 42.62 -40.99 -52.04
CA SER E 18 42.84 -41.34 -53.43
C SER E 18 43.55 -40.24 -54.21
N ASN E 19 43.54 -39.01 -53.71
CA ASN E 19 44.16 -37.91 -54.43
C ASN E 19 45.68 -37.97 -54.43
N ILE E 20 46.28 -38.65 -53.47
CA ILE E 20 47.66 -38.35 -53.13
C ILE E 20 48.55 -39.59 -53.15
N LYS E 21 49.80 -39.41 -52.74
CA LYS E 21 50.81 -40.46 -52.92
C LYS E 21 50.53 -41.68 -52.07
N TYR E 22 49.90 -41.50 -50.90
CA TYR E 22 49.99 -42.53 -49.86
C TYR E 22 49.51 -43.87 -50.33
N VAL E 23 48.58 -43.91 -51.27
CA VAL E 23 47.87 -45.15 -51.52
C VAL E 23 47.79 -45.45 -52.99
N ASN E 24 48.22 -44.55 -53.85
CA ASN E 24 47.93 -44.73 -55.25
C ASN E 24 49.12 -44.51 -56.15
N ILE E 25 49.39 -45.49 -56.99
CA ILE E 25 50.08 -45.23 -58.25
C ILE E 25 49.12 -44.48 -59.16
N ASP E 26 49.65 -43.53 -59.93
CA ASP E 26 48.79 -42.79 -60.85
C ASP E 26 48.07 -43.72 -61.81
N THR E 27 48.69 -44.84 -62.16
CA THR E 27 48.11 -45.82 -63.05
C THR E 27 47.81 -47.08 -62.26
N GLY E 28 46.58 -47.57 -62.35
CA GLY E 28 46.21 -48.74 -61.59
C GLY E 28 46.38 -48.48 -60.11
N ALA E 29 45.51 -47.64 -59.55
CA ALA E 29 45.62 -47.19 -58.17
C ALA E 29 45.60 -48.35 -57.18
N LEU E 30 46.76 -48.65 -56.60
CA LEU E 30 46.88 -49.73 -55.62
C LEU E 30 47.76 -49.27 -54.48
N VAL E 31 47.52 -49.83 -53.29
CA VAL E 31 48.19 -49.34 -52.08
C VAL E 31 49.70 -49.52 -52.19
N LEU E 32 50.43 -48.49 -51.82
CA LEU E 32 51.89 -48.54 -51.79
C LEU E 32 52.39 -49.22 -50.52
N GLU E 33 53.67 -49.03 -50.20
CA GLU E 33 54.23 -49.57 -48.98
C GLU E 33 54.75 -48.47 -48.06
N ARG E 34 53.92 -47.44 -47.86
CA ARG E 34 54.08 -46.48 -46.78
C ARG E 34 53.18 -46.85 -45.59
N VAL E 35 52.78 -48.11 -45.54
CA VAL E 35 51.92 -48.65 -44.49
C VAL E 35 52.51 -48.37 -43.11
N PRO E 36 53.82 -48.46 -42.90
CA PRO E 36 54.35 -48.04 -41.59
C PRO E 36 53.94 -46.64 -41.18
N SER E 37 54.08 -45.66 -42.07
CA SER E 37 53.68 -44.30 -41.73
C SER E 37 52.18 -44.22 -41.50
N LEU E 38 51.39 -44.91 -42.31
CA LEU E 38 49.95 -44.92 -42.07
C LEU E 38 49.62 -45.45 -40.68
N ILE E 39 50.27 -46.54 -40.27
CA ILE E 39 50.00 -47.11 -38.95
C ILE E 39 50.38 -46.11 -37.87
N ARG E 40 51.53 -45.47 -38.03
CA ARG E 40 51.96 -44.52 -37.02
C ARG E 40 50.98 -43.37 -36.89
N ALA E 41 50.33 -42.98 -37.98
CA ALA E 41 49.31 -41.95 -37.88
C ALA E 41 48.05 -42.48 -37.21
N ILE E 42 47.65 -43.70 -37.55
CA ILE E 42 46.41 -44.25 -37.01
C ILE E 42 46.50 -44.41 -35.50
N ASN E 43 47.66 -44.80 -35.00
CA ASN E 43 47.81 -44.94 -33.55
C ASN E 43 47.59 -43.61 -32.84
N LEU E 44 48.15 -42.54 -33.39
CA LEU E 44 47.94 -41.21 -32.82
C LEU E 44 46.46 -40.84 -32.84
N GLY E 45 45.78 -41.15 -33.94
CA GLY E 45 44.35 -40.88 -33.99
C GLY E 45 43.58 -41.61 -32.92
N VAL E 46 43.91 -42.89 -32.70
CA VAL E 46 43.22 -43.66 -31.68
C VAL E 46 43.46 -43.04 -30.30
N LEU E 47 44.69 -42.63 -30.04
CA LEU E 47 44.99 -42.01 -28.75
C LEU E 47 44.17 -40.73 -28.56
N ASP E 48 44.05 -39.94 -29.62
CA ASP E 48 43.27 -38.71 -29.50
C ASP E 48 41.82 -39.00 -29.19
N LEU E 49 41.25 -40.01 -29.85
CA LEU E 49 39.86 -40.35 -29.57
C LEU E 49 39.68 -40.82 -28.14
N HIS E 50 40.64 -41.60 -27.64
CA HIS E 50 40.55 -42.03 -26.25
C HIS E 50 40.71 -40.86 -25.29
N LYS E 51 41.41 -39.81 -25.71
CA LYS E 51 41.44 -38.59 -24.90
C LYS E 51 40.06 -37.94 -24.87
N ARG E 52 39.41 -37.85 -26.02
CA ARG E 52 38.17 -37.08 -26.09
C ARG E 52 37.01 -37.80 -25.39
N PHE E 53 36.94 -39.12 -25.52
CA PHE E 53 35.88 -39.88 -24.86
C PHE E 53 36.49 -40.98 -24.01
N LEU E 54 35.77 -41.39 -22.97
CA LEU E 54 36.31 -42.39 -22.06
C LEU E 54 36.57 -43.72 -22.73
N LEU E 55 35.50 -44.42 -23.10
CA LEU E 55 35.57 -45.64 -23.90
C LEU E 55 36.26 -46.79 -23.19
N LYS E 56 36.86 -46.54 -22.03
CA LYS E 56 37.66 -47.56 -21.34
C LYS E 56 37.93 -47.10 -19.92
N GLU E 57 38.26 -48.07 -19.07
CA GLU E 57 38.74 -47.77 -17.73
C GLU E 57 39.43 -49.02 -17.19
N GLY E 58 40.38 -48.81 -16.30
CA GLY E 58 41.19 -49.92 -15.82
C GLY E 58 41.19 -50.09 -14.33
N MET E 59 42.06 -50.97 -13.83
CA MET E 59 42.09 -51.27 -12.41
C MET E 59 43.48 -51.79 -12.05
N LEU E 60 43.94 -51.43 -10.86
CA LEU E 60 45.17 -51.99 -10.32
C LEU E 60 44.92 -52.53 -8.92
N LYS E 61 45.98 -52.92 -8.24
CA LYS E 61 45.86 -53.28 -6.83
C LYS E 61 47.24 -53.16 -6.20
N ILE E 62 47.41 -52.16 -5.34
CA ILE E 62 48.70 -51.85 -4.74
C ILE E 62 48.75 -52.46 -3.35
N GLN E 63 49.85 -53.13 -3.05
CA GLN E 63 50.05 -53.69 -1.72
C GLN E 63 50.95 -52.73 -0.93
N LEU E 64 50.40 -52.15 0.13
CA LEU E 64 51.08 -51.08 0.82
C LEU E 64 52.32 -51.58 1.56
N GLU E 65 53.18 -50.63 1.91
CA GLU E 65 54.39 -50.91 2.66
C GLU E 65 54.64 -49.72 3.58
N GLU E 66 54.64 -49.97 4.89
CA GLU E 66 54.71 -48.88 5.85
C GLU E 66 56.02 -48.11 5.72
N GLY E 67 55.95 -46.80 5.90
CA GLY E 67 57.11 -45.96 5.78
C GLY E 67 57.45 -45.51 4.38
N ARG E 68 56.70 -45.95 3.38
CA ARG E 68 56.94 -45.54 2.00
C ARG E 68 56.24 -44.22 1.75
N ARG E 69 56.87 -43.38 0.93
CA ARG E 69 56.33 -42.06 0.63
C ARG E 69 55.79 -41.95 -0.79
N LEU E 70 56.53 -42.45 -1.78
CA LEU E 70 56.14 -42.33 -3.18
C LEU E 70 55.92 -43.71 -3.77
N TYR E 71 54.78 -43.91 -4.42
CA TYR E 71 54.49 -45.13 -5.18
C TYR E 71 54.32 -44.75 -6.64
N PRO E 72 55.31 -45.00 -7.48
CA PRO E 72 55.11 -44.75 -8.91
C PRO E 72 54.38 -45.92 -9.57
N LEU E 73 53.55 -45.59 -10.56
CA LEU E 73 52.82 -46.60 -11.29
C LEU E 73 53.45 -46.73 -12.68
N ARG E 74 54.45 -47.58 -12.78
CA ARG E 74 55.22 -47.76 -14.00
C ARG E 74 55.35 -49.24 -14.28
N PRO E 75 55.55 -49.61 -15.54
CA PRO E 75 55.47 -51.03 -15.90
C PRO E 75 56.65 -51.87 -15.43
N ALA E 76 57.50 -51.31 -14.59
CA ALA E 76 58.58 -52.09 -13.99
C ALA E 76 58.22 -52.62 -12.61
N TYR E 77 57.18 -52.09 -11.99
CA TYR E 77 56.75 -52.51 -10.67
C TYR E 77 55.55 -53.44 -10.72
N GLN E 78 55.06 -53.77 -11.91
CA GLN E 78 53.82 -54.50 -12.05
C GLN E 78 54.10 -55.99 -12.20
N VAL E 79 53.34 -56.80 -11.48
CA VAL E 79 53.54 -58.25 -11.55
C VAL E 79 53.38 -58.74 -12.98
N GLY E 80 54.22 -59.71 -13.34
CA GLY E 80 54.23 -60.25 -14.68
C GLY E 80 55.06 -59.47 -15.66
N GLN E 81 55.51 -58.28 -15.30
CA GLN E 81 56.37 -57.50 -16.15
C GLN E 81 57.82 -57.91 -15.90
N LYS E 82 58.74 -57.13 -16.42
CA LYS E 82 60.16 -57.42 -16.22
C LYS E 82 60.57 -56.98 -14.81
N PRO E 83 61.06 -57.88 -13.97
CA PRO E 83 61.40 -57.49 -12.59
C PRO E 83 62.76 -56.82 -12.48
N LYS E 84 62.82 -55.51 -12.67
CA LYS E 84 64.07 -54.79 -12.46
C LYS E 84 64.54 -54.99 -11.02
N PRO E 85 65.79 -55.42 -10.82
CA PRO E 85 66.23 -55.77 -9.45
C PRO E 85 66.09 -54.66 -8.43
N GLY E 86 66.35 -53.40 -8.82
CA GLY E 86 66.33 -52.33 -7.85
C GLY E 86 64.96 -51.97 -7.32
N VAL E 87 63.90 -52.52 -7.91
CA VAL E 87 62.55 -52.15 -7.52
C VAL E 87 61.81 -53.37 -6.98
N PRO E 88 61.01 -53.22 -5.94
CA PRO E 88 60.14 -54.32 -5.52
C PRO E 88 58.80 -54.25 -6.23
N GLN E 89 58.33 -55.38 -6.73
CA GLN E 89 57.15 -55.45 -7.58
C GLN E 89 55.93 -55.46 -6.67
N PHE E 90 55.34 -54.28 -6.44
CA PHE E 90 54.22 -54.20 -5.52
C PHE E 90 52.86 -54.12 -6.20
N ILE E 91 52.80 -53.82 -7.49
CA ILE E 91 51.52 -53.83 -8.20
C ILE E 91 51.20 -55.27 -8.56
N THR E 92 50.27 -55.89 -7.83
CA THR E 92 50.09 -57.33 -7.89
C THR E 92 48.91 -57.78 -8.73
N GLU E 93 48.17 -56.89 -9.35
CA GLU E 93 46.97 -57.32 -10.05
C GLU E 93 46.42 -56.19 -10.89
N GLY E 94 45.94 -56.51 -12.09
CA GLY E 94 45.29 -55.53 -12.92
C GLY E 94 45.66 -55.62 -14.39
N ASN E 95 45.13 -54.72 -15.20
CA ASN E 95 45.45 -54.70 -16.62
C ASN E 95 46.94 -54.48 -16.81
N LYS E 96 47.50 -55.15 -17.81
CA LYS E 96 48.92 -55.01 -18.09
C LYS E 96 49.25 -53.56 -18.42
N LEU E 97 50.28 -53.05 -17.76
CA LEU E 97 50.61 -51.63 -17.88
C LEU E 97 51.53 -51.39 -19.06
N GLY E 98 51.28 -50.30 -19.78
CA GLY E 98 52.11 -49.94 -20.90
C GLY E 98 52.66 -48.53 -20.75
N ARG E 99 53.26 -48.00 -21.82
CA ARG E 99 53.81 -46.66 -21.73
C ARG E 99 52.71 -45.61 -21.63
N GLN E 100 51.65 -45.76 -22.43
CA GLN E 100 50.51 -44.84 -22.36
C GLN E 100 49.29 -45.66 -21.94
N SER E 101 49.07 -45.75 -20.63
CA SER E 101 47.89 -46.43 -20.15
C SER E 101 47.15 -45.56 -19.16
N ILE E 102 47.88 -44.77 -18.37
CA ILE E 102 47.29 -43.95 -17.33
C ILE E 102 47.08 -42.55 -17.92
N LEU E 103 45.83 -42.26 -18.29
CA LEU E 103 45.50 -40.89 -18.68
C LEU E 103 45.13 -40.04 -17.48
N LYS E 104 44.51 -40.63 -16.47
CA LYS E 104 44.15 -39.92 -15.25
C LYS E 104 43.66 -40.90 -14.20
N ILE E 105 44.13 -40.76 -12.98
CA ILE E 105 43.63 -41.56 -11.87
C ILE E 105 42.33 -40.94 -11.37
N GLU E 106 41.33 -41.77 -11.12
CA GLU E 106 40.01 -41.25 -10.80
C GLU E 106 39.51 -41.66 -9.43
N LYS E 107 39.63 -42.93 -9.06
CA LYS E 107 39.08 -43.41 -7.80
C LYS E 107 40.13 -44.22 -7.06
N ILE E 108 40.10 -44.14 -5.74
CA ILE E 108 40.94 -44.95 -4.89
C ILE E 108 40.05 -45.55 -3.81
N ILE E 109 39.96 -46.88 -3.79
CA ILE E 109 39.10 -47.60 -2.87
C ILE E 109 39.94 -48.55 -2.06
N GLY E 110 39.80 -48.50 -0.74
N GLY E 110 39.80 -48.50 -0.74
CA GLY E 110 40.52 -49.37 0.14
CA GLY E 110 40.52 -49.37 0.14
C GLY E 110 39.91 -50.74 0.22
C GLY E 110 39.91 -50.74 0.22
N ASP E 111 40.53 -51.60 1.05
CA ASP E 111 40.03 -52.95 1.21
C ASP E 111 38.76 -53.00 2.05
N ASN E 112 38.47 -51.95 2.81
CA ASN E 112 37.31 -51.93 3.68
C ASN E 112 36.07 -51.38 2.99
N GLY E 113 36.19 -50.98 1.73
CA GLY E 113 35.10 -50.32 1.05
C GLY E 113 35.09 -48.81 1.20
N VAL E 114 35.99 -48.24 2.00
CA VAL E 114 36.04 -46.79 2.11
C VAL E 114 36.53 -46.19 0.80
N GLU E 115 36.31 -44.89 0.65
CA GLU E 115 36.70 -44.16 -0.55
C GLU E 115 37.52 -42.96 -0.13
N TYR E 116 38.80 -42.96 -0.49
CA TYR E 116 39.67 -41.89 -0.07
C TYR E 116 39.54 -40.69 -1.00
N TYR E 117 40.17 -39.60 -0.62
CA TYR E 117 40.09 -38.35 -1.36
C TYR E 117 41.35 -38.14 -2.19
N LEU E 118 41.18 -37.56 -3.36
CA LEU E 118 42.27 -37.36 -4.31
C LEU E 118 42.44 -35.87 -4.57
N ASN E 119 43.61 -35.33 -4.23
CA ASN E 119 43.94 -33.93 -4.50
C ASN E 119 42.90 -32.97 -3.91
N ASP E 120 42.28 -33.37 -2.80
CA ASP E 120 41.36 -32.51 -2.08
C ASP E 120 42.05 -32.10 -0.80
N THR E 121 42.71 -30.94 -0.85
CA THR E 121 43.56 -30.51 0.25
C THR E 121 42.73 -30.33 1.52
N TRP E 122 43.38 -30.61 2.65
CA TRP E 122 42.83 -30.46 4.00
C TRP E 122 41.72 -31.46 4.29
N GLN E 123 41.38 -32.35 3.37
CA GLN E 123 40.44 -33.40 3.66
C GLN E 123 41.09 -34.42 4.59
N PRO E 124 40.28 -35.21 5.30
CA PRO E 124 40.82 -36.09 6.34
C PRO E 124 42.02 -36.92 5.92
N LEU E 125 41.85 -37.75 4.90
CA LEU E 125 42.91 -38.64 4.43
C LEU E 125 43.11 -38.37 2.95
N ASN E 126 43.93 -37.37 2.65
CA ASN E 126 44.11 -36.91 1.29
C ASN E 126 45.31 -37.62 0.68
N ILE E 127 45.18 -37.97 -0.60
CA ILE E 127 46.26 -38.58 -1.36
C ILE E 127 46.61 -37.64 -2.50
N THR E 128 47.90 -37.33 -2.63
CA THR E 128 48.37 -36.33 -3.58
C THR E 128 49.17 -36.99 -4.69
N THR E 129 48.96 -36.52 -5.91
CA THR E 129 49.75 -36.99 -7.05
C THR E 129 50.75 -35.91 -7.42
N PRO E 130 52.01 -36.07 -7.11
CA PRO E 130 52.97 -35.01 -7.41
C PRO E 130 53.39 -34.98 -8.87
N GLU E 131 53.29 -36.10 -9.55
CA GLU E 131 53.81 -36.18 -10.91
C GLU E 131 52.90 -36.96 -11.83
N PHE E 132 51.60 -36.96 -11.56
CA PHE E 132 50.60 -37.41 -12.53
C PHE E 132 50.60 -38.92 -12.73
N ASP E 133 51.63 -39.60 -12.23
CA ASP E 133 51.72 -41.05 -12.34
C ASP E 133 52.30 -41.65 -11.06
N VAL E 134 52.28 -40.88 -9.97
CA VAL E 134 52.88 -41.26 -8.70
C VAL E 134 51.91 -40.88 -7.60
N LEU E 135 51.79 -41.75 -6.61
CA LEU E 135 50.97 -41.47 -5.44
C LEU E 135 51.88 -41.10 -4.28
N GLU E 136 51.65 -39.94 -3.69
CA GLU E 136 52.37 -39.52 -2.51
C GLU E 136 51.48 -39.77 -1.30
N ILE E 137 51.95 -40.61 -0.38
CA ILE E 137 51.16 -41.02 0.77
C ILE E 137 51.81 -40.49 2.03
N SER E 138 51.09 -39.61 2.73
CA SER E 138 51.64 -39.01 3.93
C SER E 138 51.64 -40.01 5.07
N ASP E 139 52.32 -39.63 6.16
CA ASP E 139 52.45 -40.52 7.30
C ASP E 139 51.16 -40.60 8.10
N GLU E 140 50.35 -39.54 8.09
CA GLU E 140 49.06 -39.60 8.78
C GLU E 140 48.19 -40.70 8.20
N PHE E 141 48.36 -40.99 6.92
CA PHE E 141 47.64 -42.11 6.32
C PHE E 141 48.01 -43.42 6.99
N TYR E 142 49.30 -43.64 7.22
CA TYR E 142 49.72 -44.83 7.93
C TYR E 142 49.22 -44.81 9.37
N CYS E 143 49.20 -43.63 9.99
CA CYS E 143 48.74 -43.51 11.36
C CYS E 143 47.29 -43.97 11.47
N HIS E 144 46.43 -43.50 10.58
CA HIS E 144 45.03 -43.93 10.54
C HIS E 144 44.74 -44.44 9.14
N SER E 145 45.13 -45.69 8.87
CA SER E 145 44.82 -46.32 7.60
C SER E 145 43.92 -47.54 7.77
N SER E 146 44.35 -48.53 8.56
CA SER E 146 43.61 -49.77 8.76
C SER E 146 43.32 -50.48 7.44
N SER E 147 44.16 -50.26 6.43
CA SER E 147 43.97 -50.85 5.11
C SER E 147 45.31 -51.34 4.61
N LYS E 148 45.37 -52.61 4.21
CA LYS E 148 46.63 -53.20 3.79
C LYS E 148 46.82 -53.17 2.27
N THR E 149 45.84 -52.69 1.52
CA THR E 149 45.94 -52.66 0.08
C THR E 149 45.03 -51.56 -0.46
N LEU E 150 45.23 -51.24 -1.72
CA LEU E 150 44.45 -50.22 -2.39
C LEU E 150 44.01 -50.72 -3.75
N GLU E 151 42.91 -50.15 -4.24
CA GLU E 151 42.43 -50.42 -5.58
C GLU E 151 42.31 -49.10 -6.32
N VAL E 152 42.89 -49.02 -7.50
CA VAL E 152 42.98 -47.78 -8.26
C VAL E 152 42.23 -47.96 -9.57
N ARG E 153 41.50 -46.93 -9.97
CA ARG E 153 40.84 -46.91 -11.25
C ARG E 153 41.27 -45.68 -12.02
N TYR E 154 41.32 -45.80 -13.34
CA TYR E 154 41.95 -44.76 -14.13
C TYR E 154 41.45 -44.85 -15.56
N ARG E 155 41.60 -43.75 -16.28
CA ARG E 155 41.17 -43.71 -17.66
C ARG E 155 42.26 -44.30 -18.55
N ARG E 156 41.90 -45.27 -19.37
CA ARG E 156 42.88 -46.04 -20.13
C ARG E 156 42.94 -45.59 -21.58
N ALA E 157 44.04 -45.98 -22.22
CA ALA E 157 44.21 -45.91 -23.66
C ALA E 157 44.88 -47.21 -24.05
N PRO E 158 44.48 -47.82 -25.16
CA PRO E 158 45.00 -49.13 -25.52
C PRO E 158 46.48 -49.07 -25.89
N THR E 159 47.13 -50.22 -25.77
CA THR E 159 48.53 -50.32 -26.15
C THR E 159 48.63 -50.77 -27.59
N PRO E 160 49.22 -49.97 -28.49
CA PRO E 160 49.23 -50.33 -29.90
C PRO E 160 50.04 -51.59 -30.15
N MET E 161 49.60 -52.37 -31.14
CA MET E 161 50.30 -53.58 -31.51
C MET E 161 51.60 -53.25 -32.24
N LYS E 162 52.60 -54.09 -32.04
CA LYS E 162 53.93 -53.85 -32.58
C LYS E 162 54.02 -54.40 -34.00
N ILE E 163 54.27 -53.51 -34.96
CA ILE E 163 54.50 -53.91 -36.33
C ILE E 163 55.97 -54.33 -36.47
N CYS E 164 56.24 -55.19 -37.45
CA CYS E 164 57.58 -55.70 -37.67
C CYS E 164 57.86 -55.87 -39.15
N VAL E 165 59.15 -55.82 -39.50
CA VAL E 165 59.55 -55.85 -40.90
C VAL E 165 59.15 -57.17 -41.55
N ASP E 166 59.20 -58.27 -40.79
CA ASP E 166 58.66 -59.52 -41.30
C ASP E 166 57.14 -59.48 -41.33
N ASN E 167 56.52 -58.76 -40.38
CA ASN E 167 55.07 -58.62 -40.35
C ASN E 167 54.54 -57.80 -41.53
N LEU E 168 55.42 -57.10 -42.26
CA LEU E 168 54.99 -56.46 -43.51
C LEU E 168 54.35 -57.42 -44.50
N ASP E 169 54.44 -58.73 -44.26
CA ASP E 169 53.76 -59.68 -45.14
C ASP E 169 52.25 -59.50 -45.09
N SER E 170 51.66 -59.48 -43.89
CA SER E 170 50.22 -59.50 -43.74
C SER E 170 49.64 -58.13 -43.45
N TRP E 171 50.03 -57.52 -42.34
CA TRP E 171 49.60 -56.19 -41.91
C TRP E 171 48.08 -56.14 -41.79
N GLY E 172 47.41 -57.26 -42.07
CA GLY E 172 45.96 -57.31 -42.09
C GLY E 172 45.42 -58.05 -40.90
N CYS E 173 46.30 -58.68 -40.15
CA CYS E 173 45.89 -59.31 -38.89
C CYS E 173 45.97 -58.35 -37.72
N ILE E 174 46.58 -57.18 -37.90
CA ILE E 174 46.59 -56.19 -36.84
C ILE E 174 45.17 -55.75 -36.56
N ASP E 175 44.88 -55.47 -35.29
CA ASP E 175 43.53 -55.12 -34.87
C ASP E 175 43.56 -53.78 -34.14
N ILE E 176 42.96 -52.76 -34.74
CA ILE E 176 42.75 -51.51 -34.03
C ILE E 176 41.68 -51.72 -32.96
N ASP E 177 41.82 -51.01 -31.85
CA ASP E 177 40.93 -51.19 -30.71
C ASP E 177 39.99 -49.98 -30.62
N LEU E 178 38.86 -50.07 -31.30
CA LEU E 178 37.87 -49.00 -31.31
C LEU E 178 36.50 -49.56 -31.61
N PRO E 179 35.44 -48.95 -31.11
CA PRO E 179 34.11 -49.18 -31.66
C PRO E 179 33.99 -48.53 -33.02
N TYR E 180 33.03 -49.01 -33.80
CA TYR E 180 32.96 -48.63 -35.21
C TYR E 180 32.58 -47.15 -35.39
N THR E 181 31.79 -46.61 -34.45
CA THR E 181 31.43 -45.20 -34.47
C THR E 181 32.68 -44.33 -34.59
N HIS E 182 33.55 -44.47 -33.61
CA HIS E 182 34.77 -43.72 -33.61
C HIS E 182 35.67 -44.10 -34.77
N LEU E 183 35.40 -45.23 -35.43
CA LEU E 183 36.04 -45.47 -36.72
C LEU E 183 35.62 -44.43 -37.74
N GLN E 184 34.33 -44.20 -37.87
CA GLN E 184 33.89 -43.18 -38.82
C GLN E 184 34.55 -41.85 -38.52
N ALA E 185 34.74 -41.55 -37.24
CA ALA E 185 35.42 -40.29 -36.90
C ALA E 185 36.92 -40.34 -37.23
N LEU E 186 37.56 -41.47 -36.94
CA LEU E 186 39.00 -41.61 -37.14
C LEU E 186 39.38 -41.43 -38.59
N LEU E 187 38.49 -41.85 -39.49
CA LEU E 187 38.76 -41.64 -40.91
C LEU E 187 39.03 -40.17 -41.21
N TYR E 188 38.14 -39.28 -40.74
CA TYR E 188 38.34 -37.87 -40.98
C TYR E 188 39.61 -37.37 -40.33
N PHE E 189 39.89 -37.83 -39.11
CA PHE E 189 41.12 -37.37 -38.46
C PHE E 189 42.33 -37.67 -39.32
N VAL E 190 42.48 -38.93 -39.74
CA VAL E 190 43.66 -39.33 -40.50
C VAL E 190 43.71 -38.59 -41.82
N ALA E 191 42.57 -38.45 -42.49
CA ALA E 191 42.56 -37.76 -43.77
C ALA E 191 43.05 -36.34 -43.63
N SER E 192 42.58 -35.62 -42.61
CA SER E 192 43.04 -34.26 -42.41
C SER E 192 44.54 -34.22 -42.21
N ARG E 193 45.04 -35.08 -41.32
CA ARG E 193 46.46 -35.03 -41.01
C ARG E 193 47.31 -35.31 -42.24
N CYS E 194 46.91 -36.27 -43.06
CA CYS E 194 47.72 -36.60 -44.23
C CYS E 194 47.59 -35.55 -45.32
N GLN E 195 46.41 -34.99 -45.52
CA GLN E 195 46.20 -34.07 -46.63
C GLN E 195 46.67 -32.66 -46.33
N THR E 196 46.97 -32.33 -45.09
CA THR E 196 47.35 -30.94 -44.82
C THR E 196 48.50 -30.41 -45.68
N PRO E 197 49.67 -31.07 -45.76
CA PRO E 197 50.85 -30.45 -46.38
C PRO E 197 51.03 -30.77 -47.86
N ILE E 198 49.99 -30.54 -48.66
CA ILE E 198 50.05 -30.82 -50.10
C ILE E 198 49.09 -29.88 -50.81
N GLY E 199 49.53 -29.36 -51.95
CA GLY E 199 48.61 -28.66 -52.84
C GLY E 199 48.91 -27.17 -52.93
N PHE E 200 48.74 -26.61 -54.13
CA PHE E 200 48.99 -25.21 -54.36
C PHE E 200 47.90 -24.50 -55.14
N MET E 201 46.79 -25.16 -55.43
CA MET E 201 45.68 -24.51 -56.11
C MET E 201 44.65 -24.02 -55.11
N GLU E 202 43.78 -23.12 -55.58
CA GLU E 202 42.88 -22.41 -54.69
C GLU E 202 41.99 -23.37 -53.92
N ASN E 203 41.35 -24.30 -54.62
CA ASN E 203 40.43 -25.21 -53.96
C ASN E 203 41.13 -26.44 -53.39
N THR E 204 42.34 -26.74 -53.83
CA THR E 204 43.06 -27.89 -53.31
C THR E 204 43.93 -27.55 -52.11
N ALA E 205 44.02 -26.28 -51.73
CA ALA E 205 44.77 -25.90 -50.56
C ALA E 205 43.92 -25.88 -49.29
N GLN E 206 42.64 -26.25 -49.38
CA GLN E 206 41.74 -26.18 -48.24
C GLN E 206 41.21 -27.52 -47.79
N GLU E 207 41.70 -28.62 -48.36
CA GLU E 207 41.16 -29.93 -48.02
C GLU E 207 41.46 -30.29 -46.57
N GLY E 208 42.68 -30.00 -46.10
CA GLY E 208 42.99 -30.28 -44.71
C GLY E 208 42.09 -29.53 -43.76
N PHE E 209 41.86 -28.25 -44.02
CA PHE E 209 40.98 -27.47 -43.17
C PHE E 209 39.57 -28.03 -43.20
N ASN E 210 39.06 -28.37 -44.38
CA ASN E 210 37.71 -28.91 -44.46
C ASN E 210 37.60 -30.20 -43.67
N PHE E 211 38.60 -31.06 -43.77
CA PHE E 211 38.53 -32.33 -43.04
C PHE E 211 38.59 -32.10 -41.54
N SER E 212 39.37 -31.11 -41.10
CA SER E 212 39.37 -30.78 -39.67
C SER E 212 37.98 -30.34 -39.23
N GLN E 213 37.33 -29.50 -40.02
CA GLN E 213 35.98 -29.07 -39.66
C GLN E 213 35.03 -30.25 -39.55
N LYS E 214 35.10 -31.17 -40.53
CA LYS E 214 34.20 -32.32 -40.49
C LYS E 214 34.50 -33.20 -39.29
N TYR E 215 35.78 -33.31 -38.92
CA TYR E 215 36.15 -34.09 -37.75
C TYR E 215 35.52 -33.51 -36.49
N GLU E 216 35.60 -32.20 -36.32
CA GLU E 216 34.99 -31.58 -35.15
C GLU E 216 33.48 -31.78 -35.15
N ALA E 217 32.84 -31.62 -36.31
CA ALA E 217 31.40 -31.81 -36.36
C ALA E 217 31.03 -33.23 -35.97
N GLU E 218 31.79 -34.22 -36.44
CA GLU E 218 31.48 -35.59 -36.09
C GLU E 218 31.66 -35.85 -34.60
N CYS E 219 32.70 -35.29 -34.00
CA CYS E 219 32.87 -35.46 -32.56
C CYS E 219 31.68 -34.88 -31.80
N ALA E 220 31.21 -33.70 -32.23
CA ALA E 220 30.04 -33.12 -31.58
C ALA E 220 28.83 -34.01 -31.74
N ASN E 221 28.64 -34.60 -32.93
CA ASN E 221 27.50 -35.47 -33.14
C ASN E 221 27.56 -36.70 -32.23
N LEU E 222 28.75 -37.28 -32.07
CA LEU E 222 28.87 -38.41 -31.17
C LEU E 222 28.53 -38.01 -29.74
N ASP E 223 28.99 -36.84 -29.30
CA ASP E 223 28.64 -36.37 -27.98
C ASP E 223 27.13 -36.25 -27.83
N ALA E 224 26.47 -35.67 -28.83
CA ALA E 224 25.03 -35.50 -28.75
C ALA E 224 24.32 -36.84 -28.69
N GLN E 225 24.73 -37.80 -29.52
CA GLN E 225 24.08 -39.10 -29.52
C GLN E 225 24.41 -39.89 -28.27
N ASN E 226 25.43 -39.50 -27.51
CA ASN E 226 25.78 -40.15 -26.25
C ASN E 226 26.13 -41.61 -26.47
N LEU E 227 27.16 -41.83 -27.29
CA LEU E 227 27.68 -43.17 -27.55
C LEU E 227 28.97 -43.45 -26.78
N ARG E 228 29.11 -42.88 -25.58
CA ARG E 228 30.24 -43.17 -24.72
C ARG E 228 29.74 -43.40 -23.30
N ILE E 229 30.63 -43.91 -22.46
CA ILE E 229 30.29 -44.19 -21.06
C ILE E 229 30.08 -42.88 -20.32
N ASP E 230 29.09 -42.86 -19.42
CA ASP E 230 28.81 -41.67 -18.62
C ASP E 230 28.17 -42.07 -17.32
N PRO E 231 28.96 -42.24 -16.27
CA PRO E 231 28.38 -42.44 -14.94
C PRO E 231 27.63 -41.19 -14.49
N VAL E 232 26.57 -41.42 -13.72
CA VAL E 232 25.80 -40.34 -13.11
C VAL E 232 25.54 -40.72 -11.66
N GLY E 233 25.85 -39.81 -10.75
CA GLY E 233 25.85 -40.13 -9.33
C GLY E 233 24.51 -39.90 -8.67
N ASN E 234 24.11 -40.88 -7.85
CA ASN E 234 22.91 -40.80 -7.02
C ASN E 234 23.32 -41.19 -5.61
N GLN E 235 23.76 -40.24 -4.80
CA GLN E 235 24.09 -40.57 -3.42
C GLN E 235 22.85 -40.98 -2.64
N ASP E 236 23.09 -41.50 -1.45
CA ASP E 236 22.00 -41.83 -0.54
C ASP E 236 21.55 -40.61 0.26
N ARG E 237 22.45 -40.08 1.08
CA ARG E 237 22.19 -38.90 1.91
C ARG E 237 21.18 -39.18 3.02
N PHE E 238 20.58 -40.36 3.02
CA PHE E 238 19.55 -40.69 4.00
C PHE E 238 19.98 -41.71 5.03
N THR E 239 21.18 -42.27 4.90
CA THR E 239 21.66 -43.27 5.84
C THR E 239 22.71 -42.72 6.80
N ARG E 240 23.14 -41.48 6.62
CA ARG E 240 24.09 -40.90 7.56
C ARG E 240 23.52 -40.87 8.96
N GLY E 241 22.20 -40.78 9.09
CA GLY E 241 21.55 -40.68 10.36
C GLY E 241 21.20 -39.23 10.64
N GLY E 242 19.97 -38.85 10.38
CA GLY E 242 19.58 -37.47 10.56
C GLY E 242 18.73 -36.89 9.46
N TRP E 243 18.91 -37.34 8.22
CA TRP E 243 18.11 -36.81 7.12
C TRP E 243 16.86 -37.63 6.88
N VAL E 244 16.09 -37.90 7.93
CA VAL E 244 14.87 -38.68 7.76
C VAL E 244 13.96 -38.50 8.97
N ARG F 21 15.67 -76.69 55.73
CA ARG F 21 14.91 -76.74 54.49
C ARG F 21 13.99 -75.53 54.40
N LEU F 22 13.86 -74.83 55.53
CA LEU F 22 13.18 -73.54 55.66
C LEU F 22 11.66 -73.67 55.58
N GLN F 23 11.16 -74.83 55.21
CA GLN F 23 9.73 -75.06 55.10
C GLN F 23 9.46 -76.56 55.11
N PRO F 24 9.69 -77.25 56.24
CA PRO F 24 9.54 -78.71 56.24
C PRO F 24 8.12 -79.17 55.99
N GLU F 25 7.11 -78.34 56.22
CA GLU F 25 5.72 -78.75 56.09
C GLU F 25 5.14 -78.49 54.71
N TRP F 26 5.94 -78.00 53.77
CA TRP F 26 5.47 -77.77 52.41
C TRP F 26 5.78 -79.01 51.58
N SER F 27 4.72 -79.71 51.18
CA SER F 27 4.91 -80.98 50.47
C SER F 27 5.64 -80.76 49.15
N ASN F 28 5.32 -79.68 48.44
CA ASN F 28 5.92 -79.39 47.15
C ASN F 28 6.45 -77.95 47.19
N ALA F 29 7.64 -77.81 47.66
CA ALA F 29 8.15 -76.45 47.66
C ALA F 29 9.00 -76.21 46.43
N PRO F 30 8.99 -74.99 45.90
CA PRO F 30 9.82 -74.70 44.73
C PRO F 30 11.30 -74.82 45.06
N SER F 31 12.07 -75.24 44.06
CA SER F 31 13.51 -75.26 44.17
C SER F 31 14.10 -74.13 43.35
N LEU F 32 15.36 -73.81 43.63
CA LEU F 32 16.01 -72.71 42.94
C LEU F 32 16.02 -72.93 41.44
N ALA F 33 15.96 -74.19 41.00
CA ALA F 33 15.99 -74.47 39.57
C ALA F 33 14.76 -73.90 38.87
N GLN F 34 13.58 -74.19 39.41
CA GLN F 34 12.35 -73.73 38.75
C GLN F 34 12.27 -72.20 38.74
N LEU F 35 12.69 -71.56 39.83
CA LEU F 35 12.61 -70.11 39.90
C LEU F 35 13.45 -69.48 38.80
N LYS F 36 14.72 -69.87 38.70
CA LYS F 36 15.55 -69.33 37.64
C LYS F 36 15.04 -69.74 36.27
N GLN F 37 14.39 -70.91 36.19
CA GLN F 37 13.83 -71.34 34.92
C GLN F 37 12.76 -70.39 34.44
N ASP F 38 11.82 -70.03 35.32
CA ASP F 38 10.80 -69.07 34.94
C ASP F 38 11.39 -67.70 34.69
N TYR F 39 12.46 -67.35 35.39
CA TYR F 39 13.09 -66.07 35.19
C TYR F 39 13.62 -65.94 33.76
N GLN F 40 14.20 -67.00 33.22
CA GLN F 40 14.73 -66.94 31.86
C GLN F 40 13.63 -66.72 30.84
N GLU F 41 12.51 -67.42 30.99
CA GLU F 41 11.49 -67.41 29.96
C GLU F 41 10.76 -66.09 29.85
N ALA F 42 10.93 -65.18 30.80
CA ALA F 42 10.26 -63.89 30.73
C ALA F 42 11.17 -62.77 30.25
N LYS F 43 12.47 -62.89 30.42
CA LYS F 43 13.37 -61.92 29.81
C LYS F 43 13.25 -61.94 28.30
N GLN F 44 12.97 -63.10 27.73
CA GLN F 44 12.80 -63.20 26.28
C GLN F 44 11.71 -62.26 25.79
N VAL F 45 10.76 -61.91 26.65
CA VAL F 45 9.72 -60.97 26.30
C VAL F 45 10.07 -59.55 26.71
N THR F 46 10.57 -59.38 27.93
CA THR F 46 10.82 -58.02 28.42
C THR F 46 11.95 -57.33 27.67
N ASP F 47 12.84 -58.08 27.03
CA ASP F 47 13.96 -57.44 26.36
C ASP F 47 13.50 -56.54 25.24
N GLU F 48 12.44 -56.91 24.53
CA GLU F 48 11.93 -56.08 23.45
C GLU F 48 11.55 -54.71 23.97
N LYS F 49 10.76 -54.67 25.04
CA LYS F 49 10.33 -53.40 25.59
C LYS F 49 11.51 -52.62 26.17
N ILE F 50 12.47 -53.32 26.75
CA ILE F 50 13.64 -52.62 27.29
C ILE F 50 14.40 -51.93 26.16
N THR F 51 14.60 -52.64 25.05
CA THR F 51 15.30 -52.01 23.92
C THR F 51 14.50 -50.85 23.36
N GLN F 52 13.18 -50.99 23.30
CA GLN F 52 12.36 -49.89 22.81
C GLN F 52 12.52 -48.66 23.68
N ILE F 53 12.48 -48.84 24.99
CA ILE F 53 12.61 -47.71 25.90
C ILE F 53 14.00 -47.12 25.81
N ASN F 54 15.02 -47.96 25.64
CA ASN F 54 16.37 -47.44 25.48
C ASN F 54 16.46 -46.57 24.23
N ARG F 55 15.85 -47.01 23.14
CA ARG F 55 15.86 -46.21 21.93
C ARG F 55 15.18 -44.88 22.16
N TRP F 56 14.04 -44.89 22.86
CA TRP F 56 13.37 -43.63 23.16
C TRP F 56 14.28 -42.70 23.96
N LEU F 57 14.92 -43.25 24.99
CA LEU F 57 15.75 -42.43 25.85
C LEU F 57 16.95 -41.86 25.11
N ASP F 58 17.53 -42.62 24.18
CA ASP F 58 18.71 -42.16 23.48
C ASP F 58 18.42 -40.99 22.55
N TYR F 59 17.20 -40.47 22.52
CA TYR F 59 16.92 -39.33 21.67
C TYR F 59 16.71 -38.04 22.45
N MET F 60 16.06 -38.10 23.61
CA MET F 60 15.91 -36.88 24.39
C MET F 60 17.27 -36.41 24.89
N HIS F 61 18.12 -37.33 25.32
CA HIS F 61 19.54 -37.05 25.48
C HIS F 61 20.21 -37.50 24.20
N VAL F 62 20.91 -36.59 23.53
CA VAL F 62 21.48 -36.94 22.24
C VAL F 62 22.70 -37.81 22.50
N ARG F 63 22.50 -39.13 22.47
CA ARG F 63 23.56 -40.07 22.73
C ARG F 63 23.42 -41.24 21.77
N GLY F 64 24.41 -42.11 21.78
CA GLY F 64 24.38 -43.35 21.04
C GLY F 64 23.84 -43.21 19.63
N GLU F 65 22.79 -43.95 19.32
CA GLU F 65 22.21 -43.88 17.99
C GLU F 65 21.44 -42.59 17.75
N GLY F 66 21.20 -41.80 18.78
CA GLY F 66 20.59 -40.50 18.58
C GLY F 66 21.53 -39.42 18.11
N LYS F 67 22.83 -39.67 18.19
CA LYS F 67 23.82 -38.71 17.74
C LYS F 67 24.01 -38.85 16.24
N PRO F 68 23.77 -37.81 15.45
CA PRO F 68 23.93 -37.93 14.00
C PRO F 68 25.39 -38.04 13.61
N LYS F 69 25.66 -38.87 12.61
CA LYS F 69 27.01 -39.04 12.07
C LYS F 69 27.22 -38.05 10.95
N THR F 70 28.20 -37.18 11.10
CA THR F 70 28.48 -36.14 10.12
C THR F 70 29.93 -36.19 9.69
N GLU F 71 30.19 -35.77 8.46
CA GLU F 71 31.53 -35.77 7.92
C GLU F 71 32.37 -34.68 8.59
N LYS F 72 33.68 -34.89 8.56
CA LYS F 72 34.59 -33.86 9.04
C LYS F 72 34.58 -32.67 8.09
N GLY F 73 34.48 -31.47 8.64
CA GLY F 73 34.39 -30.27 7.85
C GLY F 73 32.99 -29.72 7.69
N LYS F 74 31.99 -30.36 8.31
CA LYS F 74 30.63 -29.86 8.29
C LYS F 74 30.11 -29.82 9.71
N SER F 75 29.01 -29.10 9.91
CA SER F 75 28.50 -28.87 11.25
C SER F 75 27.98 -30.16 11.87
N ALA F 76 27.87 -30.14 13.21
CA ALA F 76 27.34 -31.28 13.94
C ALA F 76 26.41 -30.85 15.06
N VAL F 77 25.75 -29.70 14.90
CA VAL F 77 24.82 -29.22 15.92
C VAL F 77 23.52 -30.00 15.84
N GLN F 78 22.82 -30.07 16.95
CA GLN F 78 21.57 -30.82 17.00
C GLN F 78 20.65 -30.27 18.07
N PRO F 79 19.61 -29.53 17.71
CA PRO F 79 18.75 -28.91 18.71
C PRO F 79 17.86 -29.94 19.37
N PRO F 80 17.84 -30.01 20.70
CA PRO F 80 16.92 -30.93 21.37
C PRO F 80 15.49 -30.40 21.29
N THR F 81 14.55 -31.29 20.99
CA THR F 81 13.15 -30.94 21.02
C THR F 81 12.34 -31.79 21.96
N ILE F 82 12.65 -33.08 22.09
CA ILE F 82 11.93 -33.92 23.03
C ILE F 82 12.16 -33.42 24.45
N ARG F 83 13.40 -33.12 24.79
CA ARG F 83 13.69 -32.55 26.11
C ARG F 83 13.00 -31.20 26.26
N LYS F 84 13.01 -30.40 25.20
CA LYS F 84 12.32 -29.12 25.21
C LYS F 84 10.87 -29.29 25.59
N GLN F 85 10.21 -30.29 25.02
CA GLN F 85 8.81 -30.54 25.33
C GLN F 85 8.63 -31.01 26.76
N ALA F 86 9.48 -31.95 27.20
CA ALA F 86 9.29 -32.51 28.53
C ALA F 86 9.50 -31.46 29.63
N GLU F 87 10.39 -30.49 29.39
CA GLU F 87 10.63 -29.47 30.40
C GLU F 87 9.39 -28.65 30.67
N TRP F 88 8.54 -28.47 29.66
CA TRP F 88 7.35 -27.65 29.82
C TRP F 88 6.16 -28.45 30.31
N ARG F 89 6.34 -29.73 30.58
CA ARG F 89 5.27 -30.55 31.12
C ARG F 89 5.54 -31.05 32.52
N TYR F 90 6.81 -31.19 32.91
CA TYR F 90 7.13 -31.70 34.23
C TYR F 90 6.40 -30.93 35.33
N SER F 91 6.54 -29.60 35.32
CA SER F 91 6.00 -28.81 36.41
C SER F 91 4.49 -28.78 36.39
N SER F 92 3.89 -28.62 35.20
CA SER F 92 2.44 -28.59 35.11
C SER F 92 1.84 -29.92 35.53
N LEU F 93 2.60 -31.00 35.47
CA LEU F 93 2.08 -32.27 35.97
C LEU F 93 2.30 -32.41 37.47
N SER F 94 3.46 -32.01 37.96
CA SER F 94 3.78 -32.27 39.37
C SER F 94 3.12 -31.28 40.33
N GLU F 95 2.70 -30.13 39.85
CA GLU F 95 2.18 -29.10 40.75
C GLU F 95 0.94 -29.54 41.53
N PRO F 96 -0.11 -30.10 40.91
CA PRO F 96 -1.36 -30.32 41.65
C PRO F 96 -1.24 -31.26 42.83
N PHE F 97 -0.07 -31.83 43.06
CA PHE F 97 0.16 -32.65 44.24
C PHE F 97 0.81 -31.88 45.37
N LEU F 98 1.84 -31.10 45.06
CA LEU F 98 2.58 -30.37 46.09
C LEU F 98 2.00 -28.99 46.37
N SER F 99 1.01 -28.55 45.60
CA SER F 99 0.48 -27.21 45.85
C SER F 99 -0.28 -27.11 47.16
N SER F 100 -0.60 -28.22 47.82
CA SER F 100 -1.42 -28.23 49.01
C SER F 100 -0.59 -28.64 50.22
N PRO F 101 -1.00 -28.24 51.44
CA PRO F 101 -0.23 -28.61 52.62
C PRO F 101 -0.07 -30.10 52.82
N ASN F 102 -1.11 -30.89 52.54
CA ASN F 102 -1.01 -32.33 52.63
C ASN F 102 -1.76 -32.95 51.44
N ILE F 103 -1.29 -34.13 51.03
CA ILE F 103 -1.80 -34.73 49.80
C ILE F 103 -3.21 -35.25 50.00
N PHE F 104 -3.37 -36.21 50.89
CA PHE F 104 -4.58 -37.00 50.92
C PHE F 104 -5.72 -36.25 51.63
N GLU F 105 -6.90 -36.84 51.56
CA GLU F 105 -8.09 -36.29 52.20
C GLU F 105 -9.08 -37.42 52.38
N VAL F 106 -9.40 -37.73 53.63
CA VAL F 106 -10.22 -38.88 53.97
C VAL F 106 -11.55 -38.39 54.51
N ASN F 107 -12.63 -38.96 53.97
CA ASN F 107 -13.97 -38.61 54.39
C ASN F 107 -14.76 -39.87 54.73
N PRO F 108 -15.69 -39.78 55.68
CA PRO F 108 -16.46 -40.95 56.05
C PRO F 108 -17.48 -41.30 54.99
N VAL F 109 -17.92 -42.55 55.03
CA VAL F 109 -19.00 -43.02 54.16
C VAL F 109 -20.34 -42.99 54.87
N THR F 110 -20.35 -43.42 56.13
CA THR F 110 -21.56 -43.45 56.95
C THR F 110 -21.26 -42.84 58.30
N TRP F 111 -22.30 -42.37 58.96
CA TRP F 111 -22.12 -41.65 60.22
C TRP F 111 -21.44 -42.49 61.29
N GLU F 112 -21.47 -43.82 61.16
CA GLU F 112 -20.71 -44.67 62.07
C GLU F 112 -19.24 -44.30 62.06
N ASP F 113 -18.75 -43.78 60.95
CA ASP F 113 -17.38 -43.35 60.76
C ASP F 113 -17.23 -41.93 61.26
N ALA F 114 -16.18 -41.23 60.84
CA ALA F 114 -15.77 -39.87 61.18
C ALA F 114 -14.98 -39.81 62.47
N GLU F 115 -14.71 -40.93 63.13
CA GLU F 115 -13.63 -41.00 64.10
C GLU F 115 -12.45 -41.78 63.55
N SER F 116 -12.71 -43.00 63.10
CA SER F 116 -11.68 -43.75 62.40
C SER F 116 -11.18 -42.98 61.18
N ALA F 117 -12.09 -42.33 60.46
CA ALA F 117 -11.70 -41.56 59.29
C ALA F 117 -10.72 -40.46 59.66
N ARG F 118 -11.07 -39.66 60.66
CA ARG F 118 -10.22 -38.55 61.07
C ARG F 118 -8.87 -39.06 61.55
N GLN F 119 -8.88 -40.10 62.37
CA GLN F 119 -7.63 -40.64 62.91
C GLN F 119 -6.71 -41.13 61.80
N ASN F 120 -7.25 -41.97 60.90
CA ASN F 120 -6.42 -42.53 59.84
C ASN F 120 -5.91 -41.44 58.91
N GLY F 121 -6.76 -40.49 58.56
CA GLY F 121 -6.31 -39.41 57.70
C GLY F 121 -5.16 -38.63 58.32
N LEU F 122 -5.29 -38.30 59.60
CA LEU F 122 -4.23 -37.55 60.26
C LEU F 122 -2.93 -38.34 60.29
N VAL F 123 -3.01 -39.63 60.64
CA VAL F 123 -1.80 -40.44 60.72
C VAL F 123 -1.12 -40.52 59.36
N LEU F 124 -1.89 -40.83 58.32
CA LEU F 124 -1.31 -40.99 57.00
C LEU F 124 -0.68 -39.69 56.51
N ASN F 125 -1.38 -38.57 56.69
CA ASN F 125 -0.83 -37.30 56.22
C ASN F 125 0.46 -36.96 56.94
N GLN F 126 0.51 -37.20 58.25
CA GLN F 126 1.74 -36.93 58.98
C GLN F 126 2.87 -37.82 58.48
N GLN F 127 2.57 -39.09 58.23
CA GLN F 127 3.61 -40.00 57.74
C GLN F 127 4.20 -39.48 56.44
N PHE F 128 3.35 -39.15 55.48
CA PHE F 128 3.86 -38.62 54.22
C PHE F 128 4.63 -37.33 54.41
N ASN F 129 4.13 -36.43 55.25
CA ASN F 129 4.79 -35.14 55.40
C ASN F 129 6.19 -35.29 55.97
N THR F 130 6.35 -36.14 56.98
CA THR F 130 7.62 -36.18 57.70
C THR F 130 8.53 -37.33 57.26
N LYS F 131 8.06 -38.57 57.37
CA LYS F 131 8.97 -39.70 57.24
C LYS F 131 9.49 -39.83 55.81
N LEU F 132 8.59 -39.80 54.83
CA LEU F 132 8.98 -39.89 53.43
C LEU F 132 9.28 -38.49 52.91
N ASN F 133 10.16 -38.42 51.92
CA ASN F 133 10.51 -37.13 51.34
C ASN F 133 9.31 -36.49 50.70
N LYS F 134 8.60 -37.24 49.86
CA LYS F 134 7.44 -36.83 49.10
C LYS F 134 7.83 -35.86 47.99
N GLN F 135 8.95 -35.19 48.15
CA GLN F 135 9.37 -34.22 47.14
C GLN F 135 10.18 -34.91 46.07
N ARG F 136 11.29 -35.54 46.47
CA ARG F 136 12.01 -36.42 45.57
C ARG F 136 11.09 -37.46 44.99
N PHE F 137 10.15 -37.96 45.81
CA PHE F 137 9.25 -39.01 45.33
C PHE F 137 8.39 -38.51 44.19
N ILE F 138 7.71 -37.38 44.37
CA ILE F 138 6.83 -36.88 43.32
C ILE F 138 7.64 -36.54 42.08
N ASP F 139 8.82 -35.94 42.27
CA ASP F 139 9.62 -35.56 41.11
C ASP F 139 10.02 -36.77 40.29
N GLU F 140 10.57 -37.80 40.93
CA GLU F 140 10.94 -39.00 40.20
C GLU F 140 9.74 -39.65 39.57
N TYR F 141 8.62 -39.70 40.32
CA TYR F 141 7.38 -40.25 39.80
C TYR F 141 7.03 -39.64 38.45
N VAL F 142 6.83 -38.32 38.42
CA VAL F 142 6.37 -37.69 37.20
C VAL F 142 7.41 -37.79 36.10
N ARG F 143 8.70 -37.67 36.45
CA ARG F 143 9.71 -37.67 35.41
C ARG F 143 9.81 -39.03 34.73
N ALA F 144 9.86 -40.09 35.52
CA ALA F 144 9.87 -41.43 34.93
C ALA F 144 8.64 -41.65 34.09
N GLY F 145 7.47 -41.23 34.59
CA GLY F 145 6.25 -41.42 33.82
C GLY F 145 6.30 -40.70 32.49
N VAL F 146 6.81 -39.48 32.47
CA VAL F 146 6.79 -38.69 31.25
C VAL F 146 7.74 -39.26 30.22
N ASP F 147 8.97 -39.58 30.63
CA ASP F 147 9.98 -39.92 29.63
C ASP F 147 10.28 -41.42 29.54
N GLU F 148 9.47 -42.28 30.15
CA GLU F 148 9.65 -43.71 29.97
C GLU F 148 8.38 -44.47 29.65
N GLY F 149 7.21 -43.89 29.87
CA GLY F 149 5.96 -44.53 29.51
C GLY F 149 5.32 -45.34 30.60
N THR F 150 6.07 -45.73 31.62
CA THR F 150 5.49 -46.53 32.68
C THR F 150 6.17 -46.21 34.00
N ILE F 151 5.42 -46.39 35.09
CA ILE F 151 5.95 -46.20 36.43
C ILE F 151 5.69 -47.48 37.20
N ILE F 152 6.73 -48.00 37.83
CA ILE F 152 6.61 -49.06 38.82
C ILE F 152 6.94 -48.45 40.16
N VAL F 153 6.19 -48.81 41.18
CA VAL F 153 6.41 -48.32 42.54
C VAL F 153 6.37 -49.50 43.49
N LYS F 154 7.36 -49.59 44.37
CA LYS F 154 7.46 -50.66 45.35
C LYS F 154 7.09 -50.12 46.71
N VAL F 155 6.18 -50.80 47.39
CA VAL F 155 5.69 -50.41 48.71
C VAL F 155 6.09 -51.47 49.70
N GLY F 156 6.72 -51.06 50.80
CA GLY F 156 7.18 -52.00 51.80
C GLY F 156 7.12 -51.39 53.18
N TRP F 157 7.55 -52.16 54.16
CA TRP F 157 7.57 -51.72 55.55
C TRP F 157 8.97 -51.87 56.12
N ASN F 158 9.38 -50.90 56.91
CA ASN F 158 10.69 -50.92 57.56
C ASN F 158 10.50 -51.00 59.06
N TYR F 159 11.31 -51.85 59.70
CA TYR F 159 11.16 -52.12 61.13
C TYR F 159 12.53 -52.49 61.69
N GLN F 160 13.19 -51.52 62.32
CA GLN F 160 14.52 -51.71 62.88
C GLN F 160 14.44 -51.63 64.40
N SER F 161 15.20 -52.49 65.08
CA SER F 161 15.11 -52.63 66.52
C SER F 161 16.42 -53.23 67.03
N ARG F 162 16.37 -53.83 68.22
CA ARG F 162 17.41 -54.55 68.96
C ARG F 162 18.28 -53.61 69.80
N THR F 163 18.06 -52.30 69.72
CA THR F 163 18.93 -51.39 70.47
C THR F 163 18.57 -51.46 71.94
N VAL F 164 19.20 -52.38 72.67
CA VAL F 164 18.77 -52.68 74.03
C VAL F 164 19.15 -51.54 74.97
N LYS F 165 18.33 -51.32 76.00
CA LYS F 165 18.63 -50.39 77.08
C LYS F 165 18.69 -51.16 78.39
N GLU F 166 19.05 -50.46 79.46
CA GLU F 166 19.40 -51.13 80.71
C GLU F 166 18.94 -50.30 81.91
N GLN F 167 19.33 -50.78 83.10
CA GLN F 167 19.22 -50.07 84.38
C GLN F 167 17.77 -49.73 84.74
N VAL F 168 17.01 -50.79 84.99
CA VAL F 168 15.68 -50.63 85.60
C VAL F 168 15.85 -50.33 87.08
N VAL F 169 14.78 -49.82 87.70
CA VAL F 169 14.77 -49.57 89.14
C VAL F 169 13.61 -50.31 89.78
N THR F 170 13.48 -50.18 91.10
CA THR F 170 12.43 -50.85 91.85
C THR F 170 11.84 -49.91 92.88
N TYR F 171 10.52 -49.95 93.03
CA TYR F 171 9.81 -49.12 94.00
C TYR F 171 9.13 -50.02 95.01
N GLU F 172 9.34 -49.74 96.29
CA GLU F 172 8.64 -50.45 97.36
C GLU F 172 7.31 -49.79 97.64
N MET F 173 6.31 -50.60 97.98
CA MET F 173 5.00 -50.07 98.29
C MET F 173 5.01 -49.42 99.67
N MET F 174 4.11 -48.46 99.88
CA MET F 174 4.06 -47.80 101.18
C MET F 174 2.64 -47.29 101.43
N PRO F 175 2.06 -47.58 102.59
CA PRO F 175 0.67 -47.21 102.84
C PRO F 175 0.45 -45.80 103.37
N ASP F 176 1.39 -44.89 103.14
CA ASP F 176 1.23 -43.52 103.57
C ASP F 176 0.31 -42.77 102.61
N SER F 177 -0.78 -42.20 103.15
CA SER F 177 -1.71 -41.41 102.36
C SER F 177 -1.85 -40.03 103.00
N SER F 178 -1.97 -39.02 102.16
CA SER F 178 -2.06 -37.63 102.63
C SER F 178 -2.91 -36.84 101.64
N GLU F 179 -2.83 -35.52 101.72
CA GLU F 179 -3.64 -34.63 100.90
C GLU F 179 -2.95 -34.27 99.59
N GLU F 180 -1.65 -34.03 99.64
CA GLU F 180 -0.89 -33.70 98.44
C GLU F 180 -0.90 -34.87 97.47
N LEU F 181 -0.81 -36.09 97.98
CA LEU F 181 -0.90 -37.26 97.12
C LEU F 181 -2.25 -37.30 96.41
N ALA F 182 -3.33 -36.99 97.13
CA ALA F 182 -4.64 -36.97 96.50
C ALA F 182 -4.71 -35.92 95.40
N GLN F 183 -4.18 -34.72 95.66
CA GLN F 183 -4.18 -33.69 94.63
C GLN F 183 -3.41 -34.12 93.40
N ILE F 184 -2.18 -34.62 93.61
CA ILE F 184 -1.34 -34.99 92.49
C ILE F 184 -1.97 -36.12 91.70
N TYR F 185 -2.55 -37.09 92.40
CA TYR F 185 -3.18 -38.22 91.72
C TYR F 185 -4.41 -37.77 90.94
N GLN F 186 -5.18 -36.83 91.49
CA GLN F 186 -6.31 -36.29 90.74
C GLN F 186 -5.84 -35.60 89.47
N THR F 187 -4.78 -34.79 89.57
CA THR F 187 -4.27 -34.11 88.39
C THR F 187 -3.77 -35.11 87.35
N ALA F 188 -3.05 -36.13 87.80
CA ALA F 188 -2.55 -37.14 86.87
C ALA F 188 -3.68 -37.89 86.20
N ALA F 189 -4.75 -38.20 86.95
CA ALA F 189 -5.90 -38.84 86.34
C ALA F 189 -6.53 -37.94 85.29
N GLN F 190 -6.62 -36.64 85.58
CA GLN F 190 -7.15 -35.71 84.60
C GLN F 190 -6.31 -35.69 83.34
N ILE F 191 -4.99 -35.71 83.50
CA ILE F 191 -4.09 -35.74 82.35
C ILE F 191 -4.30 -37.01 81.55
N ARG F 192 -4.28 -38.15 82.22
CA ARG F 192 -4.48 -39.42 81.52
C ARG F 192 -5.84 -39.45 80.82
N GLU F 193 -6.81 -38.70 81.33
CA GLU F 193 -8.11 -38.66 80.69
C GLU F 193 -8.09 -37.82 79.43
N GLU F 194 -7.63 -36.57 79.52
CA GLU F 194 -7.87 -35.65 78.41
C GLU F 194 -6.68 -35.45 77.49
N SER F 195 -5.46 -35.77 77.92
CA SER F 195 -4.26 -35.64 77.08
C SER F 195 -3.45 -36.92 77.18
N PRO F 196 -3.94 -38.02 76.61
CA PRO F 196 -3.25 -39.30 76.76
C PRO F 196 -1.84 -39.28 76.21
N SER F 197 -1.53 -38.38 75.27
CA SER F 197 -0.19 -38.32 74.72
C SER F 197 0.83 -37.98 75.79
N GLU F 198 0.50 -37.06 76.69
CA GLU F 198 1.44 -36.61 77.71
C GLU F 198 1.51 -37.54 78.91
N TYR F 199 0.59 -38.49 79.03
CA TYR F 199 0.56 -39.32 80.22
C TYR F 199 1.84 -40.12 80.44
N PRO F 200 2.43 -40.76 79.44
CA PRO F 200 3.68 -41.49 79.71
C PRO F 200 4.82 -40.60 80.15
N GLU F 201 4.75 -39.30 79.90
CA GLU F 201 5.85 -38.42 80.28
C GLU F 201 5.84 -38.04 81.75
N ILE F 202 4.80 -38.38 82.49
CA ILE F 202 4.76 -38.09 83.92
C ILE F 202 5.72 -39.06 84.62
N PRO F 203 6.22 -38.73 85.81
CA PRO F 203 7.21 -39.59 86.46
C PRO F 203 6.67 -41.00 86.74
N GLU F 204 7.59 -41.96 86.64
CA GLU F 204 7.21 -43.36 86.74
C GLU F 204 6.66 -43.70 88.13
N ASP F 205 7.29 -43.17 89.18
CA ASP F 205 6.85 -43.47 90.53
C ASP F 205 5.42 -43.00 90.76
N VAL F 206 5.14 -41.74 90.45
CA VAL F 206 3.81 -41.21 90.66
C VAL F 206 2.80 -41.93 89.78
N ARG F 207 3.21 -42.30 88.56
CA ARG F 207 2.32 -43.04 87.68
C ARG F 207 1.90 -44.36 88.32
N LEU F 208 2.89 -45.15 88.75
CA LEU F 208 2.57 -46.48 89.25
C LEU F 208 1.83 -46.40 90.57
N GLY F 209 2.17 -45.42 91.41
CA GLY F 209 1.36 -45.17 92.59
C GLY F 209 -0.06 -44.79 92.23
N LEU F 210 -0.25 -44.10 91.10
CA LEU F 210 -1.58 -43.74 90.68
C LEU F 210 -2.41 -44.98 90.35
N GLU F 211 -1.86 -45.91 89.58
CA GLU F 211 -2.71 -47.08 89.32
C GLU F 211 -2.87 -47.94 90.57
N GLU F 212 -1.89 -47.89 91.48
CA GLU F 212 -2.10 -48.56 92.76
C GLU F 212 -3.25 -47.93 93.53
N THR F 213 -3.46 -46.63 93.35
CA THR F 213 -4.50 -45.92 94.07
C THR F 213 -5.90 -46.41 93.70
N GLU F 214 -6.06 -47.06 92.55
CA GLU F 214 -7.29 -47.77 92.27
C GLU F 214 -7.16 -49.27 92.44
N ALA F 215 -5.93 -49.78 92.47
CA ALA F 215 -5.74 -51.18 92.86
C ALA F 215 -6.20 -51.42 94.29
N ASN F 216 -6.10 -50.42 95.14
CA ASN F 216 -6.55 -50.49 96.53
C ASN F 216 -6.81 -49.07 97.01
N GLY F 217 -6.86 -48.87 98.32
CA GLY F 217 -7.07 -47.54 98.87
C GLY F 217 -5.94 -46.58 98.52
N ILE F 218 -6.14 -45.32 98.91
CA ILE F 218 -5.25 -44.22 98.55
C ILE F 218 -3.95 -44.30 99.34
N GLN F 219 -3.85 -45.30 100.21
CA GLN F 219 -2.67 -45.42 101.06
C GLN F 219 -1.39 -45.54 100.24
N VAL F 220 -1.49 -46.04 99.01
CA VAL F 220 -0.30 -46.33 98.22
C VAL F 220 0.56 -45.09 98.06
N ARG F 221 1.88 -45.27 98.24
CA ARG F 221 2.81 -44.18 97.99
C ARG F 221 4.06 -44.58 97.20
N ALA F 222 4.44 -45.85 97.18
CA ALA F 222 5.44 -46.38 96.23
C ALA F 222 6.80 -45.71 96.40
N VAL F 223 7.41 -45.96 97.56
CA VAL F 223 8.77 -45.48 97.82
C VAL F 223 9.76 -46.26 96.96
N PRO F 224 10.78 -45.62 96.40
CA PRO F 224 11.74 -46.35 95.56
C PRO F 224 12.68 -47.22 96.38
N VAL F 225 13.27 -48.21 95.69
CA VAL F 225 14.32 -49.04 96.27
C VAL F 225 15.55 -49.06 95.38
N GLY F 226 15.39 -49.50 94.14
CA GLY F 226 16.49 -49.55 93.20
C GLY F 226 16.86 -50.97 92.81
N SER F 227 17.33 -51.13 91.58
CA SER F 227 17.71 -52.42 91.01
C SER F 227 18.49 -52.16 89.74
N GLU F 228 18.72 -53.21 88.95
CA GLU F 228 19.35 -53.07 87.65
C GLU F 228 19.02 -54.31 86.81
N GLU F 229 18.79 -54.10 85.51
CA GLU F 229 18.47 -55.19 84.60
C GLU F 229 18.56 -54.68 83.16
N GLU F 230 18.78 -55.59 82.23
CA GLU F 230 19.10 -55.27 80.84
C GLU F 230 18.16 -56.01 79.90
N GLU F 231 17.15 -55.32 79.40
CA GLU F 231 16.11 -55.89 78.54
C GLU F 231 15.48 -54.76 77.72
N ARG F 232 14.27 -55.02 77.21
CA ARG F 232 13.37 -54.04 76.59
C ARG F 232 14.04 -53.33 75.41
N GLU F 233 14.25 -54.13 74.36
CA GLU F 233 14.72 -53.59 73.09
C GLU F 233 13.78 -52.49 72.60
N GLU F 234 14.36 -51.43 72.06
CA GLU F 234 13.61 -50.30 71.54
C GLU F 234 13.47 -50.40 70.03
N THR F 235 12.30 -50.00 69.54
CA THR F 235 12.03 -49.94 68.10
C THR F 235 12.60 -48.62 67.60
N VAL F 236 13.81 -48.67 67.07
CA VAL F 236 14.42 -47.46 66.54
C VAL F 236 13.71 -47.01 65.27
N GLU F 237 13.17 -47.93 64.50
CA GLU F 237 12.49 -47.58 63.25
C GLU F 237 11.28 -48.46 63.05
N ASN F 238 10.14 -47.84 62.74
CA ASN F 238 8.92 -48.58 62.45
C ASN F 238 8.03 -47.68 61.60
N HIS F 239 8.00 -47.95 60.29
CA HIS F 239 7.26 -47.06 59.40
C HIS F 239 7.11 -47.70 58.02
N PRO F 240 6.36 -47.08 57.11
CA PRO F 240 6.32 -47.57 55.73
C PRO F 240 7.47 -47.01 54.90
N THR F 241 7.61 -47.56 53.69
CA THR F 241 8.65 -47.16 52.76
C THR F 241 8.09 -47.29 51.35
N VAL F 242 8.51 -46.37 50.49
CA VAL F 242 8.05 -46.35 49.10
C VAL F 242 9.21 -45.94 48.20
N GLN F 243 9.61 -46.85 47.32
CA GLN F 243 10.70 -46.60 46.38
C GLN F 243 10.13 -46.66 44.99
N VAL F 244 10.76 -46.00 44.01
CA VAL F 244 10.07 -45.98 42.75
C VAL F 244 10.33 -47.28 42.00
N CYS F 245 11.45 -47.35 41.26
CA CYS F 245 12.26 -48.50 40.89
C CYS F 245 13.11 -48.09 39.69
N ASP F 246 13.98 -48.99 39.23
CA ASP F 246 14.51 -48.88 37.89
C ASP F 246 13.80 -49.89 37.00
N TYR F 247 13.62 -49.53 35.74
CA TYR F 247 12.88 -50.39 34.82
C TYR F 247 13.75 -51.48 34.21
N ASN F 248 15.04 -51.53 34.53
CA ASN F 248 15.91 -52.56 33.99
C ASN F 248 16.03 -53.78 34.90
N ASN F 249 15.52 -53.71 36.13
CA ASN F 249 15.74 -54.78 37.10
C ASN F 249 14.45 -55.45 37.52
N ILE F 250 13.39 -55.32 36.73
CA ILE F 250 12.07 -55.81 37.08
C ILE F 250 11.52 -56.61 35.92
N VAL F 251 10.99 -57.79 36.21
CA VAL F 251 10.44 -58.68 35.21
C VAL F 251 9.08 -59.17 35.68
N ILE F 252 8.08 -59.10 34.81
CA ILE F 252 6.72 -59.43 35.18
C ILE F 252 6.23 -60.56 34.31
N ASP F 253 5.22 -61.29 34.80
CA ASP F 253 4.51 -62.23 33.97
C ASP F 253 3.98 -61.52 32.73
N PRO F 254 4.30 -61.99 31.53
CA PRO F 254 3.81 -61.34 30.31
C PRO F 254 2.47 -61.88 29.81
N SER F 255 1.89 -62.88 30.46
CA SER F 255 0.62 -63.43 30.03
C SER F 255 -0.57 -62.73 30.64
N CYS F 256 -0.35 -61.72 31.47
CA CYS F 256 -1.43 -61.08 32.21
C CYS F 256 -2.30 -60.20 31.34
N GLY F 257 -1.94 -59.97 30.08
CA GLY F 257 -2.64 -58.96 29.32
C GLY F 257 -2.29 -57.62 29.90
N SER F 258 -3.29 -56.80 30.21
CA SER F 258 -3.08 -55.57 30.96
C SER F 258 -4.08 -55.53 32.11
N ASP F 259 -3.78 -56.26 33.18
CA ASP F 259 -4.53 -56.14 34.42
C ASP F 259 -3.62 -55.84 35.60
N PHE F 260 -2.57 -56.65 35.72
CA PHE F 260 -1.68 -56.69 36.87
C PHE F 260 -2.38 -57.22 38.11
N SER F 261 -3.70 -57.42 38.03
CA SER F 261 -4.39 -58.16 39.07
C SER F 261 -4.42 -59.64 38.79
N LYS F 262 -3.96 -60.05 37.61
CA LYS F 262 -3.90 -61.45 37.24
C LYS F 262 -2.48 -61.90 36.92
N ALA F 263 -1.50 -61.01 37.00
CA ALA F 263 -0.12 -61.42 36.83
C ALA F 263 0.26 -62.41 37.91
N LYS F 264 0.99 -63.46 37.52
CA LYS F 264 1.25 -64.56 38.43
C LYS F 264 2.60 -64.49 39.11
N PHE F 265 3.52 -63.65 38.63
CA PHE F 265 4.79 -63.54 39.31
C PHE F 265 5.52 -62.28 38.88
N LEU F 266 6.28 -61.73 39.81
CA LEU F 266 7.13 -60.58 39.56
C LEU F 266 8.48 -60.81 40.23
N ILE F 267 9.55 -60.48 39.51
CA ILE F 267 10.91 -60.71 39.97
C ILE F 267 11.66 -59.39 39.93
N GLU F 268 12.34 -59.06 41.03
CA GLU F 268 13.11 -57.84 41.10
C GLU F 268 14.52 -58.15 41.56
N THR F 269 15.51 -57.51 40.93
CA THR F 269 16.90 -57.65 41.33
C THR F 269 17.39 -56.32 41.89
N PHE F 270 17.97 -56.36 43.08
CA PHE F 270 18.51 -55.13 43.66
C PHE F 270 19.84 -55.44 44.31
N GLU F 271 20.40 -54.45 44.99
CA GLU F 271 21.74 -54.54 45.53
C GLU F 271 21.74 -54.16 47.01
N SER F 272 22.51 -54.89 47.81
CA SER F 272 22.55 -54.66 49.24
C SER F 272 23.88 -55.15 49.78
N SER F 273 23.99 -55.25 51.10
CA SER F 273 25.23 -55.63 51.75
C SER F 273 24.93 -56.56 52.91
N TYR F 274 25.97 -57.28 53.34
CA TYR F 274 25.80 -58.26 54.40
C TYR F 274 25.34 -57.62 55.69
N ALA F 275 25.92 -56.48 56.04
CA ALA F 275 25.52 -55.81 57.27
C ALA F 275 24.07 -55.38 57.23
N GLU F 276 23.63 -54.84 56.10
CA GLU F 276 22.24 -54.42 55.97
C GLU F 276 21.30 -55.60 56.06
N LEU F 277 21.64 -56.70 55.40
CA LEU F 277 20.80 -57.89 55.47
C LEU F 277 20.70 -58.39 56.90
N LYS F 278 21.82 -58.42 57.62
CA LYS F 278 21.78 -58.87 59.00
C LYS F 278 20.94 -57.93 59.86
N ALA F 279 21.08 -56.63 59.63
CA ALA F 279 20.30 -55.67 60.42
C ALA F 279 18.82 -55.84 60.20
N ASP F 280 18.41 -56.06 58.96
CA ASP F 280 16.99 -56.34 58.68
C ASP F 280 16.72 -57.79 59.05
N GLY F 281 16.13 -58.00 60.22
CA GLY F 281 15.98 -59.35 60.74
C GLY F 281 14.89 -60.15 60.04
N ARG F 282 15.10 -60.49 58.78
CA ARG F 282 14.10 -61.25 58.03
C ARG F 282 14.74 -62.30 57.15
N TYR F 283 15.88 -62.86 57.55
CA TYR F 283 16.61 -63.75 56.67
C TYR F 283 17.27 -64.86 57.49
N LYS F 284 17.62 -65.93 56.78
CA LYS F 284 18.29 -67.08 57.37
C LYS F 284 19.44 -67.47 56.47
N ASN F 285 20.27 -68.40 56.96
CA ASN F 285 21.42 -68.93 56.23
C ASN F 285 22.40 -67.83 55.84
N LEU F 286 22.43 -66.73 56.59
CA LEU F 286 23.25 -65.60 56.22
C LEU F 286 24.74 -65.91 56.22
N ASP F 287 25.14 -67.02 56.86
CA ASP F 287 26.55 -67.32 57.02
C ASP F 287 27.11 -68.16 55.89
N LYS F 288 26.32 -68.46 54.87
CA LYS F 288 26.77 -69.28 53.75
C LYS F 288 26.69 -68.49 52.45
N ILE F 289 27.09 -67.23 52.48
CA ILE F 289 26.94 -66.36 51.34
C ILE F 289 28.21 -66.32 50.49
N GLN F 290 29.38 -66.38 51.12
CA GLN F 290 30.66 -66.26 50.43
C GLN F 290 30.77 -64.92 49.70
N VAL F 291 30.82 -63.87 50.51
CA VAL F 291 30.78 -62.49 50.03
C VAL F 291 32.02 -62.15 49.22
N GLU F 292 32.98 -63.09 49.14
CA GLU F 292 34.16 -62.92 48.31
C GLU F 292 33.91 -63.38 46.88
N GLY F 293 32.66 -63.37 46.44
CA GLY F 293 32.25 -63.90 45.16
C GLY F 293 31.88 -62.84 44.15
N GLN F 294 30.57 -62.55 44.08
CA GLN F 294 29.94 -61.87 42.96
C GLN F 294 30.79 -60.77 42.32
N ASN F 295 31.39 -59.91 43.13
CA ASN F 295 32.14 -58.75 42.65
C ASN F 295 31.29 -57.84 41.78
N LEU F 296 29.96 -57.99 41.86
CA LEU F 296 29.03 -57.17 41.08
C LEU F 296 29.33 -57.26 39.58
N LEU F 297 29.73 -58.44 39.13
CA LEU F 297 30.05 -58.66 37.71
C LEU F 297 29.28 -59.88 37.24
N SER F 298 28.04 -59.65 36.82
CA SER F 298 27.20 -60.68 36.23
C SER F 298 26.22 -60.01 35.27
N GLU F 299 25.75 -60.78 34.30
CA GLU F 299 24.97 -60.19 33.20
C GLU F 299 23.65 -59.60 33.68
N PRO F 300 22.70 -60.37 34.23
CA PRO F 300 21.39 -59.81 34.55
C PRO F 300 21.38 -58.94 35.80
N ASP F 301 22.56 -58.61 36.31
CA ASP F 301 22.69 -58.07 37.64
C ASP F 301 22.11 -56.67 37.73
N TYR F 302 22.23 -56.09 38.93
CA TYR F 302 21.82 -54.73 39.19
C TYR F 302 22.52 -53.82 38.20
N THR F 303 21.76 -53.17 37.33
CA THR F 303 22.35 -52.17 36.45
C THR F 303 22.61 -50.91 37.26
N GLY F 304 23.88 -50.61 37.50
CA GLY F 304 24.26 -49.57 38.42
C GLY F 304 23.81 -48.19 37.97
N PRO F 305 23.97 -47.21 38.84
CA PRO F 305 23.54 -45.85 38.48
C PRO F 305 24.22 -45.32 37.23
N SER F 306 25.49 -45.65 37.04
CA SER F 306 26.24 -45.20 35.87
C SER F 306 27.19 -46.32 35.46
N GLU F 307 28.14 -46.00 34.59
CA GLU F 307 29.14 -46.97 34.19
C GLU F 307 30.37 -46.92 35.08
N GLY F 308 30.78 -45.73 35.53
CA GLY F 308 31.97 -45.64 36.35
C GLY F 308 31.81 -46.37 37.67
N VAL F 309 30.62 -46.33 38.26
CA VAL F 309 30.38 -46.93 39.56
C VAL F 309 30.55 -48.45 39.54
N ARG F 310 30.60 -49.06 38.37
CA ARG F 310 30.81 -50.50 38.30
C ARG F 310 32.15 -50.92 38.87
N ASN F 311 33.12 -50.01 38.90
CA ASN F 311 34.46 -50.33 39.39
C ASN F 311 34.65 -50.02 40.86
N PHE F 312 33.60 -49.60 41.56
CA PHE F 312 33.71 -49.20 42.95
C PHE F 312 33.37 -50.35 43.87
N ASP F 313 34.09 -50.46 44.99
CA ASP F 313 33.83 -51.49 45.97
C ASP F 313 34.45 -51.08 47.29
N PHE F 314 34.15 -51.85 48.34
CA PHE F 314 34.49 -51.48 49.71
C PHE F 314 35.57 -52.33 50.34
N GLN F 315 35.71 -53.59 49.91
CA GLN F 315 36.72 -54.52 50.41
C GLN F 315 36.76 -54.57 51.94
N ASP F 316 35.58 -54.66 52.55
CA ASP F 316 35.47 -54.73 54.00
C ASP F 316 34.77 -55.98 54.52
N LYS F 317 34.10 -56.73 53.66
CA LYS F 317 33.41 -57.98 54.00
C LYS F 317 32.16 -57.70 54.83
N SER F 318 31.98 -56.46 55.24
CA SER F 318 30.76 -56.04 55.91
C SER F 318 29.97 -55.03 55.11
N ARG F 319 30.62 -54.33 54.19
CA ARG F 319 29.95 -53.38 53.32
C ARG F 319 30.13 -53.73 51.86
N LYS F 320 30.67 -54.90 51.55
CA LYS F 320 30.81 -55.32 50.17
C LYS F 320 29.44 -55.46 49.53
N ARG F 321 29.35 -55.09 48.26
CA ARG F 321 28.06 -55.03 47.56
C ARG F 321 27.69 -56.40 47.01
N LEU F 322 26.41 -56.75 47.13
CA LEU F 322 25.88 -58.01 46.64
C LEU F 322 24.69 -57.75 45.75
N VAL F 323 24.24 -58.81 45.08
CA VAL F 323 23.06 -58.77 44.21
C VAL F 323 22.05 -59.76 44.74
N VAL F 324 20.82 -59.30 44.93
CA VAL F 324 19.76 -60.10 45.54
C VAL F 324 18.58 -60.18 44.60
N HIS F 325 18.02 -61.38 44.44
CA HIS F 325 16.84 -61.59 43.64
C HIS F 325 15.65 -61.86 44.54
N GLU F 326 14.52 -61.24 44.21
CA GLU F 326 13.26 -61.44 44.91
C GLU F 326 12.21 -61.90 43.92
N TYR F 327 11.35 -62.81 44.36
CA TYR F 327 10.31 -63.40 43.54
C TYR F 327 9.02 -63.39 44.36
N TRP F 328 8.07 -62.55 43.97
CA TRP F 328 6.74 -62.57 44.56
C TRP F 328 5.81 -63.24 43.58
N GLY F 329 4.86 -64.03 44.09
CA GLY F 329 3.90 -64.59 43.17
C GLY F 329 3.04 -65.67 43.82
N TYR F 330 2.51 -66.54 42.98
CA TYR F 330 1.61 -67.59 43.38
C TYR F 330 2.23 -68.93 43.01
N TYR F 331 2.01 -69.93 43.84
CA TYR F 331 2.58 -71.23 43.57
C TYR F 331 1.74 -72.30 44.26
N ASP F 332 1.91 -73.54 43.80
CA ASP F 332 1.18 -74.67 44.34
C ASP F 332 2.05 -75.34 45.41
N ILE F 333 2.06 -74.73 46.59
CA ILE F 333 2.95 -75.19 47.66
C ILE F 333 2.63 -76.63 48.04
N HIS F 334 1.35 -76.96 48.17
CA HIS F 334 0.98 -78.34 48.38
C HIS F 334 0.68 -78.99 47.04
N GLY F 335 0.26 -80.24 47.07
CA GLY F 335 -0.13 -80.91 45.85
C GLY F 335 -1.57 -80.70 45.47
N ASP F 336 -2.31 -79.90 46.23
CA ASP F 336 -3.74 -79.74 46.02
C ASP F 336 -4.09 -79.04 44.72
N GLY F 337 -3.12 -78.45 44.03
CA GLY F 337 -3.46 -77.66 42.87
C GLY F 337 -4.22 -76.40 43.23
N VAL F 338 -3.88 -75.78 44.35
CA VAL F 338 -4.42 -74.49 44.75
C VAL F 338 -3.25 -73.55 44.99
N LEU F 339 -3.31 -72.37 44.41
CA LEU F 339 -2.20 -71.43 44.49
C LEU F 339 -2.25 -70.64 45.78
N HIS F 340 -1.07 -70.38 46.33
CA HIS F 340 -0.95 -69.55 47.52
C HIS F 340 0.03 -68.43 47.25
N PRO F 341 -0.14 -67.28 47.92
CA PRO F 341 0.78 -66.15 47.69
C PRO F 341 2.06 -66.32 48.50
N ILE F 342 3.19 -66.40 47.79
CA ILE F 342 4.47 -66.65 48.42
C ILE F 342 5.50 -65.64 47.93
N VAL F 343 6.59 -65.55 48.70
CA VAL F 343 7.74 -64.72 48.40
C VAL F 343 8.99 -65.54 48.65
N ALA F 344 9.95 -65.44 47.73
CA ALA F 344 11.20 -66.17 47.82
C ALA F 344 12.35 -65.26 47.44
N THR F 345 13.40 -65.26 48.25
CA THR F 345 14.51 -64.35 48.08
C THR F 345 15.81 -65.14 48.14
N TRP F 346 16.69 -64.91 47.17
CA TRP F 346 17.95 -65.64 47.14
C TRP F 346 19.06 -64.77 46.58
N VAL F 347 20.29 -65.14 46.94
CA VAL F 347 21.49 -64.47 46.47
C VAL F 347 22.46 -65.53 45.98
N GLY F 348 23.08 -65.28 44.83
CA GLY F 348 24.02 -66.23 44.27
C GLY F 348 23.37 -67.57 44.00
N ALA F 349 23.72 -68.57 44.80
CA ALA F 349 23.12 -69.89 44.71
C ALA F 349 22.52 -70.35 46.02
N VAL F 350 22.30 -69.43 46.96
CA VAL F 350 21.80 -69.77 48.28
C VAL F 350 20.43 -69.12 48.46
N MET F 351 19.47 -69.92 48.89
CA MET F 351 18.14 -69.42 49.18
C MET F 351 18.14 -68.80 50.57
N ILE F 352 17.72 -67.55 50.66
CA ILE F 352 17.78 -66.82 51.92
C ILE F 352 16.43 -66.69 52.60
N ARG F 353 15.34 -66.73 51.84
CA ARG F 353 14.04 -66.52 52.45
C ARG F 353 12.97 -67.20 51.62
N MET F 354 12.07 -67.92 52.29
CA MET F 354 10.90 -68.48 51.63
C MET F 354 9.73 -68.41 52.59
N GLU F 355 8.64 -67.78 52.17
CA GLU F 355 7.56 -67.53 53.10
C GLU F 355 6.28 -67.27 52.33
N GLU F 356 5.16 -67.34 53.03
CA GLU F 356 3.92 -66.85 52.45
C GLU F 356 3.88 -65.32 52.56
N ASN F 357 3.02 -64.72 51.75
CA ASN F 357 2.96 -63.27 51.69
C ASN F 357 2.58 -62.70 53.04
N PRO F 358 3.39 -61.82 53.63
CA PRO F 358 3.13 -61.33 54.99
C PRO F 358 2.31 -60.06 55.08
N PHE F 359 1.98 -59.42 53.97
CA PHE F 359 1.24 -58.18 54.07
C PHE F 359 -0.24 -58.47 54.34
N PRO F 360 -0.95 -57.52 54.95
CA PRO F 360 -2.36 -57.77 55.30
C PRO F 360 -3.21 -58.11 54.10
N ASP F 361 -2.93 -57.51 52.95
CA ASP F 361 -3.61 -57.85 51.71
C ASP F 361 -2.70 -58.77 50.91
N LYS F 362 -3.14 -60.00 50.67
CA LYS F 362 -2.27 -60.98 50.08
C LYS F 362 -2.06 -60.70 48.60
N LYS F 363 -1.38 -59.60 48.28
CA LYS F 363 -1.11 -59.22 46.91
C LYS F 363 0.35 -58.83 46.77
N ILE F 364 0.76 -58.59 45.55
CA ILE F 364 2.14 -58.17 45.29
C ILE F 364 2.31 -56.71 45.68
N PRO F 365 3.29 -56.36 46.47
CA PRO F 365 3.44 -54.99 46.96
C PRO F 365 4.02 -54.01 45.93
N TYR F 366 3.46 -54.02 44.73
CA TYR F 366 3.90 -53.14 43.67
C TYR F 366 2.69 -52.49 43.02
N VAL F 367 2.92 -51.34 42.41
CA VAL F 367 1.89 -50.61 41.69
C VAL F 367 2.46 -50.17 40.36
N VAL F 368 1.74 -50.46 39.28
CA VAL F 368 2.19 -50.15 37.93
C VAL F 368 1.19 -49.21 37.28
N VAL F 369 1.69 -48.10 36.73
CA VAL F 369 0.86 -47.10 36.08
C VAL F 369 1.41 -46.84 34.70
N SER F 370 0.54 -46.84 33.70
CA SER F 370 0.94 -46.61 32.32
C SER F 370 0.59 -45.19 31.91
N TYR F 371 1.58 -44.46 31.41
CA TYR F 371 1.38 -43.06 31.03
C TYR F 371 0.36 -42.94 29.91
N ILE F 372 0.68 -43.48 28.74
CA ILE F 372 -0.23 -43.53 27.60
C ILE F 372 -0.57 -44.99 27.34
N PRO F 373 -1.84 -45.38 27.40
CA PRO F 373 -2.17 -46.80 27.33
C PRO F 373 -1.90 -47.39 25.96
N ARG F 374 -1.67 -48.69 25.93
CA ARG F 374 -1.56 -49.47 24.72
C ARG F 374 -2.52 -50.64 24.79
N LYS F 375 -2.90 -51.16 23.62
CA LYS F 375 -3.91 -52.20 23.56
C LYS F 375 -3.39 -53.47 24.21
N ARG F 376 -3.94 -53.81 25.38
CA ARG F 376 -3.64 -55.05 26.08
C ARG F 376 -2.15 -55.19 26.35
N ASP F 377 -1.61 -54.25 27.12
CA ASP F 377 -0.21 -54.26 27.48
C ASP F 377 -0.02 -53.42 28.73
N LEU F 378 0.87 -53.86 29.61
CA LEU F 378 1.12 -53.13 30.84
C LEU F 378 1.91 -51.86 30.57
N TYR F 379 2.96 -51.95 29.78
CA TYR F 379 3.83 -50.81 29.54
C TYR F 379 3.13 -49.80 28.64
N GLY F 380 3.32 -48.53 28.93
CA GLY F 380 2.75 -47.46 28.14
C GLY F 380 3.69 -47.00 27.05
N GLU F 381 3.49 -45.77 26.60
CA GLU F 381 4.36 -45.14 25.64
C GLU F 381 4.86 -43.82 26.19
N SER F 382 6.12 -43.51 25.92
CA SER F 382 6.68 -42.24 26.37
C SER F 382 5.98 -41.09 25.68
N ASP F 383 6.14 -39.90 26.26
CA ASP F 383 5.48 -38.73 25.72
C ASP F 383 6.02 -38.39 24.33
N GLY F 384 7.34 -38.36 24.19
CA GLY F 384 7.95 -38.03 22.92
C GLY F 384 8.31 -39.22 22.07
N ALA F 385 7.38 -40.16 21.93
CA ALA F 385 7.62 -41.34 21.12
C ALA F 385 7.33 -41.11 19.65
N LEU F 386 6.77 -39.97 19.28
CA LEU F 386 6.39 -39.70 17.90
C LEU F 386 7.08 -38.47 17.33
N LEU F 387 8.01 -37.87 18.07
CA LEU F 387 8.66 -36.65 17.63
C LEU F 387 10.04 -36.90 17.05
N ILE F 388 10.43 -38.16 16.90
CA ILE F 388 11.79 -38.45 16.45
C ILE F 388 12.02 -37.89 15.05
N ASP F 389 11.06 -38.06 14.15
CA ASP F 389 11.20 -37.54 12.80
C ASP F 389 11.35 -36.03 12.81
N ASN F 390 10.53 -35.35 13.62
CA ASN F 390 10.60 -33.91 13.68
C ASN F 390 11.96 -33.45 14.20
N GLN F 391 12.46 -34.11 15.23
CA GLN F 391 13.77 -33.74 15.75
C GLN F 391 14.85 -33.92 14.70
N ARG F 392 14.81 -35.04 13.99
CA ARG F 392 15.81 -35.29 12.96
C ARG F 392 15.75 -34.24 11.86
N ILE F 393 14.55 -33.91 11.40
CA ILE F 393 14.43 -32.95 10.32
C ILE F 393 14.91 -31.58 10.75
N ILE F 394 14.54 -31.15 11.95
CA ILE F 394 14.96 -29.84 12.42
C ILE F 394 16.48 -29.80 12.54
N GLY F 395 17.07 -30.85 13.08
CA GLY F 395 18.52 -30.89 13.17
C GLY F 395 19.17 -30.80 11.80
N ALA F 396 18.64 -31.53 10.83
CA ALA F 396 19.23 -31.52 9.50
C ALA F 396 19.17 -30.13 8.89
N VAL F 397 18.02 -29.48 8.99
CA VAL F 397 17.88 -28.16 8.38
C VAL F 397 18.82 -27.16 9.05
N THR F 398 18.89 -27.20 10.38
CA THR F 398 19.77 -26.27 11.07
C THR F 398 21.22 -26.50 10.68
N ARG F 399 21.65 -27.76 10.59
CA ARG F 399 23.01 -28.03 10.17
C ARG F 399 23.26 -27.51 8.76
N GLY F 400 22.28 -27.65 7.88
CA GLY F 400 22.45 -27.15 6.53
C GLY F 400 22.67 -25.65 6.50
N MET F 401 21.86 -24.92 7.28
CA MET F 401 22.01 -23.47 7.29
C MET F 401 23.35 -23.05 7.87
N ILE F 402 23.79 -23.72 8.94
CA ILE F 402 25.11 -23.44 9.50
C ILE F 402 26.18 -23.66 8.46
N ASP F 403 26.13 -24.79 7.75
CA ASP F 403 27.15 -25.08 6.75
C ASP F 403 27.18 -24.00 5.68
N THR F 404 26.00 -23.60 5.20
CA THR F 404 25.94 -22.58 4.17
C THR F 404 26.58 -21.29 4.64
N MET F 405 26.31 -20.88 5.87
CA MET F 405 26.87 -19.62 6.32
C MET F 405 28.35 -19.73 6.65
N ALA F 406 28.81 -20.91 7.05
CA ALA F 406 30.17 -21.03 7.55
C ALA F 406 31.19 -21.30 6.46
N ARG F 407 30.90 -22.22 5.55
CA ARG F 407 31.85 -22.52 4.49
C ARG F 407 31.93 -21.45 3.43
N SER F 408 31.33 -20.28 3.66
CA SER F 408 31.35 -19.22 2.67
C SER F 408 32.68 -18.50 2.74
N ALA F 409 32.79 -17.37 2.05
CA ALA F 409 34.03 -16.62 1.99
C ALA F 409 33.89 -15.24 2.62
N ASN F 410 33.07 -15.14 3.66
CA ASN F 410 32.85 -13.86 4.32
C ASN F 410 34.15 -13.33 4.90
N GLY F 411 34.38 -12.04 4.70
CA GLY F 411 35.52 -11.37 5.25
C GLY F 411 36.64 -11.10 4.28
N GLN F 412 36.76 -11.89 3.22
CA GLN F 412 37.83 -11.70 2.27
C GLN F 412 37.45 -10.67 1.22
N VAL F 413 38.45 -9.97 0.70
CA VAL F 413 38.26 -8.93 -0.30
C VAL F 413 39.10 -9.28 -1.52
N GLY F 414 38.51 -9.21 -2.69
CA GLY F 414 39.18 -9.56 -3.93
C GLY F 414 39.29 -8.34 -4.84
N VAL F 415 40.43 -8.24 -5.54
CA VAL F 415 40.71 -7.09 -6.39
C VAL F 415 41.05 -7.60 -7.78
N MET F 416 40.48 -6.97 -8.79
CA MET F 416 40.81 -7.33 -10.17
C MET F 416 42.27 -7.05 -10.46
N LYS F 417 42.93 -8.01 -11.10
CA LYS F 417 44.31 -7.79 -11.51
C LYS F 417 44.37 -6.68 -12.53
N GLY F 418 45.42 -5.88 -12.44
CA GLY F 418 45.63 -4.82 -13.41
C GLY F 418 44.80 -3.57 -13.21
N ALA F 419 44.02 -3.49 -12.13
CA ALA F 419 43.29 -2.28 -11.83
C ALA F 419 44.12 -1.29 -11.03
N LEU F 420 45.05 -1.78 -10.22
CA LEU F 420 45.91 -0.93 -9.42
C LEU F 420 47.36 -1.31 -9.68
N ASP F 421 48.21 -0.30 -9.83
CA ASP F 421 49.65 -0.52 -9.95
C ASP F 421 50.20 -0.84 -8.56
N VAL F 422 51.52 -0.95 -8.44
CA VAL F 422 52.12 -1.33 -7.16
C VAL F 422 51.95 -0.22 -6.13
N THR F 423 52.27 1.01 -6.51
CA THR F 423 52.18 2.11 -5.55
C THR F 423 50.75 2.33 -5.11
N ASN F 424 49.81 2.34 -6.06
CA ASN F 424 48.42 2.55 -5.68
C ASN F 424 47.89 1.38 -4.87
N ARG F 425 48.35 0.16 -5.18
CA ARG F 425 47.97 -0.98 -4.36
C ARG F 425 48.43 -0.79 -2.93
N ARG F 426 49.66 -0.32 -2.75
CA ARG F 426 50.16 -0.10 -1.40
C ARG F 426 49.38 0.99 -0.69
N ARG F 427 49.05 2.07 -1.40
CA ARG F 427 48.25 3.12 -0.78
C ARG F 427 46.90 2.58 -0.36
N PHE F 428 46.24 1.82 -1.23
CA PHE F 428 44.93 1.28 -0.92
C PHE F 428 45.00 0.37 0.29
N ASP F 429 46.03 -0.47 0.39
CA ASP F 429 46.18 -1.30 1.57
C ASP F 429 46.43 -0.46 2.81
N ARG F 430 47.27 0.58 2.68
CA ARG F 430 47.59 1.41 3.85
C ARG F 430 46.34 2.07 4.39
N GLY F 431 45.46 2.54 3.52
CA GLY F 431 44.21 3.09 3.99
C GLY F 431 44.05 4.56 3.70
N GLU F 432 44.81 5.06 2.73
CA GLU F 432 44.72 6.45 2.32
C GLU F 432 44.12 6.52 0.92
N ASN F 433 44.00 7.72 0.40
CA ASN F 433 43.42 7.90 -0.92
C ASN F 433 44.35 7.32 -1.98
N TYR F 434 43.78 7.00 -3.13
CA TYR F 434 44.53 6.27 -4.15
C TYR F 434 44.00 6.66 -5.52
N GLU F 435 44.48 5.95 -6.54
CA GLU F 435 44.08 6.18 -7.92
C GLU F 435 44.01 4.85 -8.64
N PHE F 436 43.05 4.72 -9.55
CA PHE F 436 42.83 3.47 -10.25
C PHE F 436 42.84 3.70 -11.75
N ASN F 437 43.29 2.69 -12.48
CA ASN F 437 43.44 2.80 -13.92
C ASN F 437 42.07 2.95 -14.58
N PRO F 438 42.01 3.63 -15.72
CA PRO F 438 40.72 3.85 -16.37
C PRO F 438 40.12 2.56 -16.88
N GLY F 439 38.80 2.56 -17.00
CA GLY F 439 38.07 1.40 -17.46
C GLY F 439 37.74 0.38 -16.40
N ALA F 440 38.11 0.62 -15.15
CA ALA F 440 37.79 -0.30 -14.06
C ALA F 440 37.29 0.53 -12.88
N ASP F 441 35.99 0.79 -12.84
CA ASP F 441 35.43 1.52 -11.73
C ASP F 441 35.48 0.67 -10.46
N PRO F 442 35.74 1.27 -9.31
CA PRO F 442 35.92 0.47 -8.10
C PRO F 442 34.72 -0.39 -7.75
N ARG F 443 33.51 0.10 -8.01
CA ARG F 443 32.31 -0.63 -7.61
C ARG F 443 32.24 -2.00 -8.26
N ALA F 444 32.96 -2.22 -9.35
CA ALA F 444 33.10 -3.54 -9.93
C ALA F 444 34.50 -4.12 -9.78
N ALA F 445 35.52 -3.28 -9.60
CA ALA F 445 36.88 -3.78 -9.53
C ALA F 445 37.14 -4.44 -8.18
N VAL F 446 36.62 -3.89 -7.09
CA VAL F 446 36.81 -4.47 -5.78
C VAL F 446 35.52 -5.12 -5.35
N HIS F 447 35.63 -6.11 -4.48
CA HIS F 447 34.46 -6.83 -4.01
C HIS F 447 34.73 -7.39 -2.63
N MET F 448 33.78 -7.24 -1.73
CA MET F 448 33.92 -7.63 -0.34
C MET F 448 32.87 -8.70 -0.05
N HIS F 449 33.29 -9.94 0.04
CA HIS F 449 32.35 -11.04 0.21
C HIS F 449 31.63 -10.94 1.55
N THR F 450 30.38 -11.38 1.56
CA THR F 450 29.56 -11.39 2.75
C THR F 450 28.82 -12.71 2.83
N PHE F 451 28.01 -12.86 3.88
CA PHE F 451 27.23 -14.08 4.04
C PHE F 451 26.24 -14.22 2.89
N PRO F 452 26.01 -15.43 2.43
CA PRO F 452 25.00 -15.63 1.38
C PRO F 452 23.60 -15.42 1.90
N GLU F 453 22.60 -15.59 1.05
CA GLU F 453 21.22 -15.33 1.41
C GLU F 453 20.49 -16.64 1.67
N ILE F 454 19.89 -16.74 2.85
CA ILE F 454 19.09 -17.92 3.18
C ILE F 454 17.79 -17.88 2.40
N PRO F 455 17.41 -18.94 1.69
CA PRO F 455 16.15 -18.92 0.96
C PRO F 455 14.97 -18.98 1.91
N GLN F 456 13.83 -18.54 1.40
CA GLN F 456 12.63 -18.44 2.22
C GLN F 456 11.99 -19.75 2.50
N SER F 457 12.61 -20.90 2.26
CA SER F 457 11.95 -22.18 2.48
C SER F 457 12.36 -22.85 3.77
N ALA F 458 13.61 -22.66 4.21
CA ALA F 458 14.04 -23.28 5.46
C ALA F 458 13.23 -22.78 6.63
N GLN F 459 12.96 -21.47 6.66
CA GLN F 459 12.14 -20.92 7.73
C GLN F 459 10.78 -21.60 7.77
N TYR F 460 10.14 -21.73 6.62
CA TYR F 460 8.83 -22.35 6.56
C TYR F 460 8.90 -23.79 7.03
N MET F 461 9.93 -24.53 6.62
CA MET F 461 10.00 -25.92 7.00
C MET F 461 10.17 -26.09 8.51
N ILE F 462 11.02 -25.26 9.10
CA ILE F 462 11.19 -25.35 10.55
C ILE F 462 9.89 -25.02 11.26
N ASN F 463 9.20 -23.97 10.80
CA ASN F 463 7.93 -23.63 11.43
C ASN F 463 6.94 -24.77 11.34
N LEU F 464 6.88 -25.41 10.17
CA LEU F 464 5.95 -26.51 9.98
C LEU F 464 6.26 -27.65 10.93
N GLN F 465 7.53 -28.03 11.03
CA GLN F 465 7.89 -29.14 11.91
C GLN F 465 7.57 -28.83 13.36
N GLN F 466 7.90 -27.61 13.81
CA GLN F 466 7.63 -27.26 15.20
C GLN F 466 6.14 -27.25 15.49
N ALA F 467 5.35 -26.71 14.57
CA ALA F 467 3.90 -26.69 14.78
C ALA F 467 3.35 -28.11 14.85
N GLU F 468 3.85 -28.99 13.99
CA GLU F 468 3.38 -30.37 14.03
C GLU F 468 3.72 -31.03 15.36
N ALA F 469 4.93 -30.80 15.87
CA ALA F 469 5.30 -31.39 17.14
C ALA F 469 4.43 -30.88 18.27
N GLU F 470 4.16 -29.57 18.28
CA GLU F 470 3.31 -28.99 19.31
C GLU F 470 1.92 -29.57 19.26
N SER F 471 1.37 -29.72 18.05
CA SER F 471 0.05 -30.31 17.92
C SER F 471 0.03 -31.75 18.42
N MET F 472 1.07 -32.52 18.08
CA MET F 472 1.11 -33.91 18.51
C MET F 472 1.12 -34.02 20.02
N THR F 473 2.03 -33.32 20.69
CA THR F 473 2.15 -33.47 22.14
C THR F 473 0.96 -32.85 22.85
N GLY F 474 0.59 -31.64 22.48
CA GLY F 474 -0.48 -30.95 23.16
C GLY F 474 -0.04 -29.89 24.14
N VAL F 475 1.25 -29.61 24.23
CA VAL F 475 1.76 -28.55 25.10
C VAL F 475 2.46 -27.52 24.23
N LYS F 476 2.01 -26.27 24.34
CA LYS F 476 2.54 -25.20 23.50
C LYS F 476 3.90 -24.70 23.97
N ALA F 477 4.21 -24.87 25.25
CA ALA F 477 5.52 -24.58 25.80
C ALA F 477 5.91 -23.11 25.70
N PHE F 478 5.02 -22.28 25.18
CA PHE F 478 5.26 -20.85 24.99
C PHE F 478 6.66 -20.62 24.44
N ASN F 479 6.87 -21.16 23.26
CA ASN F 479 8.21 -21.34 22.70
C ASN F 479 8.17 -20.93 21.23
N ALA F 480 9.20 -21.33 20.49
CA ALA F 480 9.36 -20.92 19.10
C ALA F 480 9.32 -19.41 18.98
N GLY F 481 10.01 -18.75 19.91
CA GLY F 481 9.98 -17.32 20.04
C GLY F 481 10.34 -16.95 21.46
N ILE F 482 9.96 -15.72 21.84
CA ILE F 482 10.14 -15.30 23.23
C ILE F 482 9.34 -16.23 24.14
N SER F 483 9.95 -16.68 25.23
CA SER F 483 9.25 -17.53 26.18
C SER F 483 8.00 -16.84 26.70
N GLY F 484 8.06 -15.52 26.83
CA GLY F 484 6.86 -14.73 27.01
C GLY F 484 6.23 -14.39 25.67
N ALA F 485 5.71 -15.41 24.99
CA ALA F 485 5.18 -15.23 23.65
C ALA F 485 4.03 -14.24 23.64
N ALA F 486 3.82 -13.63 22.47
CA ALA F 486 2.82 -12.58 22.29
C ALA F 486 3.08 -11.40 23.24
N LEU F 487 4.23 -10.76 23.02
CA LEU F 487 4.62 -9.60 23.83
C LEU F 487 3.79 -8.37 23.48
N GLY F 488 2.49 -8.51 23.68
CA GLY F 488 1.53 -7.43 23.57
C GLY F 488 0.74 -7.45 22.29
N ASP F 489 -0.43 -8.10 22.35
CA ASP F 489 -1.52 -7.90 21.40
C ASP F 489 -2.88 -7.87 22.06
N THR F 490 -3.02 -8.44 23.27
CA THR F 490 -4.25 -8.45 24.03
C THR F 490 -3.87 -8.65 25.48
N ALA F 491 -4.66 -8.07 26.39
CA ALA F 491 -4.37 -8.18 27.82
C ALA F 491 -4.34 -9.64 28.26
N THR F 492 -5.27 -10.45 27.77
CA THR F 492 -5.27 -11.86 28.11
C THR F 492 -4.15 -12.62 27.41
N ALA F 493 -3.82 -12.24 26.18
CA ALA F 493 -2.82 -12.97 25.41
C ALA F 493 -1.41 -12.81 25.95
N VAL F 494 -1.18 -11.88 26.87
CA VAL F 494 0.11 -11.78 27.55
C VAL F 494 0.06 -12.41 28.94
N ARG F 495 -1.13 -12.60 29.52
CA ARG F 495 -1.22 -13.21 30.83
C ARG F 495 -0.79 -14.67 30.79
N GLY F 496 -1.07 -15.38 29.70
CA GLY F 496 -0.72 -16.78 29.61
C GLY F 496 0.77 -17.02 29.67
N ALA F 497 1.54 -16.18 29.00
CA ALA F 497 2.99 -16.37 28.94
C ALA F 497 3.61 -16.26 30.32
N LEU F 498 3.28 -15.19 31.05
CA LEU F 498 3.82 -15.01 32.39
C LEU F 498 3.34 -16.13 33.31
N ASP F 499 2.09 -16.58 33.12
CA ASP F 499 1.58 -17.69 33.91
C ASP F 499 2.41 -18.94 33.72
N ALA F 500 2.69 -19.30 32.46
CA ALA F 500 3.48 -20.50 32.20
C ALA F 500 4.89 -20.35 32.76
N ALA F 501 5.49 -19.18 32.58
CA ALA F 501 6.85 -18.99 33.10
C ALA F 501 6.88 -19.16 34.62
N SER F 502 5.93 -18.55 35.32
CA SER F 502 5.91 -18.67 36.78
C SER F 502 5.66 -20.11 37.19
N LYS F 503 4.75 -20.80 36.49
CA LYS F 503 4.47 -22.18 36.83
C LYS F 503 5.73 -23.04 36.66
N ARG F 504 6.54 -22.74 35.66
CA ARG F 504 7.78 -23.50 35.50
C ARG F 504 8.77 -23.17 36.62
N GLU F 505 8.86 -21.89 37.00
CA GLU F 505 9.78 -21.53 38.07
C GLU F 505 9.40 -22.18 39.39
N LEU F 506 8.11 -22.46 39.56
CA LEU F 506 7.62 -22.90 40.87
C LEU F 506 8.28 -24.20 41.31
N GLY F 507 8.56 -25.11 40.38
CA GLY F 507 9.17 -26.38 40.78
C GLY F 507 10.54 -26.20 41.39
N ILE F 508 11.38 -25.40 40.74
CA ILE F 508 12.70 -25.12 41.29
C ILE F 508 12.58 -24.44 42.63
N LEU F 509 11.64 -23.50 42.74
CA LEU F 509 11.44 -22.84 44.01
C LEU F 509 11.09 -23.85 45.10
N ARG F 510 10.26 -24.82 44.78
CA ARG F 510 9.85 -25.80 45.77
C ARG F 510 11.02 -26.68 46.20
N ARG F 511 11.86 -27.07 45.25
CA ARG F 511 13.03 -27.88 45.62
C ARG F 511 13.93 -27.13 46.58
N LEU F 512 14.21 -25.87 46.28
CA LEU F 512 15.07 -25.09 47.17
C LEU F 512 14.41 -24.92 48.54
N SER F 513 13.09 -24.72 48.55
CA SER F 513 12.38 -24.59 49.81
C SER F 513 12.51 -25.86 50.64
N ALA F 514 12.42 -27.02 49.99
CA ALA F 514 12.58 -28.27 50.73
C ALA F 514 13.96 -28.35 51.37
N GLY F 515 14.99 -27.96 50.63
CA GLY F 515 16.32 -27.94 51.22
C GLY F 515 16.39 -27.07 52.46
N ILE F 516 15.82 -25.87 52.37
CA ILE F 516 15.85 -24.95 53.51
C ILE F 516 15.12 -25.54 54.70
N ILE F 517 13.97 -26.17 54.45
CA ILE F 517 13.20 -26.79 55.53
C ILE F 517 14.05 -27.86 56.23
N GLU F 518 14.76 -28.67 55.46
CA GLU F 518 15.59 -29.69 56.06
C GLU F 518 16.66 -29.07 56.96
N ILE F 519 17.31 -28.01 56.47
CA ILE F 519 18.30 -27.34 57.30
C ILE F 519 17.67 -26.87 58.61
N GLY F 520 16.50 -26.27 58.51
CA GLY F 520 15.84 -25.77 59.71
C GLY F 520 15.52 -26.86 60.71
N ARG F 521 15.07 -28.01 60.22
CA ARG F 521 14.77 -29.10 61.13
C ARG F 521 16.02 -29.58 61.84
N LYS F 522 17.13 -29.69 61.12
CA LYS F 522 18.38 -30.06 61.79
C LYS F 522 18.75 -29.04 62.85
N ILE F 523 18.58 -27.75 62.55
CA ILE F 523 18.94 -26.72 63.52
C ILE F 523 18.08 -26.83 64.77
N ILE F 524 16.78 -27.09 64.59
CA ILE F 524 15.90 -27.24 65.73
C ILE F 524 16.37 -28.41 66.60
N ALA F 525 16.69 -29.53 65.94
CA ALA F 525 17.15 -30.70 66.69
C ALA F 525 18.39 -30.36 67.51
N MET F 526 19.32 -29.61 66.94
CA MET F 526 20.52 -29.28 67.71
C MET F 526 20.20 -28.31 68.83
N ASN F 527 19.32 -27.33 68.59
CA ASN F 527 18.92 -26.43 69.67
C ASN F 527 18.29 -27.18 70.82
N ALA F 528 17.67 -28.33 70.54
CA ALA F 528 16.92 -29.03 71.57
C ALA F 528 17.77 -29.31 72.80
N GLU F 529 19.00 -29.76 72.61
CA GLU F 529 19.79 -30.19 73.76
C GLU F 529 21.06 -29.37 73.99
N PHE F 530 21.70 -28.86 72.95
CA PHE F 530 22.94 -28.13 73.17
C PHE F 530 22.74 -26.80 73.88
N LEU F 531 21.52 -26.33 73.99
CA LEU F 531 21.23 -25.00 74.48
C LEU F 531 20.56 -25.08 75.85
N ASP F 532 20.78 -24.07 76.67
CA ASP F 532 20.36 -24.11 78.06
C ASP F 532 19.08 -23.33 78.29
N ASP F 533 18.36 -23.73 79.35
CA ASP F 533 17.07 -23.13 79.64
C ASP F 533 17.21 -21.65 79.96
N VAL F 534 18.26 -21.27 80.69
CA VAL F 534 18.45 -19.86 81.00
C VAL F 534 18.72 -19.08 79.72
N GLU F 535 19.45 -19.68 78.78
CA GLU F 535 19.70 -19.02 77.51
C GLU F 535 18.40 -18.82 76.73
N VAL F 536 17.53 -19.82 76.73
CA VAL F 536 16.27 -19.68 76.01
C VAL F 536 15.38 -18.65 76.69
N VAL F 537 15.39 -18.63 78.02
CA VAL F 537 14.58 -17.66 78.74
C VAL F 537 15.08 -16.25 78.46
N ARG F 538 16.39 -16.05 78.39
CA ARG F 538 16.92 -14.72 78.12
C ARG F 538 16.36 -14.15 76.83
N ILE F 539 16.02 -15.00 75.87
CA ILE F 539 15.44 -14.53 74.62
C ILE F 539 13.93 -14.40 74.73
N THR F 540 13.24 -15.45 75.16
CA THR F 540 11.78 -15.45 75.06
C THR F 540 11.12 -14.60 76.13
N ASN F 541 11.76 -14.41 77.27
CA ASN F 541 11.16 -13.74 78.42
C ASN F 541 9.86 -14.41 78.85
N GLU F 542 9.81 -15.73 78.73
CA GLU F 542 8.69 -16.51 79.22
C GLU F 542 9.23 -17.73 79.95
N HIS F 543 8.40 -18.32 80.79
CA HIS F 543 8.82 -19.47 81.55
C HIS F 543 9.19 -20.62 80.62
N PHE F 544 10.27 -21.31 80.95
CA PHE F 544 10.79 -22.34 80.08
C PHE F 544 9.77 -23.46 79.91
N VAL F 545 9.56 -23.86 78.66
CA VAL F 545 8.69 -24.99 78.35
C VAL F 545 9.54 -26.24 78.28
N ASP F 546 9.12 -27.29 78.97
CA ASP F 546 9.90 -28.51 79.00
C ASP F 546 10.01 -29.11 77.60
N ILE F 547 10.89 -30.09 77.48
CA ILE F 547 11.22 -30.70 76.20
C ILE F 547 10.86 -32.17 76.24
N ARG F 548 10.29 -32.66 75.15
CA ARG F 548 9.92 -34.07 75.04
C ARG F 548 11.13 -34.86 74.56
N ARG F 549 11.49 -35.90 75.30
CA ARG F 549 12.68 -36.67 74.98
C ARG F 549 12.46 -37.66 73.84
N ASP F 550 11.22 -37.96 73.50
CA ASP F 550 10.96 -38.91 72.42
C ASP F 550 11.54 -38.41 71.10
N ASP F 551 11.04 -37.28 70.63
CA ASP F 551 11.53 -36.63 69.44
C ASP F 551 12.15 -35.29 69.81
N LEU F 552 13.20 -34.89 69.10
CA LEU F 552 13.80 -33.60 69.32
C LEU F 552 13.65 -32.66 68.15
N ALA F 553 13.43 -33.19 66.94
CA ALA F 553 13.28 -32.36 65.75
C ALA F 553 11.84 -32.19 65.34
N GLY F 554 10.92 -32.25 66.29
CA GLY F 554 9.51 -32.24 65.95
C GLY F 554 9.10 -33.56 65.36
N ASN F 555 8.61 -33.55 64.13
CA ASN F 555 8.18 -34.75 63.43
C ASN F 555 6.94 -35.35 64.09
N PHE F 556 6.54 -34.78 65.22
CA PHE F 556 5.34 -35.18 65.91
C PHE F 556 4.49 -34.01 66.35
N ASP F 557 5.06 -32.82 66.49
CA ASP F 557 4.32 -31.71 67.04
C ASP F 557 4.60 -30.37 66.38
N LEU F 558 5.42 -30.33 65.33
CA LEU F 558 5.76 -29.07 64.69
C LEU F 558 5.64 -29.19 63.18
N LYS F 559 5.03 -28.18 62.57
CA LYS F 559 4.96 -28.06 61.12
C LYS F 559 5.79 -26.85 60.70
N LEU F 560 6.72 -27.07 59.79
CA LEU F 560 7.73 -26.09 59.44
C LEU F 560 7.55 -25.67 57.99
N ASP F 561 7.49 -24.36 57.76
CA ASP F 561 7.28 -23.86 56.41
C ASP F 561 7.85 -22.45 56.28
N ILE F 562 8.03 -22.01 55.04
CA ILE F 562 8.58 -20.71 54.76
C ILE F 562 7.49 -19.65 54.92
N SER F 563 7.77 -18.63 55.72
CA SER F 563 6.81 -17.56 55.94
C SER F 563 6.90 -16.52 54.84
N THR F 564 5.75 -15.95 54.47
CA THR F 564 5.68 -14.91 53.47
C THR F 564 4.62 -13.88 53.84
N ALA F 565 4.82 -12.68 53.30
CA ALA F 565 4.01 -11.53 53.70
C ALA F 565 2.54 -11.74 53.36
N GLU F 566 2.26 -12.37 52.22
CA GLU F 566 0.86 -12.55 51.82
C GLU F 566 0.15 -13.51 52.76
N GLU F 567 0.82 -14.57 53.20
CA GLU F 567 0.20 -15.44 54.20
C GLU F 567 0.02 -14.72 55.52
N ASP F 568 0.97 -13.87 55.90
CA ASP F 568 0.78 -13.09 57.11
C ASP F 568 -0.45 -12.20 57.00
N ASN F 569 -0.62 -11.54 55.85
CA ASN F 569 -1.78 -10.69 55.63
C ASN F 569 -3.06 -11.50 55.67
N ALA F 570 -3.05 -12.69 55.07
CA ALA F 570 -4.22 -13.54 55.10
C ALA F 570 -4.60 -13.90 56.52
N LYS F 571 -3.61 -14.27 57.33
CA LYS F 571 -3.88 -14.62 58.72
C LYS F 571 -4.48 -13.43 59.47
N VAL F 572 -3.90 -12.24 59.27
CA VAL F 572 -4.41 -11.05 59.96
C VAL F 572 -5.85 -10.79 59.54
N ASN F 573 -6.14 -10.86 58.24
CA ASN F 573 -7.48 -10.59 57.77
C ASN F 573 -8.47 -11.59 58.33
N ASP F 574 -8.10 -12.87 58.36
CA ASP F 574 -9.00 -13.87 58.90
C ASP F 574 -9.28 -13.59 60.36
N LEU F 575 -8.24 -13.29 61.13
CA LEU F 575 -8.45 -13.00 62.55
C LEU F 575 -9.37 -11.81 62.74
N THR F 576 -9.10 -10.71 62.03
CA THR F 576 -9.92 -9.52 62.19
C THR F 576 -11.37 -9.80 61.85
N PHE F 577 -11.60 -10.41 60.68
CA PHE F 577 -12.97 -10.66 60.24
C PHE F 577 -13.70 -11.56 61.22
N MET F 578 -13.06 -12.64 61.64
CA MET F 578 -13.78 -13.63 62.39
C MET F 578 -14.00 -13.19 63.82
N LEU F 579 -13.10 -12.35 64.35
CA LEU F 579 -13.38 -11.66 65.59
C LEU F 579 -14.56 -10.72 65.44
N GLN F 580 -14.57 -9.89 64.39
CA GLN F 580 -15.61 -8.89 64.28
C GLN F 580 -16.98 -9.53 64.08
N THR F 581 -17.03 -10.68 63.42
CA THR F 581 -18.25 -11.47 63.31
C THR F 581 -17.93 -12.90 63.72
N MET F 582 -17.88 -13.14 65.02
CA MET F 582 -17.88 -14.48 65.57
C MET F 582 -19.21 -14.84 66.22
N GLY F 583 -19.67 -14.04 67.17
CA GLY F 583 -20.92 -14.30 67.81
C GLY F 583 -20.91 -13.94 69.28
N PRO F 584 -22.02 -14.19 69.96
CA PRO F 584 -22.12 -13.83 71.38
C PRO F 584 -21.47 -14.85 72.29
N ASN F 585 -20.68 -15.76 71.70
CA ASN F 585 -20.04 -16.83 72.47
C ASN F 585 -19.29 -16.28 73.67
N MET F 586 -19.33 -17.03 74.76
CA MET F 586 -18.80 -16.55 76.02
C MET F 586 -17.28 -16.70 76.02
N ASP F 587 -16.68 -16.58 77.20
CA ASP F 587 -15.23 -16.61 77.39
C ASP F 587 -14.60 -15.44 76.66
N PRO F 588 -14.85 -14.20 77.09
CA PRO F 588 -14.22 -13.05 76.43
C PRO F 588 -12.72 -13.05 76.58
N MET F 589 -12.18 -13.87 77.49
CA MET F 589 -10.75 -14.09 77.52
C MET F 589 -10.25 -14.49 76.14
N MET F 590 -11.01 -15.31 75.43
CA MET F 590 -10.60 -15.74 74.10
C MET F 590 -10.51 -14.56 73.14
N ALA F 591 -11.49 -13.66 73.18
CA ALA F 591 -11.43 -12.48 72.33
C ALA F 591 -10.22 -11.64 72.65
N GLN F 592 -9.90 -11.52 73.95
CA GLN F 592 -8.69 -10.81 74.34
C GLN F 592 -7.46 -11.48 73.76
N GLN F 593 -7.39 -12.80 73.83
CA GLN F 593 -6.24 -13.51 73.27
C GLN F 593 -6.09 -13.21 71.79
N ILE F 594 -7.21 -13.25 71.06
CA ILE F 594 -7.15 -12.97 69.63
C ILE F 594 -6.63 -11.57 69.38
N MET F 595 -7.22 -10.58 70.04
CA MET F 595 -6.85 -9.19 69.80
C MET F 595 -5.37 -8.97 70.13
N GLY F 596 -4.90 -9.58 71.21
CA GLY F 596 -3.49 -9.52 71.52
C GLY F 596 -2.63 -10.14 70.43
N GLN F 597 -3.13 -11.20 69.80
CA GLN F 597 -2.36 -11.79 68.71
C GLN F 597 -2.28 -10.85 67.52
N ILE F 598 -3.37 -10.13 67.22
CA ILE F 598 -3.26 -9.13 66.14
C ILE F 598 -2.25 -8.05 66.51
N MET F 599 -2.28 -7.57 67.75
CA MET F 599 -1.24 -6.65 68.19
C MET F 599 0.15 -7.21 67.93
N GLU F 600 0.39 -8.45 68.36
CA GLU F 600 1.73 -9.01 68.25
C GLU F 600 2.13 -9.15 66.79
N LEU F 601 1.21 -9.58 65.94
CA LEU F 601 1.51 -9.67 64.52
C LEU F 601 1.79 -8.30 63.93
N LYS F 602 1.18 -7.25 64.48
CA LYS F 602 1.44 -5.90 64.00
C LYS F 602 2.55 -5.22 64.78
N LYS F 603 3.27 -5.98 65.61
CA LYS F 603 4.52 -5.53 66.24
C LYS F 603 4.30 -4.40 67.24
N MET F 604 3.41 -4.63 68.19
CA MET F 604 3.32 -3.82 69.40
C MET F 604 3.20 -4.75 70.60
N PRO F 605 4.28 -5.46 70.92
CA PRO F 605 4.20 -6.50 71.97
C PRO F 605 3.77 -5.97 73.32
N ASP F 606 4.13 -4.74 73.67
CA ASP F 606 3.68 -4.19 74.94
C ASP F 606 2.16 -4.09 75.00
N PHE F 607 1.55 -3.53 73.95
CA PHE F 607 0.10 -3.47 73.89
C PHE F 607 -0.49 -4.88 73.87
N ALA F 608 0.16 -5.80 73.17
CA ALA F 608 -0.35 -7.16 73.10
C ALA F 608 -0.43 -7.77 74.49
N LYS F 609 0.66 -7.68 75.25
CA LYS F 609 0.66 -8.26 76.58
C LYS F 609 -0.34 -7.57 77.47
N ARG F 610 -0.41 -6.25 77.41
CA ARG F 610 -1.33 -5.52 78.27
C ARG F 610 -2.77 -5.91 77.99
N ILE F 611 -3.14 -6.03 76.72
CA ILE F 611 -4.50 -6.42 76.38
C ILE F 611 -4.78 -7.85 76.81
N ARG F 612 -3.88 -8.77 76.49
CA ARG F 612 -4.17 -10.17 76.78
C ARG F 612 -4.22 -10.43 78.29
N GLU F 613 -3.52 -9.64 79.08
CA GLU F 613 -3.58 -9.79 80.52
C GLU F 613 -4.61 -8.87 81.16
N PHE F 614 -5.25 -8.00 80.38
CA PHE F 614 -6.23 -7.07 80.94
C PHE F 614 -7.43 -7.83 81.49
N GLN F 615 -7.87 -7.44 82.67
CA GLN F 615 -9.03 -8.05 83.31
C GLN F 615 -10.17 -7.06 83.37
N PRO F 616 -11.27 -7.30 82.66
CA PRO F 616 -12.42 -6.39 82.77
C PRO F 616 -13.04 -6.43 84.15
N GLN F 617 -13.61 -5.30 84.55
CA GLN F 617 -14.26 -5.16 85.85
C GLN F 617 -15.63 -4.54 85.66
N PRO F 618 -16.63 -5.10 86.33
CA PRO F 618 -18.00 -4.60 86.22
C PRO F 618 -18.21 -3.39 87.11
N ASP F 619 -19.26 -2.64 86.82
CA ASP F 619 -19.61 -1.44 87.56
C ASP F 619 -20.49 -1.80 88.75
N PRO F 620 -21.07 -0.80 89.39
CA PRO F 620 -21.96 -1.00 90.53
C PRO F 620 -23.43 -0.94 90.14
N ILE F 621 -23.77 -1.39 88.93
CA ILE F 621 -25.15 -1.41 88.49
C ILE F 621 -25.88 -2.68 88.89
N ALA F 622 -25.19 -3.67 89.44
CA ALA F 622 -25.86 -4.84 89.97
C ALA F 622 -26.80 -4.47 91.11
N GLN F 623 -26.55 -3.33 91.75
CA GLN F 623 -27.51 -2.79 92.70
C GLN F 623 -28.88 -2.65 92.07
N GLN F 624 -28.93 -2.21 90.82
CA GLN F 624 -30.21 -2.06 90.14
C GLN F 624 -30.94 -3.39 90.06
N LYS F 625 -30.23 -4.45 89.68
CA LYS F 625 -30.87 -5.75 89.58
C LYS F 625 -31.37 -6.22 90.94
N ALA F 626 -30.56 -6.05 91.98
CA ALA F 626 -31.00 -6.46 93.31
C ALA F 626 -32.23 -5.68 93.74
N GLN F 627 -32.25 -4.37 93.50
CA GLN F 627 -33.37 -3.55 93.95
C GLN F 627 -34.64 -3.87 93.17
N LEU F 628 -34.53 -4.13 91.87
CA LEU F 628 -35.73 -4.50 91.13
C LEU F 628 -36.22 -5.89 91.53
N GLU F 629 -35.31 -6.79 91.90
CA GLU F 629 -35.73 -8.06 92.46
C GLU F 629 -36.54 -7.85 93.72
N LEU F 630 -36.07 -6.95 94.59
CA LEU F 630 -36.84 -6.65 95.80
C LEU F 630 -38.17 -5.99 95.46
N MET F 631 -38.18 -5.06 94.50
CA MET F 631 -39.42 -4.54 93.93
C MET F 631 -40.43 -5.65 93.71
N LEU F 632 -40.06 -6.60 92.85
CA LEU F 632 -41.01 -7.64 92.46
C LEU F 632 -41.41 -8.50 93.66
N LEU F 633 -40.44 -8.89 94.48
CA LEU F 633 -40.75 -9.78 95.59
C LEU F 633 -41.76 -9.15 96.53
N GLN F 634 -41.52 -7.90 96.91
CA GLN F 634 -42.44 -7.23 97.84
C GLN F 634 -43.76 -6.93 97.17
N ALA F 635 -43.74 -6.45 95.93
CA ALA F 635 -44.99 -6.15 95.24
C ALA F 635 -45.86 -7.38 95.11
N GLN F 636 -45.27 -8.57 95.04
CA GLN F 636 -46.15 -9.72 94.94
C GLN F 636 -46.58 -10.24 96.30
N ILE F 637 -45.64 -10.63 97.17
CA ILE F 637 -46.05 -11.22 98.44
C ILE F 637 -46.84 -10.22 99.27
N GLU F 638 -46.33 -9.01 99.38
CA GLU F 638 -46.88 -8.06 100.34
C GLU F 638 -48.21 -7.49 99.87
N ALA F 639 -48.33 -7.18 98.60
CA ALA F 639 -49.54 -6.50 98.15
C ALA F 639 -50.69 -7.46 97.93
N GLU F 640 -50.53 -8.39 97.00
CA GLU F 640 -51.70 -9.09 96.45
C GLU F 640 -52.33 -10.02 97.49
N ARG F 641 -51.51 -10.83 98.16
CA ARG F 641 -52.06 -11.74 99.16
C ARG F 641 -52.78 -10.98 100.25
N ALA F 642 -52.21 -9.85 100.67
CA ALA F 642 -52.87 -9.03 101.67
C ALA F 642 -54.21 -8.51 101.17
N ARG F 643 -54.28 -8.09 99.90
CA ARG F 643 -55.55 -7.64 99.35
C ARG F 643 -56.57 -8.76 99.38
N ALA F 644 -56.15 -9.97 99.02
CA ALA F 644 -57.07 -11.10 99.05
C ALA F 644 -57.61 -11.32 100.45
N ALA F 645 -56.72 -11.33 101.44
CA ALA F 645 -57.17 -11.53 102.81
C ALA F 645 -58.16 -10.47 103.21
N HIS F 646 -57.87 -9.22 102.86
CA HIS F 646 -58.76 -8.12 103.22
C HIS F 646 -60.14 -8.31 102.61
N TYR F 647 -60.18 -8.68 101.33
CA TYR F 647 -61.46 -8.83 100.66
C TYR F 647 -62.27 -9.99 101.23
N MET F 648 -61.62 -11.11 101.51
CA MET F 648 -62.36 -12.22 102.12
C MET F 648 -62.91 -11.83 103.48
N SER F 649 -62.11 -11.11 104.27
CA SER F 649 -62.62 -10.65 105.55
C SER F 649 -63.83 -9.76 105.38
N GLY F 650 -63.78 -8.85 104.41
CA GLY F 650 -64.94 -8.00 104.15
C GLY F 650 -66.17 -8.79 103.78
N ALA F 651 -66.00 -9.81 102.94
CA ALA F 651 -67.15 -10.63 102.54
C ALA F 651 -67.76 -11.32 103.75
N GLY F 652 -66.91 -11.89 104.61
CA GLY F 652 -67.43 -12.49 105.82
C GLY F 652 -68.19 -11.50 106.68
N LEU F 653 -67.67 -10.27 106.77
CA LEU F 653 -68.35 -9.27 107.58
C LEU F 653 -69.74 -8.95 107.03
N GLN F 654 -69.86 -8.82 105.71
CA GLN F 654 -71.18 -8.56 105.13
C GLN F 654 -72.13 -9.70 105.44
N ASP F 655 -71.67 -10.93 105.23
CA ASP F 655 -72.52 -12.09 105.51
C ASP F 655 -72.95 -12.10 106.96
N SER F 656 -72.12 -11.59 107.87
CA SER F 656 -72.55 -11.46 109.25
C SER F 656 -73.62 -10.38 109.39
N LYS F 657 -73.42 -9.23 108.75
CA LYS F 657 -74.32 -8.10 108.94
C LYS F 657 -75.74 -8.40 108.46
N VAL F 658 -75.88 -9.38 107.57
CA VAL F 658 -77.22 -9.73 107.10
C VAL F 658 -78.14 -10.06 108.27
N GLY F 659 -77.65 -10.83 109.23
CA GLY F 659 -78.50 -11.21 110.36
C GLY F 659 -78.94 -10.03 111.19
N THR F 660 -78.04 -9.08 111.42
CA THR F 660 -78.43 -7.88 112.15
C THR F 660 -79.51 -7.11 111.41
N GLU F 661 -79.43 -7.10 110.08
CA GLU F 661 -80.51 -6.47 109.31
C GLU F 661 -81.84 -7.18 109.57
N GLN F 662 -81.83 -8.50 109.57
CA GLN F 662 -83.05 -9.25 109.86
C GLN F 662 -83.62 -8.86 111.21
N ALA F 663 -82.75 -8.82 112.23
CA ALA F 663 -83.21 -8.52 113.57
C ALA F 663 -83.80 -7.11 113.66
N LYS F 664 -83.17 -6.14 113.01
CA LYS F 664 -83.70 -4.79 113.01
C LYS F 664 -85.09 -4.76 112.39
N ALA F 665 -85.27 -5.45 111.28
CA ALA F 665 -86.58 -5.47 110.64
C ALA F 665 -87.64 -6.02 111.59
N ARG F 666 -87.32 -7.14 112.24
CA ARG F 666 -88.31 -7.74 113.14
C ARG F 666 -88.65 -6.81 114.29
N ALA F 667 -87.64 -6.19 114.89
CA ALA F 667 -87.89 -5.31 116.04
C ALA F 667 -88.76 -4.13 115.64
N LEU F 668 -88.49 -3.51 114.49
CA LEU F 668 -89.30 -2.38 114.07
C LEU F 668 -90.73 -2.81 113.79
N ALA F 669 -90.92 -3.99 113.21
CA ALA F 669 -92.28 -4.46 113.01
C ALA F 669 -93.02 -4.58 114.35
N SER F 670 -92.35 -5.13 115.36
CA SER F 670 -92.99 -5.27 116.66
C SER F 670 -93.36 -3.90 117.24
N GLN F 671 -92.46 -2.93 117.12
CA GLN F 671 -92.75 -1.60 117.65
C GLN F 671 -93.95 -0.98 116.95
N ALA F 672 -94.04 -1.14 115.62
CA ALA F 672 -95.20 -0.63 114.90
C ALA F 672 -96.47 -1.28 115.40
N ASP F 673 -96.43 -2.59 115.68
CA ASP F 673 -97.61 -3.26 116.21
C ASP F 673 -98.02 -2.67 117.55
N MET F 674 -97.06 -2.40 118.43
CA MET F 674 -97.37 -1.78 119.71
C MET F 674 -98.06 -0.44 119.51
N THR F 675 -97.51 0.37 118.61
CA THR F 675 -98.09 1.70 118.39
C THR F 675 -99.52 1.59 117.89
N ASP F 676 -99.77 0.66 116.96
CA ASP F 676 -101.11 0.48 116.43
C ASP F 676 -102.07 0.05 117.54
N LEU F 677 -101.62 -0.85 118.41
CA LEU F 677 -102.47 -1.26 119.53
C LEU F 677 -102.85 -0.09 120.41
N ASN F 678 -101.87 0.75 120.76
CA ASN F 678 -102.18 1.90 121.61
C ASN F 678 -103.13 2.86 120.93
N PHE F 679 -102.96 3.05 119.62
CA PHE F 679 -103.87 3.90 118.88
C PHE F 679 -105.30 3.36 118.94
N LEU F 680 -105.45 2.05 118.73
CA LEU F 680 -106.77 1.45 118.80
C LEU F 680 -107.39 1.64 120.18
N GLU F 681 -106.59 1.45 121.24
CA GLU F 681 -107.12 1.61 122.59
C GLU F 681 -107.59 3.03 122.83
N GLN F 682 -106.75 4.02 122.50
CA GLN F 682 -107.15 5.41 122.70
C GLN F 682 -108.39 5.75 121.90
N GLU F 683 -108.59 5.10 120.75
CA GLU F 683 -109.87 5.26 120.07
C GLU F 683 -110.89 4.34 120.73
N SER F 684 -111.48 4.82 121.82
CA SER F 684 -112.66 4.23 122.42
C SER F 684 -112.41 2.78 122.84
N GLY F 685 -111.53 2.62 123.82
CA GLY F 685 -111.39 1.34 124.47
C GLY F 685 -110.96 1.41 125.92
N VAL F 686 -110.19 0.41 126.34
CA VAL F 686 -109.73 0.30 127.72
C VAL F 686 -108.99 1.56 128.15
N GLN F 687 -108.42 2.29 127.20
CA GLN F 687 -107.63 3.47 127.52
C GLN F 687 -108.41 4.43 128.42
N GLN F 688 -109.64 4.75 128.05
CA GLN F 688 -110.49 5.58 128.89
C GLN F 688 -111.64 4.80 129.52
N ALA F 689 -111.68 3.49 129.31
CA ALA F 689 -112.64 2.66 130.04
C ALA F 689 -112.10 2.31 131.42
N ARG F 690 -110.91 1.71 131.48
CA ARG F 690 -110.40 1.19 132.74
C ARG F 690 -109.92 2.30 133.66
N LYS F 691 -109.21 3.29 133.12
CA LYS F 691 -108.40 4.18 133.95
C LYS F 691 -109.23 4.90 135.02
N ARG F 692 -110.52 5.10 134.79
CA ARG F 692 -111.37 5.49 135.91
C ARG F 692 -111.89 4.26 136.65
N GLU F 693 -112.46 3.31 135.90
CA GLU F 693 -113.04 2.10 136.47
C GLU F 693 -112.21 1.53 137.60
N LEU F 694 -110.92 1.32 137.34
CA LEU F 694 -110.02 0.77 138.36
C LEU F 694 -110.14 1.51 139.68
N GLN F 695 -109.79 2.80 139.67
CA GLN F 695 -109.69 3.53 140.93
C GLN F 695 -111.06 3.75 141.56
N GLN F 696 -112.06 4.10 140.75
CA GLN F 696 -113.38 4.37 141.30
C GLN F 696 -113.95 3.12 141.96
N ALA F 697 -113.93 1.99 141.24
CA ALA F 697 -114.47 0.76 141.81
C ALA F 697 -113.69 0.34 143.04
N GLN F 698 -112.36 0.37 142.97
CA GLN F 698 -111.56 -0.07 144.11
C GLN F 698 -111.83 0.78 145.34
N SER F 699 -111.70 2.11 145.20
CA SER F 699 -111.87 2.99 146.34
C SER F 699 -113.29 2.91 146.90
N GLU F 700 -114.29 2.95 146.02
CA GLU F 700 -115.67 2.90 146.47
C GLU F 700 -115.95 1.59 147.20
N ALA F 701 -115.61 0.46 146.59
CA ALA F 701 -115.91 -0.83 147.20
C ALA F 701 -115.18 -1.00 148.52
N GLN F 702 -113.89 -0.64 148.56
CA GLN F 702 -113.13 -0.79 149.79
C GLN F 702 -113.70 0.07 150.91
N GLY F 703 -113.90 1.36 150.63
CA GLY F 703 -114.43 2.24 151.65
C GLY F 703 -115.82 1.82 152.11
N LYS F 704 -116.68 1.43 151.18
CA LYS F 704 -118.02 1.02 151.53
C LYS F 704 -118.02 -0.24 152.38
N LEU F 705 -117.19 -1.23 152.02
CA LEU F 705 -117.15 -2.46 152.80
C LEU F 705 -116.59 -2.21 154.19
N ALA F 706 -115.52 -1.41 154.30
CA ALA F 706 -114.97 -1.10 155.61
C ALA F 706 -115.97 -0.34 156.46
N MET F 707 -116.65 0.64 155.87
CA MET F 707 -117.58 1.45 156.65
C MET F 707 -118.86 0.69 156.97
N LEU F 708 -119.24 -0.29 156.15
CA LEU F 708 -120.33 -1.19 156.52
C LEU F 708 -119.90 -2.11 157.65
N ASN F 709 -118.65 -2.58 157.65
CA ASN F 709 -118.13 -3.30 158.80
C ASN F 709 -118.06 -2.43 160.04
N SER F 710 -118.03 -1.11 159.86
CA SER F 710 -118.06 -0.22 161.02
C SER F 710 -119.34 -0.41 161.83
N GLN F 711 -120.48 -0.53 161.15
CA GLN F 711 -121.72 -0.75 161.89
C GLN F 711 -121.74 -2.12 162.55
N LEU F 712 -121.09 -3.12 161.95
CA LEU F 712 -120.97 -4.41 162.60
C LEU F 712 -120.13 -4.31 163.87
N LYS F 713 -119.02 -3.56 163.81
CA LYS F 713 -118.21 -3.34 164.99
C LYS F 713 -119.01 -2.62 166.06
N ARG F 714 -119.81 -1.62 165.67
CA ARG F 714 -120.61 -0.89 166.65
C ARG F 714 -121.70 -1.77 167.25
N LEU F 715 -122.31 -2.65 166.45
CA LEU F 715 -123.28 -3.58 166.99
C LEU F 715 -122.63 -4.53 168.00
N ASP F 716 -121.41 -4.98 167.70
CA ASP F 716 -120.67 -5.78 168.67
C ASP F 716 -120.39 -4.97 169.93
N GLU F 717 -120.03 -3.69 169.78
CA GLU F 717 -119.86 -2.81 170.93
C GLU F 717 -121.12 -2.79 171.78
N ALA F 718 -122.27 -2.59 171.15
CA ALA F 718 -123.53 -2.49 171.87
C ALA F 718 -123.87 -3.80 172.58
N THR F 719 -123.67 -4.93 171.89
CA THR F 719 -124.01 -6.23 172.47
C THR F 719 -123.00 -6.70 173.51
N SER F 720 -121.81 -6.10 173.56
CA SER F 720 -120.80 -6.48 174.55
C SER F 720 -120.80 -5.56 175.76
N ALA F 721 -120.60 -4.27 175.54
CA ALA F 721 -120.54 -3.31 176.63
C ALA F 721 -121.09 -1.96 176.22
N ALA G 2 51.77 -35.29 -111.09
CA ALA G 2 52.14 -35.48 -109.69
C ALA G 2 51.46 -34.44 -108.81
N VAL G 3 50.34 -33.91 -109.29
CA VAL G 3 49.62 -32.84 -108.60
C VAL G 3 48.35 -33.44 -108.03
N GLU G 4 48.39 -33.77 -106.74
CA GLU G 4 47.20 -34.20 -106.03
C GLU G 4 46.54 -32.98 -105.40
N PRO G 5 45.30 -32.65 -105.75
CA PRO G 5 44.69 -31.42 -105.25
C PRO G 5 44.17 -31.64 -103.85
N ILE G 6 44.70 -30.88 -102.89
CA ILE G 6 44.20 -30.96 -101.53
C ILE G 6 42.86 -30.26 -101.46
N THR G 7 41.87 -30.94 -100.88
CA THR G 7 40.50 -30.44 -100.89
C THR G 7 39.95 -30.44 -99.48
N ILE G 8 38.71 -29.97 -99.38
CA ILE G 8 38.01 -29.98 -98.10
C ILE G 8 37.86 -31.39 -97.60
N ALA G 9 37.67 -32.35 -98.50
CA ALA G 9 37.64 -33.76 -98.09
C ALA G 9 38.95 -34.17 -97.47
N ASP G 10 40.07 -33.70 -98.04
CA ASP G 10 41.37 -34.00 -97.47
C ASP G 10 41.50 -33.41 -96.07
N LEU G 11 41.01 -32.17 -95.89
CA LEU G 11 41.07 -31.58 -94.55
C LEU G 11 40.20 -32.35 -93.57
N THR G 12 38.94 -32.53 -93.90
CA THR G 12 38.02 -33.30 -93.07
C THR G 12 36.75 -33.65 -93.85
N GLU G 13 36.42 -34.94 -93.90
CA GLU G 13 35.09 -35.32 -94.31
C GLU G 13 34.14 -35.22 -93.13
N VAL G 14 32.85 -35.09 -93.43
CA VAL G 14 31.92 -34.63 -92.41
C VAL G 14 31.70 -35.69 -91.33
N LYS G 15 31.95 -36.96 -91.63
CA LYS G 15 31.69 -38.02 -90.66
C LYS G 15 32.55 -37.86 -89.42
N LEU G 16 32.02 -38.36 -88.29
CA LEU G 16 32.77 -38.30 -87.04
C LEU G 16 34.02 -39.17 -87.10
N ASP G 17 33.90 -40.36 -87.68
CA ASP G 17 35.00 -41.32 -87.72
C ASP G 17 35.83 -41.22 -88.98
N GLY G 18 35.82 -40.07 -89.65
CA GLY G 18 36.53 -39.93 -90.89
C GLY G 18 38.03 -39.98 -90.72
N LYS G 19 38.74 -39.73 -91.82
CA LYS G 19 40.19 -39.75 -91.84
C LYS G 19 40.79 -38.37 -92.04
N GLY G 20 39.99 -37.32 -91.96
CA GLY G 20 40.52 -35.98 -92.05
C GLY G 20 41.44 -35.66 -90.90
N ALA G 21 42.34 -34.70 -91.14
CA ALA G 21 43.30 -34.34 -90.11
C ALA G 21 42.61 -33.81 -88.87
N LEU G 22 41.62 -32.93 -89.06
CA LEU G 22 40.85 -32.43 -87.93
C LEU G 22 40.18 -33.56 -87.18
N ASP G 23 39.61 -34.51 -87.93
CA ASP G 23 38.90 -35.61 -87.30
C ASP G 23 39.84 -36.44 -86.44
N GLN G 24 41.04 -36.74 -86.95
CA GLN G 24 41.91 -37.62 -86.19
C GLN G 24 42.54 -36.90 -85.01
N LEU G 25 42.81 -35.60 -85.14
CA LEU G 25 43.28 -34.85 -83.98
C LEU G 25 42.22 -34.83 -82.89
N LEU G 26 40.97 -34.60 -83.26
CA LEU G 26 39.91 -34.63 -82.27
C LEU G 26 39.79 -36.01 -81.65
N GLN G 27 39.96 -37.06 -82.45
CA GLN G 27 39.88 -38.41 -81.91
C GLN G 27 40.96 -38.68 -80.88
N VAL G 28 42.19 -38.26 -81.15
CA VAL G 28 43.25 -38.52 -80.19
C VAL G 28 43.04 -37.71 -78.92
N THR G 29 42.55 -36.47 -79.06
CA THR G 29 42.21 -35.71 -77.86
C THR G 29 41.13 -36.43 -77.06
N ARG G 30 40.12 -36.96 -77.74
CA ARG G 30 39.08 -37.69 -77.06
C ARG G 30 39.64 -38.90 -76.33
N LEU G 31 40.58 -39.61 -76.94
CA LEU G 31 41.13 -40.80 -76.27
C LEU G 31 41.89 -40.41 -75.01
N HIS G 32 42.69 -39.36 -75.08
CA HIS G 32 43.43 -38.95 -73.90
C HIS G 32 42.47 -38.54 -72.79
N LEU G 33 41.46 -37.75 -73.12
CA LEU G 33 40.50 -37.36 -72.10
C LEU G 33 39.74 -38.56 -71.56
N ALA G 34 39.43 -39.53 -72.42
CA ALA G 34 38.70 -40.69 -71.96
C ALA G 34 39.50 -41.50 -70.97
N LYS G 35 40.80 -41.70 -71.24
CA LYS G 35 41.61 -42.39 -70.26
C LYS G 35 41.69 -41.60 -68.96
N GLU G 36 41.80 -40.27 -69.07
CA GLU G 36 41.87 -39.47 -67.85
C GLU G 36 40.60 -39.63 -67.02
N HIS G 37 39.44 -39.64 -67.67
CA HIS G 37 38.19 -39.82 -66.94
C HIS G 37 38.06 -41.22 -66.38
N ASP G 38 38.56 -42.22 -67.11
CA ASP G 38 38.48 -43.59 -66.61
C ASP G 38 39.28 -43.73 -65.33
N ALA G 39 40.47 -43.16 -65.30
CA ALA G 39 41.10 -42.99 -64.01
C ALA G 39 40.33 -41.94 -63.21
N GLY G 40 40.41 -42.03 -61.89
CA GLY G 40 39.62 -41.13 -61.09
C GLY G 40 40.15 -39.71 -61.09
N ARG G 41 40.10 -39.02 -62.22
CA ARG G 41 40.68 -37.68 -62.27
C ARG G 41 39.85 -36.64 -63.00
N LEU G 42 38.81 -37.01 -63.75
CA LEU G 42 37.98 -36.03 -64.43
C LEU G 42 36.51 -36.32 -64.20
N LYS G 43 35.73 -35.29 -63.97
CA LYS G 43 34.29 -35.42 -64.02
C LYS G 43 33.82 -35.29 -65.47
N GLY G 44 32.56 -35.59 -65.69
CA GLY G 44 32.04 -35.58 -67.04
C GLY G 44 31.80 -34.21 -67.63
N GLN G 45 32.12 -33.14 -66.91
CA GLN G 45 31.90 -31.78 -67.38
C GLN G 45 33.16 -31.09 -67.83
N GLU G 46 34.27 -31.27 -67.11
CA GLU G 46 35.54 -30.78 -67.62
C GLU G 46 35.86 -31.42 -68.96
N TYR G 47 35.42 -32.65 -69.16
CA TYR G 47 35.59 -33.32 -70.45
C TYR G 47 35.00 -32.48 -71.57
N ALA G 48 33.80 -31.94 -71.37
CA ALA G 48 33.18 -31.12 -72.40
C ALA G 48 33.84 -29.75 -72.47
N ALA G 49 34.19 -29.18 -71.32
CA ALA G 49 34.75 -27.84 -71.31
C ALA G 49 36.05 -27.78 -72.09
N VAL G 50 36.94 -28.74 -71.85
CA VAL G 50 38.24 -28.74 -72.50
C VAL G 50 38.07 -28.87 -74.01
N LEU G 51 37.22 -29.79 -74.44
CA LEU G 51 37.02 -30.02 -75.87
C LEU G 51 36.50 -28.77 -76.55
N THR G 52 35.45 -28.17 -75.97
CA THR G 52 34.87 -26.99 -76.58
C THR G 52 35.87 -25.84 -76.62
N GLY G 53 36.67 -25.69 -75.57
CA GLY G 53 37.72 -24.68 -75.62
C GLY G 53 38.73 -24.95 -76.70
N GLY G 54 39.05 -26.22 -76.93
CA GLY G 54 40.14 -26.56 -77.84
C GLY G 54 39.78 -26.48 -79.31
N ILE G 55 38.50 -26.64 -79.64
CA ILE G 55 38.06 -26.80 -81.04
C ILE G 55 38.78 -25.86 -82.00
N THR G 56 38.71 -24.55 -81.75
CA THR G 56 39.21 -23.61 -82.75
C THR G 56 40.72 -23.64 -82.86
N ALA G 57 41.43 -23.82 -81.73
CA ALA G 57 42.88 -23.91 -81.79
C ALA G 57 43.31 -25.15 -82.56
N VAL G 58 42.63 -26.26 -82.34
CA VAL G 58 42.94 -27.47 -83.09
C VAL G 58 42.71 -27.24 -84.58
N LEU G 59 41.61 -26.56 -84.92
CA LEU G 59 41.35 -26.26 -86.33
C LEU G 59 42.49 -25.45 -86.93
N GLN G 60 42.92 -24.40 -86.23
CA GLN G 60 43.99 -23.55 -86.75
C GLN G 60 45.27 -24.34 -86.94
N ASN G 61 45.61 -25.18 -85.97
CA ASN G 61 46.83 -25.97 -86.11
C ASN G 61 46.74 -26.93 -87.29
N ALA G 62 45.60 -27.57 -87.48
CA ALA G 62 45.46 -28.49 -88.61
C ALA G 62 45.59 -27.76 -89.94
N VAL G 63 44.99 -26.58 -90.04
CA VAL G 63 45.12 -25.81 -91.27
C VAL G 63 46.57 -25.44 -91.52
N MET G 64 47.27 -25.01 -90.48
CA MET G 64 48.70 -24.73 -90.61
C MET G 64 49.45 -25.97 -91.09
N PHE G 65 49.06 -27.15 -90.60
CA PHE G 65 49.80 -28.36 -90.91
C PHE G 65 49.64 -28.76 -92.36
N LEU G 66 48.40 -28.74 -92.86
CA LEU G 66 48.15 -29.27 -94.21
C LEU G 66 48.91 -28.48 -95.26
N LEU G 67 48.93 -27.16 -95.15
CA LEU G 67 49.55 -26.35 -96.18
C LEU G 67 51.05 -26.62 -96.30
N GLN G 68 51.75 -26.70 -95.17
CA GLN G 68 53.19 -26.86 -95.20
C GLN G 68 53.64 -28.31 -95.22
N LYS G 69 52.75 -29.26 -95.01
CA LYS G 69 53.15 -30.66 -94.87
C LYS G 69 53.94 -31.16 -96.07
N ASP G 70 53.28 -31.22 -97.23
CA ASP G 70 53.79 -32.00 -98.34
C ASP G 70 55.12 -31.46 -98.87
N GLU G 71 55.24 -30.15 -99.06
CA GLU G 71 56.36 -29.63 -99.81
C GLU G 71 57.67 -29.68 -99.03
N ALA G 72 57.62 -29.89 -97.72
CA ALA G 72 58.85 -29.90 -96.94
C ALA G 72 59.76 -31.05 -97.34
N ALA G 73 59.18 -32.25 -97.51
CA ALA G 73 60.01 -33.39 -97.92
C ALA G 73 60.61 -33.15 -99.30
N ASN G 74 59.83 -32.56 -100.20
CA ASN G 74 60.35 -32.24 -101.52
C ASN G 74 61.51 -31.28 -101.42
N LYS G 75 61.40 -30.27 -100.55
CA LYS G 75 62.49 -29.33 -100.37
C LYS G 75 63.74 -30.04 -99.87
N ALA G 76 63.56 -30.96 -98.93
CA ALA G 76 64.72 -31.68 -98.40
C ALA G 76 65.41 -32.50 -99.49
N ALA G 77 64.62 -33.20 -100.30
CA ALA G 77 65.21 -33.99 -101.38
C ALA G 77 65.95 -33.09 -102.36
N LEU G 78 65.38 -31.93 -102.67
CA LEU G 78 66.07 -30.98 -103.54
C LEU G 78 67.40 -30.57 -102.92
N VAL G 79 67.43 -30.35 -101.62
CA VAL G 79 68.66 -29.91 -100.96
C VAL G 79 69.72 -31.00 -101.07
N GLU G 80 69.36 -32.26 -100.83
CA GLU G 80 70.38 -33.29 -100.89
C GLU G 80 70.88 -33.50 -102.33
N ALA G 81 69.99 -33.34 -103.31
CA ALA G 81 70.45 -33.38 -104.70
C ALA G 81 71.46 -32.27 -104.96
N GLN G 82 71.21 -31.07 -104.44
CA GLN G 82 72.18 -30.00 -104.57
C GLN G 82 73.49 -30.36 -103.87
N ILE G 83 73.41 -31.11 -102.78
CA ILE G 83 74.63 -31.55 -102.09
C ILE G 83 75.49 -32.37 -103.04
N LYS G 84 74.87 -33.35 -103.71
CA LYS G 84 75.62 -34.17 -104.66
C LYS G 84 76.18 -33.32 -105.79
N LEU G 85 75.40 -32.34 -106.25
CA LEU G 85 75.87 -31.47 -107.32
C LEU G 85 77.12 -30.70 -106.90
N THR G 86 77.11 -30.17 -105.68
CA THR G 86 78.30 -29.47 -105.19
C THR G 86 79.48 -30.41 -105.06
N GLU G 87 79.23 -31.65 -104.66
CA GLU G 87 80.30 -32.65 -104.65
C GLU G 87 80.97 -32.69 -106.02
N LYS G 88 80.16 -32.81 -107.07
CA LYS G 88 80.72 -32.94 -108.41
C LYS G 88 81.43 -31.67 -108.87
N GLN G 89 80.89 -30.50 -108.52
CA GLN G 89 81.59 -29.27 -108.87
C GLN G 89 82.94 -29.20 -108.20
N GLY G 90 83.01 -29.60 -106.93
CA GLY G 90 84.30 -29.62 -106.26
C GLY G 90 85.28 -30.54 -106.94
N GLU G 91 84.82 -31.71 -107.36
CA GLU G 91 85.71 -32.62 -108.07
C GLU G 91 86.21 -31.99 -109.36
N LEU G 92 85.32 -31.32 -110.10
CA LEU G 92 85.74 -30.70 -111.35
C LEU G 92 86.80 -29.63 -111.10
N LEU G 93 86.63 -28.84 -110.04
CA LEU G 93 87.65 -27.82 -109.76
C LEU G 93 88.98 -28.45 -109.33
N ASP G 94 88.90 -29.59 -108.64
CA ASP G 94 90.12 -30.34 -108.33
C ASP G 94 90.83 -30.74 -109.61
N LYS G 95 90.07 -31.11 -110.62
CA LYS G 95 90.67 -31.35 -111.93
C LYS G 95 91.23 -30.06 -112.53
N GLN G 96 90.54 -28.95 -112.28
CA GLN G 96 90.90 -27.66 -112.86
C GLN G 96 92.28 -27.21 -112.44
N ILE G 97 92.61 -27.36 -111.16
CA ILE G 97 93.89 -26.84 -110.67
C ILE G 97 95.05 -27.55 -111.35
N ALA G 98 94.97 -28.89 -111.43
CA ALA G 98 96.02 -29.65 -112.07
C ALA G 98 96.09 -29.33 -113.56
N GLN G 99 94.94 -29.18 -114.21
CA GLN G 99 94.94 -28.82 -115.62
C GLN G 99 95.69 -27.52 -115.85
N ALA G 100 95.38 -26.49 -115.06
CA ALA G 100 96.05 -25.21 -115.24
C ALA G 100 97.53 -25.31 -114.96
N ASP G 101 97.91 -26.04 -113.91
CA ASP G 101 99.32 -26.16 -113.57
C ASP G 101 100.09 -26.82 -114.70
N LYS G 102 99.51 -27.84 -115.32
CA LYS G 102 100.14 -28.42 -116.51
C LYS G 102 100.15 -27.43 -117.68
N ASP G 103 99.12 -26.59 -117.78
CA ASP G 103 99.04 -25.59 -118.84
C ASP G 103 100.03 -24.46 -118.65
N ALA G 104 100.71 -24.40 -117.51
CA ALA G 104 101.51 -23.23 -117.14
C ALA G 104 102.45 -22.77 -118.26
N GLU G 105 103.23 -23.69 -118.83
CA GLU G 105 104.39 -23.31 -119.65
C GLU G 105 104.06 -22.96 -121.10
N LEU G 106 102.82 -23.18 -121.54
CA LEU G 106 102.47 -22.82 -122.91
C LEU G 106 102.73 -21.34 -123.17
N ILE G 107 102.50 -20.50 -122.17
CA ILE G 107 102.79 -19.08 -122.33
C ILE G 107 104.28 -18.87 -122.50
N ALA G 108 105.10 -19.66 -121.82
CA ALA G 108 106.55 -19.56 -122.01
C ALA G 108 106.94 -19.94 -123.43
N ALA G 109 106.32 -20.98 -123.97
CA ALA G 109 106.58 -21.33 -125.37
C ALA G 109 106.19 -20.17 -126.29
N LYS G 110 105.04 -19.56 -126.04
CA LYS G 110 104.63 -18.42 -126.83
C LYS G 110 105.63 -17.27 -126.70
N VAL G 111 106.18 -17.11 -125.49
CA VAL G 111 107.21 -16.11 -125.26
C VAL G 111 108.40 -16.37 -126.18
N LYS G 112 108.83 -17.62 -126.25
CA LYS G 112 109.98 -17.93 -127.10
C LYS G 112 109.67 -17.67 -128.57
N LEU G 113 108.44 -18.00 -128.99
CA LEU G 113 108.01 -17.63 -130.34
C LEU G 113 108.21 -16.14 -130.58
N THR G 114 107.70 -15.33 -129.66
CA THR G 114 107.80 -13.88 -129.82
C THR G 114 109.25 -13.44 -129.89
N LEU G 115 110.09 -13.95 -128.99
CA LEU G 115 111.49 -13.57 -128.93
C LEU G 115 112.19 -13.86 -130.25
N GLU G 116 112.03 -15.08 -130.75
CA GLU G 116 112.72 -15.46 -131.99
C GLU G 116 112.21 -14.62 -133.16
N GLN G 117 110.88 -14.45 -133.27
CA GLN G 117 110.32 -13.72 -134.39
C GLN G 117 110.78 -12.27 -134.38
N ALA G 118 110.82 -11.66 -133.20
CA ALA G 118 111.29 -10.26 -133.11
C ALA G 118 112.76 -10.16 -133.46
N LYS G 119 113.59 -11.02 -132.88
CA LYS G 119 115.03 -10.89 -133.05
C LYS G 119 115.42 -11.08 -134.51
N LEU G 120 114.99 -12.18 -135.12
CA LEU G 120 115.49 -12.46 -136.46
C LEU G 120 114.83 -11.60 -137.53
N PRO G 121 113.51 -11.70 -137.68
CA PRO G 121 112.87 -11.22 -138.92
C PRO G 121 113.04 -9.74 -139.18
N ASP G 122 112.67 -8.90 -138.22
CA ASP G 122 112.65 -7.46 -138.45
C ASP G 122 114.02 -6.94 -138.88
N SER G 123 115.02 -7.11 -138.02
CA SER G 123 116.34 -6.57 -138.30
C SER G 123 116.97 -7.23 -139.53
N GLN G 124 116.85 -8.55 -139.65
CA GLN G 124 117.48 -9.24 -140.77
C GLN G 124 116.90 -8.75 -142.09
N ILE G 125 115.57 -8.71 -142.19
CA ILE G 125 114.91 -8.25 -143.40
C ILE G 125 115.29 -6.81 -143.68
N ARG G 126 115.25 -5.94 -142.65
CA ARG G 126 115.60 -4.54 -142.85
C ARG G 126 116.97 -4.41 -143.49
N SER G 127 118.00 -4.95 -142.84
CA SER G 127 119.36 -4.78 -143.34
C SER G 127 119.53 -5.37 -144.74
N ALA G 128 119.16 -6.65 -144.89
CA ALA G 128 119.42 -7.34 -146.16
C ALA G 128 118.64 -6.69 -147.31
N GLY G 129 117.35 -6.47 -147.11
CA GLY G 129 116.55 -5.85 -148.16
C GLY G 129 117.04 -4.46 -148.51
N PHE G 130 117.36 -3.65 -147.51
CA PHE G 130 117.83 -2.30 -147.80
C PHE G 130 119.08 -2.33 -148.65
N GLN G 131 120.10 -3.09 -148.21
CA GLN G 131 121.36 -3.12 -148.96
C GLN G 131 121.15 -3.66 -150.37
N ASP G 132 120.47 -4.80 -150.48
CA ASP G 132 120.29 -5.44 -151.78
C ASP G 132 119.50 -4.55 -152.73
N LEU G 133 118.39 -3.99 -152.25
CA LEU G 133 117.56 -3.15 -153.10
C LEU G 133 118.31 -1.91 -153.54
N LEU G 134 119.04 -1.26 -152.64
CA LEU G 134 119.75 -0.05 -153.03
C LEU G 134 120.81 -0.35 -154.08
N VAL G 135 121.61 -1.40 -153.84
CA VAL G 135 122.69 -1.72 -154.79
C VAL G 135 122.10 -2.10 -156.14
N GLN G 136 121.08 -2.96 -156.14
CA GLN G 136 120.50 -3.42 -157.40
C GLN G 136 119.84 -2.27 -158.14
N GLU G 137 119.16 -1.37 -157.43
CA GLU G 137 118.51 -0.23 -158.08
C GLU G 137 119.54 0.69 -158.71
N GLN G 138 120.64 0.98 -158.00
CA GLN G 138 121.66 1.84 -158.58
C GLN G 138 122.28 1.21 -159.81
N THR G 139 122.61 -0.09 -159.72
CA THR G 139 123.21 -0.77 -160.85
C THR G 139 122.25 -0.82 -162.04
N LYS G 140 120.97 -1.08 -161.78
CA LYS G 140 119.99 -1.15 -162.86
C LYS G 140 119.78 0.21 -163.51
N VAL G 141 119.77 1.28 -162.70
CA VAL G 141 119.62 2.62 -163.27
C VAL G 141 120.81 2.94 -164.16
N GLN G 142 122.02 2.64 -163.70
CA GLN G 142 123.21 2.89 -164.52
C GLN G 142 123.16 2.08 -165.80
N THR G 143 122.77 0.81 -165.71
CA THR G 143 122.71 -0.05 -166.89
C THR G 143 121.66 0.46 -167.87
N ALA G 144 120.52 0.92 -167.36
CA ALA G 144 119.48 1.46 -168.24
C ALA G 144 119.97 2.72 -168.94
N GLN G 145 120.67 3.59 -168.23
CA GLN G 145 121.22 4.79 -168.87
C GLN G 145 122.23 4.42 -169.95
N THR G 146 123.10 3.45 -169.67
CA THR G 146 124.09 3.02 -170.66
C THR G 146 123.41 2.41 -171.88
N ARG G 147 122.37 1.60 -171.66
CA ARG G 147 121.65 0.99 -172.77
C ARG G 147 120.94 2.05 -173.61
N ARG G 148 120.39 3.07 -172.95
CA ARG G 148 119.76 4.16 -173.70
C ARG G 148 120.78 4.89 -174.55
N ILE G 149 121.97 5.14 -173.99
CA ILE G 149 123.02 5.81 -174.76
C ILE G 149 123.43 4.97 -175.96
N ASP G 150 123.62 3.66 -175.75
CA ASP G 150 124.04 2.78 -176.84
C ASP G 150 122.96 2.69 -177.92
N GLN G 151 121.69 2.61 -177.52
CA GLN G 151 120.60 2.56 -178.49
C GLN G 151 120.53 3.86 -179.28
N GLU G 152 120.74 5.00 -178.61
CA GLU G 152 120.75 6.27 -179.32
C GLU G 152 121.90 6.33 -180.31
N ILE G 153 123.07 5.83 -179.92
CA ILE G 153 124.21 5.83 -180.83
C ILE G 153 123.94 4.96 -182.05
N LEU G 154 123.36 3.77 -181.82
CA LEU G 154 123.04 2.88 -182.93
C LEU G 154 121.99 3.50 -183.85
N SER G 155 120.99 4.16 -183.28
CA SER G 155 119.95 4.81 -184.08
C SER G 155 120.54 5.95 -184.90
N ALA G 156 121.44 6.74 -184.31
CA ALA G 156 122.09 7.82 -185.04
C ALA G 156 122.95 7.27 -186.17
N GLY G 157 123.68 6.19 -185.92
CA GLY G 157 124.46 5.57 -186.98
C GLY G 157 123.59 5.02 -188.10
N PHE G 158 122.43 4.49 -187.75
CA PHE G 158 121.50 3.93 -188.73
C PHE G 158 120.96 5.00 -189.66
N THR H 2 12.66 -55.08 -43.95
CA THR H 2 13.61 -53.97 -43.89
C THR H 2 14.75 -54.17 -44.88
N ILE H 3 14.43 -54.73 -46.04
CA ILE H 3 15.45 -55.15 -47.00
C ILE H 3 15.24 -54.43 -48.32
N GLN H 4 16.33 -54.32 -49.07
CA GLN H 4 16.32 -53.78 -50.42
C GLN H 4 17.34 -54.53 -51.26
N LEU H 5 17.00 -54.76 -52.52
CA LEU H 5 17.93 -55.40 -53.43
C LEU H 5 19.06 -54.44 -53.75
N LYS H 6 20.30 -54.96 -53.71
CA LYS H 6 21.46 -54.16 -54.10
C LYS H 6 21.31 -53.61 -55.52
N GLN H 7 20.59 -54.34 -56.36
CA GLN H 7 20.44 -53.94 -57.76
C GLN H 7 19.79 -52.57 -57.87
N VAL H 8 18.68 -52.37 -57.18
CA VAL H 8 17.98 -51.10 -57.25
C VAL H 8 18.89 -49.98 -56.73
N ILE H 9 19.66 -50.29 -55.70
CA ILE H 9 20.53 -49.27 -55.11
C ILE H 9 21.53 -48.78 -56.15
N ASP H 10 22.21 -49.72 -56.81
CA ASP H 10 23.21 -49.34 -57.77
C ASP H 10 22.59 -48.64 -58.96
N LEU H 11 21.43 -49.12 -59.42
CA LEU H 11 20.77 -48.47 -60.53
C LEU H 11 20.43 -47.03 -60.23
N LEU H 12 19.97 -46.75 -59.01
CA LEU H 12 19.66 -45.37 -58.67
C LEU H 12 20.92 -44.54 -58.48
N ALA H 13 21.93 -45.09 -57.78
CA ALA H 13 23.16 -44.35 -57.56
C ALA H 13 23.87 -44.05 -58.86
N GLU H 14 23.53 -44.76 -59.93
CA GLU H 14 23.97 -44.34 -61.26
C GLU H 14 23.54 -42.91 -61.56
N GLY H 15 22.35 -42.52 -61.11
CA GLY H 15 21.82 -41.21 -61.45
C GLY H 15 22.50 -40.05 -60.77
N GLU H 16 23.33 -40.30 -59.75
CA GLU H 16 24.07 -39.27 -59.07
C GLU H 16 25.57 -39.45 -59.12
N LEU H 17 26.05 -40.63 -59.48
CA LEU H 17 27.46 -40.87 -59.71
C LEU H 17 27.80 -40.86 -61.19
N SER H 18 26.92 -40.31 -62.02
CA SER H 18 27.12 -40.38 -63.46
C SER H 18 28.28 -39.52 -63.94
N ASN H 19 28.77 -38.62 -63.11
CA ASN H 19 29.86 -37.73 -63.53
C ASN H 19 31.21 -38.42 -63.57
N ILE H 20 31.39 -39.53 -62.84
CA ILE H 20 32.72 -39.94 -62.47
C ILE H 20 33.01 -41.38 -62.88
N LYS H 21 34.18 -41.88 -62.49
CA LYS H 21 34.64 -43.18 -62.94
C LYS H 21 33.77 -44.31 -62.44
N TYR H 22 33.17 -44.17 -61.25
CA TYR H 22 32.71 -45.33 -60.50
C TYR H 22 31.74 -46.17 -61.28
N VAL H 23 30.99 -45.58 -62.19
CA VAL H 23 29.84 -46.29 -62.73
C VAL H 23 29.81 -46.18 -64.24
N ASN H 24 30.64 -45.33 -64.82
CA ASN H 24 30.42 -44.97 -66.21
C ASN H 24 31.68 -45.06 -67.04
N ILE H 25 31.61 -45.81 -68.14
CA ILE H 25 32.46 -45.56 -69.28
C ILE H 25 31.99 -44.28 -69.95
N ASP H 26 32.94 -43.49 -70.46
CA ASP H 26 32.56 -42.26 -71.15
C ASP H 26 31.62 -42.53 -72.31
N THR H 27 31.75 -43.69 -72.94
CA THR H 27 30.90 -44.07 -74.06
C THR H 27 30.00 -45.22 -73.63
N GLY H 28 28.70 -45.07 -73.80
CA GLY H 28 27.77 -46.09 -73.38
C GLY H 28 27.88 -46.35 -71.89
N ALA H 29 27.45 -45.39 -71.09
CA ALA H 29 27.65 -45.43 -69.65
C ALA H 29 27.08 -46.70 -69.03
N LEU H 30 27.95 -47.56 -68.52
CA LEU H 30 27.53 -48.82 -67.92
C LEU H 30 28.40 -49.11 -66.72
N VAL H 31 27.80 -49.76 -65.72
CA VAL H 31 28.48 -49.96 -64.44
C VAL H 31 29.78 -50.71 -64.65
N LEU H 32 30.83 -50.22 -64.01
CA LEU H 32 32.14 -50.87 -64.04
C LEU H 32 32.20 -52.02 -63.05
N GLU H 33 33.40 -52.47 -62.72
CA GLU H 33 33.56 -53.51 -61.70
C GLU H 33 34.37 -52.98 -60.52
N ARG H 34 33.99 -51.80 -60.03
CA ARG H 34 34.39 -51.29 -58.73
C ARG H 34 33.34 -51.55 -57.67
N VAL H 35 32.43 -52.47 -57.95
CA VAL H 35 31.35 -52.86 -57.06
C VAL H 35 31.88 -53.23 -55.68
N PRO H 36 33.02 -53.91 -55.55
CA PRO H 36 33.57 -54.12 -54.20
C PRO H 36 33.73 -52.83 -53.41
N SER H 37 34.32 -51.81 -54.02
CA SER H 37 34.48 -50.54 -53.32
C SER H 37 33.14 -49.91 -53.00
N LEU H 38 32.20 -49.96 -53.96
CA LEU H 38 30.89 -49.40 -53.69
C LEU H 38 30.22 -50.07 -52.49
N ILE H 39 30.29 -51.40 -52.43
CA ILE H 39 29.68 -52.12 -51.31
C ILE H 39 30.35 -51.73 -50.01
N ARG H 40 31.68 -51.62 -50.02
CA ARG H 40 32.38 -51.23 -48.81
C ARG H 40 31.96 -49.84 -48.35
N ALA H 41 31.61 -48.97 -49.28
CA ALA H 41 31.10 -47.65 -48.87
C ALA H 41 29.67 -47.75 -48.33
N ILE H 42 28.83 -48.54 -48.98
CA ILE H 42 27.43 -48.62 -48.59
C ILE H 42 27.30 -49.19 -47.19
N ASN H 43 28.15 -50.16 -46.85
CA ASN H 43 28.07 -50.73 -45.51
C ASN H 43 28.36 -49.66 -44.46
N LEU H 44 29.36 -48.82 -44.71
CA LEU H 44 29.65 -47.73 -43.80
C LEU H 44 28.46 -46.78 -43.68
N GLY H 45 27.81 -46.48 -44.80
CA GLY H 45 26.64 -45.63 -44.74
C GLY H 45 25.53 -46.21 -43.88
N VAL H 46 25.27 -47.50 -44.05
CA VAL H 46 24.24 -48.15 -43.26
C VAL H 46 24.57 -48.08 -41.78
N LEU H 47 25.84 -48.33 -41.45
CA LEU H 47 26.24 -48.25 -40.04
C LEU H 47 26.00 -46.85 -39.50
N ASP H 48 26.32 -45.83 -40.29
CA ASP H 48 26.12 -44.46 -39.82
C ASP H 48 24.65 -44.18 -39.56
N LEU H 49 23.78 -44.63 -40.45
CA LEU H 49 22.35 -44.39 -40.24
C LEU H 49 21.85 -45.10 -39.00
N HIS H 50 22.33 -46.32 -38.77
CA HIS H 50 21.94 -47.02 -37.54
C HIS H 50 22.49 -46.32 -36.31
N LYS H 51 23.59 -45.60 -36.46
CA LYS H 51 24.05 -44.76 -35.36
C LYS H 51 23.06 -43.63 -35.11
N ARG H 52 22.60 -42.98 -36.17
CA ARG H 52 21.79 -41.77 -35.98
C ARG H 52 20.40 -42.08 -35.47
N PHE H 53 19.81 -43.20 -35.91
CA PHE H 53 18.47 -43.58 -35.46
C PHE H 53 18.49 -45.01 -34.95
N LEU H 54 17.55 -45.32 -34.06
CA LEU H 54 17.53 -46.65 -33.46
C LEU H 54 17.30 -47.73 -34.49
N LEU H 55 16.10 -47.80 -35.04
CA LEU H 55 15.75 -48.68 -36.14
C LEU H 55 15.84 -50.17 -35.79
N LYS H 56 16.35 -50.50 -34.60
CA LYS H 56 16.57 -51.89 -34.24
C LYS H 56 16.84 -51.98 -32.74
N GLU H 57 16.67 -53.18 -32.21
CA GLU H 57 17.10 -53.50 -30.86
C GLU H 57 17.15 -55.01 -30.71
N GLY H 58 18.02 -55.49 -29.84
CA GLY H 58 18.22 -56.91 -29.71
C GLY H 58 18.03 -57.43 -28.30
N MET H 59 18.33 -58.71 -28.10
CA MET H 59 18.17 -59.31 -26.78
C MET H 59 19.16 -60.44 -26.62
N LEU H 60 19.55 -60.69 -25.38
CA LEU H 60 20.40 -61.83 -25.05
C LEU H 60 19.83 -62.55 -23.85
N LYS H 61 20.57 -63.50 -23.30
CA LYS H 61 20.18 -64.13 -22.06
C LYS H 61 21.42 -64.75 -21.46
N ILE H 62 21.90 -64.18 -20.36
CA ILE H 62 23.13 -64.62 -19.73
C ILE H 62 22.79 -65.53 -18.56
N GLN H 63 23.47 -66.67 -18.48
CA GLN H 63 23.32 -67.59 -17.37
C GLN H 63 24.44 -67.33 -16.38
N LEU H 64 24.08 -66.84 -15.20
CA LEU H 64 25.06 -66.36 -14.25
C LEU H 64 25.90 -67.50 -13.69
N GLU H 65 27.03 -67.14 -13.10
CA GLU H 65 27.94 -68.09 -12.46
C GLU H 65 28.53 -67.40 -11.23
N GLU H 66 28.26 -67.95 -10.06
CA GLU H 66 28.68 -67.30 -8.82
C GLU H 66 30.19 -67.17 -8.76
N GLY H 67 30.64 -66.04 -8.23
CA GLY H 67 32.06 -65.77 -8.12
C GLY H 67 32.69 -65.17 -9.35
N ARG H 68 31.93 -64.97 -10.42
CA ARG H 68 32.46 -64.36 -11.63
C ARG H 68 32.41 -62.84 -11.51
N ARG H 69 33.40 -62.18 -12.09
CA ARG H 69 33.51 -60.72 -12.00
C ARG H 69 33.21 -60.03 -13.31
N LEU H 70 33.79 -60.49 -14.42
CA LEU H 70 33.62 -59.87 -15.72
C LEU H 70 32.91 -60.82 -16.67
N TYR H 71 31.86 -60.33 -17.33
CA TYR H 71 31.14 -61.07 -18.36
C TYR H 71 31.29 -60.31 -19.66
N PRO H 72 32.18 -60.71 -20.56
CA PRO H 72 32.26 -60.06 -21.86
C PRO H 72 31.20 -60.58 -22.81
N LEU H 73 30.71 -59.71 -23.67
CA LEU H 73 29.69 -60.05 -24.66
C LEU H 73 30.35 -60.07 -26.03
N ARG H 74 30.90 -61.22 -26.41
CA ARG H 74 31.62 -61.38 -27.64
C ARG H 74 31.17 -62.65 -28.33
N PRO H 75 31.32 -62.75 -29.64
CA PRO H 75 30.72 -63.86 -30.38
C PRO H 75 31.39 -65.20 -30.17
N ALA H 76 32.32 -65.31 -29.23
CA ALA H 76 32.89 -66.59 -28.89
C ALA H 76 32.19 -67.24 -27.71
N TYR H 77 31.43 -66.48 -26.94
CA TYR H 77 30.72 -66.99 -25.77
C TYR H 77 29.26 -67.29 -26.06
N GLN H 78 28.82 -67.08 -27.29
CA GLN H 78 27.40 -67.14 -27.62
C GLN H 78 27.07 -68.53 -28.17
N VAL H 79 25.97 -69.11 -27.67
CA VAL H 79 25.57 -70.43 -28.13
C VAL H 79 25.34 -70.43 -29.63
N GLY H 80 25.75 -71.51 -30.28
CA GLY H 80 25.63 -71.62 -31.71
C GLY H 80 26.79 -71.05 -32.47
N GLN H 81 27.70 -70.34 -31.80
CA GLN H 81 28.89 -69.82 -32.43
C GLN H 81 29.99 -70.87 -32.33
N LYS H 82 31.22 -70.46 -32.60
CA LYS H 82 32.36 -71.37 -32.49
C LYS H 82 32.76 -71.51 -31.03
N PRO H 83 32.74 -72.71 -30.47
CA PRO H 83 33.06 -72.88 -29.05
C PRO H 83 34.55 -72.91 -28.77
N LYS H 84 35.18 -71.75 -28.60
CA LYS H 84 36.58 -71.72 -28.23
C LYS H 84 36.78 -72.45 -26.90
N PRO H 85 37.69 -73.43 -26.83
CA PRO H 85 37.80 -74.26 -25.62
C PRO H 85 38.04 -73.49 -24.33
N GLY H 86 38.83 -72.43 -24.37
CA GLY H 86 39.18 -71.72 -23.16
C GLY H 86 38.03 -70.94 -22.54
N VAL H 87 36.90 -70.85 -23.21
CA VAL H 87 35.80 -70.04 -22.71
C VAL H 87 34.57 -70.90 -22.52
N PRO H 88 33.81 -70.72 -21.45
CA PRO H 88 32.51 -71.37 -21.35
C PRO H 88 31.43 -70.54 -22.02
N GLN H 89 30.57 -71.20 -22.78
CA GLN H 89 29.58 -70.54 -23.62
C GLN H 89 28.36 -70.25 -22.76
N PHE H 90 28.30 -69.05 -22.19
CA PHE H 90 27.22 -68.74 -21.26
C PHE H 90 26.09 -67.91 -21.86
N ILE H 91 26.27 -67.34 -23.05
CA ILE H 91 25.19 -66.61 -23.70
C ILE H 91 24.33 -67.62 -24.44
N THR H 92 23.18 -67.97 -23.84
CA THR H 92 22.43 -69.13 -24.27
C THR H 92 21.27 -68.83 -25.19
N GLU H 93 21.02 -67.57 -25.53
CA GLU H 93 19.82 -67.26 -26.30
C GLU H 93 19.87 -65.82 -26.78
N GLY H 94 19.45 -65.59 -28.00
CA GLY H 94 19.35 -64.24 -28.52
C GLY H 94 19.75 -64.10 -29.97
N ASN H 95 19.75 -62.86 -30.47
CA ASN H 95 20.18 -62.62 -31.83
C ASN H 95 21.63 -63.01 -32.01
N LYS H 96 21.97 -63.51 -33.19
CA LYS H 96 23.33 -63.93 -33.45
C LYS H 96 24.27 -62.73 -33.39
N LEU H 97 25.32 -62.87 -32.58
CA LEU H 97 26.23 -61.76 -32.34
C LEU H 97 27.26 -61.65 -33.46
N GLY H 98 27.57 -60.42 -33.84
CA GLY H 98 28.57 -60.17 -34.84
C GLY H 98 29.64 -59.23 -34.33
N ARG H 99 30.50 -58.74 -35.22
CA ARG H 99 31.56 -57.85 -34.78
C ARG H 99 31.00 -56.50 -34.35
N GLN H 100 30.05 -55.96 -35.11
CA GLN H 100 29.39 -54.71 -34.74
C GLN H 100 27.91 -55.00 -34.55
N SER H 101 27.54 -55.31 -33.31
CA SER H 101 26.14 -55.50 -33.02
C SER H 101 25.75 -54.69 -31.80
N ILE H 102 26.66 -54.57 -30.84
CA ILE H 102 26.38 -53.87 -29.60
C ILE H 102 26.83 -52.43 -29.77
N LEU H 103 25.86 -51.54 -29.98
CA LEU H 103 26.16 -50.11 -29.98
C LEU H 103 26.04 -49.51 -28.59
N LYS H 104 25.09 -50.00 -27.79
CA LYS H 104 24.93 -49.54 -26.42
C LYS H 104 23.98 -50.47 -25.69
N ILE H 105 24.36 -50.90 -24.49
CA ILE H 105 23.47 -51.67 -23.64
C ILE H 105 22.50 -50.71 -22.97
N GLU H 106 21.22 -51.08 -22.93
CA GLU H 106 20.21 -50.16 -22.45
C GLU H 106 19.45 -50.66 -21.23
N LYS H 107 19.03 -51.92 -21.23
CA LYS H 107 18.21 -52.44 -20.15
C LYS H 107 18.75 -53.78 -19.69
N ILE H 108 18.59 -54.03 -18.40
CA ILE H 108 18.95 -55.31 -17.81
C ILE H 108 17.78 -55.75 -16.95
N ILE H 109 17.17 -56.87 -17.28
CA ILE H 109 15.99 -57.36 -16.59
C ILE H 109 16.27 -58.77 -16.08
N GLY H 110 16.01 -58.99 -14.81
N GLY H 110 16.01 -58.99 -14.81
CA GLY H 110 16.23 -60.29 -14.21
CA GLY H 110 16.23 -60.29 -14.21
C GLY H 110 15.09 -61.25 -14.48
C GLY H 110 15.09 -61.25 -14.48
N ASP H 111 15.24 -62.46 -13.95
CA ASP H 111 14.20 -63.47 -14.12
C ASP H 111 12.95 -63.16 -13.30
N ASN H 112 13.08 -62.33 -12.28
CA ASN H 112 11.96 -62.01 -11.41
C ASN H 112 11.13 -60.84 -11.92
N GLY H 113 11.54 -60.22 -13.01
CA GLY H 113 10.89 -59.02 -13.48
C GLY H 113 11.47 -57.74 -12.93
N VAL H 114 12.44 -57.81 -12.02
CA VAL H 114 13.06 -56.59 -11.52
C VAL H 114 13.89 -55.95 -12.63
N GLU H 115 14.25 -54.70 -12.41
CA GLU H 115 15.03 -53.92 -13.38
C GLU H 115 16.23 -53.34 -12.67
N TYR H 116 17.42 -53.80 -13.03
CA TYR H 116 18.62 -53.35 -12.36
C TYR H 116 19.07 -52.01 -12.94
N TYR H 117 20.02 -51.38 -12.23
CA TYR H 117 20.52 -50.07 -12.61
C TYR H 117 21.82 -50.21 -13.38
N LEU H 118 22.03 -49.33 -14.34
CA LEU H 118 23.21 -49.37 -15.20
C LEU H 118 23.99 -48.07 -15.05
N ASN H 119 25.23 -48.18 -14.59
CA ASN H 119 26.13 -47.03 -14.45
C ASN H 119 25.51 -45.93 -13.61
N ASP H 120 24.75 -46.30 -12.59
CA ASP H 120 24.18 -45.33 -11.65
C ASP H 120 24.87 -45.59 -10.32
N THR H 121 25.93 -44.84 -10.05
CA THR H 121 26.76 -45.11 -8.90
C THR H 121 25.95 -44.97 -7.62
N TRP H 122 26.30 -45.78 -6.63
CA TRP H 122 25.72 -45.80 -5.29
C TRP H 122 24.28 -46.25 -5.28
N GLN H 123 23.71 -46.67 -6.41
CA GLN H 123 22.40 -47.25 -6.40
C GLN H 123 22.46 -48.66 -5.83
N PRO H 124 21.34 -49.19 -5.34
CA PRO H 124 21.38 -50.45 -4.58
C PRO H 124 22.14 -51.57 -5.24
N LEU H 125 21.73 -51.98 -6.43
CA LEU H 125 22.36 -53.08 -7.15
C LEU H 125 22.80 -52.54 -8.50
N ASN H 126 23.98 -51.96 -8.54
CA ASN H 126 24.47 -51.28 -9.73
C ASN H 126 25.33 -52.21 -10.55
N ILE H 127 25.20 -52.11 -11.86
CA ILE H 127 25.98 -52.89 -12.81
C ILE H 127 26.82 -51.92 -13.63
N THR H 128 28.12 -52.19 -13.70
CA THR H 128 29.07 -51.28 -14.32
C THR H 128 29.66 -51.90 -15.57
N THR H 129 29.81 -51.09 -16.61
CA THR H 129 30.44 -51.53 -17.85
C THR H 129 31.82 -50.90 -17.95
N PRO H 130 32.89 -51.61 -17.67
CA PRO H 130 34.22 -50.99 -17.68
C PRO H 130 34.77 -50.78 -19.07
N GLU H 131 34.30 -51.56 -20.05
CA GLU H 131 34.91 -51.49 -21.37
C GLU H 131 33.86 -51.57 -22.47
N PHE H 132 32.65 -51.10 -22.20
CA PHE H 132 31.65 -50.86 -23.23
C PHE H 132 31.05 -52.11 -23.84
N ASP H 133 31.64 -53.27 -23.57
CA ASP H 133 31.12 -54.54 -24.07
C ASP H 133 31.25 -55.63 -23.03
N VAL H 134 31.43 -55.26 -21.77
CA VAL H 134 31.65 -56.19 -20.68
C VAL H 134 30.84 -55.72 -19.49
N LEU H 135 30.29 -56.66 -18.74
CA LEU H 135 29.54 -56.36 -17.54
C LEU H 135 30.39 -56.71 -16.33
N GLU H 136 30.60 -55.76 -15.44
CA GLU H 136 31.30 -56.00 -14.19
C GLU H 136 30.26 -56.16 -13.10
N ILE H 137 30.26 -57.31 -12.45
CA ILE H 137 29.26 -57.63 -11.44
C ILE H 137 29.94 -57.78 -10.09
N SER H 138 29.57 -56.92 -9.16
CA SER H 138 30.20 -56.94 -7.84
C SER H 138 29.69 -58.11 -7.02
N ASP H 139 30.37 -58.37 -5.91
CA ASP H 139 29.99 -59.49 -5.05
C ASP H 139 28.70 -59.21 -4.29
N GLU H 140 28.41 -57.95 -3.98
CA GLU H 140 27.16 -57.63 -3.32
C GLU H 140 25.97 -58.05 -4.18
N PHE H 141 26.14 -58.02 -5.49
CA PHE H 141 25.08 -58.54 -6.37
C PHE H 141 24.79 -59.99 -6.07
N TYR H 142 25.84 -60.81 -5.94
CA TYR H 142 25.63 -62.20 -5.61
C TYR H 142 25.05 -62.35 -4.21
N CYS H 143 25.49 -61.49 -3.29
CA CYS H 143 24.97 -61.55 -1.92
C CYS H 143 23.46 -61.35 -1.91
N HIS H 144 22.97 -60.34 -2.63
CA HIS H 144 21.54 -60.10 -2.76
C HIS H 144 21.20 -60.04 -4.24
N SER H 145 21.06 -61.22 -4.85
CA SER H 145 20.65 -61.31 -6.25
C SER H 145 19.32 -62.03 -6.41
N SER H 146 19.21 -63.27 -5.93
CA SER H 146 18.01 -64.09 -6.08
C SER H 146 17.59 -64.24 -7.52
N SER H 147 18.55 -64.13 -8.45
CA SER H 147 18.25 -64.22 -9.87
C SER H 147 19.30 -65.11 -10.51
N LYS H 148 18.86 -66.15 -11.21
CA LYS H 148 19.80 -67.07 -11.82
C LYS H 148 20.16 -66.69 -13.25
N THR H 149 19.49 -65.70 -13.83
CA THR H 149 19.77 -65.36 -15.22
C THR H 149 19.47 -63.88 -15.44
N LEU H 150 19.92 -63.37 -16.58
CA LEU H 150 19.73 -61.99 -16.93
C LEU H 150 19.27 -61.89 -18.37
N GLU H 151 18.57 -60.80 -18.67
CA GLU H 151 18.15 -60.48 -20.03
C GLU H 151 18.64 -59.09 -20.37
N VAL H 152 19.32 -58.96 -21.50
CA VAL H 152 19.96 -57.72 -21.89
C VAL H 152 19.34 -57.23 -23.18
N ARG H 153 19.13 -55.92 -23.27
CA ARG H 153 18.67 -55.29 -24.49
C ARG H 153 19.67 -54.21 -24.88
N TYR H 154 19.79 -53.98 -26.18
CA TYR H 154 20.85 -53.11 -26.67
C TYR H 154 20.50 -52.61 -28.05
N ARG H 155 21.15 -51.53 -28.44
CA ARG H 155 20.94 -50.95 -29.75
C ARG H 155 21.77 -51.69 -30.78
N ARG H 156 21.13 -52.16 -31.84
CA ARG H 156 21.77 -53.03 -32.81
C ARG H 156 22.15 -52.29 -34.08
N ALA H 157 23.05 -52.92 -34.83
CA ALA H 157 23.38 -52.55 -36.19
C ALA H 157 23.52 -53.86 -36.94
N PRO H 158 23.06 -53.93 -38.18
CA PRO H 158 23.01 -55.21 -38.88
C PRO H 158 24.39 -55.70 -39.26
N THR H 159 24.49 -57.01 -39.44
CA THR H 159 25.75 -57.61 -39.87
C THR H 159 25.78 -57.66 -41.39
N PRO H 160 26.73 -56.98 -42.04
CA PRO H 160 26.73 -56.93 -43.50
C PRO H 160 26.98 -58.31 -44.10
N MET H 161 26.40 -58.55 -45.26
CA MET H 161 26.56 -59.82 -45.94
C MET H 161 27.93 -59.91 -46.59
N LYS H 162 28.49 -61.12 -46.58
CA LYS H 162 29.85 -61.35 -47.07
C LYS H 162 29.83 -61.49 -48.59
N ILE H 163 30.52 -60.59 -49.27
CA ILE H 163 30.70 -60.69 -50.71
C ILE H 163 31.86 -61.65 -50.99
N CYS H 164 31.85 -62.26 -52.17
CA CYS H 164 32.87 -63.22 -52.53
C CYS H 164 33.21 -63.10 -54.00
N VAL H 165 34.43 -63.51 -54.35
CA VAL H 165 34.92 -63.35 -55.71
C VAL H 165 34.09 -64.17 -56.70
N ASP H 166 33.61 -65.34 -56.27
CA ASP H 166 32.64 -66.06 -57.08
C ASP H 166 31.29 -65.36 -57.08
N ASN H 167 30.93 -64.71 -55.96
CA ASN H 167 29.68 -63.97 -55.86
C ASN H 167 29.66 -62.74 -56.76
N LEU H 168 30.80 -62.32 -57.29
CA LEU H 168 30.81 -61.26 -58.29
C LEU H 168 29.93 -61.56 -59.50
N ASP H 169 29.44 -62.78 -59.63
CA ASP H 169 28.54 -63.09 -60.74
C ASP H 169 27.24 -62.31 -60.63
N SER H 170 26.59 -62.35 -59.48
CA SER H 170 25.25 -61.79 -59.33
C SER H 170 25.26 -60.42 -58.66
N TRP H 171 25.74 -60.35 -57.42
CA TRP H 171 25.83 -59.13 -56.63
C TRP H 171 24.47 -58.45 -56.51
N GLY H 172 23.43 -59.06 -57.09
CA GLY H 172 22.11 -58.50 -57.10
C GLY H 172 21.19 -59.20 -56.14
N CYS H 173 21.65 -60.33 -55.61
CA CYS H 173 20.93 -61.01 -54.55
C CYS H 173 21.28 -60.47 -53.16
N ILE H 174 22.31 -59.63 -53.07
CA ILE H 174 22.65 -59.02 -51.80
C ILE H 174 21.50 -58.12 -51.36
N ASP H 175 21.19 -58.16 -50.08
CA ASP H 175 20.06 -57.41 -49.53
C ASP H 175 20.58 -56.45 -48.46
N ILE H 176 20.41 -55.16 -48.69
CA ILE H 176 20.72 -54.18 -47.67
C ILE H 176 19.57 -54.12 -46.67
N ASP H 177 19.91 -53.94 -45.40
CA ASP H 177 18.94 -53.99 -44.31
C ASP H 177 18.61 -52.56 -43.88
N LEU H 178 17.63 -51.96 -44.56
CA LEU H 178 17.19 -50.61 -44.25
C LEU H 178 15.75 -50.43 -44.69
N PRO H 179 15.00 -49.55 -44.02
CA PRO H 179 13.76 -49.07 -44.60
C PRO H 179 14.06 -48.12 -45.75
N TYR H 180 13.04 -47.85 -46.56
CA TYR H 180 13.27 -47.12 -47.81
C TYR H 180 13.57 -45.64 -47.57
N THR H 181 12.98 -45.05 -46.52
CA THR H 181 13.26 -43.67 -46.17
C THR H 181 14.76 -43.44 -46.01
N HIS H 182 15.35 -44.18 -45.09
CA HIS H 182 16.78 -44.04 -44.90
C HIS H 182 17.56 -44.48 -46.12
N LEU H 183 16.93 -45.18 -47.06
CA LEU H 183 17.55 -45.34 -48.38
C LEU H 183 17.71 -44.01 -49.08
N GLN H 184 16.63 -43.23 -49.14
CA GLN H 184 16.76 -41.93 -49.79
C GLN H 184 17.88 -41.13 -49.15
N ALA H 185 18.05 -41.24 -47.84
CA ALA H 185 19.17 -40.53 -47.20
C ALA H 185 20.52 -41.15 -47.56
N LEU H 186 20.59 -42.48 -47.59
CA LEU H 186 21.83 -43.18 -47.86
C LEU H 186 22.40 -42.80 -49.22
N LEU H 187 21.52 -42.52 -50.18
CA LEU H 187 22.00 -42.09 -51.49
C LEU H 187 22.89 -40.86 -51.36
N TYR H 188 22.42 -39.83 -50.65
CA TYR H 188 23.23 -38.63 -50.48
C TYR H 188 24.51 -38.94 -49.74
N PHE H 189 24.44 -39.76 -48.70
CA PHE H 189 25.67 -40.06 -47.96
C PHE H 189 26.74 -40.63 -48.90
N VAL H 190 26.37 -41.66 -49.66
CA VAL H 190 27.32 -42.31 -50.54
C VAL H 190 27.83 -41.34 -51.59
N ALA H 191 26.93 -40.55 -52.17
CA ALA H 191 27.34 -39.63 -53.21
C ALA H 191 28.36 -38.62 -52.69
N SER H 192 28.13 -38.08 -51.50
CA SER H 192 29.09 -37.14 -50.93
C SER H 192 30.44 -37.79 -50.73
N ARG H 193 30.46 -38.95 -50.06
CA ARG H 193 31.73 -39.59 -49.78
C ARG H 193 32.48 -39.90 -51.07
N CYS H 194 31.76 -40.29 -52.10
CA CYS H 194 32.40 -40.70 -53.35
C CYS H 194 32.88 -39.51 -54.16
N GLN H 195 32.13 -38.41 -54.16
CA GLN H 195 32.47 -37.26 -54.98
C GLN H 195 33.46 -36.31 -54.32
N THR H 196 33.72 -36.45 -53.03
CA THR H 196 34.60 -35.48 -52.40
C THR H 196 35.95 -35.29 -53.10
N PRO H 197 36.73 -36.35 -53.37
CA PRO H 197 38.12 -36.16 -53.81
C PRO H 197 38.31 -36.12 -55.33
N ILE H 198 37.53 -35.29 -56.01
CA ILE H 198 37.61 -35.19 -57.47
C ILE H 198 37.19 -33.78 -57.89
N GLY H 199 37.90 -33.21 -58.84
CA GLY H 199 37.43 -31.99 -59.47
C GLY H 199 38.33 -30.81 -59.16
N PHE H 200 38.53 -29.94 -60.15
CA PHE H 200 39.38 -28.79 -60.00
C PHE H 200 38.79 -27.50 -60.55
N MET H 201 37.54 -27.51 -60.99
CA MET H 201 36.89 -26.30 -61.45
C MET H 201 36.06 -25.70 -60.34
N GLU H 202 35.69 -24.42 -60.53
CA GLU H 202 35.07 -23.66 -59.45
C GLU H 202 33.80 -24.31 -58.96
N ASN H 203 32.88 -24.62 -59.86
CA ASN H 203 31.62 -25.22 -59.46
C ASN H 203 31.70 -26.73 -59.25
N THR H 204 32.72 -27.38 -59.80
CA THR H 204 32.85 -28.82 -59.62
C THR H 204 33.64 -29.18 -58.38
N ALA H 205 34.21 -28.21 -57.68
CA ALA H 205 34.92 -28.50 -56.44
C ALA H 205 34.02 -28.45 -55.23
N GLN H 206 32.72 -28.22 -55.39
CA GLN H 206 31.82 -28.05 -54.26
C GLN H 206 30.74 -29.13 -54.18
N GLU H 207 30.79 -30.14 -55.05
CA GLU H 207 29.72 -31.13 -55.05
C GLU H 207 29.72 -31.95 -53.77
N GLY H 208 30.89 -32.34 -53.28
CA GLY H 208 30.94 -33.06 -52.03
C GLY H 208 30.33 -32.27 -50.89
N PHE H 209 30.67 -30.98 -50.81
CA PHE H 209 30.11 -30.15 -49.76
C PHE H 209 28.61 -30.04 -49.89
N ASN H 210 28.10 -29.85 -51.11
CA ASN H 210 26.66 -29.72 -51.30
C ASN H 210 25.95 -31.00 -50.88
N PHE H 211 26.51 -32.15 -51.25
CA PHE H 211 25.86 -33.40 -50.88
C PHE H 211 25.88 -33.61 -49.38
N SER H 212 26.95 -33.18 -48.71
CA SER H 212 26.95 -33.25 -47.26
C SER H 212 25.83 -32.40 -46.68
N GLN H 213 25.64 -31.20 -47.21
CA GLN H 213 24.57 -30.34 -46.72
C GLN H 213 23.22 -31.00 -46.91
N LYS H 214 22.99 -31.59 -48.07
CA LYS H 214 21.71 -32.22 -48.33
C LYS H 214 21.50 -33.43 -47.44
N TYR H 215 22.57 -34.17 -47.16
CA TYR H 215 22.47 -35.31 -46.25
C TYR H 215 22.01 -34.86 -44.87
N GLU H 216 22.61 -33.78 -44.36
CA GLU H 216 22.20 -33.28 -43.05
C GLU H 216 20.75 -32.81 -43.08
N ALA H 217 20.35 -32.12 -44.14
CA ALA H 217 18.98 -31.64 -44.23
C ALA H 217 18.00 -32.82 -44.22
N GLU H 218 18.31 -33.88 -44.96
CA GLU H 218 17.44 -35.03 -44.99
C GLU H 218 17.34 -35.71 -43.63
N CYS H 219 18.46 -35.82 -42.92
CA CYS H 219 18.40 -36.39 -41.59
C CYS H 219 17.49 -35.57 -40.69
N ALA H 220 17.59 -34.25 -40.77
CA ALA H 220 16.71 -33.40 -39.98
C ALA H 220 15.25 -33.63 -40.34
N ASN H 221 14.96 -33.78 -41.64
CA ASN H 221 13.57 -33.99 -42.04
C ASN H 221 13.04 -35.32 -41.52
N LEU H 222 13.86 -36.36 -41.54
CA LEU H 222 13.40 -37.63 -41.00
C LEU H 222 13.13 -37.51 -39.51
N ASP H 223 14.00 -36.80 -38.78
CA ASP H 223 13.74 -36.59 -37.36
C ASP H 223 12.42 -35.87 -37.16
N ALA H 224 12.15 -34.85 -37.97
CA ALA H 224 10.90 -34.11 -37.82
C ALA H 224 9.70 -34.99 -38.11
N GLN H 225 9.78 -35.81 -39.14
CA GLN H 225 8.65 -36.67 -39.48
C GLN H 225 8.48 -37.82 -38.50
N ASN H 226 9.49 -38.10 -37.69
CA ASN H 226 9.39 -39.13 -36.66
C ASN H 226 9.15 -40.50 -37.28
N LEU H 227 10.07 -40.89 -38.17
CA LEU H 227 10.04 -42.20 -38.80
C LEU H 227 11.02 -43.17 -38.17
N ARG H 228 11.22 -43.07 -36.86
CA ARG H 228 12.04 -44.01 -36.12
C ARG H 228 11.35 -44.37 -34.81
N ILE H 229 11.86 -45.42 -34.17
CA ILE H 229 11.28 -45.88 -32.91
C ILE H 229 11.56 -44.87 -31.82
N ASP H 230 10.59 -44.66 -30.93
CA ASP H 230 10.74 -43.72 -29.83
C ASP H 230 9.85 -44.13 -28.67
N PRO H 231 10.38 -44.87 -27.72
CA PRO H 231 9.63 -45.14 -26.49
C PRO H 231 9.42 -43.85 -25.71
N VAL H 232 8.30 -43.79 -25.00
CA VAL H 232 7.98 -42.69 -24.11
C VAL H 232 7.46 -43.28 -22.81
N GLY H 233 8.00 -42.81 -21.68
CA GLY H 233 7.74 -43.45 -20.40
C GLY H 233 6.53 -42.87 -19.68
N ASN H 234 5.71 -43.76 -19.14
CA ASN H 234 4.57 -43.40 -18.31
C ASN H 234 4.63 -44.28 -17.06
N GLN H 235 5.35 -43.85 -16.03
CA GLN H 235 5.37 -44.64 -14.83
C GLN H 235 4.01 -44.65 -14.15
N ASP H 236 3.88 -45.54 -13.17
CA ASP H 236 2.67 -45.61 -12.38
C ASP H 236 2.68 -44.58 -11.26
N ARG H 237 3.63 -44.71 -10.34
CA ARG H 237 3.80 -43.80 -9.21
C ARG H 237 2.65 -43.91 -8.21
N PHE H 238 1.63 -44.69 -8.52
CA PHE H 238 0.46 -44.79 -7.67
C PHE H 238 0.33 -46.13 -6.98
N THR H 239 1.21 -47.09 -7.26
CA THR H 239 1.14 -48.39 -6.64
C THR H 239 2.20 -48.61 -5.58
N ARG H 240 3.14 -47.68 -5.42
CA ARG H 240 4.13 -47.81 -4.36
C ARG H 240 3.47 -47.91 -3.00
N GLY H 241 2.31 -47.29 -2.84
CA GLY H 241 1.61 -47.26 -1.57
C GLY H 241 1.88 -45.94 -0.91
N GLY H 242 0.96 -45.00 -1.04
CA GLY H 242 1.17 -43.68 -0.49
C GLY H 242 0.75 -42.54 -1.38
N TRP H 243 0.82 -42.72 -2.69
CA TRP H 243 0.42 -41.65 -3.60
C TRP H 243 -1.05 -41.77 -4.01
N VAL H 244 -1.95 -41.92 -3.06
CA VAL H 244 -3.35 -42.04 -3.39
C VAL H 244 -4.22 -41.82 -2.17
N ARG I 21 -23.07 -87.78 32.24
CA ARG I 21 -23.68 -87.18 31.05
C ARG I 21 -24.00 -85.71 31.32
N LEU I 22 -23.94 -85.35 32.61
CA LEU I 22 -24.04 -83.98 33.09
C LEU I 22 -25.45 -83.42 33.01
N GLN I 23 -26.35 -84.12 32.35
CA GLN I 23 -27.73 -83.69 32.21
C GLN I 23 -28.59 -84.88 31.81
N PRO I 24 -28.78 -85.86 32.70
CA PRO I 24 -29.52 -87.07 32.30
C PRO I 24 -30.98 -86.80 31.96
N GLU I 25 -31.56 -85.71 32.44
CA GLU I 25 -32.98 -85.45 32.22
C GLU I 25 -33.26 -84.63 30.98
N TRP I 26 -32.24 -84.29 30.20
CA TRP I 26 -32.44 -83.54 28.96
C TRP I 26 -32.59 -84.53 27.82
N SER I 27 -33.79 -84.60 27.25
CA SER I 27 -34.07 -85.58 26.22
C SER I 27 -33.19 -85.37 24.99
N ASN I 28 -32.96 -84.11 24.63
CA ASN I 28 -32.18 -83.77 23.44
C ASN I 28 -31.10 -82.78 23.87
N ALA I 29 -30.03 -83.26 24.34
CA ALA I 29 -29.00 -82.31 24.71
C ALA I 29 -28.01 -82.13 23.57
N PRO I 30 -27.46 -80.94 23.40
CA PRO I 30 -26.47 -80.73 22.34
C PRO I 30 -25.22 -81.55 22.59
N SER I 31 -24.59 -81.98 21.51
CA SER I 31 -23.30 -82.64 21.58
C SER I 31 -22.22 -81.70 21.08
N LEU I 32 -20.98 -82.02 21.42
CA LEU I 32 -19.87 -81.17 21.05
C LEU I 32 -19.80 -80.97 19.54
N ALA I 33 -20.32 -81.93 18.77
CA ALA I 33 -20.27 -81.81 17.32
C ALA I 33 -21.09 -80.62 16.83
N GLN I 34 -22.33 -80.50 17.30
CA GLN I 34 -23.18 -79.42 16.81
C GLN I 34 -22.64 -78.06 17.23
N LEU I 35 -22.09 -77.95 18.44
CA LEU I 35 -21.58 -76.69 18.90
C LEU I 35 -20.45 -76.20 18.01
N LYS I 36 -19.44 -77.05 17.78
CA LYS I 36 -18.36 -76.67 16.89
C LYS I 36 -18.86 -76.45 15.47
N GLN I 37 -19.92 -77.16 15.09
CA GLN I 37 -20.48 -76.99 13.75
C GLN I 37 -21.01 -75.57 13.58
N ASP I 38 -21.79 -75.10 14.55
CA ASP I 38 -22.29 -73.73 14.47
C ASP I 38 -21.17 -72.72 14.59
N TYR I 39 -20.13 -73.07 15.34
CA TYR I 39 -19.00 -72.16 15.48
C TYR I 39 -18.34 -71.89 14.14
N GLN I 40 -18.19 -72.93 13.32
CA GLN I 40 -17.55 -72.75 12.02
C GLN I 40 -18.35 -71.84 11.12
N GLU I 41 -19.67 -72.01 11.09
CA GLU I 41 -20.49 -71.30 10.11
C GLU I 41 -20.59 -69.80 10.39
N ALA I 42 -20.15 -69.34 11.56
CA ALA I 42 -20.23 -67.91 11.86
C ALA I 42 -18.90 -67.19 11.69
N LYS I 43 -17.78 -67.92 11.80
CA LYS I 43 -16.50 -67.30 11.46
C LYS I 43 -16.47 -66.86 10.01
N GLN I 44 -17.15 -67.60 9.14
CA GLN I 44 -17.21 -67.24 7.72
C GLN I 44 -17.75 -65.84 7.53
N VAL I 45 -18.55 -65.35 8.47
CA VAL I 45 -19.08 -64.01 8.41
C VAL I 45 -18.21 -63.03 9.21
N THR I 46 -17.81 -63.41 10.41
CA THR I 46 -17.07 -62.46 11.25
C THR I 46 -15.69 -62.14 10.70
N ASP I 47 -15.12 -63.01 9.86
CA ASP I 47 -13.78 -62.76 9.36
C ASP I 47 -13.71 -61.48 8.53
N GLU I 48 -14.76 -61.19 7.78
CA GLU I 48 -14.78 -59.96 6.99
C GLU I 48 -14.61 -58.74 7.88
N LYS I 49 -15.41 -58.66 8.93
CA LYS I 49 -15.33 -57.52 9.81
C LYS I 49 -14.01 -57.49 10.56
N ILE I 50 -13.47 -58.66 10.91
CA ILE I 50 -12.18 -58.67 11.59
C ILE I 50 -11.09 -58.11 10.69
N THR I 51 -11.09 -58.51 9.42
CA THR I 51 -10.09 -57.98 8.49
C THR I 51 -10.28 -56.48 8.29
N GLN I 52 -11.52 -56.03 8.22
CA GLN I 52 -11.77 -54.61 8.07
C GLN I 52 -11.20 -53.82 9.25
N ILE I 53 -11.45 -54.31 10.46
CA ILE I 53 -10.95 -53.62 11.64
C ILE I 53 -9.43 -53.66 11.69
N ASN I 54 -8.85 -54.78 11.27
CA ASN I 54 -7.39 -54.86 11.22
C ASN I 54 -6.82 -53.84 10.27
N ARG I 55 -7.46 -53.67 9.11
CA ARG I 55 -7.00 -52.67 8.16
C ARG I 55 -7.09 -51.28 8.76
N TRP I 56 -8.19 -50.98 9.46
CA TRP I 56 -8.30 -49.69 10.11
C TRP I 56 -7.18 -49.47 11.12
N LEU I 57 -6.93 -50.49 11.94
CA LEU I 57 -5.92 -50.34 12.98
C LEU I 57 -4.53 -50.17 12.40
N ASP I 58 -4.23 -50.84 11.29
CA ASP I 58 -2.90 -50.75 10.71
C ASP I 58 -2.57 -49.38 10.15
N TYR I 59 -3.47 -48.40 10.28
CA TYR I 59 -3.17 -47.07 9.79
C TYR I 59 -2.91 -46.08 10.90
N MET I 60 -3.64 -46.14 12.01
CA MET I 60 -3.35 -45.22 13.10
C MET I 60 -1.97 -45.51 13.69
N HIS I 61 -1.62 -46.78 13.83
CA HIS I 61 -0.24 -47.19 14.03
C HIS I 61 0.32 -47.52 12.66
N VAL I 62 1.38 -46.85 12.26
CA VAL I 62 1.88 -47.07 10.91
C VAL I 62 2.60 -48.41 10.89
N ARG I 63 1.88 -49.47 10.51
CA ARG I 63 2.44 -50.81 10.47
C ARG I 63 1.92 -51.50 9.23
N GLY I 64 2.47 -52.69 8.98
CA GLY I 64 1.98 -53.56 7.92
C GLY I 64 1.70 -52.85 6.62
N GLU I 65 0.47 -52.96 6.14
CA GLU I 65 0.11 -52.31 4.89
C GLU I 65 -0.04 -50.81 5.04
N GLY I 66 -0.03 -50.28 6.26
CA GLY I 66 -0.03 -48.84 6.42
C GLY I 66 1.32 -48.20 6.25
N LYS I 67 2.38 -48.98 6.24
CA LYS I 67 3.72 -48.44 6.05
C LYS I 67 3.99 -48.25 4.56
N PRO I 68 4.28 -47.04 4.10
CA PRO I 68 4.51 -46.84 2.67
C PRO I 68 5.83 -47.46 2.23
N LYS I 69 5.83 -48.03 1.03
CA LYS I 69 7.03 -48.61 0.45
C LYS I 69 7.74 -47.55 -0.37
N THR I 70 8.98 -47.25 0.00
CA THR I 70 9.76 -46.21 -0.65
C THR I 70 11.10 -46.77 -1.11
N GLU I 71 11.62 -46.19 -2.19
CA GLU I 71 12.89 -46.61 -2.73
C GLU I 71 14.03 -46.21 -1.81
N LYS I 72 15.14 -46.92 -1.92
CA LYS I 72 16.34 -46.54 -1.19
C LYS I 72 16.91 -45.26 -1.77
N GLY I 73 17.26 -44.32 -0.91
CA GLY I 73 17.75 -43.03 -1.35
C GLY I 73 16.72 -41.92 -1.32
N LYS I 74 15.50 -42.21 -0.88
CA LYS I 74 14.47 -41.20 -0.72
C LYS I 74 13.87 -41.31 0.67
N SER I 75 13.15 -40.27 1.07
CA SER I 75 12.66 -40.20 2.43
C SER I 75 11.60 -41.26 2.68
N ALA I 76 11.37 -41.54 3.97
CA ALA I 76 10.34 -42.50 4.37
C ALA I 76 9.57 -42.01 5.59
N VAL I 77 9.46 -40.71 5.77
CA VAL I 77 8.72 -40.16 6.90
C VAL I 77 7.23 -40.26 6.62
N GLN I 78 6.45 -40.31 7.69
CA GLN I 78 5.01 -40.44 7.55
C GLN I 78 4.31 -39.85 8.76
N PRO I 79 3.70 -38.68 8.64
CA PRO I 79 3.08 -38.04 9.80
C PRO I 79 1.77 -38.72 10.15
N PRO I 80 1.60 -39.12 11.41
CA PRO I 80 0.32 -39.70 11.82
C PRO I 80 -0.75 -38.61 11.92
N THR I 81 -1.93 -38.90 11.40
CA THR I 81 -3.06 -38.02 11.57
C THR I 81 -4.25 -38.66 12.25
N ILE I 82 -4.50 -39.95 12.01
CA ILE I 82 -5.60 -40.61 12.70
C ILE I 82 -5.33 -40.65 14.20
N ARG I 83 -4.11 -41.00 14.58
CA ARG I 83 -3.75 -40.96 15.99
C ARG I 83 -3.83 -39.54 16.53
N LYS I 84 -3.38 -38.57 15.73
CA LYS I 84 -3.48 -37.18 16.11
C LYS I 84 -4.91 -36.81 16.46
N GLN I 85 -5.86 -37.25 15.65
CA GLN I 85 -7.26 -36.94 15.90
C GLN I 85 -7.75 -37.66 17.15
N ALA I 86 -7.42 -38.94 17.30
CA ALA I 86 -7.95 -39.69 18.43
C ALA I 86 -7.44 -39.15 19.76
N GLU I 87 -6.22 -38.63 19.78
CA GLU I 87 -5.67 -38.10 21.03
C GLU I 87 -6.47 -36.93 21.54
N TRP I 88 -7.07 -36.15 20.64
CA TRP I 88 -7.84 -34.99 21.04
C TRP I 88 -9.29 -35.29 21.31
N ARG I 89 -9.68 -36.56 21.22
CA ARG I 89 -11.05 -36.96 21.53
C ARG I 89 -11.14 -37.87 22.73
N TYR I 90 -10.09 -38.62 23.04
CA TYR I 90 -10.15 -39.55 24.17
C TYR I 90 -10.59 -38.85 25.45
N SER I 91 -9.92 -37.75 25.80
CA SER I 91 -10.18 -37.12 27.08
C SER I 91 -11.55 -36.45 27.10
N SER I 92 -11.89 -35.75 26.02
CA SER I 92 -13.19 -35.10 25.97
C SER I 92 -14.32 -36.10 26.02
N LEU I 93 -14.08 -37.34 25.64
CA LEU I 93 -15.12 -38.35 25.79
C LEU I 93 -15.13 -38.95 27.19
N SER I 94 -13.96 -39.22 27.75
CA SER I 94 -13.92 -39.95 29.01
C SER I 94 -14.20 -39.07 30.22
N GLU I 95 -14.07 -37.75 30.08
CA GLU I 95 -14.20 -36.88 31.25
C GLU I 95 -15.58 -36.93 31.91
N PRO I 96 -16.70 -36.81 31.18
CA PRO I 96 -18.00 -36.66 31.85
C PRO I 96 -18.40 -37.84 32.72
N PHE I 97 -17.60 -38.89 32.76
CA PHE I 97 -17.84 -40.00 33.67
C PHE I 97 -17.04 -39.90 34.95
N LEU I 98 -15.76 -39.58 34.85
CA LEU I 98 -14.89 -39.53 36.02
C LEU I 98 -14.87 -38.16 36.68
N SER I 99 -15.51 -37.15 36.09
CA SER I 99 -15.47 -35.83 36.71
C SER I 99 -16.25 -35.75 38.01
N SER I 100 -17.05 -36.76 38.34
CA SER I 100 -17.91 -36.73 39.51
C SER I 100 -17.45 -37.75 40.54
N PRO I 101 -17.79 -37.53 41.82
CA PRO I 101 -17.35 -38.49 42.84
C PRO I 101 -17.85 -39.90 42.62
N ASN I 102 -19.08 -40.07 42.14
CA ASN I 102 -19.61 -41.39 41.83
C ASN I 102 -20.41 -41.31 40.55
N ILE I 103 -20.44 -42.42 39.81
CA ILE I 103 -21.02 -42.40 38.47
C ILE I 103 -22.53 -42.31 38.55
N PHE I 104 -23.17 -43.32 39.15
CA PHE I 104 -24.60 -43.50 38.99
C PHE I 104 -25.37 -42.55 39.89
N GLU I 105 -26.69 -42.54 39.69
CA GLU I 105 -27.59 -41.72 40.47
C GLU I 105 -28.98 -42.33 40.37
N VAL I 106 -29.51 -42.79 41.49
CA VAL I 106 -30.77 -43.53 41.51
C VAL I 106 -31.84 -42.68 42.18
N ASN I 107 -33.00 -42.58 41.54
CA ASN I 107 -34.11 -41.81 42.06
C ASN I 107 -35.37 -42.65 42.06
N PRO I 108 -36.26 -42.43 43.02
CA PRO I 108 -37.49 -43.23 43.06
C PRO I 108 -38.45 -42.82 41.97
N VAL I 109 -39.37 -43.72 41.66
CA VAL I 109 -40.45 -43.46 40.73
C VAL I 109 -41.72 -43.05 41.45
N THR I 110 -42.03 -43.73 42.54
CA THR I 110 -43.22 -43.46 43.34
C THR I 110 -42.83 -43.42 44.80
N TRP I 111 -43.65 -42.73 45.59
CA TRP I 111 -43.31 -42.51 46.99
C TRP I 111 -43.14 -43.81 47.77
N GLU I 112 -43.71 -44.91 47.29
CA GLU I 112 -43.47 -46.20 47.91
C GLU I 112 -41.97 -46.50 47.97
N ASP I 113 -41.21 -45.97 47.04
CA ASP I 113 -39.77 -46.14 46.94
C ASP I 113 -39.10 -45.08 47.82
N ALA I 114 -37.82 -44.83 47.59
CA ALA I 114 -36.92 -43.90 48.28
C ALA I 114 -36.31 -44.52 49.52
N GLU I 115 -36.59 -45.78 49.84
CA GLU I 115 -35.75 -46.54 50.74
C GLU I 115 -34.94 -47.57 49.97
N SER I 116 -35.63 -48.42 49.19
CA SER I 116 -34.94 -49.32 48.28
C SER I 116 -34.05 -48.54 47.33
N ALA I 117 -34.54 -47.40 46.83
CA ALA I 117 -33.74 -46.61 45.91
C ALA I 117 -32.44 -46.17 46.55
N ARG I 118 -32.53 -45.57 47.74
CA ARG I 118 -31.33 -45.08 48.42
C ARG I 118 -30.37 -46.22 48.71
N GLN I 119 -30.89 -47.33 49.22
CA GLN I 119 -30.03 -48.46 49.56
C GLN I 119 -29.30 -48.99 48.34
N ASN I 120 -30.05 -49.26 47.26
CA ASN I 120 -29.43 -49.82 46.07
C ASN I 120 -28.42 -48.85 45.47
N GLY I 121 -28.76 -47.57 45.42
CA GLY I 121 -27.82 -46.61 44.87
C GLY I 121 -26.52 -46.58 45.65
N LEU I 122 -26.63 -46.57 46.98
CA LEU I 122 -25.43 -46.54 47.80
C LEU I 122 -24.58 -47.78 47.58
N VAL I 123 -25.22 -48.96 47.56
CA VAL I 123 -24.46 -50.20 47.39
C VAL I 123 -23.74 -50.21 46.05
N LEU I 124 -24.46 -49.87 44.99
CA LEU I 124 -23.87 -49.91 43.65
C LEU I 124 -22.72 -48.93 43.53
N ASN I 125 -22.90 -47.71 44.03
CA ASN I 125 -21.85 -46.72 43.91
C ASN I 125 -20.61 -47.16 44.68
N GLN I 126 -20.79 -47.72 45.87
CA GLN I 126 -19.64 -48.19 46.62
C GLN I 126 -18.93 -49.32 45.88
N GLN I 127 -19.70 -50.22 45.28
CA GLN I 127 -19.09 -51.32 44.55
C GLN I 127 -18.20 -50.81 43.42
N PHE I 128 -18.74 -49.90 42.61
CA PHE I 128 -17.94 -49.33 41.53
C PHE I 128 -16.72 -48.59 42.07
N ASN I 129 -16.89 -47.81 43.12
CA ASN I 129 -15.78 -47.00 43.61
C ASN I 129 -14.63 -47.88 44.10
N THR I 130 -14.94 -48.95 44.82
CA THR I 130 -13.88 -49.71 45.48
C THR I 130 -13.49 -50.97 44.72
N LYS I 131 -14.43 -51.87 44.48
CA LYS I 131 -14.06 -53.21 44.03
C LYS I 131 -13.50 -53.18 42.61
N LEU I 132 -14.20 -52.53 41.70
CA LEU I 132 -13.75 -52.40 40.33
C LEU I 132 -12.84 -51.18 40.20
N ASN I 133 -11.91 -51.23 39.25
CA ASN I 133 -11.01 -50.11 39.05
C ASN I 133 -11.78 -48.87 38.63
N LYS I 134 -12.64 -49.02 37.63
CA LYS I 134 -13.45 -47.97 37.04
C LYS I 134 -12.59 -47.01 36.22
N GLN I 135 -11.31 -46.93 36.54
CA GLN I 135 -10.43 -46.02 35.84
C GLN I 135 -9.88 -46.68 34.59
N ARG I 136 -9.17 -47.80 34.79
CA ARG I 136 -8.79 -48.64 33.67
C ARG I 136 -10.00 -49.01 32.84
N PHE I 137 -11.14 -49.25 33.51
CA PHE I 137 -12.33 -49.65 32.78
C PHE I 137 -12.79 -48.56 31.84
N ILE I 138 -12.97 -47.33 32.34
CA ILE I 138 -13.44 -46.26 31.48
C ILE I 138 -12.45 -45.99 30.36
N ASP I 139 -11.16 -46.02 30.69
CA ASP I 139 -10.16 -45.72 29.67
C ASP I 139 -10.22 -46.74 28.53
N GLU I 140 -10.20 -48.02 28.86
CA GLU I 140 -10.28 -49.04 27.81
C GLU I 140 -11.60 -48.94 27.05
N TYR I 141 -12.69 -48.70 27.78
CA TYR I 141 -13.99 -48.51 27.15
C TYR I 141 -13.92 -47.49 26.03
N VAL I 142 -13.56 -46.25 26.37
CA VAL I 142 -13.60 -45.19 25.38
C VAL I 142 -12.59 -45.44 24.28
N ARG I 143 -11.41 -45.97 24.63
CA ARG I 143 -10.38 -46.12 23.60
C ARG I 143 -10.79 -47.17 22.57
N ALA I 144 -11.26 -48.33 23.04
CA ALA I 144 -11.74 -49.34 22.10
C ALA I 144 -12.87 -48.79 21.26
N GLY I 145 -13.80 -48.06 21.88
CA GLY I 145 -14.90 -47.51 21.11
C GLY I 145 -14.43 -46.56 20.03
N VAL I 146 -13.47 -45.70 20.34
CA VAL I 146 -13.04 -44.70 19.38
C VAL I 146 -12.31 -45.34 18.21
N ASP I 147 -11.37 -46.24 18.49
CA ASP I 147 -10.50 -46.71 17.42
C ASP I 147 -10.83 -48.11 16.93
N GLU I 148 -11.98 -48.67 17.27
CA GLU I 148 -12.38 -49.94 16.72
C GLU I 148 -13.82 -49.98 16.22
N GLY I 149 -14.66 -49.04 16.61
CA GLY I 149 -16.02 -48.97 16.11
C GLY I 149 -17.04 -49.68 16.95
N THR I 150 -16.63 -50.60 17.81
CA THR I 150 -17.59 -51.33 18.63
C THR I 150 -16.97 -51.68 19.97
N ILE I 151 -17.82 -51.80 20.97
CA ILE I 151 -17.41 -52.20 22.31
C ILE I 151 -18.24 -53.40 22.70
N ILE I 152 -17.58 -54.46 23.14
CA ILE I 152 -18.22 -55.58 23.80
C ILE I 152 -17.80 -55.55 25.25
N VAL I 153 -18.74 -55.80 26.15
CA VAL I 153 -18.47 -55.82 27.58
C VAL I 153 -19.09 -57.07 28.18
N LYS I 154 -18.30 -57.80 28.97
CA LYS I 154 -18.76 -59.02 29.61
C LYS I 154 -19.00 -58.74 31.09
N VAL I 155 -20.19 -59.12 31.56
CA VAL I 155 -20.59 -58.91 32.94
C VAL I 155 -20.76 -60.28 33.60
N GLY I 156 -20.14 -60.45 34.76
CA GLY I 156 -20.21 -61.72 35.45
C GLY I 156 -20.15 -61.52 36.95
N TRP I 157 -20.17 -62.64 37.67
CA TRP I 157 -20.12 -62.62 39.12
C TRP I 157 -18.97 -63.49 39.60
N ASN I 158 -18.26 -63.03 40.63
CA ASN I 158 -17.16 -63.76 41.20
C ASN I 158 -17.50 -64.14 42.64
N TYR I 159 -17.19 -65.39 43.00
CA TYR I 159 -17.58 -65.93 44.30
C TYR I 159 -16.54 -66.97 44.71
N GLN I 160 -15.61 -66.58 45.57
CA GLN I 160 -14.54 -67.45 46.04
C GLN I 160 -14.73 -67.74 47.52
N SER I 161 -14.46 -68.98 47.91
CA SER I 161 -14.74 -69.43 49.27
C SER I 161 -13.85 -70.64 49.56
N ARG I 162 -14.28 -71.45 50.54
CA ARG I 162 -13.69 -72.71 51.03
C ARG I 162 -12.61 -72.47 52.07
N THR I 163 -12.26 -71.23 52.37
CA THR I 163 -11.17 -71.00 53.31
C THR I 163 -11.66 -71.28 54.73
N VAL I 164 -11.55 -72.54 55.16
CA VAL I 164 -12.20 -72.97 56.39
C VAL I 164 -11.47 -72.39 57.60
N LYS I 165 -12.23 -72.12 58.67
CA LYS I 165 -11.69 -71.70 59.95
C LYS I 165 -12.08 -72.74 61.00
N GLU I 166 -11.57 -72.56 62.22
CA GLU I 166 -11.65 -73.61 63.24
C GLU I 166 -11.84 -73.01 64.62
N GLN I 167 -11.81 -73.89 65.62
CA GLN I 167 -11.74 -73.57 67.05
C GLN I 167 -12.96 -72.75 67.51
N VAL I 168 -14.10 -73.41 67.48
CA VAL I 168 -15.29 -72.86 68.13
C VAL I 168 -15.17 -73.07 69.65
N VAL I 169 -15.99 -72.33 70.40
CA VAL I 169 -16.03 -72.48 71.86
C VAL I 169 -17.45 -72.79 72.29
N THR I 170 -17.66 -72.96 73.60
CA THR I 170 -18.95 -73.30 74.14
C THR I 170 -19.20 -72.49 75.41
N TYR I 171 -20.43 -72.01 75.57
CA TYR I 171 -20.83 -71.24 76.75
C TYR I 171 -21.92 -72.00 77.48
N GLU I 172 -21.74 -72.16 78.79
CA GLU I 172 -22.77 -72.77 79.62
C GLU I 172 -23.73 -71.70 80.12
N MET I 173 -25.00 -72.07 80.23
CA MET I 173 -26.00 -71.14 80.70
C MET I 173 -25.86 -70.94 82.21
N MET I 174 -26.30 -69.78 82.70
CA MET I 174 -26.20 -69.51 84.13
C MET I 174 -27.31 -68.53 84.53
N PRO I 175 -28.06 -68.84 85.59
CA PRO I 175 -29.20 -67.99 85.95
C PRO I 175 -28.86 -66.81 86.85
N ASP I 176 -27.61 -66.37 86.86
CA ASP I 176 -27.24 -65.21 87.67
C ASP I 176 -27.67 -63.92 86.97
N SER I 177 -28.47 -63.11 87.66
CA SER I 177 -28.90 -61.82 87.15
C SER I 177 -28.53 -60.73 88.14
N SER I 178 -28.15 -59.58 87.62
CA SER I 178 -27.69 -58.47 88.45
C SER I 178 -28.04 -57.17 87.73
N GLU I 179 -27.43 -56.07 88.17
CA GLU I 179 -27.73 -54.75 87.64
C GLU I 179 -26.82 -54.38 86.47
N GLU I 180 -25.54 -54.74 86.57
CA GLU I 180 -24.61 -54.47 85.48
C GLU I 180 -25.00 -55.22 84.22
N LEU I 181 -25.47 -56.46 84.38
CA LEU I 181 -25.96 -57.21 83.23
C LEU I 181 -27.11 -56.50 82.56
N ALA I 182 -28.03 -55.95 83.36
CA ALA I 182 -29.16 -55.21 82.78
C ALA I 182 -28.68 -53.99 82.02
N GLN I 183 -27.73 -53.24 82.60
CA GLN I 183 -27.20 -52.07 81.90
C GLN I 183 -26.55 -52.47 80.58
N ILE I 184 -25.67 -53.46 80.62
CA ILE I 184 -24.95 -53.86 79.41
C ILE I 184 -25.91 -54.37 78.36
N TYR I 185 -26.91 -55.15 78.77
CA TYR I 185 -27.87 -55.68 77.82
C TYR I 185 -28.72 -54.57 77.22
N GLN I 186 -29.09 -53.57 78.02
CA GLN I 186 -29.81 -52.44 77.49
C GLN I 186 -28.98 -51.70 76.44
N THR I 187 -27.70 -51.48 76.74
CA THR I 187 -26.83 -50.79 75.77
C THR I 187 -26.68 -51.61 74.50
N ALA I 188 -26.51 -52.92 74.63
CA ALA I 188 -26.37 -53.76 73.45
C ALA I 188 -27.65 -53.76 72.62
N ALA I 189 -28.81 -53.77 73.28
CA ALA I 189 -30.06 -53.68 72.54
C ALA I 189 -30.15 -52.36 71.79
N GLN I 190 -29.73 -51.28 72.43
CA GLN I 190 -29.73 -49.98 71.76
C GLN I 190 -28.83 -49.99 70.53
N ILE I 191 -27.66 -50.62 70.66
CA ILE I 191 -26.74 -50.71 69.52
C ILE I 191 -27.38 -51.53 68.40
N ARG I 192 -27.89 -52.72 68.73
CA ARG I 192 -28.54 -53.54 67.72
C ARG I 192 -29.71 -52.82 67.07
N GLU I 193 -30.32 -51.89 67.79
CA GLU I 193 -31.42 -51.13 67.21
C GLU I 193 -30.92 -50.09 66.22
N GLU I 194 -30.01 -49.22 66.64
CA GLU I 194 -29.73 -48.03 65.84
C GLU I 194 -28.48 -48.13 64.98
N SER I 195 -27.55 -49.03 65.28
CA SER I 195 -26.34 -49.21 64.49
C SER I 195 -26.14 -50.70 64.22
N PRO I 196 -26.97 -51.28 63.38
CA PRO I 196 -26.88 -52.73 63.15
C PRO I 196 -25.56 -53.17 62.59
N SER I 197 -24.82 -52.28 61.94
CA SER I 197 -23.51 -52.65 61.40
C SER I 197 -22.55 -53.06 62.50
N GLU I 198 -22.58 -52.36 63.63
CA GLU I 198 -21.63 -52.63 64.71
C GLU I 198 -22.07 -53.77 65.61
N TYR I 199 -23.31 -54.23 65.48
CA TYR I 199 -23.80 -55.26 66.40
C TYR I 199 -22.99 -56.54 66.36
N PRO I 200 -22.62 -57.11 65.21
CA PRO I 200 -21.81 -58.33 65.24
C PRO I 200 -20.46 -58.16 65.89
N GLU I 201 -19.97 -56.93 66.01
CA GLU I 201 -18.64 -56.73 66.59
C GLU I 201 -18.64 -56.78 68.11
N ILE I 202 -19.80 -56.82 68.75
CA ILE I 202 -19.85 -56.93 70.21
C ILE I 202 -19.45 -58.35 70.58
N PRO I 203 -18.98 -58.58 71.82
CA PRO I 203 -18.51 -59.91 72.18
C PRO I 203 -19.60 -60.98 72.07
N GLU I 204 -19.16 -62.18 71.70
CA GLU I 204 -20.09 -63.26 71.41
C GLU I 204 -20.86 -63.68 72.66
N ASP I 205 -20.18 -63.75 73.80
CA ASP I 205 -20.83 -64.18 75.03
C ASP I 205 -21.96 -63.24 75.41
N VAL I 206 -21.66 -61.94 75.46
CA VAL I 206 -22.68 -60.97 75.84
C VAL I 206 -23.79 -60.93 74.82
N ARG I 207 -23.45 -61.11 73.54
CA ARG I 207 -24.48 -61.16 72.51
C ARG I 207 -25.46 -62.30 72.76
N LEU I 208 -24.93 -63.51 72.94
CA LEU I 208 -25.82 -64.66 73.06
C LEU I 208 -26.60 -64.61 74.36
N GLY I 209 -25.97 -64.13 75.43
CA GLY I 209 -26.71 -63.87 76.65
C GLY I 209 -27.81 -62.85 76.43
N LEU I 210 -27.57 -61.88 75.55
CA LEU I 210 -28.60 -60.89 75.27
C LEU I 210 -29.82 -61.52 74.63
N GLU I 211 -29.63 -62.37 73.61
CA GLU I 211 -30.86 -62.95 73.07
C GLU I 211 -31.48 -63.96 74.03
N GLU I 212 -30.67 -64.57 74.90
CA GLU I 212 -31.26 -65.40 75.94
C GLU I 212 -32.11 -64.56 76.89
N THR I 213 -31.75 -63.29 77.07
CA THR I 213 -32.48 -62.41 77.99
C THR I 213 -33.91 -62.16 77.52
N GLU I 214 -34.20 -62.35 76.24
CA GLU I 214 -35.59 -62.37 75.81
C GLU I 214 -36.10 -63.78 75.55
N ALA I 215 -35.21 -64.76 75.42
CA ALA I 215 -35.65 -66.14 75.40
C ALA I 215 -36.31 -66.53 76.71
N ASN I 216 -35.88 -65.92 77.81
CA ASN I 216 -36.46 -66.15 79.13
C ASN I 216 -36.16 -64.93 79.99
N GLY I 217 -36.25 -65.08 81.30
CA GLY I 217 -35.95 -63.98 82.20
C GLY I 217 -34.49 -63.54 82.11
N ILE I 218 -34.20 -62.46 82.83
CA ILE I 218 -32.90 -61.79 82.78
C ILE I 218 -31.84 -62.61 83.47
N GLN I 219 -32.24 -63.75 84.05
CA GLN I 219 -31.31 -64.56 84.80
C GLN I 219 -30.11 -64.99 83.96
N VAL I 220 -30.29 -65.07 82.64
CA VAL I 220 -29.26 -65.63 81.77
C VAL I 220 -27.93 -64.88 81.94
N ARG I 221 -26.84 -65.64 82.04
CA ARG I 221 -25.52 -65.02 82.08
C ARG I 221 -24.48 -65.69 81.19
N ALA I 222 -24.66 -66.95 80.80
CA ALA I 222 -23.88 -67.59 79.74
C ALA I 222 -22.38 -67.63 80.06
N VAL I 223 -22.05 -68.40 81.09
CA VAL I 223 -20.64 -68.62 81.44
C VAL I 223 -19.99 -69.50 80.38
N PRO I 224 -18.74 -69.24 79.99
CA PRO I 224 -18.09 -70.06 78.97
C PRO I 224 -17.68 -71.43 79.50
N VAL I 225 -17.48 -72.36 78.56
CA VAL I 225 -16.94 -73.68 78.85
C VAL I 225 -15.73 -73.98 77.97
N GLY I 226 -15.94 -73.96 76.66
CA GLY I 226 -14.87 -74.23 75.73
C GLY I 226 -15.10 -75.52 74.95
N SER I 227 -14.60 -75.54 73.72
CA SER I 227 -14.74 -76.69 72.81
C SER I 227 -13.79 -76.45 71.63
N GLU I 228 -13.95 -77.25 70.58
CA GLU I 228 -13.19 -77.07 69.36
C GLU I 228 -13.90 -77.79 68.22
N GLU I 229 -13.90 -77.18 67.04
CA GLU I 229 -14.56 -77.74 65.86
C GLU I 229 -14.11 -76.97 64.63
N GLU I 230 -14.20 -77.62 63.46
CA GLU I 230 -13.64 -77.12 62.21
C GLU I 230 -14.71 -77.13 61.12
N GLU I 231 -15.29 -75.96 60.85
CA GLU I 231 -16.37 -75.79 59.89
C GLU I 231 -16.40 -74.34 59.43
N ARG I 232 -17.55 -73.92 58.90
CA ARG I 232 -17.90 -72.52 58.59
C ARG I 232 -16.88 -71.89 57.63
N GLU I 233 -16.92 -72.39 56.40
CA GLU I 233 -16.16 -71.80 55.31
C GLU I 233 -16.50 -70.33 55.16
N GLU I 234 -15.48 -69.51 54.93
CA GLU I 234 -15.65 -68.08 54.76
C GLU I 234 -15.66 -67.71 53.29
N THR I 235 -16.50 -66.74 52.95
CA THR I 235 -16.58 -66.21 51.60
C THR I 235 -15.48 -65.17 51.46
N VAL I 236 -14.34 -65.59 50.91
CA VAL I 236 -13.24 -64.66 50.72
C VAL I 236 -13.56 -63.64 49.65
N GLU I 237 -14.37 -64.01 48.65
CA GLU I 237 -14.71 -63.10 47.57
C GLU I 237 -16.15 -63.30 47.15
N ASN I 238 -16.90 -62.20 47.05
CA ASN I 238 -18.29 -62.25 46.60
C ASN I 238 -18.63 -60.88 46.03
N HIS I 239 -18.64 -60.76 44.72
CA HIS I 239 -18.85 -59.44 44.11
C HIS I 239 -19.12 -59.57 42.61
N PRO I 240 -19.43 -58.48 41.93
CA PRO I 240 -19.55 -58.53 40.47
C PRO I 240 -18.19 -58.31 39.80
N THR I 241 -18.18 -58.54 38.49
CA THR I 241 -16.98 -58.39 37.67
C THR I 241 -17.39 -57.90 36.30
N VAL I 242 -16.55 -57.06 35.71
CA VAL I 242 -16.83 -56.48 34.41
C VAL I 242 -15.51 -56.40 33.62
N GLN I 243 -15.43 -57.13 32.51
CA GLN I 243 -14.25 -57.13 31.67
C GLN I 243 -14.66 -56.59 30.31
N VAL I 244 -13.72 -56.02 29.55
CA VAL I 244 -14.22 -55.39 28.35
C VAL I 244 -14.44 -56.44 27.27
N CYS I 245 -13.38 -56.78 26.53
CA CYS I 245 -13.08 -58.03 25.82
C CYS I 245 -12.02 -57.72 24.77
N ASP I 246 -11.56 -58.74 24.06
CA ASP I 246 -10.90 -58.53 22.79
C ASP I 246 -11.87 -58.88 21.68
N TYR I 247 -11.76 -58.16 20.57
CA TYR I 247 -12.69 -58.37 19.46
C TYR I 247 -12.30 -59.51 18.56
N ASN I 248 -11.18 -60.19 18.83
CA ASN I 248 -10.77 -61.32 18.01
C ASN I 248 -11.25 -62.65 18.54
N ASN I 249 -11.81 -62.70 19.75
CA ASN I 249 -12.14 -63.96 20.38
C ASN I 249 -13.64 -64.12 20.63
N ILE I 250 -14.45 -63.35 19.92
CA ILE I 250 -15.89 -63.30 20.16
C ILE I 250 -16.60 -63.47 18.83
N VAL I 251 -17.59 -64.35 18.80
CA VAL I 251 -18.36 -64.63 17.59
C VAL I 251 -19.84 -64.60 17.94
N ILE I 252 -20.63 -63.89 17.15
CA ILE I 252 -22.04 -63.69 17.44
C ILE I 252 -22.87 -64.25 16.30
N ASP I 253 -24.12 -64.57 16.60
CA ASP I 253 -25.07 -64.88 15.55
C ASP I 253 -25.13 -63.72 14.57
N PRO I 254 -24.93 -63.95 13.28
CA PRO I 254 -24.99 -62.87 12.29
C PRO I 254 -26.36 -62.63 11.70
N SER I 255 -27.36 -63.42 12.04
CA SER I 255 -28.70 -63.26 11.50
C SER I 255 -29.56 -62.30 12.32
N CYS I 256 -29.01 -61.73 13.39
CA CYS I 256 -29.80 -60.91 14.30
C CYS I 256 -30.14 -59.55 13.72
N GLY I 257 -29.60 -59.18 12.56
CA GLY I 257 -29.73 -57.81 12.12
C GLY I 257 -28.93 -56.94 13.05
N SER I 258 -29.53 -55.89 13.59
CA SER I 258 -28.91 -55.10 14.65
C SER I 258 -29.91 -54.94 15.78
N ASP I 259 -30.03 -55.98 16.61
CA ASP I 259 -30.80 -55.88 17.84
C ASP I 259 -29.97 -56.31 19.05
N PHE I 260 -29.36 -57.48 18.91
CA PHE I 260 -28.68 -58.21 19.99
C PHE I 260 -29.67 -58.67 21.05
N SER I 261 -30.93 -58.27 20.93
CA SER I 261 -31.96 -58.88 21.75
C SER I 261 -32.57 -60.09 21.07
N LYS I 262 -32.22 -60.34 19.82
CA LYS I 262 -32.69 -61.49 19.08
C LYS I 262 -31.56 -62.39 18.61
N ALA I 263 -30.31 -62.06 18.93
CA ALA I 263 -29.21 -62.95 18.61
C ALA I 263 -29.39 -64.25 19.37
N LYS I 264 -29.12 -65.37 18.69
CA LYS I 264 -29.43 -66.67 19.25
C LYS I 264 -28.24 -67.36 19.90
N PHE I 265 -27.02 -66.90 19.65
CA PHE I 265 -25.89 -67.52 20.31
C PHE I 265 -24.67 -66.61 20.23
N LEU I 266 -23.84 -66.70 21.26
CA LEU I 266 -22.57 -65.99 21.33
C LEU I 266 -21.52 -66.95 21.87
N ILE I 267 -20.34 -66.92 21.26
CA ILE I 267 -19.25 -67.82 21.60
C ILE I 267 -18.02 -66.98 21.92
N GLU I 268 -17.38 -67.26 23.04
CA GLU I 268 -16.18 -66.54 23.43
C GLU I 268 -15.08 -67.53 23.77
N THR I 269 -13.86 -67.23 23.32
CA THR I 269 -12.70 -68.04 23.64
C THR I 269 -11.77 -67.25 24.53
N PHE I 270 -11.37 -67.83 25.65
CA PHE I 270 -10.43 -67.14 26.54
C PHE I 270 -9.41 -68.15 27.04
N GLU I 271 -8.57 -67.70 27.97
CA GLU I 271 -7.44 -68.48 28.44
C GLU I 271 -7.44 -68.54 29.95
N SER I 272 -7.13 -69.69 30.50
CA SER I 272 -7.14 -69.89 31.95
C SER I 272 -6.18 -71.02 32.30
N SER I 273 -6.25 -71.49 33.54
CA SER I 273 -5.35 -72.51 34.04
C SER I 273 -6.12 -73.50 34.90
N TYR I 274 -5.52 -74.67 35.09
CA TYR I 274 -6.18 -75.73 35.84
C TYR I 274 -6.46 -75.30 37.27
N ALA I 275 -5.50 -74.65 37.91
CA ALA I 275 -5.71 -74.22 39.29
C ALA I 275 -6.85 -73.22 39.39
N GLU I 276 -6.91 -72.27 38.46
CA GLU I 276 -7.98 -71.28 38.49
C GLU I 276 -9.33 -71.93 38.27
N LEU I 277 -9.41 -72.87 37.32
CA LEU I 277 -10.67 -73.56 37.08
C LEU I 277 -11.10 -74.32 38.32
N LYS I 278 -10.17 -75.02 38.97
CA LYS I 278 -10.53 -75.74 40.18
C LYS I 278 -10.99 -74.79 41.28
N ALA I 279 -10.31 -73.65 41.41
CA ALA I 279 -10.68 -72.70 42.46
C ALA I 279 -12.09 -72.17 42.23
N ASP I 280 -12.43 -71.86 40.98
CA ASP I 280 -13.79 -71.43 40.67
C ASP I 280 -14.66 -72.67 40.63
N GLY I 281 -15.40 -72.91 41.71
CA GLY I 281 -16.16 -74.14 41.82
C GLY I 281 -17.41 -74.19 40.97
N ARG I 282 -17.24 -74.26 39.65
CA ARG I 282 -18.37 -74.31 38.75
C ARG I 282 -18.13 -75.26 37.59
N TYR I 283 -17.38 -76.33 37.80
CA TYR I 283 -16.99 -77.18 36.70
C TYR I 283 -16.93 -78.64 37.16
N LYS I 284 -17.00 -79.53 36.19
CA LYS I 284 -16.91 -80.97 36.42
C LYS I 284 -15.94 -81.57 35.41
N ASN I 285 -15.63 -82.85 35.62
CA ASN I 285 -14.73 -83.60 34.74
C ASN I 285 -13.35 -82.97 34.65
N LEU I 286 -12.95 -82.22 35.68
CA LEU I 286 -11.69 -81.48 35.61
C LEU I 286 -10.48 -82.39 35.51
N ASP I 287 -10.63 -83.68 35.80
CA ASP I 287 -9.50 -84.59 35.84
C ASP I 287 -9.22 -85.26 34.51
N LYS I 288 -9.96 -84.92 33.47
CA LYS I 288 -9.78 -85.53 32.16
C LYS I 288 -9.40 -84.48 31.13
N ILE I 289 -8.52 -83.57 31.50
CA ILE I 289 -8.18 -82.45 30.64
C ILE I 289 -6.94 -82.73 29.82
N GLN I 290 -5.96 -83.44 30.38
CA GLN I 290 -4.69 -83.71 29.72
C GLN I 290 -3.97 -82.40 29.38
N VAL I 291 -3.57 -81.72 30.46
CA VAL I 291 -2.98 -80.39 30.38
C VAL I 291 -1.64 -80.40 29.67
N GLU I 292 -1.15 -81.59 29.31
CA GLU I 292 0.07 -81.74 28.53
C GLU I 292 -0.20 -81.65 27.04
N GLY I 293 -1.28 -81.01 26.65
CA GLY I 293 -1.75 -80.96 25.28
C GLY I 293 -1.55 -79.62 24.60
N GLN I 294 -2.60 -78.81 24.65
CA GLN I 294 -2.79 -77.65 23.77
C GLN I 294 -1.50 -76.90 23.44
N ASN I 295 -0.68 -76.61 24.45
CA ASN I 295 0.52 -75.80 24.30
C ASN I 295 0.21 -74.42 23.73
N LEU I 296 -1.06 -74.01 23.78
CA LEU I 296 -1.49 -72.71 23.28
C LEU I 296 -1.10 -72.52 21.81
N LEU I 297 -1.18 -73.59 21.04
CA LEU I 297 -0.84 -73.56 19.61
C LEU I 297 -2.00 -74.17 18.83
N SER I 298 -2.99 -73.33 18.52
CA SER I 298 -4.11 -73.72 17.68
C SER I 298 -4.62 -72.48 16.97
N GLU I 299 -5.27 -72.70 15.83
CA GLU I 299 -5.63 -71.57 14.96
C GLU I 299 -6.63 -70.63 15.61
N PRO I 300 -7.86 -71.04 15.94
CA PRO I 300 -8.85 -70.08 16.43
C PRO I 300 -8.63 -69.64 17.87
N ASP I 301 -7.47 -69.98 18.43
CA ASP I 301 -7.26 -69.91 19.86
C ASP I 301 -7.22 -68.47 20.35
N TYR I 302 -6.99 -68.34 21.65
CA TYR I 302 -6.82 -67.05 22.28
C TYR I 302 -5.71 -66.30 21.57
N THR I 303 -6.04 -65.19 20.92
CA THR I 303 -5.02 -64.34 20.34
C THR I 303 -4.34 -63.57 21.47
N GLY I 304 -3.09 -63.91 21.75
CA GLY I 304 -2.40 -63.40 22.92
C GLY I 304 -2.20 -61.90 22.87
N PRO I 305 -1.74 -61.33 23.98
CA PRO I 305 -1.53 -59.88 24.02
C PRO I 305 -0.57 -59.38 22.95
N SER I 306 0.46 -60.16 22.64
CA SER I 306 1.44 -59.79 21.63
C SER I 306 1.88 -61.05 20.90
N GLU I 307 2.95 -60.95 20.14
CA GLU I 307 3.51 -62.11 19.48
C GLU I 307 4.55 -62.83 20.31
N GLY I 308 5.36 -62.08 21.06
CA GLY I 308 6.39 -62.71 21.85
C GLY I 308 5.83 -63.63 22.93
N VAL I 309 4.70 -63.23 23.52
CA VAL I 309 4.11 -64.00 24.61
C VAL I 309 3.64 -65.38 24.18
N ARG I 310 3.55 -65.63 22.88
CA ARG I 310 3.14 -66.95 22.41
C ARG I 310 4.14 -68.02 22.81
N ASN I 311 5.38 -67.66 23.08
CA ASN I 311 6.42 -68.62 23.43
C ASN I 311 6.57 -68.81 24.93
N PHE I 312 5.72 -68.18 25.73
CA PHE I 312 5.85 -68.24 27.18
C PHE I 312 4.97 -69.35 27.76
N ASP I 313 5.48 -70.02 28.78
CA ASP I 313 4.72 -71.06 29.45
C ASP I 313 5.32 -71.31 30.83
N PHE I 314 4.63 -72.12 31.61
CA PHE I 314 4.96 -72.30 33.03
C PHE I 314 5.51 -73.67 33.38
N GLN I 315 5.16 -74.71 32.62
CA GLN I 315 5.65 -76.08 32.82
C GLN I 315 5.51 -76.53 34.28
N ASP I 316 4.34 -76.26 34.86
CA ASP I 316 4.07 -76.65 36.24
C ASP I 316 2.87 -77.57 36.40
N LYS I 317 2.04 -77.72 35.38
CA LYS I 317 0.87 -78.60 35.38
C LYS I 317 -0.23 -78.04 36.28
N SER I 318 0.08 -76.99 37.03
CA SER I 318 -0.93 -76.29 37.81
C SER I 318 -1.15 -74.87 37.33
N ARG I 319 -0.17 -74.29 36.63
CA ARG I 319 -0.30 -72.96 36.07
C ARG I 319 -0.14 -72.96 34.56
N LYS I 320 -0.10 -74.14 33.94
CA LYS I 320 -0.02 -74.20 32.48
C LYS I 320 -1.25 -73.58 31.86
N ARG I 321 -1.05 -72.89 30.74
CA ARG I 321 -2.13 -72.12 30.12
C ARG I 321 -2.97 -72.99 29.22
N LEU I 322 -4.28 -72.78 29.26
CA LEU I 322 -5.23 -73.54 28.46
C LEU I 322 -6.13 -72.58 27.69
N VAL I 323 -6.90 -73.14 26.77
CA VAL I 323 -7.85 -72.37 25.97
C VAL I 323 -9.24 -72.94 26.22
N VAL I 324 -10.18 -72.07 26.56
CA VAL I 324 -11.52 -72.48 26.95
C VAL I 324 -12.54 -71.80 26.04
N HIS I 325 -13.52 -72.57 25.57
CA HIS I 325 -14.60 -72.04 24.76
C HIS I 325 -15.88 -72.00 25.58
N GLU I 326 -16.62 -70.90 25.46
CA GLU I 326 -17.92 -70.73 26.10
C GLU I 326 -18.96 -70.42 25.04
N TYR I 327 -20.15 -70.97 25.24
CA TYR I 327 -21.26 -70.82 24.31
C TYR I 327 -22.50 -70.48 25.12
N TRP I 328 -22.97 -69.25 25.00
CA TRP I 328 -24.24 -68.85 25.58
C TRP I 328 -25.27 -68.79 24.48
N GLY I 329 -26.50 -69.21 24.76
CA GLY I 329 -27.51 -69.05 23.75
C GLY I 329 -28.79 -69.78 24.10
N TYR I 330 -29.55 -70.09 23.05
CA TYR I 330 -30.85 -70.73 23.17
C TYR I 330 -30.80 -72.06 22.43
N TYR I 331 -31.50 -73.06 22.96
CA TYR I 331 -31.49 -74.37 22.34
C TYR I 331 -32.76 -75.10 22.71
N ASP I 332 -33.07 -76.13 21.93
CA ASP I 332 -34.25 -76.95 22.16
C ASP I 332 -33.84 -78.16 22.97
N ILE I 333 -33.70 -77.96 24.27
CA ILE I 333 -33.18 -79.00 25.15
C ILE I 333 -34.11 -80.22 25.13
N HIS I 334 -35.41 -80.00 25.19
CA HIS I 334 -36.35 -81.08 25.02
C HIS I 334 -36.74 -81.18 23.56
N GLY I 335 -37.65 -82.10 23.25
CA GLY I 335 -38.16 -82.19 21.90
C GLY I 335 -39.34 -81.31 21.62
N ASP I 336 -39.75 -80.49 22.59
CA ASP I 336 -40.96 -79.70 22.46
C ASP I 336 -40.86 -78.61 21.41
N GLY I 337 -39.68 -78.34 20.90
CA GLY I 337 -39.53 -77.20 20.01
C GLY I 337 -39.73 -75.88 20.71
N VAL I 338 -39.29 -75.77 21.96
CA VAL I 338 -39.29 -74.52 22.70
C VAL I 338 -37.87 -74.26 23.18
N LEU I 339 -37.38 -73.06 22.95
CA LEU I 339 -35.99 -72.75 23.25
C LEU I 339 -35.83 -72.36 24.71
N HIS I 340 -34.71 -72.78 25.29
CA HIS I 340 -34.38 -72.43 26.66
C HIS I 340 -33.00 -71.79 26.69
N PRO I 341 -32.74 -70.90 27.65
CA PRO I 341 -31.44 -70.25 27.73
C PRO I 341 -30.43 -71.15 28.42
N ILE I 342 -29.36 -71.51 27.71
CA ILE I 342 -28.36 -72.42 28.22
C ILE I 342 -26.97 -71.86 28.00
N VAL I 343 -26.02 -72.44 28.75
CA VAL I 343 -24.61 -72.13 28.66
C VAL I 343 -23.83 -73.44 28.66
N ALA I 344 -22.84 -73.52 27.77
CA ALA I 344 -22.01 -74.71 27.64
C ALA I 344 -20.56 -74.31 27.50
N THR I 345 -19.69 -74.96 28.26
CA THR I 345 -18.28 -74.59 28.32
C THR I 345 -17.44 -75.85 28.13
N TRP I 346 -16.45 -75.77 27.24
CA TRP I 346 -15.62 -76.94 26.99
C TRP I 346 -14.19 -76.50 26.67
N VAL I 347 -13.27 -77.43 26.89
CA VAL I 347 -11.86 -77.25 26.60
C VAL I 347 -11.37 -78.45 25.81
N GLY I 348 -10.58 -78.19 24.77
CA GLY I 348 -10.07 -79.27 23.94
C GLY I 348 -11.18 -80.09 23.33
N ALA I 349 -11.35 -81.32 23.83
CA ALA I 349 -12.43 -82.19 23.37
C ALA I 349 -13.31 -82.67 24.52
N VAL I 350 -13.22 -82.02 25.68
CA VAL I 350 -13.94 -82.44 26.87
C VAL I 350 -14.93 -81.36 27.25
N MET I 351 -16.18 -81.75 27.46
CA MET I 351 -17.20 -80.82 27.90
C MET I 351 -17.08 -80.64 29.41
N ILE I 352 -16.95 -79.40 29.85
CA ILE I 352 -16.72 -79.11 31.26
C ILE I 352 -17.96 -78.60 31.97
N ARG I 353 -18.90 -77.99 31.26
CA ARG I 353 -20.05 -77.41 31.93
C ARG I 353 -21.21 -77.33 30.97
N MET I 354 -22.39 -77.75 31.43
CA MET I 354 -23.61 -77.56 30.66
C MET I 354 -24.74 -77.26 31.63
N GLU I 355 -25.42 -76.14 31.42
CA GLU I 355 -26.40 -75.71 32.41
C GLU I 355 -27.37 -74.75 31.76
N GLU I 356 -28.48 -74.51 32.44
CA GLU I 356 -29.34 -73.41 32.05
C GLU I 356 -28.76 -72.10 32.56
N ASN I 357 -29.21 -71.01 31.98
CA ASN I 357 -28.67 -69.70 32.31
C ASN I 357 -28.91 -69.39 33.78
N PRO I 358 -27.87 -69.12 34.57
CA PRO I 358 -28.04 -68.94 36.02
C PRO I 358 -28.27 -67.51 36.47
N PHE I 359 -28.19 -66.53 35.60
CA PHE I 359 -28.37 -65.17 36.05
C PHE I 359 -29.84 -64.86 36.25
N PRO I 360 -30.16 -63.88 37.12
CA PRO I 360 -31.57 -63.60 37.41
C PRO I 360 -32.37 -63.22 36.19
N ASP I 361 -31.75 -62.53 35.25
CA ASP I 361 -32.38 -62.22 33.97
C ASP I 361 -31.85 -63.19 32.93
N LYS I 362 -32.74 -64.02 32.37
CA LYS I 362 -32.29 -65.08 31.51
C LYS I 362 -31.85 -64.55 30.16
N LYS I 363 -30.75 -63.79 30.15
CA LYS I 363 -30.21 -63.23 28.92
C LYS I 363 -28.71 -63.47 28.88
N ILE I 364 -28.11 -63.12 27.75
CA ILE I 364 -26.67 -63.28 27.59
C ILE I 364 -25.95 -62.17 28.37
N PRO I 365 -25.00 -62.50 29.20
CA PRO I 365 -24.34 -61.49 30.05
C PRO I 365 -23.31 -60.63 29.32
N TYR I 366 -23.71 -60.09 28.18
CA TYR I 366 -22.84 -59.23 27.39
C TYR I 366 -23.61 -57.99 26.96
N VAL I 367 -22.86 -56.92 26.70
CA VAL I 367 -23.42 -55.67 26.23
C VAL I 367 -22.59 -55.18 25.05
N VAL I 368 -23.26 -54.85 23.95
CA VAL I 368 -22.59 -54.43 22.73
C VAL I 368 -23.04 -53.01 22.39
N VAL I 369 -22.08 -52.13 22.16
CA VAL I 369 -22.35 -50.74 21.84
C VAL I 369 -21.61 -50.39 20.56
N SER I 370 -22.29 -49.75 19.62
CA SER I 370 -21.69 -49.37 18.34
C SER I 370 -21.38 -47.89 18.36
N TYR I 371 -20.15 -47.53 18.05
CA TYR I 371 -19.71 -46.15 18.07
C TYR I 371 -20.48 -45.32 17.05
N ILE I 372 -20.30 -45.62 15.78
CA ILE I 372 -21.02 -44.98 14.69
C ILE I 372 -21.91 -46.04 14.04
N PRO I 373 -23.22 -45.87 14.01
CA PRO I 373 -24.10 -46.94 13.56
C PRO I 373 -23.97 -47.21 12.07
N ARG I 374 -24.30 -48.43 11.69
CA ARG I 374 -24.39 -48.83 10.30
C ARG I 374 -25.76 -49.46 10.06
N LYS I 375 -26.19 -49.46 8.82
CA LYS I 375 -27.53 -49.92 8.49
C LYS I 375 -27.65 -51.41 8.74
N ARG I 376 -28.40 -51.77 9.79
CA ARG I 376 -28.72 -53.16 10.11
C ARG I 376 -27.44 -53.98 10.30
N ASP I 377 -26.65 -53.58 11.28
CA ASP I 377 -25.42 -54.29 11.62
C ASP I 377 -25.02 -53.95 13.04
N LEU I 378 -24.48 -54.95 13.74
CA LEU I 378 -24.08 -54.74 15.12
C LEU I 378 -22.82 -53.90 15.20
N TYR I 379 -21.82 -54.22 14.39
CA TYR I 379 -20.54 -53.52 14.46
C TYR I 379 -20.67 -52.13 13.88
N GLY I 380 -20.00 -51.17 14.51
CA GLY I 380 -20.00 -49.80 14.06
C GLY I 380 -18.85 -49.52 13.11
N GLU I 381 -18.49 -48.25 13.03
CA GLU I 381 -17.33 -47.82 12.26
C GLU I 381 -16.40 -47.02 13.15
N SER I 382 -15.09 -47.22 12.94
CA SER I 382 -14.12 -46.48 13.71
C SER I 382 -14.20 -45.00 13.38
N ASP I 383 -13.63 -44.19 14.27
CA ASP I 383 -13.68 -42.75 14.08
C ASP I 383 -12.92 -42.33 12.83
N GLY I 384 -11.70 -42.83 12.68
CA GLY I 384 -10.88 -42.46 11.54
C GLY I 384 -10.98 -43.43 10.39
N ALA I 385 -12.19 -43.82 10.01
CA ALA I 385 -12.37 -44.74 8.90
C ALA I 385 -12.40 -44.03 7.55
N LEU I 386 -12.39 -42.71 7.53
CA LEU I 386 -12.49 -41.97 6.29
C LEU I 386 -11.30 -41.03 6.06
N LEU I 387 -10.29 -41.10 6.91
CA LEU I 387 -9.14 -40.20 6.81
C LEU I 387 -7.94 -40.84 6.17
N ILE I 388 -8.09 -42.07 5.66
CA ILE I 388 -6.95 -42.79 5.12
C ILE I 388 -6.36 -42.04 3.93
N ASP I 389 -7.22 -41.55 3.04
CA ASP I 389 -6.73 -40.81 1.89
C ASP I 389 -5.98 -39.55 2.31
N ASN I 390 -6.52 -38.83 3.29
CA ASN I 390 -5.86 -37.62 3.74
C ASN I 390 -4.50 -37.94 4.34
N GLN I 391 -4.42 -38.99 5.15
CA GLN I 391 -3.14 -39.36 5.72
C GLN I 391 -2.13 -39.70 4.63
N ARG I 392 -2.56 -40.47 3.63
CA ARG I 392 -1.65 -40.85 2.56
C ARG I 392 -1.16 -39.62 1.80
N ILE I 393 -2.06 -38.71 1.47
CA ILE I 393 -1.68 -37.55 0.69
C ILE I 393 -0.71 -36.67 1.48
N ILE I 394 -0.99 -36.46 2.76
CA ILE I 394 -0.10 -35.62 3.56
C ILE I 394 1.27 -36.25 3.66
N GLY I 395 1.32 -37.56 3.88
CA GLY I 395 2.60 -38.23 3.92
C GLY I 395 3.37 -38.08 2.62
N ALA I 396 2.68 -38.23 1.49
CA ALA I 396 3.35 -38.13 0.21
C ALA I 396 3.92 -36.74 0.01
N VAL I 397 3.15 -35.71 0.30
CA VAL I 397 3.62 -34.35 0.09
C VAL I 397 4.81 -34.05 0.98
N THR I 398 4.74 -34.46 2.25
CA THR I 398 5.85 -34.20 3.15
C THR I 398 7.12 -34.91 2.68
N ARG I 399 6.98 -36.16 2.25
CA ARG I 399 8.14 -36.87 1.74
C ARG I 399 8.73 -36.17 0.52
N GLY I 400 7.86 -35.65 -0.35
CA GLY I 400 8.35 -34.93 -1.51
C GLY I 400 9.17 -33.71 -1.12
N MET I 401 8.67 -32.93 -0.16
CA MET I 401 9.40 -31.74 0.25
C MET I 401 10.73 -32.11 0.89
N ILE I 402 10.74 -33.14 1.73
CA ILE I 402 12.00 -33.60 2.32
C ILE I 402 12.99 -33.98 1.24
N ASP I 403 12.54 -34.74 0.24
CA ASP I 403 13.45 -35.17 -0.81
C ASP I 403 14.02 -33.98 -1.55
N THR I 404 13.17 -33.01 -1.88
CA THR I 404 13.63 -31.83 -2.59
C THR I 404 14.71 -31.11 -1.80
N MET I 405 14.50 -30.95 -0.49
CA MET I 405 15.48 -30.21 0.28
C MET I 405 16.74 -31.02 0.54
N ALA I 406 16.64 -32.35 0.59
CA ALA I 406 17.77 -33.15 1.01
C ALA I 406 18.69 -33.54 -0.14
N ARG I 407 18.14 -33.97 -1.27
CA ARG I 407 18.99 -34.37 -2.38
C ARG I 407 19.61 -33.19 -3.10
N SER I 408 19.51 -31.98 -2.55
CA SER I 408 20.06 -30.81 -3.20
C SER I 408 21.57 -30.77 -2.97
N ALA I 409 22.19 -29.66 -3.32
CA ALA I 409 23.64 -29.52 -3.21
C ALA I 409 24.01 -28.43 -2.20
N ASN I 410 23.20 -28.26 -1.16
CA ASN I 410 23.47 -27.23 -0.18
C ASN I 410 24.80 -27.46 0.50
N GLY I 411 25.57 -26.39 0.66
CA GLY I 411 26.83 -26.44 1.36
C GLY I 411 28.05 -26.42 0.47
N GLN I 412 27.93 -26.88 -0.77
CA GLN I 412 29.08 -26.93 -1.66
C GLN I 412 29.26 -25.60 -2.36
N VAL I 413 30.51 -25.28 -2.69
CA VAL I 413 30.86 -24.05 -3.37
C VAL I 413 31.61 -24.39 -4.65
N GLY I 414 31.21 -23.76 -5.75
CA GLY I 414 31.80 -24.03 -7.05
C GLY I 414 32.49 -22.80 -7.58
N VAL I 415 33.62 -23.00 -8.24
CA VAL I 415 34.45 -21.91 -8.76
C VAL I 415 34.68 -22.14 -10.24
N MET I 416 34.53 -21.08 -11.03
CA MET I 416 34.81 -21.17 -12.46
C MET I 416 36.28 -21.49 -12.69
N LYS I 417 36.55 -22.43 -13.58
CA LYS I 417 37.92 -22.72 -13.95
C LYS I 417 38.54 -21.51 -14.62
N GLY I 418 39.81 -21.28 -14.34
CA GLY I 418 40.53 -20.21 -14.98
C GLY I 418 40.27 -18.83 -14.42
N ALA I 419 39.49 -18.70 -13.35
CA ALA I 419 39.30 -17.41 -12.71
C ALA I 419 40.39 -17.11 -11.69
N LEU I 420 40.94 -18.13 -11.07
CA LEU I 420 42.00 -17.98 -10.08
C LEU I 420 43.18 -18.85 -10.46
N ASP I 421 44.38 -18.30 -10.34
CA ASP I 421 45.60 -19.08 -10.55
C ASP I 421 45.83 -19.94 -9.30
N VAL I 422 46.97 -20.62 -9.25
CA VAL I 422 47.23 -21.53 -8.15
C VAL I 422 47.43 -20.76 -6.85
N THR I 423 48.27 -19.74 -6.87
CA THR I 423 48.55 -18.99 -5.64
C THR I 423 47.30 -18.30 -5.13
N ASN I 424 46.55 -17.66 -6.02
CA ASN I 424 45.33 -16.99 -5.57
C ASN I 424 44.29 -17.99 -5.11
N ARG I 425 44.23 -19.16 -5.74
CA ARG I 425 43.33 -20.20 -5.27
C ARG I 425 43.69 -20.61 -3.85
N ARG I 426 44.99 -20.77 -3.58
CA ARG I 426 45.39 -21.14 -2.22
C ARG I 426 45.05 -20.03 -1.23
N ARG I 427 45.28 -18.77 -1.60
CA ARG I 427 44.93 -17.69 -0.70
C ARG I 427 43.43 -17.68 -0.41
N PHE I 428 42.62 -17.85 -1.45
CA PHE I 428 41.18 -17.85 -1.28
C PHE I 428 40.73 -18.97 -0.36
N ASP I 429 41.32 -20.15 -0.53
CA ASP I 429 40.99 -21.25 0.38
C ASP I 429 41.46 -20.94 1.79
N ARG I 430 42.65 -20.37 1.95
CA ARG I 430 43.16 -20.09 3.28
C ARG I 430 42.26 -19.12 4.02
N GLY I 431 41.73 -18.12 3.32
CA GLY I 431 40.78 -17.24 3.95
C GLY I 431 41.28 -15.82 4.08
N GLU I 432 42.27 -15.45 3.28
CA GLU I 432 42.80 -14.10 3.26
C GLU I 432 42.41 -13.42 1.96
N ASN I 433 42.86 -12.19 1.78
CA ASN I 433 42.54 -11.46 0.58
C ASN I 433 43.25 -12.08 -0.61
N TYR I 434 42.72 -11.81 -1.80
CA TYR I 434 43.19 -12.50 -3.00
C TYR I 434 43.01 -11.59 -4.20
N GLU I 435 43.25 -12.14 -5.39
CA GLU I 435 43.12 -11.41 -6.64
C GLU I 435 42.58 -12.36 -7.69
N PHE I 436 41.74 -11.83 -8.58
CA PHE I 436 41.10 -12.64 -9.60
C PHE I 436 41.36 -12.06 -10.98
N ASN I 437 41.42 -12.94 -11.97
CA ASN I 437 41.74 -12.52 -13.32
C ASN I 437 40.63 -11.65 -13.88
N PRO I 438 40.96 -10.74 -14.79
CA PRO I 438 39.96 -9.83 -15.34
C PRO I 438 38.93 -10.58 -16.16
N GLY I 439 37.75 -9.98 -16.25
CA GLY I 439 36.66 -10.55 -17.01
C GLY I 439 35.83 -11.57 -16.26
N ALA I 440 36.14 -11.85 -15.00
CA ALA I 440 35.36 -12.80 -14.19
C ALA I 440 35.14 -12.16 -12.82
N ASP I 441 34.07 -11.40 -12.69
CA ASP I 441 33.75 -10.81 -11.40
C ASP I 441 33.32 -11.91 -10.43
N PRO I 442 33.68 -11.79 -9.15
CA PRO I 442 33.39 -12.88 -8.22
C PRO I 442 31.92 -13.20 -8.09
N ARG I 443 31.05 -12.20 -8.18
CA ARG I 443 29.63 -12.43 -7.98
C ARG I 443 29.06 -13.42 -8.98
N ALA I 444 29.73 -13.64 -10.10
CA ALA I 444 29.37 -14.70 -11.02
C ALA I 444 30.38 -15.83 -11.07
N ALA I 445 31.63 -15.56 -10.69
CA ALA I 445 32.65 -16.60 -10.78
C ALA I 445 32.49 -17.64 -9.68
N VAL I 446 32.13 -17.21 -8.47
CA VAL I 446 31.94 -18.14 -7.36
C VAL I 446 30.45 -18.27 -7.10
N HIS I 447 30.06 -19.41 -6.54
CA HIS I 447 28.65 -19.65 -6.27
C HIS I 447 28.54 -20.61 -5.11
N MET I 448 27.64 -20.31 -4.18
CA MET I 448 27.47 -21.07 -2.96
C MET I 448 26.05 -21.61 -2.95
N HIS I 449 25.91 -22.91 -3.22
CA HIS I 449 24.58 -23.50 -3.33
C HIS I 449 23.85 -23.46 -2.01
N THR I 450 22.53 -23.31 -2.10
CA THR I 450 21.67 -23.28 -0.92
C THR I 450 20.44 -24.14 -1.20
N PHE I 451 19.54 -24.20 -0.22
CA PHE I 451 18.33 -24.96 -0.39
C PHE I 451 17.48 -24.37 -1.51
N PRO I 452 16.81 -25.20 -2.29
CA PRO I 452 15.93 -24.68 -3.34
C PRO I 452 14.69 -24.04 -2.74
N GLU I 453 13.80 -23.54 -3.60
CA GLU I 453 12.62 -22.82 -3.15
C GLU I 453 11.39 -23.71 -3.23
N ILE I 454 10.69 -23.86 -2.12
CA ILE I 454 9.45 -24.64 -2.11
C ILE I 454 8.36 -23.83 -2.82
N PRO I 455 7.66 -24.41 -3.79
CA PRO I 455 6.60 -23.68 -4.46
C PRO I 455 5.41 -23.48 -3.54
N GLN I 456 4.61 -22.48 -3.88
CA GLN I 456 3.48 -22.09 -3.05
C GLN I 456 2.33 -23.03 -3.12
N SER I 457 2.44 -24.23 -3.69
CA SER I 457 1.30 -25.11 -3.82
C SER I 457 1.27 -26.21 -2.77
N ALA I 458 2.43 -26.68 -2.31
CA ALA I 458 2.45 -27.73 -1.30
C ALA I 458 1.80 -27.26 -0.01
N GLN I 459 2.08 -26.01 0.38
CA GLN I 459 1.46 -25.46 1.58
C GLN I 459 -0.05 -25.49 1.46
N TYR I 460 -0.56 -25.03 0.32
CA TYR I 460 -2.00 -25.01 0.12
C TYR I 460 -2.58 -26.40 0.18
N MET I 461 -1.91 -27.37 -0.44
CA MET I 461 -2.46 -28.71 -0.47
C MET I 461 -2.52 -29.32 0.93
N ILE I 462 -1.47 -29.12 1.72
CA ILE I 462 -1.49 -29.64 3.08
C ILE I 462 -2.61 -28.98 3.88
N ASN I 463 -2.76 -27.66 3.75
CA ASN I 463 -3.82 -26.99 4.48
C ASN I 463 -5.18 -27.54 4.08
N LEU I 464 -5.39 -27.76 2.78
CA LEU I 464 -6.67 -28.28 2.32
C LEU I 464 -6.95 -29.65 2.91
N GLN I 465 -5.96 -30.54 2.88
CA GLN I 465 -6.18 -31.89 3.41
C GLN I 465 -6.48 -31.85 4.90
N GLN I 466 -5.73 -31.05 5.66
CA GLN I 466 -5.96 -30.99 7.09
C GLN I 466 -7.34 -30.43 7.40
N ALA I 467 -7.75 -29.37 6.70
CA ALA I 467 -9.08 -28.81 6.93
C ALA I 467 -10.16 -29.82 6.61
N GLU I 468 -10.00 -30.57 5.53
CA GLU I 468 -10.98 -31.59 5.20
C GLU I 468 -11.08 -32.65 6.29
N ALA I 469 -9.94 -33.09 6.82
CA ALA I 469 -9.98 -34.09 7.87
C ALA I 469 -10.66 -33.56 9.12
N GLU I 470 -10.37 -32.32 9.49
CA GLU I 470 -11.00 -31.73 10.66
C GLU I 470 -12.50 -31.61 10.47
N SER I 471 -12.94 -31.21 9.28
CA SER I 471 -14.36 -31.12 9.02
C SER I 471 -15.02 -32.50 9.10
N MET I 472 -14.36 -33.51 8.55
CA MET I 472 -14.94 -34.86 8.58
C MET I 472 -15.13 -35.34 10.00
N THR I 473 -14.08 -35.29 10.81
CA THR I 473 -14.18 -35.84 12.16
C THR I 473 -15.07 -35.00 13.04
N GLY I 474 -14.88 -33.69 13.03
CA GLY I 474 -15.63 -32.82 13.90
C GLY I 474 -14.89 -32.34 15.12
N VAL I 475 -13.61 -32.65 15.26
CA VAL I 475 -12.80 -32.18 16.37
C VAL I 475 -11.66 -31.35 15.81
N LYS I 476 -11.56 -30.10 16.27
CA LYS I 476 -10.56 -29.19 15.74
C LYS I 476 -9.17 -29.46 16.30
N ALA I 477 -9.08 -30.06 17.48
CA ALA I 477 -7.82 -30.51 18.07
C ALA I 477 -6.86 -29.37 18.37
N PHE I 478 -7.27 -28.13 18.11
CA PHE I 478 -6.45 -26.94 18.33
C PHE I 478 -5.03 -27.20 17.83
N ASN I 479 -4.94 -27.45 16.53
CA ASN I 479 -3.76 -28.03 15.93
C ASN I 479 -3.48 -27.28 14.63
N ALA I 480 -2.63 -27.86 13.78
CA ALA I 480 -2.17 -27.22 12.55
C ALA I 480 -1.57 -25.86 12.87
N GLY I 481 -0.78 -25.82 13.91
CA GLY I 481 -0.22 -24.60 14.44
C GLY I 481 0.11 -24.79 15.90
N ILE I 482 0.24 -23.68 16.62
CA ILE I 482 0.43 -23.75 18.06
C ILE I 482 -0.77 -24.44 18.70
N SER I 483 -0.50 -25.38 19.61
CA SER I 483 -1.58 -26.06 20.30
C SER I 483 -2.48 -25.07 21.01
N GLY I 484 -1.90 -23.97 21.50
CA GLY I 484 -2.67 -22.83 21.92
C GLY I 484 -2.97 -21.93 20.74
N ALA I 485 -3.79 -22.42 19.81
CA ALA I 485 -4.06 -21.70 18.58
C ALA I 485 -4.70 -20.34 18.87
N ALA I 486 -4.52 -19.41 17.93
CA ALA I 486 -4.98 -18.03 18.06
C ALA I 486 -4.35 -17.38 19.28
N LEU I 487 -3.03 -17.23 19.24
CA LEU I 487 -2.27 -16.61 20.32
C LEU I 487 -2.48 -15.09 20.34
N GLY I 488 -3.74 -14.72 20.52
CA GLY I 488 -4.16 -13.35 20.73
C GLY I 488 -4.75 -12.70 19.51
N ASP I 489 -6.08 -12.78 19.42
CA ASP I 489 -6.89 -11.91 18.58
C ASP I 489 -8.18 -11.48 19.26
N THR I 490 -8.65 -12.22 20.25
CA THR I 490 -9.86 -11.90 21.01
C THR I 490 -9.74 -12.62 22.34
N ALA I 491 -10.31 -12.01 23.39
CA ALA I 491 -10.22 -12.60 24.72
C ALA I 491 -10.84 -13.99 24.75
N THR I 492 -11.97 -14.17 24.08
CA THR I 492 -12.58 -15.49 24.01
C THR I 492 -11.82 -16.44 23.10
N ALA I 493 -11.24 -15.93 22.02
CA ALA I 493 -10.56 -16.79 21.06
C ALA I 493 -9.27 -17.38 21.60
N VAL I 494 -8.77 -16.91 22.73
CA VAL I 494 -7.64 -17.56 23.39
C VAL I 494 -8.06 -18.44 24.55
N ARG I 495 -9.28 -18.25 25.07
CA ARG I 495 -9.74 -19.08 26.16
C ARG I 495 -9.95 -20.53 25.73
N GLY I 496 -10.40 -20.73 24.48
CA GLY I 496 -10.65 -22.08 24.00
C GLY I 496 -9.40 -22.93 23.97
N ALA I 497 -8.27 -22.35 23.53
CA ALA I 497 -7.05 -23.11 23.40
C ALA I 497 -6.58 -23.64 24.74
N LEU I 498 -6.50 -22.76 25.74
CA LEU I 498 -6.08 -23.18 27.07
C LEU I 498 -7.07 -24.18 27.65
N ASP I 499 -8.36 -23.99 27.37
CA ASP I 499 -9.36 -24.94 27.83
C ASP I 499 -9.10 -26.33 27.29
N ALA I 500 -8.88 -26.44 25.99
CA ALA I 500 -8.64 -27.75 25.38
C ALA I 500 -7.35 -28.36 25.93
N ALA I 501 -6.30 -27.56 26.08
CA ALA I 501 -5.05 -28.09 26.60
C ALA I 501 -5.23 -28.66 28.00
N SER I 502 -5.91 -27.90 28.87
CA SER I 502 -6.14 -28.37 30.23
C SER I 502 -6.99 -29.62 30.24
N LYS I 503 -8.03 -29.65 29.40
CA LYS I 503 -8.88 -30.83 29.34
C LYS I 503 -8.09 -32.06 28.93
N ARG I 504 -7.12 -31.89 28.02
CA ARG I 504 -6.30 -33.03 27.64
C ARG I 504 -5.38 -33.44 28.78
N GLU I 505 -4.80 -32.48 29.50
CA GLU I 505 -3.92 -32.82 30.61
C GLU I 505 -4.67 -33.57 31.71
N LEU I 506 -5.98 -33.31 31.83
CA LEU I 506 -6.72 -33.83 32.96
C LEU I 506 -6.71 -35.35 33.01
N GLY I 507 -6.74 -36.02 31.87
CA GLY I 507 -6.75 -37.47 31.89
C GLY I 507 -5.50 -38.06 32.50
N ILE I 508 -4.34 -37.55 32.08
CA ILE I 508 -3.08 -38.01 32.65
C ILE I 508 -3.05 -37.72 34.14
N LEU I 509 -3.52 -36.53 34.52
CA LEU I 509 -3.56 -36.20 35.93
C LEU I 509 -4.40 -37.21 36.71
N ARG I 510 -5.53 -37.62 36.14
CA ARG I 510 -6.39 -38.56 36.84
C ARG I 510 -5.74 -39.92 36.97
N ARG I 511 -5.04 -40.37 35.94
CA ARG I 511 -4.37 -41.67 36.05
C ARG I 511 -3.33 -41.64 37.17
N LEU I 512 -2.51 -40.59 37.21
CA LEU I 512 -1.52 -40.51 38.27
C LEU I 512 -2.17 -40.43 39.64
N SER I 513 -3.28 -39.70 39.73
CA SER I 513 -4.01 -39.62 41.00
C SER I 513 -4.49 -40.99 41.44
N ALA I 514 -4.98 -41.79 40.51
CA ALA I 514 -5.43 -43.14 40.86
C ALA I 514 -4.28 -43.95 41.42
N GLY I 515 -3.11 -43.86 40.80
CA GLY I 515 -1.95 -44.56 41.35
C GLY I 515 -1.65 -44.15 42.78
N ILE I 516 -1.67 -42.84 43.03
CA ILE I 516 -1.37 -42.36 44.38
C ILE I 516 -2.40 -42.87 45.37
N ILE I 517 -3.68 -42.86 44.99
CA ILE I 517 -4.72 -43.36 45.87
C ILE I 517 -4.48 -44.81 46.22
N GLU I 518 -4.09 -45.62 45.25
CA GLU I 518 -3.82 -47.03 45.54
C GLU I 518 -2.69 -47.16 46.54
N ILE I 519 -1.61 -46.40 46.35
CA ILE I 519 -0.51 -46.44 47.32
C ILE I 519 -1.01 -46.11 48.71
N GLY I 520 -1.83 -45.06 48.80
CA GLY I 520 -2.33 -44.66 50.10
C GLY I 520 -3.17 -45.73 50.77
N ARG I 521 -4.01 -46.41 50.00
CA ARG I 521 -4.82 -47.46 50.59
C ARG I 521 -3.96 -48.60 51.11
N LYS I 522 -2.91 -48.97 50.36
CA LYS I 522 -2.02 -49.99 50.88
C LYS I 522 -1.36 -49.55 52.18
N ILE I 523 -0.95 -48.28 52.24
CA ILE I 523 -0.30 -47.78 53.45
C ILE I 523 -1.25 -47.84 54.63
N ILE I 524 -2.51 -47.47 54.42
CA ILE I 524 -3.49 -47.53 55.50
C ILE I 524 -3.63 -48.96 55.98
N ALA I 525 -3.73 -49.90 55.05
CA ALA I 525 -3.87 -51.29 55.44
C ALA I 525 -2.70 -51.73 56.30
N MET I 526 -1.48 -51.35 55.92
CA MET I 526 -0.34 -51.75 56.74
C MET I 526 -0.34 -51.07 58.10
N ASN I 527 -0.71 -49.79 58.15
CA ASN I 527 -0.81 -49.11 59.44
C ASN I 527 -1.80 -49.80 60.35
N ALA I 528 -2.81 -50.46 59.77
CA ALA I 528 -3.89 -51.01 60.58
C ALA I 528 -3.35 -51.93 61.68
N GLU I 529 -2.40 -52.80 61.35
CA GLU I 529 -1.97 -53.80 62.31
C GLU I 529 -0.53 -53.69 62.74
N PHE I 530 0.39 -53.25 61.87
CA PHE I 530 1.79 -53.19 62.26
C PHE I 530 2.08 -52.14 63.31
N LEU I 531 1.15 -51.24 63.57
CA LEU I 531 1.41 -50.09 64.41
C LEU I 531 0.62 -50.23 65.71
N ASP I 532 1.15 -49.66 66.78
CA ASP I 532 0.62 -49.87 68.12
C ASP I 532 -0.24 -48.71 68.58
N ASP I 533 -1.16 -49.03 69.49
CA ASP I 533 -2.11 -48.04 69.97
C ASP I 533 -1.41 -46.90 70.68
N VAL I 534 -0.37 -47.20 71.47
CA VAL I 534 0.35 -46.13 72.15
C VAL I 534 1.04 -45.23 71.14
N GLU I 535 1.55 -45.83 70.05
CA GLU I 535 2.17 -45.03 69.00
C GLU I 535 1.17 -44.11 68.33
N VAL I 536 -0.04 -44.61 68.08
CA VAL I 536 -1.06 -43.77 67.45
C VAL I 536 -1.51 -42.67 68.41
N VAL I 537 -1.62 -42.99 69.69
CA VAL I 537 -2.01 -41.99 70.67
C VAL I 537 -0.96 -40.91 70.77
N ARG I 538 0.32 -41.28 70.74
CA ARG I 538 1.37 -40.29 70.83
C ARG I 538 1.23 -39.22 69.76
N ILE I 539 0.66 -39.56 68.62
CA ILE I 539 0.45 -38.59 67.55
C ILE I 539 -0.87 -37.85 67.72
N THR I 540 -1.97 -38.59 67.87
CA THR I 540 -3.28 -37.96 67.80
C THR I 540 -3.64 -37.20 69.07
N ASN I 541 -3.10 -37.60 70.21
CA ASN I 541 -3.48 -37.06 71.51
C ASN I 541 -4.98 -37.21 71.77
N GLU I 542 -5.55 -38.31 71.28
CA GLU I 542 -6.94 -38.63 71.56
C GLU I 542 -7.02 -40.11 71.92
N HIS I 543 -8.11 -40.48 72.58
CA HIS I 543 -8.27 -41.86 72.99
C HIS I 543 -8.32 -42.77 71.77
N PHE I 544 -7.65 -43.91 71.87
CA PHE I 544 -7.53 -44.80 70.74
C PHE I 544 -8.88 -45.30 70.28
N VAL I 545 -9.12 -45.24 68.98
CA VAL I 545 -10.34 -45.77 68.38
C VAL I 545 -10.07 -47.19 67.95
N ASP I 546 -10.96 -48.10 68.34
CA ASP I 546 -10.76 -49.51 68.01
C ASP I 546 -10.76 -49.71 66.51
N ILE I 547 -10.37 -50.91 66.10
CA ILE I 547 -10.19 -51.24 64.70
C ILE I 547 -11.13 -52.38 64.33
N ARG I 548 -11.74 -52.28 63.15
CA ARG I 548 -12.63 -53.31 62.68
C ARG I 548 -11.83 -54.40 61.97
N ARG I 549 -12.01 -55.65 62.38
CA ARG I 549 -11.20 -56.73 61.84
C ARG I 549 -11.69 -57.21 60.49
N ASP I 550 -12.91 -56.85 60.09
CA ASP I 550 -13.44 -57.29 58.80
C ASP I 550 -12.57 -56.76 57.66
N ASP I 551 -12.52 -55.44 57.52
CA ASP I 551 -11.68 -54.78 56.55
C ASP I 551 -10.61 -53.97 57.28
N LEU I 552 -9.42 -53.89 56.67
CA LEU I 552 -8.37 -53.08 57.24
C LEU I 552 -8.00 -51.90 56.36
N ALA I 553 -8.29 -51.95 55.07
CA ALA I 553 -7.97 -50.88 54.14
C ALA I 553 -9.17 -50.00 53.83
N GLY I 554 -10.12 -49.91 54.75
CA GLY I 554 -11.34 -49.21 54.46
C GLY I 554 -12.22 -50.04 53.53
N ASN I 555 -12.53 -49.50 52.35
CA ASN I 555 -13.35 -50.18 51.37
C ASN I 555 -14.78 -50.35 51.85
N PHE I 556 -15.02 -49.97 53.11
CA PHE I 556 -16.35 -49.99 53.69
C PHE I 556 -16.68 -48.72 54.44
N ASP I 557 -15.69 -47.97 54.90
CA ASP I 557 -15.95 -46.83 55.75
C ASP I 557 -15.08 -45.62 55.48
N LEU I 558 -14.21 -45.66 54.47
CA LEU I 558 -13.31 -44.55 54.19
C LEU I 558 -13.34 -44.20 52.72
N LYS I 559 -13.41 -42.92 52.42
CA LYS I 559 -13.28 -42.41 51.06
C LYS I 559 -11.99 -41.61 50.97
N LEU I 560 -11.15 -41.95 50.01
CA LEU I 560 -9.79 -41.44 49.93
C LEU I 560 -9.63 -40.63 48.66
N ASP I 561 -9.13 -39.40 48.79
CA ASP I 561 -8.97 -38.52 47.64
C ASP I 561 -7.87 -37.52 47.90
N ILE I 562 -7.40 -36.90 46.82
CA ILE I 562 -6.33 -35.91 46.90
C ILE I 562 -6.90 -34.58 47.37
N SER I 563 -6.30 -34.02 48.41
CA SER I 563 -6.76 -32.74 48.93
C SER I 563 -6.14 -31.59 48.16
N THR I 564 -6.91 -30.53 47.99
CA THR I 564 -6.44 -29.32 47.32
C THR I 564 -7.01 -28.07 47.97
N ALA I 565 -6.28 -26.97 47.79
CA ALA I 565 -6.58 -25.74 48.51
C ALA I 565 -7.96 -25.21 48.15
N GLU I 566 -8.37 -25.33 46.89
CA GLU I 566 -9.67 -24.81 46.49
C GLU I 566 -10.81 -25.58 47.13
N GLU I 567 -10.68 -26.90 47.25
CA GLU I 567 -11.70 -27.65 47.98
C GLU I 567 -11.70 -27.28 49.46
N ASP I 568 -10.52 -27.05 50.03
CA ASP I 568 -10.49 -26.60 51.43
C ASP I 568 -11.24 -25.27 51.59
N ASN I 569 -10.99 -24.34 50.66
CA ASN I 569 -11.69 -23.05 50.72
C ASN I 569 -13.17 -23.23 50.55
N ALA I 570 -13.59 -24.11 49.64
CA ALA I 570 -15.01 -24.36 49.46
C ALA I 570 -15.64 -24.88 50.73
N LYS I 571 -14.97 -25.82 51.39
CA LYS I 571 -15.51 -26.37 52.64
C LYS I 571 -15.63 -25.29 53.70
N VAL I 572 -14.60 -24.44 53.83
CA VAL I 572 -14.64 -23.37 54.82
C VAL I 572 -15.79 -22.42 54.53
N ASN I 573 -15.95 -22.04 53.26
CA ASN I 573 -17.01 -21.10 52.91
C ASN I 573 -18.38 -21.70 53.19
N ASP I 574 -18.57 -22.97 52.85
CA ASP I 574 -19.85 -23.61 53.13
C ASP I 574 -20.13 -23.62 54.62
N LEU I 575 -19.14 -23.99 55.41
CA LEU I 575 -19.35 -24.03 56.86
C LEU I 575 -19.72 -22.65 57.38
N THR I 576 -18.95 -21.63 57.00
CA THR I 576 -19.21 -20.28 57.51
C THR I 576 -20.61 -19.83 57.12
N PHE I 577 -20.96 -19.96 55.84
CA PHE I 577 -22.25 -19.48 55.38
C PHE I 577 -23.38 -20.21 56.08
N MET I 578 -23.29 -21.52 56.17
CA MET I 578 -24.43 -22.27 56.63
C MET I 578 -24.58 -22.16 58.14
N LEU I 579 -23.48 -21.97 58.86
CA LEU I 579 -23.57 -21.55 60.25
C LEU I 579 -24.24 -20.19 60.39
N GLN I 580 -23.79 -19.21 59.61
CA GLN I 580 -24.32 -17.86 59.80
C GLN I 580 -25.80 -17.80 59.46
N THR I 581 -26.25 -18.61 58.50
CA THR I 581 -27.68 -18.74 58.21
C THR I 581 -28.01 -20.22 58.20
N MET I 582 -28.20 -20.79 59.38
CA MET I 582 -28.80 -22.10 59.55
C MET I 582 -30.22 -22.01 60.10
N GLY I 583 -30.40 -21.36 61.23
CA GLY I 583 -31.71 -21.22 61.82
C GLY I 583 -31.70 -21.30 63.32
N PRO I 584 -32.87 -21.22 63.93
CA PRO I 584 -32.95 -21.23 65.40
C PRO I 584 -32.87 -22.64 65.97
N ASN I 585 -32.48 -23.60 65.14
CA ASN I 585 -32.41 -25.00 65.57
C ASN I 585 -31.63 -25.15 66.86
N MET I 586 -32.08 -26.06 67.70
CA MET I 586 -31.53 -26.20 69.04
C MET I 586 -30.21 -26.97 68.96
N ASP I 587 -29.74 -27.43 70.12
CA ASP I 587 -28.46 -28.11 70.26
C ASP I 587 -27.33 -27.18 69.86
N PRO I 588 -27.09 -26.11 70.63
CA PRO I 588 -25.98 -25.21 70.29
C PRO I 588 -24.64 -25.88 70.40
N MET I 589 -24.58 -27.05 71.05
CA MET I 589 -23.38 -27.87 70.99
C MET I 589 -22.94 -28.07 69.55
N MET I 590 -23.91 -28.27 68.65
CA MET I 590 -23.58 -28.47 67.24
C MET I 590 -22.92 -27.24 66.65
N ALA I 591 -23.44 -26.06 66.95
CA ALA I 591 -22.81 -24.84 66.45
C ALA I 591 -21.40 -24.70 66.98
N GLN I 592 -21.19 -25.07 68.24
CA GLN I 592 -19.84 -25.06 68.79
C GLN I 592 -18.94 -26.02 68.04
N GLN I 593 -19.43 -27.22 67.73
CA GLN I 593 -18.62 -28.17 66.98
C GLN I 593 -18.22 -27.59 65.63
N ILE I 594 -19.17 -26.96 64.95
CA ILE I 594 -18.87 -26.38 63.65
C ILE I 594 -17.79 -25.32 63.78
N MET I 595 -18.00 -24.38 64.70
CA MET I 595 -17.05 -23.28 64.84
C MET I 595 -15.66 -23.78 65.19
N GLY I 596 -15.59 -24.79 66.05
CA GLY I 596 -14.32 -25.42 66.34
C GLY I 596 -13.69 -26.03 65.11
N GLN I 597 -14.51 -26.59 64.22
CA GLN I 597 -13.96 -27.14 62.99
C GLN I 597 -13.38 -26.05 62.10
N ILE I 598 -14.03 -24.89 62.03
CA ILE I 598 -13.41 -23.80 61.27
C ILE I 598 -12.09 -23.37 61.90
N MET I 599 -12.05 -23.26 63.23
CA MET I 599 -10.76 -23.01 63.89
C MET I 599 -9.71 -24.03 63.46
N GLU I 600 -10.05 -25.32 63.53
CA GLU I 600 -9.05 -26.34 63.23
C GLU I 600 -8.60 -26.26 61.78
N LEU I 601 -9.53 -26.02 60.86
CA LEU I 601 -9.15 -25.85 59.47
C LEU I 601 -8.28 -24.63 59.27
N LYS I 602 -8.46 -23.61 60.10
CA LYS I 602 -7.61 -22.42 60.02
C LYS I 602 -6.40 -22.51 60.92
N LYS I 603 -6.14 -23.69 61.50
CA LYS I 603 -4.89 -23.98 62.19
C LYS I 603 -4.72 -23.16 63.48
N MET I 604 -5.73 -23.24 64.35
CA MET I 604 -5.59 -22.80 65.74
C MET I 604 -6.20 -23.88 66.63
N PRO I 605 -5.55 -25.04 66.73
CA PRO I 605 -6.15 -26.16 67.44
C PRO I 605 -6.46 -25.87 68.89
N ASP I 606 -5.66 -25.05 69.57
CA ASP I 606 -5.97 -24.71 70.95
C ASP I 606 -7.31 -24.00 71.06
N PHE I 607 -7.52 -22.98 70.23
CA PHE I 607 -8.81 -22.30 70.21
C PHE I 607 -9.91 -23.27 69.82
N ALA I 608 -9.64 -24.15 68.87
CA ALA I 608 -10.66 -25.11 68.45
C ALA I 608 -11.12 -25.97 69.62
N LYS I 609 -10.17 -26.55 70.34
CA LYS I 609 -10.54 -27.40 71.46
C LYS I 609 -11.26 -26.60 72.53
N ARG I 610 -10.77 -25.40 72.83
CA ARG I 610 -11.38 -24.60 73.89
C ARG I 610 -12.82 -24.26 73.54
N ILE I 611 -13.08 -23.88 72.29
CA ILE I 611 -14.44 -23.55 71.88
C ILE I 611 -15.32 -24.79 71.91
N ARG I 612 -14.85 -25.90 71.32
CA ARG I 612 -15.72 -27.06 71.23
C ARG I 612 -16.02 -27.64 72.60
N GLU I 613 -15.14 -27.46 73.57
CA GLU I 613 -15.41 -27.92 74.92
C GLU I 613 -16.03 -26.87 75.80
N PHE I 614 -16.17 -25.63 75.31
CA PHE I 614 -16.73 -24.56 76.12
C PHE I 614 -18.18 -24.85 76.46
N GLN I 615 -18.54 -24.63 77.72
CA GLN I 615 -19.90 -24.85 78.19
C GLN I 615 -20.53 -23.52 78.54
N PRO I 616 -21.56 -23.07 77.81
CA PRO I 616 -22.23 -21.83 78.19
C PRO I 616 -22.95 -21.95 79.52
N GLN I 617 -23.04 -20.83 80.23
CA GLN I 617 -23.70 -20.77 81.53
C GLN I 617 -24.66 -19.60 81.55
N PRO I 618 -25.87 -19.84 82.06
CA PRO I 618 -26.89 -18.81 82.11
C PRO I 618 -26.67 -17.89 83.32
N ASP I 619 -27.28 -16.70 83.25
CA ASP I 619 -27.18 -15.71 84.31
C ASP I 619 -28.25 -15.97 85.37
N PRO I 620 -28.42 -15.01 86.28
CA PRO I 620 -29.42 -15.11 87.33
C PRO I 620 -30.69 -14.33 87.00
N ILE I 621 -31.06 -14.26 85.73
CA ILE I 621 -32.28 -13.58 85.33
C ILE I 621 -33.51 -14.48 85.37
N ALA I 622 -33.33 -15.78 85.61
CA ALA I 622 -34.48 -16.64 85.82
C ALA I 622 -35.29 -16.21 87.03
N GLN I 623 -34.66 -15.49 87.96
CA GLN I 623 -35.40 -14.88 89.05
C GLN I 623 -36.52 -14.01 88.49
N GLN I 624 -36.25 -13.28 87.42
CA GLN I 624 -37.29 -12.43 86.83
C GLN I 624 -38.49 -13.25 86.40
N LYS I 625 -38.25 -14.38 85.73
CA LYS I 625 -39.36 -15.22 85.29
C LYS I 625 -40.14 -15.76 86.48
N ALA I 626 -39.43 -16.22 87.51
CA ALA I 626 -40.13 -16.73 88.68
C ALA I 626 -40.97 -15.64 89.34
N GLN I 627 -40.42 -14.44 89.46
CA GLN I 627 -41.15 -13.37 90.14
C GLN I 627 -42.34 -12.90 89.33
N LEU I 628 -42.23 -12.86 88.01
CA LEU I 628 -43.39 -12.47 87.23
C LEU I 628 -44.44 -13.58 87.23
N GLU I 629 -44.02 -14.83 87.32
CA GLU I 629 -44.99 -15.90 87.52
C GLU I 629 -45.76 -15.70 88.80
N LEU I 630 -45.06 -15.34 89.88
CA LEU I 630 -45.75 -15.07 91.13
C LEU I 630 -46.65 -13.85 91.02
N MET I 631 -46.18 -12.79 90.36
CA MET I 631 -47.03 -11.67 89.97
C MET I 631 -48.38 -12.15 89.48
N LEU I 632 -48.35 -12.90 88.39
CA LEU I 632 -49.60 -13.30 87.75
C LEU I 632 -50.44 -14.18 88.66
N LEU I 633 -49.80 -15.16 89.33
CA LEU I 633 -50.55 -16.08 90.15
C LEU I 633 -51.31 -15.35 91.25
N GLN I 634 -50.62 -14.46 91.96
CA GLN I 634 -51.25 -13.74 93.05
C GLN I 634 -52.27 -12.73 92.52
N ALA I 635 -51.93 -12.01 91.45
CA ALA I 635 -52.87 -11.04 90.91
C ALA I 635 -54.16 -11.71 90.46
N GLN I 636 -54.11 -12.97 90.05
CA GLN I 636 -55.37 -13.58 89.65
C GLN I 636 -56.11 -14.21 90.82
N ILE I 637 -55.50 -15.15 91.53
CA ILE I 637 -56.24 -15.82 92.60
C ILE I 637 -56.62 -14.83 93.69
N GLU I 638 -55.67 -14.02 94.12
CA GLU I 638 -55.88 -13.22 95.32
C GLU I 638 -56.80 -12.05 95.05
N ALA I 639 -56.65 -11.38 93.91
CA ALA I 639 -57.41 -10.17 93.69
C ALA I 639 -58.84 -10.46 93.24
N GLU I 640 -58.99 -11.10 92.09
CA GLU I 640 -60.27 -11.07 91.40
C GLU I 640 -61.33 -11.87 92.14
N ARG I 641 -60.99 -13.09 92.55
CA ARG I 641 -61.97 -13.91 93.27
C ARG I 641 -62.41 -13.23 94.55
N ALA I 642 -61.48 -12.60 95.24
CA ALA I 642 -61.82 -11.87 96.45
C ALA I 642 -62.78 -10.72 96.14
N ARG I 643 -62.54 -10.00 95.04
CA ARG I 643 -63.45 -8.93 94.66
C ARG I 643 -64.84 -9.48 94.39
N ALA I 644 -64.92 -10.61 93.70
CA ALA I 644 -66.22 -11.21 93.45
C ALA I 644 -66.95 -11.53 94.74
N ALA I 645 -66.24 -12.18 95.67
CA ALA I 645 -66.87 -12.52 96.94
C ALA I 645 -67.37 -11.27 97.64
N HIS I 646 -66.55 -10.22 97.65
CA HIS I 646 -66.95 -8.98 98.32
C HIS I 646 -68.21 -8.40 97.69
N TYR I 647 -68.27 -8.38 96.36
CA TYR I 647 -69.43 -7.79 95.70
C TYR I 647 -70.69 -8.59 95.95
N MET I 648 -70.61 -9.93 95.90
CA MET I 648 -71.78 -10.73 96.19
C MET I 648 -72.26 -10.52 97.61
N SER I 649 -71.32 -10.43 98.56
CA SER I 649 -71.71 -10.15 99.93
C SER I 649 -72.43 -8.81 100.03
N GLY I 650 -71.91 -7.80 99.35
CA GLY I 650 -72.58 -6.50 99.36
C GLY I 650 -73.99 -6.58 98.81
N ALA I 651 -74.17 -7.31 97.71
CA ALA I 651 -75.50 -7.44 97.13
C ALA I 651 -76.46 -8.09 98.11
N GLY I 652 -76.02 -9.17 98.77
CA GLY I 652 -76.86 -9.78 99.78
C GLY I 652 -77.22 -8.82 100.89
N LEU I 653 -76.26 -7.99 101.31
CA LEU I 653 -76.53 -7.04 102.37
C LEU I 653 -77.59 -6.04 101.96
N GLN I 654 -77.53 -5.52 100.73
CA GLN I 654 -78.56 -4.59 100.27
C GLN I 654 -79.93 -5.25 100.26
N ASP I 655 -79.99 -6.48 99.72
CA ASP I 655 -81.25 -7.19 99.69
C ASP I 655 -81.81 -7.40 101.09
N SER I 656 -80.93 -7.54 102.08
CA SER I 656 -81.41 -7.59 103.46
C SER I 656 -81.94 -6.25 103.92
N LYS I 657 -81.22 -5.16 103.61
CA LYS I 657 -81.60 -3.84 104.13
C LYS I 657 -82.95 -3.38 103.61
N VAL I 658 -83.41 -3.94 102.48
CA VAL I 658 -84.71 -3.57 101.97
C VAL I 658 -85.80 -3.76 103.03
N GLY I 659 -85.77 -4.88 103.73
CA GLY I 659 -86.80 -5.15 104.71
C GLY I 659 -86.81 -4.15 105.85
N THR I 660 -85.62 -3.76 106.32
CA THR I 660 -85.54 -2.75 107.35
C THR I 660 -86.14 -1.44 106.87
N GLU I 661 -85.92 -1.11 105.60
CA GLU I 661 -86.57 0.09 105.06
C GLU I 661 -88.08 -0.03 105.14
N GLN I 662 -88.62 -1.18 104.77
CA GLN I 662 -90.07 -1.39 104.87
C GLN I 662 -90.56 -1.16 106.29
N ALA I 663 -89.85 -1.75 107.26
CA ALA I 663 -90.27 -1.64 108.64
C ALA I 663 -90.25 -0.19 109.12
N LYS I 664 -89.19 0.54 108.75
CA LYS I 664 -89.13 1.95 109.14
C LYS I 664 -90.31 2.72 108.59
N ALA I 665 -90.65 2.48 107.32
CA ALA I 665 -91.79 3.18 106.73
C ALA I 665 -93.07 2.91 107.52
N ARG I 666 -93.30 1.64 107.83
CA ARG I 666 -94.54 1.30 108.55
C ARG I 666 -94.58 1.96 109.91
N ALA I 667 -93.47 1.92 110.64
CA ALA I 667 -93.44 2.49 111.99
C ALA I 667 -93.70 3.99 111.96
N LEU I 668 -93.07 4.69 111.02
CA LEU I 668 -93.31 6.13 110.94
C LEU I 668 -94.75 6.45 110.58
N ALA I 669 -95.36 5.64 109.71
CA ALA I 669 -96.77 5.87 109.41
C ALA I 669 -97.62 5.73 110.67
N SER I 670 -97.34 4.70 111.47
CA SER I 670 -98.09 4.52 112.71
C SER I 670 -97.92 5.72 113.64
N GLN I 671 -96.70 6.21 113.78
CA GLN I 671 -96.47 7.35 114.66
C GLN I 671 -97.24 8.58 114.19
N ALA I 672 -97.25 8.82 112.87
CA ALA I 672 -98.02 9.94 112.34
C ALA I 672 -99.50 9.79 112.67
N ASP I 673 -100.01 8.56 112.57
CA ASP I 673 -101.41 8.33 112.91
C ASP I 673 -101.68 8.68 114.37
N MET I 674 -100.78 8.27 115.27
CA MET I 674 -100.94 8.62 116.68
C MET I 674 -100.99 10.12 116.88
N THR I 675 -100.06 10.84 116.24
CA THR I 675 -100.03 12.28 116.39
C THR I 675 -101.31 12.93 115.90
N ASP I 676 -101.82 12.46 114.76
CA ASP I 676 -103.08 13.01 114.23
C ASP I 676 -104.23 12.76 115.19
N LEU I 677 -104.26 11.57 115.79
CA LEU I 677 -105.31 11.27 116.75
C LEU I 677 -105.27 12.23 117.93
N ASN I 678 -104.07 12.45 118.48
CA ASN I 678 -103.96 13.35 119.63
C ASN I 678 -104.36 14.77 119.25
N PHE I 679 -103.99 15.20 118.05
CA PHE I 679 -104.40 16.52 117.58
C PHE I 679 -105.92 16.63 117.53
N LEU I 680 -106.57 15.61 116.96
CA LEU I 680 -108.03 15.64 116.90
C LEU I 680 -108.64 15.71 118.28
N GLU I 681 -108.11 14.93 119.23
CA GLU I 681 -108.65 14.95 120.58
C GLU I 681 -108.52 16.32 121.22
N GLN I 682 -107.31 16.90 121.16
CA GLN I 682 -107.13 18.23 121.74
C GLN I 682 -108.04 19.25 121.09
N GLU I 683 -108.36 19.07 119.82
CA GLU I 683 -109.39 19.93 119.23
C GLU I 683 -110.75 19.39 119.62
N SER I 684 -111.20 19.78 120.81
CA SER I 684 -112.57 19.61 121.27
C SER I 684 -112.99 18.13 121.26
N GLY I 685 -112.35 17.37 122.14
CA GLY I 685 -112.82 16.03 122.40
C GLY I 685 -112.54 15.54 123.81
N VAL I 686 -112.31 14.24 123.92
CA VAL I 686 -112.07 13.60 125.21
C VAL I 686 -110.92 14.26 125.96
N GLN I 687 -110.00 14.89 125.23
CA GLN I 687 -108.84 15.51 125.85
C GLN I 687 -109.24 16.43 126.99
N GLN I 688 -110.19 17.33 126.75
CA GLN I 688 -110.69 18.20 127.80
C GLN I 688 -112.11 17.84 128.22
N ALA I 689 -112.68 16.77 127.66
CA ALA I 689 -113.95 16.27 128.15
C ALA I 689 -113.76 15.38 129.37
N ARG I 690 -112.93 14.35 129.23
CA ARG I 690 -112.80 13.35 130.29
C ARG I 690 -112.00 13.87 131.47
N LYS I 691 -110.90 14.58 131.21
CA LYS I 691 -109.89 14.79 132.24
C LYS I 691 -110.44 15.48 133.48
N ARG I 692 -111.51 16.27 133.35
CA ARG I 692 -112.22 16.67 134.54
C ARG I 692 -113.27 15.64 134.92
N GLU I 693 -114.12 15.25 133.96
CA GLU I 693 -115.19 14.30 134.18
C GLU I 693 -114.79 13.16 135.10
N LEU I 694 -113.68 12.49 134.76
CA LEU I 694 -113.19 11.38 135.57
C LEU I 694 -113.13 11.73 137.04
N GLN I 695 -112.28 12.70 137.39
CA GLN I 695 -112.01 12.97 138.79
C GLN I 695 -113.22 13.58 139.48
N GLN I 696 -113.90 14.52 138.82
CA GLN I 696 -115.05 15.16 139.47
C GLN I 696 -116.14 14.15 139.75
N ALA I 697 -116.51 13.35 138.75
CA ALA I 697 -117.57 12.36 138.97
C ALA I 697 -117.16 11.34 140.02
N GLN I 698 -115.93 10.83 139.94
CA GLN I 698 -115.50 9.81 140.89
C GLN I 698 -115.52 10.35 142.31
N SER I 699 -114.84 11.48 142.54
CA SER I 699 -114.74 12.02 143.89
C SER I 699 -116.11 12.40 144.42
N GLU I 700 -116.92 13.10 143.61
CA GLU I 700 -118.23 13.52 144.07
C GLU I 700 -119.10 12.32 144.41
N ALA I 701 -119.20 11.35 143.50
CA ALA I 701 -120.06 10.20 143.74
C ALA I 701 -119.60 9.40 144.94
N GLN I 702 -118.30 9.16 145.06
CA GLN I 702 -117.78 8.38 146.18
C GLN I 702 -118.05 9.08 147.51
N GLY I 703 -117.68 10.36 147.60
CA GLY I 703 -117.90 11.10 148.83
C GLY I 703 -119.36 11.18 149.20
N LYS I 704 -120.21 11.45 148.20
CA LYS I 704 -121.65 11.58 148.45
C LYS I 704 -122.25 10.26 148.92
N LEU I 705 -121.87 9.15 148.29
CA LEU I 705 -122.41 7.86 148.70
C LEU I 705 -121.94 7.48 150.09
N ALA I 706 -120.65 7.70 150.39
CA ALA I 706 -120.16 7.39 151.73
C ALA I 706 -120.83 8.25 152.79
N MET I 707 -120.99 9.54 152.50
CA MET I 707 -121.57 10.44 153.49
C MET I 707 -123.08 10.24 153.61
N LEU I 708 -123.74 9.76 152.56
CA LEU I 708 -125.13 9.34 152.68
C LEU I 708 -125.24 8.07 153.52
N ASN I 709 -124.30 7.14 153.36
CA ASN I 709 -124.25 5.99 154.24
C ASN I 709 -123.94 6.40 155.67
N SER I 710 -123.35 7.58 155.87
CA SER I 710 -123.12 8.06 157.23
C SER I 710 -124.44 8.23 157.98
N GLN I 711 -125.46 8.79 157.33
CA GLN I 711 -126.75 8.93 158.00
C GLN I 711 -127.40 7.57 158.25
N LEU I 712 -127.16 6.60 157.39
CA LEU I 712 -127.65 5.24 157.66
C LEU I 712 -126.97 4.66 158.88
N LYS I 713 -125.65 4.86 159.00
CA LYS I 713 -124.94 4.39 160.19
C LYS I 713 -125.48 5.09 161.44
N ARG I 714 -125.75 6.39 161.35
CA ARG I 714 -126.27 7.12 162.50
C ARG I 714 -127.68 6.66 162.87
N LEU I 715 -128.50 6.35 161.87
CA LEU I 715 -129.83 5.82 162.15
C LEU I 715 -129.73 4.47 162.84
N ASP I 716 -128.78 3.63 162.41
CA ASP I 716 -128.54 2.37 163.10
C ASP I 716 -128.08 2.62 164.53
N GLU I 717 -127.22 3.63 164.73
CA GLU I 717 -126.81 4.02 166.07
C GLU I 717 -128.03 4.35 166.93
N ALA I 718 -128.92 5.18 166.39
CA ALA I 718 -130.10 5.61 167.15
C ALA I 718 -131.02 4.43 167.47
N THR I 719 -131.23 3.54 166.50
CA THR I 719 -132.13 2.42 166.70
C THR I 719 -131.51 1.31 167.54
N SER I 720 -130.19 1.31 167.74
CA SER I 720 -129.53 0.29 168.55
C SER I 720 -129.27 0.78 169.97
N ALA I 721 -128.54 1.88 170.13
CA ALA I 721 -128.20 2.40 171.44
C ALA I 721 -128.09 3.92 171.43
N ALA J 2 43.48 -23.57 -117.69
CA ALA J 2 43.59 -24.25 -116.41
C ALA J 2 43.30 -23.28 -115.26
N VAL J 3 42.56 -22.22 -115.55
CA VAL J 3 42.28 -21.17 -114.59
C VAL J 3 40.82 -21.31 -114.17
N GLU J 4 40.60 -21.94 -113.02
CA GLU J 4 39.27 -22.00 -112.44
C GLU J 4 39.12 -20.83 -111.49
N PRO J 5 38.16 -19.92 -111.71
CA PRO J 5 38.06 -18.72 -110.87
C PRO J 5 37.36 -19.06 -109.57
N ILE J 6 38.07 -18.88 -108.45
CA ILE J 6 37.45 -19.09 -107.15
C ILE J 6 36.50 -17.92 -106.87
N THR J 7 35.28 -18.25 -106.48
CA THR J 7 34.24 -17.24 -106.33
C THR J 7 33.60 -17.36 -104.96
N ILE J 8 32.65 -16.46 -104.71
CA ILE J 8 31.90 -16.49 -103.47
C ILE J 8 31.13 -17.80 -103.37
N ALA J 9 30.65 -18.32 -104.50
CA ALA J 9 30.01 -19.63 -104.49
C ALA J 9 30.98 -20.71 -104.04
N ASP J 10 32.22 -20.62 -104.48
CA ASP J 10 33.23 -21.58 -104.03
C ASP J 10 33.45 -21.47 -102.53
N LEU J 11 33.51 -20.25 -102.00
CA LEU J 11 33.66 -20.10 -100.56
C LEU J 11 32.47 -20.66 -99.81
N THR J 12 31.27 -20.20 -100.15
CA THR J 12 30.04 -20.68 -99.56
C THR J 12 28.83 -20.26 -100.37
N GLU J 13 28.01 -21.22 -100.76
CA GLU J 13 26.68 -20.89 -101.24
C GLU J 13 25.75 -20.71 -100.05
N VAL J 14 24.66 -19.99 -100.28
CA VAL J 14 23.90 -19.45 -99.16
C VAL J 14 23.16 -20.56 -98.40
N LYS J 15 22.90 -21.69 -99.05
CA LYS J 15 22.14 -22.75 -98.40
C LYS J 15 22.86 -23.30 -97.18
N LEU J 16 22.07 -23.80 -96.22
CA LEU J 16 22.65 -24.39 -95.02
C LEU J 16 23.42 -25.66 -95.33
N ASP J 17 22.88 -26.49 -96.22
CA ASP J 17 23.49 -27.77 -96.54
C ASP J 17 24.41 -27.71 -97.75
N GLY J 18 24.94 -26.54 -98.07
CA GLY J 18 25.77 -26.39 -99.24
C GLY J 18 27.09 -27.12 -99.12
N LYS J 19 27.94 -26.91 -100.12
CA LYS J 19 29.25 -27.53 -100.19
C LYS J 19 30.38 -26.53 -100.01
N GLY J 20 30.07 -25.29 -99.62
CA GLY J 20 31.12 -24.34 -99.36
C GLY J 20 31.97 -24.74 -98.17
N ALA J 21 33.19 -24.23 -98.16
CA ALA J 21 34.12 -24.58 -97.09
C ALA J 21 33.58 -24.15 -95.74
N LEU J 22 33.07 -22.91 -95.66
CA LEU J 22 32.47 -22.44 -94.42
C LEU J 22 31.32 -23.35 -94.00
N ASP J 23 30.48 -23.73 -94.97
CA ASP J 23 29.34 -24.56 -94.65
C ASP J 23 29.76 -25.89 -94.07
N GLN J 24 30.77 -26.52 -94.66
CA GLN J 24 31.13 -27.85 -94.20
C GLN J 24 31.88 -27.80 -92.88
N LEU J 25 32.67 -26.74 -92.66
CA LEU J 25 33.29 -26.60 -91.34
C LEU J 25 32.23 -26.41 -90.26
N LEU J 26 31.23 -25.58 -90.53
CA LEU J 26 30.16 -25.42 -89.57
C LEU J 26 29.41 -26.73 -89.35
N GLN J 27 29.23 -27.51 -90.41
CA GLN J 27 28.54 -28.80 -90.26
C GLN J 27 29.31 -29.75 -89.37
N VAL J 28 30.63 -29.82 -89.54
CA VAL J 28 31.40 -30.75 -88.71
C VAL J 28 31.40 -30.28 -87.26
N THR J 29 31.48 -28.97 -87.04
CA THR J 29 31.36 -28.46 -85.68
C THR J 29 30.02 -28.84 -85.07
N ARG J 30 28.95 -28.71 -85.86
CA ARG J 30 27.63 -29.08 -85.38
C ARG J 30 27.57 -30.55 -85.02
N LEU J 31 28.20 -31.41 -85.82
CA LEU J 31 28.15 -32.84 -85.52
C LEU J 31 28.87 -33.15 -84.21
N HIS J 32 30.04 -32.55 -84.02
CA HIS J 32 30.75 -32.82 -82.77
C HIS J 32 29.94 -32.35 -81.57
N LEU J 33 29.38 -31.14 -81.66
CA LEU J 33 28.56 -30.65 -80.56
C LEU J 33 27.33 -31.52 -80.35
N ALA J 34 26.75 -32.02 -81.43
CA ALA J 34 25.56 -32.84 -81.31
C ALA J 34 25.87 -34.14 -80.58
N LYS J 35 26.97 -34.79 -80.93
CA LYS J 35 27.33 -35.99 -80.19
C LYS J 35 27.61 -35.66 -78.73
N GLU J 36 28.27 -34.53 -78.46
CA GLU J 36 28.53 -34.16 -77.08
C GLU J 36 27.23 -33.99 -76.29
N HIS J 37 26.24 -33.35 -76.90
CA HIS J 37 24.96 -33.16 -76.22
C HIS J 37 24.21 -34.46 -76.07
N ASP J 38 24.33 -35.35 -77.05
CA ASP J 38 23.65 -36.63 -76.95
C ASP J 38 24.19 -37.44 -75.78
N ALA J 39 25.50 -37.45 -75.61
CA ALA J 39 26.02 -37.90 -74.33
C ALA J 39 25.66 -36.86 -73.26
N GLY J 40 25.57 -37.32 -72.03
CA GLY J 40 25.15 -36.40 -70.99
C GLY J 40 26.21 -35.39 -70.60
N ARG J 41 26.56 -34.48 -71.50
CA ARG J 41 27.64 -33.56 -71.21
C ARG J 41 27.38 -32.11 -71.59
N LEU J 42 26.36 -31.79 -72.39
CA LEU J 42 26.07 -30.42 -72.76
C LEU J 42 24.60 -30.12 -72.60
N LYS J 43 24.30 -28.95 -72.07
CA LYS J 43 22.93 -28.45 -72.14
C LYS J 43 22.71 -27.76 -73.48
N GLY J 44 21.46 -27.43 -73.74
CA GLY J 44 21.13 -26.85 -75.02
C GLY J 44 21.54 -25.42 -75.21
N GLN J 45 22.19 -24.81 -74.22
CA GLN J 45 22.59 -23.41 -74.31
C GLN J 45 24.07 -23.22 -74.57
N GLU J 46 24.93 -24.03 -73.96
CA GLU J 46 26.33 -24.01 -74.34
C GLU J 46 26.50 -24.35 -75.80
N TYR J 47 25.60 -25.18 -76.33
CA TYR J 47 25.61 -25.50 -77.75
C TYR J 47 25.53 -24.24 -78.59
N ALA J 48 24.64 -23.32 -78.22
CA ALA J 48 24.52 -22.08 -78.98
C ALA J 48 25.70 -21.15 -78.69
N ALA J 49 26.12 -21.10 -77.44
CA ALA J 49 27.18 -20.16 -77.06
C ALA J 49 28.46 -20.46 -77.82
N VAL J 50 28.85 -21.74 -77.86
CA VAL J 50 30.10 -22.11 -78.53
C VAL J 50 30.03 -21.77 -80.01
N LEU J 51 28.92 -22.11 -80.66
CA LEU J 51 28.80 -21.85 -82.08
C LEU J 51 28.89 -20.36 -82.39
N THR J 52 28.15 -19.55 -81.65
CA THR J 52 28.15 -18.12 -81.90
C THR J 52 29.54 -17.54 -81.65
N GLY J 53 30.22 -18.01 -80.61
CA GLY J 53 31.58 -17.55 -80.40
C GLY J 53 32.51 -17.94 -81.53
N GLY J 54 32.30 -19.13 -82.11
CA GLY J 54 33.23 -19.64 -83.09
C GLY J 54 33.08 -19.04 -84.47
N ILE J 55 31.89 -18.56 -84.82
CA ILE J 55 31.57 -18.15 -86.19
C ILE J 55 32.69 -17.39 -86.89
N THR J 56 33.14 -16.29 -86.28
CA THR J 56 34.08 -15.42 -86.99
C THR J 56 35.46 -16.06 -87.12
N ALA J 57 35.91 -16.79 -86.11
CA ALA J 57 37.19 -17.47 -86.23
C ALA J 57 37.15 -18.53 -87.31
N VAL J 58 36.05 -19.27 -87.39
CA VAL J 58 35.91 -20.26 -88.46
C VAL J 58 35.95 -19.58 -89.81
N LEU J 59 35.27 -18.44 -89.93
CA LEU J 59 35.29 -17.71 -91.19
C LEU J 59 36.71 -17.32 -91.58
N GLN J 60 37.47 -16.78 -90.62
CA GLN J 60 38.82 -16.35 -90.91
C GLN J 60 39.69 -17.53 -91.34
N ASN J 61 39.55 -18.65 -90.65
CA ASN J 61 40.36 -19.82 -91.02
C ASN J 61 40.00 -20.31 -92.41
N ALA J 62 38.71 -20.34 -92.75
CA ALA J 62 38.32 -20.79 -94.08
C ALA J 62 38.87 -19.87 -95.16
N VAL J 63 38.82 -18.56 -94.94
CA VAL J 63 39.37 -17.63 -95.91
C VAL J 63 40.87 -17.86 -96.07
N MET J 64 41.58 -18.04 -94.96
CA MET J 64 43.00 -18.37 -95.05
C MET J 64 43.22 -19.63 -95.86
N PHE J 65 42.34 -20.62 -95.70
CA PHE J 65 42.55 -21.90 -96.34
C PHE J 65 42.37 -21.81 -97.85
N LEU J 66 41.31 -21.14 -98.30
CA LEU J 66 41.00 -21.16 -99.73
C LEU J 66 42.11 -20.51 -100.55
N LEU J 67 42.66 -19.41 -100.07
CA LEU J 67 43.66 -18.70 -100.87
C LEU J 67 44.92 -19.54 -101.07
N GLN J 68 45.40 -20.19 -100.02
CA GLN J 68 46.65 -20.92 -100.14
C GLN J 68 46.47 -22.37 -100.56
N LYS J 69 45.24 -22.88 -100.60
CA LYS J 69 45.03 -24.29 -100.85
C LYS J 69 45.65 -24.76 -102.16
N ASP J 70 45.15 -24.23 -103.27
CA ASP J 70 45.41 -24.84 -104.57
C ASP J 70 46.88 -24.80 -104.96
N GLU J 71 47.54 -23.66 -104.78
CA GLU J 71 48.85 -23.48 -105.39
C GLU J 71 49.94 -24.28 -104.67
N ALA J 72 49.68 -24.78 -103.47
CA ALA J 72 50.72 -25.51 -102.74
C ALA J 72 51.10 -26.79 -103.47
N ALA J 73 50.11 -27.54 -103.94
CA ALA J 73 50.42 -28.78 -104.68
C ALA J 73 51.20 -28.46 -105.95
N ASN J 74 50.83 -27.39 -106.63
CA ASN J 74 51.55 -26.99 -107.83
C ASN J 74 53.01 -26.67 -107.48
N LYS J 75 53.22 -25.97 -106.38
CA LYS J 75 54.58 -25.65 -105.96
C LYS J 75 55.37 -26.93 -105.70
N ALA J 76 54.74 -27.90 -105.04
CA ALA J 76 55.45 -29.15 -104.76
C ALA J 76 55.84 -29.87 -106.05
N ALA J 77 54.92 -29.94 -107.01
CA ALA J 77 55.24 -30.59 -108.26
C ALA J 77 56.38 -29.88 -108.98
N LEU J 78 56.36 -28.55 -108.94
CA LEU J 78 57.47 -27.79 -109.53
C LEU J 78 58.79 -28.15 -108.86
N VAL J 79 58.76 -28.29 -107.54
CA VAL J 79 60.00 -28.61 -106.82
C VAL J 79 60.53 -29.97 -107.24
N GLU J 80 59.66 -30.98 -107.34
CA GLU J 80 60.17 -32.29 -107.71
C GLU J 80 60.66 -32.32 -109.16
N ALA J 81 60.03 -31.55 -110.04
CA ALA J 81 60.57 -31.42 -111.39
C ALA J 81 61.96 -30.82 -111.36
N GLN J 82 62.17 -29.79 -110.52
CA GLN J 82 63.51 -29.24 -110.38
C GLN J 82 64.48 -30.28 -109.83
N ILE J 83 63.99 -31.19 -108.98
CA ILE J 83 64.85 -32.25 -108.47
C ILE J 83 65.38 -33.10 -109.63
N LYS J 84 64.49 -33.51 -110.52
CA LYS J 84 64.94 -34.29 -111.67
C LYS J 84 65.90 -33.49 -112.54
N LEU J 85 65.63 -32.19 -112.70
CA LEU J 85 66.52 -31.35 -113.50
C LEU J 85 67.92 -31.32 -112.91
N THR J 86 68.02 -31.17 -111.60
CA THR J 86 69.33 -31.19 -110.95
C THR J 86 70.01 -32.55 -111.10
N GLU J 87 69.23 -33.62 -111.06
CA GLU J 87 69.80 -34.93 -111.35
C GLU J 87 70.52 -34.91 -112.68
N LYS J 88 69.84 -34.39 -113.71
CA LYS J 88 70.42 -34.41 -115.05
C LYS J 88 71.62 -33.48 -115.15
N GLN J 89 71.58 -32.32 -114.49
CA GLN J 89 72.76 -31.45 -114.50
C GLN J 89 73.96 -32.13 -113.85
N GLY J 90 73.73 -32.84 -112.75
CA GLY J 90 74.82 -33.57 -112.14
C GLY J 90 75.41 -34.61 -113.07
N GLU J 91 74.54 -35.33 -113.78
CA GLU J 91 75.04 -36.31 -114.73
C GLU J 91 75.89 -35.64 -115.81
N LEU J 92 75.42 -34.50 -116.32
CA LEU J 92 76.19 -33.81 -117.35
C LEU J 92 77.56 -33.38 -116.84
N LEU J 93 77.64 -32.90 -115.61
CA LEU J 93 78.95 -32.52 -115.08
C LEU J 93 79.84 -33.74 -114.87
N ASP J 94 79.24 -34.87 -114.51
CA ASP J 94 80.01 -36.12 -114.44
C ASP J 94 80.61 -36.43 -115.80
N LYS J 95 79.86 -36.17 -116.86
CA LYS J 95 80.44 -36.30 -118.20
C LYS J 95 81.55 -35.26 -118.42
N GLN J 96 81.34 -34.07 -117.87
CA GLN J 96 82.25 -32.95 -118.08
C GLN J 96 83.66 -33.25 -117.58
N ILE J 97 83.77 -33.85 -116.39
CA ILE J 97 85.10 -34.05 -115.81
C ILE J 97 85.92 -34.99 -116.68
N ALA J 98 85.31 -36.09 -117.11
CA ALA J 98 86.01 -37.04 -117.97
C ALA J 98 86.35 -36.41 -119.31
N GLN J 99 85.43 -35.62 -119.87
CA GLN J 99 85.72 -34.95 -121.13
C GLN J 99 86.95 -34.07 -121.02
N ALA J 100 87.02 -33.25 -119.97
CA ALA J 100 88.16 -32.36 -119.80
C ALA J 100 89.44 -33.16 -119.59
N ASP J 101 89.37 -34.22 -118.78
CA ASP J 101 90.57 -35.01 -118.51
C ASP J 101 91.12 -35.61 -119.79
N LYS J 102 90.24 -36.09 -120.67
CA LYS J 102 90.69 -36.55 -121.98
C LYS J 102 91.21 -35.40 -122.83
N ASP J 103 90.63 -34.21 -122.69
CA ASP J 103 91.07 -33.04 -123.42
C ASP J 103 92.42 -32.51 -122.95
N ALA J 104 92.95 -33.04 -121.84
CA ALA J 104 94.11 -32.45 -121.20
C ALA J 104 95.27 -32.18 -122.16
N GLU J 105 95.65 -33.15 -122.98
CA GLU J 105 96.94 -33.09 -123.67
C GLU J 105 96.92 -32.28 -124.97
N LEU J 106 95.76 -31.82 -125.43
CA LEU J 106 95.72 -31.02 -126.64
C LEU J 106 96.59 -29.78 -126.50
N ILE J 107 96.63 -29.21 -125.29
CA ILE J 107 97.48 -28.06 -125.06
C ILE J 107 98.95 -28.45 -125.20
N ALA J 108 99.31 -29.67 -124.79
CA ALA J 108 100.67 -30.13 -124.96
C ALA J 108 101.02 -30.27 -126.44
N ALA J 109 100.08 -30.76 -127.24
CA ALA J 109 100.30 -30.82 -128.68
C ALA J 109 100.52 -29.42 -129.23
N LYS J 110 99.69 -28.47 -128.80
CA LYS J 110 99.87 -27.09 -129.24
C LYS J 110 101.23 -26.56 -128.81
N VAL J 111 101.68 -26.95 -127.63
CA VAL J 111 103.01 -26.57 -127.16
C VAL J 111 104.07 -27.07 -128.12
N LYS J 112 103.95 -28.31 -128.56
CA LYS J 112 104.95 -28.85 -129.48
C LYS J 112 104.91 -28.11 -130.81
N LEU J 113 103.71 -27.78 -131.29
CA LEU J 113 103.60 -26.92 -132.47
C LEU J 113 104.41 -25.66 -132.30
N THR J 114 104.19 -24.96 -131.19
CA THR J 114 104.90 -23.71 -130.94
C THR J 114 106.40 -23.92 -130.92
N LEU J 115 106.86 -24.94 -130.19
CA LEU J 115 108.28 -25.23 -130.07
C LEU J 115 108.92 -25.43 -131.43
N GLU J 116 108.33 -26.30 -132.25
CA GLU J 116 108.91 -26.59 -133.56
C GLU J 116 108.92 -25.34 -134.45
N GLN J 117 107.80 -24.62 -134.47
CA GLN J 117 107.69 -23.45 -135.34
C GLN J 117 108.70 -22.39 -134.93
N ALA J 118 108.89 -22.18 -133.63
CA ALA J 118 109.85 -21.19 -133.17
C ALA J 118 111.27 -21.63 -133.51
N LYS J 119 111.61 -22.87 -133.20
CA LYS J 119 112.99 -23.32 -133.37
C LYS J 119 113.42 -23.27 -134.83
N LEU J 120 112.63 -23.89 -135.71
CA LEU J 120 113.10 -24.01 -137.08
C LEU J 120 112.97 -22.71 -137.86
N PRO J 121 111.74 -22.19 -138.01
CA PRO J 121 111.48 -21.18 -139.05
C PRO J 121 112.27 -19.90 -138.90
N ASP J 122 112.18 -19.26 -137.73
CA ASP J 122 112.77 -17.93 -137.56
C ASP J 122 114.27 -17.96 -137.86
N SER J 123 115.03 -18.75 -137.10
CA SER J 123 116.48 -18.77 -137.25
C SER J 123 116.89 -19.28 -138.62
N GLN J 124 116.26 -20.36 -139.09
CA GLN J 124 116.66 -20.92 -140.38
C GLN J 124 116.45 -19.92 -141.50
N ILE J 125 115.27 -19.29 -141.56
CA ILE J 125 115.00 -18.31 -142.59
C ILE J 125 115.95 -17.14 -142.47
N ARG J 126 116.17 -16.65 -141.24
CA ARG J 126 117.07 -15.53 -141.04
C ARG J 126 118.44 -15.81 -141.66
N SER J 127 119.09 -16.89 -141.20
CA SER J 127 120.44 -17.17 -141.66
C SER J 127 120.48 -17.41 -143.17
N ALA J 128 119.64 -18.32 -143.67
CA ALA J 128 119.72 -18.70 -145.07
C ALA J 128 119.40 -17.52 -145.98
N GLY J 129 118.29 -16.83 -145.70
CA GLY J 129 117.93 -15.69 -146.52
C GLY J 129 118.97 -14.59 -146.51
N PHE J 130 119.50 -14.28 -145.31
CA PHE J 130 120.50 -13.23 -145.23
C PHE J 130 121.71 -13.57 -146.09
N GLN J 131 122.28 -14.77 -145.90
CA GLN J 131 123.48 -15.13 -146.64
C GLN J 131 123.21 -15.16 -148.15
N ASP J 132 122.13 -15.84 -148.55
CA ASP J 132 121.85 -15.97 -149.98
C ASP J 132 121.59 -14.62 -150.63
N LEU J 133 120.75 -13.79 -149.99
CA LEU J 133 120.43 -12.50 -150.56
C LEU J 133 121.66 -11.62 -150.66
N LEU J 134 122.50 -11.58 -149.63
CA LEU J 134 123.69 -10.74 -149.68
C LEU J 134 124.62 -11.17 -150.79
N VAL J 135 124.90 -12.48 -150.88
CA VAL J 135 125.83 -12.97 -151.89
C VAL J 135 125.28 -12.71 -153.29
N GLN J 136 124.01 -13.03 -153.50
CA GLN J 136 123.41 -12.85 -154.82
C GLN J 136 123.36 -11.38 -155.21
N GLU J 137 123.04 -10.51 -154.26
CA GLU J 137 122.98 -9.07 -154.56
C GLU J 137 124.35 -8.54 -154.93
N GLN J 138 125.39 -8.93 -154.19
CA GLN J 138 126.74 -8.47 -154.53
C GLN J 138 127.16 -8.96 -155.91
N THR J 139 126.91 -10.25 -156.18
CA THR J 139 127.29 -10.81 -157.47
C THR J 139 126.52 -10.13 -158.61
N LYS J 140 125.22 -9.89 -158.41
CA LYS J 140 124.41 -9.27 -159.44
C LYS J 140 124.84 -7.82 -159.69
N VAL J 141 125.19 -7.09 -158.62
CA VAL J 141 125.67 -5.73 -158.79
C VAL J 141 126.96 -5.71 -159.58
N GLN J 142 127.89 -6.61 -159.24
CA GLN J 142 129.15 -6.68 -159.99
C GLN J 142 128.91 -7.04 -161.45
N THR J 143 128.02 -8.00 -161.70
CA THR J 143 127.73 -8.40 -163.07
C THR J 143 127.08 -7.27 -163.86
N ALA J 144 126.18 -6.52 -163.21
CA ALA J 144 125.55 -5.39 -163.88
C ALA J 144 126.58 -4.32 -164.23
N GLN J 145 127.50 -4.05 -163.31
CA GLN J 145 128.56 -3.07 -163.61
C GLN J 145 129.42 -3.53 -164.78
N THR J 146 129.79 -4.82 -164.79
CA THR J 146 130.60 -5.35 -165.88
C THR J 146 129.86 -5.28 -167.21
N ARG J 147 128.56 -5.61 -167.20
CA ARG J 147 127.77 -5.54 -168.41
C ARG J 147 127.64 -4.11 -168.91
N ARG J 148 127.49 -3.15 -167.99
CA ARG J 148 127.44 -1.76 -168.39
C ARG J 148 128.76 -1.34 -169.04
N ILE J 149 129.89 -1.76 -168.45
CA ILE J 149 131.19 -1.42 -169.03
C ILE J 149 131.33 -2.02 -170.42
N ASP J 150 130.94 -3.29 -170.57
CA ASP J 150 131.07 -3.95 -171.87
C ASP J 150 130.16 -3.29 -172.92
N GLN J 151 128.94 -2.94 -172.53
CA GLN J 151 128.03 -2.27 -173.46
C GLN J 151 128.57 -0.91 -173.86
N GLU J 152 129.15 -0.17 -172.90
CA GLU J 152 129.76 1.11 -173.24
C GLU J 152 130.92 0.94 -174.21
N ILE J 153 131.74 -0.09 -173.99
CA ILE J 153 132.87 -0.34 -174.88
C ILE J 153 132.38 -0.67 -176.29
N LEU J 154 131.35 -1.52 -176.38
CA LEU J 154 130.80 -1.87 -177.69
C LEU J 154 130.20 -0.65 -178.37
N SER J 155 129.49 0.20 -177.62
CA SER J 155 128.91 1.40 -178.21
C SER J 155 129.99 2.36 -178.70
N ALA J 156 131.07 2.51 -177.92
CA ALA J 156 132.17 3.36 -178.34
C ALA J 156 132.83 2.82 -179.60
N GLY J 157 133.03 1.50 -179.67
CA GLY J 157 133.59 0.91 -180.87
C GLY J 157 132.69 1.08 -182.08
N PHE J 158 131.38 1.03 -181.86
CA PHE J 158 130.41 1.18 -182.94
C PHE J 158 130.45 2.58 -183.54
N THR K 2 -6.88 -41.58 -58.01
CA THR K 2 -5.58 -41.03 -57.66
C THR K 2 -4.53 -41.43 -58.68
N ILE K 3 -4.92 -41.49 -59.95
CA ILE K 3 -4.07 -42.04 -60.99
C ILE K 3 -3.81 -40.98 -62.05
N GLN K 4 -2.70 -41.16 -62.76
CA GLN K 4 -2.35 -40.34 -63.90
C GLN K 4 -1.67 -41.20 -64.94
N LEU K 5 -1.98 -40.94 -66.20
CA LEU K 5 -1.30 -41.65 -67.28
C LEU K 5 0.15 -41.22 -67.34
N LYS K 6 1.06 -42.19 -67.46
CA LYS K 6 2.47 -41.88 -67.63
C LYS K 6 2.70 -40.99 -68.83
N GLN K 7 1.86 -41.11 -69.85
CA GLN K 7 2.01 -40.32 -71.06
C GLN K 7 2.01 -38.84 -70.75
N VAL K 8 1.02 -38.37 -70.00
CA VAL K 8 0.91 -36.95 -69.70
C VAL K 8 2.12 -36.48 -68.92
N ILE K 9 2.61 -37.31 -68.00
CA ILE K 9 3.74 -36.93 -67.18
C ILE K 9 4.95 -36.69 -68.07
N ASP K 10 5.22 -37.63 -68.98
CA ASP K 10 6.40 -37.48 -69.82
C ASP K 10 6.24 -36.29 -70.76
N LEU K 11 5.05 -36.09 -71.31
CA LEU K 11 4.85 -34.95 -72.20
C LEU K 11 5.12 -33.64 -71.48
N LEU K 12 4.69 -33.54 -70.22
CA LEU K 12 4.94 -32.31 -69.49
C LEU K 12 6.41 -32.18 -69.10
N ALA K 13 7.02 -33.27 -68.64
CA ALA K 13 8.43 -33.21 -68.24
C ALA K 13 9.32 -32.90 -69.43
N GLU K 14 8.82 -33.08 -70.65
CA GLU K 14 9.52 -32.56 -71.81
C GLU K 14 9.74 -31.05 -71.69
N GLY K 15 8.79 -30.33 -71.11
CA GLY K 15 8.89 -28.89 -71.05
C GLY K 15 9.91 -28.35 -70.08
N GLU K 16 10.48 -29.20 -69.22
CA GLU K 16 11.50 -28.79 -68.28
C GLU K 16 12.79 -29.59 -68.41
N LEU K 17 12.77 -30.72 -69.12
CA LEU K 17 13.98 -31.45 -69.44
C LEU K 17 14.42 -31.19 -70.86
N SER K 18 13.93 -30.13 -71.48
CA SER K 18 14.24 -29.88 -72.88
C SER K 18 15.70 -29.49 -73.10
N ASN K 19 16.43 -29.15 -72.04
CA ASN K 19 17.81 -28.75 -72.21
C ASN K 19 18.75 -29.90 -72.46
N ILE K 20 18.37 -31.12 -72.10
CA ILE K 20 19.37 -32.17 -71.87
C ILE K 20 19.08 -33.42 -72.69
N LYS K 21 19.90 -34.45 -72.46
CA LYS K 21 19.84 -35.65 -73.28
C LYS K 21 18.54 -36.41 -73.10
N TYR K 22 17.91 -36.33 -71.93
CA TYR K 22 16.92 -37.31 -71.53
C TYR K 22 15.80 -37.44 -72.53
N VAL K 23 15.46 -36.37 -73.21
CA VAL K 23 14.19 -36.36 -73.92
C VAL K 23 14.37 -35.84 -75.34
N ASN K 24 15.53 -35.31 -75.66
CA ASN K 24 15.64 -34.54 -76.90
C ASN K 24 16.83 -34.95 -77.74
N ILE K 25 16.55 -35.29 -78.99
CA ILE K 25 17.54 -35.13 -80.04
C ILE K 25 17.72 -33.64 -80.31
N ASP K 26 18.96 -33.23 -80.59
CA ASP K 26 19.20 -31.82 -80.88
C ASP K 26 18.36 -31.34 -82.04
N THR K 27 18.05 -32.22 -82.98
CA THR K 27 17.25 -31.89 -84.14
C THR K 27 15.92 -32.62 -84.05
N GLY K 28 14.82 -31.89 -84.15
CA GLY K 28 13.50 -32.48 -84.03
C GLY K 28 13.34 -33.15 -82.68
N ALA K 29 13.27 -32.34 -81.63
CA ALA K 29 13.29 -32.85 -80.26
C ALA K 29 12.18 -33.85 -80.01
N LEU K 30 12.54 -35.11 -79.79
CA LEU K 30 11.58 -36.17 -79.56
C LEU K 30 12.12 -37.11 -78.49
N VAL K 31 11.21 -37.69 -77.71
CA VAL K 31 11.61 -38.48 -76.55
C VAL K 31 12.50 -39.63 -76.98
N LEU K 32 13.58 -39.83 -76.23
CA LEU K 32 14.49 -40.94 -76.47
C LEU K 32 13.96 -42.22 -75.84
N GLU K 33 14.82 -43.21 -75.69
CA GLU K 33 14.44 -44.45 -75.00
C GLU K 33 15.28 -44.65 -73.74
N ARG K 34 15.40 -43.61 -72.93
CA ARG K 34 15.84 -43.69 -71.55
C ARG K 34 14.66 -43.72 -70.59
N VAL K 35 13.49 -44.06 -71.10
CA VAL K 35 12.26 -44.16 -70.34
C VAL K 35 12.43 -45.07 -69.13
N PRO K 36 13.17 -46.18 -69.21
CA PRO K 36 13.43 -46.95 -67.98
C PRO K 36 14.03 -46.13 -66.87
N SER K 37 15.07 -45.34 -67.16
CA SER K 37 15.67 -44.51 -66.12
C SER K 37 14.69 -43.46 -65.63
N LEU K 38 13.92 -42.87 -66.54
CA LEU K 38 12.95 -41.87 -66.10
C LEU K 38 11.93 -42.48 -65.14
N ILE K 39 11.44 -43.68 -65.45
CA ILE K 39 10.48 -44.32 -64.56
C ILE K 39 11.12 -44.62 -63.21
N ARG K 40 12.36 -45.10 -63.22
CA ARG K 40 13.02 -45.37 -61.96
C ARG K 40 13.16 -44.13 -61.11
N ALA K 41 13.33 -42.96 -61.75
CA ALA K 41 13.37 -41.73 -60.98
C ALA K 41 11.99 -41.35 -60.46
N ILE K 42 10.96 -41.48 -61.30
CA ILE K 42 9.63 -41.06 -60.92
C ILE K 42 9.13 -41.87 -59.72
N ASN K 43 9.46 -43.17 -59.69
CA ASN K 43 9.02 -43.97 -58.55
C ASN K 43 9.61 -43.45 -57.25
N LEU K 44 10.89 -43.09 -57.27
CA LEU K 44 11.52 -42.51 -56.09
C LEU K 44 10.82 -41.22 -55.68
N GLY K 45 10.47 -40.39 -56.67
CA GLY K 45 9.76 -39.17 -56.35
C GLY K 45 8.43 -39.43 -55.66
N VAL K 46 7.67 -40.40 -56.17
CA VAL K 46 6.39 -40.72 -55.57
C VAL K 46 6.58 -41.20 -54.13
N LEU K 47 7.58 -42.03 -53.91
CA LEU K 47 7.84 -42.49 -52.54
C LEU K 47 8.16 -41.33 -51.63
N ASP K 48 8.95 -40.37 -52.11
CA ASP K 48 9.28 -39.23 -51.27
C ASP K 48 8.04 -38.42 -50.92
N LEU K 49 7.16 -38.20 -51.89
CA LEU K 49 5.95 -37.43 -51.60
C LEU K 49 5.08 -38.16 -50.60
N HIS K 50 4.98 -39.49 -50.71
CA HIS K 50 4.21 -40.24 -49.73
C HIS K 50 4.86 -40.19 -48.36
N LYS K 51 6.19 -40.02 -48.31
CA LYS K 51 6.82 -39.79 -47.02
C LYS K 51 6.38 -38.46 -46.44
N ARG K 52 6.36 -37.41 -47.27
CA ARG K 52 6.12 -36.08 -46.72
C ARG K 52 4.67 -35.88 -46.32
N PHE K 53 3.72 -36.45 -47.05
CA PHE K 53 2.31 -36.33 -46.71
C PHE K 53 1.67 -37.70 -46.63
N LEU K 54 0.60 -37.81 -45.84
CA LEU K 54 -0.02 -39.11 -45.64
C LEU K 54 -0.59 -39.68 -46.93
N LEU K 55 -1.65 -39.06 -47.43
CA LEU K 55 -2.22 -39.38 -48.73
C LEU K 55 -2.79 -40.80 -48.82
N LYS K 56 -2.59 -41.62 -47.79
CA LYS K 56 -2.99 -43.02 -47.84
C LYS K 56 -2.93 -43.60 -46.44
N GLU K 57 -3.62 -44.72 -46.24
CA GLU K 57 -3.50 -45.51 -45.04
C GLU K 57 -4.09 -46.89 -45.32
N GLY K 58 -3.60 -47.89 -44.59
CA GLY K 58 -3.99 -49.25 -44.87
C GLY K 58 -4.57 -49.98 -43.69
N MET K 59 -4.79 -51.29 -43.85
CA MET K 59 -5.40 -52.08 -42.80
C MET K 59 -4.98 -53.52 -42.96
N LEU K 60 -4.76 -54.19 -41.82
CA LEU K 60 -4.53 -55.62 -41.84
C LEU K 60 -5.47 -56.31 -40.88
N LYS K 61 -5.27 -57.60 -40.65
CA LYS K 61 -6.03 -58.30 -39.62
C LYS K 61 -5.23 -59.54 -39.24
N ILE K 62 -4.68 -59.56 -38.04
CA ILE K 62 -3.81 -60.63 -37.59
C ILE K 62 -4.62 -61.58 -36.73
N GLN K 63 -4.49 -62.87 -37.00
CA GLN K 63 -5.12 -63.89 -36.18
C GLN K 63 -4.10 -64.41 -35.19
N LEU K 64 -4.35 -64.17 -33.90
CA LEU K 64 -3.36 -64.44 -32.88
C LEU K 64 -3.13 -65.93 -32.70
N GLU K 65 -2.00 -66.25 -32.07
CA GLU K 65 -1.64 -67.62 -31.75
C GLU K 65 -0.93 -67.61 -30.40
N GLU K 66 -1.52 -68.28 -29.41
CA GLU K 66 -1.00 -68.21 -28.06
C GLU K 66 0.43 -68.75 -27.99
N GLY K 67 1.24 -68.11 -27.17
CA GLY K 67 2.62 -68.51 -27.00
C GLY K 67 3.58 -67.93 -28.03
N ARG K 68 3.08 -67.16 -29.00
CA ARG K 68 3.94 -66.54 -29.99
C ARG K 68 4.50 -65.24 -29.43
N ARG K 69 5.73 -64.92 -29.83
CA ARG K 69 6.41 -63.73 -29.34
C ARG K 69 6.56 -62.65 -30.40
N LEU K 70 6.98 -63.01 -31.60
CA LEU K 70 7.24 -62.05 -32.67
C LEU K 70 6.30 -62.32 -33.84
N TYR K 71 5.60 -61.29 -34.29
CA TYR K 71 4.79 -61.35 -35.50
C TYR K 71 5.38 -60.40 -36.52
N PRO K 72 6.09 -60.88 -37.52
CA PRO K 72 6.57 -60.00 -38.58
C PRO K 72 5.47 -59.76 -39.60
N LEU K 73 5.49 -58.57 -40.19
CA LEU K 73 4.51 -58.21 -41.23
C LEU K 73 5.25 -58.15 -42.56
N ARG K 74 5.28 -59.27 -43.25
CA ARG K 74 6.01 -59.40 -44.51
C ARG K 74 5.13 -60.13 -45.49
N PRO K 75 5.35 -59.93 -46.79
CA PRO K 75 4.41 -60.44 -47.79
C PRO K 75 4.47 -61.95 -47.97
N ALA K 76 5.19 -62.66 -47.11
CA ALA K 76 5.16 -64.11 -47.14
C ALA K 76 4.14 -64.69 -46.18
N TYR K 77 3.63 -63.90 -45.24
CA TYR K 77 2.67 -64.36 -44.26
C TYR K 77 1.25 -63.91 -44.58
N GLN K 78 1.05 -63.22 -45.69
CA GLN K 78 -0.21 -62.59 -45.99
C GLN K 78 -1.03 -63.50 -46.90
N VAL K 79 -2.32 -63.66 -46.57
CA VAL K 79 -3.18 -64.52 -47.37
C VAL K 79 -3.24 -64.03 -48.80
N GLY K 80 -3.24 -64.97 -49.74
CA GLY K 80 -3.25 -64.65 -51.14
C GLY K 80 -1.87 -64.43 -51.73
N GLN K 81 -0.84 -64.39 -50.90
CA GLN K 81 0.53 -64.27 -51.37
C GLN K 81 1.09 -65.67 -51.58
N LYS K 82 2.39 -65.76 -51.78
CA LYS K 82 3.04 -67.05 -51.96
C LYS K 82 3.19 -67.74 -50.62
N PRO K 83 2.61 -68.92 -50.42
CA PRO K 83 2.70 -69.58 -49.11
C PRO K 83 4.00 -70.31 -48.89
N LYS K 84 5.03 -69.62 -48.41
CA LYS K 84 6.28 -70.29 -48.08
C LYS K 84 6.02 -71.36 -47.02
N PRO K 85 6.44 -72.61 -47.27
CA PRO K 85 6.06 -73.70 -46.34
C PRO K 85 6.47 -73.49 -44.89
N GLY K 86 7.63 -72.88 -44.65
CA GLY K 86 8.10 -72.75 -43.28
C GLY K 86 7.33 -71.76 -42.44
N VAL K 87 6.43 -71.00 -43.04
CA VAL K 87 5.71 -69.96 -42.30
C VAL K 87 4.22 -70.24 -42.34
N PRO K 88 3.51 -70.02 -41.25
CA PRO K 88 2.05 -70.08 -41.30
C PRO K 88 1.46 -68.73 -41.67
N GLN K 89 0.50 -68.73 -42.59
CA GLN K 89 -0.03 -67.50 -43.17
C GLN K 89 -1.11 -66.98 -42.23
N PHE K 90 -0.73 -66.04 -41.35
CA PHE K 90 -1.68 -65.57 -40.34
C PHE K 90 -2.30 -64.22 -40.65
N ILE K 91 -1.75 -63.45 -41.60
CA ILE K 91 -2.37 -62.20 -42.00
C ILE K 91 -3.49 -62.53 -42.97
N THR K 92 -4.73 -62.48 -42.50
CA THR K 92 -5.85 -63.05 -43.23
C THR K 92 -6.68 -62.03 -44.00
N GLU K 93 -6.34 -60.75 -43.97
CA GLU K 93 -7.22 -59.78 -44.59
C GLU K 93 -6.52 -58.43 -44.66
N GLY K 94 -6.74 -57.71 -45.76
CA GLY K 94 -6.21 -56.38 -45.87
C GLY K 94 -5.60 -56.07 -47.22
N ASN K 95 -5.04 -54.86 -47.37
CA ASN K 95 -4.41 -54.49 -48.62
C ASN K 95 -3.24 -55.40 -48.92
N LYS K 96 -3.05 -55.71 -50.20
CA LYS K 96 -1.95 -56.58 -50.60
C LYS K 96 -0.62 -55.95 -50.21
N LEU K 97 0.21 -56.72 -49.53
CA LEU K 97 1.45 -56.21 -48.98
C LEU K 97 2.56 -56.25 -50.03
N GLY K 98 3.37 -55.20 -50.06
CA GLY K 98 4.49 -55.16 -50.98
C GLY K 98 5.79 -54.95 -50.23
N ARG K 99 6.87 -54.66 -50.96
CA ARG K 99 8.15 -54.46 -50.30
C ARG K 99 8.16 -53.16 -49.51
N GLN K 100 7.61 -52.09 -50.08
CA GLN K 100 7.50 -50.80 -49.38
C GLN K 100 6.02 -50.48 -49.24
N SER K 101 5.43 -50.92 -48.15
CA SER K 101 4.05 -50.58 -47.89
C SER K 101 3.90 -50.01 -46.49
N ILE K 102 4.68 -50.54 -45.54
CA ILE K 102 4.57 -50.14 -44.16
C ILE K 102 5.59 -49.04 -43.92
N LEU K 103 5.12 -47.80 -43.87
CA LEU K 103 5.97 -46.69 -43.47
C LEU K 103 5.98 -46.51 -41.96
N LYS K 104 4.85 -46.74 -41.31
CA LYS K 104 4.76 -46.64 -39.86
C LYS K 104 3.45 -47.22 -39.37
N ILE K 105 3.50 -48.06 -38.34
CA ILE K 105 2.28 -48.56 -37.72
C ILE K 105 1.74 -47.50 -36.78
N GLU K 106 0.44 -47.28 -36.81
CA GLU K 106 -0.14 -46.19 -36.06
C GLU K 106 -1.16 -46.61 -35.01
N LYS K 107 -2.08 -47.50 -35.35
CA LYS K 107 -3.14 -47.87 -34.43
C LYS K 107 -3.27 -49.39 -34.37
N ILE K 108 -3.64 -49.89 -33.21
CA ILE K 108 -3.92 -51.30 -33.01
C ILE K 108 -5.24 -51.41 -32.28
N ILE K 109 -6.22 -52.03 -32.93
CA ILE K 109 -7.56 -52.13 -32.37
C ILE K 109 -7.95 -53.60 -32.30
N GLY K 110 -8.40 -54.03 -31.13
N GLY K 110 -8.40 -54.03 -31.13
CA GLY K 110 -8.80 -55.40 -30.94
CA GLY K 110 -8.80 -55.40 -30.94
C GLY K 110 -10.20 -55.67 -31.45
C GLY K 110 -10.20 -55.67 -31.45
N ASP K 111 -10.62 -56.92 -31.30
CA ASP K 111 -11.96 -57.30 -31.74
C ASP K 111 -13.05 -56.75 -30.83
N ASN K 112 -12.70 -56.33 -29.62
CA ASN K 112 -13.68 -55.82 -28.68
C ASN K 112 -13.88 -54.32 -28.80
N GLY K 113 -13.16 -53.66 -29.68
CA GLY K 113 -13.20 -52.22 -29.77
C GLY K 113 -12.21 -51.50 -28.89
N VAL K 114 -11.45 -52.22 -28.05
CA VAL K 114 -10.44 -51.57 -27.25
C VAL K 114 -9.31 -51.08 -28.14
N GLU K 115 -8.48 -50.19 -27.58
CA GLU K 115 -7.36 -49.61 -28.30
C GLU K 115 -6.11 -49.81 -27.48
N TYR K 116 -5.18 -50.61 -27.99
CA TYR K 116 -3.98 -50.90 -27.23
C TYR K 116 -2.95 -49.79 -27.42
N TYR K 117 -1.89 -49.86 -26.63
CA TYR K 117 -0.84 -48.85 -26.63
C TYR K 117 0.36 -49.33 -27.43
N LEU K 118 1.00 -48.40 -28.13
CA LEU K 118 2.13 -48.70 -29.00
C LEU K 118 3.36 -47.95 -28.51
N ASN K 119 4.40 -48.70 -28.14
CA ASN K 119 5.68 -48.12 -27.71
C ASN K 119 5.49 -47.12 -26.57
N ASP K 120 4.54 -47.37 -25.69
CA ASP K 120 4.32 -46.54 -24.52
C ASP K 120 4.68 -47.41 -23.32
N THR K 121 5.92 -47.28 -22.86
CA THR K 121 6.45 -48.16 -21.84
C THR K 121 5.66 -48.02 -20.55
N TRP K 122 5.54 -49.13 -19.83
CA TRP K 122 4.88 -49.24 -18.53
C TRP K 122 3.38 -49.04 -18.61
N GLN K 123 2.81 -48.87 -19.80
CA GLN K 123 1.38 -48.83 -19.93
C GLN K 123 0.81 -50.23 -19.75
N PRO K 124 -0.47 -50.34 -19.40
CA PRO K 124 -1.03 -51.65 -19.03
C PRO K 124 -0.74 -52.77 -20.01
N LEU K 125 -1.16 -52.62 -21.26
CA LEU K 125 -0.98 -53.65 -22.28
C LEU K 125 -0.22 -53.02 -23.42
N ASN K 126 1.10 -53.03 -23.34
CA ASN K 126 1.95 -52.33 -24.28
C ASN K 126 2.43 -53.29 -25.36
N ILE K 127 2.47 -52.80 -26.59
CA ILE K 127 2.95 -53.56 -27.73
C ILE K 127 4.19 -52.87 -28.27
N THR K 128 5.27 -53.63 -28.44
CA THR K 128 6.56 -53.07 -28.79
C THR K 128 6.95 -53.52 -30.19
N THR K 129 7.52 -52.60 -30.96
CA THR K 129 8.05 -52.92 -32.28
C THR K 129 9.56 -52.96 -32.20
N PRO K 130 10.18 -54.11 -32.24
CA PRO K 130 11.64 -54.16 -32.11
C PRO K 130 12.37 -53.80 -33.40
N GLU K 131 11.73 -54.03 -34.54
CA GLU K 131 12.42 -53.87 -35.80
C GLU K 131 11.54 -53.20 -36.86
N PHE K 132 10.61 -52.35 -36.43
CA PHE K 132 9.93 -51.43 -37.31
C PHE K 132 8.93 -52.10 -38.25
N ASP K 133 8.96 -53.43 -38.32
CA ASP K 133 8.01 -54.19 -39.13
C ASP K 133 7.59 -55.45 -38.41
N VAL K 134 7.82 -55.51 -37.11
CA VAL K 134 7.57 -56.69 -36.29
C VAL K 134 6.86 -56.24 -35.04
N LEU K 135 5.87 -57.01 -34.60
CA LEU K 135 5.19 -56.75 -33.34
C LEU K 135 5.70 -57.76 -32.32
N GLU K 136 6.19 -57.27 -31.20
CA GLU K 136 6.59 -58.11 -30.09
C GLU K 136 5.47 -58.09 -29.05
N ILE K 137 4.92 -59.26 -28.76
CA ILE K 137 3.78 -59.36 -27.86
C ILE K 137 4.21 -60.15 -26.63
N SER K 138 4.16 -59.50 -25.47
CA SER K 138 4.58 -60.14 -24.25
C SER K 138 3.54 -61.15 -23.78
N ASP K 139 3.93 -61.96 -22.79
CA ASP K 139 3.04 -62.98 -22.28
C ASP K 139 1.92 -62.40 -21.44
N GLU K 140 2.15 -61.26 -20.80
CA GLU K 140 1.07 -60.63 -20.04
C GLU K 140 -0.10 -60.27 -20.95
N PHE K 141 0.18 -59.97 -22.21
CA PHE K 141 -0.89 -59.73 -23.16
C PHE K 141 -1.78 -60.96 -23.28
N TYR K 142 -1.17 -62.14 -23.40
CA TYR K 142 -1.96 -63.36 -23.47
C TYR K 142 -2.68 -63.62 -22.16
N CYS K 143 -2.04 -63.27 -21.04
CA CYS K 143 -2.67 -63.45 -19.73
C CYS K 143 -3.96 -62.65 -19.65
N HIS K 144 -3.91 -61.38 -20.05
CA HIS K 144 -5.10 -60.53 -20.07
C HIS K 144 -5.23 -59.96 -21.47
N SER K 145 -5.79 -60.76 -22.39
CA SER K 145 -6.06 -60.29 -23.74
C SER K 145 -7.55 -60.30 -24.05
N SER K 146 -8.21 -61.47 -23.95
CA SER K 146 -9.62 -61.62 -24.28
C SER K 146 -9.90 -61.19 -25.72
N SER K 147 -8.91 -61.27 -26.59
CA SER K 147 -9.05 -60.85 -27.98
C SER K 147 -8.39 -61.90 -28.87
N LYS K 148 -9.14 -62.41 -29.83
CA LYS K 148 -8.63 -63.47 -30.70
C LYS K 148 -8.03 -62.93 -31.99
N THR K 149 -8.09 -61.62 -32.22
CA THR K 149 -7.58 -61.06 -33.46
C THR K 149 -7.24 -59.60 -33.22
N LEU K 150 -6.51 -59.03 -34.18
CA LEU K 150 -6.08 -57.65 -34.10
C LEU K 150 -6.32 -56.97 -35.45
N GLU K 151 -6.48 -55.66 -35.41
CA GLU K 151 -6.57 -54.85 -36.60
C GLU K 151 -5.51 -53.77 -36.54
N VAL K 152 -4.74 -53.65 -37.60
CA VAL K 152 -3.59 -52.75 -37.64
C VAL K 152 -3.81 -51.71 -38.73
N ARG K 153 -3.45 -50.47 -38.44
CA ARG K 153 -3.47 -49.42 -39.43
C ARG K 153 -2.09 -48.81 -39.53
N TYR K 154 -1.74 -48.33 -40.72
CA TYR K 154 -0.38 -47.93 -40.98
C TYR K 154 -0.35 -46.98 -42.16
N ARG K 155 0.73 -46.23 -42.26
CA ARG K 155 0.90 -45.29 -43.35
C ARG K 155 1.46 -46.01 -44.57
N ARG K 156 0.78 -45.87 -45.71
CA ARG K 156 1.09 -46.64 -46.89
C ARG K 156 1.87 -45.83 -47.92
N ALA K 157 2.51 -46.56 -48.83
CA ALA K 157 3.09 -46.03 -50.05
C ALA K 157 2.72 -47.03 -51.14
N PRO K 158 2.39 -46.55 -52.33
CA PRO K 158 1.89 -47.47 -53.36
C PRO K 158 2.98 -48.38 -53.88
N THR K 159 2.56 -49.50 -54.45
CA THR K 159 3.48 -50.44 -55.05
C THR K 159 3.65 -50.10 -56.53
N PRO K 160 4.86 -49.75 -56.97
CA PRO K 160 5.04 -49.33 -58.36
C PRO K 160 4.75 -50.47 -59.33
N MET K 161 4.23 -50.11 -60.50
CA MET K 161 3.93 -51.09 -61.52
C MET K 161 5.20 -51.58 -62.19
N LYS K 162 5.20 -52.86 -62.57
CA LYS K 162 6.39 -53.50 -63.12
C LYS K 162 6.47 -53.22 -64.62
N ILE K 163 7.54 -52.55 -65.03
CA ILE K 163 7.82 -52.34 -66.45
C ILE K 163 8.48 -53.58 -67.01
N CYS K 164 8.34 -53.79 -68.32
CA CYS K 164 8.91 -54.98 -68.96
C CYS K 164 9.40 -54.62 -70.35
N VAL K 165 10.37 -55.41 -70.82
CA VAL K 165 11.02 -55.13 -72.10
C VAL K 165 10.02 -55.20 -73.25
N ASP K 166 9.06 -56.12 -73.16
CA ASP K 166 7.97 -56.12 -74.13
C ASP K 166 7.04 -54.94 -73.90
N ASN K 167 6.87 -54.53 -72.63
CA ASN K 167 6.04 -53.37 -72.31
C ASN K 167 6.62 -52.06 -72.81
N LEU K 168 7.89 -52.05 -73.22
CA LEU K 168 8.43 -50.86 -73.89
C LEU K 168 7.64 -50.43 -75.11
N ASP K 169 6.70 -51.25 -75.58
CA ASP K 169 5.86 -50.85 -76.70
C ASP K 169 5.01 -49.64 -76.35
N SER K 170 4.29 -49.71 -75.22
CA SER K 170 3.29 -48.70 -74.89
C SER K 170 3.80 -47.71 -73.85
N TRP K 171 4.14 -48.18 -72.66
CA TRP K 171 4.67 -47.38 -71.56
C TRP K 171 3.70 -46.26 -71.20
N GLY K 172 2.56 -46.18 -71.90
CA GLY K 172 1.62 -45.11 -71.71
C GLY K 172 0.39 -45.58 -70.97
N CYS K 173 0.26 -46.89 -70.82
CA CYS K 173 -0.79 -47.45 -69.98
C CYS K 173 -0.40 -47.51 -68.51
N ILE K 174 0.88 -47.26 -68.19
CA ILE K 174 1.30 -47.22 -66.80
C ILE K 174 0.60 -46.06 -66.11
N ASP K 175 0.17 -46.30 -64.88
CA ASP K 175 -0.58 -45.30 -64.12
C ASP K 175 0.17 -44.98 -62.84
N ILE K 176 0.62 -43.74 -62.70
CA ILE K 176 1.17 -43.27 -61.45
C ILE K 176 0.05 -43.01 -60.47
N ASP K 177 0.31 -43.30 -59.20
CA ASP K 177 -0.69 -43.22 -58.14
C ASP K 177 -0.46 -41.95 -57.33
N LEU K 178 -1.03 -40.84 -57.78
CA LEU K 178 -0.91 -39.57 -57.08
C LEU K 178 -2.10 -38.69 -57.41
N PRO K 179 -2.47 -37.79 -56.52
CA PRO K 179 -3.34 -36.68 -56.91
C PRO K 179 -2.56 -35.68 -57.75
N TYR K 180 -3.30 -34.83 -58.45
CA TYR K 180 -2.66 -33.96 -59.45
C TYR K 180 -1.80 -32.87 -58.81
N THR K 181 -2.20 -32.38 -57.64
CA THR K 181 -1.40 -31.40 -56.93
C THR K 181 0.04 -31.88 -56.74
N HIS K 182 0.17 -33.02 -56.10
CA HIS K 182 1.49 -33.55 -55.90
C HIS K 182 2.15 -33.94 -57.22
N LEU K 183 1.39 -34.04 -58.32
CA LEU K 183 2.02 -34.08 -59.63
C LEU K 183 2.79 -32.80 -59.91
N GLN K 184 2.14 -31.67 -59.70
CA GLN K 184 2.85 -30.41 -59.95
C GLN K 184 4.13 -30.37 -59.14
N ALA K 185 4.11 -30.89 -57.92
CA ALA K 185 5.34 -30.92 -57.12
C ALA K 185 6.35 -31.93 -57.66
N LEU K 186 5.87 -33.11 -58.07
CA LEU K 186 6.75 -34.16 -58.55
C LEU K 186 7.54 -33.72 -59.76
N LEU K 187 6.96 -32.86 -60.57
CA LEU K 187 7.69 -32.33 -61.72
C LEU K 187 9.00 -31.68 -61.28
N TYR K 188 8.93 -30.79 -60.30
CA TYR K 188 10.13 -30.13 -59.83
C TYR K 188 11.11 -31.13 -59.23
N PHE K 189 10.59 -32.09 -58.46
CA PHE K 189 11.51 -33.07 -57.88
C PHE K 189 12.33 -33.76 -58.95
N VAL K 190 11.65 -34.31 -59.96
CA VAL K 190 12.35 -35.05 -61.00
C VAL K 190 13.29 -34.15 -61.77
N ALA K 191 12.86 -32.93 -62.07
CA ALA K 191 13.71 -32.02 -62.82
C ALA K 191 14.99 -31.73 -62.07
N SER K 192 14.90 -31.47 -60.77
CA SER K 192 16.11 -31.22 -60.01
C SER K 192 17.04 -32.42 -60.02
N ARG K 193 16.48 -33.61 -59.79
CA ARG K 193 17.33 -34.79 -59.72
C ARG K 193 18.05 -35.02 -61.04
N CYS K 194 17.35 -34.84 -62.16
CA CYS K 194 17.98 -35.10 -63.45
C CYS K 194 18.96 -34.00 -63.85
N GLN K 195 18.66 -32.75 -63.53
CA GLN K 195 19.51 -31.66 -63.97
C GLN K 195 20.73 -31.43 -63.09
N THR K 196 20.78 -32.04 -61.91
CA THR K 196 21.93 -31.74 -61.04
C THR K 196 23.30 -31.96 -61.70
N PRO K 197 23.61 -33.14 -62.26
CA PRO K 197 24.99 -33.44 -62.67
C PRO K 197 25.32 -33.08 -64.12
N ILE K 198 25.04 -31.85 -64.52
CA ILE K 198 25.29 -31.42 -65.89
C ILE K 198 25.55 -29.91 -65.89
N GLY K 199 26.52 -29.48 -66.68
CA GLY K 199 26.68 -28.06 -66.93
C GLY K 199 27.94 -27.51 -66.31
N PHE K 200 28.59 -26.58 -67.02
CA PHE K 200 29.82 -25.99 -66.56
C PHE K 200 29.86 -24.48 -66.70
N MET K 201 28.77 -23.84 -67.10
CA MET K 201 28.71 -22.39 -67.20
C MET K 201 28.09 -21.81 -65.95
N GLU K 202 28.31 -20.50 -65.75
CA GLU K 202 27.97 -19.86 -64.50
C GLU K 202 26.48 -20.00 -64.17
N ASN K 203 25.63 -19.67 -65.13
CA ASN K 203 24.20 -19.73 -64.88
C ASN K 203 23.62 -21.13 -65.10
N THR K 204 24.31 -21.98 -65.84
CA THR K 204 23.81 -23.33 -66.08
C THR K 204 24.25 -24.32 -65.02
N ALA K 205 25.09 -23.90 -64.08
CA ALA K 205 25.50 -24.78 -63.00
C ALA K 205 24.59 -24.67 -61.78
N GLN K 206 23.52 -23.88 -61.85
CA GLN K 206 22.67 -23.64 -60.69
C GLN K 206 21.24 -24.12 -60.90
N GLU K 207 20.95 -24.79 -62.02
CA GLU K 207 19.58 -25.19 -62.28
C GLU K 207 19.09 -26.23 -61.29
N GLY K 208 19.95 -27.20 -60.95
CA GLY K 208 19.56 -28.18 -59.95
C GLY K 208 19.22 -27.54 -58.62
N PHE K 209 20.06 -26.60 -58.18
CA PHE K 209 19.79 -25.92 -56.91
C PHE K 209 18.49 -25.14 -56.97
N ASN K 210 18.25 -24.43 -58.08
CA ASN K 210 17.03 -23.66 -58.20
C ASN K 210 15.80 -24.56 -58.15
N PHE K 211 15.87 -25.71 -58.83
CA PHE K 211 14.73 -26.60 -58.84
C PHE K 211 14.50 -27.20 -57.45
N SER K 212 15.58 -27.47 -56.71
CA SER K 212 15.39 -27.91 -55.33
C SER K 212 14.67 -26.86 -54.51
N GLN K 213 15.07 -25.60 -54.66
CA GLN K 213 14.40 -24.53 -53.92
C GLN K 213 12.92 -24.47 -54.26
N LYS K 214 12.60 -24.55 -55.55
CA LYS K 214 11.19 -24.48 -55.95
C LYS K 214 10.42 -25.67 -55.42
N TYR K 215 11.05 -26.84 -55.39
CA TYR K 215 10.40 -28.02 -54.83
C TYR K 215 10.03 -27.80 -53.37
N GLU K 216 10.97 -27.27 -52.60
CA GLU K 216 10.66 -27.00 -51.19
C GLU K 216 9.55 -25.98 -51.04
N ALA K 217 9.59 -24.92 -51.86
CA ALA K 217 8.54 -23.91 -51.78
C ALA K 217 7.17 -24.50 -52.08
N GLU K 218 7.10 -25.36 -53.09
CA GLU K 218 5.83 -25.98 -53.44
C GLU K 218 5.33 -26.89 -52.33
N CYS K 219 6.23 -27.65 -51.70
CA CYS K 219 5.79 -28.48 -50.59
C CYS K 219 5.21 -27.63 -49.47
N ALA K 220 5.87 -26.50 -49.17
CA ALA K 220 5.34 -25.61 -48.14
C ALA K 220 3.96 -25.08 -48.53
N ASN K 221 3.78 -24.73 -49.80
CA ASN K 221 2.48 -24.22 -50.23
C ASN K 221 1.39 -25.27 -50.08
N LEU K 222 1.71 -26.53 -50.43
CA LEU K 222 0.71 -27.58 -50.25
C LEU K 222 0.35 -27.74 -48.78
N ASP K 223 1.36 -27.70 -47.91
CA ASP K 223 1.07 -27.76 -46.47
C ASP K 223 0.15 -26.64 -46.05
N ALA K 224 0.42 -25.42 -46.51
CA ALA K 224 -0.41 -24.29 -46.13
C ALA K 224 -1.84 -24.45 -46.63
N GLN K 225 -2.00 -24.89 -47.87
CA GLN K 225 -3.34 -25.07 -48.41
C GLN K 225 -4.07 -26.25 -47.80
N ASN K 226 -3.35 -27.14 -47.12
CA ASN K 226 -3.96 -28.27 -46.43
C ASN K 226 -4.70 -29.17 -47.41
N LEU K 227 -3.94 -29.70 -48.38
CA LEU K 227 -4.46 -30.65 -49.35
C LEU K 227 -4.07 -32.08 -49.04
N ARG K 228 -3.96 -32.42 -47.76
CA ARG K 228 -3.68 -33.78 -47.35
C ARG K 228 -4.57 -34.15 -46.17
N ILE K 229 -4.61 -35.45 -45.86
CA ILE K 229 -5.44 -35.93 -44.76
C ILE K 229 -4.87 -35.44 -43.44
N ASP K 230 -5.75 -35.08 -42.51
CA ASP K 230 -5.33 -34.62 -41.19
C ASP K 230 -6.41 -34.90 -40.18
N PRO K 231 -6.33 -36.03 -39.48
CA PRO K 231 -7.25 -36.27 -38.37
C PRO K 231 -6.98 -35.28 -37.24
N VAL K 232 -8.05 -34.93 -36.53
CA VAL K 232 -7.97 -34.07 -35.35
C VAL K 232 -8.82 -34.70 -34.25
N GLY K 233 -8.26 -34.81 -33.06
CA GLY K 233 -8.89 -35.59 -32.00
C GLY K 233 -9.80 -34.77 -31.12
N ASN K 234 -10.98 -35.33 -30.83
CA ASN K 234 -11.95 -34.75 -29.90
C ASN K 234 -12.36 -35.87 -28.96
N GLN K 235 -11.62 -36.08 -27.87
CA GLN K 235 -12.06 -37.10 -26.94
C GLN K 235 -13.36 -36.70 -26.25
N ASP K 236 -13.94 -37.66 -25.56
CA ASP K 236 -15.16 -37.41 -24.81
C ASP K 236 -14.85 -36.82 -23.44
N ARG K 237 -14.15 -37.58 -22.60
CA ARG K 237 -13.73 -37.14 -21.27
C ARG K 237 -14.90 -37.02 -20.31
N PHE K 238 -16.12 -37.18 -20.80
CA PHE K 238 -17.31 -36.99 -19.97
C PHE K 238 -18.05 -38.28 -19.68
N THR K 239 -17.63 -39.40 -20.27
CA THR K 239 -18.30 -40.67 -20.05
C THR K 239 -17.53 -41.60 -19.13
N ARG K 240 -16.32 -41.22 -18.72
CA ARG K 240 -15.58 -42.05 -17.78
C ARG K 240 -16.35 -42.22 -16.48
N GLY K 241 -17.17 -41.23 -16.13
CA GLY K 241 -17.91 -41.25 -14.90
C GLY K 241 -17.19 -40.41 -13.87
N GLY K 242 -17.63 -39.17 -13.70
CA GLY K 242 -16.95 -38.27 -12.79
C GLY K 242 -16.77 -36.86 -13.31
N TRP K 243 -16.60 -36.69 -14.62
CA TRP K 243 -16.41 -35.35 -15.16
C TRP K 243 -17.72 -34.71 -15.58
N VAL K 244 -18.72 -34.72 -14.70
CA VAL K 244 -20.00 -34.12 -15.03
C VAL K 244 -20.83 -33.89 -13.79
N ARG L 21 -60.40 -74.71 6.63
CA ARG L 21 -60.57 -73.62 5.68
C ARG L 21 -60.28 -72.29 6.36
N LEU L 22 -60.21 -72.33 7.69
CA LEU L 22 -59.78 -71.22 8.55
C LEU L 22 -60.83 -70.13 8.66
N GLN L 23 -61.86 -70.18 7.84
CA GLN L 23 -62.92 -69.18 7.85
C GLN L 23 -64.15 -69.75 7.16
N PRO L 24 -64.81 -70.74 7.73
CA PRO L 24 -65.95 -71.36 7.04
C PRO L 24 -67.12 -70.44 6.82
N GLU L 25 -67.24 -69.36 7.59
CA GLU L 25 -68.39 -68.48 7.50
C GLU L 25 -68.18 -67.32 6.53
N TRP L 26 -67.05 -67.26 5.85
CA TRP L 26 -66.79 -66.20 4.89
C TRP L 26 -67.22 -66.68 3.51
N SER L 27 -68.28 -66.08 2.97
CA SER L 27 -68.83 -66.55 1.71
C SER L 27 -67.82 -66.41 0.58
N ASN L 28 -67.06 -65.32 0.57
CA ASN L 28 -66.09 -65.05 -0.47
C ASN L 28 -64.75 -64.75 0.19
N ALA L 29 -64.03 -65.76 0.48
CA ALA L 29 -62.74 -65.47 1.08
C ALA L 29 -61.65 -65.44 0.01
N PRO L 30 -60.65 -64.59 0.17
CA PRO L 30 -59.56 -64.55 -0.80
C PRO L 30 -58.79 -65.86 -0.82
N SER L 31 -58.29 -66.21 -1.99
CA SER L 31 -57.41 -67.35 -2.15
C SER L 31 -55.99 -66.86 -2.38
N LEU L 32 -55.03 -67.76 -2.17
CA LEU L 32 -53.64 -67.39 -2.31
C LEU L 32 -53.34 -66.86 -3.70
N ALA L 33 -54.12 -67.25 -4.70
CA ALA L 33 -53.89 -66.79 -6.06
C ALA L 33 -54.09 -65.29 -6.18
N GLN L 34 -55.21 -64.78 -5.67
CA GLN L 34 -55.48 -63.35 -5.81
C GLN L 34 -54.47 -62.52 -5.04
N LEU L 35 -54.06 -62.97 -3.86
CA LEU L 35 -53.11 -62.21 -3.07
C LEU L 35 -51.80 -62.05 -3.81
N LYS L 36 -51.22 -63.14 -4.29
CA LYS L 36 -50.00 -63.03 -5.07
C LYS L 36 -50.22 -62.26 -6.36
N GLN L 37 -51.43 -62.33 -6.90
CA GLN L 37 -51.73 -61.58 -8.12
C GLN L 37 -51.61 -60.08 -7.87
N ASP L 38 -52.22 -59.59 -6.80
CA ASP L 38 -52.10 -58.18 -6.48
C ASP L 38 -50.67 -57.82 -6.10
N TYR L 39 -49.94 -58.76 -5.50
CA TYR L 39 -48.56 -58.49 -5.13
C TYR L 39 -47.72 -58.19 -6.36
N GLN L 40 -47.94 -58.92 -7.45
CA GLN L 40 -47.16 -58.70 -8.66
C GLN L 40 -47.41 -57.33 -9.25
N GLU L 41 -48.67 -56.91 -9.29
CA GLU L 41 -49.02 -55.69 -10.01
C GLU L 41 -48.53 -54.43 -9.31
N ALA L 42 -48.05 -54.51 -8.08
CA ALA L 42 -47.55 -53.33 -7.38
C ALA L 42 -46.05 -53.23 -7.38
N LYS L 43 -45.33 -54.35 -7.50
CA LYS L 43 -43.89 -54.27 -7.67
C LYS L 43 -43.54 -53.52 -8.95
N GLN L 44 -44.38 -53.65 -9.97
CA GLN L 44 -44.13 -52.94 -11.23
C GLN L 44 -44.02 -51.44 -11.00
N VAL L 45 -44.65 -50.94 -9.95
CA VAL L 45 -44.56 -49.53 -9.62
C VAL L 45 -43.45 -49.25 -8.60
N THR L 46 -43.36 -50.08 -7.56
CA THR L 46 -42.39 -49.78 -6.51
C THR L 46 -40.96 -49.95 -6.97
N ASP L 47 -40.72 -50.72 -8.04
CA ASP L 47 -39.34 -50.95 -8.47
C ASP L 47 -38.67 -49.65 -8.90
N GLU L 48 -39.43 -48.75 -9.52
CA GLU L 48 -38.85 -47.47 -9.94
C GLU L 48 -38.28 -46.72 -8.75
N LYS L 49 -39.08 -46.59 -7.69
CA LYS L 49 -38.62 -45.86 -6.52
C LYS L 49 -37.49 -46.59 -5.83
N ILE L 50 -37.53 -47.94 -5.83
CA ILE L 50 -36.44 -48.67 -5.22
C ILE L 50 -35.12 -48.41 -5.95
N THR L 51 -35.16 -48.42 -7.28
CA THR L 51 -33.95 -48.14 -8.03
C THR L 51 -33.48 -46.72 -7.80
N GLN L 52 -34.41 -45.77 -7.72
CA GLN L 52 -34.03 -44.39 -7.45
C GLN L 52 -33.31 -44.27 -6.11
N ILE L 53 -33.86 -44.91 -5.08
CA ILE L 53 -33.23 -44.83 -3.77
C ILE L 53 -31.89 -45.53 -3.77
N ASN L 54 -31.78 -46.64 -4.50
CA ASN L 54 -30.49 -47.31 -4.60
C ASN L 54 -29.45 -46.40 -5.23
N ARG L 55 -29.85 -45.70 -6.29
CA ARG L 55 -28.92 -44.77 -6.93
C ARG L 55 -28.49 -43.69 -5.96
N TRP L 56 -29.43 -43.14 -5.18
CA TRP L 56 -29.06 -42.14 -4.18
C TRP L 56 -28.06 -42.70 -3.19
N LEU L 57 -28.34 -43.91 -2.69
CA LEU L 57 -27.46 -44.48 -1.67
C LEU L 57 -26.07 -44.77 -2.21
N ASP L 58 -25.98 -45.19 -3.47
CA ASP L 58 -24.67 -45.52 -4.03
C ASP L 58 -23.76 -44.32 -4.19
N TYR L 59 -24.18 -43.13 -3.76
CA TYR L 59 -23.30 -41.98 -3.87
C TYR L 59 -22.77 -41.51 -2.53
N MET L 60 -23.57 -41.56 -1.47
CA MET L 60 -23.03 -41.18 -0.17
C MET L 60 -21.97 -42.17 0.28
N HIS L 61 -22.19 -43.46 0.05
CA HIS L 61 -21.12 -44.44 0.11
C HIS L 61 -20.62 -44.61 -1.32
N VAL L 62 -19.34 -44.37 -1.55
CA VAL L 62 -18.84 -44.41 -2.90
C VAL L 62 -18.74 -45.88 -3.32
N ARG L 63 -19.79 -46.39 -3.97
CA ARG L 63 -19.83 -47.77 -4.39
C ARG L 63 -20.47 -47.83 -5.76
N GLY L 64 -20.44 -49.01 -6.35
CA GLY L 64 -21.12 -49.29 -7.59
C GLY L 64 -20.96 -48.22 -8.64
N GLU L 65 -22.08 -47.66 -9.11
CA GLU L 65 -22.00 -46.61 -10.12
C GLU L 65 -21.54 -45.28 -9.55
N GLY L 66 -21.43 -45.16 -8.23
CA GLY L 66 -20.86 -43.96 -7.66
C GLY L 66 -19.35 -43.92 -7.68
N LYS L 67 -18.71 -45.04 -7.93
CA LYS L 67 -17.26 -45.09 -8.00
C LYS L 67 -16.79 -44.66 -9.37
N PRO L 68 -15.97 -43.61 -9.48
CA PRO L 68 -15.54 -43.16 -10.81
C PRO L 68 -14.56 -44.14 -11.42
N LYS L 69 -14.67 -44.31 -12.74
CA LYS L 69 -13.77 -45.17 -13.49
C LYS L 69 -12.60 -44.34 -13.98
N THR L 70 -11.39 -44.70 -13.58
CA THR L 70 -10.19 -43.96 -13.94
C THR L 70 -9.16 -44.89 -14.56
N GLU L 71 -8.35 -44.33 -15.44
CA GLU L 71 -7.32 -45.09 -16.11
C GLU L 71 -6.21 -45.47 -15.13
N LYS L 72 -5.48 -46.53 -15.46
CA LYS L 72 -4.32 -46.90 -14.68
C LYS L 72 -3.21 -45.88 -14.90
N GLY L 73 -2.60 -45.45 -13.81
CA GLY L 73 -1.58 -44.42 -13.88
C GLY L 73 -2.05 -43.03 -13.50
N LYS L 74 -3.32 -42.87 -13.15
CA LYS L 74 -3.85 -41.60 -12.69
C LYS L 74 -4.57 -41.82 -11.37
N SER L 75 -4.84 -40.72 -10.67
CA SER L 75 -5.40 -40.81 -9.34
C SER L 75 -6.82 -41.34 -9.37
N ALA L 76 -7.28 -41.82 -8.21
CA ALA L 76 -8.63 -42.32 -8.08
C ALA L 76 -9.26 -41.90 -6.76
N VAL L 77 -8.83 -40.75 -6.21
CA VAL L 77 -9.39 -40.27 -4.96
C VAL L 77 -10.76 -39.65 -5.22
N GLN L 78 -11.60 -39.65 -4.19
CA GLN L 78 -12.94 -39.11 -4.33
C GLN L 78 -13.46 -38.62 -2.98
N PRO L 79 -13.50 -37.32 -2.75
CA PRO L 79 -13.92 -36.80 -1.46
C PRO L 79 -15.42 -36.94 -1.27
N PRO L 80 -15.87 -37.54 -0.17
CA PRO L 80 -17.31 -37.61 0.08
C PRO L 80 -17.83 -36.25 0.51
N THR L 81 -18.97 -35.86 -0.05
CA THR L 81 -19.64 -34.65 0.38
C THR L 81 -21.06 -34.88 0.88
N ILE L 82 -21.79 -35.83 0.30
CA ILE L 82 -23.12 -36.12 0.79
C ILE L 82 -23.05 -36.66 2.21
N ARG L 83 -22.13 -37.58 2.46
CA ARG L 83 -21.92 -38.08 3.81
C ARG L 83 -21.46 -36.96 4.73
N LYS L 84 -20.58 -36.09 4.22
CA LYS L 84 -20.14 -34.94 4.98
C LYS L 84 -21.31 -34.11 5.45
N GLN L 85 -22.27 -33.88 4.57
CA GLN L 85 -23.44 -33.08 4.94
C GLN L 85 -24.30 -33.82 5.94
N ALA L 86 -24.54 -35.12 5.72
CA ALA L 86 -25.45 -35.84 6.60
C ALA L 86 -24.90 -35.94 8.02
N GLU L 87 -23.58 -36.01 8.16
CA GLU L 87 -22.99 -36.12 9.49
C GLU L 87 -23.30 -34.90 10.33
N TRP L 88 -23.42 -33.73 9.71
CA TRP L 88 -23.66 -32.50 10.43
C TRP L 88 -25.14 -32.22 10.63
N ARG L 89 -26.01 -33.12 10.21
CA ARG L 89 -27.44 -32.98 10.42
C ARG L 89 -28.02 -34.04 11.32
N TYR L 90 -27.41 -35.23 11.37
CA TYR L 90 -27.96 -36.29 12.20
C TYR L 90 -28.19 -35.84 13.63
N SER L 91 -27.18 -35.27 14.26
CA SER L 91 -27.28 -34.95 15.68
C SER L 91 -28.24 -33.80 15.91
N SER L 92 -28.16 -32.75 15.08
CA SER L 92 -29.06 -31.63 15.25
C SER L 92 -30.50 -32.02 15.04
N LEU L 93 -30.75 -33.11 14.31
CA LEU L 93 -32.12 -33.58 14.20
C LEU L 93 -32.53 -34.46 15.37
N SER L 94 -31.64 -35.35 15.81
CA SER L 94 -32.02 -36.32 16.81
C SER L 94 -32.04 -35.75 18.23
N GLU L 95 -31.35 -34.64 18.47
CA GLU L 95 -31.24 -34.14 19.83
C GLU L 95 -32.57 -33.77 20.47
N PRO L 96 -33.46 -33.00 19.83
CA PRO L 96 -34.65 -32.50 20.55
C PRO L 96 -35.58 -33.57 21.07
N PHE L 97 -35.28 -34.84 20.79
CA PHE L 97 -36.07 -35.93 21.35
C PHE L 97 -35.42 -36.52 22.59
N LEU L 98 -34.12 -36.77 22.56
CA LEU L 98 -33.44 -37.39 23.67
C LEU L 98 -32.91 -36.40 24.69
N SER L 99 -33.02 -35.09 24.43
CA SER L 99 -32.50 -34.13 25.39
C SER L 99 -33.31 -34.08 26.68
N SER L 100 -34.48 -34.69 26.73
CA SER L 100 -35.37 -34.61 27.87
C SER L 100 -35.48 -35.96 28.57
N PRO L 101 -35.82 -35.98 29.86
CA PRO L 101 -35.93 -37.26 30.57
C PRO L 101 -36.94 -38.21 29.96
N ASN L 102 -38.08 -37.71 29.49
CA ASN L 102 -39.06 -38.55 28.83
C ASN L 102 -39.62 -37.80 27.63
N ILE L 103 -40.03 -38.55 26.62
CA ILE L 103 -40.42 -37.94 25.35
C ILE L 103 -41.76 -37.23 25.48
N PHE L 104 -42.80 -37.99 25.79
CA PHE L 104 -44.16 -37.50 25.62
C PHE L 104 -44.56 -36.58 26.77
N GLU L 105 -45.72 -35.97 26.60
CA GLU L 105 -46.28 -35.08 27.61
C GLU L 105 -47.78 -34.99 27.37
N VAL L 106 -48.58 -35.46 28.32
CA VAL L 106 -50.02 -35.58 28.17
C VAL L 106 -50.70 -34.56 29.07
N ASN L 107 -51.63 -33.81 28.51
CA ASN L 107 -52.37 -32.81 29.25
C ASN L 107 -53.87 -33.01 29.04
N PRO L 108 -54.68 -32.68 30.03
CA PRO L 108 -56.12 -32.87 29.89
C PRO L 108 -56.72 -31.82 28.96
N VAL L 109 -57.90 -32.13 28.44
CA VAL L 109 -58.67 -31.19 27.64
C VAL L 109 -59.73 -30.49 28.48
N THR L 110 -60.41 -31.24 29.34
CA THR L 110 -61.43 -30.70 30.20
C THR L 110 -61.21 -31.22 31.61
N TRP L 111 -61.75 -30.49 32.59
CA TRP L 111 -61.50 -30.81 33.99
C TRP L 111 -61.96 -32.21 34.36
N GLU L 112 -62.88 -32.80 33.60
CA GLU L 112 -63.25 -34.19 33.83
C GLU L 112 -62.03 -35.10 33.78
N ASP L 113 -61.03 -34.72 33.00
CA ASP L 113 -59.78 -35.44 32.84
C ASP L 113 -58.84 -35.05 33.97
N ALA L 114 -57.54 -35.31 33.78
CA ALA L 114 -56.41 -35.07 34.68
C ALA L 114 -56.23 -36.19 35.69
N GLU L 115 -57.05 -37.24 35.65
CA GLU L 115 -56.69 -38.51 36.27
C GLU L 115 -56.31 -39.54 35.23
N SER L 116 -57.20 -39.77 34.26
CA SER L 116 -56.86 -40.60 33.13
C SER L 116 -55.64 -40.06 32.40
N ALA L 117 -55.56 -38.73 32.26
CA ALA L 117 -54.42 -38.14 31.58
C ALA L 117 -53.12 -38.47 32.30
N ARG L 118 -53.08 -38.24 33.60
CA ARG L 118 -51.87 -38.50 34.36
C ARG L 118 -51.49 -39.97 34.30
N GLN L 119 -52.47 -40.85 34.49
CA GLN L 119 -52.20 -42.28 34.48
C GLN L 119 -51.63 -42.73 33.14
N ASN L 120 -52.30 -42.36 32.05
CA ASN L 120 -51.85 -42.79 30.73
C ASN L 120 -50.48 -42.23 30.41
N GLY L 121 -50.25 -40.95 30.72
CA GLY L 121 -48.95 -40.37 30.45
C GLY L 121 -47.85 -41.11 31.18
N LEU L 122 -48.07 -41.41 32.46
CA LEU L 122 -47.05 -42.10 33.22
C LEU L 122 -46.77 -43.48 32.65
N VAL L 123 -47.84 -44.23 32.32
CA VAL L 123 -47.65 -45.58 31.79
C VAL L 123 -46.87 -45.53 30.49
N LEU L 124 -47.28 -44.66 29.57
CA LEU L 124 -46.62 -44.59 28.27
C LEU L 124 -45.16 -44.20 28.40
N ASN L 125 -44.88 -43.19 29.22
CA ASN L 125 -43.49 -42.75 29.37
C ASN L 125 -42.63 -43.86 29.95
N GLN L 126 -43.15 -44.59 30.94
CA GLN L 126 -42.38 -45.68 31.50
C GLN L 126 -42.13 -46.77 30.46
N GLN L 127 -43.14 -47.06 29.65
CA GLN L 127 -42.96 -48.09 28.61
C GLN L 127 -41.84 -47.71 27.67
N PHE L 128 -41.87 -46.48 27.16
CA PHE L 128 -40.79 -46.05 26.26
C PHE L 128 -39.44 -46.07 26.96
N ASN L 129 -39.39 -45.59 28.20
CA ASN L 129 -38.09 -45.50 28.87
C ASN L 129 -37.47 -46.87 29.06
N THR L 130 -38.26 -47.86 29.46
CA THR L 130 -37.68 -49.15 29.86
C THR L 130 -37.76 -50.20 28.77
N LYS L 131 -38.98 -50.52 28.30
CA LYS L 131 -39.14 -51.72 27.48
C LYS L 131 -38.48 -51.55 26.12
N LEU L 132 -38.75 -50.44 25.44
CA LEU L 132 -38.15 -50.17 24.15
C LEU L 132 -36.82 -49.46 24.36
N ASN L 133 -35.90 -49.65 23.41
CA ASN L 133 -34.60 -49.01 23.51
C ASN L 133 -34.74 -47.50 23.48
N LYS L 134 -35.49 -46.99 22.50
CA LYS L 134 -35.72 -45.59 22.24
C LYS L 134 -34.47 -44.90 21.72
N GLN L 135 -33.30 -45.47 22.01
CA GLN L 135 -32.06 -44.86 21.57
C GLN L 135 -31.71 -45.35 20.17
N ARG L 136 -31.55 -46.66 20.04
CA ARG L 136 -31.45 -47.26 18.72
C ARG L 136 -32.61 -46.84 17.85
N PHE L 137 -33.80 -46.75 18.43
CA PHE L 137 -34.97 -46.40 17.66
C PHE L 137 -34.85 -45.01 17.07
N ILE L 138 -34.55 -44.01 17.91
CA ILE L 138 -34.45 -42.64 17.39
C ILE L 138 -33.33 -42.54 16.37
N ASP L 139 -32.20 -43.19 16.65
CA ASP L 139 -31.08 -43.10 15.73
C ASP L 139 -31.43 -43.64 14.36
N GLU L 140 -31.99 -44.86 14.31
CA GLU L 140 -32.37 -45.43 13.03
C GLU L 140 -33.44 -44.58 12.36
N TYR L 141 -34.40 -44.10 13.13
CA TYR L 141 -35.44 -43.22 12.62
C TYR L 141 -34.84 -42.07 11.84
N VAL L 142 -34.04 -41.24 12.50
CA VAL L 142 -33.54 -40.03 11.85
C VAL L 142 -32.61 -40.40 10.69
N ARG L 143 -31.79 -41.44 10.85
CA ARG L 143 -30.83 -41.75 9.80
C ARG L 143 -31.52 -42.20 8.53
N ALA L 144 -32.48 -43.13 8.66
CA ALA L 144 -33.23 -43.55 7.49
C ALA L 144 -33.94 -42.38 6.86
N GLY L 145 -34.55 -41.52 7.68
CA GLY L 145 -35.23 -40.37 7.13
C GLY L 145 -34.32 -39.46 6.34
N VAL L 146 -33.13 -39.21 6.86
CA VAL L 146 -32.22 -38.27 6.22
C VAL L 146 -31.71 -38.82 4.90
N ASP L 147 -31.25 -40.07 4.89
CA ASP L 147 -30.55 -40.56 3.72
C ASP L 147 -31.38 -41.51 2.85
N GLU L 148 -32.69 -41.60 3.06
CA GLU L 148 -33.53 -42.38 2.17
C GLU L 148 -34.79 -41.67 1.71
N GLY L 149 -35.20 -40.60 2.37
CA GLY L 149 -36.35 -39.83 1.95
C GLY L 149 -37.66 -40.24 2.58
N THR L 150 -37.75 -41.44 3.12
CA THR L 150 -39.00 -41.87 3.73
C THR L 150 -38.72 -42.79 4.89
N ILE L 151 -39.65 -42.80 5.85
CA ILE L 151 -39.57 -43.68 7.00
C ILE L 151 -40.86 -44.47 7.06
N ILE L 152 -40.73 -45.79 7.17
CA ILE L 152 -41.85 -46.65 7.50
C ILE L 152 -41.61 -47.19 8.90
N VAL L 153 -42.66 -47.25 9.71
CA VAL L 153 -42.55 -47.76 11.06
C VAL L 153 -43.68 -48.73 11.30
N LYS L 154 -43.36 -49.91 11.83
CA LYS L 154 -44.34 -50.94 12.12
C LYS L 154 -44.60 -50.99 13.62
N VAL L 155 -45.87 -50.94 13.99
CA VAL L 155 -46.30 -50.95 15.39
C VAL L 155 -47.07 -52.23 15.64
N GLY L 156 -46.71 -52.96 16.68
CA GLY L 156 -47.37 -54.21 16.99
C GLY L 156 -47.37 -54.47 18.47
N TRP L 157 -47.94 -55.60 18.86
CA TRP L 157 -48.01 -56.00 20.26
C TRP L 157 -47.39 -57.37 20.44
N ASN L 158 -46.66 -57.53 21.54
CA ASN L 158 -46.02 -58.79 21.88
C ASN L 158 -46.63 -59.36 23.14
N TYR L 159 -46.90 -60.66 23.13
CA TYR L 159 -47.61 -61.31 24.24
C TYR L 159 -47.14 -62.76 24.31
N GLN L 160 -46.22 -63.04 25.23
CA GLN L 160 -45.66 -64.37 25.40
C GLN L 160 -46.10 -64.94 26.74
N SER L 161 -46.40 -66.23 26.77
CA SER L 161 -46.99 -66.86 27.95
C SER L 161 -46.72 -68.36 27.88
N ARG L 162 -47.52 -69.14 28.59
CA ARG L 162 -47.56 -70.61 28.70
C ARG L 162 -46.59 -71.13 29.74
N THR L 163 -45.79 -70.29 30.37
CA THR L 163 -44.80 -70.79 31.32
C THR L 163 -45.51 -71.20 32.60
N VAL L 164 -45.97 -72.46 32.66
CA VAL L 164 -46.86 -72.89 33.74
C VAL L 164 -46.08 -73.01 35.05
N LYS L 165 -46.76 -72.74 36.14
CA LYS L 165 -46.23 -72.94 37.48
C LYS L 165 -47.11 -73.95 38.22
N GLU L 166 -46.71 -74.34 39.43
CA GLU L 166 -47.31 -75.49 40.10
C GLU L 166 -47.38 -75.25 41.60
N GLN L 167 -47.82 -76.28 42.31
CA GLN L 167 -47.76 -76.41 43.77
C GLN L 167 -48.56 -75.31 44.47
N VAL L 168 -49.88 -75.39 44.29
CA VAL L 168 -50.79 -74.59 45.09
C VAL L 168 -50.92 -75.20 46.48
N VAL L 169 -51.43 -74.42 47.43
CA VAL L 169 -51.68 -74.92 48.79
C VAL L 169 -53.14 -74.70 49.14
N THR L 170 -53.52 -75.10 50.35
CA THR L 170 -54.90 -74.99 50.82
C THR L 170 -54.92 -74.52 52.26
N TYR L 171 -55.84 -73.63 52.59
CA TYR L 171 -56.01 -73.11 53.93
C TYR L 171 -57.38 -73.49 54.45
N GLU L 172 -57.42 -74.05 55.64
CA GLU L 172 -58.68 -74.36 56.30
C GLU L 172 -59.16 -73.15 57.10
N MET L 173 -60.47 -72.97 57.13
CA MET L 173 -61.04 -71.85 57.87
C MET L 173 -60.98 -72.14 59.36
N MET L 174 -60.94 -71.09 60.17
CA MET L 174 -60.89 -71.26 61.61
C MET L 174 -61.53 -70.06 62.31
N PRO L 175 -62.44 -70.29 63.25
CA PRO L 175 -63.17 -69.17 63.86
C PRO L 175 -62.47 -68.52 65.05
N ASP L 176 -61.15 -68.67 65.16
CA ASP L 176 -60.41 -68.04 66.25
C ASP L 176 -60.20 -66.56 65.96
N SER L 177 -60.66 -65.70 66.86
CA SER L 177 -60.47 -64.26 66.74
C SER L 177 -59.78 -63.74 68.00
N SER L 178 -58.89 -62.77 67.81
CA SER L 178 -58.13 -62.21 68.91
C SER L 178 -57.83 -60.75 68.59
N GLU L 179 -56.86 -60.17 69.31
CA GLU L 179 -56.53 -58.76 69.19
C GLU L 179 -55.44 -58.53 68.15
N GLU L 180 -54.44 -59.40 68.11
CA GLU L 180 -53.38 -59.29 67.13
C GLU L 180 -53.91 -59.43 65.71
N LEU L 181 -54.87 -60.34 65.53
CA LEU L 181 -55.50 -60.49 64.22
C LEU L 181 -56.19 -59.20 63.81
N ALA L 182 -56.88 -58.55 64.75
CA ALA L 182 -57.53 -57.28 64.43
C ALA L 182 -56.51 -56.22 64.04
N GLN L 183 -55.41 -56.13 64.77
CA GLN L 183 -54.37 -55.15 64.42
C GLN L 183 -53.81 -55.43 63.03
N ILE L 184 -53.44 -56.68 62.76
CA ILE L 184 -52.82 -57.01 61.48
C ILE L 184 -53.80 -56.76 60.34
N TYR L 185 -55.07 -57.12 60.54
CA TYR L 185 -56.06 -56.92 59.50
C TYR L 185 -56.31 -55.44 59.26
N GLN L 186 -56.31 -54.63 60.32
CA GLN L 186 -56.44 -53.19 60.14
C GLN L 186 -55.28 -52.63 59.32
N THR L 187 -54.06 -53.07 59.65
CA THR L 187 -52.90 -52.59 58.90
C THR L 187 -52.96 -53.02 57.44
N ALA L 188 -53.37 -54.26 57.19
CA ALA L 188 -53.47 -54.74 55.82
C ALA L 188 -54.54 -53.98 55.05
N ALA L 189 -55.66 -53.67 55.71
CA ALA L 189 -56.69 -52.86 55.05
C ALA L 189 -56.14 -51.49 54.70
N GLN L 190 -55.37 -50.88 55.62
CA GLN L 190 -54.78 -49.59 55.33
C GLN L 190 -53.85 -49.66 54.13
N ILE L 191 -53.05 -50.73 54.05
CA ILE L 191 -52.16 -50.91 52.92
C ILE L 191 -52.95 -51.05 51.63
N ARG L 192 -53.93 -51.94 51.62
CA ARG L 192 -54.76 -52.11 50.44
C ARG L 192 -55.46 -50.83 50.05
N GLU L 193 -55.70 -49.94 51.00
CA GLU L 193 -56.33 -48.67 50.69
C GLU L 193 -55.35 -47.71 50.01
N GLU L 194 -54.21 -47.46 50.65
CA GLU L 194 -53.38 -46.34 50.21
C GLU L 194 -52.20 -46.72 49.33
N SER L 195 -51.76 -47.98 49.34
CA SER L 195 -50.67 -48.44 48.50
C SER L 195 -51.07 -49.74 47.83
N PRO L 196 -51.98 -49.68 46.87
CA PRO L 196 -52.48 -50.91 46.24
C PRO L 196 -51.40 -51.71 45.56
N SER L 197 -50.29 -51.08 45.16
CA SER L 197 -49.22 -51.81 44.52
C SER L 197 -48.62 -52.86 45.43
N GLU L 198 -48.47 -52.54 46.71
CA GLU L 198 -47.84 -53.45 47.65
C GLU L 198 -48.79 -54.50 48.20
N TYR L 199 -50.10 -54.34 47.98
CA TYR L 199 -51.06 -55.26 48.59
C TYR L 199 -50.85 -56.70 48.17
N PRO L 200 -50.63 -57.05 46.89
CA PRO L 200 -50.41 -58.46 46.56
C PRO L 200 -49.17 -59.06 47.20
N GLU L 201 -48.23 -58.23 47.65
CA GLU L 201 -47.01 -58.78 48.23
C GLU L 201 -47.18 -59.22 49.67
N ILE L 202 -48.30 -58.93 50.31
CA ILE L 202 -48.54 -59.39 51.68
C ILE L 202 -48.81 -60.89 51.63
N PRO L 203 -48.61 -61.61 52.73
CA PRO L 203 -48.77 -63.08 52.69
C PRO L 203 -50.18 -63.50 52.31
N GLU L 204 -50.25 -64.63 51.60
CA GLU L 204 -51.51 -65.10 51.05
C GLU L 204 -52.50 -65.45 52.15
N ASP L 205 -52.03 -66.12 53.21
CA ASP L 205 -52.93 -66.53 54.28
C ASP L 205 -53.58 -65.33 54.93
N VAL L 206 -52.79 -64.35 55.34
CA VAL L 206 -53.34 -63.18 56.01
C VAL L 206 -54.23 -62.40 55.05
N ARG L 207 -53.87 -62.38 53.77
CA ARG L 207 -54.72 -61.69 52.79
C ARG L 207 -56.10 -62.34 52.73
N LEU L 208 -56.15 -63.66 52.54
CA LEU L 208 -57.43 -64.30 52.36
C LEU L 208 -58.24 -64.28 53.64
N GLY L 209 -57.59 -64.42 54.79
CA GLY L 209 -58.27 -64.19 56.05
C GLY L 209 -58.82 -62.79 56.15
N LEU L 210 -58.12 -61.81 55.57
CA LEU L 210 -58.61 -60.45 55.61
C LEU L 210 -59.92 -60.30 54.83
N GLU L 211 -60.00 -60.86 53.62
CA GLU L 211 -61.29 -60.69 52.96
C GLU L 211 -62.36 -61.56 53.62
N GLU L 212 -61.97 -62.66 54.25
CA GLU L 212 -62.95 -63.40 55.04
C GLU L 212 -63.47 -62.56 56.20
N THR L 213 -62.64 -61.67 56.73
CA THR L 213 -63.03 -60.84 57.87
C THR L 213 -64.17 -59.89 57.53
N GLU L 214 -64.39 -59.60 56.25
CA GLU L 214 -65.61 -58.91 55.85
C GLU L 214 -66.62 -59.84 55.23
N ALA L 215 -66.20 -61.03 54.80
CA ALA L 215 -67.17 -62.04 54.40
C ALA L 215 -68.07 -62.44 55.57
N ASN L 216 -67.53 -62.38 56.79
CA ASN L 216 -68.30 -62.69 58.00
C ASN L 216 -67.60 -61.98 59.16
N GLY L 217 -67.87 -62.42 60.38
CA GLY L 217 -67.24 -61.84 61.54
C GLY L 217 -65.74 -62.05 61.55
N ILE L 218 -65.09 -61.42 62.54
CA ILE L 218 -63.63 -61.37 62.64
C ILE L 218 -63.08 -62.73 63.06
N GLN L 219 -63.98 -63.69 63.30
CA GLN L 219 -63.54 -65.00 63.78
C GLN L 219 -62.56 -65.66 62.82
N VAL L 220 -62.60 -65.30 61.54
CA VAL L 220 -61.81 -65.99 60.52
C VAL L 220 -60.34 -65.94 60.86
N ARG L 221 -59.66 -67.09 60.72
CA ARG L 221 -58.21 -67.14 60.91
C ARG L 221 -57.46 -67.91 59.84
N ALA L 222 -58.11 -68.84 59.12
CA ALA L 222 -57.55 -69.43 57.90
C ALA L 222 -56.25 -70.19 58.16
N VAL L 223 -56.37 -71.27 58.93
CA VAL L 223 -55.23 -72.15 59.17
C VAL L 223 -54.89 -72.91 57.89
N PRO L 224 -53.62 -73.11 57.57
CA PRO L 224 -53.26 -73.83 56.34
C PRO L 224 -53.50 -75.33 56.45
N VAL L 225 -53.62 -75.96 55.27
CA VAL L 225 -53.70 -77.42 55.18
C VAL L 225 -52.65 -77.96 54.22
N GLY L 226 -52.69 -77.51 52.97
CA GLY L 226 -51.75 -77.95 51.98
C GLY L 226 -52.40 -78.77 50.88
N SER L 227 -51.84 -78.67 49.68
CA SER L 227 -52.34 -79.35 48.48
C SER L 227 -51.27 -79.26 47.41
N GLU L 228 -51.64 -79.60 46.17
CA GLU L 228 -50.75 -79.44 45.03
C GLU L 228 -51.58 -79.46 43.76
N GLU L 229 -51.21 -78.61 42.79
CA GLU L 229 -51.92 -78.52 41.52
C GLU L 229 -51.07 -77.70 40.54
N GLU L 230 -51.30 -77.93 39.25
CA GLU L 230 -50.46 -77.40 38.18
C GLU L 230 -51.32 -76.66 37.15
N GLU L 231 -51.34 -75.34 37.24
CA GLU L 231 -52.16 -74.48 36.38
C GLU L 231 -51.54 -73.09 36.35
N ARG L 232 -52.35 -72.09 35.98
CA ARG L 232 -52.05 -70.66 36.09
C ARG L 232 -50.78 -70.29 35.33
N GLU L 233 -50.90 -70.38 34.00
CA GLU L 233 -49.85 -69.91 33.12
C GLU L 233 -49.53 -68.44 33.40
N GLU L 234 -48.25 -68.11 33.38
CA GLU L 234 -47.80 -66.75 33.61
C GLU L 234 -47.50 -66.04 32.31
N THR L 235 -47.84 -64.75 32.28
CA THR L 235 -47.55 -63.90 31.13
C THR L 235 -46.12 -63.44 31.27
N VAL L 236 -45.21 -64.13 30.60
CA VAL L 236 -43.80 -63.74 30.65
C VAL L 236 -43.57 -62.44 29.92
N GLU L 237 -44.35 -62.16 28.88
CA GLU L 237 -44.17 -60.93 28.11
C GLU L 237 -45.51 -60.39 27.68
N ASN L 238 -45.72 -59.09 27.91
CA ASN L 238 -46.96 -58.44 27.49
C ASN L 238 -46.65 -56.95 27.35
N HIS L 239 -46.47 -56.48 26.11
CA HIS L 239 -46.06 -55.10 25.91
C HIS L 239 -46.20 -54.70 24.45
N PRO L 240 -45.97 -53.44 24.10
CA PRO L 240 -45.95 -53.06 22.69
C PRO L 240 -44.58 -53.26 22.08
N THR L 241 -44.51 -53.12 20.76
CA THR L 241 -43.29 -53.28 20.00
C THR L 241 -43.32 -52.33 18.82
N VAL L 242 -42.15 -51.79 18.48
CA VAL L 242 -42.03 -50.84 17.39
C VAL L 242 -40.73 -51.11 16.63
N GLN L 243 -40.84 -51.48 15.37
CA GLN L 243 -39.69 -51.76 14.52
C GLN L 243 -39.70 -50.76 13.38
N VAL L 244 -38.54 -50.47 12.80
CA VAL L 244 -38.60 -49.38 11.83
C VAL L 244 -39.12 -49.93 10.51
N CYS L 245 -38.24 -50.46 9.67
CA CYS L 245 -38.41 -51.49 8.64
C CYS L 245 -37.22 -51.40 7.70
N ASP L 246 -37.16 -52.30 6.72
CA ASP L 246 -36.34 -52.05 5.54
C ASP L 246 -37.25 -51.65 4.40
N TYR L 247 -36.75 -50.78 3.54
CA TYR L 247 -37.56 -50.27 2.44
C TYR L 247 -37.59 -51.20 1.23
N ASN L 248 -36.88 -52.32 1.27
CA ASN L 248 -36.89 -53.26 0.17
C ASN L 248 -37.94 -54.35 0.31
N ASN L 249 -38.58 -54.48 1.47
CA ASN L 249 -39.47 -55.60 1.73
C ASN L 249 -40.91 -55.16 1.95
N ILE L 250 -41.25 -53.96 1.51
CA ILE L 250 -42.56 -53.37 1.79
C ILE L 250 -43.14 -52.87 0.48
N VAL L 251 -44.40 -53.19 0.21
CA VAL L 251 -45.09 -52.80 -0.99
C VAL L 251 -46.45 -52.23 -0.62
N ILE L 252 -46.79 -51.07 -1.16
CA ILE L 252 -48.01 -50.38 -0.80
C ILE L 252 -48.88 -50.20 -2.04
N ASP L 253 -50.18 -50.04 -1.81
CA ASP L 253 -51.06 -49.62 -2.88
C ASP L 253 -50.54 -48.33 -3.49
N PRO L 254 -50.32 -48.28 -4.81
CA PRO L 254 -49.82 -47.06 -5.44
C PRO L 254 -50.91 -46.10 -5.92
N SER L 255 -52.18 -46.46 -5.78
CA SER L 255 -53.27 -45.61 -6.23
C SER L 255 -53.73 -44.63 -5.16
N CYS L 256 -53.11 -44.65 -3.98
CA CYS L 256 -53.58 -43.85 -2.86
C CYS L 256 -53.26 -42.37 -3.02
N GLY L 257 -52.51 -41.99 -4.05
CA GLY L 257 -52.02 -40.61 -4.08
C GLY L 257 -51.01 -40.46 -2.96
N SER L 258 -51.19 -39.42 -2.13
CA SER L 258 -50.40 -39.28 -0.90
C SER L 258 -51.37 -39.02 0.25
N ASP L 259 -51.99 -40.09 0.75
CA ASP L 259 -52.76 -40.00 1.98
C ASP L 259 -52.30 -41.04 2.99
N PHE L 260 -52.23 -42.28 2.52
CA PHE L 260 -52.02 -43.47 3.34
C PHE L 260 -53.21 -43.75 4.25
N SER L 261 -54.18 -42.85 4.28
CA SER L 261 -55.45 -43.14 4.91
C SER L 261 -56.43 -43.75 3.93
N LYS L 262 -56.08 -43.79 2.65
CA LYS L 262 -56.91 -44.39 1.63
C LYS L 262 -56.21 -45.52 0.90
N ALA L 263 -54.99 -45.85 1.27
CA ALA L 263 -54.33 -47.00 0.69
C ALA L 263 -55.10 -48.26 1.05
N LYS L 264 -55.25 -49.15 0.08
CA LYS L 264 -56.12 -50.31 0.26
C LYS L 264 -55.40 -51.57 0.66
N PHE L 265 -54.07 -51.63 0.53
CA PHE L 265 -53.37 -52.83 0.96
C PHE L 265 -51.89 -52.53 1.11
N LEU L 266 -51.28 -53.23 2.06
CA LEU L 266 -49.85 -53.18 2.29
C LEU L 266 -49.33 -54.59 2.52
N ILE L 267 -48.19 -54.91 1.91
CA ILE L 267 -47.61 -56.24 1.97
C ILE L 267 -46.19 -56.12 2.48
N GLU L 268 -45.84 -56.93 3.46
CA GLU L 268 -44.50 -56.92 4.01
C GLU L 268 -43.94 -58.33 4.03
N THR L 269 -42.67 -58.47 3.66
CA THR L 269 -41.99 -59.75 3.71
C THR L 269 -40.90 -59.70 4.77
N PHE L 270 -40.90 -60.66 5.68
CA PHE L 270 -39.86 -60.69 6.70
C PHE L 270 -39.40 -62.14 6.88
N GLU L 271 -38.55 -62.35 7.88
CA GLU L 271 -37.88 -63.63 8.08
C GLU L 271 -38.06 -64.08 9.52
N SER L 272 -38.31 -65.37 9.71
CA SER L 272 -38.55 -65.91 11.05
C SER L 272 -38.18 -67.39 11.04
N SER L 273 -38.57 -68.08 12.10
CA SER L 273 -38.23 -69.48 12.26
C SER L 273 -39.42 -70.24 12.83
N TYR L 274 -39.37 -71.56 12.68
CA TYR L 274 -40.48 -72.40 13.10
C TYR L 274 -40.71 -72.29 14.60
N ALA L 275 -39.64 -72.29 15.39
CA ALA L 275 -39.79 -72.20 16.83
C ALA L 275 -40.41 -70.88 17.23
N GLU L 276 -39.98 -69.79 16.61
CA GLU L 276 -40.55 -68.48 16.94
C GLU L 276 -42.02 -68.41 16.57
N LEU L 277 -42.37 -68.94 15.40
CA LEU L 277 -43.77 -68.94 15.01
C LEU L 277 -44.61 -69.75 15.99
N LYS L 278 -44.12 -70.91 16.41
CA LYS L 278 -44.86 -71.71 17.37
C LYS L 278 -44.99 -70.99 18.70
N ALA L 279 -43.92 -70.32 19.14
CA ALA L 279 -43.97 -69.61 20.41
C ALA L 279 -45.00 -68.49 20.37
N ASP L 280 -45.06 -67.75 19.27
CA ASP L 280 -46.08 -66.72 19.12
C ASP L 280 -47.38 -67.41 18.75
N GLY L 281 -48.26 -67.59 19.74
CA GLY L 281 -49.46 -68.36 19.52
C GLY L 281 -50.53 -67.66 18.71
N ARG L 282 -50.26 -67.44 17.42
CA ARG L 282 -51.22 -66.76 16.56
C ARG L 282 -51.28 -67.38 15.19
N TYR L 283 -51.06 -68.68 15.07
CA TYR L 283 -50.96 -69.29 13.76
C TYR L 283 -51.55 -70.69 13.79
N LYS L 284 -51.89 -71.19 12.60
CA LYS L 284 -52.42 -72.52 12.43
C LYS L 284 -51.69 -73.20 11.28
N ASN L 285 -51.95 -74.50 11.10
CA ASN L 285 -51.37 -75.29 10.02
C ASN L 285 -49.85 -75.32 10.09
N LEU L 286 -49.27 -75.11 11.27
CA LEU L 286 -47.83 -74.98 11.39
C LEU L 286 -47.09 -76.25 11.01
N ASP L 287 -47.79 -77.38 10.93
CA ASP L 287 -47.15 -78.66 10.69
C ASP L 287 -47.04 -79.01 9.22
N LYS L 288 -47.47 -78.13 8.32
CA LYS L 288 -47.43 -78.38 6.90
C LYS L 288 -46.55 -77.37 6.19
N ILE L 289 -45.41 -77.05 6.80
CA ILE L 289 -44.55 -75.99 6.27
C ILE L 289 -43.45 -76.54 5.37
N GLN L 290 -42.92 -77.73 5.69
CA GLN L 290 -41.82 -78.33 4.96
C GLN L 290 -40.59 -77.41 4.99
N VAL L 291 -40.05 -77.27 6.20
CA VAL L 291 -38.96 -76.34 6.49
C VAL L 291 -37.67 -76.75 5.76
N GLU L 292 -37.70 -77.88 5.08
CA GLU L 292 -36.58 -78.32 4.27
C GLU L 292 -36.63 -77.74 2.86
N GLY L 293 -37.32 -76.62 2.69
CA GLY L 293 -37.58 -76.02 1.40
C GLY L 293 -36.77 -74.77 1.13
N GLN L 294 -37.39 -73.62 1.43
CA GLN L 294 -36.99 -72.31 0.92
C GLN L 294 -35.49 -72.11 0.78
N ASN L 295 -34.73 -72.49 1.82
CA ASN L 295 -33.29 -72.25 1.86
C ASN L 295 -32.94 -70.78 1.72
N LEU L 296 -33.92 -69.90 1.91
CA LEU L 296 -33.73 -68.45 1.81
C LEU L 296 -33.15 -68.07 0.45
N LEU L 297 -33.59 -68.76 -0.61
CA LEU L 297 -33.12 -68.51 -1.96
C LEU L 297 -34.34 -68.33 -2.86
N SER L 298 -34.87 -67.11 -2.90
CA SER L 298 -35.95 -66.74 -3.79
C SER L 298 -35.83 -65.26 -4.11
N GLU L 299 -36.40 -64.87 -5.25
CA GLU L 299 -36.17 -63.52 -5.76
C GLU L 299 -36.75 -62.44 -4.84
N PRO L 300 -38.06 -62.36 -4.62
CA PRO L 300 -38.61 -61.25 -3.85
C PRO L 300 -38.37 -61.33 -2.36
N ASP L 301 -37.53 -62.27 -1.94
CA ASP L 301 -37.46 -62.68 -0.55
C ASP L 301 -36.87 -61.58 0.32
N TYR L 302 -36.74 -61.90 1.59
CA TYR L 302 -36.11 -61.03 2.57
C TYR L 302 -34.73 -60.66 2.07
N THR L 303 -34.51 -59.39 1.76
CA THR L 303 -33.17 -58.93 1.43
C THR L 303 -32.35 -58.85 2.71
N GLY L 304 -31.39 -59.75 2.86
CA GLY L 304 -30.68 -59.90 4.10
C GLY L 304 -29.87 -58.68 4.47
N PRO L 305 -29.32 -58.68 5.70
CA PRO L 305 -28.54 -57.52 6.13
C PRO L 305 -27.36 -57.22 5.22
N SER L 306 -26.72 -58.24 4.68
CA SER L 306 -25.57 -58.07 3.80
C SER L 306 -25.63 -59.16 2.74
N GLU L 307 -24.53 -59.32 2.02
CA GLU L 307 -24.45 -60.39 1.04
C GLU L 307 -23.87 -61.68 1.61
N GLY L 308 -22.91 -61.57 2.52
CA GLY L 308 -22.32 -62.77 3.08
C GLY L 308 -23.31 -63.61 3.87
N VAL L 309 -24.24 -62.94 4.57
CA VAL L 309 -25.20 -63.64 5.42
C VAL L 309 -26.15 -64.52 4.63
N ARG L 310 -26.20 -64.36 3.30
CA ARG L 310 -27.07 -65.20 2.49
C ARG L 310 -26.65 -66.67 2.55
N ASN L 311 -25.40 -66.95 2.89
CA ASN L 311 -24.90 -68.31 2.93
C ASN L 311 -25.00 -68.94 4.31
N PHE L 312 -25.58 -68.25 5.28
CA PHE L 312 -25.63 -68.74 6.65
C PHE L 312 -26.94 -69.47 6.90
N ASP L 313 -26.87 -70.54 7.69
CA ASP L 313 -28.05 -71.30 8.05
C ASP L 313 -27.74 -72.13 9.28
N PHE L 314 -28.79 -72.75 9.83
CA PHE L 314 -28.71 -73.41 11.13
C PHE L 314 -28.80 -74.93 11.07
N GLN L 315 -29.47 -75.48 10.05
CA GLN L 315 -29.62 -76.92 9.85
C GLN L 315 -30.07 -77.64 11.13
N ASP L 316 -31.08 -77.07 11.79
CA ASP L 316 -31.63 -77.65 13.01
C ASP L 316 -33.11 -77.99 12.93
N LYS L 317 -33.83 -77.49 11.92
CA LYS L 317 -35.24 -77.75 11.70
C LYS L 317 -36.10 -77.05 12.74
N SER L 318 -35.46 -76.46 13.75
CA SER L 318 -36.15 -75.63 14.72
C SER L 318 -35.72 -74.19 14.67
N ARG L 319 -34.53 -73.91 14.14
CA ARG L 319 -34.05 -72.56 13.97
C ARG L 319 -33.74 -72.23 12.53
N LYS L 320 -34.14 -73.09 11.59
CA LYS L 320 -33.93 -72.81 10.18
C LYS L 320 -34.74 -71.58 9.79
N ARG L 321 -34.15 -70.76 8.91
CA ARG L 321 -34.75 -69.48 8.55
C ARG L 321 -35.79 -69.64 7.45
N LEU L 322 -36.89 -68.91 7.59
CA LEU L 322 -37.98 -68.95 6.63
C LEU L 322 -38.32 -67.54 6.18
N VAL L 323 -39.15 -67.45 5.15
CA VAL L 323 -39.62 -66.17 4.62
C VAL L 323 -41.14 -66.14 4.73
N VAL L 324 -41.67 -65.08 5.32
CA VAL L 324 -43.09 -64.96 5.62
C VAL L 324 -43.63 -63.70 4.96
N HIS L 325 -44.79 -63.83 4.31
CA HIS L 325 -45.47 -62.70 3.70
C HIS L 325 -46.69 -62.35 4.53
N GLU L 326 -46.90 -61.04 4.74
CA GLU L 326 -48.05 -60.51 5.43
C GLU L 326 -48.77 -59.53 4.53
N TYR L 327 -50.10 -59.54 4.59
CA TYR L 327 -50.95 -58.70 3.76
C TYR L 327 -52.00 -58.09 4.66
N TRP L 328 -51.92 -56.80 4.91
CA TRP L 328 -52.96 -56.06 5.61
C TRP L 328 -53.75 -55.28 4.58
N GLY L 329 -55.07 -55.20 4.77
CA GLY L 329 -55.82 -54.36 3.86
C GLY L 329 -57.32 -54.54 4.02
N TYR L 330 -58.03 -54.22 2.95
CA TYR L 330 -59.47 -54.26 2.91
C TYR L 330 -59.91 -55.22 1.82
N TYR L 331 -61.00 -55.93 2.07
CA TYR L 331 -61.47 -56.90 1.10
C TYR L 331 -62.96 -57.10 1.28
N ASP L 332 -63.59 -57.65 0.24
CA ASP L 332 -65.03 -57.92 0.25
C ASP L 332 -65.24 -59.37 0.69
N ILE L 333 -65.14 -59.59 1.99
CA ILE L 333 -65.20 -60.95 2.53
C ILE L 333 -66.54 -61.60 2.20
N HIS L 334 -67.64 -60.87 2.34
CA HIS L 334 -68.91 -61.37 1.89
C HIS L 334 -69.17 -60.89 0.46
N GLY L 335 -70.33 -61.24 -0.06
CA GLY L 335 -70.70 -60.74 -1.38
C GLY L 335 -71.38 -59.40 -1.38
N ASP L 336 -71.51 -58.78 -0.21
CA ASP L 336 -72.26 -57.54 -0.07
C ASP L 336 -71.61 -56.36 -0.78
N GLY L 337 -70.38 -56.49 -1.22
CA GLY L 337 -69.69 -55.33 -1.76
C GLY L 337 -69.40 -54.29 -0.70
N VAL L 338 -69.08 -54.72 0.51
CA VAL L 338 -68.63 -53.83 1.58
C VAL L 338 -67.29 -54.33 2.06
N LEU L 339 -66.32 -53.44 2.18
CA LEU L 339 -64.97 -53.83 2.53
C LEU L 339 -64.81 -53.96 4.04
N HIS L 340 -64.03 -54.95 4.46
CA HIS L 340 -63.72 -55.14 5.86
C HIS L 340 -62.21 -55.19 6.03
N PRO L 341 -61.71 -54.77 7.20
CA PRO L 341 -60.26 -54.79 7.43
C PRO L 341 -59.79 -56.18 7.82
N ILE L 342 -58.90 -56.76 7.00
CA ILE L 342 -58.43 -58.11 7.22
C ILE L 342 -56.91 -58.15 7.14
N VAL L 343 -56.37 -59.25 7.67
CA VAL L 343 -54.96 -59.57 7.65
C VAL L 343 -54.79 -61.02 7.25
N ALA L 344 -53.84 -61.28 6.36
CA ALA L 344 -53.57 -62.63 5.87
C ALA L 344 -52.07 -62.86 5.82
N THR L 345 -51.63 -63.99 6.34
CA THR L 345 -50.22 -64.29 6.48
C THR L 345 -49.95 -65.68 5.92
N TRP L 346 -48.94 -65.80 5.07
CA TRP L 346 -48.63 -67.10 4.48
C TRP L 346 -47.13 -67.25 4.27
N VAL L 347 -46.71 -68.50 4.21
CA VAL L 347 -45.32 -68.85 3.94
C VAL L 347 -45.29 -69.91 2.84
N GLY L 348 -44.37 -69.74 1.89
CA GLY L 348 -44.28 -70.66 0.79
C GLY L 348 -45.56 -70.75 0.00
N ALA L 349 -46.27 -71.86 0.12
CA ALA L 349 -47.55 -72.04 -0.53
C ALA L 349 -48.66 -72.39 0.46
N VAL L 350 -48.43 -72.18 1.74
CA VAL L 350 -49.38 -72.55 2.79
C VAL L 350 -49.86 -71.28 3.47
N MET L 351 -51.18 -71.15 3.59
CA MET L 351 -51.77 -70.03 4.31
C MET L 351 -51.74 -70.32 5.80
N ILE L 352 -51.15 -69.41 6.57
CA ILE L 352 -50.97 -69.64 8.00
C ILE L 352 -51.95 -68.87 8.85
N ARG L 353 -52.47 -67.75 8.35
CA ARG L 353 -53.33 -66.93 9.20
C ARG L 353 -54.27 -66.12 8.31
N MET L 354 -55.55 -66.10 8.66
CA MET L 354 -56.51 -65.22 8.01
C MET L 354 -57.50 -64.74 9.04
N GLU L 355 -57.63 -63.42 9.17
CA GLU L 355 -58.43 -62.89 10.26
C GLU L 355 -58.85 -61.47 9.94
N GLU L 356 -59.83 -60.98 10.68
CA GLU L 356 -60.10 -59.56 10.64
C GLU L 356 -59.09 -58.80 11.49
N ASN L 357 -58.99 -57.51 11.24
CA ASN L 357 -57.99 -56.70 11.93
C ASN L 357 -58.24 -56.72 13.43
N PRO L 358 -57.26 -57.14 14.24
CA PRO L 358 -57.49 -57.28 15.67
C PRO L 358 -57.15 -56.07 16.52
N PHE L 359 -56.59 -55.03 15.95
CA PHE L 359 -56.22 -53.89 16.77
C PHE L 359 -57.46 -53.04 17.09
N PRO L 360 -57.42 -52.30 18.20
CA PRO L 360 -58.61 -51.54 18.59
C PRO L 360 -59.05 -50.54 17.54
N ASP L 361 -58.12 -49.96 16.81
CA ASP L 361 -58.44 -49.08 15.70
C ASP L 361 -58.26 -49.87 14.42
N LYS L 362 -59.34 -50.06 13.68
CA LYS L 362 -59.29 -50.95 12.53
C LYS L 362 -58.53 -50.32 11.37
N LYS L 363 -57.22 -50.12 11.55
CA LYS L 363 -56.37 -49.54 10.53
C LYS L 363 -55.12 -50.38 10.39
N ILE L 364 -54.31 -50.03 9.39
CA ILE L 364 -53.06 -50.74 9.16
C ILE L 364 -52.03 -50.29 10.20
N PRO L 365 -51.38 -51.19 10.88
CA PRO L 365 -50.46 -50.83 11.96
C PRO L 365 -49.10 -50.32 11.49
N TYR L 366 -49.11 -49.39 10.55
CA TYR L 366 -47.90 -48.80 10.01
C TYR L 366 -48.04 -47.29 9.98
N VAL L 367 -46.90 -46.62 10.01
CA VAL L 367 -46.84 -45.16 9.92
C VAL L 367 -45.77 -44.78 8.92
N VAL L 368 -46.12 -43.93 7.97
CA VAL L 368 -45.22 -43.52 6.90
C VAL L 368 -45.01 -42.02 6.98
N VAL L 369 -43.76 -41.60 6.99
CA VAL L 369 -43.39 -40.19 7.06
C VAL L 369 -42.44 -39.87 5.93
N SER L 370 -42.71 -38.78 5.22
CA SER L 370 -41.89 -38.37 4.09
C SER L 370 -41.00 -37.21 4.52
N TYR L 371 -39.69 -37.35 4.29
CA TYR L 371 -38.73 -36.34 4.70
C TYR L 371 -38.98 -35.03 3.98
N ILE L 372 -38.81 -35.02 2.66
CA ILE L 372 -39.09 -33.88 1.80
C ILE L 372 -40.28 -34.25 0.91
N PRO L 373 -41.38 -33.53 0.97
CA PRO L 373 -42.58 -33.97 0.25
C PRO L 373 -42.42 -33.87 -1.25
N ARG L 374 -43.18 -34.69 -1.96
CA ARG L 374 -43.29 -34.62 -3.41
C ARG L 374 -44.76 -34.54 -3.78
N LYS L 375 -45.03 -34.01 -4.97
CA LYS L 375 -46.40 -33.76 -5.39
C LYS L 375 -47.15 -35.06 -5.56
N ARG L 376 -48.08 -35.34 -4.64
CA ARG L 376 -48.97 -36.48 -4.72
C ARG L 376 -48.18 -37.80 -4.79
N ASP L 377 -47.39 -38.03 -3.75
CA ASP L 377 -46.62 -39.26 -3.67
C ASP L 377 -46.25 -39.51 -2.22
N LEU L 378 -46.24 -40.79 -1.83
CA LEU L 378 -45.93 -41.15 -0.45
C LEU L 378 -44.45 -40.98 -0.17
N TYR L 379 -43.60 -41.47 -1.06
CA TYR L 379 -42.17 -41.42 -0.83
C TYR L 379 -41.64 -40.00 -0.99
N GLY L 380 -40.71 -39.63 -0.12
CA GLY L 380 -40.09 -38.32 -0.17
C GLY L 380 -38.85 -38.32 -1.03
N GLU L 381 -37.98 -37.36 -0.75
CA GLU L 381 -36.68 -37.27 -1.40
C GLU L 381 -35.59 -37.21 -0.35
N SER L 382 -34.48 -37.88 -0.62
CA SER L 382 -33.35 -37.86 0.30
C SER L 382 -32.79 -36.46 0.40
N ASP L 383 -32.04 -36.22 1.47
CA ASP L 383 -31.47 -34.90 1.70
C ASP L 383 -30.48 -34.53 0.60
N GLY L 384 -29.55 -35.44 0.29
CA GLY L 384 -28.56 -35.18 -0.72
C GLY L 384 -28.92 -35.67 -2.10
N ALA L 385 -30.14 -35.39 -2.54
CA ALA L 385 -30.57 -35.81 -3.87
C ALA L 385 -30.18 -34.83 -4.95
N LEU L 386 -29.63 -33.68 -4.60
CA LEU L 386 -29.27 -32.67 -5.59
C LEU L 386 -27.80 -32.31 -5.56
N LEU L 387 -26.98 -33.02 -4.79
CA LEU L 387 -25.57 -32.70 -4.65
C LEU L 387 -24.69 -33.60 -5.49
N ILE L 388 -25.28 -34.46 -6.32
CA ILE L 388 -24.47 -35.43 -7.06
C ILE L 388 -23.52 -34.72 -8.00
N ASP L 389 -24.01 -33.69 -8.70
CA ASP L 389 -23.14 -32.95 -9.61
C ASP L 389 -22.00 -32.30 -8.87
N ASN L 390 -22.28 -31.70 -7.71
CA ASN L 390 -21.23 -31.05 -6.95
C ASN L 390 -20.19 -32.07 -6.50
N GLN L 391 -20.63 -33.22 -6.02
CA GLN L 391 -19.67 -34.23 -5.60
C GLN L 391 -18.80 -34.67 -6.77
N ARG L 392 -19.40 -34.89 -7.93
CA ARG L 392 -18.63 -35.32 -9.09
C ARG L 392 -17.60 -34.27 -9.48
N ILE L 393 -18.02 -33.01 -9.52
CA ILE L 393 -17.10 -31.96 -9.95
C ILE L 393 -15.95 -31.82 -8.97
N ILE L 394 -16.24 -31.85 -7.67
CA ILE L 394 -15.18 -31.71 -6.68
C ILE L 394 -14.21 -32.87 -6.80
N GLY L 395 -14.72 -34.09 -6.95
CA GLY L 395 -13.84 -35.22 -7.14
C GLY L 395 -12.96 -35.07 -8.35
N ALA L 396 -13.53 -34.61 -9.46
CA ALA L 396 -12.75 -34.47 -10.68
C ALA L 396 -11.63 -33.46 -10.50
N VAL L 397 -11.95 -32.31 -9.90
CA VAL L 397 -10.93 -31.28 -9.74
C VAL L 397 -9.81 -31.76 -8.82
N THR L 398 -10.18 -32.42 -7.72
CA THR L 398 -9.15 -32.91 -6.81
C THR L 398 -8.25 -33.93 -7.48
N ARG L 399 -8.85 -34.84 -8.26
CA ARG L 399 -8.04 -35.82 -8.97
C ARG L 399 -7.10 -35.13 -9.95
N GLY L 400 -7.58 -34.09 -10.61
CA GLY L 400 -6.72 -33.37 -11.54
C GLY L 400 -5.52 -32.76 -10.84
N MET L 401 -5.75 -32.13 -9.69
CA MET L 401 -4.64 -31.52 -8.98
C MET L 401 -3.65 -32.57 -8.49
N ILE L 402 -4.14 -33.69 -7.99
CA ILE L 402 -3.26 -34.78 -7.58
C ILE L 402 -2.41 -35.24 -8.74
N ASP L 403 -3.04 -35.44 -9.90
CA ASP L 403 -2.28 -35.93 -11.06
C ASP L 403 -1.19 -34.94 -11.44
N THR L 404 -1.54 -33.64 -11.46
CA THR L 404 -0.55 -32.64 -11.83
C THR L 404 0.64 -32.68 -10.88
N MET L 405 0.38 -32.80 -9.57
CA MET L 405 1.50 -32.78 -8.64
C MET L 405 2.29 -34.08 -8.66
N ALA L 406 1.64 -35.20 -8.98
CA ALA L 406 2.28 -36.49 -8.83
C ALA L 406 3.07 -36.90 -10.06
N ARG L 407 2.51 -36.75 -11.25
CA ARG L 407 3.22 -37.16 -12.44
C ARG L 407 4.34 -36.22 -12.83
N SER L 408 4.69 -35.28 -11.96
CA SER L 408 5.75 -34.32 -12.26
C SER L 408 7.10 -34.99 -12.06
N ALA L 409 8.16 -34.20 -12.10
CA ALA L 409 9.52 -34.71 -11.97
C ALA L 409 10.21 -34.20 -10.72
N ASN L 410 9.44 -33.99 -9.66
CA ASN L 410 10.01 -33.46 -8.43
C ASN L 410 11.05 -34.42 -7.87
N GLY L 411 12.17 -33.85 -7.43
CA GLY L 411 13.22 -34.61 -6.80
C GLY L 411 14.42 -34.89 -7.67
N GLN L 412 14.24 -34.90 -8.99
CA GLN L 412 15.35 -35.20 -9.88
C GLN L 412 16.14 -33.94 -10.19
N VAL L 413 17.43 -34.11 -10.44
CA VAL L 413 18.33 -33.01 -10.75
C VAL L 413 18.99 -33.29 -12.10
N GLY L 414 19.01 -32.29 -12.96
CA GLY L 414 19.56 -32.42 -14.29
C GLY L 414 20.75 -31.50 -14.48
N VAL L 415 21.75 -31.98 -15.19
CA VAL L 415 23.00 -31.25 -15.40
C VAL L 415 23.27 -31.15 -16.89
N MET L 416 23.65 -29.97 -17.35
CA MET L 416 24.01 -29.79 -18.74
C MET L 416 25.23 -30.62 -19.09
N LYS L 417 25.17 -31.32 -20.22
CA LYS L 417 26.33 -32.07 -20.68
C LYS L 417 27.47 -31.10 -21.00
N GLY L 418 28.68 -31.51 -20.69
CA GLY L 418 29.84 -30.72 -21.01
C GLY L 418 30.11 -29.56 -20.09
N ALA L 419 29.35 -29.41 -19.01
CA ALA L 419 29.66 -28.37 -18.04
C ALA L 419 30.65 -28.85 -16.99
N LEU L 420 30.67 -30.14 -16.69
CA LEU L 420 31.59 -30.71 -15.73
C LEU L 420 32.34 -31.87 -16.36
N ASP L 421 33.65 -31.93 -16.12
CA ASP L 421 34.44 -33.05 -16.56
C ASP L 421 34.18 -34.24 -15.62
N VAL L 422 34.92 -35.33 -15.79
CA VAL L 422 34.66 -36.52 -14.99
C VAL L 422 35.03 -36.27 -13.52
N THR L 423 36.22 -35.74 -13.27
CA THR L 423 36.66 -35.54 -11.90
C THR L 423 35.75 -34.55 -11.18
N ASN L 424 35.44 -33.44 -11.84
CA ASN L 424 34.57 -32.45 -11.20
C ASN L 424 33.17 -33.00 -11.01
N ARG L 425 32.69 -33.83 -11.94
CA ARG L 425 31.41 -34.47 -11.77
C ARG L 425 31.41 -35.35 -10.52
N ARG L 426 32.49 -36.11 -10.33
CA ARG L 426 32.57 -36.95 -9.15
C ARG L 426 32.62 -36.13 -7.88
N ARG L 427 33.38 -35.04 -7.89
CA ARG L 427 33.42 -34.17 -6.71
C ARG L 427 32.04 -33.61 -6.40
N PHE L 428 31.34 -33.14 -7.43
CA PHE L 428 30.02 -32.57 -7.23
C PHE L 428 29.06 -33.60 -6.66
N ASP L 429 29.12 -34.83 -7.17
CA ASP L 429 28.29 -35.87 -6.60
C ASP L 429 28.69 -36.18 -5.16
N ARG L 430 29.98 -36.23 -4.87
CA ARG L 430 30.43 -36.56 -3.53
C ARG L 430 29.94 -35.53 -2.52
N GLY L 431 29.94 -34.26 -2.90
CA GLY L 431 29.39 -33.25 -2.03
C GLY L 431 30.41 -32.28 -1.51
N GLU L 432 31.54 -32.16 -2.21
CA GLU L 432 32.57 -31.22 -1.85
C GLU L 432 32.64 -30.12 -2.91
N ASN L 433 33.57 -29.19 -2.73
CA ASN L 433 33.70 -28.10 -3.68
C ASN L 433 34.21 -28.63 -5.02
N TYR L 434 33.96 -27.86 -6.06
CA TYR L 434 34.22 -28.34 -7.41
C TYR L 434 34.56 -27.16 -8.31
N GLU L 435 34.67 -27.43 -9.60
CA GLU L 435 34.97 -26.41 -10.59
C GLU L 435 34.20 -26.72 -11.86
N PHE L 436 33.75 -25.67 -12.54
CA PHE L 436 32.93 -25.83 -13.74
C PHE L 436 33.55 -25.07 -14.90
N ASN L 437 33.34 -25.60 -16.10
CA ASN L 437 33.93 -25.02 -17.29
C ASN L 437 33.35 -23.64 -17.56
N PRO L 438 34.13 -22.75 -18.18
CA PRO L 438 33.64 -21.40 -18.43
C PRO L 438 32.48 -21.39 -19.41
N GLY L 439 31.67 -20.35 -19.30
CA GLY L 439 30.52 -20.18 -20.16
C GLY L 439 29.28 -20.91 -19.71
N ALA L 440 29.32 -21.61 -18.58
CA ALA L 440 28.15 -22.31 -18.07
C ALA L 440 28.07 -22.04 -16.57
N ASP L 441 27.39 -20.96 -16.20
CA ASP L 441 27.22 -20.64 -14.79
C ASP L 441 26.28 -21.67 -14.15
N PRO L 442 26.52 -22.06 -12.91
CA PRO L 442 25.72 -23.13 -12.31
C PRO L 442 24.25 -22.82 -12.25
N ARG L 443 23.88 -21.55 -12.04
CA ARG L 443 22.47 -21.21 -11.87
C ARG L 443 21.65 -21.55 -13.10
N ALA L 444 22.29 -21.73 -14.26
CA ALA L 444 21.62 -22.25 -15.43
C ALA L 444 22.07 -23.64 -15.81
N ALA L 445 23.26 -24.06 -15.40
CA ALA L 445 23.77 -25.36 -15.80
C ALA L 445 23.09 -26.48 -15.03
N VAL L 446 22.82 -26.28 -13.75
CA VAL L 446 22.14 -27.29 -12.95
C VAL L 446 20.72 -26.84 -12.70
N HIS L 447 19.84 -27.80 -12.47
CA HIS L 447 18.44 -27.49 -12.25
C HIS L 447 17.83 -28.58 -11.40
N MET L 448 17.04 -28.18 -10.41
CA MET L 448 16.45 -29.10 -9.44
C MET L 448 14.94 -28.98 -9.55
N HIS L 449 14.31 -29.95 -10.18
CA HIS L 449 12.88 -29.88 -10.43
C HIS L 449 12.10 -29.87 -9.13
N THR L 450 10.97 -29.17 -9.13
CA THR L 450 10.08 -29.08 -7.99
C THR L 450 8.65 -29.23 -8.47
N PHE L 451 7.71 -29.16 -7.53
CA PHE L 451 6.31 -29.26 -7.87
C PHE L 451 5.90 -28.10 -8.77
N PRO L 452 5.02 -28.33 -9.73
CA PRO L 452 4.55 -27.22 -10.57
C PRO L 452 3.64 -26.30 -9.79
N GLU L 453 3.12 -25.27 -10.44
CA GLU L 453 2.31 -24.26 -9.79
C GLU L 453 0.84 -24.49 -10.10
N ILE L 454 0.03 -24.61 -9.06
CA ILE L 454 -1.42 -24.76 -9.24
C ILE L 454 -1.99 -23.42 -9.67
N PRO L 455 -2.78 -23.37 -10.75
CA PRO L 455 -3.37 -22.11 -11.16
C PRO L 455 -4.46 -21.66 -10.20
N GLN L 456 -4.73 -20.38 -10.23
CA GLN L 456 -5.67 -19.78 -9.29
C GLN L 456 -7.10 -20.08 -9.60
N SER L 457 -7.43 -21.02 -10.49
CA SER L 457 -8.81 -21.27 -10.83
C SER L 457 -9.41 -22.48 -10.13
N ALA L 458 -8.60 -23.50 -9.86
CA ALA L 458 -9.11 -24.68 -9.18
C ALA L 458 -9.63 -24.34 -7.80
N GLN L 459 -8.90 -23.48 -7.07
CA GLN L 459 -9.36 -23.06 -5.76
C GLN L 459 -10.72 -22.42 -5.85
N TYR L 460 -10.89 -21.50 -6.80
CA TYR L 460 -12.16 -20.81 -6.95
C TYR L 460 -13.27 -21.79 -7.28
N MET L 461 -13.00 -22.76 -8.15
CA MET L 461 -14.05 -23.68 -8.55
C MET L 461 -14.49 -24.53 -7.39
N ILE L 462 -13.54 -25.02 -6.58
CA ILE L 462 -13.91 -25.82 -5.42
C ILE L 462 -14.72 -24.98 -4.45
N ASN L 463 -14.31 -23.74 -4.21
CA ASN L 463 -15.06 -22.91 -3.29
C ASN L 463 -16.49 -22.69 -3.80
N LEU L 464 -16.63 -22.47 -5.09
CA LEU L 464 -17.95 -22.24 -5.66
C LEU L 464 -18.83 -23.47 -5.47
N GLN L 465 -18.31 -24.65 -5.77
CA GLN L 465 -19.11 -25.86 -5.64
C GLN L 465 -19.52 -26.09 -4.20
N GLN L 466 -18.59 -25.91 -3.26
CA GLN L 466 -18.92 -26.14 -1.86
C GLN L 466 -19.97 -25.16 -1.38
N ALA L 467 -19.83 -23.89 -1.75
CA ALA L 467 -20.81 -22.89 -1.34
C ALA L 467 -22.18 -23.23 -1.90
N GLU L 468 -22.24 -23.67 -3.16
CA GLU L 468 -23.52 -24.04 -3.73
C GLU L 468 -24.16 -25.20 -2.98
N ALA L 469 -23.35 -26.21 -2.63
CA ALA L 469 -23.92 -27.35 -1.90
C ALA L 469 -24.44 -26.92 -0.54
N GLU L 470 -23.70 -26.07 0.16
CA GLU L 470 -24.14 -25.60 1.47
C GLU L 470 -25.44 -24.81 1.35
N SER L 471 -25.54 -23.96 0.33
CA SER L 471 -26.78 -23.21 0.13
C SER L 471 -27.94 -24.14 -0.16
N MET L 472 -27.71 -25.16 -0.99
CA MET L 472 -28.79 -26.08 -1.33
C MET L 472 -29.31 -26.79 -0.10
N THR L 473 -28.41 -27.41 0.67
CA THR L 473 -28.87 -28.21 1.81
C THR L 473 -29.42 -27.33 2.92
N GLY L 474 -28.70 -26.27 3.27
CA GLY L 474 -29.11 -25.42 4.36
C GLY L 474 -28.37 -25.64 5.66
N VAL L 475 -27.36 -26.50 5.67
CA VAL L 475 -26.54 -26.73 6.85
C VAL L 475 -25.09 -26.35 6.52
N LYS L 476 -24.54 -25.44 7.31
CA LYS L 476 -23.20 -24.93 7.04
C LYS L 476 -22.11 -25.89 7.47
N ALA L 477 -22.40 -26.77 8.43
CA ALA L 477 -21.50 -27.84 8.84
C ALA L 477 -20.20 -27.34 9.43
N PHE L 478 -20.03 -26.03 9.54
CA PHE L 478 -18.82 -25.42 10.06
C PHE L 478 -17.58 -26.10 9.49
N ASN L 479 -17.49 -26.01 8.17
CA ASN L 479 -16.59 -26.86 7.40
C ASN L 479 -15.89 -25.99 6.35
N ALA L 480 -15.28 -26.62 5.36
CA ALA L 480 -14.49 -25.94 4.36
C ALA L 480 -13.41 -25.10 5.02
N GLY L 481 -12.77 -25.68 6.02
CA GLY L 481 -11.82 -25.00 6.86
C GLY L 481 -11.75 -25.70 8.21
N ILE L 482 -11.24 -24.97 9.20
CA ILE L 482 -11.25 -25.49 10.56
C ILE L 482 -12.68 -25.74 11.00
N SER L 483 -12.91 -26.92 11.60
CA SER L 483 -14.25 -27.23 12.10
C SER L 483 -14.72 -26.18 13.08
N GLY L 484 -13.79 -25.60 13.84
CA GLY L 484 -14.06 -24.40 14.59
C GLY L 484 -13.85 -23.18 13.71
N ALA L 485 -14.69 -23.01 12.70
CA ALA L 485 -14.52 -21.94 11.74
C ALA L 485 -14.55 -20.57 12.42
N ALA L 486 -13.93 -19.60 11.75
CA ALA L 486 -13.78 -18.25 12.28
C ALA L 486 -13.06 -18.26 13.63
N LEU L 487 -11.80 -18.69 13.59
CA LEU L 487 -10.97 -18.76 14.80
C LEU L 487 -10.53 -17.36 15.25
N GLY L 488 -11.54 -16.55 15.55
CA GLY L 488 -11.37 -15.25 16.16
C GLY L 488 -11.52 -14.11 15.18
N ASP L 489 -12.74 -13.59 15.10
CA ASP L 489 -13.03 -12.27 14.55
C ASP L 489 -14.09 -11.53 15.35
N THR L 490 -14.93 -12.23 16.11
CA THR L 490 -15.96 -11.65 16.96
C THR L 490 -16.29 -12.67 18.03
N ALA L 491 -16.65 -12.18 19.22
CA ALA L 491 -16.95 -13.07 20.33
C ALA L 491 -18.09 -14.03 19.98
N THR L 492 -19.11 -13.52 19.30
CA THR L 492 -20.21 -14.39 18.88
C THR L 492 -19.82 -15.29 17.73
N ALA L 493 -18.98 -14.82 16.82
CA ALA L 493 -18.62 -15.59 15.63
C ALA L 493 -17.75 -16.80 15.96
N VAL L 494 -17.21 -16.90 17.17
CA VAL L 494 -16.52 -18.11 17.59
C VAL L 494 -17.39 -19.00 18.47
N ARG L 495 -18.47 -18.46 19.05
CA ARG L 495 -19.34 -19.28 19.88
C ARG L 495 -20.07 -20.32 19.04
N GLY L 496 -20.44 -19.98 17.81
CA GLY L 496 -21.18 -20.91 16.97
C GLY L 496 -20.40 -22.17 16.67
N ALA L 497 -19.10 -22.02 16.39
CA ALA L 497 -18.29 -23.18 16.02
C ALA L 497 -18.21 -24.19 17.15
N LEU L 498 -17.88 -23.73 18.36
CA LEU L 498 -17.81 -24.61 19.50
C LEU L 498 -19.18 -25.22 19.81
N ASP L 499 -20.24 -24.43 19.61
CA ASP L 499 -21.59 -24.95 19.81
C ASP L 499 -21.87 -26.12 18.89
N ALA L 500 -21.58 -25.97 17.60
CA ALA L 500 -21.84 -27.05 16.66
C ALA L 500 -20.99 -28.27 16.97
N ALA L 501 -19.71 -28.06 17.32
CA ALA L 501 -18.86 -29.19 17.64
C ALA L 501 -19.40 -29.96 18.84
N SER L 502 -19.78 -29.25 19.89
CA SER L 502 -20.32 -29.92 21.08
C SER L 502 -21.61 -30.65 20.74
N LYS L 503 -22.48 -30.02 19.95
CA LYS L 503 -23.72 -30.65 19.59
C LYS L 503 -23.48 -31.94 18.83
N ARG L 504 -22.44 -31.96 17.98
CA ARG L 504 -22.13 -33.20 17.28
C ARG L 504 -21.59 -34.25 18.24
N GLU L 505 -20.73 -33.85 19.18
CA GLU L 505 -20.20 -34.82 20.14
C GLU L 505 -21.30 -35.44 20.99
N LEU L 506 -22.37 -34.69 21.21
CA LEU L 506 -23.38 -35.11 22.16
C LEU L 506 -24.00 -36.46 21.79
N GLY L 507 -24.19 -36.72 20.49
CA GLY L 507 -24.81 -37.98 20.11
C GLY L 507 -23.97 -39.18 20.50
N ILE L 508 -22.68 -39.12 20.22
CA ILE L 508 -21.78 -40.21 20.61
C ILE L 508 -21.79 -40.36 22.12
N LEU L 509 -21.75 -39.23 22.83
CA LEU L 509 -21.79 -39.30 24.28
C LEU L 509 -23.04 -40.03 24.75
N ARG L 510 -24.18 -39.75 24.11
CA ARG L 510 -25.42 -40.38 24.55
C ARG L 510 -25.42 -41.88 24.27
N ARG L 511 -24.86 -42.30 23.14
CA ARG L 511 -24.79 -43.73 22.87
C ARG L 511 -23.96 -44.44 23.92
N LEU L 512 -22.79 -43.89 24.24
CA LEU L 512 -21.96 -44.52 25.27
C LEU L 512 -22.67 -44.54 26.61
N SER L 513 -23.38 -43.46 26.94
CA SER L 513 -24.12 -43.41 28.18
C SER L 513 -25.16 -44.51 28.24
N ALA L 514 -25.86 -44.75 27.11
CA ALA L 514 -26.84 -45.82 27.09
C ALA L 514 -26.21 -47.17 27.37
N GLY L 515 -25.04 -47.41 26.78
CA GLY L 515 -24.34 -48.65 27.08
C GLY L 515 -24.04 -48.81 28.56
N ILE L 516 -23.54 -47.73 29.18
CA ILE L 516 -23.21 -47.79 30.59
C ILE L 516 -24.45 -48.07 31.43
N ILE L 517 -25.56 -47.41 31.08
CA ILE L 517 -26.81 -47.63 31.82
C ILE L 517 -27.22 -49.09 31.75
N GLU L 518 -27.10 -49.70 30.57
CA GLU L 518 -27.47 -51.10 30.45
C GLU L 518 -26.60 -51.98 31.35
N ILE L 519 -25.29 -51.71 31.36
CA ILE L 519 -24.41 -52.48 32.24
C ILE L 519 -24.87 -52.34 33.69
N GLY L 520 -25.19 -51.12 34.09
CA GLY L 520 -25.60 -50.89 35.46
C GLY L 520 -26.87 -51.64 35.82
N ARG L 521 -27.84 -51.67 34.90
CA ARG L 521 -29.06 -52.39 35.19
C ARG L 521 -28.81 -53.88 35.35
N LYS L 522 -27.95 -54.45 34.51
CA LYS L 522 -27.60 -55.85 34.69
C LYS L 522 -26.95 -56.09 36.06
N ILE L 523 -26.07 -55.18 36.46
CA ILE L 523 -25.39 -55.35 37.75
C ILE L 523 -26.40 -55.30 38.89
N ILE L 524 -27.36 -54.39 38.81
CA ILE L 524 -28.38 -54.31 39.85
C ILE L 524 -29.15 -55.62 39.92
N ALA L 525 -29.53 -56.14 38.76
CA ALA L 525 -30.27 -57.40 38.75
C ALA L 525 -29.48 -58.50 39.41
N MET L 526 -28.18 -58.59 39.15
CA MET L 526 -27.39 -59.64 39.78
C MET L 526 -27.25 -59.40 41.28
N ASN L 527 -27.07 -58.15 41.70
CA ASN L 527 -27.00 -57.86 43.13
C ASN L 527 -28.28 -58.27 43.83
N ALA L 528 -29.40 -58.27 43.12
CA ALA L 528 -30.68 -58.51 43.76
C ALA L 528 -30.70 -59.81 44.53
N GLU L 529 -30.15 -60.88 43.96
CA GLU L 529 -30.28 -62.19 44.58
C GLU L 529 -28.96 -62.82 45.00
N PHE L 530 -27.87 -62.59 44.27
CA PHE L 530 -26.62 -63.25 44.63
C PHE L 530 -26.03 -62.74 45.92
N LEU L 531 -26.52 -61.63 46.44
CA LEU L 531 -25.90 -60.96 47.58
C LEU L 531 -26.80 -61.09 48.80
N ASP L 532 -26.19 -61.11 49.97
CA ASP L 532 -26.89 -61.43 51.21
C ASP L 532 -27.24 -60.18 51.99
N ASP L 533 -28.29 -60.29 52.80
CA ASP L 533 -28.79 -59.16 53.56
C ASP L 533 -27.75 -58.66 54.55
N VAL L 534 -27.03 -59.57 55.20
CA VAL L 534 -26.00 -59.13 56.13
C VAL L 534 -24.90 -58.38 55.40
N GLU L 535 -24.58 -58.82 54.18
CA GLU L 535 -23.58 -58.11 53.39
C GLU L 535 -24.05 -56.72 53.02
N VAL L 536 -25.32 -56.57 52.66
CA VAL L 536 -25.82 -55.25 52.33
C VAL L 536 -25.87 -54.35 53.55
N VAL L 537 -26.23 -54.93 54.70
CA VAL L 537 -26.29 -54.16 55.93
C VAL L 537 -24.90 -53.68 56.31
N ARG L 538 -23.89 -54.54 56.15
CA ARG L 538 -22.52 -54.16 56.49
C ARG L 538 -22.11 -52.88 55.78
N ILE L 539 -22.65 -52.64 54.59
CA ILE L 539 -22.33 -51.42 53.85
C ILE L 539 -23.24 -50.28 54.24
N THR L 540 -24.55 -50.48 54.21
CA THR L 540 -25.47 -49.36 54.34
C THR L 540 -25.62 -48.88 55.78
N ASN L 541 -25.41 -49.77 56.75
CA ASN L 541 -25.65 -49.48 58.16
C ASN L 541 -27.10 -49.04 58.39
N GLU L 542 -28.02 -49.62 57.64
CA GLU L 542 -29.44 -49.39 57.84
C GLU L 542 -30.16 -50.73 57.77
N HIS L 543 -31.37 -50.76 58.32
CA HIS L 543 -32.12 -52.00 58.33
C HIS L 543 -32.42 -52.44 56.91
N PHE L 544 -32.30 -53.74 56.67
CA PHE L 544 -32.44 -54.27 55.32
C PHE L 544 -33.84 -53.99 54.78
N VAL L 545 -33.89 -53.51 53.55
CA VAL L 545 -35.15 -53.28 52.87
C VAL L 545 -35.45 -54.52 52.04
N ASP L 546 -36.67 -55.04 52.17
CA ASP L 546 -37.04 -56.25 51.46
C ASP L 546 -36.97 -56.03 49.95
N ILE L 547 -37.07 -57.12 49.22
CA ILE L 547 -36.89 -57.12 47.78
C ILE L 547 -38.18 -57.61 47.13
N ARG L 548 -38.57 -56.95 46.04
CA ARG L 548 -39.77 -57.34 45.30
C ARG L 548 -39.41 -58.43 44.31
N ARG L 549 -40.13 -59.54 44.35
CA ARG L 549 -39.80 -60.68 43.52
C ARG L 549 -40.31 -60.53 42.09
N ASP L 550 -41.23 -59.60 41.84
CA ASP L 550 -41.74 -59.41 40.49
C ASP L 550 -40.63 -59.03 39.53
N ASP L 551 -40.02 -57.87 39.77
CA ASP L 551 -38.89 -57.39 38.99
C ASP L 551 -37.67 -57.34 39.89
N LEU L 552 -36.50 -57.61 39.32
CA LEU L 552 -35.26 -57.51 40.07
C LEU L 552 -34.35 -56.41 39.54
N ALA L 553 -34.51 -55.99 38.30
CA ALA L 553 -33.67 -54.95 37.70
C ALA L 553 -34.37 -53.60 37.69
N GLY L 554 -35.29 -53.36 38.62
CA GLY L 554 -36.08 -52.16 38.55
C GLY L 554 -37.11 -52.26 37.46
N ASN L 555 -37.06 -51.35 36.49
CA ASN L 555 -37.99 -51.33 35.35
C ASN L 555 -39.39 -51.00 35.81
N PHE L 556 -39.59 -50.90 37.12
CA PHE L 556 -40.85 -50.50 37.70
C PHE L 556 -40.71 -49.47 38.80
N ASP L 557 -39.54 -49.36 39.41
CA ASP L 557 -39.40 -48.49 40.57
C ASP L 557 -38.08 -47.74 40.62
N LEU L 558 -37.21 -47.87 39.63
CA LEU L 558 -35.90 -47.21 39.66
C LEU L 558 -35.63 -46.52 38.33
N LYS L 559 -35.15 -45.29 38.41
CA LYS L 559 -34.67 -44.55 37.25
C LYS L 559 -33.17 -44.38 37.37
N LEU L 560 -32.45 -44.78 36.33
CA LEU L 560 -31.00 -44.90 36.36
C LEU L 560 -30.39 -43.92 35.38
N ASP L 561 -29.45 -43.11 35.84
CA ASP L 561 -28.83 -42.11 34.97
C ASP L 561 -27.44 -41.78 35.48
N ILE L 562 -26.66 -41.15 34.62
CA ILE L 562 -25.29 -40.77 34.94
C ILE L 562 -25.30 -39.51 35.77
N SER L 563 -24.63 -39.54 36.93
CA SER L 563 -24.58 -38.38 37.79
C SER L 563 -23.46 -37.44 37.36
N THR L 564 -23.70 -36.15 37.52
CA THR L 564 -22.71 -35.14 37.21
C THR L 564 -22.78 -33.97 38.20
N ALA L 565 -21.64 -33.28 38.31
CA ALA L 565 -21.48 -32.28 39.35
C ALA L 565 -22.48 -31.14 39.20
N GLU L 566 -22.76 -30.75 37.95
CA GLU L 566 -23.67 -29.63 37.75
C GLU L 566 -25.10 -29.98 38.18
N GLU L 567 -25.54 -31.22 37.92
CA GLU L 567 -26.85 -31.63 38.43
C GLU L 567 -26.84 -31.69 39.95
N ASP L 568 -25.74 -32.15 40.54
CA ASP L 568 -25.67 -32.14 42.00
C ASP L 568 -25.80 -30.72 42.54
N ASN L 569 -25.11 -29.76 41.92
CA ASN L 569 -25.20 -28.38 42.35
C ASN L 569 -26.61 -27.84 42.17
N ALA L 570 -27.25 -28.20 41.06
CA ALA L 570 -28.63 -27.76 40.84
C ALA L 570 -29.54 -28.28 41.93
N LYS L 571 -29.40 -29.56 42.29
CA LYS L 571 -30.22 -30.13 43.34
C LYS L 571 -29.99 -29.42 44.66
N VAL L 572 -28.73 -29.16 44.99
CA VAL L 572 -28.43 -28.49 46.25
C VAL L 572 -29.05 -27.09 46.27
N ASN L 573 -28.90 -26.35 45.17
CA ASN L 573 -29.44 -25.01 45.11
C ASN L 573 -30.95 -25.01 45.25
N ASP L 574 -31.62 -25.95 44.56
CA ASP L 574 -33.07 -26.02 44.68
C ASP L 574 -33.48 -26.31 46.11
N LEU L 575 -32.81 -27.26 46.75
CA LEU L 575 -33.16 -27.59 48.13
C LEU L 575 -32.98 -26.38 49.04
N THR L 576 -31.83 -25.72 48.94
CA THR L 576 -31.57 -24.57 49.80
C THR L 576 -32.59 -23.48 49.60
N PHE L 577 -32.83 -23.11 48.33
CA PHE L 577 -33.76 -22.03 48.06
C PHE L 577 -35.16 -22.36 48.55
N MET L 578 -35.62 -23.57 48.27
CA MET L 578 -37.01 -23.85 48.52
C MET L 578 -37.27 -24.09 50.00
N LEU L 579 -36.25 -24.57 50.72
CA LEU L 579 -36.30 -24.55 52.18
C LEU L 579 -36.37 -23.13 52.71
N GLN L 580 -35.47 -22.25 52.22
CA GLN L 580 -35.41 -20.92 52.80
C GLN L 580 -36.70 -20.14 52.52
N THR L 581 -37.34 -20.40 51.38
CA THR L 581 -38.65 -19.83 51.10
C THR L 581 -39.57 -20.97 50.68
N MET L 582 -40.09 -21.69 51.67
CA MET L 582 -41.19 -22.60 51.46
C MET L 582 -42.49 -22.09 52.04
N GLY L 583 -42.51 -21.74 53.32
CA GLY L 583 -43.69 -21.22 53.95
C GLY L 583 -43.86 -21.69 55.37
N PRO L 584 -44.96 -21.29 56.00
CA PRO L 584 -45.19 -21.65 57.40
C PRO L 584 -45.75 -23.04 57.56
N ASN L 585 -45.70 -23.84 56.48
CA ASN L 585 -46.27 -25.18 56.49
C ASN L 585 -45.75 -25.99 57.68
N MET L 586 -46.62 -26.81 58.24
CA MET L 586 -46.30 -27.52 59.47
C MET L 586 -45.43 -28.72 59.14
N ASP L 587 -45.31 -29.62 60.12
CA ASP L 587 -44.45 -30.80 60.04
C ASP L 587 -42.99 -30.37 59.90
N PRO L 588 -42.42 -29.74 60.92
CA PRO L 588 -41.00 -29.35 60.83
C PRO L 588 -40.07 -30.53 60.72
N MET L 589 -40.57 -31.74 61.00
CA MET L 589 -39.82 -32.93 60.69
C MET L 589 -39.36 -32.91 59.24
N MET L 590 -40.23 -32.44 58.34
CA MET L 590 -39.87 -32.38 56.93
C MET L 590 -38.71 -31.44 56.69
N ALA L 591 -38.72 -30.27 57.33
CA ALA L 591 -37.60 -29.35 57.18
C ALA L 591 -36.32 -29.98 57.69
N GLN L 592 -36.41 -30.71 58.80
CA GLN L 592 -35.24 -31.43 59.30
C GLN L 592 -34.74 -32.44 58.28
N GLN L 593 -35.65 -33.18 57.66
CA GLN L 593 -35.24 -34.16 56.65
C GLN L 593 -34.49 -33.47 55.52
N ILE L 594 -35.03 -32.34 55.06
CA ILE L 594 -34.38 -31.62 53.96
C ILE L 594 -32.98 -31.19 54.37
N MET L 595 -32.86 -30.54 55.53
CA MET L 595 -31.57 -30.02 55.95
C MET L 595 -30.56 -31.14 56.11
N GLY L 596 -31.01 -32.28 56.65
CA GLY L 596 -30.14 -33.43 56.72
C GLY L 596 -29.70 -33.91 55.35
N GLN L 597 -30.58 -33.80 54.36
CA GLN L 597 -30.19 -34.20 53.01
C GLN L 597 -29.12 -33.26 52.45
N ILE L 598 -29.22 -31.95 52.73
CA ILE L 598 -28.14 -31.07 52.29
C ILE L 598 -26.83 -31.44 52.99
N MET L 599 -26.88 -31.71 54.30
CA MET L 599 -25.69 -32.21 54.97
C MET L 599 -25.10 -33.42 54.26
N GLU L 600 -25.95 -34.40 53.96
CA GLU L 600 -25.44 -35.64 53.36
C GLU L 600 -24.86 -35.38 51.99
N LEU L 601 -25.50 -34.53 51.19
CA LEU L 601 -24.95 -34.19 49.89
C LEU L 601 -23.63 -33.45 50.03
N LYS L 602 -23.46 -32.70 51.11
CA LYS L 602 -22.19 -32.00 51.35
C LYS L 602 -21.22 -32.84 52.18
N LYS L 603 -21.53 -34.12 52.39
CA LYS L 603 -20.60 -35.09 52.95
C LYS L 603 -20.23 -34.80 54.41
N MET L 604 -21.26 -34.66 55.23
CA MET L 604 -21.10 -34.71 56.69
C MET L 604 -22.18 -35.62 57.26
N PRO L 605 -22.08 -36.92 57.01
CA PRO L 605 -23.16 -37.84 57.39
C PRO L 605 -23.47 -37.84 58.87
N ASP L 606 -22.47 -37.65 59.73
CA ASP L 606 -22.75 -37.58 61.17
C ASP L 606 -23.68 -36.42 61.50
N PHE L 607 -23.37 -35.23 60.98
CA PHE L 607 -24.25 -34.09 61.19
C PHE L 607 -25.62 -34.35 60.57
N ALA L 608 -25.64 -35.00 59.40
CA ALA L 608 -26.90 -35.28 58.75
C ALA L 608 -27.80 -36.13 59.64
N LYS L 609 -27.25 -37.23 60.15
CA LYS L 609 -28.05 -38.10 61.00
C LYS L 609 -28.48 -37.38 62.26
N ARG L 610 -27.56 -36.64 62.88
CA ARG L 610 -27.91 -35.97 64.13
C ARG L 610 -29.04 -34.97 63.92
N ILE L 611 -28.98 -34.20 62.83
CA ILE L 611 -30.03 -33.23 62.57
C ILE L 611 -31.34 -33.94 62.27
N ARG L 612 -31.32 -34.93 61.38
CA ARG L 612 -32.57 -35.55 60.98
C ARG L 612 -33.23 -36.28 62.13
N GLU L 613 -32.45 -36.76 63.10
CA GLU L 613 -33.02 -37.41 64.27
C GLU L 613 -33.23 -36.46 65.43
N PHE L 614 -32.80 -35.21 65.30
CA PHE L 614 -32.94 -34.26 66.40
C PHE L 614 -34.42 -33.97 66.67
N GLN L 615 -34.77 -33.96 67.95
CA GLN L 615 -36.14 -33.70 68.38
C GLN L 615 -36.21 -32.37 69.10
N PRO L 616 -36.88 -31.36 68.55
CA PRO L 616 -37.02 -30.09 69.27
C PRO L 616 -37.84 -30.25 70.54
N GLN L 617 -37.53 -29.43 71.53
CA GLN L 617 -38.24 -29.44 72.81
C GLN L 617 -38.64 -28.02 73.17
N PRO L 618 -39.87 -27.85 73.63
CA PRO L 618 -40.37 -26.53 73.99
C PRO L 618 -39.92 -26.15 75.40
N ASP L 619 -39.98 -24.86 75.69
CA ASP L 619 -39.57 -24.32 76.97
C ASP L 619 -40.76 -24.36 77.94
N PRO L 620 -40.61 -23.70 79.09
CA PRO L 620 -41.66 -23.64 80.10
C PRO L 620 -42.45 -22.34 80.03
N ILE L 621 -42.63 -21.79 78.83
CA ILE L 621 -43.41 -20.58 78.66
C ILE L 621 -44.89 -20.84 78.48
N ALA L 622 -45.30 -22.10 78.34
CA ALA L 622 -46.73 -22.42 78.32
C ALA L 622 -47.41 -22.03 79.62
N GLN L 623 -46.63 -21.92 80.70
CA GLN L 623 -47.15 -21.35 81.93
C GLN L 623 -47.75 -19.98 81.68
N GLN L 624 -47.10 -19.17 80.84
CA GLN L 624 -47.63 -17.85 80.55
C GLN L 624 -49.01 -17.93 79.93
N LYS L 625 -49.20 -18.83 78.96
CA LYS L 625 -50.49 -18.97 78.33
C LYS L 625 -51.55 -19.43 79.33
N ALA L 626 -51.20 -20.40 80.17
CA ALA L 626 -52.16 -20.86 81.17
C ALA L 626 -52.55 -19.73 82.12
N GLN L 627 -51.56 -18.95 82.57
CA GLN L 627 -51.84 -17.91 83.54
C GLN L 627 -52.65 -16.78 82.92
N LEU L 628 -52.39 -16.42 81.67
CA LEU L 628 -53.21 -15.39 81.05
C LEU L 628 -54.61 -15.90 80.77
N GLU L 629 -54.77 -17.19 80.48
CA GLU L 629 -56.11 -17.76 80.39
C GLU L 629 -56.84 -17.60 81.70
N LEU L 630 -56.17 -17.87 82.82
CA LEU L 630 -56.80 -17.68 84.11
C LEU L 630 -57.11 -16.21 84.37
N MET L 631 -56.18 -15.31 84.02
CA MET L 631 -56.44 -13.88 83.98
C MET L 631 -57.81 -13.60 83.41
N LEU L 632 -57.99 -13.98 82.15
CA LEU L 632 -59.22 -13.62 81.45
C LEU L 632 -60.43 -14.27 82.10
N LEU L 633 -60.32 -15.54 82.44
CA LEU L 633 -61.48 -16.26 82.99
C LEU L 633 -61.97 -15.59 84.26
N GLN L 634 -61.04 -15.30 85.18
CA GLN L 634 -61.43 -14.69 86.44
C GLN L 634 -61.89 -13.25 86.24
N ALA L 635 -61.17 -12.49 85.42
CA ALA L 635 -61.56 -11.11 85.20
C ALA L 635 -62.96 -11.02 84.60
N GLN L 636 -63.39 -12.03 83.85
CA GLN L 636 -64.74 -11.91 83.32
C GLN L 636 -65.79 -12.44 84.29
N ILE L 637 -65.70 -13.72 84.69
CA ILE L 637 -66.76 -14.26 85.54
C ILE L 637 -66.81 -13.53 86.87
N GLU L 638 -65.65 -13.35 87.49
CA GLU L 638 -65.63 -12.89 88.87
C GLU L 638 -65.95 -11.41 88.96
N ALA L 639 -65.43 -10.59 88.05
CA ALA L 639 -65.60 -9.15 88.20
C ALA L 639 -66.96 -8.69 87.72
N GLU L 640 -67.25 -8.87 86.43
CA GLU L 640 -68.32 -8.12 85.82
C GLU L 640 -69.69 -8.57 86.32
N ARG L 641 -69.93 -9.87 86.37
CA ARG L 641 -71.22 -10.35 86.84
C ARG L 641 -71.48 -9.92 88.27
N ALA L 642 -70.44 -9.95 89.10
CA ALA L 642 -70.56 -9.48 90.47
C ALA L 642 -70.92 -8.01 90.51
N ARG L 643 -70.30 -7.20 89.66
CA ARG L 643 -70.64 -5.77 89.61
C ARG L 643 -72.10 -5.59 89.23
N ALA L 644 -72.58 -6.36 88.26
CA ALA L 644 -73.98 -6.25 87.86
C ALA L 644 -74.89 -6.57 89.03
N ALA L 645 -74.61 -7.67 89.73
CA ALA L 645 -75.45 -8.04 90.86
C ALA L 645 -75.46 -6.92 91.91
N HIS L 646 -74.29 -6.37 92.19
CA HIS L 646 -74.20 -5.31 93.18
C HIS L 646 -75.04 -4.10 92.78
N TYR L 647 -74.96 -3.70 91.51
CA TYR L 647 -75.69 -2.52 91.07
C TYR L 647 -77.19 -2.76 91.11
N MET L 648 -77.66 -3.94 90.68
CA MET L 648 -79.09 -4.20 90.76
C MET L 648 -79.57 -4.19 92.20
N SER L 649 -78.78 -4.76 93.11
CA SER L 649 -79.15 -4.72 94.51
C SER L 649 -79.27 -3.28 95.01
N GLY L 650 -78.31 -2.44 94.62
CA GLY L 650 -78.38 -1.05 95.02
C GLY L 650 -79.63 -0.36 94.50
N ALA L 651 -79.99 -0.62 93.23
CA ALA L 651 -81.19 -0.02 92.68
C ALA L 651 -82.42 -0.44 93.45
N GLY L 652 -82.53 -1.73 93.77
CA GLY L 652 -83.64 -2.17 94.58
C GLY L 652 -83.69 -1.48 95.93
N LEU L 653 -82.52 -1.29 96.54
CA LEU L 653 -82.48 -0.62 97.84
C LEU L 653 -82.99 0.81 97.75
N GLN L 654 -82.59 1.54 96.71
CA GLN L 654 -83.10 2.92 96.56
C GLN L 654 -84.61 2.92 96.39
N ASP L 655 -85.12 2.03 95.54
CA ASP L 655 -86.55 1.97 95.32
C ASP L 655 -87.28 1.65 96.63
N SER L 656 -86.64 0.89 97.52
CA SER L 656 -87.23 0.67 98.83
C SER L 656 -87.21 1.95 99.66
N LYS L 657 -86.08 2.66 99.67
CA LYS L 657 -85.92 3.83 100.53
C LYS L 657 -86.91 4.94 100.19
N VAL L 658 -87.43 4.94 98.96
CA VAL L 658 -88.42 5.96 98.60
C VAL L 658 -89.59 5.99 99.59
N GLY L 659 -90.09 4.81 99.95
CA GLY L 659 -91.23 4.74 100.84
C GLY L 659 -90.94 5.32 102.22
N THR L 660 -89.75 5.03 102.75
CA THR L 660 -89.37 5.61 104.02
C THR L 660 -89.32 7.11 103.94
N GLU L 661 -88.85 7.65 102.81
CA GLU L 661 -88.90 9.10 102.64
C GLU L 661 -90.32 9.62 102.72
N GLN L 662 -91.26 8.95 102.05
CA GLN L 662 -92.65 9.35 102.12
C GLN L 662 -93.15 9.38 103.56
N ALA L 663 -92.85 8.32 104.31
CA ALA L 663 -93.33 8.23 105.67
C ALA L 663 -92.75 9.34 106.54
N LYS L 664 -91.46 9.64 106.36
CA LYS L 664 -90.86 10.72 107.14
C LYS L 664 -91.55 12.04 106.85
N ALA L 665 -91.83 12.31 105.57
CA ALA L 665 -92.51 13.55 105.24
C ALA L 665 -93.85 13.65 105.94
N ARG L 666 -94.63 12.58 105.88
CA ARG L 666 -95.96 12.61 106.51
C ARG L 666 -95.85 12.84 108.01
N ALA L 667 -94.93 12.13 108.66
CA ALA L 667 -94.82 12.27 110.12
C ALA L 667 -94.43 13.68 110.51
N LEU L 668 -93.48 14.28 109.79
CA LEU L 668 -93.09 15.64 110.14
C LEU L 668 -94.23 16.62 109.91
N ALA L 669 -95.03 16.42 108.86
CA ALA L 669 -96.18 17.28 108.66
C ALA L 669 -97.12 17.19 109.86
N SER L 670 -97.38 15.98 110.33
CA SER L 670 -98.27 15.82 111.48
C SER L 670 -97.71 16.53 112.71
N GLN L 671 -96.41 16.40 112.95
CA GLN L 671 -95.82 17.05 114.12
C GLN L 671 -95.96 18.57 114.02
N ALA L 672 -95.74 19.12 112.83
CA ALA L 672 -95.92 20.57 112.66
C ALA L 672 -97.35 20.97 112.96
N ASP L 673 -98.32 20.16 112.53
CA ASP L 673 -99.71 20.47 112.83
C ASP L 673 -99.96 20.50 114.33
N MET L 674 -99.41 19.52 115.06
CA MET L 674 -99.55 19.51 116.51
C MET L 674 -98.99 20.78 117.12
N THR L 675 -97.79 21.19 116.68
CA THR L 675 -97.18 22.38 117.25
C THR L 675 -98.03 23.61 116.98
N ASP L 676 -98.57 23.73 115.76
CA ASP L 676 -99.42 24.88 115.45
C ASP L 676 -100.66 24.90 116.32
N LEU L 677 -101.25 23.71 116.56
CA LEU L 677 -102.43 23.66 117.43
C LEU L 677 -102.10 24.15 118.83
N ASN L 678 -100.98 23.69 119.39
CA ASN L 678 -100.62 24.12 120.74
C ASN L 678 -100.36 25.62 120.79
N PHE L 679 -99.73 26.15 119.75
CA PHE L 679 -99.50 27.59 119.67
C PHE L 679 -100.82 28.36 119.69
N LEU L 680 -101.79 27.89 118.88
CA LEU L 680 -103.09 28.55 118.85
C LEU L 680 -103.76 28.50 120.22
N GLU L 681 -103.69 27.36 120.89
CA GLU L 681 -104.31 27.25 122.21
C GLU L 681 -103.67 28.20 123.20
N GLN L 682 -102.34 28.22 123.27
CA GLN L 682 -101.68 29.13 124.21
C GLN L 682 -102.02 30.58 123.89
N GLU L 683 -102.26 30.89 122.62
CA GLU L 683 -102.78 32.23 122.33
C GLU L 683 -104.27 32.24 122.58
N SER L 684 -104.63 32.45 123.85
CA SER L 684 -106.01 32.76 124.26
C SER L 684 -106.98 31.66 123.86
N GLY L 685 -106.82 30.51 124.47
CA GLY L 685 -107.81 29.46 124.35
C GLY L 685 -107.90 28.57 125.56
N VAL L 686 -108.24 27.30 125.29
CA VAL L 686 -108.42 26.31 126.33
C VAL L 686 -107.20 26.19 127.22
N GLN L 687 -106.02 26.54 126.67
CA GLN L 687 -104.77 26.42 127.42
C GLN L 687 -104.87 27.08 128.78
N GLN L 688 -105.34 28.33 128.83
CA GLN L 688 -105.53 29.01 130.09
C GLN L 688 -107.01 29.19 130.42
N ALA L 689 -107.92 28.67 129.60
CA ALA L 689 -109.32 28.64 129.96
C ALA L 689 -109.63 27.46 130.88
N ARG L 690 -109.29 26.25 130.43
CA ARG L 690 -109.70 25.06 131.17
C ARG L 690 -108.88 24.86 132.43
N LYS L 691 -107.55 25.06 132.34
CA LYS L 691 -106.66 24.55 133.37
C LYS L 691 -107.00 25.05 134.76
N ARG L 692 -107.63 26.22 134.88
CA ARG L 692 -108.23 26.57 136.17
C ARG L 692 -109.64 26.01 136.26
N GLU L 693 -110.47 26.28 135.24
CA GLU L 693 -111.86 25.86 135.21
C GLU L 693 -112.06 24.46 135.76
N LEU L 694 -111.30 23.50 135.23
CA LEU L 694 -111.39 22.12 135.67
C LEU L 694 -111.34 22.01 137.18
N GLN L 695 -110.20 22.39 137.77
CA GLN L 695 -110.00 22.14 139.19
C GLN L 695 -110.91 23.01 140.05
N GLN L 696 -111.07 24.28 139.70
CA GLN L 696 -111.91 25.15 140.52
C GLN L 696 -113.34 24.66 140.53
N ALA L 697 -113.91 24.39 139.36
CA ALA L 697 -115.29 23.92 139.31
C ALA L 697 -115.45 22.59 140.02
N GLN L 698 -114.54 21.64 139.78
CA GLN L 698 -114.68 20.34 140.39
C GLN L 698 -114.60 20.43 141.91
N SER L 699 -113.55 21.06 142.42
CA SER L 699 -113.37 21.14 143.87
C SER L 699 -114.51 21.90 144.53
N GLU L 700 -114.87 23.06 143.96
CA GLU L 700 -115.92 23.87 144.54
C GLU L 700 -117.25 23.10 144.55
N ALA L 701 -117.64 22.54 143.41
CA ALA L 701 -118.92 21.85 143.33
C ALA L 701 -118.96 20.64 144.26
N GLN L 702 -117.89 19.85 144.27
CA GLN L 702 -117.86 18.67 145.11
C GLN L 702 -117.94 19.04 146.59
N GLY L 703 -117.08 19.96 147.03
CA GLY L 703 -117.11 20.36 148.42
C GLY L 703 -118.43 20.98 148.82
N LYS L 704 -119.00 21.83 147.96
CA LYS L 704 -120.26 22.48 148.28
C LYS L 704 -121.39 21.47 148.37
N LEU L 705 -121.44 20.51 147.44
CA LEU L 705 -122.51 19.52 147.48
C LEU L 705 -122.38 18.62 148.70
N ALA L 706 -121.17 18.18 149.02
CA ALA L 706 -120.97 17.35 150.20
C ALA L 706 -121.33 18.11 151.47
N MET L 707 -120.91 19.37 151.57
CA MET L 707 -121.17 20.14 152.78
C MET L 707 -122.63 20.56 152.89
N LEU L 708 -123.33 20.71 151.76
CA LEU L 708 -124.77 20.90 151.78
C LEU L 708 -125.48 19.63 152.23
N ASN L 709 -124.99 18.47 151.78
CA ASN L 709 -125.50 17.22 152.31
C ASN L 709 -125.21 17.06 153.79
N SER L 710 -124.21 17.77 154.31
CA SER L 710 -123.94 17.75 155.74
C SER L 710 -125.13 18.25 156.54
N GLN L 711 -125.76 19.34 156.09
CA GLN L 711 -126.93 19.83 156.81
C GLN L 711 -128.11 18.87 156.68
N LEU L 712 -128.21 18.14 155.56
CA LEU L 712 -129.23 17.11 155.46
C LEU L 712 -128.99 15.99 156.46
N LYS L 713 -127.74 15.57 156.59
CA LYS L 713 -127.40 14.56 157.58
C LYS L 713 -127.72 15.04 158.99
N ARG L 714 -127.42 16.32 159.27
CA ARG L 714 -127.71 16.87 160.60
C ARG L 714 -129.21 16.97 160.85
N LEU L 715 -129.98 17.32 159.82
CA LEU L 715 -131.44 17.34 159.97
C LEU L 715 -131.96 15.95 160.25
N ASP L 716 -131.41 14.94 159.58
CA ASP L 716 -131.78 13.56 159.89
C ASP L 716 -131.40 13.21 161.32
N GLU L 717 -130.23 13.66 161.77
CA GLU L 717 -129.83 13.48 163.16
C GLU L 717 -130.88 14.05 164.11
N ALA L 718 -131.30 15.29 163.85
CA ALA L 718 -132.26 15.95 164.72
C ALA L 718 -133.61 15.24 164.71
N THR L 719 -134.07 14.83 163.53
CA THR L 719 -135.37 14.18 163.43
C THR L 719 -135.36 12.73 163.91
N SER L 720 -134.18 12.12 164.08
CA SER L 720 -134.08 10.74 164.55
C SER L 720 -133.79 10.68 166.05
N ALA L 721 -132.68 11.28 166.48
CA ALA L 721 -132.30 11.23 167.89
C ALA L 721 -131.57 12.51 168.29
N ALA M 2 41.36 -8.28 -120.48
CA ALA M 2 41.06 -9.25 -119.43
C ALA M 2 41.09 -8.57 -118.06
N VAL M 3 40.87 -7.27 -118.04
CA VAL M 3 40.95 -6.47 -116.82
C VAL M 3 39.53 -6.09 -116.42
N GLU M 4 38.96 -6.84 -115.49
CA GLU M 4 37.68 -6.49 -114.91
C GLU M 4 37.93 -5.64 -113.68
N PRO M 5 37.45 -4.40 -113.63
CA PRO M 5 37.77 -3.52 -112.49
C PRO M 5 36.87 -3.85 -111.32
N ILE M 6 37.47 -4.27 -110.21
CA ILE M 6 36.70 -4.52 -109.00
C ILE M 6 36.30 -3.19 -108.40
N THR M 7 35.01 -3.06 -108.08
CA THR M 7 34.46 -1.79 -107.65
C THR M 7 33.70 -1.97 -106.34
N ILE M 8 33.19 -0.84 -105.85
CA ILE M 8 32.37 -0.88 -104.64
C ILE M 8 31.13 -1.73 -104.88
N ALA M 9 30.60 -1.69 -106.10
CA ALA M 9 29.48 -2.56 -106.43
C ALA M 9 29.87 -4.03 -106.30
N ASP M 10 31.09 -4.36 -106.74
CA ASP M 10 31.57 -5.73 -106.58
C ASP M 10 31.66 -6.10 -105.12
N LEU M 11 32.16 -5.20 -104.27
CA LEU M 11 32.24 -5.51 -102.85
C LEU M 11 30.85 -5.68 -102.26
N THR M 12 29.99 -4.69 -102.44
CA THR M 12 28.61 -4.76 -101.97
C THR M 12 27.76 -3.67 -102.61
N GLU M 13 26.65 -4.07 -103.24
CA GLU M 13 25.63 -3.11 -103.58
C GLU M 13 24.75 -2.86 -102.37
N VAL M 14 24.08 -1.72 -102.37
CA VAL M 14 23.49 -1.21 -101.13
C VAL M 14 22.31 -2.06 -100.69
N LYS M 15 21.67 -2.78 -101.60
CA LYS M 15 20.48 -3.54 -101.26
C LYS M 15 20.79 -4.64 -100.24
N LEU M 16 19.78 -4.98 -99.43
CA LEU M 16 19.96 -6.05 -98.45
C LEU M 16 20.18 -7.40 -99.12
N ASP M 17 19.44 -7.69 -100.18
CA ASP M 17 19.48 -8.98 -100.85
C ASP M 17 20.47 -9.00 -102.01
N GLY M 18 21.45 -8.11 -102.01
CA GLY M 18 22.37 -8.03 -103.12
C GLY M 18 23.27 -9.24 -103.23
N LYS M 19 24.22 -9.16 -104.15
CA LYS M 19 25.17 -10.24 -104.41
C LYS M 19 26.58 -9.88 -103.99
N GLY M 20 26.76 -8.77 -103.28
CA GLY M 20 28.08 -8.44 -102.79
C GLY M 20 28.58 -9.45 -101.77
N ALA M 21 29.90 -9.52 -101.65
CA ALA M 21 30.50 -10.49 -100.73
C ALA M 21 30.06 -10.22 -99.31
N LEU M 22 30.09 -8.96 -98.88
CA LEU M 22 29.62 -8.61 -97.55
C LEU M 22 28.16 -9.02 -97.37
N ASP M 23 27.34 -8.76 -98.38
CA ASP M 23 25.92 -9.09 -98.28
C ASP M 23 25.72 -10.58 -98.09
N GLN M 24 26.43 -11.40 -98.86
CA GLN M 24 26.17 -12.83 -98.77
C GLN M 24 26.75 -13.42 -97.50
N LEU M 25 27.88 -12.90 -97.02
CA LEU M 25 28.37 -13.35 -95.73
C LEU M 25 27.39 -13.02 -94.62
N LEU M 26 26.83 -11.81 -94.64
CA LEU M 26 25.84 -11.47 -93.64
C LEU M 26 24.61 -12.37 -93.76
N GLN M 27 24.22 -12.69 -94.99
CA GLN M 27 23.06 -13.56 -95.18
C GLN M 27 23.29 -14.94 -94.59
N VAL M 28 24.47 -15.51 -94.80
CA VAL M 28 24.71 -16.86 -94.27
C VAL M 28 24.78 -16.82 -92.75
N THR M 29 25.35 -15.76 -92.19
CA THR M 29 25.32 -15.62 -90.74
C THR M 29 23.90 -15.53 -90.23
N ARG M 30 23.06 -14.77 -90.93
CA ARG M 30 21.66 -14.67 -90.54
C ARG M 30 20.97 -16.02 -90.59
N LEU M 31 21.26 -16.83 -91.61
CA LEU M 31 20.62 -18.13 -91.71
C LEU M 31 21.02 -19.04 -90.55
N HIS M 32 22.30 -19.06 -90.22
CA HIS M 32 22.73 -19.90 -89.11
C HIS M 32 22.07 -19.46 -87.81
N LEU M 33 22.06 -18.15 -87.55
CA LEU M 33 21.42 -17.66 -86.34
C LEU M 33 19.92 -17.95 -86.35
N ALA M 34 19.29 -17.87 -87.51
CA ALA M 34 17.85 -18.12 -87.59
C ALA M 34 17.54 -19.56 -87.25
N LYS M 35 18.32 -20.51 -87.78
CA LYS M 35 18.09 -21.89 -87.40
C LYS M 35 18.33 -22.09 -85.92
N GLU M 36 19.36 -21.45 -85.36
CA GLU M 36 19.62 -21.59 -83.94
C GLU M 36 18.44 -21.10 -83.12
N HIS M 37 17.86 -19.97 -83.50
CA HIS M 37 16.71 -19.44 -82.77
C HIS M 37 15.48 -20.30 -82.96
N ASP M 38 15.31 -20.88 -84.15
CA ASP M 38 14.16 -21.75 -84.38
C ASP M 38 14.22 -22.96 -83.48
N ALA M 39 15.40 -23.56 -83.35
CA ALA M 39 15.56 -24.50 -82.25
C ALA M 39 15.55 -23.72 -80.94
N GLY M 40 15.17 -24.39 -79.86
CA GLY M 40 15.05 -23.68 -78.61
C GLY M 40 16.39 -23.34 -77.99
N ARG M 41 17.16 -22.46 -78.62
CA ARG M 41 18.50 -22.17 -78.11
C ARG M 41 18.89 -20.71 -78.08
N LEU M 42 18.17 -19.81 -78.74
CA LEU M 42 18.51 -18.39 -78.72
C LEU M 42 17.27 -17.56 -78.45
N LYS M 43 17.42 -16.54 -77.62
CA LYS M 43 16.40 -15.52 -77.53
C LYS M 43 16.60 -14.49 -78.63
N GLY M 44 15.62 -13.61 -78.77
CA GLY M 44 15.68 -12.65 -79.84
C GLY M 44 16.65 -11.52 -79.64
N GLN M 45 17.40 -11.50 -78.54
CA GLN M 45 18.34 -10.42 -78.25
C GLN M 45 19.79 -10.81 -78.49
N GLU M 46 20.18 -12.04 -78.12
CA GLU M 46 21.50 -12.50 -78.52
C GLU M 46 21.65 -12.50 -80.03
N TYR M 47 20.55 -12.72 -80.74
CA TYR M 47 20.56 -12.64 -82.19
C TYR M 47 21.08 -11.29 -82.65
N ALA M 48 20.61 -10.21 -82.03
CA ALA M 48 21.08 -8.89 -82.43
C ALA M 48 22.50 -8.64 -81.92
N ALA M 49 22.78 -9.09 -80.70
CA ALA M 49 24.09 -8.82 -80.12
C ALA M 49 25.20 -9.43 -80.95
N VAL M 50 25.05 -10.68 -81.35
CA VAL M 50 26.09 -11.36 -82.11
C VAL M 50 26.31 -10.65 -83.44
N LEU M 51 25.22 -10.32 -84.14
CA LEU M 51 25.34 -9.69 -85.44
C LEU M 51 26.07 -8.35 -85.34
N THR M 52 25.65 -7.52 -84.39
CA THR M 52 26.26 -6.20 -84.24
C THR M 52 27.73 -6.34 -83.87
N GLY M 53 28.07 -7.31 -83.01
CA GLY M 53 29.48 -7.53 -82.71
C GLY M 53 30.26 -7.96 -83.93
N GLY M 54 29.64 -8.77 -84.79
CA GLY M 54 30.37 -9.35 -85.90
C GLY M 54 30.62 -8.42 -87.07
N ILE M 55 29.76 -7.41 -87.24
CA ILE M 55 29.77 -6.58 -88.45
C ILE M 55 31.16 -6.21 -88.94
N THR M 56 31.96 -5.59 -88.06
CA THR M 56 33.23 -5.03 -88.53
C THR M 56 34.23 -6.14 -88.87
N ALA M 57 34.25 -7.22 -88.10
CA ALA M 57 35.15 -8.32 -88.41
C ALA M 57 34.79 -8.95 -89.75
N VAL M 58 33.50 -9.12 -90.00
CA VAL M 58 33.06 -9.65 -91.29
C VAL M 58 33.50 -8.73 -92.40
N LEU M 59 33.36 -7.43 -92.21
CA LEU M 59 33.80 -6.47 -93.23
C LEU M 59 35.29 -6.63 -93.52
N GLN M 60 36.10 -6.71 -92.46
CA GLN M 60 37.54 -6.83 -92.66
C GLN M 60 37.88 -8.10 -93.41
N ASN M 61 37.24 -9.22 -93.05
CA ASN M 61 37.52 -10.47 -93.73
C ASN M 61 37.13 -10.40 -95.20
N ALA M 62 35.99 -9.80 -95.51
CA ALA M 62 35.58 -9.69 -96.91
C ALA M 62 36.55 -8.84 -97.71
N VAL M 63 37.02 -7.74 -97.12
CA VAL M 63 37.98 -6.91 -97.83
C VAL M 63 39.26 -7.69 -98.08
N MET M 64 39.73 -8.43 -97.06
CA MET M 64 40.89 -9.28 -97.27
C MET M 64 40.65 -10.28 -98.39
N PHE M 65 39.44 -10.81 -98.49
CA PHE M 65 39.17 -11.85 -99.46
C PHE M 65 39.19 -11.31 -100.88
N LEU M 66 38.54 -10.18 -101.11
CA LEU M 66 38.39 -9.70 -102.49
C LEU M 66 39.74 -9.40 -103.13
N LEU M 67 40.65 -8.78 -102.38
CA LEU M 67 41.92 -8.37 -102.97
C LEU M 67 42.73 -9.57 -103.42
N GLN M 68 42.81 -10.61 -102.61
CA GLN M 68 43.66 -11.75 -102.93
C GLN M 68 42.94 -12.83 -103.73
N LYS M 69 41.62 -12.75 -103.88
CA LYS M 69 40.88 -13.83 -104.51
C LYS M 69 41.37 -14.17 -105.90
N ASP M 70 41.24 -13.21 -106.82
CA ASP M 70 41.35 -13.51 -108.24
C ASP M 70 42.74 -14.00 -108.62
N GLU M 71 43.80 -13.31 -108.17
CA GLU M 71 45.11 -13.56 -108.72
C GLU M 71 45.71 -14.90 -108.28
N ALA M 72 45.16 -15.52 -107.25
CA ALA M 72 45.74 -16.78 -106.77
C ALA M 72 45.63 -17.88 -107.82
N ALA M 73 44.47 -18.00 -108.46
CA ALA M 73 44.32 -19.01 -109.50
C ALA M 73 45.27 -18.75 -110.65
N ASN M 74 45.43 -17.48 -111.03
CA ASN M 74 46.38 -17.14 -112.07
C ASN M 74 47.78 -17.55 -111.69
N LYS M 75 48.17 -17.31 -110.44
CA LYS M 75 49.49 -17.71 -109.98
C LYS M 75 49.67 -19.21 -110.09
N ALA M 76 48.64 -19.97 -109.72
CA ALA M 76 48.74 -21.43 -109.79
C ALA M 76 48.92 -21.89 -111.23
N ALA M 77 48.15 -21.32 -112.16
CA ALA M 77 48.30 -21.71 -113.55
C ALA M 77 49.69 -21.38 -114.06
N LEU M 78 50.22 -20.22 -113.67
CA LEU M 78 51.58 -19.87 -114.05
C LEU M 78 52.56 -20.90 -113.54
N VAL M 79 52.37 -21.36 -112.30
CA VAL M 79 53.29 -22.33 -111.72
C VAL M 79 53.26 -23.63 -112.51
N GLU M 80 52.07 -24.12 -112.86
CA GLU M 80 52.04 -25.39 -113.58
C GLU M 80 52.61 -25.25 -114.99
N ALA M 81 52.42 -24.09 -115.62
CA ALA M 81 53.10 -23.86 -116.88
C ALA M 81 54.62 -23.93 -116.73
N GLN M 82 55.13 -23.33 -115.65
CA GLN M 82 56.56 -23.45 -115.39
C GLN M 82 56.96 -24.90 -115.16
N ILE M 83 56.08 -25.70 -114.58
CA ILE M 83 56.37 -27.12 -114.40
C ILE M 83 56.62 -27.78 -115.75
N LYS M 84 55.73 -27.54 -116.70
CA LYS M 84 55.92 -28.11 -118.03
C LYS M 84 57.21 -27.60 -118.67
N LEU M 85 57.51 -26.32 -118.47
CA LEU M 85 58.72 -25.76 -119.03
C LEU M 85 59.96 -26.45 -118.48
N THR M 86 59.99 -26.70 -117.17
CA THR M 86 61.11 -27.43 -116.59
C THR M 86 61.19 -28.85 -117.11
N GLU M 87 60.04 -29.49 -117.34
CA GLU M 87 60.05 -30.80 -117.99
C GLU M 87 60.85 -30.73 -119.29
N LYS M 88 60.54 -29.73 -120.12
CA LYS M 88 61.18 -29.65 -121.42
C LYS M 88 62.66 -29.31 -121.30
N GLN M 89 63.03 -28.46 -120.34
CA GLN M 89 64.45 -28.18 -120.15
C GLN M 89 65.20 -29.44 -119.74
N GLY M 90 64.61 -30.24 -118.86
CA GLY M 90 65.23 -31.49 -118.48
C GLY M 90 65.43 -32.41 -119.67
N GLU M 91 64.42 -32.49 -120.53
CA GLU M 91 64.57 -33.32 -121.73
C GLU M 91 65.72 -32.82 -122.60
N LEU M 92 65.81 -31.50 -122.78
CA LEU M 92 66.88 -30.95 -123.60
C LEU M 92 68.25 -31.28 -123.02
N LEU M 93 68.40 -31.20 -121.70
CA LEU M 93 69.68 -31.55 -121.12
C LEU M 93 69.99 -33.04 -121.26
N ASP M 94 68.95 -33.88 -121.21
CA ASP M 94 69.13 -35.29 -121.49
C ASP M 94 69.69 -35.48 -122.90
N LYS M 95 69.21 -34.68 -123.84
CA LYS M 95 69.81 -34.69 -125.17
C LYS M 95 71.25 -34.19 -125.13
N GLN M 96 71.51 -33.20 -124.27
CA GLN M 96 72.81 -32.55 -124.19
C GLN M 96 73.92 -33.52 -123.82
N ILE M 97 73.66 -34.40 -122.85
CA ILE M 97 74.72 -35.27 -122.35
C ILE M 97 75.17 -36.21 -123.47
N ALA M 98 74.21 -36.81 -124.17
CA ALA M 98 74.55 -37.72 -125.27
C ALA M 98 75.23 -36.96 -126.40
N GLN M 99 74.77 -35.75 -126.70
CA GLN M 99 75.43 -34.96 -127.74
C GLN M 99 76.90 -34.74 -127.42
N ALA M 100 77.19 -34.32 -126.19
CA ALA M 100 78.58 -34.07 -125.81
C ALA M 100 79.40 -35.35 -125.85
N ASP M 101 78.83 -36.45 -125.35
CA ASP M 101 79.56 -37.70 -125.33
C ASP M 101 79.94 -38.14 -126.74
N LYS M 102 79.02 -37.97 -127.69
CA LYS M 102 79.38 -38.23 -129.09
C LYS M 102 80.40 -37.23 -129.61
N ASP M 103 80.34 -35.98 -129.14
CA ASP M 103 81.30 -34.95 -129.53
C ASP M 103 82.69 -35.17 -128.96
N ALA M 104 82.85 -36.14 -128.06
CA ALA M 104 84.09 -36.27 -127.29
C ALA M 104 85.34 -36.27 -128.17
N GLU M 105 85.36 -37.07 -129.24
CA GLU M 105 86.62 -37.38 -129.91
C GLU M 105 87.06 -36.34 -130.95
N LEU M 106 86.23 -35.34 -131.24
CA LEU M 106 86.64 -34.31 -132.19
C LEU M 106 87.92 -33.63 -131.73
N ILE M 107 88.07 -33.45 -130.41
CA ILE M 107 89.30 -32.86 -129.90
C ILE M 107 90.48 -33.78 -130.17
N ALA M 108 90.27 -35.09 -130.11
CA ALA M 108 91.34 -36.03 -130.44
C ALA M 108 91.74 -35.91 -131.90
N ALA M 109 90.75 -35.76 -132.78
CA ALA M 109 91.07 -35.53 -134.18
C ALA M 109 91.89 -34.26 -134.35
N LYS M 110 91.49 -33.19 -133.66
CA LYS M 110 92.26 -31.95 -133.71
C LYS M 110 93.67 -32.16 -133.18
N VAL M 111 93.81 -33.00 -132.16
CA VAL M 111 95.12 -33.34 -131.62
C VAL M 111 95.98 -33.96 -132.72
N LYS M 112 95.40 -34.90 -133.47
CA LYS M 112 96.17 -35.55 -134.52
C LYS M 112 96.57 -34.55 -135.60
N LEU M 113 95.66 -33.64 -135.95
CA LEU M 113 96.02 -32.55 -136.85
C LEU M 113 97.25 -31.82 -136.36
N THR M 114 97.24 -31.41 -135.10
CA THR M 114 98.35 -30.67 -134.54
C THR M 114 99.63 -31.49 -134.60
N LEU M 115 99.57 -32.75 -134.20
CA LEU M 115 100.73 -33.63 -134.18
C LEU M 115 101.36 -33.72 -135.55
N GLU M 116 100.56 -34.04 -136.57
CA GLU M 116 101.09 -34.20 -137.91
C GLU M 116 101.68 -32.89 -138.44
N GLN M 117 100.95 -31.78 -138.24
CA GLN M 117 101.43 -30.50 -138.75
C GLN M 117 102.74 -30.10 -138.10
N ALA M 118 102.87 -30.32 -136.79
CA ALA M 118 104.10 -29.98 -136.12
C ALA M 118 105.25 -30.87 -136.58
N LYS M 119 105.01 -32.18 -136.63
CA LYS M 119 106.11 -33.10 -136.94
C LYS M 119 106.64 -32.86 -138.34
N LEU M 120 105.77 -32.84 -139.34
CA LEU M 120 106.27 -32.80 -140.71
C LEU M 120 106.75 -31.41 -141.10
N PRO M 121 105.87 -30.41 -141.07
CA PRO M 121 106.13 -29.16 -141.79
C PRO M 121 107.36 -28.41 -141.32
N ASP M 122 107.43 -28.11 -140.02
CA ASP M 122 108.49 -27.25 -139.52
C ASP M 122 109.86 -27.81 -139.84
N SER M 123 110.15 -29.01 -139.34
CA SER M 123 111.48 -29.59 -139.52
C SER M 123 111.79 -29.87 -140.99
N GLN M 124 110.82 -30.41 -141.71
CA GLN M 124 111.07 -30.75 -143.12
C GLN M 124 111.40 -29.51 -143.92
N ILE M 125 110.59 -28.46 -143.78
CA ILE M 125 110.83 -27.22 -144.50
C ILE M 125 112.17 -26.63 -144.09
N ARG M 126 112.45 -26.60 -142.78
CA ARG M 126 113.71 -26.04 -142.30
C ARG M 126 114.89 -26.71 -143.01
N SER M 127 115.00 -28.03 -142.87
CA SER M 127 116.16 -28.74 -143.41
C SER M 127 116.24 -28.57 -144.93
N ALA M 128 115.16 -28.89 -145.64
CA ALA M 128 115.21 -28.90 -147.09
C ALA M 128 115.48 -27.51 -147.65
N GLY M 129 114.73 -26.51 -147.18
CA GLY M 129 114.94 -25.16 -147.65
C GLY M 129 116.33 -24.64 -147.35
N PHE M 130 116.83 -24.89 -146.13
CA PHE M 130 118.16 -24.42 -145.79
C PHE M 130 119.20 -25.00 -146.73
N GLN M 131 119.21 -26.32 -146.89
CA GLN M 131 120.22 -26.96 -147.73
C GLN M 131 120.11 -26.49 -149.17
N ASP M 132 118.89 -26.52 -149.72
CA ASP M 132 118.71 -26.16 -151.13
C ASP M 132 119.08 -24.71 -151.38
N LEU M 133 118.62 -23.81 -150.53
CA LEU M 133 118.90 -22.39 -150.72
C LEU M 133 120.39 -22.11 -150.61
N LEU M 134 121.06 -22.69 -149.61
CA LEU M 134 122.48 -22.44 -149.46
C LEU M 134 123.26 -22.93 -150.67
N VAL M 135 123.00 -24.16 -151.11
CA VAL M 135 123.74 -24.73 -152.24
C VAL M 135 123.48 -23.91 -153.50
N GLN M 136 122.20 -23.60 -153.77
CA GLN M 136 121.86 -22.87 -154.98
C GLN M 136 122.44 -21.46 -154.96
N GLU M 137 122.42 -20.80 -153.79
CA GLU M 137 122.98 -19.45 -153.70
C GLU M 137 124.48 -19.47 -153.94
N GLN M 138 125.20 -20.43 -153.35
CA GLN M 138 126.63 -20.49 -153.58
C GLN M 138 126.95 -20.75 -155.04
N THR M 139 126.23 -21.71 -155.65
CA THR M 139 126.47 -22.02 -157.06
C THR M 139 126.15 -20.83 -157.95
N LYS M 140 125.06 -20.13 -157.67
CA LYS M 140 124.67 -18.97 -158.48
C LYS M 140 125.67 -17.84 -158.33
N VAL M 141 126.18 -17.62 -157.11
CA VAL M 141 127.19 -16.58 -156.92
C VAL M 141 128.44 -16.91 -157.70
N GLN M 142 128.89 -18.16 -157.64
CA GLN M 142 130.09 -18.56 -158.40
C GLN M 142 129.85 -18.40 -159.90
N THR M 143 128.67 -18.81 -160.38
CA THR M 143 128.37 -18.69 -161.80
C THR M 143 128.32 -17.24 -162.24
N ALA M 144 127.75 -16.37 -161.40
CA ALA M 144 127.70 -14.95 -161.73
C ALA M 144 129.10 -14.36 -161.79
N GLN M 145 129.97 -14.73 -160.86
CA GLN M 145 131.35 -14.24 -160.91
C GLN M 145 132.06 -14.71 -162.17
N THR M 146 131.87 -15.99 -162.53
CA THR M 146 132.49 -16.51 -163.73
C THR M 146 131.97 -15.81 -164.99
N ARG M 147 130.67 -15.56 -165.04
CA ARG M 147 130.09 -14.85 -166.18
C ARG M 147 130.60 -13.43 -166.27
N ARG M 148 130.76 -12.77 -165.12
CA ARG M 148 131.33 -11.42 -165.13
C ARG M 148 132.76 -11.43 -165.66
N ILE M 149 133.55 -12.43 -165.23
CA ILE M 149 134.92 -12.52 -165.72
C ILE M 149 134.94 -12.76 -167.22
N ASP M 150 134.09 -13.66 -167.71
CA ASP M 150 134.06 -13.96 -169.14
C ASP M 150 133.60 -12.75 -169.96
N GLN M 151 132.59 -12.03 -169.46
CA GLN M 151 132.13 -10.83 -170.16
C GLN M 151 133.21 -9.76 -170.18
N GLU M 152 133.95 -9.61 -169.08
CA GLU M 152 135.06 -8.66 -169.07
C GLU M 152 136.13 -9.05 -170.07
N ILE M 153 136.44 -10.35 -170.15
CA ILE M 153 137.45 -10.80 -171.11
C ILE M 153 136.99 -10.53 -172.53
N LEU M 154 135.73 -10.82 -172.83
CA LEU M 154 135.21 -10.56 -174.18
C LEU M 154 135.23 -9.07 -174.50
N SER M 155 134.86 -8.23 -173.53
CA SER M 155 134.87 -6.79 -173.75
C SER M 155 136.29 -6.28 -173.98
N ALA M 156 137.26 -6.80 -173.22
CA ALA M 156 138.65 -6.40 -173.42
C ALA M 156 139.15 -6.83 -174.79
N GLY M 157 138.79 -8.05 -175.21
CA GLY M 157 139.17 -8.49 -176.55
C GLY M 157 138.54 -7.66 -177.64
N PHE M 158 137.31 -7.22 -177.42
CA PHE M 158 136.59 -6.41 -178.40
C PHE M 158 137.26 -5.05 -178.59
N THR N 2 -17.54 -17.87 -67.17
CA THR N 2 -16.19 -18.05 -66.70
C THR N 2 -15.29 -18.57 -67.81
N ILE N 3 -15.57 -18.14 -69.04
CA ILE N 3 -14.91 -18.71 -70.21
C ILE N 3 -14.12 -17.63 -70.93
N GLN N 4 -13.12 -18.08 -71.69
CA GLN N 4 -12.33 -17.21 -72.54
C GLN N 4 -11.97 -17.97 -73.81
N LEU N 5 -12.06 -17.29 -74.94
CA LEU N 5 -11.65 -17.90 -76.20
C LEU N 5 -10.14 -18.13 -76.18
N LYS N 6 -9.72 -19.31 -76.59
CA LYS N 6 -8.30 -19.61 -76.68
C LYS N 6 -7.58 -18.62 -77.58
N GLN N 7 -8.28 -18.11 -78.59
CA GLN N 7 -7.69 -17.17 -79.53
C GLN N 7 -7.11 -15.96 -78.81
N VAL N 8 -7.90 -15.34 -77.95
CA VAL N 8 -7.44 -14.14 -77.26
C VAL N 8 -6.23 -14.46 -76.40
N ILE N 9 -6.23 -15.63 -75.76
CA ILE N 9 -5.12 -16.01 -74.90
C ILE N 9 -3.84 -16.08 -75.70
N ASP N 10 -3.89 -16.74 -76.85
CA ASP N 10 -2.68 -16.88 -77.64
C ASP N 10 -2.23 -15.54 -78.20
N LEU N 11 -3.18 -14.71 -78.64
CA LEU N 11 -2.79 -13.42 -79.17
C LEU N 11 -2.09 -12.58 -78.10
N LEU N 12 -2.56 -12.65 -76.86
CA LEU N 12 -1.90 -11.90 -75.80
C LEU N 12 -0.55 -12.51 -75.44
N ALA N 13 -0.48 -13.84 -75.33
CA ALA N 13 0.77 -14.48 -74.98
C ALA N 13 1.83 -14.27 -76.05
N GLU N 14 1.41 -13.88 -77.25
CA GLU N 14 2.38 -13.41 -78.23
C GLU N 14 3.19 -12.25 -77.70
N GLY N 15 2.57 -11.35 -76.94
CA GLY N 15 3.26 -10.16 -76.48
C GLY N 15 4.30 -10.41 -75.41
N GLU N 16 4.36 -11.61 -74.84
CA GLU N 16 5.35 -11.95 -73.84
C GLU N 16 6.20 -13.15 -74.20
N LEU N 17 5.81 -13.93 -75.21
CA LEU N 17 6.64 -14.99 -75.74
C LEU N 17 7.30 -14.58 -77.05
N SER N 18 7.33 -13.29 -77.34
CA SER N 18 7.87 -12.84 -78.62
C SER N 18 9.36 -13.08 -78.75
N ASN N 19 10.06 -13.32 -77.65
CA ASN N 19 11.49 -13.51 -77.71
C ASN N 19 11.90 -14.86 -78.29
N ILE N 20 11.03 -15.86 -78.26
CA ILE N 20 11.49 -17.23 -78.36
C ILE N 20 10.80 -17.98 -79.49
N LYS N 21 11.11 -19.28 -79.58
CA LYS N 21 10.63 -20.08 -80.71
C LYS N 21 9.13 -20.22 -80.72
N TYR N 22 8.48 -20.20 -79.55
CA TYR N 22 7.14 -20.76 -79.43
C TYR N 22 6.16 -20.13 -80.41
N VAL N 23 6.36 -18.87 -80.76
CA VAL N 23 5.29 -18.15 -81.40
C VAL N 23 5.79 -17.41 -82.63
N ASN N 24 7.10 -17.35 -82.82
CA ASN N 24 7.62 -16.42 -83.79
C ASN N 24 8.62 -17.05 -84.73
N ILE N 25 8.35 -16.91 -86.03
CA ILE N 25 9.41 -16.93 -87.01
C ILE N 25 10.22 -15.65 -86.85
N ASP N 26 11.54 -15.75 -87.02
CA ASP N 26 12.37 -14.56 -86.90
C ASP N 26 11.94 -13.48 -87.88
N THR N 27 11.40 -13.88 -89.02
CA THR N 27 10.91 -12.95 -90.03
C THR N 27 9.40 -13.04 -90.12
N GLY N 28 8.72 -11.91 -90.01
CA GLY N 28 7.27 -11.92 -90.04
C GLY N 28 6.70 -12.76 -88.92
N ALA N 29 6.87 -12.29 -87.69
CA ALA N 29 6.54 -13.08 -86.51
C ALA N 29 5.09 -13.53 -86.52
N LEU N 30 4.87 -14.84 -86.67
CA LEU N 30 3.54 -15.42 -86.72
C LEU N 30 3.54 -16.74 -85.98
N VAL N 31 2.39 -17.06 -85.38
CA VAL N 31 2.31 -18.22 -84.50
C VAL N 31 2.69 -19.48 -85.25
N LEU N 32 3.52 -20.31 -84.61
CA LEU N 32 3.88 -21.60 -85.18
C LEU N 32 2.81 -22.64 -84.89
N GLU N 33 3.16 -23.91 -85.03
CA GLU N 33 2.24 -24.99 -84.71
C GLU N 33 2.77 -25.86 -83.58
N ARG N 34 3.25 -25.23 -82.51
CA ARG N 34 3.48 -25.86 -81.22
C ARG N 34 2.31 -25.63 -80.28
N VAL N 35 1.15 -25.30 -80.85
CA VAL N 35 -0.09 -25.06 -80.12
C VAL N 35 -0.42 -26.23 -79.20
N PRO N 36 -0.20 -27.49 -79.61
CA PRO N 36 -0.42 -28.58 -78.64
C PRO N 36 0.36 -28.40 -77.34
N SER N 37 1.64 -28.10 -77.43
CA SER N 37 2.42 -27.90 -76.22
C SER N 37 1.93 -26.69 -75.43
N LEU N 38 1.58 -25.61 -76.13
CA LEU N 38 1.04 -24.46 -75.43
C LEU N 38 -0.22 -24.81 -74.65
N ILE N 39 -1.13 -25.56 -75.26
CA ILE N 39 -2.35 -25.94 -74.57
C ILE N 39 -2.04 -26.82 -73.37
N ARG N 40 -1.10 -27.75 -73.54
CA ARG N 40 -0.75 -28.61 -72.41
C ARG N 40 -0.19 -27.81 -71.25
N ALA N 41 0.50 -26.71 -71.55
CA ALA N 41 0.97 -25.85 -70.45
C ALA N 41 -0.18 -25.06 -69.83
N ILE N 42 -1.07 -24.54 -70.66
CA ILE N 42 -2.16 -23.71 -70.16
C ILE N 42 -3.05 -24.51 -69.22
N ASN N 43 -3.30 -25.78 -69.54
CA ASN N 43 -4.13 -26.59 -68.68
C ASN N 43 -3.51 -26.73 -67.29
N LEU N 44 -2.21 -26.95 -67.23
CA LEU N 44 -1.52 -27.02 -65.95
C LEU N 44 -1.65 -25.72 -65.19
N GLY N 45 -1.52 -24.59 -65.89
CA GLY N 45 -1.69 -23.31 -65.22
C GLY N 45 -3.06 -23.16 -64.62
N VAL N 46 -4.10 -23.54 -65.37
CA VAL N 46 -5.46 -23.44 -64.86
C VAL N 46 -5.63 -24.29 -63.61
N LEU N 47 -5.08 -25.50 -63.64
CA LEU N 47 -5.18 -26.36 -62.47
C LEU N 47 -4.51 -25.73 -61.26
N ASP N 48 -3.34 -25.12 -61.46
CA ASP N 48 -2.65 -24.48 -60.35
C ASP N 48 -3.48 -23.35 -59.76
N LEU N 49 -4.09 -22.54 -60.62
CA LEU N 49 -4.90 -21.44 -60.11
C LEU N 49 -6.09 -21.96 -59.33
N HIS N 50 -6.71 -23.04 -59.81
CA HIS N 50 -7.81 -23.63 -59.07
C HIS N 50 -7.35 -24.22 -57.75
N LYS N 51 -6.08 -24.63 -57.67
CA LYS N 51 -5.54 -25.03 -56.37
C LYS N 51 -5.45 -23.84 -55.44
N ARG N 52 -4.94 -22.72 -55.93
CA ARG N 52 -4.66 -21.59 -55.05
C ARG N 52 -5.94 -20.91 -54.58
N PHE N 53 -6.95 -20.81 -55.43
CA PHE N 53 -8.21 -20.18 -55.03
C PHE N 53 -9.36 -21.13 -55.34
N LEU N 54 -10.45 -20.97 -54.59
CA LEU N 54 -11.58 -21.89 -54.75
C LEU N 54 -12.19 -21.80 -56.13
N LEU N 55 -12.86 -20.69 -56.41
CA LEU N 55 -13.38 -20.37 -57.73
C LEU N 55 -14.47 -21.34 -58.20
N LYS N 56 -14.72 -22.41 -57.45
CA LYS N 56 -15.66 -23.44 -57.88
C LYS N 56 -15.97 -24.35 -56.70
N GLU N 57 -17.09 -25.06 -56.81
CA GLU N 57 -17.43 -26.11 -55.87
C GLU N 57 -18.51 -26.98 -56.49
N GLY N 58 -18.54 -28.24 -56.09
CA GLY N 58 -19.42 -29.19 -56.74
C GLY N 58 -20.38 -29.87 -55.79
N MET N 59 -21.10 -30.87 -56.30
CA MET N 59 -22.09 -31.58 -55.50
C MET N 59 -22.29 -32.96 -56.05
N LEU N 60 -22.50 -33.93 -55.17
CA LEU N 60 -22.89 -35.27 -55.59
C LEU N 60 -24.13 -35.71 -54.84
N LYS N 61 -24.50 -36.97 -54.99
CA LYS N 61 -25.58 -37.54 -54.19
C LYS N 61 -25.40 -39.04 -54.19
N ILE N 62 -25.03 -39.60 -53.05
CA ILE N 62 -24.73 -41.02 -52.94
C ILE N 62 -25.94 -41.72 -52.35
N GLN N 63 -26.34 -42.83 -52.97
CA GLN N 63 -27.41 -43.66 -52.46
C GLN N 63 -26.80 -44.81 -51.66
N LEU N 64 -27.05 -44.82 -50.37
CA LEU N 64 -26.37 -45.74 -49.47
C LEU N 64 -26.81 -47.17 -49.72
N GLU N 65 -25.98 -48.10 -49.25
CA GLU N 65 -26.25 -49.53 -49.32
C GLU N 65 -25.74 -50.17 -48.04
N GLU N 66 -26.64 -50.77 -47.27
CA GLU N 66 -26.28 -51.29 -45.96
C GLU N 66 -25.22 -52.38 -46.08
N GLY N 67 -24.30 -52.39 -45.12
CA GLY N 67 -23.22 -53.36 -45.12
C GLY N 67 -22.03 -53.00 -45.97
N ARG N 68 -22.06 -51.87 -46.67
CA ARG N 68 -20.92 -51.44 -47.47
C ARG N 68 -19.94 -50.69 -46.58
N ARG N 69 -18.65 -50.85 -46.89
CA ARG N 69 -17.60 -50.24 -46.10
C ARG N 69 -16.91 -49.08 -46.81
N LEU N 70 -16.57 -49.26 -48.09
CA LEU N 70 -15.85 -48.25 -48.85
C LEU N 70 -16.69 -47.79 -50.03
N TYR N 71 -16.82 -46.47 -50.16
CA TYR N 71 -17.46 -45.87 -51.33
C TYR N 71 -16.43 -45.03 -52.05
N PRO N 72 -15.88 -45.50 -53.16
CA PRO N 72 -14.97 -44.66 -53.94
C PRO N 72 -15.76 -43.71 -54.83
N LEU N 73 -15.20 -42.53 -55.05
CA LEU N 73 -15.83 -41.53 -55.91
C LEU N 73 -15.00 -41.44 -57.19
N ARG N 74 -15.37 -42.25 -58.16
CA ARG N 74 -14.64 -42.34 -59.41
C ARG N 74 -15.64 -42.35 -60.56
N PRO N 75 -15.21 -41.95 -61.75
CA PRO N 75 -16.18 -41.72 -62.83
C PRO N 75 -16.74 -42.99 -63.44
N ALA N 76 -16.50 -44.13 -62.82
CA ALA N 76 -17.13 -45.37 -63.26
C ALA N 76 -18.38 -45.70 -62.47
N TYR N 77 -18.60 -45.04 -61.35
CA TYR N 77 -19.77 -45.28 -60.51
C TYR N 77 -20.83 -44.21 -60.66
N GLN N 78 -20.60 -43.23 -61.53
CA GLN N 78 -21.46 -42.05 -61.61
C GLN N 78 -22.48 -42.27 -62.71
N VAL N 79 -23.75 -41.92 -62.42
CA VAL N 79 -24.80 -42.08 -63.42
C VAL N 79 -24.48 -41.29 -64.66
N GLY N 80 -24.80 -41.87 -65.81
CA GLY N 80 -24.53 -41.24 -67.08
C GLY N 80 -23.14 -41.48 -67.61
N GLN N 81 -22.26 -42.06 -66.81
CA GLN N 81 -20.93 -42.42 -67.25
C GLN N 81 -20.98 -43.81 -67.86
N LYS N 82 -19.81 -44.39 -68.11
CA LYS N 82 -19.75 -45.72 -68.66
C LYS N 82 -20.03 -46.75 -67.57
N PRO N 83 -21.05 -47.58 -67.70
CA PRO N 83 -21.39 -48.52 -66.63
C PRO N 83 -20.53 -49.78 -66.65
N LYS N 84 -19.37 -49.74 -66.01
CA LYS N 84 -18.54 -50.93 -65.90
C LYS N 84 -19.33 -52.03 -65.19
N PRO N 85 -19.43 -53.23 -65.78
CA PRO N 85 -20.31 -54.26 -65.20
C PRO N 85 -20.00 -54.63 -63.75
N GLY N 86 -18.73 -54.65 -63.36
CA GLY N 86 -18.38 -55.09 -62.02
C GLY N 86 -18.78 -54.13 -60.92
N VAL N 87 -19.20 -52.93 -61.26
CA VAL N 87 -19.49 -51.92 -60.26
C VAL N 87 -20.95 -51.52 -60.34
N PRO N 88 -21.63 -51.30 -59.22
CA PRO N 88 -22.97 -50.71 -59.25
C PRO N 88 -22.91 -49.20 -59.21
N GLN N 89 -23.66 -48.57 -60.10
CA GLN N 89 -23.61 -47.12 -60.30
C GLN N 89 -24.45 -46.48 -59.21
N PHE N 90 -23.81 -46.07 -58.11
CA PHE N 90 -24.58 -45.52 -57.00
C PHE N 90 -24.55 -44.00 -56.90
N ILE N 91 -23.65 -43.32 -57.60
CA ILE N 91 -23.65 -41.87 -57.63
C ILE N 91 -24.70 -41.42 -58.63
N THR N 92 -25.85 -40.95 -58.14
CA THR N 92 -27.01 -40.78 -58.99
C THR N 92 -27.27 -39.34 -59.42
N GLU N 93 -26.43 -38.39 -59.03
CA GLU N 93 -26.75 -37.00 -59.33
C GLU N 93 -25.55 -36.12 -59.03
N GLY N 94 -25.32 -35.14 -59.88
CA GLY N 94 -24.27 -34.17 -59.62
C GLY N 94 -23.47 -33.80 -60.85
N ASN N 95 -22.46 -32.95 -60.66
CA ASN N 95 -21.61 -32.56 -61.79
C ASN N 95 -20.91 -33.79 -62.35
N LYS N 96 -20.74 -33.79 -63.67
CA LYS N 96 -20.08 -34.92 -64.31
C LYS N 96 -18.66 -35.05 -63.80
N LEU N 97 -18.30 -36.26 -63.39
CA LEU N 97 -17.01 -36.50 -62.75
C LEU N 97 -15.93 -36.73 -63.79
N GLY N 98 -14.75 -36.17 -63.53
CA GLY N 98 -13.61 -36.37 -64.41
C GLY N 98 -12.43 -36.92 -63.66
N ARG N 99 -11.26 -36.94 -64.31
CA ARG N 99 -10.08 -37.47 -63.65
C ARG N 99 -9.61 -36.55 -62.53
N GLN N 100 -9.60 -35.24 -62.77
CA GLN N 100 -9.23 -34.27 -61.74
C GLN N 100 -10.46 -33.39 -61.49
N SER N 101 -11.29 -33.82 -60.55
CA SER N 101 -12.43 -32.99 -60.19
C SER N 101 -12.48 -32.81 -58.68
N ILE N 102 -12.06 -33.83 -57.94
CA ILE N 102 -12.13 -33.80 -56.48
C ILE N 102 -10.77 -33.34 -55.97
N LEU N 103 -10.70 -32.07 -55.58
CA LEU N 103 -9.51 -31.58 -54.90
C LEU N 103 -9.58 -31.82 -53.39
N LYS N 104 -10.77 -31.75 -52.82
CA LYS N 104 -10.95 -31.99 -51.39
C LYS N 104 -12.43 -32.07 -51.07
N ILE N 105 -12.82 -33.05 -50.28
CA ILE N 105 -14.20 -33.14 -49.80
C ILE N 105 -14.35 -32.23 -48.59
N GLU N 106 -15.43 -31.47 -48.54
CA GLU N 106 -15.58 -30.46 -47.50
C GLU N 106 -16.78 -30.67 -46.60
N LYS N 107 -17.95 -30.96 -47.14
CA LYS N 107 -19.15 -31.07 -46.34
C LYS N 107 -19.89 -32.34 -46.71
N ILE N 108 -20.55 -32.92 -45.72
CA ILE N 108 -21.42 -34.07 -45.93
C ILE N 108 -22.73 -33.79 -45.23
N ILE N 109 -23.82 -33.76 -45.98
CA ILE N 109 -25.13 -33.44 -45.46
C ILE N 109 -26.08 -34.57 -45.79
N GLY N 110 -26.78 -35.05 -44.78
N GLY N 110 -26.78 -35.05 -44.78
CA GLY N 110 -27.74 -36.12 -44.97
CA GLY N 110 -27.74 -36.12 -44.97
C GLY N 110 -29.06 -35.62 -45.52
C GLY N 110 -29.06 -35.62 -45.52
N ASP N 111 -29.99 -36.56 -45.69
CA ASP N 111 -31.31 -36.21 -46.21
C ASP N 111 -32.16 -35.49 -45.17
N ASN N 112 -31.80 -35.58 -43.90
CA ASN N 112 -32.57 -34.97 -42.84
C ASN N 112 -32.12 -33.56 -42.53
N GLY N 113 -31.10 -33.06 -43.20
CA GLY N 113 -30.53 -31.78 -42.88
C GLY N 113 -29.43 -31.81 -41.86
N VAL N 114 -29.12 -32.98 -41.29
CA VAL N 114 -28.02 -33.05 -40.35
C VAL N 114 -26.70 -32.86 -41.08
N GLU N 115 -25.64 -32.62 -40.31
CA GLU N 115 -24.31 -32.38 -40.86
C GLU N 115 -23.33 -33.30 -40.14
N TYR N 116 -22.80 -34.27 -40.86
CA TYR N 116 -21.90 -35.23 -40.25
C TYR N 116 -20.49 -34.66 -40.13
N TYR N 117 -19.63 -35.39 -39.44
CA TYR N 117 -18.28 -34.96 -39.18
C TYR N 117 -17.30 -35.67 -40.09
N LEU N 118 -16.27 -34.96 -40.52
CA LEU N 118 -15.28 -35.47 -41.46
C LEU N 118 -13.92 -35.48 -40.81
N ASN N 119 -13.32 -36.67 -40.68
CA ASN N 119 -11.97 -36.83 -40.15
C ASN N 119 -11.83 -36.19 -38.77
N ASP N 120 -12.90 -36.19 -37.99
CA ASP N 120 -12.86 -35.69 -36.61
C ASP N 120 -13.02 -36.91 -35.72
N THR N 121 -11.89 -37.46 -35.28
CA THR N 121 -11.89 -38.72 -34.56
C THR N 121 -12.66 -38.60 -33.25
N TRP N 122 -13.32 -39.69 -32.88
CA TRP N 122 -14.08 -39.84 -31.65
C TRP N 122 -15.34 -39.01 -31.63
N GLN N 123 -15.66 -38.30 -32.70
CA GLN N 123 -16.93 -37.60 -32.78
C GLN N 123 -18.05 -38.63 -32.98
N PRO N 124 -19.29 -38.27 -32.66
CA PRO N 124 -20.37 -39.26 -32.66
C PRO N 124 -20.46 -40.11 -33.92
N LEU N 125 -20.64 -39.47 -35.07
CA LEU N 125 -20.81 -40.19 -36.34
C LEU N 125 -19.75 -39.66 -37.28
N ASN N 126 -18.56 -40.26 -37.21
CA ASN N 126 -17.41 -39.77 -37.95
C ASN N 126 -17.27 -40.52 -39.26
N ILE N 127 -16.92 -39.81 -40.31
CA ILE N 127 -16.68 -40.39 -41.62
C ILE N 127 -15.23 -40.15 -41.97
N THR N 128 -14.53 -41.22 -42.37
CA THR N 128 -13.10 -41.18 -42.59
C THR N 128 -12.79 -41.38 -44.06
N THR N 129 -11.81 -40.62 -44.56
CA THR N 129 -11.35 -40.77 -45.93
C THR N 129 -10.01 -41.47 -45.91
N PRO N 130 -9.92 -42.74 -46.26
CA PRO N 130 -8.64 -43.44 -46.18
C PRO N 130 -7.72 -43.11 -47.35
N GLU N 131 -8.28 -42.71 -48.48
CA GLU N 131 -7.46 -42.54 -49.67
C GLU N 131 -7.84 -41.30 -50.46
N PHE N 132 -8.38 -40.28 -49.79
CA PHE N 132 -8.53 -38.96 -50.37
C PHE N 132 -9.61 -38.87 -51.44
N ASP N 133 -10.12 -40.03 -51.87
CA ASP N 133 -11.20 -40.07 -52.85
C ASP N 133 -12.18 -41.19 -52.52
N VAL N 134 -12.13 -41.68 -51.29
CA VAL N 134 -12.94 -42.80 -50.84
C VAL N 134 -13.53 -42.45 -49.49
N LEU N 135 -14.78 -42.79 -49.27
CA LEU N 135 -15.42 -42.63 -47.98
C LEU N 135 -15.49 -43.98 -47.29
N GLU N 136 -14.95 -44.05 -46.09
CA GLU N 136 -15.04 -45.24 -45.26
C GLU N 136 -16.14 -45.03 -44.24
N ILE N 137 -17.16 -45.88 -44.29
CA ILE N 137 -18.33 -45.73 -43.43
C ILE N 137 -18.37 -46.90 -42.46
N SER N 138 -18.27 -46.60 -41.17
CA SER N 138 -18.27 -47.65 -40.17
C SER N 138 -19.68 -48.20 -39.97
N ASP N 139 -19.76 -49.32 -39.25
CA ASP N 139 -21.05 -49.97 -39.03
C ASP N 139 -21.91 -49.20 -38.03
N GLU N 140 -21.29 -48.48 -37.11
CA GLU N 140 -22.07 -47.66 -36.19
C GLU N 140 -22.89 -46.63 -36.93
N PHE N 141 -22.39 -46.17 -38.07
CA PHE N 141 -23.17 -45.26 -38.90
C PHE N 141 -24.47 -45.91 -39.35
N TYR N 142 -24.39 -47.16 -39.80
CA TYR N 142 -25.61 -47.86 -40.18
C TYR N 142 -26.49 -48.12 -38.97
N CYS N 143 -25.89 -48.38 -37.82
CA CYS N 143 -26.68 -48.61 -36.61
C CYS N 143 -27.51 -47.38 -36.27
N HIS N 144 -26.90 -46.21 -36.30
CA HIS N 144 -27.61 -44.95 -36.07
C HIS N 144 -27.36 -44.04 -37.26
N SER N 145 -28.10 -44.26 -38.34
CA SER N 145 -28.03 -43.38 -39.50
C SER N 145 -29.36 -42.69 -39.78
N SER N 146 -30.43 -43.44 -39.98
CA SER N 146 -31.74 -42.88 -40.32
C SER N 146 -31.68 -42.01 -41.57
N SER N 147 -30.72 -42.28 -42.45
CA SER N 147 -30.54 -41.49 -43.67
C SER N 147 -30.29 -42.45 -44.82
N LYS N 148 -31.06 -42.33 -45.88
CA LYS N 148 -30.94 -43.24 -47.02
C LYS N 148 -30.05 -42.69 -48.12
N THR N 149 -29.55 -41.47 -47.98
CA THR N 149 -28.74 -40.87 -49.02
C THR N 149 -27.84 -39.81 -48.40
N LEU N 150 -26.85 -39.38 -49.16
CA LEU N 150 -25.90 -38.39 -48.72
C LEU N 150 -25.71 -37.35 -49.81
N GLU N 151 -25.30 -36.15 -49.40
CA GLU N 151 -24.94 -35.09 -50.32
C GLU N 151 -23.55 -34.62 -49.98
N VAL N 152 -22.67 -34.59 -50.98
CA VAL N 152 -21.26 -34.30 -50.78
C VAL N 152 -20.92 -33.02 -51.53
N ARG N 153 -20.11 -32.17 -50.91
CA ARG N 153 -19.60 -30.98 -51.57
C ARG N 153 -18.08 -31.01 -51.52
N TYR N 154 -17.47 -30.44 -52.54
CA TYR N 154 -16.03 -30.61 -52.71
C TYR N 154 -15.50 -29.50 -53.58
N ARG N 155 -14.20 -29.29 -53.50
CA ARG N 155 -13.54 -28.27 -54.30
C ARG N 155 -13.22 -28.81 -55.67
N ARG N 156 -13.66 -28.10 -56.71
CA ARG N 156 -13.57 -28.59 -58.07
C ARG N 156 -12.43 -27.98 -58.83
N ALA N 157 -12.07 -28.63 -59.94
CA ALA N 157 -11.21 -28.10 -60.96
C ALA N 157 -11.83 -28.51 -62.28
N PRO N 158 -11.82 -27.64 -63.28
CA PRO N 158 -12.53 -27.93 -64.52
C PRO N 158 -11.87 -29.06 -65.29
N THR N 159 -12.65 -29.71 -66.14
CA THR N 159 -12.14 -30.75 -67.00
C THR N 159 -11.71 -30.15 -68.33
N PRO N 160 -10.43 -30.24 -68.69
CA PRO N 160 -9.97 -29.58 -69.91
C PRO N 160 -10.60 -30.20 -71.15
N MET N 161 -10.81 -29.35 -72.16
CA MET N 161 -11.40 -29.81 -73.41
C MET N 161 -10.37 -30.60 -74.21
N LYS N 162 -10.85 -31.60 -74.94
CA LYS N 162 -9.98 -32.50 -75.68
C LYS N 162 -9.64 -31.90 -77.03
N ILE N 163 -8.36 -31.68 -77.26
CA ILE N 163 -7.88 -31.24 -78.57
C ILE N 163 -7.71 -32.46 -79.47
N CYS N 164 -7.79 -32.23 -80.78
CA CYS N 164 -7.70 -33.32 -81.74
C CYS N 164 -6.97 -32.87 -82.98
N VAL N 165 -6.37 -33.83 -83.69
CA VAL N 165 -5.54 -33.52 -84.84
C VAL N 165 -6.36 -32.87 -85.94
N ASP N 166 -7.62 -33.28 -86.09
CA ASP N 166 -8.51 -32.57 -87.00
C ASP N 166 -8.90 -31.22 -86.43
N ASN N 167 -9.01 -31.12 -85.10
CA ASN N 167 -9.32 -29.84 -84.46
C ASN N 167 -8.20 -28.82 -84.59
N LEU N 168 -7.00 -29.25 -85.00
CA LEU N 168 -5.95 -28.28 -85.33
C LEU N 168 -6.38 -27.25 -86.36
N ASP N 169 -7.51 -27.44 -87.03
CA ASP N 169 -8.00 -26.43 -87.96
C ASP N 169 -8.30 -25.13 -87.26
N SER N 170 -9.10 -25.18 -86.19
CA SER N 170 -9.61 -23.97 -85.56
C SER N 170 -8.83 -23.59 -84.31
N TRP N 171 -8.84 -24.47 -83.30
CA TRP N 171 -8.14 -24.27 -82.02
C TRP N 171 -8.60 -22.99 -81.35
N GLY N 172 -9.53 -22.26 -81.97
CA GLY N 172 -9.97 -20.98 -81.48
C GLY N 172 -11.35 -21.06 -80.88
N CYS N 173 -12.01 -22.20 -81.08
CA CYS N 173 -13.28 -22.44 -80.42
C CYS N 173 -13.11 -23.06 -79.03
N ILE N 174 -11.89 -23.46 -78.67
CA ILE N 174 -11.63 -23.96 -77.34
C ILE N 174 -11.86 -22.84 -76.33
N ASP N 175 -12.47 -23.19 -75.21
CA ASP N 175 -12.82 -22.21 -74.18
C ASP N 175 -12.14 -22.59 -72.87
N ILE N 176 -11.20 -21.75 -72.43
CA ILE N 176 -10.62 -21.92 -71.11
C ILE N 176 -11.64 -21.46 -70.07
N ASP N 177 -11.63 -22.12 -68.91
CA ASP N 177 -12.61 -21.89 -67.87
C ASP N 177 -11.97 -21.10 -66.74
N LEU N 178 -12.00 -19.78 -66.84
CA LEU N 178 -11.42 -18.91 -65.83
C LEU N 178 -12.11 -17.55 -65.87
N PRO N 179 -12.16 -16.85 -64.76
CA PRO N 179 -12.45 -15.41 -64.79
C PRO N 179 -11.25 -14.66 -65.33
N TYR N 180 -11.50 -13.43 -65.79
CA TYR N 180 -10.46 -12.70 -66.51
C TYR N 180 -9.30 -12.28 -65.61
N THR N 181 -9.58 -12.00 -64.34
CA THR N 181 -8.53 -11.67 -63.38
C THR N 181 -7.44 -12.74 -63.38
N HIS N 182 -7.86 -13.96 -63.10
CA HIS N 182 -6.90 -15.03 -63.09
C HIS N 182 -6.33 -15.30 -64.47
N LEU N 183 -6.95 -14.77 -65.53
CA LEU N 183 -6.26 -14.74 -66.82
C LEU N 183 -5.01 -13.90 -66.75
N GLN N 184 -5.15 -12.68 -66.22
CA GLN N 184 -3.96 -11.84 -66.11
C GLN N 184 -2.87 -12.56 -65.34
N ALA N 185 -3.23 -13.33 -64.32
CA ALA N 185 -2.20 -14.08 -63.59
C ALA N 185 -1.65 -15.25 -64.40
N LEU N 186 -2.52 -15.95 -65.11
CA LEU N 186 -2.12 -17.12 -65.87
C LEU N 186 -1.10 -16.76 -66.93
N LEU N 187 -1.20 -15.55 -67.48
CA LEU N 187 -0.20 -15.13 -68.45
C LEU N 187 1.21 -15.22 -67.87
N TYR N 188 1.42 -14.66 -66.68
CA TYR N 188 2.73 -14.71 -66.06
C TYR N 188 3.14 -16.14 -65.78
N PHE N 189 2.21 -16.97 -65.31
CA PHE N 189 2.58 -18.35 -65.02
C PHE N 189 3.15 -19.02 -66.27
N VAL N 190 2.41 -18.96 -67.38
CA VAL N 190 2.83 -19.64 -68.59
C VAL N 190 4.13 -19.06 -69.10
N ALA N 191 4.27 -17.74 -69.05
CA ALA N 191 5.50 -17.12 -69.54
C ALA N 191 6.71 -17.61 -68.76
N SER N 192 6.59 -17.67 -67.43
CA SER N 192 7.71 -18.16 -66.64
C SER N 192 8.07 -19.58 -67.03
N ARG N 193 7.06 -20.45 -67.12
CA ARG N 193 7.34 -21.85 -67.39
C ARG N 193 8.01 -22.02 -68.74
N CYS N 194 7.56 -21.27 -69.76
CA CYS N 194 8.15 -21.43 -71.08
C CYS N 194 9.53 -20.81 -71.17
N GLN N 195 9.75 -19.66 -70.52
CA GLN N 195 11.02 -18.95 -70.67
C GLN N 195 12.11 -19.50 -69.78
N THR N 196 11.81 -20.37 -68.82
CA THR N 196 12.87 -20.81 -67.93
C THR N 196 14.09 -21.40 -68.64
N PRO N 197 13.95 -22.42 -69.52
CA PRO N 197 15.12 -23.15 -70.01
C PRO N 197 15.70 -22.62 -71.31
N ILE N 198 15.99 -21.33 -71.36
CA ILE N 198 16.55 -20.70 -72.56
C ILE N 198 17.39 -19.51 -72.15
N GLY N 199 18.53 -19.34 -72.79
CA GLY N 199 19.29 -18.13 -72.64
C GLY N 199 20.61 -18.34 -71.92
N PHE N 200 21.64 -17.63 -72.36
CA PHE N 200 22.96 -17.75 -71.77
C PHE N 200 23.63 -16.42 -71.49
N MET N 201 22.94 -15.30 -71.67
CA MET N 201 23.50 -14.00 -71.36
C MET N 201 23.06 -13.55 -69.98
N GLU N 202 23.78 -12.56 -69.45
CA GLU N 202 23.60 -12.18 -68.04
C GLU N 202 22.18 -11.76 -67.75
N ASN N 203 21.64 -10.86 -68.55
CA ASN N 203 20.28 -10.37 -68.30
C ASN N 203 19.21 -11.27 -68.89
N THR N 204 19.56 -12.12 -69.84
CA THR N 204 18.57 -13.01 -70.44
C THR N 204 18.46 -14.33 -69.71
N ALA N 205 19.29 -14.57 -68.70
CA ALA N 205 19.19 -15.79 -67.92
C ALA N 205 18.29 -15.63 -66.70
N GLN N 206 17.64 -14.49 -66.53
CA GLN N 206 16.84 -14.23 -65.34
C GLN N 206 15.37 -13.97 -65.65
N GLU N 207 14.96 -14.14 -66.90
CA GLU N 207 13.58 -13.83 -67.24
C GLU N 207 12.61 -14.79 -66.56
N GLY N 208 12.95 -16.07 -66.51
CA GLY N 208 12.08 -17.01 -65.83
C GLY N 208 11.90 -16.66 -64.36
N PHE N 209 13.01 -16.33 -63.70
CA PHE N 209 12.91 -15.95 -62.29
C PHE N 209 12.07 -14.70 -62.10
N ASN N 210 12.26 -13.70 -62.97
CA ASN N 210 11.48 -12.47 -62.84
C ASN N 210 10.01 -12.75 -63.03
N PHE N 211 9.67 -13.59 -63.99
CA PHE N 211 8.26 -13.88 -64.23
C PHE N 211 7.66 -14.66 -63.05
N SER N 212 8.44 -15.54 -62.43
CA SER N 212 7.95 -16.20 -61.24
C SER N 212 7.65 -15.20 -60.14
N GLN N 213 8.55 -14.23 -59.95
CA GLN N 213 8.31 -13.22 -58.92
C GLN N 213 7.04 -12.43 -59.21
N LYS N 214 6.85 -12.03 -60.47
CA LYS N 214 5.65 -11.28 -60.80
C LYS N 214 4.40 -12.11 -60.61
N TYR N 215 4.49 -13.41 -60.90
CA TYR N 215 3.35 -14.30 -60.69
C TYR N 215 2.96 -14.34 -59.22
N GLU N 216 3.94 -14.48 -58.33
CA GLU N 216 3.64 -14.48 -56.91
C GLU N 216 3.04 -13.16 -56.46
N ALA N 217 3.59 -12.04 -56.94
CA ALA N 217 3.05 -10.74 -56.57
C ALA N 217 1.60 -10.61 -57.00
N GLU N 218 1.29 -11.07 -58.22
CA GLU N 218 -0.09 -10.96 -58.69
C GLU N 218 -1.02 -11.82 -57.87
N CYS N 219 -0.59 -13.03 -57.48
CA CYS N 219 -1.43 -13.85 -56.64
C CYS N 219 -1.72 -13.16 -55.31
N ALA N 220 -0.69 -12.55 -54.72
CA ALA N 220 -0.91 -11.82 -53.48
C ALA N 220 -1.90 -10.67 -53.67
N ASN N 221 -1.79 -9.96 -54.80
CA ASN N 221 -2.71 -8.85 -55.05
C ASN N 221 -4.14 -9.34 -55.19
N LEU N 222 -4.35 -10.47 -55.86
CA LEU N 222 -5.69 -11.00 -55.96
C LEU N 222 -6.23 -11.37 -54.59
N ASP N 223 -5.40 -11.98 -53.75
CA ASP N 223 -5.84 -12.29 -52.40
C ASP N 223 -6.25 -11.04 -51.65
N ALA N 224 -5.45 -9.98 -51.77
CA ALA N 224 -5.77 -8.75 -51.07
C ALA N 224 -7.08 -8.15 -51.56
N GLN N 225 -7.27 -8.12 -52.88
CA GLN N 225 -8.51 -7.57 -53.42
C GLN N 225 -9.71 -8.45 -53.15
N ASN N 226 -9.49 -9.71 -52.77
CA ASN N 226 -10.57 -10.62 -52.40
C ASN N 226 -11.52 -10.84 -53.58
N LEU N 227 -10.95 -11.35 -54.67
CA LEU N 227 -11.73 -11.69 -55.85
C LEU N 227 -11.98 -13.19 -55.96
N ARG N 228 -12.15 -13.87 -54.84
CA ARG N 228 -12.52 -15.27 -54.82
C ARG N 228 -13.60 -15.51 -53.79
N ILE N 229 -14.20 -16.70 -53.83
CA ILE N 229 -15.25 -17.05 -52.89
C ILE N 229 -14.67 -17.23 -51.50
N ASP N 230 -15.41 -16.78 -50.49
CA ASP N 230 -14.97 -16.90 -49.10
C ASP N 230 -16.17 -16.96 -48.18
N PRO N 231 -16.62 -18.15 -47.83
CA PRO N 231 -17.66 -18.26 -46.81
C PRO N 231 -17.13 -17.81 -45.46
N VAL N 232 -18.02 -17.24 -44.66
CA VAL N 232 -17.71 -16.84 -43.29
C VAL N 232 -18.86 -17.30 -42.40
N GLY N 233 -18.53 -17.96 -41.31
CA GLY N 233 -19.54 -18.64 -40.50
C GLY N 233 -20.11 -17.77 -39.40
N ASN N 234 -21.43 -17.81 -39.26
CA ASN N 234 -22.16 -17.15 -38.18
C ASN N 234 -23.11 -18.18 -37.59
N GLN N 235 -22.65 -18.96 -36.61
CA GLN N 235 -23.57 -19.89 -35.99
C GLN N 235 -24.65 -19.17 -35.20
N ASP N 236 -25.63 -19.95 -34.78
CA ASP N 236 -26.71 -19.42 -33.96
C ASP N 236 -26.31 -19.40 -32.49
N ARG N 237 -26.05 -20.58 -31.91
CA ARG N 237 -25.64 -20.74 -30.52
C ARG N 237 -26.74 -20.38 -29.54
N PHE N 238 -27.87 -19.86 -30.03
CA PHE N 238 -28.94 -19.42 -29.15
C PHE N 238 -30.17 -20.29 -29.21
N THR N 239 -30.21 -21.27 -30.11
CA THR N 239 -31.36 -22.15 -30.23
C THR N 239 -31.14 -23.52 -29.63
N ARG N 240 -29.93 -23.81 -29.16
CA ARG N 240 -29.70 -25.09 -28.49
C ARG N 240 -30.60 -25.24 -27.27
N GLY N 241 -30.97 -24.13 -26.64
CA GLY N 241 -31.76 -24.16 -25.44
C GLY N 241 -30.85 -23.99 -24.24
N GLY N 242 -30.76 -22.77 -23.72
CA GLY N 242 -29.86 -22.53 -22.61
C GLY N 242 -29.07 -21.25 -22.71
N TRP N 243 -28.70 -20.83 -23.91
CA TRP N 243 -27.94 -19.59 -24.06
C TRP N 243 -28.82 -18.38 -24.26
N VAL N 244 -29.82 -18.20 -23.40
CA VAL N 244 -30.70 -17.05 -23.53
C VAL N 244 -31.47 -16.82 -22.25
N ARG O 21 -86.26 -40.66 -13.23
CA ARG O 21 -85.87 -39.39 -13.84
C ARG O 21 -85.13 -38.53 -12.82
N LEU O 22 -85.21 -38.95 -11.56
CA LEU O 22 -84.45 -38.40 -10.45
C LEU O 22 -84.95 -37.03 -10.00
N GLN O 23 -85.83 -36.43 -10.79
CA GLN O 23 -86.38 -35.10 -10.47
C GLN O 23 -87.64 -34.89 -11.27
N PRO O 24 -88.72 -35.63 -10.97
CA PRO O 24 -89.93 -35.50 -11.79
C PRO O 24 -90.58 -34.13 -11.72
N GLU O 25 -90.32 -33.35 -10.68
CA GLU O 25 -90.99 -32.07 -10.50
C GLU O 25 -90.22 -30.91 -11.11
N TRP O 26 -89.10 -31.16 -11.76
CA TRP O 26 -88.34 -30.10 -12.40
C TRP O 26 -88.78 -29.98 -13.85
N SER O 27 -89.44 -28.87 -14.17
CA SER O 27 -90.01 -28.71 -15.51
C SER O 27 -88.92 -28.73 -16.57
N ASN O 28 -87.79 -28.11 -16.29
CA ASN O 28 -86.69 -28.01 -17.25
C ASN O 28 -85.42 -28.50 -16.56
N ALA O 29 -85.21 -29.76 -16.57
CA ALA O 29 -83.98 -30.21 -15.94
C ALA O 29 -82.88 -30.37 -16.98
N PRO O 30 -81.63 -30.11 -16.61
CA PRO O 30 -80.54 -30.28 -17.56
C PRO O 30 -80.39 -31.73 -17.96
N SER O 31 -79.96 -31.95 -19.20
CA SER O 31 -79.62 -33.27 -19.67
C SER O 31 -78.11 -33.39 -19.79
N LEU O 32 -77.64 -34.63 -19.86
CA LEU O 32 -76.20 -34.87 -19.92
C LEU O 32 -75.58 -34.17 -21.12
N ALA O 33 -76.36 -33.92 -22.16
CA ALA O 33 -75.81 -33.27 -23.35
C ALA O 33 -75.36 -31.85 -23.03
N GLN O 34 -76.21 -31.06 -22.38
CA GLN O 34 -75.85 -29.67 -22.11
C GLN O 34 -74.67 -29.58 -21.17
N LEU O 35 -74.61 -30.46 -20.17
CA LEU O 35 -73.51 -30.41 -19.21
C LEU O 35 -72.18 -30.63 -19.92
N LYS O 36 -72.07 -31.71 -20.69
CA LYS O 36 -70.83 -31.93 -21.43
C LYS O 36 -70.58 -30.83 -22.44
N GLN O 37 -71.65 -30.23 -22.96
CA GLN O 37 -71.49 -29.14 -23.91
C GLN O 37 -70.79 -27.96 -23.28
N ASP O 38 -71.24 -27.55 -22.09
CA ASP O 38 -70.58 -26.46 -21.39
C ASP O 38 -69.18 -26.86 -20.96
N TYR O 39 -68.97 -28.14 -20.66
CA TYR O 39 -67.65 -28.58 -20.26
C TYR O 39 -66.64 -28.37 -21.37
N GLN O 40 -67.03 -28.63 -22.61
CA GLN O 40 -66.11 -28.46 -23.73
C GLN O 40 -65.71 -27.01 -23.90
N GLU O 41 -66.66 -26.09 -23.81
CA GLU O 41 -66.40 -24.70 -24.15
C GLU O 41 -65.51 -23.99 -23.14
N ALA O 42 -65.23 -24.59 -21.99
CA ALA O 42 -64.37 -23.97 -21.01
C ALA O 42 -62.96 -24.52 -21.00
N LYS O 43 -62.77 -25.76 -21.44
CA LYS O 43 -61.42 -26.26 -21.62
C LYS O 43 -60.66 -25.43 -22.64
N GLN O 44 -61.36 -24.92 -23.65
CA GLN O 44 -60.72 -24.08 -24.66
C GLN O 44 -60.03 -22.89 -24.03
N VAL O 45 -60.48 -22.46 -22.86
CA VAL O 45 -59.85 -21.36 -22.15
C VAL O 45 -58.85 -21.86 -21.13
N THR O 46 -59.21 -22.89 -20.36
CA THR O 46 -58.32 -23.32 -19.29
C THR O 46 -57.04 -23.96 -19.80
N ASP O 47 -57.03 -24.45 -21.05
CA ASP O 47 -55.84 -25.12 -21.56
C ASP O 47 -54.66 -24.17 -21.62
N GLU O 48 -54.91 -22.90 -21.95
CA GLU O 48 -53.81 -21.94 -22.01
C GLU O 48 -53.10 -21.84 -20.66
N LYS O 49 -53.88 -21.66 -19.60
CA LYS O 49 -53.28 -21.52 -18.28
C LYS O 49 -52.63 -22.82 -17.85
N ILE O 50 -53.21 -23.97 -18.22
CA ILE O 50 -52.60 -25.23 -17.86
C ILE O 50 -51.24 -25.37 -18.52
N THR O 51 -51.14 -25.03 -19.80
CA THR O 51 -49.84 -25.10 -20.48
C THR O 51 -48.85 -24.13 -19.86
N GLN O 52 -49.31 -22.94 -19.49
CA GLN O 52 -48.42 -21.97 -18.87
C GLN O 52 -47.85 -22.52 -17.57
N ILE O 53 -48.71 -23.11 -16.74
CA ILE O 53 -48.25 -23.64 -15.47
C ILE O 53 -47.33 -24.82 -15.69
N ASN O 54 -47.61 -25.64 -16.70
CA ASN O 54 -46.72 -26.75 -17.01
C ASN O 54 -45.34 -26.24 -17.39
N ARG O 55 -45.29 -25.18 -18.20
CA ARG O 55 -44.01 -24.62 -18.57
C ARG O 55 -43.27 -24.11 -17.34
N TRP O 56 -43.98 -23.44 -16.43
CA TRP O 56 -43.32 -22.99 -15.21
C TRP O 56 -42.76 -24.16 -14.42
N LEU O 57 -43.55 -25.22 -14.27
CA LEU O 57 -43.11 -26.36 -13.48
C LEU O 57 -41.92 -27.05 -14.10
N ASP O 58 -41.86 -27.12 -15.43
CA ASP O 58 -40.78 -27.83 -16.08
C ASP O 58 -39.43 -27.14 -15.92
N TYR O 59 -39.36 -26.04 -15.18
CA TYR O 59 -38.08 -25.38 -14.98
C TYR O 59 -37.54 -25.56 -13.57
N MET O 60 -38.39 -25.53 -12.55
CA MET O 60 -37.87 -25.77 -11.20
C MET O 60 -37.37 -27.20 -11.07
N HIS O 61 -38.09 -28.16 -11.65
CA HIS O 61 -37.53 -29.48 -11.90
C HIS O 61 -37.01 -29.47 -13.31
N VAL O 62 -35.73 -29.75 -13.49
CA VAL O 62 -35.16 -29.65 -14.83
C VAL O 62 -35.63 -30.85 -15.62
N ARG O 63 -36.72 -30.67 -16.37
CA ARG O 63 -37.30 -31.75 -17.16
C ARG O 63 -37.75 -31.17 -18.48
N GLY O 64 -38.16 -32.06 -19.38
CA GLY O 64 -38.77 -31.68 -20.64
C GLY O 64 -38.07 -30.54 -21.34
N GLU O 65 -38.80 -29.46 -21.61
CA GLU O 65 -38.20 -28.33 -22.30
C GLU O 65 -37.28 -27.52 -21.39
N GLY O 66 -37.26 -27.80 -20.09
CA GLY O 66 -36.30 -27.15 -19.22
C GLY O 66 -34.93 -27.77 -19.26
N LYS O 67 -34.78 -28.94 -19.83
CA LYS O 67 -33.49 -29.60 -19.94
C LYS O 67 -32.75 -29.05 -21.14
N PRO O 68 -31.57 -28.46 -20.98
CA PRO O 68 -30.85 -27.91 -22.13
C PRO O 68 -30.31 -29.02 -23.02
N LYS O 69 -30.36 -28.77 -24.32
CA LYS O 69 -29.82 -29.71 -25.30
C LYS O 69 -28.37 -29.36 -25.57
N THR O 70 -27.47 -30.30 -25.30
CA THR O 70 -26.04 -30.07 -25.46
C THR O 70 -25.42 -31.16 -26.34
N GLU O 71 -24.36 -30.78 -27.05
CA GLU O 71 -23.68 -31.72 -27.92
C GLU O 71 -22.94 -32.76 -27.11
N LYS O 72 -22.69 -33.90 -27.75
CA LYS O 72 -21.88 -34.93 -27.12
C LYS O 72 -20.43 -34.47 -27.07
N GLY O 73 -19.79 -34.63 -25.92
CA GLY O 73 -18.45 -34.16 -25.72
C GLY O 73 -18.33 -32.86 -24.97
N LYS O 74 -19.45 -32.26 -24.55
CA LYS O 74 -19.45 -31.06 -23.74
C LYS O 74 -20.32 -31.28 -22.52
N SER O 75 -20.18 -30.39 -21.55
CA SER O 75 -20.85 -30.59 -20.28
C SER O 75 -22.35 -30.43 -20.43
N ALA O 76 -23.09 -30.95 -19.44
CA ALA O 76 -24.54 -30.84 -19.42
C ALA O 76 -25.05 -30.55 -18.01
N VAL O 77 -24.26 -29.89 -17.19
CA VAL O 77 -24.68 -29.56 -15.84
C VAL O 77 -25.63 -28.37 -15.88
N GLN O 78 -26.50 -28.28 -14.89
CA GLN O 78 -27.47 -27.21 -14.84
C GLN O 78 -27.88 -26.91 -13.39
N PRO O 79 -27.39 -25.82 -12.82
CA PRO O 79 -27.69 -25.54 -11.41
C PRO O 79 -29.12 -25.05 -11.25
N PRO O 80 -29.89 -25.67 -10.35
CA PRO O 80 -31.25 -25.19 -10.09
C PRO O 80 -31.20 -23.89 -9.29
N THR O 81 -32.01 -22.92 -9.70
CA THR O 81 -32.16 -21.71 -8.93
C THR O 81 -33.58 -21.43 -8.49
N ILE O 82 -34.57 -21.79 -9.30
CA ILE O 82 -35.96 -21.60 -8.87
C ILE O 82 -36.25 -22.46 -7.66
N ARG O 83 -35.82 -23.73 -7.70
CA ARG O 83 -35.99 -24.59 -6.55
C ARG O 83 -35.20 -24.06 -5.36
N LYS O 84 -33.99 -23.56 -5.62
CA LYS O 84 -33.18 -22.95 -4.59
C LYS O 84 -33.96 -21.84 -3.88
N GLN O 85 -34.64 -21.00 -4.64
CA GLN O 85 -35.40 -19.92 -4.04
C GLN O 85 -36.58 -20.44 -3.26
N ALA O 86 -37.32 -21.40 -3.83
CA ALA O 86 -38.53 -21.88 -3.17
C ALA O 86 -38.21 -22.56 -1.85
N GLU O 87 -37.06 -23.23 -1.76
CA GLU O 87 -36.72 -23.92 -0.52
C GLU O 87 -36.56 -22.95 0.63
N TRP O 88 -36.13 -21.72 0.35
CA TRP O 88 -35.92 -20.74 1.40
C TRP O 88 -37.16 -19.92 1.70
N ARG O 89 -38.26 -20.22 1.06
CA ARG O 89 -39.52 -19.54 1.33
C ARG O 89 -40.58 -20.45 1.91
N TYR O 90 -40.52 -21.75 1.62
CA TYR O 90 -41.55 -22.66 2.13
C TYR O 90 -41.72 -22.53 3.64
N SER O 91 -40.62 -22.65 4.38
CA SER O 91 -40.73 -22.68 5.83
C SER O 91 -41.14 -21.34 6.40
N SER O 92 -40.56 -20.25 5.89
CA SER O 92 -40.91 -18.93 6.38
C SER O 92 -42.36 -18.61 6.10
N LEU O 93 -42.96 -19.26 5.10
CA LEU O 93 -44.39 -19.04 4.89
C LEU O 93 -45.24 -19.94 5.78
N SER O 94 -44.85 -21.20 5.93
CA SER O 94 -45.70 -22.15 6.64
C SER O 94 -45.62 -22.01 8.15
N GLU O 95 -44.56 -21.40 8.68
CA GLU O 95 -44.38 -21.37 10.12
C GLU O 95 -45.50 -20.66 10.88
N PRO O 96 -45.93 -19.44 10.50
CA PRO O 96 -46.86 -18.68 11.34
C PRO O 96 -48.21 -19.35 11.57
N PHE O 97 -48.44 -20.50 10.94
CA PHE O 97 -49.65 -21.26 11.19
C PHE O 97 -49.44 -22.37 12.20
N LEU O 98 -48.36 -23.13 12.07
CA LEU O 98 -48.12 -24.25 12.96
C LEU O 98 -47.33 -23.88 14.21
N SER O 99 -46.86 -22.64 14.32
CA SER O 99 -46.09 -22.27 15.49
C SER O 99 -46.93 -22.22 16.76
N SER O 100 -48.25 -22.27 16.66
CA SER O 100 -49.13 -22.12 17.81
C SER O 100 -49.86 -23.42 18.10
N PRO O 101 -50.30 -23.62 19.34
CA PRO O 101 -51.00 -24.87 19.67
C PRO O 101 -52.24 -25.11 18.84
N ASN O 102 -53.02 -24.07 18.55
CA ASN O 102 -54.20 -24.20 17.70
C ASN O 102 -54.27 -23.00 16.78
N ILE O 103 -54.85 -23.21 15.60
CA ILE O 103 -54.83 -22.19 14.57
C ILE O 103 -55.76 -21.04 14.91
N PHE O 104 -57.04 -21.33 15.02
CA PHE O 104 -58.05 -20.28 15.02
C PHE O 104 -58.15 -19.61 16.38
N GLU O 105 -58.93 -18.54 16.43
CA GLU O 105 -59.17 -17.80 17.65
C GLU O 105 -60.46 -17.01 17.47
N VAL O 106 -61.47 -17.34 18.27
CA VAL O 106 -62.80 -16.78 18.12
C VAL O 106 -63.08 -15.85 19.28
N ASN O 107 -63.57 -14.65 18.98
CA ASN O 107 -63.90 -13.66 19.98
C ASN O 107 -65.31 -13.14 19.75
N PRO O 108 -66.02 -12.77 20.82
CA PRO O 108 -67.38 -12.28 20.65
C PRO O 108 -67.39 -10.87 20.08
N VAL O 109 -68.53 -10.51 19.51
CA VAL O 109 -68.76 -9.16 19.02
C VAL O 109 -69.50 -8.33 20.04
N THR O 110 -70.51 -8.90 20.67
CA THR O 110 -71.31 -8.22 21.67
C THR O 110 -71.47 -9.14 22.88
N TRP O 111 -71.75 -8.52 24.03
CA TRP O 111 -71.79 -9.28 25.27
C TRP O 111 -72.83 -10.38 25.26
N GLU O 112 -73.84 -10.31 24.38
CA GLU O 112 -74.77 -11.41 24.22
C GLU O 112 -74.04 -12.70 23.88
N ASP O 113 -72.89 -12.59 23.23
CA ASP O 113 -72.05 -13.71 22.84
C ASP O 113 -71.14 -14.07 24.02
N ALA O 114 -70.06 -14.80 23.74
CA ALA O 114 -69.04 -15.31 24.66
C ALA O 114 -69.45 -16.62 25.31
N GLU O 115 -70.60 -17.17 24.99
CA GLU O 115 -70.87 -18.58 25.22
C GLU O 115 -70.85 -19.37 23.92
N SER O 116 -71.66 -18.93 22.96
CA SER O 116 -71.58 -19.50 21.62
C SER O 116 -70.18 -19.36 21.06
N ALA O 117 -69.54 -18.22 21.28
CA ALA O 117 -68.19 -18.01 20.78
C ALA O 117 -67.23 -19.04 21.34
N ARG O 118 -67.22 -19.20 22.67
CA ARG O 118 -66.31 -20.13 23.30
C ARG O 118 -66.58 -21.56 22.82
N GLN O 119 -67.85 -21.94 22.78
CA GLN O 119 -68.19 -23.30 22.37
C GLN O 119 -67.74 -23.58 20.95
N ASN O 120 -68.08 -22.69 20.01
CA ASN O 120 -67.72 -22.92 18.62
C ASN O 120 -66.21 -22.93 18.43
N GLY O 121 -65.51 -22.00 19.08
CA GLY O 121 -64.07 -21.99 18.96
C GLY O 121 -63.44 -23.29 19.43
N LEU O 122 -63.90 -23.78 20.58
CA LEU O 122 -63.33 -25.02 21.10
C LEU O 122 -63.61 -26.18 20.16
N VAL O 123 -64.83 -26.29 19.66
CA VAL O 123 -65.18 -27.40 18.77
C VAL O 123 -64.32 -27.35 17.51
N LEU O 124 -64.24 -26.18 16.88
CA LEU O 124 -63.48 -26.07 15.64
C LEU O 124 -62.01 -26.38 15.85
N ASN O 125 -61.42 -25.85 16.91
CA ASN O 125 -60.01 -26.10 17.15
C ASN O 125 -59.75 -27.57 17.37
N GLN O 126 -60.62 -28.24 18.14
CA GLN O 126 -60.42 -29.67 18.35
C GLN O 126 -60.54 -30.43 17.05
N GLN O 127 -61.50 -30.05 16.21
CA GLN O 127 -61.67 -30.75 14.94
C GLN O 127 -60.39 -30.65 14.10
N PHE O 128 -59.86 -29.45 13.95
CA PHE O 128 -58.62 -29.29 13.19
C PHE O 128 -57.47 -30.06 13.82
N ASN O 129 -57.35 -30.00 15.15
CA ASN O 129 -56.21 -30.65 15.79
C ASN O 129 -56.23 -32.15 15.58
N THR O 130 -57.40 -32.78 15.70
CA THR O 130 -57.44 -34.24 15.72
C THR O 130 -57.86 -34.83 14.37
N LYS O 131 -59.03 -34.47 13.87
CA LYS O 131 -59.59 -35.22 12.75
C LYS O 131 -58.79 -35.01 11.48
N LEU O 132 -58.51 -33.76 11.14
CA LEU O 132 -57.72 -33.44 9.96
C LEU O 132 -56.24 -33.45 10.33
N ASN O 133 -55.41 -33.76 9.35
CA ASN O 133 -53.96 -33.78 9.60
C ASN O 133 -53.47 -32.41 9.99
N LYS O 134 -53.83 -31.40 9.21
CA LYS O 134 -53.43 -30.01 9.35
C LYS O 134 -51.96 -29.81 9.01
N GLN O 135 -51.18 -30.88 9.11
CA GLN O 135 -49.75 -30.77 8.84
C GLN O 135 -49.49 -30.98 7.35
N ARG O 136 -49.89 -32.15 6.85
CA ARG O 136 -49.91 -32.37 5.42
C ARG O 136 -50.70 -31.28 4.72
N PHE O 137 -51.80 -30.84 5.33
CA PHE O 137 -52.64 -29.84 4.71
C PHE O 137 -51.88 -28.53 4.53
N ILE O 138 -51.28 -28.01 5.60
CA ILE O 138 -50.58 -26.74 5.49
C ILE O 138 -49.42 -26.86 4.52
N ASP O 139 -48.70 -27.98 4.57
CA ASP O 139 -47.55 -28.13 3.70
C ASP O 139 -47.96 -28.10 2.24
N GLU O 140 -48.96 -28.90 1.86
CA GLU O 140 -49.41 -28.90 0.47
C GLU O 140 -49.95 -27.54 0.09
N TYR O 141 -50.70 -26.91 0.99
CA TYR O 141 -51.23 -25.58 0.76
C TYR O 141 -50.13 -24.62 0.32
N VAL O 142 -49.13 -24.43 1.17
CA VAL O 142 -48.11 -23.43 0.86
C VAL O 142 -47.30 -23.83 -0.35
N ARG O 143 -47.01 -25.13 -0.51
CA ARG O 143 -46.16 -25.53 -1.62
C ARG O 143 -46.86 -25.29 -2.97
N ALA O 144 -48.12 -25.73 -3.07
CA ALA O 144 -48.86 -25.47 -4.30
C ALA O 144 -48.95 -23.98 -4.56
N GLY O 145 -49.22 -23.20 -3.52
CA GLY O 145 -49.31 -21.75 -3.72
C GLY O 145 -48.02 -21.16 -4.24
N VAL O 146 -46.89 -21.59 -3.70
CA VAL O 146 -45.62 -20.99 -4.07
C VAL O 146 -45.25 -21.34 -5.50
N ASP O 147 -45.36 -22.62 -5.87
CA ASP O 147 -44.81 -23.04 -7.16
C ASP O 147 -45.86 -23.27 -8.23
N GLU O 148 -47.11 -22.85 -8.03
CA GLU O 148 -48.10 -22.94 -9.09
C GLU O 148 -48.90 -21.68 -9.30
N GLY O 149 -48.90 -20.73 -8.36
CA GLY O 149 -49.57 -19.47 -8.52
C GLY O 149 -50.99 -19.43 -8.01
N THR O 150 -51.63 -20.58 -7.81
CA THR O 150 -52.99 -20.57 -7.33
C THR O 150 -53.24 -21.79 -6.47
N ILE O 151 -54.18 -21.65 -5.53
CA ILE O 151 -54.59 -22.75 -4.67
C ILE O 151 -56.10 -22.90 -4.81
N ILE O 152 -56.53 -24.11 -5.08
CA ILE O 152 -57.94 -24.48 -4.98
C ILE O 152 -58.08 -25.42 -3.79
N VAL O 153 -59.13 -25.23 -3.00
CA VAL O 153 -59.39 -26.06 -1.84
C VAL O 153 -60.85 -26.49 -1.86
N LYS O 154 -61.09 -27.79 -1.68
CA LYS O 154 -62.44 -28.33 -1.68
C LYS O 154 -62.84 -28.66 -0.26
N VAL O 155 -64.01 -28.17 0.15
CA VAL O 155 -64.54 -28.36 1.50
C VAL O 155 -65.79 -29.21 1.40
N GLY O 156 -65.86 -30.27 2.20
CA GLY O 156 -67.01 -31.15 2.15
C GLY O 156 -67.27 -31.75 3.51
N TRP O 157 -68.29 -32.61 3.57
CA TRP O 157 -68.67 -33.26 4.80
C TRP O 157 -68.68 -34.77 4.59
N ASN O 158 -68.21 -35.51 5.58
CA ASN O 158 -68.19 -36.96 5.53
C ASN O 158 -69.11 -37.51 6.62
N TYR O 159 -69.89 -38.53 6.24
CA TYR O 159 -70.91 -39.08 7.14
C TYR O 159 -71.10 -40.56 6.80
N GLN O 160 -70.47 -41.43 7.59
CA GLN O 160 -70.53 -42.87 7.37
C GLN O 160 -71.30 -43.51 8.51
N SER O 161 -72.12 -44.51 8.18
CA SER O 161 -73.02 -45.13 9.15
C SER O 161 -73.39 -46.52 8.65
N ARG O 162 -74.52 -47.04 9.14
CA ARG O 162 -75.17 -48.31 8.84
C ARG O 162 -74.62 -49.46 9.66
N THR O 163 -73.60 -49.23 10.50
CA THR O 163 -73.03 -50.33 11.25
C THR O 163 -73.96 -50.73 12.38
N VAL O 164 -74.90 -51.62 12.09
CA VAL O 164 -75.99 -51.90 13.02
C VAL O 164 -75.47 -52.67 14.22
N LYS O 165 -76.08 -52.44 15.39
CA LYS O 165 -75.82 -53.19 16.60
C LYS O 165 -77.11 -53.88 17.04
N GLU O 166 -77.03 -54.70 18.09
CA GLU O 166 -78.12 -55.61 18.43
C GLU O 166 -78.23 -55.76 19.94
N GLN O 167 -79.13 -56.67 20.33
CA GLN O 167 -79.28 -57.18 21.71
C GLN O 167 -79.63 -56.07 22.70
N VAL O 168 -80.82 -55.53 22.53
CA VAL O 168 -81.39 -54.64 23.54
C VAL O 168 -81.91 -55.49 24.71
N VAL O 169 -82.14 -54.84 25.85
CA VAL O 169 -82.70 -55.52 27.02
C VAL O 169 -83.98 -54.80 27.45
N THR O 170 -84.61 -55.30 28.51
CA THR O 170 -85.85 -54.73 29.01
C THR O 170 -85.82 -54.70 30.53
N TYR O 171 -86.31 -53.61 31.11
CA TYR O 171 -86.39 -53.44 32.55
C TYR O 171 -87.84 -53.32 32.97
N GLU O 172 -88.23 -54.10 33.97
CA GLU O 172 -89.56 -54.01 34.53
C GLU O 172 -89.58 -52.97 35.64
N MET O 173 -90.69 -52.25 35.75
CA MET O 173 -90.81 -51.24 36.78
C MET O 173 -91.04 -51.90 38.13
N MET O 174 -90.64 -51.21 39.20
CA MET O 174 -90.82 -51.76 40.54
C MET O 174 -90.96 -50.63 41.56
N PRO O 175 -91.98 -50.69 42.42
CA PRO O 175 -92.23 -49.56 43.34
C PRO O 175 -91.44 -49.61 44.64
N ASP O 176 -90.32 -50.33 44.67
CA ASP O 176 -89.51 -50.38 45.88
C ASP O 176 -88.66 -49.11 46.00
N SER O 177 -88.82 -48.40 47.12
CA SER O 177 -88.05 -47.21 47.40
C SER O 177 -87.33 -47.37 48.73
N SER O 178 -86.11 -46.87 48.82
CA SER O 178 -85.28 -47.00 50.00
C SER O 178 -84.38 -45.78 50.10
N GLU O 179 -83.35 -45.88 50.93
CA GLU O 179 -82.44 -44.77 51.20
C GLU O 179 -81.26 -44.74 50.24
N GLU O 180 -80.72 -45.93 49.94
CA GLU O 180 -79.60 -46.02 49.01
C GLU O 180 -80.00 -45.56 47.62
N LEU O 181 -81.23 -45.89 47.21
CA LEU O 181 -81.73 -45.40 45.94
C LEU O 181 -81.77 -43.88 45.91
N ALA O 182 -82.22 -43.27 47.01
CA ALA O 182 -82.25 -41.82 47.07
C ALA O 182 -80.85 -41.23 46.96
N GLN O 183 -79.89 -41.82 47.67
CA GLN O 183 -78.51 -41.32 47.57
C GLN O 183 -77.98 -41.43 46.16
N ILE O 184 -78.13 -42.60 45.54
CA ILE O 184 -77.59 -42.81 44.22
C ILE O 184 -78.25 -41.88 43.21
N TYR O 185 -79.56 -41.71 43.33
CA TYR O 185 -80.28 -40.85 42.41
C TYR O 185 -79.87 -39.40 42.58
N GLN O 186 -79.63 -38.98 43.83
CA GLN O 186 -79.13 -37.62 44.06
C GLN O 186 -77.78 -37.42 43.41
N THR O 187 -76.88 -38.40 43.57
CA THR O 187 -75.56 -38.29 42.96
C THR O 187 -75.65 -38.25 41.44
N ALA O 188 -76.50 -39.09 40.87
CA ALA O 188 -76.66 -39.11 39.42
C ALA O 188 -77.24 -37.79 38.91
N ALA O 189 -78.19 -37.21 39.65
CA ALA O 189 -78.72 -35.92 39.27
C ALA O 189 -77.62 -34.86 39.31
N GLN O 190 -76.77 -34.90 40.33
CA GLN O 190 -75.66 -33.96 40.41
C GLN O 190 -74.72 -34.11 39.22
N ILE O 191 -74.45 -35.36 38.83
CA ILE O 191 -73.59 -35.59 37.67
C ILE O 191 -74.24 -35.03 36.41
N ARG O 192 -75.50 -35.39 36.17
CA ARG O 192 -76.19 -34.88 35.00
C ARG O 192 -76.25 -33.36 35.00
N GLU O 193 -76.21 -32.74 36.17
CA GLU O 193 -76.21 -31.29 36.24
C GLU O 193 -74.86 -30.71 35.85
N GLU O 194 -73.79 -31.15 36.49
CA GLU O 194 -72.53 -30.41 36.37
C GLU O 194 -71.53 -31.01 35.39
N SER O 195 -71.66 -32.29 35.05
CA SER O 195 -70.77 -32.95 34.08
C SER O 195 -71.60 -33.72 33.09
N PRO O 196 -72.32 -33.02 32.20
CA PRO O 196 -73.21 -33.72 31.27
C PRO O 196 -72.49 -34.69 30.36
N SER O 197 -71.19 -34.51 30.14
CA SER O 197 -70.46 -35.44 29.28
C SER O 197 -70.45 -36.84 29.86
N GLU O 198 -70.31 -36.96 31.18
CA GLU O 198 -70.21 -38.27 31.81
C GLU O 198 -71.56 -38.90 32.07
N TYR O 199 -72.66 -38.16 31.93
CA TYR O 199 -73.96 -38.70 32.28
C TYR O 199 -74.34 -39.94 31.47
N PRO O 200 -74.15 -39.99 30.15
CA PRO O 200 -74.50 -41.23 29.43
C PRO O 200 -73.70 -42.43 29.85
N GLU O 201 -72.55 -42.24 30.49
CA GLU O 201 -71.73 -43.37 30.88
C GLU O 201 -72.21 -44.08 32.15
N ILE O 202 -73.18 -43.51 32.85
CA ILE O 202 -73.73 -44.16 34.04
C ILE O 202 -74.58 -45.32 33.59
N PRO O 203 -74.81 -46.33 34.43
CA PRO O 203 -75.55 -47.51 34.01
C PRO O 203 -76.97 -47.18 33.54
N GLU O 204 -77.43 -47.95 32.56
CA GLU O 204 -78.71 -47.67 31.92
C GLU O 204 -79.86 -47.84 32.89
N ASP O 205 -79.81 -48.89 33.71
CA ASP O 205 -80.90 -49.16 34.65
C ASP O 205 -81.07 -48.00 35.62
N VAL O 206 -79.98 -47.59 36.27
CA VAL O 206 -80.06 -46.52 37.25
C VAL O 206 -80.45 -45.22 36.57
N ARG O 207 -79.99 -45.02 35.33
CA ARG O 207 -80.36 -43.81 34.61
C ARG O 207 -81.89 -43.76 34.40
N LEU O 208 -82.45 -44.83 33.85
CA LEU O 208 -83.87 -44.80 33.52
C LEU O 208 -84.72 -44.76 34.77
N GLY O 209 -84.29 -45.47 35.83
CA GLY O 209 -84.95 -45.30 37.11
C GLY O 209 -84.87 -43.88 37.61
N LEU O 210 -83.78 -43.17 37.30
CA LEU O 210 -83.66 -41.80 37.73
C LEU O 210 -84.70 -40.91 37.06
N GLU O 211 -84.88 -41.05 35.74
CA GLU O 211 -85.92 -40.18 35.18
C GLU O 211 -87.31 -40.65 35.59
N GLU O 212 -87.48 -41.93 35.89
CA GLU O 212 -88.75 -42.35 36.46
C GLU O 212 -88.99 -41.71 37.82
N THR O 213 -87.92 -41.43 38.56
CA THR O 213 -88.03 -40.85 39.89
C THR O 213 -88.65 -39.45 39.85
N GLU O 214 -88.59 -38.76 38.71
CA GLU O 214 -89.36 -37.55 38.54
C GLU O 214 -90.61 -37.76 37.70
N ALA O 215 -90.69 -38.86 36.94
CA ALA O 215 -91.94 -39.22 36.31
C ALA O 215 -93.02 -39.49 37.34
N ASN O 216 -92.65 -39.97 38.52
CA ASN O 216 -93.58 -40.24 39.61
C ASN O 216 -92.77 -40.22 40.91
N GLY O 217 -93.33 -40.80 41.96
CA GLY O 217 -92.63 -40.87 43.23
C GLY O 217 -91.35 -41.69 43.14
N ILE O 218 -90.62 -41.69 44.26
CA ILE O 218 -89.29 -42.29 44.34
C ILE O 218 -89.40 -43.81 44.35
N GLN O 219 -90.63 -44.33 44.33
CA GLN O 219 -90.83 -45.77 44.41
C GLN O 219 -90.10 -46.51 43.29
N VAL O 220 -89.88 -45.84 42.16
CA VAL O 220 -89.35 -46.51 40.99
C VAL O 220 -88.03 -47.20 41.29
N ARG O 221 -87.88 -48.44 40.82
CA ARG O 221 -86.61 -49.14 40.96
C ARG O 221 -86.15 -49.86 39.70
N ALA O 222 -87.03 -50.20 38.76
CA ALA O 222 -86.66 -50.63 37.42
C ALA O 222 -85.81 -51.91 37.43
N VAL O 223 -86.46 -52.99 37.86
CA VAL O 223 -85.81 -54.31 37.83
C VAL O 223 -85.69 -54.78 36.38
N PRO O 224 -84.59 -55.42 35.99
CA PRO O 224 -84.44 -55.87 34.60
C PRO O 224 -85.30 -57.09 34.30
N VAL O 225 -85.54 -57.29 33.00
CA VAL O 225 -86.22 -58.49 32.50
C VAL O 225 -85.38 -59.16 31.41
N GLY O 226 -85.12 -58.42 30.34
CA GLY O 226 -84.34 -58.95 29.24
C GLY O 226 -85.17 -59.09 27.96
N SER O 227 -84.50 -58.93 26.83
CA SER O 227 -85.12 -59.00 25.50
C SER O 227 -84.00 -59.09 24.47
N GLU O 228 -84.34 -58.91 23.20
CA GLU O 228 -83.36 -58.85 22.14
C GLU O 228 -83.99 -58.18 20.91
N GLU O 229 -83.21 -57.36 20.22
CA GLU O 229 -83.68 -56.65 19.04
C GLU O 229 -82.49 -56.05 18.31
N GLU O 230 -82.65 -55.81 17.01
CA GLU O 230 -81.56 -55.43 16.11
C GLU O 230 -81.93 -54.16 15.35
N GLU O 231 -81.41 -53.03 15.80
CA GLU O 231 -81.71 -51.71 15.24
C GLU O 231 -80.56 -50.76 15.58
N ARG O 232 -80.85 -49.45 15.52
CA ARG O 232 -80.00 -48.37 16.02
C ARG O 232 -78.62 -48.39 15.36
N GLU O 233 -78.63 -48.08 14.07
CA GLU O 233 -77.39 -47.88 13.33
C GLU O 233 -76.53 -46.82 13.99
N GLU O 234 -75.23 -47.08 14.04
CA GLU O 234 -74.28 -46.15 14.63
C GLU O 234 -73.59 -45.32 13.57
N THR O 235 -73.35 -44.06 13.91
CA THR O 235 -72.62 -43.14 13.04
C THR O 235 -71.14 -43.39 13.27
N VAL O 236 -70.54 -44.20 12.41
CA VAL O 236 -69.12 -44.49 12.55
C VAL O 236 -68.29 -43.26 12.20
N GLU O 237 -68.77 -42.41 11.30
CA GLU O 237 -68.03 -41.23 10.89
C GLU O 237 -68.98 -40.07 10.66
N ASN O 238 -68.65 -38.91 11.25
CA ASN O 238 -69.45 -37.71 11.05
C ASN O 238 -68.53 -36.51 11.33
N HIS O 239 -68.06 -35.88 10.26
CA HIS O 239 -67.10 -34.79 10.44
C HIS O 239 -66.92 -34.01 9.15
N PRO O 240 -66.15 -32.92 9.16
CA PRO O 240 -65.83 -32.23 7.92
C PRO O 240 -64.61 -32.84 7.24
N THR O 241 -64.36 -32.40 6.01
CA THR O 241 -63.24 -32.86 5.21
C THR O 241 -62.75 -31.72 4.35
N VAL O 242 -61.45 -31.67 4.14
CA VAL O 242 -60.83 -30.61 3.36
C VAL O 242 -59.69 -31.20 2.53
N GLN O 243 -59.82 -31.13 1.22
CA GLN O 243 -58.81 -31.66 0.30
C GLN O 243 -58.29 -30.49 -0.51
N VAL O 244 -57.06 -30.59 -1.02
CA VAL O 244 -56.57 -29.36 -1.64
C VAL O 244 -57.14 -29.26 -3.06
N CYS O 245 -56.47 -29.89 -4.02
CA CYS O 245 -56.95 -30.44 -5.30
C CYS O 245 -55.74 -30.63 -6.21
N ASP O 246 -55.95 -31.18 -7.38
CA ASP O 246 -55.00 -31.00 -8.47
C ASP O 246 -55.54 -29.96 -9.44
N TYR O 247 -54.63 -29.20 -10.04
CA TYR O 247 -55.05 -28.13 -10.93
C TYR O 247 -55.33 -28.61 -12.35
N ASN O 248 -55.17 -29.89 -12.63
CA ASN O 248 -55.46 -30.41 -13.96
C ASN O 248 -56.86 -30.95 -14.10
N ASN O 249 -57.61 -31.08 -13.01
CA ASN O 249 -58.91 -31.75 -13.05
C ASN O 249 -60.05 -30.81 -12.69
N ILE O 250 -59.83 -29.51 -12.77
CA ILE O 250 -60.79 -28.51 -12.32
C ILE O 250 -60.97 -27.49 -13.42
N VAL O 251 -62.22 -27.17 -13.73
CA VAL O 251 -62.56 -26.21 -14.77
C VAL O 251 -63.60 -25.24 -14.23
N ILE O 252 -63.36 -23.95 -14.42
CA ILE O 252 -64.22 -22.92 -13.85
C ILE O 252 -64.81 -22.09 -14.98
N ASP O 253 -65.93 -21.45 -14.69
CA ASP O 253 -66.46 -20.43 -15.58
C ASP O 253 -65.38 -19.36 -15.82
N PRO O 254 -65.03 -19.08 -17.07
CA PRO O 254 -64.01 -18.07 -17.35
C PRO O 254 -64.55 -16.65 -17.52
N SER O 255 -65.86 -16.46 -17.46
CA SER O 255 -66.45 -15.14 -17.63
C SER O 255 -66.56 -14.38 -16.32
N CYS O 256 -66.13 -14.97 -15.21
CA CYS O 256 -66.33 -14.35 -13.91
C CYS O 256 -65.42 -13.17 -13.65
N GLY O 257 -64.48 -12.89 -14.54
CA GLY O 257 -63.47 -11.91 -14.19
C GLY O 257 -62.60 -12.48 -13.10
N SER O 258 -62.41 -11.73 -12.02
CA SER O 258 -61.77 -12.27 -10.81
C SER O 258 -62.65 -11.93 -9.62
N ASP O 259 -63.70 -12.72 -9.41
CA ASP O 259 -64.49 -12.63 -8.20
C ASP O 259 -64.61 -13.99 -7.53
N PHE O 260 -65.00 -14.97 -8.32
CA PHE O 260 -65.40 -16.31 -7.88
C PHE O 260 -66.68 -16.28 -7.06
N SER O 261 -67.18 -15.08 -6.76
CA SER O 261 -68.52 -14.97 -6.20
C SER O 261 -69.55 -14.83 -7.29
N LYS O 262 -69.12 -14.67 -8.54
CA LYS O 262 -70.02 -14.56 -9.68
C LYS O 262 -69.79 -15.66 -10.70
N ALA O 263 -68.85 -16.56 -10.46
CA ALA O 263 -68.68 -17.70 -11.36
C ALA O 263 -69.94 -18.54 -11.33
N LYS O 264 -70.35 -19.02 -12.51
CA LYS O 264 -71.63 -19.68 -12.64
C LYS O 264 -71.54 -21.20 -12.63
N PHE O 265 -70.35 -21.77 -12.80
CA PHE O 265 -70.25 -23.22 -12.73
C PHE O 265 -68.81 -23.63 -12.54
N LEU O 266 -68.64 -24.75 -11.83
CA LEU O 266 -67.35 -25.38 -11.62
C LEU O 266 -67.49 -26.87 -11.81
N ILE O 267 -66.54 -27.48 -12.50
CA ILE O 267 -66.57 -28.89 -12.83
C ILE O 267 -65.28 -29.52 -12.35
N GLU O 268 -65.40 -30.64 -11.63
CA GLU O 268 -64.24 -31.35 -11.12
C GLU O 268 -64.32 -32.81 -11.51
N THR O 269 -63.19 -33.37 -11.93
CA THR O 269 -63.11 -34.79 -12.25
C THR O 269 -62.21 -35.48 -11.24
N PHE O 270 -62.70 -36.56 -10.64
CA PHE O 270 -61.88 -37.30 -9.70
C PHE O 270 -62.08 -38.78 -9.93
N GLU O 271 -61.49 -39.59 -9.06
CA GLU O 271 -61.45 -41.03 -9.23
C GLU O 271 -61.94 -41.72 -7.96
N SER O 272 -62.72 -42.78 -8.13
CA SER O 272 -63.30 -43.49 -7.00
C SER O 272 -63.57 -44.93 -7.42
N SER O 273 -64.33 -45.64 -6.59
CA SER O 273 -64.61 -47.05 -6.83
C SER O 273 -66.05 -47.34 -6.46
N TYR O 274 -66.55 -48.46 -6.99
CA TYR O 274 -67.94 -48.83 -6.78
C TYR O 274 -68.25 -49.02 -5.31
N ALA O 275 -67.36 -49.70 -4.58
CA ALA O 275 -67.60 -49.92 -3.16
C ALA O 275 -67.67 -48.62 -2.40
N GLU O 276 -66.76 -47.70 -2.70
CA GLU O 276 -66.76 -46.41 -2.01
C GLU O 276 -68.03 -45.62 -2.31
N LEU O 277 -68.44 -45.63 -3.57
CA LEU O 277 -69.68 -44.93 -3.93
C LEU O 277 -70.87 -45.52 -3.20
N LYS O 278 -70.94 -46.85 -3.13
CA LYS O 278 -72.05 -47.48 -2.41
C LYS O 278 -72.00 -47.13 -0.93
N ALA O 279 -70.80 -47.13 -0.34
CA ALA O 279 -70.68 -46.82 1.08
C ALA O 279 -71.15 -45.41 1.38
N ASP O 280 -70.77 -44.46 0.53
CA ASP O 280 -71.25 -43.08 0.69
C ASP O 280 -72.69 -43.03 0.17
N GLY O 281 -73.65 -43.07 1.08
CA GLY O 281 -75.04 -43.18 0.69
C GLY O 281 -75.63 -41.90 0.13
N ARG O 282 -75.16 -41.49 -1.06
CA ARG O 282 -75.67 -40.27 -1.66
C ARG O 282 -75.84 -40.41 -3.16
N TYR O 283 -76.16 -41.61 -3.64
CA TYR O 283 -76.20 -41.85 -5.07
C TYR O 283 -77.32 -42.81 -5.42
N LYS O 284 -77.70 -42.79 -6.69
CA LYS O 284 -78.72 -43.67 -7.23
C LYS O 284 -78.23 -44.27 -8.54
N ASN O 285 -78.98 -45.23 -9.05
CA ASN O 285 -78.67 -45.89 -10.31
C ASN O 285 -77.32 -46.57 -10.30
N LEU O 286 -76.83 -46.95 -9.12
CA LEU O 286 -75.48 -47.48 -9.00
C LEU O 286 -75.32 -48.80 -9.73
N ASP O 287 -76.40 -49.46 -10.10
CA ASP O 287 -76.33 -50.79 -10.71
C ASP O 287 -76.22 -50.75 -12.22
N LYS O 288 -76.16 -49.57 -12.82
CA LYS O 288 -76.09 -49.44 -14.27
C LYS O 288 -74.79 -48.74 -14.67
N ILE O 289 -73.69 -49.12 -14.03
CA ILE O 289 -72.42 -48.43 -14.26
C ILE O 289 -71.57 -49.14 -15.30
N GLN O 290 -71.62 -50.47 -15.33
CA GLN O 290 -70.78 -51.28 -16.23
C GLN O 290 -69.30 -51.01 -15.97
N VAL O 291 -68.88 -51.44 -14.78
CA VAL O 291 -67.53 -51.18 -14.27
C VAL O 291 -66.47 -51.88 -15.09
N GLU O 292 -66.90 -52.69 -16.07
CA GLU O 292 -65.98 -53.33 -17.00
C GLU O 292 -65.66 -52.44 -18.19
N GLY O 293 -65.79 -51.13 -18.02
CA GLY O 293 -65.64 -50.16 -19.09
C GLY O 293 -64.37 -49.36 -19.02
N GLN O 294 -64.48 -48.17 -18.41
CA GLN O 294 -63.53 -47.07 -18.53
C GLN O 294 -62.07 -47.51 -18.64
N ASN O 295 -61.64 -48.42 -17.77
CA ASN O 295 -60.25 -48.84 -17.69
C ASN O 295 -59.30 -47.68 -17.43
N LEU O 296 -59.85 -46.55 -16.97
CA LEU O 296 -59.07 -45.36 -16.67
C LEU O 296 -58.24 -44.91 -17.89
N LEU O 297 -58.83 -45.05 -19.08
CA LEU O 297 -58.16 -44.67 -20.31
C LEU O 297 -59.10 -43.77 -21.10
N SER O 298 -59.06 -42.48 -20.79
CA SER O 298 -59.80 -41.46 -21.53
C SER O 298 -59.05 -40.15 -21.42
N GLU O 299 -59.28 -39.28 -22.40
CA GLU O 299 -58.46 -38.07 -22.52
C GLU O 299 -58.63 -37.13 -21.33
N PRO O 300 -59.81 -36.57 -21.06
CA PRO O 300 -59.91 -35.55 -20.00
C PRO O 300 -59.89 -36.13 -18.60
N ASP O 301 -59.55 -37.40 -18.47
CA ASP O 301 -59.80 -38.15 -17.26
C ASP O 301 -58.89 -37.67 -16.13
N TYR O 302 -59.04 -38.34 -14.99
CA TYR O 302 -58.22 -38.10 -13.83
C TYR O 302 -56.76 -38.24 -14.23
N THR O 303 -56.00 -37.16 -14.18
CA THR O 303 -54.56 -37.24 -14.40
C THR O 303 -53.93 -37.85 -13.17
N GLY O 304 -53.44 -39.08 -13.29
CA GLY O 304 -52.99 -39.84 -12.15
C GLY O 304 -51.79 -39.23 -11.47
N PRO O 305 -51.42 -39.78 -10.31
CA PRO O 305 -50.27 -39.22 -9.59
C PRO O 305 -48.99 -39.23 -10.40
N SER O 306 -48.78 -40.25 -11.22
CA SER O 306 -47.58 -40.35 -12.04
C SER O 306 -47.98 -41.00 -13.36
N GLU O 307 -46.98 -41.43 -14.13
CA GLU O 307 -47.25 -42.12 -15.36
C GLU O 307 -47.33 -43.63 -15.18
N GLY O 308 -46.50 -44.19 -14.30
CA GLY O 308 -46.52 -45.63 -14.10
C GLY O 308 -47.84 -46.13 -13.56
N VAL O 309 -48.47 -45.35 -12.68
CA VAL O 309 -49.71 -45.75 -12.05
C VAL O 309 -50.86 -45.91 -13.03
N ARG O 310 -50.70 -45.40 -14.26
CA ARG O 310 -51.76 -45.55 -15.25
C ARG O 310 -52.00 -47.01 -15.61
N ASN O 311 -51.01 -47.87 -15.39
CA ASN O 311 -51.13 -49.29 -15.74
C ASN O 311 -51.63 -50.14 -14.58
N PHE O 312 -51.96 -49.55 -13.45
CA PHE O 312 -52.34 -50.31 -12.27
C PHE O 312 -53.86 -50.45 -12.19
N ASP O 313 -54.32 -51.62 -11.75
CA ASP O 313 -55.74 -51.86 -11.59
C ASP O 313 -55.93 -53.03 -10.64
N PHE O 314 -57.19 -53.27 -10.26
CA PHE O 314 -57.51 -54.21 -9.21
C PHE O 314 -58.23 -55.47 -9.68
N GLN O 315 -58.95 -55.39 -10.80
CA GLN O 315 -59.67 -56.53 -11.39
C GLN O 315 -60.50 -57.30 -10.35
N ASP O 316 -61.25 -56.54 -9.54
CA ASP O 316 -62.11 -57.13 -8.52
C ASP O 316 -63.58 -56.77 -8.65
N LYS O 317 -63.92 -55.77 -9.47
CA LYS O 317 -65.29 -55.33 -9.73
C LYS O 317 -65.87 -54.63 -8.51
N SER O 318 -65.15 -54.66 -7.39
CA SER O 318 -65.54 -53.90 -6.22
C SER O 318 -64.55 -52.81 -5.87
N ARG O 319 -63.30 -52.94 -6.34
CA ARG O 319 -62.28 -51.94 -6.12
C ARG O 319 -61.72 -51.40 -7.43
N LYS O 320 -62.34 -51.74 -8.56
CA LYS O 320 -61.90 -51.22 -9.83
C LYS O 320 -62.07 -49.71 -9.86
N ARG O 321 -61.12 -49.02 -10.49
CA ARG O 321 -61.09 -47.56 -10.46
C ARG O 321 -61.99 -46.98 -11.54
N LEU O 322 -62.69 -45.91 -11.19
CA LEU O 322 -63.60 -45.23 -12.09
C LEU O 322 -63.27 -43.74 -12.13
N VAL O 323 -63.88 -43.04 -13.07
CA VAL O 323 -63.73 -41.60 -13.21
C VAL O 323 -65.10 -40.95 -13.07
N VAL O 324 -65.20 -39.95 -12.19
CA VAL O 324 -66.46 -39.33 -11.85
C VAL O 324 -66.36 -37.83 -12.13
N HIS O 325 -67.39 -37.28 -12.76
CA HIS O 325 -67.49 -35.85 -13.00
C HIS O 325 -68.52 -35.24 -12.08
N GLU O 326 -68.19 -34.09 -11.52
CA GLU O 326 -69.09 -33.30 -10.69
C GLU O 326 -69.23 -31.91 -11.26
N TYR O 327 -70.45 -31.38 -11.18
CA TYR O 327 -70.79 -30.07 -11.72
C TYR O 327 -71.59 -29.33 -10.67
N TRP O 328 -70.98 -28.31 -10.08
CA TRP O 328 -71.69 -27.41 -9.18
C TRP O 328 -71.99 -26.12 -9.92
N GLY O 329 -73.15 -25.54 -9.70
CA GLY O 329 -73.41 -24.26 -10.32
C GLY O 329 -74.85 -23.82 -10.19
N TYR O 330 -75.25 -22.96 -11.11
CA TYR O 330 -76.57 -22.35 -11.14
C TYR O 330 -77.25 -22.73 -12.43
N TYR O 331 -78.55 -22.94 -12.38
CA TYR O 331 -79.29 -23.34 -13.57
C TYR O 331 -80.74 -22.92 -13.42
N ASP O 332 -81.43 -22.85 -14.55
CA ASP O 332 -82.83 -22.48 -14.58
C ASP O 332 -83.67 -23.75 -14.57
N ILE O 333 -83.81 -24.32 -13.38
CA ILE O 333 -84.48 -25.61 -13.24
C ILE O 333 -85.93 -25.53 -13.72
N HIS O 334 -86.63 -24.46 -13.35
CA HIS O 334 -87.95 -24.24 -13.90
C HIS O 334 -87.84 -23.34 -15.12
N GLY O 335 -88.98 -23.00 -15.71
CA GLY O 335 -88.98 -22.08 -16.82
C GLY O 335 -89.04 -20.63 -16.43
N ASP O 336 -89.00 -20.33 -15.13
CA ASP O 336 -89.19 -18.98 -14.65
C ASP O 336 -88.04 -18.04 -15.00
N GLY O 337 -86.93 -18.57 -15.50
CA GLY O 337 -85.77 -17.72 -15.71
C GLY O 337 -85.19 -17.22 -14.41
N VAL O 338 -85.20 -18.04 -13.36
CA VAL O 338 -84.53 -17.73 -12.10
C VAL O 338 -83.58 -18.87 -11.80
N LEU O 339 -82.34 -18.54 -11.46
CA LEU O 339 -81.32 -19.55 -11.27
C LEU O 339 -81.38 -20.12 -9.86
N HIS O 340 -81.13 -21.41 -9.75
CA HIS O 340 -81.07 -22.09 -8.46
C HIS O 340 -79.74 -22.81 -8.33
N PRO O 341 -79.24 -22.97 -7.12
CA PRO O 341 -77.95 -23.66 -6.93
C PRO O 341 -78.15 -25.17 -6.95
N ILE O 342 -77.50 -25.83 -7.90
CA ILE O 342 -77.66 -27.27 -8.09
C ILE O 342 -76.29 -27.93 -8.21
N VAL O 343 -76.31 -29.25 -8.02
CA VAL O 343 -75.15 -30.12 -8.16
C VAL O 343 -75.57 -31.35 -8.94
N ALA O 344 -74.73 -31.75 -9.89
CA ALA O 344 -75.00 -32.90 -10.73
C ALA O 344 -73.74 -33.73 -10.88
N THR O 345 -73.86 -35.04 -10.70
CA THR O 345 -72.72 -35.94 -10.69
C THR O 345 -73.00 -37.10 -11.61
N TRP O 346 -72.05 -37.42 -12.48
CA TRP O 346 -72.25 -38.52 -13.42
C TRP O 346 -70.93 -39.23 -13.69
N VAL O 347 -71.06 -40.48 -14.11
CA VAL O 347 -69.93 -41.31 -14.50
C VAL O 347 -70.23 -41.94 -15.85
N GLY O 348 -69.23 -41.94 -16.73
CA GLY O 348 -69.42 -42.51 -18.05
C GLY O 348 -70.53 -41.82 -18.81
N ALA O 349 -71.65 -42.52 -18.98
CA ALA O 349 -72.82 -41.96 -19.64
C ALA O 349 -74.06 -42.05 -18.75
N VAL O 350 -73.89 -42.29 -17.47
CA VAL O 350 -75.01 -42.48 -16.54
C VAL O 350 -75.00 -41.36 -15.52
N MET O 351 -76.15 -40.71 -15.35
CA MET O 351 -76.28 -39.68 -14.34
C MET O 351 -76.53 -40.34 -12.99
N ILE O 352 -75.69 -40.00 -12.01
CA ILE O 352 -75.76 -40.64 -10.70
C ILE O 352 -76.42 -39.77 -9.65
N ARG O 353 -76.38 -38.45 -9.81
CA ARG O 353 -76.91 -37.60 -8.75
C ARG O 353 -77.32 -36.27 -9.35
N MET O 354 -78.50 -35.79 -8.98
CA MET O 354 -78.94 -34.45 -9.35
C MET O 354 -79.74 -33.88 -8.19
N GLU O 355 -79.33 -32.72 -7.70
CA GLU O 355 -79.95 -32.20 -6.50
C GLU O 355 -79.71 -30.71 -6.40
N GLU O 356 -80.46 -30.06 -5.53
CA GLU O 356 -80.11 -28.69 -5.17
C GLU O 356 -78.97 -28.69 -4.17
N ASN O 357 -78.32 -27.55 -4.04
CA ASN O 357 -77.15 -27.45 -3.19
C ASN O 357 -77.52 -27.76 -1.75
N PRO O 358 -76.89 -28.74 -1.11
CA PRO O 358 -77.31 -29.15 0.24
C PRO O 358 -76.58 -28.47 1.38
N PHE O 359 -75.59 -27.65 1.12
CA PHE O 359 -74.87 -27.03 2.22
C PHE O 359 -75.66 -25.86 2.78
N PRO O 360 -75.44 -25.52 4.05
CA PRO O 360 -76.24 -24.44 4.67
C PRO O 360 -76.12 -23.13 3.94
N ASP O 361 -74.95 -22.83 3.39
CA ASP O 361 -74.76 -21.65 2.57
C ASP O 361 -74.80 -22.08 1.11
N LYS O 362 -75.79 -21.58 0.37
CA LYS O 362 -76.00 -22.08 -0.98
C LYS O 362 -74.93 -21.56 -1.93
N LYS O 363 -73.68 -21.98 -1.73
CA LYS O 363 -72.57 -21.58 -2.57
C LYS O 363 -71.77 -22.81 -2.96
N ILE O 364 -70.80 -22.59 -3.84
CA ILE O 364 -69.93 -23.67 -4.29
C ILE O 364 -68.93 -23.99 -3.18
N PRO O 365 -68.78 -25.23 -2.79
CA PRO O 365 -67.91 -25.60 -1.67
C PRO O 365 -66.41 -25.61 -2.02
N TYR O 366 -65.95 -24.54 -2.66
CA TYR O 366 -64.56 -24.42 -3.04
C TYR O 366 -64.04 -23.04 -2.65
N VAL O 367 -62.74 -22.95 -2.45
CA VAL O 367 -62.08 -21.69 -2.13
C VAL O 367 -60.85 -21.56 -3.01
N VAL O 368 -60.71 -20.42 -3.69
CA VAL O 368 -59.62 -20.18 -4.62
C VAL O 368 -58.82 -18.99 -4.12
N VAL O 369 -57.51 -19.16 -4.02
CA VAL O 369 -56.60 -18.11 -3.56
C VAL O 369 -55.50 -17.94 -4.59
N SER O 370 -55.22 -16.70 -4.96
CA SER O 370 -54.18 -16.40 -5.94
C SER O 370 -52.94 -15.88 -5.23
N TYR O 371 -51.80 -16.52 -5.52
CA TYR O 371 -50.55 -16.15 -4.85
C TYR O 371 -50.16 -14.72 -5.19
N ILE O 372 -49.88 -14.46 -6.45
CA ILE O 372 -49.58 -13.11 -6.95
C ILE O 372 -50.70 -12.69 -7.89
N PRO O 373 -51.41 -11.61 -7.61
CA PRO O 373 -52.60 -11.30 -8.39
C PRO O 373 -52.26 -10.89 -9.81
N ARG O 374 -53.22 -11.09 -10.71
CA ARG O 374 -53.16 -10.61 -12.07
C ARG O 374 -54.41 -9.81 -12.37
N LYS O 375 -54.31 -8.93 -13.37
CA LYS O 375 -55.40 -8.02 -13.67
C LYS O 375 -56.60 -8.79 -14.18
N ARG O 376 -57.65 -8.86 -13.36
CA ARG O 376 -58.93 -9.47 -13.74
C ARG O 376 -58.74 -10.91 -14.18
N ASP O 377 -58.25 -11.73 -13.26
CA ASP O 377 -58.05 -13.15 -13.54
C ASP O 377 -57.98 -13.90 -12.23
N LEU O 378 -58.54 -15.10 -12.21
CA LEU O 378 -58.54 -15.90 -11.00
C LEU O 378 -57.16 -16.46 -10.71
N TYR O 379 -56.51 -17.02 -11.72
CA TYR O 379 -55.21 -17.65 -11.51
C TYR O 379 -54.14 -16.61 -11.28
N GLY O 380 -53.23 -16.91 -10.37
CA GLY O 380 -52.12 -16.02 -10.06
C GLY O 380 -50.91 -16.32 -10.91
N GLU O 381 -49.75 -15.93 -10.39
CA GLU O 381 -48.46 -16.24 -11.02
C GLU O 381 -47.56 -16.93 -10.01
N SER O 382 -46.81 -17.92 -10.49
CA SER O 382 -45.88 -18.62 -9.62
C SER O 382 -44.80 -17.67 -9.14
N ASP O 383 -44.12 -18.07 -8.07
CA ASP O 383 -43.08 -17.22 -7.49
C ASP O 383 -41.93 -17.04 -8.47
N GLY O 384 -41.43 -18.14 -9.04
CA GLY O 384 -40.32 -18.07 -9.95
C GLY O 384 -40.72 -17.99 -11.41
N ALA O 385 -41.67 -17.10 -11.73
CA ALA O 385 -42.10 -16.95 -13.11
C ALA O 385 -41.23 -15.99 -13.89
N LEU O 386 -40.28 -15.31 -13.25
CA LEU O 386 -39.44 -14.33 -13.91
C LEU O 386 -37.96 -14.66 -13.82
N LEU O 387 -37.60 -15.82 -13.29
CA LEU O 387 -36.21 -16.17 -13.10
C LEU O 387 -35.70 -17.11 -14.17
N ILE O 388 -36.50 -17.39 -15.20
CA ILE O 388 -36.10 -18.38 -16.20
C ILE O 388 -34.84 -17.92 -16.93
N ASP O 389 -34.79 -16.65 -17.30
CA ASP O 389 -33.62 -16.14 -17.99
C ASP O 389 -32.38 -16.26 -17.11
N ASN O 390 -32.50 -15.92 -15.83
CA ASN O 390 -31.36 -16.00 -14.94
C ASN O 390 -30.88 -17.44 -14.80
N GLN O 391 -31.82 -18.39 -14.66
CA GLN O 391 -31.41 -19.77 -14.57
C GLN O 391 -30.68 -20.23 -15.82
N ARG O 392 -31.21 -19.84 -16.98
CA ARG O 392 -30.57 -20.26 -18.23
C ARG O 392 -29.17 -19.68 -18.34
N ILE O 393 -29.01 -18.40 -18.02
CA ILE O 393 -27.70 -17.76 -18.15
C ILE O 393 -26.70 -18.39 -17.20
N ILE O 394 -27.11 -18.63 -15.95
CA ILE O 394 -26.18 -19.22 -14.99
C ILE O 394 -25.78 -20.62 -15.44
N GLY O 395 -26.74 -21.40 -15.93
CA GLY O 395 -26.39 -22.72 -16.42
C GLY O 395 -25.40 -22.64 -17.57
N ALA O 396 -25.62 -21.72 -18.51
CA ALA O 396 -24.73 -21.61 -19.65
C ALA O 396 -23.32 -21.26 -19.22
N VAL O 397 -23.19 -20.29 -18.32
CA VAL O 397 -21.86 -19.87 -17.90
C VAL O 397 -21.14 -21.00 -17.17
N THR O 398 -21.86 -21.70 -16.29
CA THR O 398 -21.23 -22.79 -15.57
C THR O 398 -20.77 -23.88 -16.52
N ARG O 399 -21.61 -24.23 -17.50
CA ARG O 399 -21.21 -25.22 -18.48
C ARG O 399 -19.98 -24.78 -19.24
N GLY O 400 -19.92 -23.50 -19.58
CA GLY O 400 -18.74 -23.00 -20.29
C GLY O 400 -17.48 -23.17 -19.48
N MET O 401 -17.53 -22.83 -18.20
CA MET O 401 -16.34 -22.95 -17.35
C MET O 401 -15.93 -24.42 -17.21
N ILE O 402 -16.91 -25.31 -17.02
CA ILE O 402 -16.59 -26.72 -16.95
C ILE O 402 -15.90 -27.19 -18.22
N ASP O 403 -16.43 -26.80 -19.38
CA ASP O 403 -15.84 -27.23 -20.64
C ASP O 403 -14.41 -26.74 -20.74
N THR O 404 -14.18 -25.48 -20.40
CA THR O 404 -12.83 -24.93 -20.49
C THR O 404 -11.87 -25.71 -19.62
N MET O 405 -12.28 -26.05 -18.39
CA MET O 405 -11.35 -26.75 -17.51
C MET O 405 -11.18 -28.21 -17.91
N ALA O 406 -12.20 -28.82 -18.52
CA ALA O 406 -12.16 -30.25 -18.74
C ALA O 406 -11.50 -30.63 -20.06
N ARG O 407 -11.83 -29.95 -21.15
CA ARG O 407 -11.24 -30.29 -22.43
C ARG O 407 -9.79 -29.85 -22.55
N SER O 408 -9.17 -29.42 -21.46
CA SER O 408 -7.79 -28.96 -21.51
C SER O 408 -6.87 -30.17 -21.53
N ALA O 409 -5.57 -29.93 -21.37
CA ALA O 409 -4.57 -30.99 -21.42
C ALA O 409 -3.87 -31.16 -20.08
N ASN O 410 -4.57 -30.92 -19.00
CA ASN O 410 -3.96 -31.03 -17.68
C ASN O 410 -3.47 -32.45 -17.43
N GLY O 411 -2.27 -32.55 -16.87
CA GLY O 411 -1.71 -33.81 -16.50
C GLY O 411 -0.64 -34.34 -17.44
N GLN O 412 -0.67 -33.94 -18.71
CA GLN O 412 0.30 -34.44 -19.67
C GLN O 412 1.56 -33.60 -19.63
N VAL O 413 2.68 -34.23 -19.95
CA VAL O 413 3.99 -33.57 -19.96
C VAL O 413 4.60 -33.75 -21.33
N GLY O 414 5.11 -32.66 -21.89
CA GLY O 414 5.70 -32.67 -23.22
C GLY O 414 7.17 -32.34 -23.17
N VAL O 415 7.95 -33.00 -24.01
CA VAL O 415 9.40 -32.84 -24.02
C VAL O 415 9.84 -32.48 -25.43
N MET O 416 10.72 -31.50 -25.55
CA MET O 416 11.26 -31.13 -26.85
C MET O 416 12.05 -32.29 -27.44
N LYS O 417 11.82 -32.57 -28.72
CA LYS O 417 12.61 -33.59 -29.39
C LYS O 417 14.07 -33.15 -29.46
N GLY O 418 14.97 -34.11 -29.30
CA GLY O 418 16.38 -33.83 -29.41
C GLY O 418 17.01 -33.19 -28.21
N ALA O 419 16.27 -33.01 -27.11
CA ALA O 419 16.88 -32.50 -25.90
C ALA O 419 17.47 -33.60 -25.04
N LEU O 420 16.94 -34.81 -25.12
CA LEU O 420 17.44 -35.95 -24.37
C LEU O 420 17.70 -37.10 -25.32
N ASP O 421 18.83 -37.77 -25.13
CA ASP O 421 19.11 -38.99 -25.88
C ASP O 421 18.30 -40.13 -25.30
N VAL O 422 18.53 -41.35 -25.78
CA VAL O 422 17.72 -42.48 -25.33
C VAL O 422 18.01 -42.81 -23.87
N THR O 423 19.29 -42.92 -23.51
CA THR O 423 19.62 -43.28 -22.14
C THR O 423 19.15 -42.23 -21.16
N ASN O 424 19.38 -40.95 -21.47
CA ASN O 424 18.94 -39.90 -20.57
C ASN O 424 17.43 -39.83 -20.52
N ARG O 425 16.76 -40.10 -21.62
CA ARG O 425 15.30 -40.16 -21.60
C ARG O 425 14.83 -41.24 -20.66
N ARG O 426 15.46 -42.40 -20.71
CA ARG O 426 15.06 -43.49 -19.82
C ARG O 426 15.33 -43.12 -18.37
N ARG O 427 16.47 -42.49 -18.08
CA ARG O 427 16.73 -42.07 -16.72
C ARG O 427 15.69 -41.08 -16.23
N PHE O 428 15.36 -40.11 -17.07
CA PHE O 428 14.38 -39.10 -16.70
C PHE O 428 13.03 -39.73 -16.41
N ASP O 429 12.63 -40.69 -17.24
CA ASP O 429 11.38 -41.39 -16.97
C ASP O 429 11.46 -42.20 -15.68
N ARG O 430 12.59 -42.86 -15.45
CA ARG O 430 12.72 -43.69 -14.26
C ARG O 430 12.61 -42.85 -13.00
N GLY O 431 13.18 -41.66 -13.01
CA GLY O 431 13.01 -40.78 -11.88
C GLY O 431 14.29 -40.49 -11.13
N GLU O 432 15.42 -40.69 -11.78
CA GLU O 432 16.71 -40.41 -11.21
C GLU O 432 17.33 -39.22 -11.92
N ASN O 433 18.54 -38.86 -11.50
CA ASN O 433 19.21 -37.72 -12.11
C ASN O 433 19.58 -38.05 -13.56
N TYR O 434 19.78 -37.00 -14.35
CA TYR O 434 19.95 -37.18 -15.78
C TYR O 434 20.84 -36.06 -16.32
N GLU O 435 20.96 -36.01 -17.64
CA GLU O 435 21.76 -35.00 -18.31
C GLU O 435 21.06 -34.60 -19.60
N PHE O 436 21.15 -33.33 -19.96
CA PHE O 436 20.47 -32.81 -21.13
C PHE O 436 21.46 -32.11 -22.05
N ASN O 437 21.17 -32.17 -23.34
CA ASN O 437 22.07 -31.61 -24.33
C ASN O 437 22.14 -30.09 -24.20
N PRO O 438 23.26 -29.50 -24.57
CA PRO O 438 23.42 -28.05 -24.41
C PRO O 438 22.47 -27.30 -25.32
N GLY O 439 22.16 -26.07 -24.91
CA GLY O 439 21.27 -25.22 -25.68
C GLY O 439 19.80 -25.43 -25.43
N ALA O 440 19.44 -26.35 -24.54
CA ALA O 440 18.03 -26.59 -24.21
C ALA O 440 17.92 -26.71 -22.69
N ASP O 441 17.73 -25.58 -22.02
CA ASP O 441 17.55 -25.60 -20.58
C ASP O 441 16.22 -26.26 -20.23
N PRO O 442 16.15 -27.03 -19.16
CA PRO O 442 14.92 -27.77 -18.85
C PRO O 442 13.72 -26.88 -18.69
N ARG O 443 13.88 -25.69 -18.12
CA ARG O 443 12.75 -24.83 -17.83
C ARG O 443 11.97 -24.46 -19.09
N ALA O 444 12.60 -24.59 -20.26
CA ALA O 444 11.89 -24.45 -21.52
C ALA O 444 11.76 -25.75 -22.28
N ALA O 445 12.63 -26.71 -22.04
CA ALA O 445 12.59 -27.97 -22.79
C ALA O 445 11.42 -28.84 -22.35
N VAL O 446 11.13 -28.88 -21.05
CA VAL O 446 10.03 -29.68 -20.55
C VAL O 446 8.90 -28.74 -20.16
N HIS O 447 7.69 -29.27 -20.19
CA HIS O 447 6.52 -28.46 -19.86
C HIS O 447 5.43 -29.36 -19.33
N MET O 448 4.79 -28.94 -18.26
CA MET O 448 3.78 -29.73 -17.57
C MET O 448 2.47 -28.95 -17.61
N HIS O 449 1.56 -29.37 -18.47
CA HIS O 449 0.32 -28.63 -18.66
C HIS O 449 -0.52 -28.63 -17.39
N THR O 450 -1.24 -27.53 -17.18
CA THR O 450 -2.13 -27.37 -16.04
C THR O 450 -3.43 -26.77 -16.51
N PHE O 451 -4.35 -26.55 -15.57
CA PHE O 451 -5.62 -25.95 -15.91
C PHE O 451 -5.42 -24.54 -16.42
N PRO O 452 -6.20 -24.12 -17.40
CA PRO O 452 -6.10 -22.74 -17.89
C PRO O 452 -6.62 -21.75 -16.86
N GLU O 453 -6.59 -20.47 -17.19
CA GLU O 453 -6.98 -19.42 -16.26
C GLU O 453 -8.37 -18.91 -16.60
N ILE O 454 -9.25 -18.94 -15.61
CA ILE O 454 -10.61 -18.40 -15.81
C ILE O 454 -10.53 -16.88 -15.83
N PRO O 455 -11.10 -16.23 -16.83
CA PRO O 455 -11.07 -14.76 -16.87
C PRO O 455 -11.97 -14.17 -15.79
N GLN O 456 -11.69 -12.93 -15.46
CA GLN O 456 -12.38 -12.26 -14.38
C GLN O 456 -13.76 -11.83 -14.73
N SER O 457 -14.37 -12.27 -15.83
CA SER O 457 -15.69 -11.80 -16.21
C SER O 457 -16.79 -12.79 -15.85
N ALA O 458 -16.51 -14.09 -15.89
CA ALA O 458 -17.54 -15.07 -15.56
C ALA O 458 -18.00 -14.91 -14.13
N GLN O 459 -17.06 -14.68 -13.21
CA GLN O 459 -17.43 -14.45 -11.82
C GLN O 459 -18.39 -13.28 -11.69
N TYR O 460 -18.06 -12.17 -12.35
CA TYR O 460 -18.91 -10.99 -12.28
C TYR O 460 -20.29 -11.28 -12.84
N MET O 461 -20.35 -12.01 -13.96
CA MET O 461 -21.64 -12.25 -14.58
C MET O 461 -22.53 -13.12 -13.68
N ILE O 462 -21.94 -14.15 -13.07
CA ILE O 462 -22.72 -14.98 -12.17
C ILE O 462 -23.21 -14.17 -10.99
N ASN O 463 -22.34 -13.34 -10.42
CA ASN O 463 -22.78 -12.52 -9.28
C ASN O 463 -23.92 -11.61 -9.69
N LEU O 464 -23.83 -11.01 -10.86
CA LEU O 464 -24.88 -10.11 -11.32
C LEU O 464 -26.20 -10.84 -11.46
N GLN O 465 -26.19 -12.01 -12.09
CA GLN O 465 -27.42 -12.74 -12.28
C GLN O 465 -28.04 -13.14 -10.95
N GLN O 466 -27.22 -13.64 -10.03
CA GLN O 466 -27.76 -14.06 -8.74
C GLN O 466 -28.34 -12.88 -7.97
N ALA O 467 -27.65 -11.75 -7.99
CA ALA O 467 -28.17 -10.57 -7.29
C ALA O 467 -29.49 -10.13 -7.90
N GLU O 468 -29.59 -10.16 -9.22
CA GLU O 468 -30.85 -9.78 -9.85
C GLU O 468 -31.98 -10.72 -9.44
N ALA O 469 -31.72 -12.02 -9.40
CA ALA O 469 -32.76 -12.96 -9.00
C ALA O 469 -33.20 -12.72 -7.57
N GLU O 470 -32.23 -12.48 -6.67
CA GLU O 470 -32.57 -12.22 -5.28
C GLU O 470 -33.41 -10.96 -5.15
N SER O 471 -33.04 -9.91 -5.88
CA SER O 471 -33.84 -8.68 -5.84
C SER O 471 -35.24 -8.92 -6.36
N MET O 472 -35.38 -9.68 -7.44
CA MET O 472 -36.70 -9.94 -8.01
C MET O 472 -37.59 -10.65 -7.01
N THR O 473 -37.11 -11.77 -6.46
CA THR O 473 -37.96 -12.56 -5.58
C THR O 473 -38.22 -11.84 -4.26
N GLY O 474 -37.16 -11.33 -3.64
CA GLY O 474 -37.29 -10.71 -2.35
C GLY O 474 -36.84 -11.56 -1.18
N VAL O 475 -36.28 -12.73 -1.43
CA VAL O 475 -35.75 -13.59 -0.37
C VAL O 475 -34.26 -13.78 -0.61
N LYS O 476 -33.45 -13.43 0.39
CA LYS O 476 -32.01 -13.50 0.23
C LYS O 476 -31.47 -14.91 0.37
N ALA O 477 -32.19 -15.79 1.05
CA ALA O 477 -31.87 -17.21 1.12
C ALA O 477 -30.53 -17.50 1.80
N PHE O 478 -29.85 -16.45 2.27
CA PHE O 478 -28.55 -16.57 2.92
C PHE O 478 -27.67 -17.54 2.15
N ASN O 479 -27.40 -17.17 0.90
CA ASN O 479 -26.87 -18.08 -0.09
C ASN O 479 -25.77 -17.35 -0.86
N ALA O 480 -25.39 -17.91 -2.01
CA ALA O 480 -24.28 -17.39 -2.81
C ALA O 480 -23.02 -17.30 -1.95
N GLY O 481 -22.79 -18.33 -1.17
CA GLY O 481 -21.72 -18.37 -0.19
C GLY O 481 -22.09 -19.35 0.91
N ILE O 482 -21.43 -19.19 2.05
CA ILE O 482 -21.79 -20.00 3.21
C ILE O 482 -23.23 -19.72 3.59
N SER O 483 -23.99 -20.80 3.85
CA SER O 483 -25.38 -20.63 4.27
C SER O 483 -25.47 -19.77 5.51
N GLY O 484 -24.46 -19.86 6.38
CA GLY O 484 -24.28 -18.90 7.44
C GLY O 484 -23.50 -17.70 6.94
N ALA O 485 -24.09 -16.94 6.04
CA ALA O 485 -23.39 -15.84 5.40
C ALA O 485 -22.93 -14.81 6.43
N ALA O 486 -21.89 -14.07 6.06
CA ALA O 486 -21.25 -13.09 6.94
C ALA O 486 -20.74 -13.76 8.21
N LEU O 487 -19.77 -14.66 8.04
CA LEU O 487 -19.17 -15.39 9.16
C LEU O 487 -18.24 -14.48 9.96
N GLY O 488 -18.85 -13.43 10.51
CA GLY O 488 -18.21 -12.52 11.44
C GLY O 488 -17.78 -11.22 10.82
N ASP O 489 -18.66 -10.23 10.91
CA ASP O 489 -18.32 -8.82 10.77
C ASP O 489 -19.04 -7.93 11.76
N THR O 490 -20.18 -8.38 12.31
CA THR O 490 -20.94 -7.66 13.30
C THR O 490 -21.77 -8.69 14.06
N ALA O 491 -22.01 -8.41 15.34
CA ALA O 491 -22.78 -9.35 16.17
C ALA O 491 -24.16 -9.59 15.59
N THR O 492 -24.81 -8.54 15.09
CA THR O 492 -26.13 -8.71 14.48
C THR O 492 -26.03 -9.38 13.11
N ALA O 493 -24.97 -9.08 12.35
CA ALA O 493 -24.86 -9.60 10.99
C ALA O 493 -24.61 -11.10 10.95
N VAL O 494 -24.29 -11.72 12.07
CA VAL O 494 -24.21 -13.18 12.13
C VAL O 494 -25.45 -13.81 12.74
N ARG O 495 -26.25 -13.03 13.47
CA ARG O 495 -27.47 -13.58 14.05
C ARG O 495 -28.48 -13.95 12.98
N GLY O 496 -28.54 -13.18 11.90
CA GLY O 496 -29.51 -13.46 10.85
C GLY O 496 -29.30 -14.81 10.20
N ALA O 497 -28.04 -15.16 9.94
CA ALA O 497 -27.75 -16.41 9.25
C ALA O 497 -28.21 -17.61 10.06
N LEU O 498 -27.84 -17.66 11.33
CA LEU O 498 -28.27 -18.76 12.18
C LEU O 498 -29.78 -18.79 12.33
N ASP O 499 -30.39 -17.60 12.39
CA ASP O 499 -31.85 -17.53 12.47
C ASP O 499 -32.49 -18.19 11.26
N ALA O 500 -32.04 -17.84 10.06
CA ALA O 500 -32.62 -18.42 8.86
C ALA O 500 -32.39 -19.92 8.80
N ALA O 501 -31.20 -20.37 9.17
CA ALA O 501 -30.91 -21.80 9.14
C ALA O 501 -31.85 -22.54 10.09
N SER O 502 -32.01 -22.04 11.31
CA SER O 502 -32.89 -22.71 12.27
C SER O 502 -34.33 -22.69 11.78
N LYS O 503 -34.77 -21.57 11.21
CA LYS O 503 -36.13 -21.49 10.71
C LYS O 503 -36.35 -22.52 9.61
N ARG O 504 -35.35 -22.76 8.78
CA ARG O 504 -35.51 -23.78 7.75
C ARG O 504 -35.54 -25.18 8.36
N GLU O 505 -34.70 -25.43 9.36
CA GLU O 505 -34.72 -26.75 10.00
C GLU O 505 -36.05 -27.04 10.67
N LEU O 506 -36.74 -25.99 11.11
CA LEU O 506 -37.93 -26.18 11.93
C LEU O 506 -39.00 -26.98 11.22
N GLY O 507 -39.16 -26.79 9.90
CA GLY O 507 -40.19 -27.52 9.19
C GLY O 507 -39.98 -29.02 9.22
N ILE O 508 -38.75 -29.45 8.93
CA ILE O 508 -38.43 -30.87 8.99
C ILE O 508 -38.65 -31.39 10.39
N LEU O 509 -38.22 -30.61 11.39
CA LEU O 509 -38.44 -31.03 12.76
C LEU O 509 -39.92 -31.26 13.05
N ARG O 510 -40.76 -30.36 12.54
CA ARG O 510 -42.19 -30.49 12.80
C ARG O 510 -42.78 -31.72 12.12
N ARG O 511 -42.33 -32.03 10.90
CA ARG O 511 -42.84 -33.23 10.24
C ARG O 511 -42.49 -34.48 11.04
N LEU O 512 -41.24 -34.58 11.48
CA LEU O 512 -40.85 -35.74 12.26
C LEU O 512 -41.63 -35.80 13.57
N SER O 513 -41.86 -34.65 14.20
CA SER O 513 -42.64 -34.62 15.42
C SER O 513 -44.04 -35.14 15.19
N ALA O 514 -44.66 -34.76 14.06
CA ALA O 514 -46.00 -35.26 13.76
C ALA O 514 -46.00 -36.77 13.64
N GLY O 515 -45.00 -37.32 12.98
CA GLY O 515 -44.91 -38.77 12.91
C GLY O 515 -44.84 -39.42 14.28
N ILE O 516 -44.01 -38.86 15.15
CA ILE O 516 -43.87 -39.44 16.50
C ILE O 516 -45.19 -39.35 17.26
N ILE O 517 -45.89 -38.23 17.13
CA ILE O 517 -47.19 -38.07 17.79
C ILE O 517 -48.16 -39.14 17.33
N GLU O 518 -48.18 -39.41 16.02
CA GLU O 518 -49.08 -40.44 15.53
C GLU O 518 -48.75 -41.80 16.13
N ILE O 519 -47.46 -42.14 16.19
CA ILE O 519 -47.07 -43.40 16.81
C ILE O 519 -47.57 -43.46 18.25
N GLY O 520 -47.39 -42.37 18.98
CA GLY O 520 -47.82 -42.35 20.37
C GLY O 520 -49.30 -42.56 20.52
N ARG O 521 -50.09 -41.93 19.65
CA ARG O 521 -51.54 -42.11 19.76
C ARG O 521 -51.94 -43.56 19.49
N LYS O 522 -51.31 -44.19 18.51
CA LYS O 522 -51.60 -45.61 18.28
C LYS O 522 -51.25 -46.44 19.51
N ILE O 523 -50.12 -46.14 20.14
CA ILE O 523 -49.70 -46.91 21.31
C ILE O 523 -50.70 -46.74 22.43
N ILE O 524 -51.19 -45.51 22.64
CA ILE O 524 -52.19 -45.28 23.68
C ILE O 524 -53.43 -46.10 23.40
N ALA O 525 -53.88 -46.09 22.14
CA ALA O 525 -55.07 -46.85 21.80
C ALA O 525 -54.88 -48.33 22.12
N MET O 526 -53.71 -48.88 21.81
CA MET O 526 -53.51 -50.30 22.11
C MET O 526 -53.42 -50.54 23.61
N ASN O 527 -52.77 -49.64 24.36
CA ASN O 527 -52.75 -49.79 25.81
C ASN O 527 -54.14 -49.78 26.41
N ALA O 528 -55.09 -49.12 25.73
CA ALA O 528 -56.41 -48.95 26.31
C ALA O 528 -57.03 -50.28 26.70
N GLU O 529 -56.93 -51.28 25.83
CA GLU O 529 -57.65 -52.52 26.08
C GLU O 529 -56.76 -53.74 26.27
N PHE O 530 -55.61 -53.82 25.61
CA PHE O 530 -54.78 -55.01 25.75
C PHE O 530 -54.17 -55.16 27.12
N LEU O 531 -54.20 -54.12 27.94
CA LEU O 531 -53.48 -54.10 29.20
C LEU O 531 -54.47 -54.15 30.35
N ASP O 532 -54.04 -54.73 31.47
CA ASP O 532 -54.94 -55.02 32.57
C ASP O 532 -54.81 -54.00 33.69
N ASP O 533 -55.90 -53.87 34.45
CA ASP O 533 -55.96 -52.87 35.51
C ASP O 533 -54.91 -53.14 36.58
N VAL O 534 -54.69 -54.40 36.93
CA VAL O 534 -53.67 -54.70 37.93
C VAL O 534 -52.30 -54.33 37.40
N GLU O 535 -52.07 -54.53 36.11
CA GLU O 535 -50.79 -54.14 35.52
C GLU O 535 -50.59 -52.64 35.57
N VAL O 536 -51.65 -51.87 35.30
CA VAL O 536 -51.52 -50.42 35.34
C VAL O 536 -51.33 -49.95 36.78
N VAL O 537 -52.01 -50.60 37.73
CA VAL O 537 -51.85 -50.22 39.13
C VAL O 537 -50.43 -50.50 39.59
N ARG O 538 -49.86 -51.63 39.17
CA ARG O 538 -48.51 -51.96 39.58
C ARG O 538 -47.52 -50.86 39.24
N ILE O 539 -47.79 -50.10 38.19
CA ILE O 539 -46.93 -49.00 37.80
C ILE O 539 -47.31 -47.71 38.52
N THR O 540 -48.59 -47.33 38.45
CA THR O 540 -48.97 -46.00 38.91
C THR O 540 -49.04 -45.90 40.43
N ASN O 541 -49.31 -47.01 41.12
CA ASN O 541 -49.57 -47.02 42.55
C ASN O 541 -50.71 -46.09 42.93
N GLU O 542 -51.71 -45.99 42.06
CA GLU O 542 -52.92 -45.25 42.35
C GLU O 542 -54.11 -46.08 41.92
N HIS O 543 -55.27 -45.73 42.47
CA HIS O 543 -56.47 -46.49 42.15
C HIS O 543 -56.78 -46.38 40.66
N PHE O 544 -57.19 -47.48 40.08
CA PHE O 544 -57.40 -47.53 38.64
C PHE O 544 -58.49 -46.56 38.22
N VAL O 545 -58.22 -45.80 37.18
CA VAL O 545 -59.19 -44.88 36.61
C VAL O 545 -59.90 -45.61 35.48
N ASP O 546 -61.23 -45.57 35.49
CA ASP O 546 -61.99 -46.28 34.47
C ASP O 546 -61.69 -45.72 33.08
N ILE O 547 -62.15 -46.44 32.08
CA ILE O 547 -61.85 -46.14 30.69
C ILE O 547 -63.16 -45.84 29.95
N ARG O 548 -63.13 -44.83 29.10
CA ARG O 548 -64.30 -44.47 28.31
C ARG O 548 -64.32 -45.30 27.05
N ARG O 549 -65.44 -45.97 26.79
CA ARG O 549 -65.52 -46.88 25.67
C ARG O 549 -65.77 -46.16 24.34
N ASP O 550 -66.19 -44.89 24.38
CA ASP O 550 -66.46 -44.17 23.15
C ASP O 550 -65.18 -44.05 22.32
N ASP O 551 -64.18 -43.37 22.86
CA ASP O 551 -62.89 -43.24 22.22
C ASP O 551 -61.85 -43.95 23.08
N LEU O 552 -60.85 -44.54 22.42
CA LEU O 552 -59.76 -45.16 23.14
C LEU O 552 -58.43 -44.47 22.93
N ALA O 553 -58.26 -43.71 21.85
CA ALA O 553 -57.03 -43.01 21.56
C ALA O 553 -57.09 -41.54 21.92
N GLY O 554 -57.92 -41.19 22.90
CA GLY O 554 -58.13 -39.79 23.19
C GLY O 554 -59.00 -39.15 22.13
N ASN O 555 -58.47 -38.14 21.45
CA ASN O 555 -59.18 -37.44 20.38
C ASN O 555 -60.37 -36.65 20.96
N PHE O 556 -60.63 -36.84 22.24
CA PHE O 556 -61.67 -36.10 22.94
C PHE O 556 -61.22 -35.56 24.27
N ASP O 557 -60.18 -36.12 24.88
CA ASP O 557 -59.80 -35.72 26.22
C ASP O 557 -58.31 -35.64 26.46
N LEU O 558 -57.48 -35.87 25.44
CA LEU O 558 -56.04 -35.87 25.62
C LEU O 558 -55.37 -35.04 24.54
N LYS O 559 -54.41 -34.21 24.95
CA LYS O 559 -53.58 -33.46 24.03
C LYS O 559 -52.15 -33.99 24.15
N LEU O 560 -51.56 -34.38 23.03
CA LEU O 560 -50.30 -35.09 23.01
C LEU O 560 -49.24 -34.25 22.31
N ASP O 561 -48.10 -34.08 22.96
CA ASP O 561 -47.05 -33.25 22.40
C ASP O 561 -45.70 -33.69 22.96
N ILE O 562 -44.64 -33.24 22.28
CA ILE O 562 -43.28 -33.59 22.67
C ILE O 562 -42.85 -32.70 23.82
N SER O 563 -42.38 -33.32 24.90
CA SER O 563 -41.93 -32.57 26.06
C SER O 563 -40.48 -32.12 25.89
N THR O 564 -40.19 -30.93 26.41
CA THR O 564 -38.83 -30.40 26.36
C THR O 564 -38.52 -29.62 27.63
N ALA O 565 -37.22 -29.53 27.92
CA ALA O 565 -36.75 -29.01 29.20
C ALA O 565 -37.17 -27.55 29.37
N GLU O 566 -37.14 -26.76 28.31
CA GLU O 566 -37.48 -25.35 28.43
C GLU O 566 -38.95 -25.17 28.78
N GLU O 567 -39.84 -25.98 28.19
CA GLU O 567 -41.24 -25.91 28.59
C GLU O 567 -41.42 -26.37 30.03
N ASP O 568 -40.67 -27.39 30.46
CA ASP O 568 -40.75 -27.79 31.85
C ASP O 568 -40.34 -26.64 32.77
N ASN O 569 -39.25 -25.95 32.43
CA ASN O 569 -38.80 -24.81 33.23
C ASN O 569 -39.84 -23.71 33.23
N ALA O 570 -40.46 -23.45 32.08
CA ALA O 570 -41.49 -22.43 32.03
C ALA O 570 -42.65 -22.77 32.95
N LYS O 571 -43.09 -24.03 32.93
CA LYS O 571 -44.17 -24.45 33.80
C LYS O 571 -43.81 -24.28 35.27
N VAL O 572 -42.59 -24.68 35.62
CA VAL O 572 -42.16 -24.55 37.02
C VAL O 572 -42.14 -23.09 37.43
N ASN O 573 -41.59 -22.22 36.57
CA ASN O 573 -41.51 -20.80 36.91
C ASN O 573 -42.90 -20.20 37.06
N ASP O 574 -43.82 -20.55 36.17
CA ASP O 574 -45.18 -20.03 36.29
C ASP O 574 -45.82 -20.47 37.59
N LEU O 575 -45.67 -21.75 37.92
CA LEU O 575 -46.25 -22.24 39.17
C LEU O 575 -45.68 -21.50 40.36
N THR O 576 -44.36 -21.40 40.44
CA THR O 576 -43.73 -20.75 41.57
C THR O 576 -44.19 -19.31 41.70
N PHE O 577 -44.13 -18.55 40.60
CA PHE O 577 -44.49 -17.15 40.66
C PHE O 577 -45.94 -16.98 41.07
N MET O 578 -46.83 -17.74 40.47
CA MET O 578 -48.23 -17.46 40.66
C MET O 578 -48.70 -17.94 42.02
N LEU O 579 -48.06 -18.98 42.55
CA LEU O 579 -48.24 -19.33 43.96
C LEU O 579 -47.76 -18.19 44.87
N GLN O 580 -46.55 -17.69 44.63
CA GLN O 580 -46.00 -16.71 45.55
C GLN O 580 -46.80 -15.42 45.53
N THR O 581 -47.38 -15.07 44.38
CA THR O 581 -48.30 -13.95 44.30
C THR O 581 -49.56 -14.44 43.59
N MET O 582 -50.43 -15.10 44.35
CA MET O 582 -51.79 -15.37 43.92
C MET O 582 -52.81 -14.52 44.64
N GLY O 583 -52.81 -14.54 45.98
CA GLY O 583 -53.72 -13.75 46.74
C GLY O 583 -54.21 -14.45 47.98
N PRO O 584 -55.10 -13.80 48.72
CA PRO O 584 -55.60 -14.38 49.97
C PRO O 584 -56.70 -15.39 49.74
N ASN O 585 -56.89 -15.82 48.49
CA ASN O 585 -57.95 -16.75 48.14
C ASN O 585 -57.94 -17.98 49.04
N MET O 586 -59.13 -18.46 49.36
CA MET O 586 -59.26 -19.52 50.35
C MET O 586 -58.92 -20.85 49.69
N ASP O 587 -59.29 -21.95 50.36
CA ASP O 587 -58.99 -23.31 49.94
C ASP O 587 -57.49 -23.51 49.89
N PRO O 588 -56.80 -23.48 51.05
CA PRO O 588 -55.36 -23.72 51.05
C PRO O 588 -55.00 -25.12 50.57
N MET O 589 -55.97 -26.02 50.53
CA MET O 589 -55.75 -27.31 49.88
C MET O 589 -55.20 -27.10 48.48
N MET O 590 -55.69 -26.09 47.77
CA MET O 590 -55.21 -25.82 46.43
C MET O 590 -53.73 -25.44 46.42
N ALA O 591 -53.32 -24.59 47.37
CA ALA O 591 -51.91 -24.23 47.46
C ALA O 591 -51.06 -25.45 47.75
N GLN O 592 -51.56 -26.33 48.61
CA GLN O 592 -50.85 -27.58 48.87
C GLN O 592 -50.71 -28.41 47.59
N GLN O 593 -51.79 -28.50 46.81
CA GLN O 593 -51.72 -29.26 45.56
C GLN O 593 -50.64 -28.69 44.66
N ILE O 594 -50.62 -27.36 44.53
CA ILE O 594 -49.63 -26.73 43.67
C ILE O 594 -48.22 -27.06 44.15
N MET O 595 -47.96 -26.85 45.44
CA MET O 595 -46.61 -27.05 45.96
C MET O 595 -46.19 -28.50 45.79
N GLY O 596 -47.11 -29.44 46.00
CA GLY O 596 -46.81 -30.84 45.73
C GLY O 596 -46.47 -31.07 44.27
N GLN O 597 -47.13 -30.35 43.36
CA GLN O 597 -46.80 -30.50 41.96
C GLN O 597 -45.39 -30.00 41.66
N ILE O 598 -44.97 -28.91 42.28
CA ILE O 598 -43.59 -28.48 42.09
C ILE O 598 -42.62 -29.54 42.64
N MET O 599 -42.91 -30.09 43.81
CA MET O 599 -42.10 -31.22 44.30
C MET O 599 -42.00 -32.32 43.26
N GLU O 600 -43.15 -32.75 42.72
CA GLU O 600 -43.15 -33.88 41.79
C GLU O 600 -42.36 -33.55 40.53
N LEU O 601 -42.52 -32.32 40.01
CA LEU O 601 -41.74 -31.91 38.86
C LEU O 601 -40.26 -31.87 39.16
N LYS O 602 -39.90 -31.59 40.40
CA LYS O 602 -38.49 -31.59 40.81
C LYS O 602 -38.05 -32.93 41.34
N LYS O 603 -38.88 -33.97 41.20
CA LYS O 603 -38.49 -35.36 41.44
C LYS O 603 -38.19 -35.63 42.91
N MET O 604 -39.14 -35.30 43.77
CA MET O 604 -39.16 -35.78 45.15
C MET O 604 -40.58 -36.25 45.47
N PRO O 605 -41.00 -37.37 44.87
CA PRO O 605 -42.40 -37.79 45.00
C PRO O 605 -42.83 -38.05 46.43
N ASP O 606 -41.93 -38.53 47.29
CA ASP O 606 -42.30 -38.74 48.68
C ASP O 606 -42.70 -37.41 49.35
N PHE O 607 -41.86 -36.39 49.18
CA PHE O 607 -42.21 -35.07 49.70
C PHE O 607 -43.49 -34.56 49.07
N ALA O 608 -43.66 -34.80 47.77
CA ALA O 608 -44.86 -34.33 47.09
C ALA O 608 -46.11 -34.92 47.72
N LYS O 609 -46.13 -36.24 47.91
CA LYS O 609 -47.29 -36.88 48.49
C LYS O 609 -47.52 -36.40 49.91
N ARG O 610 -46.44 -36.31 50.70
CA ARG O 610 -46.59 -35.90 52.09
C ARG O 610 -47.17 -34.50 52.19
N ILE O 611 -46.70 -33.57 51.36
CA ILE O 611 -47.22 -32.22 51.39
C ILE O 611 -48.68 -32.20 50.94
N ARG O 612 -48.97 -32.83 49.81
CA ARG O 612 -50.32 -32.73 49.29
C ARG O 612 -51.34 -33.39 50.20
N GLU O 613 -50.93 -34.38 50.98
CA GLU O 613 -51.83 -35.01 51.92
C GLU O 613 -51.74 -34.40 53.32
N PHE O 614 -50.83 -33.46 53.53
CA PHE O 614 -50.67 -32.87 54.85
C PHE O 614 -51.91 -32.07 55.22
N GLN O 615 -52.36 -32.23 56.46
CA GLN O 615 -53.52 -31.53 56.97
C GLN O 615 -53.11 -30.54 58.04
N PRO O 616 -53.24 -29.23 57.81
CA PRO O 616 -52.90 -28.27 58.85
C PRO O 616 -53.85 -28.38 60.04
N GLN O 617 -53.33 -28.05 61.21
CA GLN O 617 -54.10 -28.10 62.45
C GLN O 617 -53.90 -26.79 63.21
N PRO O 618 -54.99 -26.24 63.72
CA PRO O 618 -54.94 -24.98 64.45
C PRO O 618 -54.52 -25.21 65.89
N ASP O 619 -54.06 -24.13 66.53
CA ASP O 619 -53.61 -24.18 67.91
C ASP O 619 -54.79 -23.96 68.85
N PRO O 620 -54.50 -23.75 70.13
CA PRO O 620 -55.52 -23.51 71.14
C PRO O 620 -55.69 -22.03 71.45
N ILE O 621 -55.51 -21.17 70.46
CA ILE O 621 -55.69 -19.73 70.65
C ILE O 621 -57.13 -19.29 70.43
N ALA O 622 -58.00 -20.17 69.95
CA ALA O 622 -59.43 -19.83 69.88
C ALA O 622 -60.00 -19.55 71.25
N GLN O 623 -59.35 -20.06 72.30
CA GLN O 623 -59.72 -19.67 73.66
C GLN O 623 -59.67 -18.16 73.80
N GLN O 624 -58.66 -17.52 73.21
CA GLN O 624 -58.57 -16.07 73.31
C GLN O 624 -59.78 -15.40 72.71
N LYS O 625 -60.23 -15.84 71.53
CA LYS O 625 -61.40 -15.24 70.92
C LYS O 625 -62.63 -15.44 71.78
N ALA O 626 -62.81 -16.65 72.31
CA ALA O 626 -63.98 -16.90 73.16
C ALA O 626 -63.94 -16.01 74.40
N GLN O 627 -62.78 -15.87 75.03
CA GLN O 627 -62.69 -15.10 76.25
C GLN O 627 -62.90 -13.61 75.99
N LEU O 628 -62.38 -13.10 74.88
CA LEU O 628 -62.64 -11.69 74.58
C LEU O 628 -64.09 -11.45 74.20
N GLU O 629 -64.74 -12.44 73.57
CA GLU O 629 -66.17 -12.34 73.36
C GLU O 629 -66.91 -12.23 74.67
N LEU O 630 -66.52 -13.04 75.65
CA LEU O 630 -67.14 -12.94 76.97
C LEU O 630 -66.84 -11.59 77.63
N MET O 631 -65.59 -11.13 77.53
CA MET O 631 -65.23 -9.77 77.89
C MET O 631 -66.29 -8.79 77.44
N LEU O 632 -66.48 -8.71 76.13
CA LEU O 632 -67.38 -7.70 75.59
C LEU O 632 -68.81 -7.91 76.05
N LEU O 633 -69.28 -9.15 76.03
CA LEU O 633 -70.67 -9.42 76.39
C LEU O 633 -70.96 -8.96 77.80
N GLN O 634 -70.10 -9.34 78.74
CA GLN O 634 -70.33 -8.98 80.14
C GLN O 634 -70.12 -7.49 80.35
N ALA O 635 -69.07 -6.92 79.76
CA ALA O 635 -68.84 -5.49 79.93
C ALA O 635 -70.00 -4.66 79.41
N GLN O 636 -70.73 -5.16 78.43
CA GLN O 636 -71.85 -4.35 77.98
C GLN O 636 -73.12 -4.61 78.78
N ILE O 637 -73.61 -5.86 78.80
CA ILE O 637 -74.87 -6.10 79.50
C ILE O 637 -74.75 -5.78 80.97
N GLU O 638 -73.70 -6.29 81.60
CA GLU O 638 -73.62 -6.25 83.05
C GLU O 638 -73.31 -4.85 83.57
N ALA O 639 -72.40 -4.14 82.90
CA ALA O 639 -71.97 -2.87 83.45
C ALA O 639 -72.97 -1.75 83.15
N GLU O 640 -73.17 -1.46 81.87
CA GLU O 640 -73.77 -0.18 81.50
C GLU O 640 -75.23 -0.12 81.89
N ARG O 641 -76.00 -1.16 81.58
CA ARG O 641 -77.42 -1.16 81.92
C ARG O 641 -77.61 -1.04 83.42
N ALA O 642 -76.77 -1.73 84.19
CA ALA O 642 -76.83 -1.62 85.63
C ALA O 642 -76.55 -0.20 86.10
N ARG O 643 -75.56 0.46 85.49
CA ARG O 643 -75.28 1.85 85.85
C ARG O 643 -76.48 2.73 85.57
N ALA O 644 -77.13 2.52 84.43
CA ALA O 644 -78.31 3.31 84.11
C ALA O 644 -79.39 3.12 85.16
N ALA O 645 -79.66 1.87 85.52
CA ALA O 645 -80.68 1.61 86.52
C ALA O 645 -80.34 2.31 87.83
N HIS O 646 -79.07 2.22 88.23
CA HIS O 646 -78.66 2.84 89.48
C HIS O 646 -78.87 4.35 89.45
N TYR O 647 -78.51 4.98 88.33
CA TYR O 647 -78.64 6.44 88.25
C TYR O 647 -80.11 6.87 88.26
N MET O 648 -80.96 6.15 87.53
CA MET O 648 -82.37 6.51 87.56
C MET O 648 -82.95 6.35 88.96
N SER O 649 -82.56 5.29 89.66
CA SER O 649 -83.03 5.11 91.02
C SER O 649 -82.58 6.28 91.90
N GLY O 650 -81.33 6.70 91.75
CA GLY O 650 -80.86 7.84 92.50
C GLY O 650 -81.64 9.10 92.22
N ALA O 651 -81.95 9.35 90.96
CA ALA O 651 -82.73 10.54 90.60
C ALA O 651 -84.10 10.50 91.26
N GLY O 652 -84.76 9.35 91.21
CA GLY O 652 -86.04 9.21 91.89
C GLY O 652 -85.92 9.49 93.38
N LEU O 653 -84.85 9.00 93.99
CA LEU O 653 -84.67 9.22 95.42
C LEU O 653 -84.53 10.71 95.75
N GLN O 654 -83.76 11.44 94.94
CA GLN O 654 -83.64 12.88 95.19
C GLN O 654 -84.98 13.57 95.06
N ASP O 655 -85.72 13.24 94.01
CA ASP O 655 -87.02 13.84 93.81
C ASP O 655 -87.95 13.55 94.99
N SER O 656 -87.77 12.38 95.62
CA SER O 656 -88.52 12.11 96.83
C SER O 656 -88.06 12.99 97.99
N LYS O 657 -86.74 13.12 98.17
CA LYS O 657 -86.21 13.85 99.31
C LYS O 657 -86.60 15.32 99.33
N VAL O 658 -86.95 15.86 98.15
CA VAL O 658 -87.39 17.26 98.11
C VAL O 658 -88.53 17.51 99.09
N GLY O 659 -89.52 16.62 99.12
CA GLY O 659 -90.66 16.82 99.99
C GLY O 659 -90.29 16.83 101.45
N THR O 660 -89.39 15.94 101.86
CA THR O 660 -88.94 15.94 103.24
C THR O 660 -88.26 17.25 103.58
N GLU O 661 -87.50 17.81 102.63
CA GLU O 661 -86.91 19.12 102.87
C GLU O 661 -88.00 20.16 103.13
N GLN O 662 -89.05 20.15 102.32
CA GLN O 662 -90.16 21.09 102.52
C GLN O 662 -90.73 20.95 103.93
N ALA O 663 -90.98 19.71 104.33
CA ALA O 663 -91.60 19.47 105.64
C ALA O 663 -90.71 19.97 106.77
N LYS O 664 -89.40 19.71 106.66
CA LYS O 664 -88.47 20.20 107.68
C LYS O 664 -88.52 21.71 107.79
N ALA O 665 -88.54 22.39 106.64
CA ALA O 665 -88.60 23.85 106.67
C ALA O 665 -89.84 24.33 107.41
N ARG O 666 -90.99 23.75 107.07
CA ARG O 666 -92.24 24.17 107.71
C ARG O 666 -92.20 23.94 109.21
N ALA O 667 -91.73 22.76 109.63
CA ALA O 667 -91.72 22.45 111.06
C ALA O 667 -90.82 23.41 111.82
N LEU O 668 -89.64 23.71 111.28
CA LEU O 668 -88.76 24.64 111.98
C LEU O 668 -89.36 26.03 112.06
N ALA O 669 -90.05 26.46 111.00
CA ALA O 669 -90.72 27.76 111.09
C ALA O 669 -91.73 27.77 112.23
N SER O 670 -92.51 26.70 112.35
CA SER O 670 -93.50 26.64 113.43
C SER O 670 -92.83 26.71 114.80
N GLN O 671 -91.73 25.97 114.96
CA GLN O 671 -91.04 25.99 116.25
C GLN O 671 -90.52 27.39 116.58
N ALA O 672 -89.98 28.09 115.59
CA ALA O 672 -89.53 29.45 115.83
C ALA O 672 -90.67 30.34 116.26
N ASP O 673 -91.85 30.16 115.64
CA ASP O 673 -93.01 30.94 116.05
C ASP O 673 -93.38 30.68 117.50
N MET O 674 -93.35 29.41 117.91
CA MET O 674 -93.63 29.08 119.30
C MET O 674 -92.65 29.78 120.25
N THR O 675 -91.36 29.74 119.91
CA THR O 675 -90.37 30.37 120.77
C THR O 675 -90.60 31.87 120.87
N ASP O 676 -90.91 32.52 119.75
CA ASP O 676 -91.17 33.95 119.78
C ASP O 676 -92.38 34.27 120.65
N LEU O 677 -93.42 33.44 120.56
CA LEU O 677 -94.61 33.66 121.40
C LEU O 677 -94.25 33.58 122.87
N ASN O 678 -93.48 32.57 123.27
CA ASN O 678 -93.12 32.43 124.67
C ASN O 678 -92.26 33.61 125.13
N PHE O 679 -91.36 34.07 124.27
CA PHE O 679 -90.56 35.24 124.60
C PHE O 679 -91.44 36.46 124.85
N LEU O 680 -92.41 36.68 123.96
CA LEU O 680 -93.31 37.81 124.15
C LEU O 680 -94.08 37.70 125.45
N GLU O 681 -94.56 36.50 125.78
CA GLU O 681 -95.30 36.33 127.03
C GLU O 681 -94.43 36.63 128.24
N GLN O 682 -93.23 36.05 128.29
CA GLN O 682 -92.34 36.33 129.42
C GLN O 682 -92.01 37.80 129.53
N GLU O 683 -91.97 38.51 128.41
CA GLU O 683 -91.86 39.96 128.50
C GLU O 683 -93.24 40.54 128.78
N SER O 684 -93.60 40.55 130.06
CA SER O 684 -94.75 41.30 130.57
C SER O 684 -96.05 40.87 129.90
N GLY O 685 -96.44 39.63 130.16
CA GLY O 685 -97.76 39.18 129.78
C GLY O 685 -98.35 38.13 130.68
N VAL O 686 -99.15 37.25 130.08
CA VAL O 686 -99.83 36.19 130.82
C VAL O 686 -98.84 35.34 131.61
N GLN O 687 -97.59 35.29 131.16
CA GLN O 687 -96.58 34.45 131.82
C GLN O 687 -96.53 34.72 133.32
N GLN O 688 -96.44 35.98 133.71
CA GLN O 688 -96.47 36.33 135.12
C GLN O 688 -97.76 37.04 135.52
N ALA O 689 -98.71 37.17 134.60
CA ALA O 689 -100.03 37.67 134.96
C ALA O 689 -100.90 36.53 135.52
N ARG O 690 -101.05 35.46 134.76
CA ARG O 690 -101.98 34.41 135.14
C ARG O 690 -101.45 33.55 136.27
N LYS O 691 -100.16 33.19 136.22
CA LYS O 691 -99.67 32.09 137.05
C LYS O 691 -99.91 32.31 138.53
N ARG O 692 -100.00 33.57 138.98
CA ARG O 692 -100.53 33.79 140.33
C ARG O 692 -102.05 33.87 140.29
N GLU O 693 -102.58 34.73 139.41
CA GLU O 693 -104.02 34.97 139.29
C GLU O 693 -104.83 33.70 139.43
N LEU O 694 -104.48 32.67 138.64
CA LEU O 694 -105.19 31.41 138.68
C LEU O 694 -105.35 30.90 140.10
N GLN O 695 -104.21 30.59 140.75
CA GLN O 695 -104.27 29.92 142.03
C GLN O 695 -104.83 30.83 143.12
N GLN O 696 -104.41 32.10 143.14
CA GLN O 696 -104.88 32.99 144.19
C GLN O 696 -106.39 33.18 144.10
N ALA O 697 -106.89 33.49 142.91
CA ALA O 697 -108.32 33.69 142.75
C ALA O 697 -109.09 32.41 143.07
N GLN O 698 -108.64 31.27 142.56
CA GLN O 698 -109.37 30.03 142.78
C GLN O 698 -109.41 29.69 144.27
N SER O 699 -108.26 29.66 144.92
CA SER O 699 -108.20 29.27 146.33
C SER O 699 -108.98 30.25 147.19
N GLU O 700 -108.77 31.55 146.98
CA GLU O 700 -109.46 32.55 147.79
C GLU O 700 -110.96 32.44 147.60
N ALA O 701 -111.44 32.42 146.35
CA ALA O 701 -112.88 32.39 146.12
C ALA O 701 -113.50 31.13 146.67
N GLN O 702 -112.86 29.98 146.44
CA GLN O 702 -113.42 28.72 146.93
C GLN O 702 -113.49 28.69 148.44
N GLY O 703 -112.37 29.01 149.11
CA GLY O 703 -112.37 29.01 150.56
C GLY O 703 -113.36 29.99 151.14
N LYS O 704 -113.42 31.20 150.57
CA LYS O 704 -114.32 32.22 151.07
C LYS O 704 -115.78 31.80 150.90
N LEU O 705 -116.13 31.24 149.74
CA LEU O 705 -117.51 30.83 149.53
C LEU O 705 -117.89 29.67 150.45
N ALA O 706 -117.00 28.69 150.61
CA ALA O 706 -117.30 27.58 151.50
C ALA O 706 -117.43 28.06 152.95
N MET O 707 -116.54 28.95 153.39
CA MET O 707 -116.57 29.41 154.77
C MET O 707 -117.73 30.37 155.01
N LEU O 708 -118.18 31.09 153.98
CA LEU O 708 -119.41 31.87 154.09
C LEU O 708 -120.62 30.96 154.18
N ASN O 709 -120.62 29.85 153.42
CA ASN O 709 -121.66 28.85 153.59
C ASN O 709 -121.60 28.20 154.96
N SER O 710 -120.45 28.26 155.64
CA SER O 710 -120.36 27.74 157.00
C SER O 710 -121.32 28.48 157.93
N GLN O 711 -121.38 29.81 157.81
CA GLN O 711 -122.32 30.56 158.66
C GLN O 711 -123.77 30.25 158.30
N LEU O 712 -124.05 29.96 157.03
CA LEU O 712 -125.40 29.53 156.65
C LEU O 712 -125.73 28.19 157.30
N LYS O 713 -124.79 27.26 157.29
CA LYS O 713 -125.00 25.98 157.96
C LYS O 713 -125.24 26.18 159.45
N ARG O 714 -124.46 27.07 160.07
CA ARG O 714 -124.63 27.32 161.50
C ARG O 714 -125.97 27.99 161.80
N LEU O 715 -126.42 28.89 160.92
CA LEU O 715 -127.74 29.49 161.10
C LEU O 715 -128.83 28.44 160.99
N ASP O 716 -128.68 27.50 160.06
CA ASP O 716 -129.61 26.39 159.98
C ASP O 716 -129.56 25.54 161.25
N GLU O 717 -128.36 25.32 161.79
CA GLU O 717 -128.21 24.63 163.07
C GLU O 717 -129.02 25.33 164.15
N ALA O 718 -128.86 26.64 164.25
CA ALA O 718 -129.54 27.41 165.29
C ALA O 718 -131.05 27.37 165.11
N THR O 719 -131.53 27.51 163.88
CA THR O 719 -132.96 27.52 163.63
C THR O 719 -133.60 26.14 163.69
N SER O 720 -132.80 25.08 163.64
CA SER O 720 -133.33 23.72 163.73
C SER O 720 -133.24 23.14 165.14
N ALA O 721 -132.04 23.08 165.69
CA ALA O 721 -131.84 22.50 167.02
C ALA O 721 -130.71 23.20 167.76
N ALA P 2 45.87 6.83 -119.05
CA ALA P 2 45.10 5.85 -118.31
C ALA P 2 45.26 6.05 -116.82
N VAL P 3 45.60 7.28 -116.43
CA VAL P 3 45.89 7.61 -115.04
C VAL P 3 44.71 8.44 -114.52
N GLU P 4 43.79 7.79 -113.81
CA GLU P 4 42.73 8.49 -113.13
C GLU P 4 43.19 8.79 -111.71
N PRO P 5 43.25 10.06 -111.31
CA PRO P 5 43.79 10.39 -109.99
C PRO P 5 42.73 10.17 -108.93
N ILE P 6 43.00 9.26 -108.00
CA ILE P 6 42.08 9.05 -106.89
C ILE P 6 42.20 10.23 -105.92
N THR P 7 41.06 10.80 -105.55
CA THR P 7 41.05 12.02 -104.77
C THR P 7 40.15 11.84 -103.55
N ILE P 8 40.10 12.90 -102.75
CA ILE P 8 39.22 12.91 -101.59
C ILE P 8 37.78 12.76 -102.02
N ALA P 9 37.43 13.34 -103.17
CA ALA P 9 36.09 13.14 -103.71
C ALA P 9 35.83 11.67 -104.00
N ASP P 10 36.83 10.98 -104.54
CA ASP P 10 36.69 9.56 -104.79
C ASP P 10 36.48 8.80 -103.48
N LEU P 11 37.22 9.16 -102.44
CA LEU P 11 37.03 8.49 -101.15
C LEU P 11 35.63 8.76 -100.60
N THR P 12 35.28 10.04 -100.47
CA THR P 12 33.96 10.44 -100.01
C THR P 12 33.70 11.91 -100.31
N GLU P 13 32.60 12.20 -100.99
CA GLU P 13 32.10 13.56 -101.03
C GLU P 13 31.28 13.83 -99.78
N VAL P 14 31.15 15.10 -99.44
CA VAL P 14 30.71 15.46 -98.10
C VAL P 14 29.24 15.11 -97.89
N LYS P 15 28.45 15.00 -98.95
CA LYS P 15 27.03 14.75 -98.80
C LYS P 15 26.76 13.40 -98.14
N LEU P 16 25.63 13.32 -97.44
CA LEU P 16 25.25 12.07 -96.79
C LEU P 16 24.95 10.98 -97.81
N ASP P 17 24.27 11.32 -98.90
CA ASP P 17 23.85 10.36 -99.91
C ASP P 17 24.83 10.23 -101.05
N GLY P 18 26.10 10.58 -100.83
CA GLY P 18 27.08 10.56 -101.89
C GLY P 18 27.40 9.14 -102.35
N LYS P 19 28.38 9.06 -103.24
CA LYS P 19 28.82 7.79 -103.80
C LYS P 19 30.21 7.39 -103.33
N GLY P 20 30.76 8.08 -102.35
CA GLY P 20 32.04 7.69 -101.81
C GLY P 20 31.97 6.33 -101.13
N ALA P 21 33.13 5.68 -101.07
CA ALA P 21 33.18 4.35 -100.46
C ALA P 21 32.75 4.39 -99.01
N LEU P 22 33.26 5.37 -98.25
CA LEU P 22 32.84 5.52 -96.87
C LEU P 22 31.34 5.72 -96.78
N ASP P 23 30.81 6.57 -97.66
CA ASP P 23 29.38 6.86 -97.62
C ASP P 23 28.56 5.61 -97.85
N GLN P 24 28.94 4.79 -98.82
CA GLN P 24 28.10 3.64 -99.13
C GLN P 24 28.26 2.54 -98.09
N LEU P 25 29.44 2.40 -97.51
CA LEU P 25 29.59 1.45 -96.41
C LEU P 25 28.71 1.86 -95.23
N LEU P 26 28.72 3.15 -94.90
CA LEU P 26 27.86 3.62 -93.82
C LEU P 26 26.39 3.39 -94.17
N GLN P 27 26.03 3.59 -95.43
CA GLN P 27 24.63 3.39 -95.82
C GLN P 27 24.21 1.93 -95.65
N VAL P 28 25.07 0.99 -96.04
CA VAL P 28 24.67 -0.41 -95.91
C VAL P 28 24.60 -0.81 -94.44
N THR P 29 25.51 -0.27 -93.62
CA THR P 29 25.40 -0.53 -92.19
C THR P 29 24.09 0.02 -91.64
N ARG P 30 23.72 1.22 -92.08
CA ARG P 30 22.44 1.80 -91.64
C ARG P 30 21.28 0.93 -92.06
N LEU P 31 21.31 0.37 -93.26
CA LEU P 31 20.19 -0.45 -93.70
C LEU P 31 20.07 -1.71 -92.86
N HIS P 32 21.18 -2.36 -92.58
CA HIS P 32 21.11 -3.57 -91.75
C HIS P 32 20.58 -3.25 -90.37
N LEU P 33 21.08 -2.17 -89.76
CA LEU P 33 20.58 -1.79 -88.44
C LEU P 33 19.10 -1.41 -88.50
N ALA P 34 18.68 -0.76 -89.58
CA ALA P 34 17.29 -0.36 -89.69
C ALA P 34 16.37 -1.56 -89.76
N LYS P 35 16.74 -2.57 -90.55
CA LYS P 35 15.92 -3.77 -90.56
C LYS P 35 15.91 -4.44 -89.20
N GLU P 36 17.07 -4.46 -88.52
CA GLU P 36 17.09 -5.07 -87.19
C GLU P 36 16.15 -4.36 -86.23
N HIS P 37 16.12 -3.02 -86.28
CA HIS P 37 15.24 -2.27 -85.40
C HIS P 37 13.79 -2.45 -85.80
N ASP P 38 13.51 -2.57 -87.09
CA ASP P 38 12.14 -2.78 -87.54
C ASP P 38 11.60 -4.09 -87.01
N ALA P 39 12.40 -5.14 -87.07
CA ALA P 39 12.05 -6.30 -86.28
C ALA P 39 12.24 -5.98 -84.81
N GLY P 40 11.51 -6.67 -83.96
CA GLY P 40 11.58 -6.33 -82.55
C GLY P 40 12.87 -6.78 -81.89
N ARG P 41 14.00 -6.17 -82.27
CA ARG P 41 15.27 -6.62 -81.73
C ARG P 41 16.22 -5.52 -81.30
N LEU P 42 16.01 -4.27 -81.68
CA LEU P 42 16.90 -3.19 -81.26
C LEU P 42 16.11 -2.02 -80.74
N LYS P 43 16.58 -1.41 -79.66
CA LYS P 43 16.05 -0.13 -79.26
C LYS P 43 16.77 0.98 -80.04
N GLY P 44 16.26 2.19 -79.91
CA GLY P 44 16.82 3.28 -80.66
C GLY P 44 18.15 3.80 -80.18
N GLN P 45 18.73 3.20 -79.14
CA GLN P 45 20.00 3.66 -78.59
C GLN P 45 21.16 2.77 -78.94
N GLU P 46 20.98 1.46 -78.95
CA GLU P 46 22.02 0.60 -79.49
C GLU P 46 22.30 0.94 -80.95
N TYR P 47 21.27 1.39 -81.66
CA TYR P 47 21.48 1.83 -83.03
C TYR P 47 22.54 2.90 -83.11
N ALA P 48 22.50 3.88 -82.22
CA ALA P 48 23.52 4.93 -82.22
C ALA P 48 24.85 4.41 -81.70
N ALA P 49 24.81 3.58 -80.67
CA ALA P 49 26.04 3.11 -80.06
C ALA P 49 26.89 2.33 -81.05
N VAL P 50 26.26 1.42 -81.79
CA VAL P 50 27.00 0.58 -82.73
C VAL P 50 27.62 1.44 -83.82
N LEU P 51 26.85 2.38 -84.36
CA LEU P 51 27.35 3.22 -85.44
C LEU P 51 28.55 4.04 -84.99
N THR P 52 28.41 4.70 -83.83
CA THR P 52 29.50 5.53 -83.34
C THR P 52 30.74 4.69 -83.06
N GLY P 53 30.56 3.49 -82.51
CA GLY P 53 31.70 2.63 -82.32
C GLY P 53 32.36 2.23 -83.63
N GLY P 54 31.55 2.03 -84.67
CA GLY P 54 32.08 1.49 -85.91
C GLY P 54 32.80 2.51 -86.78
N ILE P 55 32.45 3.79 -86.64
CA ILE P 55 32.92 4.83 -87.57
C ILE P 55 34.39 4.70 -87.96
N THR P 56 35.28 4.66 -86.98
CA THR P 56 36.71 4.72 -87.30
C THR P 56 37.19 3.43 -87.95
N ALA P 57 36.69 2.28 -87.51
CA ALA P 57 37.08 1.02 -88.14
C ALA P 57 36.62 0.98 -89.59
N VAL P 58 35.40 1.45 -89.85
CA VAL P 58 34.92 1.51 -91.22
C VAL P 58 35.81 2.42 -92.06
N LEU P 59 36.20 3.57 -91.49
CA LEU P 59 37.09 4.46 -92.21
C LEU P 59 38.40 3.78 -92.57
N GLN P 60 39.00 3.08 -91.61
CA GLN P 60 40.26 2.42 -91.86
C GLN P 60 40.13 1.35 -92.95
N ASN P 61 39.05 0.57 -92.89
CA ASN P 61 38.85 -0.45 -93.91
C ASN P 61 38.68 0.16 -95.28
N ALA P 62 37.92 1.25 -95.39
CA ALA P 62 37.73 1.88 -96.69
C ALA P 62 39.04 2.42 -97.24
N VAL P 63 39.86 3.03 -96.39
CA VAL P 63 41.15 3.51 -96.85
C VAL P 63 42.02 2.36 -97.34
N MET P 64 42.02 1.26 -96.59
CA MET P 64 42.75 0.08 -97.05
C MET P 64 42.24 -0.39 -98.40
N PHE P 65 40.92 -0.31 -98.61
CA PHE P 65 40.34 -0.85 -99.83
C PHE P 65 40.72 -0.02 -101.05
N LEU P 66 40.62 1.31 -100.94
CA LEU P 66 40.82 2.15 -102.12
C LEU P 66 42.23 2.01 -102.68
N LEU P 67 43.24 1.95 -101.81
CA LEU P 67 44.61 1.92 -102.29
C LEU P 67 44.90 0.66 -103.08
N GLN P 68 44.46 -0.49 -102.58
CA GLN P 68 44.79 -1.74 -103.23
C GLN P 68 43.77 -2.18 -104.28
N LYS P 69 42.63 -1.51 -104.38
CA LYS P 69 41.57 -1.96 -105.26
C LYS P 69 42.01 -2.10 -106.71
N ASP P 70 42.38 -0.97 -107.32
CA ASP P 70 42.49 -0.91 -108.77
C ASP P 70 43.59 -1.82 -109.31
N GLU P 71 44.77 -1.80 -108.70
CA GLU P 71 45.92 -2.42 -109.33
C GLU P 71 45.87 -3.95 -109.29
N ALA P 72 45.00 -4.53 -108.47
CA ALA P 72 44.96 -5.99 -108.37
C ALA P 72 44.52 -6.62 -109.69
N ALA P 73 43.48 -6.07 -110.31
CA ALA P 73 43.03 -6.61 -111.58
C ALA P 73 44.11 -6.48 -112.64
N ASN P 74 44.82 -5.36 -112.64
CA ASN P 74 45.92 -5.18 -113.58
C ASN P 74 46.99 -6.23 -113.35
N LYS P 75 47.31 -6.51 -112.10
CA LYS P 75 48.30 -7.54 -111.80
C LYS P 75 47.84 -8.89 -112.33
N ALA P 76 46.57 -9.21 -112.15
CA ALA P 76 46.06 -10.50 -112.64
C ALA P 76 46.18 -10.60 -114.16
N ALA P 77 45.81 -9.54 -114.86
CA ALA P 77 45.92 -9.57 -116.32
C ALA P 77 47.36 -9.74 -116.75
N LEU P 78 48.28 -9.05 -116.06
CA LEU P 78 49.69 -9.24 -116.36
C LEU P 78 50.12 -10.68 -116.17
N VAL P 79 49.61 -11.31 -115.11
CA VAL P 79 50.00 -12.70 -114.85
C VAL P 79 49.51 -13.61 -115.96
N GLU P 80 48.27 -13.44 -116.41
CA GLU P 80 47.78 -14.34 -117.46
C GLU P 80 48.50 -14.09 -118.79
N ALA P 81 48.87 -12.84 -119.06
CA ALA P 81 49.70 -12.59 -120.23
C ALA P 81 51.03 -13.34 -120.13
N GLN P 82 51.64 -13.32 -118.95
CA GLN P 82 52.85 -14.10 -118.76
C GLN P 82 52.61 -15.58 -118.95
N ILE P 83 51.41 -16.05 -118.60
CA ILE P 83 51.08 -17.46 -118.82
C ILE P 83 51.16 -17.78 -120.31
N LYS P 84 50.54 -16.95 -121.14
CA LYS P 84 50.61 -17.18 -122.58
C LYS P 84 52.05 -17.11 -123.07
N LEU P 85 52.83 -16.17 -122.53
CA LEU P 85 54.22 -16.06 -122.94
C LEU P 85 55.00 -17.34 -122.64
N THR P 86 54.79 -17.91 -121.45
CA THR P 86 55.45 -19.16 -121.13
C THR P 86 54.99 -20.29 -122.03
N GLU P 87 53.70 -20.30 -122.40
CA GLU P 87 53.24 -21.26 -123.39
C GLU P 87 54.11 -21.20 -124.63
N LYS P 88 54.32 -19.99 -125.15
CA LYS P 88 55.07 -19.85 -126.39
C LYS P 88 56.54 -20.23 -126.21
N GLN P 89 57.14 -19.88 -125.06
CA GLN P 89 58.51 -20.30 -124.83
C GLN P 89 58.63 -21.81 -124.80
N GLY P 90 57.67 -22.49 -124.17
CA GLY P 90 57.69 -23.94 -124.17
C GLY P 90 57.61 -24.50 -125.57
N GLU P 91 56.74 -23.93 -126.40
CA GLU P 91 56.65 -24.39 -127.79
C GLU P 91 57.98 -24.21 -128.51
N LEU P 92 58.63 -23.06 -128.31
CA LEU P 92 59.91 -22.82 -128.97
C LEU P 92 60.95 -23.85 -128.55
N LEU P 93 60.99 -24.19 -127.26
CA LEU P 93 61.95 -25.19 -126.82
C LEU P 93 61.63 -26.57 -127.39
N ASP P 94 60.34 -26.86 -127.55
CA ASP P 94 59.95 -28.10 -128.22
C ASP P 94 60.51 -28.13 -129.63
N LYS P 95 60.50 -26.98 -130.30
CA LYS P 95 61.18 -26.90 -131.59
C LYS P 95 62.68 -27.08 -131.45
N GLN P 96 63.24 -26.56 -130.35
CA GLN P 96 64.68 -26.57 -130.12
C GLN P 96 65.24 -27.98 -130.06
N ILE P 97 64.55 -28.88 -129.36
CA ILE P 97 65.11 -30.23 -129.17
C ILE P 97 65.23 -30.94 -130.51
N ALA P 98 64.18 -30.87 -131.33
CA ALA P 98 64.22 -31.50 -132.64
C ALA P 98 65.26 -30.84 -133.53
N GLN P 99 65.38 -29.52 -133.47
CA GLN P 99 66.40 -28.84 -134.27
C GLN P 99 67.78 -29.35 -133.92
N ALA P 100 68.11 -29.44 -132.63
CA ALA P 100 69.42 -29.91 -132.23
C ALA P 100 69.64 -31.36 -132.65
N ASP P 101 68.62 -32.20 -132.47
CA ASP P 101 68.77 -33.60 -132.82
C ASP P 101 69.07 -33.77 -134.30
N LYS P 102 68.41 -32.98 -135.15
CA LYS P 102 68.75 -32.99 -136.56
C LYS P 102 70.14 -32.42 -136.81
N ASP P 103 70.56 -31.45 -136.01
CA ASP P 103 71.88 -30.85 -136.12
C ASP P 103 73.00 -31.78 -135.67
N ALA P 104 72.65 -32.92 -135.07
CA ALA P 104 73.64 -33.76 -134.41
C ALA P 104 74.86 -34.06 -135.27
N GLU P 105 74.67 -34.48 -136.51
CA GLU P 105 75.74 -35.12 -137.29
C GLU P 105 76.66 -34.13 -137.99
N LEU P 106 76.35 -32.83 -137.99
CA LEU P 106 77.25 -31.86 -138.62
C LEU P 106 78.65 -31.93 -138.01
N ILE P 107 78.73 -32.19 -136.71
CA ILE P 107 80.03 -32.33 -136.07
C ILE P 107 80.74 -33.56 -136.62
N ALA P 108 80.01 -34.63 -136.92
CA ALA P 108 80.63 -35.81 -137.52
C ALA P 108 81.18 -35.50 -138.90
N ALA P 109 80.43 -34.71 -139.68
CA ALA P 109 80.95 -34.28 -140.97
C ALA P 109 82.24 -33.48 -140.80
N LYS P 110 82.25 -32.56 -139.83
CA LYS P 110 83.46 -31.81 -139.55
C LYS P 110 84.60 -32.73 -139.14
N VAL P 111 84.28 -33.77 -138.39
CA VAL P 111 85.27 -34.76 -138.00
C VAL P 111 85.90 -35.39 -139.24
N LYS P 112 85.06 -35.76 -140.22
CA LYS P 112 85.60 -36.37 -141.42
C LYS P 112 86.48 -35.40 -142.19
N LEU P 113 86.06 -34.12 -142.24
CA LEU P 113 86.93 -33.09 -142.82
C LEU P 113 88.29 -33.12 -142.18
N THR P 114 88.33 -33.09 -140.85
CA THR P 114 89.58 -33.06 -140.13
C THR P 114 90.41 -34.30 -140.44
N LEU P 115 89.79 -35.48 -140.41
CA LEU P 115 90.49 -36.73 -140.67
C LEU P 115 91.16 -36.71 -142.03
N GLU P 116 90.39 -36.37 -143.08
CA GLU P 116 90.94 -36.39 -144.42
C GLU P 116 92.07 -35.37 -144.56
N GLN P 117 91.85 -34.16 -144.05
CA GLN P 117 92.85 -33.11 -144.20
C GLN P 117 94.15 -33.49 -143.50
N ALA P 118 94.04 -34.07 -142.30
CA ALA P 118 95.23 -34.49 -141.57
C ALA P 118 95.95 -35.62 -142.30
N LYS P 119 95.21 -36.65 -142.71
CA LYS P 119 95.83 -37.82 -143.29
C LYS P 119 96.57 -37.47 -144.58
N LEU P 120 95.88 -36.83 -145.51
CA LEU P 120 96.48 -36.64 -146.83
C LEU P 120 97.54 -35.55 -146.83
N PRO P 121 97.15 -34.30 -146.50
CA PRO P 121 97.97 -33.15 -146.86
C PRO P 121 99.35 -33.14 -146.22
N ASP P 122 99.41 -33.24 -144.90
CA ASP P 122 100.67 -33.09 -144.19
C ASP P 122 101.71 -34.07 -144.69
N SER P 123 101.43 -35.37 -144.55
CA SER P 123 102.42 -36.39 -144.91
C SER P 123 102.72 -36.36 -146.41
N GLN P 124 101.69 -36.25 -147.24
CA GLN P 124 101.91 -36.27 -148.68
C GLN P 124 102.81 -35.12 -149.11
N ILE P 125 102.49 -33.91 -148.67
CA ILE P 125 103.29 -32.74 -149.02
C ILE P 125 104.70 -32.91 -148.49
N ARG P 126 104.84 -33.34 -147.24
CA ARG P 126 106.17 -33.53 -146.65
C ARG P 126 107.03 -34.41 -147.54
N SER P 127 106.57 -35.65 -147.78
CA SER P 127 107.38 -36.61 -148.53
C SER P 127 107.67 -36.11 -149.94
N ALA P 128 106.63 -35.72 -150.68
CA ALA P 128 106.81 -35.38 -152.09
C ALA P 128 107.69 -34.15 -152.23
N GLY P 129 107.37 -33.08 -151.48
CA GLY P 129 108.17 -31.88 -151.56
C GLY P 129 109.60 -32.09 -151.16
N PHE P 130 109.84 -32.84 -150.08
CA PHE P 130 111.21 -33.09 -149.64
C PHE P 130 112.01 -33.79 -150.73
N GLN P 131 111.47 -34.91 -151.26
CA GLN P 131 112.21 -35.66 -152.26
C GLN P 131 112.45 -34.82 -153.51
N ASP P 132 111.39 -34.19 -154.03
CA ASP P 132 111.51 -33.43 -155.27
C ASP P 132 112.48 -32.27 -155.12
N LEU P 133 112.33 -31.51 -154.03
CA LEU P 133 113.20 -30.35 -153.83
C LEU P 133 114.65 -30.76 -153.68
N LEU P 134 114.92 -31.82 -152.91
CA LEU P 134 116.30 -32.25 -152.72
C LEU P 134 116.92 -32.68 -154.04
N VAL P 135 116.21 -33.52 -154.79
CA VAL P 135 116.76 -34.03 -156.05
C VAL P 135 116.99 -32.88 -157.03
N GLN P 136 115.99 -32.00 -157.17
CA GLN P 136 116.10 -30.90 -158.12
C GLN P 136 117.21 -29.94 -157.72
N GLU P 137 117.35 -29.66 -156.42
CA GLU P 137 118.40 -28.76 -155.97
C GLU P 137 119.78 -29.34 -156.24
N GLN P 138 119.98 -30.63 -155.96
CA GLN P 138 121.27 -31.25 -156.23
C GLN P 138 121.58 -31.22 -157.72
N THR P 139 120.61 -31.58 -158.55
CA THR P 139 120.83 -31.58 -159.99
C THR P 139 121.12 -30.18 -160.50
N LYS P 140 120.39 -29.19 -160.02
CA LYS P 140 120.59 -27.81 -160.46
C LYS P 140 121.95 -27.28 -160.03
N VAL P 141 122.39 -27.63 -158.81
CA VAL P 141 123.71 -27.21 -158.35
C VAL P 141 124.80 -27.82 -159.23
N GLN P 142 124.67 -29.12 -159.53
CA GLN P 142 125.66 -29.76 -160.39
C GLN P 142 125.66 -29.13 -161.78
N THR P 143 124.48 -28.86 -162.33
CA THR P 143 124.39 -28.26 -163.66
C THR P 143 124.99 -26.86 -163.67
N ALA P 144 124.75 -26.08 -162.61
CA ALA P 144 125.33 -24.75 -162.53
C ALA P 144 126.85 -24.81 -162.46
N GLN P 145 127.39 -25.75 -161.69
CA GLN P 145 128.84 -25.90 -161.62
C GLN P 145 129.41 -26.28 -162.98
N THR P 146 128.74 -27.21 -163.68
CA THR P 146 129.22 -27.61 -165.01
C THR P 146 129.15 -26.45 -165.99
N ARG P 147 128.08 -25.66 -165.94
CA ARG P 147 127.95 -24.52 -166.83
C ARG P 147 129.02 -23.47 -166.53
N ARG P 148 129.33 -23.26 -165.25
CA ARG P 148 130.40 -22.33 -164.89
C ARG P 148 131.74 -22.82 -165.44
N ILE P 149 132.01 -24.13 -165.33
CA ILE P 149 133.26 -24.67 -165.86
C ILE P 149 133.33 -24.48 -167.36
N ASP P 150 132.22 -24.77 -168.07
CA ASP P 150 132.22 -24.64 -169.52
C ASP P 150 132.38 -23.19 -169.95
N GLN P 151 131.72 -22.26 -169.25
CA GLN P 151 131.86 -20.85 -169.58
C GLN P 151 133.29 -20.38 -169.32
N GLU P 152 133.91 -20.84 -168.25
CA GLU P 152 135.30 -20.48 -167.98
C GLU P 152 136.21 -21.02 -169.09
N ILE P 153 135.96 -22.25 -169.54
CA ILE P 153 136.78 -22.83 -170.60
C ILE P 153 136.62 -22.03 -171.89
N LEU P 154 135.39 -21.66 -172.23
CA LEU P 154 135.16 -20.87 -173.43
C LEU P 154 135.83 -19.50 -173.32
N SER P 155 135.74 -18.87 -172.15
CA SER P 155 136.37 -17.56 -171.96
C SER P 155 137.88 -17.67 -172.07
N ALA P 156 138.47 -18.72 -171.51
CA ALA P 156 139.91 -18.92 -171.62
C ALA P 156 140.33 -19.15 -173.07
N GLY P 157 139.54 -19.93 -173.81
CA GLY P 157 139.83 -20.13 -175.22
C GLY P 157 139.71 -18.86 -176.03
N PHE P 158 138.76 -18.00 -175.66
CA PHE P 158 138.53 -16.75 -176.36
C PHE P 158 139.72 -15.80 -176.17
N THR Q 2 -16.62 9.52 -69.16
CA THR Q 2 -15.52 8.65 -68.80
C THR Q 2 -14.83 8.11 -70.05
N ILE Q 3 -14.79 8.93 -71.10
CA ILE Q 3 -14.34 8.46 -72.40
C ILE Q 3 -13.10 9.25 -72.81
N GLN Q 4 -12.32 8.64 -73.70
CA GLN Q 4 -11.15 9.27 -74.28
C GLN Q 4 -10.99 8.80 -75.71
N LEU Q 5 -10.68 9.73 -76.61
CA LEU Q 5 -10.40 9.36 -77.98
C LEU Q 5 -9.13 8.53 -78.04
N LYS Q 6 -9.18 7.42 -78.79
CA LYS Q 6 -7.99 6.59 -78.97
C LYS Q 6 -6.86 7.39 -79.60
N GLN Q 7 -7.19 8.38 -80.41
CA GLN Q 7 -6.18 9.19 -81.07
C GLN Q 7 -5.23 9.82 -80.06
N VAL Q 8 -5.77 10.47 -79.04
CA VAL Q 8 -4.93 11.13 -78.04
C VAL Q 8 -4.04 10.10 -77.35
N ILE Q 9 -4.59 8.92 -77.09
CA ILE Q 9 -3.84 7.89 -76.39
C ILE Q 9 -2.61 7.51 -77.20
N ASP Q 10 -2.82 7.22 -78.48
CA ASP Q 10 -1.69 6.79 -79.29
C ASP Q 10 -0.68 7.92 -79.48
N LEU Q 11 -1.17 9.14 -79.64
CA LEU Q 11 -0.24 10.27 -79.79
C LEU Q 11 0.63 10.41 -78.56
N LEU Q 12 0.06 10.22 -77.37
CA LEU Q 12 0.87 10.33 -76.16
C LEU Q 12 1.80 9.14 -76.00
N ALA Q 13 1.32 7.93 -76.26
CA ALA Q 13 2.15 6.75 -76.12
C ALA Q 13 3.29 6.75 -77.12
N GLU Q 14 3.20 7.56 -78.17
CA GLU Q 14 4.37 7.80 -79.01
C GLU Q 14 5.54 8.34 -78.20
N GLY Q 15 5.26 9.17 -77.20
CA GLY Q 15 6.33 9.79 -76.43
C GLY Q 15 7.07 8.86 -75.50
N GLU Q 16 6.57 7.65 -75.28
CA GLU Q 16 7.24 6.69 -74.43
C GLU Q 16 7.54 5.37 -75.13
N LEU Q 17 6.96 5.12 -76.29
CA LEU Q 17 7.33 3.98 -77.11
C LEU Q 17 8.23 4.38 -78.26
N SER Q 18 8.82 5.58 -78.20
CA SER Q 18 9.61 6.07 -79.31
C SER Q 18 10.87 5.26 -79.55
N ASN Q 19 11.29 4.45 -78.58
CA ASN Q 19 12.51 3.67 -78.74
C ASN Q 19 12.37 2.50 -79.68
N ILE Q 20 11.16 2.00 -79.90
CA ILE Q 20 11.01 0.64 -80.39
C ILE Q 20 10.18 0.58 -81.66
N LYS Q 21 9.91 -0.63 -82.12
CA LYS Q 21 9.26 -0.83 -83.41
C LYS Q 21 7.84 -0.29 -83.44
N TYR Q 22 7.14 -0.32 -82.31
CA TYR Q 22 5.68 -0.24 -82.34
C TYR Q 22 5.18 0.98 -83.08
N VAL Q 23 5.93 2.07 -83.05
CA VAL Q 23 5.32 3.33 -83.43
C VAL Q 23 6.21 4.08 -84.40
N ASN Q 24 7.43 3.61 -84.61
CA ASN Q 24 8.40 4.44 -85.29
C ASN Q 24 9.14 3.71 -86.40
N ILE Q 25 9.06 4.25 -87.60
CA ILE Q 25 10.12 4.05 -88.58
C ILE Q 25 11.35 4.78 -88.08
N ASP Q 26 12.52 4.20 -88.31
CA ASP Q 26 13.75 4.85 -87.88
C ASP Q 26 13.89 6.23 -88.50
N THR Q 27 13.36 6.42 -89.70
CA THR Q 27 13.41 7.69 -90.39
C THR Q 27 12.01 8.27 -90.47
N GLY Q 28 11.87 9.52 -90.02
CA GLY Q 28 10.56 10.15 -90.01
C GLY Q 28 9.59 9.36 -89.17
N ALA Q 29 9.82 9.35 -87.85
CA ALA Q 29 9.08 8.49 -86.95
C ALA Q 29 7.57 8.71 -87.04
N LEU Q 30 6.85 7.72 -87.55
CA LEU Q 30 5.41 7.81 -87.73
C LEU Q 30 4.79 6.47 -87.37
N VAL Q 31 3.58 6.52 -86.83
CA VAL Q 31 2.93 5.32 -86.31
C VAL Q 31 2.83 4.27 -87.40
N LEU Q 32 3.15 3.02 -87.04
CA LEU Q 32 2.99 1.90 -87.95
C LEU Q 32 1.56 1.38 -87.95
N GLU Q 33 1.37 0.17 -88.46
CA GLU Q 33 0.07 -0.47 -88.44
C GLU Q 33 0.08 -1.75 -87.61
N ARG Q 34 0.66 -1.67 -86.42
CA ARG Q 34 0.48 -2.66 -85.35
C ARG Q 34 -0.58 -2.20 -84.36
N VAL Q 35 -1.42 -1.27 -84.77
CA VAL Q 35 -2.51 -0.72 -83.97
C VAL Q 35 -3.39 -1.84 -83.43
N PRO Q 36 -3.68 -2.91 -84.18
CA PRO Q 36 -4.40 -4.03 -83.56
C PRO Q 36 -3.76 -4.55 -82.28
N SER Q 37 -2.46 -4.80 -82.30
CA SER Q 37 -1.80 -5.29 -81.10
C SER Q 37 -1.82 -4.25 -79.99
N LEU Q 38 -1.62 -2.98 -80.35
CA LEU Q 38 -1.70 -1.93 -79.33
C LEU Q 38 -3.06 -1.91 -78.66
N ILE Q 39 -4.13 -2.00 -79.45
CA ILE Q 39 -5.47 -1.99 -78.87
C ILE Q 39 -5.67 -3.21 -77.97
N ARG Q 40 -5.19 -4.37 -78.41
CA ARG Q 40 -5.34 -5.55 -77.57
C ARG Q 40 -4.62 -5.39 -76.26
N ALA Q 41 -3.51 -4.67 -76.23
CA ALA Q 41 -2.85 -4.42 -74.96
C ALA Q 41 -3.60 -3.41 -74.11
N ILE Q 42 -4.12 -2.36 -74.74
CA ILE Q 42 -4.79 -1.31 -74.00
C ILE Q 42 -6.04 -1.85 -73.31
N ASN Q 43 -6.75 -2.77 -73.97
CA ASN Q 43 -7.93 -3.35 -73.35
C ASN Q 43 -7.57 -4.09 -72.08
N LEU Q 44 -6.49 -4.86 -72.10
CA LEU Q 44 -6.02 -5.54 -70.91
C LEU Q 44 -5.69 -4.55 -69.80
N GLY Q 45 -5.02 -3.46 -70.17
CA GLY Q 45 -4.71 -2.44 -69.17
C GLY Q 45 -5.95 -1.88 -68.51
N VAL Q 46 -6.97 -1.57 -69.31
CA VAL Q 46 -8.21 -1.03 -68.76
C VAL Q 46 -8.83 -2.04 -67.81
N LEU Q 47 -8.85 -3.31 -68.20
CA LEU Q 47 -9.41 -4.32 -67.31
C LEU Q 47 -8.66 -4.36 -65.99
N ASP Q 48 -7.33 -4.27 -66.04
CA ASP Q 48 -6.56 -4.32 -64.80
C ASP Q 48 -6.90 -3.13 -63.90
N LEU Q 49 -7.01 -1.94 -64.48
CA LEU Q 49 -7.34 -0.78 -63.65
C LEU Q 49 -8.72 -0.93 -63.03
N HIS Q 50 -9.67 -1.48 -63.79
CA HIS Q 50 -10.99 -1.70 -63.20
C HIS Q 50 -10.94 -2.76 -62.12
N LYS Q 51 -9.98 -3.69 -62.19
CA LYS Q 51 -9.78 -4.60 -61.08
C LYS Q 51 -9.30 -3.86 -59.84
N ARG Q 52 -8.35 -2.95 -60.01
CA ARG Q 52 -7.72 -2.33 -58.84
C ARG Q 52 -8.63 -1.32 -58.17
N PHE Q 53 -9.42 -0.59 -58.94
CA PHE Q 53 -10.36 0.37 -58.35
C PHE Q 53 -11.75 0.12 -58.87
N LEU Q 54 -12.76 0.53 -58.09
CA LEU Q 54 -14.13 0.25 -58.48
C LEU Q 54 -14.51 0.95 -59.78
N LEU Q 55 -14.63 2.27 -59.73
CA LEU Q 55 -14.83 3.11 -60.91
C LEU Q 55 -16.17 2.84 -61.59
N LYS Q 56 -16.91 1.82 -61.17
CA LYS Q 56 -18.15 1.44 -61.84
C LYS Q 56 -18.92 0.47 -60.96
N GLU Q 57 -20.22 0.37 -61.21
CA GLU Q 57 -21.04 -0.65 -60.61
C GLU Q 57 -22.31 -0.79 -61.42
N GLY Q 58 -22.90 -1.98 -61.40
CA GLY Q 58 -24.03 -2.25 -62.25
C GLY Q 58 -25.27 -2.70 -61.51
N MET Q 59 -26.30 -3.09 -62.25
CA MET Q 59 -27.56 -3.49 -61.65
C MET Q 59 -28.26 -4.47 -62.58
N LEU Q 60 -28.91 -5.46 -61.98
CA LEU Q 60 -29.78 -6.35 -62.74
C LEU Q 60 -31.15 -6.40 -62.12
N LYS Q 61 -31.99 -7.31 -62.60
CA LYS Q 61 -33.29 -7.54 -61.96
C LYS Q 61 -33.75 -8.93 -62.40
N ILE Q 62 -33.77 -9.87 -61.47
CA ILE Q 62 -34.10 -11.25 -61.76
C ILE Q 62 -35.55 -11.49 -61.39
N GLN Q 63 -36.30 -12.11 -62.29
CA GLN Q 63 -37.67 -12.51 -62.01
C GLN Q 63 -37.67 -13.97 -61.59
N LEU Q 64 -38.02 -14.21 -60.32
CA LEU Q 64 -37.87 -15.54 -59.75
C LEU Q 64 -38.83 -16.53 -60.38
N GLU Q 65 -38.51 -17.80 -60.19
CA GLU Q 65 -39.34 -18.90 -60.67
C GLU Q 65 -39.27 -20.02 -59.62
N GLU Q 66 -40.42 -20.34 -59.03
CA GLU Q 66 -40.43 -21.29 -57.93
C GLU Q 66 -39.92 -22.65 -58.36
N GLY Q 67 -39.17 -23.29 -57.46
CA GLY Q 67 -38.61 -24.60 -57.74
C GLY Q 67 -37.29 -24.58 -58.48
N ARG Q 68 -36.78 -23.42 -58.86
CA ARG Q 68 -35.50 -23.32 -59.52
C ARG Q 68 -34.39 -23.33 -58.49
N ARG Q 69 -33.25 -23.91 -58.85
CA ARG Q 69 -32.13 -24.04 -57.94
C ARG Q 69 -30.95 -23.14 -58.32
N LEU Q 70 -30.57 -23.12 -59.60
CA LEU Q 70 -29.43 -22.35 -60.07
C LEU Q 70 -29.88 -21.29 -61.04
N TYR Q 71 -29.45 -20.05 -60.81
CA TYR Q 71 -29.67 -18.95 -61.74
C TYR Q 71 -28.32 -18.48 -62.22
N PRO Q 72 -27.90 -18.84 -63.42
CA PRO Q 72 -26.65 -18.29 -63.95
C PRO Q 72 -26.89 -16.90 -64.54
N LEU Q 73 -25.87 -16.07 -64.45
CA LEU Q 73 -25.94 -14.70 -64.98
C LEU Q 73 -25.04 -14.64 -66.21
N ARG Q 74 -25.62 -14.89 -67.37
CA ARG Q 74 -24.88 -14.96 -68.62
C ARG Q 74 -25.66 -14.25 -69.70
N PRO Q 75 -25.00 -13.75 -70.73
CA PRO Q 75 -25.67 -12.88 -71.70
C PRO Q 75 -26.66 -13.60 -72.61
N ALA Q 76 -26.94 -14.86 -72.33
CA ALA Q 76 -27.97 -15.57 -73.07
C ALA Q 76 -29.33 -15.51 -72.38
N TYR Q 77 -29.37 -15.13 -71.11
CA TYR Q 77 -30.60 -15.06 -70.36
C TYR Q 77 -31.11 -13.63 -70.18
N GLN Q 78 -30.42 -12.65 -70.74
CA GLN Q 78 -30.71 -11.25 -70.49
C GLN Q 78 -31.60 -10.71 -71.58
N VAL Q 79 -32.64 -9.97 -71.17
CA VAL Q 79 -33.57 -9.40 -72.14
C VAL Q 79 -32.83 -8.50 -73.11
N GLY Q 80 -33.22 -8.57 -74.38
CA GLY Q 80 -32.59 -7.79 -75.42
C GLY Q 80 -31.37 -8.46 -76.02
N GLN Q 81 -30.92 -9.56 -75.44
CA GLN Q 81 -29.81 -10.32 -76.01
C GLN Q 81 -30.37 -11.35 -76.98
N LYS Q 82 -29.54 -12.28 -77.40
CA LYS Q 82 -29.99 -13.31 -78.31
C LYS Q 82 -30.77 -14.37 -77.54
N PRO Q 83 -32.04 -14.61 -77.87
CA PRO Q 83 -32.84 -15.57 -77.10
C PRO Q 83 -32.58 -17.01 -77.49
N LYS Q 84 -31.58 -17.64 -76.89
CA LYS Q 84 -31.34 -19.05 -77.14
C LYS Q 84 -32.57 -19.85 -76.75
N PRO Q 85 -33.10 -20.69 -77.64
CA PRO Q 85 -34.38 -21.37 -77.35
C PRO Q 85 -34.39 -22.21 -76.09
N GLY Q 86 -33.29 -22.86 -75.75
CA GLY Q 86 -33.28 -23.74 -74.60
C GLY Q 86 -33.34 -23.03 -73.26
N VAL Q 87 -33.20 -21.72 -73.25
CA VAL Q 87 -33.15 -20.98 -71.98
C VAL Q 87 -34.31 -19.99 -71.92
N PRO Q 88 -34.92 -19.82 -70.76
CA PRO Q 88 -35.88 -18.73 -70.59
C PRO Q 88 -35.20 -17.45 -70.13
N GLN Q 89 -35.54 -16.35 -70.80
CA GLN Q 89 -34.87 -15.07 -70.58
C GLN Q 89 -35.47 -14.43 -69.34
N PHE Q 90 -34.84 -14.63 -68.18
CA PHE Q 90 -35.42 -14.13 -66.95
C PHE Q 90 -34.78 -12.85 -66.43
N ILE Q 91 -33.61 -12.46 -66.93
CA ILE Q 91 -33.00 -11.20 -66.54
C ILE Q 91 -33.67 -10.09 -67.35
N THR Q 92 -34.58 -9.35 -66.73
CA THR Q 92 -35.48 -8.48 -67.46
C THR Q 92 -35.07 -7.01 -67.48
N GLU Q 93 -33.96 -6.64 -66.86
CA GLU Q 93 -33.65 -5.23 -66.76
C GLU Q 93 -32.23 -5.05 -66.24
N GLY Q 94 -31.52 -4.07 -66.78
CA GLY Q 94 -30.20 -3.76 -66.30
C GLY Q 94 -29.20 -3.45 -67.39
N ASN Q 95 -27.96 -3.20 -67.01
CA ASN Q 95 -26.92 -2.93 -67.99
C ASN Q 95 -26.72 -4.13 -68.89
N LYS Q 96 -26.45 -3.87 -70.16
CA LYS Q 96 -26.24 -4.95 -71.12
C LYS Q 96 -25.05 -5.80 -70.69
N LEU Q 97 -25.27 -7.11 -70.62
CA LEU Q 97 -24.26 -8.02 -70.12
C LEU Q 97 -23.28 -8.40 -71.20
N GLY Q 98 -22.01 -8.48 -70.83
CA GLY Q 98 -20.98 -8.91 -71.76
C GLY Q 98 -20.21 -10.09 -71.23
N ARG Q 99 -19.09 -10.42 -71.87
CA ARG Q 99 -18.31 -11.56 -71.42
C ARG Q 99 -17.61 -11.26 -70.09
N GLN Q 100 -17.03 -10.08 -69.96
CA GLN Q 100 -16.40 -9.66 -68.71
C GLN Q 100 -17.17 -8.45 -68.18
N SER Q 101 -18.20 -8.71 -67.40
CA SER Q 101 -18.94 -7.62 -66.79
C SER Q 101 -19.04 -7.83 -65.30
N ILE Q 102 -19.17 -9.08 -64.87
CA ILE Q 102 -19.37 -9.40 -63.47
C ILE Q 102 -18.00 -9.71 -62.88
N LEU Q 103 -17.44 -8.75 -62.15
CA LEU Q 103 -16.23 -9.01 -61.39
C LEU Q 103 -16.54 -9.57 -60.01
N LYS Q 104 -17.65 -9.15 -59.41
CA LYS Q 104 -18.05 -9.66 -58.11
C LYS Q 104 -19.45 -9.19 -57.78
N ILE Q 105 -20.29 -10.08 -57.27
CA ILE Q 105 -21.61 -9.71 -56.79
C ILE Q 105 -21.50 -9.16 -55.39
N GLU Q 106 -22.18 -8.08 -55.10
CA GLU Q 106 -22.00 -7.40 -53.83
C GLU Q 106 -23.25 -7.31 -52.98
N LYS Q 107 -24.38 -6.90 -53.55
CA LYS Q 107 -25.59 -6.69 -52.79
C LYS Q 107 -26.75 -7.38 -53.47
N ILE Q 108 -27.69 -7.86 -52.67
CA ILE Q 108 -28.92 -8.45 -53.17
C ILE Q 108 -30.07 -7.84 -52.39
N ILE Q 109 -30.96 -7.16 -53.09
CA ILE Q 109 -32.07 -6.44 -52.47
C ILE Q 109 -33.36 -6.94 -53.08
N GLY Q 110 -34.32 -7.32 -52.23
N GLY Q 110 -34.32 -7.32 -52.23
CA GLY Q 110 -35.60 -7.79 -52.69
CA GLY Q 110 -35.60 -7.79 -52.69
C GLY Q 110 -36.53 -6.66 -53.05
C GLY Q 110 -36.53 -6.66 -53.05
N ASP Q 111 -37.74 -7.04 -53.47
CA ASP Q 111 -38.73 -6.04 -53.85
C ASP Q 111 -39.31 -5.32 -52.63
N ASN Q 112 -39.15 -5.89 -51.44
CA ASN Q 112 -39.70 -5.31 -50.23
C ASN Q 112 -38.73 -4.36 -49.55
N GLY Q 113 -37.53 -4.18 -50.08
CA GLY Q 113 -36.53 -3.39 -49.43
C GLY Q 113 -35.64 -4.16 -48.48
N VAL Q 114 -35.89 -5.45 -48.26
CA VAL Q 114 -35.03 -6.22 -47.39
C VAL Q 114 -33.69 -6.44 -48.09
N GLU Q 115 -32.70 -6.86 -47.30
CA GLU Q 115 -31.35 -7.09 -47.78
C GLU Q 115 -30.91 -8.49 -47.37
N TYR Q 116 -30.76 -9.37 -48.34
CA TYR Q 116 -30.41 -10.75 -48.04
C TYR Q 116 -28.91 -10.87 -47.80
N TYR Q 117 -28.51 -12.05 -47.37
CA TYR Q 117 -27.11 -12.32 -47.04
C TYR Q 117 -26.43 -13.10 -48.15
N LEU Q 118 -25.16 -12.82 -48.37
CA LEU Q 118 -24.39 -13.43 -49.44
C LEU Q 118 -23.22 -14.19 -48.84
N ASN Q 119 -23.17 -15.50 -49.08
CA ASN Q 119 -22.08 -16.35 -48.63
C ASN Q 119 -21.81 -16.21 -47.13
N ASP Q 120 -22.86 -15.96 -46.35
CA ASP Q 120 -22.75 -15.90 -44.90
C ASP Q 120 -23.48 -17.13 -44.38
N THR Q 121 -22.72 -18.19 -44.11
CA THR Q 121 -23.31 -19.47 -43.76
C THR Q 121 -24.10 -19.37 -42.48
N TRP Q 122 -25.17 -20.16 -42.40
CA TRP Q 122 -26.06 -20.28 -41.25
C TRP Q 122 -26.86 -19.03 -40.96
N GLN Q 123 -26.76 -18.00 -41.80
CA GLN Q 123 -27.63 -16.85 -41.65
C GLN Q 123 -29.03 -17.22 -42.11
N PRO Q 124 -30.04 -16.48 -41.67
CA PRO Q 124 -31.44 -16.88 -41.92
C PRO Q 124 -31.73 -17.24 -43.36
N LEU Q 125 -31.54 -16.30 -44.28
CA LEU Q 125 -31.84 -16.51 -45.70
C LEU Q 125 -30.57 -16.26 -46.47
N ASN Q 126 -29.76 -17.29 -46.62
CA ASN Q 126 -28.44 -17.17 -47.22
C ASN Q 126 -28.49 -17.54 -48.68
N ILE Q 127 -27.77 -16.78 -49.50
CA ILE Q 127 -27.67 -17.04 -50.93
C ILE Q 127 -26.21 -17.37 -51.23
N THR Q 128 -26.00 -18.48 -51.92
CA THR Q 128 -24.66 -19.01 -52.16
C THR Q 128 -24.31 -18.93 -53.64
N THR Q 129 -23.07 -18.55 -53.92
CA THR Q 129 -22.56 -18.53 -55.28
C THR Q 129 -21.64 -19.72 -55.48
N PRO Q 130 -22.03 -20.75 -56.17
CA PRO Q 130 -21.17 -21.92 -56.32
C PRO Q 130 -20.08 -21.73 -57.36
N GLU Q 131 -20.31 -20.86 -58.33
CA GLU Q 131 -19.38 -20.75 -59.44
C GLU Q 131 -19.15 -19.29 -59.86
N PHE Q 132 -19.28 -18.37 -58.92
CA PHE Q 132 -18.81 -17.00 -59.12
C PHE Q 132 -19.66 -16.20 -60.10
N ASP Q 133 -20.55 -16.86 -60.83
CA ASP Q 133 -21.46 -16.18 -61.75
C ASP Q 133 -22.84 -16.83 -61.69
N VAL Q 134 -23.11 -17.58 -60.65
CA VAL Q 134 -24.34 -18.35 -60.51
C VAL Q 134 -24.86 -18.14 -59.10
N LEU Q 135 -26.17 -17.94 -58.98
CA LEU Q 135 -26.82 -17.86 -57.67
C LEU Q 135 -27.48 -19.19 -57.39
N GLU Q 136 -27.15 -19.79 -56.25
CA GLU Q 136 -27.82 -21.00 -55.80
C GLU Q 136 -28.83 -20.61 -54.74
N ILE Q 137 -30.10 -20.89 -54.99
CA ILE Q 137 -31.18 -20.50 -54.10
C ILE Q 137 -31.81 -21.75 -53.51
N SER Q 138 -31.71 -21.89 -52.20
CA SER Q 138 -32.25 -23.07 -51.54
C SER Q 138 -33.78 -22.99 -51.48
N ASP Q 139 -34.38 -24.11 -51.08
CA ASP Q 139 -35.84 -24.18 -51.03
C ASP Q 139 -36.40 -23.42 -49.85
N GLU Q 140 -35.64 -23.30 -48.76
CA GLU Q 140 -36.10 -22.51 -47.63
C GLU Q 140 -36.35 -21.07 -48.04
N PHE Q 141 -35.58 -20.57 -49.01
CA PHE Q 141 -35.83 -19.23 -49.53
C PHE Q 141 -37.23 -19.15 -50.12
N TYR Q 142 -37.64 -20.14 -50.89
CA TYR Q 142 -38.98 -20.13 -51.44
C TYR Q 142 -40.02 -20.29 -50.33
N CYS Q 143 -39.68 -21.07 -49.31
CA CYS Q 143 -40.61 -21.27 -48.20
C CYS Q 143 -40.90 -19.93 -47.51
N HIS Q 144 -39.86 -19.16 -47.23
CA HIS Q 144 -40.01 -17.83 -46.64
C HIS Q 144 -39.28 -16.84 -47.53
N SER Q 145 -39.94 -16.43 -48.62
CA SER Q 145 -39.40 -15.40 -49.49
C SER Q 145 -40.28 -14.16 -49.52
N SER Q 146 -41.55 -14.30 -49.91
CA SER Q 146 -42.47 -13.18 -50.05
C SER Q 146 -41.93 -12.12 -51.01
N SER Q 147 -41.08 -12.53 -51.95
CA SER Q 147 -40.47 -11.61 -52.90
C SER Q 147 -40.52 -12.25 -54.28
N LYS Q 148 -41.07 -11.53 -55.24
CA LYS Q 148 -41.22 -12.07 -56.59
C LYS Q 148 -40.08 -11.69 -57.51
N THR Q 149 -39.14 -10.87 -57.05
CA THR Q 149 -38.05 -10.42 -57.90
C THR Q 149 -36.86 -10.06 -57.03
N LEU Q 150 -35.72 -9.90 -57.67
CA LEU Q 150 -34.49 -9.55 -56.98
C LEU Q 150 -33.77 -8.45 -57.73
N GLU Q 151 -32.97 -7.69 -57.01
CA GLU Q 151 -32.10 -6.69 -57.60
C GLU Q 151 -30.68 -6.98 -57.17
N VAL Q 152 -29.77 -7.03 -58.13
CA VAL Q 152 -28.39 -7.44 -57.89
C VAL Q 152 -27.49 -6.28 -58.27
N ARG Q 153 -26.46 -6.05 -57.45
CA ARG Q 153 -25.44 -5.07 -57.77
C ARG Q 153 -24.09 -5.75 -57.78
N TYR Q 154 -23.19 -5.26 -58.62
CA TYR Q 154 -21.95 -5.97 -58.86
C TYR Q 154 -20.92 -5.00 -59.41
N ARG Q 155 -19.66 -5.40 -59.30
CA ARG Q 155 -18.57 -4.58 -59.79
C ARG Q 155 -18.37 -4.82 -61.27
N ARG Q 156 -18.36 -3.76 -62.06
CA ARG Q 156 -18.35 -3.86 -63.51
C ARG Q 156 -16.97 -3.62 -64.09
N ALA Q 157 -16.81 -4.04 -65.34
CA ALA Q 157 -15.70 -3.66 -66.19
C ALA Q 157 -16.30 -3.42 -67.57
N PRO Q 158 -15.83 -2.41 -68.29
CA PRO Q 158 -16.48 -2.05 -69.54
C PRO Q 158 -16.28 -3.10 -70.62
N THR Q 159 -17.18 -3.10 -71.59
CA THR Q 159 -17.07 -3.99 -72.72
C THR Q 159 -16.29 -3.31 -73.83
N PRO Q 160 -15.14 -3.83 -74.24
CA PRO Q 160 -14.33 -3.14 -75.24
C PRO Q 160 -15.04 -3.07 -76.59
N MET Q 161 -14.78 -1.99 -77.31
CA MET Q 161 -15.37 -1.81 -78.63
C MET Q 161 -14.69 -2.71 -79.65
N LYS Q 162 -15.47 -3.20 -80.60
CA LYS Q 162 -14.99 -4.16 -81.58
C LYS Q 162 -14.30 -3.43 -82.73
N ILE Q 163 -13.03 -3.73 -82.93
CA ILE Q 163 -12.29 -3.20 -84.07
C ILE Q 163 -12.56 -4.09 -85.28
N CYS Q 164 -12.42 -3.51 -86.47
CA CYS Q 164 -12.69 -4.24 -87.70
C CYS Q 164 -11.72 -3.83 -88.79
N VAL Q 165 -11.50 -4.73 -89.75
CA VAL Q 165 -10.51 -4.51 -90.79
C VAL Q 165 -10.88 -3.30 -91.64
N ASP Q 166 -12.18 -3.09 -91.88
CA ASP Q 166 -12.60 -1.85 -92.52
C ASP Q 166 -12.45 -0.67 -91.59
N ASN Q 167 -12.62 -0.88 -90.28
CA ASN Q 167 -12.45 0.18 -89.30
C ASN Q 167 -10.99 0.62 -89.16
N LEU Q 168 -10.04 -0.15 -89.71
CA LEU Q 168 -8.67 0.33 -89.77
C LEU Q 168 -8.52 1.68 -90.47
N ASP Q 169 -9.57 2.17 -91.13
CA ASP Q 169 -9.49 3.49 -91.74
C ASP Q 169 -9.30 4.58 -90.69
N SER Q 170 -10.15 4.59 -89.66
CA SER Q 170 -10.17 5.68 -88.71
C SER Q 170 -9.43 5.35 -87.41
N TRP Q 171 -9.90 4.33 -86.68
CA TRP Q 171 -9.32 3.87 -85.43
C TRP Q 171 -9.26 5.00 -84.41
N GLY Q 172 -9.73 6.19 -84.78
CA GLY Q 172 -9.64 7.35 -83.92
C GLY Q 172 -10.99 7.71 -83.34
N CYS Q 173 -12.04 7.08 -83.85
CA CYS Q 173 -13.36 7.22 -83.26
C CYS Q 173 -13.58 6.24 -82.12
N ILE Q 174 -12.68 5.30 -81.91
CA ILE Q 174 -12.79 4.40 -80.78
C ILE Q 174 -12.63 5.18 -79.50
N ASP Q 175 -13.43 4.85 -78.49
CA ASP Q 175 -13.44 5.57 -77.22
C ASP Q 175 -13.12 4.61 -76.09
N ILE Q 176 -11.95 4.80 -75.47
CA ILE Q 176 -11.63 4.07 -74.25
C ILE Q 176 -12.47 4.63 -73.11
N ASP Q 177 -12.85 3.76 -72.19
CA ASP Q 177 -13.75 4.11 -71.10
C ASP Q 177 -12.95 4.22 -69.80
N LEU Q 178 -12.44 5.42 -69.52
CA LEU Q 178 -11.67 5.66 -68.32
C LEU Q 178 -11.71 7.13 -67.96
N PRO Q 179 -11.56 7.47 -66.69
CA PRO Q 179 -11.22 8.85 -66.33
C PRO Q 179 -9.77 9.14 -66.66
N TYR Q 180 -9.44 10.43 -66.73
CA TYR Q 180 -8.13 10.82 -67.25
C TYR Q 180 -6.99 10.46 -66.28
N THR Q 181 -7.27 10.47 -64.98
CA THR Q 181 -6.28 10.05 -63.99
C THR Q 181 -5.73 8.67 -64.31
N HIS Q 182 -6.64 7.71 -64.35
CA HIS Q 182 -6.21 6.36 -64.66
C HIS Q 182 -5.68 6.25 -66.07
N LEU Q 183 -5.92 7.26 -66.93
CA LEU Q 183 -5.15 7.34 -68.18
C LEU Q 183 -3.67 7.53 -67.90
N GLN Q 184 -3.34 8.50 -67.05
CA GLN Q 184 -1.94 8.70 -66.75
C GLN Q 184 -1.31 7.41 -66.24
N ALA Q 185 -2.06 6.62 -65.47
CA ALA Q 185 -1.51 5.35 -65.00
C ALA Q 185 -1.41 4.31 -66.13
N LEU Q 186 -2.44 4.25 -66.97
CA LEU Q 186 -2.49 3.26 -68.04
C LEU Q 186 -1.30 3.42 -68.98
N LEU Q 187 -0.84 4.66 -69.17
CA LEU Q 187 0.34 4.87 -70.00
C LEU Q 187 1.51 4.04 -69.52
N TYR Q 188 1.82 4.13 -68.22
CA TYR Q 188 2.94 3.35 -67.69
C TYR Q 188 2.69 1.87 -67.81
N PHE Q 189 1.46 1.43 -67.57
CA PHE Q 189 1.20 -0.01 -67.69
C PHE Q 189 1.55 -0.51 -69.07
N VAL Q 190 1.00 0.14 -70.10
CA VAL Q 190 1.23 -0.31 -71.47
C VAL Q 190 2.70 -0.22 -71.82
N ALA Q 191 3.37 0.86 -71.41
CA ALA Q 191 4.77 1.01 -71.74
C ALA Q 191 5.59 -0.12 -71.17
N SER Q 192 5.34 -0.49 -69.91
CA SER Q 192 6.08 -1.60 -69.32
C SER Q 192 5.84 -2.88 -70.09
N ARG Q 193 4.57 -3.18 -70.37
CA ARG Q 193 4.28 -4.44 -71.04
C ARG Q 193 4.96 -4.53 -72.40
N CYS Q 194 4.96 -3.43 -73.14
CA CYS Q 194 5.55 -3.47 -74.48
C CYS Q 194 7.07 -3.48 -74.43
N GLN Q 195 7.67 -2.75 -73.49
CA GLN Q 195 9.13 -2.63 -73.46
C GLN Q 195 9.82 -3.80 -72.79
N THR Q 196 9.08 -4.68 -72.10
CA THR Q 196 9.77 -5.75 -71.40
C THR Q 196 10.70 -6.59 -72.27
N PRO Q 197 10.24 -7.20 -73.39
CA PRO Q 197 11.04 -8.20 -74.09
C PRO Q 197 11.92 -7.65 -75.21
N ILE Q 198 12.71 -6.63 -74.90
CA ILE Q 198 13.59 -6.01 -75.90
C ILE Q 198 14.80 -5.44 -75.19
N GLY Q 199 15.97 -5.62 -75.77
CA GLY Q 199 17.16 -4.91 -75.31
C GLY Q 199 18.18 -5.84 -74.70
N PHE Q 200 19.46 -5.55 -74.96
CA PHE Q 200 20.55 -6.36 -74.46
C PHE Q 200 21.67 -5.57 -73.83
N MET Q 201 21.53 -4.26 -73.70
CA MET Q 201 22.54 -3.44 -73.06
C MET Q 201 22.18 -3.23 -71.59
N GLU Q 202 23.19 -2.82 -70.81
CA GLU Q 202 23.04 -2.78 -69.37
C GLU Q 202 21.89 -1.89 -68.94
N ASN Q 203 21.88 -0.65 -69.41
CA ASN Q 203 20.82 0.28 -69.01
C ASN Q 203 19.55 0.09 -69.81
N THR Q 204 19.60 -0.54 -70.97
CA THR Q 204 18.40 -0.75 -71.76
C THR Q 204 17.68 -2.03 -71.43
N ALA Q 205 18.23 -2.86 -70.55
CA ALA Q 205 17.56 -4.07 -70.13
C ALA Q 205 16.69 -3.87 -68.91
N GLN Q 206 16.56 -2.64 -68.40
CA GLN Q 206 15.82 -2.38 -67.17
C GLN Q 206 14.63 -1.47 -67.37
N GLU Q 207 14.32 -1.10 -68.61
CA GLU Q 207 13.23 -0.16 -68.83
C GLU Q 207 11.89 -0.75 -68.42
N GLY Q 208 11.65 -2.02 -68.73
CA GLY Q 208 10.42 -2.65 -68.31
C GLY Q 208 10.26 -2.66 -66.81
N PHE Q 209 11.33 -3.01 -66.11
CA PHE Q 209 11.27 -3.02 -64.65
C PHE Q 209 10.99 -1.64 -64.09
N ASN Q 210 11.68 -0.62 -64.63
CA ASN Q 210 11.45 0.74 -64.15
C ASN Q 210 10.02 1.17 -64.37
N PHE Q 211 9.47 0.85 -65.53
CA PHE Q 211 8.10 1.25 -65.81
C PHE Q 211 7.13 0.52 -64.89
N SER Q 212 7.42 -0.73 -64.55
CA SER Q 212 6.58 -1.42 -63.57
C SER Q 212 6.60 -0.71 -62.23
N GLN Q 213 7.80 -0.30 -61.80
CA GLN Q 213 7.89 0.42 -60.53
C GLN Q 213 7.08 1.70 -60.56
N LYS Q 214 7.20 2.46 -61.64
CA LYS Q 214 6.47 3.72 -61.73
C LYS Q 214 4.97 3.48 -61.76
N TYR Q 215 4.55 2.38 -62.39
CA TYR Q 215 3.13 2.03 -62.41
C TYR Q 215 2.61 1.78 -61.00
N GLU Q 216 3.37 1.03 -60.22
CA GLU Q 216 2.94 0.78 -58.83
C GLU Q 216 2.90 2.06 -58.03
N ALA Q 217 3.90 2.93 -58.20
CA ALA Q 217 3.91 4.18 -57.47
C ALA Q 217 2.70 5.02 -57.81
N GLU Q 218 2.35 5.08 -59.09
CA GLU Q 218 1.20 5.88 -59.49
C GLU Q 218 -0.09 5.31 -58.92
N CYS Q 219 -0.22 3.99 -58.90
CA CYS Q 219 -1.42 3.40 -58.29
C CYS Q 219 -1.52 3.77 -56.83
N ALA Q 220 -0.41 3.72 -56.11
CA ALA Q 220 -0.42 4.12 -54.70
C ALA Q 220 -0.82 5.58 -54.55
N ASN Q 221 -0.31 6.45 -55.43
CA ASN Q 221 -0.66 7.86 -55.34
C ASN Q 221 -2.15 8.08 -55.58
N LEU Q 222 -2.73 7.36 -56.54
CA LEU Q 222 -4.17 7.50 -56.76
C LEU Q 222 -4.94 7.05 -55.54
N ASP Q 223 -4.51 5.95 -54.92
CA ASP Q 223 -5.18 5.51 -53.70
C ASP Q 223 -5.10 6.58 -52.62
N ALA Q 224 -3.94 7.19 -52.45
CA ALA Q 224 -3.79 8.22 -51.42
C ALA Q 224 -4.67 9.42 -51.71
N GLN Q 225 -4.73 9.86 -52.97
CA GLN Q 225 -5.56 11.00 -53.30
C GLN Q 225 -7.04 10.67 -53.26
N ASN Q 226 -7.41 9.39 -53.24
CA ASN Q 226 -8.79 8.96 -53.11
C ASN Q 226 -9.62 9.48 -54.29
N LEU Q 227 -9.19 9.09 -55.49
CA LEU Q 227 -9.91 9.43 -56.72
C LEU Q 227 -10.75 8.27 -57.23
N ARG Q 228 -11.32 7.47 -56.32
CA ARG Q 228 -12.23 6.40 -56.70
C ARG Q 228 -13.41 6.38 -55.74
N ILE Q 229 -14.44 5.63 -56.12
CA ILE Q 229 -15.64 5.51 -55.30
C ILE Q 229 -15.31 4.75 -54.02
N ASP Q 230 -15.90 5.19 -52.90
CA ASP Q 230 -15.67 4.53 -51.62
C ASP Q 230 -16.88 4.75 -50.72
N PRO Q 231 -17.81 3.82 -50.70
CA PRO Q 231 -18.89 3.90 -49.72
C PRO Q 231 -18.37 3.70 -48.32
N VAL Q 232 -19.03 4.35 -47.36
CA VAL Q 232 -18.71 4.21 -45.95
C VAL Q 232 -20.02 4.05 -45.19
N GLY Q 233 -20.09 3.06 -44.30
CA GLY Q 233 -21.35 2.69 -43.68
C GLY Q 233 -21.61 3.42 -42.37
N ASN Q 234 -22.84 3.90 -42.23
CA ASN Q 234 -23.35 4.52 -41.00
C ASN Q 234 -24.68 3.87 -40.69
N GLN Q 235 -24.69 2.76 -39.97
CA GLN Q 235 -25.97 2.17 -39.62
C GLN Q 235 -26.75 3.05 -38.65
N ASP Q 236 -28.00 2.69 -38.46
CA ASP Q 236 -28.84 3.38 -37.49
C ASP Q 236 -28.62 2.84 -36.09
N ARG Q 237 -28.92 1.56 -35.87
CA ARG Q 237 -28.75 0.87 -34.59
C ARG Q 237 -29.71 1.38 -33.53
N PHE Q 238 -30.47 2.43 -33.82
CA PHE Q 238 -31.34 3.04 -32.83
C PHE Q 238 -32.82 2.83 -33.11
N THR Q 239 -33.17 2.23 -34.24
CA THR Q 239 -34.55 2.00 -34.59
C THR Q 239 -34.98 0.55 -34.38
N ARG Q 240 -34.06 -0.34 -34.05
CA ARG Q 240 -34.43 -1.71 -33.78
C ARG Q 240 -35.42 -1.80 -32.63
N GLY Q 241 -35.35 -0.86 -31.71
CA GLY Q 241 -36.19 -0.87 -30.53
C GLY Q 241 -35.42 -1.44 -29.36
N GLY Q 242 -34.86 -0.57 -28.54
CA GLY Q 242 -34.06 -1.02 -27.42
C GLY Q 242 -32.82 -0.20 -27.16
N TRP Q 243 -32.22 0.35 -28.21
CA TRP Q 243 -31.00 1.14 -28.01
C TRP Q 243 -31.29 2.61 -27.84
N VAL Q 244 -32.20 2.97 -26.94
CA VAL Q 244 -32.53 4.37 -26.74
C VAL Q 244 -33.27 4.56 -25.43
N ARG R 21 -93.44 4.60 -22.29
CA ARG R 21 -92.51 5.69 -22.53
C ARG R 21 -91.58 5.86 -21.33
N LEU R 22 -91.96 5.21 -20.24
CA LEU R 22 -91.16 5.08 -19.02
C LEU R 22 -91.09 6.36 -18.22
N GLN R 23 -91.55 7.46 -18.78
CA GLN R 23 -91.54 8.76 -18.11
C GLN R 23 -92.52 9.69 -18.79
N PRO R 24 -93.82 9.43 -18.69
CA PRO R 24 -94.79 10.27 -19.42
C PRO R 24 -94.81 11.72 -18.97
N GLU R 25 -94.37 12.01 -17.75
CA GLU R 25 -94.46 13.37 -17.22
C GLU R 25 -93.23 14.20 -17.49
N TRP R 26 -92.25 13.68 -18.21
CA TRP R 26 -91.05 14.44 -18.55
C TRP R 26 -91.26 15.10 -19.89
N SER R 27 -91.36 16.43 -19.89
CA SER R 27 -91.67 17.15 -21.11
C SER R 27 -90.59 16.95 -22.16
N ASN R 28 -89.33 16.93 -21.75
CA ASN R 28 -88.20 16.80 -22.66
C ASN R 28 -87.32 15.66 -22.15
N ALA R 29 -87.66 14.48 -22.51
CA ALA R 29 -86.80 13.41 -22.06
C ALA R 29 -85.76 13.07 -23.12
N PRO R 30 -84.56 12.67 -22.71
CA PRO R 30 -83.55 12.30 -23.69
C PRO R 30 -83.96 11.08 -24.48
N SER R 31 -83.54 11.03 -25.73
CA SER R 31 -83.73 9.86 -26.56
C SER R 31 -82.40 9.14 -26.73
N LEU R 32 -82.48 7.88 -27.16
CA LEU R 32 -81.27 7.09 -27.31
C LEU R 32 -80.29 7.73 -28.28
N ALA R 33 -80.79 8.55 -29.20
CA ALA R 33 -79.91 9.19 -30.16
C ALA R 33 -78.94 10.14 -29.48
N GLN R 34 -79.45 11.03 -28.62
CA GLN R 34 -78.58 12.01 -27.98
C GLN R 34 -77.57 11.34 -27.07
N LEU R 35 -77.99 10.30 -26.36
CA LEU R 35 -77.07 9.62 -25.45
C LEU R 35 -75.88 9.05 -26.21
N LYS R 36 -76.13 8.27 -27.25
CA LYS R 36 -75.05 7.74 -28.04
C LYS R 36 -74.27 8.86 -28.72
N GLN R 37 -74.93 9.96 -29.03
CA GLN R 37 -74.24 11.08 -29.65
C GLN R 37 -73.17 11.64 -28.72
N ASP R 38 -73.54 11.89 -27.46
CA ASP R 38 -72.56 12.37 -26.50
C ASP R 38 -71.50 11.33 -26.22
N TYR R 39 -71.87 10.04 -26.29
CA TYR R 39 -70.90 8.99 -26.05
C TYR R 39 -69.78 9.04 -27.08
N GLN R 40 -70.12 9.30 -28.33
CA GLN R 40 -69.11 9.34 -29.38
C GLN R 40 -68.12 10.48 -29.16
N GLU R 41 -68.63 11.66 -28.79
CA GLU R 41 -67.78 12.83 -28.74
C GLU R 41 -66.78 12.81 -27.60
N ALA R 42 -66.89 11.88 -26.66
CA ALA R 42 -65.95 11.80 -25.56
C ALA R 42 -64.90 10.72 -25.73
N LYS R 43 -65.20 9.68 -26.51
CA LYS R 43 -64.16 8.71 -26.83
C LYS R 43 -63.03 9.37 -27.60
N GLN R 44 -63.35 10.38 -28.41
CA GLN R 44 -62.33 11.10 -29.16
C GLN R 44 -61.27 11.68 -28.25
N VAL R 45 -61.62 11.94 -27.00
CA VAL R 45 -60.67 12.44 -26.02
C VAL R 45 -60.07 11.31 -25.19
N THR R 46 -60.90 10.39 -24.73
CA THR R 46 -60.38 9.36 -23.83
C THR R 46 -59.44 8.39 -24.53
N ASP R 47 -59.50 8.28 -25.86
CA ASP R 47 -58.65 7.33 -26.55
C ASP R 47 -57.18 7.67 -26.38
N GLU R 48 -56.85 8.96 -26.34
CA GLU R 48 -55.46 9.34 -26.15
C GLU R 48 -54.91 8.78 -24.85
N LYS R 49 -55.64 9.00 -23.76
CA LYS R 49 -55.18 8.51 -22.46
C LYS R 49 -55.18 7.00 -22.42
N ILE R 50 -56.13 6.35 -23.08
CA ILE R 50 -56.14 4.89 -23.09
C ILE R 50 -54.89 4.37 -23.79
N THR R 51 -54.53 4.95 -24.92
CA THR R 51 -53.33 4.52 -25.62
C THR R 51 -52.09 4.78 -24.78
N GLN R 52 -52.05 5.91 -24.10
CA GLN R 52 -50.90 6.22 -23.24
C GLN R 52 -50.75 5.16 -22.15
N ILE R 53 -51.86 4.81 -21.50
CA ILE R 53 -51.79 3.82 -20.43
C ILE R 53 -51.42 2.45 -20.99
N ASN R 54 -51.91 2.12 -22.18
CA ASN R 54 -51.53 0.87 -22.81
C ASN R 54 -50.03 0.82 -23.06
N ARG R 55 -49.47 1.93 -23.54
CA ARG R 55 -48.04 1.98 -23.76
C ARG R 55 -47.28 1.78 -22.46
N TRP R 56 -47.73 2.43 -21.39
CA TRP R 56 -47.09 2.23 -20.09
C TRP R 56 -47.13 0.77 -19.67
N LEU R 57 -48.30 0.14 -19.81
CA LEU R 57 -48.45 -1.24 -19.37
C LEU R 57 -47.60 -2.18 -20.18
N ASP R 58 -47.45 -1.92 -21.47
CA ASP R 58 -46.68 -2.83 -22.32
C ASP R 58 -45.20 -2.85 -21.99
N TYR R 59 -44.76 -2.11 -20.98
CA TYR R 59 -43.35 -2.14 -20.63
C TYR R 59 -43.08 -2.88 -19.33
N MET R 60 -43.94 -2.76 -18.32
CA MET R 60 -43.71 -3.53 -17.11
C MET R 60 -43.85 -5.02 -17.39
N HIS R 61 -44.83 -5.41 -18.20
CA HIS R 61 -44.85 -6.72 -18.80
C HIS R 61 -44.23 -6.56 -20.18
N VAL R 62 -43.17 -7.31 -20.45
CA VAL R 62 -42.48 -7.12 -21.71
C VAL R 62 -43.32 -7.76 -22.81
N ARG R 63 -44.16 -6.95 -23.45
CA ARG R 63 -45.04 -7.43 -24.50
C ARG R 63 -45.09 -6.39 -25.60
N GLY R 64 -45.74 -6.76 -26.70
CA GLY R 64 -45.99 -5.84 -27.80
C GLY R 64 -44.82 -4.98 -28.17
N GLU R 65 -45.00 -3.66 -28.12
CA GLU R 65 -43.93 -2.76 -28.47
C GLU R 65 -42.86 -2.68 -27.39
N GLY R 66 -43.09 -3.26 -26.23
CA GLY R 66 -42.04 -3.33 -25.23
C GLY R 66 -41.03 -4.44 -25.46
N LYS R 67 -41.34 -5.37 -26.33
CA LYS R 67 -40.43 -6.46 -26.63
C LYS R 67 -39.41 -5.99 -27.67
N PRO R 68 -38.11 -6.03 -27.35
CA PRO R 68 -37.13 -5.56 -28.33
C PRO R 68 -36.99 -6.52 -29.50
N LYS R 69 -36.81 -5.96 -30.69
CA LYS R 69 -36.61 -6.75 -31.89
C LYS R 69 -35.11 -6.99 -32.08
N THR R 70 -34.71 -8.25 -32.10
CA THR R 70 -33.32 -8.61 -32.22
C THR R 70 -33.12 -9.59 -33.37
N GLU R 71 -31.94 -9.54 -33.97
CA GLU R 71 -31.61 -10.41 -35.08
C GLU R 71 -31.45 -11.84 -34.60
N LYS R 72 -31.64 -12.77 -35.53
CA LYS R 72 -31.38 -14.17 -35.23
C LYS R 72 -29.89 -14.40 -35.08
N GLY R 73 -29.50 -15.11 -34.03
CA GLY R 73 -28.10 -15.33 -33.73
C GLY R 73 -27.54 -14.43 -32.64
N LYS R 74 -28.35 -13.55 -32.07
CA LYS R 74 -27.93 -12.71 -30.96
C LYS R 74 -28.94 -12.84 -29.83
N SER R 75 -28.54 -12.40 -28.65
CA SER R 75 -29.35 -12.61 -27.47
C SER R 75 -30.64 -11.78 -27.54
N ALA R 76 -31.62 -12.19 -26.72
CA ALA R 76 -32.89 -11.48 -26.65
C ALA R 76 -33.38 -11.37 -25.21
N VAL R 77 -32.47 -11.35 -24.25
CA VAL R 77 -32.86 -11.22 -22.85
C VAL R 77 -33.22 -9.78 -22.56
N GLN R 78 -34.06 -9.59 -21.54
CA GLN R 78 -34.51 -8.25 -21.19
C GLN R 78 -34.90 -8.21 -19.71
N PRO R 79 -34.08 -7.60 -18.86
CA PRO R 79 -34.37 -7.59 -17.44
C PRO R 79 -35.48 -6.61 -17.11
N PRO R 80 -36.51 -7.06 -16.41
CA PRO R 80 -37.57 -6.13 -16.00
C PRO R 80 -37.08 -5.23 -14.88
N THR R 81 -37.37 -3.94 -14.98
CA THR R 81 -37.08 -3.01 -13.90
C THR R 81 -38.30 -2.28 -13.39
N ILE R 82 -39.27 -1.97 -14.24
CA ILE R 82 -40.49 -1.33 -13.76
C ILE R 82 -41.23 -2.26 -12.83
N ARG R 83 -41.36 -3.52 -13.22
CA ARG R 83 -41.98 -4.51 -12.35
C ARG R 83 -41.17 -4.68 -11.07
N LYS R 84 -39.85 -4.70 -11.21
CA LYS R 84 -38.96 -4.77 -10.06
C LYS R 84 -39.27 -3.67 -9.06
N GLN R 85 -39.47 -2.46 -9.54
CA GLN R 85 -39.77 -1.34 -8.66
C GLN R 85 -41.16 -1.49 -8.03
N ALA R 86 -42.15 -1.87 -8.83
CA ALA R 86 -43.50 -1.95 -8.31
C ALA R 86 -43.64 -3.02 -7.23
N GLU R 87 -42.88 -4.10 -7.35
CA GLU R 87 -42.97 -5.16 -6.36
C GLU R 87 -42.55 -4.68 -4.98
N TRP R 88 -41.63 -3.73 -4.92
CA TRP R 88 -41.13 -3.24 -3.66
C TRP R 88 -41.95 -2.08 -3.11
N ARG R 89 -43.01 -1.70 -3.79
CA ARG R 89 -43.90 -0.64 -3.32
C ARG R 89 -45.29 -1.13 -2.98
N TYR R 90 -45.74 -2.21 -3.63
CA TYR R 90 -47.10 -2.71 -3.38
C TYR R 90 -47.35 -2.91 -1.89
N SER R 91 -46.48 -3.66 -1.22
CA SER R 91 -46.74 -4.02 0.16
C SER R 91 -46.62 -2.82 1.08
N SER R 92 -45.58 -2.01 0.88
CA SER R 92 -45.41 -0.84 1.73
C SER R 92 -46.57 0.14 1.57
N LEU R 93 -47.28 0.09 0.45
CA LEU R 93 -48.46 0.94 0.33
C LEU R 93 -49.69 0.29 0.95
N SER R 94 -49.88 -1.02 0.75
CA SER R 94 -51.11 -1.65 1.18
C SER R 94 -51.12 -1.97 2.67
N GLU R 95 -49.97 -2.02 3.32
CA GLU R 95 -49.95 -2.44 4.72
C GLU R 95 -50.74 -1.53 5.65
N PRO R 96 -50.58 -0.19 5.63
CA PRO R 96 -51.20 0.63 6.68
C PRO R 96 -52.73 0.56 6.72
N PHE R 97 -53.34 -0.18 5.81
CA PHE R 97 -54.77 -0.38 5.86
C PHE R 97 -55.15 -1.70 6.53
N LEU R 98 -54.47 -2.78 6.18
CA LEU R 98 -54.80 -4.09 6.71
C LEU R 98 -54.06 -4.41 8.00
N SER R 99 -53.14 -3.57 8.43
CA SER R 99 -52.41 -3.88 9.66
C SER R 99 -53.27 -3.81 10.91
N SER R 100 -54.47 -3.26 10.82
CA SER R 100 -55.33 -3.05 11.98
C SER R 100 -56.55 -3.95 11.91
N PRO R 101 -57.16 -4.25 13.06
CA PRO R 101 -58.35 -5.13 13.04
C PRO R 101 -59.50 -4.59 12.20
N ASN R 102 -59.73 -3.28 12.23
CA ASN R 102 -60.75 -2.68 11.39
C ASN R 102 -60.24 -1.37 10.83
N ILE R 103 -60.74 -1.00 9.66
CA ILE R 103 -60.18 0.14 8.94
C ILE R 103 -60.59 1.44 9.61
N PHE R 104 -61.89 1.71 9.66
CA PHE R 104 -62.36 3.04 9.96
C PHE R 104 -62.32 3.32 11.46
N GLU R 105 -62.58 4.57 11.81
CA GLU R 105 -62.62 5.00 13.20
C GLU R 105 -63.45 6.27 13.26
N VAL R 106 -64.57 6.21 13.97
CA VAL R 106 -65.54 7.30 14.00
C VAL R 106 -65.53 7.93 15.38
N ASN R 107 -65.45 9.26 15.43
CA ASN R 107 -65.44 10.00 16.67
C ASN R 107 -66.48 11.11 16.62
N PRO R 108 -67.06 11.45 17.76
CA PRO R 108 -68.08 12.50 17.76
C PRO R 108 -67.45 13.87 17.59
N VAL R 109 -68.28 14.82 17.17
CA VAL R 109 -67.88 16.22 17.07
C VAL R 109 -68.31 17.00 18.31
N THR R 110 -69.52 16.76 18.77
CA THR R 110 -70.08 17.43 19.93
C THR R 110 -70.71 16.40 20.84
N TRP R 111 -70.84 16.75 22.12
CA TRP R 111 -71.31 15.80 23.11
C TRP R 111 -72.70 15.27 22.80
N GLU R 112 -73.49 16.00 22.00
CA GLU R 112 -74.77 15.47 21.56
C GLU R 112 -74.61 14.13 20.87
N ASP R 113 -73.47 13.90 20.25
CA ASP R 113 -73.13 12.68 19.55
C ASP R 113 -72.57 11.67 20.57
N ALA R 114 -71.86 10.66 20.08
CA ALA R 114 -71.25 9.55 20.80
C ALA R 114 -72.21 8.41 21.07
N GLU R 115 -73.45 8.51 20.63
CA GLU R 115 -74.31 7.33 20.48
C GLU R 115 -74.49 6.98 19.01
N SER R 116 -74.94 7.95 18.21
CA SER R 116 -74.96 7.76 16.77
C SER R 116 -73.58 7.43 16.24
N ALA R 117 -72.55 8.10 16.77
CA ALA R 117 -71.19 7.85 16.32
C ALA R 117 -70.81 6.39 16.56
N ARG R 118 -71.00 5.91 17.78
CA ARG R 118 -70.62 4.55 18.12
C ARG R 118 -71.40 3.55 17.27
N GLN R 119 -72.71 3.76 17.15
CA GLN R 119 -73.53 2.84 16.38
C GLN R 119 -73.10 2.76 14.93
N ASN R 120 -72.94 3.92 14.28
CA ASN R 120 -72.57 3.93 12.88
C ASN R 120 -71.19 3.34 12.66
N GLY R 121 -70.24 3.67 13.53
CA GLY R 121 -68.91 3.10 13.39
C GLY R 121 -68.94 1.59 13.48
N LEU R 122 -69.67 1.06 14.45
CA LEU R 122 -69.72 -0.39 14.60
C LEU R 122 -70.35 -1.04 13.38
N VAL R 123 -71.46 -0.48 12.89
CA VAL R 123 -72.13 -1.07 11.73
C VAL R 123 -71.21 -1.08 10.53
N LEU R 124 -70.59 0.07 10.25
CA LEU R 124 -69.74 0.17 9.06
C LEU R 124 -68.55 -0.78 9.16
N ASN R 125 -67.90 -0.84 10.32
CA ASN R 125 -66.74 -1.72 10.44
C ASN R 125 -67.14 -3.17 10.25
N GLN R 126 -68.29 -3.58 10.82
CA GLN R 126 -68.73 -4.95 10.63
C GLN R 126 -69.01 -5.23 9.16
N GLN R 127 -69.64 -4.28 8.47
CA GLN R 127 -69.94 -4.48 7.06
C GLN R 127 -68.67 -4.73 6.27
N PHE R 128 -67.67 -3.86 6.45
CA PHE R 128 -66.42 -4.06 5.73
C PHE R 128 -65.76 -5.38 6.10
N ASN R 129 -65.75 -5.72 7.39
CA ASN R 129 -65.06 -6.93 7.81
C ASN R 129 -65.68 -8.18 7.20
N THR R 130 -66.99 -8.26 7.17
CA THR R 130 -67.65 -9.51 6.77
C THR R 130 -68.12 -9.49 5.33
N LYS R 131 -68.99 -8.56 4.95
CA LYS R 131 -69.70 -8.68 3.69
C LYS R 131 -68.75 -8.51 2.51
N LEU R 132 -67.95 -7.45 2.53
CA LEU R 132 -66.98 -7.21 1.47
C LEU R 132 -65.68 -7.94 1.79
N ASN R 133 -64.95 -8.31 0.74
CA ASN R 133 -63.69 -9.01 0.95
C ASN R 133 -62.71 -8.13 1.71
N LYS R 134 -62.54 -6.89 1.23
CA LYS R 134 -61.62 -5.89 1.75
C LYS R 134 -60.18 -6.26 1.45
N GLN R 135 -59.91 -7.55 1.24
CA GLN R 135 -58.55 -7.98 0.98
C GLN R 135 -58.25 -7.89 -0.51
N ARG R 136 -59.04 -8.61 -1.31
CA ARG R 136 -59.01 -8.43 -2.74
C ARG R 136 -59.20 -6.97 -3.10
N PHE R 137 -60.08 -6.28 -2.38
CA PHE R 137 -60.36 -4.89 -2.68
C PHE R 137 -59.12 -4.03 -2.50
N ILE R 138 -58.47 -4.10 -1.34
CA ILE R 138 -57.30 -3.27 -1.11
C ILE R 138 -56.20 -3.63 -2.10
N ASP R 139 -56.01 -4.92 -2.37
CA ASP R 139 -54.94 -5.32 -3.28
C ASP R 139 -55.16 -4.73 -4.66
N GLU R 140 -56.36 -4.91 -5.22
CA GLU R 140 -56.62 -4.36 -6.54
C GLU R 140 -56.52 -2.84 -6.54
N TYR R 141 -57.03 -2.22 -5.47
CA TYR R 141 -56.93 -0.77 -5.31
C TYR R 141 -55.50 -0.30 -5.51
N VAL R 142 -54.59 -0.77 -4.65
CA VAL R 142 -53.23 -0.27 -4.68
C VAL R 142 -52.54 -0.64 -5.98
N ARG R 143 -52.80 -1.84 -6.50
CA ARG R 143 -52.08 -2.26 -7.70
C ARG R 143 -52.48 -1.43 -8.90
N ALA R 144 -53.78 -1.23 -9.10
CA ALA R 144 -54.22 -0.39 -10.20
C ALA R 144 -53.66 1.01 -10.04
N GLY R 145 -53.69 1.54 -8.82
CA GLY R 145 -53.16 2.88 -8.61
C GLY R 145 -51.69 2.99 -8.97
N VAL R 146 -50.90 1.99 -8.58
CA VAL R 146 -49.47 2.08 -8.80
C VAL R 146 -49.13 1.98 -10.28
N ASP R 147 -49.73 1.00 -10.98
CA ASP R 147 -49.27 0.75 -12.34
C ASP R 147 -50.21 1.26 -13.42
N GLU R 148 -51.18 2.10 -13.09
CA GLU R 148 -52.01 2.72 -14.11
C GLU R 148 -52.19 4.21 -13.95
N GLY R 149 -51.90 4.78 -12.79
CA GLY R 149 -51.97 6.20 -12.59
C GLY R 149 -53.29 6.72 -12.05
N THR R 150 -54.35 5.94 -12.16
CA THR R 150 -55.64 6.41 -11.68
C THR R 150 -56.45 5.22 -11.18
N ILE R 151 -57.34 5.50 -10.24
CA ILE R 151 -58.26 4.51 -9.70
C ILE R 151 -59.66 5.05 -9.84
N ILE R 152 -60.54 4.25 -10.43
CA ILE R 152 -61.97 4.50 -10.40
C ILE R 152 -62.60 3.45 -9.53
N VAL R 153 -63.55 3.85 -8.70
CA VAL R 153 -64.25 2.93 -7.81
C VAL R 153 -65.75 3.19 -7.93
N LYS R 154 -66.51 2.12 -8.10
CA LYS R 154 -67.96 2.22 -8.22
C LYS R 154 -68.61 1.73 -6.93
N VAL R 155 -69.51 2.56 -6.40
CA VAL R 155 -70.20 2.26 -5.14
C VAL R 155 -71.68 2.09 -5.45
N GLY R 156 -72.25 1.00 -4.97
CA GLY R 156 -73.65 0.73 -5.24
C GLY R 156 -74.28 -0.03 -4.09
N TRP R 157 -75.56 -0.36 -4.25
CA TRP R 157 -76.30 -1.09 -3.24
C TRP R 157 -76.91 -2.34 -3.86
N ASN R 158 -76.89 -3.43 -3.13
CA ASN R 158 -77.46 -4.69 -3.56
C ASN R 158 -78.63 -5.06 -2.67
N TYR R 159 -79.72 -5.51 -3.29
CA TYR R 159 -80.96 -5.79 -2.56
C TYR R 159 -81.70 -6.90 -3.29
N GLN R 160 -81.57 -8.12 -2.79
CA GLN R 160 -82.21 -9.29 -3.39
C GLN R 160 -83.29 -9.82 -2.46
N SER R 161 -84.39 -10.26 -3.04
CA SER R 161 -85.56 -10.66 -2.26
C SER R 161 -86.42 -11.58 -3.12
N ARG R 162 -87.71 -11.67 -2.77
CA ARG R 162 -88.81 -12.43 -3.40
C ARG R 162 -88.86 -13.87 -2.93
N THR R 163 -87.92 -14.31 -2.10
CA THR R 163 -87.94 -15.71 -1.69
C THR R 163 -89.05 -15.95 -0.69
N VAL R 164 -90.25 -16.26 -1.19
CA VAL R 164 -91.44 -16.27 -0.36
C VAL R 164 -91.42 -17.48 0.58
N LYS R 165 -91.99 -17.31 1.76
CA LYS R 165 -92.19 -18.39 2.72
C LYS R 165 -93.70 -18.55 2.98
N GLU R 166 -94.06 -19.57 3.76
CA GLU R 166 -95.44 -19.98 3.85
C GLU R 166 -95.77 -20.46 5.26
N GLN R 167 -96.99 -20.96 5.41
CA GLN R 167 -97.48 -21.69 6.59
C GLN R 167 -97.43 -20.84 7.86
N VAL R 168 -98.28 -19.81 7.86
CA VAL R 168 -98.53 -19.07 9.10
C VAL R 168 -99.47 -19.88 9.99
N VAL R 169 -99.53 -19.51 11.27
CA VAL R 169 -100.44 -20.16 12.21
C VAL R 169 -101.33 -19.12 12.85
N THR R 170 -102.22 -19.55 13.74
CA THR R 170 -103.16 -18.66 14.41
C THR R 170 -103.27 -19.04 15.87
N TYR R 171 -103.33 -18.03 16.73
CA TYR R 171 -103.48 -18.23 18.17
C TYR R 171 -104.79 -17.61 18.63
N GLU R 172 -105.56 -18.38 19.38
CA GLU R 172 -106.78 -17.88 19.98
C GLU R 172 -106.47 -17.26 21.33
N MET R 173 -107.21 -16.19 21.65
CA MET R 173 -107.00 -15.53 22.93
C MET R 173 -107.61 -16.35 24.05
N MET R 174 -107.08 -16.19 25.26
CA MET R 174 -107.60 -16.94 26.39
C MET R 174 -107.37 -16.17 27.68
N PRO R 175 -108.39 -16.00 28.52
CA PRO R 175 -108.25 -15.15 29.71
C PRO R 175 -107.69 -15.87 30.93
N ASP R 176 -106.99 -16.97 30.75
CA ASP R 176 -106.39 -17.68 31.88
C ASP R 176 -105.12 -16.96 32.34
N SER R 177 -105.09 -16.56 33.60
CA SER R 177 -103.91 -15.94 34.20
C SER R 177 -103.47 -16.73 35.42
N SER R 178 -102.16 -16.82 35.61
CA SER R 178 -101.59 -17.60 36.70
C SER R 178 -100.28 -16.94 37.12
N GLU R 179 -99.47 -17.68 37.87
CA GLU R 179 -98.22 -17.17 38.41
C GLU R 179 -97.04 -17.42 37.48
N GLU R 180 -97.00 -18.59 36.86
CA GLU R 180 -95.94 -18.90 35.92
C GLU R 180 -95.98 -17.96 34.72
N LEU R 181 -97.18 -17.63 34.25
CA LEU R 181 -97.30 -16.67 33.16
C LEU R 181 -96.71 -15.33 33.57
N ALA R 182 -96.98 -14.88 34.80
CA ALA R 182 -96.41 -13.62 35.26
C ALA R 182 -94.89 -13.67 35.29
N GLN R 183 -94.32 -14.78 35.79
CA GLN R 183 -92.88 -14.91 35.82
C GLN R 183 -92.29 -14.87 34.41
N ILE R 184 -92.85 -15.67 33.51
CA ILE R 184 -92.31 -15.74 32.16
C ILE R 184 -92.43 -14.39 31.46
N TYR R 185 -93.56 -13.71 31.64
CA TYR R 185 -93.75 -12.42 31.01
C TYR R 185 -92.80 -11.39 31.57
N GLN R 186 -92.54 -11.44 32.88
CA GLN R 186 -91.55 -10.53 33.46
C GLN R 186 -90.18 -10.77 32.87
N THR R 187 -89.78 -12.04 32.74
CA THR R 187 -88.48 -12.35 32.16
C THR R 187 -88.39 -11.88 30.72
N ALA R 188 -89.46 -12.10 29.95
CA ALA R 188 -89.45 -11.67 28.55
C ALA R 188 -89.38 -10.15 28.44
N ALA R 189 -90.08 -9.44 29.32
CA ALA R 189 -89.98 -7.99 29.33
C ALA R 189 -88.55 -7.56 29.64
N GLN R 190 -87.91 -8.22 30.60
CA GLN R 190 -86.53 -7.88 30.91
C GLN R 190 -85.62 -8.11 29.70
N ILE R 191 -85.84 -9.21 28.98
CA ILE R 191 -85.05 -9.48 27.79
C ILE R 191 -85.28 -8.39 26.74
N ARG R 192 -86.54 -8.10 26.44
CA ARG R 192 -86.84 -7.06 25.47
C ARG R 192 -86.26 -5.72 25.89
N GLU R 193 -86.09 -5.51 27.19
CA GLU R 193 -85.50 -4.26 27.65
C GLU R 193 -84.00 -4.23 27.40
N GLU R 194 -83.27 -5.23 27.89
CA GLU R 194 -81.82 -5.09 27.95
C GLU R 194 -81.07 -5.79 26.83
N SER R 195 -81.68 -6.75 26.14
CA SER R 195 -81.04 -7.45 25.02
C SER R 195 -82.02 -7.52 23.87
N PRO R 196 -82.28 -6.38 23.22
CA PRO R 196 -83.27 -6.36 22.15
C PRO R 196 -82.94 -7.28 21.00
N SER R 197 -81.67 -7.62 20.81
CA SER R 197 -81.30 -8.51 19.72
C SER R 197 -81.93 -9.89 19.89
N GLU R 198 -81.99 -10.39 21.11
CA GLU R 198 -82.50 -11.73 21.36
C GLU R 198 -84.01 -11.78 21.46
N TYR R 199 -84.67 -10.63 21.55
CA TYR R 199 -86.12 -10.63 21.75
C TYR R 199 -86.89 -11.34 20.64
N PRO R 200 -86.61 -11.13 19.36
CA PRO R 200 -87.36 -11.86 18.32
C PRO R 200 -87.17 -13.36 18.38
N GLU R 201 -86.12 -13.84 19.03
CA GLU R 201 -85.88 -15.28 19.07
C GLU R 201 -86.73 -16.01 20.11
N ILE R 202 -87.45 -15.28 20.96
CA ILE R 202 -88.33 -15.92 21.93
C ILE R 202 -89.55 -16.46 21.19
N PRO R 203 -90.25 -17.45 21.74
CA PRO R 203 -91.37 -18.04 21.00
C PRO R 203 -92.47 -17.05 20.68
N GLU R 204 -93.10 -17.26 19.53
CA GLU R 204 -94.08 -16.31 19.01
C GLU R 204 -95.30 -16.22 19.93
N ASP R 205 -95.76 -17.37 20.43
CA ASP R 205 -96.95 -17.37 21.27
C ASP R 205 -96.73 -16.54 22.53
N VAL R 206 -95.64 -16.83 23.25
CA VAL R 206 -95.37 -16.11 24.48
C VAL R 206 -95.12 -14.64 24.19
N ARG R 207 -94.48 -14.34 23.05
CA ARG R 207 -94.26 -12.94 22.69
C ARG R 207 -95.59 -12.20 22.53
N LEU R 208 -96.49 -12.76 21.73
CA LEU R 208 -97.72 -12.04 21.44
C LEU R 208 -98.62 -11.97 22.67
N GLY R 209 -98.62 -13.03 23.49
CA GLY R 209 -99.28 -12.95 24.78
C GLY R 209 -98.67 -11.87 25.65
N LEU R 210 -97.36 -11.65 25.52
CA LEU R 210 -96.73 -10.61 26.31
C LEU R 210 -97.24 -9.24 25.93
N GLU R 211 -97.32 -8.93 24.63
CA GLU R 211 -97.85 -7.59 24.35
C GLU R 211 -99.34 -7.51 24.65
N GLU R 212 -100.05 -8.63 24.57
CA GLU R 212 -101.43 -8.61 25.03
C GLU R 212 -101.52 -8.29 26.52
N THR R 213 -100.52 -8.70 27.28
CA THR R 213 -100.52 -8.48 28.73
C THR R 213 -100.49 -7.00 29.09
N GLU R 214 -100.05 -6.13 28.18
CA GLU R 214 -100.23 -4.71 28.37
C GLU R 214 -101.35 -4.14 27.53
N ALA R 215 -101.79 -4.87 26.51
CA ALA R 215 -103.02 -4.49 25.82
C ALA R 215 -104.22 -4.52 26.74
N ASN R 216 -104.19 -5.41 27.74
CA ASN R 216 -105.25 -5.52 28.73
C ASN R 216 -104.65 -6.19 29.96
N GLY R 217 -105.50 -6.73 30.83
CA GLY R 217 -105.03 -7.41 32.02
C GLY R 217 -104.20 -8.65 31.68
N ILE R 218 -103.65 -9.24 32.74
CA ILE R 218 -102.69 -10.35 32.63
C ILE R 218 -103.43 -11.63 32.23
N GLN R 219 -104.75 -11.55 32.09
CA GLN R 219 -105.53 -12.73 31.77
C GLN R 219 -105.07 -13.39 30.48
N VAL R 220 -104.48 -12.62 29.57
CA VAL R 220 -104.15 -13.12 28.24
C VAL R 220 -103.27 -14.36 28.32
N ARG R 221 -103.61 -15.37 27.53
CA ARG R 221 -102.75 -16.56 27.44
C ARG R 221 -102.50 -17.06 26.02
N ALA R 222 -103.36 -16.73 25.05
CA ALA R 222 -103.06 -16.92 23.62
C ALA R 222 -102.83 -18.39 23.27
N VAL R 223 -103.89 -19.17 23.40
CA VAL R 223 -103.85 -20.58 22.99
C VAL R 223 -103.78 -20.67 21.47
N PRO R 224 -103.01 -21.59 20.90
CA PRO R 224 -102.92 -21.69 19.44
C PRO R 224 -104.17 -22.30 18.83
N VAL R 225 -104.34 -22.04 17.52
CA VAL R 225 -105.40 -22.67 16.74
C VAL R 225 -104.81 -23.31 15.48
N GLY R 226 -104.15 -22.52 14.65
CA GLY R 226 -103.56 -23.02 13.43
C GLY R 226 -104.24 -22.46 12.19
N SER R 227 -103.45 -22.32 11.12
CA SER R 227 -103.91 -21.78 9.85
C SER R 227 -102.82 -22.07 8.81
N GLU R 228 -102.95 -21.43 7.64
CA GLU R 228 -101.92 -21.53 6.61
C GLU R 228 -102.08 -20.36 5.64
N GLU R 229 -100.97 -19.80 5.18
CA GLU R 229 -100.98 -18.68 4.26
C GLU R 229 -99.57 -18.48 3.70
N GLU R 230 -99.50 -17.86 2.52
CA GLU R 230 -98.26 -17.77 1.74
C GLU R 230 -98.00 -16.31 1.36
N GLU R 231 -97.10 -15.67 2.10
CA GLU R 231 -96.78 -14.25 1.93
C GLU R 231 -95.38 -14.00 2.49
N ARG R 232 -95.10 -12.73 2.80
CA ARG R 232 -93.93 -12.27 3.57
C ARG R 232 -92.61 -12.71 2.91
N GLU R 233 -92.37 -12.10 1.75
CA GLU R 233 -91.08 -12.27 1.07
C GLU R 233 -89.94 -11.88 1.99
N GLU R 234 -88.87 -12.67 1.94
CA GLU R 234 -87.69 -12.42 2.75
C GLU R 234 -86.62 -11.72 1.95
N THR R 235 -85.91 -10.81 2.61
CA THR R 235 -84.78 -10.10 2.02
C THR R 235 -83.58 -11.01 2.14
N VAL R 236 -83.28 -11.74 1.08
CA VAL R 236 -82.12 -12.63 1.11
C VAL R 236 -80.83 -11.83 1.10
N GLU R 237 -80.83 -10.65 0.48
CA GLU R 237 -79.63 -9.84 0.40
C GLU R 237 -79.98 -8.37 0.52
N ASN R 238 -79.27 -7.65 1.39
CA ASN R 238 -79.47 -6.22 1.55
C ASN R 238 -78.18 -5.65 2.12
N HIS R 239 -77.37 -5.01 1.27
CA HIS R 239 -76.08 -4.54 1.72
C HIS R 239 -75.46 -3.59 0.70
N PRO R 240 -74.32 -2.98 0.99
CA PRO R 240 -73.61 -2.20 -0.02
C PRO R 240 -72.69 -3.08 -0.85
N THR R 241 -72.16 -2.47 -1.92
CA THR R 241 -71.26 -3.15 -2.85
C THR R 241 -70.26 -2.13 -3.36
N VAL R 242 -69.03 -2.59 -3.57
CA VAL R 242 -67.96 -1.74 -4.04
C VAL R 242 -67.09 -2.53 -5.02
N GLN R 243 -67.05 -2.07 -6.26
CA GLN R 243 -66.25 -2.72 -7.30
C GLN R 243 -65.22 -1.72 -7.77
N VAL R 244 -64.09 -2.19 -8.31
CA VAL R 244 -63.09 -1.18 -8.58
C VAL R 244 -63.40 -0.49 -9.90
N CYS R 245 -62.96 -1.07 -11.02
CA CYS R 245 -63.50 -1.01 -12.38
C CYS R 245 -62.39 -1.44 -13.32
N ASP R 246 -62.68 -1.53 -14.61
CA ASP R 246 -61.63 -1.51 -15.62
C ASP R 246 -61.60 -0.13 -16.26
N TYR R 247 -60.41 0.30 -16.64
CA TYR R 247 -60.25 1.64 -17.18
C TYR R 247 -60.56 1.71 -18.67
N ASN R 248 -60.92 0.60 -19.31
CA ASN R 248 -61.25 0.61 -20.72
C ASN R 248 -62.74 0.77 -20.98
N ASN R 249 -63.59 0.69 -19.96
CA ASN R 249 -65.03 0.69 -20.16
C ASN R 249 -65.71 1.89 -19.53
N ILE R 250 -64.96 2.94 -19.26
CA ILE R 250 -65.47 4.10 -18.53
C ILE R 250 -65.10 5.36 -19.30
N VAL R 251 -66.07 6.24 -19.49
CA VAL R 251 -65.87 7.49 -20.22
C VAL R 251 -66.46 8.62 -19.41
N ILE R 252 -65.70 9.70 -19.25
CA ILE R 252 -66.11 10.81 -18.39
C ILE R 252 -66.18 12.07 -19.23
N ASP R 253 -66.97 13.03 -18.75
CA ASP R 253 -66.93 14.37 -19.32
C ASP R 253 -65.49 14.89 -19.28
N PRO R 254 -64.92 15.31 -20.41
CA PRO R 254 -63.56 15.84 -20.42
C PRO R 254 -63.45 17.33 -20.19
N SER R 255 -64.56 18.04 -20.04
CA SER R 255 -64.54 19.48 -19.84
C SER R 255 -64.46 19.86 -18.37
N CYS R 256 -64.42 18.87 -17.46
CA CYS R 256 -64.48 19.15 -16.04
C CYS R 256 -63.20 19.73 -15.48
N GLY R 257 -62.13 19.80 -16.27
CA GLY R 257 -60.85 20.15 -15.69
C GLY R 257 -60.41 18.99 -14.82
N SER R 258 -60.05 19.28 -13.57
CA SER R 258 -59.80 18.23 -12.59
C SER R 258 -60.58 18.58 -11.32
N ASP R 259 -61.88 18.30 -11.33
CA ASP R 259 -62.68 18.39 -10.11
C ASP R 259 -63.42 17.09 -9.84
N PHE R 260 -64.10 16.61 -10.87
CA PHE R 260 -65.06 15.50 -10.81
C PHE R 260 -66.29 15.88 -9.98
N SER R 261 -66.28 17.04 -9.36
CA SER R 261 -67.49 17.57 -8.77
C SER R 261 -68.27 18.41 -9.76
N LYS R 262 -67.68 18.68 -10.92
CA LYS R 262 -68.34 19.45 -11.97
C LYS R 262 -68.48 18.67 -13.26
N ALA R 263 -68.02 17.42 -13.30
CA ALA R 263 -68.24 16.60 -14.47
C ALA R 263 -69.73 16.38 -14.67
N LYS R 264 -70.18 16.45 -15.92
CA LYS R 264 -71.60 16.46 -16.20
C LYS R 264 -72.14 15.10 -16.61
N PHE R 265 -71.29 14.14 -16.95
CA PHE R 265 -71.80 12.82 -17.29
C PHE R 265 -70.69 11.79 -17.25
N LEU R 266 -71.07 10.57 -16.88
CA LEU R 266 -70.18 9.43 -16.87
C LEU R 266 -70.91 8.24 -17.46
N ILE R 267 -70.22 7.49 -18.32
CA ILE R 267 -70.81 6.35 -19.02
C ILE R 267 -69.95 5.14 -18.75
N GLU R 268 -70.59 4.04 -18.37
CA GLU R 268 -69.88 2.80 -18.10
C GLU R 268 -70.51 1.66 -18.87
N THR R 269 -69.68 0.80 -19.45
CA THR R 269 -70.16 -0.38 -20.15
C THR R 269 -69.73 -1.62 -19.39
N PHE R 270 -70.68 -2.51 -19.10
CA PHE R 270 -70.34 -3.73 -18.41
C PHE R 270 -71.10 -4.88 -19.04
N GLU R 271 -71.01 -6.05 -18.44
CA GLU R 271 -71.54 -7.28 -19.00
C GLU R 271 -72.40 -7.99 -17.97
N SER R 272 -73.52 -8.54 -18.40
CA SER R 272 -74.45 -9.21 -17.50
C SER R 272 -75.26 -10.22 -18.30
N SER R 273 -76.31 -10.74 -17.69
CA SER R 273 -77.13 -11.79 -18.29
C SER R 273 -78.60 -11.52 -18.00
N TYR R 274 -79.45 -12.15 -18.81
CA TYR R 274 -80.89 -11.93 -18.68
C TYR R 274 -81.40 -12.34 -17.31
N ALA R 275 -80.94 -13.49 -16.83
CA ALA R 275 -81.40 -13.95 -15.52
C ALA R 275 -80.99 -12.98 -14.42
N GLU R 276 -79.76 -12.49 -14.47
CA GLU R 276 -79.30 -11.56 -13.45
C GLU R 276 -80.09 -10.25 -13.50
N LEU R 277 -80.34 -9.76 -14.71
CA LEU R 277 -81.14 -8.53 -14.83
C LEU R 277 -82.53 -8.73 -14.27
N LYS R 278 -83.16 -9.87 -14.57
CA LYS R 278 -84.49 -10.13 -14.03
C LYS R 278 -84.45 -10.24 -12.52
N ALA R 279 -83.43 -10.89 -11.98
CA ALA R 279 -83.33 -11.04 -10.53
C ALA R 279 -83.20 -9.70 -9.84
N ASP R 280 -82.38 -8.81 -10.41
CA ASP R 280 -82.28 -7.45 -9.86
C ASP R 280 -83.49 -6.67 -10.32
N GLY R 281 -84.47 -6.53 -9.44
CA GLY R 281 -85.74 -5.92 -9.82
C GLY R 281 -85.69 -4.42 -10.00
N ARG R 282 -84.98 -3.95 -11.02
CA ARG R 282 -84.87 -2.53 -11.26
C ARG R 282 -84.93 -2.20 -12.75
N TYR R 283 -85.67 -2.98 -13.53
CA TYR R 283 -85.64 -2.79 -14.97
C TYR R 283 -87.03 -3.07 -15.55
N LYS R 284 -87.24 -2.56 -16.75
CA LYS R 284 -88.47 -2.77 -17.49
C LYS R 284 -88.14 -3.15 -18.92
N ASN R 285 -89.17 -3.53 -19.68
CA ASN R 285 -89.03 -3.92 -21.07
C ASN R 285 -88.08 -5.09 -21.27
N LEU R 286 -87.92 -5.92 -20.24
CA LEU R 286 -86.94 -6.98 -20.31
C LEU R 286 -87.25 -8.02 -21.37
N ASP R 287 -88.47 -8.02 -21.90
CA ASP R 287 -88.88 -9.06 -22.84
C ASP R 287 -88.63 -8.68 -24.29
N LYS R 288 -88.02 -7.53 -24.54
CA LYS R 288 -87.75 -7.07 -25.90
C LYS R 288 -86.25 -6.91 -26.12
N ILE R 289 -85.47 -7.87 -25.64
CA ILE R 289 -84.02 -7.75 -25.68
C ILE R 289 -83.43 -8.47 -26.89
N GLN R 290 -84.02 -9.59 -27.28
CA GLN R 290 -83.51 -10.41 -28.39
C GLN R 290 -82.09 -10.88 -28.09
N VAL R 291 -82.00 -11.74 -27.07
CA VAL R 291 -80.73 -12.20 -26.53
C VAL R 291 -79.97 -13.05 -27.55
N GLU R 292 -80.58 -13.33 -28.69
CA GLU R 292 -79.93 -14.03 -29.78
C GLU R 292 -79.14 -13.10 -30.69
N GLY R 293 -78.74 -11.95 -30.15
CA GLY R 293 -78.11 -10.89 -30.92
C GLY R 293 -76.62 -10.75 -30.66
N GLN R 294 -76.30 -9.83 -29.74
CA GLN R 294 -74.97 -9.24 -29.57
C GLN R 294 -73.82 -10.22 -29.83
N ASN R 295 -73.90 -11.42 -29.25
CA ASN R 295 -72.82 -12.39 -29.31
C ASN R 295 -71.51 -11.85 -28.75
N LEU R 296 -71.58 -10.76 -27.99
CA LEU R 296 -70.41 -10.12 -27.39
C LEU R 296 -69.37 -9.78 -28.45
N LEU R 297 -69.82 -9.35 -29.62
CA LEU R 297 -68.93 -8.98 -30.72
C LEU R 297 -69.34 -7.59 -31.21
N SER R 298 -68.80 -6.57 -30.56
CA SER R 298 -68.98 -5.19 -30.97
C SER R 298 -67.76 -4.40 -30.52
N GLU R 299 -67.52 -3.29 -31.21
CA GLU R 299 -66.27 -2.55 -31.01
C GLU R 299 -66.16 -1.97 -29.60
N PRO R 300 -67.01 -1.05 -29.17
CA PRO R 300 -66.79 -0.40 -27.87
C PRO R 300 -67.16 -1.27 -26.68
N ASP R 301 -67.39 -2.55 -26.92
CA ASP R 301 -68.04 -3.42 -25.95
C ASP R 301 -67.14 -3.66 -24.75
N TYR R 302 -67.67 -4.47 -23.84
CA TYR R 302 -66.94 -4.93 -22.67
C TYR R 302 -65.63 -5.56 -23.12
N THR R 303 -64.51 -4.95 -22.78
CA THR R 303 -63.22 -5.58 -23.05
C THR R 303 -63.02 -6.70 -22.04
N GLY R 304 -63.08 -7.94 -22.51
CA GLY R 304 -63.09 -9.09 -21.64
C GLY R 304 -61.83 -9.23 -20.83
N PRO R 305 -61.83 -10.17 -19.88
CA PRO R 305 -60.64 -10.36 -19.05
C PRO R 305 -59.39 -10.70 -19.86
N SER R 306 -59.55 -11.47 -20.92
CA SER R 306 -58.43 -11.86 -21.76
C SER R 306 -58.91 -11.90 -23.20
N GLU R 307 -58.11 -12.50 -24.07
CA GLU R 307 -58.51 -12.68 -25.46
C GLU R 307 -59.22 -14.00 -25.70
N GLY R 308 -58.80 -15.06 -25.01
CA GLY R 308 -59.42 -16.36 -25.22
C GLY R 308 -60.89 -16.36 -24.82
N VAL R 309 -61.22 -15.64 -23.75
CA VAL R 309 -62.58 -15.64 -23.23
C VAL R 309 -63.58 -15.03 -24.19
N ARG R 310 -63.11 -14.34 -25.23
CA ARG R 310 -64.03 -13.77 -26.21
C ARG R 310 -64.81 -14.85 -26.95
N ASN R 311 -64.30 -16.07 -27.00
CA ASN R 311 -64.95 -17.14 -27.72
C ASN R 311 -65.86 -17.99 -26.85
N PHE R 312 -66.03 -17.62 -25.59
CA PHE R 312 -66.82 -18.42 -24.66
C PHE R 312 -68.25 -17.92 -24.60
N ASP R 313 -69.20 -18.85 -24.47
CA ASP R 313 -70.60 -18.50 -24.36
C ASP R 313 -71.35 -19.68 -23.77
N PHE R 314 -72.63 -19.45 -23.45
CA PHE R 314 -73.42 -20.40 -22.69
C PHE R 314 -74.53 -21.06 -23.48
N GLN R 315 -75.05 -20.41 -24.51
CA GLN R 315 -76.11 -20.93 -25.38
C GLN R 315 -77.28 -21.51 -24.58
N ASP R 316 -77.73 -20.75 -23.59
CA ASP R 316 -78.85 -21.16 -22.76
C ASP R 316 -80.01 -20.19 -22.75
N LYS R 317 -79.83 -18.97 -23.26
CA LYS R 317 -80.87 -17.94 -23.36
C LYS R 317 -81.23 -17.39 -21.98
N SER R 318 -80.70 -18.01 -20.93
CA SER R 318 -80.86 -17.48 -19.59
C SER R 318 -79.54 -17.07 -18.97
N ARG R 319 -78.43 -17.58 -19.48
CA ARG R 319 -77.11 -17.20 -19.01
C ARG R 319 -76.25 -16.63 -20.13
N LYS R 320 -76.84 -16.38 -21.30
CA LYS R 320 -76.09 -15.78 -22.39
C LYS R 320 -75.62 -14.38 -21.99
N ARG R 321 -74.41 -14.02 -22.42
CA ARG R 321 -73.79 -12.79 -22.00
C ARG R 321 -74.24 -11.62 -22.86
N LEU R 322 -74.49 -10.48 -22.21
CA LEU R 322 -74.93 -9.27 -22.88
C LEU R 322 -74.01 -8.11 -22.50
N VAL R 323 -74.18 -7.00 -23.21
CA VAL R 323 -73.43 -5.78 -22.95
C VAL R 323 -74.42 -4.68 -22.60
N VAL R 324 -74.19 -3.99 -21.49
CA VAL R 324 -75.11 -3.00 -20.96
C VAL R 324 -74.38 -1.67 -20.82
N HIS R 325 -75.02 -0.59 -21.25
CA HIS R 325 -74.49 0.75 -21.10
C HIS R 325 -75.27 1.48 -20.02
N GLU R 326 -74.55 2.20 -19.17
CA GLU R 326 -75.13 3.05 -18.13
C GLU R 326 -74.62 4.46 -18.30
N TYR R 327 -75.50 5.42 -18.05
CA TYR R 327 -75.22 6.84 -18.20
C TYR R 327 -75.74 7.56 -16.97
N TRP R 328 -74.84 8.03 -16.13
CA TRP R 328 -75.20 8.88 -15.01
C TRP R 328 -74.86 10.31 -15.37
N GLY R 329 -75.70 11.26 -14.96
CA GLY R 329 -75.33 12.63 -15.21
C GLY R 329 -76.47 13.60 -14.94
N TYR R 330 -76.38 14.75 -15.57
CA TYR R 330 -77.33 15.83 -15.40
C TYR R 330 -77.97 16.13 -16.75
N TYR R 331 -79.25 16.49 -16.72
CA TYR R 331 -79.94 16.77 -17.96
C TYR R 331 -81.10 17.71 -17.67
N ASP R 332 -81.59 18.35 -18.74
CA ASP R 332 -82.71 19.28 -18.65
C ASP R 332 -83.99 18.53 -18.96
N ILE R 333 -84.48 17.78 -17.96
CA ILE R 333 -85.63 16.91 -18.18
C ILE R 333 -86.85 17.73 -18.59
N HIS R 334 -87.08 18.85 -17.94
CA HIS R 334 -88.13 19.75 -18.37
C HIS R 334 -87.54 20.79 -19.31
N GLY R 335 -88.37 21.73 -19.75
CA GLY R 335 -87.87 22.81 -20.56
C GLY R 335 -87.37 23.99 -19.79
N ASP R 336 -87.35 23.90 -18.46
CA ASP R 336 -87.01 25.04 -17.62
C ASP R 336 -85.55 25.45 -17.72
N GLY R 337 -84.71 24.64 -18.36
CA GLY R 337 -83.29 24.94 -18.34
C GLY R 337 -82.68 24.80 -16.97
N VAL R 338 -83.14 23.82 -16.20
CA VAL R 338 -82.54 23.48 -14.92
C VAL R 338 -82.18 22.01 -14.96
N LEU R 339 -80.95 21.69 -14.56
CA LEU R 339 -80.46 20.32 -14.66
C LEU R 339 -80.89 19.49 -13.47
N HIS R 340 -81.21 18.23 -13.72
CA HIS R 340 -81.56 17.30 -12.68
C HIS R 340 -80.67 16.07 -12.78
N PRO R 341 -80.41 15.39 -11.66
CA PRO R 341 -79.55 14.21 -11.69
C PRO R 341 -80.34 12.99 -12.13
N ILE R 342 -79.93 12.38 -13.24
CA ILE R 342 -80.65 11.25 -13.81
C ILE R 342 -79.68 10.13 -14.13
N VAL R 343 -80.25 8.94 -14.32
CA VAL R 343 -79.56 7.73 -14.71
C VAL R 343 -80.36 7.04 -15.79
N ALA R 344 -79.66 6.58 -16.84
CA ALA R 344 -80.30 5.92 -17.96
C ALA R 344 -79.48 4.70 -18.35
N THR R 345 -80.15 3.57 -18.54
CA THR R 345 -79.49 2.30 -18.79
C THR R 345 -80.14 1.64 -19.99
N TRP R 346 -79.31 1.19 -20.93
CA TRP R 346 -79.86 0.57 -22.13
C TRP R 346 -78.93 -0.54 -22.63
N VAL R 347 -79.52 -1.47 -23.37
CA VAL R 347 -78.79 -2.57 -23.99
C VAL R 347 -79.19 -2.65 -25.45
N GLY R 348 -78.21 -2.84 -26.32
CA GLY R 348 -78.47 -2.91 -27.74
C GLY R 348 -79.12 -1.65 -28.27
N ALA R 349 -80.40 -1.73 -28.60
CA ALA R 349 -81.16 -0.58 -29.05
C ALA R 349 -82.41 -0.36 -28.21
N VAL R 350 -82.50 -0.97 -27.04
CA VAL R 350 -83.67 -0.90 -26.19
C VAL R 350 -83.30 -0.20 -24.90
N MET R 351 -84.09 0.81 -24.53
CA MET R 351 -83.89 1.51 -23.27
C MET R 351 -84.52 0.70 -22.15
N ILE R 352 -83.73 0.37 -21.13
CA ILE R 352 -84.18 -0.49 -20.06
C ILE R 352 -84.53 0.28 -18.79
N ARG R 353 -83.94 1.44 -18.56
CA ARG R 353 -84.16 2.14 -17.31
C ARG R 353 -83.94 3.63 -17.52
N MET R 354 -84.85 4.44 -17.01
CA MET R 354 -84.65 5.88 -16.99
C MET R 354 -85.26 6.43 -15.70
N GLU R 355 -84.46 7.14 -14.92
CA GLU R 355 -84.92 7.53 -13.60
C GLU R 355 -84.09 8.70 -13.10
N GLU R 356 -84.59 9.36 -12.06
CA GLU R 356 -83.76 10.31 -11.36
C GLU R 356 -82.82 9.56 -10.41
N ASN R 357 -81.77 10.25 -9.99
CA ASN R 357 -80.76 9.61 -9.16
C ASN R 357 -81.38 9.14 -7.85
N PRO R 358 -81.28 7.85 -7.52
CA PRO R 358 -81.96 7.32 -6.33
C PRO R 358 -81.13 7.31 -5.06
N PHE R 359 -79.87 7.67 -5.11
CA PHE R 359 -79.08 7.63 -3.90
C PHE R 359 -79.36 8.83 -3.01
N PRO R 360 -79.16 8.71 -1.70
CA PRO R 360 -79.50 9.81 -0.80
C PRO R 360 -78.77 11.09 -1.14
N ASP R 361 -77.54 11.00 -1.60
CA ASP R 361 -76.80 12.16 -2.07
C ASP R 361 -76.86 12.17 -3.59
N LYS R 362 -77.47 13.22 -4.15
CA LYS R 362 -77.72 13.22 -5.58
C LYS R 362 -76.45 13.47 -6.37
N LYS R 363 -75.53 12.52 -6.32
CA LYS R 363 -74.27 12.60 -7.03
C LYS R 363 -73.99 11.30 -7.76
N ILE R 364 -72.94 11.31 -8.56
CA ILE R 364 -72.56 10.11 -9.31
C ILE R 364 -71.90 9.13 -8.35
N PRO R 365 -72.31 7.89 -8.32
CA PRO R 365 -71.78 6.91 -7.37
C PRO R 365 -70.41 6.35 -7.73
N TYR R 366 -69.48 7.25 -8.05
CA TYR R 366 -68.13 6.86 -8.41
C TYR R 366 -67.14 7.74 -7.67
N VAL R 367 -65.93 7.21 -7.47
CA VAL R 367 -64.85 7.94 -6.83
C VAL R 367 -63.60 7.77 -7.67
N VAL R 368 -62.94 8.87 -8.00
CA VAL R 368 -61.76 8.86 -8.84
C VAL R 368 -60.59 9.43 -8.05
N VAL R 369 -59.48 8.69 -8.03
CA VAL R 369 -58.28 9.10 -7.31
C VAL R 369 -57.10 9.04 -8.27
N SER R 370 -56.30 10.10 -8.29
CA SER R 370 -55.14 10.17 -9.17
C SER R 370 -53.87 9.90 -8.37
N TYR R 371 -53.07 8.95 -8.83
CA TYR R 371 -51.86 8.57 -8.12
C TYR R 371 -50.88 9.73 -8.06
N ILE R 372 -50.38 10.17 -9.20
CA ILE R 372 -49.51 11.33 -9.32
C ILE R 372 -50.26 12.40 -10.08
N PRO R 373 -50.49 13.58 -9.51
CA PRO R 373 -51.35 14.56 -10.16
C PRO R 373 -50.73 15.14 -11.41
N ARG R 374 -51.59 15.60 -12.30
CA ARG R 374 -51.19 16.33 -13.49
C ARG R 374 -51.96 17.65 -13.52
N LYS R 375 -51.42 18.62 -14.25
CA LYS R 375 -52.00 19.95 -14.25
C LYS R 375 -53.35 19.93 -14.94
N ARG R 376 -54.42 20.09 -14.15
CA ARG R 376 -55.78 20.21 -14.66
C ARG R 376 -56.17 18.99 -15.50
N ASP R 377 -56.15 17.84 -14.85
CA ASP R 377 -56.52 16.60 -15.51
C ASP R 377 -56.90 15.57 -14.46
N LEU R 378 -57.91 14.76 -14.76
CA LEU R 378 -58.37 13.75 -13.81
C LEU R 378 -57.37 12.61 -13.72
N TYR R 379 -56.90 12.11 -14.85
CA TYR R 379 -56.02 10.96 -14.86
C TYR R 379 -54.64 11.35 -14.36
N GLY R 380 -54.03 10.46 -13.59
CA GLY R 380 -52.70 10.68 -13.06
C GLY R 380 -51.64 10.12 -13.99
N GLU R 381 -50.48 9.84 -13.40
CA GLU R 381 -49.38 9.19 -14.10
C GLU R 381 -48.95 7.95 -13.35
N SER R 382 -48.62 6.90 -14.09
CA SER R 382 -48.16 5.68 -13.46
C SER R 382 -46.83 5.92 -12.76
N ASP R 383 -46.51 5.00 -11.86
CA ASP R 383 -45.27 5.15 -11.09
C ASP R 383 -44.05 5.06 -12.01
N GLY R 384 -44.01 4.05 -12.86
CA GLY R 384 -42.88 3.87 -13.74
C GLY R 384 -43.05 4.49 -15.10
N ALA R 385 -43.51 5.73 -15.15
CA ALA R 385 -43.69 6.41 -16.42
C ALA R 385 -42.43 7.08 -16.94
N LEU R 386 -41.36 7.10 -16.14
CA LEU R 386 -40.12 7.77 -16.53
C LEU R 386 -38.93 6.83 -16.55
N LEU R 387 -39.14 5.54 -16.37
CA LEU R 387 -38.05 4.58 -16.32
C LEU R 387 -37.86 3.82 -17.62
N ILE R 388 -38.60 4.18 -18.66
CA ILE R 388 -38.54 3.43 -19.90
C ILE R 388 -37.15 3.47 -20.50
N ASP R 389 -36.53 4.65 -20.50
CA ASP R 389 -35.19 4.77 -21.04
C ASP R 389 -34.21 3.91 -20.26
N ASN R 390 -34.31 3.94 -18.94
CA ASN R 390 -33.40 3.14 -18.13
C ASN R 390 -33.57 1.67 -18.40
N GLN R 391 -34.82 1.21 -18.51
CA GLN R 391 -35.03 -0.20 -18.80
C GLN R 391 -34.44 -0.58 -20.14
N ARG R 392 -34.65 0.26 -21.15
CA ARG R 392 -34.10 -0.03 -22.48
C ARG R 392 -32.58 -0.10 -22.45
N ILE R 393 -31.95 0.86 -21.79
CA ILE R 393 -30.49 0.89 -21.77
C ILE R 393 -29.94 -0.33 -21.04
N ILE R 394 -30.53 -0.68 -19.90
CA ILE R 394 -30.04 -1.83 -19.16
C ILE R 394 -30.19 -3.10 -19.99
N GLY R 395 -31.34 -3.25 -20.64
CA GLY R 395 -31.51 -4.41 -21.50
C GLY R 395 -30.48 -4.47 -22.61
N ALA R 396 -30.19 -3.33 -23.23
CA ALA R 396 -29.23 -3.32 -24.32
C ALA R 396 -27.85 -3.72 -23.83
N VAL R 397 -27.43 -3.17 -22.70
CA VAL R 397 -26.09 -3.48 -22.20
C VAL R 397 -25.98 -4.94 -21.84
N THR R 398 -27.01 -5.49 -21.17
CA THR R 398 -26.96 -6.89 -20.78
C THR R 398 -26.90 -7.79 -22.02
N ARG R 399 -27.70 -7.46 -23.04
CA ARG R 399 -27.66 -8.26 -24.26
C ARG R 399 -26.27 -8.20 -24.89
N GLY R 400 -25.66 -7.02 -24.87
CA GLY R 400 -24.32 -6.91 -25.43
C GLY R 400 -23.32 -7.81 -24.72
N MET R 401 -23.37 -7.81 -23.39
CA MET R 401 -22.43 -8.64 -22.64
C MET R 401 -22.67 -10.12 -22.90
N ILE R 402 -23.94 -10.53 -22.95
CA ILE R 402 -24.25 -11.92 -23.29
C ILE R 402 -23.68 -12.28 -24.64
N ASP R 403 -23.88 -11.42 -25.64
CA ASP R 403 -23.40 -11.73 -26.98
C ASP R 403 -21.89 -11.88 -26.97
N THR R 404 -21.20 -10.96 -26.30
CA THR R 404 -19.74 -11.04 -26.25
C THR R 404 -19.28 -12.36 -25.65
N MET R 405 -19.91 -12.78 -24.57
CA MET R 405 -19.46 -14.01 -23.93
C MET R 405 -19.87 -15.26 -24.72
N ALA R 406 -20.97 -15.19 -25.45
CA ALA R 406 -21.51 -16.39 -26.06
C ALA R 406 -20.94 -16.66 -27.43
N ARG R 407 -20.84 -15.65 -28.29
CA ARG R 407 -20.32 -15.87 -29.63
C ARG R 407 -18.81 -16.07 -29.65
N SER R 408 -18.18 -16.25 -28.49
CA SER R 408 -16.74 -16.41 -28.44
C SER R 408 -16.40 -17.85 -28.82
N ALA R 409 -15.14 -18.24 -28.61
CA ALA R 409 -14.67 -19.56 -28.97
C ALA R 409 -14.23 -20.35 -27.75
N ASN R 410 -14.89 -20.12 -26.62
CA ASN R 410 -14.52 -20.82 -25.40
C ASN R 410 -14.68 -22.33 -25.56
N GLY R 411 -13.69 -23.07 -25.08
CA GLY R 411 -13.74 -24.51 -25.08
C GLY R 411 -12.90 -25.16 -26.15
N GLN R 412 -12.63 -24.48 -27.25
CA GLN R 412 -11.86 -25.07 -28.33
C GLN R 412 -10.37 -24.89 -28.08
N VAL R 413 -9.59 -25.83 -28.58
CA VAL R 413 -8.14 -25.82 -28.44
C VAL R 413 -7.52 -25.88 -29.82
N GLY R 414 -6.55 -25.01 -30.06
CA GLY R 414 -5.89 -24.92 -31.36
C GLY R 414 -4.42 -25.27 -31.23
N VAL R 415 -3.90 -25.96 -32.25
CA VAL R 415 -2.52 -26.43 -32.25
C VAL R 415 -1.84 -25.94 -33.50
N MET R 416 -0.62 -25.43 -33.36
CA MET R 416 0.15 -25.01 -34.53
C MET R 416 0.45 -26.20 -35.42
N LYS R 417 0.25 -26.01 -36.72
CA LYS R 417 0.62 -27.06 -37.67
C LYS R 417 2.12 -27.29 -37.63
N GLY R 418 2.52 -28.54 -37.76
CA GLY R 418 3.93 -28.87 -37.82
C GLY R 418 4.65 -28.89 -36.49
N ALA R 419 3.94 -28.70 -35.38
CA ALA R 419 4.58 -28.83 -34.08
C ALA R 419 4.58 -30.26 -33.58
N LEU R 420 3.59 -31.06 -33.97
CA LEU R 420 3.50 -32.45 -33.58
C LEU R 420 3.36 -33.31 -34.81
N ASP R 421 4.09 -34.43 -34.84
CA ASP R 421 3.93 -35.41 -35.90
C ASP R 421 2.65 -36.21 -35.64
N VAL R 422 2.41 -37.24 -36.44
CA VAL R 422 1.17 -38.00 -36.31
C VAL R 422 1.14 -38.78 -35.01
N THR R 423 2.22 -39.51 -34.71
CA THR R 423 2.23 -40.32 -33.49
C THR R 423 2.14 -39.45 -32.25
N ASN R 424 2.90 -38.37 -32.21
CA ASN R 424 2.85 -37.50 -31.04
C ASN R 424 1.51 -36.81 -30.94
N ARG R 425 0.90 -36.47 -32.08
CA ARG R 425 -0.45 -35.92 -32.04
C ARG R 425 -1.42 -36.89 -31.42
N ARG R 426 -1.32 -38.17 -31.81
CA ARG R 426 -2.21 -39.16 -31.24
C ARG R 426 -1.97 -39.33 -29.75
N ARG R 427 -0.71 -39.34 -29.33
CA ARG R 427 -0.43 -39.44 -27.90
C ARG R 427 -1.01 -38.26 -27.14
N PHE R 428 -0.83 -37.06 -27.68
CA PHE R 428 -1.34 -35.87 -27.02
C PHE R 428 -2.84 -35.91 -26.90
N ASP R 429 -3.53 -36.36 -27.95
CA ASP R 429 -4.98 -36.51 -27.86
C ASP R 429 -5.36 -37.58 -26.84
N ARG R 430 -4.64 -38.70 -26.82
CA ARG R 430 -4.98 -39.78 -25.91
C ARG R 430 -4.87 -39.32 -24.47
N GLY R 431 -3.86 -38.53 -24.15
CA GLY R 431 -3.77 -37.97 -22.82
C GLY R 431 -2.56 -38.47 -22.05
N GLU R 432 -1.56 -38.96 -22.76
CA GLU R 432 -0.33 -39.41 -22.14
C GLU R 432 0.80 -38.45 -22.51
N ASN R 433 2.00 -38.76 -22.05
CA ASN R 433 3.14 -37.91 -22.32
C ASN R 433 3.49 -37.97 -23.80
N TYR R 434 4.17 -36.94 -24.28
CA TYR R 434 4.40 -36.79 -25.71
C TYR R 434 5.72 -36.07 -25.93
N GLU R 435 5.98 -35.74 -27.19
CA GLU R 435 7.20 -35.02 -27.57
C GLU R 435 6.85 -34.04 -28.68
N PHE R 436 7.51 -32.90 -28.68
CA PHE R 436 7.21 -31.85 -29.65
C PHE R 436 8.49 -31.43 -30.36
N ASN R 437 8.34 -31.02 -31.61
CA ASN R 437 9.48 -30.66 -32.43
C ASN R 437 10.16 -29.41 -31.89
N PRO R 438 11.46 -29.27 -32.09
CA PRO R 438 12.18 -28.12 -31.54
C PRO R 438 11.74 -26.83 -32.20
N GLY R 439 11.91 -25.75 -31.46
CA GLY R 439 11.54 -24.43 -31.93
C GLY R 439 10.10 -24.05 -31.73
N ALA R 440 9.29 -24.93 -31.12
CA ALA R 440 7.89 -24.63 -30.84
C ALA R 440 7.59 -25.08 -29.42
N ASP R 441 7.81 -24.18 -28.46
CA ASP R 441 7.50 -24.50 -27.08
C ASP R 441 5.98 -24.59 -26.91
N PRO R 442 5.50 -25.51 -26.08
CA PRO R 442 4.04 -25.70 -25.97
C PRO R 442 3.30 -24.46 -25.54
N ARG R 443 3.89 -23.64 -24.67
CA ARG R 443 3.17 -22.49 -24.14
C ARG R 443 2.77 -21.52 -25.23
N ALA R 444 3.40 -21.59 -26.41
CA ALA R 444 2.94 -20.84 -27.56
C ALA R 444 2.36 -21.71 -28.66
N ALA R 445 2.73 -23.00 -28.70
CA ALA R 445 2.25 -23.87 -29.77
C ALA R 445 0.80 -24.25 -29.56
N VAL R 446 0.38 -24.49 -28.33
CA VAL R 446 -1.01 -24.85 -28.05
C VAL R 446 -1.68 -23.65 -27.39
N HIS R 447 -2.99 -23.59 -27.53
CA HIS R 447 -3.74 -22.48 -26.98
C HIS R 447 -5.16 -22.93 -26.70
N MET R 448 -5.67 -22.57 -25.54
CA MET R 448 -6.99 -23.01 -25.08
C MET R 448 -7.84 -21.76 -24.88
N HIS R 449 -8.76 -21.52 -25.80
CA HIS R 449 -9.56 -20.30 -25.76
C HIS R 449 -10.44 -20.27 -24.53
N THR R 450 -10.66 -19.07 -24.01
CA THR R 450 -11.52 -18.85 -22.85
C THR R 450 -12.40 -17.65 -23.11
N PHE R 451 -13.24 -17.32 -22.13
CA PHE R 451 -14.11 -16.17 -22.27
C PHE R 451 -13.28 -14.90 -22.38
N PRO R 452 -13.73 -13.95 -23.18
CA PRO R 452 -13.01 -12.67 -23.28
C PRO R 452 -13.17 -11.85 -22.00
N GLU R 453 -12.58 -10.66 -21.97
CA GLU R 453 -12.59 -9.83 -20.78
C GLU R 453 -13.62 -8.71 -20.94
N ILE R 454 -14.53 -8.62 -19.98
CA ILE R 454 -15.51 -7.53 -19.99
C ILE R 454 -14.81 -6.23 -19.60
N PRO R 455 -14.96 -5.16 -20.37
CA PRO R 455 -14.33 -3.90 -20.00
C PRO R 455 -15.00 -3.27 -18.79
N GLN R 456 -14.27 -2.41 -18.13
CA GLN R 456 -14.73 -1.81 -16.89
C GLN R 456 -15.77 -0.76 -17.09
N SER R 457 -16.38 -0.60 -18.26
CA SER R 457 -17.35 0.47 -18.46
C SER R 457 -18.79 -0.01 -18.38
N ALA R 458 -19.07 -1.26 -18.78
CA ALA R 458 -20.44 -1.75 -18.72
C ALA R 458 -20.94 -1.78 -17.28
N GLN R 459 -20.08 -2.21 -16.36
CA GLN R 459 -20.46 -2.22 -14.96
C GLN R 459 -20.86 -0.83 -14.50
N TYR R 460 -20.04 0.16 -14.82
CA TYR R 460 -20.34 1.52 -14.42
C TYR R 460 -21.64 2.00 -15.01
N MET R 461 -21.88 1.68 -16.28
CA MET R 461 -23.10 2.18 -16.91
C MET R 461 -24.33 1.58 -16.28
N ILE R 462 -24.30 0.27 -15.99
CA ILE R 462 -25.44 -0.35 -15.34
C ILE R 462 -25.67 0.26 -13.97
N ASN R 463 -24.60 0.47 -13.20
CA ASN R 463 -24.76 1.07 -11.89
C ASN R 463 -25.39 2.45 -11.99
N LEU R 464 -24.93 3.23 -12.96
CA LEU R 464 -25.46 4.58 -13.13
C LEU R 464 -26.96 4.54 -13.45
N GLN R 465 -27.35 3.68 -14.38
CA GLN R 465 -28.76 3.62 -14.75
C GLN R 465 -29.62 3.19 -13.57
N GLN R 466 -29.17 2.17 -12.83
CA GLN R 466 -29.96 1.70 -11.69
C GLN R 466 -30.08 2.78 -10.62
N ALA R 467 -28.98 3.48 -10.34
CA ALA R 467 -29.05 4.53 -9.33
C ALA R 467 -29.99 5.64 -9.77
N GLU R 468 -29.96 5.99 -11.05
CA GLU R 468 -30.88 7.01 -11.53
C GLU R 468 -32.33 6.59 -11.38
N ALA R 469 -32.63 5.33 -11.70
CA ALA R 469 -34.00 4.86 -11.55
C ALA R 469 -34.45 4.88 -10.10
N GLU R 470 -33.58 4.45 -9.19
CA GLU R 470 -33.92 4.46 -7.78
C GLU R 470 -34.17 5.87 -7.29
N SER R 471 -33.33 6.82 -7.71
CA SER R 471 -33.55 8.20 -7.32
C SER R 471 -34.87 8.73 -7.85
N MET R 472 -35.19 8.40 -9.10
CA MET R 472 -36.43 8.90 -9.69
C MET R 472 -37.64 8.40 -8.91
N THR R 473 -37.71 7.08 -8.70
CA THR R 473 -38.91 6.53 -8.06
C THR R 473 -38.97 6.91 -6.59
N GLY R 474 -37.88 6.76 -5.87
CA GLY R 474 -37.86 7.01 -4.45
C GLY R 474 -37.92 5.79 -3.57
N VAL R 475 -37.87 4.60 -4.15
CA VAL R 475 -37.86 3.36 -3.38
C VAL R 475 -36.56 2.62 -3.69
N LYS R 476 -35.79 2.32 -2.65
CA LYS R 476 -34.49 1.69 -2.83
C LYS R 476 -34.60 0.20 -3.11
N ALA R 477 -35.69 -0.44 -2.69
CA ALA R 477 -35.98 -1.82 -3.02
C ALA R 477 -34.96 -2.81 -2.47
N PHE R 478 -33.96 -2.31 -1.74
CA PHE R 478 -32.90 -3.14 -1.17
C PHE R 478 -32.42 -4.16 -2.20
N ASN R 479 -31.91 -3.62 -3.29
CA ASN R 479 -31.69 -4.39 -4.51
C ASN R 479 -30.32 -4.02 -5.07
N ALA R 480 -30.09 -4.37 -6.33
CA ALA R 480 -28.79 -4.18 -6.97
C ALA R 480 -27.70 -4.86 -6.15
N GLY R 481 -28.00 -6.06 -5.69
CA GLY R 481 -27.15 -6.79 -4.78
C GLY R 481 -27.99 -7.77 -3.98
N ILE R 482 -27.45 -8.21 -2.85
CA ILE R 482 -28.22 -9.06 -1.96
C ILE R 482 -29.45 -8.30 -1.49
N SER R 483 -30.61 -8.98 -1.52
CA SER R 483 -31.84 -8.35 -1.05
C SER R 483 -31.69 -7.89 0.39
N GLY R 484 -30.91 -8.62 1.17
CA GLY R 484 -30.46 -8.13 2.46
C GLY R 484 -29.20 -7.30 2.29
N ALA R 485 -29.33 -6.15 1.64
CA ALA R 485 -28.18 -5.32 1.32
C ALA R 485 -27.44 -4.90 2.59
N ALA R 486 -26.16 -4.60 2.42
CA ALA R 486 -25.25 -4.25 3.52
C ALA R 486 -25.21 -5.38 4.55
N LEU R 487 -24.69 -6.52 4.12
CA LEU R 487 -24.56 -7.70 4.98
C LEU R 487 -23.42 -7.50 5.99
N GLY R 488 -23.59 -6.48 6.81
CA GLY R 488 -22.74 -6.21 7.94
C GLY R 488 -21.74 -5.09 7.70
N ASP R 489 -22.15 -3.89 8.08
CA ASP R 489 -21.24 -2.77 8.33
C ASP R 489 -21.64 -1.95 9.54
N THR R 490 -22.89 -2.01 9.96
CA THR R 490 -23.40 -1.29 11.13
C THR R 490 -24.65 -2.04 11.59
N ALA R 491 -24.89 -2.03 12.91
CA ALA R 491 -26.04 -2.73 13.45
C ALA R 491 -27.34 -2.21 12.85
N THR R 492 -27.44 -0.89 12.68
CA THR R 492 -28.63 -0.32 12.06
C THR R 492 -28.68 -0.58 10.57
N ALA R 493 -27.53 -0.58 9.90
CA ALA R 493 -27.50 -0.72 8.45
C ALA R 493 -27.89 -2.13 7.99
N VAL R 494 -27.97 -3.10 8.89
CA VAL R 494 -28.50 -4.41 8.54
C VAL R 494 -29.95 -4.58 8.97
N ARG R 495 -30.43 -3.76 9.91
CA ARG R 495 -31.82 -3.87 10.34
C ARG R 495 -32.78 -3.48 9.22
N GLY R 496 -32.40 -2.51 8.39
CA GLY R 496 -33.30 -2.07 7.33
C GLY R 496 -33.59 -3.16 6.32
N ALA R 497 -32.57 -3.94 5.96
CA ALA R 497 -32.75 -4.97 4.94
C ALA R 497 -33.75 -6.02 5.39
N LEU R 498 -33.56 -6.55 6.60
CA LEU R 498 -34.48 -7.54 7.12
C LEU R 498 -35.88 -6.96 7.29
N ASP R 499 -35.96 -5.69 7.68
CA ASP R 499 -37.25 -5.03 7.80
C ASP R 499 -37.98 -5.02 6.47
N ALA R 500 -37.30 -4.59 5.40
CA ALA R 500 -37.94 -4.54 4.10
C ALA R 500 -38.36 -5.92 3.63
N ALA R 501 -37.50 -6.91 3.84
CA ALA R 501 -37.83 -8.27 3.42
C ALA R 501 -39.08 -8.77 4.13
N SER R 502 -39.14 -8.58 5.44
CA SER R 502 -40.30 -9.03 6.20
C SER R 502 -41.56 -8.28 5.76
N LYS R 503 -41.43 -6.98 5.54
CA LYS R 503 -42.58 -6.20 5.09
C LYS R 503 -43.10 -6.71 3.77
N ARG R 504 -42.20 -7.13 2.87
CA ARG R 504 -42.66 -7.69 1.61
C ARG R 504 -43.34 -9.04 1.81
N GLU R 505 -42.78 -9.88 2.69
CA GLU R 505 -43.40 -11.19 2.94
C GLU R 505 -44.79 -11.04 3.53
N LEU R 506 -45.03 -9.95 4.25
CA LEU R 506 -46.27 -9.82 5.01
C LEU R 506 -47.50 -9.87 4.11
N GLY R 507 -47.43 -9.31 2.91
CA GLY R 507 -48.60 -9.31 2.04
C GLY R 507 -49.02 -10.72 1.65
N ILE R 508 -48.06 -11.53 1.24
CA ILE R 508 -48.36 -12.92 0.90
C ILE R 508 -48.92 -13.64 2.11
N LEU R 509 -48.31 -13.40 3.27
CA LEU R 509 -48.81 -14.03 4.48
C LEU R 509 -50.27 -13.67 4.72
N ARG R 510 -50.63 -12.40 4.49
CA ARG R 510 -51.99 -11.97 4.73
C ARG R 510 -52.96 -12.62 3.75
N ARG R 511 -52.56 -12.76 2.49
CA ARG R 511 -53.45 -13.41 1.53
C ARG R 511 -53.73 -14.85 1.95
N LEU R 512 -52.68 -15.58 2.31
CA LEU R 512 -52.89 -16.96 2.74
C LEU R 512 -53.76 -17.02 3.99
N SER R 513 -53.55 -16.08 4.91
CA SER R 513 -54.37 -16.03 6.11
C SER R 513 -55.83 -15.83 5.77
N ALA R 514 -56.11 -14.96 4.80
CA ALA R 514 -57.50 -14.75 4.40
C ALA R 514 -58.12 -16.02 3.88
N GLY R 515 -57.37 -16.77 3.07
CA GLY R 515 -57.88 -18.04 2.60
C GLY R 515 -58.23 -18.98 3.74
N ILE R 516 -57.34 -19.08 4.71
CA ILE R 516 -57.58 -19.98 5.85
C ILE R 516 -58.82 -19.54 6.62
N ILE R 517 -58.98 -18.23 6.82
CA ILE R 517 -60.15 -17.72 7.52
C ILE R 517 -61.43 -18.11 6.80
N GLU R 518 -61.42 -18.01 5.47
CA GLU R 518 -62.62 -18.39 4.72
C GLU R 518 -62.94 -19.87 4.92
N ILE R 519 -61.92 -20.72 4.87
CA ILE R 519 -62.14 -22.14 5.10
C ILE R 519 -62.77 -22.35 6.47
N GLY R 520 -62.23 -21.67 7.48
CA GLY R 520 -62.75 -21.83 8.83
C GLY R 520 -64.20 -21.42 8.94
N ARG R 521 -64.57 -20.32 8.30
CA ARG R 521 -65.96 -19.88 8.37
C ARG R 521 -66.88 -20.90 7.73
N LYS R 522 -66.48 -21.47 6.60
CA LYS R 522 -67.31 -22.52 6.00
C LYS R 522 -67.46 -23.70 6.93
N ILE R 523 -66.37 -24.08 7.61
CA ILE R 523 -66.43 -25.23 8.51
C ILE R 523 -67.38 -24.94 9.66
N ILE R 524 -67.33 -23.73 10.20
CA ILE R 524 -68.25 -23.37 11.28
C ILE R 524 -69.69 -23.49 10.81
N ALA R 525 -69.96 -22.96 9.62
CA ALA R 525 -71.32 -23.03 9.10
C ALA R 525 -71.79 -24.47 8.99
N MET R 526 -70.92 -25.37 8.52
CA MET R 526 -71.35 -26.76 8.42
C MET R 526 -71.53 -27.40 9.79
N ASN R 527 -70.65 -27.08 10.74
CA ASN R 527 -70.84 -27.60 12.09
C ASN R 527 -72.15 -27.16 12.68
N ALA R 528 -72.66 -26.01 12.25
CA ALA R 528 -73.84 -25.44 12.88
C ALA R 528 -75.01 -26.43 12.89
N GLU R 529 -75.24 -27.12 11.78
CA GLU R 529 -76.42 -27.95 11.68
C GLU R 529 -76.15 -29.45 11.52
N PHE R 530 -75.07 -29.83 10.85
CA PHE R 530 -74.82 -31.24 10.62
C PHE R 530 -74.46 -31.99 11.90
N LEU R 531 -74.15 -31.29 12.97
CA LEU R 531 -73.62 -31.89 14.17
C LEU R 531 -74.66 -31.82 15.28
N ASP R 532 -74.62 -32.79 16.18
CA ASP R 532 -75.67 -32.95 17.19
C ASP R 532 -75.23 -32.41 18.54
N ASP R 533 -76.25 -32.02 19.32
CA ASP R 533 -75.99 -31.41 20.62
C ASP R 533 -75.26 -32.36 21.55
N VAL R 534 -75.63 -33.63 21.54
CA VAL R 534 -74.93 -34.59 22.40
C VAL R 534 -73.48 -34.71 21.98
N GLU R 535 -73.22 -34.65 20.67
CA GLU R 535 -71.85 -34.71 20.19
C GLU R 535 -71.05 -33.50 20.64
N VAL R 536 -71.65 -32.31 20.61
CA VAL R 536 -70.95 -31.12 21.06
C VAL R 536 -70.72 -31.17 22.57
N VAL R 537 -71.70 -31.68 23.31
CA VAL R 537 -71.55 -31.78 24.76
C VAL R 537 -70.43 -32.75 25.10
N ARG R 538 -70.34 -33.86 24.37
CA ARG R 538 -69.29 -34.83 24.65
C ARG R 538 -67.91 -34.20 24.61
N ILE R 539 -67.73 -33.16 23.81
CA ILE R 539 -66.45 -32.47 23.73
C ILE R 539 -66.35 -31.38 24.78
N THR R 540 -67.33 -30.48 24.84
CA THR R 540 -67.17 -29.29 25.67
C THR R 540 -67.35 -29.56 27.15
N ASN R 541 -68.13 -30.59 27.51
CA ASN R 541 -68.50 -30.85 28.89
C ASN R 541 -69.20 -29.66 29.53
N GLU R 542 -69.98 -28.93 28.74
CA GLU R 542 -70.79 -27.83 29.25
C GLU R 542 -72.17 -27.94 28.63
N HIS R 543 -73.14 -27.30 29.26
CA HIS R 543 -74.50 -27.36 28.77
C HIS R 543 -74.58 -26.74 27.39
N PHE R 544 -75.35 -27.39 26.51
CA PHE R 544 -75.42 -26.97 25.13
C PHE R 544 -75.96 -25.55 25.01
N VAL R 545 -75.29 -24.73 24.23
CA VAL R 545 -75.74 -23.38 23.94
C VAL R 545 -76.56 -23.43 22.67
N ASP R 546 -77.75 -22.83 22.70
CA ASP R 546 -78.63 -22.86 21.55
C ASP R 546 -77.99 -22.15 20.37
N ILE R 547 -78.60 -22.32 19.21
CA ILE R 547 -78.07 -21.82 17.95
C ILE R 547 -79.05 -20.82 17.36
N ARG R 548 -78.51 -19.73 16.81
CA ARG R 548 -79.34 -18.71 16.18
C ARG R 548 -79.58 -19.10 14.73
N ARG R 549 -80.85 -19.15 14.33
CA ARG R 549 -81.18 -19.61 12.99
C ARG R 549 -80.98 -18.54 11.93
N ASP R 550 -80.84 -17.28 12.32
CA ASP R 550 -80.65 -16.22 11.34
C ASP R 550 -79.37 -16.45 10.55
N ASP R 551 -78.24 -16.41 11.24
CA ASP R 551 -76.95 -16.69 10.64
C ASP R 551 -76.39 -17.96 11.24
N LEU R 552 -75.66 -18.73 10.43
CA LEU R 552 -75.00 -19.92 10.93
C LEU R 552 -73.49 -19.84 10.89
N ALA R 553 -72.92 -18.95 10.07
CA ALA R 553 -71.48 -18.81 9.95
C ALA R 553 -70.97 -17.59 10.71
N GLY R 554 -71.67 -17.19 11.77
CA GLY R 554 -71.31 -15.96 12.44
C GLY R 554 -71.73 -14.76 11.60
N ASN R 555 -70.77 -13.93 11.23
CA ASN R 555 -71.01 -12.74 10.41
C ASN R 555 -71.82 -11.71 11.19
N PHE R 556 -72.26 -12.08 12.38
CA PHE R 556 -72.97 -11.19 13.27
C PHE R 556 -72.47 -11.25 14.70
N ASP R 557 -71.82 -12.33 15.11
CA ASP R 557 -71.46 -12.49 16.50
C ASP R 557 -70.09 -13.13 16.72
N LEU R 558 -69.33 -13.42 15.67
CA LEU R 558 -68.05 -14.07 15.82
C LEU R 558 -66.99 -13.35 15.00
N LYS R 559 -65.82 -13.14 15.60
CA LYS R 559 -64.66 -12.62 14.91
C LYS R 559 -63.61 -13.70 14.86
N LEU R 560 -63.11 -14.00 13.66
CA LEU R 560 -62.28 -15.16 13.42
C LEU R 560 -60.90 -14.70 12.96
N ASP R 561 -59.85 -15.20 13.61
CA ASP R 561 -58.50 -14.79 13.28
C ASP R 561 -57.52 -15.87 13.67
N ILE R 562 -56.31 -15.77 13.13
CA ILE R 562 -55.26 -16.75 13.38
C ILE R 562 -54.62 -16.45 14.73
N SER R 563 -54.56 -17.47 15.58
CA SER R 563 -53.96 -17.30 16.89
C SER R 563 -52.45 -17.48 16.82
N THR R 564 -51.74 -16.72 17.64
CA THR R 564 -50.29 -16.81 17.73
C THR R 564 -49.82 -16.60 19.16
N ALA R 565 -48.64 -17.15 19.43
CA ALA R 565 -48.13 -17.21 20.79
C ALA R 565 -47.92 -15.82 21.38
N GLU R 566 -47.46 -14.88 20.56
CA GLU R 566 -47.21 -13.54 21.08
C GLU R 566 -48.50 -12.84 21.49
N GLU R 567 -49.57 -13.02 20.72
CA GLU R 567 -50.85 -12.47 21.15
C GLU R 567 -51.35 -13.16 22.41
N ASP R 568 -51.13 -14.47 22.52
CA ASP R 568 -51.51 -15.14 23.76
C ASP R 568 -50.76 -14.56 24.95
N ASN R 569 -49.45 -14.33 24.80
CA ASN R 569 -48.66 -13.75 25.86
C ASN R 569 -49.14 -12.35 26.19
N ALA R 570 -49.48 -11.56 25.17
CA ALA R 570 -49.99 -10.22 25.42
C ALA R 570 -51.27 -10.27 26.24
N LYS R 571 -52.18 -11.18 25.87
CA LYS R 571 -53.43 -11.29 26.61
C LYS R 571 -53.17 -11.68 28.05
N VAL R 572 -52.28 -12.64 28.28
CA VAL R 572 -51.97 -13.06 29.64
C VAL R 572 -51.40 -11.91 30.44
N ASN R 573 -50.46 -11.17 29.85
CA ASN R 573 -49.83 -10.06 30.56
C ASN R 573 -50.86 -8.99 30.90
N ASP R 574 -51.75 -8.67 29.96
CA ASP R 574 -52.77 -7.67 30.24
C ASP R 574 -53.65 -8.12 31.38
N LEU R 575 -54.09 -9.37 31.35
CA LEU R 575 -54.94 -9.88 32.41
C LEU R 575 -54.24 -9.79 33.76
N THR R 576 -53.01 -10.28 33.83
CA THR R 576 -52.29 -10.27 35.10
C THR R 576 -52.13 -8.86 35.63
N PHE R 577 -51.64 -7.95 34.78
CA PHE R 577 -51.39 -6.59 35.22
C PHE R 577 -52.68 -5.92 35.69
N MET R 578 -53.74 -6.07 34.92
CA MET R 578 -54.91 -5.27 35.21
C MET R 578 -55.67 -5.85 36.39
N LEU R 579 -55.58 -7.15 36.61
CA LEU R 579 -56.03 -7.74 37.87
C LEU R 579 -55.22 -7.20 39.04
N GLN R 580 -53.89 -7.21 38.92
CA GLN R 580 -53.08 -6.83 40.07
C GLN R 580 -53.28 -5.37 40.42
N THR R 581 -53.54 -4.52 39.43
CA THR R 581 -53.90 -3.13 39.67
C THR R 581 -55.17 -2.83 38.89
N MET R 582 -56.31 -3.24 39.44
CA MET R 582 -57.61 -2.78 38.97
C MET R 582 -58.25 -1.80 39.93
N GLY R 583 -58.39 -2.16 41.20
CA GLY R 583 -58.97 -1.28 42.18
C GLY R 583 -59.83 -2.01 43.18
N PRO R 584 -60.44 -1.25 44.09
CA PRO R 584 -61.26 -1.87 45.14
C PRO R 584 -62.65 -2.22 44.66
N ASN R 585 -62.86 -2.20 43.34
CA ASN R 585 -64.18 -2.46 42.77
C ASN R 585 -64.76 -3.75 43.29
N MET R 586 -66.07 -3.76 43.50
CA MET R 586 -66.72 -4.88 44.15
C MET R 586 -66.91 -6.01 43.13
N ASP R 587 -67.76 -6.97 43.49
CA ASP R 587 -68.01 -8.17 42.71
C ASP R 587 -66.73 -8.98 42.57
N PRO R 588 -66.22 -9.53 43.67
CA PRO R 588 -65.00 -10.36 43.58
C PRO R 588 -65.20 -11.60 42.75
N MET R 589 -66.46 -11.96 42.47
CA MET R 589 -66.72 -13.00 41.49
C MET R 589 -65.99 -12.70 40.20
N MET R 590 -65.95 -11.43 39.79
CA MET R 590 -65.26 -11.06 38.57
C MET R 590 -63.77 -11.35 38.64
N ALA R 591 -63.15 -11.03 39.78
CA ALA R 591 -61.73 -11.33 39.95
C ALA R 591 -61.50 -12.83 39.87
N GLN R 592 -62.39 -13.61 40.46
CA GLN R 592 -62.29 -15.07 40.35
C GLN R 592 -62.38 -15.51 38.89
N GLN R 593 -63.31 -14.93 38.13
CA GLN R 593 -63.44 -15.31 36.73
C GLN R 593 -62.14 -15.03 35.99
N ILE R 594 -61.55 -13.85 36.24
CA ILE R 594 -60.31 -13.51 35.57
C ILE R 594 -59.22 -14.52 35.91
N MET R 595 -59.02 -14.77 37.21
CA MET R 595 -57.95 -15.65 37.63
C MET R 595 -58.14 -17.05 37.05
N GLY R 596 -59.38 -17.52 37.01
CA GLY R 596 -59.66 -18.78 36.36
C GLY R 596 -59.30 -18.76 34.88
N GLN R 597 -59.51 -17.62 34.24
CA GLN R 597 -59.13 -17.54 32.83
C GLN R 597 -57.62 -17.62 32.65
N ILE R 598 -56.85 -17.01 33.55
CA ILE R 598 -55.40 -17.19 33.46
C ILE R 598 -55.02 -18.65 33.67
N MET R 599 -55.62 -19.31 34.66
CA MET R 599 -55.42 -20.75 34.79
C MET R 599 -55.67 -21.48 33.48
N GLU R 600 -56.83 -21.22 32.87
CA GLU R 600 -57.20 -21.97 31.67
C GLU R 600 -56.22 -21.69 30.53
N LEU R 601 -55.81 -20.43 30.38
CA LEU R 601 -54.83 -20.11 29.36
C LEU R 601 -53.49 -20.78 29.65
N LYS R 602 -53.18 -21.01 30.91
CA LYS R 602 -51.94 -21.71 31.27
C LYS R 602 -52.16 -23.20 31.41
N LYS R 603 -53.31 -23.71 31.00
CA LYS R 603 -53.56 -25.15 30.83
C LYS R 603 -53.54 -25.89 32.18
N MET R 604 -54.36 -25.42 33.11
CA MET R 604 -54.71 -26.18 34.30
C MET R 604 -56.23 -26.07 34.50
N PRO R 605 -57.01 -26.70 33.63
CA PRO R 605 -58.47 -26.51 33.66
C PRO R 605 -59.10 -26.92 34.98
N ASP R 606 -58.57 -27.94 35.65
CA ASP R 606 -59.14 -28.32 36.94
C ASP R 606 -59.01 -27.18 37.95
N PHE R 607 -57.82 -26.59 38.06
CA PHE R 607 -57.65 -25.44 38.93
C PHE R 607 -58.53 -24.29 38.49
N ALA R 608 -58.66 -24.09 37.18
CA ALA R 608 -59.48 -23.00 36.67
C ALA R 608 -60.91 -23.15 37.14
N LYS R 609 -61.48 -24.34 36.95
CA LYS R 609 -62.87 -24.55 37.36
C LYS R 609 -63.02 -24.40 38.86
N ARG R 610 -62.08 -24.98 39.62
CA ARG R 610 -62.19 -24.92 41.07
C ARG R 610 -62.16 -23.49 41.56
N ILE R 611 -61.26 -22.67 41.01
CA ILE R 611 -61.18 -21.28 41.43
C ILE R 611 -62.44 -20.53 41.03
N ARG R 612 -62.86 -20.67 39.77
CA ARG R 612 -63.99 -19.86 39.32
C ARG R 612 -65.28 -20.24 40.03
N GLU R 613 -65.38 -21.47 40.50
CA GLU R 613 -66.56 -21.87 41.26
C GLU R 613 -66.36 -21.75 42.76
N PHE R 614 -65.17 -21.37 43.20
CA PHE R 614 -64.91 -21.26 44.63
C PHE R 614 -65.74 -20.14 45.23
N GLN R 615 -66.35 -20.41 46.38
CA GLN R 615 -67.16 -19.44 47.09
C GLN R 615 -66.48 -19.03 48.39
N PRO R 616 -66.04 -17.78 48.52
CA PRO R 616 -65.45 -17.36 49.79
C PRO R 616 -66.47 -17.35 50.92
N GLN R 617 -65.99 -17.60 52.13
CA GLN R 617 -66.83 -17.63 53.31
C GLN R 617 -66.19 -16.78 54.40
N PRO R 618 -67.00 -15.95 55.06
CA PRO R 618 -66.50 -15.07 56.11
C PRO R 618 -66.36 -15.83 57.43
N ASP R 619 -65.56 -15.25 58.33
CA ASP R 619 -65.31 -15.84 59.64
C ASP R 619 -66.39 -15.39 60.62
N PRO R 620 -66.17 -15.65 61.91
CA PRO R 620 -67.10 -15.27 62.96
C PRO R 620 -66.68 -14.00 63.67
N ILE R 621 -66.05 -13.07 62.95
CA ILE R 621 -65.65 -11.80 63.53
C ILE R 621 -66.74 -10.74 63.48
N ALA R 622 -67.85 -11.02 62.79
CA ALA R 622 -68.99 -10.10 62.83
C ALA R 622 -69.53 -9.96 64.25
N GLN R 623 -69.27 -10.95 65.10
CA GLN R 623 -69.58 -10.80 66.51
C GLN R 623 -68.91 -9.56 67.07
N GLN R 624 -67.69 -9.27 66.66
CA GLN R 624 -67.00 -8.08 67.15
C GLN R 624 -67.77 -6.82 66.79
N LYS R 625 -68.24 -6.73 65.55
CA LYS R 625 -68.99 -5.55 65.13
C LYS R 625 -70.28 -5.42 65.92
N ALA R 626 -70.99 -6.54 66.11
CA ALA R 626 -72.23 -6.48 66.88
C ALA R 626 -71.96 -6.03 68.31
N GLN R 627 -70.91 -6.57 68.93
CA GLN R 627 -70.64 -6.24 70.32
C GLN R 627 -70.19 -4.81 70.49
N LEU R 628 -69.40 -4.29 69.54
CA LEU R 628 -69.02 -2.88 69.66
C LEU R 628 -70.21 -1.96 69.39
N GLU R 629 -71.13 -2.38 68.53
CA GLU R 629 -72.36 -1.62 68.37
C GLU R 629 -73.11 -1.56 69.68
N LEU R 630 -73.19 -2.68 70.39
CA LEU R 630 -73.86 -2.67 71.69
C LEU R 630 -73.09 -1.80 72.69
N MET R 631 -71.75 -1.90 72.69
CA MET R 631 -70.91 -0.97 73.42
C MET R 631 -71.42 0.46 73.28
N LEU R 632 -71.43 0.93 72.04
CA LEU R 632 -71.76 2.34 71.81
C LEU R 632 -73.19 2.64 72.23
N LEU R 633 -74.13 1.77 71.87
CA LEU R 633 -75.54 2.03 72.17
C LEU R 633 -75.75 2.19 73.66
N GLN R 634 -75.23 1.25 74.44
CA GLN R 634 -75.43 1.31 75.88
C GLN R 634 -74.65 2.46 76.50
N ALA R 635 -73.40 2.67 76.07
CA ALA R 635 -72.62 3.76 76.63
C ALA R 635 -73.27 5.10 76.37
N GLN R 636 -74.04 5.23 75.31
CA GLN R 636 -74.68 6.53 75.12
C GLN R 636 -76.02 6.63 75.84
N ILE R 637 -76.98 5.75 75.53
CA ILE R 637 -78.29 5.90 76.15
C ILE R 637 -78.19 5.74 77.65
N GLU R 638 -77.51 4.69 78.10
CA GLU R 638 -77.58 4.32 79.50
C GLU R 638 -76.77 5.26 80.37
N ALA R 639 -75.59 5.68 79.91
CA ALA R 639 -74.73 6.46 80.79
C ALA R 639 -75.14 7.92 80.82
N GLU R 640 -75.07 8.59 79.68
CA GLU R 640 -75.05 10.05 79.69
C GLU R 640 -76.39 10.63 80.11
N ARG R 641 -77.49 10.14 79.53
CA ARG R 641 -78.80 10.65 79.90
C ARG R 641 -79.07 10.44 81.37
N ALA R 642 -78.68 9.29 81.90
CA ALA R 642 -78.84 9.04 83.32
C ALA R 642 -78.04 10.03 84.15
N ARG R 643 -76.81 10.34 83.73
CA ARG R 643 -76.02 11.34 84.46
C ARG R 643 -76.72 12.69 84.45
N ALA R 644 -77.28 13.07 83.30
CA ALA R 644 -77.99 14.34 83.24
C ALA R 644 -79.15 14.37 84.22
N ALA R 645 -79.95 13.30 84.22
CA ALA R 645 -81.08 13.26 85.13
C ALA R 645 -80.62 13.37 86.58
N HIS R 646 -79.55 12.66 86.92
CA HIS R 646 -79.04 12.70 88.28
C HIS R 646 -78.60 14.11 88.66
N TYR R 647 -77.89 14.79 87.77
CA TYR R 647 -77.41 16.13 88.09
C TYR R 647 -78.56 17.12 88.24
N MET R 648 -79.56 17.05 87.36
CA MET R 648 -80.69 17.96 87.51
C MET R 648 -81.43 17.70 88.82
N SER R 649 -81.58 16.44 89.19
CA SER R 649 -82.22 16.13 90.46
C SER R 649 -81.41 16.73 91.62
N GLY R 650 -80.10 16.60 91.57
CA GLY R 650 -79.27 17.19 92.61
C GLY R 650 -79.44 18.70 92.70
N ALA R 651 -79.49 19.37 91.55
CA ALA R 651 -79.67 20.81 91.55
C ALA R 651 -80.98 21.19 92.21
N GLY R 652 -82.06 20.49 91.85
CA GLY R 652 -83.34 20.74 92.49
C GLY R 652 -83.27 20.55 93.99
N LEU R 653 -82.57 19.51 94.43
CA LEU R 653 -82.45 19.26 95.86
C LEU R 653 -81.75 20.40 96.57
N GLN R 654 -80.67 20.92 95.99
CA GLN R 654 -79.98 22.05 96.63
C GLN R 654 -80.90 23.26 96.72
N ASP R 655 -81.60 23.55 95.62
CA ASP R 655 -82.51 24.69 95.64
C ASP R 655 -83.59 24.51 96.70
N SER R 656 -83.98 23.27 96.98
CA SER R 656 -84.89 23.04 98.09
C SER R 656 -84.22 23.30 99.43
N LYS R 657 -83.00 22.82 99.61
CA LYS R 657 -82.33 22.92 100.90
C LYS R 657 -82.09 24.37 101.33
N VAL R 658 -82.06 25.28 100.36
CA VAL R 658 -81.87 26.69 100.71
C VAL R 658 -82.89 27.15 101.74
N GLY R 659 -84.16 26.79 101.53
CA GLY R 659 -85.21 27.22 102.45
C GLY R 659 -85.00 26.70 103.86
N THR R 660 -84.60 25.44 103.99
CA THR R 660 -84.34 24.88 105.31
C THR R 660 -83.21 25.65 105.98
N GLU R 661 -82.21 26.06 105.20
CA GLU R 661 -81.16 26.89 105.79
C GLU R 661 -81.74 28.19 106.34
N GLN R 662 -82.61 28.83 105.58
CA GLN R 662 -83.25 30.06 106.05
C GLN R 662 -83.96 29.82 107.38
N ALA R 663 -84.75 28.75 107.43
CA ALA R 663 -85.53 28.47 108.64
C ALA R 663 -84.63 28.23 109.83
N LYS R 664 -83.54 27.49 109.64
CA LYS R 664 -82.61 27.24 110.73
C LYS R 664 -82.04 28.55 111.27
N ALA R 665 -81.66 29.45 110.35
CA ALA R 665 -81.12 30.73 110.78
C ALA R 665 -82.12 31.48 111.64
N ARG R 666 -83.37 31.55 111.18
CA ARG R 666 -84.38 32.29 111.92
C ARG R 666 -84.59 31.69 113.31
N ALA R 667 -84.70 30.36 113.38
CA ALA R 667 -84.96 29.71 114.66
C ALA R 667 -83.83 29.97 115.65
N LEU R 668 -82.58 29.86 115.18
CA LEU R 668 -81.47 30.12 116.10
C LEU R 668 -81.45 31.56 116.57
N ALA R 669 -81.79 32.50 115.69
CA ALA R 669 -81.88 33.88 116.14
C ALA R 669 -82.90 34.03 117.26
N SER R 670 -84.06 33.41 117.10
CA SER R 670 -85.08 33.50 118.13
C SER R 670 -84.60 32.91 119.46
N GLN R 671 -83.91 31.77 119.39
CA GLN R 671 -83.41 31.15 120.62
C GLN R 671 -82.40 32.06 121.32
N ALA R 672 -81.52 32.70 120.55
CA ALA R 672 -80.57 33.63 121.14
C ALA R 672 -81.29 34.77 121.82
N ASP R 673 -82.36 35.28 121.19
CA ASP R 673 -83.14 36.35 121.82
C ASP R 673 -83.72 35.89 123.16
N MET R 674 -84.27 34.68 123.20
CA MET R 674 -84.79 34.15 124.46
C MET R 674 -83.71 34.11 125.53
N THR R 675 -82.54 33.60 125.18
CA THR R 675 -81.46 33.51 126.15
C THR R 675 -81.06 34.88 126.68
N ASP R 676 -80.97 35.86 125.78
CA ASP R 676 -80.61 37.21 126.21
C ASP R 676 -81.67 37.78 127.15
N LEU R 677 -82.94 37.53 126.86
CA LEU R 677 -84.00 38.00 127.75
C LEU R 677 -83.86 37.41 129.14
N ASN R 678 -83.62 36.09 129.22
CA ASN R 678 -83.49 35.46 130.53
C ASN R 678 -82.29 36.00 131.28
N PHE R 679 -81.19 36.24 130.56
CA PHE R 679 -80.00 36.83 131.19
C PHE R 679 -80.33 38.20 131.78
N LEU R 680 -81.03 39.04 131.01
CA LEU R 680 -81.39 40.35 131.51
C LEU R 680 -82.27 40.25 132.76
N GLU R 681 -83.23 39.32 132.74
CA GLU R 681 -84.10 39.16 133.90
C GLU R 681 -83.31 38.75 135.14
N GLN R 682 -82.47 37.72 135.01
CA GLN R 682 -81.67 37.29 136.15
C GLN R 682 -80.78 38.40 136.66
N GLU R 683 -80.33 39.29 135.78
CA GLU R 683 -79.64 40.49 136.26
C GLU R 683 -80.67 41.49 136.72
N SER R 684 -81.13 41.33 137.96
CA SER R 684 -81.91 42.34 138.67
C SER R 684 -83.20 42.68 137.93
N GLY R 685 -84.09 41.71 137.84
CA GLY R 685 -85.43 41.99 137.38
C GLY R 685 -86.48 41.08 137.97
N VAL R 686 -87.51 40.81 137.17
CA VAL R 686 -88.64 40.00 137.60
C VAL R 686 -88.18 38.64 138.10
N GLN R 687 -87.02 38.17 137.64
CA GLN R 687 -86.52 36.85 138.01
C GLN R 687 -86.53 36.67 139.53
N GLN R 688 -85.95 37.63 140.25
CA GLN R 688 -85.98 37.58 141.70
C GLN R 688 -86.89 38.64 142.31
N ALA R 689 -87.61 39.40 141.48
CA ALA R 689 -88.64 40.29 141.99
C ALA R 689 -89.95 39.53 142.23
N ARG R 690 -90.45 38.86 141.19
CA ARG R 690 -91.76 38.25 141.29
C ARG R 690 -91.75 36.98 142.13
N LYS R 691 -90.73 36.13 141.97
CA LYS R 691 -90.82 34.77 142.45
C LYS R 691 -91.09 34.67 143.94
N ARG R 692 -90.71 35.68 144.72
CA ARG R 692 -91.24 35.75 146.08
C ARG R 692 -92.57 36.49 146.10
N GLU R 693 -92.60 37.69 145.50
CA GLU R 693 -93.79 38.53 145.47
C GLU R 693 -95.07 37.73 145.27
N LEU R 694 -95.09 36.90 144.23
CA LEU R 694 -96.27 36.09 143.92
C LEU R 694 -96.76 35.34 145.16
N GLN R 695 -95.93 34.44 145.67
CA GLN R 695 -96.39 33.54 146.72
C GLN R 695 -96.62 34.30 148.03
N GLN R 696 -95.72 35.21 148.39
CA GLN R 696 -95.89 35.92 149.66
C GLN R 696 -97.16 36.74 149.64
N ALA R 697 -97.38 37.53 148.59
CA ALA R 697 -98.58 38.36 148.53
C ALA R 697 -99.83 37.49 148.50
N GLN R 698 -99.84 36.44 147.68
CA GLN R 698 -101.04 35.62 147.57
C GLN R 698 -101.37 34.96 148.90
N SER R 699 -100.40 34.27 149.49
CA SER R 699 -100.65 33.54 150.73
C SER R 699 -101.04 34.51 151.84
N GLU R 700 -100.29 35.60 152.00
CA GLU R 700 -100.58 36.55 153.07
C GLU R 700 -101.97 37.15 152.90
N ALA R 701 -102.28 37.65 151.69
CA ALA R 701 -103.57 38.30 151.48
C ALA R 701 -104.71 37.31 151.68
N GLN R 702 -104.59 36.11 151.13
CA GLN R 702 -105.66 35.13 151.25
C GLN R 702 -105.89 34.75 152.71
N GLY R 703 -104.81 34.38 153.42
CA GLY R 703 -104.96 34.00 154.80
C GLY R 703 -105.50 35.12 155.66
N LYS R 704 -105.01 36.34 155.44
CA LYS R 704 -105.46 37.48 156.22
C LYS R 704 -106.93 37.78 155.97
N LEU R 705 -107.36 37.74 154.71
CA LEU R 705 -108.76 38.03 154.42
C LEU R 705 -109.68 36.95 154.98
N ALA R 706 -109.29 35.67 154.85
CA ALA R 706 -110.10 34.60 155.42
C ALA R 706 -110.18 34.71 156.93
N MET R 707 -109.05 34.99 157.58
CA MET R 707 -109.03 35.05 159.04
C MET R 707 -109.70 36.31 159.56
N LEU R 708 -109.71 37.39 158.77
CA LEU R 708 -110.51 38.55 159.12
C LEU R 708 -111.99 38.26 158.97
N ASN R 709 -112.37 37.50 157.95
CA ASN R 709 -113.74 37.02 157.85
C ASN R 709 -114.10 36.09 158.98
N SER R 710 -113.10 35.47 159.62
CA SER R 710 -113.37 34.63 160.79
C SER R 710 -114.02 35.44 161.91
N GLN R 711 -113.53 36.66 162.17
CA GLN R 711 -114.15 37.48 163.20
C GLN R 711 -115.55 37.92 162.79
N LEU R 712 -115.79 38.12 161.50
CA LEU R 712 -117.15 38.41 161.04
C LEU R 712 -118.08 37.23 161.30
N LYS R 713 -117.61 36.01 161.02
CA LYS R 713 -118.40 34.83 161.31
C LYS R 713 -118.67 34.71 162.80
N ARG R 714 -117.67 35.00 163.63
CA ARG R 714 -117.86 34.93 165.08
C ARG R 714 -118.82 35.99 165.58
N LEU R 715 -118.78 37.19 164.99
CA LEU R 715 -119.74 38.23 165.35
C LEU R 715 -121.15 37.81 164.97
N ASP R 716 -121.30 37.16 163.81
CA ASP R 716 -122.60 36.61 163.45
C ASP R 716 -123.04 35.53 164.44
N GLU R 717 -122.09 34.69 164.86
CA GLU R 717 -122.39 33.70 165.90
C GLU R 717 -122.93 34.37 167.15
N ALA R 718 -122.25 35.42 167.61
CA ALA R 718 -122.66 36.10 168.84
C ALA R 718 -124.03 36.75 168.68
N THR R 719 -124.27 37.40 167.54
CA THR R 719 -125.55 38.09 167.33
C THR R 719 -126.69 37.14 167.01
N SER R 720 -126.41 35.89 166.66
CA SER R 720 -127.46 34.92 166.38
C SER R 720 -127.75 34.02 167.57
N ALA R 721 -126.75 33.31 168.07
CA ALA R 721 -126.94 32.38 169.19
C ALA R 721 -125.69 32.31 170.06
N ALA S 2 56.18 17.18 -113.32
CA ALA S 2 54.99 16.46 -112.86
C ALA S 2 55.08 16.18 -111.37
N VAL S 3 55.85 16.99 -110.66
CA VAL S 3 56.10 16.81 -109.24
C VAL S 3 55.34 17.88 -108.49
N GLU S 4 54.17 17.52 -107.97
CA GLU S 4 53.43 18.41 -107.11
C GLU S 4 53.82 18.12 -105.67
N PRO S 5 54.37 19.09 -104.93
CA PRO S 5 54.86 18.79 -103.57
C PRO S 5 53.71 18.79 -102.60
N ILE S 6 53.47 17.64 -101.96
CA ILE S 6 52.45 17.57 -100.94
C ILE S 6 52.94 18.28 -99.69
N THR S 7 52.11 19.17 -99.15
CA THR S 7 52.53 20.03 -98.06
C THR S 7 51.52 19.94 -96.92
N ILE S 8 51.84 20.67 -95.85
CA ILE S 8 50.93 20.74 -94.71
C ILE S 8 49.61 21.34 -95.15
N ALA S 9 49.64 22.29 -96.08
CA ALA S 9 48.40 22.83 -96.62
C ALA S 9 47.58 21.75 -97.31
N ASP S 10 48.26 20.86 -98.04
CA ASP S 10 47.57 19.74 -98.67
C ASP S 10 46.93 18.85 -97.62
N LEU S 11 47.65 18.57 -96.52
CA LEU S 11 47.06 17.73 -95.48
C LEU S 11 45.87 18.43 -94.84
N THR S 12 46.06 19.65 -94.36
CA THR S 12 44.99 20.44 -93.77
C THR S 12 45.39 21.90 -93.65
N GLU S 13 44.57 22.79 -94.20
CA GLU S 13 44.70 24.20 -93.86
C GLU S 13 43.95 24.45 -92.55
N VAL S 14 44.33 25.53 -91.88
CA VAL S 14 43.94 25.68 -90.48
C VAL S 14 42.44 25.95 -90.34
N LYS S 15 41.78 26.46 -91.38
CA LYS S 15 40.38 26.82 -91.28
C LYS S 15 39.51 25.59 -91.01
N LEU S 16 38.39 25.81 -90.33
CA LEU S 16 37.46 24.73 -90.05
C LEU S 16 36.85 24.18 -91.33
N ASP S 17 36.47 25.05 -92.27
CA ASP S 17 35.80 24.65 -93.48
C ASP S 17 36.76 24.42 -94.64
N GLY S 18 38.02 24.13 -94.36
CA GLY S 18 39.00 23.96 -95.41
C GLY S 18 38.75 22.72 -96.25
N LYS S 19 39.69 22.45 -97.14
CA LYS S 19 39.62 21.32 -98.05
C LYS S 19 40.65 20.26 -97.74
N GLY S 20 41.35 20.37 -96.61
CA GLY S 20 42.28 19.33 -96.23
C GLY S 20 41.60 18.02 -95.95
N ALA S 21 42.37 16.94 -96.09
CA ALA S 21 41.81 15.61 -95.89
C ALA S 21 41.28 15.45 -94.47
N LEU S 22 42.07 15.88 -93.49
CA LEU S 22 41.62 15.83 -92.10
C LEU S 22 40.34 16.63 -91.93
N ASP S 23 40.29 17.82 -92.53
CA ASP S 23 39.12 18.66 -92.38
C ASP S 23 37.88 17.99 -92.93
N GLN S 24 37.98 17.38 -94.10
CA GLN S 24 36.78 16.81 -94.70
C GLN S 24 36.35 15.53 -94.01
N LEU S 25 37.32 14.75 -93.52
CA LEU S 25 36.94 13.59 -92.72
C LEU S 25 36.21 14.00 -91.45
N LEU S 26 36.71 15.03 -90.78
CA LEU S 26 36.01 15.52 -89.60
C LEU S 26 34.63 16.04 -89.96
N GLN S 27 34.50 16.71 -91.11
CA GLN S 27 33.20 17.21 -91.52
C GLN S 27 32.21 16.09 -91.75
N VAL S 28 32.63 15.01 -92.41
CA VAL S 28 31.67 13.93 -92.66
C VAL S 28 31.30 13.24 -91.35
N THR S 29 32.25 13.09 -90.44
CA THR S 29 31.91 12.55 -89.13
C THR S 29 30.89 13.44 -88.43
N ARG S 30 31.09 14.75 -88.50
CA ARG S 30 30.15 15.68 -87.90
C ARG S 30 28.77 15.54 -88.51
N LEU S 31 28.69 15.36 -89.83
CA LEU S 31 27.38 15.23 -90.46
C LEU S 31 26.66 13.98 -89.99
N HIS S 32 27.38 12.86 -89.92
CA HIS S 32 26.73 11.64 -89.46
C HIS S 32 26.24 11.78 -88.03
N LEU S 33 27.08 12.34 -87.16
CA LEU S 33 26.65 12.54 -85.78
C LEU S 33 25.48 13.52 -85.70
N ALA S 34 25.47 14.54 -86.55
CA ALA S 34 24.39 15.51 -86.51
C ALA S 34 23.07 14.88 -86.90
N LYS S 35 23.07 14.05 -87.94
CA LYS S 35 21.83 13.36 -88.27
C LYS S 35 21.41 12.43 -87.14
N GLU S 36 22.37 11.75 -86.52
CA GLU S 36 22.02 10.87 -85.42
C GLU S 36 21.36 11.64 -84.28
N HIS S 37 21.89 12.81 -83.96
CA HIS S 37 21.31 13.61 -82.89
C HIS S 37 19.96 14.18 -83.29
N ASP S 38 19.80 14.53 -84.56
CA ASP S 38 18.52 15.05 -85.01
C ASP S 38 17.43 14.01 -84.86
N ALA S 39 17.73 12.77 -85.24
CA ALA S 39 16.85 11.71 -84.79
C ALA S 39 17.01 11.52 -83.29
N GLY S 40 15.97 11.01 -82.64
CA GLY S 40 16.03 10.91 -81.20
C GLY S 40 16.95 9.81 -80.72
N ARG S 41 18.26 9.95 -80.93
CA ARG S 41 19.17 8.87 -80.56
C ARG S 41 20.45 9.31 -79.88
N LEU S 42 20.81 10.58 -79.87
CA LEU S 42 22.02 11.03 -79.20
C LEU S 42 21.73 12.26 -78.35
N LYS S 43 22.30 12.29 -77.17
CA LYS S 43 22.33 13.53 -76.41
C LYS S 43 23.51 14.38 -76.86
N GLY S 44 23.54 15.62 -76.40
CA GLY S 44 24.58 16.53 -76.83
C GLY S 44 25.94 16.28 -76.25
N GLN S 45 26.11 15.25 -75.43
CA GLN S 45 27.39 14.97 -74.79
C GLN S 45 28.12 13.78 -75.40
N GLU S 46 27.40 12.72 -75.78
CA GLU S 46 28.05 11.67 -76.55
C GLU S 46 28.58 12.22 -77.86
N TYR S 47 27.92 13.24 -78.40
CA TYR S 47 28.42 13.90 -79.61
C TYR S 47 29.84 14.39 -79.41
N ALA S 48 30.12 15.02 -78.27
CA ALA S 48 31.47 15.50 -78.01
C ALA S 48 32.41 14.35 -77.68
N ALA S 49 31.92 13.37 -76.92
CA ALA S 49 32.78 12.28 -76.49
C ALA S 49 33.32 11.51 -77.68
N VAL S 50 32.44 11.17 -78.62
CA VAL S 50 32.86 10.38 -79.77
C VAL S 50 33.89 11.14 -80.59
N LEU S 51 33.63 12.42 -80.84
CA LEU S 51 34.55 13.22 -81.65
C LEU S 51 35.93 13.30 -81.01
N THR S 52 35.96 13.63 -79.72
CA THR S 52 37.24 13.76 -79.04
C THR S 52 37.99 12.44 -79.02
N GLY S 53 37.27 11.33 -78.82
CA GLY S 53 37.93 10.04 -78.90
C GLY S 53 38.48 9.76 -80.28
N GLY S 54 37.78 10.20 -81.33
CA GLY S 54 38.17 9.83 -82.68
C GLY S 54 39.32 10.63 -83.24
N ILE S 55 39.52 11.85 -82.75
CA ILE S 55 40.47 12.79 -83.36
C ILE S 55 41.78 12.15 -83.80
N THR S 56 42.48 11.49 -82.89
CA THR S 56 43.82 11.01 -83.21
C THR S 56 43.79 9.85 -84.21
N ALA S 57 42.81 8.96 -84.09
CA ALA S 57 42.72 7.87 -85.05
C ALA S 57 42.42 8.41 -86.45
N VAL S 58 41.54 9.39 -86.54
CA VAL S 58 41.26 10.01 -87.84
C VAL S 58 42.53 10.63 -88.40
N LEU S 59 43.31 11.31 -87.55
CA LEU S 59 44.56 11.90 -88.02
C LEU S 59 45.48 10.84 -88.58
N GLN S 60 45.65 9.73 -87.85
CA GLN S 60 46.55 8.68 -88.31
C GLN S 60 46.09 8.11 -89.63
N ASN S 61 44.78 7.87 -89.78
CA ASN S 61 44.28 7.33 -91.03
C ASN S 61 44.51 8.29 -92.19
N ALA S 62 44.29 9.59 -91.97
CA ALA S 62 44.51 10.55 -93.04
C ALA S 62 45.98 10.60 -93.45
N VAL S 63 46.88 10.55 -92.48
CA VAL S 63 48.30 10.55 -92.81
C VAL S 63 48.65 9.31 -93.61
N MET S 64 48.13 8.16 -93.20
CA MET S 64 48.34 6.95 -93.99
C MET S 64 47.82 7.11 -95.41
N PHE S 65 46.68 7.79 -95.55
CA PHE S 65 46.06 7.90 -96.87
C PHE S 65 46.87 8.76 -97.81
N LEU S 66 47.32 9.93 -97.34
CA LEU S 66 47.96 10.88 -98.24
C LEU S 66 49.24 10.30 -98.85
N LEU S 67 50.04 9.60 -98.05
CA LEU S 67 51.31 9.12 -98.55
C LEU S 67 51.14 8.10 -99.66
N GLN S 68 50.21 7.16 -99.50
CA GLN S 68 50.05 6.10 -100.48
C GLN S 68 49.06 6.43 -101.58
N LYS S 69 48.32 7.53 -101.46
CA LYS S 69 47.25 7.81 -102.42
C LYS S 69 47.74 7.88 -103.85
N ASP S 70 48.60 8.85 -104.13
CA ASP S 70 48.87 9.24 -105.52
C ASP S 70 49.54 8.13 -106.31
N GLU S 71 50.56 7.48 -105.74
CA GLU S 71 51.41 6.61 -106.55
C GLU S 71 50.72 5.30 -106.94
N ALA S 72 49.62 4.95 -106.28
CA ALA S 72 48.96 3.69 -106.59
C ALA S 72 48.43 3.67 -108.02
N ALA S 73 47.78 4.74 -108.44
CA ALA S 73 47.28 4.80 -109.81
C ALA S 73 48.42 4.72 -110.81
N ASN S 74 49.53 5.40 -110.52
CA ASN S 74 50.69 5.33 -111.39
C ASN S 74 51.19 3.90 -111.49
N LYS S 75 51.24 3.19 -110.36
CA LYS S 75 51.68 1.80 -110.39
C LYS S 75 50.76 0.96 -111.26
N ALA S 76 49.46 1.19 -111.16
CA ALA S 76 48.52 0.41 -111.96
C ALA S 76 48.73 0.66 -113.45
N ALA S 77 48.91 1.93 -113.84
CA ALA S 77 49.14 2.23 -115.23
C ALA S 77 50.42 1.58 -115.73
N LEU S 78 51.46 1.60 -114.89
CA LEU S 78 52.70 0.93 -115.26
C LEU S 78 52.45 -0.55 -115.49
N VAL S 79 51.64 -1.17 -114.65
CA VAL S 79 51.39 -2.60 -114.78
C VAL S 79 50.67 -2.89 -116.10
N GLU S 80 49.66 -2.09 -116.45
CA GLU S 80 48.96 -2.39 -117.70
C GLU S 80 49.85 -2.15 -118.91
N ALA S 81 50.73 -1.15 -118.83
CA ALA S 81 51.70 -0.98 -119.91
C ALA S 81 52.58 -2.21 -120.05
N GLN S 82 53.02 -2.77 -118.92
CA GLN S 82 53.79 -4.02 -118.98
C GLN S 82 52.96 -5.15 -119.58
N ILE S 83 51.65 -5.14 -119.35
CA ILE S 83 50.78 -6.15 -119.94
C ILE S 83 50.88 -6.09 -121.46
N LYS S 84 50.74 -4.88 -122.01
CA LYS S 84 50.86 -4.74 -123.46
C LYS S 84 52.24 -5.16 -123.95
N LEU S 85 53.27 -4.82 -123.19
CA LEU S 85 54.62 -5.21 -123.57
C LEU S 85 54.76 -6.73 -123.66
N THR S 86 54.22 -7.44 -122.67
CA THR S 86 54.26 -8.90 -122.71
C THR S 86 53.46 -9.44 -123.88
N GLU S 87 52.35 -8.80 -124.22
CA GLU S 87 51.62 -9.18 -125.42
C GLU S 87 52.56 -9.19 -126.62
N LYS S 88 53.30 -8.09 -126.78
CA LYS S 88 54.16 -7.97 -127.95
C LYS S 88 55.32 -8.96 -127.91
N GLN S 89 55.88 -9.22 -126.72
CA GLN S 89 56.94 -10.23 -126.64
C GLN S 89 56.41 -11.60 -127.04
N GLY S 90 55.20 -11.94 -126.61
CA GLY S 90 54.62 -13.21 -127.01
C GLY S 90 54.45 -13.29 -128.51
N GLU S 91 53.99 -12.21 -129.13
CA GLU S 91 53.86 -12.21 -130.58
C GLU S 91 55.20 -12.44 -131.26
N LEU S 92 56.24 -11.76 -130.76
CA LEU S 92 57.57 -11.93 -131.36
C LEU S 92 58.04 -13.37 -131.25
N LEU S 93 57.80 -14.03 -130.11
CA LEU S 93 58.22 -15.42 -129.99
C LEU S 93 57.41 -16.33 -130.90
N ASP S 94 56.14 -15.99 -131.12
CA ASP S 94 55.34 -16.72 -132.09
C ASP S 94 55.97 -16.61 -133.47
N LYS S 95 56.51 -15.45 -133.79
CA LYS S 95 57.29 -15.33 -135.03
C LYS S 95 58.56 -16.16 -134.97
N GLN S 96 59.16 -16.24 -133.78
CA GLN S 96 60.44 -16.92 -133.60
C GLN S 96 60.36 -18.40 -133.95
N ILE S 97 59.29 -19.06 -133.51
CA ILE S 97 59.21 -20.51 -133.70
C ILE S 97 59.17 -20.83 -135.20
N ALA S 98 58.33 -20.11 -135.94
CA ALA S 98 58.24 -20.34 -137.37
C ALA S 98 59.54 -19.99 -138.07
N GLN S 99 60.19 -18.90 -137.65
CA GLN S 99 61.47 -18.54 -138.24
C GLN S 99 62.48 -19.67 -138.09
N ALA S 100 62.60 -20.21 -136.88
CA ALA S 100 63.56 -21.29 -136.65
C ALA S 100 63.20 -22.53 -137.45
N ASP S 101 61.92 -22.87 -137.50
CA ASP S 101 61.50 -24.06 -138.22
C ASP S 101 61.85 -23.94 -139.69
N LYS S 102 61.66 -22.76 -140.27
CA LYS S 102 62.11 -22.54 -141.65
C LYS S 102 63.63 -22.58 -141.75
N ASP S 103 64.33 -22.12 -140.72
CA ASP S 103 65.78 -22.14 -140.70
C ASP S 103 66.36 -23.54 -140.54
N ALA S 104 65.52 -24.54 -140.28
CA ALA S 104 66.00 -25.86 -139.89
C ALA S 104 67.07 -26.41 -140.84
N GLU S 105 66.83 -26.37 -142.14
CA GLU S 105 67.63 -27.18 -143.08
C GLU S 105 68.94 -26.53 -143.50
N LEU S 106 69.20 -25.28 -143.13
CA LEU S 106 70.47 -24.66 -143.48
C LEU S 106 71.64 -25.48 -142.95
N ILE S 107 71.48 -26.06 -141.77
CA ILE S 107 72.53 -26.91 -141.23
C ILE S 107 72.73 -28.14 -142.10
N ALA S 108 71.65 -28.67 -142.68
CA ALA S 108 71.78 -29.80 -143.59
C ALA S 108 72.54 -29.41 -144.85
N ALA S 109 72.27 -28.21 -145.36
CA ALA S 109 73.06 -27.72 -146.49
C ALA S 109 74.53 -27.63 -146.14
N LYS S 110 74.82 -27.09 -144.95
CA LYS S 110 76.21 -27.01 -144.48
C LYS S 110 76.82 -28.40 -144.38
N VAL S 111 76.01 -29.37 -143.93
CA VAL S 111 76.46 -30.76 -143.87
C VAL S 111 76.89 -31.23 -145.24
N LYS S 112 76.08 -30.94 -146.26
CA LYS S 112 76.43 -31.40 -147.60
C LYS S 112 77.71 -30.72 -148.08
N LEU S 113 77.86 -29.43 -147.78
CA LEU S 113 79.14 -28.75 -148.06
C LEU S 113 80.31 -29.53 -147.48
N THR S 114 80.20 -29.86 -146.19
CA THR S 114 81.29 -30.56 -145.52
C THR S 114 81.55 -31.91 -146.19
N LEU S 115 80.49 -32.67 -146.46
CA LEU S 115 80.63 -33.99 -147.07
C LEU S 115 81.38 -33.91 -148.39
N GLU S 116 80.93 -33.02 -149.28
CA GLU S 116 81.56 -32.91 -150.60
C GLU S 116 83.01 -32.47 -150.48
N GLN S 117 83.27 -31.46 -149.65
CA GLN S 117 84.63 -30.94 -149.51
C GLN S 117 85.56 -32.00 -148.97
N ALA S 118 85.11 -32.78 -147.98
CA ALA S 118 85.95 -33.83 -147.43
C ALA S 118 86.20 -34.92 -148.45
N LYS S 119 85.14 -35.40 -149.11
CA LYS S 119 85.28 -36.53 -150.01
C LYS S 119 86.20 -36.21 -151.16
N LEU S 120 85.95 -35.11 -151.87
CA LEU S 120 86.71 -34.87 -153.09
C LEU S 120 88.12 -34.37 -152.81
N PRO S 121 88.24 -33.21 -152.14
CA PRO S 121 89.50 -32.47 -152.18
C PRO S 121 90.69 -33.21 -151.59
N ASP S 122 90.56 -33.67 -150.35
CA ASP S 122 91.71 -34.25 -149.66
C ASP S 122 92.29 -35.43 -150.43
N SER S 123 91.48 -36.47 -150.65
CA SER S 123 91.99 -37.67 -151.30
C SER S 123 92.42 -37.40 -152.73
N GLN S 124 91.61 -36.63 -153.49
CA GLN S 124 91.95 -36.38 -154.88
C GLN S 124 93.29 -35.66 -155.00
N ILE S 125 93.46 -34.58 -154.23
CA ILE S 125 94.71 -33.82 -154.26
C ILE S 125 95.86 -34.71 -153.81
N ARG S 126 95.67 -35.47 -152.74
CA ARG S 126 96.74 -36.34 -152.26
C ARG S 126 97.23 -37.25 -153.37
N SER S 127 96.33 -38.05 -153.94
CA SER S 127 96.74 -39.04 -154.94
C SER S 127 97.36 -38.37 -156.15
N ALA S 128 96.65 -37.40 -156.74
CA ALA S 128 97.10 -36.81 -158.00
C ALA S 128 98.41 -36.08 -157.82
N GLY S 129 98.50 -35.22 -156.79
CA GLY S 129 99.72 -34.49 -156.56
C GLY S 129 100.89 -35.41 -156.26
N PHE S 130 100.69 -36.43 -155.43
CA PHE S 130 101.78 -37.33 -155.11
C PHE S 130 102.32 -37.99 -156.37
N GLN S 131 101.44 -38.60 -157.17
CA GLN S 131 101.90 -39.31 -158.36
C GLN S 131 102.58 -38.36 -159.34
N ASP S 132 101.93 -37.23 -159.63
CA ASP S 132 102.48 -36.30 -160.62
C ASP S 132 103.81 -35.75 -160.17
N LEU S 133 103.90 -35.30 -158.91
CA LEU S 133 105.14 -34.72 -158.41
C LEU S 133 106.26 -35.74 -158.42
N LEU S 134 106.00 -36.97 -157.97
CA LEU S 134 107.04 -37.98 -157.94
C LEU S 134 107.56 -38.28 -159.33
N VAL S 135 106.64 -38.50 -160.29
CA VAL S 135 107.06 -38.85 -161.64
C VAL S 135 107.84 -37.70 -162.27
N GLN S 136 107.32 -36.48 -162.14
CA GLN S 136 107.96 -35.33 -162.75
C GLN S 136 109.33 -35.07 -162.12
N GLU S 137 109.44 -35.23 -160.80
CA GLU S 137 110.71 -35.01 -160.13
C GLU S 137 111.75 -36.03 -160.59
N GLN S 138 111.36 -37.30 -160.68
CA GLN S 138 112.30 -38.32 -161.13
C GLN S 138 112.76 -38.05 -162.56
N THR S 139 111.80 -37.72 -163.44
CA THR S 139 112.14 -37.44 -164.83
C THR S 139 113.04 -36.23 -164.95
N LYS S 140 112.74 -35.17 -164.18
CA LYS S 140 113.55 -33.95 -164.23
C LYS S 140 114.96 -34.20 -163.69
N VAL S 141 115.08 -34.99 -162.63
CA VAL S 141 116.40 -35.31 -162.10
C VAL S 141 117.22 -36.07 -163.14
N GLN S 142 116.60 -37.07 -163.78
CA GLN S 142 117.31 -37.82 -164.81
C GLN S 142 117.71 -36.91 -165.97
N THR S 143 116.81 -36.03 -166.41
CA THR S 143 117.11 -35.14 -167.50
C THR S 143 118.24 -34.18 -167.14
N ALA S 144 118.24 -33.68 -165.90
CA ALA S 144 119.31 -32.78 -165.47
C ALA S 144 120.64 -33.50 -165.45
N GLN S 145 120.66 -34.74 -164.97
CA GLN S 145 121.91 -35.51 -164.99
C GLN S 145 122.41 -35.73 -166.41
N THR S 146 121.49 -36.07 -167.33
CA THR S 146 121.88 -36.28 -168.72
C THR S 146 122.41 -34.99 -169.35
N ARG S 147 121.75 -33.86 -169.05
CA ARG S 147 122.20 -32.58 -169.59
C ARG S 147 123.57 -32.21 -169.03
N ARG S 148 123.81 -32.50 -167.75
CA ARG S 148 125.12 -32.24 -167.17
C ARG S 148 126.19 -33.09 -167.86
N ILE S 149 125.89 -34.36 -168.11
CA ILE S 149 126.84 -35.22 -168.80
C ILE S 149 127.14 -34.70 -170.20
N ASP S 150 126.09 -34.31 -170.93
CA ASP S 150 126.29 -33.81 -172.29
C ASP S 150 127.08 -32.52 -172.30
N GLN S 151 126.79 -31.61 -171.37
CA GLN S 151 127.54 -30.36 -171.28
C GLN S 151 129.00 -30.63 -170.95
N GLU S 152 129.27 -31.57 -170.04
CA GLU S 152 130.64 -31.93 -169.73
C GLU S 152 131.36 -32.50 -170.95
N ILE S 153 130.66 -33.34 -171.72
CA ILE S 153 131.27 -33.91 -172.92
C ILE S 153 131.59 -32.81 -173.93
N LEU S 154 130.66 -31.88 -174.13
CA LEU S 154 130.90 -30.78 -175.05
C LEU S 154 132.06 -29.91 -174.59
N SER S 155 132.12 -29.63 -173.29
CA SER S 155 133.22 -28.82 -172.76
C SER S 155 134.56 -29.52 -172.93
N ALA S 156 134.60 -30.83 -172.68
CA ALA S 156 135.83 -31.58 -172.88
C ALA S 156 136.25 -31.59 -174.34
N GLY S 157 135.28 -31.74 -175.26
CA GLY S 157 135.62 -31.67 -176.67
C GLY S 157 136.11 -30.31 -177.09
N PHE S 158 135.56 -29.26 -176.48
CA PHE S 158 135.96 -27.89 -176.80
C PHE S 158 137.40 -27.62 -176.39
N THR T 2 -4.25 33.25 -63.38
CA THR T 2 -3.64 31.93 -63.28
C THR T 2 -3.10 31.49 -64.63
N ILE T 3 -2.60 32.43 -65.41
CA ILE T 3 -2.24 32.17 -66.80
C ILE T 3 -0.76 32.45 -67.00
N GLN T 4 -0.21 31.81 -68.02
CA GLN T 4 1.17 32.04 -68.46
C GLN T 4 1.23 31.92 -69.97
N LEU T 5 2.01 32.81 -70.58
CA LEU T 5 2.22 32.71 -72.02
C LEU T 5 3.02 31.47 -72.34
N LYS T 6 2.57 30.72 -73.35
CA LYS T 6 3.32 29.55 -73.80
C LYS T 6 4.74 29.92 -74.20
N GLN T 7 4.94 31.15 -74.67
CA GLN T 7 6.25 31.59 -75.11
C GLN T 7 7.28 31.45 -73.99
N VAL T 8 6.95 31.98 -72.81
CA VAL T 8 7.89 31.94 -71.70
C VAL T 8 8.20 30.50 -71.32
N ILE T 9 7.19 29.64 -71.35
CA ILE T 9 7.39 28.24 -70.98
C ILE T 9 8.40 27.60 -71.90
N ASP T 10 8.22 27.79 -73.21
CA ASP T 10 9.13 27.16 -74.15
C ASP T 10 10.53 27.73 -74.04
N LEU T 11 10.63 29.06 -73.86
CA LEU T 11 11.95 29.65 -73.72
C LEU T 11 12.68 29.09 -72.52
N LEU T 12 11.98 28.87 -71.41
CA LEU T 12 12.64 28.31 -70.25
C LEU T 12 12.97 26.83 -70.45
N ALA T 13 12.04 26.06 -71.01
CA ALA T 13 12.28 24.65 -71.22
C ALA T 13 13.41 24.41 -72.20
N GLU T 14 13.77 25.43 -72.98
CA GLU T 14 15.01 25.37 -73.74
C GLU T 14 16.21 25.12 -72.82
N GLY T 15 16.20 25.69 -71.63
CA GLY T 15 17.35 25.59 -70.75
C GLY T 15 17.56 24.23 -70.12
N GLU T 16 16.58 23.33 -70.25
CA GLU T 16 16.71 21.98 -69.72
C GLU T 16 16.52 20.90 -70.77
N LEU T 17 15.99 21.24 -71.93
CA LEU T 17 15.92 20.32 -73.06
C LEU T 17 17.01 20.60 -74.08
N SER T 18 18.05 21.34 -73.68
CA SER T 18 19.09 21.73 -74.63
C SER T 18 19.93 20.55 -75.10
N ASN T 19 19.85 19.42 -74.42
CA ASN T 19 20.66 18.27 -74.80
C ASN T 19 20.15 17.55 -76.03
N ILE T 20 18.87 17.71 -76.38
CA ILE T 20 18.22 16.72 -77.22
C ILE T 20 17.57 17.35 -78.44
N LYS T 21 16.86 16.53 -79.21
CA LYS T 21 16.33 16.95 -80.49
C LYS T 21 15.24 18.00 -80.36
N TYR T 22 14.51 18.01 -79.24
CA TYR T 22 13.22 18.69 -79.18
C TYR T 22 13.33 20.15 -79.55
N VAL T 23 14.45 20.78 -79.25
CA VAL T 23 14.47 22.23 -79.27
C VAL T 23 15.68 22.75 -80.01
N ASN T 24 16.60 21.87 -80.36
CA ASN T 24 17.90 22.37 -80.80
C ASN T 24 18.36 21.71 -82.08
N ILE T 25 18.69 22.55 -83.06
CA ILE T 25 19.65 22.17 -84.08
C ILE T 25 21.02 22.15 -83.43
N ASP T 26 21.86 21.19 -83.84
CA ASP T 26 23.19 21.11 -83.26
C ASP T 26 23.97 22.40 -83.48
N THR T 27 23.68 23.11 -84.56
CA THR T 27 24.33 24.38 -84.87
C THR T 27 23.31 25.50 -84.76
N GLY T 28 23.64 26.53 -83.98
CA GLY T 28 22.72 27.62 -83.77
C GLY T 28 21.42 27.13 -83.17
N ALA T 29 21.48 26.70 -81.91
CA ALA T 29 20.36 26.04 -81.26
C ALA T 29 19.10 26.89 -81.28
N LEU T 30 18.09 26.46 -82.03
CA LEU T 30 16.84 27.19 -82.15
C LEU T 30 15.69 26.21 -82.16
N VAL T 31 14.54 26.64 -81.63
CA VAL T 31 13.42 25.74 -81.43
C VAL T 31 12.99 25.15 -82.76
N LEU T 32 12.75 23.84 -82.77
CA LEU T 32 12.25 23.15 -83.94
C LEU T 32 10.74 23.32 -84.08
N GLU T 33 10.12 22.47 -84.89
CA GLU T 33 8.67 22.47 -85.01
C GLU T 33 8.08 21.14 -84.57
N ARG T 34 8.52 20.66 -83.41
CA ARG T 34 7.85 19.61 -82.66
C ARG T 34 6.96 20.20 -81.55
N VAL T 35 6.63 21.47 -81.69
CA VAL T 35 5.79 22.19 -80.76
C VAL T 35 4.47 21.46 -80.52
N PRO T 36 3.84 20.85 -81.52
CA PRO T 36 2.66 20.03 -81.23
C PRO T 36 2.89 18.98 -80.16
N SER T 37 3.96 18.20 -80.28
CA SER T 37 4.25 17.19 -79.27
C SER T 37 4.55 17.83 -77.92
N LEU T 38 5.28 18.94 -77.91
CA LEU T 38 5.55 19.60 -76.65
C LEU T 38 4.26 20.04 -75.96
N ILE T 39 3.32 20.60 -76.72
CA ILE T 39 2.06 21.03 -76.13
C ILE T 39 1.30 19.82 -75.59
N ARG T 40 1.29 18.73 -76.36
CA ARG T 40 0.58 17.55 -75.88
C ARG T 40 1.18 17.03 -74.58
N ALA T 41 2.48 17.19 -74.38
CA ALA T 41 3.07 16.80 -73.11
C ALA T 41 2.70 17.77 -72.00
N ILE T 42 2.74 19.08 -72.30
CA ILE T 42 2.48 20.08 -71.27
C ILE T 42 1.06 19.95 -70.74
N ASN T 43 0.11 19.63 -71.61
CA ASN T 43 -1.26 19.47 -71.15
C ASN T 43 -1.37 18.34 -70.13
N LEU T 44 -0.70 17.22 -70.41
CA LEU T 44 -0.69 16.12 -69.45
C LEU T 44 -0.08 16.55 -68.13
N GLY T 45 1.01 17.32 -68.19
CA GLY T 45 1.60 17.82 -66.95
C GLY T 45 0.64 18.66 -66.14
N VAL T 46 -0.07 19.55 -66.80
CA VAL T 46 -1.03 20.41 -66.10
C VAL T 46 -2.11 19.56 -65.45
N LEU T 47 -2.60 18.55 -66.17
CA LEU T 47 -3.61 17.69 -65.59
C LEU T 47 -3.08 16.98 -64.36
N ASP T 48 -1.84 16.51 -64.41
CA ASP T 48 -1.28 15.83 -63.25
C ASP T 48 -1.18 16.76 -62.04
N LEU T 49 -0.75 17.99 -62.27
CA LEU T 49 -0.65 18.93 -61.15
C LEU T 49 -2.02 19.23 -60.56
N HIS T 50 -3.03 19.36 -61.41
CA HIS T 50 -4.38 19.56 -60.89
C HIS T 50 -4.88 18.34 -60.14
N LYS T 51 -4.39 17.16 -60.49
CA LYS T 51 -4.69 15.98 -59.68
C LYS T 51 -4.08 16.10 -58.29
N ARG T 52 -2.82 16.52 -58.24
CA ARG T 52 -2.11 16.50 -56.96
C ARG T 52 -2.59 17.58 -56.01
N PHE T 53 -2.92 18.75 -56.53
CA PHE T 53 -3.42 19.83 -55.68
C PHE T 53 -4.75 20.35 -56.22
N LEU T 54 -5.56 20.92 -55.32
CA LEU T 54 -6.89 21.37 -55.74
C LEU T 54 -6.82 22.47 -56.78
N LEU T 55 -6.37 23.65 -56.37
CA LEU T 55 -6.10 24.76 -57.27
C LEU T 55 -7.34 25.30 -57.97
N LYS T 56 -8.48 24.62 -57.83
CA LYS T 56 -9.69 24.99 -58.56
C LYS T 56 -10.87 24.27 -57.95
N GLU T 57 -12.07 24.78 -58.23
CA GLU T 57 -13.30 24.10 -57.91
C GLU T 57 -14.43 24.74 -58.70
N GLY T 58 -15.46 23.96 -59.00
CA GLY T 58 -16.51 24.43 -59.87
C GLY T 58 -17.89 24.38 -59.27
N MET T 59 -18.91 24.65 -60.07
CA MET T 59 -20.27 24.70 -59.59
C MET T 59 -21.21 24.38 -60.73
N LEU T 60 -22.29 23.65 -60.43
CA LEU T 60 -23.35 23.44 -61.39
C LEU T 60 -24.69 23.82 -60.77
N LYS T 61 -25.78 23.53 -61.48
CA LYS T 61 -27.10 23.70 -60.89
C LYS T 61 -28.05 22.82 -61.68
N ILE T 62 -28.54 21.76 -61.05
CA ILE T 62 -29.38 20.78 -61.71
C ILE T 62 -30.84 21.08 -61.37
N GLN T 63 -31.68 21.08 -62.39
CA GLN T 63 -33.11 21.25 -62.20
C GLN T 63 -33.76 19.87 -62.20
N LEU T 64 -34.31 19.49 -61.05
CA LEU T 64 -34.78 18.12 -60.86
C LEU T 64 -36.00 17.83 -61.73
N GLU T 65 -36.26 16.54 -61.88
CA GLU T 65 -37.42 16.06 -62.63
C GLU T 65 -37.92 14.80 -61.95
N GLU T 66 -39.15 14.85 -61.43
CA GLU T 66 -39.67 13.75 -60.64
C GLU T 66 -39.72 12.46 -61.44
N GLY T 67 -39.42 11.35 -60.79
CA GLY T 67 -39.41 10.05 -61.43
C GLY T 67 -38.14 9.71 -62.16
N ARG T 68 -37.15 10.60 -62.19
CA ARG T 68 -35.88 10.32 -62.83
C ARG T 68 -34.98 9.56 -61.87
N ARG T 69 -34.15 8.67 -62.41
CA ARG T 69 -33.27 7.85 -61.59
C ARG T 69 -31.81 8.22 -61.74
N LEU T 70 -31.33 8.41 -62.96
CA LEU T 70 -29.93 8.71 -63.24
C LEU T 70 -29.80 10.08 -63.86
N TYR T 71 -28.93 10.91 -63.29
CA TYR T 71 -28.57 12.20 -63.88
C TYR T 71 -27.10 12.17 -64.24
N PRO T 72 -26.75 12.01 -65.50
CA PRO T 72 -25.34 12.10 -65.89
C PRO T 72 -24.92 13.55 -66.06
N LEU T 73 -23.66 13.82 -65.76
CA LEU T 73 -23.11 15.16 -65.90
C LEU T 73 -22.13 15.14 -67.07
N ARG T 74 -22.65 15.44 -68.24
CA ARG T 74 -21.89 15.39 -69.48
C ARG T 74 -22.19 16.63 -70.29
N PRO T 75 -21.28 17.05 -71.17
CA PRO T 75 -21.44 18.34 -71.83
C PRO T 75 -22.52 18.37 -72.89
N ALA T 76 -23.34 17.34 -72.98
CA ALA T 76 -24.49 17.36 -73.87
C ALA T 76 -25.75 17.81 -73.16
N TYR T 77 -25.76 17.82 -71.84
CA TYR T 77 -26.93 18.20 -71.07
C TYR T 77 -26.82 19.60 -70.49
N GLN T 78 -25.73 20.31 -70.78
CA GLN T 78 -25.43 21.58 -70.14
C GLN T 78 -25.92 22.72 -71.01
N VAL T 79 -26.59 23.69 -70.40
CA VAL T 79 -27.10 24.82 -71.16
C VAL T 79 -25.96 25.55 -71.84
N GLY T 80 -26.22 25.99 -73.07
CA GLY T 80 -25.22 26.65 -73.88
C GLY T 80 -24.34 25.72 -74.67
N GLN T 81 -24.44 24.43 -74.43
CA GLN T 81 -23.69 23.45 -75.21
C GLN T 81 -24.53 23.04 -76.41
N LYS T 82 -24.12 21.99 -77.09
CA LYS T 82 -24.87 21.51 -78.24
C LYS T 82 -26.09 20.73 -77.76
N PRO T 83 -27.30 21.13 -78.13
CA PRO T 83 -28.49 20.44 -77.64
C PRO T 83 -28.83 19.18 -78.41
N LYS T 84 -28.23 18.06 -78.04
CA LYS T 84 -28.58 16.79 -78.67
C LYS T 84 -30.07 16.52 -78.48
N PRO T 85 -30.81 16.26 -79.57
CA PRO T 85 -32.27 16.14 -79.44
C PRO T 85 -32.76 15.10 -78.45
N GLY T 86 -32.08 13.96 -78.35
CA GLY T 86 -32.55 12.90 -77.48
C GLY T 86 -32.43 13.19 -76.00
N VAL T 87 -31.76 14.28 -75.63
CA VAL T 87 -31.54 14.56 -74.21
C VAL T 87 -32.20 15.89 -73.85
N PRO T 88 -32.79 16.01 -72.67
CA PRO T 88 -33.23 17.31 -72.20
C PRO T 88 -32.13 18.02 -71.43
N GLN T 89 -31.91 19.28 -71.74
CA GLN T 89 -30.79 20.05 -71.20
C GLN T 89 -31.19 20.55 -69.81
N PHE T 90 -30.80 19.81 -68.77
CA PHE T 90 -31.24 20.17 -67.43
C PHE T 90 -30.17 20.87 -66.59
N ILE T 91 -28.91 20.84 -67.01
CA ILE T 91 -27.88 21.59 -66.29
C ILE T 91 -27.94 23.03 -66.76
N THR T 92 -28.51 23.90 -65.93
CA THR T 92 -28.90 25.23 -66.37
C THR T 92 -27.93 26.32 -65.99
N GLU T 93 -26.82 26.02 -65.32
CA GLU T 93 -25.97 27.10 -64.84
C GLU T 93 -24.67 26.52 -64.33
N GLY T 94 -23.57 27.22 -64.58
CA GLY T 94 -22.29 26.83 -64.04
C GLY T 94 -21.16 26.92 -65.04
N ASN T 95 -19.96 26.51 -64.63
CA ASN T 95 -18.81 26.55 -65.51
C ASN T 95 -19.05 25.66 -66.71
N LYS T 96 -18.55 26.09 -67.87
CA LYS T 96 -18.71 25.31 -69.08
C LYS T 96 -18.03 23.96 -68.93
N LEU T 97 -18.77 22.90 -69.22
CA LEU T 97 -18.29 21.54 -69.00
C LEU T 97 -17.45 21.07 -70.18
N GLY T 98 -16.36 20.39 -69.87
CA GLY T 98 -15.52 19.82 -70.89
C GLY T 98 -15.36 18.32 -70.73
N ARG T 99 -14.44 17.72 -71.48
CA ARG T 99 -14.25 16.29 -71.36
C ARG T 99 -13.63 15.91 -70.02
N GLN T 100 -12.64 16.66 -69.58
CA GLN T 100 -12.02 16.43 -68.26
C GLN T 100 -12.26 17.68 -67.42
N SER T 101 -13.37 17.68 -66.70
CA SER T 101 -13.63 18.78 -65.79
C SER T 101 -13.98 18.24 -64.41
N ILE T 102 -14.66 17.11 -64.36
CA ILE T 102 -15.12 16.54 -63.10
C ILE T 102 -14.06 15.53 -62.65
N LEU T 103 -13.24 15.94 -61.69
CA LEU T 103 -12.32 15.00 -61.05
C LEU T 103 -12.97 14.29 -59.88
N LYS T 104 -13.85 14.98 -59.15
CA LYS T 104 -14.56 14.37 -58.04
C LYS T 104 -15.67 15.29 -57.56
N ILE T 105 -16.85 14.75 -57.33
CA ILE T 105 -17.94 15.52 -56.75
C ILE T 105 -17.75 15.57 -55.24
N GLU T 106 -17.94 16.73 -54.65
CA GLU T 106 -17.64 16.91 -53.23
C GLU T 106 -18.83 17.30 -52.39
N LYS T 107 -19.62 18.27 -52.82
CA LYS T 107 -20.72 18.77 -52.02
C LYS T 107 -21.98 18.84 -52.85
N ILE T 108 -23.11 18.61 -52.19
CA ILE T 108 -24.42 18.76 -52.80
C ILE T 108 -25.27 19.58 -51.86
N ILE T 109 -25.73 20.74 -52.32
CA ILE T 109 -26.48 21.67 -51.49
C ILE T 109 -27.80 21.96 -52.19
N GLY T 110 -28.91 21.80 -51.46
N GLY T 110 -28.91 21.80 -51.46
CA GLY T 110 -30.21 22.06 -52.01
CA GLY T 110 -30.21 22.06 -52.01
C GLY T 110 -30.56 23.53 -52.01
C GLY T 110 -30.56 23.53 -52.01
N ASP T 111 -31.77 23.83 -52.49
CA ASP T 111 -32.22 25.21 -52.53
C ASP T 111 -32.56 25.74 -51.15
N ASN T 112 -32.77 24.87 -50.18
CA ASN T 112 -33.15 25.29 -48.84
C ASN T 112 -31.95 25.52 -47.94
N GLY T 113 -30.74 25.31 -48.44
CA GLY T 113 -29.56 25.40 -47.62
C GLY T 113 -29.17 24.11 -46.93
N VAL T 114 -29.97 23.06 -47.06
CA VAL T 114 -29.59 21.78 -46.48
C VAL T 114 -28.39 21.20 -47.23
N GLU T 115 -27.76 20.22 -46.61
CA GLU T 115 -26.58 19.58 -47.19
C GLU T 115 -26.81 18.08 -47.19
N TYR T 116 -26.91 17.50 -48.37
CA TYR T 116 -27.19 16.08 -48.47
C TYR T 116 -25.91 15.27 -48.31
N TYR T 117 -26.09 13.96 -48.20
CA TYR T 117 -24.98 13.05 -47.97
C TYR T 117 -24.57 12.36 -49.27
N LEU T 118 -23.28 12.14 -49.44
CA LEU T 118 -22.73 11.54 -50.65
C LEU T 118 -22.04 10.24 -50.31
N ASN T 119 -22.53 9.14 -50.89
CA ASN T 119 -21.93 7.82 -50.71
C ASN T 119 -21.78 7.45 -49.24
N ASP T 120 -22.72 7.88 -48.42
CA ASP T 120 -22.75 7.51 -47.01
C ASP T 120 -23.98 6.62 -46.83
N THR T 121 -23.75 5.32 -46.90
CA THR T 121 -24.87 4.38 -46.92
C THR T 121 -25.66 4.45 -45.63
N TRP T 122 -26.96 4.21 -45.75
CA TRP T 122 -27.93 4.17 -44.66
C TRP T 122 -28.16 5.53 -44.03
N GLN T 123 -27.54 6.59 -44.54
CA GLN T 123 -27.86 7.92 -44.07
C GLN T 123 -29.25 8.32 -44.58
N PRO T 124 -29.89 9.29 -43.92
CA PRO T 124 -31.29 9.60 -44.26
C PRO T 124 -31.58 9.80 -45.73
N LEU T 125 -30.92 10.76 -46.37
CA LEU T 125 -31.14 11.07 -47.77
C LEU T 125 -29.81 10.96 -48.47
N ASN T 126 -29.49 9.75 -48.92
CA ASN T 126 -28.19 9.45 -49.47
C ASN T 126 -28.23 9.54 -50.99
N ILE T 127 -27.17 10.08 -51.57
CA ILE T 127 -27.04 10.20 -53.02
C ILE T 127 -25.84 9.37 -53.44
N THR T 128 -26.04 8.49 -54.41
CA THR T 128 -25.03 7.52 -54.81
C THR T 128 -24.54 7.83 -56.21
N THR T 129 -23.22 7.70 -56.41
CA THR T 129 -22.63 7.86 -57.72
C THR T 129 -22.25 6.49 -58.26
N PRO T 130 -22.98 5.95 -59.22
CA PRO T 130 -22.66 4.60 -59.70
C PRO T 130 -21.48 4.57 -60.66
N GLU T 131 -21.25 5.68 -61.35
CA GLU T 131 -20.24 5.67 -62.41
C GLU T 131 -19.40 6.93 -62.41
N PHE T 132 -19.23 7.55 -61.25
CA PHE T 132 -18.21 8.59 -61.07
C PHE T 132 -18.55 9.91 -61.76
N ASP T 133 -19.56 9.91 -62.62
CA ASP T 133 -20.01 11.12 -63.30
C ASP T 133 -21.52 11.13 -63.40
N VAL T 134 -22.19 10.32 -62.60
CA VAL T 134 -23.64 10.15 -62.65
C VAL T 134 -24.15 10.17 -61.23
N LEU T 135 -25.27 10.85 -61.01
CA LEU T 135 -25.94 10.86 -59.73
C LEU T 135 -27.13 9.92 -59.81
N GLU T 136 -27.20 8.96 -58.90
CA GLU T 136 -28.35 8.08 -58.79
C GLU T 136 -29.21 8.57 -57.64
N ILE T 137 -30.45 8.91 -57.93
CA ILE T 137 -31.35 9.50 -56.94
C ILE T 137 -32.51 8.53 -56.71
N SER T 138 -32.61 8.03 -55.47
CA SER T 138 -33.65 7.07 -55.16
C SER T 138 -35.00 7.76 -55.05
N ASP T 139 -36.05 6.95 -54.99
CA ASP T 139 -37.41 7.49 -54.92
C ASP T 139 -37.72 8.09 -53.55
N GLU T 140 -37.07 7.59 -52.49
CA GLU T 140 -37.28 8.18 -51.18
C GLU T 140 -36.86 9.63 -51.17
N PHE T 141 -35.87 9.99 -51.98
CA PHE T 141 -35.49 11.38 -52.11
C PHE T 141 -36.66 12.22 -52.61
N TYR T 142 -37.36 11.73 -53.62
CA TYR T 142 -38.52 12.45 -54.11
C TYR T 142 -39.64 12.46 -53.08
N CYS T 143 -39.76 11.37 -52.32
CA CYS T 143 -40.79 11.32 -51.27
C CYS T 143 -40.56 12.41 -50.24
N HIS T 144 -39.33 12.56 -49.79
CA HIS T 144 -38.98 13.64 -48.84
C HIS T 144 -37.82 14.42 -49.44
N SER T 145 -38.14 15.33 -50.36
CA SER T 145 -37.13 16.22 -50.92
C SER T 145 -37.41 17.67 -50.60
N SER T 146 -38.58 18.19 -50.97
CA SER T 146 -38.92 19.60 -50.78
C SER T 146 -37.91 20.53 -51.41
N SER T 147 -37.22 20.06 -52.46
CA SER T 147 -36.20 20.85 -53.12
C SER T 147 -36.36 20.68 -54.62
N LYS T 148 -36.48 21.79 -55.34
CA LYS T 148 -36.70 21.74 -56.78
C LYS T 148 -35.42 21.82 -57.58
N THR T 149 -34.27 22.00 -56.93
CA THR T 149 -33.02 22.13 -57.65
C THR T 149 -31.88 21.73 -56.73
N LEU T 150 -30.71 21.55 -57.33
CA LEU T 150 -29.52 21.14 -56.61
C LEU T 150 -28.35 22.00 -57.05
N GLU T 151 -27.37 22.12 -56.17
CA GLU T 151 -26.11 22.78 -56.48
C GLU T 151 -24.98 21.82 -56.17
N VAL T 152 -24.08 21.63 -57.14
CA VAL T 152 -23.02 20.65 -57.05
C VAL T 152 -21.69 21.36 -57.10
N ARG T 153 -20.75 20.91 -56.28
CA ARG T 153 -19.39 21.41 -56.33
C ARG T 153 -18.44 20.23 -56.55
N TYR T 154 -17.33 20.50 -57.23
CA TYR T 154 -16.48 19.42 -57.68
C TYR T 154 -15.10 19.97 -57.95
N ARG T 155 -14.13 19.06 -57.98
CA ARG T 155 -12.75 19.43 -58.23
C ARG T 155 -12.51 19.52 -59.73
N ARG T 156 -11.99 20.65 -60.19
CA ARG T 156 -11.88 20.93 -61.61
C ARG T 156 -10.47 20.72 -62.13
N ALA T 157 -10.38 20.59 -63.45
CA ALA T 157 -9.14 20.66 -64.19
C ALA T 157 -9.46 21.49 -65.43
N PRO T 158 -8.54 22.35 -65.86
CA PRO T 158 -8.87 23.28 -66.95
C PRO T 158 -9.01 22.55 -68.28
N THR T 159 -9.72 23.19 -69.19
CA THR T 159 -9.88 22.65 -70.53
C THR T 159 -8.78 23.20 -71.42
N PRO T 160 -7.91 22.36 -71.98
CA PRO T 160 -6.80 22.86 -72.76
C PRO T 160 -7.27 23.57 -74.03
N MET T 161 -6.51 24.59 -74.43
CA MET T 161 -6.84 25.33 -75.63
C MET T 161 -6.49 24.52 -76.88
N LYS T 162 -7.31 24.69 -77.92
CA LYS T 162 -7.18 23.90 -79.13
C LYS T 162 -6.14 24.54 -80.05
N ILE T 163 -5.09 23.80 -80.34
CA ILE T 163 -4.09 24.23 -81.30
C ILE T 163 -4.57 23.89 -82.70
N CYS T 164 -4.10 24.63 -83.69
CA CYS T 164 -4.52 24.43 -85.07
C CYS T 164 -3.36 24.65 -86.03
N VAL T 165 -3.46 24.03 -87.20
CA VAL T 165 -2.36 24.06 -88.16
C VAL T 165 -2.11 25.48 -88.64
N ASP T 166 -3.17 26.29 -88.78
CA ASP T 166 -2.97 27.70 -89.04
C ASP T 166 -2.43 28.42 -87.82
N ASN T 167 -2.80 27.97 -86.62
CA ASN T 167 -2.30 28.56 -85.38
C ASN T 167 -0.82 28.29 -85.17
N LEU T 168 -0.23 27.37 -85.92
CA LEU T 168 1.23 27.20 -85.88
C LEU T 168 1.98 28.49 -86.18
N ASP T 169 1.30 29.53 -86.65
CA ASP T 169 1.98 30.80 -86.88
C ASP T 169 2.50 31.39 -85.57
N SER T 170 1.64 31.51 -84.56
CA SER T 170 1.98 32.22 -83.35
C SER T 170 2.38 31.29 -82.21
N TRP T 171 1.46 30.42 -81.79
CA TRP T 171 1.67 29.44 -80.72
C TRP T 171 2.10 30.13 -79.43
N GLY T 172 2.19 31.45 -79.45
CA GLY T 172 2.67 32.21 -78.32
C GLY T 172 1.54 32.95 -77.62
N CYS T 173 0.39 32.98 -78.26
CA CYS T 173 -0.80 33.51 -77.62
C CYS T 173 -1.52 32.47 -76.77
N ILE T 174 -1.12 31.20 -76.88
CA ILE T 174 -1.71 30.17 -76.03
C ILE T 174 -1.36 30.46 -74.57
N ASP T 175 -2.32 30.25 -73.69
CA ASP T 175 -2.15 30.55 -72.28
C ASP T 175 -2.37 29.28 -71.46
N ILE T 176 -1.31 28.84 -70.79
CA ILE T 176 -1.45 27.76 -69.83
C ILE T 176 -2.09 28.28 -68.55
N ASP T 177 -2.91 27.45 -67.93
CA ASP T 177 -3.70 27.84 -66.78
C ASP T 177 -3.06 27.25 -65.53
N LEU T 178 -2.11 27.98 -64.95
CA LEU T 178 -1.43 27.55 -63.73
C LEU T 178 -0.90 28.76 -62.99
N PRO T 179 -0.75 28.67 -61.67
CA PRO T 179 0.08 29.63 -60.96
C PRO T 179 1.55 29.35 -61.23
N TYR T 180 2.39 30.33 -60.95
CA TYR T 180 3.79 30.24 -61.36
C TYR T 180 4.57 29.19 -60.57
N THR T 181 4.22 28.99 -59.30
CA THR T 181 4.85 27.96 -58.50
C THR T 181 4.79 26.60 -59.19
N HIS T 182 3.58 26.18 -59.48
CA HIS T 182 3.44 24.91 -60.16
C HIS T 182 4.02 24.96 -61.57
N LEU T 183 4.30 26.14 -62.11
CA LEU T 183 5.14 26.20 -63.30
C LEU T 183 6.54 25.67 -63.01
N GLN T 184 7.14 26.15 -61.94
CA GLN T 184 8.48 25.65 -61.62
C GLN T 184 8.46 24.13 -61.50
N ALA T 185 7.38 23.58 -60.95
CA ALA T 185 7.30 22.11 -60.86
C ALA T 185 7.07 21.47 -62.23
N LEU T 186 6.21 22.08 -63.05
CA LEU T 186 5.88 21.53 -64.35
C LEU T 186 7.10 21.40 -65.23
N LEU T 187 8.06 22.31 -65.07
CA LEU T 187 9.30 22.21 -65.83
C LEU T 187 9.95 20.85 -65.62
N TYR T 188 10.13 20.45 -64.36
CA TYR T 188 10.76 19.17 -64.08
C TYR T 188 9.93 18.03 -64.62
N PHE T 189 8.60 18.12 -64.48
CA PHE T 189 7.78 17.02 -65.00
C PHE T 189 8.04 16.80 -66.48
N VAL T 190 7.94 17.88 -67.26
CA VAL T 190 8.10 17.76 -68.71
C VAL T 190 9.50 17.28 -69.05
N ALA T 191 10.51 17.82 -68.36
CA ALA T 191 11.88 17.43 -68.66
C ALA T 191 12.08 15.95 -68.44
N SER T 192 11.58 15.41 -67.33
CA SER T 192 11.72 13.99 -67.08
C SER T 192 11.04 13.17 -68.17
N ARG T 193 9.81 13.54 -68.52
CA ARG T 193 9.08 12.75 -69.50
C ARG T 193 9.80 12.74 -70.84
N CYS T 194 10.35 13.88 -71.24
CA CYS T 194 10.99 13.95 -72.55
C CYS T 194 12.36 13.28 -72.54
N GLN T 195 13.11 13.39 -71.45
CA GLN T 195 14.47 12.86 -71.42
C GLN T 195 14.53 11.38 -71.11
N THR T 196 13.44 10.76 -70.66
CA THR T 196 13.54 9.36 -70.30
C THR T 196 14.11 8.46 -71.40
N PRO T 197 13.56 8.44 -72.63
CA PRO T 197 13.93 7.42 -73.61
C PRO T 197 15.08 7.80 -74.54
N ILE T 198 16.19 8.26 -73.98
CA ILE T 198 17.35 8.67 -74.78
C ILE T 198 18.61 8.46 -73.96
N GLY T 199 19.65 7.98 -74.61
CA GLY T 199 20.95 7.95 -73.97
C GLY T 199 21.44 6.55 -73.68
N PHE T 200 22.74 6.34 -73.87
CA PHE T 200 23.34 5.02 -73.64
C PHE T 200 24.63 5.07 -72.84
N MET T 201 25.02 6.23 -72.34
CA MET T 201 26.22 6.33 -71.52
C MET T 201 25.84 6.29 -70.04
N GLU T 202 26.84 6.02 -69.21
CA GLU T 202 26.58 5.73 -67.80
C GLU T 202 25.87 6.88 -67.11
N ASN T 203 26.40 8.09 -67.24
CA ASN T 203 25.80 9.23 -66.58
C ASN T 203 24.64 9.83 -67.37
N THR T 204 24.55 9.56 -68.66
CA THR T 204 23.46 10.10 -69.46
C THR T 204 22.24 9.22 -69.46
N ALA T 205 22.32 8.03 -68.87
CA ALA T 205 21.15 7.17 -68.79
C ALA T 205 20.33 7.39 -67.52
N GLN T 206 20.69 8.37 -66.70
CA GLN T 206 20.02 8.59 -65.43
C GLN T 206 19.32 9.94 -65.34
N GLU T 207 19.31 10.71 -66.42
CA GLU T 207 18.73 12.05 -66.33
C GLU T 207 17.23 11.99 -66.09
N GLY T 208 16.53 11.07 -66.75
CA GLY T 208 15.10 10.94 -66.50
C GLY T 208 14.81 10.61 -65.05
N PHE T 209 15.57 9.67 -64.48
CA PHE T 209 15.36 9.31 -63.09
C PHE T 209 15.63 10.50 -62.17
N ASN T 210 16.71 11.23 -62.43
CA ASN T 210 17.03 12.37 -61.59
C ASN T 210 15.94 13.42 -61.64
N PHE T 211 15.41 13.68 -62.84
CA PHE T 211 14.37 14.68 -62.96
C PHE T 211 13.09 14.22 -62.27
N SER T 212 12.80 12.92 -62.30
CA SER T 212 11.65 12.43 -61.53
C SER T 212 11.85 12.69 -60.05
N GLN T 213 13.05 12.42 -59.54
CA GLN T 213 13.31 12.65 -58.13
C GLN T 213 13.11 14.12 -57.78
N LYS T 214 13.64 15.02 -58.61
CA LYS T 214 13.51 16.44 -58.32
C LYS T 214 12.05 16.87 -58.38
N TYR T 215 11.28 16.28 -59.30
CA TYR T 215 9.86 16.59 -59.38
C TYR T 215 9.14 16.22 -58.09
N GLU T 216 9.43 15.04 -57.57
CA GLU T 216 8.81 14.65 -56.31
C GLU T 216 9.22 15.56 -55.16
N ALA T 217 10.50 15.92 -55.11
CA ALA T 217 10.97 16.81 -54.05
C ALA T 217 10.26 18.15 -54.12
N GLU T 218 10.09 18.69 -55.33
CA GLU T 218 9.41 19.97 -55.47
C GLU T 218 7.95 19.89 -55.05
N CYS T 219 7.27 18.79 -55.40
CA CYS T 219 5.90 18.64 -54.96
C CYS T 219 5.82 18.62 -53.43
N ALA T 220 6.75 17.91 -52.79
CA ALA T 220 6.76 17.91 -51.34
C ALA T 220 6.98 19.30 -50.77
N ASN T 221 7.88 20.07 -51.38
CA ASN T 221 8.14 21.42 -50.89
C ASN T 221 6.91 22.30 -51.03
N LEU T 222 6.18 22.18 -52.14
CA LEU T 222 4.96 22.96 -52.28
C LEU T 222 3.95 22.59 -51.22
N ASP T 223 3.81 21.29 -50.95
CA ASP T 223 2.91 20.86 -49.87
C ASP T 223 3.31 21.48 -48.55
N ALA T 224 4.61 21.47 -48.24
CA ALA T 224 5.07 22.03 -46.97
C ALA T 224 4.79 23.52 -46.89
N GLN T 225 5.05 24.25 -47.97
CA GLN T 225 4.81 25.69 -47.96
C GLN T 225 3.32 26.02 -47.97
N ASN T 226 2.47 25.07 -48.30
CA ASN T 226 1.02 25.27 -48.28
C ASN T 226 0.62 26.38 -49.24
N LEU T 227 0.93 26.17 -50.51
CA LEU T 227 0.54 27.09 -51.58
C LEU T 227 -0.65 26.57 -52.38
N ARG T 228 -1.57 25.87 -51.72
CA ARG T 228 -2.80 25.43 -52.35
C ARG T 228 -3.97 25.65 -51.41
N ILE T 229 -5.17 25.53 -51.97
CA ILE T 229 -6.38 25.73 -51.18
C ILE T 229 -6.54 24.61 -50.17
N ASP T 230 -7.00 24.95 -48.97
CA ASP T 230 -7.21 23.96 -47.92
C ASP T 230 -8.29 24.43 -46.96
N PRO T 231 -9.52 24.02 -47.20
CA PRO T 231 -10.57 24.31 -46.21
C PRO T 231 -10.31 23.55 -44.93
N VAL T 232 -10.73 24.15 -43.82
CA VAL T 232 -10.65 23.53 -42.50
C VAL T 232 -11.97 23.76 -41.79
N GLY T 233 -12.53 22.70 -41.23
CA GLY T 233 -13.89 22.74 -40.71
C GLY T 233 -13.97 23.15 -39.25
N ASN T 234 -14.91 24.04 -38.96
CA ASN T 234 -15.24 24.46 -37.60
C ASN T 234 -16.75 24.38 -37.44
N GLN T 235 -17.27 23.22 -37.08
CA GLN T 235 -18.70 23.15 -36.88
C GLN T 235 -19.13 23.98 -35.68
N ASP T 236 -20.44 24.16 -35.56
CA ASP T 236 -20.99 24.87 -34.42
C ASP T 236 -21.15 23.95 -33.22
N ARG T 237 -22.01 22.93 -33.35
CA ARG T 237 -22.26 21.94 -32.31
C ARG T 237 -23.00 22.51 -31.13
N PHE T 238 -23.22 23.82 -31.10
CA PHE T 238 -23.85 24.47 -29.97
C PHE T 238 -25.24 24.98 -30.27
N THR T 239 -25.70 24.89 -31.51
CA THR T 239 -27.02 25.37 -31.88
C THR T 239 -28.02 24.25 -32.08
N ARG T 240 -27.59 22.99 -32.02
CA ARG T 240 -28.54 21.89 -32.13
C ARG T 240 -29.58 21.94 -31.03
N GLY T 241 -29.23 22.50 -29.88
CA GLY T 241 -30.11 22.56 -28.75
C GLY T 241 -29.77 21.45 -27.79
N GLY T 242 -29.00 21.75 -26.76
CA GLY T 242 -28.57 20.73 -25.84
C GLY T 242 -27.12 20.83 -25.41
N TRP T 243 -26.25 21.31 -26.28
CA TRP T 243 -24.84 21.42 -25.92
C TRP T 243 -24.50 22.78 -25.34
N VAL T 244 -25.25 23.23 -24.35
CA VAL T 244 -24.98 24.53 -23.75
C VAL T 244 -25.69 24.66 -22.42
N ARG U 21 -80.46 49.64 -18.05
CA ARG U 21 -79.14 50.24 -17.99
C ARG U 21 -78.35 49.69 -16.81
N LEU U 22 -79.07 48.99 -15.93
CA LEU U 22 -78.53 48.21 -14.82
C LEU U 22 -78.02 49.09 -13.69
N GLN U 23 -77.92 50.39 -13.90
CA GLN U 23 -77.44 51.32 -12.90
C GLN U 23 -77.87 52.73 -13.27
N PRO U 24 -79.17 53.04 -13.23
CA PRO U 24 -79.62 54.36 -13.67
C PRO U 24 -79.09 55.50 -12.83
N GLU U 25 -78.69 55.26 -11.59
CA GLU U 25 -78.27 56.32 -10.69
C GLU U 25 -76.78 56.59 -10.74
N TRP U 26 -76.04 55.91 -11.61
CA TRP U 26 -74.60 56.14 -11.74
C TRP U 26 -74.38 57.17 -12.84
N SER U 27 -73.93 58.36 -12.46
CA SER U 27 -73.79 59.44 -13.43
C SER U 27 -72.78 59.09 -14.51
N ASN U 28 -71.69 58.42 -14.14
CA ASN U 28 -70.64 58.06 -15.09
C ASN U 28 -70.37 56.57 -14.93
N ALA U 29 -71.12 55.78 -15.61
CA ALA U 29 -70.83 54.37 -15.48
C ALA U 29 -69.92 53.91 -16.62
N PRO U 30 -69.05 52.95 -16.37
CA PRO U 30 -68.18 52.46 -17.44
C PRO U 30 -68.99 51.78 -18.53
N SER U 31 -68.50 51.90 -19.75
CA SER U 31 -69.06 51.18 -20.88
C SER U 31 -68.14 50.04 -21.26
N LEU U 32 -68.70 49.09 -22.02
CA LEU U 32 -67.92 47.93 -22.42
C LEU U 32 -66.67 48.32 -23.18
N ALA U 33 -66.69 49.49 -23.83
CA ALA U 33 -65.52 49.92 -24.60
C ALA U 33 -64.32 50.15 -23.70
N GLN U 34 -64.51 50.91 -22.61
CA GLN U 34 -63.38 51.23 -21.75
C GLN U 34 -62.83 49.98 -21.07
N LEU U 35 -63.72 49.06 -20.67
CA LEU U 35 -63.25 47.85 -20.01
C LEU U 35 -62.33 47.04 -20.93
N LYS U 36 -62.79 46.75 -22.14
CA LYS U 36 -61.94 46.03 -23.07
C LYS U 36 -60.71 46.85 -23.43
N GLN U 37 -60.81 48.17 -23.40
CA GLN U 37 -59.66 49.01 -23.69
C GLN U 37 -58.56 48.79 -22.67
N ASP U 38 -58.92 48.84 -21.39
CA ASP U 38 -57.93 48.58 -20.35
C ASP U 38 -57.43 47.16 -20.39
N TYR U 39 -58.29 46.22 -20.80
CA TYR U 39 -57.88 44.83 -20.91
C TYR U 39 -56.73 44.67 -21.90
N GLN U 40 -56.80 45.36 -23.02
CA GLN U 40 -55.76 45.25 -24.04
C GLN U 40 -54.43 45.75 -23.52
N GLU U 41 -54.43 46.88 -22.83
CA GLU U 41 -53.18 47.53 -22.46
C GLU U 41 -52.40 46.79 -21.40
N ALA U 42 -53.00 45.78 -20.76
CA ALA U 42 -52.28 45.03 -19.74
C ALA U 42 -51.77 43.69 -20.24
N LYS U 43 -52.39 43.12 -21.26
CA LYS U 43 -51.81 41.93 -21.87
C LYS U 43 -50.44 42.22 -22.45
N GLN U 44 -50.23 43.44 -22.93
CA GLN U 44 -48.94 43.82 -23.48
C GLN U 44 -47.83 43.63 -22.46
N VAL U 45 -48.17 43.68 -21.18
CA VAL U 45 -47.20 43.46 -20.12
C VAL U 45 -47.21 42.01 -19.66
N THR U 46 -48.39 41.43 -19.44
CA THR U 46 -48.43 40.08 -18.89
C THR U 46 -47.90 39.02 -19.86
N ASP U 47 -47.87 39.32 -21.16
CA ASP U 47 -47.43 38.30 -22.11
C ASP U 47 -45.98 37.93 -21.88
N GLU U 48 -45.15 38.89 -21.49
CA GLU U 48 -43.74 38.59 -21.23
C GLU U 48 -43.61 37.53 -20.15
N LYS U 49 -44.30 37.74 -19.03
CA LYS U 49 -44.22 36.79 -17.94
C LYS U 49 -44.84 35.45 -18.30
N ILE U 50 -45.91 35.48 -19.11
CA ILE U 50 -46.52 34.22 -19.53
C ILE U 50 -45.54 33.42 -20.38
N THR U 51 -44.85 34.08 -21.31
CA THR U 51 -43.87 33.36 -22.12
C THR U 51 -42.73 32.84 -21.27
N GLN U 52 -42.28 33.63 -20.29
CA GLN U 52 -41.22 33.18 -19.41
C GLN U 52 -41.63 31.91 -18.67
N ILE U 53 -42.83 31.91 -18.12
CA ILE U 53 -43.29 30.74 -17.38
C ILE U 53 -43.46 29.54 -18.30
N ASN U 54 -43.92 29.79 -19.53
CA ASN U 54 -44.04 28.69 -20.48
C ASN U 54 -42.68 28.09 -20.78
N ARG U 55 -41.66 28.94 -20.94
CA ARG U 55 -40.32 28.42 -21.16
C ARG U 55 -39.85 27.58 -19.99
N TRP U 56 -40.11 28.06 -18.77
CA TRP U 56 -39.74 27.27 -17.59
C TRP U 56 -40.42 25.91 -17.60
N LEU U 57 -41.73 25.91 -17.88
CA LEU U 57 -42.47 24.67 -17.84
C LEU U 57 -42.02 23.70 -18.91
N ASP U 58 -41.64 24.19 -20.09
CA ASP U 58 -41.23 23.30 -21.16
C ASP U 58 -39.93 22.58 -20.89
N TYR U 59 -39.33 22.75 -19.72
CA TYR U 59 -38.11 22.04 -19.41
C TYR U 59 -38.30 20.94 -18.39
N MET U 60 -39.13 21.15 -17.37
CA MET U 60 -39.36 20.06 -16.43
C MET U 60 -40.08 18.90 -17.10
N HIS U 61 -41.04 19.20 -17.97
CA HIS U 61 -41.55 18.24 -18.93
C HIS U 61 -40.78 18.46 -20.21
N VAL U 62 -40.11 17.43 -20.70
CA VAL U 62 -39.27 17.65 -21.88
C VAL U 62 -40.19 17.74 -23.09
N ARG U 63 -40.54 18.96 -23.45
CA ARG U 63 -41.44 19.19 -24.58
C ARG U 63 -40.93 20.40 -25.34
N GLY U 64 -41.56 20.65 -26.49
CA GLY U 64 -41.31 21.84 -27.27
C GLY U 64 -39.85 22.19 -27.42
N GLU U 65 -39.48 23.40 -27.00
CA GLU U 65 -38.09 23.82 -27.10
C GLU U 65 -37.20 23.14 -26.08
N GLY U 66 -37.77 22.43 -25.11
CA GLY U 66 -36.95 21.66 -24.20
C GLY U 66 -36.47 20.34 -24.75
N LYS U 67 -37.06 19.89 -25.84
CA LYS U 67 -36.64 18.63 -26.46
C LYS U 67 -35.43 18.88 -27.34
N PRO U 68 -34.30 18.21 -27.09
CA PRO U 68 -33.11 18.46 -27.91
C PRO U 68 -33.28 17.88 -29.29
N LYS U 69 -32.75 18.60 -30.29
CA LYS U 69 -32.78 18.15 -31.67
C LYS U 69 -31.51 17.35 -31.95
N THR U 70 -31.67 16.09 -32.33
CA THR U 70 -30.54 15.21 -32.58
C THR U 70 -30.66 14.58 -33.96
N GLU U 71 -29.50 14.28 -34.54
CA GLU U 71 -29.45 13.69 -35.86
C GLU U 71 -29.95 12.25 -35.82
N LYS U 72 -30.41 11.76 -36.95
CA LYS U 72 -30.79 10.36 -37.06
C LYS U 72 -29.54 9.49 -37.01
N GLY U 73 -29.59 8.44 -36.22
CA GLY U 73 -28.44 7.58 -36.02
C GLY U 73 -27.68 7.83 -34.74
N LYS U 74 -28.10 8.78 -33.92
CA LYS U 74 -27.50 9.03 -32.64
C LYS U 74 -28.57 9.06 -31.57
N SER U 75 -28.14 8.97 -30.32
CA SER U 75 -29.09 8.83 -29.22
C SER U 75 -29.90 10.10 -29.03
N ALA U 76 -31.04 9.95 -28.35
CA ALA U 76 -31.90 11.08 -28.04
C ALA U 76 -32.44 11.01 -26.62
N VAL U 77 -31.70 10.38 -25.71
CA VAL U 77 -32.15 10.29 -24.33
C VAL U 77 -31.92 11.62 -23.63
N GLN U 78 -32.70 11.88 -22.58
CA GLN U 78 -32.58 13.13 -21.86
C GLN U 78 -33.06 12.96 -20.43
N PRO U 79 -32.17 12.90 -19.46
CA PRO U 79 -32.57 12.66 -18.08
C PRO U 79 -33.19 13.89 -17.47
N PRO U 80 -34.39 13.77 -16.89
CA PRO U 80 -35.00 14.92 -16.22
C PRO U 80 -34.29 15.18 -14.90
N THR U 81 -34.01 16.45 -14.64
CA THR U 81 -33.48 16.84 -13.34
C THR U 81 -34.34 17.86 -12.62
N ILE U 82 -34.99 18.78 -13.33
CA ILE U 82 -35.88 19.72 -12.66
C ILE U 82 -37.03 18.98 -12.01
N ARG U 83 -37.63 18.04 -12.74
CA ARG U 83 -38.70 17.23 -12.17
C ARG U 83 -38.16 16.40 -11.01
N LYS U 84 -36.95 15.86 -11.18
CA LYS U 84 -36.30 15.11 -10.11
C LYS U 84 -36.23 15.93 -8.83
N GLN U 85 -35.85 17.20 -8.96
CA GLN U 85 -35.75 18.07 -7.79
C GLN U 85 -37.12 18.35 -7.19
N ALA U 86 -38.10 18.65 -8.04
CA ALA U 86 -39.41 19.03 -7.54
C ALA U 86 -40.09 17.88 -6.80
N GLU U 87 -39.84 16.65 -7.24
CA GLU U 87 -40.47 15.51 -6.58
C GLU U 87 -40.01 15.38 -5.14
N TRP U 88 -38.80 15.80 -4.83
CA TRP U 88 -38.27 15.67 -3.48
C TRP U 88 -38.59 16.89 -2.62
N ARG U 89 -39.32 17.84 -3.15
CA ARG U 89 -39.73 19.01 -2.37
C ARG U 89 -41.23 19.10 -2.17
N TYR U 90 -42.02 18.52 -3.07
CA TYR U 90 -43.47 18.61 -2.94
C TYR U 90 -43.94 18.15 -1.56
N SER U 91 -43.54 16.95 -1.16
CA SER U 91 -44.06 16.38 0.08
C SER U 91 -43.54 17.13 1.29
N SER U 92 -42.25 17.44 1.31
CA SER U 92 -41.69 18.17 2.44
C SER U 92 -42.31 19.54 2.60
N LEU U 93 -42.87 20.10 1.51
CA LEU U 93 -43.57 21.36 1.67
C LEU U 93 -45.02 21.16 2.11
N SER U 94 -45.70 20.17 1.55
CA SER U 94 -47.13 20.03 1.81
C SER U 94 -47.42 19.37 3.15
N GLU U 95 -46.47 18.67 3.74
CA GLU U 95 -46.76 17.92 4.96
C GLU U 95 -47.20 18.79 6.13
N PRO U 96 -46.49 19.89 6.48
CA PRO U 96 -46.83 20.60 7.73
C PRO U 96 -48.23 21.18 7.78
N PHE U 97 -49.01 21.04 6.71
CA PHE U 97 -50.39 21.46 6.74
C PHE U 97 -51.34 20.31 7.02
N LEU U 98 -51.14 19.17 6.36
CA LEU U 98 -52.03 18.03 6.52
C LEU U 98 -51.63 17.10 7.64
N SER U 99 -50.49 17.32 8.28
CA SER U 99 -50.08 16.42 9.34
C SER U 99 -50.96 16.53 10.58
N SER U 100 -51.81 17.53 10.68
CA SER U 100 -52.61 17.77 11.87
C SER U 100 -54.09 17.54 11.58
N PRO U 101 -54.88 17.22 12.61
CA PRO U 101 -56.32 16.98 12.36
C PRO U 101 -57.04 18.16 11.74
N ASN U 102 -56.72 19.37 12.13
CA ASN U 102 -57.32 20.56 11.53
C ASN U 102 -56.24 21.62 11.35
N ILE U 103 -56.42 22.46 10.34
CA ILE U 103 -55.38 23.40 9.96
C ILE U 103 -55.27 24.52 10.98
N PHE U 104 -56.34 25.30 11.12
CA PHE U 104 -56.25 26.57 11.80
C PHE U 104 -56.25 26.39 13.32
N GLU U 105 -56.01 27.51 14.00
CA GLU U 105 -56.00 27.53 15.46
C GLU U 105 -56.22 28.96 15.90
N VAL U 106 -57.34 29.21 16.58
CA VAL U 106 -57.76 30.56 16.94
C VAL U 106 -57.63 30.73 18.44
N ASN U 107 -57.01 31.83 18.85
CA ASN U 107 -56.82 32.14 20.26
C ASN U 107 -57.30 33.56 20.54
N PRO U 108 -57.81 33.80 21.74
CA PRO U 108 -58.29 35.15 22.07
C PRO U 108 -57.14 36.11 22.27
N VAL U 109 -57.45 37.39 22.15
CA VAL U 109 -56.50 38.45 22.44
C VAL U 109 -56.70 38.99 23.85
N THR U 110 -57.94 39.18 24.25
CA THR U 110 -58.27 39.69 25.58
C THR U 110 -59.37 38.83 26.17
N TRP U 111 -59.46 38.84 27.49
CA TRP U 111 -60.38 37.96 28.19
C TRP U 111 -61.84 38.19 27.78
N GLU U 112 -62.17 39.36 27.23
CA GLU U 112 -63.50 39.57 26.69
C GLU U 112 -63.85 38.52 25.64
N ASP U 113 -62.83 38.00 24.96
CA ASP U 113 -62.97 36.97 23.94
C ASP U 113 -62.98 35.60 24.62
N ALA U 114 -62.71 34.55 23.85
CA ALA U 114 -62.68 33.13 24.21
C ALA U 114 -64.06 32.50 24.18
N GLU U 115 -65.10 33.22 23.81
CA GLU U 115 -66.34 32.60 23.35
C GLU U 115 -66.50 32.76 21.84
N SER U 116 -66.42 34.00 21.36
CA SER U 116 -66.38 34.22 19.93
C SER U 116 -65.21 33.49 19.30
N ALA U 117 -64.06 33.50 19.97
CA ALA U 117 -62.89 32.81 19.44
C ALA U 117 -63.17 31.33 19.24
N ARG U 118 -63.67 30.68 20.30
CA ARG U 118 -63.93 29.25 20.22
C ARG U 118 -64.96 28.93 19.15
N GLN U 119 -66.03 29.71 19.11
CA GLN U 119 -67.09 29.46 18.14
C GLN U 119 -66.58 29.60 16.71
N ASN U 120 -65.89 30.70 16.42
CA ASN U 120 -65.41 30.92 15.06
C ASN U 120 -64.39 29.87 14.66
N GLY U 121 -63.47 29.53 15.57
CA GLY U 121 -62.50 28.51 15.24
C GLY U 121 -63.15 27.19 14.90
N LEU U 122 -64.13 26.79 15.70
CA LEU U 122 -64.80 25.51 15.44
C LEU U 122 -65.51 25.54 14.10
N VAL U 123 -66.23 26.63 13.82
CA VAL U 123 -66.97 26.70 12.55
C VAL U 123 -66.02 26.62 11.37
N LEU U 124 -64.95 27.42 11.41
CA LEU U 124 -64.02 27.46 10.28
C LEU U 124 -63.35 26.11 10.08
N ASN U 125 -62.90 25.48 11.17
CA ASN U 125 -62.24 24.19 11.01
C ASN U 125 -63.18 23.15 10.43
N GLN U 126 -64.44 23.14 10.89
CA GLN U 126 -65.39 22.19 10.32
C GLN U 126 -65.61 22.45 8.85
N GLN U 127 -65.71 23.73 8.46
CA GLN U 127 -65.93 24.05 7.07
C GLN U 127 -64.80 23.50 6.21
N PHE U 128 -63.56 23.78 6.60
CA PHE U 128 -62.43 23.25 5.84
C PHE U 128 -62.42 21.73 5.81
N ASN U 129 -62.69 21.10 6.95
CA ASN U 129 -62.59 19.65 6.99
C ASN U 129 -63.61 19.00 6.07
N THR U 130 -64.84 19.49 6.04
CA THR U 130 -65.90 18.79 5.32
C THR U 130 -66.18 19.39 3.95
N LYS U 131 -66.55 20.66 3.89
CA LYS U 131 -67.11 21.18 2.64
C LYS U 131 -66.06 21.25 1.53
N LEU U 132 -64.90 21.82 1.83
CA LEU U 132 -63.82 21.90 0.87
C LEU U 132 -62.98 20.63 0.95
N ASN U 133 -62.36 20.26 -0.18
CA ASN U 133 -61.53 19.07 -0.20
C ASN U 133 -60.35 19.22 0.74
N LYS U 134 -59.64 20.33 0.63
CA LYS U 134 -58.45 20.68 1.39
C LYS U 134 -57.27 19.83 0.96
N GLN U 135 -57.54 18.65 0.40
CA GLN U 135 -56.46 17.76 0.00
C GLN U 135 -56.01 18.11 -1.41
N ARG U 136 -56.93 18.03 -2.36
CA ARG U 136 -56.68 18.56 -3.69
C ARG U 136 -56.22 19.99 -3.61
N PHE U 137 -56.81 20.77 -2.70
CA PHE U 137 -56.44 22.18 -2.60
C PHE U 137 -54.98 22.35 -2.22
N ILE U 138 -54.55 21.70 -1.14
CA ILE U 138 -53.17 21.86 -0.72
C ILE U 138 -52.22 21.34 -1.78
N ASP U 139 -52.56 20.22 -2.40
CA ASP U 139 -51.67 19.66 -3.41
C ASP U 139 -51.47 20.62 -4.57
N GLU U 140 -52.58 21.13 -5.13
CA GLU U 140 -52.46 22.07 -6.24
C GLU U 140 -51.74 23.33 -5.80
N TYR U 141 -52.04 23.80 -4.60
CA TYR U 141 -51.37 24.97 -4.05
C TYR U 141 -49.86 24.82 -4.13
N VAL U 142 -49.32 23.80 -3.46
CA VAL U 142 -47.88 23.67 -3.38
C VAL U 142 -47.28 23.39 -4.75
N ARG U 143 -47.96 22.60 -5.57
CA ARG U 143 -47.36 22.24 -6.86
C ARG U 143 -47.26 23.46 -7.77
N ALA U 144 -48.33 24.23 -7.89
CA ALA U 144 -48.27 25.43 -8.69
C ALA U 144 -47.20 26.38 -8.15
N GLY U 145 -47.13 26.53 -6.83
CA GLY U 145 -46.12 27.40 -6.26
C GLY U 145 -44.71 26.96 -6.61
N VAL U 146 -44.44 25.66 -6.53
CA VAL U 146 -43.09 25.18 -6.75
C VAL U 146 -42.68 25.34 -8.21
N ASP U 147 -43.54 24.94 -9.14
CA ASP U 147 -43.11 24.87 -10.53
C ASP U 147 -43.63 26.01 -11.40
N GLU U 148 -44.19 27.06 -10.82
CA GLU U 148 -44.58 28.22 -11.61
C GLU U 148 -44.15 29.54 -11.04
N GLY U 149 -43.76 29.61 -9.76
CA GLY U 149 -43.26 30.83 -9.17
C GLY U 149 -44.30 31.68 -8.49
N THR U 150 -45.57 31.49 -8.80
CA THR U 150 -46.60 32.32 -8.17
C THR U 150 -47.87 31.51 -8.00
N ILE U 151 -48.65 31.87 -7.00
CA ILE U 151 -49.94 31.26 -6.75
C ILE U 151 -50.98 32.37 -6.71
N ILE U 152 -52.04 32.20 -7.46
CA ILE U 152 -53.23 33.03 -7.35
C ILE U 152 -54.33 32.14 -6.78
N VAL U 153 -55.11 32.69 -5.85
CA VAL U 153 -56.21 31.96 -5.24
C VAL U 153 -57.44 32.84 -5.25
N LYS U 154 -58.56 32.30 -5.70
CA LYS U 154 -59.82 33.03 -5.76
C LYS U 154 -60.73 32.55 -4.65
N VAL U 155 -61.26 33.49 -3.87
CA VAL U 155 -62.13 33.21 -2.74
C VAL U 155 -63.51 33.76 -3.05
N GLY U 156 -64.54 32.94 -2.89
CA GLY U 156 -65.89 33.37 -3.20
C GLY U 156 -66.88 32.68 -2.29
N TRP U 157 -68.16 32.99 -2.51
CA TRP U 157 -69.23 32.40 -1.73
C TRP U 157 -70.24 31.75 -2.66
N ASN U 158 -70.75 30.59 -2.26
CA ASN U 158 -71.75 29.86 -3.03
C ASN U 158 -73.04 29.81 -2.25
N TYR U 159 -74.16 30.04 -2.95
CA TYR U 159 -75.46 30.14 -2.30
C TYR U 159 -76.52 29.68 -3.29
N GLN U 160 -76.96 28.44 -3.16
CA GLN U 160 -77.96 27.85 -4.06
C GLN U 160 -79.25 27.61 -3.29
N SER U 161 -80.38 27.86 -3.94
CA SER U 161 -81.68 27.81 -3.28
C SER U 161 -82.75 27.60 -4.34
N ARG U 162 -84.00 27.97 -4.01
CA ARG U 162 -85.22 27.95 -4.81
C ARG U 162 -85.92 26.60 -4.75
N THR U 163 -85.34 25.60 -4.10
CA THR U 163 -85.97 24.28 -4.10
C THR U 163 -87.19 24.29 -3.18
N VAL U 164 -88.35 24.67 -3.73
CA VAL U 164 -89.52 24.95 -2.91
C VAL U 164 -90.08 23.64 -2.35
N LYS U 165 -90.65 23.72 -1.15
CA LYS U 165 -91.38 22.62 -0.53
C LYS U 165 -92.83 23.05 -0.30
N GLU U 166 -93.66 22.12 0.17
CA GLU U 166 -95.10 22.33 0.18
C GLU U 166 -95.73 21.68 1.40
N GLN U 167 -97.06 21.73 1.43
CA GLN U 167 -97.92 20.99 2.37
C GLN U 167 -97.66 21.37 3.83
N VAL U 168 -97.99 22.62 4.14
CA VAL U 168 -98.04 23.05 5.53
C VAL U 168 -99.32 22.52 6.18
N VAL U 169 -99.34 22.52 7.51
CA VAL U 169 -100.53 22.10 8.26
C VAL U 169 -100.98 23.22 9.19
N THR U 170 -102.05 22.98 9.94
CA THR U 170 -102.59 23.98 10.84
C THR U 170 -103.00 23.31 12.15
N TYR U 171 -102.72 23.98 13.26
CA TYR U 171 -103.08 23.50 14.58
C TYR U 171 -104.05 24.46 15.22
N GLU U 172 -105.15 23.93 15.74
CA GLU U 172 -106.11 24.73 16.49
C GLU U 172 -105.72 24.79 17.95
N MET U 173 -105.96 25.92 18.58
CA MET U 173 -105.63 26.08 19.98
C MET U 173 -106.64 25.34 20.84
N MET U 174 -106.21 24.93 22.03
CA MET U 174 -107.11 24.20 22.92
C MET U 174 -106.70 24.44 24.37
N PRO U 175 -107.65 24.80 25.24
CA PRO U 175 -107.29 25.16 26.62
C PRO U 175 -107.20 23.99 27.59
N ASP U 176 -107.01 22.77 27.08
CA ASP U 176 -106.87 21.61 27.96
C ASP U 176 -105.47 21.57 28.56
N SER U 177 -105.41 21.56 29.89
CA SER U 177 -104.14 21.45 30.61
C SER U 177 -104.19 20.26 31.55
N SER U 178 -103.07 19.57 31.68
CA SER U 178 -102.98 18.37 32.49
C SER U 178 -101.57 18.26 33.06
N GLU U 179 -101.22 17.08 33.55
CA GLU U 179 -99.93 16.85 34.20
C GLU U 179 -98.87 16.39 33.20
N GLU U 180 -99.27 15.51 32.27
CA GLU U 180 -98.33 15.04 31.26
C GLU U 180 -97.85 16.18 30.37
N LEU U 181 -98.75 17.10 30.05
CA LEU U 181 -98.36 18.28 29.27
C LEU U 181 -97.32 19.08 30.02
N ALA U 182 -97.49 19.25 31.34
CA ALA U 182 -96.50 19.98 32.12
C ALA U 182 -95.16 19.27 32.10
N GLN U 183 -95.16 17.95 32.26
CA GLN U 183 -93.89 17.21 32.21
C GLN U 183 -93.21 17.37 30.87
N ILE U 184 -93.95 17.16 29.78
CA ILE U 184 -93.35 17.22 28.46
C ILE U 184 -92.84 18.62 28.18
N TYR U 185 -93.60 19.64 28.57
CA TYR U 185 -93.17 21.01 28.32
C TYR U 185 -91.94 21.35 29.14
N GLN U 186 -91.85 20.85 30.38
CA GLN U 186 -90.65 21.06 31.16
C GLN U 186 -89.44 20.42 30.50
N THR U 187 -89.60 19.19 30.01
CA THR U 187 -88.49 18.52 29.34
C THR U 187 -88.07 19.27 28.08
N ALA U 188 -89.05 19.74 27.30
CA ALA U 188 -88.74 20.47 26.08
C ALA U 188 -88.03 21.78 26.40
N ALA U 189 -88.45 22.46 27.46
CA ALA U 189 -87.76 23.68 27.87
C ALA U 189 -86.32 23.37 28.26
N GLN U 190 -86.11 22.27 28.99
CA GLN U 190 -84.75 21.89 29.35
C GLN U 190 -83.91 21.63 28.10
N ILE U 191 -84.49 20.95 27.11
CA ILE U 191 -83.76 20.71 25.88
C ILE U 191 -83.41 22.00 25.18
N ARG U 192 -84.40 22.88 25.01
CA ARG U 192 -84.15 24.16 24.37
C ARG U 192 -83.11 24.96 25.13
N GLU U 193 -82.99 24.73 26.43
CA GLU U 193 -81.99 25.45 27.21
C GLU U 193 -80.60 24.89 26.95
N GLU U 194 -80.39 23.59 27.12
CA GLU U 194 -79.03 23.08 27.19
C GLU U 194 -78.53 22.45 25.90
N SER U 195 -79.41 22.05 24.98
CA SER U 195 -79.02 21.47 23.70
C SER U 195 -79.80 22.14 22.59
N PRO U 196 -79.51 23.41 22.30
CA PRO U 196 -80.30 24.12 21.30
C PRO U 196 -80.26 23.49 19.93
N SER U 197 -79.22 22.70 19.62
CA SER U 197 -79.15 22.07 18.32
C SER U 197 -80.30 21.10 18.11
N GLU U 198 -80.68 20.36 19.14
CA GLU U 198 -81.73 19.36 19.02
C GLU U 198 -83.14 19.94 19.13
N TYR U 199 -83.26 21.19 19.55
CA TYR U 199 -84.59 21.75 19.78
C TYR U 199 -85.47 21.75 18.53
N PRO U 200 -84.99 22.16 17.35
CA PRO U 200 -85.87 22.11 16.18
C PRO U 200 -86.34 20.72 15.81
N GLU U 201 -85.66 19.68 16.27
CA GLU U 201 -86.04 18.32 15.90
C GLU U 201 -87.20 17.79 16.71
N ILE U 202 -87.64 18.49 17.75
CA ILE U 202 -88.80 18.06 18.52
C ILE U 202 -90.05 18.30 17.68
N PRO U 203 -91.16 17.60 17.94
CA PRO U 203 -92.34 17.75 17.09
C PRO U 203 -92.89 19.18 17.09
N GLU U 204 -93.42 19.56 15.93
CA GLU U 204 -93.87 20.94 15.73
C GLU U 204 -95.02 21.28 16.66
N ASP U 205 -95.97 20.37 16.82
CA ASP U 205 -97.14 20.65 17.66
C ASP U 205 -96.73 20.93 19.09
N VAL U 206 -95.93 20.04 19.67
CA VAL U 206 -95.51 20.22 21.06
C VAL U 206 -94.65 21.46 21.19
N ARG U 207 -93.83 21.74 20.17
CA ARG U 207 -93.02 22.96 20.21
C ARG U 207 -93.89 24.20 20.30
N LEU U 208 -94.85 24.32 19.39
CA LEU U 208 -95.64 25.54 19.34
C LEU U 208 -96.55 25.65 20.56
N GLY U 209 -97.07 24.53 21.03
CA GLY U 209 -97.75 24.55 22.31
C GLY U 209 -96.86 24.99 23.44
N LEU U 210 -95.57 24.66 23.36
CA LEU U 210 -94.63 25.08 24.40
C LEU U 210 -94.50 26.59 24.42
N GLU U 211 -94.31 27.23 23.26
CA GLU U 211 -94.20 28.69 23.38
C GLU U 211 -95.55 29.31 23.72
N GLU U 212 -96.66 28.66 23.35
CA GLU U 212 -97.95 29.16 23.82
C GLU U 212 -98.04 29.07 25.34
N THR U 213 -97.38 28.09 25.95
CA THR U 213 -97.43 27.90 27.39
C THR U 213 -96.83 29.07 28.15
N GLU U 214 -95.98 29.87 27.50
CA GLU U 214 -95.57 31.14 28.10
C GLU U 214 -96.26 32.33 27.47
N ALA U 215 -96.87 32.15 26.30
CA ALA U 215 -97.75 33.19 25.76
C ALA U 215 -98.95 33.42 26.68
N ASN U 216 -99.39 32.38 27.38
CA ASN U 216 -100.49 32.48 28.33
C ASN U 216 -100.35 31.32 29.30
N GLY U 217 -101.43 30.99 30.01
CA GLY U 217 -101.40 29.88 30.94
C GLY U 217 -101.13 28.55 30.25
N ILE U 218 -100.98 27.51 31.09
CA ILE U 218 -100.58 26.19 30.64
C ILE U 218 -101.72 25.49 29.92
N GLN U 219 -102.87 26.16 29.84
CA GLN U 219 -104.04 25.55 29.21
C GLN U 219 -103.76 25.13 27.78
N VAL U 220 -102.81 25.79 27.12
CA VAL U 220 -102.60 25.56 25.69
C VAL U 220 -102.31 24.09 25.41
N ARG U 221 -102.96 23.56 24.36
CA ARG U 221 -102.67 22.19 23.92
C ARG U 221 -102.51 22.03 22.42
N ALA U 222 -103.04 22.93 21.60
CA ALA U 222 -102.71 23.02 20.17
C ALA U 222 -103.07 21.73 19.41
N VAL U 223 -104.37 21.48 19.34
CA VAL U 223 -104.88 20.34 18.55
C VAL U 223 -104.70 20.65 17.07
N PRO U 224 -104.32 19.67 16.25
CA PRO U 224 -104.14 19.94 14.82
C PRO U 224 -105.46 20.09 14.07
N VAL U 225 -105.38 20.74 12.91
CA VAL U 225 -106.51 20.85 12.00
C VAL U 225 -106.12 20.38 10.60
N GLY U 226 -105.12 21.00 10.01
CA GLY U 226 -104.66 20.63 8.69
C GLY U 226 -104.92 21.72 7.66
N SER U 227 -104.04 21.79 6.67
CA SER U 227 -104.10 22.80 5.61
C SER U 227 -103.13 22.36 4.50
N GLU U 228 -102.86 23.26 3.57
CA GLU U 228 -101.87 23.02 2.52
C GLU U 228 -101.45 24.36 1.93
N GLU U 229 -100.15 24.48 1.62
CA GLU U 229 -99.60 25.70 1.05
C GLU U 229 -98.19 25.43 0.55
N GLU U 230 -97.75 26.24 -0.42
CA GLU U 230 -96.51 26.01 -1.17
C GLU U 230 -95.63 27.25 -1.13
N GLU U 231 -94.63 27.23 -0.25
CA GLU U 231 -93.73 28.36 -0.03
C GLU U 231 -92.42 27.84 0.56
N ARG U 232 -91.66 28.73 1.20
CA ARG U 232 -90.50 28.43 2.04
C ARG U 232 -89.43 27.66 1.26
N GLU U 233 -88.83 28.38 0.31
CA GLU U 233 -87.68 27.89 -0.41
C GLU U 233 -86.57 27.48 0.55
N GLU U 234 -85.92 26.36 0.26
CA GLU U 234 -84.84 25.86 1.08
C GLU U 234 -83.49 26.22 0.48
N THR U 235 -82.55 26.54 1.36
CA THR U 235 -81.18 26.83 0.97
C THR U 235 -80.47 25.50 0.81
N VAL U 236 -80.39 25.01 -0.43
CA VAL U 236 -79.72 23.74 -0.68
C VAL U 236 -78.22 23.89 -0.49
N GLU U 237 -77.66 25.07 -0.75
CA GLU U 237 -76.23 25.28 -0.63
C GLU U 237 -75.96 26.68 -0.10
N ASN U 238 -75.11 26.76 0.93
CA ASN U 238 -74.72 28.05 1.49
C ASN U 238 -73.37 27.85 2.17
N HIS U 239 -72.29 28.27 1.51
CA HIS U 239 -70.96 28.02 2.06
C HIS U 239 -69.91 28.84 1.32
N PRO U 240 -68.65 28.81 1.76
CA PRO U 240 -67.59 29.45 0.99
C PRO U 240 -67.04 28.52 -0.08
N THR U 241 -66.20 29.09 -0.95
CA THR U 241 -65.57 28.37 -2.04
C THR U 241 -64.20 28.96 -2.27
N VAL U 242 -63.25 28.09 -2.63
CA VAL U 242 -61.88 28.50 -2.86
C VAL U 242 -61.32 27.71 -4.03
N GLN U 243 -60.97 28.40 -5.10
CA GLN U 243 -60.42 27.78 -6.30
C GLN U 243 -59.01 28.33 -6.49
N VAL U 244 -58.13 27.58 -7.16
CA VAL U 244 -56.78 28.10 -7.16
C VAL U 244 -56.65 29.18 -8.23
N CYS U 245 -56.38 28.79 -9.47
CA CYS U 245 -56.70 29.43 -10.75
C CYS U 245 -55.78 28.82 -11.80
N ASP U 246 -55.95 29.21 -13.06
CA ASP U 246 -54.89 29.06 -14.04
C ASP U 246 -54.23 30.40 -14.27
N TYR U 247 -52.93 30.37 -14.54
CA TYR U 247 -52.18 31.60 -14.70
C TYR U 247 -52.28 32.18 -16.09
N ASN U 248 -53.00 31.55 -17.00
CA ASN U 248 -53.16 32.07 -18.35
C ASN U 248 -54.40 32.92 -18.53
N ASN U 249 -55.31 32.93 -17.55
CA ASN U 249 -56.60 33.59 -17.71
C ASN U 249 -56.77 34.76 -16.76
N ILE U 250 -55.69 35.28 -16.20
CA ILE U 250 -55.74 36.30 -15.18
C ILE U 250 -54.81 37.43 -15.56
N VAL U 251 -55.31 38.66 -15.48
CA VAL U 251 -54.54 39.85 -15.84
C VAL U 251 -54.69 40.88 -14.73
N ILE U 252 -53.57 41.44 -14.28
CA ILE U 252 -53.57 42.35 -13.14
C ILE U 252 -53.02 43.70 -13.59
N ASP U 253 -53.38 44.73 -12.85
CA ASP U 253 -52.73 46.02 -13.02
C ASP U 253 -51.23 45.86 -12.87
N PRO U 254 -50.42 46.28 -13.84
CA PRO U 254 -48.97 46.15 -13.73
C PRO U 254 -48.27 47.34 -13.09
N SER U 255 -49.00 48.39 -12.73
CA SER U 255 -48.41 49.57 -12.13
C SER U 255 -48.32 49.47 -10.61
N CYS U 256 -48.79 48.37 -10.03
CA CYS U 256 -48.87 48.26 -8.58
C CYS U 256 -47.52 48.07 -7.91
N GLY U 257 -46.46 47.88 -8.68
CA GLY U 257 -45.21 47.49 -8.05
C GLY U 257 -45.38 46.06 -7.55
N SER U 258 -45.06 45.84 -6.27
CA SER U 258 -45.37 44.57 -5.62
C SER U 258 -46.05 44.87 -4.29
N ASP U 259 -47.34 45.18 -4.35
CA ASP U 259 -48.15 45.28 -3.14
C ASP U 259 -49.39 44.40 -3.23
N PHE U 260 -50.10 44.54 -4.34
CA PHE U 260 -51.43 43.97 -4.57
C PHE U 260 -52.47 44.60 -3.65
N SER U 261 -52.04 45.44 -2.72
CA SER U 261 -52.98 46.25 -1.99
C SER U 261 -53.24 47.58 -2.68
N LYS U 262 -52.48 47.87 -3.74
CA LYS U 262 -52.65 49.09 -4.51
C LYS U 262 -52.97 48.81 -5.96
N ALA U 263 -53.07 47.54 -6.36
CA ALA U 263 -53.49 47.23 -7.71
C ALA U 263 -54.90 47.74 -7.93
N LYS U 264 -55.15 48.32 -9.10
CA LYS U 264 -56.41 49.00 -9.34
C LYS U 264 -57.43 48.17 -10.09
N PHE U 265 -57.01 47.06 -10.72
CA PHE U 265 -58.00 46.23 -11.40
C PHE U 265 -57.41 44.85 -11.66
N LEU U 266 -58.29 43.86 -11.65
CA LEU U 266 -57.96 42.49 -11.99
C LEU U 266 -59.06 41.92 -12.87
N ILE U 267 -58.67 41.21 -13.92
CA ILE U 267 -59.59 40.65 -14.90
C ILE U 267 -59.35 39.16 -15.00
N GLU U 268 -60.42 38.39 -14.93
CA GLU U 268 -60.32 36.94 -15.03
C GLU U 268 -61.29 36.43 -16.08
N THR U 269 -60.83 35.49 -16.89
CA THR U 269 -61.68 34.85 -17.89
C THR U 269 -61.89 33.40 -17.52
N PHE U 270 -63.14 32.96 -17.47
CA PHE U 270 -63.41 31.56 -17.16
C PHE U 270 -64.52 31.06 -18.07
N GLU U 271 -64.97 29.84 -17.82
CA GLU U 271 -65.91 29.16 -18.69
C GLU U 271 -67.08 28.63 -17.88
N SER U 272 -68.28 28.76 -18.43
CA SER U 272 -69.48 28.34 -17.74
C SER U 272 -70.55 28.01 -18.77
N SER U 273 -71.79 27.84 -18.30
CA SER U 273 -72.90 27.45 -19.16
C SER U 273 -74.14 28.23 -18.78
N TYR U 274 -75.09 28.26 -19.70
CA TYR U 274 -76.31 29.03 -19.50
C TYR U 274 -77.08 28.53 -18.29
N ALA U 275 -77.20 27.21 -18.14
CA ALA U 275 -77.93 26.66 -17.02
C ALA U 275 -77.27 27.04 -15.70
N GLU U 276 -75.95 26.95 -15.64
CA GLU U 276 -75.26 27.30 -14.40
C GLU U 276 -75.42 28.78 -14.07
N LEU U 277 -75.33 29.64 -15.08
CA LEU U 277 -75.52 31.06 -14.84
C LEU U 277 -76.92 31.33 -14.33
N LYS U 278 -77.93 30.70 -14.92
CA LYS U 278 -79.29 30.90 -14.45
C LYS U 278 -79.46 30.39 -13.03
N ALA U 279 -78.86 29.24 -12.72
CA ALA U 279 -78.98 28.69 -11.37
C ALA U 279 -78.37 29.62 -10.34
N ASP U 280 -77.21 30.19 -10.65
CA ASP U 280 -76.60 31.17 -9.74
C ASP U 280 -77.34 32.49 -9.93
N GLY U 281 -78.25 32.80 -9.02
CA GLY U 281 -79.11 33.96 -9.19
C GLY U 281 -78.43 35.28 -8.95
N ARG U 282 -77.49 35.65 -9.81
CA ARG U 282 -76.77 36.91 -9.65
C ARG U 282 -76.54 37.61 -10.97
N TYR U 283 -77.46 37.47 -11.93
CA TYR U 283 -77.22 37.99 -13.26
C TYR U 283 -78.52 38.49 -13.87
N LYS U 284 -78.38 39.33 -14.88
CA LYS U 284 -79.51 39.89 -15.61
C LYS U 284 -79.21 39.78 -17.10
N ASN U 285 -80.23 40.09 -17.91
CA ASN U 285 -80.12 40.07 -19.37
C ASN U 285 -79.73 38.70 -19.90
N LEU U 286 -80.03 37.64 -19.15
CA LEU U 286 -79.57 36.31 -19.53
C LEU U 286 -80.18 35.84 -20.84
N ASP U 287 -81.24 36.48 -21.32
CA ASP U 287 -81.94 36.01 -22.50
C ASP U 287 -81.41 36.61 -23.79
N LYS U 288 -80.35 37.41 -23.72
CA LYS U 288 -79.78 38.05 -24.91
C LYS U 288 -78.34 37.61 -25.11
N ILE U 289 -78.08 36.33 -24.93
CA ILE U 289 -76.71 35.82 -24.97
C ILE U 289 -76.36 35.27 -26.34
N GLN U 290 -77.32 34.65 -27.03
CA GLN U 290 -77.08 34.02 -28.33
C GLN U 290 -76.01 32.92 -28.20
N VAL U 291 -76.39 31.88 -27.46
CA VAL U 291 -75.49 30.79 -27.11
C VAL U 291 -75.05 30.00 -28.34
N GLU U 292 -75.61 30.33 -29.50
CA GLU U 292 -75.21 29.72 -30.76
C GLU U 292 -74.01 30.43 -31.38
N GLY U 293 -73.22 31.12 -30.55
CA GLY U 293 -72.13 31.96 -31.01
C GLY U 293 -70.76 31.39 -30.74
N GLN U 294 -70.18 31.80 -29.60
CA GLN U 294 -68.74 31.70 -29.32
C GLN U 294 -68.09 30.43 -29.86
N ASN U 295 -68.71 29.28 -29.64
CA ASN U 295 -68.13 27.99 -29.99
C ASN U 295 -66.79 27.76 -29.33
N LEU U 296 -66.47 28.54 -28.30
CA LEU U 296 -65.21 28.42 -27.57
C LEU U 296 -64.02 28.56 -28.51
N LEU U 297 -64.13 29.43 -29.50
CA LEU U 297 -63.07 29.66 -30.47
C LEU U 297 -62.81 31.16 -30.55
N SER U 298 -61.96 31.65 -29.64
CA SER U 298 -61.52 33.03 -29.65
C SER U 298 -60.13 33.08 -29.01
N GLU U 299 -59.38 34.12 -29.38
CA GLU U 299 -57.97 34.17 -29.00
C GLU U 299 -57.76 34.25 -27.49
N PRO U 300 -58.20 35.30 -26.80
CA PRO U 300 -57.87 35.43 -25.37
C PRO U 300 -58.67 34.52 -24.46
N ASP U 301 -59.39 33.57 -25.05
CA ASP U 301 -60.44 32.85 -24.36
C ASP U 301 -59.85 31.93 -23.29
N TYR U 302 -60.75 31.21 -22.64
CA TYR U 302 -60.39 30.21 -21.66
C TYR U 302 -59.43 29.22 -22.29
N THR U 303 -58.20 29.18 -21.82
CA THR U 303 -57.26 28.15 -22.28
C THR U 303 -57.64 26.84 -21.63
N GLY U 304 -58.16 25.91 -22.43
CA GLY U 304 -58.74 24.70 -21.91
C GLY U 304 -57.73 23.81 -21.22
N PRO U 305 -58.22 22.76 -20.56
CA PRO U 305 -57.31 21.87 -19.84
C PRO U 305 -56.25 21.25 -20.74
N SER U 306 -56.60 20.94 -21.98
CA SER U 306 -55.66 20.34 -22.91
C SER U 306 -55.96 20.89 -24.30
N GLU U 307 -55.40 20.25 -25.32
CA GLU U 307 -55.70 20.64 -26.69
C GLU U 307 -56.86 19.86 -27.27
N GLY U 308 -56.99 18.59 -26.92
CA GLY U 308 -58.07 17.79 -27.47
C GLY U 308 -59.44 18.30 -27.05
N VAL U 309 -59.55 18.77 -25.82
CA VAL U 309 -60.83 19.22 -25.29
C VAL U 309 -61.39 20.43 -26.03
N ARG U 310 -60.57 21.10 -26.84
CA ARG U 310 -61.06 22.23 -27.60
C ARG U 310 -62.14 21.84 -28.60
N ASN U 311 -62.18 20.57 -29.00
CA ASN U 311 -63.14 20.11 -29.97
C ASN U 311 -64.41 19.53 -29.35
N PHE U 312 -64.54 19.60 -28.03
CA PHE U 312 -65.68 18.99 -27.35
C PHE U 312 -66.77 20.02 -27.12
N ASP U 313 -68.02 19.58 -27.25
CA ASP U 313 -69.16 20.46 -27.01
C ASP U 313 -70.38 19.60 -26.76
N PHE U 314 -71.48 20.26 -26.35
CA PHE U 314 -72.66 19.57 -25.88
C PHE U 314 -73.87 19.68 -26.80
N GLN U 315 -73.96 20.74 -27.60
CA GLN U 315 -75.04 20.96 -28.56
C GLN U 315 -76.43 20.75 -27.93
N ASP U 316 -76.61 21.34 -26.74
CA ASP U 316 -77.88 21.24 -26.03
C ASP U 316 -78.54 22.58 -25.75
N LYS U 317 -77.81 23.69 -25.89
CA LYS U 317 -78.32 25.04 -25.67
C LYS U 317 -78.55 25.32 -24.19
N SER U 318 -78.44 24.28 -23.37
CA SER U 318 -78.50 24.45 -21.93
C SER U 318 -77.19 24.09 -21.24
N ARG U 319 -76.35 23.30 -21.89
CA ARG U 319 -75.05 22.94 -21.37
C ARG U 319 -73.92 23.37 -22.30
N LYS U 320 -74.23 24.15 -23.34
CA LYS U 320 -73.19 24.63 -24.23
C LYS U 320 -72.23 25.53 -23.47
N ARG U 321 -70.95 25.44 -23.81
CA ARG U 321 -69.91 26.14 -23.07
C ARG U 321 -69.75 27.57 -23.55
N LEU U 322 -69.57 28.49 -22.60
CA LEU U 322 -69.41 29.90 -22.89
C LEU U 322 -68.13 30.41 -22.24
N VAL U 323 -67.76 31.63 -22.59
CA VAL U 323 -66.59 32.31 -22.02
C VAL U 323 -67.07 33.59 -21.36
N VAL U 324 -66.69 33.78 -20.10
CA VAL U 324 -67.16 34.91 -19.30
C VAL U 324 -65.97 35.69 -18.80
N HIS U 325 -66.06 37.02 -18.90
CA HIS U 325 -65.04 37.91 -18.38
C HIS U 325 -65.54 38.61 -17.13
N GLU U 326 -64.68 38.69 -16.13
CA GLU U 326 -64.96 39.40 -14.88
C GLU U 326 -63.90 40.45 -14.66
N TYR U 327 -64.33 41.59 -14.12
CA TYR U 327 -63.46 42.75 -13.89
C TYR U 327 -63.77 43.26 -12.49
N TRP U 328 -62.83 43.07 -11.57
CA TRP U 328 -62.93 43.65 -10.24
C TRP U 328 -61.99 44.85 -10.19
N GLY U 329 -62.41 45.92 -9.53
CA GLY U 329 -61.47 47.02 -9.38
C GLY U 329 -62.13 48.26 -8.82
N TYR U 330 -61.51 49.39 -9.11
CA TYR U 330 -61.93 50.70 -8.62
C TYR U 330 -62.24 51.57 -9.81
N TYR U 331 -63.26 52.42 -9.66
CA TYR U 331 -63.65 53.29 -10.76
C TYR U 331 -64.34 54.51 -10.20
N ASP U 332 -64.41 55.55 -11.02
CA ASP U 332 -65.04 56.82 -10.64
C ASP U 332 -66.49 56.79 -11.14
N ILE U 333 -67.32 56.09 -10.38
CA ILE U 333 -68.71 55.89 -10.81
C ILE U 333 -69.44 57.22 -10.95
N HIS U 334 -69.25 58.12 -9.99
CA HIS U 334 -69.78 59.46 -10.14
C HIS U 334 -68.72 60.36 -10.76
N GLY U 335 -69.04 61.63 -10.90
CA GLY U 335 -68.07 62.58 -11.39
C GLY U 335 -67.18 63.18 -10.32
N ASP U 336 -67.35 62.74 -9.07
CA ASP U 336 -66.65 63.36 -7.96
C ASP U 336 -65.16 63.12 -7.97
N GLY U 337 -64.67 62.24 -8.83
CA GLY U 337 -63.26 61.89 -8.76
C GLY U 337 -62.90 61.14 -7.49
N VAL U 338 -63.79 60.29 -7.02
CA VAL U 338 -63.53 59.40 -5.89
C VAL U 338 -63.81 57.98 -6.36
N LEU U 339 -62.87 57.08 -6.09
CA LEU U 339 -62.98 55.72 -6.59
C LEU U 339 -63.84 54.87 -5.67
N HIS U 340 -64.62 53.99 -6.26
CA HIS U 340 -65.43 53.04 -5.50
C HIS U 340 -65.13 51.63 -5.97
N PRO U 341 -65.27 50.64 -5.09
CA PRO U 341 -64.99 49.25 -5.47
C PRO U 341 -66.16 48.64 -6.22
N ILE U 342 -65.94 48.25 -7.46
CA ILE U 342 -66.99 47.72 -8.32
C ILE U 342 -66.55 46.42 -8.96
N VAL U 343 -67.54 45.69 -9.45
CA VAL U 343 -67.37 44.44 -10.19
C VAL U 343 -68.27 44.48 -11.41
N ALA U 344 -67.73 44.06 -12.55
CA ALA U 344 -68.47 44.04 -13.80
C ALA U 344 -68.20 42.74 -14.54
N THR U 345 -69.25 42.10 -15.01
CA THR U 345 -69.15 40.78 -15.63
C THR U 345 -69.88 40.81 -16.96
N TRP U 346 -69.23 40.32 -18.01
CA TRP U 346 -69.86 40.32 -19.32
C TRP U 346 -69.44 39.10 -20.12
N VAL U 347 -70.27 38.74 -21.09
CA VAL U 347 -70.02 37.64 -22.00
C VAL U 347 -70.26 38.12 -23.42
N GLY U 348 -69.35 37.76 -24.33
CA GLY U 348 -69.48 38.19 -25.70
C GLY U 348 -69.48 39.70 -25.84
N ALA U 349 -70.65 40.27 -26.15
CA ALA U 349 -70.82 41.70 -26.24
C ALA U 349 -71.94 42.21 -25.35
N VAL U 350 -72.39 41.41 -24.40
CA VAL U 350 -73.52 41.74 -23.54
C VAL U 350 -73.01 41.85 -22.11
N MET U 351 -73.35 42.95 -21.45
CA MET U 351 -73.01 43.15 -20.06
C MET U 351 -74.02 42.42 -19.19
N ILE U 352 -73.54 41.54 -18.32
CA ILE U 352 -74.43 40.70 -17.53
C ILE U 352 -74.55 41.18 -16.09
N ARG U 353 -73.55 41.87 -15.56
CA ARG U 353 -73.59 42.25 -14.15
C ARG U 353 -72.75 43.49 -13.94
N MET U 354 -73.28 44.45 -13.20
CA MET U 354 -72.51 45.61 -12.78
C MET U 354 -72.97 45.99 -11.38
N GLU U 355 -72.03 46.06 -10.45
CA GLU U 355 -72.43 46.26 -9.06
C GLU U 355 -71.24 46.79 -8.28
N GLU U 356 -71.52 47.30 -7.09
CA GLU U 356 -70.45 47.59 -6.16
C GLU U 356 -70.01 46.29 -5.48
N ASN U 357 -68.82 46.32 -4.90
CA ASN U 357 -68.25 45.13 -4.31
C ASN U 357 -69.13 44.63 -3.17
N PRO U 358 -69.60 43.39 -3.22
CA PRO U 358 -70.56 42.91 -2.21
C PRO U 358 -69.95 42.21 -1.01
N PHE U 359 -68.65 42.00 -0.99
CA PHE U 359 -68.08 41.30 0.14
C PHE U 359 -67.93 42.23 1.34
N PRO U 360 -67.92 41.69 2.56
CA PRO U 360 -67.86 42.56 3.74
C PRO U 360 -66.63 43.45 3.77
N ASP U 361 -65.52 42.97 3.26
CA ASP U 361 -64.32 43.78 3.12
C ASP U 361 -64.21 44.22 1.67
N LYS U 362 -64.28 45.52 1.45
CA LYS U 362 -64.36 46.02 0.08
C LYS U 362 -63.03 45.89 -0.63
N LYS U 363 -62.59 44.66 -0.88
CA LYS U 363 -61.34 44.39 -1.56
C LYS U 363 -61.57 43.34 -2.64
N ILE U 364 -60.53 43.11 -3.43
CA ILE U 364 -60.60 42.10 -4.49
C ILE U 364 -60.51 40.72 -3.86
N PRO U 365 -61.40 39.81 -4.17
CA PRO U 365 -61.42 38.49 -3.53
C PRO U 365 -60.37 37.51 -4.07
N TYR U 366 -59.13 37.98 -4.15
CA TYR U 366 -58.02 37.17 -4.63
C TYR U 366 -56.85 37.31 -3.68
N VAL U 367 -55.99 36.30 -3.68
CA VAL U 367 -54.78 36.29 -2.89
C VAL U 367 -53.63 35.83 -3.76
N VAL U 368 -52.55 36.59 -3.79
CA VAL U 368 -51.39 36.30 -4.62
C VAL U 368 -50.18 36.08 -3.73
N VAL U 369 -49.49 34.97 -3.94
CA VAL U 369 -48.31 34.61 -3.16
C VAL U 369 -47.17 34.32 -4.12
N SER U 370 -46.00 34.89 -3.87
CA SER U 370 -44.84 34.70 -4.71
C SER U 370 -43.88 33.72 -4.05
N TYR U 371 -43.50 32.68 -4.78
CA TYR U 371 -42.63 31.64 -4.23
C TYR U 371 -41.27 32.22 -3.86
N ILE U 372 -40.53 32.68 -4.85
CA ILE U 372 -39.24 33.35 -4.64
C ILE U 372 -39.40 34.80 -5.06
N PRO U 373 -39.18 35.76 -4.17
CA PRO U 373 -39.49 37.15 -4.51
C PRO U 373 -38.56 37.71 -5.56
N ARG U 374 -39.05 38.72 -6.27
CA ARG U 374 -38.27 39.50 -7.21
C ARG U 374 -38.43 40.97 -6.87
N LYS U 375 -37.45 41.77 -7.28
CA LYS U 375 -37.43 43.18 -6.91
C LYS U 375 -38.60 43.91 -7.55
N ARG U 376 -39.57 44.30 -6.72
CA ARG U 376 -40.70 45.11 -7.14
C ARG U 376 -41.47 44.44 -8.28
N ASP U 377 -41.99 43.26 -7.98
CA ASP U 377 -42.78 42.52 -8.96
C ASP U 377 -43.65 41.52 -8.23
N LEU U 378 -44.87 41.33 -8.73
CA LEU U 378 -45.79 40.40 -8.09
C LEU U 378 -45.39 38.96 -8.34
N TYR U 379 -45.06 38.62 -9.58
CA TYR U 379 -44.73 37.26 -9.92
C TYR U 379 -43.37 36.88 -9.37
N GLY U 380 -43.26 35.65 -8.89
CA GLY U 380 -42.02 35.13 -8.36
C GLY U 380 -41.19 34.43 -9.42
N GLU U 381 -40.32 33.55 -8.97
CA GLU U 381 -39.53 32.70 -9.85
C GLU U 381 -39.73 31.24 -9.48
N SER U 382 -39.80 30.39 -10.49
CA SER U 382 -39.94 28.97 -10.25
C SER U 382 -38.72 28.43 -9.53
N ASP U 383 -38.89 27.26 -8.93
CA ASP U 383 -37.79 26.65 -8.18
C ASP U 383 -36.63 26.31 -9.10
N GLY U 384 -36.92 25.64 -10.21
CA GLY U 384 -35.89 25.22 -11.13
C GLY U 384 -35.65 26.20 -12.26
N ALA U 385 -35.55 27.49 -11.94
CA ALA U 385 -35.30 28.49 -12.98
C ALA U 385 -33.83 28.66 -13.30
N LEU U 386 -32.94 28.01 -12.56
CA LEU U 386 -31.50 28.17 -12.77
C LEU U 386 -30.80 26.86 -13.08
N LEU U 387 -31.55 25.77 -13.27
CA LEU U 387 -30.96 24.47 -13.51
C LEU U 387 -30.98 24.07 -14.97
N ILE U 388 -31.39 24.97 -15.86
CA ILE U 388 -31.53 24.62 -17.26
C ILE U 388 -30.19 24.22 -17.85
N ASP U 389 -29.14 24.98 -17.54
CA ASP U 389 -27.82 24.66 -18.05
C ASP U 389 -27.37 23.29 -17.56
N ASN U 390 -27.58 23.01 -16.29
CA ASN U 390 -27.17 21.72 -15.75
C ASN U 390 -27.92 20.58 -16.42
N GLN U 391 -29.22 20.74 -16.63
CA GLN U 391 -29.97 19.70 -17.30
C GLN U 391 -29.45 19.47 -18.71
N ARG U 392 -29.18 20.56 -19.43
CA ARG U 392 -28.69 20.41 -20.80
C ARG U 392 -27.35 19.71 -20.82
N ILE U 393 -26.44 20.09 -19.93
CA ILE U 393 -25.10 19.49 -19.93
C ILE U 393 -25.18 18.01 -19.59
N ILE U 394 -25.98 17.66 -18.58
CA ILE U 394 -26.08 16.25 -18.20
C ILE U 394 -26.67 15.44 -19.35
N GLY U 395 -27.70 15.97 -20.00
CA GLY U 395 -28.26 15.27 -21.14
C GLY U 395 -27.23 15.06 -22.24
N ALA U 396 -26.44 16.09 -22.53
CA ALA U 396 -25.46 15.98 -23.60
C ALA U 396 -24.42 14.91 -23.27
N VAL U 397 -23.92 14.92 -22.04
CA VAL U 397 -22.88 13.94 -21.68
C VAL U 397 -23.44 12.53 -21.74
N THR U 398 -24.66 12.33 -21.22
CA THR U 398 -25.24 10.99 -21.25
C THR U 398 -25.43 10.52 -22.68
N ARG U 399 -25.91 11.40 -23.56
CA ARG U 399 -26.08 11.02 -24.96
C ARG U 399 -24.74 10.65 -25.58
N GLY U 400 -23.69 11.40 -25.24
CA GLY U 400 -22.38 11.07 -25.77
C GLY U 400 -21.93 9.69 -25.36
N MET U 401 -22.10 9.35 -24.09
CA MET U 401 -21.67 8.04 -23.62
C MET U 401 -22.47 6.93 -24.29
N ILE U 402 -23.78 7.12 -24.43
CA ILE U 402 -24.61 6.15 -25.13
C ILE U 402 -24.12 5.94 -26.54
N ASP U 403 -23.84 7.04 -27.25
CA ASP U 403 -23.39 6.92 -28.63
C ASP U 403 -22.09 6.13 -28.71
N THR U 404 -21.15 6.46 -27.81
CA THR U 404 -19.87 5.77 -27.82
C THR U 404 -20.06 4.27 -27.63
N MET U 405 -20.92 3.88 -26.69
CA MET U 405 -21.08 2.46 -26.44
C MET U 405 -21.88 1.77 -27.53
N ALA U 406 -22.79 2.48 -28.19
CA ALA U 406 -23.71 1.83 -29.11
C ALA U 406 -23.16 1.71 -30.52
N ARG U 407 -22.57 2.77 -31.05
CA ARG U 407 -22.05 2.71 -32.41
C ARG U 407 -20.77 1.91 -32.52
N SER U 408 -20.38 1.19 -31.47
CA SER U 408 -19.16 0.40 -31.49
C SER U 408 -19.40 -0.88 -32.27
N ALA U 409 -18.44 -1.80 -32.21
CA ALA U 409 -18.53 -3.06 -32.93
C ALA U 409 -18.58 -4.25 -32.00
N ASN U 410 -19.20 -4.07 -30.84
CA ASN U 410 -19.28 -5.16 -29.86
C ASN U 410 -20.03 -6.34 -30.43
N GLY U 411 -19.49 -7.53 -30.21
CA GLY U 411 -20.13 -8.75 -30.61
C GLY U 411 -19.54 -9.40 -31.84
N GLN U 412 -18.90 -8.63 -32.71
CA GLN U 412 -18.35 -9.19 -33.93
C GLN U 412 -16.95 -9.73 -33.67
N VAL U 413 -16.58 -10.75 -34.43
CA VAL U 413 -15.28 -11.39 -34.32
C VAL U 413 -14.59 -11.35 -35.67
N GLY U 414 -13.34 -10.94 -35.69
CA GLY U 414 -12.57 -10.81 -36.91
C GLY U 414 -11.40 -11.77 -36.93
N VAL U 415 -11.11 -12.32 -38.10
CA VAL U 415 -10.06 -13.32 -38.26
C VAL U 415 -9.11 -12.85 -39.35
N MET U 416 -7.82 -12.96 -39.10
CA MET U 416 -6.82 -12.62 -40.11
C MET U 416 -6.95 -13.55 -41.31
N LYS U 417 -6.92 -12.96 -42.50
CA LYS U 417 -6.93 -13.77 -43.71
C LYS U 417 -5.67 -14.62 -43.77
N GLY U 418 -5.81 -15.84 -44.26
CA GLY U 418 -4.67 -16.70 -44.44
C GLY U 418 -4.17 -17.38 -43.19
N ALA U 419 -4.84 -17.21 -42.05
CA ALA U 419 -4.44 -17.93 -40.86
C ALA U 419 -5.08 -19.30 -40.77
N LEU U 420 -6.27 -19.47 -41.35
CA LEU U 420 -6.97 -20.74 -41.36
C LEU U 420 -7.34 -21.11 -42.79
N ASP U 421 -7.13 -22.37 -43.13
CA ASP U 421 -7.57 -22.87 -44.43
C ASP U 421 -9.08 -23.09 -44.38
N VAL U 422 -9.65 -23.67 -45.44
CA VAL U 422 -11.10 -23.83 -45.50
C VAL U 422 -11.59 -24.84 -44.47
N THR U 423 -10.94 -26.01 -44.40
CA THR U 423 -11.38 -27.03 -43.47
C THR U 423 -11.23 -26.57 -42.04
N ASN U 424 -10.09 -25.98 -41.70
CA ASN U 424 -9.90 -25.50 -40.34
C ASN U 424 -10.85 -24.35 -40.02
N ARG U 425 -11.14 -23.51 -41.00
CA ARG U 425 -12.13 -22.46 -40.78
C ARG U 425 -13.48 -23.06 -40.45
N ARG U 426 -13.88 -24.10 -41.17
CA ARG U 426 -15.16 -24.74 -40.88
C ARG U 426 -15.15 -25.37 -39.51
N ARG U 427 -14.05 -26.03 -39.13
CA ARG U 427 -14.00 -26.62 -37.80
C ARG U 427 -14.12 -25.55 -36.72
N PHE U 428 -13.40 -24.44 -36.90
CA PHE U 428 -13.43 -23.36 -35.92
C PHE U 428 -14.82 -22.79 -35.79
N ASP U 429 -15.52 -22.62 -36.91
CA ASP U 429 -16.90 -22.15 -36.84
C ASP U 429 -17.78 -23.17 -36.16
N ARG U 430 -17.60 -24.46 -36.47
CA ARG U 430 -18.45 -25.50 -35.89
C ARG U 430 -18.31 -25.53 -34.37
N GLY U 431 -17.09 -25.35 -33.87
CA GLY U 431 -16.92 -25.26 -32.44
C GLY U 431 -16.11 -26.40 -31.87
N GLU U 432 -15.33 -27.06 -32.70
CA GLU U 432 -14.47 -28.15 -32.27
C GLU U 432 -13.01 -27.70 -32.38
N ASN U 433 -12.10 -28.60 -32.03
CA ASN U 433 -10.69 -28.27 -32.09
C ASN U 433 -10.26 -28.08 -33.54
N TYR U 434 -9.16 -27.36 -33.72
CA TYR U 434 -8.75 -26.96 -35.06
C TYR U 434 -7.24 -26.83 -35.10
N GLU U 435 -6.72 -26.32 -36.21
CA GLU U 435 -5.30 -26.12 -36.40
C GLU U 435 -5.09 -24.85 -37.20
N PHE U 436 -4.02 -24.11 -36.88
CA PHE U 436 -3.76 -22.84 -37.51
C PHE U 436 -2.35 -22.83 -38.10
N ASN U 437 -2.20 -22.08 -39.18
CA ASN U 437 -0.94 -22.03 -39.89
C ASN U 437 0.14 -21.38 -39.03
N PRO U 438 1.40 -21.77 -39.22
CA PRO U 438 2.47 -21.22 -38.38
C PRO U 438 2.66 -19.74 -38.65
N GLY U 439 3.20 -19.06 -37.63
CA GLY U 439 3.46 -17.65 -37.71
C GLY U 439 2.28 -16.77 -37.37
N ALA U 440 1.14 -17.33 -37.02
CA ALA U 440 -0.04 -16.55 -36.64
C ALA U 440 -0.64 -17.18 -35.39
N ASP U 441 -0.17 -16.76 -34.23
CA ASP U 441 -0.72 -17.26 -32.98
C ASP U 441 -2.14 -16.75 -32.81
N PRO U 442 -3.05 -17.55 -32.25
CA PRO U 442 -4.46 -17.13 -32.19
C PRO U 442 -4.65 -15.85 -31.41
N ARG U 443 -3.87 -15.63 -30.35
CA ARG U 443 -4.09 -14.47 -29.51
C ARG U 443 -3.95 -13.16 -30.27
N ALA U 444 -3.29 -13.18 -31.43
CA ALA U 444 -3.28 -12.04 -32.32
C ALA U 444 -4.05 -12.26 -33.60
N ALA U 445 -4.25 -13.51 -34.01
CA ALA U 445 -4.93 -13.78 -35.26
C ALA U 445 -6.43 -13.54 -35.15
N VAL U 446 -7.03 -13.91 -34.03
CA VAL U 446 -8.46 -13.69 -33.82
C VAL U 446 -8.64 -12.55 -32.85
N HIS U 447 -9.78 -11.89 -32.94
CA HIS U 447 -10.06 -10.75 -32.08
C HIS U 447 -11.56 -10.62 -31.91
N MET U 448 -11.99 -10.40 -30.68
CA MET U 448 -13.41 -10.34 -30.33
C MET U 448 -13.69 -8.94 -29.77
N HIS U 449 -14.32 -8.10 -30.57
CA HIS U 449 -14.53 -6.72 -30.17
C HIS U 449 -15.45 -6.64 -28.96
N THR U 450 -15.21 -5.64 -28.12
CA THR U 450 -16.01 -5.40 -26.94
C THR U 450 -16.28 -3.91 -26.82
N PHE U 451 -17.00 -3.53 -25.77
CA PHE U 451 -17.30 -2.12 -25.56
C PHE U 451 -16.02 -1.34 -25.32
N PRO U 452 -15.94 -0.12 -25.82
CA PRO U 452 -14.75 0.70 -25.56
C PRO U 452 -14.69 1.15 -24.12
N GLU U 453 -13.67 1.92 -23.76
CA GLU U 453 -13.45 2.34 -22.39
C GLU U 453 -13.89 3.78 -22.20
N ILE U 454 -14.78 3.99 -21.24
CA ILE U 454 -15.22 5.35 -20.92
C ILE U 454 -14.09 6.08 -20.19
N PRO U 455 -13.70 7.27 -20.63
CA PRO U 455 -12.64 8.00 -19.93
C PRO U 455 -13.12 8.50 -18.58
N GLN U 456 -12.17 8.76 -17.72
CA GLN U 456 -12.45 9.16 -16.35
C GLN U 456 -12.95 10.56 -16.23
N SER U 457 -13.32 11.27 -17.29
CA SER U 457 -13.74 12.65 -17.16
C SER U 457 -15.24 12.84 -17.19
N ALA U 458 -15.97 11.99 -17.91
CA ALA U 458 -17.41 12.12 -17.96
C ALA U 458 -18.03 11.93 -16.59
N GLN U 459 -17.52 10.95 -15.84
CA GLN U 459 -18.01 10.73 -14.48
C GLN U 459 -17.84 11.98 -13.65
N TYR U 460 -16.65 12.58 -13.70
CA TYR U 460 -16.40 13.78 -12.92
C TYR U 460 -17.33 14.91 -13.33
N MET U 461 -17.54 15.07 -14.63
CA MET U 461 -18.37 16.18 -15.07
C MET U 461 -19.81 16.02 -14.61
N ILE U 462 -20.34 14.80 -14.70
CA ILE U 462 -21.70 14.57 -14.23
C ILE U 462 -21.80 14.84 -12.74
N ASN U 463 -20.82 14.36 -11.97
CA ASN U 463 -20.86 14.61 -10.52
C ASN U 463 -20.83 16.09 -10.23
N LEU U 464 -19.99 16.84 -10.95
CA LEU U 464 -19.90 18.28 -10.73
C LEU U 464 -21.23 18.96 -11.01
N GLN U 465 -21.85 18.62 -12.13
CA GLN U 465 -23.12 19.27 -12.47
C GLN U 465 -24.20 18.95 -11.44
N GLN U 466 -24.28 17.69 -11.02
CA GLN U 466 -25.30 17.32 -10.05
C GLN U 466 -25.08 18.02 -8.72
N ALA U 467 -23.82 18.08 -8.27
CA ALA U 467 -23.54 18.75 -7.02
C ALA U 467 -23.90 20.23 -7.10
N GLU U 468 -23.60 20.87 -8.23
CA GLU U 468 -23.96 22.27 -8.38
C GLU U 468 -25.47 22.47 -8.32
N ALA U 469 -26.22 21.59 -8.98
CA ALA U 469 -27.68 21.74 -8.94
C ALA U 469 -28.21 21.56 -7.53
N GLU U 470 -27.69 20.58 -6.80
CA GLU U 470 -28.14 20.36 -5.43
C GLU U 470 -27.83 21.56 -4.56
N SER U 471 -26.64 22.13 -4.72
CA SER U 471 -26.30 23.32 -3.95
C SER U 471 -27.22 24.48 -4.29
N MET U 472 -27.52 24.66 -5.56
CA MET U 472 -28.39 25.77 -5.96
C MET U 472 -29.76 25.65 -5.34
N THR U 473 -30.40 24.49 -5.50
CA THR U 473 -31.77 24.34 -5.02
C THR U 473 -31.82 24.32 -3.50
N GLY U 474 -30.96 23.53 -2.87
CA GLY U 474 -30.99 23.37 -1.45
C GLY U 474 -31.64 22.11 -0.94
N VAL U 475 -32.04 21.20 -1.83
CA VAL U 475 -32.60 19.93 -1.44
C VAL U 475 -31.70 18.82 -1.98
N LYS U 476 -31.23 17.96 -1.08
CA LYS U 476 -30.30 16.90 -1.46
C LYS U 476 -30.99 15.73 -2.15
N ALA U 477 -32.29 15.53 -1.89
CA ALA U 477 -33.09 14.55 -2.59
C ALA U 477 -32.64 13.11 -2.36
N PHE U 478 -31.60 12.93 -1.54
CA PHE U 478 -31.03 11.61 -1.26
C PHE U 478 -30.91 10.80 -2.54
N ASN U 479 -30.12 11.33 -3.45
CA ASN U 479 -30.12 10.89 -4.84
C ASN U 479 -28.67 10.78 -5.30
N ALA U 480 -28.48 10.70 -6.61
CA ALA U 480 -27.16 10.48 -7.20
C ALA U 480 -26.54 9.21 -6.62
N GLY U 481 -27.35 8.18 -6.51
CA GLY U 481 -26.98 6.95 -5.87
C GLY U 481 -28.22 6.25 -5.36
N ILE U 482 -28.03 5.34 -4.40
CA ILE U 482 -29.17 4.69 -3.77
C ILE U 482 -30.02 5.76 -3.08
N SER U 483 -31.34 5.66 -3.28
CA SER U 483 -32.24 6.61 -2.63
C SER U 483 -32.06 6.57 -1.12
N GLY U 484 -31.74 5.40 -0.58
CA GLY U 484 -31.26 5.28 0.77
C GLY U 484 -29.77 5.52 0.82
N ALA U 485 -29.33 6.73 0.52
CA ALA U 485 -27.92 7.05 0.43
C ALA U 485 -27.20 6.77 1.74
N ALA U 486 -25.90 6.53 1.63
CA ALA U 486 -25.05 6.16 2.77
C ALA U 486 -25.58 4.89 3.44
N LEU U 487 -25.54 3.79 2.69
CA LEU U 487 -25.99 2.49 3.19
C LEU U 487 -24.99 1.90 4.19
N GLY U 488 -24.80 2.65 5.26
CA GLY U 488 -24.03 2.23 6.41
C GLY U 488 -22.64 2.82 6.47
N ASP U 489 -22.55 3.95 7.18
CA ASP U 489 -21.29 4.47 7.71
C ASP U 489 -21.44 5.02 9.11
N THR U 490 -22.63 5.40 9.54
CA THR U 490 -22.92 5.92 10.86
C THR U 490 -24.39 5.69 11.12
N ALA U 491 -24.74 5.46 12.39
CA ALA U 491 -26.13 5.21 12.74
C ALA U 491 -27.03 6.36 12.33
N THR U 492 -26.57 7.59 12.55
CA THR U 492 -27.34 8.75 12.14
C THR U 492 -27.34 8.94 10.63
N ALA U 493 -26.24 8.63 9.97
CA ALA U 493 -26.13 8.86 8.54
C ALA U 493 -27.00 7.94 7.70
N VAL U 494 -27.57 6.90 8.31
CA VAL U 494 -28.56 6.08 7.61
C VAL U 494 -29.99 6.43 8.01
N ARG U 495 -30.18 7.10 9.15
CA ARG U 495 -31.52 7.49 9.57
C ARG U 495 -32.12 8.52 8.62
N GLY U 496 -31.29 9.42 8.09
CA GLY U 496 -31.81 10.46 7.21
C GLY U 496 -32.43 9.92 5.95
N ALA U 497 -31.79 8.90 5.36
CA ALA U 497 -32.27 8.35 4.10
C ALA U 497 -33.66 7.75 4.25
N LEU U 498 -33.83 6.89 5.26
CA LEU U 498 -35.13 6.28 5.50
C LEU U 498 -36.16 7.34 5.85
N ASP U 499 -35.74 8.37 6.59
CA ASP U 499 -36.65 9.47 6.91
C ASP U 499 -37.18 10.14 5.66
N ALA U 500 -36.28 10.49 4.74
CA ALA U 500 -36.71 11.16 3.52
C ALA U 500 -37.60 10.26 2.68
N ALA U 501 -37.26 8.98 2.59
CA ALA U 501 -38.08 8.06 1.81
C ALA U 501 -39.49 7.96 2.38
N SER U 502 -39.60 7.81 3.71
CA SER U 502 -40.91 7.72 4.33
C SER U 502 -41.69 9.01 4.13
N LYS U 503 -41.01 10.15 4.28
CA LYS U 503 -41.69 11.43 4.11
C LYS U 503 -42.24 11.56 2.69
N ARG U 504 -41.51 11.05 1.71
CA ARG U 504 -42.03 11.09 0.34
C ARG U 504 -43.22 10.16 0.17
N GLU U 505 -43.16 8.97 0.77
CA GLU U 505 -44.28 8.04 0.65
C GLU U 505 -45.54 8.59 1.29
N LEU U 506 -45.37 9.45 2.29
CA LEU U 506 -46.52 9.89 3.08
C LEU U 506 -47.56 10.60 2.25
N GLY U 507 -47.14 11.37 1.24
CA GLY U 507 -48.12 12.10 0.44
C GLY U 507 -49.04 11.17 -0.33
N ILE U 508 -48.47 10.15 -0.98
CA ILE U 508 -49.28 9.18 -1.68
C ILE U 508 -50.20 8.47 -0.72
N LEU U 509 -49.67 8.12 0.46
CA LEU U 509 -50.52 7.47 1.45
C LEU U 509 -51.71 8.34 1.81
N ARG U 510 -51.48 9.65 1.95
CA ARG U 510 -52.55 10.54 2.33
C ARG U 510 -53.61 10.65 1.23
N ARG U 511 -53.17 10.69 -0.02
CA ARG U 511 -54.15 10.75 -1.11
C ARG U 511 -55.04 9.51 -1.10
N LEU U 512 -54.43 8.34 -0.98
CA LEU U 512 -55.24 7.13 -0.96
C LEU U 512 -56.17 7.10 0.25
N SER U 513 -55.69 7.59 1.39
CA SER U 513 -56.54 7.66 2.57
C SER U 513 -57.74 8.55 2.33
N ALA U 514 -57.53 9.68 1.66
CA ALA U 514 -58.65 10.56 1.36
C ALA U 514 -59.70 9.86 0.51
N GLY U 515 -59.24 9.11 -0.49
CA GLY U 515 -60.18 8.35 -1.29
C GLY U 515 -61.00 7.38 -0.45
N ILE U 516 -60.34 6.66 0.44
CA ILE U 516 -61.05 5.69 1.28
C ILE U 516 -62.06 6.39 2.17
N ILE U 517 -61.68 7.54 2.74
CA ILE U 517 -62.60 8.29 3.57
C ILE U 517 -63.84 8.68 2.80
N GLU U 518 -63.67 9.13 1.56
CA GLU U 518 -64.82 9.50 0.75
C GLU U 518 -65.75 8.31 0.55
N ILE U 519 -65.18 7.15 0.23
CA ILE U 519 -65.99 5.96 0.05
C ILE U 519 -66.79 5.68 1.32
N GLY U 520 -66.11 5.78 2.47
CA GLY U 520 -66.79 5.50 3.72
C GLY U 520 -67.94 6.45 3.99
N ARG U 521 -67.75 7.72 3.69
CA ARG U 521 -68.83 8.67 3.91
C ARG U 521 -70.03 8.35 3.02
N LYS U 522 -69.79 7.99 1.77
CA LYS U 522 -70.91 7.59 0.92
C LYS U 522 -71.62 6.38 1.50
N ILE U 523 -70.87 5.41 2.00
CA ILE U 523 -71.49 4.21 2.55
C ILE U 523 -72.35 4.56 3.75
N ILE U 524 -71.86 5.45 4.62
CA ILE U 524 -72.64 5.86 5.77
C ILE U 524 -73.95 6.50 5.32
N ALA U 525 -73.86 7.38 4.33
CA ALA U 525 -75.06 8.04 3.83
C ALA U 525 -76.07 7.01 3.33
N MET U 526 -75.62 6.00 2.61
CA MET U 526 -76.56 5.00 2.13
C MET U 526 -77.13 4.17 3.28
N ASN U 527 -76.30 3.80 4.26
CA ASN U 527 -76.82 3.08 5.42
C ASN U 527 -77.89 3.87 6.14
N ALA U 528 -77.82 5.20 6.05
CA ALA U 528 -78.73 6.03 6.83
C ALA U 528 -80.18 5.67 6.60
N GLU U 529 -80.57 5.46 5.34
CA GLU U 529 -81.98 5.27 5.04
C GLU U 529 -82.33 3.90 4.46
N PHE U 530 -81.45 3.29 3.69
CA PHE U 530 -81.78 2.02 3.07
C PHE U 530 -81.90 0.88 4.07
N LEU U 531 -81.43 1.08 5.29
CA LEU U 531 -81.33 0.01 6.27
C LEU U 531 -82.35 0.22 7.37
N ASP U 532 -82.81 -0.88 7.96
CA ASP U 532 -83.92 -0.83 8.90
C ASP U 532 -83.44 -0.90 10.35
N ASP U 533 -84.27 -0.34 11.23
CA ASP U 533 -83.92 -0.26 12.64
C ASP U 533 -83.75 -1.64 13.25
N VAL U 534 -84.60 -2.59 12.89
CA VAL U 534 -84.46 -3.93 13.43
C VAL U 534 -83.15 -4.55 12.96
N GLU U 535 -82.76 -4.26 11.71
CA GLU U 535 -81.49 -4.77 11.21
C GLU U 535 -80.32 -4.18 11.98
N VAL U 536 -80.38 -2.88 12.28
CA VAL U 536 -79.28 -2.28 13.03
C VAL U 536 -79.25 -2.80 14.45
N VAL U 537 -80.42 -3.03 15.05
CA VAL U 537 -80.48 -3.55 16.41
C VAL U 537 -79.90 -4.96 16.45
N ARG U 538 -80.20 -5.77 15.43
CA ARG U 538 -79.68 -7.14 15.40
C ARG U 538 -78.17 -7.16 15.51
N ILE U 539 -77.50 -6.13 15.02
CA ILE U 539 -76.05 -6.05 15.12
C ILE U 539 -75.61 -5.43 16.43
N THR U 540 -76.13 -4.24 16.76
CA THR U 540 -75.57 -3.51 17.88
C THR U 540 -76.00 -4.06 19.24
N ASN U 541 -77.17 -4.70 19.31
CA ASN U 541 -77.76 -5.14 20.57
C ASN U 541 -77.94 -3.98 21.54
N GLU U 542 -78.27 -2.81 21.00
CA GLU U 542 -78.61 -1.65 21.81
C GLU U 542 -79.84 -0.99 21.21
N HIS U 543 -80.51 -0.20 22.03
CA HIS U 543 -81.71 0.47 21.56
C HIS U 543 -81.39 1.40 20.41
N PHE U 544 -82.27 1.40 19.41
CA PHE U 544 -82.01 2.16 18.20
C PHE U 544 -81.91 3.64 18.50
N VAL U 545 -80.88 4.27 17.96
CA VAL U 545 -80.71 5.71 18.07
C VAL U 545 -81.34 6.37 16.86
N ASP U 546 -82.17 7.37 17.09
CA ASP U 546 -82.86 8.01 15.99
C ASP U 546 -81.86 8.68 15.04
N ILE U 547 -82.38 9.09 13.89
CA ILE U 547 -81.56 9.63 12.82
C ILE U 547 -81.97 11.07 12.55
N ARG U 548 -80.99 11.93 12.33
CA ARG U 548 -81.25 13.32 12.01
C ARG U 548 -81.48 13.47 10.52
N ARG U 549 -82.60 14.07 10.14
CA ARG U 549 -82.96 14.17 8.74
C ARG U 549 -82.22 15.29 8.02
N ASP U 550 -81.62 16.22 8.75
CA ASP U 550 -80.91 17.32 8.10
C ASP U 550 -79.76 16.79 7.25
N ASP U 551 -78.80 16.16 7.89
CA ASP U 551 -77.69 15.52 7.22
C ASP U 551 -77.77 14.02 7.42
N LEU U 552 -77.34 13.26 6.42
CA LEU U 552 -77.29 11.81 6.55
C LEU U 552 -75.88 11.26 6.51
N ALA U 553 -74.92 11.99 5.95
CA ALA U 553 -73.54 11.53 5.85
C ALA U 553 -72.65 12.17 6.91
N GLY U 554 -73.23 12.55 8.05
CA GLY U 554 -72.47 13.28 9.03
C GLY U 554 -72.26 14.71 8.57
N ASN U 555 -71.01 15.12 8.42
CA ASN U 555 -70.66 16.47 7.98
C ASN U 555 -71.05 17.50 9.03
N PHE U 556 -71.72 17.05 10.09
CA PHE U 556 -72.08 17.90 11.20
C PHE U 556 -71.79 17.26 12.55
N ASP U 557 -71.70 15.94 12.62
CA ASP U 557 -71.58 15.27 13.90
C ASP U 557 -70.62 14.09 13.91
N LEU U 558 -69.95 13.79 12.80
CA LEU U 558 -69.07 12.64 12.73
C LEU U 558 -67.73 13.02 12.12
N LYS U 559 -66.65 12.55 12.73
CA LYS U 559 -65.31 12.70 12.20
C LYS U 559 -64.81 11.31 11.82
N LEU U 560 -64.36 11.16 10.58
CA LEU U 560 -64.05 9.87 9.99
C LEU U 560 -62.58 9.81 9.66
N ASP U 561 -61.90 8.75 10.12
CA ASP U 561 -60.47 8.62 9.89
C ASP U 561 -60.07 7.15 9.94
N ILE U 562 -58.88 6.88 9.42
CA ILE U 562 -58.36 5.51 9.36
C ILE U 562 -57.80 5.15 10.73
N SER U 563 -58.24 4.01 11.25
CA SER U 563 -57.77 3.55 12.55
C SER U 563 -56.47 2.78 12.40
N THR U 564 -55.60 2.93 13.39
CA THR U 564 -54.33 2.21 13.40
C THR U 564 -53.96 1.81 14.83
N ALA U 565 -53.15 0.76 14.91
CA ALA U 565 -52.85 0.13 16.20
C ALA U 565 -52.15 1.08 17.14
N GLU U 566 -51.26 1.92 16.61
CA GLU U 566 -50.52 2.84 17.48
C GLU U 566 -51.44 3.89 18.10
N GLU U 567 -52.41 4.39 17.33
CA GLU U 567 -53.39 5.29 17.93
C GLU U 567 -54.25 4.58 18.95
N ASP U 568 -54.60 3.32 18.69
CA ASP U 568 -55.35 2.58 19.70
C ASP U 568 -54.55 2.45 20.99
N ASN U 569 -53.27 2.13 20.87
CA ASN U 569 -52.41 2.02 22.04
C ASN U 569 -52.31 3.35 22.77
N ALA U 570 -52.17 4.44 22.01
CA ALA U 570 -52.10 5.75 22.64
C ALA U 570 -53.37 6.05 23.43
N LYS U 571 -54.53 5.75 22.85
CA LYS U 571 -55.78 5.98 23.55
C LYS U 571 -55.87 5.15 24.83
N VAL U 572 -55.47 3.88 24.75
CA VAL U 572 -55.50 3.03 25.93
C VAL U 572 -54.58 3.57 27.01
N ASN U 573 -53.37 3.96 26.63
CA ASN U 573 -52.42 4.49 27.61
C ASN U 573 -52.94 5.74 28.26
N ASP U 574 -53.51 6.65 27.47
CA ASP U 574 -54.06 7.88 28.04
C ASP U 574 -55.16 7.56 29.03
N LEU U 575 -56.07 6.67 28.65
CA LEU U 575 -57.16 6.33 29.55
C LEU U 575 -56.63 5.74 30.86
N THR U 576 -55.72 4.78 30.76
CA THR U 576 -55.18 4.15 31.96
C THR U 576 -54.51 5.16 32.86
N PHE U 577 -53.61 5.97 32.28
CA PHE U 577 -52.86 6.93 33.09
C PHE U 577 -53.80 7.92 33.76
N MET U 578 -54.74 8.45 33.00
CA MET U 578 -55.50 9.56 33.53
C MET U 578 -56.55 9.08 34.51
N LEU U 579 -57.02 7.85 34.35
CA LEU U 579 -57.80 7.20 35.41
C LEU U 579 -56.96 7.02 36.66
N GLN U 580 -55.76 6.47 36.52
CA GLN U 580 -54.99 6.15 37.72
C GLN U 580 -54.59 7.41 38.46
N THR U 581 -54.37 8.52 37.75
CA THR U 581 -54.15 9.81 38.38
C THR U 581 -55.10 10.81 37.74
N MET U 582 -56.34 10.81 38.19
CA MET U 582 -57.29 11.87 37.90
C MET U 582 -57.56 12.75 39.11
N GLY U 583 -57.96 12.16 40.22
CA GLY U 583 -58.23 12.90 41.42
C GLY U 583 -59.41 12.38 42.20
N PRO U 584 -59.73 13.05 43.30
CA PRO U 584 -60.84 12.59 44.15
C PRO U 584 -62.20 13.01 43.61
N ASN U 585 -62.24 13.47 42.37
CA ASN U 585 -63.48 13.96 41.77
C ASN U 585 -64.60 12.94 41.93
N MET U 586 -65.81 13.44 42.15
CA MET U 586 -66.93 12.58 42.46
C MET U 586 -67.47 11.95 41.18
N ASP U 587 -68.67 11.38 41.27
CA ASP U 587 -69.30 10.66 40.19
C ASP U 587 -68.48 9.45 39.81
N PRO U 588 -68.35 8.46 40.70
CA PRO U 588 -67.58 7.25 40.35
C PRO U 588 -68.20 6.48 39.20
N MET U 589 -69.45 6.77 38.86
CA MET U 589 -70.02 6.25 37.63
C MET U 589 -69.11 6.53 36.46
N MET U 590 -68.50 7.72 36.43
CA MET U 590 -67.60 8.07 35.34
C MET U 590 -66.38 7.16 35.30
N ALA U 591 -65.79 6.88 36.47
CA ALA U 591 -64.66 5.97 36.51
C ALA U 591 -65.06 4.59 36.02
N GLN U 592 -66.26 4.15 36.38
CA GLN U 592 -66.75 2.88 35.86
C GLN U 592 -66.88 2.90 34.35
N GLN U 593 -67.40 4.00 33.80
CA GLN U 593 -67.52 4.11 32.34
C GLN U 593 -66.15 3.99 31.69
N ILE U 594 -65.17 4.68 32.24
CA ILE U 594 -63.83 4.63 31.67
C ILE U 594 -63.30 3.21 31.70
N MET U 595 -63.36 2.57 32.86
CA MET U 595 -62.79 1.23 32.99
C MET U 595 -63.49 0.26 32.05
N GLY U 596 -64.80 0.38 31.91
CA GLY U 596 -65.51 -0.42 30.94
C GLY U 596 -65.03 -0.16 29.53
N GLN U 597 -64.68 1.08 29.22
CA GLN U 597 -64.15 1.37 27.88
C GLN U 597 -62.81 0.69 27.67
N ILE U 598 -61.94 0.66 28.68
CA ILE U 598 -60.70 -0.09 28.51
C ILE U 598 -60.98 -1.57 28.29
N MET U 599 -61.90 -2.15 29.07
CA MET U 599 -62.32 -3.51 28.79
C MET U 599 -62.73 -3.70 27.33
N GLU U 600 -63.61 -2.82 26.84
CA GLU U 600 -64.12 -2.99 25.49
C GLU U 600 -63.02 -2.86 24.46
N LEU U 601 -62.11 -1.91 24.65
CA LEU U 601 -60.97 -1.78 23.75
C LEU U 601 -60.07 -3.01 23.80
N LYS U 602 -60.01 -3.67 24.94
CA LYS U 602 -59.23 -4.89 25.07
C LYS U 602 -60.05 -6.14 24.78
N LYS U 603 -61.26 -5.97 24.27
CA LYS U 603 -62.06 -7.07 23.72
C LYS U 603 -62.50 -8.08 24.79
N MET U 604 -63.13 -7.56 25.84
CA MET U 604 -63.90 -8.38 26.77
C MET U 604 -65.23 -7.70 27.03
N PRO U 605 -66.11 -7.69 26.02
CA PRO U 605 -67.36 -6.91 26.15
C PRO U 605 -68.24 -7.34 27.31
N ASP U 606 -68.25 -8.62 27.66
CA ASP U 606 -69.04 -9.05 28.80
C ASP U 606 -68.56 -8.39 30.08
N PHE U 607 -67.26 -8.41 30.33
CA PHE U 607 -66.71 -7.72 31.49
C PHE U 607 -66.98 -6.23 31.41
N ALA U 608 -66.88 -5.66 30.20
CA ALA U 608 -67.12 -4.23 30.05
C ALA U 608 -68.53 -3.88 30.49
N LYS U 609 -69.52 -4.61 29.98
CA LYS U 609 -70.90 -4.30 30.34
C LYS U 609 -71.13 -4.51 31.83
N ARG U 610 -70.59 -5.60 32.37
CA ARG U 610 -70.82 -5.89 33.79
C ARG U 610 -70.24 -4.80 34.66
N ILE U 611 -69.03 -4.33 34.35
CA ILE U 611 -68.42 -3.27 35.13
C ILE U 611 -69.21 -1.98 34.99
N ARG U 612 -69.52 -1.59 33.75
CA ARG U 612 -70.16 -0.29 33.56
C ARG U 612 -71.55 -0.25 34.17
N GLU U 613 -72.22 -1.40 34.27
CA GLU U 613 -73.52 -1.45 34.91
C GLU U 613 -73.44 -1.81 36.38
N PHE U 614 -72.26 -2.12 36.89
CA PHE U 614 -72.12 -2.50 38.29
C PHE U 614 -72.47 -1.34 39.20
N GLN U 615 -73.25 -1.62 40.24
CA GLN U 615 -73.65 -0.62 41.21
C GLN U 615 -72.99 -0.89 42.56
N PRO U 616 -72.10 -0.04 43.03
CA PRO U 616 -71.50 -0.25 44.35
C PRO U 616 -72.55 -0.11 45.45
N GLN U 617 -72.33 -0.85 46.53
CA GLN U 617 -73.23 -0.83 47.68
C GLN U 617 -72.40 -0.64 48.95
N PRO U 618 -72.86 0.24 49.83
CA PRO U 618 -72.16 0.51 51.07
C PRO U 618 -72.47 -0.55 52.12
N ASP U 619 -71.61 -0.62 53.13
CA ASP U 619 -71.75 -1.59 54.22
C ASP U 619 -72.64 -1.00 55.31
N PRO U 620 -72.69 -1.66 56.47
CA PRO U 620 -73.48 -1.21 57.60
C PRO U 620 -72.64 -0.47 58.63
N ILE U 621 -71.61 0.25 58.20
CA ILE U 621 -70.78 1.02 59.10
C ILE U 621 -71.33 2.42 59.36
N ALA U 622 -72.38 2.84 58.65
CA ALA U 622 -73.02 4.10 58.98
C ALA U 622 -73.60 4.08 60.39
N GLN U 623 -73.86 2.89 60.91
CA GLN U 623 -74.21 2.78 62.32
C GLN U 623 -73.16 3.43 63.20
N GLN U 624 -71.89 3.26 62.85
CA GLN U 624 -70.84 3.87 63.65
C GLN U 624 -70.97 5.38 63.67
N LYS U 625 -71.22 5.99 62.51
CA LYS U 625 -71.37 7.44 62.47
C LYS U 625 -72.57 7.89 63.29
N ALA U 626 -73.69 7.19 63.16
CA ALA U 626 -74.86 7.57 63.94
C ALA U 626 -74.58 7.46 65.44
N GLN U 627 -73.92 6.38 65.87
CA GLN U 627 -73.68 6.17 67.28
C GLN U 627 -72.69 7.19 67.83
N LEU U 628 -71.67 7.55 67.06
CA LEU U 628 -70.75 8.57 67.55
C LEU U 628 -71.42 9.94 67.58
N GLU U 629 -72.34 10.20 66.64
CA GLU U 629 -73.12 11.42 66.74
C GLU U 629 -73.91 11.46 68.04
N LEU U 630 -74.52 10.33 68.40
CA LEU U 630 -75.24 10.28 69.67
C LEU U 630 -74.29 10.44 70.85
N MET U 631 -73.13 9.79 70.80
CA MET U 631 -72.05 10.04 71.74
C MET U 631 -71.91 11.53 72.02
N LEU U 632 -71.59 12.29 70.97
CA LEU U 632 -71.29 13.69 71.15
C LEU U 632 -72.50 14.45 71.66
N LEU U 633 -73.68 14.19 71.09
CA LEU U 633 -74.86 14.95 71.47
C LEU U 633 -75.15 14.78 72.97
N GLN U 634 -75.15 13.54 73.43
CA GLN U 634 -75.44 13.29 74.84
C GLN U 634 -74.33 13.80 75.73
N ALA U 635 -73.07 13.56 75.36
CA ALA U 635 -71.96 14.01 76.17
C ALA U 635 -71.98 15.52 76.33
N GLN U 636 -72.51 16.25 75.36
CA GLN U 636 -72.52 17.69 75.56
C GLN U 636 -73.77 18.16 76.30
N ILE U 637 -74.97 17.89 75.78
CA ILE U 637 -76.16 18.42 76.45
C ILE U 637 -76.30 17.84 77.84
N GLU U 638 -76.16 16.53 77.96
CA GLU U 638 -76.51 15.86 79.19
C GLU U 638 -75.47 16.11 80.29
N ALA U 639 -74.19 16.08 79.95
CA ALA U 639 -73.18 16.16 80.98
C ALA U 639 -72.94 17.59 81.43
N GLU U 640 -72.48 18.45 80.52
CA GLU U 640 -71.87 19.69 80.94
C GLU U 640 -72.88 20.67 81.54
N ARG U 641 -74.03 20.84 80.87
CA ARG U 641 -75.04 21.76 81.38
C ARG U 641 -75.51 21.31 82.75
N ALA U 642 -75.68 20.01 82.93
CA ALA U 642 -76.07 19.48 84.22
C ALA U 642 -75.03 19.78 85.28
N ARG U 643 -73.74 19.63 84.94
CA ARG U 643 -72.70 19.96 85.89
C ARG U 643 -72.76 21.43 86.29
N ALA U 644 -72.99 22.30 85.30
CA ALA U 644 -73.10 23.73 85.61
C ALA U 644 -74.25 23.98 86.58
N ALA U 645 -75.41 23.40 86.31
CA ALA U 645 -76.54 23.61 87.19
C ALA U 645 -76.23 23.13 88.60
N HIS U 646 -75.58 21.97 88.71
CA HIS U 646 -75.24 21.43 90.02
C HIS U 646 -74.31 22.36 90.77
N TYR U 647 -73.30 22.89 90.09
CA TYR U 647 -72.34 23.75 90.76
C TYR U 647 -72.98 25.06 91.21
N MET U 648 -73.82 25.67 90.36
CA MET U 648 -74.49 26.89 90.79
C MET U 648 -75.39 26.64 91.99
N SER U 649 -76.09 25.50 91.99
CA SER U 649 -76.92 25.18 93.15
C SER U 649 -76.07 25.05 94.40
N GLY U 650 -74.92 24.39 94.28
CA GLY U 650 -74.03 24.28 95.44
C GLY U 650 -73.57 25.63 95.95
N ALA U 651 -73.22 26.53 95.04
CA ALA U 651 -72.78 27.85 95.45
C ALA U 651 -73.89 28.58 96.21
N GLY U 652 -75.11 28.52 95.69
CA GLY U 652 -76.23 29.11 96.40
C GLY U 652 -76.41 28.52 97.79
N LEU U 653 -76.24 27.21 97.90
CA LEU U 653 -76.39 26.56 99.20
C LEU U 653 -75.34 27.07 100.20
N GLN U 654 -74.09 27.21 99.76
CA GLN U 654 -73.07 27.73 100.67
C GLN U 654 -73.41 29.14 101.13
N ASP U 655 -73.82 29.99 100.16
CA ASP U 655 -74.17 31.36 100.51
C ASP U 655 -75.32 31.38 101.51
N SER U 656 -76.21 30.40 101.44
CA SER U 656 -77.25 30.30 102.46
C SER U 656 -76.67 29.89 103.80
N LYS U 657 -75.78 28.90 103.81
CA LYS U 657 -75.27 28.36 105.07
C LYS U 657 -74.49 29.39 105.87
N VAL U 658 -73.99 30.43 105.21
CA VAL U 658 -73.26 31.48 105.94
C VAL U 658 -74.12 32.04 107.08
N GLY U 659 -75.38 32.31 106.80
CA GLY U 659 -76.24 32.90 107.83
C GLY U 659 -76.43 32.00 109.02
N THR U 660 -76.59 30.70 108.78
CA THR U 660 -76.71 29.76 109.89
C THR U 660 -75.44 29.76 110.73
N GLU U 661 -74.29 29.89 110.08
CA GLU U 661 -73.05 30.02 110.85
C GLU U 661 -73.10 31.24 111.75
N GLN U 662 -73.54 32.37 111.22
CA GLN U 662 -73.65 33.58 112.04
C GLN U 662 -74.54 33.33 113.25
N ALA U 663 -75.70 32.72 113.03
CA ALA U 663 -76.65 32.49 114.11
C ALA U 663 -76.05 31.58 115.18
N LYS U 664 -75.36 30.52 114.76
CA LYS U 664 -74.72 29.64 115.73
C LYS U 664 -73.73 30.39 116.58
N ALA U 665 -72.91 31.24 115.95
CA ALA U 665 -71.93 32.00 116.71
C ALA U 665 -72.62 32.86 117.77
N ARG U 666 -73.67 33.57 117.38
CA ARG U 666 -74.36 34.44 118.32
C ARG U 666 -74.94 33.64 119.49
N ALA U 667 -75.59 32.52 119.18
CA ALA U 667 -76.22 31.74 120.23
C ALA U 667 -75.20 31.21 121.23
N LEU U 668 -74.06 30.72 120.73
CA LEU U 668 -73.05 30.22 121.65
C LEU U 668 -72.48 31.34 122.51
N ALA U 669 -72.30 32.54 121.93
CA ALA U 669 -71.85 33.65 122.75
C ALA U 669 -72.82 33.92 123.89
N SER U 670 -74.13 33.91 123.59
CA SER U 670 -75.13 34.16 124.63
C SER U 670 -75.05 33.09 125.72
N GLN U 671 -74.90 31.83 125.33
CA GLN U 671 -74.82 30.76 126.33
C GLN U 671 -73.61 30.94 127.22
N ALA U 672 -72.47 31.31 126.64
CA ALA U 672 -71.29 31.56 127.45
C ALA U 672 -71.53 32.68 128.44
N ASP U 673 -72.23 33.73 128.01
CA ASP U 673 -72.55 34.81 128.93
C ASP U 673 -73.40 34.33 130.10
N MET U 674 -74.40 33.49 129.81
CA MET U 674 -75.22 32.93 130.87
C MET U 674 -74.38 32.16 131.87
N THR U 675 -73.47 31.31 131.37
CA THR U 675 -72.64 30.51 132.25
C THR U 675 -71.77 31.40 133.13
N ASP U 676 -71.19 32.43 132.55
CA ASP U 676 -70.36 33.34 133.33
C ASP U 676 -71.16 34.04 134.42
N LEU U 677 -72.39 34.44 134.09
CA LEU U 677 -73.24 35.06 135.09
C LEU U 677 -73.50 34.13 136.27
N ASN U 678 -73.84 32.87 135.97
CA ASN U 678 -74.12 31.92 137.05
C ASN U 678 -72.87 31.68 137.88
N PHE U 679 -71.71 31.61 137.24
CA PHE U 679 -70.46 31.45 137.99
C PHE U 679 -70.25 32.61 138.95
N LEU U 680 -70.46 33.84 138.45
CA LEU U 680 -70.29 35.00 139.32
C LEU U 680 -71.26 34.95 140.50
N GLU U 681 -72.51 34.56 140.24
CA GLU U 681 -73.47 34.50 141.33
C GLU U 681 -73.06 33.48 142.39
N GLN U 682 -72.71 32.25 141.95
CA GLN U 682 -72.28 31.25 142.91
C GLN U 682 -71.06 31.70 143.69
N GLU U 683 -70.20 32.51 143.09
CA GLU U 683 -69.13 33.11 143.88
C GLU U 683 -69.69 34.31 144.62
N SER U 684 -70.30 34.03 145.77
CA SER U 684 -70.65 35.05 146.75
C SER U 684 -71.60 36.11 146.16
N GLY U 685 -72.81 35.66 145.83
CA GLY U 685 -73.86 36.59 145.49
C GLY U 685 -75.24 36.10 145.83
N VAL U 686 -76.21 36.52 145.00
CA VAL U 686 -77.61 36.18 145.21
C VAL U 686 -77.81 34.67 145.30
N GLN U 687 -76.90 33.89 144.70
CA GLN U 687 -77.04 32.44 144.68
C GLN U 687 -77.27 31.89 146.08
N GLN U 688 -76.43 32.28 147.04
CA GLN U 688 -76.62 31.87 148.42
C GLN U 688 -77.06 33.02 149.31
N ALA U 689 -77.31 34.20 148.74
CA ALA U 689 -77.93 35.27 149.51
C ALA U 689 -79.45 35.11 149.55
N ARG U 690 -80.08 35.01 148.38
CA ARG U 690 -81.53 35.02 148.33
C ARG U 690 -82.13 33.70 148.78
N LYS U 691 -81.54 32.57 148.36
CA LYS U 691 -82.24 31.29 148.44
C LYS U 691 -82.68 30.94 149.85
N ARG U 692 -81.98 31.44 150.88
CA ARG U 692 -82.57 31.37 152.21
C ARG U 692 -83.48 32.57 152.47
N GLU U 693 -82.95 33.78 152.23
CA GLU U 693 -83.67 35.03 152.46
C GLU U 693 -85.13 34.93 152.08
N LEU U 694 -85.39 34.50 150.84
CA LEU U 694 -86.76 34.38 150.35
C LEU U 694 -87.65 33.62 151.32
N GLN U 695 -87.32 32.35 151.55
CA GLN U 695 -88.21 31.49 152.32
C GLN U 695 -88.25 31.89 153.79
N GLN U 696 -87.09 32.21 154.37
CA GLN U 696 -87.07 32.56 155.79
C GLN U 696 -87.89 33.82 156.04
N ALA U 697 -87.65 34.88 155.25
CA ALA U 697 -88.38 36.11 155.45
C ALA U 697 -89.87 35.91 155.20
N GLN U 698 -90.22 35.21 154.12
CA GLN U 698 -91.64 35.03 153.81
C GLN U 698 -92.35 34.26 154.92
N SER U 699 -91.81 33.09 155.26
CA SER U 699 -92.47 32.25 156.26
C SER U 699 -92.54 32.95 157.60
N GLU U 700 -91.43 33.54 158.05
CA GLU U 700 -91.41 34.21 159.34
C GLU U 700 -92.39 35.36 159.37
N ALA U 701 -92.34 36.24 158.37
CA ALA U 701 -93.23 37.41 158.37
C ALA U 701 -94.68 36.99 158.31
N GLN U 702 -95.02 36.04 157.43
CA GLN U 702 -96.41 35.61 157.31
C GLN U 702 -96.92 34.99 158.60
N GLY U 703 -96.17 34.03 159.15
CA GLY U 703 -96.59 33.40 160.38
C GLY U 703 -96.71 34.38 161.53
N LYS U 704 -95.73 35.29 161.65
CA LYS U 704 -95.74 36.26 162.73
C LYS U 704 -96.92 37.22 162.61
N LEU U 705 -97.20 37.70 161.40
CA LEU U 705 -98.32 38.61 161.22
C LEU U 705 -99.65 37.91 161.49
N ALA U 706 -99.82 36.68 160.99
CA ALA U 706 -101.05 35.96 161.25
C ALA U 706 -101.23 35.68 162.74
N MET U 707 -100.16 35.26 163.41
CA MET U 707 -100.27 34.93 164.82
C MET U 707 -100.40 36.17 165.70
N LEU U 708 -99.89 37.32 165.25
CA LEU U 708 -100.16 38.58 165.92
C LEU U 708 -101.62 38.99 165.74
N ASN U 709 -102.16 38.75 164.53
CA ASN U 709 -103.60 38.96 164.34
C ASN U 709 -104.43 37.99 165.18
N SER U 710 -103.83 36.88 165.60
CA SER U 710 -104.54 35.96 166.49
C SER U 710 -104.91 36.64 167.80
N GLN U 711 -103.99 37.41 168.38
CA GLN U 711 -104.32 38.12 169.61
C GLN U 711 -105.36 39.21 169.38
N LEU U 712 -105.37 39.82 168.19
CA LEU U 712 -106.42 40.77 167.88
C LEU U 712 -107.78 40.08 167.81
N LYS U 713 -107.82 38.90 167.18
CA LYS U 713 -109.06 38.13 167.15
C LYS U 713 -109.51 37.75 168.55
N ARG U 714 -108.57 37.36 169.41
CA ARG U 714 -108.92 37.00 170.78
C ARG U 714 -109.40 38.20 171.57
N LEU U 715 -108.80 39.37 171.36
CA LEU U 715 -109.27 40.58 172.01
C LEU U 715 -110.69 40.92 171.56
N ASP U 716 -110.98 40.73 170.27
CA ASP U 716 -112.34 40.90 169.79
C ASP U 716 -113.28 39.89 170.45
N GLU U 717 -112.83 38.65 170.60
CA GLU U 717 -113.60 37.64 171.33
C GLU U 717 -113.94 38.13 172.73
N ALA U 718 -112.94 38.63 173.44
CA ALA U 718 -113.15 39.07 174.82
C ALA U 718 -114.10 40.25 174.88
N THR U 719 -113.94 41.22 173.97
CA THR U 719 -114.78 42.41 173.99
C THR U 719 -116.18 42.17 173.45
N SER U 720 -116.42 41.04 172.76
CA SER U 720 -117.74 40.73 172.22
C SER U 720 -118.50 39.76 173.14
N ALA U 721 -117.93 38.58 173.38
CA ALA U 721 -118.60 37.58 174.21
C ALA U 721 -117.59 36.76 174.99
N ALA V 2 69.28 20.55 -105.11
CA ALA V 2 67.87 20.31 -104.85
C ALA V 2 67.68 19.65 -103.49
N VAL V 3 68.65 19.84 -102.60
CA VAL V 3 68.66 19.19 -101.29
C VAL V 3 68.34 20.26 -100.25
N GLU V 4 67.08 20.31 -99.84
CA GLU V 4 66.69 21.17 -98.74
C GLU V 4 66.78 20.37 -97.45
N PRO V 5 67.60 20.78 -96.49
CA PRO V 5 67.80 19.97 -95.28
C PRO V 5 66.64 20.20 -94.31
N ILE V 6 65.90 19.14 -94.01
CA ILE V 6 64.84 19.24 -93.03
C ILE V 6 65.45 19.32 -91.65
N THR V 7 65.03 20.30 -90.87
CA THR V 7 65.64 20.59 -89.58
C THR V 7 64.59 20.64 -88.50
N ILE V 8 65.06 20.86 -87.27
CA ILE V 8 64.17 21.02 -86.14
C ILE V 8 63.25 22.22 -86.36
N ALA V 9 63.77 23.26 -86.99
CA ALA V 9 62.92 24.40 -87.34
C ALA V 9 61.81 23.99 -88.28
N ASP V 10 62.12 23.13 -89.24
CA ASP V 10 61.09 22.62 -90.14
C ASP V 10 60.04 21.83 -89.38
N LEU V 11 60.47 21.00 -88.43
CA LEU V 11 59.49 20.26 -87.63
C LEU V 11 58.63 21.20 -86.80
N THR V 12 59.26 22.05 -86.01
CA THR V 12 58.57 23.04 -85.20
C THR V 12 59.52 24.10 -84.68
N GLU V 13 59.21 25.37 -84.95
CA GLU V 13 59.87 26.44 -84.22
C GLU V 13 59.15 26.64 -82.89
N VAL V 14 59.88 27.24 -81.94
CA VAL V 14 59.45 27.17 -80.55
C VAL V 14 58.20 28.00 -80.32
N LYS V 15 57.92 28.99 -81.16
CA LYS V 15 56.78 29.87 -80.92
C LYS V 15 55.46 29.11 -81.00
N LEU V 16 54.48 29.61 -80.26
CA LEU V 16 53.14 28.99 -80.27
C LEU V 16 52.49 29.10 -81.64
N ASP V 17 52.61 30.26 -82.28
CA ASP V 17 51.96 30.53 -83.55
C ASP V 17 52.85 30.20 -84.75
N GLY V 18 53.83 29.35 -84.58
CA GLY V 18 54.76 29.06 -85.66
C GLY V 18 54.10 28.31 -86.81
N LYS V 19 54.94 27.92 -87.76
CA LYS V 19 54.49 27.20 -88.94
C LYS V 19 54.96 25.76 -88.96
N GLY V 20 55.52 25.27 -87.86
CA GLY V 20 55.90 23.87 -87.81
C GLY V 20 54.71 22.95 -87.89
N ALA V 21 54.98 21.72 -88.34
CA ALA V 21 53.89 20.76 -88.50
C ALA V 21 53.21 20.47 -87.17
N LEU V 22 54.01 20.26 -86.13
CA LEU V 22 53.44 20.04 -84.80
C LEU V 22 52.60 21.23 -84.37
N ASP V 23 53.10 22.43 -84.63
CA ASP V 23 52.38 23.63 -84.23
C ASP V 23 51.03 23.72 -84.91
N GLN V 24 50.99 23.45 -86.22
CA GLN V 24 49.73 23.63 -86.92
C GLN V 24 48.75 22.51 -86.60
N LEU V 25 49.24 21.29 -86.37
CA LEU V 25 48.34 20.24 -85.92
C LEU V 25 47.72 20.58 -84.57
N LEU V 26 48.54 21.09 -83.65
CA LEU V 26 47.99 21.50 -82.37
C LEU V 26 46.99 22.63 -82.54
N GLN V 27 47.26 23.55 -83.45
CA GLN V 27 46.34 24.66 -83.68
C GLN V 27 44.99 24.17 -84.19
N VAL V 28 44.99 23.22 -85.12
CA VAL V 28 43.71 22.76 -85.65
C VAL V 28 42.95 21.98 -84.58
N THR V 29 43.67 21.21 -83.76
CA THR V 29 43.00 20.54 -82.64
C THR V 29 42.38 21.57 -81.71
N ARG V 30 43.12 22.64 -81.42
CA ARG V 30 42.59 23.69 -80.56
C ARG V 30 41.33 24.30 -81.16
N LEU V 31 41.32 24.53 -82.47
CA LEU V 31 40.14 25.14 -83.08
C LEU V 31 38.93 24.24 -82.98
N HIS V 32 39.11 22.95 -83.23
CA HIS V 32 37.97 22.03 -83.11
C HIS V 32 37.45 22.01 -81.69
N LEU V 33 38.34 21.91 -80.71
CA LEU V 33 37.90 21.90 -79.32
C LEU V 33 37.24 23.22 -78.96
N ALA V 34 37.75 24.33 -79.49
CA ALA V 34 37.17 25.62 -79.15
C ALA V 34 35.74 25.73 -79.67
N LYS V 35 35.50 25.29 -80.90
CA LYS V 35 34.13 25.31 -81.39
C LYS V 35 33.25 24.39 -80.55
N GLU V 36 33.78 23.23 -80.17
CA GLU V 36 32.98 22.33 -79.35
C GLU V 36 32.60 22.97 -78.02
N HIS V 37 33.53 23.67 -77.39
CA HIS V 37 33.23 24.34 -76.13
C HIS V 37 32.28 25.51 -76.33
N ASP V 38 32.40 26.22 -77.45
CA ASP V 38 31.51 27.33 -77.71
C ASP V 38 30.07 26.85 -77.84
N ALA V 39 29.87 25.75 -78.55
CA ALA V 39 28.59 25.09 -78.40
C ALA V 39 28.51 24.47 -77.01
N GLY V 40 27.30 24.30 -76.51
CA GLY V 40 27.17 23.80 -75.15
C GLY V 40 27.49 22.34 -75.02
N ARG V 41 28.76 21.95 -75.21
CA ARG V 41 29.10 20.54 -75.17
C ARG V 41 30.36 20.19 -74.42
N LEU V 42 31.22 21.15 -74.08
CA LEU V 42 32.44 20.84 -73.33
C LEU V 42 32.60 21.81 -72.17
N LYS V 43 33.01 21.29 -71.02
CA LYS V 43 33.48 22.16 -69.96
C LYS V 43 34.94 22.51 -70.19
N GLY V 44 35.43 23.44 -69.38
CA GLY V 44 36.79 23.90 -69.58
C GLY V 44 37.86 22.95 -69.11
N GLN V 45 37.51 21.78 -68.62
CA GLN V 45 38.48 20.81 -68.11
C GLN V 45 38.72 19.65 -69.04
N GLU V 46 37.66 19.13 -69.69
CA GLU V 46 37.88 18.15 -70.74
C GLU V 46 38.73 18.74 -71.85
N TYR V 47 38.61 20.04 -72.07
CA TYR V 47 39.45 20.72 -73.06
C TYR V 47 40.92 20.48 -72.76
N ALA V 48 41.32 20.61 -71.50
CA ALA V 48 42.71 20.39 -71.15
C ALA V 48 43.06 18.91 -71.17
N ALA V 49 42.13 18.07 -70.70
CA ALA V 49 42.42 16.64 -70.60
C ALA V 49 42.71 16.06 -71.97
N VAL V 50 41.87 16.39 -72.96
CA VAL V 50 42.03 15.82 -74.29
C VAL V 50 43.37 16.26 -74.88
N LEU V 51 43.69 17.54 -74.76
CA LEU V 51 44.92 18.05 -75.34
C LEU V 51 46.14 17.37 -74.73
N THR V 52 46.18 17.30 -73.40
CA THR V 52 47.32 16.70 -72.74
C THR V 52 47.45 15.22 -73.11
N GLY V 53 46.32 14.52 -73.22
CA GLY V 53 46.38 13.14 -73.66
C GLY V 53 46.92 13.02 -75.07
N GLY V 54 46.56 13.98 -75.94
CA GLY V 54 46.90 13.86 -77.35
C GLY V 54 48.32 14.20 -77.69
N ILE V 55 48.96 15.04 -76.88
CA ILE V 55 50.27 15.61 -77.23
C ILE V 55 51.24 14.61 -77.86
N THR V 56 51.50 13.50 -77.18
CA THR V 56 52.55 12.61 -77.65
C THR V 56 52.14 11.88 -78.93
N ALA V 57 50.88 11.49 -79.04
CA ALA V 57 50.43 10.84 -80.28
C ALA V 57 50.53 11.79 -81.46
N VAL V 58 50.15 13.04 -81.25
CA VAL V 58 50.29 14.04 -82.31
C VAL V 58 51.75 14.18 -82.71
N LEU V 59 52.64 14.22 -81.73
CA LEU V 59 54.06 14.32 -82.04
C LEU V 59 54.52 13.15 -82.88
N GLN V 60 54.14 11.94 -82.50
CA GLN V 60 54.56 10.76 -83.25
C GLN V 60 54.04 10.80 -84.68
N ASN V 61 52.79 11.19 -84.85
CA ASN V 61 52.23 11.26 -86.19
C ASN V 61 52.95 12.29 -87.05
N ALA V 62 53.27 13.46 -86.47
CA ALA V 62 53.97 14.47 -87.23
C ALA V 62 55.35 14.01 -87.64
N VAL V 63 56.06 13.32 -86.74
CA VAL V 63 57.37 12.81 -87.10
C VAL V 63 57.26 11.80 -88.21
N MET V 64 56.27 10.90 -88.13
CA MET V 64 56.03 9.97 -89.23
C MET V 64 55.78 10.71 -90.53
N PHE V 65 55.05 11.82 -90.46
CA PHE V 65 54.64 12.51 -91.68
C PHE V 65 55.84 13.17 -92.37
N LEU V 66 56.68 13.86 -91.60
CA LEU V 66 57.75 14.65 -92.21
C LEU V 66 58.72 13.76 -92.98
N LEU V 67 59.07 12.61 -92.43
CA LEU V 67 60.08 11.78 -93.06
C LEU V 67 59.60 11.26 -94.42
N GLN V 68 58.36 10.80 -94.50
CA GLN V 68 57.87 10.21 -95.73
C GLN V 68 57.23 11.20 -96.68
N LYS V 69 57.00 12.44 -96.24
CA LYS V 69 56.25 13.38 -97.06
C LYS V 69 56.86 13.60 -98.43
N ASP V 70 58.07 14.16 -98.45
CA ASP V 70 58.61 14.74 -99.67
C ASP V 70 58.84 13.69 -100.76
N GLU V 71 59.44 12.56 -100.42
CA GLU V 71 59.93 11.65 -101.45
C GLU V 71 58.81 10.91 -102.16
N ALA V 72 57.59 10.91 -101.62
CA ALA V 72 56.50 10.17 -102.26
C ALA V 72 56.17 10.75 -103.62
N ALA V 73 56.06 12.07 -103.71
CA ALA V 73 55.76 12.69 -104.99
C ALA V 73 56.87 12.40 -106.01
N ASN V 74 58.12 12.44 -105.55
CA ASN V 74 59.22 12.11 -106.44
C ASN V 74 59.10 10.68 -106.95
N LYS V 75 58.74 9.75 -106.07
CA LYS V 75 58.56 8.37 -106.48
C LYS V 75 57.47 8.26 -107.53
N ALA V 76 56.37 8.98 -107.34
CA ALA V 76 55.28 8.92 -108.31
C ALA V 76 55.73 9.43 -109.68
N ALA V 77 56.45 10.55 -109.69
CA ALA V 77 56.92 11.09 -110.96
C ALA V 77 57.86 10.10 -111.64
N LEU V 78 58.73 9.46 -110.86
CA LEU V 78 59.61 8.44 -111.43
C LEU V 78 58.81 7.32 -112.06
N VAL V 79 57.72 6.92 -111.39
CA VAL V 79 56.91 5.83 -111.92
C VAL V 79 56.28 6.22 -113.24
N GLU V 80 55.73 7.43 -113.34
CA GLU V 80 55.10 7.79 -114.61
C GLU V 80 56.12 7.95 -115.73
N ALA V 81 57.33 8.42 -115.40
CA ALA V 81 58.38 8.42 -116.40
C ALA V 81 58.67 7.02 -116.90
N GLN V 82 58.74 6.06 -115.98
CA GLN V 82 58.92 4.67 -116.40
C GLN V 82 57.76 4.20 -117.26
N ILE V 83 56.56 4.70 -117.01
CA ILE V 83 55.41 4.35 -117.85
C ILE V 83 55.68 4.76 -119.29
N LYS V 84 56.12 6.00 -119.48
CA LYS V 84 56.41 6.46 -120.84
C LYS V 84 57.53 5.63 -121.46
N LEU V 85 58.54 5.28 -120.65
CA LEU V 85 59.64 4.48 -121.16
C LEU V 85 59.15 3.12 -121.66
N THR V 86 58.26 2.48 -120.90
CA THR V 86 57.71 1.21 -121.35
C THR V 86 56.87 1.38 -122.60
N GLU V 87 56.15 2.50 -122.72
CA GLU V 87 55.46 2.79 -123.98
C GLU V 87 56.43 2.70 -125.14
N LYS V 88 57.57 3.38 -125.01
CA LYS V 88 58.52 3.43 -126.11
C LYS V 88 59.14 2.06 -126.38
N GLN V 89 59.43 1.29 -125.32
CA GLN V 89 59.96 -0.06 -125.55
C GLN V 89 58.95 -0.92 -126.31
N GLY V 90 57.68 -0.81 -125.96
CA GLY V 90 56.67 -1.56 -126.68
C GLY V 90 56.63 -1.17 -128.15
N GLU V 91 56.72 0.13 -128.42
CA GLU V 91 56.75 0.56 -129.82
C GLU V 91 57.95 -0.03 -130.56
N LEU V 92 59.10 -0.02 -129.92
CA LEU V 92 60.30 -0.57 -130.56
C LEU V 92 60.12 -2.05 -130.88
N LEU V 93 59.53 -2.81 -129.96
CA LEU V 93 59.32 -4.23 -130.23
C LEU V 93 58.30 -4.43 -131.35
N ASP V 94 57.31 -3.54 -131.43
CA ASP V 94 56.37 -3.58 -132.56
C ASP V 94 57.13 -3.40 -133.87
N LYS V 95 58.14 -2.53 -133.86
CA LYS V 95 59.00 -2.43 -135.03
C LYS V 95 59.79 -3.72 -135.23
N GLN V 96 60.20 -4.35 -134.13
CA GLN V 96 61.06 -5.53 -134.17
C GLN V 96 60.40 -6.69 -134.91
N ILE V 97 59.12 -6.92 -134.65
CA ILE V 97 58.47 -8.10 -135.24
C ILE V 97 58.45 -7.97 -136.76
N ALA V 98 58.06 -6.80 -137.26
CA ALA V 98 58.02 -6.58 -138.69
C ALA V 98 59.42 -6.64 -139.30
N GLN V 99 60.41 -6.09 -138.60
CA GLN V 99 61.78 -6.16 -139.10
C GLN V 99 62.21 -7.61 -139.29
N ALA V 100 61.97 -8.45 -138.28
CA ALA V 100 62.39 -9.84 -138.38
C ALA V 100 61.62 -10.55 -139.48
N ASP V 101 60.32 -10.30 -139.60
CA ASP V 101 59.53 -10.97 -140.61
C ASP V 101 60.04 -10.63 -142.01
N LYS V 102 60.41 -9.37 -142.24
CA LYS V 102 61.05 -9.02 -143.50
C LYS V 102 62.41 -9.67 -143.64
N ASP V 103 63.14 -9.84 -142.54
CA ASP V 103 64.44 -10.48 -142.54
C ASP V 103 64.37 -11.97 -142.81
N ALA V 104 63.17 -12.55 -142.81
CA ALA V 104 63.01 -14.00 -142.82
C ALA V 104 63.85 -14.69 -143.89
N GLU V 105 63.78 -14.22 -145.14
CA GLU V 105 64.26 -15.00 -146.27
C GLU V 105 65.76 -14.90 -146.54
N LEU V 106 66.47 -14.02 -145.83
CA LEU V 106 67.91 -13.93 -146.03
C LEU V 106 68.58 -15.27 -145.77
N ILE V 107 68.08 -16.02 -144.80
CA ILE V 107 68.63 -17.34 -144.53
C ILE V 107 68.39 -18.26 -145.72
N ALA V 108 67.24 -18.12 -146.39
CA ALA V 108 66.98 -18.91 -147.59
C ALA V 108 67.96 -18.57 -148.70
N ALA V 109 68.27 -17.28 -148.86
CA ALA V 109 69.29 -16.89 -149.83
C ALA V 109 70.63 -17.53 -149.48
N LYS V 110 70.99 -17.50 -148.20
CA LYS V 110 72.23 -18.14 -147.77
C LYS V 110 72.19 -19.63 -148.06
N VAL V 111 71.02 -20.25 -147.90
CA VAL V 111 70.85 -21.66 -148.22
C VAL V 111 71.19 -21.90 -149.69
N LYS V 112 70.67 -21.04 -150.57
CA LYS V 112 70.94 -21.23 -151.98
C LYS V 112 72.42 -21.06 -152.29
N LEU V 113 73.07 -20.09 -151.64
CA LEU V 113 74.51 -19.96 -151.75
C LEU V 113 75.19 -21.29 -151.44
N THR V 114 74.85 -21.87 -150.28
CA THR V 114 75.46 -23.12 -149.86
C THR V 114 75.22 -24.21 -150.88
N LEU V 115 73.98 -24.35 -151.33
CA LEU V 115 73.62 -25.39 -152.29
C LEU V 115 74.44 -25.30 -153.56
N GLU V 116 74.50 -24.10 -154.15
CA GLU V 116 75.25 -23.94 -155.40
C GLU V 116 76.73 -24.20 -155.18
N GLN V 117 77.29 -23.65 -154.11
CA GLN V 117 78.73 -23.82 -153.87
C GLN V 117 79.09 -25.28 -153.66
N ALA V 118 78.26 -26.01 -152.92
CA ALA V 118 78.52 -27.43 -152.69
C ALA V 118 78.40 -28.22 -153.99
N LYS V 119 77.31 -27.99 -154.74
CA LYS V 119 77.05 -28.81 -155.91
C LYS V 119 78.14 -28.63 -156.96
N LEU V 120 78.43 -27.38 -157.32
CA LEU V 120 79.34 -27.18 -158.44
C LEU V 120 80.80 -27.41 -158.06
N PRO V 121 81.32 -26.64 -157.11
CA PRO V 121 82.78 -26.52 -156.96
C PRO V 121 83.48 -27.81 -156.63
N ASP V 122 83.06 -28.48 -155.56
CA ASP V 122 83.78 -29.66 -155.08
C ASP V 122 83.90 -30.73 -156.17
N SER V 123 82.77 -31.23 -156.65
CA SER V 123 82.79 -32.32 -157.62
C SER V 123 83.42 -31.88 -158.93
N GLN V 124 83.10 -30.69 -159.42
CA GLN V 124 83.64 -30.25 -160.70
C GLN V 124 85.16 -30.16 -160.64
N ILE V 125 85.68 -29.50 -159.60
CA ILE V 125 87.13 -29.37 -159.45
C ILE V 125 87.76 -30.73 -159.29
N ARG V 126 87.18 -31.60 -158.46
CA ARG V 126 87.73 -32.93 -158.27
C ARG V 126 87.92 -33.64 -159.61
N SER V 127 86.81 -33.81 -160.35
CA SER V 127 86.88 -34.58 -161.59
C SER V 127 87.85 -33.93 -162.60
N ALA V 128 87.65 -32.64 -162.87
CA ALA V 128 88.43 -32.00 -163.92
C ALA V 128 89.91 -31.97 -163.56
N GLY V 129 90.24 -31.53 -162.35
CA GLY V 129 91.62 -31.48 -161.95
C GLY V 129 92.29 -32.84 -161.94
N PHE V 130 91.59 -33.86 -161.43
CA PHE V 130 92.17 -35.19 -161.39
C PHE V 130 92.51 -35.66 -162.80
N GLN V 131 91.53 -35.60 -163.72
CA GLN V 131 91.78 -36.10 -165.06
C GLN V 131 92.88 -35.32 -165.75
N ASP V 132 92.79 -33.98 -165.71
CA ASP V 132 93.76 -33.15 -166.41
C ASP V 132 95.16 -33.36 -165.85
N LEU V 133 95.30 -33.34 -164.52
CA LEU V 133 96.61 -33.50 -163.91
C LEU V 133 97.21 -34.85 -164.22
N LEU V 134 96.41 -35.91 -164.13
CA LEU V 134 96.94 -37.25 -164.40
C LEU V 134 97.43 -37.37 -165.84
N VAL V 135 96.60 -36.92 -166.79
CA VAL V 135 96.96 -37.04 -168.20
C VAL V 135 98.21 -36.22 -168.49
N GLN V 136 98.22 -34.96 -168.03
CA GLN V 136 99.35 -34.09 -168.30
C GLN V 136 100.63 -34.60 -167.66
N GLU V 137 100.53 -35.14 -166.43
CA GLU V 137 101.71 -35.66 -165.76
C GLU V 137 102.27 -36.87 -166.50
N GLN V 138 101.40 -37.79 -166.93
CA GLN V 138 101.88 -38.95 -167.67
C GLN V 138 102.54 -38.52 -168.98
N THR V 139 101.90 -37.61 -169.72
CA THR V 139 102.47 -37.16 -170.98
C THR V 139 103.79 -36.45 -170.77
N LYS V 140 103.89 -35.61 -169.74
CA LYS V 140 105.12 -34.88 -169.47
C LYS V 140 106.24 -35.83 -169.04
N VAL V 141 105.92 -36.85 -168.25
CA VAL V 141 106.93 -37.82 -167.86
C VAL V 141 107.46 -38.57 -169.08
N GLN V 142 106.54 -39.00 -169.96
CA GLN V 142 106.98 -39.69 -171.18
C GLN V 142 107.84 -38.77 -172.05
N THR V 143 107.42 -37.51 -172.20
CA THR V 143 108.19 -36.57 -173.01
C THR V 143 109.56 -36.31 -172.42
N ALA V 144 109.64 -36.20 -171.10
CA ALA V 144 110.93 -35.99 -170.45
C ALA V 144 111.85 -37.19 -170.66
N GLN V 145 111.30 -38.40 -170.55
CA GLN V 145 112.12 -39.59 -170.81
C GLN V 145 112.62 -39.62 -172.25
N THR V 146 111.75 -39.29 -173.20
CA THR V 146 112.15 -39.27 -174.60
C THR V 146 113.21 -38.21 -174.85
N ARG V 147 113.06 -37.03 -174.24
CA ARG V 147 114.05 -35.98 -174.41
C ARG V 147 115.39 -36.39 -173.80
N ARG V 148 115.36 -37.07 -172.66
CA ARG V 148 116.60 -37.56 -172.06
C ARG V 148 117.28 -38.56 -172.97
N ILE V 149 116.51 -39.47 -173.58
CA ILE V 149 117.08 -40.44 -174.49
C ILE V 149 117.70 -39.75 -175.69
N ASP V 150 116.99 -38.77 -176.26
CA ASP V 150 117.51 -38.07 -177.44
C ASP V 150 118.76 -37.28 -177.11
N GLN V 151 118.79 -36.62 -175.95
CA GLN V 151 119.97 -35.88 -175.54
C GLN V 151 121.15 -36.81 -175.32
N GLU V 152 120.90 -37.98 -174.72
CA GLU V 152 121.97 -38.96 -174.55
C GLU V 152 122.50 -39.44 -175.89
N ILE V 153 121.61 -39.67 -176.85
CA ILE V 153 122.04 -40.11 -178.18
C ILE V 153 122.89 -39.03 -178.84
N LEU V 154 122.45 -37.78 -178.77
CA LEU V 154 123.21 -36.69 -179.35
C LEU V 154 124.58 -36.54 -178.68
N SER V 155 124.62 -36.67 -177.35
CA SER V 155 125.89 -36.57 -176.64
C SER V 155 126.83 -37.70 -177.03
N ALA V 156 126.30 -38.91 -177.17
CA ALA V 156 127.12 -40.05 -177.58
C ALA V 156 127.65 -39.84 -179.00
N GLY V 157 126.80 -39.33 -179.90
CA GLY V 157 127.27 -39.04 -181.25
C GLY V 157 128.32 -37.96 -181.28
N PHE V 158 128.21 -36.98 -180.40
CA PHE V 158 129.16 -35.88 -180.33
C PHE V 158 130.54 -36.36 -179.88
N THR W 2 16.24 47.13 -51.42
CA THR W 2 16.25 45.71 -51.70
C THR W 2 16.70 45.46 -53.14
N ILE W 3 17.61 46.29 -53.64
CA ILE W 3 17.97 46.28 -55.04
C ILE W 3 19.44 45.94 -55.19
N GLN W 4 19.78 45.41 -56.36
CA GLN W 4 21.15 45.11 -56.74
C GLN W 4 21.33 45.37 -58.22
N LEU W 5 22.46 45.96 -58.57
CA LEU W 5 22.76 46.18 -59.98
C LEU W 5 23.01 44.85 -60.67
N LYS W 6 22.43 44.68 -61.85
CA LYS W 6 22.64 43.46 -62.62
C LYS W 6 24.12 43.27 -62.92
N GLN W 7 24.85 44.37 -63.05
CA GLN W 7 26.27 44.30 -63.38
C GLN W 7 27.03 43.46 -62.36
N VAL W 8 26.85 43.75 -61.08
CA VAL W 8 27.56 43.02 -60.04
C VAL W 8 27.19 41.54 -60.09
N ILE W 9 25.92 41.25 -60.37
CA ILE W 9 25.48 39.87 -60.41
C ILE W 9 26.23 39.11 -61.48
N ASP W 10 26.29 39.68 -62.68
CA ASP W 10 26.95 38.97 -63.77
C ASP W 10 28.45 38.85 -63.52
N LEU W 11 29.06 39.91 -62.97
CA LEU W 11 30.48 39.84 -62.69
C LEU W 11 30.79 38.72 -61.71
N LEU W 12 29.94 38.54 -60.69
CA LEU W 12 30.19 37.47 -59.74
C LEU W 12 29.90 36.11 -60.36
N ALA W 13 28.79 35.99 -61.10
CA ALA W 13 28.45 34.71 -61.71
C ALA W 13 29.48 34.28 -62.73
N GLU W 14 30.32 35.22 -63.19
CA GLU W 14 31.49 34.82 -63.97
C GLU W 14 32.37 33.86 -63.18
N GLY W 15 32.49 34.05 -61.87
CA GLY W 15 33.40 33.24 -61.10
C GLY W 15 32.95 31.81 -60.89
N GLU W 16 31.70 31.48 -61.21
CA GLU W 16 31.20 30.13 -61.08
C GLU W 16 30.68 29.55 -62.40
N LEU W 17 30.47 30.37 -63.41
CA LEU W 17 30.14 29.88 -64.75
C LEU W 17 31.35 29.92 -65.67
N SER W 18 32.54 30.03 -65.11
CA SER W 18 33.73 30.18 -65.94
C SER W 18 34.07 28.92 -66.74
N ASN W 19 33.48 27.78 -66.39
CA ASN W 19 33.78 26.55 -67.10
C ASN W 19 33.15 26.48 -68.48
N ILE W 20 32.08 27.23 -68.72
CA ILE W 20 31.18 26.86 -69.80
C ILE W 20 30.98 28.00 -70.78
N LYS W 21 30.09 27.77 -71.75
CA LYS W 21 29.90 28.71 -72.84
C LYS W 21 29.36 30.05 -72.36
N TYR W 22 28.57 30.04 -71.28
CA TYR W 22 27.66 31.16 -71.03
C TYR W 22 28.37 32.49 -70.97
N VAL W 23 29.62 32.50 -70.53
CA VAL W 23 30.22 33.76 -70.14
C VAL W 23 31.61 33.90 -70.73
N ASN W 24 32.14 32.83 -71.31
CA ASN W 24 33.56 32.84 -71.63
C ASN W 24 33.84 32.40 -73.05
N ILE W 25 34.56 33.25 -73.78
CA ILE W 25 35.37 32.77 -74.88
C ILE W 25 36.55 32.00 -74.29
N ASP W 26 36.95 30.93 -74.97
CA ASP W 26 38.07 30.15 -74.47
C ASP W 26 39.33 30.99 -74.35
N THR W 27 39.46 32.02 -75.18
CA THR W 27 40.59 32.92 -75.14
C THR W 27 40.12 34.30 -74.70
N GLY W 28 40.77 34.84 -73.68
CA GLY W 28 40.36 36.14 -73.16
C GLY W 28 38.93 36.10 -72.68
N ALA W 29 38.69 35.36 -71.60
CA ALA W 29 37.34 35.11 -71.12
C ALA W 29 36.56 36.38 -70.87
N LEU W 30 35.55 36.64 -71.69
CA LEU W 30 34.72 37.84 -71.57
C LEU W 30 33.28 37.47 -71.84
N VAL W 31 32.37 38.20 -71.18
CA VAL W 31 30.96 37.84 -71.23
C VAL W 31 30.46 37.86 -72.66
N LEU W 32 29.70 36.82 -73.03
CA LEU W 32 29.09 36.75 -74.35
C LEU W 32 27.80 37.56 -74.39
N GLU W 33 26.97 37.30 -75.39
CA GLU W 33 25.68 37.95 -75.48
C GLU W 33 24.54 36.94 -75.41
N ARG W 34 24.62 36.03 -74.44
CA ARG W 34 23.49 35.22 -74.00
C ARG W 34 22.82 35.80 -72.77
N VAL W 35 23.07 37.08 -72.53
CA VAL W 35 22.50 37.84 -71.41
C VAL W 35 20.98 37.69 -71.36
N PRO W 36 20.26 37.68 -72.49
CA PRO W 36 18.82 37.39 -72.40
C PRO W 36 18.50 36.10 -71.66
N SER W 37 19.17 35.00 -72.03
CA SER W 37 18.91 33.75 -71.34
C SER W 37 19.30 33.82 -69.87
N LEU W 38 20.44 34.48 -69.59
CA LEU W 38 20.83 34.62 -68.19
C LEU W 38 19.78 35.36 -67.37
N ILE W 39 19.23 36.44 -67.92
CA ILE W 39 18.21 37.20 -67.21
C ILE W 39 16.97 36.34 -67.02
N ARG W 40 16.58 35.58 -68.04
CA ARG W 40 15.41 34.73 -67.89
C ARG W 40 15.60 33.69 -66.81
N ALA W 41 16.83 33.24 -66.60
CA ALA W 41 17.08 32.32 -65.49
C ALA W 41 17.04 33.04 -64.15
N ILE W 42 17.63 34.23 -64.09
CA ILE W 42 17.70 34.95 -62.82
C ILE W 42 16.32 35.29 -62.32
N ASN W 43 15.40 35.64 -63.22
CA ASN W 43 14.05 35.97 -62.79
C ASN W 43 13.38 34.76 -62.13
N LEU W 44 13.57 33.58 -62.71
CA LEU W 44 13.03 32.37 -62.10
C LEU W 44 13.63 32.13 -60.73
N GLY W 45 14.93 32.35 -60.59
CA GLY W 45 15.55 32.21 -59.28
C GLY W 45 14.94 33.13 -58.25
N VAL W 46 14.73 34.40 -58.63
CA VAL W 46 14.14 35.35 -57.70
C VAL W 46 12.75 34.90 -57.28
N LEU W 47 11.96 34.42 -58.24
CA LEU W 47 10.63 33.94 -57.90
C LEU W 47 10.70 32.79 -56.92
N ASP W 48 11.63 31.87 -57.12
CA ASP W 48 11.74 30.74 -56.22
C ASP W 48 12.10 31.19 -54.80
N LEU W 49 13.01 32.14 -54.69
CA LEU W 49 13.37 32.62 -53.37
C LEU W 49 12.19 33.30 -52.69
N HIS W 50 11.42 34.07 -53.45
CA HIS W 50 10.24 34.68 -52.87
C HIS W 50 9.20 33.65 -52.47
N LYS W 51 9.20 32.49 -53.13
CA LYS W 51 8.36 31.40 -52.67
C LYS W 51 8.83 30.88 -51.33
N ARG W 52 10.14 30.69 -51.18
CA ARG W 52 10.64 30.03 -49.98
C ARG W 52 10.56 30.93 -48.75
N PHE W 53 10.80 32.22 -48.91
CA PHE W 53 10.71 33.16 -47.80
C PHE W 53 9.78 34.30 -48.14
N LEU W 54 9.19 34.91 -47.11
CA LEU W 54 8.22 35.96 -47.36
C LEU W 54 8.84 37.16 -48.05
N LEU W 55 9.69 37.89 -47.34
CA LEU W 55 10.47 38.98 -47.89
C LEU W 55 9.64 40.15 -48.39
N LYS W 56 8.31 40.00 -48.42
CA LYS W 56 7.45 41.02 -48.99
C LYS W 56 6.00 40.74 -48.59
N GLU W 57 5.17 41.78 -48.66
CA GLU W 57 3.74 41.63 -48.52
C GLU W 57 3.08 42.87 -49.09
N GLY W 58 1.85 42.70 -49.57
CA GLY W 58 1.19 43.78 -50.27
C GLY W 58 -0.14 44.17 -49.67
N MET W 59 -0.87 45.05 -50.34
CA MET W 59 -2.13 45.53 -49.83
C MET W 59 -3.01 45.98 -50.99
N LEU W 60 -4.30 45.76 -50.88
CA LEU W 60 -5.26 46.29 -51.84
C LEU W 60 -6.36 47.02 -51.12
N LYS W 61 -7.41 47.40 -51.85
CA LYS W 61 -8.60 47.96 -51.22
C LYS W 61 -9.74 47.79 -52.21
N ILE W 62 -10.68 46.91 -51.89
CA ILE W 62 -11.78 46.59 -52.77
C ILE W 62 -13.01 47.38 -52.33
N GLN W 63 -13.68 48.01 -53.29
CA GLN W 63 -14.92 48.69 -53.02
C GLN W 63 -16.08 47.77 -53.38
N LEU W 64 -16.85 47.37 -52.38
CA LEU W 64 -17.85 46.34 -52.57
C LEU W 64 -18.99 46.83 -53.44
N GLU W 65 -19.75 45.87 -53.95
CA GLU W 65 -20.93 46.14 -54.77
C GLU W 65 -21.97 45.08 -54.44
N GLU W 66 -23.11 45.51 -53.92
CA GLU W 66 -24.12 44.57 -53.46
C GLU W 66 -24.62 43.70 -54.59
N GLY W 67 -24.87 42.43 -54.28
CA GLY W 67 -25.33 41.48 -55.27
C GLY W 67 -24.26 40.83 -56.10
N ARG W 68 -23.00 41.19 -55.90
CA ARG W 68 -21.90 40.58 -56.62
C ARG W 68 -21.48 39.29 -55.92
N ARG W 69 -21.07 38.30 -56.71
CA ARG W 69 -20.69 37.00 -56.17
C ARG W 69 -19.19 36.74 -56.25
N LEU W 70 -18.56 37.03 -57.38
CA LEU W 70 -17.14 36.78 -57.58
C LEU W 70 -16.39 38.07 -57.80
N TYR W 71 -15.31 38.27 -57.06
CA TYR W 71 -14.40 39.39 -57.27
C TYR W 71 -13.05 38.82 -57.65
N PRO W 72 -12.67 38.85 -58.92
CA PRO W 72 -11.33 38.43 -59.29
C PRO W 72 -10.33 39.55 -59.07
N LEU W 73 -9.11 39.16 -58.70
CA LEU W 73 -8.04 40.12 -58.47
C LEU W 73 -7.04 40.01 -59.62
N ARG W 74 -7.26 40.80 -60.66
CA ARG W 74 -6.46 40.75 -61.87
C ARG W 74 -6.15 42.16 -62.32
N PRO W 75 -5.08 42.35 -63.08
CA PRO W 75 -4.60 43.71 -63.35
C PRO W 75 -5.46 44.49 -64.33
N ALA W 76 -6.63 43.98 -64.68
CA ALA W 76 -7.56 44.75 -65.50
C ALA W 76 -8.61 45.48 -64.66
N TYR W 77 -8.73 45.13 -63.39
CA TYR W 77 -9.71 45.75 -62.51
C TYR W 77 -9.08 46.76 -61.57
N GLN W 78 -7.77 46.98 -61.67
CA GLN W 78 -7.05 47.77 -60.69
C GLN W 78 -6.94 49.21 -61.20
N VAL W 79 -7.19 50.17 -60.31
CA VAL W 79 -7.08 51.57 -60.69
C VAL W 79 -5.70 51.89 -61.24
N GLY W 80 -5.68 52.73 -62.26
CA GLY W 80 -4.46 53.13 -62.91
C GLY W 80 -3.95 52.14 -63.93
N GLN W 81 -4.57 50.97 -64.04
CA GLN W 81 -4.20 50.02 -65.06
C GLN W 81 -5.00 50.34 -66.32
N LYS W 82 -4.99 49.43 -67.28
CA LYS W 82 -5.75 49.63 -68.50
C LYS W 82 -7.23 49.34 -68.24
N PRO W 83 -8.12 50.29 -68.45
CA PRO W 83 -9.54 50.08 -68.14
C PRO W 83 -10.27 49.32 -69.23
N LYS W 84 -10.25 48.00 -69.20
CA LYS W 84 -11.02 47.21 -70.16
C LYS W 84 -12.49 47.56 -70.02
N PRO W 85 -13.18 47.92 -71.11
CA PRO W 85 -14.56 48.41 -70.99
C PRO W 85 -15.53 47.45 -70.31
N GLY W 86 -15.39 46.15 -70.55
CA GLY W 86 -16.35 45.20 -70.00
C GLY W 86 -16.28 45.03 -68.50
N VAL W 87 -15.25 45.58 -67.85
CA VAL W 87 -15.07 45.37 -66.42
C VAL W 87 -15.14 46.71 -65.69
N PRO W 88 -15.75 46.75 -64.52
CA PRO W 88 -15.66 47.95 -63.69
C PRO W 88 -14.44 47.90 -62.78
N GLN W 89 -13.68 48.98 -62.75
CA GLN W 89 -12.41 49.03 -62.03
C GLN W 89 -12.71 49.26 -60.56
N PHE W 90 -12.81 48.19 -59.78
CA PHE W 90 -13.17 48.33 -58.38
C PHE W 90 -12.00 48.28 -57.41
N ILE W 91 -10.83 47.84 -57.85
CA ILE W 91 -9.64 47.85 -56.98
C ILE W 91 -9.07 49.26 -57.01
N THR W 92 -9.30 50.03 -55.96
CA THR W 92 -9.05 51.46 -56.01
C THR W 92 -7.75 51.90 -55.34
N GLU W 93 -6.95 50.99 -54.80
CA GLU W 93 -5.79 51.43 -54.06
C GLU W 93 -4.90 50.24 -53.76
N GLY W 94 -3.59 50.43 -53.85
CA GLY W 94 -2.67 49.39 -53.48
C GLY W 94 -1.48 49.27 -54.41
N ASN W 95 -0.61 48.30 -54.14
CA ASN W 95 0.54 48.08 -55.00
C ASN W 95 0.08 47.72 -56.40
N LYS W 96 0.82 48.19 -57.40
CA LYS W 96 0.46 47.90 -58.78
C LYS W 96 0.50 46.41 -59.04
N LEU W 97 -0.57 45.89 -59.60
CA LEU W 97 -0.73 44.45 -59.78
C LEU W 97 -0.04 43.99 -61.06
N GLY W 98 0.61 42.84 -60.99
CA GLY W 98 1.24 42.26 -62.15
C GLY W 98 0.77 40.85 -62.41
N ARG W 99 1.44 40.13 -63.30
CA ARG W 99 1.01 38.78 -63.60
C ARG W 99 1.27 37.84 -62.43
N GLN W 100 2.44 37.95 -61.81
CA GLN W 100 2.76 37.15 -60.63
C GLN W 100 2.97 38.10 -59.46
N SER W 101 1.90 38.39 -58.75
CA SER W 101 2.02 39.23 -57.56
C SER W 101 1.35 38.54 -56.38
N ILE W 102 0.27 37.82 -56.64
CA ILE W 102 -0.51 37.19 -55.59
C ILE W 102 -0.01 35.76 -55.46
N LEU W 103 0.80 35.50 -54.44
CA LEU W 103 1.16 34.13 -54.11
C LEU W 103 0.17 33.49 -53.16
N LYS W 104 -0.42 34.26 -52.27
CA LYS W 104 -1.42 33.75 -51.34
C LYS W 104 -2.08 34.91 -50.60
N ILE W 105 -3.40 34.88 -50.50
CA ILE W 105 -4.11 35.86 -49.70
C ILE W 105 -4.07 35.44 -48.25
N GLU W 106 -3.81 36.38 -47.34
CA GLU W 106 -3.60 36.02 -45.95
C GLU W 106 -4.60 36.66 -45.01
N LYS W 107 -4.88 37.95 -45.14
CA LYS W 107 -5.73 38.65 -44.20
C LYS W 107 -6.77 39.45 -44.95
N ILE W 108 -7.95 39.57 -44.36
CA ILE W 108 -9.01 40.41 -44.88
C ILE W 108 -9.54 41.25 -43.73
N ILE W 109 -9.43 42.55 -43.83
CA ILE W 109 -9.84 43.46 -42.77
C ILE W 109 -10.84 44.45 -43.34
N GLY W 110 -11.97 44.59 -42.66
N GLY W 110 -11.97 44.59 -42.66
CA GLY W 110 -12.99 45.52 -43.09
CA GLY W 110 -12.99 45.52 -43.09
C GLY W 110 -12.69 46.94 -42.65
C GLY W 110 -12.69 46.94 -42.65
N ASP W 111 -13.61 47.84 -43.00
CA ASP W 111 -13.44 49.24 -42.64
C ASP W 111 -13.66 49.48 -41.16
N ASN W 112 -14.33 48.56 -40.46
CA ASN W 112 -14.62 48.73 -39.05
C ASN W 112 -13.52 48.21 -38.15
N GLY W 113 -12.46 47.64 -38.72
CA GLY W 113 -11.44 46.99 -37.94
C GLY W 113 -11.69 45.52 -37.66
N VAL W 114 -12.84 44.99 -38.07
CA VAL W 114 -13.08 43.57 -37.87
C VAL W 114 -12.16 42.76 -38.78
N GLU W 115 -12.05 41.46 -38.47
CA GLU W 115 -11.19 40.55 -39.21
C GLU W 115 -12.01 39.35 -39.63
N TYR W 116 -12.24 39.21 -40.93
CA TYR W 116 -13.07 38.13 -41.42
C TYR W 116 -12.27 36.84 -41.51
N TYR W 117 -12.98 35.74 -41.75
CA TYR W 117 -12.39 34.42 -41.80
C TYR W 117 -12.18 34.00 -43.25
N LEU W 118 -11.09 33.28 -43.50
CA LEU W 118 -10.72 32.86 -44.84
C LEU W 118 -10.67 31.34 -44.90
N ASN W 119 -11.51 30.75 -45.74
CA ASN W 119 -11.53 29.30 -45.95
C ASN W 119 -11.70 28.54 -44.66
N ASP W 120 -12.44 29.10 -43.72
CA ASP W 120 -12.77 28.42 -42.47
C ASP W 120 -14.26 28.13 -42.52
N THR W 121 -14.60 26.93 -42.98
CA THR W 121 -15.98 26.59 -43.24
C THR W 121 -16.80 26.65 -41.96
N TRP W 122 -18.07 27.05 -42.11
CA TRP W 122 -19.07 27.15 -41.05
C TRP W 122 -18.76 28.25 -40.06
N GLN W 123 -17.72 29.03 -40.26
CA GLN W 123 -17.49 30.19 -39.42
C GLN W 123 -18.51 31.27 -39.78
N PRO W 124 -18.76 32.21 -38.86
CA PRO W 124 -19.86 33.16 -39.05
C PRO W 124 -19.91 33.83 -40.42
N LEU W 125 -18.85 34.55 -40.78
CA LEU W 125 -18.80 35.28 -42.04
C LEU W 125 -17.57 34.80 -42.79
N ASN W 126 -17.73 33.72 -43.54
CA ASN W 126 -16.62 33.06 -44.19
C ASN W 126 -16.49 33.55 -45.62
N ILE W 127 -15.25 33.76 -46.05
CA ILE W 127 -14.95 34.15 -47.42
C ILE W 127 -14.16 33.03 -48.07
N THR W 128 -14.59 32.59 -49.23
CA THR W 128 -14.02 31.44 -49.91
C THR W 128 -13.31 31.86 -51.18
N THR W 129 -12.16 31.25 -51.44
CA THR W 129 -11.43 31.49 -52.67
C THR W 129 -11.60 30.29 -53.58
N PRO W 130 -12.40 30.37 -54.63
CA PRO W 130 -12.62 29.20 -55.47
C PRO W 130 -11.48 28.92 -56.43
N GLU W 131 -10.72 29.95 -56.78
CA GLU W 131 -9.72 29.79 -57.82
C GLU W 131 -8.42 30.52 -57.49
N PHE W 132 -8.12 30.67 -56.21
CA PHE W 132 -6.79 31.10 -55.77
C PHE W 132 -6.49 32.56 -56.06
N ASP W 133 -7.33 33.20 -56.87
CA ASP W 133 -7.16 34.62 -57.18
C ASP W 133 -8.52 35.31 -57.25
N VAL W 134 -9.54 34.69 -56.70
CA VAL W 134 -10.91 35.18 -56.76
C VAL W 134 -11.51 35.06 -55.37
N LEU W 135 -12.27 36.07 -54.96
CA LEU W 135 -13.00 36.03 -53.71
C LEU W 135 -14.46 35.74 -54.03
N GLU W 136 -15.00 34.70 -53.42
CA GLU W 136 -16.41 34.38 -53.53
C GLU W 136 -17.10 34.88 -52.27
N ILE W 137 -18.07 35.77 -52.43
CA ILE W 137 -18.74 36.40 -51.31
C ILE W 137 -20.20 35.99 -51.31
N SER W 138 -20.61 35.29 -50.26
CA SER W 138 -21.98 34.80 -50.19
C SER W 138 -22.94 35.94 -49.85
N ASP W 139 -24.23 35.67 -50.00
CA ASP W 139 -25.23 36.70 -49.75
C ASP W 139 -25.40 36.99 -48.26
N GLU W 140 -25.14 36.00 -47.41
CA GLU W 140 -25.20 36.27 -45.97
C GLU W 140 -24.22 37.35 -45.56
N PHE W 141 -23.10 37.45 -46.28
CA PHE W 141 -22.17 38.52 -46.03
C PHE W 141 -22.83 39.88 -46.25
N TYR W 142 -23.57 40.02 -47.34
CA TYR W 142 -24.28 41.27 -47.58
C TYR W 142 -25.37 41.48 -46.55
N CYS W 143 -26.02 40.39 -46.12
CA CYS W 143 -27.07 40.50 -45.12
C CYS W 143 -26.52 41.08 -43.83
N HIS W 144 -25.38 40.57 -43.36
CA HIS W 144 -24.71 41.10 -42.18
C HIS W 144 -23.29 41.44 -42.55
N SER W 145 -23.09 42.60 -43.17
CA SER W 145 -21.76 43.10 -43.48
C SER W 145 -21.44 44.40 -42.76
N SER W 146 -22.25 45.44 -42.95
CA SER W 146 -22.01 46.76 -42.37
C SER W 146 -20.63 47.31 -42.75
N SER W 147 -20.10 46.87 -43.88
CA SER W 147 -18.78 47.30 -44.34
C SER W 147 -18.85 47.61 -45.82
N LYS W 148 -18.42 48.81 -46.20
CA LYS W 148 -18.51 49.23 -47.59
C LYS W 148 -17.24 48.97 -48.37
N THR W 149 -16.20 48.46 -47.73
CA THR W 149 -14.93 48.24 -48.41
C THR W 149 -14.15 47.16 -47.68
N LEU W 150 -13.11 46.67 -48.33
CA LEU W 150 -12.27 45.63 -47.78
C LEU W 150 -10.81 45.99 -48.00
N GLU W 151 -9.96 45.44 -47.13
CA GLU W 151 -8.53 45.57 -47.28
C GLU W 151 -7.91 44.19 -47.27
N VAL W 152 -7.10 43.89 -48.28
CA VAL W 152 -6.56 42.56 -48.49
C VAL W 152 -5.05 42.62 -48.36
N ARG W 153 -4.47 41.63 -47.70
CA ARG W 153 -3.03 41.49 -47.64
C ARG W 153 -2.63 40.13 -48.19
N TYR W 154 -1.46 40.06 -48.78
CA TYR W 154 -1.10 38.87 -49.53
C TYR W 154 0.41 38.81 -49.67
N ARG W 155 0.91 37.63 -49.98
CA ARG W 155 2.34 37.43 -50.16
C ARG W 155 2.73 37.80 -51.57
N ARG W 156 3.72 38.68 -51.71
CA ARG W 156 4.07 39.25 -53.00
C ARG W 156 5.31 38.60 -53.58
N ALA W 157 5.48 38.80 -54.89
CA ALA W 157 6.69 38.52 -55.61
C ALA W 157 6.88 39.68 -56.56
N PRO W 158 8.12 40.15 -56.76
CA PRO W 158 8.33 41.36 -57.53
C PRO W 158 8.04 41.15 -59.00
N THR W 159 7.72 42.24 -59.69
CA THR W 159 7.50 42.19 -61.11
C THR W 159 8.80 42.44 -61.85
N PRO W 160 9.30 41.50 -62.63
CA PRO W 160 10.61 41.67 -63.26
C PRO W 160 10.60 42.81 -64.27
N MET W 161 11.75 43.48 -64.37
CA MET W 161 11.88 44.59 -65.32
C MET W 161 11.98 44.06 -66.75
N LYS W 162 11.41 44.82 -67.67
CA LYS W 162 11.32 44.39 -69.06
C LYS W 162 12.62 44.74 -69.79
N ILE W 163 13.29 43.72 -70.29
CA ILE W 163 14.48 43.92 -71.13
C ILE W 163 14.03 44.20 -72.55
N CYS W 164 14.87 44.90 -73.31
CA CYS W 164 14.54 45.26 -74.68
C CYS W 164 15.79 45.22 -75.56
N VAL W 165 15.56 45.01 -76.85
CA VAL W 165 16.66 44.82 -77.80
C VAL W 165 17.53 46.08 -77.87
N ASP W 166 16.91 47.26 -77.75
CA ASP W 166 17.70 48.47 -77.62
C ASP W 166 18.37 48.56 -76.25
N ASN W 167 17.71 48.03 -75.22
CA ASN W 167 18.28 48.01 -73.88
C ASN W 167 19.49 47.08 -73.78
N LEU W 168 19.73 46.23 -74.76
CA LEU W 168 20.98 45.47 -74.81
C LEU W 168 22.22 46.33 -74.76
N ASP W 169 22.09 47.65 -74.92
CA ASP W 169 23.25 48.52 -74.79
C ASP W 169 23.84 48.46 -73.38
N SER W 170 23.00 48.65 -72.37
CA SER W 170 23.48 48.81 -71.00
C SER W 170 23.35 47.53 -70.18
N TRP W 171 22.12 47.06 -69.99
CA TRP W 171 21.80 45.85 -69.24
C TRP W 171 22.34 45.94 -67.82
N GLY W 172 22.97 47.06 -67.48
CA GLY W 172 23.61 47.23 -66.20
C GLY W 172 22.82 48.16 -65.31
N CYS W 173 21.83 48.82 -65.89
CA CYS W 173 20.90 49.62 -65.10
C CYS W 173 19.74 48.79 -64.56
N ILE W 174 19.60 47.54 -65.01
CA ILE W 174 18.56 46.68 -64.46
C ILE W 174 18.85 46.42 -63.00
N ASP W 175 17.80 46.43 -62.19
CA ASP W 175 17.93 46.25 -60.75
C ASP W 175 17.15 45.03 -60.32
N ILE W 176 17.84 44.02 -59.80
CA ILE W 176 17.17 42.88 -59.21
C ILE W 176 16.68 43.27 -57.81
N ASP W 177 15.53 42.74 -57.43
CA ASP W 177 14.87 43.10 -56.18
C ASP W 177 15.09 41.99 -55.15
N LEU W 178 16.20 42.07 -54.42
CA LEU W 178 16.53 41.09 -53.40
C LEU W 178 17.44 41.72 -52.36
N PRO W 179 17.38 41.24 -51.13
CA PRO W 179 18.46 41.53 -50.18
C PRO W 179 19.69 40.72 -50.56
N TYR W 180 20.84 41.14 -50.02
CA TYR W 180 22.11 40.58 -50.48
C TYR W 180 22.30 39.13 -50.01
N THR W 181 21.77 38.78 -48.86
CA THR W 181 21.84 37.40 -48.38
C THR W 181 21.29 36.44 -49.43
N HIS W 182 20.05 36.67 -49.80
CA HIS W 182 19.47 35.82 -50.81
C HIS W 182 20.15 35.97 -52.15
N LEU W 183 20.95 37.02 -52.34
CA LEU W 183 21.87 37.03 -53.48
C LEU W 183 22.86 35.88 -53.39
N GLN W 184 23.52 35.76 -52.24
CA GLN W 184 24.49 34.68 -52.11
C GLN W 184 23.83 33.34 -52.42
N ALA W 185 22.56 33.18 -52.03
CA ALA W 185 21.88 31.92 -52.35
C ALA W 185 21.54 31.82 -53.85
N LEU W 186 21.10 32.93 -54.44
CA LEU W 186 20.69 32.93 -55.84
C LEU W 186 21.83 32.52 -56.74
N LEU W 187 23.06 32.88 -56.37
CA LEU W 187 24.21 32.46 -57.16
C LEU W 187 24.22 30.95 -57.34
N TYR W 188 24.09 30.20 -56.24
CA TYR W 188 24.11 28.75 -56.34
C TYR W 188 22.94 28.25 -57.16
N PHE W 189 21.76 28.84 -56.97
CA PHE W 189 20.62 28.37 -57.75
C PHE W 189 20.90 28.46 -59.25
N VAL W 190 21.33 29.64 -59.70
CA VAL W 190 21.56 29.84 -61.13
C VAL W 190 22.66 28.93 -61.62
N ALA W 191 23.74 28.80 -60.84
CA ALA W 191 24.84 27.96 -61.27
C ALA W 191 24.40 26.52 -61.47
N SER W 192 23.61 25.99 -60.53
CA SER W 192 23.12 24.62 -60.69
C SER W 192 22.30 24.48 -61.95
N ARG W 193 21.36 25.42 -62.16
CA ARG W 193 20.47 25.28 -63.30
C ARG W 193 21.25 25.33 -64.61
N CYS W 194 22.25 26.21 -64.70
CA CYS W 194 22.99 26.32 -65.96
C CYS W 194 23.95 25.15 -66.16
N GLN W 195 24.57 24.66 -65.09
CA GLN W 195 25.57 23.62 -65.25
C GLN W 195 24.98 22.22 -65.36
N THR W 196 23.71 22.04 -65.07
CA THR W 196 23.18 20.67 -65.11
C THR W 196 23.44 19.92 -66.41
N PRO W 197 23.05 20.46 -67.59
CA PRO W 197 23.06 19.66 -68.82
C PRO W 197 24.35 19.77 -69.65
N ILE W 198 25.50 19.55 -69.00
CA ILE W 198 26.79 19.63 -69.68
C ILE W 198 27.76 18.71 -68.98
N GLY W 199 28.57 18.01 -69.75
CA GLY W 199 29.69 17.27 -69.19
C GLY W 199 29.51 15.77 -69.31
N PHE W 200 30.62 15.07 -69.57
CA PHE W 200 30.59 13.63 -69.72
C PHE W 200 31.70 12.92 -68.97
N MET W 201 32.49 13.61 -68.17
CA MET W 201 33.52 12.97 -67.37
C MET W 201 33.01 12.71 -65.96
N GLU W 202 33.73 11.84 -65.26
CA GLU W 202 33.24 11.32 -63.97
C GLU W 202 33.00 12.45 -62.98
N ASN W 203 33.98 13.32 -62.79
CA ASN W 203 33.84 14.39 -61.82
C ASN W 203 33.13 15.61 -62.38
N THR W 204 33.06 15.74 -63.70
CA THR W 204 32.37 16.88 -64.30
C THR W 204 30.90 16.62 -64.53
N ALA W 205 30.42 15.42 -64.29
CA ALA W 205 29.00 15.12 -64.42
C ALA W 205 28.23 15.35 -63.14
N GLN W 206 28.87 15.85 -62.08
CA GLN W 206 28.22 15.98 -60.78
C GLN W 206 28.15 17.43 -60.30
N GLU W 207 28.56 18.39 -61.12
CA GLU W 207 28.58 19.77 -60.66
C GLU W 207 27.17 20.28 -60.41
N GLY W 208 26.22 19.95 -61.28
CA GLY W 208 24.85 20.38 -61.05
C GLY W 208 24.31 19.85 -59.74
N PHE W 209 24.55 18.57 -59.47
CA PHE W 209 24.09 17.98 -58.22
C PHE W 209 24.73 18.66 -57.01
N ASN W 210 26.04 18.90 -57.09
CA ASN W 210 26.72 19.54 -55.97
C ASN W 210 26.16 20.93 -55.71
N PHE W 211 25.90 21.68 -56.79
CA PHE W 211 25.38 23.02 -56.59
C PHE W 211 23.98 22.99 -56.02
N SER W 212 23.17 22.00 -56.41
CA SER W 212 21.87 21.85 -55.78
C SER W 212 22.00 21.60 -54.29
N GLN W 213 22.94 20.74 -53.91
CA GLN W 213 23.14 20.46 -52.48
C GLN W 213 23.53 21.73 -51.73
N LYS W 214 24.45 22.50 -52.31
CA LYS W 214 24.89 23.72 -51.64
C LYS W 214 23.75 24.73 -51.55
N TYR W 215 22.90 24.78 -52.57
CA TYR W 215 21.74 25.67 -52.54
C TYR W 215 20.83 25.32 -51.38
N GLU W 216 20.54 24.03 -51.20
CA GLU W 216 19.69 23.63 -50.09
C GLU W 216 20.34 23.95 -48.75
N ALA W 217 21.64 23.70 -48.62
CA ALA W 217 22.33 24.01 -47.37
C ALA W 217 22.24 25.49 -47.05
N GLU W 218 22.43 26.33 -48.06
CA GLU W 218 22.36 27.77 -47.82
C GLU W 218 20.96 28.20 -47.42
N CYS W 219 19.92 27.62 -48.04
CA CYS W 219 18.57 27.96 -47.62
C CYS W 219 18.35 27.58 -46.16
N ALA W 220 18.82 26.41 -45.76
CA ALA W 220 18.69 26.01 -44.36
C ALA W 220 19.41 26.99 -43.44
N ASN W 221 20.60 27.43 -43.84
CA ASN W 221 21.35 28.37 -43.00
C ASN W 221 20.61 29.69 -42.86
N LEU W 222 20.01 30.18 -43.94
CA LEU W 222 19.25 31.41 -43.83
C LEU W 222 18.07 31.24 -42.89
N ASP W 223 17.37 30.10 -42.98
CA ASP W 223 16.28 29.84 -42.05
C ASP W 223 16.78 29.86 -40.61
N ALA W 224 17.91 29.22 -40.36
CA ALA W 224 18.44 29.18 -39.00
C ALA W 224 18.79 30.58 -38.50
N GLN W 225 19.43 31.38 -39.35
CA GLN W 225 19.80 32.73 -38.92
C GLN W 225 18.60 33.65 -38.82
N ASN W 226 17.46 33.27 -39.38
CA ASN W 226 16.23 34.03 -39.26
C ASN W 226 16.40 35.42 -39.88
N LEU W 227 16.76 35.43 -41.16
CA LEU W 227 16.89 36.66 -41.92
C LEU W 227 15.68 36.93 -42.81
N ARG W 228 14.49 36.55 -42.36
CA ARG W 228 13.25 36.86 -43.06
C ARG W 228 12.20 37.33 -42.06
N ILE W 229 11.10 37.83 -42.60
CA ILE W 229 10.01 38.33 -41.77
C ILE W 229 9.31 37.16 -41.09
N ASP W 230 8.90 37.35 -39.84
CA ASP W 230 8.21 36.31 -39.09
C ASP W 230 7.33 36.93 -38.03
N PRO W 231 6.06 37.15 -38.33
CA PRO W 231 5.12 37.57 -37.29
C PRO W 231 4.92 36.47 -36.27
N VAL W 232 4.67 36.88 -35.03
CA VAL W 232 4.37 35.97 -33.94
C VAL W 232 3.19 36.55 -33.16
N GLY W 233 2.18 35.72 -32.90
CA GLY W 233 0.92 36.23 -32.38
C GLY W 233 0.88 36.23 -30.85
N ASN W 234 0.38 37.34 -30.31
CA ASN W 234 0.11 37.49 -28.89
C ASN W 234 -1.31 38.03 -28.74
N GLN W 235 -2.29 37.14 -28.70
CA GLN W 235 -3.64 37.63 -28.50
C GLN W 235 -3.82 38.21 -27.11
N ASP W 236 -4.94 38.90 -26.91
CA ASP W 236 -5.25 39.45 -25.62
C ASP W 236 -5.90 38.41 -24.71
N ARG W 237 -7.08 37.92 -25.11
CA ARG W 237 -7.81 36.89 -24.37
C ARG W 237 -8.35 37.41 -23.05
N PHE W 238 -8.01 38.63 -22.66
CA PHE W 238 -8.42 39.16 -21.38
C PHE W 238 -9.45 40.27 -21.49
N THR W 239 -9.77 40.71 -22.69
CA THR W 239 -10.74 41.78 -22.88
C THR W 239 -12.10 41.29 -23.36
N ARG W 240 -12.23 40.00 -23.66
CA ARG W 240 -13.53 39.47 -24.04
C ARG W 240 -14.56 39.68 -22.94
N GLY W 241 -14.12 39.72 -21.69
CA GLY W 241 -15.00 39.85 -20.57
C GLY W 241 -15.24 38.48 -19.97
N GLY W 242 -14.51 38.17 -18.91
CA GLY W 242 -14.64 36.86 -18.32
C GLY W 242 -13.33 36.21 -17.91
N TRP W 243 -12.25 36.47 -18.64
CA TRP W 243 -10.97 35.87 -18.29
C TRP W 243 -10.16 36.75 -17.35
N VAL W 244 -10.76 37.21 -16.27
CA VAL W 244 -10.02 38.06 -15.34
C VAL W 244 -10.75 38.14 -14.01
N ARG X 21 -50.47 81.97 -1.56
CA ARG X 21 -49.03 81.93 -1.37
C ARG X 21 -48.67 80.79 -0.41
N LEU X 22 -49.69 80.27 0.26
CA LEU X 22 -49.63 79.07 1.09
C LEU X 22 -48.92 79.31 2.42
N GLN X 23 -48.27 80.46 2.56
CA GLN X 23 -47.55 80.79 3.78
C GLN X 23 -47.32 82.30 3.83
N PRO X 24 -48.37 83.10 3.99
CA PRO X 24 -48.19 84.55 3.95
C PRO X 24 -47.33 85.10 5.07
N GLU X 25 -47.18 84.39 6.17
CA GLU X 25 -46.45 84.91 7.32
C GLU X 25 -44.99 84.52 7.32
N TRP X 26 -44.51 83.84 6.28
CA TRP X 26 -43.10 83.47 6.18
C TRP X 26 -42.37 84.55 5.41
N SER X 27 -41.51 85.29 6.10
CA SER X 27 -40.83 86.42 5.47
C SER X 27 -39.97 85.97 4.30
N ASN X 28 -39.29 84.84 4.45
CA ASN X 28 -38.39 84.32 3.42
C ASN X 28 -38.77 82.88 3.14
N ALA X 29 -39.72 82.70 2.29
CA ALA X 29 -40.05 81.31 2.01
C ALA X 29 -39.30 80.84 0.77
N PRO X 30 -38.93 79.57 0.72
CA PRO X 30 -38.24 79.05 -0.47
C PRO X 30 -39.15 79.09 -1.68
N SER X 31 -38.53 79.30 -2.84
CA SER X 31 -39.23 79.22 -4.10
C SER X 31 -38.83 77.94 -4.82
N LEU X 32 -39.65 77.56 -5.80
CA LEU X 32 -39.39 76.32 -6.52
C LEU X 32 -38.01 76.34 -7.17
N ALA X 33 -37.48 77.52 -7.47
CA ALA X 33 -36.18 77.61 -8.10
C ALA X 33 -35.08 77.06 -7.20
N GLN X 34 -35.05 77.52 -5.95
CA GLN X 34 -33.98 77.07 -5.06
C GLN X 34 -34.07 75.59 -4.78
N LEU X 35 -35.28 75.06 -4.63
CA LEU X 35 -35.43 73.64 -4.34
C LEU X 35 -34.84 72.80 -5.46
N LYS X 36 -35.26 73.06 -6.70
CA LYS X 36 -34.69 72.32 -7.82
C LYS X 36 -33.20 72.59 -7.96
N GLN X 37 -32.76 73.78 -7.56
CA GLN X 37 -31.34 74.09 -7.63
C GLN X 37 -30.53 73.17 -6.73
N ASP X 38 -30.97 73.02 -5.48
CA ASP X 38 -30.28 72.11 -4.58
C ASP X 38 -30.41 70.67 -5.03
N TYR X 39 -31.53 70.34 -5.67
CA TYR X 39 -31.73 68.98 -6.16
C TYR X 39 -30.66 68.61 -7.19
N GLN X 40 -30.32 69.55 -8.08
CA GLN X 40 -29.33 69.27 -9.10
C GLN X 40 -27.96 69.01 -8.50
N GLU X 41 -27.57 69.81 -7.51
CA GLU X 41 -26.20 69.75 -7.01
C GLU X 41 -25.92 68.48 -6.21
N ALA X 42 -26.93 67.70 -5.87
CA ALA X 42 -26.69 66.47 -5.11
C ALA X 42 -26.73 65.23 -5.98
N LYS X 43 -27.42 65.26 -7.12
CA LYS X 43 -27.34 64.15 -8.04
C LYS X 43 -25.92 63.97 -8.55
N GLN X 44 -25.17 65.07 -8.67
CA GLN X 44 -23.79 64.99 -9.12
C GLN X 44 -22.97 64.09 -8.22
N VAL X 45 -23.38 63.93 -6.97
CA VAL X 45 -22.70 63.05 -6.04
C VAL X 45 -23.35 61.68 -6.00
N THR X 46 -24.68 61.63 -5.94
CA THR X 46 -25.33 60.33 -5.78
C THR X 46 -25.20 59.45 -7.01
N ASP X 47 -24.92 60.03 -8.18
CA ASP X 47 -24.85 59.21 -9.38
C ASP X 47 -23.70 58.21 -9.30
N GLU X 48 -22.60 58.59 -8.68
CA GLU X 48 -21.48 57.66 -8.55
C GLU X 48 -21.91 56.40 -7.81
N LYS X 49 -22.55 56.58 -6.66
CA LYS X 49 -22.97 55.43 -5.88
C LYS X 49 -24.05 54.65 -6.60
N ILE X 50 -24.92 55.33 -7.33
CA ILE X 50 -25.95 54.61 -8.08
C ILE X 50 -25.31 53.72 -9.13
N THR X 51 -24.33 54.23 -9.86
CA THR X 51 -23.66 53.42 -10.87
C THR X 51 -22.93 52.26 -10.21
N GLN X 52 -22.30 52.50 -9.07
CA GLN X 52 -21.61 51.43 -8.37
C GLN X 52 -22.57 50.31 -8.01
N ILE X 53 -23.73 50.67 -7.45
CA ILE X 53 -24.69 49.66 -7.06
C ILE X 53 -25.24 48.94 -8.28
N ASN X 54 -25.45 49.67 -9.37
CA ASN X 54 -25.90 49.02 -10.59
C ASN X 54 -24.89 47.99 -11.07
N ARG X 55 -23.61 48.33 -11.02
CA ARG X 55 -22.58 47.38 -11.42
C ARG X 55 -22.62 46.15 -10.52
N TRP X 56 -22.78 46.35 -9.22
CA TRP X 56 -22.88 45.20 -8.32
C TRP X 56 -24.06 44.32 -8.69
N LEU X 57 -25.22 44.94 -8.93
CA LEU X 57 -26.41 44.16 -9.22
C LEU X 57 -26.30 43.41 -10.53
N ASP X 58 -25.62 43.99 -11.53
CA ASP X 58 -25.53 43.34 -12.82
C ASP X 58 -24.67 42.08 -12.78
N TYR X 59 -24.16 41.67 -11.63
CA TYR X 59 -23.39 40.45 -11.56
C TYR X 59 -24.11 39.31 -10.88
N MET X 60 -24.89 39.57 -9.83
CA MET X 60 -25.63 38.48 -9.23
C MET X 60 -26.69 37.97 -10.19
N HIS X 61 -27.36 38.86 -10.91
CA HIS X 61 -28.12 38.49 -12.09
C HIS X 61 -27.21 38.70 -13.27
N VAL X 62 -26.97 37.66 -14.05
CA VAL X 62 -26.01 37.79 -15.13
C VAL X 62 -26.68 38.57 -16.25
N ARG X 63 -26.46 39.88 -16.26
CA ARG X 63 -27.06 40.77 -17.25
C ARG X 63 -26.03 41.80 -17.65
N GLY X 64 -26.39 42.58 -18.67
CA GLY X 64 -25.59 43.71 -19.10
C GLY X 64 -24.11 43.44 -19.17
N GLU X 65 -23.31 44.21 -18.43
CA GLU X 65 -21.88 44.01 -18.44
C GLU X 65 -21.45 42.78 -17.67
N GLY X 66 -22.36 42.15 -16.93
CA GLY X 66 -22.03 40.89 -16.29
C GLY X 66 -22.09 39.70 -17.19
N LYS X 67 -22.69 39.84 -18.37
CA LYS X 67 -22.77 38.74 -19.32
C LYS X 67 -21.48 38.66 -20.11
N PRO X 68 -20.76 37.54 -20.09
CA PRO X 68 -19.50 37.46 -20.83
C PRO X 68 -19.76 37.40 -22.32
N LYS X 69 -18.88 38.06 -23.08
CA LYS X 69 -18.95 38.04 -24.54
C LYS X 69 -18.11 36.90 -25.06
N THR X 70 -18.74 35.97 -25.78
CA THR X 70 -18.06 34.79 -26.29
C THR X 70 -18.28 34.66 -27.78
N GLU X 71 -17.30 34.06 -28.45
CA GLU X 71 -17.37 33.87 -29.89
C GLU X 71 -18.41 32.82 -30.23
N LYS X 72 -18.93 32.90 -31.46
CA LYS X 72 -19.84 31.88 -31.94
C LYS X 72 -19.07 30.58 -32.16
N GLY X 73 -19.62 29.48 -31.69
CA GLY X 73 -18.96 28.20 -31.77
C GLY X 73 -18.29 27.75 -30.50
N LYS X 74 -18.37 28.54 -29.43
CA LYS X 74 -17.84 28.16 -28.14
C LYS X 74 -18.91 28.35 -27.08
N SER X 75 -18.69 27.77 -25.92
CA SER X 75 -19.71 27.76 -24.89
C SER X 75 -19.95 29.16 -24.33
N ALA X 76 -21.09 29.33 -23.68
CA ALA X 76 -21.43 30.60 -23.06
C ALA X 76 -22.10 30.39 -21.70
N VAL X 77 -21.78 29.30 -21.02
CA VAL X 77 -22.36 29.04 -19.71
C VAL X 77 -21.67 29.91 -18.67
N GLN X 78 -22.37 30.19 -17.58
CA GLN X 78 -21.82 31.04 -16.54
C GLN X 78 -22.47 30.71 -15.20
N PRO X 79 -21.77 30.02 -14.31
CA PRO X 79 -22.37 29.62 -13.04
C PRO X 79 -22.50 30.80 -12.10
N PRO X 80 -23.68 31.06 -11.56
CA PRO X 80 -23.84 32.12 -10.57
C PRO X 80 -23.21 31.71 -9.25
N THR X 81 -22.46 32.62 -8.64
CA THR X 81 -21.94 32.40 -7.31
C THR X 81 -22.37 33.44 -6.30
N ILE X 82 -22.51 34.70 -6.71
CA ILE X 82 -23.00 35.72 -5.78
C ILE X 82 -24.42 35.40 -5.34
N ARG X 83 -25.27 35.04 -6.30
CA ARG X 83 -26.62 34.63 -5.95
C ARG X 83 -26.59 33.38 -5.08
N LYS X 84 -25.70 32.44 -5.41
CA LYS X 84 -25.53 31.24 -4.62
C LYS X 84 -25.26 31.58 -3.16
N GLN X 85 -24.37 32.56 -2.94
CA GLN X 85 -24.05 32.95 -1.57
C GLN X 85 -25.23 33.63 -0.91
N ALA X 86 -25.90 34.53 -1.60
CA ALA X 86 -26.99 35.28 -0.97
C ALA X 86 -28.15 34.37 -0.59
N GLU X 87 -28.38 33.31 -1.35
CA GLU X 87 -29.48 32.42 -1.03
C GLU X 87 -29.28 31.74 0.31
N TRP X 88 -28.04 31.51 0.70
CA TRP X 88 -27.74 30.83 1.94
C TRP X 88 -27.62 31.77 3.11
N ARG X 89 -27.84 33.06 2.90
CA ARG X 89 -27.79 34.03 3.97
C ARG X 89 -29.14 34.70 4.22
N TYR X 90 -30.01 34.77 3.21
CA TYR X 90 -31.30 35.43 3.41
C TYR X 90 -32.04 34.86 4.60
N SER X 91 -32.21 33.54 4.65
CA SER X 91 -33.04 32.95 5.69
C SER X 91 -32.38 33.05 7.05
N SER X 92 -31.08 32.78 7.13
CA SER X 92 -30.40 32.87 8.40
C SER X 92 -30.41 34.28 8.95
N LEU X 93 -30.58 35.28 8.08
CA LEU X 93 -30.71 36.64 8.60
C LEU X 93 -32.14 36.97 8.99
N SER X 94 -33.11 36.54 8.20
CA SER X 94 -34.49 36.95 8.44
C SER X 94 -35.16 36.16 9.55
N GLU X 95 -34.65 34.99 9.89
CA GLU X 95 -35.34 34.14 10.87
C GLU X 95 -35.49 34.78 12.25
N PRO X 96 -34.44 35.34 12.87
CA PRO X 96 -34.57 35.77 14.27
C PRO X 96 -35.60 36.84 14.52
N PHE X 97 -36.25 37.33 13.47
CA PHE X 97 -37.34 38.28 13.65
C PHE X 97 -38.70 37.61 13.61
N LEU X 98 -38.92 36.72 12.66
CA LEU X 98 -40.22 36.07 12.50
C LEU X 98 -40.35 34.79 13.32
N SER X 99 -39.28 34.34 13.96
CA SER X 99 -39.40 33.10 14.73
C SER X 99 -40.28 33.23 15.97
N SER X 100 -40.64 34.44 16.36
CA SER X 100 -41.39 34.68 17.59
C SER X 100 -42.79 35.17 17.28
N PRO X 101 -43.74 34.98 18.19
CA PRO X 101 -45.11 35.43 17.92
C PRO X 101 -45.22 36.92 17.67
N ASN X 102 -44.46 37.74 18.39
CA ASN X 102 -44.46 39.17 18.15
C ASN X 102 -43.03 39.69 18.26
N ILE X 103 -42.74 40.76 17.51
CA ILE X 103 -41.37 41.23 17.40
C ILE X 103 -40.91 41.89 18.69
N PHE X 104 -41.58 42.98 19.07
CA PHE X 104 -41.03 43.86 20.07
C PHE X 104 -41.25 43.31 21.48
N GLU X 105 -40.64 43.99 22.44
CA GLU X 105 -40.78 43.62 23.85
C GLU X 105 -40.44 44.84 24.67
N VAL X 106 -41.41 45.35 25.43
CA VAL X 106 -41.27 46.61 26.15
C VAL X 106 -41.23 46.31 27.63
N ASN X 107 -40.26 46.90 28.32
CA ASN X 107 -40.10 46.71 29.75
C ASN X 107 -39.97 48.07 30.44
N PRO X 108 -40.44 48.18 31.67
CA PRO X 108 -40.36 49.46 32.37
C PRO X 108 -38.94 49.75 32.81
N VAL X 109 -38.68 51.03 33.06
CA VAL X 109 -37.41 51.47 33.62
C VAL X 109 -37.50 51.65 35.12
N THR X 110 -38.59 52.24 35.59
CA THR X 110 -38.82 52.47 37.01
C THR X 110 -40.22 52.03 37.37
N TRP X 111 -40.43 51.73 38.65
CA TRP X 111 -41.70 51.19 39.08
C TRP X 111 -42.88 52.10 38.79
N GLU X 112 -42.63 53.39 38.60
CA GLU X 112 -43.71 54.29 38.17
C GLU X 112 -44.34 53.80 36.87
N ASP X 113 -43.58 53.09 36.06
CA ASP X 113 -44.03 52.53 34.79
C ASP X 113 -44.67 51.17 35.05
N ALA X 114 -44.79 50.35 34.02
CA ALA X 114 -45.37 49.02 33.97
C ALA X 114 -46.88 49.05 33.78
N GLU X 115 -47.49 50.22 33.66
CA GLU X 115 -48.82 50.33 33.07
C GLU X 115 -48.75 50.93 31.68
N SER X 116 -48.12 52.10 31.56
CA SER X 116 -47.86 52.66 30.25
C SER X 116 -47.04 51.70 29.41
N ALA X 117 -46.06 51.03 30.02
CA ALA X 117 -45.23 50.09 29.30
C ALA X 117 -46.07 48.97 28.71
N ARG X 118 -46.89 48.34 29.54
CA ARG X 118 -47.71 47.22 29.07
C ARG X 118 -48.67 47.67 27.98
N GLN X 119 -49.32 48.81 28.19
CA GLN X 119 -50.28 49.30 27.21
C GLN X 119 -49.62 49.57 25.87
N ASN X 120 -48.52 50.32 25.87
CA ASN X 120 -47.85 50.67 24.62
C ASN X 120 -47.31 49.43 23.93
N GLY X 121 -46.73 48.50 24.68
CA GLY X 121 -46.23 47.29 24.06
C GLY X 121 -47.34 46.51 23.38
N LEU X 122 -48.48 46.37 24.05
CA LEU X 122 -49.57 45.62 23.47
C LEU X 122 -50.07 46.29 22.20
N VAL X 123 -50.25 47.62 22.25
CA VAL X 123 -50.76 48.32 21.07
C VAL X 123 -49.82 48.17 19.90
N LEU X 124 -48.53 48.40 20.13
CA LEU X 124 -47.55 48.32 19.05
C LEU X 124 -47.48 46.94 18.45
N ASN X 125 -47.45 45.90 19.31
CA ASN X 125 -47.36 44.55 18.79
C ASN X 125 -48.58 44.20 17.96
N GLN X 126 -49.77 44.60 18.41
CA GLN X 126 -50.97 44.32 17.63
C GLN X 126 -50.91 45.04 16.29
N GLN X 127 -50.45 46.29 16.29
CA GLN X 127 -50.37 47.03 15.03
C GLN X 127 -49.49 46.30 14.03
N PHE X 128 -48.29 45.91 14.46
CA PHE X 128 -47.41 45.18 13.56
C PHE X 128 -48.02 43.87 13.11
N ASN X 129 -48.64 43.13 14.02
CA ASN X 129 -49.16 41.82 13.66
C ASN X 129 -50.25 41.93 12.61
N THR X 130 -51.16 42.90 12.76
CA THR X 130 -52.34 42.92 11.90
C THR X 130 -52.22 43.92 10.75
N LYS X 131 -52.01 45.20 11.05
CA LYS X 131 -52.18 46.22 10.02
C LYS X 131 -51.10 46.11 8.95
N LEU X 132 -49.84 46.03 9.37
CA LEU X 132 -48.73 45.89 8.44
C LEU X 132 -48.50 44.42 8.14
N ASN X 133 -47.99 44.14 6.95
CA ASN X 133 -47.72 42.76 6.57
C ASN X 133 -46.69 42.15 7.49
N LYS X 134 -45.57 42.84 7.68
CA LYS X 134 -44.43 42.43 8.48
C LYS X 134 -43.66 41.30 7.80
N GLN X 135 -44.34 40.55 6.95
CA GLN X 135 -43.69 39.43 6.28
C GLN X 135 -42.99 39.90 5.02
N ARG X 136 -43.77 40.48 4.10
CA ARG X 136 -43.19 41.17 2.97
C ARG X 136 -42.18 42.21 3.44
N PHE X 137 -42.50 42.88 4.54
CA PHE X 137 -41.60 43.93 5.02
C PHE X 137 -40.24 43.36 5.41
N ILE X 138 -40.22 42.32 6.25
CA ILE X 138 -38.95 41.77 6.68
C ILE X 138 -38.20 41.20 5.48
N ASP X 139 -38.91 40.53 4.58
CA ASP X 139 -38.23 39.93 3.44
C ASP X 139 -37.54 40.99 2.59
N GLU X 140 -38.27 42.04 2.21
CA GLU X 140 -37.67 43.10 1.40
C GLU X 140 -36.54 43.77 2.16
N TYR X 141 -36.74 44.00 3.46
CA TYR X 141 -35.71 44.58 4.30
C TYR X 141 -34.39 43.83 4.14
N VAL X 142 -34.40 42.54 4.50
CA VAL X 142 -33.14 41.79 4.50
C VAL X 142 -32.59 41.66 3.10
N ARG X 143 -33.44 41.48 2.10
CA ARG X 143 -32.92 41.26 0.75
C ARG X 143 -32.24 42.50 0.22
N ALA X 144 -32.88 43.66 0.35
CA ALA X 144 -32.24 44.89 -0.09
C ALA X 144 -30.95 45.11 0.67
N GLY X 145 -30.96 44.86 1.97
CA GLY X 145 -29.73 45.04 2.73
C GLY X 145 -28.60 44.16 2.25
N VAL X 146 -28.90 42.89 1.95
CA VAL X 146 -27.85 41.95 1.57
C VAL X 146 -27.27 42.31 0.22
N ASP X 147 -28.13 42.57 -0.76
CA ASP X 147 -27.62 42.70 -2.13
C ASP X 147 -27.55 44.12 -2.64
N GLU X 148 -27.68 45.13 -1.78
CA GLU X 148 -27.48 46.51 -2.20
C GLU X 148 -26.59 47.31 -1.28
N GLY X 149 -26.34 46.88 -0.06
CA GLY X 149 -25.44 47.56 0.84
C GLY X 149 -26.09 48.56 1.76
N THR X 150 -27.29 49.02 1.45
CA THR X 150 -27.94 50.00 2.29
C THR X 150 -29.44 49.80 2.25
N ILE X 151 -30.10 50.18 3.34
CA ILE X 151 -31.55 50.14 3.44
C ILE X 151 -32.03 51.52 3.81
N ILE X 152 -32.99 52.03 3.06
CA ILE X 152 -33.74 53.21 3.43
C ILE X 152 -35.15 52.77 3.76
N VAL X 153 -35.72 53.33 4.82
CA VAL X 153 -37.09 53.00 5.23
C VAL X 153 -37.84 54.29 5.50
N LYS X 154 -39.03 54.41 4.93
CA LYS X 154 -39.86 55.59 5.11
C LYS X 154 -41.00 55.27 6.07
N VAL X 155 -41.16 56.12 7.08
CA VAL X 155 -42.17 55.94 8.11
C VAL X 155 -43.16 57.08 8.00
N GLY X 156 -44.45 56.77 7.95
CA GLY X 156 -45.46 57.79 7.81
C GLY X 156 -46.74 57.37 8.49
N TRP X 157 -47.75 58.24 8.41
CA TRP X 157 -49.04 57.98 9.01
C TRP X 157 -50.13 58.09 7.96
N ASN X 158 -51.11 57.20 8.03
CA ASN X 158 -52.23 57.19 7.11
C ASN X 158 -53.51 57.48 7.87
N TYR X 159 -54.35 58.35 7.30
CA TYR X 159 -55.56 58.81 7.98
C TYR X 159 -56.61 59.13 6.92
N GLN X 160 -57.54 58.21 6.71
CA GLN X 160 -58.59 58.36 5.71
C GLN X 160 -59.93 58.49 6.41
N SER X 161 -60.79 59.36 5.88
CA SER X 161 -62.05 59.68 6.53
C SER X 161 -63.00 60.25 5.47
N ARG X 162 -64.00 61.00 5.92
CA ARG X 162 -65.06 61.71 5.18
C ARG X 162 -66.24 60.83 4.86
N THR X 163 -66.21 59.55 5.20
CA THR X 163 -67.31 58.67 4.85
C THR X 163 -68.50 58.96 5.75
N VAL X 164 -69.34 59.92 5.36
CA VAL X 164 -70.37 60.43 6.26
C VAL X 164 -71.47 59.40 6.45
N LYS X 165 -72.07 59.39 7.63
CA LYS X 165 -73.25 58.58 7.94
C LYS X 165 -74.41 59.51 8.31
N GLU X 166 -75.59 58.93 8.51
CA GLU X 166 -76.80 59.72 8.61
C GLU X 166 -77.77 59.11 9.62
N GLN X 167 -78.96 59.70 9.69
CA GLN X 167 -80.13 59.19 10.41
C GLN X 167 -79.87 59.03 11.90
N VAL X 168 -79.70 60.17 12.56
CA VAL X 168 -79.70 60.19 14.02
C VAL X 168 -81.14 60.10 14.52
N VAL X 169 -81.30 59.76 15.80
CA VAL X 169 -82.62 59.70 16.42
C VAL X 169 -82.65 60.61 17.63
N THR X 170 -83.79 60.67 18.31
CA THR X 170 -83.97 61.53 19.48
C THR X 170 -84.75 60.78 20.55
N TYR X 171 -84.32 60.94 21.80
CA TYR X 171 -84.96 60.33 22.94
C TYR X 171 -85.52 61.41 23.86
N GLU X 172 -86.78 61.28 24.22
CA GLU X 172 -87.40 62.19 25.19
C GLU X 172 -87.16 61.67 26.60
N MET X 173 -86.98 62.61 27.53
CA MET X 173 -86.75 62.24 28.90
C MET X 173 -88.06 61.79 29.55
N MET X 174 -87.96 60.94 30.57
CA MET X 174 -89.16 60.46 31.24
C MET X 174 -88.84 60.11 32.69
N PRO X 175 -89.63 60.59 33.65
CA PRO X 175 -89.29 60.39 35.06
C PRO X 175 -89.80 59.08 35.65
N ASP X 176 -90.07 58.08 34.82
CA ASP X 176 -90.51 56.78 35.34
C ASP X 176 -89.32 56.00 35.88
N SER X 177 -89.40 55.61 37.14
CA SER X 177 -88.37 54.79 37.78
C SER X 177 -89.00 53.53 38.35
N SER X 178 -88.28 52.43 38.26
CA SER X 178 -88.79 51.13 38.70
C SER X 178 -87.60 50.29 39.17
N GLU X 179 -87.82 48.99 39.31
CA GLU X 179 -86.82 48.08 39.83
C GLU X 179 -85.95 47.48 38.72
N GLU X 180 -86.56 47.14 37.59
CA GLU X 180 -85.82 46.60 36.46
C GLU X 180 -84.83 47.62 35.93
N LEU X 181 -85.24 48.89 35.89
CA LEU X 181 -84.32 49.93 35.47
C LEU X 181 -83.11 49.99 36.39
N ALA X 182 -83.33 49.87 37.71
CA ALA X 182 -82.22 49.88 38.64
C ALA X 182 -81.28 48.70 38.40
N GLN X 183 -81.84 47.52 38.17
CA GLN X 183 -81.00 46.35 37.89
C GLN X 183 -80.18 46.56 36.64
N ILE X 184 -80.83 46.97 35.56
CA ILE X 184 -80.14 47.12 34.28
C ILE X 184 -79.07 48.19 34.38
N TYR X 185 -79.37 49.29 35.06
CA TYR X 185 -78.40 50.36 35.21
C TYR X 185 -77.21 49.92 36.06
N GLN X 186 -77.47 49.13 37.10
CA GLN X 186 -76.37 48.59 37.89
C GLN X 186 -75.48 47.70 37.05
N THR X 187 -76.08 46.82 36.24
CA THR X 187 -75.28 45.95 35.38
C THR X 187 -74.47 46.76 34.37
N ALA X 188 -75.09 47.77 33.77
CA ALA X 188 -74.37 48.60 32.81
C ALA X 188 -73.23 49.35 33.46
N ALA X 189 -73.44 49.84 34.69
CA ALA X 189 -72.34 50.49 35.40
C ALA X 189 -71.21 49.52 35.66
N GLN X 190 -71.54 48.28 36.03
CA GLN X 190 -70.51 47.28 36.24
C GLN X 190 -69.73 47.01 34.96
N ILE X 191 -70.43 46.94 33.83
CA ILE X 191 -69.75 46.74 32.56
C ILE X 191 -68.83 47.91 32.25
N ARG X 192 -69.36 49.13 32.34
CA ARG X 192 -68.52 50.30 32.09
C ARG X 192 -67.34 50.36 33.03
N GLU X 193 -67.45 49.77 34.20
CA GLU X 193 -66.34 49.75 35.12
C GLU X 193 -65.27 48.76 34.70
N GLU X 194 -65.65 47.49 34.49
CA GLU X 194 -64.63 46.46 34.37
C GLU X 194 -64.30 46.04 32.95
N SER X 195 -65.17 46.31 31.99
CA SER X 195 -64.93 45.97 30.58
C SER X 195 -65.26 47.17 29.72
N PRO X 196 -64.44 48.22 29.78
CA PRO X 196 -64.76 49.45 29.05
C PRO X 196 -64.85 49.24 27.55
N SER X 197 -64.20 48.20 27.02
CA SER X 197 -64.27 47.95 25.59
C SER X 197 -65.70 47.67 25.14
N GLU X 198 -66.45 46.91 25.93
CA GLU X 198 -67.79 46.53 25.56
C GLU X 198 -68.84 47.59 25.86
N TYR X 199 -68.48 48.62 26.61
CA TYR X 199 -69.48 49.61 27.02
C TYR X 199 -70.15 50.31 25.85
N PRO X 200 -69.43 50.77 24.82
CA PRO X 200 -70.13 51.42 23.69
C PRO X 200 -71.09 50.50 22.95
N GLU X 201 -70.95 49.19 23.10
CA GLU X 201 -71.81 48.28 22.37
C GLU X 201 -73.18 48.09 23.02
N ILE X 202 -73.38 48.61 24.22
CA ILE X 202 -74.69 48.53 24.87
C ILE X 202 -75.63 49.49 24.16
N PRO X 203 -76.95 49.28 24.24
CA PRO X 203 -77.88 50.13 23.50
C PRO X 203 -77.78 51.60 23.90
N GLU X 204 -77.99 52.47 22.92
CA GLU X 204 -77.81 53.90 23.12
C GLU X 204 -78.80 54.46 24.13
N ASP X 205 -80.06 54.02 24.06
CA ASP X 205 -81.08 54.53 24.96
C ASP X 205 -80.73 54.23 26.41
N VAL X 206 -80.43 52.96 26.70
CA VAL X 206 -80.12 52.58 28.07
C VAL X 206 -78.83 53.25 28.52
N ARG X 207 -77.88 53.42 27.60
CA ARG X 207 -76.65 54.12 27.96
C ARG X 207 -76.93 55.54 28.42
N LEU X 208 -77.66 56.30 27.59
CA LEU X 208 -77.87 57.70 27.91
C LEU X 208 -78.76 57.87 29.14
N GLY X 209 -79.75 56.98 29.29
CA GLY X 209 -80.48 56.95 30.53
C GLY X 209 -79.60 56.65 31.73
N LEU X 210 -78.57 55.84 31.52
CA LEU X 210 -77.66 55.54 32.61
C LEU X 210 -76.90 56.78 33.06
N GLU X 211 -76.36 57.56 32.11
CA GLU X 211 -75.67 58.75 32.63
C GLU X 211 -76.66 59.77 33.17
N GLU X 212 -77.90 59.78 32.66
CA GLU X 212 -78.91 60.62 33.27
C GLU X 212 -79.18 60.20 34.71
N THR X 213 -79.04 58.90 35.01
CA THR X 213 -79.31 58.38 36.34
C THR X 213 -78.36 58.95 37.38
N GLU X 214 -77.19 59.45 36.97
CA GLU X 214 -76.36 60.21 37.89
C GLU X 214 -76.44 61.70 37.63
N ALA X 215 -76.95 62.11 36.47
CA ALA X 215 -77.26 63.53 36.27
C ALA X 215 -78.33 63.99 37.24
N ASN X 216 -79.23 63.10 37.63
CA ASN X 216 -80.29 63.40 38.58
C ASN X 216 -80.74 62.08 39.20
N GLY X 217 -81.92 62.06 39.80
CA GLY X 217 -82.45 60.85 40.39
C GLY X 217 -82.69 59.76 39.36
N ILE X 218 -83.06 58.58 39.86
CA ILE X 218 -83.19 57.37 39.06
C ILE X 218 -84.44 57.45 38.18
N GLN X 219 -85.20 58.54 38.32
CA GLN X 219 -86.45 58.67 37.58
C GLN X 219 -86.23 58.56 36.08
N VAL X 220 -85.03 58.90 35.60
CA VAL X 220 -84.79 58.99 34.17
C VAL X 220 -85.11 57.67 33.48
N ARG X 221 -85.81 57.76 32.35
CA ARG X 221 -86.07 56.57 31.54
C ARG X 221 -85.84 56.75 30.05
N ALA X 222 -85.87 57.98 29.51
CA ALA X 222 -85.40 58.29 28.17
C ALA X 222 -86.18 57.53 27.09
N VAL X 223 -87.45 57.88 26.98
CA VAL X 223 -88.30 57.32 25.91
C VAL X 223 -87.87 57.90 24.57
N PRO X 224 -87.84 57.10 23.50
CA PRO X 224 -87.43 57.63 22.20
C PRO X 224 -88.49 58.52 21.56
N VAL X 225 -88.03 59.35 20.62
CA VAL X 225 -88.91 60.17 19.80
C VAL X 225 -88.63 59.96 18.32
N GLY X 226 -87.40 60.24 17.90
CA GLY X 226 -87.01 60.07 16.52
C GLY X 226 -86.69 61.39 15.85
N SER X 227 -85.76 61.34 14.89
CA SER X 227 -85.29 62.51 14.15
C SER X 227 -84.50 62.01 12.96
N GLU X 228 -83.78 62.93 12.30
CA GLU X 228 -82.88 62.57 11.22
C GLU X 228 -81.88 63.71 11.01
N GLU X 229 -80.63 63.35 10.72
CA GLU X 229 -79.57 64.33 10.49
C GLU X 229 -78.36 63.62 9.90
N GLU X 230 -77.53 64.39 9.20
CA GLU X 230 -76.43 63.86 8.38
C GLU X 230 -75.12 64.56 8.75
N GLU X 231 -74.30 63.88 9.56
CA GLU X 231 -73.05 64.42 10.07
C GLU X 231 -72.15 63.26 10.45
N ARG X 232 -71.15 63.54 11.31
CA ARG X 232 -70.31 62.56 12.00
C ARG X 232 -69.58 61.66 11.00
N GLU X 233 -68.64 62.28 10.30
CA GLU X 233 -67.73 61.55 9.43
C GLU X 233 -66.99 60.48 10.22
N GLU X 234 -66.84 59.32 9.61
CA GLU X 234 -66.15 58.20 10.23
C GLU X 234 -64.72 58.09 9.73
N THR X 235 -63.83 57.73 10.64
CA THR X 235 -62.42 57.51 10.31
C THR X 235 -62.31 56.10 9.77
N VAL X 236 -62.33 55.97 8.44
CA VAL X 236 -62.22 54.65 7.84
C VAL X 236 -60.81 54.09 8.02
N GLU X 237 -59.80 54.95 8.09
CA GLU X 237 -58.43 54.49 8.24
C GLU X 237 -57.65 55.45 9.13
N ASN X 238 -56.95 54.89 10.12
CA ASN X 238 -56.11 55.69 11.01
C ASN X 238 -55.05 54.77 11.58
N HIS X 239 -53.84 54.85 11.04
CA HIS X 239 -52.79 53.92 11.46
C HIS X 239 -51.42 54.38 10.96
N PRO X 240 -50.35 53.71 11.34
CA PRO X 240 -49.04 54.01 10.76
C PRO X 240 -48.82 53.25 9.46
N THR X 241 -47.74 53.62 8.78
CA THR X 241 -47.36 53.02 7.51
C THR X 241 -45.85 53.00 7.42
N VAL X 242 -45.31 51.95 6.81
CA VAL X 242 -43.88 51.78 6.67
C VAL X 242 -43.58 51.16 5.31
N GLN X 243 -42.88 51.90 4.46
CA GLN X 243 -42.51 51.44 3.14
C GLN X 243 -40.99 51.37 3.07
N VAL X 244 -40.44 50.53 2.21
CA VAL X 244 -39.00 50.41 2.31
C VAL X 244 -38.33 51.56 1.59
N CYS X 245 -38.12 51.45 0.28
CA CYS X 245 -38.02 52.47 -0.76
C CYS X 245 -37.34 51.83 -1.96
N ASP X 246 -37.21 52.57 -3.05
CA ASP X 246 -36.23 52.25 -4.06
C ASP X 246 -35.05 53.19 -3.91
N TYR X 247 -33.86 52.68 -4.21
CA TYR X 247 -32.64 53.46 -4.04
C TYR X 247 -32.35 54.38 -5.21
N ASN X 248 -33.18 54.37 -6.25
CA ASN X 248 -32.98 55.25 -7.39
C ASN X 248 -33.74 56.55 -7.29
N ASN X 249 -34.64 56.69 -6.34
CA ASN X 249 -35.53 57.85 -6.27
C ASN X 249 -35.30 58.69 -5.03
N ILE X 250 -34.16 58.54 -4.37
CA ILE X 250 -33.88 59.18 -3.10
C ILE X 250 -32.53 59.87 -3.18
N VAL X 251 -32.48 61.12 -2.74
CA VAL X 251 -31.26 61.92 -2.77
C VAL X 251 -31.08 62.58 -1.42
N ILE X 252 -29.88 62.48 -0.86
CA ILE X 252 -29.62 62.96 0.49
C ILE X 252 -28.52 64.02 0.43
N ASP X 253 -28.49 64.87 1.44
CA ASP X 253 -27.36 65.77 1.62
C ASP X 253 -26.08 64.93 1.69
N PRO X 254 -25.09 65.22 0.85
CA PRO X 254 -23.83 64.47 0.89
C PRO X 254 -22.77 65.03 1.82
N SER X 255 -23.03 66.15 2.47
CA SER X 255 -22.06 66.75 3.37
C SER X 255 -22.18 66.25 4.80
N CYS X 256 -23.11 65.33 5.06
CA CYS X 256 -23.38 64.89 6.42
C CYS X 256 -22.30 63.98 6.98
N GLY X 257 -21.33 63.57 6.18
CA GLY X 257 -20.43 62.52 6.63
C GLY X 257 -21.22 61.24 6.72
N SER X 258 -21.15 60.57 7.87
CA SER X 258 -22.03 59.43 8.15
C SER X 258 -22.65 59.63 9.52
N ASP X 259 -23.69 60.46 9.58
CA ASP X 259 -24.50 60.58 10.78
C ASP X 259 -25.97 60.35 10.49
N PHE X 260 -26.45 61.08 9.48
CA PHE X 260 -27.85 61.21 9.13
C PHE X 260 -28.64 61.95 10.21
N SER X 261 -28.00 62.25 11.32
CA SER X 261 -28.58 63.16 12.28
C SER X 261 -28.20 64.60 11.99
N LYS X 262 -27.29 64.81 11.05
CA LYS X 262 -26.86 66.14 10.65
C LYS X 262 -27.12 66.42 9.18
N ALA X 263 -27.69 65.47 8.45
CA ALA X 263 -28.07 65.74 7.07
C ALA X 263 -29.12 66.83 7.04
N LYS X 264 -28.99 67.74 6.08
CA LYS X 264 -29.82 68.93 6.07
C LYS X 264 -31.01 68.83 5.13
N PHE X 265 -31.03 67.87 4.22
CA PHE X 265 -32.19 67.73 3.36
C PHE X 265 -32.21 66.37 2.70
N LEU X 266 -33.43 65.89 2.45
CA LEU X 266 -33.66 64.64 1.74
C LEU X 266 -34.79 64.85 0.77
N ILE X 267 -34.63 64.34 -0.45
CA ILE X 267 -35.59 64.51 -1.53
C ILE X 267 -35.98 63.14 -2.05
N GLU X 268 -37.28 62.90 -2.17
CA GLU X 268 -37.78 61.64 -2.68
C GLU X 268 -38.76 61.88 -3.81
N THR X 269 -38.65 61.08 -4.87
CA THR X 269 -39.59 61.15 -5.98
C THR X 269 -40.41 59.88 -6.02
N PHE X 270 -41.73 60.02 -6.07
CA PHE X 270 -42.58 58.84 -6.16
C PHE X 270 -43.70 59.13 -7.14
N GLU X 271 -44.64 58.20 -7.24
CA GLU X 271 -45.69 58.23 -8.25
C GLU X 271 -47.04 58.05 -7.59
N SER X 272 -48.03 58.82 -8.06
CA SER X 272 -49.36 58.78 -7.48
C SER X 272 -50.36 59.23 -8.54
N SER X 273 -51.59 59.48 -8.11
CA SER X 273 -52.67 59.83 -9.02
C SER X 273 -53.52 60.93 -8.40
N TYR X 274 -54.27 61.62 -9.26
CA TYR X 274 -55.08 62.75 -8.81
C TYR X 274 -56.10 62.32 -7.79
N ALA X 275 -56.76 61.18 -8.01
CA ALA X 275 -57.77 60.72 -7.07
C ALA X 275 -57.16 60.42 -5.71
N GLU X 276 -56.00 59.77 -5.70
CA GLU X 276 -55.34 59.45 -4.44
C GLU X 276 -54.92 60.71 -3.70
N LEU X 277 -54.37 61.68 -4.43
CA LEU X 277 -53.99 62.94 -3.80
C LEU X 277 -55.20 63.64 -3.20
N LYS X 278 -56.31 63.66 -3.92
CA LYS X 278 -57.51 64.30 -3.38
C LYS X 278 -58.02 63.55 -2.16
N ALA X 279 -57.97 62.22 -2.19
CA ALA X 279 -58.44 61.44 -1.06
C ALA X 279 -57.60 61.71 0.18
N ASP X 280 -56.29 61.80 0.02
CA ASP X 280 -55.43 62.15 1.14
C ASP X 280 -55.52 63.66 1.36
N GLY X 281 -56.32 64.07 2.33
CA GLY X 281 -56.60 65.48 2.51
C GLY X 281 -55.45 66.27 3.11
N ARG X 282 -54.37 66.43 2.35
CA ARG X 282 -53.21 67.17 2.85
C ARG X 282 -52.58 68.03 1.76
N TYR X 283 -53.38 68.54 0.83
CA TYR X 283 -52.81 69.24 -0.30
C TYR X 283 -53.73 70.39 -0.71
N LYS X 284 -53.15 71.33 -1.46
CA LYS X 284 -53.87 72.48 -1.98
C LYS X 284 -53.50 72.65 -3.44
N ASN X 285 -54.21 73.56 -4.10
CA ASN X 285 -53.99 73.88 -5.51
C ASN X 285 -54.14 72.68 -6.42
N LEU X 286 -54.93 71.68 -5.99
CA LEU X 286 -55.02 70.44 -6.74
C LEU X 286 -55.63 70.62 -8.11
N ASP X 287 -56.27 71.76 -8.37
CA ASP X 287 -56.99 71.97 -9.61
C ASP X 287 -56.13 72.60 -10.71
N LYS X 288 -54.85 72.83 -10.44
CA LYS X 288 -53.96 73.45 -11.41
C LYS X 288 -52.81 72.51 -11.75
N ILE X 289 -53.13 71.24 -11.94
CA ILE X 289 -52.09 70.24 -12.16
C ILE X 289 -51.86 69.96 -13.64
N GLN X 290 -52.92 70.02 -14.45
CA GLN X 290 -52.84 69.71 -15.88
C GLN X 290 -52.34 68.27 -16.09
N VAL X 291 -53.19 67.34 -15.68
CA VAL X 291 -52.85 65.92 -15.65
C VAL X 291 -52.67 65.37 -17.05
N GLU X 292 -52.92 66.19 -18.07
CA GLU X 292 -52.67 65.83 -19.46
C GLU X 292 -51.23 66.11 -19.87
N GLY X 293 -50.32 66.15 -18.92
CA GLY X 293 -48.94 66.53 -19.13
C GLY X 293 -47.96 65.38 -19.07
N GLN X 294 -47.38 65.20 -17.88
CA GLN X 294 -46.16 64.42 -17.67
C GLN X 294 -46.03 63.19 -18.55
N ASN X 295 -47.09 62.40 -18.65
CA ASN X 295 -47.07 61.13 -19.37
C ASN X 295 -46.00 60.18 -18.83
N LEU X 296 -45.50 60.45 -17.63
CA LEU X 296 -44.48 59.62 -16.99
C LEU X 296 -43.25 59.48 -17.88
N LEU X 297 -42.90 60.55 -18.59
CA LEU X 297 -41.74 60.56 -19.48
C LEU X 297 -40.88 61.76 -19.14
N SER X 298 -40.00 61.59 -18.15
CA SER X 298 -39.03 62.59 -17.78
C SER X 298 -37.82 61.89 -17.19
N GLU X 299 -36.66 62.56 -17.25
CA GLU X 299 -35.40 61.91 -16.92
C GLU X 299 -35.33 61.50 -15.45
N PRO X 300 -35.37 62.41 -14.47
CA PRO X 300 -35.15 62.01 -13.08
C PRO X 300 -36.35 61.32 -12.45
N ASP X 301 -37.34 60.96 -13.26
CA ASP X 301 -38.65 60.59 -12.77
C ASP X 301 -38.60 59.26 -12.02
N TYR X 302 -39.78 58.85 -11.57
CA TYR X 302 -39.97 57.57 -10.92
C TYR X 302 -39.44 56.48 -11.84
N THR X 303 -38.38 55.80 -11.42
CA THR X 303 -37.91 54.63 -12.17
C THR X 303 -38.88 53.48 -11.90
N GLY X 304 -39.64 53.11 -12.92
CA GLY X 304 -40.73 52.17 -12.75
C GLY X 304 -40.25 50.79 -12.35
N PRO X 305 -41.19 49.92 -12.00
CA PRO X 305 -40.80 48.55 -11.59
C PRO X 305 -40.00 47.81 -12.64
N SER X 306 -40.32 48.01 -13.91
CA SER X 306 -39.62 47.35 -15.00
C SER X 306 -39.55 48.32 -16.18
N GLU X 307 -39.20 47.80 -17.34
CA GLU X 307 -39.17 48.62 -18.54
C GLU X 307 -40.49 48.59 -19.29
N GLY X 308 -41.16 47.44 -19.32
CA GLY X 308 -42.42 47.36 -20.05
C GLY X 308 -43.49 48.27 -19.47
N VAL X 309 -43.51 48.41 -18.14
CA VAL X 309 -44.54 49.19 -17.48
C VAL X 309 -44.47 50.68 -17.83
N ARG X 310 -43.37 51.12 -18.45
CA ARG X 310 -43.28 52.51 -18.84
C ARG X 310 -44.32 52.89 -19.89
N ASN X 311 -44.83 51.91 -20.63
CA ASN X 311 -45.81 52.18 -21.68
C ASN X 311 -47.25 52.05 -21.21
N PHE X 312 -47.48 51.81 -19.92
CA PHE X 312 -48.82 51.60 -19.41
C PHE X 312 -49.40 52.89 -18.88
N ASP X 313 -50.70 53.08 -19.10
CA ASP X 313 -51.39 54.26 -18.60
C ASP X 313 -52.89 53.97 -18.56
N PHE X 314 -53.64 54.89 -17.97
CA PHE X 314 -55.04 54.67 -17.68
C PHE X 314 -56.00 55.52 -18.51
N GLN X 315 -55.57 56.68 -18.97
CA GLN X 315 -56.37 57.59 -19.81
C GLN X 315 -57.76 57.83 -19.22
N ASP X 316 -57.81 58.11 -17.92
CA ASP X 316 -59.07 58.38 -17.24
C ASP X 316 -59.13 59.74 -16.56
N LYS X 317 -58.01 60.43 -16.41
CA LYS X 317 -57.93 61.76 -15.81
C LYS X 317 -58.17 61.70 -14.31
N SER X 318 -58.58 60.54 -13.81
CA SER X 318 -58.71 60.33 -12.39
C SER X 318 -57.75 59.29 -11.86
N ARG X 319 -57.24 58.41 -12.73
CA ARG X 319 -56.26 57.42 -12.35
C ARG X 319 -54.97 57.56 -13.16
N LYS X 320 -54.83 58.63 -13.92
CA LYS X 320 -53.60 58.85 -14.66
C LYS X 320 -52.44 59.02 -13.71
N ARG X 321 -51.28 58.49 -14.09
CA ARG X 321 -50.12 58.46 -13.20
C ARG X 321 -49.34 59.76 -13.26
N LEU X 322 -48.89 60.22 -12.11
CA LEU X 322 -48.13 61.46 -12.00
C LEU X 322 -46.83 61.19 -11.25
N VAL X 323 -45.95 62.18 -11.25
CA VAL X 323 -44.69 62.12 -10.54
C VAL X 323 -44.64 63.26 -9.53
N VAL X 324 -44.34 62.94 -8.29
CA VAL X 324 -44.39 63.89 -7.19
C VAL X 324 -43.02 63.94 -6.52
N HIS X 325 -42.56 65.15 -6.24
CA HIS X 325 -41.31 65.36 -5.51
C HIS X 325 -41.61 65.84 -4.11
N GLU X 326 -40.89 65.28 -3.14
CA GLU X 326 -40.97 65.69 -1.74
C GLU X 326 -39.60 66.10 -1.26
N TYR X 327 -39.57 67.13 -0.42
CA TYR X 327 -38.34 67.70 0.11
C TYR X 327 -38.54 67.90 1.61
N TRP X 328 -37.87 67.10 2.41
CA TRP X 328 -37.84 67.30 3.85
C TRP X 328 -36.50 67.92 4.22
N GLY X 329 -36.50 68.85 5.17
CA GLY X 329 -35.22 69.37 5.60
C GLY X 329 -35.36 70.58 6.49
N TYR X 330 -34.29 71.37 6.52
CA TYR X 330 -34.19 72.55 7.36
C TYR X 330 -34.00 73.77 6.47
N TYR X 331 -34.57 74.88 6.88
CA TYR X 331 -34.46 76.09 6.07
C TYR X 331 -34.64 77.30 6.98
N ASP X 332 -34.19 78.45 6.48
CA ASP X 332 -34.28 79.71 7.21
C ASP X 332 -35.54 80.42 6.76
N ILE X 333 -36.67 79.99 7.31
CA ILE X 333 -37.96 80.50 6.87
C ILE X 333 -38.06 82.00 7.12
N HIS X 334 -37.61 82.44 8.28
CA HIS X 334 -37.53 83.88 8.54
C HIS X 334 -36.13 84.36 8.18
N GLY X 335 -35.88 85.65 8.39
CA GLY X 335 -34.56 86.18 8.17
C GLY X 335 -33.63 86.05 9.34
N ASP X 336 -34.07 85.41 10.43
CA ASP X 336 -33.30 85.35 11.66
C ASP X 336 -32.04 84.52 11.54
N GLY X 337 -31.87 83.77 10.46
CA GLY X 337 -30.75 82.85 10.39
C GLY X 337 -30.87 81.73 11.39
N VAL X 338 -32.07 81.24 11.63
CA VAL X 338 -32.31 80.05 12.45
C VAL X 338 -33.10 79.06 11.61
N LEU X 339 -32.66 77.81 11.60
CA LEU X 339 -33.27 76.82 10.74
C LEU X 339 -34.49 76.20 11.41
N HIS X 340 -35.50 75.92 10.61
CA HIS X 340 -36.70 75.26 11.09
C HIS X 340 -36.96 74.01 10.24
N PRO X 341 -37.60 72.99 10.81
CA PRO X 341 -37.86 71.77 10.05
C PRO X 341 -39.11 71.94 9.20
N ILE X 342 -38.94 71.83 7.87
CA ILE X 342 -40.03 72.04 6.94
C ILE X 342 -40.11 70.89 5.94
N VAL X 343 -41.25 70.81 5.29
CA VAL X 343 -41.54 69.86 4.23
C VAL X 343 -42.23 70.59 3.09
N ALA X 344 -41.79 70.29 1.87
CA ALA X 344 -42.34 70.92 0.68
C ALA X 344 -42.56 69.87 -0.40
N THR X 345 -43.73 69.89 -1.02
CA THR X 345 -44.13 68.87 -1.98
C THR X 345 -44.64 69.55 -3.22
N TRP X 346 -44.16 69.12 -4.39
CA TRP X 346 -44.60 69.74 -5.63
C TRP X 346 -44.63 68.71 -6.75
N VAL X 347 -45.44 69.01 -7.75
CA VAL X 347 -45.58 68.18 -8.95
C VAL X 347 -45.45 69.09 -10.18
N GLY X 348 -44.69 68.63 -11.17
CA GLY X 348 -44.49 69.41 -12.37
C GLY X 348 -43.87 70.76 -12.07
N ALA X 349 -44.65 71.82 -12.19
CA ALA X 349 -44.20 73.17 -11.87
C ALA X 349 -45.09 73.85 -10.85
N VAL X 350 -45.93 73.08 -10.15
CA VAL X 350 -46.89 73.63 -9.20
C VAL X 350 -46.54 73.14 -7.81
N MET X 351 -46.45 74.06 -6.86
CA MET X 351 -46.20 73.72 -5.47
C MET X 351 -47.51 73.29 -4.83
N ILE X 352 -47.53 72.09 -4.26
CA ILE X 352 -48.75 71.54 -3.70
C ILE X 352 -48.80 71.62 -2.18
N ARG X 353 -47.66 71.66 -1.51
CA ARG X 353 -47.69 71.63 -0.06
C ARG X 353 -46.43 72.29 0.49
N MET X 354 -46.60 73.16 1.48
CA MET X 354 -45.46 73.72 2.19
C MET X 354 -45.85 73.89 3.64
N GLU X 355 -45.06 73.31 4.54
CA GLU X 355 -45.48 73.27 5.93
C GLU X 355 -44.26 73.03 6.81
N GLU X 356 -44.43 73.27 8.10
CA GLU X 356 -43.43 72.81 9.05
C GLU X 356 -43.64 71.33 9.32
N ASN X 357 -42.60 70.70 9.86
CA ASN X 357 -42.64 69.27 10.08
C ASN X 357 -43.75 68.92 11.05
N PRO X 358 -44.69 68.06 10.67
CA PRO X 358 -45.85 67.78 11.53
C PRO X 358 -45.70 66.60 12.48
N PHE X 359 -44.63 65.85 12.40
CA PHE X 359 -44.50 64.71 13.28
C PHE X 359 -44.10 65.14 14.68
N PRO X 360 -44.44 64.35 15.71
CA PRO X 360 -44.15 64.77 17.09
C PRO X 360 -42.68 65.01 17.33
N ASP X 361 -41.80 64.25 16.69
CA ASP X 361 -40.37 64.48 16.75
C ASP X 361 -39.95 65.20 15.47
N LYS X 362 -39.45 66.42 15.62
CA LYS X 362 -39.19 67.25 14.46
C LYS X 362 -37.96 66.76 13.70
N LYS X 363 -38.05 65.56 13.12
CA LYS X 363 -36.96 64.98 12.36
C LYS X 363 -37.49 64.45 11.03
N ILE X 364 -36.57 64.01 10.19
CA ILE X 364 -36.94 63.46 8.89
C ILE X 364 -37.50 62.05 9.11
N PRO X 365 -38.64 61.73 8.58
CA PRO X 365 -39.27 60.42 8.81
C PRO X 365 -38.67 59.27 8.01
N TYR X 366 -37.34 59.17 8.02
CA TYR X 366 -36.64 58.12 7.31
C TYR X 366 -35.60 57.49 8.23
N VAL X 367 -35.25 56.26 7.93
CA VAL X 367 -34.23 55.53 8.66
C VAL X 367 -33.30 54.87 7.67
N VAL X 368 -32.00 55.07 7.84
CA VAL X 368 -30.99 54.55 6.92
C VAL X 368 -30.07 53.62 7.69
N VAL X 369 -29.88 52.41 7.16
CA VAL X 369 -29.04 51.40 7.79
C VAL X 369 -28.03 50.91 6.75
N SER X 370 -26.77 50.86 7.14
CA SER X 370 -25.71 50.41 6.24
C SER X 370 -25.31 48.99 6.59
N TYR X 371 -25.33 48.11 5.58
CA TYR X 371 -25.02 46.70 5.80
C TYR X 371 -23.59 46.52 6.28
N ILE X 372 -22.62 46.88 5.45
CA ILE X 372 -21.21 46.85 5.80
C ILE X 372 -20.70 48.29 5.81
N PRO X 373 -20.20 48.79 6.92
CA PRO X 373 -19.87 50.21 7.01
C PRO X 373 -18.70 50.58 6.13
N ARG X 374 -18.66 51.86 5.73
CA ARG X 374 -17.54 52.44 5.04
C ARG X 374 -17.10 53.70 5.79
N LYS X 375 -15.85 54.09 5.58
CA LYS X 375 -15.28 55.19 6.33
C LYS X 375 -15.97 56.50 5.96
N ARG X 376 -16.77 57.02 6.88
CA ARG X 376 -17.42 58.32 6.73
C ARG X 376 -18.28 58.36 5.47
N ASP X 377 -19.28 57.49 5.44
CA ASP X 377 -20.20 57.44 4.32
C ASP X 377 -21.48 56.74 4.75
N LEU X 378 -22.60 57.23 4.25
CA LEU X 378 -23.89 56.65 4.62
C LEU X 378 -24.09 55.29 3.96
N TYR X 379 -23.80 55.19 2.67
CA TYR X 379 -24.04 53.95 1.95
C TYR X 379 -23.02 52.89 2.35
N GLY X 380 -23.47 51.66 2.46
CA GLY X 380 -22.62 50.55 2.80
C GLY X 380 -22.05 49.87 1.57
N GLU X 381 -21.67 48.61 1.73
CA GLU X 381 -21.22 47.78 0.63
C GLU X 381 -22.04 46.51 0.58
N SER X 382 -22.35 46.07 -0.64
CA SER X 382 -23.10 44.83 -0.79
C SER X 382 -22.28 43.66 -0.29
N ASP X 383 -22.98 42.55 -0.03
CA ASP X 383 -22.30 41.37 0.50
C ASP X 383 -21.31 40.81 -0.51
N GLY X 384 -21.74 40.65 -1.76
CA GLY X 384 -20.87 40.09 -2.77
C GLY X 384 -20.15 41.14 -3.59
N ALA X 385 -19.56 42.13 -2.94
CA ALA X 385 -18.82 43.16 -3.65
C ALA X 385 -17.39 42.77 -3.95
N LEU X 386 -16.92 41.63 -3.44
CA LEU X 386 -15.54 41.22 -3.63
C LEU X 386 -15.42 39.87 -4.31
N LEU X 387 -16.52 39.30 -4.77
CA LEU X 387 -16.49 37.98 -5.38
C LEU X 387 -16.54 38.03 -6.90
N ILE X 388 -16.45 39.22 -7.49
CA ILE X 388 -16.58 39.34 -8.93
C ILE X 388 -15.47 38.57 -9.64
N ASP X 389 -14.24 38.71 -9.14
CA ASP X 389 -13.13 38.00 -9.76
C ASP X 389 -13.32 36.50 -9.68
N ASN X 390 -13.77 36.01 -8.53
CA ASN X 390 -13.98 34.58 -8.38
C ASN X 390 -15.06 34.08 -9.34
N GLN X 391 -16.15 34.83 -9.45
CA GLN X 391 -17.20 34.42 -10.38
C GLN X 391 -16.68 34.38 -11.80
N ARG X 392 -15.91 35.39 -12.21
CA ARG X 392 -15.39 35.41 -13.57
C ARG X 392 -14.47 34.23 -13.82
N ILE X 393 -13.57 33.94 -12.88
CA ILE X 393 -12.61 32.87 -13.08
C ILE X 393 -13.33 31.53 -13.16
N ILE X 394 -14.30 31.30 -12.27
CA ILE X 394 -15.01 30.03 -12.30
C ILE X 394 -15.76 29.87 -13.62
N GLY X 395 -16.42 30.94 -14.07
CA GLY X 395 -17.09 30.86 -15.35
C GLY X 395 -16.14 30.54 -16.49
N ALA X 396 -14.97 31.17 -16.49
CA ALA X 396 -14.02 30.93 -17.57
C ALA X 396 -13.56 29.49 -17.58
N VAL X 397 -13.22 28.95 -16.40
CA VAL X 397 -12.73 27.58 -16.35
C VAL X 397 -13.81 26.61 -16.80
N THR X 398 -15.03 26.81 -16.33
CA THR X 398 -16.11 25.91 -16.72
C THR X 398 -16.34 25.95 -18.22
N ARG X 399 -16.33 27.15 -18.81
CA ARG X 399 -16.50 27.25 -20.25
C ARG X 399 -15.38 26.54 -20.98
N GLY X 400 -14.15 26.65 -20.46
CA GLY X 400 -13.05 25.95 -21.10
C GLY X 400 -13.25 24.45 -21.10
N MET X 401 -13.67 23.90 -19.97
CA MET X 401 -13.88 22.46 -19.90
C MET X 401 -14.99 22.01 -20.83
N ILE X 402 -16.09 22.77 -20.88
CA ILE X 402 -17.17 22.46 -21.81
C ILE X 402 -16.66 22.44 -23.23
N ASP X 403 -15.89 23.47 -23.61
CA ASP X 403 -15.39 23.53 -24.98
C ASP X 403 -14.53 22.32 -25.30
N THR X 404 -13.63 21.98 -24.38
CA THR X 404 -12.76 20.83 -24.61
C THR X 404 -13.57 19.56 -24.83
N MET X 405 -14.60 19.35 -24.03
CA MET X 405 -15.35 18.11 -24.18
C MET X 405 -16.26 18.14 -25.40
N ALA X 406 -16.72 19.32 -25.82
CA ALA X 406 -17.73 19.39 -26.86
C ALA X 406 -17.14 19.42 -28.26
N ARG X 407 -16.12 20.23 -28.49
CA ARG X 407 -15.54 20.31 -29.82
C ARG X 407 -14.71 19.10 -30.18
N SER X 408 -14.76 18.03 -29.38
CA SER X 408 -13.97 16.85 -29.66
C SER X 408 -14.64 16.03 -30.75
N ALA X 409 -14.17 14.82 -30.97
CA ALA X 409 -14.69 13.96 -32.02
C ALA X 409 -15.33 12.71 -31.45
N ASN X 410 -15.92 12.81 -30.27
CA ASN X 410 -16.54 11.66 -29.64
C ASN X 410 -17.65 11.10 -30.51
N GLY X 411 -17.69 9.77 -30.63
CA GLY X 411 -18.72 9.09 -31.35
C GLY X 411 -18.33 8.60 -32.72
N GLN X 412 -17.35 9.22 -33.36
CA GLN X 412 -16.95 8.82 -34.70
C GLN X 412 -15.94 7.70 -34.63
N VAL X 413 -15.95 6.86 -35.66
CA VAL X 413 -15.05 5.72 -35.75
C VAL X 413 -14.27 5.83 -37.07
N GLY X 414 -12.97 5.64 -36.99
CA GLY X 414 -12.09 5.76 -38.15
C GLY X 414 -11.42 4.44 -38.46
N VAL X 415 -11.27 4.14 -39.74
CA VAL X 415 -10.73 2.88 -40.20
C VAL X 415 -9.57 3.17 -41.14
N MET X 416 -8.47 2.45 -40.96
CA MET X 416 -7.33 2.59 -41.85
C MET X 416 -7.70 2.17 -43.25
N LYS X 417 -7.32 2.97 -44.24
CA LYS X 417 -7.54 2.60 -45.62
C LYS X 417 -6.74 1.34 -45.96
N GLY X 418 -7.33 0.47 -46.76
CA GLY X 418 -6.64 -0.72 -47.20
C GLY X 418 -6.58 -1.84 -46.20
N ALA X 419 -7.22 -1.71 -45.05
CA ALA X 419 -7.29 -2.82 -44.11
C ALA X 419 -8.45 -3.76 -44.40
N LEU X 420 -9.52 -3.24 -44.98
CA LEU X 420 -10.68 -4.05 -45.32
C LEU X 420 -11.02 -3.84 -46.79
N ASP X 421 -11.33 -4.93 -47.48
CA ASP X 421 -11.82 -4.83 -48.85
C ASP X 421 -13.27 -4.39 -48.83
N VAL X 422 -13.92 -4.38 -50.00
CA VAL X 422 -15.29 -3.88 -50.06
C VAL X 422 -16.25 -4.83 -49.34
N THR X 423 -16.15 -6.13 -49.63
CA THR X 423 -17.07 -7.08 -49.02
C THR X 423 -16.89 -7.12 -47.51
N ASN X 424 -15.65 -7.16 -47.04
CA ASN X 424 -15.41 -7.20 -45.61
C ASN X 424 -15.83 -5.90 -44.96
N ARG X 425 -15.64 -4.77 -45.65
CA ARG X 425 -16.12 -3.50 -45.13
C ARG X 425 -17.62 -3.54 -44.95
N ARG X 426 -18.35 -4.08 -45.92
CA ARG X 426 -19.80 -4.16 -45.80
C ARG X 426 -20.19 -5.08 -44.65
N ARG X 427 -19.51 -6.22 -44.50
CA ARG X 427 -19.83 -7.10 -43.39
C ARG X 427 -19.60 -6.40 -42.06
N PHE X 428 -18.47 -5.70 -41.93
CA PHE X 428 -18.15 -5.02 -40.70
C PHE X 428 -19.20 -3.97 -40.37
N ASP X 429 -19.64 -3.22 -41.38
CA ASP X 429 -20.71 -2.25 -41.16
C ASP X 429 -22.00 -2.94 -40.77
N ARG X 430 -22.34 -4.05 -41.43
CA ARG X 430 -23.59 -4.74 -41.14
C ARG X 430 -23.62 -5.22 -39.71
N GLY X 431 -22.50 -5.72 -39.20
CA GLY X 431 -22.44 -6.10 -37.81
C GLY X 431 -22.24 -7.58 -37.59
N GLU X 432 -21.73 -8.26 -38.60
CA GLU X 432 -21.43 -9.68 -38.50
C GLU X 432 -19.93 -9.88 -38.51
N ASN X 433 -19.50 -11.13 -38.46
CA ASN X 433 -18.08 -11.43 -38.45
C ASN X 433 -17.47 -11.08 -39.79
N TYR X 434 -16.16 -10.87 -39.79
CA TYR X 434 -15.49 -10.34 -40.97
C TYR X 434 -14.06 -10.86 -41.01
N GLU X 435 -13.28 -10.34 -41.95
CA GLU X 435 -11.89 -10.73 -42.12
C GLU X 435 -11.09 -9.49 -42.52
N PHE X 436 -9.86 -9.40 -42.03
CA PHE X 436 -9.03 -8.24 -42.29
C PHE X 436 -7.69 -8.67 -42.88
N ASN X 437 -7.13 -7.80 -43.71
CA ASN X 437 -5.91 -8.12 -44.41
C ASN X 437 -4.75 -8.24 -43.42
N PRO X 438 -3.75 -9.06 -43.74
CA PRO X 438 -2.64 -9.25 -42.82
C PRO X 438 -1.82 -7.98 -42.65
N GLY X 439 -1.16 -7.89 -41.51
CA GLY X 439 -0.33 -6.75 -41.19
C GLY X 439 -1.06 -5.58 -40.59
N ALA X 440 -2.37 -5.67 -40.39
CA ALA X 440 -3.15 -4.60 -39.77
C ALA X 440 -4.08 -5.22 -38.74
N ASP X 441 -3.59 -5.36 -37.51
CA ASP X 441 -4.43 -5.89 -36.45
C ASP X 441 -5.51 -4.88 -36.10
N PRO X 442 -6.72 -5.34 -35.78
CA PRO X 442 -7.83 -4.41 -35.57
C PRO X 442 -7.57 -3.42 -34.46
N ARG X 443 -6.87 -3.83 -33.40
CA ARG X 443 -6.66 -2.95 -32.25
C ARG X 443 -5.92 -1.68 -32.62
N ALA X 444 -5.22 -1.67 -33.76
CA ALA X 444 -4.64 -0.45 -34.29
C ALA X 444 -5.32 0.03 -35.57
N ALA X 445 -5.97 -0.88 -36.30
CA ALA X 445 -6.57 -0.48 -37.57
C ALA X 445 -7.84 0.33 -37.36
N VAL X 446 -8.65 -0.03 -36.37
CA VAL X 446 -9.87 0.70 -36.08
C VAL X 446 -9.66 1.51 -34.82
N HIS X 447 -10.42 2.60 -34.70
CA HIS X 447 -10.28 3.47 -33.55
C HIS X 447 -11.59 4.18 -33.32
N MET X 448 -12.02 4.23 -32.06
CA MET X 448 -13.31 4.80 -31.68
C MET X 448 -13.04 5.97 -30.74
N HIS X 449 -13.19 7.18 -31.26
CA HIS X 449 -12.86 8.36 -30.48
C HIS X 449 -13.77 8.50 -29.28
N THR X 450 -13.23 9.04 -28.19
CA THR X 450 -13.96 9.28 -26.97
C THR X 450 -13.61 10.66 -26.45
N PHE X 451 -14.20 11.03 -25.31
CA PHE X 451 -13.91 12.31 -24.71
C PHE X 451 -12.45 12.38 -24.29
N PRO X 452 -11.83 13.54 -24.43
CA PRO X 452 -10.44 13.68 -23.98
C PRO X 452 -10.35 13.66 -22.46
N GLU X 453 -9.14 13.80 -21.94
CA GLU X 453 -8.91 13.71 -20.51
C GLU X 453 -8.74 15.09 -19.90
N ILE X 454 -9.54 15.41 -18.90
CA ILE X 454 -9.40 16.69 -18.20
C ILE X 454 -8.16 16.65 -17.33
N PRO X 455 -7.27 17.63 -17.42
CA PRO X 455 -6.08 17.63 -16.58
C PRO X 455 -6.44 17.90 -15.13
N GLN X 456 -5.55 17.51 -14.25
CA GLN X 456 -5.78 17.61 -12.83
C GLN X 456 -5.66 19.00 -12.30
N SER X 457 -5.60 20.05 -13.12
CA SER X 457 -5.42 21.40 -12.59
C SER X 457 -6.71 22.20 -12.53
N ALA X 458 -7.64 21.96 -13.45
CA ALA X 458 -8.89 22.70 -13.42
C ALA X 458 -9.65 22.43 -12.15
N GLN X 459 -9.68 21.18 -11.71
CA GLN X 459 -10.35 20.83 -10.46
C GLN X 459 -9.76 21.63 -9.31
N TYR X 460 -8.43 21.66 -9.22
CA TYR X 460 -7.79 22.38 -8.14
C TYR X 460 -8.12 23.86 -8.20
N MET X 461 -8.11 24.44 -9.40
CA MET X 461 -8.36 25.87 -9.49
C MET X 461 -9.79 26.21 -9.06
N ILE X 462 -10.76 25.41 -9.48
CA ILE X 462 -12.12 25.66 -9.05
C ILE X 462 -12.26 25.54 -7.54
N ASN X 463 -11.64 24.51 -6.96
CA ASN X 463 -11.71 24.36 -5.52
C ASN X 463 -11.11 25.56 -4.81
N LEU X 464 -9.97 26.04 -5.31
CA LEU X 464 -9.32 27.19 -4.70
C LEU X 464 -10.22 28.42 -4.75
N GLN X 465 -10.80 28.70 -5.90
CA GLN X 465 -11.65 29.87 -6.02
C GLN X 465 -12.86 29.78 -5.10
N GLN X 466 -13.50 28.61 -5.04
CA GLN X 466 -14.67 28.47 -4.20
C GLN X 466 -14.31 28.63 -2.73
N ALA X 467 -13.20 28.04 -2.30
CA ALA X 467 -12.79 28.17 -0.91
C ALA X 467 -12.50 29.63 -0.58
N GLU X 468 -11.85 30.34 -1.50
CA GLU X 468 -11.58 31.75 -1.24
C GLU X 468 -12.87 32.55 -1.09
N ALA X 469 -13.85 32.29 -1.95
CA ALA X 469 -15.11 33.01 -1.84
C ALA X 469 -15.81 32.72 -0.52
N GLU X 470 -15.81 31.45 -0.12
CA GLU X 470 -16.44 31.10 1.15
C GLU X 470 -15.75 31.78 2.31
N SER X 471 -14.42 31.81 2.30
CA SER X 471 -13.70 32.49 3.36
C SER X 471 -14.02 33.97 3.39
N MET X 472 -14.09 34.60 2.22
CA MET X 472 -14.37 36.03 2.16
C MET X 472 -15.74 36.34 2.76
N THR X 473 -16.77 35.65 2.29
CA THR X 473 -18.12 35.98 2.75
C THR X 473 -18.33 35.58 4.20
N GLY X 474 -17.94 34.36 4.56
CA GLY X 474 -18.17 33.86 5.89
C GLY X 474 -19.33 32.91 6.04
N VAL X 475 -19.97 32.53 4.94
CA VAL X 475 -21.06 31.56 4.96
C VAL X 475 -20.65 30.36 4.13
N LYS X 476 -20.67 29.18 4.73
CA LYS X 476 -20.23 27.97 4.05
C LYS X 476 -21.26 27.43 3.08
N ALA X 477 -22.53 27.73 3.29
CA ALA X 477 -23.61 27.41 2.37
C ALA X 477 -23.80 25.91 2.17
N PHE X 478 -23.02 25.10 2.88
CA PHE X 478 -23.09 23.65 2.78
C PHE X 478 -23.19 23.22 1.32
N ASN X 479 -22.16 23.59 0.57
CA ASN X 479 -22.21 23.57 -0.89
C ASN X 479 -20.89 22.97 -1.39
N ALA X 480 -20.62 23.18 -2.68
CA ALA X 480 -19.47 22.58 -3.34
C ALA X 480 -19.47 21.07 -3.15
N GLY X 481 -20.65 20.49 -3.32
CA GLY X 481 -20.88 19.09 -3.05
C GLY X 481 -22.35 18.89 -2.73
N ILE X 482 -22.64 17.76 -2.07
CA ILE X 482 -24.01 17.52 -1.61
C ILE X 482 -24.41 18.62 -0.64
N SER X 483 -25.62 19.16 -0.82
CA SER X 483 -26.12 20.18 0.09
C SER X 483 -26.12 19.68 1.51
N GLY X 484 -26.36 18.38 1.70
CA GLY X 484 -26.11 17.72 2.96
C GLY X 484 -24.66 17.27 3.03
N ALA X 485 -23.74 18.23 3.08
CA ALA X 485 -22.31 17.93 3.04
C ALA X 485 -21.92 17.04 4.21
N ALA X 486 -20.82 16.30 4.01
CA ALA X 486 -20.33 15.33 4.98
C ALA X 486 -21.39 14.27 5.28
N LEU X 487 -21.73 13.49 4.25
CA LEU X 487 -22.73 12.43 4.38
C LEU X 487 -22.16 11.25 5.14
N GLY X 488 -21.79 11.52 6.39
CA GLY X 488 -21.39 10.52 7.35
C GLY X 488 -19.89 10.44 7.54
N ASP X 489 -19.40 11.18 8.53
CA ASP X 489 -18.11 10.95 9.15
C ASP X 489 -18.15 11.13 10.67
N THR X 490 -19.12 11.87 11.20
CA THR X 490 -19.29 12.08 12.63
C THR X 490 -20.75 12.44 12.85
N ALA X 491 -21.28 12.05 14.01
CA ALA X 491 -22.69 12.33 14.30
C ALA X 491 -22.98 13.81 14.26
N THR X 492 -22.07 14.63 14.80
CA THR X 492 -22.26 16.07 14.76
C THR X 492 -22.03 16.64 13.36
N ALA X 493 -21.08 16.08 12.60
CA ALA X 493 -20.75 16.61 11.29
C ALA X 493 -21.84 16.40 10.26
N VAL X 494 -22.86 15.58 10.56
CA VAL X 494 -24.02 15.47 9.68
C VAL X 494 -25.20 16.27 10.19
N ARG X 495 -25.20 16.64 11.48
CA ARG X 495 -26.31 17.43 12.01
C ARG X 495 -26.33 18.83 11.42
N GLY X 496 -25.15 19.40 11.14
CA GLY X 496 -25.11 20.75 10.60
C GLY X 496 -25.77 20.87 9.23
N ALA X 497 -25.54 19.87 8.38
CA ALA X 497 -26.09 19.93 7.02
C ALA X 497 -27.62 19.96 7.03
N LEU X 498 -28.21 19.02 7.77
CA LEU X 498 -29.67 18.99 7.86
C LEU X 498 -30.20 20.25 8.52
N ASP X 499 -29.47 20.77 9.51
CA ASP X 499 -29.87 22.01 10.15
C ASP X 499 -29.94 23.15 9.15
N ALA X 500 -28.90 23.32 8.34
CA ALA X 500 -28.89 24.40 7.36
C ALA X 500 -29.99 24.22 6.33
N ALA X 501 -30.19 22.99 5.87
CA ALA X 501 -31.24 22.75 4.88
C ALA X 501 -32.62 23.11 5.44
N SER X 502 -32.90 22.68 6.67
CA SER X 502 -34.19 23.00 7.26
C SER X 502 -34.34 24.50 7.47
N LYS X 503 -33.27 25.15 7.91
CA LYS X 503 -33.35 26.60 8.11
C LYS X 503 -33.65 27.31 6.81
N ARG X 504 -33.10 26.82 5.70
CA ARG X 504 -33.41 27.44 4.42
C ARG X 504 -34.86 27.17 4.02
N GLU X 505 -35.36 25.96 4.25
CA GLU X 505 -36.74 25.66 3.90
C GLU X 505 -37.72 26.51 4.71
N LEU X 506 -37.32 26.92 5.91
CA LEU X 506 -38.25 27.57 6.81
C LEU X 506 -38.82 28.86 6.23
N GLY X 507 -38.01 29.62 5.47
CA GLY X 507 -38.52 30.86 4.92
C GLY X 507 -39.66 30.65 3.95
N ILE X 508 -39.49 29.70 3.03
CA ILE X 508 -40.57 29.38 2.10
C ILE X 508 -41.79 28.90 2.86
N LEU X 509 -41.57 28.07 3.86
CA LEU X 509 -42.71 27.61 4.66
C LEU X 509 -43.45 28.77 5.27
N ARG X 510 -42.73 29.76 5.76
CA ARG X 510 -43.37 30.90 6.41
C ARG X 510 -44.17 31.72 5.40
N ARG X 511 -43.64 31.91 4.20
CA ARG X 511 -44.39 32.66 3.20
C ARG X 511 -45.70 31.97 2.88
N LEU X 512 -45.65 30.66 2.65
CA LEU X 512 -46.89 29.94 2.35
C LEU X 512 -47.86 30.00 3.53
N SER X 513 -47.33 29.92 4.75
CA SER X 513 -48.19 30.03 5.92
C SER X 513 -48.88 31.37 5.97
N ALA X 514 -48.16 32.44 5.64
CA ALA X 514 -48.79 33.76 5.63
C ALA X 514 -49.93 33.82 4.63
N GLY X 515 -49.73 33.23 3.45
CA GLY X 515 -50.83 33.19 2.49
C GLY X 515 -52.05 32.48 3.04
N ILE X 516 -51.83 31.33 3.68
CA ILE X 516 -52.95 30.57 4.23
C ILE X 516 -53.67 31.38 5.30
N ILE X 517 -52.91 32.06 6.16
CA ILE X 517 -53.52 32.89 7.20
C ILE X 517 -54.40 33.96 6.59
N GLU X 518 -53.93 34.59 5.52
CA GLU X 518 -54.75 35.61 4.89
C GLU X 518 -56.06 35.03 4.36
N ILE X 519 -55.98 33.86 3.72
CA ILE X 519 -57.20 33.22 3.25
C ILE X 519 -58.16 32.98 4.40
N GLY X 520 -57.63 32.48 5.51
CA GLY X 520 -58.47 32.20 6.65
C GLY X 520 -59.15 33.44 7.20
N ARG X 521 -58.43 34.55 7.26
CA ARG X 521 -59.04 35.77 7.76
C ARG X 521 -60.16 36.24 6.86
N LYS X 522 -59.97 36.15 5.55
CA LYS X 522 -61.06 36.49 4.64
C LYS X 522 -62.27 35.60 4.87
N ILE X 523 -62.03 34.30 5.07
CA ILE X 523 -63.14 33.38 5.28
C ILE X 523 -63.90 33.73 6.55
N ILE X 524 -63.17 34.08 7.61
CA ILE X 524 -63.83 34.45 8.85
C ILE X 524 -64.71 35.68 8.62
N ALA X 525 -64.16 36.67 7.92
CA ALA X 525 -64.93 37.88 7.66
C ALA X 525 -66.22 37.55 6.92
N MET X 526 -66.16 36.67 5.93
CA MET X 526 -67.37 36.33 5.21
C MET X 526 -68.34 35.55 6.08
N ASN X 527 -67.84 34.62 6.91
CA ASN X 527 -68.72 33.92 7.83
C ASN X 527 -69.43 34.86 8.76
N ALA X 528 -68.82 36.01 9.06
CA ALA X 528 -69.37 36.90 10.06
C ALA X 528 -70.82 37.28 9.77
N GLU X 529 -71.13 37.58 8.51
CA GLU X 529 -72.46 38.10 8.20
C GLU X 529 -73.27 37.22 7.28
N PHE X 530 -72.65 36.51 6.33
CA PHE X 530 -73.42 35.71 5.39
C PHE X 530 -74.10 34.52 6.03
N LEU X 531 -73.72 34.17 7.25
CA LEU X 531 -74.16 32.94 7.89
C LEU X 531 -75.11 33.26 9.03
N ASP X 532 -76.03 32.35 9.30
CA ASP X 532 -77.11 32.61 10.24
C ASP X 532 -76.85 31.98 11.60
N ASP X 533 -77.47 32.58 12.61
CA ASP X 533 -77.25 32.14 13.99
C ASP X 533 -77.72 30.70 14.19
N VAL X 534 -78.86 30.34 13.59
CA VAL X 534 -79.33 28.97 13.72
C VAL X 534 -78.35 28.00 13.08
N GLU X 535 -77.76 28.41 11.95
CA GLU X 535 -76.77 27.57 11.29
C GLU X 535 -75.54 27.38 12.17
N VAL X 536 -75.09 28.44 12.83
CA VAL X 536 -73.93 28.31 13.70
C VAL X 536 -74.25 27.46 14.92
N VAL X 537 -75.46 27.61 15.45
CA VAL X 537 -75.86 26.82 16.60
C VAL X 537 -75.92 25.34 16.22
N ARG X 538 -76.43 25.04 15.03
CA ARG X 538 -76.52 23.64 14.61
C ARG X 538 -75.17 22.95 14.68
N ILE X 539 -74.09 23.69 14.49
CA ILE X 539 -72.76 23.12 14.57
C ILE X 539 -72.23 23.12 15.99
N THR X 540 -72.25 24.28 16.65
CA THR X 540 -71.55 24.40 17.93
C THR X 540 -72.30 23.75 19.08
N ASN X 541 -73.62 23.66 18.99
CA ASN X 541 -74.47 23.20 20.09
C ASN X 541 -74.25 24.03 21.35
N GLU X 542 -74.01 25.33 21.16
CA GLU X 542 -73.92 26.25 22.28
C GLU X 542 -74.70 27.51 21.92
N HIS X 543 -75.06 28.27 22.94
CA HIS X 543 -75.84 29.48 22.71
C HIS X 543 -75.05 30.45 21.85
N PHE X 544 -75.74 31.08 20.91
CA PHE X 544 -75.07 31.95 19.95
C PHE X 544 -74.40 33.11 20.65
N VAL X 545 -73.15 33.37 20.29
CA VAL X 545 -72.41 34.51 20.80
C VAL X 545 -72.59 35.66 19.83
N ASP X 546 -72.95 36.83 20.35
CA ASP X 546 -73.21 37.97 19.50
C ASP X 546 -71.94 38.36 18.75
N ILE X 547 -72.12 39.25 17.78
CA ILE X 547 -71.04 39.65 16.88
C ILE X 547 -70.80 41.14 17.03
N ARG X 548 -69.53 41.52 17.03
CA ARG X 548 -69.16 42.93 17.14
C ARG X 548 -69.15 43.55 15.74
N ARG X 549 -69.89 44.64 15.58
CA ARG X 549 -70.03 45.25 14.27
C ARG X 549 -68.84 46.11 13.87
N ASP X 550 -67.97 46.46 14.82
CA ASP X 550 -66.81 47.28 14.49
C ASP X 550 -65.91 46.56 13.50
N ASP X 551 -65.37 45.42 13.91
CA ASP X 551 -64.55 44.58 13.06
C ASP X 551 -65.26 43.27 12.84
N LEU X 552 -65.08 42.69 11.66
CA LEU X 552 -65.66 41.38 11.37
C LEU X 552 -64.61 40.31 11.15
N ALA X 553 -63.38 40.69 10.79
CA ALA X 553 -62.31 39.73 10.55
C ALA X 553 -61.34 39.63 11.72
N GLY X 554 -61.82 39.89 12.92
CA GLY X 554 -60.92 39.96 14.05
C GLY X 554 -60.11 41.23 14.02
N ASN X 555 -58.79 41.09 13.96
CA ASN X 555 -57.87 42.22 13.90
C ASN X 555 -57.90 43.01 15.21
N PHE X 556 -58.80 42.63 16.11
CA PHE X 556 -58.89 43.21 17.43
C PHE X 556 -59.03 42.18 18.53
N ASP X 557 -59.50 40.99 18.22
CA ASP X 557 -59.78 40.02 19.27
C ASP X 557 -59.41 38.59 18.91
N LEU X 558 -58.82 38.34 17.76
CA LEU X 558 -58.49 36.98 17.36
C LEU X 558 -57.06 36.91 16.84
N LYS X 559 -56.34 35.88 17.28
CA LYS X 559 -55.01 35.58 16.77
C LYS X 559 -55.08 34.26 16.01
N LEU X 560 -54.62 34.28 14.76
CA LEU X 560 -54.82 33.18 13.84
C LEU X 560 -53.47 32.58 13.46
N ASP X 561 -53.34 31.27 13.60
CA ASP X 561 -52.07 30.61 13.30
C ASP X 561 -52.33 29.15 12.93
N ILE X 562 -51.31 28.54 12.32
CA ILE X 562 -51.40 27.16 11.88
C ILE X 562 -51.18 26.24 13.08
N SER X 563 -52.10 25.31 13.27
CA SER X 563 -51.99 24.37 14.37
C SER X 563 -51.13 23.19 13.98
N THR X 564 -50.36 22.68 14.95
CA THR X 564 -49.52 21.52 14.75
C THR X 564 -49.50 20.64 15.99
N ALA X 565 -49.19 19.35 15.76
CA ALA X 565 -49.31 18.36 16.80
C ALA X 565 -48.38 18.64 17.96
N GLU X 566 -47.18 19.13 17.67
CA GLU X 566 -46.22 19.37 18.74
C GLU X 566 -46.68 20.51 19.65
N GLU X 567 -47.27 21.56 19.08
CA GLU X 567 -47.84 22.60 19.92
C GLU X 567 -49.01 22.08 20.73
N ASP X 568 -49.83 21.21 20.13
CA ASP X 568 -50.91 20.61 20.90
C ASP X 568 -50.37 19.82 22.09
N ASN X 569 -49.33 19.04 21.85
CA ASN X 569 -48.71 18.27 22.93
C ASN X 569 -48.14 19.19 24.00
N ALA X 570 -47.50 20.28 23.58
CA ALA X 570 -46.95 21.22 24.55
C ALA X 570 -48.06 21.79 25.41
N LYS X 571 -49.18 22.18 24.80
CA LYS X 571 -50.28 22.73 25.57
C LYS X 571 -50.81 21.71 26.56
N VAL X 572 -50.97 20.46 26.12
CA VAL X 572 -51.48 19.43 27.01
C VAL X 572 -50.53 19.23 28.18
N ASN X 573 -49.23 19.16 27.90
CA ASN X 573 -48.26 18.94 28.96
C ASN X 573 -48.27 20.08 29.96
N ASP X 574 -48.34 21.32 29.47
CA ASP X 574 -48.37 22.47 30.36
C ASP X 574 -49.60 22.40 31.25
N LEU X 575 -50.76 22.11 30.66
CA LEU X 575 -51.98 22.03 31.46
C LEU X 575 -51.86 20.97 32.53
N THR X 576 -51.43 19.76 32.15
CA THR X 576 -51.33 18.68 33.11
C THR X 576 -50.39 19.04 34.24
N PHE X 577 -49.19 19.50 33.90
CA PHE X 577 -48.20 19.81 34.92
C PHE X 577 -48.70 20.88 35.86
N MET X 578 -49.25 21.95 35.31
CA MET X 578 -49.53 23.09 36.14
C MET X 578 -50.78 22.86 36.97
N LEU X 579 -51.71 22.04 36.48
CA LEU X 579 -52.78 21.53 37.34
C LEU X 579 -52.22 20.69 38.47
N GLN X 580 -51.34 19.73 38.15
CA GLN X 580 -50.89 18.81 39.19
C GLN X 580 -50.09 19.54 40.26
N THR X 581 -49.36 20.60 39.87
CA THR X 581 -48.69 21.46 40.84
C THR X 581 -49.07 22.90 40.52
N MET X 582 -50.25 23.30 40.98
CA MET X 582 -50.63 24.70 41.02
C MET X 582 -50.63 25.25 42.43
N GLY X 583 -51.35 24.62 43.35
CA GLY X 583 -51.39 25.07 44.71
C GLY X 583 -52.77 24.92 45.34
N PRO X 584 -52.90 25.34 46.59
CA PRO X 584 -54.17 25.19 47.30
C PRO X 584 -55.18 26.27 46.94
N ASN X 585 -54.90 27.02 45.87
CA ASN X 585 -55.76 28.11 45.46
C ASN X 585 -57.21 27.68 45.34
N MET X 586 -58.12 28.56 45.73
CA MET X 586 -59.52 28.21 45.82
C MET X 586 -60.14 28.22 44.42
N ASP X 587 -61.47 28.22 44.38
CA ASP X 587 -62.24 28.14 43.15
C ASP X 587 -61.95 26.84 42.42
N PRO X 588 -62.33 25.70 43.00
CA PRO X 588 -62.10 24.43 42.31
C PRO X 588 -62.87 24.31 41.01
N MET X 589 -63.84 25.19 40.79
CA MET X 589 -64.45 25.30 39.48
C MET X 589 -63.39 25.46 38.41
N MET X 590 -62.34 26.25 38.71
CA MET X 590 -61.28 26.46 37.74
C MET X 590 -60.55 25.16 37.42
N ALA X 591 -60.25 24.36 38.44
CA ALA X 591 -59.61 23.08 38.20
C ALA X 591 -60.48 22.18 37.34
N GLN X 592 -61.79 22.21 37.61
CA GLN X 592 -62.71 21.46 36.76
C GLN X 592 -62.66 21.93 35.32
N GLN X 593 -62.64 23.26 35.11
CA GLN X 593 -62.55 23.77 33.75
C GLN X 593 -61.30 23.27 33.06
N ILE X 594 -60.17 23.30 33.76
CA ILE X 594 -58.92 22.85 33.16
C ILE X 594 -59.03 21.38 32.78
N MET X 595 -59.47 20.54 33.71
CA MET X 595 -59.52 19.11 33.45
C MET X 595 -60.46 18.80 32.30
N GLY X 596 -61.58 19.51 32.23
CA GLY X 596 -62.45 19.37 31.08
C GLY X 596 -61.78 19.76 29.79
N GLN X 597 -60.92 20.77 29.83
CA GLN X 597 -60.19 21.14 28.62
C GLN X 597 -59.23 20.05 28.19
N ILE X 598 -58.57 19.38 29.14
CA ILE X 598 -57.73 18.25 28.74
C ILE X 598 -58.58 17.15 28.12
N MET X 599 -59.72 16.84 28.73
CA MET X 599 -60.64 15.89 28.08
C MET X 599 -60.94 16.30 26.64
N GLU X 600 -61.32 17.55 26.43
CA GLU X 600 -61.73 17.98 25.10
C GLU X 600 -60.58 17.90 24.13
N LEU X 601 -59.38 18.28 24.56
CA LEU X 601 -58.21 18.15 23.70
C LEU X 601 -57.91 16.70 23.39
N LYS X 602 -58.23 15.80 24.29
CA LYS X 602 -58.04 14.37 24.05
C LYS X 602 -59.26 13.71 23.44
N LYS X 603 -60.25 14.51 23.03
CA LYS X 603 -61.37 14.04 22.21
C LYS X 603 -62.28 13.08 22.97
N MET X 604 -62.75 13.50 24.14
CA MET X 604 -63.88 12.87 24.82
C MET X 604 -64.83 13.97 25.29
N PRO X 605 -65.52 14.62 24.34
CA PRO X 605 -66.33 15.78 24.71
C PRO X 605 -67.42 15.48 25.72
N ASP X 606 -68.01 14.28 25.70
CA ASP X 606 -69.01 13.95 26.70
C ASP X 606 -68.43 13.99 28.10
N PHE X 607 -67.28 13.34 28.30
CA PHE X 607 -66.62 13.41 29.60
C PHE X 607 -66.24 14.84 29.93
N ALA X 608 -65.79 15.60 28.94
CA ALA X 608 -65.40 16.99 29.19
C ALA X 608 -66.57 17.78 29.75
N LYS X 609 -67.72 17.69 29.09
CA LYS X 609 -68.88 18.45 29.55
C LYS X 609 -69.32 17.97 30.92
N ARG X 610 -69.35 16.65 31.12
CA ARG X 610 -69.81 16.14 32.40
C ARG X 610 -68.92 16.61 33.54
N ILE X 611 -67.60 16.58 33.34
CA ILE X 611 -66.69 17.03 34.37
C ILE X 611 -66.86 18.53 34.61
N ARG X 612 -66.86 19.33 33.55
CA ARG X 612 -66.87 20.76 33.75
C ARG X 612 -68.19 21.23 34.37
N GLU X 613 -69.27 20.48 34.16
CA GLU X 613 -70.54 20.83 34.79
C GLU X 613 -70.75 20.10 36.10
N PHE X 614 -69.87 19.19 36.48
CA PHE X 614 -70.03 18.43 37.71
C PHE X 614 -69.96 19.35 38.92
N GLN X 615 -70.88 19.17 39.85
CA GLN X 615 -70.93 19.95 41.07
C GLN X 615 -70.58 19.08 42.27
N PRO X 616 -69.46 19.32 42.94
CA PRO X 616 -69.15 18.53 44.14
C PRO X 616 -70.14 18.81 45.26
N GLN X 617 -70.36 17.79 46.09
CA GLN X 617 -71.27 17.88 47.22
C GLN X 617 -70.59 17.36 48.46
N PRO X 618 -70.73 18.08 49.57
CA PRO X 618 -70.10 17.70 50.82
C PRO X 618 -70.92 16.64 51.54
N ASP X 619 -70.26 15.94 52.47
CA ASP X 619 -70.90 14.89 53.24
C ASP X 619 -71.58 15.48 54.48
N PRO X 620 -72.01 14.62 55.39
CA PRO X 620 -72.64 15.05 56.64
C PRO X 620 -71.68 15.05 57.81
N ILE X 621 -70.41 15.37 57.57
CA ILE X 621 -69.43 15.45 58.63
C ILE X 621 -69.37 16.82 59.29
N ALA X 622 -70.08 17.81 58.75
CA ALA X 622 -70.17 19.10 59.43
C ALA X 622 -70.84 18.96 60.79
N GLN X 623 -71.62 17.89 60.97
CA GLN X 623 -72.13 17.57 62.30
C GLN X 623 -71.00 17.47 63.30
N GLN X 624 -69.89 16.87 62.89
CA GLN X 624 -68.75 16.74 63.80
C GLN X 624 -68.25 18.10 64.24
N LYS X 625 -68.12 19.04 63.31
CA LYS X 625 -67.64 20.37 63.68
C LYS X 625 -68.63 21.05 64.62
N ALA X 626 -69.93 20.96 64.33
CA ALA X 626 -70.91 21.57 65.21
C ALA X 626 -70.84 20.97 66.61
N GLN X 627 -70.73 19.64 66.69
CA GLN X 627 -70.74 18.99 68.00
C GLN X 627 -69.48 19.31 68.79
N LEU X 628 -68.33 19.38 68.13
CA LEU X 628 -67.13 19.75 68.86
C LEU X 628 -67.16 21.22 69.29
N GLU X 629 -67.79 22.07 68.49
CA GLU X 629 -68.01 23.44 68.92
C GLU X 629 -68.84 23.46 70.20
N LEU X 630 -69.89 22.66 70.26
CA LEU X 630 -70.69 22.59 71.47
C LEU X 630 -69.88 22.01 72.63
N MET X 631 -69.10 20.96 72.37
CA MET X 631 -68.10 20.49 73.33
C MET X 631 -67.40 21.63 74.00
N LEU X 632 -66.69 22.42 73.20
CA LEU X 632 -65.86 23.47 73.75
C LEU X 632 -66.69 24.51 74.50
N LEU X 633 -67.80 24.94 73.90
CA LEU X 633 -68.59 25.99 74.51
C LEU X 633 -69.08 25.58 75.89
N GLN X 634 -69.64 24.37 76.00
CA GLN X 634 -70.14 23.92 77.28
C GLN X 634 -69.01 23.64 78.26
N ALA X 635 -67.94 23.00 77.80
CA ALA X 635 -66.82 22.71 78.69
C ALA X 635 -66.23 23.98 79.26
N GLN X 636 -66.32 25.10 78.54
CA GLN X 636 -65.76 26.30 79.15
C GLN X 636 -66.77 27.04 80.01
N ILE X 637 -67.91 27.45 79.46
CA ILE X 637 -68.83 28.23 80.28
C ILE X 637 -69.33 27.42 81.45
N GLU X 638 -69.76 26.20 81.20
CA GLU X 638 -70.48 25.44 82.21
C GLU X 638 -69.55 24.94 83.30
N ALA X 639 -68.35 24.46 82.93
CA ALA X 639 -67.51 23.83 83.93
C ALA X 639 -66.76 24.85 84.76
N GLU X 640 -65.90 25.64 84.12
CA GLU X 640 -64.86 26.34 84.86
C GLU X 640 -65.44 27.46 85.71
N ARG X 641 -66.33 28.28 85.15
CA ARG X 641 -66.92 29.35 85.92
C ARG X 641 -67.69 28.81 87.13
N ALA X 642 -68.39 27.71 86.93
CA ALA X 642 -69.09 27.08 88.03
C ALA X 642 -68.12 26.62 89.12
N ARG X 643 -66.99 26.03 88.72
CA ARG X 643 -65.99 25.63 89.69
C ARG X 643 -65.49 26.83 90.49
N ALA X 644 -65.24 27.94 89.80
CA ALA X 644 -64.78 29.14 90.50
C ALA X 644 -65.80 29.59 91.52
N ALA X 645 -67.07 29.64 91.11
CA ALA X 645 -68.11 30.08 92.06
C ALA X 645 -68.15 29.15 93.26
N HIS X 646 -68.06 27.84 93.03
CA HIS X 646 -68.10 26.89 94.12
C HIS X 646 -66.95 27.11 95.08
N TYR X 647 -65.75 27.31 94.56
CA TYR X 647 -64.59 27.47 95.43
C TYR X 647 -64.67 28.77 96.24
N MET X 648 -65.11 29.87 95.61
CA MET X 648 -65.24 31.09 96.38
C MET X 648 -66.28 30.94 97.48
N SER X 649 -67.39 30.26 97.18
CA SER X 649 -68.39 30.02 98.21
C SER X 649 -67.79 29.23 99.36
N GLY X 650 -67.01 28.19 99.05
CA GLY X 650 -66.37 27.42 100.09
C GLY X 650 -65.45 28.26 100.96
N ALA X 651 -64.66 29.13 100.32
CA ALA X 651 -63.76 29.98 101.08
C ALA X 651 -64.54 30.89 102.04
N GLY X 652 -65.63 31.49 101.55
CA GLY X 652 -66.46 32.29 102.43
C GLY X 652 -67.00 31.48 103.60
N LEU X 653 -67.40 30.24 103.34
CA LEU X 653 -67.93 29.41 104.40
C LEU X 653 -66.88 29.14 105.48
N GLN X 654 -65.64 28.85 105.07
CA GLN X 654 -64.60 28.63 106.06
C GLN X 654 -64.36 29.87 106.90
N ASP X 655 -64.28 31.02 106.23
CA ASP X 655 -64.08 32.27 106.95
C ASP X 655 -65.20 32.52 107.95
N SER X 656 -66.41 32.07 107.61
CA SER X 656 -67.50 32.15 108.59
C SER X 656 -67.27 31.20 109.76
N LYS X 657 -66.88 29.96 109.47
CA LYS X 657 -66.76 28.94 110.51
C LYS X 657 -65.71 29.30 111.55
N VAL X 658 -64.75 30.16 111.20
CA VAL X 658 -63.74 30.57 112.17
C VAL X 658 -64.39 31.11 113.44
N GLY X 659 -65.40 31.97 113.28
CA GLY X 659 -66.04 32.57 114.45
C GLY X 659 -66.70 31.55 115.35
N THR X 660 -67.36 30.56 114.76
CA THR X 660 -67.96 29.50 115.57
C THR X 660 -66.90 28.75 116.34
N GLU X 661 -65.73 28.54 115.72
CA GLU X 661 -64.64 27.92 116.47
C GLU X 661 -64.27 28.75 117.69
N GLN X 662 -64.16 30.07 117.50
CA GLN X 662 -63.83 30.95 118.62
C GLN X 662 -64.86 30.79 119.74
N ALA X 663 -66.14 30.81 119.38
CA ALA X 663 -67.20 30.73 120.38
C ALA X 663 -67.14 29.41 121.14
N LYS X 664 -66.90 28.31 120.42
CA LYS X 664 -66.80 27.02 121.08
C LYS X 664 -65.67 27.02 122.10
N ALA X 665 -64.52 27.58 121.71
CA ALA X 665 -63.39 27.63 122.63
C ALA X 665 -63.76 28.38 123.90
N ARG X 666 -64.38 29.55 123.75
CA ARG X 666 -64.74 30.35 124.91
C ARG X 666 -65.71 29.60 125.82
N ALA X 667 -66.73 28.98 125.23
CA ALA X 667 -67.73 28.29 126.03
C ALA X 667 -67.12 27.14 126.82
N LEU X 668 -66.25 26.36 126.18
CA LEU X 668 -65.62 25.25 126.90
C LEU X 668 -64.73 25.76 128.02
N ALA X 669 -64.03 26.86 127.80
CA ALA X 669 -63.24 27.43 128.89
C ALA X 669 -64.12 27.78 130.08
N SER X 670 -65.26 28.40 129.81
CA SER X 670 -66.17 28.76 130.90
C SER X 670 -66.65 27.52 131.65
N GLN X 671 -67.00 26.47 130.91
CA GLN X 671 -67.47 25.25 131.57
C GLN X 671 -66.39 24.65 132.46
N ALA X 672 -65.14 24.64 131.97
CA ALA X 672 -64.05 24.13 132.80
C ALA X 672 -63.91 24.96 134.07
N ASP X 673 -64.07 26.28 133.96
CA ASP X 673 -64.00 27.12 135.16
C ASP X 673 -65.08 26.74 136.16
N MET X 674 -66.31 26.52 135.67
CA MET X 674 -67.39 26.10 136.56
C MET X 674 -67.03 24.81 137.28
N THR X 675 -66.52 23.83 136.53
CA THR X 675 -66.19 22.54 137.14
C THR X 675 -65.13 22.72 138.21
N ASP X 676 -64.10 23.53 137.93
CA ASP X 676 -63.05 23.75 138.92
C ASP X 676 -63.60 24.41 140.18
N LEU X 677 -64.52 25.36 140.01
CA LEU X 677 -65.14 26.00 141.16
C LEU X 677 -65.87 24.98 142.03
N ASN X 678 -66.67 24.12 141.39
CA ASN X 678 -67.41 23.13 142.17
C ASN X 678 -66.48 22.17 142.88
N PHE X 679 -65.38 21.79 142.22
CA PHE X 679 -64.40 20.93 142.86
C PHE X 679 -63.82 21.60 144.10
N LEU X 680 -63.45 22.87 143.98
CA LEU X 680 -62.91 23.59 145.13
C LEU X 680 -63.92 23.64 146.26
N GLU X 681 -65.19 23.90 145.95
CA GLU X 681 -66.20 23.96 147.00
C GLU X 681 -66.34 22.62 147.71
N GLN X 682 -66.48 21.54 146.93
CA GLN X 682 -66.61 20.22 147.57
C GLN X 682 -65.40 19.89 148.42
N GLU X 683 -64.23 20.39 148.04
CA GLU X 683 -63.08 20.26 148.94
C GLU X 683 -63.17 21.33 150.01
N SER X 684 -63.95 21.06 151.05
CA SER X 684 -63.95 21.83 152.29
C SER X 684 -64.32 23.30 152.03
N GLY X 685 -65.55 23.51 151.62
CA GLY X 685 -66.09 24.84 151.58
C GLY X 685 -67.59 24.92 151.80
N VAL X 686 -68.20 25.91 151.14
CA VAL X 686 -69.63 26.15 151.27
C VAL X 686 -70.44 24.91 150.94
N GLN X 687 -69.88 24.01 150.13
CA GLN X 687 -70.60 22.82 149.71
C GLN X 687 -71.17 22.06 150.91
N GLN X 688 -70.35 21.80 151.91
CA GLN X 688 -70.82 21.16 153.13
C GLN X 688 -70.85 22.11 154.31
N ALA X 689 -70.53 23.38 154.11
CA ALA X 689 -70.72 24.37 155.15
C ALA X 689 -72.16 24.87 155.18
N ARG X 690 -72.66 25.36 154.05
CA ARG X 690 -73.97 26.00 154.03
C ARG X 690 -75.10 24.98 154.12
N LYS X 691 -74.99 23.87 153.39
CA LYS X 691 -76.15 23.04 153.11
C LYS X 691 -76.83 22.54 154.39
N ARG X 692 -76.11 22.41 155.49
CA ARG X 692 -76.79 22.25 156.77
C ARG X 692 -77.15 23.61 157.36
N GLU X 693 -76.15 24.50 157.46
CA GLU X 693 -76.31 25.83 158.05
C GLU X 693 -77.63 26.46 157.69
N LEU X 694 -77.93 26.53 156.39
CA LEU X 694 -79.16 27.12 155.91
C LEU X 694 -80.37 26.59 156.65
N GLN X 695 -80.63 25.28 156.50
CA GLN X 695 -81.87 24.72 157.03
C GLN X 695 -81.88 24.69 158.55
N GLN X 696 -80.76 24.32 159.17
CA GLN X 696 -80.74 24.25 160.62
C GLN X 696 -80.98 25.62 161.24
N ALA X 697 -80.25 26.65 160.78
CA ALA X 697 -80.43 27.97 161.33
C ALA X 697 -81.83 28.49 161.07
N GLN X 698 -82.34 28.33 159.84
CA GLN X 698 -83.66 28.85 159.54
C GLN X 698 -84.73 28.19 160.39
N SER X 699 -84.77 26.86 160.39
CA SER X 699 -85.80 26.14 161.12
C SER X 699 -85.71 26.43 162.61
N GLU X 700 -84.50 26.35 163.17
CA GLU X 700 -84.33 26.58 164.59
C GLU X 700 -84.75 27.99 164.98
N ALA X 701 -84.25 29.00 164.26
CA ALA X 701 -84.56 30.38 164.61
C ALA X 701 -86.05 30.65 164.47
N GLN X 702 -86.66 30.20 163.37
CA GLN X 702 -88.08 30.45 163.15
C GLN X 702 -88.92 29.80 164.24
N GLY X 703 -88.69 28.50 164.48
CA GLY X 703 -89.46 27.81 165.50
C GLY X 703 -89.28 28.41 166.87
N LYS X 704 -88.03 28.75 167.22
CA LYS X 704 -87.75 29.31 168.53
C LYS X 704 -88.41 30.66 168.71
N LEU X 705 -88.35 31.53 167.69
CA LEU X 705 -88.97 32.84 167.80
C LEU X 705 -90.48 32.73 167.88
N ALA X 706 -91.09 31.86 167.07
CA ALA X 706 -92.53 31.69 167.15
C ALA X 706 -92.96 31.13 168.50
N MET X 707 -92.22 30.14 169.01
CA MET X 707 -92.60 29.53 170.27
C MET X 707 -92.30 30.43 171.46
N LEU X 708 -91.31 31.31 171.33
CA LEU X 708 -91.11 32.35 172.34
C LEU X 708 -92.24 33.37 172.31
N ASN X 709 -92.72 33.73 171.11
CA ASN X 709 -93.90 34.55 171.01
C ASN X 709 -95.13 33.85 171.56
N SER X 710 -95.10 32.52 171.63
CA SER X 710 -96.21 31.80 172.25
C SER X 710 -96.39 32.20 173.71
N GLN X 711 -95.29 32.32 174.46
CA GLN X 711 -95.43 32.75 175.85
C GLN X 711 -95.90 34.18 175.95
N LEU X 712 -95.53 35.04 174.98
CA LEU X 712 -96.06 36.39 174.97
C LEU X 712 -97.56 36.38 174.74
N LYS X 713 -98.04 35.55 173.81
CA LYS X 713 -99.47 35.42 173.59
C LYS X 713 -100.17 34.91 174.85
N ARG X 714 -99.56 33.95 175.54
CA ARG X 714 -100.17 33.42 176.76
C ARG X 714 -100.19 34.45 177.88
N LEU X 715 -99.14 35.27 177.97
CA LEU X 715 -99.14 36.36 178.95
C LEU X 715 -100.24 37.36 178.64
N ASP X 716 -100.44 37.66 177.37
CA ASP X 716 -101.56 38.52 176.98
C ASP X 716 -102.89 37.87 177.35
N GLU X 717 -103.01 36.55 177.14
CA GLU X 717 -104.19 35.82 177.57
C GLU X 717 -104.45 36.02 179.05
N ALA X 718 -103.40 35.84 179.87
CA ALA X 718 -103.55 35.95 181.31
C ALA X 718 -103.92 37.36 181.73
N THR X 719 -103.28 38.36 181.12
CA THR X 719 -103.56 39.75 181.49
C THR X 719 -104.88 40.27 180.93
N SER X 720 -105.48 39.58 179.96
CA SER X 720 -106.75 40.00 179.39
C SER X 720 -107.93 39.25 180.00
N ALA X 721 -107.93 37.93 179.91
CA ALA X 721 -109.04 37.13 180.42
C ALA X 721 -108.53 35.78 180.93
N ALA Y 2 81.95 15.51 -96.67
CA ALA Y 2 80.54 15.82 -96.46
C ALA Y 2 79.96 14.98 -95.34
N VAL Y 3 80.83 14.50 -94.45
CA VAL Y 3 80.44 13.61 -93.37
C VAL Y 3 80.48 14.39 -92.07
N GLU Y 4 79.32 14.86 -91.63
CA GLU Y 4 79.20 15.50 -90.32
C GLU Y 4 78.82 14.43 -89.31
N PRO Y 5 79.64 14.19 -88.29
CA PRO Y 5 79.36 13.09 -87.36
C PRO Y 5 78.32 13.52 -86.34
N ILE Y 6 77.17 12.85 -86.33
CA ILE Y 6 76.16 13.14 -85.34
C ILE Y 6 76.61 12.58 -84.00
N THR Y 7 76.55 13.42 -82.98
CA THR Y 7 77.09 13.07 -81.67
C THR Y 7 76.04 13.28 -80.59
N ILE Y 8 76.45 12.95 -79.37
CA ILE Y 8 75.58 13.17 -78.22
C ILE Y 8 75.27 14.66 -78.08
N ALA Y 9 76.24 15.52 -78.41
CA ALA Y 9 75.98 16.95 -78.40
C ALA Y 9 74.89 17.31 -79.41
N ASP Y 10 74.92 16.67 -80.57
CA ASP Y 10 73.87 16.90 -81.56
C ASP Y 10 72.51 16.47 -81.03
N LEU Y 11 72.46 15.32 -80.34
CA LEU Y 11 71.18 14.88 -79.78
C LEU Y 11 70.71 15.85 -78.69
N THR Y 12 71.56 16.12 -77.71
CA THR Y 12 71.24 17.06 -76.65
C THR Y 12 72.50 17.44 -75.88
N GLU Y 13 72.76 18.74 -75.77
CA GLU Y 13 73.72 19.21 -74.79
C GLU Y 13 73.04 19.34 -73.45
N VAL Y 14 73.84 19.31 -72.38
CA VAL Y 14 73.28 19.07 -71.06
C VAL Y 14 72.46 20.26 -70.58
N LYS Y 15 72.71 21.46 -71.10
CA LYS Y 15 72.02 22.64 -70.62
C LYS Y 15 70.52 22.55 -70.87
N LEU Y 16 69.75 23.22 -70.01
CA LEU Y 16 68.30 23.24 -70.17
C LEU Y 16 67.89 23.97 -71.43
N ASP Y 17 68.55 25.10 -71.74
CA ASP Y 17 68.19 25.93 -72.87
C ASP Y 17 68.98 25.59 -74.13
N GLY Y 18 69.51 24.38 -74.23
CA GLY Y 18 70.34 24.02 -75.35
C GLY Y 18 69.54 23.95 -76.64
N LYS Y 19 70.24 23.49 -77.69
CA LYS Y 19 69.65 23.37 -79.02
C LYS Y 19 69.49 21.92 -79.44
N GLY Y 20 69.68 20.97 -78.54
CA GLY Y 20 69.45 19.58 -78.88
C GLY Y 20 67.99 19.31 -79.18
N ALA Y 21 67.77 18.25 -79.96
CA ALA Y 21 66.42 17.92 -80.36
C ALA Y 21 65.55 17.60 -79.16
N LEU Y 22 66.07 16.81 -78.23
CA LEU Y 22 65.34 16.53 -77.00
C LEU Y 22 65.02 17.81 -76.25
N ASP Y 23 66.00 18.70 -76.16
CA ASP Y 23 65.79 19.94 -75.43
C ASP Y 23 64.68 20.78 -76.05
N GLN Y 24 64.66 20.89 -77.37
CA GLN Y 24 63.66 21.76 -77.97
C GLN Y 24 62.28 21.13 -77.96
N LEU Y 25 62.21 19.81 -78.08
CA LEU Y 25 60.90 19.15 -77.93
C LEU Y 25 60.36 19.36 -76.52
N LEU Y 26 61.21 19.22 -75.51
CA LEU Y 26 60.75 19.48 -74.16
C LEU Y 26 60.33 20.92 -73.99
N GLN Y 27 61.05 21.86 -74.62
CA GLN Y 27 60.69 23.26 -74.50
C GLN Y 27 59.33 23.53 -75.11
N VAL Y 28 59.03 22.96 -76.27
CA VAL Y 28 57.73 23.23 -76.88
C VAL Y 28 56.62 22.60 -76.06
N THR Y 29 56.87 21.41 -75.49
CA THR Y 29 55.88 20.84 -74.59
C THR Y 29 55.64 21.74 -73.40
N ARG Y 30 56.71 22.29 -72.83
CA ARG Y 30 56.58 23.21 -71.71
C ARG Y 30 55.76 24.42 -72.10
N LEU Y 31 55.97 24.96 -73.30
CA LEU Y 31 55.22 26.15 -73.69
C LEU Y 31 53.74 25.85 -73.81
N HIS Y 32 53.40 24.72 -74.42
CA HIS Y 32 51.98 24.39 -74.54
C HIS Y 32 51.34 24.21 -73.16
N LEU Y 33 52.02 23.49 -72.28
CA LEU Y 33 51.48 23.32 -70.94
C LEU Y 33 51.38 24.65 -70.20
N ALA Y 34 52.35 25.53 -70.41
CA ALA Y 34 52.33 26.81 -69.72
C ALA Y 34 51.14 27.65 -70.16
N LYS Y 35 50.86 27.68 -71.47
CA LYS Y 35 49.68 28.41 -71.90
C LYS Y 35 48.42 27.77 -71.34
N GLU Y 36 48.38 26.43 -71.30
CA GLU Y 36 47.20 25.78 -70.74
C GLU Y 36 46.98 26.16 -69.29
N HIS Y 37 48.05 26.21 -68.50
CA HIS Y 37 47.92 26.59 -67.11
C HIS Y 37 47.57 28.06 -66.95
N ASP Y 38 48.09 28.91 -67.84
CA ASP Y 38 47.76 30.33 -67.77
C ASP Y 38 46.28 30.55 -67.98
N ALA Y 39 45.70 29.86 -68.96
CA ALA Y 39 44.26 29.79 -68.98
C ALA Y 39 43.80 28.92 -67.81
N GLY Y 40 42.57 29.16 -67.37
CA GLY Y 40 42.12 28.44 -66.20
C GLY Y 40 41.80 26.99 -66.48
N ARG Y 41 42.80 26.18 -66.80
CA ARG Y 41 42.52 24.79 -67.16
C ARG Y 41 43.46 23.76 -66.55
N LEU Y 42 44.59 24.14 -65.98
CA LEU Y 42 45.48 23.17 -65.36
C LEU Y 42 45.92 23.64 -63.98
N LYS Y 43 45.96 22.71 -63.03
CA LYS Y 43 46.62 22.99 -61.79
C LYS Y 43 48.12 22.74 -61.92
N GLY Y 44 48.87 23.14 -60.92
CA GLY Y 44 50.30 23.00 -60.99
C GLY Y 44 50.84 21.61 -60.83
N GLN Y 45 49.98 20.61 -60.67
CA GLN Y 45 50.42 19.23 -60.47
C GLN Y 45 50.24 18.37 -61.70
N GLU Y 46 49.14 18.52 -62.44
CA GLU Y 46 49.05 17.85 -63.72
C GLU Y 46 50.16 18.29 -64.65
N TYR Y 47 50.62 19.53 -64.49
CA TYR Y 47 51.75 20.01 -65.26
C TYR Y 47 52.96 19.11 -65.07
N ALA Y 48 53.25 18.73 -63.83
CA ALA Y 48 54.38 17.85 -63.58
C ALA Y 48 54.08 16.43 -64.02
N ALA Y 49 52.86 15.97 -63.78
CA ALA Y 49 52.52 14.58 -64.09
C ALA Y 49 52.67 14.30 -65.58
N VAL Y 50 52.15 15.20 -66.41
CA VAL Y 50 52.21 14.99 -67.86
C VAL Y 50 53.65 14.95 -68.34
N LEU Y 51 54.46 15.90 -67.87
CA LEU Y 51 55.85 15.97 -68.31
C LEU Y 51 56.61 14.71 -67.93
N THR Y 52 56.47 14.28 -66.67
CA THR Y 52 57.20 13.10 -66.22
C THR Y 52 56.74 11.87 -66.99
N GLY Y 53 55.45 11.76 -67.26
CA GLY Y 53 54.98 10.66 -68.08
C GLY Y 53 55.56 10.69 -69.48
N GLY Y 54 55.71 11.89 -70.04
CA GLY Y 54 56.11 12.00 -71.43
C GLY Y 54 57.57 11.79 -71.69
N ILE Y 55 58.42 12.04 -70.70
CA ILE Y 55 59.88 12.07 -70.89
C ILE Y 55 60.40 10.96 -71.80
N THR Y 56 60.11 9.71 -71.46
CA THR Y 56 60.73 8.60 -72.18
C THR Y 56 60.20 8.47 -73.59
N ALA Y 57 58.90 8.70 -73.79
CA ALA Y 57 58.36 8.65 -75.14
C ALA Y 57 58.96 9.73 -76.02
N VAL Y 58 59.11 10.93 -75.46
CA VAL Y 58 59.75 12.00 -76.22
C VAL Y 58 61.18 11.62 -76.59
N LEU Y 59 61.90 11.02 -75.65
CA LEU Y 59 63.26 10.58 -75.94
C LEU Y 59 63.29 9.59 -77.09
N GLN Y 60 62.40 8.60 -77.05
CA GLN Y 60 62.37 7.60 -78.10
C GLN Y 60 62.06 8.22 -79.46
N ASN Y 61 61.09 9.13 -79.48
CA ASN Y 61 60.75 9.78 -80.75
C ASN Y 61 61.93 10.59 -81.29
N ALA Y 62 62.63 11.31 -80.42
CA ALA Y 62 63.76 12.10 -80.89
C ALA Y 62 64.87 11.21 -81.44
N VAL Y 63 65.13 10.10 -80.77
CA VAL Y 63 66.15 9.18 -81.28
C VAL Y 63 65.73 8.63 -82.64
N MET Y 64 64.47 8.25 -82.79
CA MET Y 64 63.97 7.83 -84.09
C MET Y 64 64.18 8.92 -85.14
N PHE Y 65 63.97 10.17 -84.75
CA PHE Y 65 64.02 11.25 -85.72
C PHE Y 65 65.44 11.50 -86.22
N LEU Y 66 66.40 11.55 -85.30
CA LEU Y 66 67.76 11.93 -85.69
C LEU Y 66 68.36 10.95 -86.70
N LEU Y 67 68.14 9.66 -86.49
CA LEU Y 67 68.78 8.68 -87.36
C LEU Y 67 68.27 8.78 -88.79
N GLN Y 68 66.96 8.93 -88.97
CA GLN Y 68 66.41 8.94 -90.31
C GLN Y 68 66.32 10.31 -90.93
N LYS Y 69 66.58 11.38 -90.17
CA LYS Y 69 66.36 12.72 -90.67
C LYS Y 69 67.16 13.01 -91.94
N ASP Y 70 68.49 12.99 -91.83
CA ASP Y 70 69.33 13.58 -92.85
C ASP Y 70 69.22 12.85 -94.19
N GLU Y 71 69.26 11.52 -94.18
CA GLU Y 71 69.43 10.80 -95.44
C GLU Y 71 68.18 10.81 -96.32
N ALA Y 72 67.03 11.19 -95.77
CA ALA Y 72 65.80 11.17 -96.57
C ALA Y 72 65.87 12.17 -97.70
N ALA Y 73 66.34 13.39 -97.42
CA ALA Y 73 66.46 14.38 -98.48
C ALA Y 73 67.43 13.93 -99.55
N ASN Y 74 68.54 13.31 -99.14
CA ASN Y 74 69.49 12.78 -100.10
C ASN Y 74 68.84 11.73 -100.98
N LYS Y 75 68.05 10.85 -100.37
CA LYS Y 75 67.36 9.83 -101.15
C LYS Y 75 66.43 10.46 -102.18
N ALA Y 76 65.71 11.50 -101.77
CA ALA Y 76 64.80 12.17 -102.71
C ALA Y 76 65.55 12.78 -103.88
N ALA Y 77 66.66 13.45 -103.60
CA ALA Y 77 67.45 14.04 -104.68
C ALA Y 77 67.96 12.96 -105.62
N LEU Y 78 68.40 11.84 -105.06
CA LEU Y 78 68.84 10.73 -105.90
C LEU Y 78 67.70 10.27 -106.80
N VAL Y 79 66.49 10.19 -106.26
CA VAL Y 79 65.36 9.72 -107.06
C VAL Y 79 65.08 10.68 -108.21
N GLU Y 80 65.09 11.98 -107.95
CA GLU Y 80 64.79 12.89 -109.05
C GLU Y 80 65.91 12.88 -110.11
N ALA Y 81 67.15 12.70 -109.69
CA ALA Y 81 68.22 12.52 -110.67
C ALA Y 81 67.96 11.30 -111.53
N GLN Y 82 67.52 10.20 -110.92
CA GLN Y 82 67.16 9.03 -111.71
C GLN Y 82 66.00 9.34 -112.65
N ILE Y 83 65.09 10.22 -112.25
CA ILE Y 83 63.99 10.61 -113.13
C ILE Y 83 64.55 11.22 -114.41
N LYS Y 84 65.47 12.17 -114.26
CA LYS Y 84 66.08 12.79 -115.44
C LYS Y 84 66.81 11.76 -116.28
N LEU Y 85 67.49 10.82 -115.63
CA LEU Y 85 68.21 9.78 -116.35
C LEU Y 85 67.26 8.95 -117.20
N THR Y 86 66.11 8.57 -116.64
CA THR Y 86 65.13 7.82 -117.41
C THR Y 86 64.57 8.65 -118.55
N GLU Y 87 64.40 9.95 -118.35
CA GLU Y 87 64.01 10.82 -119.45
C GLU Y 87 64.97 10.64 -120.62
N LYS Y 88 66.27 10.71 -120.32
CA LYS Y 88 67.27 10.63 -121.39
C LYS Y 88 67.30 9.25 -122.03
N GLN Y 89 67.13 8.19 -121.24
CA GLN Y 89 67.08 6.86 -121.84
C GLN Y 89 65.89 6.73 -122.78
N GLY Y 90 64.74 7.27 -122.39
CA GLY Y 90 63.60 7.24 -123.28
C GLY Y 90 63.86 7.97 -124.57
N GLU Y 91 64.52 9.12 -124.49
CA GLU Y 91 64.85 9.85 -125.70
C GLU Y 91 65.77 9.02 -126.61
N LEU Y 92 66.76 8.36 -126.00
CA LEU Y 92 67.68 7.55 -126.80
C LEU Y 92 66.93 6.43 -127.51
N LEU Y 93 66.00 5.79 -126.82
CA LEU Y 93 65.25 4.72 -127.48
C LEU Y 93 64.35 5.26 -128.58
N ASP Y 94 63.83 6.47 -128.40
CA ASP Y 94 63.09 7.12 -129.48
C ASP Y 94 63.98 7.29 -130.70
N LYS Y 95 65.25 7.63 -130.47
CA LYS Y 95 66.19 7.64 -131.58
C LYS Y 95 66.40 6.24 -132.15
N GLN Y 96 66.39 5.24 -131.26
CA GLN Y 96 66.69 3.86 -131.65
C GLN Y 96 65.70 3.33 -132.68
N ILE Y 97 64.41 3.60 -132.47
CA ILE Y 97 63.39 3.01 -133.35
C ILE Y 97 63.58 3.52 -134.77
N ALA Y 98 63.77 4.83 -134.92
CA ALA Y 98 63.97 5.41 -136.24
C ALA Y 98 65.27 4.92 -136.86
N GLN Y 99 66.32 4.79 -136.05
CA GLN Y 99 67.58 4.28 -136.58
C GLN Y 99 67.39 2.89 -137.17
N ALA Y 100 66.74 2.00 -136.42
CA ALA Y 100 66.54 0.64 -136.92
C ALA Y 100 65.66 0.63 -138.17
N ASP Y 101 64.60 1.44 -138.18
CA ASP Y 101 63.71 1.46 -139.32
C ASP Y 101 64.46 1.89 -140.58
N LYS Y 102 65.33 2.89 -140.46
CA LYS Y 102 66.19 3.25 -141.59
C LYS Y 102 67.16 2.14 -141.93
N ASP Y 103 67.64 1.41 -140.92
CA ASP Y 103 68.56 0.30 -141.14
C ASP Y 103 67.91 -0.90 -141.79
N ALA Y 104 66.58 -0.89 -141.93
CA ALA Y 104 65.84 -2.08 -142.34
C ALA Y 104 66.42 -2.76 -143.59
N GLU Y 105 66.68 -2.00 -144.65
CA GLU Y 105 66.91 -2.59 -145.97
C GLU Y 105 68.34 -3.07 -146.21
N LEU Y 106 69.27 -2.78 -145.31
CA LEU Y 106 70.64 -3.27 -145.50
C LEU Y 106 70.66 -4.79 -145.64
N ILE Y 107 69.79 -5.47 -144.89
CA ILE Y 107 69.72 -6.92 -145.03
C ILE Y 107 69.25 -7.31 -146.42
N ALA Y 108 68.33 -6.53 -147.00
CA ALA Y 108 67.89 -6.80 -148.36
C ALA Y 108 69.04 -6.63 -149.35
N ALA Y 109 69.87 -5.60 -149.15
CA ALA Y 109 71.04 -5.44 -150.00
C ALA Y 109 71.96 -6.66 -149.87
N LYS Y 110 72.18 -7.12 -148.63
CA LYS Y 110 72.98 -8.31 -148.42
C LYS Y 110 72.36 -9.51 -149.11
N VAL Y 111 71.03 -9.60 -149.10
CA VAL Y 111 70.34 -10.66 -149.80
C VAL Y 111 70.68 -10.64 -151.28
N LYS Y 112 70.65 -9.44 -151.88
CA LYS Y 112 70.96 -9.35 -153.30
C LYS Y 112 72.40 -9.75 -153.57
N LEU Y 113 73.33 -9.36 -152.69
CA LEU Y 113 74.70 -9.83 -152.80
C LEU Y 113 74.74 -11.35 -152.87
N THR Y 114 74.07 -12.00 -151.92
CA THR Y 114 74.08 -13.45 -151.87
C THR Y 114 73.50 -14.05 -153.14
N LEU Y 115 72.36 -13.51 -153.60
CA LEU Y 115 71.71 -14.02 -154.80
C LEU Y 115 72.62 -13.96 -156.00
N GLU Y 116 73.23 -12.80 -156.24
CA GLU Y 116 74.10 -12.65 -157.41
C GLU Y 116 75.30 -13.57 -157.31
N GLN Y 117 75.94 -13.61 -156.13
CA GLN Y 117 77.14 -14.41 -155.97
C GLN Y 117 76.84 -15.89 -156.18
N ALA Y 118 75.71 -16.37 -155.66
CA ALA Y 118 75.35 -17.76 -155.84
C ALA Y 118 75.04 -18.06 -157.30
N LYS Y 119 74.22 -17.21 -157.93
CA LYS Y 119 73.77 -17.51 -159.29
C LYS Y 119 74.94 -17.54 -160.27
N LEU Y 120 75.76 -16.49 -160.27
CA LEU Y 120 76.78 -16.41 -161.32
C LEU Y 120 77.96 -17.32 -161.04
N PRO Y 121 78.66 -17.12 -159.92
CA PRO Y 121 80.01 -17.67 -159.76
C PRO Y 121 80.08 -19.19 -159.82
N ASP Y 122 79.31 -19.87 -158.98
CA ASP Y 122 79.42 -21.31 -158.85
C ASP Y 122 79.21 -22.00 -160.19
N SER Y 123 78.02 -21.83 -160.77
CA SER Y 123 77.70 -22.54 -162.00
C SER Y 123 78.58 -22.10 -163.16
N GLN Y 124 78.83 -20.79 -163.29
CA GLN Y 124 79.64 -20.31 -164.40
C GLN Y 124 81.04 -20.90 -164.35
N ILE Y 125 81.68 -20.81 -163.17
CA ILE Y 125 83.02 -21.35 -163.02
C ILE Y 125 83.03 -22.85 -163.27
N ARG Y 126 82.05 -23.56 -162.70
CA ARG Y 126 81.97 -25.00 -162.90
C ARG Y 126 82.00 -25.35 -164.38
N SER Y 127 81.01 -24.84 -165.12
CA SER Y 127 80.88 -25.22 -166.53
C SER Y 127 82.11 -24.81 -167.33
N ALA Y 128 82.50 -23.52 -167.23
CA ALA Y 128 83.58 -23.02 -168.08
C ALA Y 128 84.89 -23.72 -167.76
N GLY Y 129 85.25 -23.79 -166.47
CA GLY Y 129 86.49 -24.44 -166.09
C GLY Y 129 86.51 -25.90 -166.48
N PHE Y 130 85.41 -26.63 -166.25
CA PHE Y 130 85.39 -28.04 -166.60
C PHE Y 130 85.64 -28.23 -168.10
N GLN Y 131 84.88 -27.54 -168.94
CA GLN Y 131 85.02 -27.72 -170.38
C GLN Y 131 86.42 -27.33 -170.84
N ASP Y 132 86.89 -26.14 -170.43
CA ASP Y 132 88.18 -25.65 -170.89
C ASP Y 132 89.31 -26.57 -170.44
N LEU Y 133 89.30 -26.95 -169.15
CA LEU Y 133 90.36 -27.80 -168.63
C LEU Y 133 90.38 -29.15 -169.32
N LEU Y 134 89.20 -29.76 -169.51
CA LEU Y 134 89.17 -31.08 -170.15
C LEU Y 134 89.71 -31.00 -171.57
N VAL Y 135 89.22 -30.02 -172.35
CA VAL Y 135 89.65 -29.92 -173.74
C VAL Y 135 91.15 -29.65 -173.82
N GLN Y 136 91.63 -28.70 -173.02
CA GLN Y 136 93.04 -28.34 -173.07
C GLN Y 136 93.92 -29.50 -172.61
N GLU Y 137 93.49 -30.23 -171.59
CA GLU Y 137 94.28 -31.37 -171.11
C GLU Y 137 94.36 -32.46 -172.16
N GLN Y 138 93.24 -32.77 -172.82
CA GLN Y 138 93.27 -33.80 -173.86
C GLN Y 138 94.18 -33.37 -175.01
N THR Y 139 94.04 -32.12 -175.45
CA THR Y 139 94.86 -31.63 -176.55
C THR Y 139 96.35 -31.64 -176.18
N LYS Y 140 96.67 -31.21 -174.95
CA LYS Y 140 98.06 -31.18 -174.51
C LYS Y 140 98.63 -32.58 -174.39
N VAL Y 141 97.84 -33.54 -173.90
CA VAL Y 141 98.32 -34.92 -173.82
C VAL Y 141 98.61 -35.46 -175.21
N GLN Y 142 97.70 -35.23 -176.16
CA GLN Y 142 97.94 -35.69 -177.52
C GLN Y 142 99.18 -35.03 -178.13
N THR Y 143 99.34 -33.72 -177.91
CA THR Y 143 100.50 -33.03 -178.45
C THR Y 143 101.79 -33.53 -177.83
N ALA Y 144 101.78 -33.81 -176.52
CA ALA Y 144 102.97 -34.35 -175.87
C ALA Y 144 103.32 -35.72 -176.42
N GLN Y 145 102.31 -36.58 -176.64
CA GLN Y 145 102.59 -37.88 -177.24
C GLN Y 145 103.18 -37.74 -178.64
N THR Y 146 102.61 -36.84 -179.44
CA THR Y 146 103.13 -36.63 -180.79
C THR Y 146 104.56 -36.11 -180.77
N ARG Y 147 104.84 -35.17 -179.85
CA ARG Y 147 106.20 -34.64 -179.73
C ARG Y 147 107.17 -35.72 -179.29
N ARG Y 148 106.76 -36.59 -178.38
CA ARG Y 148 107.61 -37.69 -177.96
C ARG Y 148 107.91 -38.61 -179.14
N ILE Y 149 106.89 -38.92 -179.95
CA ILE Y 149 107.10 -39.78 -181.11
C ILE Y 149 108.07 -39.12 -182.09
N ASP Y 150 107.89 -37.83 -182.35
CA ASP Y 150 108.76 -37.13 -183.29
C ASP Y 150 110.20 -37.07 -182.78
N GLN Y 151 110.37 -36.81 -181.47
CA GLN Y 151 111.71 -36.77 -180.90
C GLN Y 151 112.37 -38.14 -180.97
N GLU Y 152 111.61 -39.20 -180.71
CA GLU Y 152 112.15 -40.55 -180.84
C GLU Y 152 112.57 -40.84 -182.28
N ILE Y 153 111.76 -40.41 -183.25
CA ILE Y 153 112.10 -40.64 -184.65
C ILE Y 153 113.38 -39.89 -185.01
N LEU Y 154 113.50 -38.63 -184.57
CA LEU Y 154 114.70 -37.86 -184.85
C LEU Y 154 115.92 -38.48 -184.20
N SER Y 155 115.78 -38.96 -182.95
CA SER Y 155 116.90 -39.59 -182.27
C SER Y 155 117.33 -40.88 -182.97
N ALA Y 156 116.36 -41.67 -183.43
CA ALA Y 156 116.67 -42.89 -184.16
C ALA Y 156 117.38 -42.57 -185.47
N GLY Y 157 116.92 -41.53 -186.18
CA GLY Y 157 117.59 -41.13 -187.41
C GLY Y 157 119.00 -40.63 -187.15
N PHE Y 158 119.21 -39.95 -186.02
CA PHE Y 158 120.52 -39.42 -185.67
C PHE Y 158 121.52 -40.55 -185.41
N THR Z 2 39.45 47.20 -36.71
CA THR Z 2 38.90 46.04 -37.40
C THR Z 2 39.34 46.01 -38.85
N ILE Z 3 40.56 46.46 -39.11
CA ILE Z 3 41.03 46.68 -40.47
C ILE Z 3 42.25 45.81 -40.73
N GLN Z 4 42.43 45.45 -42.00
CA GLN Z 4 43.61 44.74 -42.46
C GLN Z 4 44.02 45.31 -43.80
N LEU Z 5 45.32 45.46 -44.00
CA LEU Z 5 45.82 45.89 -45.30
C LEU Z 5 45.55 44.80 -46.34
N LYS Z 6 45.05 45.22 -47.49
CA LYS Z 6 44.85 44.28 -48.59
C LYS Z 6 46.13 43.55 -48.96
N GLN Z 7 47.26 44.21 -48.78
CA GLN Z 7 48.55 43.63 -49.14
C GLN Z 7 48.77 42.32 -48.40
N VAL Z 8 48.56 42.31 -47.09
CA VAL Z 8 48.80 41.10 -46.30
C VAL Z 8 47.88 39.98 -46.77
N ILE Z 9 46.64 40.33 -47.07
CA ILE Z 9 45.67 39.31 -47.49
C ILE Z 9 46.15 38.64 -48.76
N ASP Z 10 46.56 39.43 -49.75
CA ASP Z 10 46.99 38.84 -51.00
C ASP Z 10 48.27 38.03 -50.83
N LEU Z 11 49.20 38.54 -50.01
CA LEU Z 11 50.43 37.80 -49.79
C LEU Z 11 50.13 36.43 -49.17
N LEU Z 12 49.19 36.38 -48.23
CA LEU Z 12 48.87 35.10 -47.62
C LEU Z 12 48.11 34.19 -48.59
N ALA Z 13 47.15 34.75 -49.33
CA ALA Z 13 46.38 33.94 -50.27
C ALA Z 13 47.26 33.42 -51.39
N GLU Z 14 48.44 34.00 -51.58
CA GLU Z 14 49.43 33.36 -52.45
C GLU Z 14 49.74 31.95 -51.98
N GLY Z 15 49.80 31.73 -50.67
CA GLY Z 15 50.19 30.43 -50.15
C GLY Z 15 49.17 29.33 -50.33
N GLU Z 16 47.95 29.66 -50.73
CA GLU Z 16 46.91 28.67 -50.98
C GLU Z 16 46.33 28.74 -52.39
N LEU Z 17 46.62 29.79 -53.14
CA LEU Z 17 46.26 29.85 -54.55
C LEU Z 17 47.45 29.61 -55.45
N SER Z 18 48.54 29.06 -54.90
CA SER Z 18 49.75 28.87 -55.68
C SER Z 18 49.57 27.85 -56.80
N ASN Z 19 48.55 27.02 -56.74
CA ASN Z 19 48.36 26.00 -57.76
C ASN Z 19 47.89 26.56 -59.09
N ILE Z 20 47.26 27.73 -59.11
CA ILE Z 20 46.40 28.08 -60.22
C ILE Z 20 46.78 29.41 -60.83
N LYS Z 21 45.97 29.86 -61.79
CA LYS Z 21 46.31 31.02 -62.59
C LYS Z 21 46.31 32.31 -61.78
N TYR Z 22 45.50 32.39 -60.74
CA TYR Z 22 45.15 33.69 -60.16
C TYR Z 22 46.37 34.49 -59.75
N VAL Z 23 47.44 33.82 -59.37
CA VAL Z 23 48.47 34.54 -58.64
C VAL Z 23 49.85 34.21 -59.20
N ASN Z 24 49.94 33.24 -60.09
CA ASN Z 24 51.25 32.73 -60.43
C ASN Z 24 51.47 32.58 -61.92
N ILE Z 25 52.54 33.21 -62.41
CA ILE Z 25 53.20 32.72 -63.60
C ILE Z 25 53.88 31.40 -63.27
N ASP Z 26 53.85 30.47 -64.21
CA ASP Z 26 54.50 29.18 -63.97
C ASP Z 26 55.97 29.36 -63.64
N THR Z 27 56.60 30.39 -64.17
CA THR Z 27 58.00 30.69 -63.92
C THR Z 27 58.10 31.97 -63.10
N GLY Z 28 58.81 31.91 -61.98
CA GLY Z 28 58.93 33.07 -61.12
C GLY Z 28 57.58 33.53 -60.63
N ALA Z 29 56.96 32.72 -59.78
CA ALA Z 29 55.57 32.95 -59.37
C ALA Z 29 55.38 34.34 -58.76
N LEU Z 30 54.62 35.18 -59.44
CA LEU Z 30 54.34 36.54 -58.98
C LEU Z 30 52.89 36.88 -59.29
N VAL Z 31 52.31 37.73 -58.46
CA VAL Z 31 50.89 38.02 -58.57
C VAL Z 31 50.58 38.65 -59.91
N LEU Z 32 49.54 38.14 -60.57
CA LEU Z 32 49.08 38.70 -61.83
C LEU Z 32 48.24 39.95 -61.62
N GLU Z 33 47.49 40.36 -62.64
CA GLU Z 33 46.59 41.49 -62.51
C GLU Z 33 45.14 41.08 -62.71
N ARG Z 34 44.73 40.00 -62.05
CA ARG Z 34 43.33 39.67 -61.84
C ARG Z 34 42.85 40.14 -60.47
N VAL Z 35 43.57 41.09 -59.91
CA VAL Z 35 43.27 41.69 -58.61
C VAL Z 35 41.83 42.19 -58.56
N PRO Z 36 41.28 42.79 -59.62
CA PRO Z 36 39.84 43.13 -59.56
C PRO Z 36 38.95 41.96 -59.22
N SER Z 37 39.13 40.82 -59.89
CA SER Z 37 38.30 39.66 -59.59
C SER Z 37 38.55 39.18 -58.17
N LEU Z 38 39.81 39.20 -57.73
CA LEU Z 38 40.08 38.79 -56.35
C LEU Z 38 39.34 39.68 -55.36
N ILE Z 39 39.34 40.98 -55.60
CA ILE Z 39 38.64 41.90 -54.69
C ILE Z 39 37.16 41.60 -54.68
N ARG Z 40 36.59 41.38 -55.86
CA ARG Z 40 35.16 41.11 -55.92
C ARG Z 40 34.81 39.84 -55.17
N ALA Z 41 35.71 38.86 -55.14
CA ALA Z 41 35.44 37.67 -54.33
C ALA Z 41 35.58 37.97 -52.84
N ILE Z 42 36.60 38.75 -52.48
CA ILE Z 42 36.84 39.01 -51.06
C ILE Z 42 35.67 39.76 -50.45
N ASN Z 43 35.08 40.68 -51.19
CA ASN Z 43 33.95 41.43 -50.65
C ASN Z 43 32.78 40.50 -50.33
N LEU Z 44 32.51 39.56 -51.23
CA LEU Z 44 31.46 38.58 -50.98
C LEU Z 44 31.77 37.77 -49.74
N GLY Z 45 33.03 37.36 -49.58
CA GLY Z 45 33.40 36.63 -48.38
C GLY Z 45 33.14 37.42 -47.11
N VAL Z 46 33.50 38.69 -47.11
CA VAL Z 46 33.29 39.53 -45.95
C VAL Z 46 31.80 39.62 -45.63
N LEU Z 47 30.98 39.80 -46.67
CA LEU Z 47 29.55 39.87 -46.44
C LEU Z 47 29.02 38.58 -45.82
N ASP Z 48 29.51 37.44 -46.31
CA ASP Z 48 29.05 36.17 -45.74
C ASP Z 48 29.42 36.06 -44.27
N LEU Z 49 30.64 36.45 -43.91
CA LEU Z 49 31.04 36.37 -42.52
C LEU Z 49 30.18 37.28 -41.65
N HIS Z 50 29.85 38.47 -42.15
CA HIS Z 50 28.98 39.35 -41.39
C HIS Z 50 27.57 38.78 -41.28
N LYS Z 51 27.15 37.96 -42.24
CA LYS Z 51 25.90 37.25 -42.09
C LYS Z 51 25.98 36.25 -40.95
N ARG Z 52 27.08 35.50 -40.90
CA ARG Z 52 27.15 34.40 -39.94
C ARG Z 52 27.33 34.89 -38.51
N PHE Z 53 28.09 35.95 -38.31
CA PHE Z 53 28.28 36.50 -36.97
C PHE Z 53 27.95 37.98 -36.97
N LEU Z 54 27.56 38.49 -35.80
CA LEU Z 54 27.14 39.89 -35.73
C LEU Z 54 28.27 40.85 -36.07
N LEU Z 55 29.27 40.93 -35.19
CA LEU Z 55 30.50 41.68 -35.42
C LEU Z 55 30.27 43.18 -35.55
N LYS Z 56 29.02 43.63 -35.60
CA LYS Z 56 28.72 45.03 -35.84
C LYS Z 56 27.26 45.28 -35.52
N GLU Z 57 26.94 46.56 -35.27
CA GLU Z 57 25.56 47.00 -35.16
C GLU Z 57 25.53 48.51 -35.34
N GLY Z 58 24.40 49.01 -35.83
CA GLY Z 58 24.31 50.41 -36.17
C GLY Z 58 23.18 51.14 -35.49
N MET Z 59 22.97 52.39 -35.87
CA MET Z 59 21.96 53.22 -35.24
C MET Z 59 21.49 54.28 -36.22
N LEU Z 60 20.18 54.56 -36.17
CA LEU Z 60 19.63 55.68 -36.94
C LEU Z 60 18.85 56.60 -36.01
N LYS Z 61 18.15 57.57 -36.58
CA LYS Z 61 17.24 58.40 -35.79
C LYS Z 61 16.24 59.00 -36.76
N ILE Z 62 14.99 58.56 -36.67
CA ILE Z 62 13.94 58.98 -37.58
C ILE Z 62 13.12 60.06 -36.92
N GLN Z 63 12.86 61.13 -37.64
CA GLN Z 63 12.00 62.21 -37.16
C GLN Z 63 10.61 62.02 -37.74
N LEU Z 64 9.64 61.75 -36.87
CA LEU Z 64 8.32 61.34 -37.32
C LEU Z 64 7.59 62.47 -38.02
N GLU Z 65 6.56 62.10 -38.75
CA GLU Z 65 5.70 63.04 -39.45
C GLU Z 65 4.29 62.48 -39.43
N GLU Z 66 3.36 63.20 -38.82
CA GLU Z 66 2.02 62.68 -38.60
C GLU Z 66 1.32 62.42 -39.93
N GLY Z 67 0.56 61.33 -39.96
CA GLY Z 67 -0.16 60.94 -41.16
C GLY Z 67 0.63 60.13 -42.16
N ARG Z 68 1.91 59.87 -41.89
CA ARG Z 68 2.73 59.06 -42.77
C ARG Z 68 2.49 57.59 -42.46
N ARG Z 69 2.52 56.77 -43.51
CA ARG Z 69 2.28 55.33 -43.36
C ARG Z 69 3.54 54.49 -43.52
N LEU Z 70 4.34 54.76 -44.54
CA LEU Z 70 5.53 53.99 -44.84
C LEU Z 70 6.77 54.86 -44.72
N TYR Z 71 7.75 54.39 -43.96
CA TYR Z 71 9.06 55.04 -43.87
C TYR Z 71 10.09 54.08 -44.43
N PRO Z 72 10.58 54.28 -45.64
CA PRO Z 72 11.67 53.45 -46.15
C PRO Z 72 13.00 53.94 -45.61
N LEU Z 73 13.91 53.00 -45.38
CA LEU Z 73 15.25 53.31 -44.92
C LEU Z 73 16.21 53.09 -46.08
N ARG Z 74 16.43 54.14 -46.86
CA ARG Z 74 17.25 54.06 -48.06
C ARG Z 74 18.17 55.26 -48.09
N PRO Z 75 19.30 55.15 -48.77
CA PRO Z 75 20.32 56.19 -48.65
C PRO Z 75 19.97 57.49 -49.36
N ALA Z 76 18.75 57.62 -49.83
CA ALA Z 76 18.30 58.89 -50.40
C ALA Z 76 17.57 59.77 -49.39
N TYR Z 77 17.16 59.21 -48.27
CA TYR Z 77 16.45 59.94 -47.24
C TYR Z 77 17.34 60.31 -46.07
N GLN Z 78 18.60 59.95 -46.11
CA GLN Z 78 19.49 60.08 -44.96
C GLN Z 78 20.25 61.40 -45.08
N VAL Z 79 20.34 62.12 -43.96
CA VAL Z 79 21.04 63.39 -43.96
C VAL Z 79 22.49 63.20 -44.39
N GLY Z 80 23.00 64.17 -45.15
CA GLY Z 80 24.35 64.12 -45.67
C GLY Z 80 24.48 63.32 -46.94
N GLN Z 81 23.45 62.62 -47.36
CA GLN Z 81 23.46 61.90 -48.62
C GLN Z 81 23.00 62.85 -49.72
N LYS Z 82 22.73 62.30 -50.89
CA LYS Z 82 22.25 63.11 -52.00
C LYS Z 82 20.77 63.43 -51.81
N PRO Z 83 20.39 64.70 -51.74
CA PRO Z 83 18.99 65.03 -51.48
C PRO Z 83 18.11 64.96 -52.72
N LYS Z 84 17.59 63.79 -53.04
CA LYS Z 84 16.66 63.68 -54.16
C LYS Z 84 15.46 64.58 -53.91
N PRO Z 85 15.11 65.46 -54.87
CA PRO Z 85 14.04 66.45 -54.60
C PRO Z 85 12.70 65.85 -54.19
N GLY Z 86 12.31 64.71 -54.77
CA GLY Z 86 11.01 64.17 -54.48
C GLY Z 86 10.85 63.60 -53.09
N VAL Z 87 11.94 63.48 -52.33
CA VAL Z 87 11.87 62.85 -51.02
C VAL Z 87 12.29 63.87 -49.95
N PRO Z 88 11.63 63.88 -48.80
CA PRO Z 88 12.12 64.67 -47.67
C PRO Z 88 13.09 63.88 -46.82
N GLN Z 89 14.21 64.49 -46.47
CA GLN Z 89 15.30 63.81 -45.78
C GLN Z 89 14.97 63.77 -44.30
N PHE Z 90 14.40 62.65 -43.84
CA PHE Z 90 13.98 62.56 -42.45
C PHE Z 90 14.91 61.76 -41.56
N ILE Z 91 15.82 60.97 -42.13
CA ILE Z 91 16.81 60.26 -41.32
C ILE Z 91 17.92 61.24 -40.99
N THR Z 92 17.95 61.74 -39.76
CA THR Z 92 18.77 62.89 -39.41
C THR Z 92 20.05 62.56 -38.67
N GLU Z 93 20.35 61.29 -38.43
CA GLU Z 93 21.51 60.99 -37.61
C GLU Z 93 21.79 59.49 -37.67
N GLY Z 94 23.08 59.14 -37.73
CA GLY Z 94 23.46 57.74 -37.69
C GLY Z 94 24.57 57.38 -38.64
N ASN Z 95 24.92 56.10 -38.67
CA ASN Z 95 25.96 55.64 -39.59
C ASN Z 95 25.52 55.89 -41.02
N LYS Z 96 26.48 56.25 -41.87
CA LYS Z 96 26.18 56.51 -43.26
C LYS Z 96 25.62 55.25 -43.92
N LEU Z 97 24.50 55.41 -44.61
CA LEU Z 97 23.78 54.27 -45.17
C LEU Z 97 24.32 53.91 -46.53
N GLY Z 98 24.45 52.62 -46.79
CA GLY Z 98 24.89 52.13 -48.07
C GLY Z 98 23.89 51.19 -48.69
N ARG Z 99 24.28 50.52 -49.77
CA ARG Z 99 23.36 49.60 -50.42
C ARG Z 99 23.12 48.36 -49.56
N GLN Z 100 24.17 47.81 -48.97
CA GLN Z 100 24.03 46.67 -48.06
C GLN Z 100 24.50 47.13 -46.68
N SER Z 101 23.56 47.64 -45.90
CA SER Z 101 23.89 48.02 -44.53
C SER Z 101 22.89 47.41 -43.56
N ILE Z 102 21.63 47.31 -43.97
CA ILE Z 102 20.58 46.80 -43.10
C ILE Z 102 20.43 45.31 -43.38
N LEU Z 103 20.97 44.49 -42.48
CA LEU Z 103 20.72 43.06 -42.56
C LEU Z 103 19.44 42.67 -41.83
N LYS Z 104 19.12 43.37 -40.74
CA LYS Z 104 17.91 43.11 -39.99
C LYS Z 104 17.70 44.20 -38.95
N ILE Z 105 16.50 44.72 -38.83
CA ILE Z 105 16.17 45.66 -37.78
C ILE Z 105 15.88 44.89 -36.50
N GLU Z 106 16.41 45.36 -35.38
CA GLU Z 106 16.32 44.60 -34.15
C GLU Z 106 15.58 45.32 -33.04
N LYS Z 107 15.89 46.58 -32.78
CA LYS Z 107 15.30 47.30 -31.68
C LYS Z 107 14.77 48.64 -32.15
N ILE Z 108 13.68 49.08 -31.54
CA ILE Z 108 13.12 50.40 -31.78
C ILE Z 108 12.86 51.04 -30.44
N ILE Z 109 13.52 52.14 -30.16
CA ILE Z 109 13.43 52.82 -28.88
C ILE Z 109 12.98 54.25 -29.13
N GLY Z 110 11.94 54.66 -28.41
N GLY Z 110 11.94 54.66 -28.41
CA GLY Z 110 11.42 56.01 -28.54
CA GLY Z 110 11.42 56.01 -28.54
C GLY Z 110 12.25 57.01 -27.77
C GLY Z 110 12.25 57.01 -27.77
N ASP Z 111 11.81 58.26 -27.82
CA ASP Z 111 12.51 59.32 -27.12
C ASP Z 111 12.27 59.27 -25.62
N ASN Z 112 11.24 58.58 -25.18
CA ASN Z 112 10.90 58.51 -23.77
C ASN Z 112 11.58 57.35 -23.05
N GLY Z 113 12.34 56.54 -23.78
CA GLY Z 113 12.91 55.34 -23.21
C GLY Z 113 12.05 54.10 -23.35
N VAL Z 114 10.83 54.23 -23.87
CA VAL Z 114 10.01 53.06 -24.08
C VAL Z 114 10.60 52.20 -25.19
N GLU Z 115 10.14 50.95 -25.25
CA GLU Z 115 10.62 49.99 -26.23
C GLU Z 115 9.42 49.41 -26.95
N TYR Z 116 9.27 49.71 -28.23
CA TYR Z 116 8.12 49.25 -28.98
C TYR Z 116 8.32 47.82 -29.44
N TYR Z 117 7.26 47.25 -30.01
CA TYR Z 117 7.27 45.87 -30.44
C TYR Z 117 7.43 45.80 -31.96
N LEU Z 118 8.15 44.78 -32.41
CA LEU Z 118 8.45 44.60 -33.83
C LEU Z 118 7.86 43.28 -34.30
N ASN Z 119 6.94 43.35 -35.27
CA ASN Z 119 6.35 42.16 -35.88
C ASN Z 119 5.74 41.24 -34.84
N ASP Z 120 5.24 41.79 -33.75
CA ASP Z 120 4.54 41.01 -32.73
C ASP Z 120 3.07 41.40 -32.83
N THR Z 121 2.32 40.60 -33.59
CA THR Z 121 0.95 40.97 -33.91
C THR Z 121 0.10 41.04 -32.65
N TRP Z 122 -0.87 41.94 -32.67
CA TRP Z 122 -1.85 42.16 -31.61
C TRP Z 122 -1.23 42.75 -30.35
N GLN Z 123 0.07 43.03 -30.35
CA GLN Z 123 0.65 43.74 -29.23
C GLN Z 123 0.19 45.19 -29.24
N PRO Z 124 0.27 45.88 -28.10
CA PRO Z 124 -0.31 47.22 -27.99
C PRO Z 124 0.08 48.17 -29.12
N LEU Z 125 1.36 48.43 -29.28
CA LEU Z 125 1.85 49.37 -30.30
C LEU Z 125 2.84 48.61 -31.17
N ASN Z 126 2.31 47.94 -32.18
CA ASN Z 126 3.12 47.06 -33.02
C ASN Z 126 3.59 47.82 -34.25
N ILE Z 127 4.82 47.57 -34.66
CA ILE Z 127 5.40 48.15 -35.85
C ILE Z 127 5.73 47.02 -36.81
N THR Z 128 5.28 47.15 -38.05
CA THR Z 128 5.38 46.09 -39.03
C THR Z 128 6.33 46.47 -40.14
N THR Z 129 7.16 45.53 -40.57
CA THR Z 129 8.05 45.73 -41.70
C THR Z 129 7.48 44.99 -42.90
N PRO Z 130 6.91 45.68 -43.86
CA PRO Z 130 6.29 44.98 -45.00
C PRO Z 130 7.31 44.52 -46.02
N GLU Z 131 8.47 45.18 -46.08
CA GLU Z 131 9.42 44.88 -47.14
C GLU Z 131 10.86 44.88 -46.64
N PHE Z 132 11.06 44.55 -45.36
CA PHE Z 132 12.39 44.23 -44.85
C PHE Z 132 13.30 45.43 -44.72
N ASP Z 133 12.91 46.56 -45.30
CA ASP Z 133 13.68 47.80 -45.22
C ASP Z 133 12.75 48.99 -45.07
N VAL Z 134 11.50 48.75 -44.70
CA VAL Z 134 10.47 49.77 -44.61
C VAL Z 134 9.72 49.57 -43.30
N LEU Z 135 9.41 50.66 -42.63
CA LEU Z 135 8.61 50.62 -41.41
C LEU Z 135 7.19 51.06 -41.76
N GLU Z 136 6.22 50.23 -41.46
CA GLU Z 136 4.81 50.58 -41.62
C GLU Z 136 4.26 50.97 -40.26
N ILE Z 137 3.81 52.20 -40.14
CA ILE Z 137 3.33 52.74 -38.87
C ILE Z 137 1.84 53.00 -38.97
N SER Z 138 1.06 52.29 -38.15
CA SER Z 138 -0.38 52.43 -38.19
C SER Z 138 -0.80 53.75 -37.54
N ASP Z 139 -2.08 54.08 -37.72
CA ASP Z 139 -2.59 55.34 -37.19
C ASP Z 139 -2.78 55.28 -35.68
N GLU Z 140 -3.04 54.10 -35.13
CA GLU Z 140 -3.14 53.99 -33.68
C GLU Z 140 -1.86 54.41 -33.00
N PHE Z 141 -0.72 54.19 -33.67
CA PHE Z 141 0.54 54.67 -33.14
C PHE Z 141 0.53 56.18 -32.97
N TYR Z 142 0.04 56.89 -33.99
CA TYR Z 142 -0.07 58.34 -33.86
C TYR Z 142 -1.08 58.72 -32.79
N CYS Z 143 -2.15 57.94 -32.67
CA CYS Z 143 -3.16 58.23 -31.66
C CYS Z 143 -2.56 58.18 -30.26
N HIS Z 144 -1.78 57.12 -29.97
CA HIS Z 144 -1.09 57.01 -28.69
C HIS Z 144 0.39 56.79 -28.98
N SER Z 145 1.10 57.88 -29.27
CA SER Z 145 2.54 57.82 -29.46
C SER Z 145 3.29 58.62 -28.42
N SER Z 146 3.01 59.92 -28.31
CA SER Z 146 3.70 60.81 -27.38
C SER Z 146 5.22 60.79 -27.62
N SER Z 147 5.64 60.48 -28.84
CA SER Z 147 7.06 60.41 -29.16
C SER Z 147 7.27 61.08 -30.51
N LYS Z 148 8.21 62.03 -30.56
CA LYS Z 148 8.45 62.79 -31.77
C LYS Z 148 9.58 62.23 -32.61
N THR Z 149 10.26 61.20 -32.14
CA THR Z 149 11.38 60.64 -32.88
C THR Z 149 11.55 59.18 -32.48
N LEU Z 150 12.35 58.48 -33.26
CA LEU Z 150 12.61 57.07 -33.03
C LEU Z 150 14.10 56.81 -33.15
N GLU Z 151 14.57 55.77 -32.49
CA GLU Z 151 15.93 55.30 -32.62
C GLU Z 151 15.90 53.85 -33.03
N VAL Z 152 16.63 53.50 -34.08
CA VAL Z 152 16.59 52.18 -34.67
C VAL Z 152 17.97 51.56 -34.56
N ARG Z 153 18.01 50.27 -34.27
CA ARG Z 153 19.26 49.52 -34.27
C ARG Z 153 19.12 48.32 -35.17
N TYR Z 154 20.22 47.92 -35.79
CA TYR Z 154 20.14 46.93 -36.84
C TYR Z 154 21.49 46.29 -37.03
N ARG Z 155 21.48 45.10 -37.62
CA ARG Z 155 22.71 44.37 -37.88
C ARG Z 155 23.34 44.91 -39.16
N ARG Z 156 24.61 45.29 -39.07
CA ARG Z 156 25.29 45.97 -40.15
C ARG Z 156 26.21 45.03 -40.93
N ALA Z 157 26.56 45.49 -42.13
CA ALA Z 157 27.64 44.93 -42.92
C ALA Z 157 28.39 46.11 -43.49
N PRO Z 158 29.71 46.05 -43.56
CA PRO Z 158 30.48 47.22 -43.97
C PRO Z 158 30.27 47.52 -45.44
N THR Z 159 30.55 48.77 -45.80
CA THR Z 159 30.46 49.18 -47.20
C THR Z 159 31.82 49.03 -47.86
N PRO Z 160 31.94 48.21 -48.90
CA PRO Z 160 33.26 47.96 -49.49
C PRO Z 160 33.82 49.21 -50.14
N MET Z 161 35.14 49.34 -50.07
CA MET Z 161 35.80 50.48 -50.68
C MET Z 161 35.83 50.35 -52.19
N LYS Z 162 35.75 51.48 -52.88
CA LYS Z 162 35.64 51.51 -54.33
C LYS Z 162 37.03 51.44 -54.96
N ILE Z 163 37.27 50.39 -55.73
CA ILE Z 163 38.51 50.28 -56.50
C ILE Z 163 38.36 51.07 -57.79
N CYS Z 164 39.49 51.52 -58.33
CA CYS Z 164 39.47 52.33 -59.54
C CYS Z 164 40.67 51.99 -60.42
N VAL Z 165 40.51 52.24 -61.73
CA VAL Z 165 41.52 51.85 -62.70
C VAL Z 165 42.83 52.59 -62.44
N ASP Z 166 42.75 53.84 -61.99
CA ASP Z 166 43.95 54.52 -61.54
C ASP Z 166 44.45 53.95 -60.21
N ASN Z 167 43.54 53.51 -59.37
CA ASN Z 167 43.91 52.91 -58.09
C ASN Z 167 44.62 51.56 -58.27
N LEU Z 168 44.56 50.98 -59.47
CA LEU Z 168 45.39 49.79 -59.74
C LEU Z 168 46.87 50.00 -59.48
N ASP Z 169 47.31 51.24 -59.25
CA ASP Z 169 48.70 51.48 -58.92
C ASP Z 169 49.07 50.83 -57.58
N SER Z 170 48.28 51.09 -56.54
CA SER Z 170 48.64 50.68 -55.19
C SER Z 170 47.90 49.41 -54.75
N TRP Z 171 46.57 49.47 -54.68
CA TRP Z 171 45.71 48.36 -54.30
C TRP Z 171 46.09 47.85 -52.91
N GLY Z 172 47.09 48.46 -52.29
CA GLY Z 172 47.60 48.00 -51.02
C GLY Z 172 47.19 48.91 -49.89
N CYS Z 173 46.61 50.06 -50.23
CA CYS Z 173 46.04 50.93 -49.22
C CYS Z 173 44.59 50.60 -48.92
N ILE Z 174 43.97 49.72 -49.69
CA ILE Z 174 42.62 49.29 -49.38
C ILE Z 174 42.62 48.55 -48.06
N ASP Z 175 41.58 48.75 -47.27
CA ASP Z 175 41.49 48.16 -45.94
C ASP Z 175 40.22 47.33 -45.84
N ILE Z 176 40.38 46.01 -45.73
CA ILE Z 176 39.25 45.16 -45.42
C ILE Z 176 38.84 45.37 -43.98
N ASP Z 177 37.55 45.26 -43.70
CA ASP Z 177 37.00 45.54 -42.38
C ASP Z 177 36.63 44.24 -41.69
N LEU Z 178 37.58 43.67 -40.95
CA LEU Z 178 37.36 42.41 -40.25
C LEU Z 178 38.32 42.31 -39.08
N PRO Z 179 37.96 41.57 -38.04
CA PRO Z 179 38.98 41.11 -37.08
C PRO Z 179 39.79 39.99 -37.68
N TYR Z 180 40.97 39.75 -37.09
CA TYR Z 180 41.93 38.85 -37.71
C TYR Z 180 41.46 37.39 -37.68
N THR Z 181 40.73 37.01 -36.64
CA THR Z 181 40.15 35.68 -36.57
C THR Z 181 39.37 35.35 -37.84
N HIS Z 182 38.38 36.17 -38.12
CA HIS Z 182 37.61 35.94 -39.31
C HIS Z 182 38.43 36.12 -40.58
N LEU Z 183 39.62 36.73 -40.49
CA LEU Z 183 40.56 36.64 -41.59
C LEU Z 183 40.98 35.21 -41.84
N GLN Z 184 41.38 34.51 -40.78
CA GLN Z 184 41.79 33.13 -40.96
C GLN Z 184 40.66 32.33 -41.60
N ALA Z 185 39.42 32.63 -41.24
CA ALA Z 185 38.31 31.92 -41.88
C ALA Z 185 38.11 32.35 -43.35
N LEU Z 186 38.23 33.65 -43.61
CA LEU Z 186 38.01 34.19 -44.93
C LEU Z 186 38.96 33.59 -45.94
N LEU Z 187 40.19 33.29 -45.51
CA LEU Z 187 41.13 32.64 -46.42
C LEU Z 187 40.55 31.36 -46.99
N TYR Z 188 40.03 30.49 -46.14
CA TYR Z 188 39.45 29.24 -46.62
C TYR Z 188 38.27 29.52 -47.52
N PHE Z 189 37.43 30.48 -47.16
CA PHE Z 189 36.27 30.75 -48.02
C PHE Z 189 36.71 31.09 -49.44
N VAL Z 190 37.63 32.05 -49.57
CA VAL Z 190 38.06 32.49 -50.88
C VAL Z 190 38.73 31.37 -51.63
N ALA Z 191 39.57 30.59 -50.94
CA ALA Z 191 40.27 29.51 -51.61
C ALA Z 191 39.30 28.50 -52.18
N SER Z 192 38.27 28.13 -51.41
CA SER Z 192 37.27 27.20 -51.93
C SER Z 192 36.59 27.76 -53.17
N ARG Z 193 36.14 29.00 -53.09
CA ARG Z 193 35.40 29.57 -54.20
C ARG Z 193 36.26 29.62 -55.46
N CYS Z 194 37.54 29.95 -55.32
CA CYS Z 194 38.39 30.07 -56.49
C CYS Z 194 38.80 28.72 -57.04
N GLN Z 195 39.06 27.74 -56.17
CA GLN Z 195 39.55 26.45 -56.64
C GLN Z 195 38.46 25.52 -57.12
N THR Z 196 37.19 25.83 -56.89
CA THR Z 196 36.16 24.89 -57.30
C THR Z 196 36.22 24.48 -58.78
N PRO Z 197 36.23 25.41 -59.76
CA PRO Z 197 36.03 25.04 -61.16
C PRO Z 197 37.32 24.79 -61.94
N ILE Z 198 38.19 23.93 -61.40
CA ILE Z 198 39.46 23.62 -62.05
C ILE Z 198 39.88 22.20 -61.67
N GLY Z 199 40.39 21.46 -62.63
CA GLY Z 199 41.05 20.20 -62.32
C GLY Z 199 40.29 19.00 -62.84
N PHE Z 200 41.04 17.99 -63.29
CA PHE Z 200 40.44 16.79 -63.83
C PHE Z 200 41.08 15.51 -63.32
N MET Z 201 42.00 15.57 -62.38
CA MET Z 201 42.59 14.38 -61.80
C MET Z 201 41.86 14.01 -60.51
N GLU Z 202 42.08 12.76 -60.09
CA GLU Z 202 41.29 12.19 -59.00
C GLU Z 202 41.44 13.01 -57.72
N ASN Z 203 42.67 13.31 -57.33
CA ASN Z 203 42.90 14.04 -56.10
C ASN Z 203 42.81 15.54 -56.28
N THR Z 204 42.92 16.04 -57.51
CA THR Z 204 42.85 17.47 -57.74
C THR Z 204 41.44 17.95 -58.02
N ALA Z 205 40.47 17.05 -58.12
CA ALA Z 205 39.08 17.46 -58.31
C ALA Z 205 38.33 17.63 -57.01
N GLN Z 206 39.00 17.48 -55.86
CA GLN Z 206 38.33 17.56 -54.57
C GLN Z 206 38.81 18.71 -53.70
N GLU Z 207 39.67 19.58 -54.24
CA GLU Z 207 40.22 20.65 -53.41
C GLU Z 207 39.15 21.64 -52.99
N GLY Z 208 38.23 21.99 -53.89
CA GLY Z 208 37.15 22.88 -53.51
C GLY Z 208 36.30 22.30 -52.39
N PHE Z 209 35.95 21.02 -52.49
CA PHE Z 209 35.16 20.40 -51.45
C PHE Z 209 35.91 20.38 -50.13
N ASN Z 210 37.20 20.05 -50.17
CA ASN Z 210 37.97 20.02 -48.93
C ASN Z 210 38.01 21.40 -48.28
N PHE Z 211 38.21 22.43 -49.09
CA PHE Z 211 38.27 23.77 -48.52
C PHE Z 211 36.93 24.19 -47.94
N SER Z 212 35.82 23.78 -48.58
CA SER Z 212 34.52 24.06 -47.98
C SER Z 212 34.38 23.39 -46.63
N GLN Z 213 34.82 22.13 -46.52
CA GLN Z 213 34.74 21.45 -45.24
C GLN Z 213 35.54 22.19 -44.18
N LYS Z 214 36.77 22.61 -44.53
CA LYS Z 214 37.60 23.30 -43.56
C LYS Z 214 36.98 24.63 -43.17
N TYR Z 215 36.34 25.30 -44.11
CA TYR Z 215 35.66 26.56 -43.80
C TYR Z 215 34.56 26.35 -42.77
N GLU Z 216 33.76 25.32 -42.95
CA GLU Z 216 32.70 25.04 -41.99
C GLU Z 216 33.28 24.70 -40.62
N ALA Z 217 34.34 23.89 -40.60
CA ALA Z 217 34.95 23.55 -39.32
C ALA Z 217 35.45 24.79 -38.60
N GLU Z 218 36.07 25.70 -39.34
CA GLU Z 218 36.58 26.91 -38.72
C GLU Z 218 35.46 27.78 -38.17
N CYS Z 219 34.35 27.89 -38.90
CA CYS Z 219 33.24 28.66 -38.38
C CYS Z 219 32.72 28.06 -37.08
N ALA Z 220 32.62 26.73 -37.04
CA ALA Z 220 32.19 26.08 -35.80
C ALA Z 220 33.15 26.36 -34.66
N ASN Z 221 34.46 26.33 -34.95
CA ASN Z 221 35.43 26.61 -33.90
C ASN Z 221 35.30 28.03 -33.38
N LEU Z 222 35.07 29.00 -34.27
CA LEU Z 222 34.88 30.36 -33.80
C LEU Z 222 33.64 30.47 -32.93
N ASP Z 223 32.56 29.79 -33.31
CA ASP Z 223 31.37 29.80 -32.47
C ASP Z 223 31.68 29.23 -31.10
N ALA Z 224 32.41 28.13 -31.05
CA ALA Z 224 32.73 27.52 -29.76
C ALA Z 224 33.58 28.44 -28.91
N GLN Z 225 34.58 29.09 -29.50
CA GLN Z 225 35.44 29.98 -28.75
C GLN Z 225 34.73 31.26 -28.35
N ASN Z 226 33.60 31.57 -28.98
CA ASN Z 226 32.80 32.74 -28.62
C ASN Z 226 33.60 34.02 -28.83
N LEU Z 227 34.04 34.23 -30.06
CA LEU Z 227 34.74 35.45 -30.46
C LEU Z 227 33.83 36.42 -31.22
N ARG Z 228 32.55 36.45 -30.88
CA ARG Z 228 31.64 37.43 -31.45
C ARG Z 228 30.77 38.01 -30.34
N ILE Z 229 30.07 39.09 -30.68
CA ILE Z 229 29.20 39.76 -29.71
C ILE Z 229 28.02 38.87 -29.39
N ASP Z 230 27.60 38.87 -28.12
CA ASP Z 230 26.46 38.07 -27.69
C ASP Z 230 25.81 38.72 -26.48
N PRO Z 231 24.80 39.53 -26.68
CA PRO Z 231 24.03 40.03 -25.54
C PRO Z 231 23.28 38.89 -24.87
N VAL Z 232 23.10 39.03 -23.55
CA VAL Z 232 22.32 38.09 -22.77
C VAL Z 232 21.42 38.87 -21.84
N GLY Z 233 20.14 38.54 -21.82
CA GLY Z 233 19.15 39.36 -21.15
C GLY Z 233 18.95 38.98 -19.69
N ASN Z 234 18.90 40.01 -18.84
CA ASN Z 234 18.58 39.87 -17.42
C ASN Z 234 17.51 40.89 -17.10
N GLN Z 235 16.25 40.54 -17.28
CA GLN Z 235 15.22 41.51 -16.90
C GLN Z 235 15.18 41.71 -15.40
N ASP Z 236 14.41 42.72 -15.01
CA ASP Z 236 14.20 42.99 -13.60
C ASP Z 236 13.08 42.13 -13.03
N ARG Z 237 11.86 42.32 -13.51
CA ARG Z 237 10.68 41.56 -13.10
C ARG Z 237 10.25 41.90 -11.68
N PHE Z 238 11.04 42.69 -10.97
CA PHE Z 238 10.76 43.00 -9.57
C PHE Z 238 10.30 44.43 -9.36
N THR Z 239 10.31 45.27 -10.38
CA THR Z 239 9.90 46.65 -10.25
C THR Z 239 8.52 46.93 -10.81
N ARG Z 240 7.90 45.94 -11.46
CA ARG Z 240 6.54 46.14 -11.96
C ARG Z 240 5.59 46.47 -10.83
N GLY Z 241 5.89 46.00 -9.62
CA GLY Z 241 5.02 46.19 -8.49
C GLY Z 241 4.19 44.94 -8.28
N GLY Z 242 4.60 44.09 -7.35
CA GLY Z 242 3.88 42.85 -7.15
C GLY Z 242 4.75 41.64 -6.96
N TRP Z 243 5.91 41.60 -7.62
CA TRP Z 243 6.78 40.44 -7.47
C TRP Z 243 7.79 40.62 -6.34
N VAL Z 244 7.33 41.00 -5.16
CA VAL Z 244 8.24 41.17 -4.04
C VAL Z 244 7.48 41.23 -2.74
N ARG AA 21 -11.48 92.81 22.24
CA ARG AA 21 -10.22 92.11 22.38
C ARG AA 21 -10.46 90.73 22.97
N LEU AA 22 -11.68 90.54 23.49
CA LEU AA 22 -12.20 89.25 23.95
C LEU AA 22 -11.59 88.81 25.28
N GLN AA 23 -10.54 89.49 25.73
CA GLN AA 23 -9.87 89.16 26.98
C GLN AA 23 -9.05 90.35 27.44
N PRO AA 24 -9.69 91.45 27.84
CA PRO AA 24 -8.91 92.64 28.20
C PRO AA 24 -8.01 92.46 29.41
N GLU AA 25 -8.29 91.49 30.27
CA GLU AA 25 -7.54 91.32 31.50
C GLU AA 25 -6.38 90.37 31.36
N TRP AA 26 -6.11 89.85 30.17
CA TRP AA 26 -4.99 88.95 29.94
C TRP AA 26 -3.80 89.79 29.48
N SER AA 27 -2.78 89.88 30.33
CA SER AA 27 -1.64 90.73 30.03
C SER AA 27 -0.93 90.28 28.78
N ASN AA 28 -0.80 88.96 28.58
CA ASN AA 28 -0.09 88.41 27.43
C ASN AA 28 -1.01 87.39 26.77
N ALA AA 29 -1.85 87.85 25.92
CA ALA AA 29 -2.70 86.88 25.27
C ALA AA 29 -2.09 86.47 23.93
N PRO AA 30 -2.28 85.22 23.52
CA PRO AA 30 -1.74 84.79 22.23
C PRO AA 30 -2.42 85.52 21.09
N SER AA 31 -1.67 85.75 20.02
CA SER AA 31 -2.21 86.31 18.80
C SER AA 31 -2.30 85.22 17.75
N LEU AA 32 -3.10 85.49 16.72
CA LEU AA 32 -3.30 84.50 15.67
C LEU AA 32 -1.99 84.09 15.02
N ALA AA 33 -0.99 84.97 15.06
CA ALA AA 33 0.29 84.66 14.44
C ALA AA 33 0.97 83.48 15.14
N GLN AA 34 1.06 83.53 16.46
CA GLN AA 34 1.76 82.47 17.18
C GLN AA 34 1.03 81.14 17.03
N LEU AA 35 -0.30 81.16 17.05
CA LEU AA 35 -1.05 79.91 16.94
C LEU AA 35 -0.76 79.23 15.61
N LYS AA 36 -0.90 79.96 14.51
CA LYS AA 36 -0.58 79.37 13.22
C LYS AA 36 0.90 79.00 13.13
N GLN AA 37 1.75 79.74 13.83
CA GLN AA 37 3.17 79.43 13.82
C GLN AA 37 3.43 78.05 14.41
N ASP AA 38 2.84 77.77 15.57
CA ASP AA 38 3.00 76.45 16.18
C ASP AA 38 2.33 75.39 15.34
N TYR AA 39 1.24 75.74 14.66
CA TYR AA 39 0.55 74.77 13.81
C TYR AA 39 1.46 74.27 12.71
N GLN AA 40 2.25 75.17 12.11
CA GLN AA 40 3.13 74.77 11.01
C GLN AA 40 4.21 73.81 11.50
N GLU AA 41 4.79 74.07 12.66
CA GLU AA 41 5.95 73.31 13.10
C GLU AA 41 5.61 71.88 13.50
N ALA AA 42 4.33 71.54 13.64
CA ALA AA 42 3.96 70.19 14.01
C ALA AA 42 3.49 69.35 12.83
N LYS AA 43 3.00 69.97 11.77
CA LYS AA 43 2.71 69.21 10.57
C LYS AA 43 3.97 68.58 10.01
N GLN AA 44 5.12 69.26 10.18
CA GLN AA 44 6.37 68.71 9.70
C GLN AA 44 6.65 67.35 10.30
N VAL AA 45 6.09 67.06 11.46
CA VAL AA 45 6.25 65.76 12.09
C VAL AA 45 5.09 64.84 11.77
N THR AA 46 3.85 65.34 11.83
CA THR AA 46 2.71 64.46 11.63
C THR AA 46 2.59 63.96 10.20
N ASP AA 47 3.19 64.65 9.23
CA ASP AA 47 3.06 64.22 7.85
C ASP AA 47 3.66 62.85 7.63
N GLU AA 48 4.76 62.54 8.30
CA GLU AA 48 5.37 61.23 8.15
C GLU AA 48 4.39 60.13 8.52
N LYS AA 49 3.76 60.25 9.69
CA LYS AA 49 2.83 59.24 10.13
C LYS AA 49 1.60 59.20 9.23
N ILE AA 50 1.17 60.36 8.74
CA ILE AA 50 0.01 60.36 7.84
C ILE AA 50 0.33 59.60 6.56
N THR AA 51 1.51 59.82 5.99
CA THR AA 51 1.88 59.09 4.79
C THR AA 51 1.99 57.60 5.07
N GLN AA 52 2.54 57.25 6.23
CA GLN AA 52 2.65 55.84 6.58
C GLN AA 52 1.28 55.18 6.64
N ILE AA 53 0.34 55.85 7.30
CA ILE AA 53 -1.00 55.27 7.42
C ILE AA 53 -1.67 55.21 6.06
N ASN AA 54 -1.45 56.21 5.21
CA ASN AA 54 -2.01 56.16 3.86
C ASN AA 54 -1.47 54.96 3.09
N ARG AA 55 -0.17 54.70 3.22
CA ARG AA 55 0.40 53.54 2.56
C ARG AA 55 -0.23 52.27 3.06
N TRP AA 56 -0.42 52.16 4.38
CA TRP AA 56 -1.08 50.98 4.92
C TRP AA 56 -2.48 50.81 4.34
N LEU AA 57 -3.24 51.90 4.31
CA LEU AA 57 -4.61 51.81 3.84
C LEU AA 57 -4.69 51.46 2.37
N ASP AA 58 -3.74 51.94 1.56
CA ASP AA 58 -3.79 51.66 0.14
C ASP AA 58 -3.54 50.20 -0.20
N TYR AA 59 -3.38 49.33 0.79
CA TYR AA 59 -3.17 47.92 0.49
C TYR AA 59 -4.37 47.07 0.84
N MET AA 60 -5.07 47.35 1.94
CA MET AA 60 -6.26 46.56 2.23
C MET AA 60 -7.34 46.82 1.18
N HIS AA 61 -7.50 48.07 0.76
CA HIS AA 61 -8.22 48.37 -0.46
C HIS AA 61 -7.18 48.48 -1.57
N VAL AA 62 -7.32 47.67 -2.61
CA VAL AA 62 -6.30 47.66 -3.63
C VAL AA 62 -6.46 48.92 -4.46
N ARG AA 63 -5.72 49.96 -4.11
CA ARG AA 63 -5.80 51.24 -4.80
C ARG AA 63 -4.40 51.80 -4.92
N GLY AA 64 -4.29 52.90 -5.67
CA GLY AA 64 -3.06 53.65 -5.78
C GLY AA 64 -1.82 52.80 -5.96
N GLU AA 65 -0.87 52.94 -5.06
CA GLU AA 65 0.36 52.16 -5.15
C GLU AA 65 0.16 50.71 -4.76
N GLY AA 66 -1.00 50.35 -4.21
CA GLY AA 66 -1.29 48.95 -3.95
C GLY AA 66 -1.75 48.18 -5.15
N LYS AA 67 -2.11 48.86 -6.23
CA LYS AA 67 -2.54 48.20 -7.44
C LYS AA 67 -1.33 47.79 -8.25
N PRO AA 68 -1.14 46.51 -8.55
CA PRO AA 68 0.04 46.10 -9.32
C PRO AA 68 -0.07 46.54 -10.76
N LYS AA 69 1.07 46.93 -11.33
CA LYS AA 69 1.15 47.33 -12.73
C LYS AA 69 1.49 46.11 -13.56
N THR AA 70 0.61 45.76 -14.50
CA THR AA 70 0.79 44.59 -15.33
C THR AA 70 0.69 44.96 -16.81
N GLU AA 71 1.40 44.20 -17.63
CA GLU AA 71 1.39 44.44 -19.06
C GLU AA 71 0.05 44.07 -19.66
N LYS AA 72 -0.25 44.67 -20.80
CA LYS AA 72 -1.45 44.30 -21.54
C LYS AA 72 -1.27 42.91 -22.13
N GLY AA 73 -2.28 42.07 -21.97
CA GLY AA 73 -2.21 40.70 -22.42
C GLY AA 73 -1.91 39.69 -21.33
N LYS AA 74 -1.77 40.13 -20.09
CA LYS AA 74 -1.57 39.23 -18.96
C LYS AA 74 -2.57 39.59 -17.87
N SER AA 75 -2.73 38.68 -16.92
CA SER AA 75 -3.76 38.83 -15.92
C SER AA 75 -3.44 40.00 -14.99
N ALA AA 76 -4.48 40.47 -14.29
CA ALA AA 76 -4.33 41.55 -13.33
C ALA AA 76 -5.16 41.31 -12.07
N VAL AA 77 -5.39 40.04 -11.74
CA VAL AA 77 -6.15 39.72 -10.54
C VAL AA 77 -5.27 39.91 -9.31
N GLN AA 78 -5.91 40.17 -8.18
CA GLN AA 78 -5.16 40.39 -6.95
C GLN AA 78 -6.02 40.04 -5.73
N PRO AA 79 -5.76 38.91 -5.09
CA PRO AA 79 -6.60 38.49 -3.97
C PRO AA 79 -6.32 39.31 -2.73
N PRO AA 80 -7.35 39.91 -2.12
CA PRO AA 80 -7.13 40.64 -0.87
C PRO AA 80 -6.88 39.67 0.27
N THR AA 81 -5.89 39.98 1.10
CA THR AA 81 -5.64 39.22 2.30
C THR AA 81 -5.69 40.05 3.56
N ILE AA 82 -5.27 41.30 3.53
CA ILE AA 82 -5.37 42.15 4.71
C ILE AA 82 -6.83 42.35 5.07
N ARG AA 83 -7.65 42.66 4.07
CA ARG AA 83 -9.09 42.79 4.32
C ARG AA 83 -9.66 41.46 4.80
N LYS AA 84 -9.22 40.37 4.20
CA LYS AA 84 -9.64 39.04 4.63
C LYS AA 84 -9.40 38.84 6.11
N GLN AA 85 -8.22 39.26 6.58
CA GLN AA 85 -7.90 39.10 7.99
C GLN AA 85 -8.76 40.01 8.86
N ALA AA 86 -8.92 41.27 8.45
CA ALA AA 86 -9.65 42.21 9.28
C ALA AA 86 -11.12 41.82 9.44
N GLU AA 87 -11.69 41.20 8.40
CA GLU AA 87 -13.10 40.82 8.48
C GLU AA 87 -13.32 39.79 9.58
N TRP AA 88 -12.33 38.95 9.86
CA TRP AA 88 -12.48 37.91 10.86
C TRP AA 88 -12.08 38.37 12.24
N ARG AA 89 -11.73 39.64 12.40
CA ARG AA 89 -11.40 40.18 13.70
C ARG AA 89 -12.37 41.27 14.16
N TYR AA 90 -13.01 41.97 13.22
CA TYR AA 90 -13.93 43.03 13.62
C TYR AA 90 -14.96 42.56 14.62
N SER AA 91 -15.67 41.47 14.31
CA SER AA 91 -16.77 41.04 15.15
C SER AA 91 -16.27 40.49 16.48
N SER AA 92 -15.22 39.68 16.45
CA SER AA 92 -14.69 39.13 17.69
C SER AA 92 -14.17 40.22 18.60
N LEU AA 93 -13.81 41.38 18.06
CA LEU AA 93 -13.42 42.48 18.93
C LEU AA 93 -14.62 43.26 19.43
N SER AA 94 -15.60 43.52 18.56
CA SER AA 94 -16.70 44.40 18.95
C SER AA 94 -17.75 43.71 19.81
N GLU AA 95 -17.79 42.39 19.80
CA GLU AA 95 -18.87 41.69 20.50
C GLU AA 95 -18.89 41.95 22.01
N PRO AA 96 -17.78 41.82 22.75
CA PRO AA 96 -17.85 41.89 24.21
C PRO AA 96 -18.37 43.20 24.77
N PHE AA 97 -18.65 44.17 23.92
CA PHE AA 97 -19.25 45.41 24.37
C PHE AA 97 -20.77 45.42 24.18
N LEU AA 98 -21.24 44.98 23.01
CA LEU AA 98 -22.66 45.02 22.72
C LEU AA 98 -23.39 43.76 23.14
N SER AA 99 -22.69 42.73 23.62
CA SER AA 99 -23.38 41.51 24.00
C SER AA 99 -24.24 41.68 25.25
N SER AA 100 -24.10 42.78 25.97
CA SER AA 100 -24.80 42.99 27.23
C SER AA 100 -25.84 44.09 27.10
N PRO AA 101 -26.87 44.08 27.94
CA PRO AA 101 -27.89 45.13 27.84
C PRO AA 101 -27.35 46.54 28.01
N ASN AA 102 -26.40 46.74 28.91
CA ASN AA 102 -25.78 48.04 29.08
C ASN AA 102 -24.29 47.85 29.31
N ILE AA 103 -23.51 48.85 28.89
CA ILE AA 103 -22.06 48.70 28.87
C ILE AA 103 -21.50 48.75 30.29
N PHE AA 104 -21.69 49.87 30.97
CA PHE AA 104 -20.93 50.13 32.17
C PHE AA 104 -21.51 49.40 33.37
N GLU AA 105 -20.78 49.47 34.48
CA GLU AA 105 -21.19 48.84 35.72
C GLU AA 105 -20.46 49.54 36.85
N VAL AA 106 -21.20 50.19 37.73
CA VAL AA 106 -20.63 51.03 38.78
C VAL AA 106 -20.86 50.37 40.12
N ASN AA 107 -19.81 50.28 40.92
CA ASN AA 107 -19.89 49.68 42.25
C ASN AA 107 -19.29 50.62 43.27
N PRO AA 108 -19.79 50.60 44.50
CA PRO AA 108 -19.25 51.50 45.52
C PRO AA 108 -17.89 51.03 46.00
N VAL AA 109 -17.16 51.96 46.59
CA VAL AA 109 -15.88 51.65 47.22
C VAL AA 109 -16.04 51.45 48.73
N THR AA 110 -16.83 52.31 49.37
CA THR AA 110 -17.08 52.23 50.79
C THR AA 110 -18.57 52.36 51.03
N TRP AA 111 -19.02 51.86 52.19
CA TRP AA 111 -20.43 51.80 52.48
C TRP AA 111 -21.09 53.18 52.47
N GLU AA 112 -20.31 54.25 52.64
CA GLU AA 112 -20.87 55.59 52.51
C GLU AA 112 -21.52 55.77 51.14
N ASP AA 113 -21.04 55.05 50.14
CA ASP AA 113 -21.54 55.09 48.78
C ASP AA 113 -22.71 54.11 48.67
N ALA AA 114 -23.06 53.73 47.45
CA ALA AA 114 -24.14 52.83 47.04
C ALA AA 114 -25.47 53.55 46.90
N GLU AA 115 -25.52 54.86 47.13
CA GLU AA 115 -26.61 55.68 46.62
C GLU AA 115 -26.16 56.52 45.45
N SER AA 116 -25.10 57.30 45.65
CA SER AA 116 -24.49 58.01 44.53
C SER AA 116 -24.07 57.04 43.44
N ALA AA 117 -23.51 55.89 43.84
CA ALA AA 117 -23.08 54.92 42.84
C ALA AA 117 -24.26 54.45 41.99
N ARG AA 118 -25.34 54.04 42.63
CA ARG AA 118 -26.50 53.55 41.89
C ARG AA 118 -27.06 54.63 40.98
N GLN AA 119 -27.21 55.85 41.51
CA GLN AA 119 -27.76 56.93 40.73
C GLN AA 119 -26.93 57.23 39.50
N ASN AA 120 -25.62 57.41 39.70
CA ASN AA 120 -24.75 57.75 38.58
C ASN AA 120 -24.71 56.63 37.56
N GLY AA 121 -24.64 55.38 38.01
CA GLY AA 121 -24.62 54.28 37.06
C GLY AA 121 -25.87 54.26 36.21
N LEU AA 122 -27.03 54.44 36.84
CA LEU AA 122 -28.27 54.41 36.09
C LEU AA 122 -28.32 55.55 35.08
N VAL AA 123 -27.94 56.76 35.49
CA VAL AA 123 -27.99 57.89 34.58
C VAL AA 123 -27.08 57.66 33.38
N LEU AA 124 -25.84 57.24 33.65
CA LEU AA 124 -24.88 57.06 32.56
C LEU AA 124 -25.33 55.97 31.60
N ASN AA 125 -25.81 54.85 32.14
CA ASN AA 125 -26.25 53.77 31.26
C ASN AA 125 -27.42 54.20 30.39
N GLN AA 126 -28.36 54.93 30.97
CA GLN AA 126 -29.47 55.41 30.16
C GLN AA 126 -29.00 56.36 29.07
N GLN AA 127 -28.06 57.25 29.40
CA GLN AA 127 -27.56 58.18 28.41
C GLN AA 127 -26.96 57.43 27.23
N PHE AA 128 -26.07 56.47 27.50
CA PHE AA 128 -25.49 55.69 26.41
C PHE AA 128 -26.54 54.94 25.63
N ASN AA 129 -27.50 54.32 26.32
CA ASN AA 129 -28.48 53.51 25.61
C ASN AA 129 -29.32 54.34 24.65
N THR AA 130 -29.76 55.53 25.08
CA THR AA 130 -30.72 56.28 24.29
C THR AA 130 -30.08 57.38 23.46
N LYS AA 131 -29.40 58.33 24.10
CA LYS AA 131 -29.02 59.55 23.41
C LYS AA 131 -27.97 59.28 22.33
N LEU AA 132 -26.91 58.56 22.68
CA LEU AA 132 -25.87 58.22 21.73
C LEU AA 132 -26.25 56.92 21.02
N ASN AA 133 -25.78 56.77 19.79
CA ASN AA 133 -26.07 55.56 19.04
C ASN AA 133 -25.48 54.34 19.73
N LYS AA 134 -24.21 54.42 20.09
CA LYS AA 134 -23.42 53.37 20.71
C LYS AA 134 -23.13 52.25 19.73
N GLN AA 135 -23.97 52.11 18.71
CA GLN AA 135 -23.78 51.03 17.75
C GLN AA 135 -22.83 51.47 16.65
N ARG AA 136 -23.20 52.55 15.95
CA ARG AA 136 -22.28 53.20 15.04
C ARG AA 136 -20.99 53.54 15.76
N PHE AA 137 -21.09 53.97 17.01
CA PHE AA 137 -19.89 54.37 17.75
C PHE AA 137 -18.94 53.19 17.94
N ILE AA 138 -19.44 52.07 18.45
CA ILE AA 138 -18.55 50.93 18.68
C ILE AA 138 -18.00 50.43 17.37
N ASP AA 139 -18.82 50.39 16.32
CA ASP AA 139 -18.34 49.89 15.04
C ASP AA 139 -17.20 50.73 14.50
N GLU AA 140 -17.38 52.05 14.46
CA GLU AA 140 -16.32 52.91 13.96
C GLU AA 140 -15.09 52.82 14.86
N TYR AA 141 -15.31 52.77 16.17
CA TYR AA 141 -14.22 52.61 17.12
C TYR AA 141 -13.33 51.43 16.74
N VAL AA 142 -13.90 50.23 16.72
CA VAL AA 142 -13.08 49.05 16.48
C VAL AA 142 -12.48 49.06 15.09
N ARG AA 143 -13.24 49.54 14.09
CA ARG AA 143 -12.72 49.47 12.73
C ARG AA 143 -11.53 50.39 12.55
N ALA AA 144 -11.65 51.63 13.01
CA ALA AA 144 -10.51 52.54 12.93
C ALA AA 144 -9.33 51.98 13.68
N GLY AA 145 -9.57 51.43 14.87
CA GLY AA 145 -8.47 50.86 15.63
C GLY AA 145 -7.76 49.74 14.89
N VAL AA 146 -8.53 48.86 14.25
CA VAL AA 146 -7.93 47.70 13.61
C VAL AA 146 -7.12 48.12 12.40
N ASP AA 147 -7.68 48.96 11.54
CA ASP AA 147 -7.03 49.20 10.26
C ASP AA 147 -6.32 50.55 10.17
N GLU AA 148 -6.11 51.25 11.29
CA GLU AA 148 -5.32 52.46 11.25
C GLU AA 148 -4.27 52.55 12.34
N GLY AA 149 -4.35 51.74 13.39
CA GLY AA 149 -3.34 51.72 14.42
C GLY AA 149 -3.62 52.62 15.60
N THR AA 150 -4.48 53.62 15.44
CA THR AA 150 -4.75 54.52 16.56
C THR AA 150 -6.19 54.99 16.49
N ILE AA 151 -6.73 55.32 17.65
CA ILE AA 151 -8.07 55.86 17.77
C ILE AA 151 -7.98 57.18 18.52
N ILE AA 152 -8.55 58.23 17.96
CA ILE AA 152 -8.77 59.48 18.66
C ILE AA 152 -10.27 59.60 18.88
N VAL AA 153 -10.67 60.06 20.06
CA VAL AA 153 -12.07 60.24 20.39
C VAL AA 153 -12.25 61.61 21.02
N LYS AA 154 -13.22 62.37 20.54
CA LYS AA 154 -13.50 63.71 21.06
C LYS AA 154 -14.76 63.66 21.91
N VAL AA 155 -14.66 64.20 23.12
CA VAL AA 155 -15.76 64.21 24.08
C VAL AA 155 -16.16 65.65 24.31
N GLY AA 156 -17.45 65.94 24.20
CA GLY AA 156 -17.92 67.30 24.37
C GLY AA 156 -19.33 67.30 24.95
N TRP AA 157 -19.87 68.49 25.12
CA TRP AA 157 -21.21 68.67 25.66
C TRP AA 157 -22.04 69.50 24.70
N ASN AA 158 -23.30 69.13 24.53
CA ASN AA 158 -24.22 69.84 23.68
C ASN AA 158 -25.34 70.44 24.52
N TYR AA 159 -25.69 71.70 24.22
CA TYR AA 159 -26.65 72.43 25.03
C TYR AA 159 -27.36 73.44 24.11
N GLN AA 160 -28.56 73.08 23.68
CA GLN AA 160 -29.35 73.92 22.78
C GLN AA 160 -30.58 74.43 23.51
N SER AA 161 -30.95 75.68 23.27
CA SER AA 161 -32.01 76.33 24.01
C SER AA 161 -32.53 77.50 23.17
N ARG AA 162 -33.17 78.47 23.84
CA ARG AA 162 -33.75 79.73 23.35
C ARG AA 162 -35.16 79.54 22.81
N THR AA 163 -35.70 78.33 22.78
CA THR AA 163 -37.02 78.14 22.22
C THR AA 163 -38.07 78.65 23.20
N VAL AA 164 -38.40 79.94 23.11
CA VAL AA 164 -39.20 80.60 24.13
C VAL AA 164 -40.64 80.12 24.04
N LYS AA 165 -41.32 80.06 25.19
CA LYS AA 165 -42.74 79.79 25.28
C LYS AA 165 -43.44 80.98 25.92
N GLU AA 166 -44.78 80.92 25.98
CA GLU AA 166 -45.56 82.12 26.32
C GLU AA 166 -46.78 81.73 27.13
N GLN AA 167 -47.62 82.73 27.40
CA GLN AA 167 -48.96 82.59 27.95
C GLN AA 167 -48.95 81.96 29.34
N VAL AA 168 -48.38 82.70 30.29
CA VAL AA 168 -48.53 82.34 31.70
C VAL AA 168 -49.92 82.74 32.19
N VAL AA 169 -50.33 82.18 33.32
CA VAL AA 169 -51.61 82.53 33.92
C VAL AA 169 -51.39 83.02 35.36
N THR AA 170 -52.46 83.37 36.04
CA THR AA 170 -52.39 83.89 37.40
C THR AA 170 -53.51 83.29 38.24
N TYR AA 171 -53.18 82.93 39.47
CA TYR AA 171 -54.14 82.38 40.41
C TYR AA 171 -54.29 83.31 41.60
N GLU AA 172 -55.52 83.64 41.94
CA GLU AA 172 -55.80 84.43 43.13
C GLU AA 172 -55.94 83.53 44.35
N MET AA 173 -55.48 84.02 45.49
CA MET AA 173 -55.57 83.23 46.71
C MET AA 173 -57.01 83.23 47.22
N MET AA 174 -57.37 82.19 47.96
CA MET AA 174 -58.73 82.11 48.50
C MET AA 174 -58.72 81.29 49.78
N PRO AA 175 -59.33 81.81 50.85
CA PRO AA 175 -59.26 81.11 52.14
C PRO AA 175 -60.32 80.03 52.36
N ASP AA 176 -60.89 79.49 51.30
CA ASP AA 176 -61.88 78.43 51.43
C ASP AA 176 -61.18 77.11 51.70
N SER AA 177 -61.55 76.47 52.82
CA SER AA 177 -61.01 75.16 53.18
C SER AA 177 -62.18 74.19 53.38
N SER AA 178 -61.97 72.94 52.96
CA SER AA 178 -63.00 71.93 53.05
C SER AA 178 -62.33 70.57 53.24
N GLU AA 179 -63.08 69.50 53.01
CA GLU AA 179 -62.60 68.14 53.24
C GLU AA 179 -61.95 67.55 52.00
N GLU AA 180 -62.54 67.81 50.83
CA GLU AA 180 -61.97 67.32 49.58
C GLU AA 180 -60.61 67.92 49.33
N LEU AA 181 -60.44 69.20 49.66
CA LEU AA 181 -59.13 69.83 49.53
C LEU AA 181 -58.11 69.13 50.41
N ALA AA 182 -58.49 68.77 51.64
CA ALA AA 182 -57.57 68.06 52.51
C ALA AA 182 -57.19 66.71 51.92
N GLN AA 183 -58.17 65.97 51.40
CA GLN AA 183 -57.87 64.67 50.79
C GLN AA 183 -56.91 64.83 49.61
N ILE AA 184 -57.22 65.75 48.71
CA ILE AA 184 -56.40 65.92 47.51
C ILE AA 184 -55.00 66.35 47.88
N TYR AA 185 -54.89 67.27 48.85
CA TYR AA 185 -53.57 67.74 49.27
C TYR AA 185 -52.78 66.64 49.94
N GLN AA 186 -53.44 65.78 50.73
CA GLN AA 186 -52.75 64.64 51.32
C GLN AA 186 -52.22 63.71 50.23
N THR AA 187 -53.05 63.42 49.22
CA THR AA 187 -52.60 62.55 48.14
C THR AA 187 -51.44 63.17 47.39
N ALA AA 188 -51.50 64.46 47.11
CA ALA AA 188 -50.42 65.13 46.40
C ALA AA 188 -49.14 65.12 47.21
N ALA AA 189 -49.24 65.31 48.52
CA ALA AA 189 -48.06 65.22 49.37
C ALA AA 189 -47.46 63.83 49.32
N GLN AA 190 -48.32 62.81 49.34
CA GLN AA 190 -47.82 61.43 49.24
C GLN AA 190 -47.10 61.21 47.93
N ILE AA 191 -47.64 61.75 46.84
CA ILE AA 191 -46.98 61.62 45.54
C ILE AA 191 -45.64 62.31 45.55
N ARG AA 192 -45.61 63.57 46.00
CA ARG AA 192 -44.36 64.30 46.06
C ARG AA 192 -43.35 63.60 46.95
N GLU AA 193 -43.82 62.83 47.92
CA GLU AA 193 -42.91 62.09 48.78
C GLU AA 193 -42.31 60.89 48.06
N GLU AA 194 -43.15 60.01 47.52
CA GLU AA 194 -42.65 58.71 47.11
C GLU AA 194 -42.39 58.57 45.61
N SER AA 195 -42.97 59.43 44.78
CA SER AA 195 -42.75 59.41 43.34
C SER AA 195 -42.45 60.82 42.84
N PRO AA 196 -41.28 61.35 43.19
CA PRO AA 196 -41.00 62.75 42.82
C PRO AA 196 -41.01 63.00 41.33
N SER AA 197 -40.81 61.96 40.51
CA SER AA 197 -40.82 62.15 39.08
C SER AA 197 -42.18 62.62 38.59
N GLU AA 198 -43.26 62.08 39.16
CA GLU AA 198 -44.60 62.42 38.71
C GLU AA 198 -45.12 63.71 39.33
N TYR AA 199 -44.46 64.24 40.33
CA TYR AA 199 -44.98 65.42 41.02
C TYR AA 199 -45.18 66.62 40.10
N PRO AA 200 -44.24 66.98 39.22
CA PRO AA 200 -44.50 68.14 38.34
C PRO AA 200 -45.66 67.95 37.40
N GLU AA 201 -46.09 66.71 37.17
CA GLU AA 201 -47.18 66.48 36.23
C GLU AA 201 -48.56 66.73 36.83
N ILE AA 202 -48.64 66.96 38.14
CA ILE AA 202 -49.93 67.27 38.76
C ILE AA 202 -50.31 68.69 38.37
N PRO AA 203 -51.60 69.05 38.41
CA PRO AA 203 -52.00 70.38 37.96
C PRO AA 203 -51.35 71.50 38.76
N GLU AA 204 -51.09 72.60 38.05
CA GLU AA 204 -50.35 73.72 38.64
C GLU AA 204 -51.12 74.35 39.80
N ASP AA 205 -52.43 74.52 39.62
CA ASP AA 205 -53.23 75.17 40.65
C ASP AA 205 -53.19 74.38 41.95
N VAL AA 206 -53.47 73.08 41.87
CA VAL AA 206 -53.49 72.26 43.07
C VAL AA 206 -52.09 72.18 43.66
N ARG AA 207 -51.06 72.16 42.82
CA ARG AA 207 -49.70 72.13 43.33
C ARG AA 207 -49.41 73.38 44.17
N LEU AA 208 -49.67 74.56 43.60
CA LEU AA 208 -49.31 75.78 44.30
C LEU AA 208 -50.18 75.98 45.54
N GLY AA 209 -51.45 75.60 45.46
CA GLY AA 209 -52.26 75.56 46.66
C GLY AA 209 -51.70 74.62 47.71
N LEU AA 210 -51.08 73.52 47.27
CA LEU AA 210 -50.49 72.59 48.21
C LEU AA 210 -49.34 73.22 48.98
N GLU AA 211 -48.42 73.91 48.27
CA GLU AA 211 -47.37 74.52 49.09
C GLU AA 211 -47.90 75.69 49.91
N GLU AA 212 -48.96 76.35 49.44
CA GLU AA 212 -49.59 77.36 50.30
C GLU AA 212 -50.15 76.73 51.56
N THR AA 213 -50.60 75.47 51.47
CA THR AA 213 -51.19 74.79 52.61
C THR AA 213 -50.20 74.59 53.76
N GLU AA 214 -48.90 74.63 53.48
CA GLU AA 214 -47.92 74.70 54.56
C GLU AA 214 -47.34 76.11 54.72
N ALA AA 215 -47.52 76.98 53.73
CA ALA AA 215 -47.19 78.38 53.94
C ALA AA 215 -48.07 79.00 55.02
N ASN AA 216 -49.29 78.50 55.16
CA ASN AA 216 -50.22 78.96 56.20
C ASN AA 216 -51.23 77.85 56.42
N GLY AA 217 -52.38 78.18 57.03
CA GLY AA 217 -53.41 77.19 57.26
C GLY AA 217 -53.97 76.62 55.97
N ILE AA 218 -54.85 75.63 56.13
CA ILE AA 218 -55.40 74.85 55.02
C ILE AA 218 -56.40 75.68 54.23
N GLN AA 219 -56.65 76.91 54.69
CA GLN AA 219 -57.65 77.74 54.03
C GLN AA 219 -57.34 77.95 52.55
N VAL AA 220 -56.08 77.86 52.17
CA VAL AA 220 -55.68 78.21 50.81
C VAL AA 220 -56.44 77.38 49.79
N ARG AA 221 -56.92 78.05 48.74
CA ARG AA 221 -57.57 77.34 47.64
C ARG AA 221 -57.14 77.79 46.25
N ALA AA 222 -56.60 79.01 46.09
CA ALA AA 222 -55.90 79.43 44.86
C ALA AA 222 -56.82 79.38 43.63
N VAL AA 223 -57.81 80.26 43.65
CA VAL AA 223 -58.70 80.42 42.49
C VAL AA 223 -57.94 81.08 41.36
N PRO AA 224 -58.14 80.66 40.10
CA PRO AA 224 -57.41 81.29 39.00
C PRO AA 224 -57.93 82.67 38.65
N VAL AA 225 -57.07 83.44 37.97
CA VAL AA 225 -57.46 84.74 37.43
C VAL AA 225 -57.13 84.82 35.94
N GLY AA 226 -55.87 84.64 35.60
CA GLY AA 226 -55.44 84.69 34.21
C GLY AA 226 -54.54 85.88 33.93
N SER AA 227 -53.62 85.69 32.99
CA SER AA 227 -52.64 86.70 32.59
C SER AA 227 -52.00 86.25 31.28
N GLU AA 228 -50.91 86.90 30.90
CA GLU AA 228 -50.13 86.49 29.74
C GLU AA 228 -48.74 87.10 29.83
N GLU AA 229 -47.73 86.34 29.43
CA GLU AA 229 -46.34 86.79 29.47
C GLU AA 229 -45.48 85.82 28.68
N GLU AA 230 -44.34 86.31 28.20
CA GLU AA 230 -43.48 85.60 27.24
C GLU AA 230 -42.05 85.54 27.76
N GLU AA 231 -41.67 84.41 28.34
CA GLU AA 231 -40.36 84.20 28.96
C GLU AA 231 -40.06 82.70 28.98
N ARG AA 232 -39.13 82.31 29.86
CA ARG AA 232 -38.84 80.92 30.24
C ARG AA 232 -38.46 80.08 29.02
N GLU AA 233 -37.28 80.41 28.49
CA GLU AA 233 -36.68 79.62 27.43
C GLU AA 233 -36.52 78.17 27.88
N GLU AA 234 -36.81 77.25 26.97
CA GLU AA 234 -36.71 75.82 27.24
C GLU AA 234 -35.41 75.25 26.70
N THR AA 235 -34.84 74.32 27.45
CA THR AA 235 -33.63 73.62 27.04
C THR AA 235 -34.07 72.49 26.13
N VAL AA 236 -34.01 72.74 24.82
CA VAL AA 236 -34.38 71.70 23.87
C VAL AA 236 -33.37 70.57 23.86
N GLU AA 237 -32.09 70.86 24.14
CA GLU AA 237 -31.06 69.85 24.13
C GLU AA 237 -30.07 70.11 25.24
N ASN AA 238 -29.76 69.07 26.02
CA ASN AA 238 -28.76 69.18 27.08
C ASN AA 238 -28.24 67.77 27.34
N HIS AA 239 -27.04 67.47 26.83
CA HIS AA 239 -26.53 66.11 26.95
C HIS AA 239 -25.06 66.05 26.57
N PRO AA 240 -24.39 64.91 26.73
CA PRO AA 240 -23.03 64.77 26.23
C PRO AA 240 -23.01 64.36 24.77
N THR AA 241 -21.81 64.40 24.18
CA THR AA 241 -21.59 64.04 22.80
C THR AA 241 -20.22 63.41 22.67
N VAL AA 242 -20.11 62.43 21.78
CA VAL AA 242 -18.87 61.70 21.57
C VAL AA 242 -18.72 61.40 20.09
N GLN AA 243 -17.68 61.96 19.47
CA GLN AA 243 -17.41 61.75 18.06
C GLN AA 243 -16.07 61.07 17.95
N VAL AA 244 -15.82 60.32 16.86
CA VAL AA 244 -14.58 59.58 16.91
C VAL AA 244 -13.42 60.48 16.53
N CYS AA 245 -13.16 60.63 15.22
CA CYS AA 245 -12.54 61.74 14.51
C CYS AA 245 -12.06 61.22 13.17
N ASP AA 246 -11.53 62.09 12.33
CA ASP AA 246 -10.66 61.65 11.24
C ASP AA 246 -9.22 61.92 11.62
N TYR AA 247 -8.33 61.05 11.17
CA TYR AA 247 -6.92 61.17 11.53
C TYR AA 247 -6.16 62.15 10.66
N ASN AA 248 -6.81 62.76 9.67
CA ASN AA 248 -6.14 63.74 8.82
C ASN AA 248 -6.30 65.17 9.29
N ASN AA 249 -7.16 65.42 10.28
CA ASN AA 249 -7.49 66.79 10.68
C ASN AA 249 -7.06 67.09 12.10
N ILE AA 250 -6.16 66.31 12.66
CA ILE AA 250 -5.77 66.41 14.06
C ILE AA 250 -4.26 66.45 14.15
N VAL AA 251 -3.74 67.40 14.92
CA VAL AA 251 -2.30 67.57 15.08
C VAL AA 251 -2.00 67.71 16.57
N ILE AA 252 -1.01 66.97 17.05
CA ILE AA 252 -0.71 66.93 18.47
C ILE AA 252 0.73 67.39 18.68
N ASP AA 253 1.00 67.86 19.90
CA ASP AA 253 2.38 68.10 20.30
C ASP AA 253 3.19 66.81 20.10
N PRO AA 254 4.29 66.85 19.36
CA PRO AA 254 5.11 65.65 19.16
C PRO AA 254 6.21 65.45 20.19
N SER AA 255 6.37 66.36 21.13
CA SER AA 255 7.40 66.25 22.15
C SER AA 255 6.94 65.48 23.37
N CYS AA 256 5.69 65.02 23.40
CA CYS AA 256 5.13 64.40 24.58
C CYS AA 256 5.67 63.00 24.84
N GLY AA 257 6.45 62.44 23.93
CA GLY AA 257 6.79 61.03 24.06
C GLY AA 257 5.54 60.23 23.81
N SER AA 258 5.20 59.32 24.72
CA SER AA 258 3.92 58.64 24.68
C SER AA 258 3.29 58.72 26.07
N ASP AA 259 2.69 59.86 26.38
CA ASP AA 259 1.89 60.00 27.59
C ASP AA 259 0.50 60.52 27.27
N PHE AA 260 0.46 61.61 26.51
CA PHE AA 260 -0.72 62.41 26.24
C PHE AA 260 -1.23 63.10 27.50
N SER AA 261 -0.64 62.79 28.64
CA SER AA 261 -0.89 63.59 29.83
C SER AA 261 0.08 64.75 29.94
N LYS AA 262 1.09 64.78 29.07
CA LYS AA 262 2.06 65.86 29.06
C LYS AA 262 2.09 66.59 27.73
N ALA AA 263 1.27 66.20 26.77
CA ALA AA 263 1.17 66.95 25.53
C ALA AA 263 0.68 68.36 25.83
N LYS AA 264 1.27 69.34 25.17
CA LYS AA 264 1.01 70.73 25.50
C LYS AA 264 -0.01 71.40 24.59
N PHE AA 265 -0.33 70.81 23.45
CA PHE AA 265 -1.36 71.42 22.61
C PHE AA 265 -1.87 70.41 21.59
N LEU AA 266 -3.14 70.57 21.25
CA LEU AA 266 -3.79 69.78 20.23
C LEU AA 266 -4.64 70.70 19.37
N ILE AA 267 -4.57 70.50 18.05
CA ILE AA 267 -5.26 71.34 17.09
C ILE AA 267 -6.14 70.46 16.21
N GLU AA 268 -7.39 70.83 16.06
CA GLU AA 268 -8.31 70.09 15.22
C GLU AA 268 -8.99 71.01 14.23
N THR AA 269 -9.12 70.55 12.99
CA THR AA 269 -9.82 71.30 11.96
C THR AA 269 -11.09 70.56 11.58
N PHE AA 270 -12.22 71.25 11.60
CA PHE AA 270 -13.47 70.63 11.20
C PHE AA 270 -14.26 71.60 10.35
N GLU AA 271 -15.49 71.21 10.02
CA GLU AA 271 -16.32 71.95 9.09
C GLU AA 271 -17.68 72.21 9.70
N SER AA 272 -18.21 73.42 9.49
CA SER AA 272 -19.50 73.80 10.05
C SER AA 272 -20.10 74.88 9.18
N SER AA 273 -21.16 75.53 9.69
CA SER AA 273 -21.89 76.53 8.94
C SER AA 273 -22.26 77.67 9.86
N TYR AA 274 -22.58 78.81 9.23
CA TYR AA 274 -22.89 80.01 10.00
C TYR AA 274 -24.09 79.81 10.88
N ALA AA 275 -25.14 79.18 10.36
CA ALA AA 275 -26.34 78.96 11.17
C ALA AA 275 -26.04 78.08 12.37
N GLU AA 276 -25.26 77.02 12.16
CA GLU AA 276 -24.93 76.13 13.28
C GLU AA 276 -24.10 76.86 14.33
N LEU AA 277 -23.12 77.65 13.89
CA LEU AA 277 -22.33 78.41 14.85
C LEU AA 277 -23.19 79.37 15.64
N LYS AA 278 -24.12 80.06 14.97
CA LYS AA 278 -24.99 80.98 15.68
C LYS AA 278 -25.89 80.23 16.67
N ALA AA 279 -26.39 79.07 16.26
CA ALA AA 279 -27.26 78.29 17.15
C ALA AA 279 -26.52 77.86 18.40
N ASP AA 280 -25.27 77.40 18.24
CA ASP AA 280 -24.46 77.05 19.40
C ASP AA 280 -23.94 78.35 20.02
N GLY AA 281 -24.59 78.78 21.09
CA GLY AA 281 -24.27 80.09 21.66
C GLY AA 281 -22.96 80.13 22.43
N ARG AA 282 -21.85 80.00 21.73
CA ARG AA 282 -20.55 80.01 22.39
C ARG AA 282 -19.51 80.77 21.58
N TYR AA 283 -19.92 81.80 20.84
CA TYR AA 283 -19.01 82.46 19.94
C TYR AA 283 -19.32 83.95 19.87
N LYS AA 284 -18.33 84.71 19.42
CA LYS AA 284 -18.45 86.14 19.25
C LYS AA 284 -17.89 86.53 17.89
N ASN AA 285 -18.10 87.79 17.52
CA ASN AA 285 -17.61 88.34 16.25
C ASN AA 285 -18.17 87.59 15.05
N LEU AA 286 -19.33 86.97 15.19
CA LEU AA 286 -19.86 86.12 14.13
C LEU AA 286 -20.19 86.90 12.88
N ASP AA 287 -20.28 88.22 12.96
CA ASP AA 287 -20.71 89.04 11.84
C ASP AA 287 -19.56 89.49 10.95
N LYS AA 288 -18.34 89.08 11.24
CA LYS AA 288 -17.17 89.49 10.47
C LYS AA 288 -16.49 88.28 9.86
N ILE AA 289 -17.29 87.35 9.33
CA ILE AA 289 -16.74 86.10 8.82
C ILE AA 289 -16.49 86.16 7.31
N GLN AA 290 -17.35 86.87 6.57
CA GLN AA 290 -17.26 86.94 5.11
C GLN AA 290 -17.38 85.54 4.50
N VAL AA 291 -18.58 84.98 4.65
CA VAL AA 291 -18.87 83.60 4.27
C VAL AA 291 -18.78 83.41 2.76
N GLU AA 292 -18.56 84.49 2.03
CA GLU AA 292 -18.36 84.44 0.59
C GLU AA 292 -16.90 84.18 0.24
N GLY AA 293 -16.14 83.58 1.15
CA GLY AA 293 -14.72 83.37 1.02
C GLY AA 293 -14.31 81.94 0.74
N GLN AA 294 -13.99 81.23 1.81
CA GLN AA 294 -13.22 79.98 1.78
C GLN AA 294 -13.52 79.09 0.59
N ASN AA 295 -14.81 78.88 0.29
CA ASN AA 295 -15.24 77.95 -0.75
C ASN AA 295 -14.72 76.54 -0.53
N LEU AA 296 -14.28 76.25 0.70
CA LEU AA 296 -13.76 74.93 1.05
C LEU AA 296 -12.61 74.51 0.14
N LEU AA 297 -11.78 75.48 -0.24
CA LEU AA 297 -10.64 75.22 -1.12
C LEU AA 297 -9.40 75.81 -0.47
N SER AA 298 -8.78 75.03 0.41
CA SER AA 298 -7.52 75.39 1.02
C SER AA 298 -6.77 74.10 1.37
N GLU AA 299 -5.45 74.22 1.46
CA GLU AA 299 -4.61 73.03 1.58
C GLU AA 299 -4.87 72.25 2.87
N PRO AA 300 -4.62 72.81 4.07
CA PRO AA 300 -4.73 72.01 5.29
C PRO AA 300 -6.16 71.75 5.73
N ASP AA 301 -7.13 72.07 4.86
CA ASP AA 301 -8.51 72.19 5.26
C ASP AA 301 -9.10 70.82 5.61
N TYR AA 302 -10.38 70.85 5.95
CA TYR AA 302 -11.15 69.65 6.22
C TYR AA 302 -11.03 68.72 5.03
N THR AA 303 -10.40 67.57 5.21
CA THR AA 303 -10.38 66.56 4.16
C THR AA 303 -11.76 65.89 4.12
N GLY AA 304 -12.51 66.17 3.05
CA GLY AA 304 -13.89 65.76 2.97
C GLY AA 304 -14.07 64.27 2.96
N PRO AA 305 -15.32 63.82 3.07
CA PRO AA 305 -15.57 62.37 3.08
C PRO AA 305 -15.05 61.66 1.85
N SER AA 306 -15.13 62.30 0.69
CA SER AA 306 -14.66 61.71 -0.55
C SER AA 306 -14.07 62.83 -1.41
N GLU AA 307 -13.85 62.53 -2.68
CA GLU AA 307 -13.36 63.54 -3.61
C GLU AA 307 -14.49 64.27 -4.31
N GLY AA 308 -15.57 63.58 -4.64
CA GLY AA 308 -16.68 64.22 -5.33
C GLY AA 308 -17.32 65.31 -4.51
N VAL AA 309 -17.42 65.11 -3.20
CA VAL AA 309 -18.09 66.05 -2.32
C VAL AA 309 -17.38 67.40 -2.26
N ARG AA 310 -16.14 67.48 -2.73
CA ARG AA 310 -15.43 68.75 -2.73
C ARG AA 310 -16.11 69.78 -3.61
N ASN AA 311 -16.91 69.36 -4.57
CA ASN AA 311 -17.57 70.26 -5.49
C ASN AA 311 -18.98 70.65 -5.04
N PHE AA 312 -19.41 70.20 -3.87
CA PHE AA 312 -20.77 70.45 -3.41
C PHE AA 312 -20.81 71.69 -2.53
N ASP AA 313 -21.89 72.46 -2.67
CA ASP AA 313 -22.08 73.65 -1.84
C ASP AA 313 -23.55 74.02 -1.87
N PHE AA 314 -23.91 74.99 -1.02
CA PHE AA 314 -25.31 75.33 -0.77
C PHE AA 314 -25.73 76.68 -1.31
N GLN AA 315 -24.80 77.63 -1.44
CA GLN AA 315 -25.07 78.97 -1.97
C GLN AA 315 -26.29 79.62 -1.32
N ASP AA 316 -26.35 79.54 0.01
CA ASP AA 316 -27.45 80.14 0.76
C ASP AA 316 -27.02 81.16 1.79
N LYS AA 317 -25.73 81.24 2.11
CA LYS AA 317 -25.16 82.21 3.06
C LYS AA 317 -25.56 81.87 4.49
N SER AA 318 -26.47 80.91 4.65
CA SER AA 318 -26.81 80.40 5.97
C SER AA 318 -26.41 78.95 6.16
N ARG AA 319 -26.24 78.21 5.08
CA ARG AA 319 -25.79 76.83 5.14
C ARG AA 319 -24.50 76.61 4.38
N LYS AA 320 -23.84 77.68 3.94
CA LYS AA 320 -22.56 77.55 3.26
C LYS AA 320 -21.55 76.94 4.21
N ARG AA 321 -20.67 76.09 3.67
CA ARG AA 321 -19.74 75.34 4.48
C ARG AA 321 -18.48 76.15 4.77
N LEU AA 322 -18.00 76.06 6.00
CA LEU AA 322 -16.81 76.78 6.44
C LEU AA 322 -15.82 75.79 7.05
N VAL AA 323 -14.62 76.27 7.31
CA VAL AA 323 -13.57 75.49 7.95
C VAL AA 323 -13.16 76.20 9.23
N VAL AA 324 -13.16 75.47 10.34
CA VAL AA 324 -12.90 76.04 11.66
C VAL AA 324 -11.73 75.32 12.30
N HIS AA 325 -10.82 76.09 12.89
CA HIS AA 325 -9.67 75.56 13.62
C HIS AA 325 -9.89 75.74 15.11
N GLU AA 326 -9.57 74.70 15.87
CA GLU AA 326 -9.62 74.72 17.32
C GLU AA 326 -8.26 74.35 17.87
N TYR AA 327 -7.89 75.02 18.97
CA TYR AA 327 -6.60 74.85 19.61
C TYR AA 327 -6.84 74.72 21.10
N TRP AA 328 -6.65 73.52 21.64
CA TRP AA 328 -6.69 73.31 23.09
C TRP AA 328 -5.26 73.19 23.58
N GLY AA 329 -4.97 73.74 24.75
CA GLY AA 329 -3.64 73.54 25.28
C GLY AA 329 -3.35 74.41 26.48
N TYR AA 330 -2.07 74.63 26.70
CA TYR AA 330 -1.57 75.39 27.84
C TYR AA 330 -0.80 76.59 27.33
N TYR AA 331 -0.90 77.71 28.04
CA TYR AA 331 -0.22 78.91 27.60
C TYR AA 331 0.03 79.80 28.80
N ASP AA 332 0.97 80.74 28.63
CA ASP AA 332 1.33 81.67 29.68
C ASP AA 332 0.53 82.96 29.49
N ILE AA 333 -0.73 82.91 29.91
CA ILE AA 333 -1.64 84.01 29.66
C ILE AA 333 -1.13 85.29 30.33
N HIS AA 334 -0.66 85.19 31.56
CA HIS AA 334 -0.02 86.32 32.19
C HIS AA 334 1.48 86.25 31.96
N GLY AA 335 2.22 87.19 32.52
CA GLY AA 335 3.66 87.14 32.43
C GLY AA 335 4.33 86.32 33.50
N ASP AA 336 3.55 85.68 34.37
CA ASP AA 336 4.11 84.98 35.52
C ASP AA 336 4.91 83.75 35.15
N GLY AA 337 4.86 83.31 33.90
CA GLY AA 337 5.49 82.06 33.55
C GLY AA 337 4.83 80.87 34.20
N VAL AA 338 3.51 80.90 34.32
CA VAL AA 338 2.72 79.77 34.79
C VAL AA 338 1.68 79.46 33.72
N LEU AA 339 1.57 78.20 33.35
CA LEU AA 339 0.69 77.81 32.26
C LEU AA 339 -0.73 77.62 32.76
N HIS AA 340 -1.69 78.02 31.93
CA HIS AA 340 -3.09 77.83 32.22
C HIS AA 340 -3.76 77.10 31.07
N PRO AA 341 -4.81 76.33 31.34
CA PRO AA 341 -5.48 75.58 30.28
C PRO AA 341 -6.46 76.47 29.53
N ILE AA 342 -6.22 76.65 28.23
CA ILE AA 342 -7.02 77.55 27.41
C ILE AA 342 -7.46 76.85 26.13
N VAL AA 343 -8.48 77.43 25.50
CA VAL AA 343 -9.02 77.00 24.23
C VAL AA 343 -9.22 78.23 23.36
N ALA AA 344 -8.83 78.11 22.09
CA ALA AA 344 -8.94 79.19 21.13
C ALA AA 344 -9.46 78.66 19.81
N THR AA 345 -10.45 79.34 19.25
CA THR AA 345 -11.13 78.88 18.05
C THR AA 345 -11.19 80.01 17.05
N TRP AA 346 -10.82 79.74 15.80
CA TRP AA 346 -10.83 80.78 14.79
C TRP AA 346 -11.18 80.20 13.43
N VAL AA 347 -11.68 81.06 12.56
CA VAL AA 347 -12.03 80.72 11.19
C VAL AA 347 -11.41 81.76 10.27
N GLY AA 348 -10.81 81.30 9.17
CA GLY AA 348 -10.19 82.21 8.23
C GLY AA 348 -9.09 83.04 8.88
N ALA AA 349 -9.36 84.32 9.07
CA ALA AA 349 -8.42 85.21 9.76
C ALA AA 349 -9.05 85.90 10.94
N VAL AA 350 -10.20 85.42 11.42
CA VAL AA 350 -10.93 86.06 12.50
C VAL AA 350 -10.95 85.12 13.69
N MET AA 351 -10.60 85.64 14.85
CA MET AA 351 -10.65 84.86 16.08
C MET AA 351 -12.07 84.88 16.61
N ILE AA 352 -12.64 83.71 16.83
CA ILE AA 352 -14.04 83.60 17.23
C ILE AA 352 -14.20 83.30 18.72
N ARG AA 353 -13.22 82.68 19.35
CA ARG AA 353 -13.41 82.28 20.74
C ARG AA 353 -12.05 82.18 21.41
N MET AA 354 -11.94 82.74 22.61
CA MET AA 354 -10.75 82.56 23.43
C MET AA 354 -11.19 82.49 24.88
N GLU AA 355 -10.81 81.41 25.56
CA GLU AA 355 -11.34 81.20 26.90
C GLU AA 355 -10.43 80.24 27.64
N GLU AA 356 -10.60 80.19 28.96
CA GLU AA 356 -9.99 79.12 29.72
C GLU AA 356 -10.81 77.85 29.57
N ASN AA 357 -10.20 76.73 29.89
CA ASN AA 357 -10.84 75.44 29.71
C ASN AA 357 -12.10 75.35 30.56
N PRO AA 358 -13.27 75.11 29.98
CA PRO AA 358 -14.52 75.14 30.74
C PRO AA 358 -14.97 73.81 31.32
N PHE AA 359 -14.30 72.73 31.02
CA PHE AA 359 -14.75 71.45 31.54
C PHE AA 359 -14.34 71.28 33.00
N PRO AA 360 -15.08 70.47 33.77
CA PRO AA 360 -14.78 70.35 35.21
C PRO AA 360 -13.38 69.87 35.47
N ASP AA 361 -12.84 69.02 34.62
CA ASP AA 361 -11.46 68.58 34.72
C ASP AA 361 -10.65 69.36 33.69
N LYS AA 362 -9.71 70.17 34.17
CA LYS AA 362 -9.01 71.07 33.27
C LYS AA 362 -8.03 70.32 32.38
N LYS AA 363 -8.54 69.48 31.50
CA LYS AA 363 -7.72 68.71 30.57
C LYS AA 363 -8.29 68.82 29.17
N ILE AA 364 -7.54 68.28 28.22
CA ILE AA 364 -7.99 68.28 26.83
C ILE AA 364 -9.09 67.25 26.65
N PRO AA 365 -10.21 67.59 26.07
CA PRO AA 365 -11.34 66.66 25.95
C PRO AA 365 -11.19 65.63 24.84
N TYR AA 366 -10.03 64.97 24.80
CA TYR AA 366 -9.76 63.95 23.82
C TYR AA 366 -9.18 62.73 24.50
N VAL AA 367 -9.34 61.58 23.86
CA VAL AA 367 -8.79 60.32 24.34
C VAL AA 367 -8.12 59.61 23.19
N VAL AA 368 -6.87 59.19 23.38
CA VAL AA 368 -6.09 58.55 22.33
C VAL AA 368 -5.72 57.15 22.79
N VAL AA 369 -6.00 56.17 21.94
CA VAL AA 369 -5.71 54.77 22.23
C VAL AA 369 -4.90 54.19 21.09
N SER AA 370 -3.82 53.49 21.42
CA SER AA 370 -2.96 52.89 20.41
C SER AA 370 -3.22 51.40 20.34
N TYR AA 371 -3.50 50.91 19.13
CA TYR AA 371 -3.82 49.50 18.94
C TYR AA 371 -2.66 48.61 19.33
N ILE AA 372 -1.55 48.72 18.60
CA ILE AA 372 -0.32 48.01 18.90
C ILE AA 372 0.73 49.04 19.31
N PRO AA 373 1.28 48.96 20.51
CA PRO AA 373 2.16 50.04 20.98
C PRO AA 373 3.47 50.08 20.21
N ARG AA 374 4.06 51.27 20.19
CA ARG AA 374 5.40 51.49 19.66
C ARG AA 374 6.23 52.19 20.72
N LYS AA 375 7.55 52.04 20.60
CA LYS AA 375 8.45 52.57 21.62
C LYS AA 375 8.39 54.09 21.64
N ARG AA 376 7.80 54.65 22.69
CA ARG AA 376 7.76 56.09 22.93
C ARG AA 376 7.13 56.82 21.75
N ASP AA 377 5.87 56.48 21.48
CA ASP AA 377 5.14 57.14 20.41
C ASP AA 377 3.65 56.96 20.66
N LEU AA 378 2.88 58.00 20.33
CA LEU AA 378 1.44 57.94 20.56
C LEU AA 378 0.77 57.02 19.56
N TYR AA 379 1.10 57.15 18.28
CA TYR AA 379 0.45 56.37 17.24
C TYR AA 379 0.90 54.92 17.31
N GLY AA 380 -0.03 54.01 17.08
CA GLY AA 380 0.24 52.59 17.08
C GLY AA 380 0.59 52.09 15.70
N GLU AA 381 0.41 50.79 15.50
CA GLU AA 381 0.59 50.17 14.21
C GLU AA 381 -0.69 49.43 13.82
N SER AA 382 -1.03 49.49 12.53
CA SER AA 382 -2.20 48.79 12.06
C SER AA 382 -2.00 47.28 12.19
N ASP AA 383 -3.10 46.55 12.15
CA ASP AA 383 -3.05 45.11 12.30
C ASP AA 383 -2.28 44.46 11.16
N GLY AA 384 -2.60 44.83 9.93
CA GLY AA 384 -1.95 44.25 8.78
C GLY AA 384 -0.78 45.06 8.27
N ALA AA 385 0.10 45.49 9.16
CA ALA AA 385 1.27 46.25 8.76
C ALA AA 385 2.43 45.38 8.33
N LEU AA 386 2.34 44.07 8.49
CA LEU AA 386 3.44 43.17 8.16
C LEU AA 386 3.05 42.12 7.13
N LEU AA 387 1.86 42.22 6.55
CA LEU AA 387 1.40 41.23 5.59
C LEU AA 387 1.54 41.68 4.16
N ILE AA 388 2.17 42.83 3.92
CA ILE AA 388 2.24 43.37 2.57
C ILE AA 388 3.00 42.41 1.66
N ASP AA 389 4.13 41.88 2.14
CA ASP AA 389 4.90 40.95 1.33
C ASP AA 389 4.09 39.71 0.99
N ASN AA 390 3.37 39.18 1.97
CA ASN AA 390 2.57 38.00 1.71
C ASN AA 390 1.49 38.28 0.68
N GLN AA 391 0.83 39.42 0.80
CA GLN AA 391 -0.21 39.75 -0.18
C GLN AA 391 0.39 39.86 -1.57
N ARG AA 392 1.54 40.52 -1.69
CA ARG AA 392 2.17 40.67 -3.00
C ARG AA 392 2.55 39.32 -3.59
N ILE AA 393 3.14 38.45 -2.78
CA ILE AA 393 3.57 37.16 -3.30
C ILE AA 393 2.38 36.33 -3.74
N ILE AA 394 1.31 36.30 -2.93
CA ILE AA 394 0.15 35.51 -3.29
C ILE AA 394 -0.46 36.03 -4.58
N GLY AA 395 -0.56 37.36 -4.71
CA GLY AA 395 -1.07 37.92 -5.94
C GLY AA 395 -0.23 37.52 -7.14
N ALA AA 396 1.09 37.59 -7.00
CA ALA AA 396 1.96 37.25 -8.11
C ALA AA 396 1.78 35.80 -8.54
N VAL AA 397 1.74 34.89 -7.57
CA VAL AA 397 1.62 33.48 -7.92
C VAL AA 397 0.28 33.20 -8.59
N THR AA 398 -0.80 33.79 -8.06
CA THR AA 398 -2.10 33.57 -8.67
C THR AA 398 -2.14 34.10 -10.10
N ARG AA 399 -1.57 35.29 -10.32
CA ARG AA 399 -1.54 35.83 -11.67
C ARG AA 399 -0.75 34.91 -12.59
N GLY AA 400 0.35 34.35 -12.10
CA GLY AA 400 1.13 33.44 -12.92
C GLY AA 400 0.33 32.23 -13.34
N MET AA 401 -0.39 31.63 -12.39
CA MET AA 401 -1.18 30.46 -12.73
C MET AA 401 -2.28 30.80 -13.73
N ILE AA 402 -2.95 31.92 -13.54
CA ILE AA 402 -3.97 32.35 -14.49
C ILE AA 402 -3.37 32.50 -15.88
N ASP AA 403 -2.22 33.16 -15.97
CA ASP AA 403 -1.60 33.37 -17.28
C ASP AA 403 -1.28 32.03 -17.94
N THR AA 404 -0.71 31.10 -17.17
CA THR AA 404 -0.37 29.80 -17.73
C THR AA 404 -1.60 29.11 -18.27
N MET AA 405 -2.71 29.15 -17.54
CA MET AA 405 -3.89 28.44 -18.02
C MET AA 405 -4.58 29.17 -19.17
N ALA AA 406 -4.46 30.49 -19.23
CA ALA AA 406 -5.25 31.25 -20.19
C ALA AA 406 -4.55 31.40 -21.53
N ARG AA 407 -3.27 31.72 -21.55
CA ARG AA 407 -2.58 31.90 -22.81
C ARG AA 407 -2.29 30.58 -23.52
N SER AA 408 -2.85 29.48 -23.05
CA SER AA 408 -2.60 28.18 -23.66
C SER AA 408 -3.44 28.05 -24.92
N ALA AA 409 -3.49 26.85 -25.48
CA ALA AA 409 -4.21 26.60 -26.72
C ALA AA 409 -5.37 25.64 -26.51
N ASN AA 410 -5.98 25.68 -25.33
CA ASN AA 410 -7.08 24.77 -25.05
C ASN AA 410 -8.23 24.99 -26.01
N GLY AA 411 -8.79 23.89 -26.50
CA GLY AA 411 -9.95 23.93 -27.35
C GLY AA 411 -9.66 23.70 -28.82
N GLN AA 412 -8.44 23.99 -29.27
CA GLN AA 412 -8.11 23.82 -30.68
C GLN AA 412 -7.67 22.40 -30.95
N VAL AA 413 -7.93 21.94 -32.17
CA VAL AA 413 -7.57 20.60 -32.60
C VAL AA 413 -6.70 20.69 -33.84
N GLY AA 414 -5.59 19.96 -33.84
CA GLY AA 414 -4.65 20.00 -34.95
C GLY AA 414 -4.56 18.65 -35.62
N VAL AA 415 -4.41 18.67 -36.94
CA VAL AA 415 -4.39 17.45 -37.75
C VAL AA 415 -3.12 17.46 -38.59
N MET AA 416 -2.45 16.32 -38.63
CA MET AA 416 -1.26 16.19 -39.48
C MET AA 416 -1.64 16.35 -40.95
N LYS AA 417 -0.86 17.14 -41.67
CA LYS AA 417 -1.08 17.26 -43.10
C LYS AA 417 -0.83 15.92 -43.78
N GLY AA 418 -1.65 15.63 -44.78
CA GLY AA 418 -1.47 14.42 -45.56
C GLY AA 418 -1.99 13.16 -44.91
N ALA AA 419 -2.63 13.25 -43.75
CA ALA AA 419 -3.25 12.07 -43.16
C ALA AA 419 -4.65 11.83 -43.68
N LEU AA 420 -5.36 12.88 -44.07
CA LEU AA 420 -6.70 12.77 -44.60
C LEU AA 420 -6.77 13.48 -45.94
N ASP AA 421 -7.43 12.85 -46.91
CA ASP AA 421 -7.69 13.49 -48.19
C ASP AA 421 -8.83 14.49 -48.02
N VAL AA 422 -9.29 15.09 -49.11
CA VAL AA 422 -10.32 16.11 -49.01
C VAL AA 422 -11.65 15.51 -48.57
N THR AA 423 -12.07 14.43 -49.20
CA THR AA 423 -13.36 13.83 -48.86
C THR AA 423 -13.37 13.33 -47.43
N ASN AA 424 -12.31 12.63 -47.03
CA ASN AA 424 -12.26 12.13 -45.66
C ASN AA 424 -12.15 13.27 -44.66
N ARG AA 425 -11.46 14.34 -45.02
CA ARG AA 425 -11.42 15.51 -44.16
C ARG AA 425 -12.81 16.07 -43.95
N ARG AA 426 -13.59 16.16 -45.03
CA ARG AA 426 -14.94 16.67 -44.90
C ARG AA 426 -15.80 15.75 -44.06
N ARG AA 427 -15.67 14.44 -44.24
CA ARG AA 427 -16.43 13.52 -43.41
C ARG AA 427 -16.07 13.68 -41.95
N PHE AA 428 -14.78 13.77 -41.65
CA PHE AA 428 -14.32 13.91 -40.27
C PHE AA 428 -14.86 15.18 -39.66
N ASP AA 429 -14.86 16.27 -40.41
CA ASP AA 429 -15.45 17.51 -39.89
C ASP AA 429 -16.95 17.36 -39.69
N ARG AA 430 -17.63 16.71 -40.63
CA ARG AA 430 -19.08 16.57 -40.52
C ARG AA 430 -19.46 15.80 -39.27
N GLY AA 431 -18.71 14.76 -38.95
CA GLY AA 431 -18.95 14.04 -37.71
C GLY AA 431 -19.40 12.62 -37.93
N GLU AA 432 -19.13 12.07 -39.10
CA GLU AA 432 -19.45 10.70 -39.41
C GLU AA 432 -18.17 9.87 -39.50
N ASN AA 433 -18.32 8.59 -39.81
CA ASN AA 433 -17.15 7.74 -39.91
C ASN AA 433 -16.31 8.13 -41.12
N TYR AA 434 -15.05 7.75 -41.09
CA TYR AA 434 -14.10 8.22 -42.09
C TYR AA 434 -13.01 7.18 -42.29
N GLU AA 435 -12.01 7.54 -43.07
CA GLU AA 435 -10.88 6.67 -43.36
C GLU AA 435 -9.61 7.49 -43.42
N PHE AA 436 -8.51 6.92 -42.96
CA PHE AA 436 -7.24 7.64 -42.89
C PHE AA 436 -6.16 6.86 -43.60
N ASN AA 437 -5.21 7.58 -44.18
CA ASN AA 437 -4.16 6.96 -44.96
C ASN AA 437 -3.26 6.11 -44.07
N PRO AA 438 -2.66 5.06 -44.62
CA PRO AA 438 -1.83 4.18 -43.81
C PRO AA 438 -0.59 4.89 -43.31
N GLY AA 439 -0.06 4.38 -42.20
CA GLY AA 439 1.12 4.94 -41.60
C GLY AA 439 0.88 6.11 -40.68
N ALA AA 440 -0.36 6.54 -40.48
CA ALA AA 440 -0.67 7.63 -39.58
C ALA AA 440 -1.88 7.22 -38.74
N ASP AA 441 -1.62 6.58 -37.61
CA ASP AA 441 -2.71 6.19 -36.73
C ASP AA 441 -3.31 7.44 -36.09
N PRO AA 442 -4.63 7.47 -35.89
CA PRO AA 442 -5.26 8.70 -35.39
C PRO AA 442 -4.71 9.15 -34.05
N ARG AA 443 -4.36 8.22 -33.16
CA ARG AA 443 -3.94 8.59 -31.83
C ARG AA 443 -2.70 9.48 -31.84
N ALA AA 444 -1.95 9.49 -32.94
CA ALA AA 444 -0.86 10.44 -33.13
C ALA AA 444 -1.15 11.46 -34.21
N ALA AA 445 -2.04 11.16 -35.15
CA ALA AA 445 -2.29 12.08 -36.25
C ALA AA 445 -3.13 13.26 -35.79
N VAL AA 446 -4.10 13.05 -34.92
CA VAL AA 446 -4.94 14.13 -34.43
C VAL AA 446 -4.54 14.41 -32.99
N HIS AA 447 -4.79 15.64 -32.55
CA HIS AA 447 -4.42 16.04 -31.20
C HIS AA 447 -5.34 17.16 -30.76
N MET AA 448 -5.82 17.05 -29.52
CA MET AA 448 -6.79 17.98 -28.98
C MET AA 448 -6.16 18.65 -27.77
N HIS AA 449 -5.75 19.90 -27.92
CA HIS AA 449 -5.03 20.58 -26.84
C HIS AA 449 -5.92 20.77 -25.63
N THR AA 450 -5.31 20.73 -24.46
CA THR AA 450 -6.00 20.93 -23.19
C THR AA 450 -5.17 21.83 -22.31
N PHE AA 451 -5.67 22.10 -21.11
CA PHE AA 451 -4.94 22.94 -20.18
C PHE AA 451 -3.63 22.26 -19.79
N PRO AA 452 -2.57 23.04 -19.61
CA PRO AA 452 -1.31 22.46 -19.16
C PRO AA 452 -1.38 22.00 -17.72
N GLU AA 453 -0.29 21.47 -17.19
CA GLU AA 453 -0.26 20.92 -15.85
C GLU AA 453 0.41 21.89 -14.89
N ILE AA 454 -0.30 22.24 -13.83
CA ILE AA 454 0.29 23.11 -12.80
C ILE AA 454 1.32 22.32 -12.01
N PRO AA 455 2.53 22.82 -11.84
CA PRO AA 455 3.52 22.08 -11.05
C PRO AA 455 3.17 22.11 -9.57
N GLN AA 456 3.73 21.15 -8.86
CA GLN AA 456 3.41 20.96 -7.45
C GLN AA 456 4.04 21.98 -6.57
N SER AA 457 4.62 23.07 -7.05
CA SER AA 457 5.28 24.03 -6.18
C SER AA 457 4.44 25.25 -5.87
N ALA AA 458 3.60 25.68 -6.81
CA ALA AA 458 2.77 26.85 -6.54
C ALA AA 458 1.83 26.61 -5.37
N GLN AA 459 1.25 25.42 -5.31
CA GLN AA 459 0.37 25.09 -4.19
C GLN AA 459 1.11 25.22 -2.87
N TYR AA 460 2.32 24.66 -2.81
CA TYR AA 460 3.09 24.73 -1.59
C TYR AA 460 3.41 26.16 -1.22
N MET AA 461 3.77 26.97 -2.21
CA MET AA 461 4.15 28.35 -1.89
C MET AA 461 2.97 29.13 -1.36
N ILE AA 462 1.80 28.96 -1.96
CA ILE AA 462 0.62 29.66 -1.45
C ILE AA 462 0.31 29.21 -0.03
N ASN AA 463 0.38 27.91 0.22
CA ASN AA 463 0.10 27.44 1.57
C ASN AA 463 1.07 28.03 2.56
N LEU AA 464 2.35 28.10 2.19
CA LEU AA 464 3.35 28.65 3.09
C LEU AA 464 3.06 30.10 3.41
N GLN AA 465 2.76 30.89 2.38
CA GLN AA 465 2.49 32.31 2.62
C GLN AA 465 1.27 32.50 3.51
N GLN AA 466 0.20 31.75 3.24
CA GLN AA 466 -1.01 31.91 4.04
C GLN AA 466 -0.77 31.51 5.49
N ALA AA 467 -0.05 30.41 5.71
CA ALA AA 467 0.25 29.98 7.07
C ALA AA 467 1.07 31.04 7.80
N GLU AA 468 2.04 31.62 7.10
CA GLU AA 468 2.86 32.66 7.74
C GLU AA 468 2.00 33.86 8.13
N ALA AA 469 1.09 34.28 7.25
CA ALA AA 469 0.24 35.41 7.58
C ALA AA 469 -0.64 35.11 8.78
N GLU AA 470 -1.22 33.91 8.82
CA GLU AA 470 -2.06 33.54 9.95
C GLU AA 470 -1.28 33.53 11.24
N SER AA 471 -0.06 33.00 11.20
CA SER AA 471 0.77 33.01 12.40
C SER AA 471 1.09 34.42 12.85
N MET AA 472 1.40 35.30 11.89
CA MET AA 472 1.74 36.67 12.25
C MET AA 472 0.58 37.36 12.93
N THR AA 473 -0.60 37.33 12.32
CA THR AA 473 -1.72 38.07 12.87
C THR AA 473 -2.22 37.43 14.16
N GLY AA 474 -2.41 36.11 14.16
CA GLY AA 474 -2.96 35.43 15.30
C GLY AA 474 -4.42 35.07 15.19
N VAL AA 475 -5.05 35.30 14.05
CA VAL AA 475 -6.44 34.91 13.83
C VAL AA 475 -6.48 33.92 12.67
N LYS AA 476 -7.05 32.75 12.93
CA LYS AA 476 -7.08 31.69 11.93
C LYS AA 476 -8.14 31.92 10.87
N ALA AA 477 -9.18 32.67 11.19
CA ALA AA 477 -10.20 33.09 10.23
C ALA AA 477 -10.98 31.92 9.63
N PHE AA 478 -10.68 30.70 10.06
CA PHE AA 478 -11.33 29.49 9.56
C PHE AA 478 -11.45 29.56 8.04
N ASN AA 479 -10.29 29.62 7.40
CA ASN AA 479 -10.19 30.01 6.01
C ASN AA 479 -9.20 29.07 5.33
N ALA AA 480 -8.73 29.47 4.14
CA ALA AA 480 -7.87 28.62 3.32
C ALA AA 480 -8.53 27.27 3.08
N GLY AA 481 -9.81 27.32 2.78
CA GLY AA 481 -10.63 26.13 2.66
C GLY AA 481 -12.08 26.49 2.93
N ILE AA 482 -12.87 25.48 3.26
CA ILE AA 482 -14.24 25.73 3.65
C ILE AA 482 -14.26 26.59 4.90
N SER AA 483 -15.12 27.62 4.90
CA SER AA 483 -15.23 28.48 6.07
C SER AA 483 -15.59 27.67 7.30
N GLY AA 484 -16.36 26.61 7.12
CA GLY AA 484 -16.52 25.60 8.14
C GLY AA 484 -15.42 24.58 8.06
N ALA AA 485 -14.19 25.00 8.35
CA ALA AA 485 -13.03 24.14 8.19
C ALA AA 485 -13.15 22.89 9.07
N ALA AA 486 -12.44 21.84 8.65
CA ALA AA 486 -12.50 20.53 9.29
C ALA AA 486 -13.93 20.00 9.31
N LEU AA 487 -14.46 19.74 8.11
CA LEU AA 487 -15.81 19.21 7.96
C LEU AA 487 -15.87 17.74 8.34
N GLY AA 488 -15.55 17.50 9.61
CA GLY AA 488 -15.69 16.21 10.25
C GLY AA 488 -14.39 15.45 10.39
N ASP AA 489 -13.74 15.63 11.53
CA ASP AA 489 -12.73 14.71 12.04
C ASP AA 489 -12.84 14.49 13.54
N THR AA 490 -13.47 15.40 14.27
CA THR AA 490 -13.68 15.28 15.71
C THR AA 490 -14.88 16.17 16.05
N ALA AA 491 -15.64 15.75 17.07
CA ALA AA 491 -16.82 16.51 17.45
C ALA AA 491 -16.46 17.94 17.83
N THR AA 492 -15.36 18.12 18.56
CA THR AA 492 -14.93 19.46 18.92
C THR AA 492 -14.35 20.21 17.73
N ALA AA 493 -13.66 19.52 16.84
CA ALA AA 493 -12.99 20.18 15.73
C ALA AA 493 -13.96 20.73 14.69
N VAL AA 494 -15.25 20.38 14.77
CA VAL AA 494 -16.25 21.00 13.92
C VAL AA 494 -17.04 22.07 14.66
N ARG AA 495 -17.03 22.05 16.00
CA ARG AA 495 -17.75 23.07 16.76
C ARG AA 495 -17.13 24.45 16.57
N GLY AA 496 -15.80 24.52 16.44
CA GLY AA 496 -15.15 25.80 16.30
C GLY AA 496 -15.56 26.54 15.04
N ALA AA 497 -15.68 25.82 13.93
CA ALA AA 497 -16.01 26.45 12.66
C ALA AA 497 -17.38 27.11 12.72
N LEU AA 498 -18.38 26.37 13.16
CA LEU AA 498 -19.73 26.93 13.27
C LEU AA 498 -19.75 28.09 14.27
N ASP AA 499 -18.98 27.97 15.34
CA ASP AA 499 -18.89 29.05 16.31
C ASP AA 499 -18.38 30.32 15.67
N ALA AA 500 -17.28 30.23 14.93
CA ALA AA 500 -16.73 31.43 14.29
C ALA AA 500 -17.69 32.00 13.27
N ALA AA 501 -18.34 31.14 12.49
CA ALA AA 501 -19.29 31.64 11.49
C ALA AA 501 -20.43 32.40 12.16
N SER AA 502 -21.01 31.82 13.22
CA SER AA 502 -22.10 32.49 13.91
C SER AA 502 -21.63 33.80 14.52
N LYS AA 503 -20.43 33.81 15.11
CA LYS AA 503 -19.92 35.03 15.71
C LYS AA 503 -19.77 36.11 14.67
N ARG AA 504 -19.36 35.74 13.45
CA ARG AA 504 -19.26 36.75 12.40
C ARG AA 504 -20.64 37.24 11.97
N GLU AA 505 -21.62 36.34 11.87
CA GLU AA 505 -22.96 36.76 11.48
C GLU AA 505 -23.57 37.71 12.50
N LEU AA 506 -23.15 37.57 13.76
CA LEU AA 506 -23.82 38.30 14.84
C LEU AA 506 -23.74 39.81 14.64
N GLY AA 507 -22.63 40.32 14.11
CA GLY AA 507 -22.51 41.76 13.95
C GLY AA 507 -23.53 42.32 12.97
N ILE AA 508 -23.69 41.66 11.83
CA ILE AA 508 -24.69 42.08 10.86
C ILE AA 508 -26.07 42.01 11.48
N LEU AA 509 -26.33 40.92 12.21
CA LEU AA 509 -27.62 40.79 12.86
C LEU AA 509 -27.88 41.96 13.79
N ARG AA 510 -26.86 42.38 14.54
CA ARG AA 510 -27.03 43.47 15.48
C ARG AA 510 -27.31 44.79 14.77
N ARG AA 511 -26.63 45.03 13.64
CA ARG AA 511 -26.90 46.27 12.92
C ARG AA 511 -28.34 46.32 12.44
N LEU AA 512 -28.81 45.22 11.86
CA LEU AA 512 -30.20 45.20 11.39
C LEU AA 512 -31.17 45.36 12.56
N SER AA 513 -30.85 44.74 13.70
CA SER AA 513 -31.70 44.89 14.87
C SER AA 513 -31.78 46.34 15.30
N ALA AA 514 -30.66 47.05 15.27
CA ALA AA 514 -30.67 48.47 15.64
C ALA AA 514 -31.58 49.25 14.72
N GLY AA 515 -31.52 48.97 13.42
CA GLY AA 515 -32.43 49.65 12.51
C GLY AA 515 -33.88 49.41 12.86
N ILE AA 516 -34.23 48.15 13.16
CA ILE AA 516 -35.61 47.84 13.50
C ILE AA 516 -36.04 48.57 14.76
N ILE AA 517 -35.16 48.61 15.76
CA ILE AA 517 -35.47 49.31 17.00
C ILE AA 517 -35.77 50.77 16.73
N GLU AA 518 -34.97 51.40 15.88
CA GLU AA 518 -35.22 52.80 15.56
C GLU AA 518 -36.60 52.99 14.93
N ILE AA 519 -36.94 52.12 13.98
CA ILE AA 519 -38.26 52.20 13.37
C ILE AA 519 -39.34 52.10 14.44
N GLY AA 520 -39.18 51.15 15.35
CA GLY AA 520 -40.19 50.97 16.39
C GLY AA 520 -40.34 52.19 17.27
N ARG AA 521 -39.23 52.82 17.63
CA ARG AA 521 -39.32 54.01 18.46
C ARG AA 521 -40.06 55.13 17.74
N LYS AA 522 -39.78 55.31 16.45
CA LYS AA 522 -40.54 56.32 15.71
C LYS AA 522 -42.03 56.00 15.70
N ILE AA 523 -42.37 54.72 15.53
CA ILE AA 523 -43.78 54.34 15.49
C ILE AA 523 -44.45 54.63 16.82
N ILE AA 524 -43.75 54.34 17.92
CA ILE AA 524 -44.31 54.63 19.24
C ILE AA 524 -44.57 56.13 19.37
N ALA AA 525 -43.59 56.93 18.97
CA ALA AA 525 -43.76 58.38 19.07
C ALA AA 525 -44.99 58.84 18.29
N MET AA 526 -45.19 58.30 17.09
CA MET AA 526 -46.37 58.72 16.33
C MET AA 526 -47.66 58.22 16.98
N ASN AA 527 -47.67 56.99 17.50
CA ASN AA 527 -48.85 56.52 18.20
C ASN AA 527 -49.21 57.40 19.38
N ALA AA 528 -48.20 58.06 19.96
CA ALA AA 528 -48.43 58.80 21.19
C ALA AA 528 -49.56 59.81 21.04
N GLU AA 529 -49.59 60.54 19.94
CA GLU AA 529 -50.55 61.63 19.80
C GLU AA 529 -51.55 61.46 18.68
N PHE AA 530 -51.19 60.83 17.57
CA PHE AA 530 -52.12 60.72 16.45
C PHE AA 530 -53.29 59.79 16.76
N LEU AA 531 -53.21 59.01 17.82
CA LEU AA 531 -54.19 57.97 18.09
C LEU AA 531 -55.02 58.35 19.30
N ASP AA 532 -56.26 57.89 19.33
CA ASP AA 532 -57.23 58.33 20.32
C ASP AA 532 -57.39 57.32 21.45
N ASP AA 533 -57.80 57.83 22.60
CA ASP AA 533 -57.93 56.99 23.79
C ASP AA 533 -58.97 55.91 23.59
N VAL AA 534 -60.09 56.24 22.94
CA VAL AA 534 -61.10 55.21 22.70
C VAL AA 534 -60.56 54.13 21.78
N GLU AA 535 -59.73 54.52 20.81
CA GLU AA 535 -59.12 53.54 19.92
C GLU AA 535 -58.17 52.63 20.67
N VAL AA 536 -57.39 53.19 21.60
CA VAL AA 536 -56.48 52.35 22.37
C VAL AA 536 -57.25 51.43 23.31
N VAL AA 537 -58.33 51.94 23.89
CA VAL AA 537 -59.15 51.12 24.78
C VAL AA 537 -59.78 49.97 24.02
N ARG AA 538 -60.24 50.24 22.79
CA ARG AA 538 -60.86 49.17 22.00
C ARG AA 538 -59.93 47.98 21.84
N ILE AA 539 -58.63 48.21 21.85
CA ILE AA 539 -57.66 47.12 21.73
C ILE AA 539 -57.33 46.53 23.09
N THR AA 540 -56.94 47.37 24.05
CA THR AA 540 -56.38 46.84 25.29
C THR AA 540 -57.45 46.30 26.23
N ASN AA 541 -58.68 46.81 26.15
CA ASN AA 541 -59.74 46.48 27.09
C ASN AA 541 -59.33 46.79 28.53
N GLU AA 542 -58.56 47.85 28.71
CA GLU AA 542 -58.21 48.33 30.04
C GLU AA 542 -58.35 49.83 30.05
N HIS AA 543 -58.45 50.39 31.26
CA HIS AA 543 -58.64 51.82 31.39
C HIS AA 543 -57.44 52.55 30.82
N PHE AA 544 -57.71 53.64 30.11
CA PHE AA 544 -56.64 54.36 29.42
C PHE AA 544 -55.63 54.89 30.41
N VAL AA 545 -54.36 54.68 30.10
CA VAL AA 545 -53.27 55.22 30.89
C VAL AA 545 -52.85 56.55 30.29
N ASP AA 546 -52.75 57.58 31.13
CA ASP AA 546 -52.42 58.89 30.63
C ASP AA 546 -51.02 58.89 30.00
N ILE AA 547 -50.72 59.98 29.31
CA ILE AA 547 -49.50 60.11 28.54
C ILE AA 547 -48.67 61.26 29.09
N ARG AA 548 -47.37 61.05 29.17
CA ARG AA 548 -46.47 62.09 29.66
C ARG AA 548 -46.06 62.99 28.50
N ARG AA 549 -46.26 64.29 28.67
CA ARG AA 549 -46.00 65.22 27.58
C ARG AA 549 -44.53 65.55 27.40
N ASP AA 550 -43.69 65.24 28.40
CA ASP AA 550 -42.27 65.53 28.29
C ASP AA 550 -41.65 64.79 27.12
N ASP AA 551 -41.67 63.46 27.19
CA ASP AA 551 -41.19 62.61 26.12
C ASP AA 551 -42.36 61.83 25.55
N LEU AA 552 -42.32 61.57 24.25
CA LEU AA 552 -43.35 60.76 23.62
C LEU AA 552 -42.82 59.44 23.09
N ALA AA 553 -41.52 59.34 22.83
CA ALA AA 553 -40.92 58.12 22.30
C ALA AA 553 -40.22 57.31 23.38
N GLY AA 554 -40.66 57.44 24.62
CA GLY AA 554 -39.94 56.80 25.70
C GLY AA 554 -38.67 57.56 26.01
N ASN AA 555 -37.52 56.89 25.88
CA ASN AA 555 -36.21 57.51 26.13
C ASN AA 555 -36.05 57.85 27.60
N PHE AA 556 -37.11 57.68 28.38
CA PHE AA 556 -37.09 57.87 29.81
C PHE AA 556 -37.74 56.76 30.58
N ASP AA 557 -38.64 56.00 29.97
CA ASP AA 557 -39.40 55.01 30.71
C ASP AA 557 -39.62 53.70 29.96
N LEU AA 558 -39.08 53.53 28.77
CA LEU AA 558 -39.29 52.32 27.99
C LEU AA 558 -37.98 51.79 27.45
N LYS AA 559 -37.80 50.48 27.57
CA LYS AA 559 -36.68 49.78 26.97
C LYS AA 559 -37.20 48.87 25.87
N LEU AA 560 -36.66 49.02 24.68
CA LEU AA 560 -37.21 48.38 23.48
C LEU AA 560 -36.19 47.39 22.92
N ASP AA 561 -36.63 46.15 22.69
CA ASP AA 561 -35.73 45.13 22.19
C ASP AA 561 -36.52 44.07 21.44
N ILE AA 562 -35.79 43.28 20.66
CA ILE AA 562 -36.40 42.22 19.85
C ILE AA 562 -36.70 41.02 20.74
N SER AA 563 -37.95 40.55 20.69
CA SER AA 563 -38.34 39.41 21.48
C SER AA 563 -38.01 38.12 20.76
N THR AA 564 -37.63 37.11 21.54
CA THR AA 564 -37.33 35.79 20.98
C THR AA 564 -37.79 34.69 21.94
N ALA AA 565 -38.03 33.52 21.35
CA ALA AA 565 -38.66 32.43 22.07
C ALA AA 565 -37.81 31.97 23.25
N GLU AA 566 -36.49 31.95 23.08
CA GLU AA 566 -35.64 31.48 24.16
C GLU AA 566 -35.67 32.43 25.36
N GLU AA 567 -35.71 33.74 25.12
CA GLU AA 567 -35.88 34.66 26.24
C GLU AA 567 -37.25 34.50 26.88
N ASP AA 568 -38.28 34.25 26.08
CA ASP AA 568 -39.58 33.99 26.68
C ASP AA 568 -39.54 32.77 27.59
N ASN AA 569 -38.90 31.70 27.11
CA ASN AA 569 -38.78 30.49 27.93
C ASN AA 569 -37.98 30.77 29.20
N ALA AA 570 -36.92 31.55 29.08
CA ALA AA 570 -36.13 31.88 30.26
C ALA AA 570 -36.98 32.63 31.28
N LYS AA 571 -37.76 33.60 30.82
CA LYS AA 571 -38.61 34.35 31.74
C LYS AA 571 -39.62 33.43 32.41
N VAL AA 572 -40.24 32.54 31.65
CA VAL AA 572 -41.22 31.61 32.23
C VAL AA 572 -40.56 30.72 33.27
N ASN AA 573 -39.38 30.20 32.96
CA ASN AA 573 -38.70 29.31 33.89
C ASN AA 573 -38.34 30.05 35.17
N ASP AA 574 -37.83 31.28 35.04
CA ASP AA 574 -37.48 32.05 36.22
C ASP AA 574 -38.71 32.29 37.09
N LEU AA 575 -39.82 32.67 36.46
CA LEU AA 575 -41.03 32.93 37.22
C LEU AA 575 -41.48 31.67 37.96
N THR AA 576 -41.55 30.54 37.24
CA THR AA 576 -42.01 29.31 37.86
C THR AA 576 -41.12 28.92 39.03
N PHE AA 577 -39.80 28.90 38.81
CA PHE AA 577 -38.89 28.48 39.85
C PHE AA 577 -38.99 29.38 41.06
N MET AA 578 -39.00 30.68 40.84
CA MET AA 578 -38.86 31.58 41.96
C MET AA 578 -40.17 31.69 42.73
N LEU AA 579 -41.30 31.49 42.05
CA LEU AA 579 -42.56 31.29 42.75
C LEU AA 579 -42.52 30.03 43.58
N GLN AA 580 -42.09 28.91 43.00
CA GLN AA 580 -42.17 27.65 43.73
C GLN AA 580 -41.25 27.66 44.94
N THR AA 581 -40.12 28.37 44.85
CA THR AA 581 -39.25 28.57 46.00
C THR AA 581 -38.97 30.07 46.12
N MET AA 582 -39.91 30.80 46.68
CA MET AA 582 -39.69 32.17 47.13
C MET AA 582 -39.60 32.28 48.64
N GLY AA 583 -40.61 31.80 49.35
CA GLY AA 583 -40.59 31.85 50.79
C GLY AA 583 -41.96 32.14 51.38
N PRO AA 584 -42.02 32.24 52.70
CA PRO AA 584 -43.31 32.46 53.36
C PRO AA 584 -43.73 33.91 53.34
N ASN AA 585 -43.08 34.73 52.52
CA ASN AA 585 -43.36 36.15 52.45
C ASN AA 585 -44.83 36.41 52.24
N MET AA 586 -45.33 37.47 52.87
CA MET AA 586 -46.76 37.74 52.89
C MET AA 586 -47.16 38.38 51.57
N ASP AA 587 -48.37 38.95 51.55
CA ASP AA 587 -48.98 39.54 50.37
C ASP AA 587 -49.17 38.47 49.30
N PRO AA 588 -50.06 37.50 49.54
CA PRO AA 588 -50.30 36.47 48.51
C PRO AA 588 -50.90 37.04 47.25
N MET AA 589 -51.41 38.28 47.31
CA MET AA 589 -51.78 38.98 46.09
C MET AA 589 -50.64 38.95 45.09
N MET AA 590 -49.40 39.10 45.58
CA MET AA 590 -48.25 39.09 44.68
C MET AA 590 -48.10 37.73 43.99
N ALA AA 591 -48.26 36.64 44.75
CA ALA AA 591 -48.18 35.32 44.14
C ALA AA 591 -49.26 35.14 43.10
N GLN AA 592 -50.46 35.66 43.38
CA GLN AA 592 -51.52 35.61 42.37
C GLN AA 592 -51.13 36.38 41.12
N GLN AA 593 -50.54 37.57 41.29
CA GLN AA 593 -50.11 38.34 40.13
C GLN AA 593 -49.12 37.54 39.30
N ILE AA 594 -48.15 36.92 39.96
CA ILE AA 594 -47.15 36.13 39.23
C ILE AA 594 -47.82 35.01 38.45
N MET AA 595 -48.66 34.23 39.13
CA MET AA 595 -49.28 33.07 38.49
C MET AA 595 -50.13 33.51 37.30
N GLY AA 596 -50.84 34.64 37.45
CA GLY AA 596 -51.58 35.18 36.33
C GLY AA 596 -50.67 35.57 35.18
N GLN AA 597 -49.48 36.06 35.50
CA GLN AA 597 -48.55 36.39 34.43
C GLN AA 597 -48.08 35.14 33.68
N ILE AA 598 -47.85 34.05 34.40
CA ILE AA 598 -47.52 32.81 33.68
C ILE AA 598 -48.68 32.37 32.79
N MET AA 599 -49.91 32.43 33.31
CA MET AA 599 -51.07 32.18 32.45
C MET AA 599 -51.03 33.03 31.19
N GLU AA 600 -50.83 34.34 31.35
CA GLU AA 600 -50.89 35.23 30.20
C GLU AA 600 -49.77 34.91 29.20
N LEU AA 601 -48.58 34.63 29.71
CA LEU AA 601 -47.49 34.24 28.83
C LEU AA 601 -47.79 32.94 28.11
N LYS AA 602 -48.55 32.06 28.73
CA LYS AA 602 -48.94 30.80 28.10
C LYS AA 602 -50.26 30.91 27.36
N LYS AA 603 -50.78 32.13 27.21
CA LYS AA 603 -51.91 32.42 26.31
C LYS AA 603 -53.20 31.77 26.79
N MET AA 604 -53.57 32.04 28.04
CA MET AA 604 -54.92 31.79 28.54
C MET AA 604 -55.37 33.03 29.31
N PRO AA 605 -55.64 34.12 28.61
CA PRO AA 605 -55.93 35.39 29.29
C PRO AA 605 -57.13 35.32 30.20
N ASP AA 606 -58.15 34.55 29.86
CA ASP AA 606 -59.31 34.42 30.74
C ASP AA 606 -58.91 33.85 32.10
N PHE AA 607 -58.16 32.74 32.08
CA PHE AA 607 -57.66 32.17 33.32
C PHE AA 607 -56.76 33.17 34.05
N ALA AA 608 -55.93 33.89 33.29
CA ALA AA 608 -55.04 34.86 33.92
C ALA AA 608 -55.83 35.91 34.70
N LYS AA 609 -56.84 36.49 34.05
CA LYS AA 609 -57.62 37.51 34.73
C LYS AA 609 -58.35 36.93 35.93
N ARG AA 610 -58.93 35.75 35.76
CA ARG AA 610 -59.70 35.16 36.85
C ARG AA 610 -58.82 34.90 38.05
N ILE AA 611 -57.61 34.37 37.82
CA ILE AA 611 -56.71 34.10 38.93
C ILE AA 611 -56.26 35.41 39.58
N ARG AA 612 -55.82 36.37 38.79
CA ARG AA 612 -55.27 37.58 39.37
C ARG AA 612 -56.33 38.37 40.12
N GLU AA 613 -57.59 38.25 39.74
CA GLU AA 613 -58.65 38.92 40.47
C GLU AA 613 -59.30 38.04 41.52
N PHE AA 614 -58.89 36.77 41.61
CA PHE AA 614 -59.49 35.87 42.59
C PHE AA 614 -59.16 36.32 44.00
N GLN AA 615 -60.17 36.30 44.87
CA GLN AA 615 -60.01 36.69 46.26
C GLN AA 615 -60.18 35.48 47.16
N PRO AA 616 -59.14 35.02 47.85
CA PRO AA 616 -59.30 33.90 48.78
C PRO AA 616 -60.20 34.26 49.94
N GLN AA 617 -60.90 33.26 50.46
CA GLN AA 617 -61.81 33.43 51.59
C GLN AA 617 -61.52 32.36 52.62
N PRO AA 618 -61.46 32.77 53.89
CA PRO AA 618 -61.18 31.84 54.97
C PRO AA 618 -62.44 31.07 55.38
N ASP AA 619 -62.23 29.95 56.07
CA ASP AA 619 -63.32 29.11 56.52
C ASP AA 619 -63.81 29.60 57.89
N PRO AA 620 -64.65 28.79 58.55
CA PRO AA 620 -65.17 29.11 59.86
C PRO AA 620 -64.41 28.40 60.98
N ILE AA 621 -63.12 28.19 60.81
CA ILE AA 621 -62.30 27.56 61.83
C ILE AA 621 -61.75 28.56 62.84
N ALA AA 622 -61.91 29.86 62.61
CA ALA AA 622 -61.55 30.84 63.63
C ALA AA 622 -62.35 30.64 64.91
N GLN AA 623 -63.51 30.01 64.80
CA GLN AA 623 -64.25 29.60 65.99
C GLN AA 623 -63.36 28.77 66.91
N GLN AA 624 -62.56 27.88 66.32
CA GLN AA 624 -61.67 27.05 67.14
C GLN AA 624 -60.71 27.90 67.94
N LYS AA 625 -60.10 28.89 67.30
CA LYS AA 625 -59.16 29.76 68.01
C LYS AA 625 -59.86 30.52 69.12
N ALA AA 626 -61.05 31.06 68.84
CA ALA AA 626 -61.77 31.78 69.88
C ALA AA 626 -62.11 30.86 71.05
N GLN AA 627 -62.56 29.65 70.77
CA GLN AA 627 -62.97 28.75 71.83
C GLN AA 627 -61.78 28.28 72.65
N LEU AA 628 -60.64 28.03 72.02
CA LEU AA 628 -59.48 27.64 72.81
C LEU AA 628 -58.94 28.81 73.62
N GLU AA 629 -59.08 30.04 73.11
CA GLU AA 629 -58.76 31.20 73.92
C GLU AA 629 -59.63 31.24 75.17
N LEU AA 630 -60.91 30.97 75.01
CA LEU AA 630 -61.79 30.94 76.18
C LEU AA 630 -61.42 29.79 77.11
N MET AA 631 -61.12 28.61 76.55
CA MET AA 631 -60.51 27.52 77.31
C MET AA 631 -59.46 28.04 78.27
N LEU AA 632 -58.41 28.64 77.71
CA LEU AA 632 -57.28 29.05 78.52
C LEU AA 632 -57.68 30.11 79.53
N LEU AA 633 -58.45 31.10 79.10
CA LEU AA 633 -58.80 32.20 80.00
C LEU AA 633 -59.54 31.68 81.23
N GLN AA 634 -60.55 30.85 80.99
CA GLN AA 634 -61.34 30.34 82.11
C GLN AA 634 -60.52 29.36 82.95
N ALA AA 635 -59.77 28.47 82.31
CA ALA AA 635 -58.97 27.51 83.06
C ALA AA 635 -57.97 28.21 83.95
N GLN AA 636 -57.51 29.41 83.57
CA GLN AA 636 -56.57 30.05 84.48
C GLN AA 636 -57.26 30.89 85.54
N ILE AA 637 -58.07 31.88 85.15
CA ILE AA 637 -58.66 32.74 86.17
C ILE AA 637 -59.57 31.94 87.09
N GLU AA 638 -60.43 31.12 86.50
CA GLU AA 638 -61.51 30.52 87.28
C GLU AA 638 -60.99 29.39 88.16
N ALA AA 639 -60.08 28.58 87.65
CA ALA AA 639 -59.67 27.40 88.42
C ALA AA 639 -58.64 27.75 89.49
N GLU AA 640 -57.48 28.24 89.07
CA GLU AA 640 -56.31 28.22 89.95
C GLU AA 640 -56.47 29.20 91.10
N ARG AA 641 -56.88 30.43 90.81
CA ARG AA 641 -57.04 31.43 91.86
C ARG AA 641 -58.07 30.96 92.88
N ALA AA 642 -59.15 30.36 92.40
CA ALA AA 642 -60.17 29.83 93.30
C ALA AA 642 -59.59 28.73 94.19
N ARG AA 643 -58.76 27.85 93.62
CA ARG AA 643 -58.13 26.82 94.43
C ARG AA 643 -57.26 27.43 95.50
N ALA AA 644 -56.50 28.47 95.15
CA ALA AA 644 -55.66 29.13 96.15
C ALA AA 644 -56.51 29.69 97.27
N ALA AA 645 -57.58 30.38 96.94
CA ALA AA 645 -58.44 30.95 97.97
C ALA AA 645 -58.98 29.86 98.88
N HIS AA 646 -59.42 28.74 98.28
CA HIS AA 646 -59.96 27.65 99.07
C HIS AA 646 -58.92 27.10 100.03
N TYR AA 647 -57.70 26.91 99.56
CA TYR AA 647 -56.68 26.32 100.42
C TYR AA 647 -56.30 27.26 101.55
N MET AA 648 -56.17 28.56 101.27
CA MET AA 648 -55.87 29.49 102.36
C MET AA 648 -56.98 29.50 103.39
N SER AA 649 -58.23 29.47 102.94
CA SER AA 649 -59.33 29.42 103.88
C SER AA 649 -59.25 28.17 104.74
N GLY AA 650 -58.93 27.03 104.14
CA GLY AA 650 -58.79 25.82 104.92
C GLY AA 650 -57.69 25.92 105.96
N ALA AA 651 -56.55 26.51 105.58
CA ALA AA 651 -55.46 26.67 106.53
C ALA AA 651 -55.89 27.52 107.72
N GLY AA 652 -56.57 28.64 107.43
CA GLY AA 652 -57.08 29.46 108.52
C GLY AA 652 -58.02 28.69 109.42
N LEU AA 653 -58.87 27.85 108.83
CA LEU AA 653 -59.81 27.07 109.64
C LEU AA 653 -59.08 26.12 110.57
N GLN AA 654 -58.04 25.45 110.07
CA GLN AA 654 -57.28 24.55 110.94
C GLN AA 654 -56.64 25.31 112.09
N ASP AA 655 -56.02 26.44 111.77
CA ASP AA 655 -55.39 27.25 112.81
C ASP AA 655 -56.41 27.69 113.85
N SER AA 656 -57.66 27.89 113.44
CA SER AA 656 -58.70 28.18 114.41
C SER AA 656 -59.02 26.95 115.26
N LYS AA 657 -59.14 25.78 114.63
CA LYS AA 657 -59.56 24.58 115.35
C LYS AA 657 -58.57 24.17 116.42
N VAL AA 658 -57.31 24.60 116.31
CA VAL AA 658 -56.33 24.27 117.33
C VAL AA 658 -56.81 24.69 118.72
N GLY AA 659 -57.36 25.91 118.83
CA GLY AA 659 -57.81 26.39 120.13
C GLY AA 659 -58.92 25.55 120.72
N THR AA 660 -59.87 25.13 119.88
CA THR AA 660 -60.93 24.26 120.38
C THR AA 660 -60.36 22.95 120.89
N GLU AA 661 -59.33 22.43 120.22
CA GLU AA 661 -58.68 21.24 120.75
C GLU AA 661 -58.11 21.49 122.13
N GLN AA 662 -57.44 22.62 122.33
CA GLN AA 662 -56.91 22.96 123.64
C GLN AA 662 -58.01 22.96 124.70
N ALA AA 663 -59.12 23.62 124.37
CA ALA AA 663 -60.22 23.74 125.33
C ALA AA 663 -60.79 22.38 125.68
N LYS AA 664 -60.95 21.50 124.68
CA LYS AA 664 -61.46 20.17 124.96
C LYS AA 664 -60.54 19.43 125.91
N ALA AA 665 -59.23 19.52 125.67
CA ALA AA 665 -58.29 18.84 126.55
C ALA AA 665 -58.44 19.31 127.98
N ARG AA 666 -58.50 20.64 128.18
CA ARG AA 666 -58.61 21.18 129.53
C ARG AA 666 -59.89 20.71 130.21
N ALA AA 667 -61.01 20.76 129.49
CA ALA AA 667 -62.29 20.38 130.08
C ALA AA 667 -62.28 18.92 130.50
N LEU AA 668 -61.76 18.03 129.66
CA LEU AA 668 -61.73 16.63 130.02
C LEU AA 668 -60.82 16.39 131.22
N ALA AA 669 -59.70 17.11 131.30
CA ALA AA 669 -58.86 16.97 132.50
C ALA AA 669 -59.64 17.34 133.75
N SER AA 670 -60.39 18.45 133.69
CA SER AA 670 -61.17 18.85 134.86
C SER AA 670 -62.20 17.79 135.24
N GLN AA 671 -62.88 17.22 134.25
CA GLN AA 671 -63.87 16.19 134.56
C GLN AA 671 -63.23 14.97 135.21
N ALA AA 672 -62.06 14.57 134.73
CA ALA AA 672 -61.37 13.45 135.35
C ALA AA 672 -61.02 13.76 136.80
N ASP AA 673 -60.61 15.00 137.06
CA ASP AA 673 -60.32 15.39 138.44
C ASP AA 673 -61.55 15.27 139.33
N MET AA 674 -62.70 15.73 138.82
CA MET AA 674 -63.95 15.59 139.57
C MET AA 674 -64.25 14.13 139.90
N THR AA 675 -64.10 13.26 138.89
CA THR AA 675 -64.40 11.84 139.11
C THR AA 675 -63.47 11.26 140.17
N ASP AA 676 -62.19 11.59 140.11
CA ASP AA 676 -61.24 11.09 141.09
C ASP AA 676 -61.60 11.56 142.49
N LEU AA 677 -62.01 12.83 142.62
CA LEU AA 677 -62.42 13.34 143.92
C LEU AA 677 -63.59 12.55 144.48
N ASN AA 678 -64.61 12.31 143.64
CA ASN AA 678 -65.77 11.57 144.14
C ASN AA 678 -65.39 10.15 144.52
N PHE AA 679 -64.50 9.52 143.76
CA PHE AA 679 -64.02 8.20 144.11
C PHE AA 679 -63.35 8.20 145.48
N LEU AA 680 -62.48 9.18 145.71
CA LEU AA 680 -61.81 9.27 147.01
C LEU AA 680 -62.81 9.44 148.14
N GLU AA 681 -63.82 10.30 147.93
CA GLU AA 681 -64.82 10.51 148.97
C GLU AA 681 -65.58 9.23 149.27
N GLN AA 682 -66.07 8.55 148.24
CA GLN AA 682 -66.80 7.30 148.48
C GLN AA 682 -65.92 6.27 149.18
N GLU AA 683 -64.62 6.30 148.94
CA GLU AA 683 -63.73 5.47 149.74
C GLU AA 683 -63.47 6.16 151.07
N SER AA 684 -64.40 5.97 152.01
CA SER AA 684 -64.21 6.32 153.41
C SER AA 684 -63.91 7.81 153.59
N GLY AA 685 -64.89 8.63 153.27
CA GLY AA 685 -64.83 10.04 153.62
C GLY AA 685 -66.16 10.68 153.88
N VAL AA 686 -66.25 11.97 153.54
CA VAL AA 686 -67.45 12.75 153.76
C VAL AA 686 -68.66 12.10 153.11
N GLN AA 687 -68.45 11.30 152.07
CA GLN AA 687 -69.56 10.69 151.35
C GLN AA 687 -70.50 9.97 152.30
N GLN AA 688 -69.97 9.12 153.17
CA GLN AA 688 -70.79 8.45 154.17
C GLN AA 688 -70.53 8.97 155.57
N ALA AA 689 -69.70 10.00 155.72
CA ALA AA 689 -69.56 10.67 157.01
C ALA AA 689 -70.66 11.70 157.21
N ARG AA 690 -70.80 12.63 156.27
CA ARG AA 690 -71.71 13.75 156.45
C ARG AA 690 -73.16 13.33 156.27
N LYS AA 691 -73.45 12.51 155.26
CA LYS AA 691 -74.83 12.35 154.79
C LYS AA 691 -75.77 11.89 155.89
N ARG AA 692 -75.28 11.18 156.90
CA ARG AA 692 -76.10 11.00 158.08
C ARG AA 692 -75.91 12.16 159.05
N GLU AA 693 -74.66 12.49 159.37
CA GLU AA 693 -74.32 13.54 160.31
C GLU AA 693 -75.21 14.76 160.16
N LEU AA 694 -75.32 15.27 158.94
CA LEU AA 694 -76.14 16.45 158.68
C LEU AA 694 -77.54 16.30 159.27
N GLN AA 695 -78.29 15.32 158.76
CA GLN AA 695 -79.70 15.22 159.13
C GLN AA 695 -79.87 14.81 160.58
N GLN AA 696 -79.07 13.85 161.06
CA GLN AA 696 -79.24 13.40 162.43
C GLN AA 696 -78.95 14.53 163.41
N ALA AA 697 -77.81 15.21 163.24
CA ALA AA 697 -77.47 16.30 164.14
C ALA AA 697 -78.51 17.41 164.06
N GLN AA 698 -78.91 17.81 162.85
CA GLN AA 698 -79.85 18.91 162.72
C GLN AA 698 -81.18 18.58 163.38
N SER AA 699 -81.77 17.43 163.01
CA SER AA 699 -83.08 17.07 163.54
C SER AA 699 -83.03 16.89 165.05
N GLU AA 700 -82.02 16.15 165.54
CA GLU AA 700 -81.92 15.91 166.96
C GLU AA 700 -81.75 17.21 167.74
N ALA AA 701 -80.81 18.05 167.32
CA ALA AA 701 -80.56 19.29 168.04
C ALA AA 701 -81.77 20.21 168.01
N GLN AA 702 -82.41 20.36 166.85
CA GLN AA 702 -83.56 21.23 166.74
C GLN AA 702 -84.70 20.74 167.61
N GLY AA 703 -85.06 19.46 167.48
CA GLY AA 703 -86.15 18.93 168.27
C GLY AA 703 -85.86 19.00 169.76
N LYS AA 704 -84.63 18.68 170.17
CA LYS AA 704 -84.28 18.70 171.57
C LYS AA 704 -84.33 20.12 172.13
N LEU AA 705 -83.82 21.10 171.39
CA LEU AA 705 -83.84 22.47 171.88
C LEU AA 705 -85.27 23.00 171.96
N ALA AA 706 -86.10 22.71 170.95
CA ALA AA 706 -87.49 23.17 171.01
C ALA AA 706 -88.23 22.51 172.16
N MET AA 707 -88.03 21.21 172.36
CA MET AA 707 -88.76 20.51 173.40
C MET AA 707 -88.22 20.84 174.79
N LEU AA 708 -86.96 21.23 174.90
CA LEU AA 708 -86.44 21.78 176.15
C LEU AA 708 -87.04 23.16 176.43
N ASN AA 709 -87.20 23.97 175.37
CA ASN AA 709 -87.92 25.23 175.54
C ASN AA 709 -89.38 25.00 175.90
N SER AA 710 -89.91 23.80 175.60
CA SER AA 710 -91.28 23.49 176.02
C SER AA 710 -91.43 23.53 177.53
N GLN AA 711 -90.46 22.98 178.26
CA GLN AA 711 -90.54 23.04 179.71
C GLN AA 711 -90.38 24.47 180.22
N LEU AA 712 -89.60 25.29 179.53
CA LEU AA 712 -89.51 26.70 179.90
C LEU AA 712 -90.87 27.40 179.71
N LYS AA 713 -91.54 27.11 178.60
CA LYS AA 713 -92.87 27.67 178.37
C LYS AA 713 -93.83 27.19 179.45
N ARG AA 714 -93.76 25.93 179.83
CA ARG AA 714 -94.64 25.41 180.87
C ARG AA 714 -94.35 26.02 182.22
N LEU AA 715 -93.07 26.26 182.54
CA LEU AA 715 -92.71 26.94 183.77
C LEU AA 715 -93.26 28.36 183.79
N ASP AA 716 -93.20 29.04 182.64
CA ASP AA 716 -93.81 30.36 182.54
C ASP AA 716 -95.32 30.27 182.74
N GLU AA 717 -95.95 29.23 182.17
CA GLU AA 717 -97.37 28.99 182.40
C GLU AA 717 -97.67 28.88 183.89
N ALA AA 718 -96.88 28.07 184.59
CA ALA AA 718 -97.11 27.85 186.01
C ALA AA 718 -96.91 29.12 186.82
N THR AA 719 -95.86 29.89 186.51
CA THR AA 719 -95.57 31.10 187.26
C THR AA 719 -96.48 32.26 186.89
N SER AA 720 -97.22 32.17 185.77
CA SER AA 720 -98.14 33.23 185.38
C SER AA 720 -99.58 32.93 185.78
N ALA AA 721 -100.12 31.81 185.31
CA ALA AA 721 -101.50 31.44 185.61
C ALA AA 721 -101.66 29.92 185.71
N ALA BA 2 90.29 3.93 -90.15
CA ALA BA 2 89.13 4.75 -89.83
C ALA BA 2 88.15 3.97 -88.98
N VAL BA 3 88.64 2.96 -88.28
CA VAL BA 3 87.81 2.06 -87.48
C VAL BA 3 88.04 2.39 -86.01
N GLU BA 4 87.14 3.17 -85.44
CA GLU BA 4 87.17 3.43 -84.01
C GLU BA 4 86.29 2.40 -83.33
N PRO BA 5 86.83 1.58 -82.43
CA PRO BA 5 86.01 0.50 -81.83
C PRO BA 5 85.15 1.06 -80.72
N ILE BA 6 83.84 0.96 -80.88
CA ILE BA 6 82.93 1.38 -79.83
C ILE BA 6 82.98 0.36 -78.70
N THR BA 7 83.16 0.84 -77.47
CA THR BA 7 83.38 -0.04 -76.34
C THR BA 7 82.42 0.32 -75.22
N ILE BA 8 82.51 -0.46 -74.14
CA ILE BA 8 81.72 -0.20 -72.96
C ILE BA 8 82.04 1.18 -72.41
N ALA BA 9 83.29 1.59 -72.51
CA ALA BA 9 83.66 2.95 -72.09
C ALA BA 9 82.91 3.98 -72.93
N ASP BA 10 82.80 3.73 -74.24
CA ASP BA 10 82.04 4.62 -75.09
C ASP BA 10 80.58 4.68 -74.67
N LEU BA 11 79.98 3.54 -74.33
CA LEU BA 11 78.60 3.55 -73.88
C LEU BA 11 78.46 4.31 -72.57
N THR BA 12 79.24 3.92 -71.57
CA THR BA 12 79.24 4.59 -70.28
C THR BA 12 80.45 4.19 -69.45
N GLU BA 13 81.22 5.17 -69.00
CA GLU BA 13 82.18 4.92 -67.95
C GLU BA 13 81.48 4.96 -66.60
N VAL BA 14 82.09 4.32 -65.61
CA VAL BA 14 81.34 4.01 -64.39
C VAL BA 14 81.05 5.26 -63.58
N LYS BA 15 81.82 6.33 -63.75
CA LYS BA 15 81.64 7.53 -62.95
C LYS BA 15 80.27 8.16 -63.18
N LEU BA 16 79.76 8.83 -62.15
CA LEU BA 16 78.48 9.51 -62.27
C LEU BA 16 78.53 10.66 -63.27
N ASP BA 17 79.62 11.42 -63.27
CA ASP BA 17 79.76 12.59 -64.11
C ASP BA 17 80.46 12.29 -65.42
N GLY BA 18 80.45 11.04 -65.87
CA GLY BA 18 81.16 10.68 -67.07
C GLY BA 18 80.55 11.29 -68.32
N LYS BA 19 81.09 10.88 -69.46
CA LYS BA 19 80.64 11.35 -70.76
C LYS BA 19 79.94 10.28 -71.56
N GLY BA 20 79.62 9.14 -70.97
CA GLY BA 20 78.88 8.13 -71.67
C GLY BA 20 77.48 8.59 -72.02
N ALA BA 21 76.93 7.97 -73.05
CA ALA BA 21 75.60 8.36 -73.51
C ALA BA 21 74.56 8.15 -72.41
N LEU BA 22 74.62 7.00 -71.75
CA LEU BA 22 73.71 6.74 -70.65
C LEU BA 22 73.87 7.79 -69.55
N ASP BA 23 75.12 8.13 -69.25
CA ASP BA 23 75.38 9.10 -68.19
C ASP BA 23 74.77 10.45 -68.52
N GLN BA 24 74.93 10.90 -69.76
CA GLN BA 24 74.46 12.24 -70.09
C GLN BA 24 72.94 12.27 -70.21
N LEU BA 25 72.33 11.19 -70.70
CA LEU BA 25 70.88 11.14 -70.71
C LEU BA 25 70.33 11.19 -69.29
N LEU BA 26 70.94 10.44 -68.38
CA LEU BA 26 70.50 10.50 -66.99
C LEU BA 26 70.69 11.89 -66.41
N GLN BA 27 71.79 12.55 -66.79
CA GLN BA 27 72.04 13.89 -66.27
C GLN BA 27 70.98 14.88 -66.74
N VAL BA 28 70.58 14.81 -68.01
CA VAL BA 28 69.58 15.75 -68.49
C VAL BA 28 68.23 15.47 -67.86
N THR BA 29 67.91 14.18 -67.66
CA THR BA 29 66.68 13.87 -66.93
C THR BA 29 66.72 14.44 -65.52
N ARG BA 30 67.87 14.31 -64.86
CA ARG BA 30 68.01 14.87 -63.52
C ARG BA 30 67.81 16.37 -63.53
N LEU BA 31 68.35 17.06 -64.53
CA LEU BA 31 68.20 18.52 -64.56
C LEU BA 31 66.75 18.92 -64.74
N HIS BA 32 66.03 18.24 -65.63
CA HIS BA 32 64.63 18.59 -65.81
C HIS BA 32 63.84 18.35 -64.53
N LEU BA 33 64.06 17.20 -63.88
CA LEU BA 33 63.36 16.93 -62.63
C LEU BA 33 63.75 17.92 -61.56
N ALA BA 34 65.01 18.34 -61.53
CA ALA BA 34 65.45 19.29 -60.51
C ALA BA 34 64.77 20.62 -60.69
N LYS BA 35 64.66 21.12 -61.91
CA LYS BA 35 63.94 22.36 -62.10
C LYS BA 35 62.47 22.19 -61.72
N GLU BA 36 61.88 21.05 -62.05
CA GLU BA 36 60.48 20.83 -61.67
C GLU BA 36 60.30 20.88 -60.17
N HIS BA 37 61.22 20.26 -59.43
CA HIS BA 37 61.12 20.28 -57.97
C HIS BA 37 61.39 21.67 -57.41
N ASP BA 38 62.30 22.41 -58.03
CA ASP BA 38 62.58 23.75 -57.56
C ASP BA 38 61.35 24.63 -57.68
N ALA BA 39 60.65 24.54 -58.80
CA ALA BA 39 59.31 25.10 -58.81
C ALA BA 39 58.42 24.24 -57.92
N GLY BA 40 57.36 24.85 -57.39
CA GLY BA 40 56.53 24.11 -56.46
C GLY BA 40 55.67 23.07 -57.13
N ARG BA 41 56.27 22.02 -57.68
CA ARG BA 41 55.49 21.03 -58.41
C ARG BA 41 55.84 19.58 -58.14
N LEU BA 42 56.97 19.27 -57.50
CA LEU BA 42 57.31 17.89 -57.21
C LEU BA 42 57.76 17.76 -55.76
N LYS BA 43 57.32 16.69 -55.11
CA LYS BA 43 57.91 16.32 -53.83
C LYS BA 43 59.18 15.50 -54.08
N GLY BA 44 59.91 15.26 -53.01
CA GLY BA 44 61.16 14.56 -53.15
C GLY BA 44 61.06 13.08 -53.40
N GLN BA 45 59.85 12.54 -53.50
CA GLN BA 45 59.66 11.10 -53.71
C GLN BA 45 59.27 10.75 -55.13
N GLU BA 46 58.41 11.54 -55.77
CA GLU BA 46 58.17 11.34 -57.19
C GLU BA 46 59.47 11.49 -57.97
N TYR BA 47 60.37 12.33 -57.49
CA TYR BA 47 61.67 12.46 -58.12
C TYR BA 47 62.37 11.12 -58.21
N ALA BA 48 62.35 10.35 -57.13
CA ALA BA 48 62.99 9.03 -57.17
C ALA BA 48 62.17 8.04 -57.98
N ALA BA 49 60.85 8.10 -57.85
CA ALA BA 49 60.00 7.13 -58.53
C ALA BA 49 60.18 7.21 -60.03
N VAL BA 50 60.16 8.43 -60.58
CA VAL BA 50 60.27 8.59 -62.03
C VAL BA 50 61.61 8.08 -62.52
N LEU BA 51 62.69 8.43 -61.83
CA LEU BA 51 64.01 8.02 -62.26
C LEU BA 51 64.14 6.50 -62.26
N THR BA 52 63.72 5.87 -61.17
CA THR BA 52 63.83 4.41 -61.08
C THR BA 52 62.99 3.74 -62.15
N GLY BA 53 61.80 4.27 -62.42
CA GLY BA 53 61.01 3.72 -63.50
C GLY BA 53 61.68 3.88 -64.85
N GLY BA 54 62.37 5.00 -65.05
CA GLY BA 54 62.92 5.29 -66.37
C GLY BA 54 64.19 4.54 -66.71
N ILE BA 55 64.96 4.14 -65.70
CA ILE BA 55 66.31 3.60 -65.91
C ILE BA 55 66.41 2.65 -67.10
N THR BA 56 65.59 1.60 -67.12
CA THR BA 56 65.78 0.57 -68.12
C THR BA 56 65.38 1.05 -69.52
N ALA BA 57 64.32 1.85 -69.62
CA ALA BA 57 63.95 2.39 -70.92
C ALA BA 57 65.03 3.30 -71.46
N VAL BA 58 65.61 4.14 -70.60
CA VAL BA 58 66.70 4.99 -71.04
C VAL BA 58 67.87 4.14 -71.53
N LEU BA 59 68.18 3.07 -70.81
CA LEU BA 59 69.26 2.18 -71.24
C LEU BA 59 68.99 1.63 -72.62
N GLN BA 60 67.77 1.14 -72.85
CA GLN BA 60 67.44 0.54 -74.13
C GLN BA 60 67.55 1.57 -75.25
N ASN BA 61 67.06 2.78 -75.01
CA ASN BA 61 67.15 3.82 -76.03
C ASN BA 61 68.60 4.16 -76.35
N ALA BA 62 69.44 4.27 -75.32
CA ALA BA 62 70.84 4.59 -75.58
C ALA BA 62 71.53 3.49 -76.38
N VAL BA 63 71.25 2.23 -76.06
CA VAL BA 63 71.83 1.14 -76.82
C VAL BA 63 71.37 1.20 -78.27
N MET BA 64 70.08 1.45 -78.49
CA MET BA 64 69.60 1.63 -79.85
C MET BA 64 70.33 2.77 -80.55
N PHE BA 65 70.63 3.84 -79.83
CA PHE BA 65 71.22 5.02 -80.46
C PHE BA 65 72.65 4.75 -80.89
N LEU BA 66 73.45 4.14 -80.02
CA LEU BA 66 74.87 4.00 -80.32
C LEU BA 66 75.11 3.16 -81.57
N LEU BA 67 74.36 2.07 -81.72
CA LEU BA 67 74.61 1.17 -82.85
C LEU BA 67 74.35 1.86 -84.18
N GLN BA 68 73.25 2.59 -84.29
CA GLN BA 68 72.87 3.19 -85.56
C GLN BA 68 73.44 4.58 -85.77
N LYS BA 69 74.02 5.19 -84.75
CA LYS BA 69 74.45 6.58 -84.86
C LYS BA 69 75.41 6.82 -86.01
N ASP BA 70 76.58 6.21 -85.93
CA ASP BA 70 77.70 6.62 -86.77
C ASP BA 70 77.43 6.39 -88.25
N GLU BA 71 76.92 5.23 -88.62
CA GLU BA 71 76.90 4.85 -90.03
C GLU BA 71 75.87 5.63 -90.83
N ALA BA 72 74.92 6.29 -90.18
CA ALA BA 72 73.88 7.01 -90.93
C ALA BA 72 74.48 8.15 -91.74
N ALA BA 73 75.37 8.93 -91.14
CA ALA BA 73 75.99 10.02 -91.88
C ALA BA 73 76.79 9.48 -93.06
N ASN BA 74 77.50 8.38 -92.86
CA ASN BA 74 78.24 7.76 -93.94
C ASN BA 74 77.31 7.35 -95.07
N LYS BA 75 76.16 6.77 -94.72
CA LYS BA 75 75.20 6.38 -95.75
C LYS BA 75 74.72 7.59 -96.53
N ALA BA 76 74.47 8.70 -95.83
CA ALA BA 76 74.01 9.91 -96.52
C ALA BA 76 75.06 10.43 -97.50
N ALA BA 77 76.31 10.46 -97.06
CA ALA BA 77 77.37 10.92 -97.95
C ALA BA 77 77.49 10.01 -99.17
N LEU BA 78 77.38 8.70 -98.96
CA LEU BA 78 77.39 7.78 -100.09
C LEU BA 78 76.26 8.09 -101.06
N VAL BA 79 75.08 8.41 -100.53
CA VAL BA 79 73.94 8.69 -101.39
C VAL BA 79 74.20 9.93 -102.23
N GLU BA 80 74.73 10.99 -101.62
CA GLU BA 80 74.95 12.20 -102.42
C GLU BA 80 76.05 12.00 -103.46
N ALA BA 81 77.06 11.19 -103.13
CA ALA BA 81 78.05 10.84 -104.14
C ALA BA 81 77.40 10.12 -105.31
N GLN BA 82 76.48 9.19 -105.02
CA GLN BA 82 75.75 8.54 -106.09
C GLN BA 82 74.93 9.54 -106.90
N ILE BA 83 74.43 10.59 -106.24
CA ILE BA 83 73.69 11.62 -106.96
C ILE BA 83 74.57 12.26 -108.01
N LYS BA 84 75.78 12.64 -107.63
CA LYS BA 84 76.70 13.23 -108.60
C LYS BA 84 77.03 12.24 -109.71
N LEU BA 85 77.19 10.97 -109.35
CA LEU BA 85 77.49 9.96 -110.37
C LEU BA 85 76.37 9.86 -111.39
N THR BA 86 75.11 9.86 -110.92
CA THR BA 86 73.99 9.84 -111.86
C THR BA 86 73.94 11.10 -112.72
N GLU BA 87 74.31 12.25 -112.14
CA GLU BA 87 74.43 13.44 -112.95
C GLU BA 87 75.34 13.19 -114.15
N LYS BA 88 76.51 12.61 -113.87
CA LYS BA 88 77.49 12.41 -114.94
C LYS BA 88 77.01 11.35 -115.95
N GLN BA 89 76.35 10.31 -115.48
CA GLN BA 89 75.80 9.33 -116.42
C GLN BA 89 74.77 9.97 -117.34
N GLY BA 90 73.92 10.83 -116.79
CA GLY BA 90 72.96 11.52 -117.62
C GLY BA 90 73.63 12.38 -118.68
N GLU BA 91 74.69 13.09 -118.28
CA GLU BA 91 75.41 13.89 -119.26
C GLU BA 91 75.99 13.02 -120.36
N LEU BA 92 76.56 11.87 -119.99
CA LEU BA 92 77.13 10.98 -121.00
C LEU BA 92 76.07 10.50 -121.99
N LEU BA 93 74.89 10.17 -121.48
CA LEU BA 93 73.84 9.73 -122.39
C LEU BA 93 73.35 10.88 -123.29
N ASP BA 94 73.37 12.10 -122.76
CA ASP BA 94 73.07 13.26 -123.59
C ASP BA 94 74.07 13.35 -124.74
N LYS BA 95 75.33 13.04 -124.45
CA LYS BA 95 76.30 12.94 -125.55
C LYS BA 95 75.98 11.78 -126.48
N GLN BA 96 75.46 10.69 -125.91
CA GLN BA 96 75.20 9.47 -126.67
C GLN BA 96 74.19 9.69 -127.78
N ILE BA 97 73.11 10.43 -127.48
CA ILE BA 97 72.04 10.58 -128.47
C ILE BA 97 72.56 11.31 -129.70
N ALA BA 98 73.29 12.40 -129.47
CA ALA BA 98 73.84 13.17 -130.58
C ALA BA 98 74.88 12.35 -131.34
N GLN BA 99 75.70 11.59 -130.62
CA GLN BA 99 76.68 10.74 -131.30
C GLN BA 99 75.99 9.77 -132.26
N ALA BA 100 74.95 9.08 -131.77
CA ALA BA 100 74.26 8.12 -132.62
C ALA BA 100 73.59 8.81 -133.80
N ASP BA 101 72.97 9.96 -133.56
CA ASP BA 101 72.28 10.65 -134.64
C ASP BA 101 73.27 11.04 -135.74
N LYS BA 102 74.46 11.50 -135.36
CA LYS BA 102 75.49 11.76 -136.37
C LYS BA 102 75.96 10.46 -137.03
N ASP BA 103 75.99 9.36 -136.28
CA ASP BA 103 76.38 8.06 -136.81
C ASP BA 103 75.35 7.47 -137.76
N ALA BA 104 74.17 8.09 -137.87
CA ALA BA 104 73.05 7.47 -138.58
C ALA BA 104 73.42 6.96 -139.98
N GLU BA 105 74.08 7.79 -140.79
CA GLU BA 105 74.18 7.53 -142.23
C GLU BA 105 75.29 6.57 -142.63
N LEU BA 106 76.17 6.18 -141.69
CA LEU BA 106 77.22 5.23 -142.04
C LEU BA 106 76.63 3.94 -142.59
N ILE BA 107 75.49 3.52 -142.06
CA ILE BA 107 74.84 2.33 -142.59
C ILE BA 107 74.38 2.56 -144.01
N ALA BA 108 73.94 3.78 -144.34
CA ALA BA 108 73.57 4.09 -145.72
C ALA BA 108 74.77 4.02 -146.64
N ALA BA 109 75.92 4.49 -146.19
CA ALA BA 109 77.14 4.35 -146.98
C ALA BA 109 77.45 2.88 -147.21
N LYS BA 110 77.34 2.07 -146.16
CA LYS BA 110 77.55 0.63 -146.30
C LYS BA 110 76.57 0.03 -147.28
N VAL BA 111 75.33 0.52 -147.27
CA VAL BA 111 74.32 0.08 -148.23
C VAL BA 111 74.80 0.35 -149.65
N LYS BA 112 75.33 1.55 -149.88
CA LYS BA 112 75.78 1.87 -151.23
C LYS BA 112 76.95 0.97 -151.63
N LEU BA 113 77.87 0.70 -150.70
CA LEU BA 113 78.92 -0.28 -150.96
C LEU BA 113 78.33 -1.59 -151.46
N THR BA 114 77.36 -2.11 -150.71
CA THR BA 114 76.76 -3.39 -151.07
C THR BA 114 76.13 -3.33 -152.45
N LEU BA 115 75.36 -2.27 -152.71
CA LEU BA 115 74.67 -2.11 -153.99
C LEU BA 115 75.66 -2.14 -155.14
N GLU BA 116 76.70 -1.32 -155.07
CA GLU BA 116 77.67 -1.25 -156.16
C GLU BA 116 78.38 -2.59 -156.34
N GLN BA 117 78.81 -3.20 -155.24
CA GLN BA 117 79.56 -4.45 -155.34
C GLN BA 117 78.70 -5.55 -155.95
N ALA BA 118 77.42 -5.63 -155.55
CA ALA BA 118 76.54 -6.62 -156.11
C ALA BA 118 76.28 -6.37 -157.59
N LYS BA 119 75.96 -5.13 -157.95
CA LYS BA 119 75.57 -4.84 -159.32
C LYS BA 119 76.71 -5.11 -160.28
N LEU BA 120 77.88 -4.54 -160.02
CA LEU BA 120 78.94 -4.64 -161.01
C LEU BA 120 79.60 -6.00 -161.03
N PRO BA 121 80.20 -6.42 -159.91
CA PRO BA 121 81.18 -7.50 -159.96
C PRO BA 121 80.62 -8.84 -160.43
N ASP BA 122 79.56 -9.31 -159.79
CA ASP BA 122 79.06 -10.66 -160.08
C ASP BA 122 78.71 -10.82 -161.55
N SER BA 123 77.77 -10.01 -162.03
CA SER BA 123 77.29 -10.15 -163.41
C SER BA 123 78.41 -9.85 -164.42
N GLN BA 124 79.17 -8.79 -164.18
CA GLN BA 124 80.22 -8.42 -165.14
C GLN BA 124 81.25 -9.54 -165.27
N ILE BA 125 81.75 -10.04 -164.14
CA ILE BA 125 82.72 -11.12 -164.17
C ILE BA 125 82.13 -12.35 -164.82
N ARG BA 126 80.89 -12.71 -164.46
CA ARG BA 126 80.25 -13.88 -165.04
C ARG BA 126 80.26 -13.80 -166.56
N SER BA 127 79.66 -12.75 -167.12
CA SER BA 127 79.53 -12.64 -168.56
C SER BA 127 80.90 -12.61 -169.25
N ALA BA 128 81.77 -11.69 -168.81
CA ALA BA 128 83.04 -11.49 -169.50
C ALA BA 128 83.90 -12.73 -169.41
N GLY BA 129 84.06 -13.28 -168.21
CA GLY BA 129 84.88 -14.47 -168.05
C GLY BA 129 84.35 -15.65 -168.83
N PHE BA 130 83.02 -15.87 -168.79
CA PHE BA 130 82.45 -16.99 -169.53
C PHE BA 130 82.76 -16.88 -171.01
N GLN BA 131 82.43 -15.72 -171.60
CA GLN BA 131 82.64 -15.57 -173.04
C GLN BA 131 84.11 -15.70 -173.41
N ASP BA 132 84.98 -14.99 -172.70
CA ASP BA 132 86.39 -14.99 -173.02
C ASP BA 132 87.00 -16.38 -172.88
N LEU BA 133 86.70 -17.04 -171.75
CA LEU BA 133 87.26 -18.36 -171.51
C LEU BA 133 86.78 -19.36 -172.54
N LEU BA 134 85.49 -19.35 -172.87
CA LEU BA 134 84.97 -20.31 -173.85
C LEU BA 134 85.63 -20.10 -175.21
N VAL BA 135 85.68 -18.85 -175.67
CA VAL BA 135 86.25 -18.57 -176.99
C VAL BA 135 87.73 -18.95 -177.03
N GLN BA 136 88.48 -18.54 -176.00
CA GLN BA 136 89.91 -18.82 -175.97
C GLN BA 136 90.17 -20.32 -175.87
N GLU BA 137 89.38 -21.03 -175.09
CA GLU BA 137 89.58 -22.47 -174.96
C GLU BA 137 89.30 -23.18 -176.28
N GLN BA 138 88.23 -22.80 -176.97
CA GLN BA 138 87.94 -23.44 -178.26
C GLN BA 138 89.05 -23.15 -179.26
N THR BA 139 89.49 -21.90 -179.33
CA THR BA 139 90.55 -21.54 -180.26
C THR BA 139 91.85 -22.26 -179.94
N LYS BA 140 92.19 -22.36 -178.65
CA LYS BA 140 93.42 -23.03 -178.25
C LYS BA 140 93.34 -24.52 -178.54
N VAL BA 141 92.19 -25.14 -178.32
CA VAL BA 141 92.04 -26.56 -178.64
C VAL BA 141 92.22 -26.81 -180.14
N GLN BA 142 91.59 -25.96 -180.95
CA GLN BA 142 91.75 -26.10 -182.40
C GLN BA 142 93.20 -25.90 -182.82
N THR BA 143 93.86 -24.90 -182.25
CA THR BA 143 95.26 -24.63 -182.60
C THR BA 143 96.15 -25.79 -182.18
N ALA BA 144 95.89 -26.38 -181.00
CA ALA BA 144 96.68 -27.51 -180.55
C ALA BA 144 96.49 -28.71 -181.46
N GLN BA 145 95.25 -28.96 -181.89
CA GLN BA 145 95.02 -30.06 -182.83
C GLN BA 145 95.75 -29.82 -184.15
N THR BA 146 95.69 -28.59 -184.66
CA THR BA 146 96.38 -28.28 -185.92
C THR BA 146 97.89 -28.43 -185.77
N ARG BA 147 98.44 -27.99 -184.63
CA ARG BA 147 99.88 -28.13 -184.40
C ARG BA 147 100.27 -29.59 -184.30
N ARG BA 148 99.44 -30.41 -183.66
CA ARG BA 148 99.71 -31.84 -183.58
C ARG BA 148 99.72 -32.46 -184.97
N ILE BA 149 98.76 -32.08 -185.81
CA ILE BA 149 98.71 -32.61 -187.17
C ILE BA 149 99.96 -32.20 -187.95
N ASP BA 150 100.35 -30.93 -187.84
CA ASP BA 150 101.53 -30.45 -188.57
C ASP BA 150 102.80 -31.14 -188.08
N GLN BA 151 102.92 -31.32 -186.77
CA GLN BA 151 104.10 -32.01 -186.23
C GLN BA 151 104.14 -33.46 -186.69
N GLU BA 152 102.98 -34.12 -186.73
CA GLU BA 152 102.93 -35.49 -187.24
C GLU BA 152 103.34 -35.55 -188.70
N ILE BA 153 102.87 -34.58 -189.50
CA ILE BA 153 103.23 -34.55 -190.91
C ILE BA 153 104.74 -34.35 -191.08
N LEU BA 154 105.32 -33.43 -190.31
CA LEU BA 154 106.75 -33.19 -190.39
C LEU BA 154 107.54 -34.42 -189.96
N SER BA 155 107.09 -35.10 -188.90
CA SER BA 155 107.77 -36.31 -188.44
C SER BA 155 107.69 -37.41 -189.48
N ALA BA 156 106.53 -37.57 -190.12
CA ALA BA 156 106.39 -38.58 -191.17
C ALA BA 156 107.29 -38.25 -192.36
N GLY BA 157 107.38 -36.98 -192.73
CA GLY BA 157 108.27 -36.59 -193.82
C GLY BA 157 109.73 -36.83 -193.46
N PHE BA 158 110.08 -36.62 -192.19
CA PHE BA 158 111.45 -36.81 -191.74
C PHE BA 158 111.88 -38.28 -191.82
N THR CA 2 58.88 33.81 -22.86
CA THR CA 2 57.97 33.20 -23.82
C THR CA 2 58.50 33.35 -25.25
N ILE CA 3 59.81 33.30 -25.40
CA ILE CA 3 60.45 33.64 -26.66
C ILE CA 3 61.21 32.43 -27.19
N GLN CA 4 61.41 32.42 -28.50
CA GLN CA 4 62.22 31.43 -29.18
C GLN CA 4 62.95 32.08 -30.33
N LEU CA 5 64.21 31.70 -30.51
CA LEU CA 5 64.97 32.19 -31.64
C LEU CA 5 64.39 31.64 -32.93
N LYS CA 6 64.22 32.51 -33.93
CA LYS CA 6 63.73 32.07 -35.23
C LYS CA 6 64.63 30.99 -35.81
N GLN CA 7 65.92 31.05 -35.49
CA GLN CA 7 66.88 30.09 -36.01
C GLN CA 7 66.45 28.67 -35.70
N VAL CA 8 66.17 28.39 -34.42
CA VAL CA 8 65.82 27.04 -34.00
C VAL CA 8 64.58 26.57 -34.73
N ILE CA 9 63.61 27.47 -34.90
CA ILE CA 9 62.37 27.11 -35.55
C ILE CA 9 62.64 26.65 -36.97
N ASP CA 10 63.44 27.42 -37.70
CA ASP CA 10 63.70 27.04 -39.08
C ASP CA 10 64.51 25.76 -39.18
N LEU CA 11 65.49 25.58 -38.29
CA LEU CA 11 66.27 24.36 -38.32
C LEU CA 11 65.37 23.15 -38.08
N LEU CA 12 64.41 23.26 -37.17
CA LEU CA 12 63.53 22.13 -36.93
C LEU CA 12 62.56 21.93 -38.09
N ALA CA 13 62.00 23.01 -38.62
CA ALA CA 13 61.07 22.89 -39.74
C ALA CA 13 61.73 22.34 -40.97
N GLU CA 14 63.07 22.38 -41.02
CA GLU CA 14 63.78 21.65 -42.06
C GLU CA 14 63.44 20.16 -42.02
N GLY CA 15 63.25 19.60 -40.82
CA GLY CA 15 63.04 18.18 -40.70
C GLY CA 15 61.67 17.70 -41.16
N GLU CA 16 60.74 18.62 -41.42
CA GLU CA 16 59.42 18.26 -41.91
C GLU CA 16 59.06 18.92 -43.23
N LEU CA 17 59.80 19.93 -43.66
CA LEU CA 17 59.66 20.49 -44.98
C LEU CA 17 60.73 20.00 -45.93
N SER CA 18 61.39 18.89 -45.59
CA SER CA 18 62.50 18.41 -46.39
C SER CA 18 62.06 17.90 -47.76
N ASN CA 19 60.77 17.65 -47.95
CA ASN CA 19 60.31 17.12 -49.22
C ASN CA 19 60.26 18.16 -50.33
N ILE CA 20 60.20 19.44 -49.99
CA ILE CA 20 59.67 20.41 -50.95
C ILE CA 20 60.63 21.57 -51.16
N LYS CA 21 60.18 22.56 -51.93
CA LYS CA 21 61.05 23.63 -52.40
C LYS CA 21 61.49 24.56 -51.27
N TYR CA 22 60.69 24.69 -50.22
CA TYR CA 22 60.86 25.80 -49.29
C TYR CA 22 62.25 25.86 -48.70
N VAL CA 23 62.89 24.72 -48.53
CA VAL CA 23 64.05 24.71 -47.66
C VAL CA 23 65.21 23.98 -48.31
N ASN CA 24 64.99 23.36 -49.46
CA ASN CA 24 66.02 22.46 -49.95
C ASN CA 24 66.29 22.64 -51.44
N ILE CA 25 67.56 22.83 -51.76
CA ILE CA 25 68.08 22.44 -53.05
C ILE CA 25 68.09 20.92 -53.11
N ASP CA 26 67.80 20.36 -54.28
CA ASP CA 26 67.82 18.91 -54.41
C ASP CA 26 69.19 18.34 -54.06
N THR CA 27 70.24 19.11 -54.28
CA THR CA 27 71.60 18.69 -53.97
C THR CA 27 72.14 19.55 -52.85
N GLY CA 28 72.66 18.90 -51.80
CA GLY CA 28 73.15 19.63 -50.66
C GLY CA 28 72.06 20.47 -50.04
N ALA CA 29 71.08 19.81 -49.44
CA ALA CA 29 69.87 20.47 -48.96
C ALA CA 29 70.18 21.58 -47.98
N LEU CA 30 69.93 22.83 -48.39
CA LEU CA 30 70.21 23.98 -47.57
C LEU CA 30 69.09 25.01 -47.74
N VAL CA 31 68.84 25.77 -46.68
CA VAL CA 31 67.70 26.67 -46.67
C VAL CA 31 67.81 27.67 -47.82
N LEU CA 32 66.69 27.90 -48.50
CA LEU CA 32 66.62 28.89 -49.57
C LEU CA 32 66.37 30.28 -49.00
N GLU CA 33 65.96 31.20 -49.85
CA GLU CA 33 65.60 32.54 -49.40
C GLU CA 33 64.14 32.85 -49.68
N ARG CA 34 63.25 31.92 -49.32
CA ARG CA 34 61.83 32.16 -49.18
C ARG CA 34 61.46 32.41 -47.72
N VAL CA 35 62.44 32.79 -46.92
CA VAL CA 35 62.29 33.10 -45.51
C VAL CA 35 61.18 34.12 -45.29
N PRO CA 36 61.05 35.16 -46.13
CA PRO CA 36 59.88 36.05 -45.96
C PRO CA 36 58.55 35.32 -45.94
N SER CA 37 58.31 34.44 -46.91
CA SER CA 37 57.05 33.70 -46.92
C SER CA 37 56.92 32.80 -45.70
N LEU CA 38 58.03 32.16 -45.30
CA LEU CA 38 57.96 31.33 -44.10
C LEU CA 38 57.56 32.14 -42.87
N ILE CA 39 58.14 33.33 -42.72
CA ILE CA 39 57.80 34.17 -41.58
C ILE CA 39 56.34 34.58 -41.64
N ARG CA 40 55.87 34.94 -42.82
CA ARG CA 40 54.46 35.33 -42.94
C ARG CA 40 53.54 34.19 -42.55
N ALA CA 41 53.94 32.95 -42.83
CA ALA CA 41 53.12 31.83 -42.38
C ALA CA 41 53.21 31.65 -40.87
N ILE CA 42 54.41 31.77 -40.31
CA ILE CA 42 54.60 31.52 -38.89
C ILE CA 42 53.79 32.51 -38.06
N ASN CA 43 53.72 33.76 -38.51
CA ASN CA 43 52.94 34.75 -37.77
C ASN CA 43 51.48 34.36 -37.70
N LEU CA 44 50.92 33.89 -38.82
CA LEU CA 44 49.54 33.43 -38.82
C LEU CA 44 49.35 32.26 -37.86
N GLY CA 45 50.32 31.34 -37.83
CA GLY CA 45 50.22 30.23 -36.90
C GLY CA 45 50.19 30.69 -35.46
N VAL CA 46 51.05 31.65 -35.12
CA VAL CA 46 51.08 32.17 -33.75
C VAL CA 46 49.74 32.79 -33.40
N LEU CA 47 49.18 33.56 -34.33
CA LEU CA 47 47.88 34.17 -34.06
C LEU CA 47 46.82 33.12 -33.82
N ASP CA 48 46.83 32.05 -34.61
CA ASP CA 48 45.83 31.00 -34.41
C ASP CA 48 45.98 30.36 -33.04
N LEU CA 49 47.21 30.09 -32.62
CA LEU CA 49 47.39 29.49 -31.30
C LEU CA 49 46.90 30.41 -30.20
N HIS CA 50 47.16 31.71 -30.35
CA HIS CA 50 46.66 32.65 -29.35
C HIS CA 50 45.14 32.73 -29.37
N LYS CA 51 44.51 32.45 -30.52
CA LYS CA 51 43.07 32.33 -30.54
C LYS CA 51 42.61 31.12 -29.72
N ARG CA 52 43.28 29.99 -29.90
CA ARG CA 52 42.78 28.77 -29.30
C ARG CA 52 43.01 28.74 -27.79
N PHE CA 53 44.13 29.28 -27.32
CA PHE CA 53 44.40 29.33 -25.89
C PHE CA 53 44.71 30.76 -25.46
N LEU CA 54 44.45 31.06 -24.19
CA LEU CA 54 44.64 32.42 -23.72
C LEU CA 54 46.09 32.87 -23.81
N LEU CA 55 46.93 32.28 -22.96
CA LEU CA 55 48.38 32.47 -23.02
C LEU CA 55 48.81 33.90 -22.73
N LYS CA 56 47.87 34.84 -22.61
CA LYS CA 56 48.19 36.25 -22.44
C LYS CA 56 46.95 37.00 -22.03
N GLU CA 57 47.17 38.18 -21.46
CA GLU CA 57 46.09 39.12 -21.18
C GLU CA 57 46.69 40.48 -20.94
N GLY CA 58 45.93 41.53 -21.23
CA GLY CA 58 46.46 42.87 -21.17
C GLY CA 58 45.69 43.80 -20.27
N MET CA 59 46.04 45.08 -20.30
CA MET CA 59 45.41 46.06 -19.43
C MET CA 59 45.51 47.44 -20.06
N LEU CA 60 44.45 48.22 -19.90
CA LEU CA 60 44.49 49.63 -20.30
C LEU CA 60 44.07 50.51 -19.14
N LYS CA 61 43.90 51.80 -19.41
CA LYS CA 61 43.35 52.70 -18.40
C LYS CA 61 42.79 53.90 -19.13
N ILE CA 62 41.46 54.00 -19.17
CA ILE CA 62 40.78 55.05 -19.91
C ILE CA 62 40.43 56.17 -18.94
N GLN CA 63 40.71 57.39 -19.34
CA GLN CA 63 40.33 58.57 -18.56
C GLN CA 63 39.04 59.13 -19.15
N LEU CA 64 37.97 59.10 -18.37
CA LEU CA 64 36.65 59.41 -18.89
C LEU CA 64 36.52 60.89 -19.21
N GLU CA 65 35.50 61.20 -20.02
CA GLU CA 65 35.18 62.57 -20.40
C GLU CA 65 33.67 62.68 -20.51
N GLU CA 66 33.08 63.52 -19.67
CA GLU CA 66 31.63 63.59 -19.59
C GLU CA 66 31.02 64.00 -20.93
N GLY CA 67 29.88 63.41 -21.25
CA GLY CA 67 29.20 63.70 -22.49
C GLY CA 67 29.67 62.92 -23.68
N ARG CA 68 30.68 62.07 -23.53
CA ARG CA 68 31.17 61.26 -24.63
C ARG CA 68 30.31 60.00 -24.73
N ARG CA 69 30.13 59.52 -25.96
CA ARG CA 69 29.30 58.36 -26.22
C ARG CA 69 30.10 57.14 -26.64
N LEU CA 70 31.05 57.30 -27.55
CA LEU CA 70 31.83 56.20 -28.09
C LEU CA 70 33.30 56.39 -27.74
N TYR CA 71 33.92 55.37 -27.18
CA TYR CA 71 35.36 55.34 -26.93
C TYR CA 71 35.95 54.21 -27.75
N PRO CA 72 36.61 54.50 -28.87
CA PRO CA 72 37.30 53.44 -29.60
C PRO CA 72 38.65 53.16 -28.99
N LEU CA 73 39.07 51.90 -29.06
CA LEU CA 73 40.37 51.49 -28.56
C LEU CA 73 41.26 51.19 -29.76
N ARG CA 74 41.96 52.22 -30.22
CA ARG CA 74 42.79 52.11 -31.41
C ARG CA 74 44.13 52.77 -31.12
N PRO CA 75 45.18 52.39 -31.82
CA PRO CA 75 46.52 52.83 -31.44
C PRO CA 75 46.80 54.28 -31.77
N ALA CA 76 45.80 55.05 -32.15
CA ALA CA 76 45.97 56.47 -32.33
C ALA CA 76 45.57 57.28 -31.10
N TYR CA 77 44.86 56.67 -30.16
CA TYR CA 77 44.42 57.33 -28.95
C TYR CA 77 45.26 56.97 -27.74
N GLN CA 78 46.28 56.14 -27.92
CA GLN CA 78 47.02 55.57 -26.80
C GLN CA 78 48.26 56.42 -26.54
N VAL CA 79 48.51 56.72 -25.27
CA VAL CA 79 49.69 57.54 -24.92
C VAL CA 79 50.95 56.86 -25.43
N GLY CA 80 51.88 57.69 -25.90
CA GLY CA 80 53.13 57.21 -26.44
C GLY CA 80 53.06 56.80 -27.88
N GLN CA 81 51.88 56.74 -28.46
CA GLN CA 81 51.73 56.43 -29.88
C GLN CA 81 51.80 57.74 -30.66
N LYS CA 82 51.44 57.69 -31.93
CA LYS CA 82 51.46 58.88 -32.76
C LYS CA 82 50.24 59.73 -32.45
N PRO CA 83 50.40 60.97 -32.01
CA PRO CA 83 49.25 61.79 -31.64
C PRO CA 83 48.55 62.44 -32.83
N LYS CA 84 47.62 61.72 -33.47
CA LYS CA 84 46.86 62.31 -34.55
C LYS CA 84 46.11 63.54 -34.04
N PRO CA 85 46.25 64.70 -34.69
CA PRO CA 85 45.68 65.94 -34.13
C PRO CA 85 44.18 65.88 -33.88
N GLY CA 86 43.42 65.22 -34.75
CA GLY CA 86 41.97 65.23 -34.60
C GLY CA 86 41.45 64.43 -33.42
N VAL CA 87 42.31 63.67 -32.75
CA VAL CA 87 41.86 62.81 -31.66
C VAL CA 87 42.55 63.23 -30.36
N PRO CA 88 41.84 63.22 -29.25
CA PRO CA 88 42.50 63.40 -27.95
C PRO CA 88 42.96 62.07 -27.38
N GLN CA 89 44.20 62.04 -26.91
CA GLN CA 89 44.83 60.80 -26.47
C GLN CA 89 44.37 60.51 -25.06
N PHE CA 90 43.34 59.67 -24.92
CA PHE CA 90 42.78 59.42 -23.59
C PHE CA 90 43.22 58.09 -22.98
N ILE CA 91 43.77 57.17 -23.76
CA ILE CA 91 44.29 55.93 -23.20
C ILE CA 91 45.67 56.21 -22.62
N THR CA 92 45.77 56.31 -21.31
CA THR CA 92 46.94 56.87 -20.66
C THR CA 92 47.90 55.85 -20.08
N GLU CA 93 47.62 54.55 -20.20
CA GLU CA 93 48.46 53.58 -19.53
C GLU CA 93 48.10 52.19 -20.01
N GLY CA 94 49.13 51.35 -20.18
CA GLY CA 94 48.90 49.97 -20.53
C GLY CA 94 49.84 49.43 -21.58
N ASN CA 95 49.64 48.18 -21.97
CA ASN CA 95 50.48 47.58 -23.00
C ASN CA 95 50.33 48.35 -24.30
N LYS CA 96 51.43 48.48 -25.03
CA LYS CA 96 51.40 49.19 -26.30
C LYS CA 96 50.44 48.52 -27.26
N LEU CA 97 49.56 49.30 -27.85
CA LEU CA 97 48.50 48.76 -28.70
C LEU CA 97 48.98 48.59 -30.12
N GLY CA 98 48.58 47.47 -30.73
CA GLY CA 98 48.92 47.21 -32.11
C GLY CA 98 47.69 46.98 -32.95
N ARG CA 99 47.87 46.50 -34.18
CA ARG CA 99 46.73 46.26 -35.04
C ARG CA 99 45.91 45.08 -34.55
N GLN CA 100 46.56 44.00 -34.16
CA GLN CA 100 45.87 42.83 -33.60
C GLN CA 100 46.34 42.67 -32.16
N SER CA 101 45.62 43.31 -31.24
CA SER CA 101 45.94 43.13 -29.83
C SER CA 101 44.69 42.76 -29.06
N ILE CA 102 43.56 43.33 -29.46
CA ILE CA 102 42.30 43.12 -28.74
C ILE CA 102 41.58 41.97 -29.42
N LEU CA 103 41.63 40.80 -28.81
CA LEU CA 103 40.82 39.68 -29.28
C LEU CA 103 39.43 39.70 -28.64
N LYS CA 104 39.32 40.15 -27.39
CA LYS CA 104 38.04 40.24 -26.72
C LYS CA 104 38.21 40.99 -25.41
N ILE CA 105 37.30 41.92 -25.14
CA ILE CA 105 37.29 42.61 -23.85
C ILE CA 105 36.59 41.73 -22.84
N GLU CA 106 37.15 41.63 -21.65
CA GLU CA 106 36.63 40.68 -20.66
C GLU CA 106 36.14 41.33 -19.38
N LYS CA 107 36.91 42.24 -18.79
CA LYS CA 107 36.55 42.82 -17.51
C LYS CA 107 36.69 44.33 -17.58
N ILE CA 108 35.82 45.02 -16.85
CA ILE CA 108 35.89 46.46 -16.71
C ILE CA 108 35.79 46.78 -15.23
N ILE CA 109 36.83 47.38 -14.68
CA ILE CA 109 36.90 47.69 -13.25
C ILE CA 109 37.11 49.18 -13.08
N GLY CA 110 36.28 49.80 -12.26
N GLY CA 110 36.28 49.80 -12.26
CA GLY CA 110 36.38 51.22 -12.00
CA GLY CA 110 36.38 51.22 -12.00
C GLY CA 110 37.46 51.53 -10.98
C GLY CA 110 37.46 51.53 -10.98
N ASP CA 111 37.59 52.82 -10.68
CA ASP CA 111 38.59 53.25 -9.71
C ASP CA 111 38.19 52.91 -8.29
N ASN CA 112 36.92 52.63 -8.04
CA ASN CA 112 36.43 52.33 -6.71
C ASN CA 112 36.49 50.86 -6.37
N GLY CA 113 36.94 50.02 -7.31
CA GLY CA 113 36.90 48.60 -7.11
C GLY CA 113 35.63 47.93 -7.57
N VAL CA 114 34.63 48.69 -8.00
CA VAL CA 114 33.42 48.07 -8.50
C VAL CA 114 33.70 47.37 -9.83
N GLU CA 115 32.78 46.50 -10.22
CA GLU CA 115 32.91 45.73 -11.44
C GLU CA 115 31.66 45.93 -12.27
N TYR CA 116 31.80 46.57 -13.42
CA TYR CA 116 30.63 46.86 -14.24
C TYR CA 116 30.27 45.65 -15.09
N TYR CA 117 29.13 45.74 -15.76
CA TYR CA 117 28.61 44.66 -16.57
C TYR CA 117 28.87 44.92 -18.04
N LEU CA 118 29.15 43.85 -18.78
CA LEU CA 118 29.50 43.94 -20.19
C LEU CA 118 28.47 43.16 -21.00
N ASN CA 119 27.77 43.87 -21.89
CA ASN CA 119 26.79 43.24 -22.79
C ASN CA 119 25.76 42.42 -22.04
N ASP CA 120 25.42 42.84 -20.83
CA ASP CA 120 24.36 42.20 -20.06
C ASP CA 120 23.20 43.18 -20.01
N THR CA 121 22.26 43.02 -20.94
CA THR CA 121 21.20 43.99 -21.12
C THR CA 121 20.35 44.09 -19.87
N TRP CA 122 19.83 45.29 -19.62
CA TRP CA 122 18.94 45.63 -18.53
C TRP CA 122 19.61 45.55 -17.17
N GLN CA 123 20.90 45.24 -17.11
CA GLN CA 123 21.62 45.31 -15.84
C GLN CA 123 21.81 46.78 -15.45
N PRO CA 124 22.04 47.04 -14.16
CA PRO CA 124 22.06 48.43 -13.68
C PRO CA 124 22.91 49.39 -14.50
N LEU CA 125 24.20 49.10 -14.61
CA LEU CA 125 25.13 49.97 -15.34
C LEU CA 125 25.80 49.12 -16.40
N ASN CA 126 25.16 49.03 -17.55
CA ASN CA 126 25.60 48.15 -18.62
C ASN CA 126 26.46 48.93 -19.60
N ILE CA 127 27.52 48.28 -20.08
CA ILE CA 127 28.41 48.85 -21.07
C ILE CA 127 28.33 47.98 -22.32
N THR CA 128 28.10 48.61 -23.46
CA THR CA 128 27.84 47.90 -24.70
C THR CA 128 28.98 48.12 -25.69
N THR CA 129 29.37 47.06 -26.38
CA THR CA 129 30.38 47.15 -27.43
C THR CA 129 29.68 47.07 -28.78
N PRO CA 130 29.54 48.15 -29.50
CA PRO CA 130 28.82 48.09 -30.77
C PRO CA 130 29.65 47.52 -31.90
N GLU CA 131 30.97 47.63 -31.80
CA GLU CA 131 31.82 47.24 -32.93
C GLU CA 131 33.06 46.51 -32.46
N PHE CA 132 32.98 45.81 -31.34
CA PHE CA 132 34.00 44.83 -30.96
C PHE CA 132 35.33 45.45 -30.53
N ASP CA 133 35.49 46.75 -30.76
CA ASP CA 133 36.69 47.47 -30.35
C ASP CA 133 36.32 48.86 -29.85
N VAL CA 134 35.05 49.07 -29.53
CA VAL CA 134 34.54 50.37 -29.14
C VAL CA 134 33.64 50.17 -27.93
N LEU CA 135 33.74 51.06 -26.96
CA LEU CA 135 32.87 51.05 -25.80
C LEU CA 135 31.81 52.14 -25.97
N GLU CA 136 30.55 51.76 -25.91
CA GLU CA 136 29.45 52.71 -25.92
C GLU CA 136 28.97 52.92 -24.50
N ILE CA 137 29.04 54.16 -24.03
CA ILE CA 137 28.71 54.48 -22.65
C ILE CA 137 27.49 55.37 -22.64
N SER CA 138 26.41 54.88 -22.04
CA SER CA 138 25.17 55.63 -22.01
C SER CA 138 25.26 56.78 -21.01
N ASP CA 139 24.27 57.67 -21.07
CA ASP CA 139 24.26 58.83 -20.19
C ASP CA 139 23.92 58.47 -18.75
N GLU CA 140 23.15 57.41 -18.55
CA GLU CA 140 22.86 56.97 -17.19
C GLU CA 140 24.13 56.60 -16.45
N PHE CA 141 25.14 56.12 -17.18
CA PHE CA 141 26.43 55.86 -16.56
C PHE CA 141 27.02 57.12 -15.98
N TYR CA 142 26.96 58.22 -16.74
CA TYR CA 142 27.45 59.48 -16.21
C TYR CA 142 26.59 59.97 -15.07
N CYS CA 143 25.29 59.72 -15.14
CA CYS CA 143 24.39 60.13 -14.06
C CYS CA 143 24.78 59.46 -12.75
N HIS CA 144 25.01 58.15 -12.78
CA HIS CA 144 25.46 57.41 -11.60
C HIS CA 144 26.73 56.68 -11.98
N SER CA 145 27.86 57.39 -11.95
CA SER CA 145 29.16 56.78 -12.20
C SER CA 145 30.07 56.87 -10.98
N SER CA 146 30.34 58.09 -10.50
CA SER CA 146 31.25 58.32 -9.37
C SER CA 146 32.63 57.74 -9.64
N SER CA 147 33.01 57.60 -10.91
CA SER CA 147 34.29 57.02 -11.28
C SER CA 147 34.91 57.87 -12.37
N LYS CA 148 36.13 58.31 -12.17
CA LYS CA 148 36.79 59.18 -13.13
C LYS CA 148 37.67 58.44 -14.12
N THR CA 149 37.80 57.13 -13.98
CA THR CA 149 38.65 56.36 -14.88
C THR CA 149 38.18 54.93 -14.89
N LEU CA 150 38.68 54.17 -15.86
CA LEU CA 150 38.32 52.79 -16.04
C LEU CA 150 39.58 51.96 -16.26
N GLU CA 151 39.50 50.69 -15.93
CA GLU CA 151 40.55 49.73 -16.21
C GLU CA 151 39.96 48.58 -17.01
N VAL CA 152 40.58 48.26 -18.13
CA VAL CA 152 40.07 47.27 -19.06
C VAL CA 152 41.04 46.12 -19.16
N ARG CA 153 40.52 44.91 -19.21
CA ARG CA 153 41.33 43.73 -19.45
C ARG CA 153 40.79 42.99 -20.67
N TYR CA 154 41.69 42.35 -21.39
CA TYR CA 154 41.32 41.81 -22.69
C TYR CA 154 42.29 40.71 -23.07
N ARG CA 155 41.85 39.86 -23.99
CA ARG CA 155 42.70 38.77 -24.45
C ARG CA 155 43.63 39.28 -25.54
N ARG CA 156 44.92 39.04 -25.38
CA ARG CA 156 45.94 39.62 -26.24
C ARG CA 156 46.46 38.63 -27.25
N ALA CA 157 47.09 39.17 -28.29
CA ALA CA 157 47.91 38.44 -29.23
C ALA CA 157 49.14 39.30 -29.47
N PRO CA 158 50.32 38.70 -29.58
CA PRO CA 158 51.54 39.50 -29.67
C PRO CA 158 51.62 40.24 -30.99
N THR CA 159 52.41 41.30 -30.99
CA THR CA 159 52.64 42.06 -32.20
C THR CA 159 53.87 41.52 -32.92
N PRO CA 160 53.74 41.03 -34.14
CA PRO CA 160 54.89 40.42 -34.81
C PRO CA 160 55.98 41.43 -35.08
N MET CA 161 57.23 40.96 -35.03
CA MET CA 161 58.37 41.82 -35.30
C MET CA 161 58.49 42.09 -36.79
N LYS CA 162 58.95 43.29 -37.12
CA LYS CA 162 59.00 43.74 -38.51
C LYS CA 162 60.30 43.26 -39.16
N ILE CA 163 60.16 42.45 -40.20
CA ILE CA 163 61.32 42.02 -40.99
C ILE CA 163 61.64 43.11 -41.99
N CYS CA 164 62.90 43.16 -42.43
CA CYS CA 164 63.35 44.19 -43.36
C CYS CA 164 64.38 43.61 -44.32
N VAL CA 165 64.47 44.24 -45.49
CA VAL CA 165 65.33 43.73 -46.56
C VAL CA 165 66.79 43.74 -46.13
N ASP CA 166 67.19 44.75 -45.34
CA ASP CA 166 68.51 44.71 -44.75
C ASP CA 166 68.60 43.66 -43.65
N ASN CA 167 67.49 43.43 -42.93
CA ASN CA 167 67.45 42.41 -41.90
C ASN CA 167 67.54 41.01 -42.46
N LEU CA 168 67.39 40.83 -43.77
CA LEU CA 168 67.66 39.53 -44.38
C LEU CA 168 69.06 39.01 -44.10
N ASP CA 169 69.95 39.83 -43.54
CA ASP CA 169 71.27 39.35 -43.18
C ASP CA 169 71.20 38.29 -42.10
N SER CA 170 70.49 38.57 -41.01
CA SER CA 170 70.51 37.71 -39.83
C SER CA 170 69.28 36.81 -39.75
N TRP CA 171 68.09 37.42 -39.65
CA TRP CA 171 66.81 36.72 -39.57
C TRP CA 171 66.79 35.75 -38.39
N GLY CA 172 67.88 35.69 -37.64
CA GLY CA 172 68.02 34.75 -36.56
C GLY CA 172 67.92 35.41 -35.21
N CYS CA 173 67.94 36.75 -35.21
CA CYS CA 173 67.67 37.49 -33.99
C CYS CA 173 66.20 37.72 -33.76
N ILE CA 174 65.35 37.42 -34.75
CA ILE CA 174 63.91 37.53 -34.56
C ILE CA 174 63.49 36.54 -33.48
N ASP CA 175 62.56 36.97 -32.63
CA ASP CA 175 62.10 36.15 -31.51
C ASP CA 175 60.60 35.94 -31.62
N ILE CA 176 60.19 34.70 -31.81
CA ILE CA 176 58.78 34.36 -31.77
C ILE CA 176 58.33 34.33 -30.32
N ASP CA 177 57.10 34.75 -30.06
CA ASP CA 177 56.57 34.88 -28.72
C ASP CA 177 55.62 33.72 -28.42
N LEU CA 178 56.18 32.62 -27.92
CA LEU CA 178 55.39 31.44 -27.59
C LEU CA 178 56.11 30.63 -26.54
N PRO CA 179 55.38 29.90 -25.71
CA PRO CA 179 56.00 28.81 -24.94
C PRO CA 179 56.34 27.65 -25.85
N TYR CA 180 57.25 26.79 -25.38
CA TYR CA 180 57.79 25.76 -26.25
C TYR CA 180 56.77 24.69 -26.61
N THR CA 181 55.84 24.40 -25.70
CA THR CA 181 54.75 23.47 -25.98
C THR CA 181 54.04 23.83 -27.28
N HIS CA 182 53.50 25.03 -27.31
CA HIS CA 182 52.81 25.46 -28.49
C HIS CA 182 53.76 25.60 -29.67
N LEU CA 183 55.08 25.62 -29.45
CA LEU CA 183 56.01 25.43 -30.56
C LEU CA 183 55.83 24.06 -31.19
N GLN CA 184 55.81 23.02 -30.37
CA GLN CA 184 55.63 21.69 -30.94
C GLN CA 184 54.35 21.65 -31.76
N ALA CA 185 53.31 22.33 -31.30
CA ALA CA 185 52.07 22.36 -32.10
C ALA CA 185 52.22 23.19 -33.37
N LEU CA 186 52.89 24.34 -33.26
CA LEU CA 186 53.05 25.25 -34.39
C LEU CA 186 53.77 24.59 -35.55
N LEU CA 187 54.69 23.68 -35.24
CA LEU CA 187 55.39 22.95 -36.30
C LEU CA 187 54.38 22.25 -37.21
N TYR CA 188 53.45 21.50 -36.62
CA TYR CA 188 52.46 20.80 -37.43
C TYR CA 188 51.60 21.77 -38.20
N PHE CA 189 51.21 22.88 -37.55
CA PHE CA 189 50.37 23.83 -38.27
C PHE CA 189 51.05 24.31 -39.55
N VAL CA 190 52.28 24.78 -39.42
CA VAL CA 190 52.99 25.32 -40.58
C VAL CA 190 53.21 24.25 -41.62
N ALA CA 191 53.57 23.04 -41.18
CA ALA CA 191 53.83 21.98 -42.15
C ALA CA 191 52.58 21.67 -42.96
N SER CA 192 51.43 21.59 -42.30
CA SER CA 192 50.19 21.34 -43.04
C SER CA 192 49.93 22.43 -44.05
N ARG CA 193 50.02 23.69 -43.61
CA ARG CA 193 49.70 24.79 -44.52
C ARG CA 193 50.62 24.79 -45.73
N CYS CA 194 51.90 24.48 -45.51
CA CYS CA 194 52.85 24.53 -46.62
C CYS CA 194 52.73 23.34 -47.54
N GLN CA 195 52.46 22.16 -46.99
CA GLN CA 195 52.41 20.95 -47.81
C GLN CA 195 51.10 20.74 -48.52
N THR CA 196 50.05 21.49 -48.18
CA THR CA 196 48.77 21.21 -48.81
C THR CA 196 48.80 21.23 -50.34
N PRO CA 197 49.30 22.29 -51.00
CA PRO CA 197 49.11 22.42 -52.46
C PRO CA 197 50.24 21.86 -53.32
N ILE CA 198 50.61 20.60 -53.06
CA ILE CA 198 51.70 19.96 -53.79
C ILE CA 198 51.46 18.47 -53.83
N GLY CA 199 51.72 17.85 -54.98
CA GLY CA 199 51.76 16.40 -55.04
C GLY CA 199 50.63 15.82 -55.86
N PHE CA 200 50.94 14.75 -56.60
CA PHE CA 200 49.95 14.10 -57.44
C PHE CA 200 49.94 12.58 -57.32
N MET CA 201 50.72 12.02 -56.41
CA MET CA 201 50.71 10.58 -56.21
C MET CA 201 49.77 10.21 -55.06
N GLU CA 202 49.40 8.94 -55.00
CA GLU CA 202 48.35 8.50 -54.09
C GLU CA 202 48.70 8.81 -52.65
N ASN CA 203 49.88 8.41 -52.20
CA ASN CA 203 50.26 8.65 -50.81
C ASN CA 203 50.82 10.04 -50.57
N THR CA 204 51.27 10.73 -51.62
CA THR CA 204 51.81 12.07 -51.44
C THR CA 204 50.75 13.15 -51.54
N ALA CA 205 49.52 12.80 -51.86
CA ALA CA 205 48.45 13.79 -51.90
C ALA CA 205 47.72 13.91 -50.59
N GLN CA 206 48.15 13.21 -49.54
CA GLN CA 206 47.44 13.22 -48.27
C GLN CA 206 48.27 13.79 -47.13
N GLU CA 207 49.46 14.32 -47.41
CA GLU CA 207 50.31 14.79 -46.33
C GLU CA 207 49.70 16.00 -45.62
N GLY CA 208 49.10 16.92 -46.38
CA GLY CA 208 48.45 18.05 -45.75
C GLY CA 208 47.34 17.63 -44.81
N PHE CA 209 46.51 16.70 -45.27
CA PHE CA 209 45.42 16.22 -44.43
C PHE CA 209 45.96 15.54 -43.18
N ASN CA 210 47.00 14.71 -43.32
CA ASN CA 210 47.56 14.04 -42.16
C ASN CA 210 48.10 15.05 -41.16
N PHE CA 211 48.78 16.07 -41.65
CA PHE CA 211 49.34 17.06 -40.74
C PHE CA 211 48.24 17.85 -40.04
N SER CA 212 47.14 18.12 -40.74
CA SER CA 212 46.02 18.76 -40.07
C SER CA 212 45.47 17.89 -38.94
N GLN CA 213 45.34 16.59 -39.20
CA GLN CA 213 44.86 15.70 -38.15
C GLN CA 213 45.79 15.71 -36.95
N LYS CA 214 47.09 15.64 -37.20
CA LYS CA 214 48.04 15.63 -36.08
C LYS CA 214 47.99 16.95 -35.32
N TYR CA 215 47.78 18.05 -36.03
CA TYR CA 215 47.66 19.35 -35.37
C TYR CA 215 46.47 19.37 -34.42
N GLU CA 216 45.33 18.86 -34.87
CA GLU CA 216 44.16 18.82 -33.99
C GLU CA 216 44.42 17.92 -32.79
N ALA CA 217 45.04 16.76 -33.02
CA ALA CA 217 45.31 15.86 -31.90
C ALA CA 217 46.21 16.54 -30.87
N GLU CA 218 47.23 17.25 -31.33
CA GLU CA 218 48.13 17.92 -30.41
C GLU CA 218 47.42 19.02 -29.63
N CYS CA 219 46.53 19.76 -30.28
CA CYS CA 219 45.77 20.78 -29.54
C CYS CA 219 44.93 20.13 -28.46
N ALA CA 220 44.29 19.00 -28.78
CA ALA CA 220 43.51 18.31 -27.76
C ALA CA 220 44.39 17.84 -26.61
N ASN CA 221 45.59 17.36 -26.91
CA ASN CA 221 46.48 16.90 -25.84
C ASN CA 221 46.89 18.05 -24.95
N LEU CA 222 47.17 19.22 -25.54
CA LEU CA 222 47.51 20.37 -24.70
C LEU CA 222 46.35 20.76 -23.80
N ASP CA 223 45.13 20.73 -24.34
CA ASP CA 223 43.97 21.02 -23.52
C ASP CA 223 43.88 20.04 -22.35
N ALA CA 224 44.08 18.76 -22.63
CA ALA CA 224 43.99 17.76 -21.58
C ALA CA 224 45.05 17.98 -20.51
N GLN CA 225 46.28 18.26 -20.92
CA GLN CA 225 47.35 18.47 -19.95
C GLN CA 225 47.19 19.79 -19.20
N ASN CA 226 46.36 20.69 -19.71
CA ASN CA 226 46.08 21.96 -19.04
C ASN CA 226 47.35 22.78 -18.88
N LEU CA 227 47.96 23.11 -20.02
CA LEU CA 227 49.14 23.96 -20.06
C LEU CA 227 48.81 25.39 -20.49
N ARG CA 228 47.63 25.87 -20.13
CA ARG CA 228 47.26 27.25 -20.39
C ARG CA 228 46.60 27.84 -19.16
N ILE CA 229 46.44 29.16 -19.17
CA ILE CA 229 45.82 29.86 -18.04
C ILE CA 229 44.35 29.50 -17.95
N ASP CA 230 43.85 29.35 -16.72
CA ASP CA 230 42.45 29.02 -16.51
C ASP CA 230 42.01 29.53 -15.16
N PRO CA 231 41.45 30.73 -15.10
CA PRO CA 231 40.84 31.20 -13.85
C PRO CA 231 39.63 30.36 -13.50
N VAL CA 232 39.40 30.20 -12.20
CA VAL CA 232 38.23 29.51 -11.68
C VAL CA 232 37.66 30.34 -10.54
N GLY CA 233 36.35 30.59 -10.58
CA GLY CA 233 35.75 31.56 -9.69
C GLY CA 233 35.25 30.94 -8.40
N ASN CA 234 35.55 31.62 -7.30
CA ASN CA 234 35.06 31.26 -5.97
C ASN CA 234 34.48 32.52 -5.34
N GLN CA 235 33.20 32.80 -5.58
CA GLN CA 235 32.63 33.96 -4.92
C GLN CA 235 32.53 33.76 -3.42
N ASP CA 236 32.21 34.86 -2.75
CA ASP CA 236 32.00 34.82 -1.31
C ASP CA 236 30.57 34.40 -0.98
N ARG CA 237 29.59 35.20 -1.40
CA ARG CA 237 28.17 34.93 -1.18
C ARG CA 237 27.77 35.04 0.28
N PHE CA 238 28.74 35.22 1.18
CA PHE CA 238 28.47 35.24 2.60
C PHE CA 238 28.62 36.61 3.22
N THR CA 239 29.08 37.60 2.46
CA THR CA 239 29.26 38.94 3.00
C THR CA 239 28.19 39.92 2.55
N ARG CA 240 27.29 39.49 1.66
CA ARG CA 240 26.19 40.37 1.27
C ARG CA 240 25.35 40.77 2.46
N GLY CA 241 25.30 39.93 3.48
CA GLY CA 241 24.48 40.17 4.64
C GLY CA 241 23.19 39.40 4.52
N GLY CA 242 23.11 38.24 5.16
CA GLY CA 242 21.93 37.42 5.03
C GLY CA 242 22.20 35.94 4.84
N TRP CA 243 23.30 35.59 4.18
CA TRP CA 243 23.59 34.17 3.98
C TRP CA 243 24.47 33.60 5.08
N VAL CA 244 24.09 33.82 6.33
CA VAL CA 244 24.88 33.29 7.44
C VAL CA 244 24.08 33.31 8.72
N ARG DA 21 25.60 79.70 47.36
CA ARG DA 21 26.45 78.52 47.28
C ARG DA 21 25.61 77.26 47.48
N LEU DA 22 24.37 77.48 47.94
CA LEU DA 22 23.33 76.46 48.05
C LEU DA 22 23.57 75.48 49.18
N GLN DA 23 24.75 75.52 49.79
CA GLN DA 23 25.09 74.62 50.88
C GLN DA 23 26.28 75.19 51.64
N PRO DA 24 26.12 76.30 52.33
CA PRO DA 24 27.27 76.93 52.99
C PRO DA 24 27.89 76.08 54.09
N GLU DA 25 27.14 75.13 54.65
CA GLU DA 25 27.64 74.35 55.77
C GLU DA 25 28.32 73.05 55.35
N TRP DA 26 28.46 72.80 54.05
CA TRP DA 26 29.13 71.61 53.57
C TRP DA 26 30.60 71.95 53.33
N SER DA 27 31.47 71.37 54.15
CA SER DA 27 32.89 71.71 54.09
C SER DA 27 33.47 71.34 52.74
N ASN DA 28 33.06 70.20 52.18
CA ASN DA 28 33.60 69.71 50.91
C ASN DA 28 32.41 69.39 50.01
N ALA DA 29 31.93 70.36 49.34
CA ALA DA 29 30.82 70.04 48.46
C ALA DA 29 31.33 69.78 47.05
N PRO DA 30 30.69 68.88 46.31
CA PRO DA 30 31.12 68.62 44.94
C PRO DA 30 30.93 69.83 44.06
N SER DA 31 31.81 69.99 43.09
CA SER DA 31 31.67 71.02 42.08
C SER DA 31 31.25 70.38 40.77
N LEU DA 32 30.73 71.22 39.87
CA LEU DA 32 30.25 70.72 38.60
C LEU DA 32 31.35 69.98 37.83
N ALA DA 33 32.60 70.30 38.09
CA ALA DA 33 33.69 69.65 37.38
C ALA DA 33 33.76 68.17 37.72
N GLN DA 34 33.73 67.82 39.00
CA GLN DA 34 33.85 66.42 39.38
C GLN DA 34 32.65 65.61 38.89
N LEU DA 35 31.45 66.19 38.94
CA LEU DA 35 30.27 65.46 38.50
C LEU DA 35 30.39 65.08 37.03
N LYS DA 36 30.67 66.05 36.17
CA LYS DA 36 30.85 65.74 34.76
C LYS DA 36 32.04 64.83 34.54
N GLN DA 37 33.05 64.92 35.41
CA GLN DA 37 34.21 64.05 35.28
C GLN DA 37 33.82 62.60 35.48
N ASP DA 38 33.05 62.30 36.53
CA ASP DA 38 32.60 60.93 36.73
C ASP DA 38 31.64 60.51 35.64
N TYR DA 39 30.87 61.46 35.11
CA TYR DA 39 29.93 61.12 34.05
C TYR DA 39 30.66 60.59 32.82
N GLN DA 40 31.80 61.19 32.49
CA GLN DA 40 32.54 60.75 31.31
C GLN DA 40 33.07 59.34 31.49
N GLU DA 41 33.60 59.02 32.66
CA GLU DA 41 34.29 57.75 32.85
C GLU DA 41 33.35 56.55 32.85
N ALA DA 42 32.04 56.76 32.90
CA ALA DA 42 31.11 55.65 32.90
C ALA DA 42 30.45 55.41 31.55
N LYS DA 43 30.37 56.45 30.71
CA LYS DA 43 29.92 56.22 29.35
C LYS DA 43 30.85 55.29 28.61
N GLN DA 44 32.15 55.34 28.93
CA GLN DA 44 33.12 54.46 28.29
C GLN DA 44 32.75 53.00 28.49
N VAL DA 45 32.01 52.69 29.55
CA VAL DA 45 31.55 51.34 29.79
C VAL DA 45 30.15 51.12 29.23
N THR DA 46 29.23 52.05 29.47
CA THR DA 46 27.85 51.82 29.05
C THR DA 46 27.68 51.81 27.54
N ASP DA 47 28.62 52.40 26.79
CA ASP DA 47 28.45 52.44 25.34
C ASP DA 47 28.45 51.05 24.73
N GLU DA 48 29.25 50.14 25.29
CA GLU DA 48 29.28 48.79 24.77
C GLU DA 48 27.90 48.16 24.83
N LYS DA 49 27.28 48.22 26.00
CA LYS DA 49 25.95 47.62 26.16
C LYS DA 49 24.92 48.35 25.32
N ILE DA 50 25.06 49.67 25.17
CA ILE DA 50 24.10 50.39 24.34
C ILE DA 50 24.20 49.92 22.89
N THR DA 51 25.42 49.76 22.38
CA THR DA 51 25.57 49.28 21.01
C THR DA 51 25.04 47.86 20.86
N GLN DA 52 25.28 47.02 21.87
CA GLN DA 52 24.76 45.65 21.82
C GLN DA 52 23.24 45.66 21.72
N ILE DA 53 22.59 46.46 22.55
CA ILE DA 53 21.14 46.51 22.53
C ILE DA 53 20.63 47.08 21.22
N ASN DA 54 21.34 48.08 20.68
CA ASN DA 54 20.94 48.62 19.38
C ASN DA 54 21.01 47.55 18.31
N ARG DA 55 22.07 46.74 18.32
CA ARG DA 55 22.18 45.66 17.35
C ARG DA 55 21.02 44.69 17.50
N TRP DA 56 20.67 44.34 18.74
CA TRP DA 56 19.54 43.45 18.95
C TRP DA 56 18.27 44.05 18.37
N LEU DA 57 18.03 45.33 18.65
CA LEU DA 57 16.80 45.96 18.21
C LEU DA 57 16.73 46.05 16.70
N ASP DA 58 17.86 46.28 16.04
CA ASP DA 58 17.85 46.43 14.59
C ASP DA 58 17.50 45.15 13.86
N TYR DA 59 17.20 44.07 14.57
CA TYR DA 59 16.83 42.83 13.89
C TYR DA 59 15.36 42.51 14.01
N MET DA 60 14.73 42.76 15.15
CA MET DA 60 13.30 42.51 15.24
C MET DA 60 12.53 43.46 14.33
N HIS DA 61 12.95 44.71 14.27
CA HIS DA 61 12.54 45.61 13.20
C HIS DA 61 13.64 45.54 12.15
N VAL DA 62 13.28 45.18 10.92
CA VAL DA 62 14.31 44.99 9.92
C VAL DA 62 14.77 46.37 9.47
N ARG DA 63 15.82 46.87 10.08
CA ARG DA 63 16.34 48.19 9.77
C ARG DA 63 17.86 48.11 9.78
N GLY DA 64 18.48 49.22 9.36
CA GLY DA 64 19.92 49.38 9.44
C GLY DA 64 20.70 48.16 9.01
N GLU DA 65 21.54 47.64 9.90
CA GLU DA 65 22.33 46.47 9.57
C GLU DA 65 21.52 45.20 9.54
N GLY DA 66 20.27 45.24 10.00
CA GLY DA 66 19.41 44.07 9.87
C GLY DA 66 18.79 43.91 8.51
N LYS DA 67 18.85 44.94 7.67
CA LYS DA 67 18.31 44.86 6.33
C LYS DA 67 19.31 44.20 5.41
N PRO DA 68 18.99 43.08 4.77
CA PRO DA 68 19.96 42.43 3.89
C PRO DA 68 20.20 43.23 2.63
N LYS DA 69 21.46 43.23 2.18
CA LYS DA 69 21.82 43.91 0.94
C LYS DA 69 21.71 42.93 -0.21
N THR DA 70 20.87 43.23 -1.19
CA THR DA 70 20.63 42.36 -2.31
C THR DA 70 20.84 43.10 -3.62
N GLU DA 71 21.25 42.35 -4.64
CA GLU DA 71 21.49 42.93 -5.95
C GLU DA 71 20.17 43.34 -6.61
N LYS DA 72 20.26 44.28 -7.53
CA LYS DA 72 19.10 44.65 -8.31
C LYS DA 72 18.74 43.53 -9.27
N GLY DA 73 17.47 43.19 -9.33
CA GLY DA 73 17.02 42.07 -10.15
C GLY DA 73 16.76 40.80 -9.38
N LYS DA 74 16.96 40.79 -8.07
CA LYS DA 74 16.66 39.64 -7.24
C LYS DA 74 15.78 40.09 -6.08
N SER DA 75 15.16 39.12 -5.41
CA SER DA 75 14.20 39.44 -4.38
C SER DA 75 14.87 40.07 -3.17
N ALA DA 76 14.05 40.74 -2.35
CA ALA DA 76 14.54 41.37 -1.13
C ALA DA 76 13.57 41.17 0.02
N VAL DA 77 12.80 40.09 0.01
CA VAL DA 77 11.86 39.83 1.09
C VAL DA 77 12.62 39.30 2.30
N GLN DA 78 12.03 39.50 3.47
CA GLN DA 78 12.67 39.06 4.71
C GLN DA 78 11.62 38.80 5.78
N PRO DA 79 11.33 37.55 6.09
CA PRO DA 79 10.29 37.25 7.06
C PRO DA 79 10.76 37.53 8.47
N PRO DA 80 10.01 38.30 9.25
CA PRO DA 80 10.38 38.54 10.64
C PRO DA 80 10.10 37.29 11.47
N THR DA 81 11.05 36.93 12.32
CA THR DA 81 10.83 35.84 13.26
C THR DA 81 11.00 36.26 14.71
N ILE DA 82 11.91 37.18 15.01
CA ILE DA 82 12.04 37.66 16.39
C ILE DA 82 10.76 38.37 16.82
N ARG DA 83 10.24 39.23 15.96
CA ARG DA 83 8.98 39.88 16.27
C ARG DA 83 7.86 38.86 16.37
N LYS DA 84 7.87 37.87 15.48
CA LYS DA 84 6.90 36.79 15.54
C LYS DA 84 6.89 36.12 16.90
N GLN DA 85 8.08 35.86 17.44
CA GLN DA 85 8.16 35.23 18.75
C GLN DA 85 7.67 36.16 19.85
N ALA DA 86 8.08 37.43 19.80
CA ALA DA 86 7.73 38.33 20.88
C ALA DA 86 6.22 38.58 20.94
N GLU DA 87 5.55 38.55 19.80
CA GLU DA 87 4.12 38.80 19.79
C GLU DA 87 3.38 37.71 20.57
N TRP DA 88 3.91 36.50 20.58
CA TRP DA 88 3.24 35.39 21.26
C TRP DA 88 3.65 35.27 22.71
N ARG DA 89 4.47 36.18 23.20
CA ARG DA 89 4.87 36.18 24.60
C ARG DA 89 4.39 37.41 25.36
N TYR DA 90 4.18 38.53 24.67
CA TYR DA 90 3.76 39.74 25.36
C TYR DA 90 2.52 39.50 26.22
N SER DA 91 1.48 38.94 25.62
CA SER DA 91 0.21 38.81 26.33
C SER DA 91 0.31 37.79 27.45
N SER DA 92 0.93 36.64 27.17
CA SER DA 92 1.06 35.62 28.20
C SER DA 92 1.89 36.11 29.37
N LEU DA 93 2.74 37.11 29.16
CA LEU DA 93 3.46 37.67 30.29
C LEU DA 93 2.65 38.73 31.02
N SER DA 94 1.95 39.60 30.27
CA SER DA 94 1.28 40.72 30.91
C SER DA 94 -0.04 40.35 31.56
N GLU DA 95 -0.64 39.22 31.19
CA GLU DA 95 -1.96 38.90 31.70
C GLU DA 95 -2.02 38.73 33.22
N PRO DA 96 -1.12 37.96 33.87
CA PRO DA 96 -1.32 37.66 35.29
C PRO DA 96 -1.31 38.87 36.21
N PHE DA 97 -1.08 40.06 35.67
CA PHE DA 97 -1.17 41.28 36.45
C PHE DA 97 -2.51 41.97 36.30
N LEU DA 98 -2.99 42.10 35.08
CA LEU DA 98 -4.24 42.81 34.82
C LEU DA 98 -5.46 41.90 34.89
N SER DA 99 -5.30 40.60 35.05
CA SER DA 99 -6.46 39.73 35.10
C SER DA 99 -7.29 39.92 36.36
N SER DA 100 -6.80 40.63 37.36
CA SER DA 100 -7.46 40.78 38.64
C SER DA 100 -7.94 42.21 38.84
N PRO DA 101 -8.96 42.43 39.66
CA PRO DA 101 -9.45 43.80 39.88
C PRO DA 101 -8.40 44.74 40.42
N ASN DA 102 -7.54 44.28 41.32
CA ASN DA 102 -6.45 45.10 41.84
C ASN DA 102 -5.21 44.25 41.97
N ILE DA 103 -4.05 44.90 41.83
CA ILE DA 103 -2.80 44.16 41.74
C ILE DA 103 -2.41 43.60 43.11
N PHE DA 104 -2.19 44.48 44.07
CA PHE DA 104 -1.51 44.08 45.29
C PHE DA 104 -2.46 43.37 46.25
N GLU DA 105 -1.88 42.82 47.31
CA GLU DA 105 -2.63 42.14 48.34
C GLU DA 105 -1.80 42.14 49.61
N VAL DA 106 -2.28 42.79 50.65
CA VAL DA 106 -1.53 43.01 51.88
C VAL DA 106 -2.15 42.19 52.99
N ASN DA 107 -1.32 41.46 53.71
CA ASN DA 107 -1.76 40.63 54.82
C ASN DA 107 -0.93 40.93 56.05
N PRO DA 108 -1.52 40.81 57.24
CA PRO DA 108 -0.77 41.09 58.47
C PRO DA 108 0.22 39.98 58.76
N VAL DA 109 1.21 40.32 59.57
CA VAL DA 109 2.18 39.36 60.07
C VAL DA 109 1.81 38.87 61.45
N THR DA 110 1.37 39.77 62.32
CA THR DA 110 0.97 39.45 63.68
C THR DA 110 -0.35 40.12 63.98
N TRP DA 111 -1.07 39.57 64.95
CA TRP DA 111 -2.41 40.06 65.25
C TRP DA 111 -2.44 41.53 65.63
N GLU DA 112 -1.31 42.09 66.09
CA GLU DA 112 -1.24 43.52 66.33
C GLU DA 112 -1.63 44.31 65.09
N ASP DA 113 -1.38 43.74 63.92
CA ASP DA 113 -1.69 44.33 62.63
C ASP DA 113 -3.13 44.01 62.27
N ALA DA 114 -3.49 44.13 61.00
CA ALA DA 114 -4.80 43.92 60.38
C ALA DA 114 -5.69 45.14 60.48
N GLU DA 115 -5.22 46.25 61.04
CA GLU DA 115 -5.83 47.55 60.82
C GLU DA 115 -4.95 48.40 59.91
N SER DA 116 -3.69 48.57 60.29
CA SER DA 116 -2.73 49.21 59.42
C SER DA 116 -2.63 48.48 58.10
N ALA DA 117 -2.65 47.15 58.14
CA ALA DA 117 -2.57 46.37 56.91
C ALA DA 117 -3.72 46.69 55.98
N ARG DA 118 -4.95 46.63 56.50
CA ARG DA 118 -6.12 46.87 55.67
C ARG DA 118 -6.09 48.28 55.11
N GLN DA 119 -5.78 49.26 55.96
CA GLN DA 119 -5.77 50.65 55.53
C GLN DA 119 -4.75 50.88 54.41
N ASN DA 120 -3.52 50.42 54.62
CA ASN DA 120 -2.48 50.64 53.62
C ASN DA 120 -2.80 49.92 52.33
N GLY DA 121 -3.29 48.69 52.42
CA GLY DA 121 -3.64 47.97 51.21
C GLY DA 121 -4.69 48.69 50.40
N LEU DA 122 -5.73 49.19 51.09
CA LEU DA 122 -6.80 49.88 50.38
C LEU DA 122 -6.27 51.14 49.72
N VAL DA 123 -5.47 51.92 50.44
CA VAL DA 123 -4.96 53.17 49.88
C VAL DA 123 -4.11 52.89 48.66
N LEU DA 124 -3.18 51.94 48.77
CA LEU DA 124 -2.28 51.66 47.66
C LEU DA 124 -3.04 51.15 46.44
N ASN DA 125 -3.99 50.24 46.64
CA ASN DA 125 -4.74 49.71 45.52
C ASN DA 125 -5.53 50.80 44.82
N GLN DA 126 -6.14 51.70 45.61
CA GLN DA 126 -6.88 52.79 44.98
C GLN DA 126 -5.95 53.69 44.20
N GLN DA 127 -4.77 53.97 44.74
CA GLN DA 127 -3.83 54.83 44.03
C GLN DA 127 -3.48 54.24 42.67
N PHE DA 128 -3.09 52.96 42.66
CA PHE DA 128 -2.77 52.33 41.38
C PHE DA 128 -3.96 52.31 40.44
N ASN DA 129 -5.15 52.01 40.94
CA ASN DA 129 -6.31 51.89 40.06
C ASN DA 129 -6.63 53.22 39.40
N THR DA 130 -6.58 54.32 40.14
CA THR DA 130 -7.06 55.58 39.61
C THR DA 130 -5.95 56.49 39.11
N LYS DA 131 -5.00 56.85 39.97
CA LYS DA 131 -4.09 57.94 39.63
C LYS DA 131 -3.14 57.54 38.50
N LEU DA 132 -2.52 56.38 38.62
CA LEU DA 132 -1.62 55.89 37.59
C LEU DA 132 -2.42 55.10 36.55
N ASN DA 133 -1.93 55.09 35.32
CA ASN DA 133 -2.62 54.36 34.28
C ASN DA 133 -2.66 52.87 34.58
N LYS DA 134 -1.51 52.31 34.92
CA LYS DA 134 -1.29 50.90 35.22
C LYS DA 134 -1.40 50.06 33.97
N GLN DA 135 -2.11 50.55 32.97
CA GLN DA 135 -2.28 49.79 31.73
C GLN DA 135 -1.13 50.05 30.79
N ARG DA 136 -0.95 51.32 30.42
CA ARG DA 136 0.25 51.73 29.71
C ARG DA 136 1.49 51.30 30.46
N PHE DA 137 1.45 51.39 31.79
CA PHE DA 137 2.60 51.04 32.59
C PHE DA 137 2.97 49.57 32.41
N ILE DA 138 2.01 48.67 32.62
CA ILE DA 138 2.32 47.25 32.50
C ILE DA 138 2.75 46.92 31.08
N ASP DA 139 2.10 47.50 30.09
CA ASP DA 139 2.45 47.19 28.71
C ASP DA 139 3.89 47.58 28.40
N GLU DA 140 4.26 48.82 28.73
CA GLU DA 140 5.63 49.24 28.47
C GLU DA 140 6.61 48.41 29.28
N TYR DA 141 6.27 48.12 30.53
CA TYR DA 141 7.09 47.27 31.38
C TYR DA 141 7.45 45.98 30.67
N VAL DA 142 6.44 45.18 30.32
CA VAL DA 142 6.73 43.86 29.77
C VAL DA 142 7.40 43.98 28.42
N ARG DA 143 7.02 44.98 27.60
CA ARG DA 143 7.59 45.05 26.27
C ARG DA 143 9.07 45.39 26.32
N ALA DA 144 9.43 46.40 27.11
CA ALA DA 144 10.83 46.73 27.26
C ALA DA 144 11.60 45.55 27.81
N GLY DA 145 11.04 44.86 28.80
CA GLY DA 145 11.73 43.71 29.34
C GLY DA 145 11.98 42.63 28.32
N VAL DA 146 10.99 42.36 27.48
CA VAL DA 146 11.12 41.26 26.53
C VAL DA 146 12.14 41.59 25.45
N ASP DA 147 12.07 42.79 24.88
CA ASP DA 147 12.88 43.05 23.71
C ASP DA 147 14.09 43.94 23.97
N GLU DA 148 14.45 44.17 25.23
CA GLU DA 148 15.69 44.90 25.52
C GLU DA 148 16.56 44.25 26.57
N GLY DA 149 16.05 43.31 27.36
CA GLY DA 149 16.84 42.60 28.32
C GLY DA 149 16.85 43.19 29.71
N THR DA 150 16.50 44.45 29.86
CA THR DA 150 16.51 45.07 31.18
C THR DA 150 15.41 46.11 31.28
N ILE DA 151 14.93 46.32 32.49
CA ILE DA 151 13.93 47.34 32.78
C ILE DA 151 14.49 48.23 33.87
N ILE DA 152 14.45 49.54 33.63
CA ILE DA 152 14.70 50.53 34.66
C ILE DA 152 13.37 51.22 34.92
N VAL DA 153 13.08 51.48 36.19
CA VAL DA 153 11.85 52.15 36.59
C VAL DA 153 12.20 53.24 37.58
N LYS DA 154 11.68 54.45 37.35
CA LYS DA 154 11.91 55.58 38.21
C LYS DA 154 10.68 55.86 39.05
N VAL DA 155 10.87 55.97 40.36
CA VAL DA 155 9.78 56.20 41.31
C VAL DA 155 9.99 57.56 41.94
N GLY DA 156 8.95 58.38 41.93
CA GLY DA 156 9.05 59.71 42.49
C GLY DA 156 7.74 60.17 43.06
N TRP DA 157 7.72 61.39 43.58
CA TRP DA 157 6.52 61.96 44.16
C TRP DA 157 6.21 63.29 43.49
N ASN DA 158 4.92 63.54 43.26
CA ASN DA 158 4.46 64.77 42.64
C ASN DA 158 3.63 65.55 43.64
N TYR DA 159 3.85 66.86 43.70
CA TYR DA 159 3.20 67.70 44.70
C TYR DA 159 3.06 69.11 44.12
N GLN DA 160 1.87 69.43 43.63
CA GLN DA 160 1.59 70.71 43.02
C GLN DA 160 0.62 71.49 43.89
N SER DA 161 0.83 72.80 44.00
CA SER DA 161 0.05 73.63 44.91
C SER DA 161 0.14 75.07 44.44
N ARG DA 162 -0.10 76.01 45.36
CA ARG DA 162 -0.07 77.47 45.25
C ARG DA 162 -1.36 78.05 44.72
N THR DA 163 -2.35 77.23 44.35
CA THR DA 163 -3.57 77.77 43.79
C THR DA 163 -4.40 78.41 44.89
N VAL DA 164 -4.15 79.69 45.17
CA VAL DA 164 -4.72 80.33 46.35
C VAL DA 164 -6.21 80.55 46.16
N LYS DA 165 -6.95 80.49 47.26
CA LYS DA 165 -8.37 80.83 47.30
C LYS DA 165 -8.57 82.00 48.26
N GLU DA 166 -9.81 82.50 48.33
CA GLU DA 166 -10.07 83.77 49.00
C GLU DA 166 -11.42 83.74 49.70
N GLN DA 167 -11.79 84.90 50.25
CA GLN DA 167 -13.13 85.21 50.76
C GLN DA 167 -13.51 84.29 51.93
N VAL DA 168 -12.79 84.45 53.03
CA VAL DA 168 -13.21 83.84 54.29
C VAL DA 168 -14.36 84.65 54.89
N VAL DA 169 -15.07 84.04 55.84
CA VAL DA 169 -16.14 84.73 56.54
C VAL DA 169 -15.87 84.69 58.04
N THR DA 170 -16.78 85.27 58.82
CA THR DA 170 -16.64 85.34 60.27
C THR DA 170 -17.98 85.07 60.93
N TYR DA 171 -17.95 84.31 62.01
CA TYR DA 171 -19.15 83.99 62.79
C TYR DA 171 -19.01 84.55 64.18
N GLU DA 172 -20.03 85.28 64.62
CA GLU DA 172 -20.07 85.77 66.00
C GLU DA 172 -20.70 84.74 66.91
N MET DA 173 -20.19 84.66 68.13
CA MET DA 173 -20.71 83.71 69.09
C MET DA 173 -22.07 84.18 69.61
N MET DA 174 -22.91 83.24 70.04
CA MET DA 174 -24.21 83.61 70.56
C MET DA 174 -24.68 82.56 71.57
N PRO DA 175 -25.13 82.99 72.75
CA PRO DA 175 -25.48 82.02 73.81
C PRO DA 175 -26.90 81.47 73.73
N ASP DA 176 -27.54 81.53 72.57
CA ASP DA 176 -28.88 80.99 72.42
C ASP DA 176 -28.83 79.47 72.31
N SER DA 177 -29.52 78.78 73.21
CA SER DA 177 -29.62 77.33 73.18
C SER DA 177 -31.09 76.92 73.14
N SER DA 178 -31.37 75.86 72.39
CA SER DA 178 -32.74 75.39 72.20
C SER DA 178 -32.70 73.88 72.00
N GLU DA 179 -33.80 73.33 71.50
CA GLU DA 179 -33.95 71.89 71.33
C GLU DA 179 -33.48 71.42 69.96
N GLU DA 180 -33.79 72.20 68.92
CA GLU DA 180 -33.36 71.86 67.58
C GLU DA 180 -31.85 71.87 67.46
N LEU DA 181 -31.20 72.82 68.14
CA LEU DA 181 -29.75 72.84 68.16
C LEU DA 181 -29.19 71.58 68.79
N ALA DA 182 -29.80 71.12 69.87
CA ALA DA 182 -29.36 69.88 70.50
C ALA DA 182 -29.51 68.69 69.56
N GLN DA 183 -30.65 68.61 68.87
CA GLN DA 183 -30.85 67.51 67.92
C GLN DA 183 -29.80 67.55 66.82
N ILE DA 184 -29.61 68.71 66.21
CA ILE DA 184 -28.68 68.82 65.09
C ILE DA 184 -27.27 68.51 65.55
N TYR DA 185 -26.89 68.99 66.73
CA TYR DA 185 -25.55 68.75 67.23
C TYR DA 185 -25.34 67.28 67.55
N GLN DA 186 -26.37 66.62 68.08
CA GLN DA 186 -26.28 65.18 68.31
C GLN DA 186 -26.07 64.43 67.01
N THR DA 187 -26.83 64.79 65.98
CA THR DA 187 -26.69 64.12 64.69
C THR DA 187 -25.30 64.36 64.11
N ALA DA 188 -24.80 65.59 64.20
CA ALA DA 188 -23.48 65.89 63.68
C ALA DA 188 -22.40 65.13 64.43
N ALA DA 189 -22.55 65.00 65.75
CA ALA DA 189 -21.60 64.20 66.52
C ALA DA 189 -21.63 62.75 66.07
N GLN DA 190 -22.82 62.23 65.83
CA GLN DA 190 -22.93 60.84 65.34
C GLN DA 190 -22.23 60.69 64.01
N ILE DA 191 -22.39 61.66 63.12
CA ILE DA 191 -21.73 61.60 61.82
C ILE DA 191 -20.22 61.64 62.00
N ARG DA 192 -19.72 62.61 62.77
CA ARG DA 192 -18.29 62.69 63.01
C ARG DA 192 -17.76 61.43 63.65
N GLU DA 193 -18.60 60.70 64.37
CA GLU DA 193 -18.16 59.45 64.99
C GLU DA 193 -18.05 58.34 63.95
N GLU DA 194 -19.11 58.08 63.21
CA GLU DA 194 -19.15 56.84 62.44
C GLU DA 194 -18.83 57.01 60.96
N SER DA 195 -18.90 58.21 60.40
CA SER DA 195 -18.57 58.47 59.01
C SER DA 195 -17.68 59.69 58.93
N PRO DA 196 -16.43 59.58 59.37
CA PRO DA 196 -15.56 60.76 59.41
C PRO DA 196 -15.32 61.36 58.05
N SER DA 197 -15.48 60.59 56.97
CA SER DA 197 -15.27 61.14 55.64
C SER DA 197 -16.26 62.25 55.33
N GLU DA 198 -17.51 62.08 55.75
CA GLU DA 198 -18.55 63.06 55.44
C GLU DA 198 -18.56 64.24 56.39
N TYR DA 199 -17.83 64.16 57.50
CA TYR DA 199 -17.89 65.24 58.49
C TYR DA 199 -17.49 66.60 57.94
N PRO DA 200 -16.39 66.75 57.18
CA PRO DA 200 -16.06 68.08 56.66
C PRO DA 200 -17.10 68.65 55.72
N GLU DA 201 -17.98 67.82 55.17
CA GLU DA 201 -18.97 68.32 54.22
C GLU DA 201 -20.17 68.97 54.90
N ILE DA 202 -20.29 68.85 56.22
CA ILE DA 202 -21.39 69.51 56.93
C ILE DA 202 -21.11 71.01 56.95
N PRO DA 203 -22.13 71.86 57.11
CA PRO DA 203 -21.90 73.30 57.06
C PRO DA 203 -20.93 73.80 58.13
N GLU DA 204 -20.17 74.82 57.75
CA GLU DA 204 -19.10 75.33 58.60
C GLU DA 204 -19.65 75.90 59.90
N ASP DA 205 -20.75 76.65 59.81
CA ASP DA 205 -21.31 77.28 61.00
C ASP DA 205 -21.72 76.24 62.03
N VAL DA 206 -22.51 75.26 61.59
CA VAL DA 206 -22.98 74.24 62.52
C VAL DA 206 -21.81 73.43 63.03
N ARG DA 207 -20.80 73.19 62.20
CA ARG DA 207 -19.63 72.46 62.66
C ARG DA 207 -18.94 73.20 63.81
N LEU DA 208 -18.64 74.48 63.59
CA LEU DA 208 -17.87 75.21 64.60
C LEU DA 208 -18.71 75.43 65.86
N GLY DA 209 -20.00 75.66 65.71
CA GLY DA 209 -20.88 75.66 66.86
C GLY DA 209 -20.86 74.33 67.59
N LEU DA 210 -20.71 73.23 66.85
CA LEU DA 210 -20.65 71.93 67.49
C LEU DA 210 -19.42 71.80 68.38
N GLU DA 211 -18.24 72.19 67.88
CA GLU DA 211 -17.12 72.05 68.81
C GLU DA 211 -17.19 73.09 69.93
N GLU DA 212 -17.84 74.23 69.69
CA GLU DA 212 -18.08 75.14 70.80
C GLU DA 212 -18.98 74.51 71.85
N THR DA 213 -19.89 73.63 71.42
CA THR DA 213 -20.83 72.99 72.35
C THR DA 213 -20.11 72.11 73.36
N GLU DA 214 -18.89 71.67 73.08
CA GLU DA 214 -18.08 71.04 74.12
C GLU DA 214 -17.01 71.95 74.66
N ALA DA 215 -16.70 73.05 73.96
CA ALA DA 215 -15.85 74.08 74.54
C ALA DA 215 -16.50 74.70 75.77
N ASN DA 216 -17.83 74.76 75.79
CA ASN DA 216 -18.57 75.28 76.92
C ASN DA 216 -19.98 74.69 76.86
N GLY DA 217 -20.93 75.30 77.54
CA GLY DA 217 -22.31 74.82 77.51
C GLY DA 217 -22.92 74.90 76.12
N ILE DA 218 -24.14 74.37 76.03
CA ILE DA 218 -24.84 74.20 74.76
C ILE DA 218 -25.33 75.55 74.25
N GLN DA 219 -25.10 76.61 75.03
CA GLN DA 219 -25.59 77.93 74.66
C GLN DA 219 -25.08 78.37 73.29
N VAL DA 220 -23.93 77.85 72.86
CA VAL DA 220 -23.30 78.33 71.65
C VAL DA 220 -24.22 78.20 70.45
N ARG DA 221 -24.28 79.26 69.64
CA ARG DA 221 -25.05 79.21 68.40
C ARG DA 221 -24.33 79.78 67.18
N ALA DA 222 -23.33 80.64 67.34
CA ALA DA 222 -22.40 81.02 66.28
C ALA DA 222 -23.12 81.70 65.10
N VAL DA 223 -23.67 82.87 65.38
CA VAL DA 223 -24.29 83.68 64.33
C VAL DA 223 -23.21 84.23 63.40
N PRO DA 224 -23.44 84.27 62.09
CA PRO DA 224 -22.41 84.79 61.17
C PRO DA 224 -22.28 86.31 61.24
N VAL DA 225 -21.12 86.78 60.79
CA VAL DA 225 -20.89 88.22 60.63
C VAL DA 225 -20.40 88.53 59.22
N GLY DA 226 -19.29 87.94 58.81
CA GLY DA 226 -18.75 88.16 57.49
C GLY DA 226 -17.41 88.87 57.54
N SER DA 227 -16.57 88.57 56.56
CA SER DA 227 -15.23 89.13 56.44
C SER DA 227 -14.70 88.80 55.04
N GLU DA 228 -13.41 89.01 54.83
CA GLU DA 228 -12.75 88.63 53.58
C GLU DA 228 -11.25 88.54 53.82
N GLU DA 229 -10.61 87.55 53.20
CA GLU DA 229 -9.17 87.35 53.33
C GLU DA 229 -8.71 86.35 52.28
N GLU DA 230 -7.42 86.42 51.94
CA GLU DA 230 -6.85 85.68 50.81
C GLU DA 230 -5.63 84.90 51.27
N GLU DA 231 -5.81 83.60 51.49
CA GLU DA 231 -4.77 82.70 52.01
C GLU DA 231 -5.11 81.27 51.61
N ARG DA 232 -4.53 80.31 52.33
CA ARG DA 232 -4.87 78.88 52.29
C ARG DA 232 -4.74 78.30 50.89
N GLU DA 233 -3.49 78.24 50.44
CA GLU DA 233 -3.16 77.56 49.20
C GLU DA 233 -3.67 76.12 49.22
N GLU DA 234 -4.22 75.69 48.10
CA GLU DA 234 -4.74 74.33 47.97
C GLU DA 234 -3.74 73.43 47.26
N THR DA 235 -3.69 72.19 47.72
CA THR DA 235 -2.85 71.17 47.11
C THR DA 235 -3.61 70.60 45.92
N VAL DA 236 -3.31 71.13 44.74
CA VAL DA 236 -3.99 70.63 43.54
C VAL DA 236 -3.53 69.23 43.20
N GLU DA 237 -2.29 68.88 43.53
CA GLU DA 237 -1.77 67.55 43.21
C GLU DA 237 -0.86 67.08 44.33
N ASN DA 238 -1.10 65.84 44.78
CA ASN DA 238 -0.25 65.23 45.82
C ASN DA 238 -0.38 63.72 45.68
N HIS DA 239 0.61 63.09 45.08
CA HIS DA 239 0.51 61.66 44.80
C HIS DA 239 1.87 61.09 44.40
N PRO DA 240 1.98 59.77 44.22
CA PRO DA 240 3.21 59.21 43.66
C PRO DA 240 3.20 59.21 42.14
N THR DA 241 4.36 58.90 41.57
CA THR DA 241 4.56 58.85 40.14
C THR DA 241 5.54 57.75 39.82
N VAL DA 242 5.33 57.09 38.69
CA VAL DA 242 6.18 55.99 38.27
C VAL DA 242 6.34 56.04 36.75
N GLN DA 243 7.56 56.25 36.30
CA GLN DA 243 7.87 56.32 34.87
C GLN DA 243 8.82 55.18 34.55
N VAL DA 244 8.84 54.72 33.30
CA VAL DA 244 9.65 53.53 33.11
C VAL DA 244 11.11 53.93 32.97
N CYS DA 245 11.55 54.27 31.76
CA CYS DA 245 12.64 55.17 31.36
C CYS DA 245 12.98 54.85 29.92
N ASP DA 246 13.91 55.60 29.34
CA ASP DA 246 14.62 55.14 28.16
C ASP DA 246 16.01 54.66 28.58
N TYR DA 247 16.50 53.65 27.88
CA TYR DA 247 17.78 53.07 28.23
C TYR DA 247 18.97 53.82 27.65
N ASN DA 248 18.73 54.88 26.88
CA ASN DA 248 19.82 55.66 26.32
C ASN DA 248 20.21 56.85 27.17
N ASN DA 249 19.44 57.18 28.21
CA ASN DA 249 19.68 58.40 28.97
C ASN DA 249 20.04 58.12 30.43
N ILE DA 250 20.48 56.90 30.73
CA ILE DA 250 20.73 56.47 32.09
C ILE DA 250 22.11 55.85 32.15
N VAL DA 251 22.90 56.25 33.14
CA VAL DA 251 24.25 55.75 33.33
C VAL DA 251 24.43 55.36 34.79
N ILE DA 252 24.97 54.17 35.02
CA ILE DA 252 25.09 53.63 36.37
C ILE DA 252 26.56 53.38 36.68
N ASP DA 253 26.89 53.35 37.96
CA ASP DA 253 28.18 52.88 38.39
C ASP DA 253 28.41 51.47 37.84
N PRO DA 254 29.49 51.23 37.11
CA PRO DA 254 29.76 49.89 36.56
C PRO DA 254 30.57 48.99 37.47
N SER DA 255 31.00 49.47 38.64
CA SER DA 255 31.79 48.66 39.56
C SER DA 255 30.93 47.87 40.54
N CYS DA 256 29.61 48.00 40.45
CA CYS DA 256 28.73 47.39 41.43
C CYS DA 256 28.61 45.88 41.28
N GLY DA 257 29.19 45.30 40.24
CA GLY DA 257 28.90 43.91 39.96
C GLY DA 257 27.46 43.81 39.52
N SER DA 258 26.69 42.92 40.16
CA SER DA 258 25.24 42.88 39.96
C SER DA 258 24.58 42.85 41.33
N ASP DA 259 24.47 44.01 41.96
CA ASP DA 259 23.67 44.16 43.16
C ASP DA 259 22.66 45.28 43.02
N PHE DA 260 23.15 46.44 42.60
CA PHE DA 260 22.44 47.72 42.59
C PHE DA 260 22.13 48.20 43.99
N SER DA 261 22.43 47.39 45.00
CA SER DA 261 22.41 47.88 46.36
C SER DA 261 23.77 48.43 46.78
N LYS DA 262 24.78 48.27 45.94
CA LYS DA 262 26.10 48.80 46.19
C LYS DA 262 26.57 49.76 45.13
N ALA DA 263 25.75 50.03 44.11
CA ALA DA 263 26.10 51.04 43.13
C ALA DA 263 26.19 52.39 43.81
N LYS DA 264 27.20 53.17 43.43
CA LYS DA 264 27.51 54.40 44.15
C LYS DA 264 26.95 55.64 43.48
N PHE DA 265 26.53 55.57 42.23
CA PHE DA 265 25.94 56.74 41.60
C PHE DA 265 25.17 56.34 40.37
N LEU DA 266 24.10 57.11 40.10
CA LEU DA 266 23.30 56.97 38.92
C LEU DA 266 22.99 58.35 38.35
N ILE DA 267 23.10 58.48 37.04
CA ILE DA 267 22.92 59.76 36.36
C ILE DA 267 21.85 59.58 35.29
N GLU DA 268 20.89 60.49 35.27
CA GLU DA 268 19.82 60.44 34.28
C GLU DA 268 19.69 61.78 33.59
N THR DA 269 19.52 61.76 32.28
CA THR DA 269 19.29 62.98 31.51
C THR DA 269 17.87 62.97 30.96
N PHE DA 270 17.13 64.05 31.19
CA PHE DA 270 15.78 64.13 30.66
C PHE DA 270 15.55 65.53 30.14
N GLU DA 271 14.31 65.81 29.74
CA GLU DA 271 13.96 67.03 29.06
C GLU DA 271 12.77 67.68 29.74
N SER DA 272 12.80 69.01 29.87
CA SER DA 272 11.74 69.73 30.55
C SER DA 272 11.73 71.16 30.03
N SER DA 273 10.98 72.03 30.72
CA SER DA 273 10.80 73.40 30.28
C SER DA 273 10.85 74.32 31.49
N TYR DA 274 11.10 75.60 31.22
CA TYR DA 274 11.23 76.58 32.29
C TYR DA 274 9.97 76.69 33.11
N ALA DA 275 8.81 76.72 32.46
CA ALA DA 275 7.55 76.82 33.19
C ALA DA 275 7.34 75.62 34.09
N GLU DA 276 7.63 74.42 33.60
CA GLU DA 276 7.46 73.22 34.41
C GLU DA 276 8.40 73.22 35.60
N LEU DA 277 9.66 73.63 35.38
CA LEU DA 277 10.60 73.70 36.49
C LEU DA 277 10.12 74.69 37.54
N LYS DA 278 9.65 75.86 37.11
CA LYS DA 278 9.15 76.84 38.06
C LYS DA 278 7.94 76.31 38.82
N ALA DA 279 7.04 75.62 38.11
CA ALA DA 279 5.85 75.09 38.77
C ALA DA 279 6.22 74.07 39.83
N ASP DA 280 7.17 73.19 39.54
CA ASP DA 280 7.65 72.25 40.53
C ASP DA 280 8.58 72.99 41.48
N GLY DA 281 8.08 73.37 42.64
CA GLY DA 281 8.84 74.21 43.54
C GLY DA 281 9.96 73.50 44.27
N ARG DA 282 11.00 73.09 43.53
CA ARG DA 282 12.11 72.38 44.15
C ARG DA 282 13.44 72.82 43.56
N TYR DA 283 13.56 74.07 43.14
CA TYR DA 283 14.76 74.49 42.43
C TYR DA 283 15.10 75.93 42.80
N LYS DA 284 16.35 76.29 42.56
CA LYS DA 284 16.85 77.64 42.79
C LYS DA 284 17.65 78.08 41.58
N ASN DA 285 18.02 79.36 41.57
CA ASN DA 285 18.81 79.96 40.50
C ASN DA 285 18.12 79.85 39.14
N LEU DA 286 16.79 79.77 39.14
CA LEU DA 286 16.08 79.53 37.89
C LEU DA 286 16.22 80.67 36.91
N ASP DA 287 16.68 81.83 37.36
CA ASP DA 287 16.74 83.01 36.51
C ASP DA 287 18.05 83.15 35.77
N LYS DA 288 18.97 82.21 35.90
CA LYS DA 288 20.27 82.26 35.26
C LYS DA 288 20.44 81.08 34.31
N ILE DA 289 19.40 80.76 33.57
CA ILE DA 289 19.42 79.57 32.71
C ILE DA 289 19.83 79.91 31.29
N GLN DA 290 19.41 81.07 30.79
CA GLN DA 290 19.67 81.47 29.40
C GLN DA 290 19.05 80.46 28.43
N VAL DA 291 17.72 80.45 28.45
CA VAL DA 291 16.92 79.47 27.70
C VAL DA 291 17.07 79.67 26.20
N GLU DA 292 17.79 80.71 25.79
CA GLU DA 292 18.11 80.94 24.38
C GLU DA 292 19.36 80.19 23.94
N GLY DA 293 19.69 79.10 24.64
CA GLY DA 293 20.91 78.37 24.44
C GLY DA 293 20.72 77.02 23.76
N GLN DA 294 20.61 75.99 24.59
CA GLN DA 294 20.80 74.59 24.20
C GLN DA 294 20.28 74.25 22.80
N ASN DA 295 19.06 74.69 22.49
CA ASN DA 295 18.39 74.34 21.24
C ASN DA 295 18.25 72.83 21.07
N LEU DA 296 18.42 72.07 22.15
CA LEU DA 296 18.30 70.62 22.12
C LEU DA 296 19.26 70.01 21.10
N LEU DA 297 20.45 70.59 20.97
CA LEU DA 297 21.47 70.12 20.04
C LEU DA 297 22.77 69.93 20.80
N SER DA 298 22.92 68.76 21.42
CA SER DA 298 24.15 68.38 22.08
C SER DA 298 24.26 66.87 22.04
N GLU DA 299 25.50 66.38 22.15
CA GLU DA 299 25.75 64.96 21.92
C GLU DA 299 25.07 64.06 22.94
N PRO DA 300 25.40 64.13 24.23
CA PRO DA 300 24.85 63.17 25.20
C PRO DA 300 23.41 63.44 25.57
N ASP DA 301 22.76 64.34 24.85
CA ASP DA 301 21.50 64.92 25.29
C ASP DA 301 20.38 63.89 25.26
N TYR DA 302 19.20 64.38 25.62
CA TYR DA 302 17.98 63.59 25.57
C TYR DA 302 17.82 63.05 24.16
N THR DA 303 17.90 61.72 24.00
CA THR DA 303 17.60 61.11 22.72
C THR DA 303 16.09 61.13 22.51
N GLY DA 304 15.63 61.96 21.58
CA GLY DA 304 14.22 62.22 21.42
C GLY DA 304 13.44 61.00 21.00
N PRO DA 305 12.12 61.11 21.00
CA PRO DA 305 11.29 59.95 20.62
C PRO DA 305 11.60 59.44 19.23
N SER DA 306 11.90 60.33 18.29
CA SER DA 306 12.21 59.93 16.92
C SER DA 306 13.28 60.87 16.40
N GLU DA 307 13.50 60.86 15.08
CA GLU DA 307 14.44 61.77 14.47
C GLU DA 307 13.79 63.06 14.03
N GLY DA 308 12.55 63.00 13.53
CA GLY DA 308 11.89 64.21 13.07
C GLY DA 308 11.67 65.22 14.18
N VAL DA 309 11.37 64.73 15.39
CA VAL DA 309 11.07 65.61 16.50
C VAL DA 309 12.25 66.46 16.93
N ARG DA 310 13.46 66.12 16.46
CA ARG DA 310 14.62 66.93 16.80
C ARG DA 310 14.51 68.35 16.26
N ASN DA 311 13.71 68.56 15.22
CA ASN DA 311 13.58 69.88 14.61
C ASN DA 311 12.43 70.69 15.17
N PHE DA 312 11.73 70.18 16.18
CA PHE DA 312 10.57 70.85 16.72
C PHE DA 312 10.94 71.72 17.91
N ASP DA 313 10.29 72.87 18.02
CA ASP DA 313 10.52 73.77 19.14
C ASP DA 313 9.35 74.74 19.25
N PHE DA 314 9.34 75.50 20.34
CA PHE DA 314 8.20 76.32 20.70
C PHE DA 314 8.41 77.81 20.55
N GLN DA 315 9.66 78.29 20.68
CA GLN DA 315 10.02 79.70 20.54
C GLN DA 315 9.12 80.60 21.38
N ASP DA 316 8.90 80.22 22.63
CA ASP DA 316 8.08 81.00 23.54
C ASP DA 316 8.79 81.44 24.80
N LYS DA 317 9.96 80.89 25.11
CA LYS DA 317 10.77 81.24 26.28
C LYS DA 317 10.12 80.75 27.57
N SER DA 318 8.89 80.25 27.47
CA SER DA 318 8.25 79.62 28.60
C SER DA 318 7.98 78.15 28.38
N ARG DA 319 7.95 77.71 27.12
CA ARG DA 319 7.78 76.30 26.80
C ARG DA 319 8.93 75.77 25.98
N LYS DA 320 10.01 76.53 25.84
CA LYS DA 320 11.18 76.04 25.12
C LYS DA 320 11.77 74.84 25.85
N ARG DA 321 12.26 73.87 25.08
CA ARG DA 321 12.72 72.61 25.64
C ARG DA 321 14.16 72.71 26.11
N LEU DA 322 14.43 72.11 27.26
CA LEU DA 322 15.76 72.11 27.85
C LEU DA 322 16.19 70.68 28.16
N VAL DA 323 17.46 70.53 28.51
CA VAL DA 323 18.02 69.24 28.89
C VAL DA 323 18.55 69.35 30.30
N VAL DA 324 18.15 68.43 31.17
CA VAL DA 324 18.47 68.47 32.59
C VAL DA 324 19.19 67.19 32.98
N HIS DA 325 20.27 67.32 33.75
CA HIS DA 325 21.00 66.19 34.27
C HIS DA 325 20.73 66.05 35.76
N GLU DA 326 20.51 64.81 36.19
CA GLU DA 326 20.33 64.47 37.60
C GLU DA 326 21.36 63.44 38.00
N TYR DA 327 21.86 63.57 39.23
CA TYR DA 327 22.89 62.71 39.77
C TYR DA 327 22.48 62.32 41.19
N TRP DA 328 22.10 61.06 41.36
CA TRP DA 328 21.84 60.51 42.69
C TRP DA 328 23.03 59.68 43.09
N GLY DA 329 23.41 59.74 44.37
CA GLY DA 329 24.47 58.85 44.80
C GLY DA 329 24.97 59.19 46.19
N TYR DA 330 26.21 58.78 46.44
CA TYR DA 330 26.86 58.93 47.72
C TYR DA 330 28.10 59.78 47.55
N TYR DA 331 28.39 60.60 48.54
CA TYR DA 331 29.55 61.48 48.45
C TYR DA 331 30.02 61.83 49.84
N ASP DA 332 31.27 62.29 49.92
CA ASP DA 332 31.88 62.68 51.19
C ASP DA 332 31.71 64.18 51.36
N ILE DA 333 30.50 64.56 51.79
CA ILE DA 333 30.16 65.98 51.88
C ILE DA 333 31.08 66.70 52.85
N HIS DA 334 31.34 66.08 54.00
CA HIS DA 334 32.33 66.63 54.91
C HIS DA 334 33.68 65.99 54.63
N GLY DA 335 34.67 66.36 55.42
CA GLY DA 335 35.97 65.73 55.29
C GLY DA 335 36.13 64.46 56.08
N ASP DA 336 35.08 64.00 56.75
CA ASP DA 336 35.17 62.87 57.66
C ASP DA 336 35.44 61.56 56.94
N GLY DA 337 35.33 61.52 55.63
CA GLY DA 337 35.44 60.25 54.93
C GLY DA 337 34.27 59.34 55.23
N VAL DA 338 33.07 59.88 55.38
CA VAL DA 338 31.85 59.11 55.53
C VAL DA 338 30.89 59.56 54.44
N LEU DA 339 30.30 58.61 53.74
CA LEU DA 339 29.46 58.93 52.60
C LEU DA 339 28.04 59.24 53.05
N HIS DA 340 27.42 60.21 52.39
CA HIS DA 340 26.04 60.56 52.65
C HIS DA 340 25.25 60.50 51.35
N PRO DA 341 23.95 60.20 51.42
CA PRO DA 341 23.13 60.12 50.20
C PRO DA 341 22.71 61.51 49.75
N ILE DA 342 23.12 61.90 48.55
CA ILE DA 342 22.84 63.22 48.02
C ILE DA 342 22.29 63.13 46.61
N VAL DA 343 21.68 64.23 46.19
CA VAL DA 343 21.13 64.41 44.86
C VAL DA 343 21.55 65.79 44.35
N ALA DA 344 21.98 65.84 43.10
CA ALA DA 344 22.41 67.09 42.48
C ALA DA 344 21.85 67.19 41.08
N THR DA 345 21.29 68.33 40.74
CA THR DA 345 20.61 68.53 39.47
C THR DA 345 21.12 69.81 38.83
N TRP DA 346 21.47 69.72 37.55
CA TRP DA 346 21.99 70.90 36.86
C TRP DA 346 21.57 70.89 35.41
N VAL DA 347 21.56 72.09 34.82
CA VAL DA 347 21.25 72.29 33.41
C VAL DA 347 22.32 73.18 32.81
N GLY DA 348 22.78 72.80 31.61
CA GLY DA 348 23.82 73.57 30.96
C GLY DA 348 25.08 73.65 31.78
N ALA DA 349 25.36 74.83 32.33
CA ALA DA 349 26.50 75.03 33.20
C ALA DA 349 26.10 75.60 34.56
N VAL DA 350 24.82 75.54 34.90
CA VAL DA 350 24.30 76.13 36.13
C VAL DA 350 23.77 75.01 37.02
N MET DA 351 24.20 75.00 38.27
CA MET DA 351 23.71 74.04 39.24
C MET DA 351 22.37 74.53 39.77
N ILE DA 352 21.35 73.68 39.67
CA ILE DA 352 20.00 74.08 40.06
C ILE DA 352 19.58 73.51 41.40
N ARG DA 353 20.15 72.38 41.82
CA ARG DA 353 19.68 71.76 43.05
C ARG DA 353 20.80 70.92 43.65
N MET DA 354 21.01 71.05 44.94
CA MET DA 354 21.93 70.18 45.66
C MET DA 354 21.36 69.92 47.04
N GLU DA 355 21.20 68.65 47.39
CA GLU DA 355 20.50 68.35 48.62
C GLU DA 355 20.85 66.93 49.05
N GLU DA 356 20.53 66.63 50.31
CA GLU DA 356 20.57 65.24 50.73
C GLU DA 356 19.32 64.53 50.27
N ASN DA 357 19.38 63.20 50.24
CA ASN DA 357 18.28 62.41 49.72
C ASN DA 357 17.03 62.65 50.55
N PRO DA 358 15.93 63.08 49.94
CA PRO DA 358 14.74 63.44 50.70
C PRO DA 358 13.72 62.33 50.90
N PHE DA 359 13.91 61.17 50.30
CA PHE DA 359 12.92 60.13 50.46
C PHE DA 359 13.07 59.43 51.81
N PRO DA 360 12.00 58.85 52.33
CA PRO DA 360 12.08 58.24 53.67
C PRO DA 360 13.12 57.17 53.77
N ASP DA 361 13.34 56.41 52.71
CA ASP DA 361 14.40 55.42 52.65
C ASP DA 361 15.57 56.02 51.86
N LYS DA 362 16.70 56.20 52.52
CA LYS DA 362 17.79 56.92 51.90
C LYS DA 362 18.47 56.09 50.83
N LYS DA 363 17.74 55.80 49.74
CA LYS DA 363 18.26 55.03 48.63
C LYS DA 363 17.94 55.72 47.32
N ILE DA 364 18.48 55.18 46.24
CA ILE DA 364 18.22 55.73 44.91
C ILE DA 364 16.81 55.35 44.48
N PRO DA 365 16.00 56.27 44.05
CA PRO DA 365 14.60 55.97 43.70
C PRO DA 365 14.43 55.30 42.34
N TYR DA 366 15.20 54.26 42.10
CA TYR DA 366 15.13 53.50 40.86
C TYR DA 366 15.09 52.01 41.17
N VAL DA 367 14.53 51.26 40.24
CA VAL DA 367 14.46 49.80 40.35
C VAL DA 367 14.89 49.21 39.01
N VAL DA 368 15.83 48.27 39.06
CA VAL DA 368 16.38 47.64 37.87
C VAL DA 368 16.09 46.16 37.91
N VAL DA 369 15.52 45.64 36.83
CA VAL DA 369 15.17 44.23 36.72
C VAL DA 369 15.78 43.67 35.45
N SER DA 370 16.44 42.53 35.55
CA SER DA 370 17.08 41.90 34.40
C SER DA 370 16.23 40.74 33.92
N TYR DA 371 15.90 40.74 32.63
CA TYR DA 371 15.04 39.71 32.05
C TYR DA 371 15.69 38.34 32.16
N ILE DA 372 16.81 38.15 31.47
CA ILE DA 372 17.60 36.93 31.54
C ILE DA 372 18.94 37.28 32.19
N PRO DA 373 19.29 36.67 33.32
CA PRO DA 373 20.48 37.10 34.05
C PRO DA 373 21.76 36.80 33.30
N ARG DA 374 22.79 37.58 33.60
CA ARG DA 374 24.15 37.33 33.12
C ARG DA 374 25.08 37.32 34.32
N LYS DA 375 26.23 36.67 34.14
CA LYS DA 375 27.15 36.48 35.25
C LYS DA 375 27.72 37.81 35.69
N ARG DA 376 27.31 38.28 36.86
CA ARG DA 376 27.85 39.49 37.48
C ARG DA 376 27.70 40.70 36.56
N ASP DA 377 26.45 41.01 36.25
CA ASP DA 377 26.15 42.16 35.41
C ASP DA 377 24.71 42.58 35.64
N LEU DA 378 24.47 43.88 35.62
CA LEU DA 378 23.13 44.39 35.84
C LEU DA 378 22.24 44.13 34.64
N TYR DA 379 22.72 44.42 33.45
CA TYR DA 379 21.91 44.30 32.26
C TYR DA 379 21.72 42.82 31.90
N GLY DA 380 20.51 42.49 31.45
CA GLY DA 380 20.19 41.15 31.05
C GLY DA 380 20.44 40.92 29.58
N GLU DA 381 19.75 39.93 29.03
CA GLU DA 381 19.79 39.65 27.61
C GLU DA 381 18.37 39.64 27.06
N SER DA 382 18.22 40.17 25.85
CA SER DA 382 16.91 40.17 25.22
C SER DA 382 16.46 38.75 24.92
N ASP DA 383 15.16 38.60 24.71
CA ASP DA 383 14.61 37.28 24.46
C ASP DA 383 15.16 36.68 23.17
N GLY DA 384 15.13 37.46 22.09
CA GLY DA 384 15.60 36.98 20.82
C GLY DA 384 17.04 37.31 20.52
N ALA DA 385 17.93 37.08 21.48
CA ALA DA 385 19.34 37.36 21.28
C ALA DA 385 20.08 36.23 20.61
N LEU DA 386 19.43 35.09 20.39
CA LEU DA 386 20.09 33.93 19.82
C LEU DA 386 19.41 33.45 18.54
N LEU DA 387 18.44 34.18 18.03
CA LEU DA 387 17.70 33.76 16.85
C LEU DA 387 18.16 34.47 15.59
N ILE DA 388 19.23 35.26 15.67
CA ILE DA 388 19.66 36.04 14.52
C ILE DA 388 20.04 35.13 13.36
N ASP DA 389 20.79 34.07 13.66
CA ASP DA 389 21.20 33.15 12.61
C ASP DA 389 19.99 32.51 11.95
N ASN DA 390 19.01 32.09 12.76
CA ASN DA 390 17.82 31.46 12.20
C ASN DA 390 17.07 32.43 11.31
N GLN DA 391 16.91 33.68 11.75
CA GLN DA 391 16.22 34.65 10.92
C GLN DA 391 16.95 34.85 9.60
N ARG DA 392 18.28 34.97 9.66
CA ARG DA 392 19.04 35.18 8.43
C ARG DA 392 18.88 34.00 7.47
N ILE DA 393 18.98 32.78 8.00
CA ILE DA 393 18.89 31.61 7.13
C ILE DA 393 17.51 31.50 6.51
N ILE DA 394 16.46 31.72 7.30
CA ILE DA 394 15.11 31.62 6.75
C ILE DA 394 14.90 32.68 5.67
N GLY DA 395 15.37 33.90 5.92
CA GLY DA 395 15.26 34.92 4.89
C GLY DA 395 15.98 34.54 3.62
N ALA DA 396 17.18 33.99 3.75
CA ALA DA 396 17.95 33.62 2.57
C ALA DA 396 17.23 32.55 1.77
N VAL DA 397 16.72 31.53 2.44
CA VAL DA 397 16.07 30.44 1.72
C VAL DA 397 14.81 30.94 1.02
N THR DA 398 14.03 31.76 1.71
CA THR DA 398 12.81 32.28 1.09
C THR DA 398 13.13 33.13 -0.12
N ARG DA 399 14.15 33.98 -0.02
CA ARG DA 399 14.55 34.79 -1.17
C ARG DA 399 14.97 33.89 -2.33
N GLY DA 400 15.69 32.81 -2.02
CA GLY DA 400 16.11 31.91 -3.09
C GLY DA 400 14.93 31.30 -3.82
N MET DA 401 13.93 30.85 -3.06
CA MET DA 401 12.77 30.24 -3.69
C MET DA 401 12.00 31.26 -4.53
N ILE DA 402 11.84 32.48 -4.02
CA ILE DA 402 11.20 33.53 -4.80
C ILE DA 402 11.94 33.76 -6.10
N ASP DA 403 13.27 33.86 -6.03
CA ASP DA 403 14.04 34.12 -7.25
C ASP DA 403 13.84 33.01 -8.25
N THR DA 404 13.90 31.76 -7.78
CA THR DA 404 13.73 30.63 -8.69
C THR DA 404 12.38 30.69 -9.38
N MET DA 405 11.32 31.00 -8.64
CA MET DA 405 10.02 31.01 -9.28
C MET DA 405 9.80 32.23 -10.16
N ALA DA 406 10.46 33.34 -9.85
CA ALA DA 406 10.15 34.59 -10.55
C ALA DA 406 10.98 34.77 -11.81
N ARG DA 407 12.28 34.51 -11.76
CA ARG DA 407 13.10 34.70 -12.95
C ARG DA 407 12.90 33.61 -13.99
N SER DA 408 11.88 32.77 -13.83
CA SER DA 408 11.63 31.70 -14.79
C SER DA 408 10.95 32.27 -16.02
N ALA DA 409 10.47 31.39 -16.89
CA ALA DA 409 9.84 31.80 -18.13
C ALA DA 409 8.36 31.40 -18.17
N ASN DA 410 7.71 31.40 -17.02
CA ASN DA 410 6.32 30.99 -16.97
C ASN DA 410 5.45 31.92 -17.82
N GLY DA 411 4.54 31.33 -18.58
CA GLY DA 411 3.60 32.06 -19.37
C GLY DA 411 3.92 32.12 -20.85
N GLN DA 412 5.17 31.97 -21.22
CA GLN DA 412 5.55 32.05 -22.63
C GLN DA 412 5.39 30.71 -23.30
N VAL DA 413 5.10 30.73 -24.59
CA VAL DA 413 4.90 29.52 -25.39
C VAL DA 413 5.87 29.57 -26.56
N GLY DA 414 6.56 28.46 -26.79
CA GLY DA 414 7.54 28.37 -27.85
C GLY DA 414 7.13 27.34 -28.89
N VAL DA 415 7.41 27.63 -30.15
CA VAL DA 415 7.01 26.78 -31.25
C VAL DA 415 8.24 26.46 -32.09
N MET DA 416 8.39 25.21 -32.47
CA MET DA 416 9.49 24.81 -33.33
C MET DA 416 9.36 25.48 -34.69
N LYS DA 417 10.47 26.02 -35.18
CA LYS DA 417 10.46 26.60 -36.52
C LYS DA 417 10.20 25.51 -37.55
N GLY DA 418 9.44 25.85 -38.58
CA GLY DA 418 9.18 24.93 -39.65
C GLY DA 418 8.13 23.89 -39.37
N ALA DA 419 7.47 23.94 -38.23
CA ALA DA 419 6.36 23.03 -37.97
C ALA DA 419 5.05 23.54 -38.51
N LEU DA 420 4.87 24.86 -38.57
CA LEU DA 420 3.67 25.48 -39.10
C LEU DA 420 4.04 26.46 -40.18
N ASP DA 421 3.27 26.44 -41.27
CA ASP DA 421 3.43 27.44 -42.32
C ASP DA 421 2.79 28.74 -41.86
N VAL DA 422 2.72 29.74 -42.73
CA VAL DA 422 2.21 31.04 -42.34
C VAL DA 422 0.71 30.96 -42.04
N THR DA 423 -0.05 30.36 -42.96
CA THR DA 423 -1.50 30.31 -42.76
C THR DA 423 -1.86 29.50 -41.53
N ASN DA 424 -1.23 28.35 -41.35
CA ASN DA 424 -1.52 27.54 -40.17
C ASN DA 424 -1.06 28.22 -38.90
N ARG DA 425 0.05 28.95 -38.97
CA ARG DA 425 0.48 29.73 -37.81
C ARG DA 425 -0.57 30.75 -37.43
N ARG DA 426 -1.12 31.43 -38.44
CA ARG DA 426 -2.15 32.42 -38.14
C ARG DA 426 -3.40 31.77 -37.56
N ARG DA 427 -3.80 30.62 -38.10
CA ARG DA 427 -4.95 29.93 -37.55
C ARG DA 427 -4.71 29.53 -36.10
N PHE DA 428 -3.53 28.99 -35.83
CA PHE DA 428 -3.21 28.57 -34.47
C PHE DA 428 -3.23 29.74 -33.51
N ASP DA 429 -2.70 30.88 -33.93
CA ASP DA 429 -2.77 32.06 -33.09
C ASP DA 429 -4.21 32.52 -32.90
N ARG DA 430 -5.01 32.49 -33.97
CA ARG DA 430 -6.39 32.96 -33.87
C ARG DA 430 -7.17 32.11 -32.88
N GLY DA 431 -6.95 30.81 -32.88
CA GLY DA 431 -7.58 29.97 -31.89
C GLY DA 431 -8.56 28.99 -32.47
N GLU DA 432 -8.42 28.69 -33.75
CA GLU DA 432 -9.25 27.72 -34.43
C GLU DA 432 -8.41 26.49 -34.76
N ASN DA 433 -9.05 25.52 -35.41
CA ASN DA 433 -8.34 24.31 -35.77
C ASN DA 433 -7.29 24.61 -36.85
N TYR DA 434 -6.31 23.73 -36.94
CA TYR DA 434 -5.15 24.01 -37.78
C TYR DA 434 -4.58 22.69 -38.29
N GLU DA 435 -3.43 22.78 -38.96
CA GLU DA 435 -2.76 21.61 -39.50
C GLU DA 435 -1.26 21.81 -39.36
N PHE DA 436 -0.54 20.73 -39.09
CA PHE DA 436 0.89 20.80 -38.85
C PHE DA 436 1.63 19.84 -39.78
N ASN DA 437 2.84 20.22 -40.15
CA ASN DA 437 3.62 19.44 -41.09
C ASN DA 437 4.00 18.09 -40.49
N PRO DA 438 4.16 17.08 -41.33
CA PRO DA 438 4.46 15.74 -40.80
C PRO DA 438 5.83 15.71 -40.16
N GLY DA 439 5.99 14.76 -39.24
CA GLY DA 439 7.23 14.58 -38.53
C GLY DA 439 7.41 15.46 -37.32
N ALA DA 440 6.43 16.31 -36.99
CA ALA DA 440 6.51 17.16 -35.81
C ALA DA 440 5.16 17.09 -35.09
N ASP DA 441 5.02 16.13 -34.20
CA ASP DA 441 3.79 16.03 -33.43
C ASP DA 441 3.70 17.20 -32.45
N PRO DA 442 2.50 17.73 -32.22
CA PRO DA 442 2.38 18.93 -31.40
C PRO DA 442 2.92 18.76 -30.00
N ARG DA 443 2.77 17.57 -29.41
CA ARG DA 443 3.18 17.37 -28.03
C ARG DA 443 4.66 17.62 -27.83
N ALA DA 444 5.46 17.59 -28.89
CA ALA DA 444 6.85 18.01 -28.82
C ALA DA 444 7.12 19.29 -29.58
N ALA DA 445 6.29 19.65 -30.55
CA ALA DA 445 6.55 20.85 -31.34
C ALA DA 445 6.23 22.11 -30.56
N VAL DA 446 5.17 22.10 -29.76
CA VAL DA 446 4.81 23.27 -28.97
C VAL DA 446 5.15 22.98 -27.52
N HIS DA 447 5.38 24.03 -26.76
CA HIS DA 447 5.75 23.87 -25.36
C HIS DA 447 5.33 25.12 -24.60
N MET DA 448 4.71 24.91 -23.44
CA MET DA 448 4.18 26.00 -22.64
C MET DA 448 4.90 25.98 -21.30
N HIS DA 449 5.81 26.93 -21.10
CA HIS DA 449 6.62 26.94 -19.90
C HIS DA 449 5.77 27.18 -18.67
N THR DA 450 6.19 26.58 -17.57
CA THR DA 450 5.52 26.72 -16.28
C THR DA 450 6.56 26.92 -15.20
N PHE DA 451 6.10 27.06 -13.96
CA PHE DA 451 7.01 27.23 -12.85
C PHE DA 451 7.89 26.00 -12.69
N PRO DA 452 9.13 26.17 -12.32
CA PRO DA 452 10.00 25.01 -12.08
C PRO DA 452 9.60 24.28 -10.81
N GLU DA 453 10.32 23.22 -10.48
CA GLU DA 453 9.98 22.38 -9.34
C GLU DA 453 10.90 22.69 -8.16
N ILE DA 454 10.30 23.02 -7.03
CA ILE DA 454 11.08 23.26 -5.82
C ILE DA 454 11.61 21.93 -5.28
N PRO DA 455 12.89 21.81 -5.02
CA PRO DA 455 13.41 20.54 -4.48
C PRO DA 455 12.95 20.33 -3.05
N GLN DA 456 12.99 19.08 -2.64
CA GLN DA 456 12.48 18.70 -1.34
C GLN DA 456 13.39 19.08 -0.21
N SER DA 457 14.41 19.91 -0.39
CA SER DA 457 15.32 20.23 0.70
C SER DA 457 15.03 21.57 1.35
N ALA DA 458 14.53 22.55 0.59
CA ALA DA 458 14.24 23.85 1.18
C ALA DA 458 13.18 23.73 2.26
N GLN DA 459 12.14 22.93 2.00
CA GLN DA 459 11.10 22.71 3.00
C GLN DA 459 11.71 22.18 4.29
N TYR DA 460 12.55 21.16 4.18
CA TYR DA 460 13.17 20.58 5.36
C TYR DA 460 14.01 21.59 6.10
N MET DA 461 14.77 22.40 5.35
CA MET DA 461 15.65 23.35 6.03
C MET DA 461 14.84 24.40 6.79
N ILE DA 462 13.76 24.90 6.19
CA ILE DA 462 12.94 25.87 6.89
C ILE DA 462 12.33 25.25 8.13
N ASN DA 463 11.83 24.02 8.02
CA ASN DA 463 11.25 23.37 9.19
C ASN DA 463 12.28 23.22 10.29
N LEU DA 464 13.49 22.83 9.93
CA LEU DA 464 14.55 22.66 10.92
C LEU DA 464 14.84 23.96 11.64
N GLN DA 465 14.99 25.05 10.88
CA GLN DA 465 15.32 26.32 11.50
C GLN DA 465 14.20 26.78 12.43
N GLN DA 466 12.95 26.65 11.99
CA GLN DA 466 11.84 27.09 12.83
C GLN DA 466 11.75 26.27 14.10
N ALA DA 467 11.93 24.96 13.99
CA ALA DA 467 11.88 24.12 15.18
C ALA DA 467 12.99 24.48 16.15
N GLU DA 468 14.19 24.76 15.63
CA GLU DA 468 15.28 25.15 16.51
C GLU DA 468 14.96 26.45 17.23
N ALA DA 469 14.40 27.43 16.52
CA ALA DA 469 14.06 28.69 17.17
C ALA DA 469 13.02 28.49 18.25
N GLU DA 470 12.00 27.68 17.97
CA GLU DA 470 10.97 27.43 18.96
C GLU DA 470 11.55 26.75 20.19
N SER DA 471 12.44 25.78 19.99
CA SER DA 471 13.07 25.13 21.13
C SER DA 471 13.90 26.10 21.94
N MET DA 472 14.64 26.98 21.26
CA MET DA 472 15.48 27.93 21.97
C MET DA 472 14.64 28.85 22.85
N THR DA 473 13.62 29.48 22.27
CA THR DA 473 12.85 30.46 23.04
C THR DA 473 12.00 29.79 24.11
N GLY DA 474 11.29 28.73 23.74
CA GLY DA 474 10.40 28.06 24.66
C GLY DA 474 8.94 28.40 24.48
N VAL DA 475 8.58 29.16 23.45
CA VAL DA 475 7.19 29.46 23.16
C VAL DA 475 6.85 28.92 21.78
N LYS DA 476 5.83 28.08 21.71
CA LYS DA 476 5.47 27.43 20.46
C LYS DA 476 4.70 28.35 19.52
N ALA DA 477 4.04 29.36 20.06
CA ALA DA 477 3.39 30.40 19.27
C ALA DA 477 2.25 29.88 18.39
N PHE DA 478 1.98 28.57 18.46
CA PHE DA 478 0.94 27.93 17.66
C PHE DA 478 1.01 28.43 16.22
N ASN DA 479 2.15 28.17 15.61
CA ASN DA 479 2.55 28.82 14.37
C ASN DA 479 3.13 27.76 13.44
N ALA DA 480 3.83 28.22 12.40
CA ALA DA 480 4.34 27.33 11.36
C ALA DA 480 3.22 26.50 10.76
N GLY DA 481 2.10 27.15 10.52
CA GLY DA 481 0.88 26.50 10.09
C GLY DA 481 -0.30 27.36 10.47
N ILE DA 482 -1.48 26.73 10.52
CA ILE DA 482 -2.65 27.43 11.00
C ILE DA 482 -2.44 27.86 12.45
N SER DA 483 -2.79 29.12 12.74
CA SER DA 483 -2.65 29.61 14.12
C SER DA 483 -3.44 28.74 15.07
N GLY DA 484 -4.55 28.19 14.63
CA GLY DA 484 -5.22 27.13 15.32
C GLY DA 484 -4.63 25.78 14.94
N ALA DA 485 -3.38 25.56 15.32
CA ALA DA 485 -2.66 24.36 14.90
C ALA DA 485 -3.37 23.10 15.40
N ALA DA 486 -3.12 22.00 14.68
CA ALA DA 486 -3.77 20.72 14.95
C ALA DA 486 -5.29 20.85 14.84
N LEU DA 487 -5.76 21.17 13.63
CA LEU DA 487 -7.19 21.32 13.36
C LEU DA 487 -7.89 19.96 13.33
N GLY DA 488 -7.81 19.29 14.48
CA GLY DA 488 -8.54 18.07 14.74
C GLY DA 488 -7.69 16.82 14.62
N ASP DA 489 -7.14 16.41 15.76
CA ASP DA 489 -6.65 15.05 15.98
C ASP DA 489 -6.99 14.52 17.36
N THR DA 490 -7.27 15.38 18.33
CA THR DA 490 -7.65 15.01 19.69
C THR DA 490 -8.41 16.18 20.28
N ALA DA 491 -9.36 15.88 21.16
CA ALA DA 491 -10.16 16.94 21.76
C ALA DA 491 -9.29 17.93 22.51
N THR DA 492 -8.29 17.44 23.24
CA THR DA 492 -7.38 18.32 23.96
C THR DA 492 -6.43 19.04 23.01
N ALA DA 493 -5.99 18.37 21.94
CA ALA DA 493 -5.01 18.95 21.03
C ALA DA 493 -5.56 20.12 20.22
N VAL DA 494 -6.88 20.33 20.22
CA VAL DA 494 -7.44 21.52 19.60
C VAL DA 494 -7.79 22.59 20.63
N ARG DA 495 -7.92 22.23 21.91
CA ARG DA 495 -8.23 23.21 22.92
C ARG DA 495 -7.08 24.20 23.12
N GLY DA 496 -5.85 23.72 22.98
CA GLY DA 496 -4.70 24.60 23.19
C GLY DA 496 -4.65 25.74 22.20
N ALA DA 497 -4.95 25.45 20.93
CA ALA DA 497 -4.85 26.47 19.89
C ALA DA 497 -5.82 27.61 20.15
N LEU DA 498 -7.09 27.29 20.40
CA LEU DA 498 -8.08 28.30 20.68
C LEU DA 498 -7.73 29.06 21.96
N ASP DA 499 -7.18 28.35 22.95
CA ASP DA 499 -6.75 29.00 24.18
C ASP DA 499 -5.71 30.06 23.90
N ALA DA 500 -4.67 29.71 23.13
CA ALA DA 500 -3.62 30.68 22.85
C ALA DA 500 -4.15 31.85 22.05
N ALA DA 501 -5.02 31.58 21.07
CA ALA DA 501 -5.57 32.66 20.27
C ALA DA 501 -6.36 33.63 21.14
N SER DA 502 -7.22 33.10 22.01
CA SER DA 502 -8.00 33.97 22.88
C SER DA 502 -7.11 34.75 23.82
N LYS DA 503 -6.08 34.09 24.37
CA LYS DA 503 -5.17 34.78 25.28
C LYS DA 503 -4.48 35.93 24.57
N ARG DA 504 -4.15 35.76 23.29
CA ARG DA 504 -3.54 36.86 22.55
C ARG DA 504 -4.54 37.98 22.31
N GLU DA 505 -5.78 37.63 21.98
CA GLU DA 505 -6.78 38.67 21.75
C GLU DA 505 -7.05 39.49 23.00
N LEU DA 506 -6.86 38.87 24.16
CA LEU DA 506 -7.27 39.50 25.42
C LEU DA 506 -6.56 40.83 25.64
N GLY DA 507 -5.29 40.93 25.26
CA GLY DA 507 -4.57 42.18 25.49
C GLY DA 507 -5.17 43.35 24.73
N ILE DA 508 -5.46 43.14 23.45
CA ILE DA 508 -6.10 44.19 22.66
C ILE DA 508 -7.44 44.54 23.25
N LEU DA 509 -8.20 43.52 23.66
CA LEU DA 509 -9.49 43.78 24.28
C LEU DA 509 -9.34 44.67 25.50
N ARG DA 510 -8.31 44.41 26.31
CA ARG DA 510 -8.12 45.19 27.53
C ARG DA 510 -7.76 46.63 27.21
N ARG DA 511 -6.93 46.85 26.20
CA ARG DA 511 -6.58 48.22 25.83
C ARG DA 511 -7.83 49.00 25.41
N LEU DA 512 -8.65 48.39 24.56
CA LEU DA 512 -9.87 49.08 24.14
C LEU DA 512 -10.80 49.33 25.32
N SER DA 513 -10.87 48.37 26.24
CA SER DA 513 -11.70 48.56 27.43
C SER DA 513 -11.22 49.74 28.24
N ALA DA 514 -9.90 49.88 28.39
CA ALA DA 514 -9.37 51.02 29.13
C ALA DA 514 -9.78 52.33 28.48
N GLY DA 515 -9.71 52.40 27.16
CA GLY DA 515 -10.16 53.60 26.48
C GLY DA 515 -11.62 53.92 26.79
N ILE DA 516 -12.47 52.90 26.74
CA ILE DA 516 -13.88 53.12 27.00
C ILE DA 516 -14.10 53.60 28.42
N ILE DA 517 -13.39 53.01 29.38
CA ILE DA 517 -13.51 53.43 30.78
C ILE DA 517 -13.14 54.89 30.92
N GLU DA 518 -12.07 55.32 30.25
CA GLU DA 518 -11.70 56.73 30.35
C GLU DA 518 -12.80 57.64 29.82
N ILE DA 519 -13.37 57.28 28.67
CA ILE DA 519 -14.48 58.06 28.14
C ILE DA 519 -15.61 58.16 29.16
N GLY DA 520 -15.95 57.04 29.77
CA GLY DA 520 -17.03 57.03 30.73
C GLY DA 520 -16.76 57.93 31.92
N ARG DA 521 -15.53 57.91 32.42
CA ARG DA 521 -15.21 58.77 33.56
C ARG DA 521 -15.34 60.24 33.19
N LYS DA 522 -14.89 60.61 31.99
CA LYS DA 522 -15.08 61.99 31.57
C LYS DA 522 -16.56 62.35 31.50
N ILE DA 523 -17.38 61.44 30.98
CA ILE DA 523 -18.81 61.71 30.87
C ILE DA 523 -19.42 61.90 32.24
N ILE DA 524 -19.03 61.08 33.20
CA ILE DA 524 -19.55 61.21 34.56
C ILE DA 524 -19.18 62.59 35.11
N ALA DA 525 -17.93 62.98 34.93
CA ALA DA 525 -17.50 64.28 35.43
C ALA DA 525 -18.35 65.40 34.83
N MET DA 526 -18.63 65.33 33.54
CA MET DA 526 -19.45 66.39 32.95
C MET DA 526 -20.88 66.34 33.45
N ASN DA 527 -21.44 65.14 33.62
CA ASN DA 527 -22.79 65.05 34.18
C ASN DA 527 -22.85 65.65 35.56
N ALA DA 528 -21.74 65.64 36.29
CA ALA DA 528 -21.76 66.08 37.68
C ALA DA 528 -22.35 67.47 37.82
N GLU DA 529 -21.96 68.40 36.97
CA GLU DA 529 -22.37 69.79 37.16
C GLU DA 529 -23.24 70.35 36.06
N PHE DA 530 -23.05 69.94 34.81
CA PHE DA 530 -23.84 70.52 33.73
C PHE DA 530 -25.31 70.14 33.79
N LEU DA 531 -25.67 69.15 34.59
CA LEU DA 531 -27.01 68.59 34.58
C LEU DA 531 -27.72 68.97 35.86
N ASP DA 532 -29.04 69.08 35.79
CA ASP DA 532 -29.84 69.62 36.89
C ASP DA 532 -30.51 68.52 37.69
N ASP DA 533 -30.79 68.84 38.95
CA ASP DA 533 -31.37 67.85 39.86
C ASP DA 533 -32.74 67.40 39.39
N VAL DA 534 -33.55 68.33 38.87
CA VAL DA 534 -34.87 67.93 38.38
C VAL DA 534 -34.72 67.00 37.19
N GLU DA 535 -33.71 67.24 36.35
CA GLU DA 535 -33.47 66.37 35.21
C GLU DA 535 -33.07 64.97 35.67
N VAL DA 536 -32.22 64.88 36.69
CA VAL DA 536 -31.82 63.57 37.18
C VAL DA 536 -32.99 62.86 37.84
N VAL DA 537 -33.82 63.61 38.56
CA VAL DA 537 -34.98 63.01 39.21
C VAL DA 537 -35.95 62.48 38.17
N ARG DA 538 -36.14 63.22 37.08
CA ARG DA 538 -37.06 62.77 36.04
C ARG DA 538 -36.70 61.38 35.54
N ILE DA 539 -35.41 61.03 35.58
CA ILE DA 539 -34.99 59.70 35.15
C ILE DA 539 -35.06 58.70 36.29
N THR DA 540 -34.45 59.01 37.42
CA THR DA 540 -34.30 58.00 38.46
C THR DA 540 -35.58 57.73 39.24
N ASN DA 541 -36.47 58.72 39.33
CA ASN DA 541 -37.66 58.64 40.17
C ASN DA 541 -37.31 58.36 41.61
N GLU DA 542 -36.19 58.91 42.08
CA GLU DA 542 -35.80 58.83 43.47
C GLU DA 542 -35.32 60.20 43.91
N HIS DA 543 -35.31 60.42 45.22
CA HIS DA 543 -34.90 61.69 45.75
C HIS DA 543 -33.45 61.96 45.38
N PHE DA 544 -33.18 63.21 45.00
CA PHE DA 544 -31.85 63.56 44.51
C PHE DA 544 -30.80 63.34 45.59
N VAL DA 545 -29.72 62.70 45.21
CA VAL DA 545 -28.58 62.50 46.10
C VAL DA 545 -27.60 63.64 45.88
N ASP DA 546 -27.17 64.26 46.97
CA ASP DA 546 -26.27 65.40 46.85
C ASP DA 546 -24.95 64.98 46.21
N ILE DA 547 -24.15 65.97 45.85
CA ILE DA 547 -22.92 65.76 45.11
C ILE DA 547 -21.76 66.27 45.95
N ARG DA 548 -20.66 65.51 45.95
CA ARG DA 548 -19.47 65.91 46.68
C ARG DA 548 -18.62 66.81 45.81
N ARG DA 549 -18.28 67.99 46.33
CA ARG DA 549 -17.54 68.96 45.53
C ARG DA 549 -16.07 68.67 45.44
N ASP DA 550 -15.53 67.80 46.29
CA ASP DA 550 -14.11 67.48 46.24
C ASP DA 550 -13.74 66.87 44.90
N ASP DA 551 -14.31 65.71 44.59
CA ASP DA 551 -14.13 65.05 43.32
C ASP DA 551 -15.46 65.01 42.58
N LEU DA 552 -15.39 65.10 41.26
CA LEU DA 552 -16.59 64.99 40.45
C LEU DA 552 -16.61 63.76 39.56
N ALA DA 553 -15.44 63.19 39.26
CA ALA DA 553 -15.35 62.02 38.41
C ALA DA 553 -15.14 60.74 39.21
N GLY DA 554 -15.62 60.70 40.44
CA GLY DA 554 -15.34 59.58 41.29
C GLY DA 554 -13.91 59.62 41.76
N ASN DA 555 -13.13 58.59 41.45
CA ASN DA 555 -11.72 58.50 41.82
C ASN DA 555 -11.57 58.35 43.33
N PHE DA 556 -12.68 58.44 44.05
CA PHE DA 556 -12.72 58.24 45.48
C PHE DA 556 -13.86 57.35 45.92
N ASP DA 557 -14.92 57.22 45.14
CA ASP DA 557 -16.09 56.50 45.60
C ASP DA 557 -16.76 55.65 44.52
N LEU DA 558 -16.21 55.58 43.31
CA LEU DA 558 -16.83 54.82 42.24
C LEU DA 558 -15.80 53.94 41.55
N LYS DA 559 -16.20 52.70 41.29
CA LYS DA 559 -15.40 51.77 40.50
C LYS DA 559 -16.15 51.49 39.21
N LEU DA 560 -15.47 51.70 38.07
CA LEU DA 560 -16.11 51.69 36.77
C LEU DA 560 -15.54 50.54 35.94
N ASP DA 561 -16.42 49.71 35.38
CA ASP DA 561 -15.98 48.57 34.61
C ASP DA 561 -17.06 48.18 33.60
N ILE DA 562 -16.65 47.39 32.63
CA ILE DA 562 -17.55 46.94 31.56
C ILE DA 562 -18.41 45.80 32.09
N SER DA 563 -19.72 45.93 31.94
CA SER DA 563 -20.63 44.90 32.39
C SER DA 563 -20.79 43.81 31.33
N THR DA 564 -20.94 42.58 31.79
CA THR DA 564 -21.15 41.44 30.89
C THR DA 564 -22.12 40.45 31.51
N ALA DA 565 -22.76 39.68 30.63
CA ALA DA 565 -23.86 38.81 31.03
C ALA DA 565 -23.39 37.75 32.02
N GLU DA 566 -22.18 37.22 31.83
CA GLU DA 566 -21.71 36.17 32.72
C GLU DA 566 -21.47 36.70 34.13
N GLU DA 567 -20.95 37.92 34.26
CA GLU DA 567 -20.83 38.50 35.60
C GLU DA 567 -22.20 38.77 36.20
N ASP DA 568 -23.16 39.20 35.38
CA ASP DA 568 -24.51 39.38 35.92
C ASP DA 568 -25.06 38.06 36.44
N ASN DA 569 -24.87 36.98 35.68
CA ASN DA 569 -25.34 35.66 36.13
C ASN DA 569 -24.63 35.24 37.40
N ALA DA 570 -23.33 35.49 37.49
CA ALA DA 570 -22.60 35.15 38.70
C ALA DA 570 -23.16 35.89 39.91
N LYS DA 571 -23.43 37.18 39.74
CA LYS DA 571 -23.99 37.96 40.85
C LYS DA 571 -25.34 37.42 41.27
N VAL DA 572 -26.20 37.09 40.29
CA VAL DA 572 -27.51 36.56 40.62
C VAL DA 572 -27.39 35.25 41.36
N ASN DA 573 -26.52 34.36 40.89
CA ASN DA 573 -26.35 33.06 41.53
C ASN DA 573 -25.84 33.23 42.95
N ASP DA 574 -24.87 34.10 43.16
CA ASP DA 574 -24.36 34.32 44.51
C ASP DA 574 -25.46 34.83 45.42
N LEU DA 575 -26.24 35.79 44.95
CA LEU DA 575 -27.30 36.33 45.77
C LEU DA 575 -28.31 35.24 46.14
N THR DA 576 -28.76 34.47 45.15
CA THR DA 576 -29.75 33.44 45.41
C THR DA 576 -29.22 32.42 46.40
N PHE DA 577 -28.02 31.91 46.16
CA PHE DA 577 -27.47 30.88 47.03
C PHE DA 577 -27.30 31.39 48.45
N MET DA 578 -26.75 32.59 48.59
CA MET DA 578 -26.37 33.01 49.92
C MET DA 578 -27.59 33.46 50.71
N LEU DA 579 -28.62 33.95 50.02
CA LEU DA 579 -29.92 34.13 50.66
C LEU DA 579 -30.49 32.80 51.12
N GLN DA 580 -30.50 31.80 50.24
CA GLN DA 580 -31.16 30.55 50.59
C GLN DA 580 -30.44 29.85 51.74
N THR DA 581 -29.13 30.01 51.83
CA THR DA 581 -28.37 29.53 52.97
C THR DA 581 -27.50 30.67 53.48
N MET DA 582 -28.11 31.56 54.25
CA MET DA 582 -27.39 32.54 55.06
C MET DA 582 -27.42 32.21 56.54
N GLY DA 583 -28.60 32.03 57.11
CA GLY DA 583 -28.71 31.71 58.51
C GLY DA 583 -29.89 32.38 59.17
N PRO DA 584 -30.04 32.15 60.47
CA PRO DA 584 -31.18 32.71 61.20
C PRO DA 584 -30.96 34.16 61.59
N ASN DA 585 -29.95 34.80 61.00
CA ASN DA 585 -29.61 36.17 61.34
C ASN DA 585 -30.83 37.08 61.24
N MET DA 586 -30.90 38.05 62.16
CA MET DA 586 -32.09 38.88 62.27
C MET DA 586 -32.06 39.95 61.18
N ASP DA 587 -32.91 40.96 61.35
CA ASP DA 587 -33.09 42.03 60.39
C ASP DA 587 -33.61 41.47 59.08
N PRO DA 588 -34.83 40.93 59.06
CA PRO DA 588 -35.38 40.41 57.79
C PRO DA 588 -35.56 41.49 56.75
N MET DA 589 -35.51 42.76 57.15
CA MET DA 589 -35.44 43.83 56.18
C MET DA 589 -34.32 43.59 55.19
N MET DA 590 -33.18 43.07 55.67
CA MET DA 590 -32.06 42.80 54.78
C MET DA 590 -32.41 41.73 53.75
N ALA DA 591 -33.08 40.67 54.17
CA ALA DA 591 -33.50 39.64 53.22
C ALA DA 591 -34.44 40.22 52.19
N GLN DA 592 -35.34 41.10 52.63
CA GLN DA 592 -36.22 41.76 51.68
C GLN DA 592 -35.43 42.59 50.68
N GLN DA 593 -34.42 43.33 51.15
CA GLN DA 593 -33.59 44.12 50.24
C GLN DA 593 -32.94 43.23 49.20
N ILE DA 594 -32.39 42.10 49.65
CA ILE DA 594 -31.74 41.19 48.71
C ILE DA 594 -32.73 40.70 47.67
N MET DA 595 -33.87 40.20 48.12
CA MET DA 595 -34.84 39.62 47.19
C MET DA 595 -35.31 40.67 46.19
N GLY DA 596 -35.52 41.90 46.66
CA GLY DA 596 -35.85 42.98 45.74
C GLY DA 596 -34.75 43.23 44.73
N GLN DA 597 -33.49 43.07 45.15
CA GLN DA 597 -32.42 43.24 44.19
C GLN DA 597 -32.43 42.16 43.13
N ILE DA 598 -32.75 40.92 43.50
CA ILE DA 598 -32.87 39.89 42.46
C ILE DA 598 -34.03 40.24 41.52
N MET DA 599 -35.17 40.67 42.05
CA MET DA 599 -36.23 41.16 41.18
C MET DA 599 -35.72 42.21 40.20
N GLU DA 600 -35.02 43.22 40.71
CA GLU DA 600 -34.59 44.32 39.86
C GLU DA 600 -33.61 43.83 38.79
N LEU DA 601 -32.70 42.95 39.17
CA LEU DA 601 -31.78 42.38 38.20
C LEU DA 601 -32.52 41.55 37.16
N LYS DA 602 -33.63 40.95 37.52
CA LYS DA 602 -34.43 40.19 36.58
C LYS DA 602 -35.51 41.04 35.92
N LYS DA 603 -35.47 42.36 36.13
CA LYS DA 603 -36.28 43.31 35.37
C LYS DA 603 -37.78 43.18 35.67
N MET DA 604 -38.11 43.25 36.95
CA MET DA 604 -39.49 43.47 37.39
C MET DA 604 -39.47 44.53 38.49
N PRO DA 605 -39.18 45.78 38.11
CA PRO DA 605 -39.00 46.82 39.14
C PRO DA 605 -40.21 47.05 40.02
N ASP DA 606 -41.42 46.88 39.48
CA ASP DA 606 -42.60 47.04 40.33
C ASP DA 606 -42.61 46.01 41.45
N PHE DA 607 -42.38 44.74 41.12
CA PHE DA 607 -42.29 43.72 42.15
C PHE DA 607 -41.14 44.01 43.10
N ALA DA 608 -40.02 44.49 42.56
CA ALA DA 608 -38.87 44.80 43.41
C ALA DA 608 -39.23 45.82 44.46
N LYS DA 609 -39.84 46.93 44.04
CA LYS DA 609 -40.20 47.97 44.98
C LYS DA 609 -41.21 47.47 45.97
N ARG DA 610 -42.22 46.74 45.50
CA ARG DA 610 -43.27 46.26 46.40
C ARG DA 610 -42.69 45.35 47.46
N ILE DA 611 -41.79 44.44 47.08
CA ILE DA 611 -41.19 43.54 48.05
C ILE DA 611 -40.32 44.32 49.03
N ARG DA 612 -39.45 45.18 48.52
CA ARG DA 612 -38.51 45.84 49.41
C ARG DA 612 -39.21 46.77 50.37
N GLU DA 613 -40.37 47.31 49.99
CA GLU DA 613 -41.12 48.15 50.89
C GLU DA 613 -42.18 47.38 51.68
N PHE DA 614 -42.35 46.09 51.41
CA PHE DA 614 -43.36 45.32 52.11
C PHE DA 614 -43.02 45.19 53.58
N GLN DA 615 -44.03 45.38 54.43
CA GLN DA 615 -43.86 45.30 55.87
C GLN DA 615 -44.60 44.08 56.40
N PRO DA 616 -43.91 43.06 56.92
CA PRO DA 616 -44.62 41.92 57.50
C PRO DA 616 -45.39 42.32 58.74
N GLN DA 617 -46.50 41.60 58.98
CA GLN DA 617 -47.36 41.85 60.12
C GLN DA 617 -47.64 40.53 60.83
N PRO DA 618 -47.55 40.53 62.15
CA PRO DA 618 -47.79 39.32 62.92
C PRO DA 618 -49.28 39.09 63.13
N ASP DA 619 -49.62 37.84 63.47
CA ASP DA 619 -51.00 37.45 63.71
C ASP DA 619 -51.38 37.73 65.15
N PRO DA 620 -52.53 37.21 65.58
CA PRO DA 620 -53.01 37.37 66.95
C PRO DA 620 -52.73 36.14 67.81
N ILE DA 621 -51.63 35.46 67.56
CA ILE DA 621 -51.24 34.30 68.35
C ILE DA 621 -50.44 34.68 69.59
N ALA DA 622 -50.04 35.94 69.73
CA ALA DA 622 -49.40 36.37 70.97
C ALA DA 622 -50.33 36.21 72.16
N GLN DA 623 -51.63 36.17 71.91
CA GLN DA 623 -52.58 35.83 72.96
C GLN DA 623 -52.22 34.49 73.58
N GLN DA 624 -51.80 33.53 72.76
CA GLN DA 624 -51.42 32.22 73.29
C GLN DA 624 -50.28 32.34 74.28
N LYS DA 625 -49.24 33.12 73.93
CA LYS DA 625 -48.12 33.28 74.83
C LYS DA 625 -48.55 33.95 76.13
N ALA DA 626 -49.37 34.99 76.03
CA ALA DA 626 -49.83 35.66 77.24
C ALA DA 626 -50.64 34.71 78.13
N GLN DA 627 -51.52 33.91 77.52
CA GLN DA 627 -52.37 33.03 78.31
C GLN DA 627 -51.57 31.90 78.94
N LEU DA 628 -50.57 31.38 78.24
CA LEU DA 628 -49.75 30.34 78.86
C LEU DA 628 -48.86 30.93 79.96
N GLU DA 629 -48.44 32.18 79.80
CA GLU DA 629 -47.75 32.84 80.90
C GLU DA 629 -48.64 32.91 82.12
N LEU DA 630 -49.91 33.27 81.93
CA LEU DA 630 -50.83 33.31 83.05
C LEU DA 630 -51.06 31.91 83.63
N MET DA 631 -51.21 30.91 82.77
CA MET DA 631 -51.19 29.51 83.18
C MET DA 631 -50.12 29.27 84.22
N LEU DA 632 -48.87 29.49 83.83
CA LEU DA 632 -47.75 29.15 84.70
C LEU DA 632 -47.78 29.98 85.97
N LEU DA 633 -48.03 31.28 85.84
CA LEU DA 633 -47.98 32.15 87.02
C LEU DA 633 -48.99 31.70 88.07
N GLN DA 634 -50.23 31.46 87.64
CA GLN DA 634 -51.25 31.06 88.58
C GLN DA 634 -51.00 29.66 89.10
N ALA DA 635 -50.63 28.73 88.23
CA ALA DA 635 -50.38 27.37 88.67
C ALA DA 635 -49.27 27.31 89.70
N GLN DA 636 -48.32 28.25 89.66
CA GLN DA 636 -47.28 28.18 90.68
C GLN DA 636 -47.68 28.93 91.94
N ILE DA 637 -47.97 30.22 91.86
CA ILE DA 637 -48.25 30.96 93.09
C ILE DA 637 -49.49 30.42 93.77
N GLU DA 638 -50.55 30.23 93.00
CA GLU DA 638 -51.85 29.95 93.60
C GLU DA 638 -51.94 28.53 94.13
N ALA DA 639 -51.39 27.56 93.40
CA ALA DA 639 -51.58 26.17 93.80
C ALA DA 639 -50.61 25.77 94.90
N GLU DA 640 -49.32 25.80 94.61
CA GLU DA 640 -48.37 25.07 95.43
C GLU DA 640 -48.22 25.69 96.81
N ARG DA 641 -48.05 27.01 96.88
CA ARG DA 641 -47.90 27.67 98.17
C ARG DA 641 -49.13 27.43 99.04
N ALA DA 642 -50.30 27.49 98.43
CA ALA DA 642 -51.53 27.22 99.17
C ALA DA 642 -51.55 25.80 99.71
N ARG DA 643 -51.10 24.83 98.90
CA ARG DA 643 -51.03 23.45 99.38
C ARG DA 643 -50.10 23.34 100.57
N ALA DA 644 -48.95 24.01 100.50
CA ALA DA 644 -48.02 23.98 101.62
C ALA DA 644 -48.67 24.52 102.88
N ALA DA 645 -49.33 25.68 102.76
CA ALA DA 645 -49.97 26.27 103.94
C ALA DA 645 -51.00 25.30 104.51
N HIS DA 646 -51.79 24.68 103.64
CA HIS DA 646 -52.82 23.77 104.11
C HIS DA 646 -52.20 22.59 104.86
N TYR DA 647 -51.12 22.02 104.32
CA TYR DA 647 -50.52 20.86 104.96
C TYR DA 647 -49.91 21.22 106.31
N MET DA 648 -49.22 22.38 106.40
CA MET DA 648 -48.68 22.77 107.69
C MET DA 648 -49.78 22.99 108.71
N SER DA 649 -50.88 23.61 108.29
CA SER DA 649 -52.00 23.79 109.20
C SER DA 649 -52.52 22.44 109.70
N GLY DA 650 -52.65 21.48 108.79
CA GLY DA 650 -53.09 20.15 109.20
C GLY DA 650 -52.16 19.52 110.20
N ALA DA 651 -50.85 19.64 109.98
CA ALA DA 651 -49.89 19.07 110.92
C ALA DA 651 -50.04 19.69 112.30
N GLY DA 652 -50.17 21.01 112.35
CA GLY DA 652 -50.40 21.66 113.63
C GLY DA 652 -51.66 21.15 114.30
N LEU DA 653 -52.72 20.95 113.52
CA LEU DA 653 -53.97 20.45 114.09
C LEU DA 653 -53.79 19.08 114.71
N GLN DA 654 -53.08 18.18 114.03
CA GLN DA 654 -52.86 16.85 114.61
C GLN DA 654 -52.07 16.95 115.91
N ASP DA 655 -51.01 17.76 115.90
CA ASP DA 655 -50.21 17.92 117.10
C ASP DA 655 -51.06 18.47 118.25
N SER DA 656 -52.06 19.27 117.93
CA SER DA 656 -52.99 19.70 118.97
C SER DA 656 -53.86 18.56 119.46
N LYS DA 657 -54.40 17.77 118.53
CA LYS DA 657 -55.34 16.71 118.89
C LYS DA 657 -54.72 15.65 119.80
N VAL DA 658 -53.39 15.53 119.77
CA VAL DA 658 -52.74 14.56 120.65
C VAL DA 658 -53.15 14.77 122.11
N GLY DA 659 -53.15 16.03 122.56
CA GLY DA 659 -53.48 16.30 123.95
C GLY DA 659 -54.90 15.88 124.31
N THR DA 660 -55.85 16.14 123.41
CA THR DA 660 -57.22 15.71 123.66
C THR DA 660 -57.29 14.20 123.78
N GLU DA 661 -56.51 13.48 122.97
CA GLU DA 661 -56.45 12.04 123.13
C GLU DA 661 -55.98 11.65 124.53
N GLN DA 662 -54.93 12.32 125.01
CA GLN DA 662 -54.44 12.03 126.36
C GLN DA 662 -55.54 12.23 127.38
N ALA DA 663 -56.24 13.36 127.29
CA ALA DA 663 -57.28 13.68 128.26
C ALA DA 663 -58.40 12.65 128.24
N LYS DA 664 -58.80 12.22 127.04
CA LYS DA 664 -59.84 11.20 126.94
C LYS DA 664 -59.41 9.91 127.63
N ALA DA 665 -58.16 9.51 127.40
CA ALA DA 665 -57.68 8.29 128.04
C ALA DA 665 -57.76 8.40 129.55
N ARG DA 666 -57.29 9.52 130.10
CA ARG DA 666 -57.30 9.69 131.55
C ARG DA 666 -58.72 9.64 132.11
N ALA DA 667 -59.65 10.35 131.44
CA ALA DA 667 -61.02 10.40 131.94
C ALA DA 667 -61.65 9.02 131.94
N LEU DA 668 -61.45 8.25 130.86
CA LEU DA 668 -62.04 6.93 130.83
C LEU DA 668 -61.44 6.02 131.90
N ALA DA 669 -60.14 6.16 132.16
CA ALA DA 669 -59.56 5.37 133.25
C ALA DA 669 -60.24 5.70 134.57
N SER DA 670 -60.46 6.99 134.84
CA SER DA 670 -61.12 7.37 136.09
C SER DA 670 -62.52 6.78 136.18
N GLN DA 671 -63.27 6.83 135.08
CA GLN DA 671 -64.63 6.28 135.10
C GLN DA 671 -64.60 4.78 135.39
N ALA DA 672 -63.67 4.06 134.78
CA ALA DA 672 -63.56 2.63 135.06
C ALA DA 672 -63.27 2.39 136.53
N ASP DA 673 -62.40 3.22 137.13
CA ASP DA 673 -62.13 3.08 138.55
C ASP DA 673 -63.38 3.26 139.38
N MET DA 674 -64.18 4.28 139.05
CA MET DA 674 -65.44 4.49 139.77
C MET DA 674 -66.34 3.27 139.68
N THR DA 675 -66.47 2.72 138.47
CA THR DA 675 -67.34 1.56 138.30
C THR DA 675 -66.85 0.37 139.13
N ASP DA 676 -65.54 0.15 139.14
CA ASP DA 676 -64.99 -0.95 139.93
C ASP DA 676 -65.26 -0.76 141.41
N LEU DA 677 -65.13 0.49 141.89
CA LEU DA 677 -65.41 0.77 143.29
C LEU DA 677 -66.86 0.43 143.62
N ASN DA 678 -67.80 0.87 142.78
CA ASN DA 678 -69.20 0.59 143.06
C ASN DA 678 -69.49 -0.90 143.04
N PHE DA 679 -68.86 -1.63 142.12
CA PHE DA 679 -69.01 -3.07 142.07
C PHE DA 679 -68.53 -3.71 143.38
N LEU DA 680 -67.37 -3.28 143.86
CA LEU DA 680 -66.85 -3.82 145.11
C LEU DA 680 -67.80 -3.54 146.26
N GLU DA 681 -68.34 -2.33 146.32
CA GLU DA 681 -69.26 -1.99 147.41
C GLU DA 681 -70.51 -2.86 147.36
N GLN DA 682 -71.13 -2.97 146.19
CA GLN DA 682 -72.33 -3.81 146.09
C GLN DA 682 -72.03 -5.25 146.46
N GLU DA 683 -70.81 -5.71 146.20
CA GLU DA 683 -70.43 -7.03 146.72
C GLU DA 683 -70.04 -6.87 148.19
N SER DA 684 -71.05 -6.89 149.05
CA SER DA 684 -70.89 -7.02 150.50
C SER DA 684 -70.01 -5.90 151.07
N GLY DA 685 -70.53 -4.69 151.02
CA GLY DA 685 -69.93 -3.59 151.73
C GLY DA 685 -70.90 -2.54 152.19
N VAL DA 686 -70.41 -1.30 152.22
CA VAL DA 686 -71.20 -0.16 152.68
C VAL DA 686 -72.50 -0.04 151.90
N GLN DA 687 -72.53 -0.56 150.68
CA GLN DA 687 -73.72 -0.44 149.83
C GLN DA 687 -74.97 -0.91 150.56
N GLN DA 688 -74.92 -2.09 151.16
CA GLN DA 688 -76.04 -2.59 151.94
C GLN DA 688 -75.72 -2.61 153.43
N ALA DA 689 -74.56 -2.11 153.85
CA ALA DA 689 -74.30 -1.92 155.26
C ALA DA 689 -74.90 -0.61 155.76
N ARG DA 690 -74.54 0.50 155.12
CA ARG DA 690 -74.93 1.81 155.61
C ARG DA 690 -76.39 2.11 155.36
N LYS DA 691 -76.89 1.78 154.17
CA LYS DA 691 -78.15 2.35 153.69
C LYS DA 691 -79.31 2.06 154.64
N ARG DA 692 -79.26 0.98 155.41
CA ARG DA 692 -80.19 0.86 156.52
C ARG DA 692 -79.64 1.54 157.76
N GLU DA 693 -78.40 1.20 158.14
CA GLU DA 693 -77.74 1.74 159.32
C GLU DA 693 -78.04 3.21 159.54
N LEU DA 694 -77.81 4.02 158.51
CA LEU DA 694 -78.04 5.45 158.60
C LEU DA 694 -79.43 5.76 159.14
N GLN DA 695 -80.46 5.36 158.41
CA GLN DA 695 -81.81 5.78 158.75
C GLN DA 695 -82.28 5.12 160.04
N GLN DA 696 -82.01 3.82 160.22
CA GLN DA 696 -82.47 3.15 161.42
C GLN DA 696 -81.85 3.75 162.67
N ALA DA 697 -80.53 3.92 162.67
CA ALA DA 697 -79.86 4.48 163.83
C ALA DA 697 -80.33 5.90 164.09
N GLN DA 698 -80.41 6.72 163.04
CA GLN DA 698 -80.80 8.12 163.24
C GLN DA 698 -82.20 8.22 163.81
N SER DA 699 -83.17 7.58 163.14
CA SER DA 699 -84.56 7.67 163.57
C SER DA 699 -84.73 7.10 164.97
N GLU DA 700 -84.17 5.91 165.22
CA GLU DA 700 -84.32 5.29 166.53
C GLU DA 700 -83.72 6.15 167.62
N ALA DA 701 -82.47 6.59 167.44
CA ALA DA 701 -81.81 7.37 168.47
C ALA DA 701 -82.53 8.68 168.72
N GLN DA 702 -82.92 9.39 167.65
CA GLN DA 702 -83.60 10.66 167.81
C GLN DA 702 -84.93 10.50 168.53
N GLY DA 703 -85.77 9.57 168.06
CA GLY DA 703 -87.05 9.35 168.70
C GLY DA 703 -86.91 8.92 170.14
N LYS DA 704 -85.96 8.02 170.41
CA LYS DA 704 -85.78 7.52 171.77
C LYS DA 704 -85.30 8.63 172.69
N LEU DA 705 -84.35 9.45 172.24
CA LEU DA 705 -83.86 10.53 173.10
C LEU DA 705 -84.95 11.56 173.36
N ALA DA 706 -85.71 11.94 172.32
CA ALA DA 706 -86.78 12.90 172.53
C ALA DA 706 -87.85 12.34 173.46
N MET DA 707 -88.22 11.09 173.29
CA MET DA 707 -89.27 10.50 174.11
C MET DA 707 -88.79 10.22 175.53
N LEU DA 708 -87.49 9.98 175.72
CA LEU DA 708 -86.93 9.92 177.06
C LEU DA 708 -86.93 11.30 177.71
N ASN DA 709 -86.64 12.35 176.94
CA ASN DA 709 -86.79 13.69 177.46
C ASN DA 709 -88.24 14.02 177.77
N SER DA 710 -89.18 13.30 177.16
CA SER DA 710 -90.59 13.49 177.50
C SER DA 710 -90.86 13.20 178.96
N GLN DA 711 -90.28 12.12 179.50
CA GLN DA 711 -90.47 11.83 180.92
C GLN DA 711 -89.80 12.87 181.79
N LEU DA 712 -88.68 13.44 181.34
CA LEU DA 712 -88.06 14.53 182.08
C LEU DA 712 -88.98 15.75 182.12
N LYS DA 713 -89.59 16.07 180.99
CA LYS DA 713 -90.54 17.18 180.95
C LYS DA 713 -91.72 16.90 181.88
N ARG DA 714 -92.21 15.66 181.90
CA ARG DA 714 -93.33 15.32 182.76
C ARG DA 714 -92.94 15.38 184.23
N LEU DA 715 -91.72 14.96 184.56
CA LEU DA 715 -91.25 15.09 185.94
C LEU DA 715 -91.16 16.55 186.35
N ASP DA 716 -90.70 17.41 185.44
CA ASP DA 716 -90.71 18.84 185.72
C ASP DA 716 -92.14 19.35 185.91
N GLU DA 717 -93.07 18.86 185.09
CA GLU DA 717 -94.49 19.19 185.27
C GLU DA 717 -94.95 18.84 186.68
N ALA DA 718 -94.63 17.62 187.12
CA ALA DA 718 -95.07 17.15 188.43
C ALA DA 718 -94.45 17.98 189.55
N THR DA 719 -93.15 18.27 189.44
CA THR DA 719 -92.47 19.01 190.49
C THR DA 719 -92.78 20.49 190.47
N SER DA 720 -93.37 21.01 189.40
CA SER DA 720 -93.73 22.43 189.32
C SER DA 720 -95.20 22.67 189.65
N ALA DA 721 -96.11 22.04 188.90
CA ALA DA 721 -97.53 22.23 189.11
C ALA DA 721 -98.31 20.97 188.80
N ALA EA 2 92.20 -11.50 -87.45
CA ALA EA 2 91.49 -10.37 -86.89
C ALA EA 2 90.18 -10.84 -86.27
N VAL EA 3 90.12 -12.10 -85.89
CA VAL EA 3 88.90 -12.73 -85.37
C VAL EA 3 89.11 -12.93 -83.87
N GLU EA 4 88.58 -12.02 -83.07
CA GLU EA 4 88.56 -12.18 -81.63
C GLU EA 4 87.26 -12.86 -81.24
N PRO EA 5 87.29 -14.05 -80.62
CA PRO EA 5 86.05 -14.77 -80.34
C PRO EA 5 85.40 -14.22 -79.10
N ILE EA 6 84.18 -13.69 -79.25
CA ILE EA 6 83.44 -13.21 -78.10
C ILE EA 6 82.93 -14.41 -77.30
N THR EA 7 83.18 -14.39 -76.00
CA THR EA 7 82.89 -15.55 -75.16
C THR EA 7 82.05 -15.12 -73.97
N ILE EA 8 81.71 -16.11 -73.15
CA ILE EA 8 80.97 -15.85 -71.93
C ILE EA 8 81.79 -14.95 -71.01
N ALA EA 9 83.10 -15.12 -71.02
CA ALA EA 9 83.96 -14.21 -70.25
C ALA EA 9 83.82 -12.78 -70.75
N ASP EA 10 83.74 -12.61 -72.06
CA ASP EA 10 83.53 -11.27 -72.62
C ASP EA 10 82.21 -10.70 -72.16
N LEU EA 11 81.15 -11.52 -72.15
CA LEU EA 11 79.86 -11.02 -71.68
C LEU EA 11 79.92 -10.64 -70.21
N THR EA 12 80.35 -11.59 -69.36
CA THR EA 12 80.51 -11.35 -67.94
C THR EA 12 81.35 -12.44 -67.29
N GLU EA 13 82.41 -12.05 -66.60
CA GLU EA 13 83.06 -12.97 -65.69
C GLU EA 13 82.30 -12.97 -64.36
N VAL EA 14 82.47 -14.06 -63.60
CA VAL EA 14 81.55 -14.32 -62.52
C VAL EA 14 81.73 -13.33 -61.37
N LYS EA 15 82.90 -12.70 -61.26
CA LYS EA 15 83.16 -11.81 -60.14
C LYS EA 15 82.22 -10.61 -60.16
N LEU EA 16 81.94 -10.08 -58.97
CA LEU EA 16 81.08 -8.90 -58.85
C LEU EA 16 81.72 -7.68 -59.50
N ASP EA 17 83.03 -7.50 -59.30
CA ASP EA 17 83.74 -6.32 -59.79
C ASP EA 17 84.38 -6.54 -61.14
N GLY EA 18 83.88 -7.49 -61.92
CA GLY EA 18 84.49 -7.81 -63.20
C GLY EA 18 84.32 -6.69 -64.21
N LYS EA 19 84.75 -6.97 -65.43
CA LYS EA 19 84.68 -6.02 -66.53
C LYS EA 19 83.68 -6.42 -67.59
N GLY EA 20 82.86 -7.43 -67.33
CA GLY EA 20 81.82 -7.79 -68.27
C GLY EA 20 80.80 -6.68 -68.44
N ALA EA 21 80.14 -6.70 -69.59
CA ALA EA 21 79.16 -5.66 -69.89
C ALA EA 21 78.02 -5.69 -68.88
N LEU EA 22 77.52 -6.88 -68.57
CA LEU EA 22 76.48 -7.00 -67.55
C LEU EA 22 76.96 -6.45 -66.22
N ASP EA 23 78.20 -6.79 -65.85
CA ASP EA 23 78.73 -6.35 -64.58
C ASP EA 23 78.79 -4.83 -64.50
N GLN EA 24 79.26 -4.18 -65.57
CA GLN EA 24 79.43 -2.74 -65.48
C GLN EA 24 78.09 -2.01 -65.57
N LEU EA 25 77.14 -2.55 -66.32
CA LEU EA 25 75.81 -1.95 -66.31
C LEU EA 25 75.19 -2.05 -64.93
N LEU EA 26 75.33 -3.20 -64.27
CA LEU EA 26 74.81 -3.32 -62.92
C LEU EA 26 75.52 -2.37 -61.97
N GLN EA 27 76.83 -2.18 -62.17
CA GLN EA 27 77.56 -1.26 -61.30
C GLN EA 27 77.07 0.16 -61.45
N VAL EA 28 76.83 0.62 -62.69
CA VAL EA 28 76.38 1.99 -62.86
C VAL EA 28 74.97 2.16 -62.29
N THR EA 29 74.11 1.15 -62.45
CA THR EA 29 72.80 1.22 -61.82
C THR EA 29 72.94 1.32 -60.31
N ARG EA 30 73.84 0.54 -59.74
CA ARG EA 30 74.08 0.61 -58.30
C ARG EA 30 74.54 1.99 -57.88
N LEU EA 31 75.42 2.61 -58.66
CA LEU EA 31 75.90 3.93 -58.27
C LEU EA 31 74.78 4.95 -58.29
N HIS EA 32 73.94 4.92 -59.31
CA HIS EA 32 72.84 5.88 -59.36
C HIS EA 32 71.90 5.68 -58.18
N LEU EA 33 71.55 4.43 -57.90
CA LEU EA 33 70.68 4.17 -56.76
C LEU EA 33 71.34 4.58 -55.45
N ALA EA 34 72.65 4.37 -55.33
CA ALA EA 34 73.34 4.72 -54.11
C ALA EA 34 73.31 6.21 -53.87
N LYS EA 35 73.55 7.01 -54.91
CA LYS EA 35 73.45 8.45 -54.73
C LYS EA 35 72.02 8.84 -54.37
N GLU EA 36 71.03 8.20 -54.99
CA GLU EA 36 69.65 8.53 -54.66
C GLU EA 36 69.34 8.25 -53.20
N HIS EA 37 69.84 7.13 -52.68
CA HIS EA 37 69.60 6.80 -51.29
C HIS EA 37 70.38 7.72 -50.36
N ASP EA 38 71.57 8.13 -50.76
CA ASP EA 38 72.35 9.04 -49.94
C ASP EA 38 71.63 10.37 -49.78
N ALA EA 39 71.08 10.89 -50.87
CA ALA EA 39 70.11 11.95 -50.68
C ALA EA 39 68.85 11.37 -50.05
N GLY EA 40 68.11 12.21 -49.35
CA GLY EA 40 66.95 11.70 -48.65
C GLY EA 40 65.80 11.35 -49.56
N ARG EA 41 65.96 10.33 -50.40
CA ARG EA 41 64.91 10.02 -51.35
C ARG EA 41 64.58 8.54 -51.52
N LEU EA 42 65.39 7.62 -51.02
CA LEU EA 42 65.09 6.20 -51.13
C LEU EA 42 65.28 5.52 -49.79
N LYS EA 43 64.37 4.62 -49.46
CA LYS EA 43 64.61 3.70 -48.36
C LYS EA 43 65.42 2.51 -48.86
N GLY EA 44 65.88 1.70 -47.91
CA GLY EA 44 66.72 0.59 -48.28
C GLY EA 44 66.02 -0.58 -48.93
N GLN EA 45 64.72 -0.48 -49.16
CA GLN EA 45 63.96 -1.58 -49.76
C GLN EA 45 63.60 -1.34 -51.20
N GLU EA 46 63.23 -0.11 -51.57
CA GLU EA 46 63.07 0.18 -52.99
C GLU EA 46 64.38 -0.05 -53.73
N TYR EA 47 65.51 0.16 -53.05
CA TYR EA 47 66.80 -0.12 -53.65
C TYR EA 47 66.87 -1.56 -54.14
N ALA EA 48 66.41 -2.50 -53.32
CA ALA EA 48 66.43 -3.90 -53.74
C ALA EA 48 65.35 -4.18 -54.77
N ALA EA 49 64.18 -3.59 -54.59
CA ALA EA 49 63.08 -3.88 -55.50
C ALA EA 49 63.42 -3.48 -56.93
N VAL EA 50 63.98 -2.29 -57.11
CA VAL EA 50 64.29 -1.80 -58.45
C VAL EA 50 65.32 -2.70 -59.10
N LEU EA 51 66.38 -3.06 -58.35
CA LEU EA 51 67.44 -3.88 -58.92
C LEU EA 51 66.91 -5.24 -59.36
N THR EA 52 66.15 -5.89 -58.48
CA THR EA 52 65.63 -7.21 -58.81
C THR EA 52 64.69 -7.14 -60.01
N GLY EA 53 63.88 -6.09 -60.08
CA GLY EA 53 63.03 -5.93 -61.26
C GLY EA 53 63.85 -5.74 -62.52
N GLY EA 54 64.97 -5.03 -62.41
CA GLY EA 54 65.72 -4.66 -63.61
C GLY EA 54 66.57 -5.77 -64.18
N ILE EA 55 67.00 -6.72 -63.35
CA ILE EA 55 68.00 -7.72 -63.73
C ILE EA 55 67.82 -8.27 -65.14
N THR EA 56 66.64 -8.81 -65.43
CA THR EA 56 66.47 -9.51 -66.70
C THR EA 56 66.46 -8.55 -67.88
N ALA EA 57 65.87 -7.38 -67.72
CA ALA EA 57 65.88 -6.40 -68.81
C ALA EA 57 67.29 -5.95 -69.11
N VAL EA 58 68.08 -5.72 -68.06
CA VAL EA 58 69.47 -5.34 -68.27
C VAL EA 58 70.21 -6.44 -69.00
N LEU EA 59 69.96 -7.70 -68.62
CA LEU EA 59 70.61 -8.81 -69.31
C LEU EA 59 70.27 -8.81 -70.79
N GLN EA 60 68.98 -8.65 -71.11
CA GLN EA 60 68.57 -8.66 -72.50
C GLN EA 60 69.22 -7.53 -73.28
N ASN EA 61 69.27 -6.34 -72.70
CA ASN EA 61 69.89 -5.22 -73.40
C ASN EA 61 71.37 -5.48 -73.63
N ALA EA 62 72.07 -6.02 -72.64
CA ALA EA 62 73.50 -6.30 -72.82
C ALA EA 62 73.73 -7.32 -73.92
N VAL EA 63 72.90 -8.36 -73.96
CA VAL EA 63 73.05 -9.36 -75.02
C VAL EA 63 72.81 -8.73 -76.38
N MET EA 64 71.78 -7.88 -76.49
CA MET EA 64 71.56 -7.16 -77.74
C MET EA 64 72.77 -6.32 -78.10
N PHE EA 65 73.42 -5.72 -77.11
CA PHE EA 65 74.52 -4.80 -77.40
C PHE EA 65 75.74 -5.54 -77.92
N LEU EA 66 76.11 -6.65 -77.27
CA LEU EA 66 77.36 -7.30 -77.64
C LEU EA 66 77.34 -7.80 -79.08
N LEU EA 67 76.22 -8.37 -79.51
CA LEU EA 67 76.19 -8.95 -80.85
C LEU EA 67 76.37 -7.90 -81.93
N GLN EA 68 75.70 -6.76 -81.81
CA GLN EA 68 75.75 -5.75 -82.85
C GLN EA 68 76.87 -4.74 -82.67
N LYS EA 69 77.56 -4.74 -81.53
CA LYS EA 69 78.53 -3.71 -81.25
C LYS EA 69 79.62 -3.61 -82.30
N ASP EA 70 80.40 -4.67 -82.43
CA ASP EA 70 81.68 -4.58 -83.15
C ASP EA 70 81.49 -4.27 -84.63
N GLU EA 71 80.56 -4.95 -85.30
CA GLU EA 71 80.53 -4.90 -86.76
C GLU EA 71 80.03 -3.56 -87.29
N ALA EA 72 79.38 -2.75 -86.45
CA ALA EA 72 78.84 -1.49 -86.94
C ALA EA 72 79.94 -0.55 -87.42
N ALA EA 73 81.01 -0.43 -86.64
CA ALA EA 73 82.11 0.44 -87.06
C ALA EA 73 82.73 -0.06 -88.35
N ASN EA 74 82.86 -1.38 -88.49
CA ASN EA 74 83.39 -1.94 -89.72
C ASN EA 74 82.49 -1.59 -90.89
N LYS EA 75 81.18 -1.68 -90.70
CA LYS EA 75 80.25 -1.32 -91.76
C LYS EA 75 80.41 0.13 -92.16
N ALA EA 76 80.58 1.01 -91.18
CA ALA EA 76 80.76 2.43 -91.49
C ALA EA 76 82.02 2.67 -92.30
N ALA EA 77 83.12 2.04 -91.90
CA ALA EA 77 84.36 2.22 -92.65
C ALA EA 77 84.20 1.69 -94.08
N LEU EA 78 83.51 0.57 -94.24
CA LEU EA 78 83.26 0.07 -95.59
C LEU EA 78 82.47 1.08 -96.40
N VAL EA 79 81.49 1.72 -95.78
CA VAL EA 79 80.68 2.70 -96.50
C VAL EA 79 81.52 3.87 -96.97
N GLU EA 80 82.38 4.39 -96.09
CA GLU EA 80 83.18 5.55 -96.52
C GLU EA 80 84.20 5.16 -97.60
N ALA EA 81 84.72 3.94 -97.54
CA ALA EA 81 85.57 3.48 -98.63
C ALA EA 81 84.80 3.46 -99.94
N GLN EA 82 83.55 2.98 -99.90
CA GLN EA 82 82.72 3.02 -101.10
C GLN EA 82 82.49 4.45 -101.56
N ILE EA 83 82.42 5.39 -100.63
CA ILE EA 83 82.26 6.80 -101.00
C ILE EA 83 83.44 7.24 -101.86
N LYS EA 84 84.65 6.94 -101.41
CA LYS EA 84 85.83 7.30 -102.20
C LYS EA 84 85.82 6.60 -103.55
N LEU EA 85 85.39 5.34 -103.58
CA LEU EA 85 85.33 4.61 -104.83
C LEU EA 85 84.38 5.29 -105.82
N THR EA 86 83.21 5.72 -105.34
CA THR EA 86 82.28 6.42 -106.21
C THR EA 86 82.86 7.75 -106.68
N GLU EA 87 83.62 8.43 -105.82
CA GLU EA 87 84.33 9.63 -106.26
C GLU EA 87 85.15 9.32 -107.50
N LYS EA 88 85.94 8.24 -107.43
CA LYS EA 88 86.83 7.92 -108.53
C LYS EA 88 86.07 7.50 -109.78
N GLN EA 89 84.96 6.75 -109.61
CA GLN EA 89 84.17 6.40 -110.78
C GLN EA 89 83.60 7.65 -111.45
N GLY EA 90 83.14 8.62 -110.66
CA GLY EA 90 82.66 9.85 -111.25
C GLY EA 90 83.73 10.57 -112.03
N GLU EA 91 84.95 10.61 -111.47
CA GLU EA 91 86.05 11.24 -112.20
C GLU EA 91 86.31 10.52 -113.53
N LEU EA 92 86.29 9.20 -113.51
CA LEU EA 92 86.53 8.46 -114.74
C LEU EA 92 85.47 8.76 -115.78
N LEU EA 93 84.21 8.86 -115.38
CA LEU EA 93 83.17 9.19 -116.35
C LEU EA 93 83.33 10.62 -116.87
N ASP EA 94 83.80 11.52 -116.02
CA ASP EA 94 84.11 12.87 -116.49
C ASP EA 94 85.17 12.81 -117.58
N LYS EA 95 86.15 11.92 -117.43
CA LYS EA 95 87.08 11.69 -118.52
C LYS EA 95 86.40 11.09 -119.74
N GLN EA 96 85.42 10.22 -119.49
CA GLN EA 96 84.73 9.49 -120.55
C GLN EA 96 84.03 10.42 -121.53
N ILE EA 97 83.34 11.44 -121.01
CA ILE EA 97 82.55 12.29 -121.89
C ILE EA 97 83.45 13.02 -122.87
N ALA EA 98 84.55 13.59 -122.37
CA ALA EA 98 85.49 14.30 -123.23
C ALA EA 98 86.15 13.35 -124.22
N GLN EA 99 86.49 12.14 -123.76
CA GLN EA 99 87.08 11.16 -124.68
C GLN EA 99 86.15 10.88 -125.84
N ALA EA 100 84.88 10.61 -125.55
CA ALA EA 100 83.93 10.31 -126.62
C ALA EA 100 83.74 11.50 -127.54
N ASP EA 101 83.65 12.71 -126.97
CA ASP EA 101 83.43 13.88 -127.80
C ASP EA 101 84.59 14.08 -128.77
N LYS EA 102 85.83 13.85 -128.30
CA LYS EA 102 86.96 13.89 -129.22
C LYS EA 102 86.91 12.74 -130.22
N ASP EA 103 86.38 11.59 -129.82
CA ASP EA 103 86.24 10.44 -130.70
C ASP EA 103 85.16 10.63 -131.76
N ALA EA 104 84.37 11.70 -131.66
CA ALA EA 104 83.17 11.85 -132.50
C ALA EA 104 83.45 11.62 -133.98
N GLU EA 105 84.47 12.26 -134.54
CA GLU EA 105 84.59 12.38 -135.99
C GLU EA 105 85.23 11.16 -136.67
N LEU EA 106 85.74 10.20 -135.91
CA LEU EA 106 86.32 9.02 -136.54
C LEU EA 106 85.31 8.31 -137.42
N ILE EA 107 84.05 8.31 -137.00
CA ILE EA 107 83.01 7.71 -137.82
C ILE EA 107 82.85 8.48 -139.13
N ALA EA 108 83.01 9.81 -139.08
CA ALA EA 108 82.94 10.60 -140.31
C ALA EA 108 84.09 10.25 -141.24
N ALA EA 109 85.28 10.04 -140.68
CA ALA EA 109 86.39 9.60 -141.51
C ALA EA 109 86.07 8.25 -142.16
N LYS EA 110 85.51 7.33 -141.38
CA LYS EA 110 85.11 6.04 -141.93
C LYS EA 110 84.08 6.21 -143.03
N VAL EA 111 83.16 7.18 -142.85
CA VAL EA 111 82.17 7.48 -143.86
C VAL EA 111 82.86 7.88 -145.15
N LYS EA 112 83.87 8.74 -145.05
CA LYS EA 112 84.55 9.17 -146.27
C LYS EA 112 85.26 8.00 -146.94
N LEU EA 113 85.87 7.12 -146.14
CA LEU EA 113 86.44 5.89 -146.69
C LEU EA 113 85.41 5.15 -147.52
N THR EA 114 84.23 4.92 -146.93
CA THR EA 114 83.19 4.19 -147.62
C THR EA 114 82.78 4.88 -148.91
N LEU EA 115 82.57 6.19 -148.85
CA LEU EA 115 82.15 6.97 -150.01
C LEU EA 115 83.14 6.82 -151.15
N GLU EA 116 84.43 7.05 -150.87
CA GLU EA 116 85.43 6.97 -151.92
C GLU EA 116 85.52 5.56 -152.50
N GLN EA 117 85.55 4.56 -151.62
CA GLN EA 117 85.69 3.18 -152.09
C GLN EA 117 84.51 2.77 -152.95
N ALA EA 118 83.29 3.16 -152.57
CA ALA EA 118 82.12 2.84 -153.37
C ALA EA 118 82.15 3.55 -154.71
N LYS EA 119 82.42 4.86 -154.69
CA LYS EA 119 82.34 5.64 -155.91
C LYS EA 119 83.36 5.16 -156.94
N LEU EA 120 84.63 5.07 -156.55
CA LEU EA 120 85.64 4.79 -157.56
C LEU EA 120 85.65 3.32 -157.98
N PRO EA 121 85.89 2.42 -157.04
CA PRO EA 121 86.33 1.06 -157.41
C PRO EA 121 85.31 0.29 -158.23
N ASP EA 122 84.08 0.17 -157.72
CA ASP EA 122 83.09 -0.69 -158.37
C ASP EA 122 82.87 -0.28 -159.82
N SER EA 123 82.41 0.95 -160.03
CA SER EA 123 82.06 1.38 -161.38
C SER EA 123 83.29 1.43 -162.28
N GLN EA 124 84.41 1.95 -161.78
CA GLN EA 124 85.60 2.07 -162.61
C GLN EA 124 86.06 0.69 -163.09
N ILE EA 125 86.18 -0.26 -162.15
CA ILE EA 125 86.61 -1.61 -162.51
C ILE EA 125 85.61 -2.23 -163.47
N ARG EA 126 84.32 -2.10 -163.18
CA ARG EA 126 83.30 -2.67 -164.07
C ARG EA 126 83.51 -2.20 -165.50
N SER EA 127 83.47 -0.89 -165.72
CA SER EA 127 83.54 -0.37 -167.08
C SER EA 127 84.86 -0.74 -167.75
N ALA EA 128 85.98 -0.45 -167.09
CA ALA EA 128 87.28 -0.65 -167.74
C ALA EA 128 87.53 -2.13 -168.02
N GLY EA 129 87.32 -2.99 -167.01
CA GLY EA 129 87.53 -4.41 -167.22
C GLY EA 129 86.62 -4.98 -168.30
N PHE EA 130 85.34 -4.61 -168.29
CA PHE EA 130 84.42 -5.13 -169.29
C PHE EA 130 84.89 -4.76 -170.70
N GLN EA 131 85.16 -3.47 -170.93
CA GLN EA 131 85.56 -3.06 -172.27
C GLN EA 131 86.85 -3.71 -172.70
N ASP EA 132 87.88 -3.66 -171.83
CA ASP EA 132 89.18 -4.20 -172.18
C ASP EA 132 89.11 -5.70 -172.44
N LEU EA 133 88.45 -6.44 -171.54
CA LEU EA 133 88.37 -7.89 -171.70
C LEU EA 133 87.61 -8.26 -172.96
N LEU EA 134 86.49 -7.59 -173.24
CA LEU EA 134 85.73 -7.93 -174.44
C LEU EA 134 86.55 -7.68 -175.70
N VAL EA 135 87.18 -6.50 -175.79
CA VAL EA 135 87.94 -6.16 -176.99
C VAL EA 135 89.11 -7.14 -177.16
N GLN EA 136 89.85 -7.38 -176.09
CA GLN EA 136 91.01 -8.25 -176.17
C GLN EA 136 90.61 -9.68 -176.50
N GLU EA 137 89.50 -10.16 -175.93
CA GLU EA 137 89.05 -11.51 -176.22
C GLU EA 137 88.65 -11.66 -177.68
N GLN EA 138 87.91 -10.68 -178.21
CA GLN EA 138 87.52 -10.75 -179.62
C GLN EA 138 88.74 -10.73 -180.53
N THR EA 139 89.68 -9.82 -180.25
CA THR EA 139 90.88 -9.73 -181.07
C THR EA 139 91.70 -11.01 -181.00
N LYS EA 140 91.83 -11.58 -179.80
CA LYS EA 140 92.61 -12.80 -179.63
C LYS EA 140 91.95 -13.98 -180.33
N VAL EA 141 90.62 -14.06 -180.27
CA VAL EA 141 89.92 -15.14 -180.96
C VAL EA 141 90.13 -15.02 -182.47
N GLN EA 142 90.01 -13.81 -183.01
CA GLN EA 142 90.24 -13.63 -184.43
C GLN EA 142 91.67 -13.97 -184.82
N THR EA 143 92.64 -13.54 -184.00
CA THR EA 143 94.04 -13.84 -184.29
C THR EA 143 94.31 -15.33 -184.23
N ALA EA 144 93.71 -16.03 -183.26
CA ALA EA 144 93.89 -17.47 -183.18
C ALA EA 144 93.31 -18.18 -184.39
N GLN EA 145 92.13 -17.74 -184.84
CA GLN EA 145 91.54 -18.34 -186.05
C GLN EA 145 92.44 -18.10 -187.26
N THR EA 146 92.96 -16.88 -187.40
CA THR EA 146 93.84 -16.59 -188.53
C THR EA 146 95.11 -17.42 -188.46
N ARG EA 147 95.69 -17.58 -187.27
CA ARG EA 147 96.89 -18.38 -187.12
C ARG EA 147 96.62 -19.84 -187.45
N ARG EA 148 95.46 -20.35 -187.04
CA ARG EA 148 95.09 -21.72 -187.38
C ARG EA 148 94.98 -21.88 -188.88
N ILE EA 149 94.35 -20.91 -189.57
CA ILE EA 149 94.23 -20.99 -191.01
C ILE EA 149 95.60 -20.98 -191.67
N ASP EA 150 96.49 -20.09 -191.21
CA ASP EA 150 97.82 -20.00 -191.81
C ASP EA 150 98.63 -21.27 -191.57
N GLN EA 151 98.53 -21.84 -190.36
CA GLN EA 151 99.23 -23.08 -190.07
C GLN EA 151 98.70 -24.22 -190.92
N GLU EA 152 97.38 -24.28 -191.12
CA GLU EA 152 96.81 -25.30 -191.98
C GLU EA 152 97.30 -25.13 -193.43
N ILE EA 153 97.38 -23.89 -193.90
CA ILE EA 153 97.86 -23.65 -195.26
C ILE EA 153 99.31 -24.09 -195.39
N LEU EA 154 100.15 -23.75 -194.41
CA LEU EA 154 101.54 -24.16 -194.45
C LEU EA 154 101.69 -25.67 -194.41
N SER EA 155 100.88 -26.34 -193.57
CA SER EA 155 100.94 -27.80 -193.48
C SER EA 155 100.50 -28.44 -194.80
N ALA EA 156 99.46 -27.90 -195.42
CA ALA EA 156 99.02 -28.42 -196.71
C ALA EA 156 100.09 -28.23 -197.78
N GLY EA 157 100.74 -27.06 -197.78
CA GLY EA 157 101.82 -26.84 -198.73
C GLY EA 157 102.99 -27.77 -198.50
N PHE EA 158 103.27 -28.09 -197.24
CA PHE EA 158 104.37 -28.97 -196.88
C PHE EA 158 104.14 -30.38 -197.38
N THR FA 2 69.53 10.36 -13.80
CA THR FA 2 68.55 10.47 -14.86
C THR FA 2 69.23 10.75 -16.19
N ILE FA 3 70.41 10.18 -16.39
CA ILE FA 3 71.25 10.53 -17.53
C ILE FA 3 71.49 9.30 -18.39
N GLN FA 4 71.82 9.56 -19.65
CA GLN FA 4 72.20 8.53 -20.60
C GLN FA 4 73.25 9.07 -21.53
N LEU FA 5 74.24 8.25 -21.86
CA LEU FA 5 75.24 8.66 -22.81
C LEU FA 5 74.62 8.74 -24.20
N LYS FA 6 74.92 9.83 -24.91
CA LYS FA 6 74.43 9.99 -26.26
C LYS FA 6 74.86 8.83 -27.14
N GLN FA 7 76.03 8.25 -26.84
CA GLN FA 7 76.55 7.15 -27.62
C GLN FA 7 75.56 6.00 -27.71
N VAL FA 8 75.05 5.56 -26.55
CA VAL FA 8 74.12 4.43 -26.53
C VAL FA 8 72.87 4.77 -27.33
N ILE FA 9 72.40 6.00 -27.22
CA ILE FA 9 71.19 6.39 -27.92
C ILE FA 9 71.39 6.24 -29.42
N ASP FA 10 72.50 6.77 -29.93
CA ASP FA 10 72.72 6.70 -31.37
C ASP FA 10 72.93 5.27 -31.83
N LEU FA 11 73.66 4.47 -31.03
CA LEU FA 11 73.87 3.09 -31.41
C LEU FA 11 72.55 2.34 -31.51
N LEU FA 12 71.62 2.61 -30.59
CA LEU FA 12 70.33 1.93 -30.68
C LEU FA 12 69.49 2.47 -31.82
N ALA FA 13 69.46 3.79 -32.00
CA ALA FA 13 68.66 4.37 -33.08
C ALA FA 13 69.18 3.94 -34.44
N GLU FA 14 70.41 3.43 -34.50
CA GLU FA 14 70.86 2.75 -35.71
C GLU FA 14 69.93 1.60 -36.08
N GLY FA 15 69.43 0.88 -35.08
CA GLY FA 15 68.63 -0.30 -35.36
C GLY FA 15 67.24 -0.02 -35.90
N GLU FA 16 66.80 1.24 -35.89
CA GLU FA 16 65.51 1.62 -36.43
C GLU FA 16 65.59 2.67 -37.51
N LEU FA 17 66.73 3.36 -37.65
CA LEU FA 17 66.96 4.27 -38.76
C LEU FA 17 67.83 3.64 -39.83
N SER FA 18 67.97 2.32 -39.82
CA SER FA 18 68.86 1.66 -40.74
C SER FA 18 68.39 1.74 -42.18
N ASN FA 19 67.11 2.06 -42.41
CA ASN FA 19 66.60 2.13 -43.76
C ASN FA 19 67.08 3.34 -44.53
N ILE FA 20 67.50 4.41 -43.86
CA ILE FA 20 67.50 5.70 -44.50
C ILE FA 20 68.86 6.37 -44.44
N LYS FA 21 68.93 7.61 -44.94
CA LYS FA 21 70.21 8.29 -45.06
C LYS FA 21 70.85 8.56 -43.73
N TYR FA 22 70.05 8.74 -42.67
CA TYR FA 22 70.55 9.43 -41.48
C TYR FA 22 71.79 8.78 -40.90
N VAL FA 23 71.93 7.47 -41.07
CA VAL FA 23 72.91 6.78 -40.26
C VAL FA 23 73.75 5.84 -41.11
N ASN FA 24 73.37 5.63 -42.36
CA ASN FA 24 73.95 4.53 -43.10
C ASN FA 24 74.44 4.94 -44.47
N ILE FA 25 75.70 4.63 -44.74
CA ILE FA 25 76.14 4.44 -46.10
C ILE FA 25 75.56 3.12 -46.59
N ASP FA 26 75.16 3.08 -47.87
CA ASP FA 26 74.62 1.85 -48.41
C ASP FA 26 75.59 0.70 -48.26
N THR FA 27 76.89 0.99 -48.29
CA THR FA 27 77.93 -0.02 -48.15
C THR FA 27 78.65 0.20 -46.82
N GLY FA 28 78.74 -0.84 -46.01
CA GLY FA 28 79.37 -0.72 -44.71
C GLY FA 28 78.67 0.30 -43.86
N ALA FA 29 77.44 0.00 -43.44
CA ALA FA 29 76.59 0.96 -42.77
C ALA FA 29 77.24 1.55 -41.52
N LEU FA 30 77.58 2.83 -41.57
CA LEU FA 30 78.23 3.51 -40.47
C LEU FA 30 77.66 4.92 -40.33
N VAL FA 31 77.62 5.42 -39.10
CA VAL FA 31 76.95 6.67 -38.82
C VAL FA 31 77.58 7.79 -39.64
N LEU FA 32 76.72 8.61 -40.24
CA LEU FA 32 77.19 9.79 -40.98
C LEU FA 32 77.48 10.95 -40.04
N GLU FA 33 77.56 12.15 -40.59
CA GLU FA 33 77.73 13.35 -39.77
C GLU FA 33 76.56 14.31 -39.91
N ARG FA 34 75.35 13.76 -39.82
CA ARG FA 34 74.13 14.54 -39.58
C ARG FA 34 73.75 14.54 -38.12
N VAL FA 35 74.72 14.24 -37.26
CA VAL FA 35 74.55 14.20 -35.81
C VAL FA 35 73.97 15.51 -35.29
N PRO FA 36 74.37 16.68 -35.81
CA PRO FA 36 73.66 17.91 -35.38
C PRO FA 36 72.15 17.84 -35.53
N SER FA 37 71.67 17.40 -36.69
CA SER FA 37 70.23 17.30 -36.88
C SER FA 37 69.63 16.25 -35.95
N LEU FA 38 70.32 15.13 -35.77
CA LEU FA 38 69.81 14.12 -34.84
C LEU FA 38 69.66 14.70 -33.43
N ILE FA 39 70.65 15.44 -32.96
CA ILE FA 39 70.57 16.00 -31.62
C ILE FA 39 69.43 17.01 -31.54
N ARG FA 40 69.27 17.83 -32.58
CA ARG FA 40 68.18 18.80 -32.56
C ARG FA 40 66.84 18.10 -32.50
N ALA FA 41 66.72 16.91 -33.08
CA ALA FA 41 65.46 16.17 -32.96
C ALA FA 41 65.31 15.58 -31.56
N ILE FA 42 66.39 15.04 -31.00
CA ILE FA 42 66.30 14.37 -29.72
C ILE FA 42 65.90 15.36 -28.63
N ASN FA 43 66.40 16.58 -28.71
CA ASN FA 43 66.03 17.57 -27.70
C ASN FA 43 64.53 17.84 -27.73
N LEU FA 44 63.96 17.96 -28.92
CA LEU FA 44 62.52 18.14 -29.03
C LEU FA 44 61.78 16.95 -28.43
N GLY FA 45 62.26 15.74 -28.68
CA GLY FA 45 61.63 14.58 -28.09
C GLY FA 45 61.63 14.62 -26.57
N VAL FA 46 62.77 14.99 -25.99
CA VAL FA 46 62.86 15.07 -24.54
C VAL FA 46 61.88 16.09 -24.00
N LEU FA 47 61.79 17.24 -24.66
CA LEU FA 47 60.85 18.26 -24.21
C LEU FA 47 59.42 17.73 -24.25
N ASP FA 48 59.08 17.00 -25.31
CA ASP FA 48 57.72 16.46 -25.39
C ASP FA 48 57.44 15.49 -24.26
N LEU FA 49 58.41 14.63 -23.94
CA LEU FA 49 58.18 13.68 -22.86
C LEU FA 49 58.02 14.40 -21.53
N HIS FA 50 58.79 15.46 -21.31
CA HIS FA 50 58.63 16.22 -20.08
C HIS FA 50 57.29 16.95 -20.05
N LYS FA 51 56.74 17.26 -21.22
CA LYS FA 51 55.37 17.78 -21.26
C LYS FA 51 54.39 16.71 -20.80
N ARG FA 52 54.54 15.49 -21.29
CA ARG FA 52 53.52 14.48 -21.04
C ARG FA 52 53.57 13.98 -19.60
N PHE FA 53 54.75 13.84 -19.02
CA PHE FA 53 54.87 13.40 -17.63
C PHE FA 53 55.69 14.39 -16.83
N LEU FA 54 55.46 14.43 -15.53
CA LEU FA 54 56.15 15.41 -14.69
C LEU FA 54 57.66 15.20 -14.68
N LEU FA 55 58.10 14.12 -14.04
CA LEU FA 55 59.49 13.70 -14.06
C LEU FA 55 60.45 14.68 -13.39
N LYS FA 56 59.96 15.86 -13.01
CA LYS FA 56 60.84 16.90 -12.46
C LYS FA 56 59.98 17.98 -11.81
N GLU FA 57 60.61 18.76 -10.96
CA GLU FA 57 60.00 19.97 -10.41
C GLU FA 57 61.09 20.83 -9.81
N GLY FA 58 60.86 22.13 -9.80
CA GLY FA 58 61.89 23.06 -9.38
C GLY FA 58 61.49 23.94 -8.22
N MET FA 59 62.32 24.94 -7.92
CA MET FA 59 62.07 25.82 -6.79
C MET FA 59 62.78 27.14 -7.01
N LEU FA 60 62.15 28.22 -6.60
CA LEU FA 60 62.80 29.53 -6.60
C LEU FA 60 62.66 30.18 -5.24
N LYS FA 61 63.06 31.43 -5.14
CA LYS FA 61 62.84 32.19 -3.91
C LYS FA 61 62.89 33.67 -4.27
N ILE FA 62 61.74 34.32 -4.24
CA ILE FA 62 61.63 35.71 -4.65
C ILE FA 62 61.66 36.58 -3.41
N GLN FA 63 62.46 37.63 -3.45
CA GLN FA 63 62.51 38.61 -2.37
C GLN FA 63 61.65 39.80 -2.75
N LEU FA 64 60.59 40.01 -1.99
CA LEU FA 64 59.58 40.98 -2.38
C LEU FA 64 60.10 42.40 -2.28
N GLU FA 65 59.40 43.31 -2.96
CA GLU FA 65 59.69 44.73 -2.93
C GLU FA 65 58.37 45.48 -2.97
N GLU FA 66 58.10 46.27 -1.93
CA GLU FA 66 56.81 46.92 -1.79
C GLU FA 66 56.56 47.88 -2.95
N GLY FA 67 55.32 47.93 -3.40
CA GLY FA 67 54.95 48.80 -4.49
C GLY FA 67 55.19 48.22 -5.87
N ARG FA 68 55.73 47.02 -5.97
CA ARG FA 68 55.95 46.37 -7.25
C ARG FA 68 54.68 45.66 -7.68
N ARG FA 69 54.42 45.67 -9.00
CA ARG FA 69 53.22 45.06 -9.55
C ARG FA 69 53.49 43.77 -10.30
N LEU FA 70 54.51 43.75 -11.16
CA LEU FA 70 54.82 42.60 -11.98
C LEU FA 70 56.19 42.06 -11.63
N TYR FA 71 56.27 40.76 -11.39
CA TYR FA 71 57.54 40.06 -11.19
C TYR FA 71 57.70 39.05 -12.31
N PRO FA 72 58.51 39.33 -13.32
CA PRO FA 72 58.78 38.31 -14.34
C PRO FA 72 59.83 37.33 -13.86
N LEU FA 73 59.69 36.09 -14.29
CA LEU FA 73 60.64 35.04 -13.95
C LEU FA 73 61.45 34.70 -15.19
N ARG FA 74 62.55 35.41 -15.38
CA ARG FA 74 63.38 35.28 -16.57
C ARG FA 74 64.83 35.21 -16.13
N PRO FA 75 65.69 34.60 -16.93
CA PRO FA 75 67.05 34.33 -16.46
C PRO FA 75 67.94 35.55 -16.37
N ALA FA 76 67.38 36.74 -16.52
CA ALA FA 76 68.16 37.95 -16.28
C ALA FA 76 68.00 38.49 -14.88
N TYR FA 77 66.99 38.04 -14.15
CA TYR FA 77 66.75 38.48 -12.78
C TYR FA 77 67.24 37.50 -11.74
N GLN FA 78 67.85 36.40 -12.15
CA GLN FA 78 68.19 35.32 -11.26
C GLN FA 78 69.63 35.46 -10.81
N VAL FA 79 69.87 35.28 -9.52
CA VAL FA 79 71.23 35.41 -8.98
C VAL FA 79 72.15 34.40 -9.65
N GLY FA 80 73.37 34.84 -9.92
CA GLY FA 80 74.35 34.02 -10.60
C GLY FA 80 74.27 34.08 -12.10
N GLN FA 81 73.24 34.69 -12.65
CA GLN FA 81 73.12 34.87 -14.08
C GLN FA 81 73.81 36.17 -14.47
N LYS FA 82 73.59 36.61 -15.69
CA LYS FA 82 74.17 37.87 -16.16
C LYS FA 82 73.37 39.04 -15.60
N PRO FA 83 73.99 39.93 -14.84
CA PRO FA 83 73.23 41.04 -14.23
C PRO FA 83 72.99 42.19 -15.19
N LYS FA 84 71.93 42.14 -15.98
CA LYS FA 84 71.58 43.26 -16.84
C LYS FA 84 71.36 44.51 -15.98
N PRO FA 85 72.03 45.63 -16.29
CA PRO FA 85 71.96 46.79 -15.39
C PRO FA 85 70.55 47.32 -15.13
N GLY FA 86 69.68 47.29 -16.13
CA GLY FA 86 68.36 47.87 -15.95
C GLY FA 86 67.44 47.10 -15.03
N VAL FA 87 67.83 45.89 -14.62
CA VAL FA 87 66.96 45.06 -13.81
C VAL FA 87 67.62 44.77 -12.47
N PRO FA 88 66.87 44.78 -11.38
CA PRO FA 88 67.41 44.31 -10.10
C PRO FA 88 67.23 42.82 -9.95
N GLN FA 89 68.27 42.14 -9.49
CA GLN FA 89 68.31 40.68 -9.44
C GLN FA 89 67.63 40.24 -8.15
N PHE FA 90 66.33 39.92 -8.24
CA PHE FA 90 65.59 39.59 -7.03
C PHE FA 90 65.37 38.10 -6.81
N ILE FA 91 65.59 37.26 -7.82
CA ILE FA 91 65.49 35.82 -7.64
C ILE FA 91 66.79 35.33 -7.04
N THR FA 92 66.79 35.06 -5.74
CA THR FA 92 68.03 34.88 -5.00
C THR FA 92 68.42 33.43 -4.75
N GLU FA 93 67.64 32.46 -5.23
CA GLU FA 93 67.94 31.08 -4.88
C GLU FA 93 67.09 30.14 -5.71
N GLY FA 94 67.69 29.03 -6.13
CA GLY FA 94 66.94 28.02 -6.84
C GLY FA 94 67.68 27.41 -8.01
N ASN FA 95 67.01 26.52 -8.74
CA ASN FA 95 67.63 25.92 -9.91
C ASN FA 95 67.95 26.98 -10.95
N LYS FA 96 69.07 26.80 -11.64
CA LYS FA 96 69.46 27.75 -12.66
C LYS FA 96 68.40 27.82 -13.75
N LEU FA 97 67.99 29.03 -14.09
CA LEU FA 97 66.89 29.25 -15.02
C LEU FA 97 67.39 29.25 -16.45
N GLY FA 98 66.62 28.61 -17.32
CA GLY FA 98 66.96 28.60 -18.74
C GLY FA 98 65.84 29.14 -19.58
N ARG FA 99 65.95 28.98 -20.90
CA ARG FA 99 64.90 29.49 -21.77
C ARG FA 99 63.61 28.68 -21.62
N GLN FA 100 63.72 27.37 -21.52
CA GLN FA 100 62.56 26.51 -21.30
C GLN FA 100 62.77 25.78 -19.98
N SER FA 101 62.30 26.38 -18.89
CA SER FA 101 62.36 25.72 -17.61
C SER FA 101 61.01 25.74 -16.93
N ILE FA 102 60.25 26.83 -17.12
CA ILE FA 102 58.97 26.99 -16.47
C ILE FA 102 57.90 26.49 -17.43
N LEU FA 103 57.40 25.28 -17.17
CA LEU FA 103 56.25 24.78 -17.90
C LEU FA 103 54.94 25.22 -17.26
N LYS FA 104 54.90 25.29 -15.94
CA LYS FA 104 53.71 25.75 -15.24
C LYS FA 104 54.04 25.99 -13.78
N ILE FA 105 53.63 27.13 -13.25
CA ILE FA 105 53.78 27.40 -11.83
C ILE FA 105 52.67 26.68 -11.09
N GLU FA 106 53.00 26.04 -9.97
CA GLU FA 106 52.05 25.18 -9.29
C GLU FA 106 51.75 25.62 -7.87
N LYS FA 107 52.76 25.94 -7.08
CA LYS FA 107 52.56 26.26 -5.68
C LYS FA 107 53.29 27.54 -5.33
N ILE FA 108 52.71 28.31 -4.42
CA ILE FA 108 53.35 29.49 -3.88
C ILE FA 108 53.23 29.43 -2.36
N ILE FA 109 54.37 29.37 -1.68
CA ILE FA 109 54.40 29.23 -0.24
C ILE FA 109 55.19 30.38 0.35
N GLY FA 110 54.60 31.06 1.33
N GLY FA 110 54.60 31.06 1.33
CA GLY FA 110 55.27 32.17 1.97
CA GLY FA 110 55.27 32.17 1.97
C GLY FA 110 56.26 31.72 3.01
C GLY FA 110 56.26 31.72 3.01
N ASP FA 111 56.89 32.71 3.65
CA ASP FA 111 57.88 32.41 4.68
C ASP FA 111 57.24 31.92 5.97
N ASN FA 112 55.94 32.16 6.15
CA ASN FA 112 55.25 31.76 7.36
C ASN FA 112 54.67 30.37 7.28
N GLY FA 113 54.81 29.70 6.14
CA GLY FA 113 54.17 28.41 5.94
C GLY FA 113 52.79 28.49 5.34
N VAL FA 114 52.24 29.68 5.14
CA VAL FA 114 50.94 29.79 4.50
C VAL FA 114 51.04 29.38 3.05
N GLU FA 115 49.88 29.15 2.44
CA GLU FA 115 49.80 28.74 1.04
C GLU FA 115 48.83 29.65 0.32
N TYR FA 116 49.34 30.44 -0.61
CA TYR FA 116 48.49 31.40 -1.29
C TYR FA 116 47.75 30.73 -2.44
N TYR FA 117 46.83 31.46 -3.04
CA TYR FA 117 45.98 30.95 -4.10
C TYR FA 117 46.46 31.44 -5.45
N LEU FA 118 46.34 30.60 -6.46
CA LEU FA 118 46.83 30.89 -7.79
C LEU FA 118 45.67 30.87 -8.77
N ASN FA 119 45.41 32.01 -9.40
CA ASN FA 119 44.36 32.13 -10.42
C ASN FA 119 43.01 31.67 -9.91
N ASP FA 120 42.75 31.87 -8.63
CA ASP FA 120 41.45 31.57 -8.04
C ASP FA 120 40.80 32.91 -7.70
N THR FA 121 39.97 33.39 -8.63
CA THR FA 121 39.43 34.73 -8.50
C THR FA 121 38.57 34.85 -7.26
N TRP FA 122 38.58 36.05 -6.67
CA TRP FA 122 37.81 36.43 -5.50
C TRP FA 122 38.25 35.70 -4.23
N GLN FA 123 39.30 34.89 -4.29
CA GLN FA 123 39.84 34.32 -3.08
C GLN FA 123 40.58 35.39 -2.29
N PRO FA 124 40.79 35.18 -0.98
CA PRO FA 124 41.33 36.24 -0.13
C PRO FA 124 42.57 36.92 -0.67
N LEU FA 125 43.64 36.16 -0.89
CA LEU FA 125 44.91 36.72 -1.35
C LEU FA 125 45.28 35.97 -2.63
N ASN FA 126 44.76 36.45 -3.75
CA ASN FA 126 44.90 35.77 -5.02
C ASN FA 126 46.10 36.33 -5.77
N ILE FA 127 46.83 35.46 -6.44
CA ILE FA 127 47.97 35.83 -7.26
C ILE FA 127 47.66 35.44 -8.69
N THR FA 128 47.82 36.39 -9.61
CA THR FA 128 47.42 36.20 -11.00
C THR FA 128 48.64 36.19 -11.89
N THR FA 129 48.63 35.28 -12.87
CA THR FA 129 49.70 35.22 -13.86
C THR FA 129 49.18 35.80 -15.17
N PRO FA 130 49.57 36.99 -15.54
CA PRO FA 130 49.02 37.59 -16.77
C PRO FA 130 49.64 37.04 -18.03
N GLU FA 131 50.88 36.54 -17.94
CA GLU FA 131 51.60 36.15 -19.13
C GLU FA 131 52.37 34.86 -18.93
N PHE FA 132 51.90 33.99 -18.05
CA PHE FA 132 52.37 32.61 -17.97
C PHE FA 132 53.78 32.47 -17.40
N ASP FA 133 54.49 33.59 -17.27
CA ASP FA 133 55.82 33.58 -16.68
C ASP FA 133 56.02 34.82 -15.82
N VAL FA 134 54.94 35.47 -15.42
CA VAL FA 134 54.97 36.70 -14.67
C VAL FA 134 53.96 36.59 -13.54
N LEU FA 135 54.31 37.08 -12.37
CA LEU FA 135 53.40 37.13 -11.25
C LEU FA 135 52.90 38.57 -11.10
N GLU FA 136 51.58 38.74 -11.10
CA GLU FA 136 50.98 40.04 -10.85
C GLU FA 136 50.50 40.05 -9.40
N ILE FA 137 51.02 40.98 -8.62
CA ILE FA 137 50.73 41.04 -7.19
C ILE FA 137 49.98 42.33 -6.91
N SER FA 138 48.75 42.21 -6.43
CA SER FA 138 47.93 43.37 -6.17
C SER FA 138 48.39 44.07 -4.90
N ASP FA 139 47.86 45.28 -4.70
CA ASP FA 139 48.25 46.07 -3.53
C ASP FA 139 47.64 45.51 -2.25
N GLU FA 140 46.49 44.86 -2.34
CA GLU FA 140 45.90 44.26 -1.14
C GLU FA 140 46.83 43.21 -0.56
N PHE FA 141 47.61 42.55 -1.41
CA PHE FA 141 48.61 41.61 -0.92
C PHE FA 141 49.61 42.30 -0.01
N TYR FA 142 50.10 43.47 -0.44
CA TYR FA 142 51.01 44.22 0.41
C TYR FA 142 50.31 44.70 1.67
N CYS FA 143 49.04 45.07 1.54
CA CYS FA 143 48.29 45.53 2.71
C CYS FA 143 48.23 44.44 3.78
N HIS FA 144 47.90 43.22 3.38
CA HIS FA 144 47.87 42.08 4.29
C HIS FA 144 48.76 41.00 3.70
N SER FA 145 50.07 41.14 3.90
CA SER FA 145 51.02 40.12 3.47
C SER FA 145 51.77 39.50 4.65
N SER FA 146 52.47 40.31 5.43
CA SER FA 146 53.28 39.83 6.55
C SER FA 146 54.31 38.80 6.12
N SER FA 147 54.74 38.86 4.86
CA SER FA 147 55.70 37.91 4.32
C SER FA 147 56.71 38.68 3.49
N LYS FA 148 57.99 38.48 3.78
CA LYS FA 148 59.05 39.20 3.09
C LYS FA 148 59.63 38.44 1.93
N THR FA 149 59.19 37.20 1.69
CA THR FA 149 59.74 36.41 0.61
C THR FA 149 58.71 35.37 0.20
N LEU FA 150 58.95 34.77 -0.96
CA LEU FA 150 58.07 33.76 -1.51
C LEU FA 150 58.89 32.58 -1.99
N GLU FA 151 58.26 31.42 -2.04
CA GLU FA 151 58.85 30.21 -2.59
C GLU FA 151 57.93 29.66 -3.66
N VAL FA 152 58.47 29.43 -4.85
CA VAL FA 152 57.69 29.04 -6.01
C VAL FA 152 58.11 27.65 -6.43
N ARG FA 153 57.15 26.83 -6.81
CA ARG FA 153 57.43 25.53 -7.38
C ARG FA 153 56.75 25.41 -8.73
N TYR FA 154 57.36 24.65 -9.63
CA TYR FA 154 56.92 24.66 -11.01
C TYR FA 154 57.39 23.40 -11.70
N ARG FA 155 56.74 23.08 -12.80
CA ARG FA 155 57.09 21.91 -13.57
C ARG FA 155 58.25 22.23 -14.49
N ARG FA 156 59.31 21.43 -14.43
CA ARG FA 156 60.55 21.73 -15.11
C ARG FA 156 60.72 20.91 -16.38
N ALA FA 157 61.62 21.39 -17.23
CA ALA FA 157 62.15 20.66 -18.36
C ALA FA 157 63.63 20.96 -18.39
N PRO FA 158 64.46 19.97 -18.70
CA PRO FA 158 65.91 20.17 -18.59
C PRO FA 158 66.42 21.12 -19.66
N THR FA 159 67.57 21.72 -19.38
CA THR FA 159 68.22 22.59 -20.33
C THR FA 159 69.18 21.79 -21.19
N PRO FA 160 68.98 21.72 -22.50
CA PRO FA 160 69.83 20.87 -23.33
C PRO FA 160 71.27 21.37 -23.35
N MET FA 161 72.20 20.43 -23.46
CA MET FA 161 73.61 20.77 -23.50
C MET FA 161 73.98 21.36 -24.86
N LYS FA 162 74.92 22.29 -24.85
CA LYS FA 162 75.30 23.02 -26.05
C LYS FA 162 76.34 22.22 -26.83
N ILE FA 163 75.99 21.85 -28.06
CA ILE FA 163 76.93 21.21 -28.96
C ILE FA 163 77.78 22.27 -29.63
N CYS FA 164 78.98 21.89 -30.06
CA CYS FA 164 79.91 22.84 -30.68
C CYS FA 164 80.69 22.16 -31.79
N VAL FA 165 81.14 22.98 -32.75
CA VAL FA 165 81.82 22.45 -33.93
C VAL FA 165 83.11 21.73 -33.55
N ASP FA 166 83.80 22.23 -32.53
CA ASP FA 166 84.93 21.48 -32.00
C ASP FA 166 84.46 20.25 -31.23
N ASN FA 167 83.30 20.34 -30.58
CA ASN FA 167 82.74 19.20 -29.86
C ASN FA 167 82.31 18.08 -30.79
N LEU FA 168 82.22 18.33 -32.09
CA LEU FA 168 82.00 17.24 -33.05
C LEU FA 168 83.02 16.12 -32.95
N ASP FA 169 84.11 16.32 -32.21
CA ASP FA 169 85.07 15.25 -32.03
C ASP FA 169 84.47 14.07 -31.28
N SER FA 170 83.83 14.33 -30.14
CA SER FA 170 83.39 13.26 -29.25
C SER FA 170 81.89 12.98 -29.39
N TRP FA 171 81.05 13.97 -29.09
CA TRP FA 171 79.60 13.88 -29.18
C TRP FA 171 79.08 12.74 -28.33
N GLY FA 172 79.97 12.03 -27.64
CA GLY FA 172 79.60 10.87 -26.87
C GLY FA 172 79.65 11.14 -25.39
N CYS FA 173 80.18 12.30 -25.02
CA CYS FA 173 80.12 12.74 -23.64
C CYS FA 173 78.84 13.51 -23.33
N ILE FA 174 78.06 13.85 -24.34
CA ILE FA 174 76.78 14.49 -24.10
C ILE FA 174 75.88 13.54 -23.34
N ASP FA 175 75.13 14.08 -22.38
CA ASP FA 175 74.27 13.27 -21.52
C ASP FA 175 72.83 13.75 -21.66
N ILE FA 176 71.97 12.89 -22.19
CA ILE FA 176 70.55 13.19 -22.20
C ILE FA 176 69.98 12.96 -20.80
N ASP FA 177 69.02 13.79 -20.43
CA ASP FA 177 68.47 13.79 -19.07
C ASP FA 177 67.10 13.09 -19.09
N LEU FA 178 67.10 11.78 -18.94
CA LEU FA 178 65.88 11.00 -18.93
C LEU FA 178 66.10 9.72 -18.15
N PRO FA 179 65.05 9.17 -17.55
CA PRO FA 179 65.09 7.77 -17.11
C PRO FA 179 65.00 6.86 -18.32
N TYR FA 180 65.37 5.60 -18.10
CA TYR FA 180 65.54 4.69 -19.23
C TYR FA 180 64.20 4.29 -19.87
N THR FA 181 63.15 4.21 -19.08
CA THR FA 181 61.82 3.92 -19.60
C THR FA 181 61.47 4.89 -20.72
N HIS FA 182 61.48 6.16 -20.38
CA HIS FA 182 61.17 7.15 -21.39
C HIS FA 182 62.20 7.18 -22.49
N LEU FA 183 63.37 6.57 -22.30
CA LEU FA 183 64.25 6.32 -23.43
C LEU FA 183 63.60 5.38 -24.43
N GLN FA 184 63.08 4.27 -23.94
CA GLN FA 184 62.42 3.34 -24.86
C GLN FA 184 61.32 4.06 -25.63
N ALA FA 185 60.61 4.98 -24.98
CA ALA FA 185 59.58 5.73 -25.71
C ALA FA 185 60.18 6.73 -26.71
N LEU FA 186 61.26 7.39 -26.29
CA LEU FA 186 61.89 8.42 -27.12
C LEU FA 186 62.38 7.83 -28.43
N LEU FA 187 62.81 6.57 -28.40
CA LEU FA 187 63.23 5.93 -29.65
C LEU FA 187 62.12 5.99 -30.69
N TYR FA 188 60.92 5.59 -30.31
CA TYR FA 188 59.81 5.62 -31.27
C TYR FA 188 59.51 7.03 -31.70
N PHE FA 189 59.54 7.98 -30.78
CA PHE FA 189 59.26 9.35 -31.19
C PHE FA 189 60.20 9.80 -32.30
N VAL FA 190 61.50 9.64 -32.06
CA VAL FA 190 62.49 10.10 -33.03
C VAL FA 190 62.34 9.36 -34.35
N ALA FA 191 62.12 8.05 -34.28
CA ALA FA 191 62.00 7.27 -35.50
C ALA FA 191 60.83 7.75 -36.34
N SER FA 192 59.68 8.00 -35.71
CA SER FA 192 58.54 8.50 -36.46
C SER FA 192 58.87 9.83 -37.13
N ARG FA 193 59.45 10.75 -36.36
CA ARG FA 193 59.70 12.07 -36.92
C ARG FA 193 60.65 12.00 -38.10
N CYS FA 194 61.68 11.17 -38.01
CA CYS FA 194 62.64 11.09 -39.10
C CYS FA 194 62.11 10.34 -40.30
N GLN FA 195 61.32 9.29 -40.08
CA GLN FA 195 60.86 8.46 -41.19
C GLN FA 195 59.64 9.02 -41.90
N THR FA 196 58.97 10.03 -41.34
CA THR FA 196 57.76 10.49 -42.00
C THR FA 196 57.95 10.88 -43.47
N PRO FA 197 58.91 11.78 -43.82
CA PRO FA 197 58.94 12.34 -45.17
C PRO FA 197 59.82 11.59 -46.18
N ILE FA 198 59.62 10.28 -46.27
CA ILE FA 198 60.42 9.46 -47.18
C ILE FA 198 59.59 8.25 -47.62
N GLY FA 199 59.68 7.90 -48.89
CA GLY FA 199 59.12 6.65 -49.34
C GLY FA 199 57.93 6.85 -50.28
N PHE FA 200 57.86 6.00 -51.30
CA PHE FA 200 56.78 6.09 -52.28
C PHE FA 200 56.13 4.76 -52.59
N MET FA 201 56.49 3.69 -51.90
CA MET FA 201 55.87 2.39 -52.10
C MET FA 201 54.76 2.17 -51.09
N GLU FA 202 53.90 1.21 -51.39
CA GLU FA 202 52.66 1.03 -50.62
C GLU FA 202 52.95 0.78 -49.15
N ASN FA 203 53.85 -0.17 -48.86
CA ASN FA 203 54.13 -0.50 -47.47
C ASN FA 203 55.18 0.40 -46.86
N THR FA 204 55.98 1.08 -47.66
CA THR FA 204 57.00 1.97 -47.14
C THR FA 204 56.50 3.39 -46.91
N ALA FA 205 55.27 3.68 -47.30
CA ALA FA 205 54.69 5.00 -47.05
C ALA FA 205 53.96 5.08 -45.72
N GLN FA 206 53.98 4.03 -44.92
CA GLN FA 206 53.22 3.98 -43.68
C GLN FA 206 54.08 3.82 -42.44
N GLU FA 207 55.40 3.84 -42.58
CA GLU FA 207 56.26 3.63 -41.44
C GLU FA 207 56.14 4.74 -40.42
N GLY FA 208 56.06 5.99 -40.87
CA GLY FA 208 55.87 7.09 -39.94
C GLY FA 208 54.61 6.95 -39.14
N PHE FA 209 53.51 6.61 -39.81
CA PHE FA 209 52.25 6.43 -39.12
C PHE FA 209 52.33 5.30 -38.11
N ASN FA 210 52.94 4.18 -38.50
CA ASN FA 210 53.05 3.05 -37.58
C ASN FA 210 53.85 3.43 -36.35
N PHE FA 211 54.95 4.16 -36.54
CA PHE FA 211 55.76 4.53 -35.40
C PHE FA 211 55.02 5.51 -34.50
N SER FA 212 54.21 6.40 -35.08
CA SER FA 212 53.38 7.25 -34.23
C SER FA 212 52.42 6.43 -33.39
N GLN FA 213 51.80 5.43 -33.99
CA GLN FA 213 50.89 4.59 -33.22
C GLN FA 213 51.61 3.89 -32.09
N LYS FA 214 52.79 3.35 -32.36
CA LYS FA 214 53.53 2.65 -31.32
C LYS FA 214 53.96 3.62 -30.22
N TYR FA 215 54.29 4.85 -30.58
CA TYR FA 215 54.66 5.85 -29.59
C TYR FA 215 53.49 6.12 -28.65
N GLU FA 216 52.29 6.29 -29.20
CA GLU FA 216 51.13 6.52 -28.35
C GLU FA 216 50.86 5.32 -27.45
N ALA FA 217 50.97 4.11 -27.99
CA ALA FA 217 50.74 2.92 -27.18
C ALA FA 217 51.73 2.85 -26.03
N GLU FA 218 52.99 3.16 -26.30
CA GLU FA 218 53.99 3.11 -25.23
C GLU FA 218 53.71 4.16 -24.16
N CYS FA 219 53.30 5.36 -24.56
CA CYS FA 219 52.96 6.36 -23.57
C CYS FA 219 51.82 5.88 -22.68
N ALA FA 220 50.81 5.26 -23.28
CA ALA FA 220 49.71 4.72 -22.49
C ALA FA 220 50.20 3.65 -21.53
N ASN FA 221 51.11 2.79 -21.97
CA ASN FA 221 51.62 1.74 -21.09
C ASN FA 221 52.38 2.33 -19.92
N LEU FA 222 53.18 3.37 -20.16
CA LEU FA 222 53.88 4.00 -19.05
C LEU FA 222 52.90 4.60 -18.06
N ASP FA 223 51.84 5.25 -18.56
CA ASP FA 223 50.82 5.77 -17.67
C ASP FA 223 50.22 4.66 -16.82
N ALA FA 224 49.90 3.54 -17.45
CA ALA FA 224 49.30 2.43 -16.71
C ALA FA 224 50.24 1.90 -15.65
N GLN FA 225 51.51 1.73 -15.99
CA GLN FA 225 52.48 1.21 -15.02
C GLN FA 225 52.80 2.21 -13.93
N ASN FA 226 52.47 3.49 -14.14
CA ASN FA 226 52.67 4.52 -13.13
C ASN FA 226 54.15 4.66 -12.79
N LEU FA 227 54.94 4.98 -13.80
CA LEU FA 227 56.37 5.22 -13.63
C LEU FA 227 56.70 6.71 -13.64
N ARG FA 228 55.80 7.54 -13.13
CA ARG FA 228 56.06 8.96 -12.98
C ARG FA 228 55.59 9.43 -11.61
N ILE FA 229 55.99 10.65 -11.25
CA ILE FA 229 55.62 11.21 -9.97
C ILE FA 229 54.13 11.51 -9.94
N ASP FA 230 53.49 11.28 -8.80
CA ASP FA 230 52.06 11.54 -8.65
C ASP FA 230 51.74 11.83 -7.20
N PRO FA 231 51.71 13.09 -6.81
CA PRO FA 231 51.23 13.42 -5.48
C PRO FA 231 49.75 13.10 -5.35
N VAL FA 232 49.34 12.72 -4.14
CA VAL FA 232 47.95 12.46 -3.82
C VAL FA 232 47.66 13.14 -2.48
N GLY FA 233 46.58 13.91 -2.43
CA GLY FA 233 46.33 14.77 -1.29
C GLY FA 233 45.49 14.12 -0.21
N ASN FA 234 45.93 14.30 1.04
CA ASN FA 234 45.20 13.85 2.22
C ASN FA 234 45.14 15.04 3.18
N GLN FA 235 44.13 15.89 3.05
CA GLN FA 235 44.03 16.97 4.01
C GLN FA 235 43.71 16.45 5.41
N ASP FA 236 43.81 17.36 6.36
CA ASP FA 236 43.46 17.03 7.74
C ASP FA 236 41.96 17.18 7.97
N ARG FA 237 41.44 18.39 7.82
CA ARG FA 237 40.01 18.69 7.98
C ARG FA 237 39.56 18.55 9.44
N PHE FA 238 40.43 18.08 10.31
CA PHE FA 238 40.06 17.85 11.71
C PHE FA 238 40.69 18.83 12.67
N THR FA 239 41.58 19.69 12.20
CA THR FA 239 42.25 20.64 13.08
C THR FA 239 41.72 22.07 12.95
N ARG FA 240 40.82 22.31 12.00
CA ARG FA 240 40.23 23.64 11.89
C ARG FA 240 39.51 24.02 13.17
N GLY FA 241 39.02 23.04 13.91
CA GLY FA 241 38.27 23.28 15.11
C GLY FA 241 36.80 23.18 14.81
N GLY FA 242 36.19 22.03 15.10
CA GLY FA 242 34.80 21.85 14.77
C GLY FA 242 34.46 20.49 14.18
N TRP FA 243 35.38 19.89 13.43
CA TRP FA 243 35.10 18.59 12.83
C TRP FA 243 35.53 17.44 13.73
N VAL FA 244 35.13 17.46 14.99
CA VAL FA 244 35.52 16.40 15.90
C VAL FA 244 34.67 16.42 17.15
N ARG GA 21 51.47 45.84 67.20
CA ARG GA 21 51.75 44.48 66.77
C ARG GA 21 50.45 43.70 66.63
N LEU GA 22 49.37 44.29 67.16
CA LEU GA 22 48.00 43.83 67.00
C LEU GA 22 47.69 42.58 67.82
N GLN GA 23 48.72 41.94 68.37
CA GLN GA 23 48.54 40.73 69.17
C GLN GA 23 49.78 40.53 70.02
N PRO GA 24 50.03 41.38 71.01
CA PRO GA 24 51.27 41.26 71.79
C PRO GA 24 51.36 39.97 72.60
N GLU GA 25 50.24 39.32 72.89
CA GLU GA 25 50.25 38.13 73.74
C GLU GA 25 50.37 36.83 72.95
N TRP GA 26 50.52 36.90 71.63
CA TRP GA 26 50.68 35.71 70.82
C TRP GA 26 52.18 35.43 70.66
N SER GA 27 52.65 34.34 71.27
CA SER GA 27 54.07 34.05 71.26
C SER GA 27 54.59 33.84 69.85
N ASN GA 28 53.80 33.17 69.01
CA ASN GA 28 54.20 32.86 67.64
C ASN GA 28 53.09 33.32 66.71
N ALA GA 29 53.11 34.54 66.35
CA ALA GA 29 52.07 34.96 65.44
C ALA GA 29 52.57 34.89 64.00
N PRO GA 30 51.69 34.57 63.06
CA PRO GA 30 52.10 34.52 61.66
C PRO GA 30 52.52 35.90 61.17
N SER GA 31 53.48 35.90 60.24
CA SER GA 31 53.88 37.11 59.57
C SER GA 31 53.37 37.09 58.14
N LEU GA 32 53.34 38.27 57.52
CA LEU GA 32 52.81 38.37 56.17
C LEU GA 32 53.58 37.47 55.21
N ALA GA 33 54.83 37.15 55.52
CA ALA GA 33 55.61 36.30 54.64
C ALA GA 33 55.02 34.90 54.54
N GLN GA 34 54.71 34.28 55.68
CA GLN GA 34 54.20 32.92 55.65
C GLN GA 34 52.84 32.85 54.97
N LEU GA 35 51.99 33.85 55.21
CA LEU GA 35 50.67 33.83 54.61
C LEU GA 35 50.76 33.85 53.10
N LYS GA 36 51.51 34.79 52.53
CA LYS GA 36 51.68 34.81 51.09
C LYS GA 36 52.40 33.57 50.60
N GLN GA 37 53.26 32.99 51.44
CA GLN GA 37 53.96 31.78 51.05
C GLN GA 37 52.98 30.64 50.82
N ASP GA 38 52.07 30.44 51.77
CA ASP GA 38 51.07 29.39 51.61
C ASP GA 38 50.12 29.71 50.46
N TYR GA 39 49.88 31.00 50.22
CA TYR GA 39 49.00 31.39 49.13
C TYR GA 39 49.56 30.94 47.79
N GLN GA 40 50.87 31.07 47.61
CA GLN GA 40 51.47 30.67 46.34
C GLN GA 40 51.35 29.18 46.10
N GLU GA 41 51.58 28.37 47.14
CA GLU GA 41 51.66 26.94 46.95
C GLU GA 41 50.32 26.29 46.63
N ALA GA 42 49.21 27.02 46.78
CA ALA GA 42 47.90 26.45 46.48
C ALA GA 42 47.36 26.88 45.13
N LYS GA 43 47.79 28.02 44.62
CA LYS GA 43 47.42 28.38 43.26
C LYS GA 43 47.96 27.36 42.26
N GLN GA 44 49.12 26.78 42.56
CA GLN GA 44 49.69 25.77 41.68
C GLN GA 44 48.73 24.61 41.47
N VAL GA 45 47.83 24.38 42.41
CA VAL GA 45 46.82 23.34 42.28
C VAL GA 45 45.52 23.88 41.72
N THR GA 46 45.06 25.03 42.23
CA THR GA 46 43.75 25.52 41.79
C THR GA 46 43.75 25.98 40.34
N ASP GA 47 44.91 26.29 39.76
CA ASP GA 47 44.93 26.78 38.40
C ASP GA 47 44.41 25.74 37.42
N GLU GA 48 44.71 24.46 37.68
CA GLU GA 48 44.22 23.41 36.79
C GLU GA 48 42.71 23.43 36.71
N LYS GA 49 42.04 23.45 37.87
CA LYS GA 49 40.59 23.45 37.89
C LYS GA 49 40.04 24.74 37.31
N ILE GA 50 40.72 25.86 37.52
CA ILE GA 50 40.24 27.11 36.95
C ILE GA 50 40.27 27.05 35.43
N THR GA 51 41.36 26.52 34.86
CA THR GA 51 41.44 26.40 33.41
C THR GA 51 40.38 25.43 32.89
N GLN GA 52 40.15 24.34 33.61
CA GLN GA 52 39.12 23.39 33.20
C GLN GA 52 37.76 24.06 33.14
N ILE GA 53 37.42 24.83 34.17
CA ILE GA 53 36.12 25.48 34.20
C ILE GA 53 36.04 26.54 33.11
N ASN GA 54 37.14 27.25 32.86
CA ASN GA 54 37.14 28.22 31.77
C ASN GA 54 36.86 27.55 30.44
N ARG GA 55 37.49 26.40 30.21
CA ARG GA 55 37.23 25.67 28.97
C ARG GA 55 35.77 25.28 28.87
N TRP GA 56 35.19 24.79 29.96
CA TRP GA 56 33.77 24.46 29.94
C TRP GA 56 32.92 25.67 29.59
N LEU GA 57 33.21 26.80 30.21
CA LEU GA 57 32.40 27.99 30.00
C LEU GA 57 32.53 28.51 28.57
N ASP GA 58 33.72 28.39 27.98
CA ASP GA 58 33.91 28.89 26.63
C ASP GA 58 33.14 28.13 25.57
N TYR GA 59 32.34 27.13 25.95
CA TYR GA 59 31.57 26.40 24.98
C TYR GA 59 30.08 26.71 25.03
N MET GA 60 29.51 26.90 26.22
CA MET GA 60 28.10 27.27 26.26
C MET GA 60 27.90 28.65 25.67
N HIS GA 61 28.79 29.59 25.95
CA HIS GA 61 28.90 30.81 25.18
C HIS GA 61 29.97 30.57 24.13
N VAL GA 62 29.61 30.71 22.86
CA VAL GA 62 30.57 30.38 21.82
C VAL GA 62 31.60 31.50 21.76
N ARG GA 63 32.70 31.33 22.47
CA ARG GA 63 33.76 32.32 22.53
C ARG GA 63 35.09 31.62 22.48
N GLY GA 64 36.16 32.41 22.38
CA GLY GA 64 37.52 31.92 22.46
C GLY GA 64 37.76 30.64 21.69
N GLU GA 65 38.22 29.61 22.38
CA GLU GA 65 38.49 28.34 21.72
C GLU GA 65 37.22 27.58 21.36
N GLY GA 66 36.06 28.03 21.83
CA GLY GA 66 34.83 27.44 21.40
C GLY GA 66 34.32 27.91 20.05
N LYS GA 67 34.88 28.99 19.55
CA LYS GA 67 34.49 29.51 18.25
C LYS GA 67 35.24 28.74 17.15
N PRO GA 68 34.53 28.08 16.24
CA PRO GA 68 35.22 27.32 15.19
C PRO GA 68 35.90 28.25 14.19
N LYS GA 69 37.08 27.85 13.74
CA LYS GA 69 37.82 28.60 12.73
C LYS GA 69 37.42 28.09 11.36
N THR GA 70 36.89 28.97 10.53
CA THR GA 70 36.42 28.60 9.20
C THR GA 70 37.04 29.50 8.15
N GLU GA 71 37.21 28.95 6.95
CA GLU GA 71 37.80 29.70 5.85
C GLU GA 71 36.83 30.77 5.36
N LYS GA 72 37.41 31.80 4.73
CA LYS GA 72 36.58 32.82 4.11
C LYS GA 72 35.89 32.24 2.88
N GLY GA 73 34.60 32.51 2.77
CA GLY GA 73 33.82 31.95 1.68
C GLY GA 73 32.97 30.75 2.06
N LYS GA 74 33.02 30.32 3.33
CA LYS GA 74 32.18 29.24 3.81
C LYS GA 74 31.47 29.69 5.06
N SER GA 75 30.45 28.94 5.45
CA SER GA 75 29.59 29.35 6.55
C SER GA 75 30.35 29.30 7.87
N ALA GA 76 29.80 30.02 8.86
CA ALA GA 76 30.38 30.03 10.20
C ALA GA 76 29.31 29.99 11.27
N VAL GA 77 28.17 29.37 10.97
CA VAL GA 77 27.10 29.26 11.95
C VAL GA 77 27.43 28.17 12.95
N GLN GA 78 26.89 28.28 14.15
CA GLN GA 78 27.16 27.31 15.20
C GLN GA 78 26.00 27.24 16.18
N PRO GA 79 25.18 26.20 16.14
CA PRO GA 79 24.02 26.14 17.01
C PRO GA 79 24.42 25.80 18.43
N PRO GA 80 23.98 26.60 19.41
CA PRO GA 80 24.27 26.27 20.81
C PRO GA 80 23.43 25.09 21.25
N THR GA 81 24.05 24.16 21.95
CA THR GA 81 23.31 23.07 22.56
C THR GA 81 23.49 22.98 24.06
N ILE GA 82 24.67 23.31 24.58
CA ILE GA 82 24.84 23.30 26.03
C ILE GA 82 23.94 24.35 26.68
N ARG GA 83 23.91 25.54 26.11
CA ARG GA 83 23.01 26.57 26.61
C ARG GA 83 21.56 26.13 26.45
N LYS GA 84 21.25 25.49 25.32
CA LYS GA 84 19.91 24.96 25.09
C LYS GA 84 19.50 24.03 26.21
N GLN GA 85 20.41 23.15 26.63
CA GLN GA 85 20.10 22.23 27.71
C GLN GA 85 19.93 22.96 29.04
N ALA GA 86 20.83 23.89 29.34
CA ALA GA 86 20.78 24.56 30.64
C ALA GA 86 19.52 25.38 30.80
N GLU GA 87 19.01 25.95 29.70
CA GLU GA 87 17.80 26.77 29.80
C GLU GA 87 16.61 25.95 30.26
N TRP GA 88 16.58 24.67 29.92
CA TRP GA 88 15.46 23.82 30.28
C TRP GA 88 15.64 23.16 31.64
N ARG GA 89 16.71 23.45 32.34
CA ARG GA 89 16.93 22.93 33.67
C ARG GA 89 16.92 23.99 34.75
N TYR GA 90 17.27 25.24 34.40
CA TYR GA 90 17.32 26.29 35.42
C TYR GA 90 16.02 26.38 36.19
N SER GA 91 14.90 26.50 35.50
CA SER GA 91 13.63 26.74 36.18
C SER GA 91 13.18 25.52 36.96
N SER GA 92 13.30 24.34 36.36
CA SER GA 92 12.89 23.13 37.05
C SER GA 92 13.73 22.89 38.30
N LEU GA 93 14.93 23.45 38.36
CA LEU GA 93 15.71 23.33 39.59
C LEU GA 93 15.33 24.41 40.59
N SER GA 94 15.14 25.64 40.14
CA SER GA 94 14.94 26.74 41.07
C SER GA 94 13.52 26.80 41.62
N GLU GA 95 12.56 26.18 40.97
CA GLU GA 95 11.16 26.33 41.40
C GLU GA 95 10.90 25.81 42.81
N PRO GA 96 11.32 24.60 43.20
CA PRO GA 96 10.87 24.05 44.48
C PRO GA 96 11.30 24.85 45.71
N PHE GA 97 12.05 25.93 45.51
CA PHE GA 97 12.41 26.82 46.60
C PHE GA 97 11.50 28.03 46.68
N LEU GA 98 11.22 28.66 45.55
CA LEU GA 98 10.41 29.87 45.53
C LEU GA 98 8.93 29.60 45.38
N SER GA 99 8.53 28.35 45.17
CA SER GA 99 7.11 28.08 45.00
C SER GA 99 6.30 28.27 46.27
N SER GA 100 6.95 28.41 47.42
CA SER GA 100 6.28 28.50 48.71
C SER GA 100 6.43 29.88 49.30
N PRO GA 101 5.51 30.29 50.19
CA PRO GA 101 5.61 31.63 50.79
C PRO GA 101 6.90 31.86 51.54
N ASN GA 102 7.40 30.85 52.27
CA ASN GA 102 8.67 30.97 52.97
C ASN GA 102 9.43 29.67 52.82
N ILE GA 103 10.76 29.77 52.84
CA ILE GA 103 11.60 28.62 52.52
C ILE GA 103 11.58 27.62 53.66
N PHE GA 104 12.04 28.03 54.83
CA PHE GA 104 12.37 27.07 55.88
C PHE GA 104 11.12 26.61 56.62
N GLU GA 105 11.32 25.62 57.48
CA GLU GA 105 10.25 25.07 58.30
C GLU GA 105 10.89 24.38 59.49
N VAL GA 106 10.61 24.89 60.69
CA VAL GA 106 11.26 24.44 61.91
C VAL GA 106 10.25 23.70 62.75
N ASN GA 107 10.62 22.52 63.23
CA ASN GA 107 9.77 21.71 64.07
C ASN GA 107 10.52 21.28 65.32
N PRO GA 108 9.82 21.11 66.44
CA PRO GA 108 10.50 20.72 67.67
C PRO GA 108 10.90 19.26 67.63
N VAL GA 109 11.86 18.92 68.48
CA VAL GA 109 12.29 17.54 68.67
C VAL GA 109 11.60 16.92 69.87
N THR GA 110 11.51 17.66 70.96
CA THR GA 110 10.88 17.19 72.18
C THR GA 110 9.93 18.26 72.69
N TRP GA 111 8.95 17.84 73.50
CA TRP GA 111 7.91 18.75 73.93
C TRP GA 111 8.46 19.93 74.72
N GLU GA 112 9.66 19.82 75.28
CA GLU GA 112 10.30 20.97 75.92
C GLU GA 112 10.40 22.14 74.95
N ASP GA 113 10.50 21.85 73.66
CA ASP GA 113 10.59 22.84 72.60
C ASP GA 113 9.18 23.27 72.20
N ALA GA 114 9.04 23.85 71.01
CA ALA GA 114 7.83 24.39 70.39
C ALA GA 114 7.53 25.81 70.85
N GLU GA 115 8.35 26.41 71.69
CA GLU GA 115 8.37 27.85 71.84
C GLU GA 115 9.60 28.45 71.19
N SER GA 116 10.77 27.97 71.59
CA SER GA 116 12.00 28.34 70.90
C SER GA 116 11.91 28.01 69.42
N ALA GA 117 11.34 26.85 69.09
CA ALA GA 117 11.21 26.47 67.69
C ALA GA 117 10.39 27.49 66.92
N ARG GA 118 9.20 27.81 67.43
CA ARG GA 118 8.34 28.74 66.73
C ARG GA 118 9.00 30.10 66.59
N GLN GA 119 9.60 30.59 67.67
CA GLN GA 119 10.23 31.91 67.63
C GLN GA 119 11.35 31.95 66.60
N ASN GA 120 12.26 30.98 66.66
CA ASN GA 120 13.39 30.99 65.74
C ASN GA 120 12.93 30.84 64.30
N GLY GA 121 11.97 29.96 64.05
CA GLY GA 121 11.48 29.81 62.69
C GLY GA 121 10.90 31.09 62.15
N LEU GA 122 10.09 31.77 62.97
CA LEU GA 122 9.49 33.01 62.50
C LEU GA 122 10.56 34.06 62.20
N VAL GA 123 11.53 34.21 63.10
CA VAL GA 123 12.58 35.21 62.90
C VAL GA 123 13.35 34.93 61.62
N LEU GA 124 13.78 33.68 61.45
CA LEU GA 124 14.58 33.34 60.28
C LEU GA 124 13.81 33.54 58.99
N ASN GA 125 12.55 33.11 58.96
CA ASN GA 125 11.77 33.26 57.74
C ASN GA 125 11.58 34.73 57.40
N GLN GA 126 11.30 35.57 58.41
CA GLN GA 126 11.15 36.99 58.14
C GLN GA 126 12.45 37.58 57.60
N GLN GA 127 13.59 37.17 58.18
CA GLN GA 127 14.86 37.70 57.72
C GLN GA 127 15.07 37.39 56.25
N PHE GA 128 14.88 36.13 55.87
CA PHE GA 128 15.04 35.77 54.46
C PHE GA 128 14.05 36.52 53.58
N ASN GA 129 12.79 36.63 54.00
CA ASN GA 129 11.80 37.25 53.15
C ASN GA 129 12.12 38.71 52.88
N THR GA 130 12.55 39.45 53.91
CA THR GA 130 12.69 40.89 53.76
C THR GA 130 14.13 41.34 53.51
N LYS GA 131 15.04 41.02 54.41
CA LYS GA 131 16.35 41.66 54.36
C LYS GA 131 17.15 41.20 53.15
N LEU GA 132 17.23 39.90 52.93
CA LEU GA 132 17.93 39.36 51.77
C LEU GA 132 16.99 39.29 50.59
N ASN GA 133 17.55 39.39 49.39
CA ASN GA 133 16.72 39.33 48.20
C ASN GA 133 16.05 37.98 48.08
N LYS GA 134 16.82 36.91 48.22
CA LYS GA 134 16.40 35.53 48.11
C LYS GA 134 16.08 35.17 46.68
N GLN GA 135 15.75 36.16 45.87
CA GLN GA 135 15.39 35.89 44.48
C GLN GA 135 16.64 35.88 43.61
N ARG GA 136 17.36 37.00 43.60
CA ARG GA 136 18.68 37.03 43.01
C ARG GA 136 19.55 35.93 43.59
N PHE GA 137 19.43 35.68 44.89
CA PHE GA 137 20.25 34.67 45.53
C PHE GA 137 19.98 33.29 44.95
N ILE GA 138 18.71 32.87 44.91
CA ILE GA 138 18.42 31.54 44.39
C ILE GA 138 18.82 31.42 42.93
N ASP GA 139 18.56 32.48 42.16
CA ASP GA 139 18.89 32.42 40.74
C ASP GA 139 20.38 32.23 40.52
N GLU GA 140 21.20 33.05 41.17
CA GLU GA 140 22.65 32.90 41.02
C GLU GA 140 23.10 31.56 41.54
N TYR GA 141 22.55 31.12 42.66
CA TYR GA 141 22.86 29.82 43.23
C TYR GA 141 22.72 28.72 42.17
N VAL GA 142 21.51 28.56 41.64
CA VAL GA 142 21.28 27.45 40.73
C VAL GA 142 22.07 27.61 39.45
N ARG GA 143 22.21 28.84 38.96
CA ARG GA 143 22.90 29.01 37.68
C ARG GA 143 24.38 28.67 37.80
N ALA GA 144 25.04 29.18 38.82
CA ALA GA 144 26.43 28.83 39.03
C ALA GA 144 26.58 27.33 39.21
N GLY GA 145 25.68 26.72 39.98
CA GLY GA 145 25.78 25.28 40.18
C GLY GA 145 25.66 24.51 38.88
N VAL GA 146 24.74 24.92 38.02
CA VAL GA 146 24.49 24.16 36.80
C VAL GA 146 25.66 24.29 35.84
N ASP GA 147 26.14 25.51 35.62
CA ASP GA 147 27.12 25.71 34.54
C ASP GA 147 28.55 25.88 35.03
N GLU GA 148 28.84 25.60 36.29
CA GLU GA 148 30.23 25.63 36.75
C GLU GA 148 30.64 24.42 37.56
N GLY GA 149 29.72 23.63 38.06
CA GLY GA 149 30.04 22.42 38.76
C GLY GA 149 30.16 22.56 40.26
N THR GA 150 30.35 23.77 40.77
CA THR GA 150 30.49 23.95 42.20
C THR GA 150 29.92 25.29 42.61
N ILE GA 151 29.45 25.36 43.86
CA ILE GA 151 28.94 26.59 44.44
C ILE GA 151 29.71 26.85 45.72
N ILE GA 152 30.23 28.05 45.85
CA ILE GA 152 30.76 28.54 47.11
C ILE GA 152 29.83 29.63 47.59
N VAL GA 153 29.55 29.65 48.88
CA VAL GA 153 28.67 30.65 49.48
C VAL GA 153 29.34 31.19 50.73
N LYS GA 154 29.39 32.51 50.85
CA LYS GA 154 29.99 33.17 51.99
C LYS GA 154 28.90 33.72 52.90
N VAL GA 155 28.99 33.39 54.19
CA VAL GA 155 28.01 33.80 55.18
C VAL GA 155 28.69 34.73 56.16
N GLY GA 156 28.10 35.90 56.41
CA GLY GA 156 28.70 36.86 57.31
C GLY GA 156 27.63 37.65 58.02
N TRP GA 157 28.06 38.59 58.85
CA TRP GA 157 27.17 39.45 59.60
C TRP GA 157 27.50 40.90 59.33
N ASN GA 158 26.47 41.73 59.21
CA ASN GA 158 26.63 43.15 58.98
C ASN GA 158 26.08 43.92 60.16
N TYR GA 159 26.83 44.94 60.60
CA TYR GA 159 26.49 45.69 61.80
C TYR GA 159 27.00 47.11 61.64
N GLN GA 160 26.11 48.02 61.28
CA GLN GA 160 26.46 49.42 61.05
C GLN GA 160 25.80 50.27 62.13
N SER GA 161 26.53 51.29 62.59
CA SER GA 161 26.08 52.10 63.73
C SER GA 161 26.80 53.44 63.68
N ARG GA 162 26.89 54.12 64.82
CA ARG GA 162 27.53 55.39 65.12
C ARG GA 162 26.65 56.59 64.80
N THR GA 163 25.46 56.38 64.25
CA THR GA 163 24.64 57.53 63.88
C THR GA 163 24.03 58.14 65.14
N VAL GA 164 24.76 59.08 65.75
CA VAL GA 164 24.40 59.56 67.08
C VAL GA 164 23.16 60.44 67.00
N LYS GA 165 22.35 60.41 68.05
CA LYS GA 165 21.21 61.31 68.21
C LYS GA 165 21.41 62.16 69.46
N GLU GA 166 20.49 63.09 69.70
CA GLU GA 166 20.73 64.13 70.70
C GLU GA 166 19.42 64.50 71.40
N GLN GA 167 19.51 65.51 72.25
CA GLN GA 167 18.39 66.22 72.87
C GLN GA 167 17.53 65.28 73.73
N VAL GA 168 18.15 64.82 74.83
CA VAL GA 168 17.39 64.14 75.87
C VAL GA 168 16.63 65.17 76.69
N VAL GA 169 15.63 64.70 77.46
CA VAL GA 169 14.88 65.58 78.34
C VAL GA 169 14.95 65.04 79.76
N THR GA 170 14.30 65.73 80.70
CA THR GA 170 14.32 65.33 82.11
C THR GA 170 12.92 65.51 82.70
N TYR GA 171 12.52 64.54 83.52
CA TYR GA 171 11.23 64.58 84.19
C TYR GA 171 11.45 64.64 85.70
N GLU GA 172 10.78 65.59 86.35
CA GLU GA 172 10.82 65.68 87.79
C GLU GA 172 9.73 64.80 88.40
N MET GA 173 10.04 64.21 89.55
CA MET GA 173 9.07 63.35 90.22
C MET GA 173 7.99 64.20 90.88
N MET GA 174 6.80 63.63 91.05
CA MET GA 174 5.72 64.37 91.68
C MET GA 174 4.76 63.40 92.37
N PRO GA 175 4.42 63.65 93.63
CA PRO GA 175 3.59 62.69 94.38
C PRO GA 175 2.09 62.84 94.19
N ASP GA 176 1.65 63.46 93.10
CA ASP GA 176 0.22 63.60 92.84
C ASP GA 176 -0.35 62.29 92.30
N SER GA 177 -1.35 61.76 92.99
CA SER GA 177 -2.03 60.55 92.56
C SER GA 177 -3.52 60.83 92.43
N SER GA 178 -4.16 60.23 91.43
CA SER GA 178 -5.56 60.45 91.15
C SER GA 178 -6.13 59.19 90.53
N GLU GA 179 -7.31 59.30 89.93
CA GLU GA 179 -8.02 58.16 89.36
C GLU GA 179 -7.65 57.91 87.91
N GLU GA 180 -7.51 59.00 87.14
CA GLU GA 180 -7.13 58.87 85.73
C GLU GA 180 -5.74 58.26 85.61
N LEU GA 181 -4.83 58.64 86.49
CA LEU GA 181 -3.51 58.03 86.50
C LEU GA 181 -3.60 56.53 86.72
N ALA GA 182 -4.45 56.11 87.66
CA ALA GA 182 -4.62 54.68 87.91
C ALA GA 182 -5.16 53.97 86.68
N GLN GA 183 -6.16 54.56 86.01
CA GLN GA 183 -6.69 53.94 84.80
C GLN GA 183 -5.62 53.81 83.72
N ILE GA 184 -4.90 54.90 83.46
CA ILE GA 184 -3.91 54.89 82.40
C ILE GA 184 -2.80 53.89 82.71
N TYR GA 185 -2.38 53.86 83.98
CA TYR GA 185 -1.31 52.94 84.36
C TYR GA 185 -1.78 51.49 84.25
N GLN GA 186 -3.03 51.21 84.61
CA GLN GA 186 -3.56 49.88 84.43
C GLN GA 186 -3.57 49.47 82.96
N THR GA 187 -4.00 50.38 82.08
CA THR GA 187 -4.01 50.08 80.66
C THR GA 187 -2.60 49.84 80.13
N ALA GA 188 -1.65 50.68 80.56
CA ALA GA 188 -0.28 50.51 80.11
C ALA GA 188 0.30 49.19 80.60
N ALA GA 189 -0.02 48.80 81.84
CA ALA GA 189 0.44 47.51 82.33
C ALA GA 189 -0.14 46.38 81.49
N GLN GA 190 -1.42 46.49 81.14
CA GLN GA 190 -2.04 45.47 80.29
C GLN GA 190 -1.33 45.38 78.94
N ILE GA 191 -0.99 46.53 78.37
CA ILE GA 191 -0.29 46.53 77.09
C ILE GA 191 1.08 45.88 77.23
N ARG GA 192 1.85 46.31 78.24
CA ARG GA 192 3.16 45.70 78.46
C ARG GA 192 3.05 44.21 78.71
N GLU GA 193 1.92 43.76 79.23
CA GLU GA 193 1.74 42.33 79.45
C GLU GA 193 1.48 41.59 78.15
N GLU GA 194 0.48 42.01 77.38
CA GLU GA 194 0.00 41.15 76.30
C GLU GA 194 0.52 41.54 74.91
N SER GA 195 1.00 42.77 74.72
CA SER GA 195 1.55 43.20 73.43
C SER GA 195 2.87 43.91 73.68
N PRO GA 196 3.91 43.17 74.06
CA PRO GA 196 5.18 43.80 74.39
C PRO GA 196 5.78 44.58 73.25
N SER GA 197 5.42 44.27 72.01
CA SER GA 197 5.97 45.00 70.88
C SER GA 197 5.57 46.46 70.92
N GLU GA 198 4.33 46.75 71.30
CA GLU GA 198 3.83 48.12 71.30
C GLU GA 198 4.21 48.89 72.55
N TYR GA 199 4.74 48.23 73.57
CA TYR GA 199 5.01 48.92 74.83
C TYR GA 199 6.01 50.08 74.66
N PRO GA 200 7.13 49.93 73.96
CA PRO GA 200 8.04 51.08 73.81
C PRO GA 200 7.42 52.26 73.10
N GLU GA 201 6.34 52.06 72.35
CA GLU GA 201 5.75 53.17 71.60
C GLU GA 201 4.86 54.06 72.47
N ILE GA 202 4.58 53.68 73.71
CA ILE GA 202 3.79 54.53 74.59
C ILE GA 202 4.65 55.70 75.03
N PRO GA 203 4.07 56.82 75.44
CA PRO GA 203 4.88 57.99 75.79
C PRO GA 203 5.85 57.73 76.92
N GLU GA 204 7.01 58.39 76.84
CA GLU GA 204 8.10 58.14 77.78
C GLU GA 204 7.71 58.54 79.19
N ASP GA 205 7.04 59.68 79.34
CA ASP GA 205 6.67 60.16 80.67
C ASP GA 205 5.76 59.16 81.37
N VAL GA 206 4.69 58.76 80.70
CA VAL GA 206 3.74 57.84 81.31
C VAL GA 206 4.41 56.49 81.56
N ARG GA 207 5.32 56.08 80.67
CA ARG GA 207 6.04 54.83 80.88
C ARG GA 207 6.85 54.88 82.17
N LEU GA 208 7.67 55.92 82.31
CA LEU GA 208 8.56 55.96 83.47
C LEU GA 208 7.78 56.17 84.76
N GLY GA 209 6.71 56.96 84.70
CA GLY GA 209 5.81 57.03 85.83
C GLY GA 209 5.20 55.68 86.16
N LEU GA 210 4.96 54.86 85.14
CA LEU GA 210 4.40 53.54 85.39
C LEU GA 210 5.37 52.67 86.18
N GLU GA 211 6.65 52.64 85.78
CA GLU GA 211 7.52 51.80 86.61
C GLU GA 211 7.76 52.43 87.97
N GLU GA 212 7.69 53.76 88.07
CA GLU GA 212 7.74 54.36 89.40
C GLU GA 212 6.55 53.93 90.25
N THR GA 213 5.41 53.66 89.63
CA THR GA 213 4.22 53.26 90.35
C THR GA 213 4.38 51.93 91.07
N GLU GA 214 5.33 51.10 90.65
CA GLU GA 214 5.70 49.95 91.45
C GLU GA 214 7.01 50.14 92.20
N ALA GA 215 7.80 51.13 91.82
CA ALA GA 215 8.94 51.51 92.65
C ALA GA 215 8.49 52.01 94.02
N ASN GA 216 7.31 52.62 94.08
CA ASN GA 216 6.73 53.09 95.34
C ASN GA 216 5.22 53.19 95.13
N GLY GA 217 4.55 53.95 95.99
CA GLY GA 217 3.11 54.13 95.86
C GLY GA 217 2.72 54.82 94.56
N ILE GA 218 1.41 54.90 94.34
CA ILE GA 218 0.84 55.39 93.09
C ILE GA 218 1.00 56.91 92.99
N GLN GA 219 1.57 57.52 94.03
CA GLN GA 219 1.71 58.97 94.05
C GLN GA 219 2.48 59.49 92.85
N VAL GA 220 3.36 58.66 92.27
CA VAL GA 220 4.25 59.12 91.23
C VAL GA 220 3.47 59.72 90.06
N ARG GA 221 3.95 60.87 89.58
CA ARG GA 221 3.35 61.47 88.39
C ARG GA 221 4.35 61.98 87.36
N ALA GA 222 5.61 62.26 87.74
CA ALA GA 222 6.71 62.48 86.80
C ALA GA 222 6.46 63.67 85.87
N VAL GA 223 6.42 64.85 86.48
CA VAL GA 223 6.29 66.09 85.72
C VAL GA 223 7.59 66.35 84.95
N PRO GA 224 7.53 66.83 83.71
CA PRO GA 224 8.77 67.08 82.96
C PRO GA 224 9.51 68.32 83.44
N VAL GA 225 10.81 68.36 83.11
CA VAL GA 225 11.63 69.55 83.36
C VAL GA 225 12.33 69.98 82.07
N GLY GA 226 13.13 69.09 81.49
CA GLY GA 226 13.84 69.40 80.27
C GLY GA 226 15.35 69.44 80.49
N SER GA 227 16.09 69.07 79.45
CA SER GA 227 17.55 69.02 79.45
C SER GA 227 18.02 68.88 78.01
N GLU GA 228 19.31 68.57 77.83
CA GLU GA 228 19.85 68.28 76.52
C GLU GA 228 21.15 67.50 76.69
N GLU GA 229 21.39 66.54 75.80
CA GLU GA 229 22.59 65.71 75.85
C GLU GA 229 22.69 64.92 74.55
N GLU GA 230 23.92 64.53 74.21
CA GLU GA 230 24.25 63.94 72.91
C GLU GA 230 24.98 62.61 73.10
N GLU GA 231 24.26 61.50 72.95
CA GLU GA 231 24.78 60.16 73.18
C GLU GA 231 23.91 59.17 72.41
N ARG GA 232 23.97 57.90 72.81
CA ARG GA 232 23.07 56.82 72.39
C ARG GA 232 23.09 56.63 70.87
N GLU GA 233 24.23 56.15 70.40
CA GLU GA 233 24.38 55.76 69.01
C GLU GA 233 23.31 54.72 68.64
N GLU GA 234 22.75 54.87 67.45
CA GLU GA 234 21.73 53.96 66.96
C GLU GA 234 22.33 52.93 66.01
N THR GA 235 21.82 51.71 66.10
CA THR GA 235 22.23 50.63 65.21
C THR GA 235 21.42 50.78 63.93
N VAL GA 236 22.02 51.42 62.94
CA VAL GA 236 21.32 51.59 61.66
C VAL GA 236 21.18 50.26 60.93
N GLU GA 237 22.13 49.34 61.12
CA GLU GA 237 22.08 48.06 60.44
C GLU GA 237 22.59 46.96 61.36
N ASN GA 238 21.82 45.88 61.46
CA ASN GA 238 22.23 44.73 62.26
C ASN GA 238 21.50 43.50 61.70
N HIS GA 239 22.21 42.69 60.93
CA HIS GA 239 21.54 41.57 60.27
C HIS GA 239 22.57 40.60 59.69
N PRO GA 240 22.15 39.46 59.15
CA PRO GA 240 23.08 38.59 58.44
C PRO GA 240 23.22 39.00 56.98
N THR GA 241 24.20 38.38 56.32
CA THR GA 241 24.50 38.64 54.92
C THR GA 241 24.97 37.35 54.29
N VAL GA 242 24.61 37.16 53.02
CA VAL GA 242 24.96 35.95 52.29
C VAL GA 242 25.29 36.33 50.85
N GLN GA 243 26.53 36.10 50.43
CA GLN GA 243 26.97 36.41 49.08
C GLN GA 243 27.39 35.10 48.43
N VAL GA 244 27.34 35.03 47.10
CA VAL GA 244 27.60 33.69 46.56
C VAL GA 244 29.10 33.45 46.52
N CYS GA 245 29.76 33.89 45.44
CA CYS GA 245 31.15 34.30 45.29
C CYS GA 245 31.48 34.25 43.81
N ASP GA 246 32.69 34.66 43.44
CA ASP GA 246 33.25 34.26 42.16
C ASP GA 246 34.26 33.16 42.40
N TYR GA 247 34.36 32.25 41.44
CA TYR GA 247 35.24 31.11 41.59
C TYR GA 247 36.68 31.41 41.21
N ASN GA 248 37.00 32.63 40.77
CA ASN GA 248 38.35 32.99 40.43
C ASN GA 248 39.12 33.62 41.57
N ASN GA 249 38.46 33.97 42.67
CA ASN GA 249 39.09 34.73 43.73
C ASN GA 249 39.17 33.95 45.05
N ILE GA 250 39.03 32.64 44.98
CA ILE GA 250 38.94 31.80 46.17
C ILE GA 250 39.93 30.65 46.02
N VAL GA 251 40.71 30.39 47.07
CA VAL GA 251 41.71 29.34 47.07
C VAL GA 251 41.56 28.55 48.36
N ILE GA 252 41.53 27.22 48.24
CA ILE GA 252 41.28 26.36 49.39
C ILE GA 252 42.47 25.43 49.58
N ASP GA 253 42.63 24.93 50.80
CA ASP GA 253 43.57 23.86 51.04
C ASP GA 253 43.24 22.69 50.11
N PRO GA 254 44.20 22.21 49.32
CA PRO GA 254 43.94 21.08 48.43
C PRO GA 254 44.20 19.71 49.03
N SER GA 255 44.68 19.64 50.26
CA SER GA 255 44.96 18.37 50.90
C SER GA 255 43.77 17.79 51.64
N CYS GA 256 42.63 18.49 51.63
CA CYS GA 256 41.48 18.07 52.42
C CYS GA 256 40.77 16.85 51.86
N GLY GA 257 41.15 16.38 50.68
CA GLY GA 257 40.33 15.36 50.03
C GLY GA 257 39.03 16.01 49.61
N SER GA 258 37.91 15.40 50.00
CA SER GA 258 36.60 16.04 49.82
C SER GA 258 35.86 15.94 51.14
N ASP GA 259 36.19 16.83 52.08
CA ASP GA 259 35.40 16.98 53.30
C ASP GA 259 34.96 18.41 53.49
N PHE GA 260 35.93 19.32 53.40
CA PHE GA 260 35.81 20.73 53.76
C PHE GA 260 35.60 20.92 55.26
N SER GA 261 35.43 19.83 55.99
CA SER GA 261 35.49 19.89 57.44
C SER GA 261 36.89 19.70 57.95
N LYS GA 262 37.83 19.34 57.07
CA LYS GA 262 39.22 19.16 57.44
C LYS GA 262 40.15 20.08 56.67
N ALA GA 263 39.61 20.93 55.79
CA ALA GA 263 40.45 21.92 55.13
C ALA GA 263 41.03 22.86 56.15
N LYS GA 264 42.31 23.20 55.99
CA LYS GA 264 43.01 23.95 57.00
C LYS GA 264 43.09 25.44 56.74
N PHE GA 265 42.80 25.89 55.52
CA PHE GA 265 42.82 27.31 55.26
C PHE GA 265 42.07 27.63 53.98
N LEU GA 266 41.47 28.81 53.96
CA LEU GA 266 40.80 29.34 52.79
C LEU GA 266 41.15 30.82 52.65
N ILE GA 267 41.43 31.23 51.42
CA ILE GA 267 41.86 32.59 51.13
C ILE GA 267 40.93 33.17 50.08
N GLU GA 268 40.43 34.37 50.33
CA GLU GA 268 39.55 35.05 49.39
C GLU GA 268 40.06 36.45 49.11
N THR GA 269 40.02 36.84 47.85
CA THR GA 269 40.40 38.19 47.45
C THR GA 269 39.16 38.93 46.96
N PHE GA 270 38.92 40.12 47.50
CA PHE GA 270 37.78 40.90 47.04
C PHE GA 270 38.20 42.36 46.92
N GLU GA 271 37.23 43.23 46.65
CA GLU GA 271 37.50 44.62 46.35
C GLU GA 271 36.62 45.51 47.22
N SER GA 272 37.19 46.60 47.71
CA SER GA 272 36.47 47.51 48.59
C SER GA 272 37.09 48.89 48.49
N SER GA 273 36.71 49.77 49.40
CA SER GA 273 37.17 51.15 49.38
C SER GA 273 37.47 51.62 50.79
N TYR GA 274 38.25 52.69 50.88
CA TYR GA 274 38.68 53.20 52.17
C TYR GA 274 37.49 53.62 53.03
N ALA GA 275 36.52 54.30 52.43
CA ALA GA 275 35.36 54.74 53.19
C ALA GA 275 34.57 53.55 53.73
N GLU GA 276 34.39 52.52 52.91
CA GLU GA 276 33.65 51.35 53.36
C GLU GA 276 34.39 50.64 54.49
N LEU GA 277 35.72 50.51 54.36
CA LEU GA 277 36.48 49.88 55.42
C LEU GA 277 36.37 50.66 56.72
N LYS GA 278 36.45 51.99 56.64
CA LYS GA 278 36.32 52.80 57.84
C LYS GA 278 34.93 52.65 58.45
N ALA GA 279 33.91 52.62 57.60
CA ALA GA 279 32.55 52.50 58.11
C ALA GA 279 32.34 51.18 58.83
N ASP GA 280 32.88 50.09 58.29
CA ASP GA 280 32.82 48.81 58.96
C ASP GA 280 33.88 48.81 60.05
N GLY GA 281 33.46 49.05 61.29
CA GLY GA 281 34.41 49.22 62.37
C GLY GA 281 35.05 47.94 62.85
N ARG GA 282 35.88 47.34 62.01
CA ARG GA 282 36.55 46.09 62.37
C ARG GA 282 37.99 46.05 61.90
N TYR GA 283 38.66 47.20 61.85
CA TYR GA 283 39.98 47.24 61.25
C TYR GA 283 40.85 48.24 62.00
N LYS GA 284 42.17 48.09 61.84
CA LYS GA 284 43.14 48.97 62.43
C LYS GA 284 44.17 49.35 61.36
N ASN GA 285 45.04 50.29 61.71
CA ASN GA 285 46.11 50.75 60.83
C ASN GA 285 45.59 51.31 59.52
N LEU GA 286 44.35 51.80 59.51
CA LEU GA 286 43.72 52.22 58.27
C LEU GA 286 44.42 53.41 57.64
N ASP GA 287 45.27 54.11 58.39
CA ASP GA 287 45.90 55.32 57.90
C ASP GA 287 47.22 55.08 57.20
N LYS GA 288 47.64 53.84 57.05
CA LYS GA 288 48.90 53.51 56.41
C LYS GA 288 48.68 52.65 55.18
N ILE GA 289 47.66 53.01 54.39
CA ILE GA 289 47.28 52.19 53.24
C ILE GA 289 47.92 52.69 51.95
N GLN GA 290 48.09 54.00 51.80
CA GLN GA 290 48.62 54.60 50.58
C GLN GA 290 47.74 54.25 49.38
N VAL GA 291 46.52 54.79 49.43
CA VAL GA 291 45.47 54.48 48.45
C VAL GA 291 45.84 54.98 47.06
N GLU GA 292 46.97 55.67 46.94
CA GLU GA 292 47.48 56.12 45.65
C GLU GA 292 48.34 55.04 44.99
N GLY GA 293 48.12 53.78 45.36
CA GLY GA 293 48.95 52.68 44.92
C GLY GA 293 48.28 51.78 43.90
N GLN GA 294 47.68 50.70 44.41
CA GLN GA 294 47.30 49.52 43.64
C GLN GA 294 46.82 49.81 42.22
N ASN GA 295 45.94 50.79 42.07
CA ASN GA 295 45.31 51.10 40.78
C ASN GA 295 44.58 49.90 40.20
N LEU GA 296 44.30 48.90 41.02
CA LEU GA 296 43.60 47.69 40.59
C LEU GA 296 44.32 47.02 39.42
N LEU GA 297 45.65 47.04 39.44
CA LEU GA 297 46.45 46.45 38.38
C LEU GA 297 47.49 45.53 39.03
N SER GA 298 47.08 44.30 39.29
CA SER GA 298 47.97 43.26 39.81
C SER GA 298 47.45 41.92 39.34
N GLU GA 299 48.35 40.94 39.27
CA GLU GA 299 48.01 39.67 38.65
C GLU GA 299 46.92 38.91 39.40
N PRO GA 300 47.12 38.49 40.66
CA PRO GA 300 46.14 37.64 41.32
C PRO GA 300 44.89 38.39 41.79
N ASP GA 301 44.75 39.64 41.36
CA ASP GA 301 43.82 40.55 41.98
C ASP GA 301 42.38 40.16 41.69
N TYR GA 302 41.48 40.99 42.19
CA TYR GA 302 40.05 40.83 41.95
C TYR GA 302 39.82 40.80 40.44
N THR GA 303 39.36 39.67 39.93
CA THR GA 303 38.97 39.60 38.53
C THR GA 303 37.63 40.31 38.36
N GLY GA 304 37.65 41.46 37.72
CA GLY GA 304 36.50 42.33 37.67
C GLY GA 304 35.33 41.72 36.94
N PRO GA 305 34.17 42.37 37.01
CA PRO GA 305 32.99 41.82 36.34
C PRO GA 305 33.19 41.61 34.85
N SER GA 306 33.92 42.50 34.19
CA SER GA 306 34.17 42.39 32.76
C SER GA 306 35.59 42.87 32.49
N GLU GA 307 35.90 43.11 31.23
CA GLU GA 307 37.20 43.66 30.87
C GLU GA 307 37.19 45.19 30.81
N GLY GA 308 36.10 45.78 30.35
CA GLY GA 308 36.05 47.23 30.26
C GLY GA 308 36.16 47.91 31.61
N VAL GA 309 35.56 47.31 32.64
CA VAL GA 309 35.54 47.90 33.97
C VAL GA 309 36.92 48.02 34.58
N ARG GA 310 37.92 47.35 34.01
CA ARG GA 310 39.28 47.45 34.54
C ARG GA 310 39.82 48.86 34.42
N ASN GA 311 39.29 49.66 33.51
CA ASN GA 311 39.77 51.02 33.28
C ASN GA 311 39.01 52.06 34.08
N PHE GA 312 38.08 51.66 34.92
CA PHE GA 312 37.23 52.60 35.65
C PHE GA 312 37.81 52.88 37.02
N ASP GA 313 37.70 54.12 37.46
CA ASP GA 313 38.17 54.51 38.78
C ASP GA 313 37.50 55.81 39.19
N PHE GA 314 37.70 56.19 40.44
CA PHE GA 314 36.96 57.30 41.04
C PHE GA 314 37.80 58.53 41.32
N GLN GA 315 39.10 58.38 41.54
CA GLN GA 315 40.04 59.48 41.80
C GLN GA 315 39.51 60.45 42.87
N ASP GA 316 39.02 59.87 43.97
CA ASP GA 316 38.52 60.67 45.09
C ASP GA 316 39.22 60.42 46.41
N LYS GA 317 40.02 59.35 46.52
CA LYS GA 317 40.78 59.01 47.71
C LYS GA 317 39.86 58.52 48.83
N SER GA 318 38.55 58.63 48.63
CA SER GA 318 37.59 58.07 49.56
C SER GA 318 36.77 56.97 48.94
N ARG GA 319 36.68 56.93 47.61
CA ARG GA 319 35.97 55.87 46.91
C ARG GA 319 36.88 55.12 45.94
N LYS GA 320 38.19 55.37 46.00
CA LYS GA 320 39.12 54.63 45.15
C LYS GA 320 39.08 53.15 45.50
N ARG GA 321 39.19 52.31 44.48
CA ARG GA 321 39.02 50.87 44.64
C ARG GA 321 40.33 50.22 45.10
N LEU GA 322 40.21 49.28 46.04
CA LEU GA 322 41.35 48.56 46.57
C LEU GA 322 41.11 47.07 46.45
N VAL GA 323 42.16 46.29 46.72
CA VAL GA 323 42.10 44.84 46.72
C VAL GA 323 42.49 44.34 48.10
N VAL GA 324 41.66 43.49 48.67
CA VAL GA 324 41.83 43.01 50.04
C VAL GA 324 41.90 41.50 50.04
N HIS GA 325 42.86 40.95 50.79
CA HIS GA 325 43.00 39.52 50.96
C HIS GA 325 42.55 39.12 52.36
N GLU GA 326 41.80 38.03 52.44
CA GLU GA 326 41.35 37.45 53.70
C GLU GA 326 41.82 36.00 53.77
N TYR GA 327 42.20 35.60 54.98
CA TYR GA 327 42.72 34.26 55.24
C TYR GA 327 42.04 33.74 56.48
N TRP GA 328 41.17 32.76 56.32
CA TRP GA 328 40.58 32.05 57.44
C TRP GA 328 41.26 30.71 57.58
N GLY GA 329 41.50 30.27 58.81
CA GLY GA 329 42.06 28.94 58.95
C GLY GA 329 42.50 28.64 60.36
N TYR GA 330 43.43 27.70 60.46
CA TYR GA 330 43.95 27.22 61.72
C TYR GA 330 45.44 27.47 61.77
N TYR GA 331 45.95 27.80 62.95
CA TYR GA 331 47.37 28.09 63.07
C TYR GA 331 47.81 27.82 64.50
N ASP GA 332 49.12 27.67 64.67
CA ASP GA 332 49.71 27.42 65.98
C ASP GA 332 50.15 28.75 66.57
N ILE GA 333 49.17 29.48 67.11
CA ILE GA 333 49.44 30.84 67.60
C ILE GA 333 50.48 30.81 68.72
N HIS GA 334 50.35 29.87 69.64
CA HIS GA 334 51.37 29.68 70.65
C HIS GA 334 52.36 28.63 70.17
N GLY GA 335 53.34 28.31 71.01
CA GLY GA 335 54.27 27.25 70.68
C GLY GA 335 53.81 25.87 71.08
N ASP GA 336 52.59 25.75 71.62
CA ASP GA 336 52.12 24.49 72.17
C ASP GA 336 51.89 23.43 71.11
N GLY GA 337 51.91 23.79 69.84
CA GLY GA 337 51.53 22.82 68.82
C GLY GA 337 50.08 22.45 68.88
N VAL GA 338 49.21 23.40 69.20
CA VAL GA 338 47.76 23.21 69.16
C VAL GA 338 47.19 24.30 68.27
N LEU GA 339 46.33 23.90 67.33
CA LEU GA 339 45.82 24.84 66.35
C LEU GA 339 44.62 25.59 66.90
N HIS GA 340 44.53 26.86 66.54
CA HIS GA 340 43.39 27.69 66.92
C HIS GA 340 42.79 28.32 65.68
N PRO GA 341 41.48 28.59 65.70
CA PRO GA 341 40.83 29.18 64.52
C PRO GA 341 41.07 30.69 64.48
N ILE GA 342 41.72 31.16 63.42
CA ILE GA 342 42.08 32.57 63.29
C ILE GA 342 41.66 33.09 61.93
N VAL GA 343 41.62 34.42 61.84
CA VAL GA 343 41.33 35.17 60.63
C VAL GA 343 42.32 36.31 60.52
N ALA GA 344 42.86 36.50 59.32
CA ALA GA 344 43.84 37.55 59.07
C ALA GA 344 43.51 38.24 57.75
N THR GA 345 43.51 39.57 57.77
CA THR GA 345 43.10 40.36 56.62
C THR GA 345 44.15 41.41 56.35
N TRP GA 346 44.56 41.53 55.09
CA TRP GA 346 45.59 42.51 54.75
C TRP GA 346 45.35 43.06 53.35
N VAL GA 347 45.89 44.25 53.12
CA VAL GA 347 45.84 44.92 51.83
C VAL GA 347 47.23 45.39 51.47
N GLY GA 348 47.62 45.19 50.22
CA GLY GA 348 48.94 45.58 49.77
C GLY GA 348 50.03 44.90 50.56
N ALA GA 349 50.71 45.66 51.42
CA ALA GA 349 51.75 45.12 52.28
C ALA GA 349 51.48 45.43 53.74
N VAL GA 350 50.27 45.83 54.09
CA VAL GA 350 49.92 46.23 55.44
C VAL GA 350 48.89 45.26 55.99
N MET GA 351 49.15 44.75 57.19
CA MET GA 351 48.22 43.87 57.86
C MET GA 351 47.15 44.72 58.54
N ILE GA 352 45.88 44.45 58.23
CA ILE GA 352 44.80 45.27 58.74
C ILE GA 352 44.04 44.60 59.88
N ARG GA 353 44.04 43.27 59.96
CA ARG GA 353 43.24 42.61 60.97
C ARG GA 353 43.85 41.25 61.29
N MET GA 354 43.96 40.93 62.57
CA MET GA 354 44.36 39.60 62.99
C MET GA 354 43.61 39.26 64.25
N GLU GA 355 42.90 38.14 64.25
CA GLU GA 355 42.01 37.85 65.35
C GLU GA 355 41.70 36.37 65.38
N GLU GA 356 41.17 35.90 66.50
CA GLU GA 356 40.59 34.57 66.51
C GLU GA 356 39.20 34.61 65.89
N ASN GA 357 38.72 33.45 65.50
CA ASN GA 357 37.44 33.37 64.81
C ASN GA 357 36.33 33.89 65.69
N PRO GA 358 35.56 34.89 65.24
CA PRO GA 358 34.56 35.51 66.11
C PRO GA 358 33.15 34.92 66.02
N PHE GA 359 32.92 34.00 65.11
CA PHE GA 359 31.57 33.47 64.99
C PHE GA 359 31.29 32.46 66.10
N PRO GA 360 30.02 32.28 66.46
CA PRO GA 360 29.71 31.37 67.57
C PRO GA 360 30.19 29.95 67.34
N ASP GA 361 30.18 29.49 66.11
CA ASP GA 361 30.74 28.19 65.76
C ASP GA 361 32.12 28.42 65.14
N LYS GA 362 33.16 27.92 65.80
CA LYS GA 362 34.51 28.25 65.37
C LYS GA 362 34.87 27.52 64.09
N LYS GA 363 34.21 27.86 63.00
CA LYS GA 363 34.46 27.26 61.70
C LYS GA 363 34.59 28.34 60.64
N ILE GA 364 34.96 27.93 59.44
CA ILE GA 364 35.09 28.86 58.33
C ILE GA 364 33.70 29.25 57.84
N PRO GA 365 33.40 30.50 57.69
CA PRO GA 365 32.04 30.94 57.30
C PRO GA 365 31.74 30.78 55.82
N TYR GA 366 32.03 29.60 55.28
CA TYR GA 366 31.77 29.31 53.89
C TYR GA 366 31.09 27.96 53.77
N VAL GA 367 30.36 27.78 52.68
CA VAL GA 367 29.68 26.52 52.38
C VAL GA 367 29.96 26.17 50.92
N VAL GA 368 30.41 24.94 50.68
CA VAL GA 368 30.77 24.49 49.35
C VAL GA 368 29.89 23.32 48.98
N VAL GA 369 29.26 23.39 47.81
CA VAL GA 369 28.38 22.33 47.33
C VAL GA 369 28.83 21.93 45.93
N SER GA 370 28.94 20.63 45.69
CA SER GA 370 29.37 20.12 44.40
C SER GA 370 28.16 19.60 43.63
N TYR GA 371 28.00 20.09 42.40
CA TYR GA 371 26.85 19.70 41.59
C TYR GA 371 26.86 18.22 41.29
N ILE GA 372 27.87 17.75 40.55
CA ILE GA 372 28.07 16.34 40.26
C ILE GA 372 29.35 15.90 40.95
N PRO GA 373 29.31 14.93 41.85
CA PRO GA 373 30.49 14.61 42.65
C PRO GA 373 31.60 13.99 41.81
N ARG GA 374 32.82 14.16 42.30
CA ARG GA 374 33.99 13.49 41.74
C ARG GA 374 34.71 12.76 42.86
N LYS GA 375 35.50 11.76 42.49
CA LYS GA 375 36.15 10.91 43.48
C LYS GA 375 37.18 11.71 44.26
N ARG GA 376 36.89 11.99 45.52
CA ARG GA 376 37.81 12.63 46.45
C ARG GA 376 38.26 13.99 45.91
N ASP GA 377 37.29 14.87 45.71
CA ASP GA 377 37.58 16.21 45.24
C ASP GA 377 36.43 17.12 45.60
N LEU GA 378 36.76 18.37 45.96
CA LEU GA 378 35.72 19.32 46.35
C LEU GA 378 34.93 19.79 45.14
N TYR GA 379 35.62 20.15 44.07
CA TYR GA 379 34.95 20.69 42.91
C TYR GA 379 34.20 19.60 42.16
N GLY GA 380 33.02 19.95 41.66
CA GLY GA 380 32.20 19.02 40.90
C GLY GA 380 32.48 19.10 39.42
N GLU GA 381 31.50 18.68 38.63
CA GLU GA 381 31.55 18.79 37.19
C GLU GA 381 30.32 19.53 36.69
N SER GA 382 30.53 20.37 35.68
CA SER GA 382 29.41 21.09 35.10
C SER GA 382 28.44 20.13 34.44
N ASP GA 383 27.23 20.62 34.22
CA ASP GA 383 26.20 19.77 33.62
C ASP GA 383 26.58 19.35 32.20
N GLY GA 384 26.98 20.32 31.39
CA GLY GA 384 27.34 20.04 30.01
C GLY GA 384 28.81 19.79 29.80
N ALA GA 385 29.42 18.97 30.64
CA ALA GA 385 30.83 18.66 30.49
C ALA GA 385 31.10 17.53 29.51
N LEU GA 386 30.06 16.88 29.01
CA LEU GA 386 30.23 15.74 28.10
C LEU GA 386 29.55 15.95 26.76
N LEU GA 387 29.03 17.14 26.49
CA LEU GA 387 28.31 17.39 25.27
C LEU GA 387 29.14 18.14 24.24
N ILE GA 388 30.43 18.35 24.52
CA ILE GA 388 31.25 19.16 23.63
C ILE GA 388 31.33 18.50 22.25
N ASP GA 389 31.54 17.19 22.22
CA ASP GA 389 31.63 16.49 20.95
C ASP GA 389 30.33 16.62 20.16
N ASN GA 390 29.19 16.46 20.84
CA ASN GA 390 27.92 16.57 20.16
C ASN GA 390 27.72 17.96 19.59
N GLN GA 391 28.06 19.00 20.37
CA GLN GA 391 27.92 20.35 19.86
C GLN GA 391 28.79 20.56 18.63
N ARG GA 392 30.03 20.08 18.68
CA ARG GA 392 30.92 20.26 17.54
C ARG GA 392 30.38 19.55 16.31
N ILE GA 393 29.92 18.32 16.46
CA ILE GA 393 29.44 17.56 15.32
C ILE GA 393 28.22 18.23 14.72
N ILE GA 394 27.29 18.66 15.56
CA ILE GA 394 26.07 19.29 15.03
C ILE GA 394 26.43 20.57 14.29
N GLY GA 395 27.33 21.37 14.87
CA GLY GA 395 27.76 22.57 14.17
C GLY GA 395 28.38 22.26 12.82
N ALA GA 396 29.24 21.24 12.76
CA ALA GA 396 29.88 20.90 11.51
C ALA GA 396 28.88 20.50 10.45
N VAL GA 397 27.91 19.65 10.82
CA VAL GA 397 26.94 19.17 9.85
C VAL GA 397 26.09 20.32 9.35
N THR GA 398 25.65 21.19 10.26
CA THR GA 398 24.83 22.32 9.84
C THR GA 398 25.59 23.24 8.90
N ARG GA 399 26.86 23.51 9.21
CA ARG GA 399 27.66 24.34 8.32
C ARG GA 399 27.80 23.69 6.96
N GLY GA 400 27.96 22.37 6.92
CA GLY GA 400 28.07 21.69 5.65
C GLY GA 400 26.82 21.85 4.81
N MET GA 401 25.66 21.68 5.43
CA MET GA 401 24.41 21.82 4.68
C MET GA 401 24.23 23.24 4.17
N ILE GA 402 24.55 24.24 5.00
CA ILE GA 402 24.47 25.63 4.56
C ILE GA 402 25.37 25.85 3.36
N ASP GA 403 26.60 25.36 3.42
CA ASP GA 403 27.53 25.57 2.31
C ASP GA 403 26.99 24.96 1.04
N THR GA 404 26.47 23.73 1.14
CA THR GA 404 25.94 23.05 -0.03
C THR GA 404 24.82 23.86 -0.65
N MET GA 405 23.92 24.40 0.17
CA MET GA 405 22.80 25.12 -0.40
C MET GA 405 23.21 26.50 -0.91
N ALA GA 406 24.24 27.10 -0.32
CA ALA GA 406 24.54 28.49 -0.64
C ALA GA 406 25.48 28.63 -1.82
N ARG GA 407 26.55 27.84 -1.88
CA ARG GA 407 27.48 27.96 -2.98
C ARG GA 407 26.96 27.39 -4.28
N SER GA 408 25.67 27.04 -4.34
CA SER GA 408 25.11 26.47 -5.55
C SER GA 408 24.83 27.58 -6.55
N ALA GA 409 24.13 27.25 -7.62
CA ALA GA 409 23.85 28.20 -8.69
C ALA GA 409 22.36 28.48 -8.80
N ASN GA 410 21.65 28.46 -7.69
CA ASN GA 410 20.22 28.69 -7.72
C ASN GA 410 19.91 30.08 -8.25
N GLY GA 411 18.91 30.15 -9.13
CA GLY GA 411 18.45 31.41 -9.66
C GLY GA 411 18.90 31.71 -11.07
N GLN GA 412 20.01 31.14 -11.50
CA GLN GA 412 20.52 31.42 -12.84
C GLN GA 412 19.89 30.50 -13.85
N VAL GA 413 19.75 30.98 -15.08
CA VAL GA 413 19.17 30.23 -16.17
C VAL GA 413 20.17 30.16 -17.31
N GLY GA 414 20.36 28.97 -17.86
CA GLY GA 414 21.32 28.75 -18.93
C GLY GA 414 20.62 28.30 -20.19
N VAL GA 415 21.12 28.77 -21.33
CA VAL GA 415 20.51 28.49 -22.62
C VAL GA 415 21.57 27.91 -23.54
N MET GA 416 21.23 26.85 -24.26
CA MET GA 416 22.15 26.27 -25.23
C MET GA 416 22.44 27.27 -26.33
N LYS GA 417 23.72 27.39 -26.68
CA LYS GA 417 24.08 28.24 -27.80
C LYS GA 417 23.49 27.68 -29.08
N GLY GA 418 23.06 28.57 -29.97
CA GLY GA 418 22.55 28.16 -31.25
C GLY GA 418 21.14 27.63 -31.25
N ALA GA 419 20.44 27.66 -30.12
CA ALA GA 419 19.04 27.27 -30.10
C ALA GA 419 18.11 28.41 -30.44
N LEU GA 420 18.52 29.65 -30.15
CA LEU GA 420 17.73 30.82 -30.44
C LEU GA 420 18.57 31.82 -31.22
N ASP GA 421 17.99 32.41 -32.25
CA ASP GA 421 18.65 33.48 -32.98
C ASP GA 421 18.57 34.76 -32.16
N VAL GA 422 19.00 35.88 -32.72
CA VAL GA 422 19.04 37.12 -31.97
C VAL GA 422 17.62 37.62 -31.68
N THR GA 423 16.77 37.66 -32.69
CA THR GA 423 15.43 38.18 -32.49
C THR GA 423 14.64 37.30 -31.52
N ASN GA 424 14.72 35.99 -31.69
CA ASN GA 424 14.00 35.11 -30.79
C ASN GA 424 14.58 35.17 -29.38
N ARG GA 425 15.89 35.35 -29.27
CA ARG GA 425 16.48 35.54 -27.95
C ARG GA 425 15.92 36.78 -27.28
N ARG GA 426 15.80 37.87 -28.03
CA ARG GA 426 15.25 39.09 -27.45
C ARG GA 426 13.79 38.89 -27.05
N ARG GA 427 13.01 38.21 -27.89
CA ARG GA 427 11.62 37.96 -27.52
C ARG GA 427 11.54 37.12 -26.25
N PHE GA 428 12.35 36.08 -26.15
CA PHE GA 428 12.34 35.22 -24.99
C PHE GA 428 12.70 36.00 -23.74
N ASP GA 429 13.70 36.87 -23.84
CA ASP GA 429 14.04 37.70 -22.69
C ASP GA 429 12.91 38.66 -22.35
N ARG GA 430 12.28 39.26 -23.36
CA ARG GA 430 11.22 40.22 -23.11
C ARG GA 430 10.06 39.58 -22.38
N GLY GA 431 9.72 38.34 -22.74
CA GLY GA 431 8.70 37.64 -22.00
C GLY GA 431 7.47 37.35 -22.83
N GLU GA 432 7.60 37.36 -24.14
CA GLU GA 432 6.51 37.05 -25.04
C GLU GA 432 6.79 35.72 -25.72
N ASN GA 433 5.89 35.32 -26.60
CA ASN GA 433 6.06 34.06 -27.31
C ASN GA 433 7.23 34.15 -28.27
N TYR GA 434 7.77 33.00 -28.64
CA TYR GA 434 9.01 32.97 -29.39
C TYR GA 434 9.04 31.72 -30.26
N GLU GA 435 10.17 31.48 -30.90
CA GLU GA 435 10.36 30.33 -31.77
C GLU GA 435 11.79 29.82 -31.60
N PHE GA 436 11.96 28.52 -31.67
CA PHE GA 436 13.26 27.90 -31.45
C PHE GA 436 13.61 27.00 -32.62
N ASN GA 437 14.91 26.91 -32.90
CA ASN GA 437 15.38 26.15 -34.04
C ASN GA 437 15.10 24.66 -33.85
N PRO GA 438 14.91 23.93 -34.93
CA PRO GA 438 14.58 22.51 -34.82
C PRO GA 438 15.74 21.73 -34.23
N GLY GA 439 15.40 20.60 -33.62
CA GLY GA 439 16.38 19.73 -33.02
C GLY GA 439 16.78 20.10 -31.61
N ALA GA 440 16.22 21.16 -31.04
CA ALA GA 440 16.53 21.56 -29.67
C ALA GA 440 15.22 21.88 -28.97
N ASP GA 441 14.59 20.88 -28.37
CA ASP GA 441 13.36 21.12 -27.63
C ASP GA 441 13.66 21.91 -26.37
N PRO GA 442 12.78 22.82 -25.97
CA PRO GA 442 13.09 23.70 -24.84
C PRO GA 442 13.36 22.95 -23.56
N ARG GA 443 12.68 21.84 -23.33
CA ARG GA 443 12.82 21.12 -22.06
C ARG GA 443 14.25 20.66 -21.83
N ALA GA 444 15.06 20.57 -22.89
CA ALA GA 444 16.49 20.32 -22.73
C ALA GA 444 17.34 21.52 -23.11
N ALA GA 445 16.83 22.43 -23.91
CA ALA GA 445 17.64 23.57 -24.35
C ALA GA 445 17.81 24.59 -23.24
N VAL GA 446 16.76 24.84 -22.46
CA VAL GA 446 16.84 25.78 -21.36
C VAL GA 446 16.88 25.00 -20.06
N HIS GA 447 17.45 25.62 -19.03
CA HIS GA 447 17.58 24.97 -17.75
C HIS GA 447 17.64 26.02 -16.66
N MET GA 448 16.89 25.81 -15.60
CA MET GA 448 16.77 26.76 -14.50
C MET GA 448 17.28 26.10 -13.24
N HIS GA 449 18.48 26.48 -12.81
CA HIS GA 449 19.10 25.82 -11.67
C HIS GA 449 18.31 26.06 -10.40
N THR GA 450 18.33 25.07 -9.51
CA THR GA 450 17.65 25.15 -8.24
C THR GA 450 18.57 24.60 -7.16
N PHE GA 451 18.09 24.59 -5.92
CA PHE GA 451 18.88 24.07 -4.83
C PHE GA 451 19.13 22.58 -5.04
N PRO GA 452 20.31 22.10 -4.66
CA PRO GA 452 20.58 20.67 -4.77
C PRO GA 452 19.79 19.87 -3.76
N GLU GA 453 19.98 18.56 -3.75
CA GLU GA 453 19.20 17.68 -2.89
C GLU GA 453 20.04 17.25 -1.68
N ILE GA 454 19.52 17.49 -0.49
CA ILE GA 454 20.21 17.04 0.72
C ILE GA 454 20.08 15.54 0.85
N PRO GA 455 21.17 14.80 1.05
CA PRO GA 455 21.06 13.35 1.20
C PRO GA 455 20.41 12.99 2.52
N GLN GA 456 19.89 11.78 2.56
CA GLN GA 456 19.14 11.32 3.73
C GLN GA 456 20.00 10.98 4.90
N SER GA 457 21.29 11.31 4.93
CA SER GA 457 22.14 10.91 6.04
C SER GA 457 22.37 12.03 7.05
N ALA GA 458 22.40 13.28 6.60
CA ALA GA 458 22.62 14.38 7.53
C ALA GA 458 21.49 14.45 8.56
N GLN GA 459 20.26 14.27 8.11
CA GLN GA 459 19.13 14.26 9.04
C GLN GA 459 19.33 13.20 10.11
N TYR GA 460 19.68 11.99 9.70
CA TYR GA 460 19.88 10.91 10.65
C TYR GA 460 20.99 11.24 11.63
N MET GA 461 22.09 11.81 11.13
CA MET GA 461 23.20 12.08 12.02
C MET GA 461 22.83 13.14 13.06
N ILE GA 462 22.12 14.18 12.65
CA ILE GA 462 21.71 15.19 13.61
C ILE GA 462 20.78 14.59 14.64
N ASN GA 463 19.82 13.77 14.20
CA ASN GA 463 18.91 13.16 15.15
C ASN GA 463 19.68 12.29 16.16
N LEU GA 464 20.65 11.54 15.67
CA LEU GA 464 21.43 10.67 16.55
C LEU GA 464 22.17 11.49 17.60
N GLN GA 465 22.83 12.57 17.17
CA GLN GA 465 23.60 13.37 18.12
C GLN GA 465 22.68 14.00 19.15
N GLN GA 466 21.54 14.53 18.73
CA GLN GA 466 20.63 15.17 19.67
C GLN GA 466 20.09 14.16 20.67
N ALA GA 467 19.71 12.97 20.19
CA ALA GA 467 19.19 11.96 21.10
C ALA GA 467 20.26 11.55 22.11
N GLU GA 468 21.51 11.41 21.66
CA GLU GA 468 22.57 11.06 22.59
C GLU GA 468 22.75 12.13 23.66
N ALA GA 469 22.72 13.40 23.26
CA ALA GA 469 22.87 14.47 24.24
C ALA GA 469 21.74 14.46 25.25
N GLU GA 470 20.51 14.27 24.78
CA GLU GA 470 19.37 14.22 25.69
C GLU GA 470 19.49 13.08 26.66
N SER GA 471 19.92 11.90 26.18
CA SER GA 471 20.10 10.78 27.07
C SER GA 471 21.18 11.05 28.10
N MET GA 472 22.28 11.67 27.68
CA MET GA 472 23.36 11.95 28.61
C MET GA 472 22.90 12.88 29.73
N THR GA 473 22.30 14.00 29.37
CA THR GA 473 21.93 14.98 30.40
C THR GA 473 20.78 14.48 31.25
N GLY GA 474 19.73 13.96 30.62
CA GLY GA 474 18.56 13.53 31.34
C GLY GA 474 17.39 14.48 31.30
N VAL GA 475 17.48 15.57 30.53
CA VAL GA 475 16.38 16.50 30.37
C VAL GA 475 15.99 16.54 28.90
N LYS GA 476 14.72 16.26 28.62
CA LYS GA 476 14.25 16.17 27.24
C LYS GA 476 14.03 17.54 26.62
N ALA GA 477 13.79 18.56 27.43
CA ALA GA 477 13.72 19.95 26.97
C ALA GA 477 12.57 20.20 26.01
N PHE GA 478 11.77 19.17 25.72
CA PHE GA 478 10.65 19.27 24.79
C PHE GA 478 11.06 20.05 23.55
N ASN GA 479 12.04 19.49 22.86
CA ASN GA 479 12.79 20.22 21.85
C ASN GA 479 12.96 19.30 20.64
N ALA GA 480 13.89 19.67 19.75
CA ALA GA 480 14.10 18.94 18.50
C ALA GA 480 12.79 18.86 17.72
N GLY GA 481 12.08 19.97 17.70
CA GLY GA 481 10.75 20.04 17.12
C GLY GA 481 10.00 21.19 17.76
N ILE GA 482 8.67 21.13 17.66
CA ILE GA 482 7.83 22.11 18.34
C ILE GA 482 8.08 22.02 19.85
N SER GA 483 8.25 23.17 20.49
CA SER GA 483 8.44 23.18 21.94
C SER GA 483 7.28 22.51 22.64
N GLY GA 484 6.08 22.63 22.07
CA GLY GA 484 4.96 21.81 22.47
C GLY GA 484 4.98 20.49 21.71
N ALA GA 485 5.99 19.67 21.98
CA ALA GA 485 6.18 18.42 21.23
C ALA GA 485 4.96 17.52 21.37
N ALA GA 486 4.80 16.65 20.38
CA ALA GA 486 3.66 15.74 20.28
C ALA GA 486 2.35 16.53 20.26
N LEU GA 487 2.18 17.31 19.19
CA LEU GA 487 0.98 18.13 19.00
C LEU GA 487 -0.22 17.26 18.61
N GLY GA 488 -0.55 16.35 19.52
CA GLY GA 488 -1.73 15.53 19.45
C GLY GA 488 -1.47 14.11 18.97
N ASP GA 489 -1.26 13.23 19.94
CA ASP GA 489 -1.40 11.79 19.76
C ASP GA 489 -2.07 11.11 20.94
N THR GA 490 -2.06 11.73 22.12
CA THR GA 490 -2.69 11.21 23.33
C THR GA 490 -2.94 12.39 24.25
N ALA GA 491 -4.02 12.31 25.03
CA ALA GA 491 -4.37 13.41 25.92
C ALA GA 491 -3.24 13.70 26.90
N THR GA 492 -2.62 12.65 27.43
CA THR GA 492 -1.50 12.85 28.34
C THR GA 492 -0.24 13.31 27.62
N ALA GA 493 -0.03 12.82 26.39
CA ALA GA 493 1.21 13.14 25.66
C ALA GA 493 1.26 14.60 25.22
N VAL GA 494 0.16 15.35 25.30
CA VAL GA 494 0.21 16.78 25.05
C VAL GA 494 0.23 17.59 26.35
N ARG GA 495 -0.17 16.99 27.47
CA ARG GA 495 -0.13 17.71 28.74
C ARG GA 495 1.29 18.02 29.17
N GLY GA 496 2.24 17.13 28.88
CA GLY GA 496 3.60 17.35 29.30
C GLY GA 496 4.23 18.56 28.66
N ALA GA 497 3.96 18.78 27.37
CA ALA GA 497 4.57 19.89 26.66
C ALA GA 497 4.14 21.22 27.24
N LEU GA 498 2.83 21.41 27.42
CA LEU GA 498 2.33 22.65 28.01
C LEU GA 498 2.84 22.82 29.43
N ASP GA 499 2.94 21.71 30.17
CA ASP GA 499 3.48 21.77 31.52
C ASP GA 499 4.89 22.32 31.53
N ALA GA 500 5.76 21.77 30.68
CA ALA GA 500 7.14 22.22 30.64
C ALA GA 500 7.22 23.69 30.21
N ALA GA 501 6.43 24.08 29.22
CA ALA GA 501 6.45 25.46 28.77
C ALA GA 501 6.05 26.41 29.89
N SER GA 502 4.97 26.08 30.60
CA SER GA 502 4.53 26.94 31.69
C SER GA 502 5.58 26.99 32.80
N LYS GA 503 6.18 25.84 33.11
CA LYS GA 503 7.19 25.82 34.15
C LYS GA 503 8.38 26.71 33.78
N ARG GA 504 8.72 26.74 32.49
CA ARG GA 504 9.81 27.63 32.08
C ARG GA 504 9.39 29.09 32.18
N GLU GA 505 8.16 29.41 31.79
CA GLU GA 505 7.70 30.80 31.89
C GLU GA 505 7.67 31.28 33.33
N LEU GA 506 7.47 30.37 34.27
CA LEU GA 506 7.25 30.76 35.65
C LEU GA 506 8.42 31.55 36.23
N GLY GA 507 9.65 31.21 35.85
CA GLY GA 507 10.79 31.92 36.41
C GLY GA 507 10.80 33.38 36.02
N ILE GA 508 10.59 33.66 34.74
CA ILE GA 508 10.52 35.05 34.29
C ILE GA 508 9.39 35.76 34.99
N LEU GA 509 8.24 35.09 35.12
CA LEU GA 509 7.12 35.71 35.80
C LEU GA 509 7.51 36.09 37.22
N ARG GA 510 8.25 35.22 37.90
CA ARG GA 510 8.63 35.50 39.28
C ARG GA 510 9.59 36.67 39.37
N ARG GA 511 10.52 36.78 38.44
CA ARG GA 511 11.44 37.91 38.47
C ARG GA 511 10.68 39.22 38.31
N LEU GA 512 9.76 39.27 37.34
CA LEU GA 512 8.99 40.50 37.15
C LEU GA 512 8.14 40.80 38.39
N SER GA 513 7.58 39.76 39.00
CA SER GA 513 6.79 39.96 40.20
C SER GA 513 7.64 40.57 41.31
N ALA GA 514 8.88 40.10 41.46
CA ALA GA 514 9.75 40.66 42.48
C ALA GA 514 9.99 42.13 42.23
N GLY GA 515 10.21 42.51 40.98
CA GLY GA 515 10.37 43.93 40.67
C GLY GA 515 9.15 44.74 41.09
N ILE GA 516 7.96 44.24 40.77
CA ILE GA 516 6.75 44.97 41.12
C ILE GA 516 6.61 45.10 42.63
N ILE GA 517 6.92 44.03 43.36
CA ILE GA 517 6.84 44.09 44.82
C ILE GA 517 7.76 45.16 45.37
N GLU GA 518 8.97 45.25 44.83
CA GLU GA 518 9.89 46.28 45.30
C GLU GA 518 9.33 47.68 45.06
N ILE GA 519 8.76 47.90 43.88
CA ILE GA 519 8.15 49.20 43.60
C ILE GA 519 7.07 49.49 44.63
N GLY GA 520 6.23 48.50 44.91
CA GLY GA 520 5.15 48.70 45.86
C GLY GA 520 5.66 49.06 47.25
N ARG GA 521 6.71 48.39 47.69
CA ARG GA 521 7.24 48.70 49.02
C ARG GA 521 7.77 50.13 49.08
N LYS GA 522 8.45 50.57 48.02
CA LYS GA 522 8.90 51.96 48.01
C LYS GA 522 7.71 52.92 48.07
N ILE GA 523 6.64 52.60 47.34
CA ILE GA 523 5.48 53.49 47.34
C ILE GA 523 4.86 53.56 48.73
N ILE GA 524 4.78 52.41 49.42
CA ILE GA 524 4.24 52.40 50.77
C ILE GA 524 5.07 53.30 51.67
N ALA GA 525 6.39 53.15 51.57
CA ALA GA 525 7.27 53.96 52.40
C ALA GA 525 7.03 55.44 52.16
N MET GA 526 6.87 55.85 50.91
CA MET GA 526 6.63 57.26 50.65
C MET GA 526 5.26 57.70 51.15
N ASN GA 527 4.25 56.86 50.99
CA ASN GA 527 2.93 57.20 51.53
C ASN GA 527 2.98 57.39 53.04
N ALA GA 528 3.92 56.72 53.71
CA ALA GA 528 3.93 56.74 55.16
C ALA GA 528 3.97 58.17 55.71
N GLU GA 529 4.78 59.03 55.13
CA GLU GA 529 4.98 60.35 55.72
C GLU GA 529 4.53 61.51 54.83
N PHE GA 530 4.65 61.39 53.51
CA PHE GA 530 4.29 62.51 52.66
C PHE GA 530 2.80 62.79 52.63
N LEU GA 531 1.99 61.89 53.14
CA LEU GA 531 0.55 61.96 53.01
C LEU GA 531 -0.08 62.26 54.36
N ASP GA 532 -1.22 62.94 54.35
CA ASP GA 532 -1.82 63.45 55.57
C ASP GA 532 -2.97 62.58 56.04
N ASP GA 533 -3.21 62.64 57.35
CA ASP GA 533 -4.23 61.81 57.97
C ASP GA 533 -5.62 62.12 57.42
N VAL GA 534 -5.91 63.40 57.20
CA VAL GA 534 -7.21 63.74 56.64
C VAL GA 534 -7.35 63.19 55.24
N GLU GA 535 -6.25 63.19 54.47
CA GLU GA 535 -6.30 62.62 53.14
C GLU GA 535 -6.55 61.13 53.18
N VAL GA 536 -5.93 60.43 54.12
CA VAL GA 536 -6.16 58.98 54.21
C VAL GA 536 -7.57 58.70 54.68
N VAL GA 537 -8.09 59.51 55.59
CA VAL GA 537 -9.44 59.32 56.08
C VAL GA 537 -10.44 59.54 54.95
N ARG GA 538 -10.20 60.55 54.11
CA ARG GA 538 -11.11 60.82 53.00
C ARG GA 538 -11.31 59.59 52.13
N ILE GA 539 -10.30 58.73 52.04
CA ILE GA 539 -10.42 57.52 51.26
C ILE GA 539 -11.02 56.38 52.06
N THR GA 540 -10.45 56.09 53.23
CA THR GA 540 -10.84 54.88 53.94
C THR GA 540 -12.17 54.99 54.64
N ASN GA 541 -12.58 56.20 55.02
CA ASN GA 541 -13.78 56.42 55.83
C ASN GA 541 -13.72 55.64 57.14
N GLU GA 542 -12.52 55.53 57.70
CA GLU GA 542 -12.34 54.93 59.02
C GLU GA 542 -11.39 55.79 59.81
N HIS GA 543 -11.43 55.63 61.13
CA HIS GA 543 -10.56 56.43 61.98
C HIS GA 543 -9.10 56.15 61.67
N PHE GA 544 -8.31 57.21 61.65
CA PHE GA 544 -6.91 57.08 61.25
C PHE GA 544 -6.16 56.16 62.20
N VAL GA 545 -5.41 55.23 61.63
CA VAL GA 545 -4.55 54.34 62.40
C VAL GA 545 -3.17 54.97 62.49
N ASP GA 546 -2.63 55.05 63.69
CA ASP GA 546 -1.34 55.68 63.88
C ASP GA 546 -0.26 54.92 63.12
N ILE GA 547 0.92 55.53 63.03
CA ILE GA 547 2.02 55.02 62.24
C ILE GA 547 3.21 54.74 63.15
N ARG GA 548 3.87 53.62 62.92
CA ARG GA 548 5.04 53.26 63.70
C ARG GA 548 6.27 53.92 63.10
N ARG GA 549 7.03 54.65 63.93
CA ARG GA 549 8.16 55.39 63.42
C ARG GA 549 9.39 54.54 63.21
N ASP GA 550 9.42 53.33 63.77
CA ASP GA 550 10.59 52.46 63.60
C ASP GA 550 10.80 52.13 62.13
N ASP GA 551 9.84 51.45 61.53
CA ASP GA 551 9.86 51.12 60.12
C ASP GA 551 8.71 51.85 59.43
N LEU GA 552 8.93 52.25 58.19
CA LEU GA 552 7.89 52.88 57.41
C LEU GA 552 7.45 52.05 56.21
N ALA GA 553 8.30 51.14 55.74
CA ALA GA 553 7.98 50.31 54.59
C ALA GA 553 7.55 48.90 54.99
N GLY GA 554 6.98 48.76 56.18
CA GLY GA 554 6.69 47.43 56.68
C GLY GA 554 7.96 46.74 57.12
N ASN GA 555 8.27 45.60 56.49
CA ASN GA 555 9.47 44.83 56.80
C ASN GA 555 9.39 44.24 58.21
N PHE GA 556 8.34 44.60 58.94
CA PHE GA 556 8.09 44.07 60.27
C PHE GA 556 6.64 43.66 60.47
N ASP GA 557 5.72 44.21 59.71
CA ASP GA 557 4.31 43.97 59.96
C ASP GA 557 3.46 43.79 58.71
N LEU GA 558 4.04 43.81 57.52
CA LEU GA 558 3.28 43.70 56.29
C LEU GA 558 3.90 42.69 55.36
N LYS GA 559 3.06 41.84 54.78
CA LYS GA 559 3.48 40.91 53.74
C LYS GA 559 2.82 41.32 52.44
N LEU GA 560 3.62 41.51 51.40
CA LEU GA 560 3.17 42.10 50.15
C LEU GA 560 3.29 41.09 49.03
N ASP GA 561 2.21 40.91 48.28
CA ASP GA 561 2.20 39.92 47.20
C ASP GA 561 1.18 40.31 46.16
N ILE GA 562 1.31 39.70 44.98
CA ILE GA 562 0.41 39.97 43.86
C ILE GA 562 -0.89 39.21 44.06
N SER GA 563 -2.00 39.92 43.98
CA SER GA 563 -3.30 39.30 44.15
C SER GA 563 -3.79 38.71 42.84
N THR GA 564 -4.48 37.58 42.93
CA THR GA 564 -5.05 36.92 41.77
C THR GA 564 -6.40 36.31 42.10
N ALA GA 565 -7.21 36.15 41.05
CA ALA GA 565 -8.61 35.75 41.23
C ALA GA 565 -8.72 34.38 41.87
N GLU GA 566 -7.83 33.46 41.51
CA GLU GA 566 -7.93 32.11 42.05
C GLU GA 566 -7.64 32.10 43.56
N GLU GA 567 -6.67 32.90 44.01
CA GLU GA 567 -6.45 33.00 45.45
C GLU GA 567 -7.64 33.67 46.14
N ASP GA 568 -8.25 34.66 45.49
CA ASP GA 568 -9.45 35.25 46.08
C ASP GA 568 -10.55 34.20 46.23
N ASN GA 569 -10.75 33.38 45.20
CA ASN GA 569 -11.75 32.33 45.28
C ASN GA 569 -11.43 31.33 46.36
N ALA GA 570 -10.14 30.97 46.49
CA ALA GA 570 -9.76 30.04 47.53
C ALA GA 570 -10.07 30.61 48.91
N LYS GA 571 -9.76 31.89 49.12
CA LYS GA 571 -10.05 32.51 50.41
C LYS GA 571 -11.55 32.50 50.69
N VAL GA 572 -12.35 32.84 49.68
CA VAL GA 572 -13.80 32.86 49.88
C VAL GA 572 -14.31 31.47 50.23
N ASN GA 573 -13.84 30.46 49.50
CA ASN GA 573 -14.29 29.09 49.76
C ASN GA 573 -13.92 28.64 51.15
N ASP GA 574 -12.68 28.94 51.57
CA ASP GA 574 -12.26 28.56 52.91
C ASP GA 574 -13.14 29.23 53.96
N LEU GA 575 -13.39 30.52 53.79
CA LEU GA 575 -14.23 31.22 54.76
C LEU GA 575 -15.61 30.61 54.84
N THR GA 576 -16.24 30.40 53.68
CA THR GA 576 -17.60 29.85 53.66
C THR GA 576 -17.64 28.48 54.32
N PHE GA 577 -16.74 27.59 53.91
CA PHE GA 577 -16.75 26.23 54.45
C PHE GA 577 -16.53 26.24 55.95
N MET GA 578 -15.55 27.00 56.41
CA MET GA 578 -15.17 26.87 57.79
C MET GA 578 -16.15 27.57 58.70
N LEU GA 579 -16.81 28.61 58.20
CA LEU GA 579 -17.98 29.15 58.89
C LEU GA 579 -19.10 28.12 58.97
N GLN GA 580 -19.43 27.49 57.85
CA GLN GA 580 -20.58 26.59 57.86
C GLN GA 580 -20.33 25.39 58.74
N THR GA 581 -19.09 24.94 58.85
CA THR GA 581 -18.72 23.89 59.80
C THR GA 581 -17.51 24.39 60.60
N MET GA 582 -17.77 25.21 61.59
CA MET GA 582 -16.79 25.54 62.61
C MET GA 582 -17.10 24.89 63.94
N GLY GA 583 -18.30 25.08 64.47
CA GLY GA 583 -18.68 24.49 65.72
C GLY GA 583 -19.53 25.39 66.57
N PRO GA 584 -19.89 24.92 67.76
CA PRO GA 584 -20.76 25.70 68.64
C PRO GA 584 -20.01 26.76 69.42
N ASN GA 585 -18.76 27.03 69.01
CA ASN GA 585 -17.91 28.00 69.72
C ASN GA 585 -18.63 29.33 69.89
N MET GA 586 -18.38 29.94 71.04
CA MET GA 586 -19.12 31.14 71.42
C MET GA 586 -18.55 32.34 70.67
N ASP GA 587 -18.91 33.55 71.14
CA ASP GA 587 -18.54 34.80 70.52
C ASP GA 587 -19.11 34.87 69.11
N PRO GA 588 -20.44 34.94 68.96
CA PRO GA 588 -21.03 35.05 67.62
C PRO GA 588 -20.64 36.33 66.91
N MET GA 589 -20.11 37.31 67.66
CA MET GA 589 -19.50 38.46 67.02
C MET GA 589 -18.49 38.02 65.98
N MET GA 590 -17.73 36.97 66.28
CA MET GA 590 -16.73 36.49 65.32
C MET GA 590 -17.39 35.99 64.04
N ALA GA 591 -18.48 35.23 64.17
CA ALA GA 591 -19.19 34.77 62.98
C ALA GA 591 -19.70 35.95 62.16
N GLN GA 592 -20.20 36.97 62.84
CA GLN GA 592 -20.61 38.18 62.14
C GLN GA 592 -19.46 38.82 61.39
N GLN GA 593 -18.29 38.90 62.04
CA GLN GA 593 -17.12 39.48 61.36
C GLN GA 593 -16.80 38.69 60.10
N ILE GA 594 -16.81 37.37 60.20
CA ILE GA 594 -16.50 36.55 59.03
C ILE GA 594 -17.49 36.82 57.92
N MET GA 595 -18.79 36.76 58.24
CA MET GA 595 -19.81 36.91 57.20
C MET GA 595 -19.70 38.28 56.55
N GLY GA 596 -19.43 39.31 57.35
CA GLY GA 596 -19.19 40.62 56.79
C GLY GA 596 -17.99 40.64 55.85
N GLN GA 597 -16.96 39.86 56.18
CA GLN GA 597 -15.81 39.80 55.28
C GLN GA 597 -16.17 39.14 53.96
N ILE GA 598 -17.01 38.10 53.98
CA ILE GA 598 -17.46 37.55 52.69
C ILE GA 598 -18.26 38.57 51.92
N MET GA 599 -19.16 39.31 52.58
CA MET GA 599 -19.83 40.41 51.90
C MET GA 599 -18.84 41.35 51.23
N GLU GA 600 -17.83 41.80 51.99
CA GLU GA 600 -16.91 42.79 51.47
C GLU GA 600 -16.12 42.23 50.30
N LEU GA 601 -15.70 40.98 50.39
CA LEU GA 601 -15.00 40.34 49.27
C LEU GA 601 -15.91 40.22 48.06
N LYS GA 602 -17.21 40.07 48.27
CA LYS GA 602 -18.16 40.00 47.17
C LYS GA 602 -18.71 41.37 46.80
N LYS GA 603 -18.14 42.44 47.36
CA LYS GA 603 -18.41 43.81 46.91
C LYS GA 603 -19.84 44.24 47.20
N MET GA 604 -20.25 44.12 48.46
CA MET GA 604 -21.45 44.78 48.98
C MET GA 604 -21.10 45.41 50.31
N PRO GA 605 -20.28 46.46 50.31
CA PRO GA 605 -19.78 47.03 51.57
C PRO GA 605 -20.87 47.51 52.50
N ASP GA 606 -21.98 48.02 51.98
CA ASP GA 606 -23.08 48.43 52.86
C ASP GA 606 -23.62 47.25 53.66
N PHE GA 607 -23.91 46.15 52.98
CA PHE GA 607 -24.35 44.95 53.68
C PHE GA 607 -23.28 44.47 54.64
N ALA GA 608 -22.02 44.54 54.24
CA ALA GA 608 -20.94 44.09 55.11
C ALA GA 608 -20.94 44.87 56.42
N LYS GA 609 -20.98 46.20 56.32
CA LYS GA 609 -20.97 47.00 57.54
C LYS GA 609 -22.20 46.74 58.38
N ARG GA 610 -23.37 46.66 57.73
CA ARG GA 610 -24.59 46.46 58.49
C ARG GA 610 -24.56 45.15 59.25
N ILE GA 611 -24.10 44.08 58.60
CA ILE GA 611 -24.02 42.79 59.26
C ILE GA 611 -23.01 42.83 60.40
N ARG GA 612 -21.81 43.34 60.13
CA ARG GA 612 -20.77 43.27 61.15
C ARG GA 612 -21.11 44.14 62.35
N GLU GA 613 -21.91 45.18 62.16
CA GLU GA 613 -22.33 46.00 63.29
C GLU GA 613 -23.68 45.58 63.85
N PHE GA 614 -24.34 44.61 63.23
CA PHE GA 614 -25.65 44.18 63.70
C PHE GA 614 -25.53 43.54 65.08
N GLN GA 615 -26.45 43.92 65.97
CA GLN GA 615 -26.48 43.39 67.32
C GLN GA 615 -27.70 42.51 67.51
N PRO GA 616 -27.56 41.20 67.71
CA PRO GA 616 -28.73 40.36 67.96
C PRO GA 616 -29.39 40.71 69.28
N GLN GA 617 -30.70 40.51 69.34
CA GLN GA 617 -31.49 40.78 70.53
C GLN GA 617 -32.37 39.58 70.83
N PRO GA 618 -32.42 39.19 72.10
CA PRO GA 618 -33.21 38.04 72.51
C PRO GA 618 -34.67 38.43 72.68
N ASP GA 619 -35.54 37.41 72.68
CA ASP GA 619 -36.97 37.60 72.82
C ASP GA 619 -37.35 37.61 74.30
N PRO GA 620 -38.65 37.54 74.59
CA PRO GA 620 -39.14 37.53 75.95
C PRO GA 620 -39.49 36.12 76.43
N ILE GA 621 -38.74 35.13 75.97
CA ILE GA 621 -38.95 33.75 76.41
C ILE GA 621 -38.20 33.41 77.68
N ALA GA 622 -37.32 34.29 78.16
CA ALA GA 622 -36.69 34.07 79.46
C ALA GA 622 -37.71 34.02 80.58
N GLN GA 623 -38.89 34.61 80.35
CA GLN GA 623 -40.00 34.43 81.28
C GLN GA 623 -40.28 32.96 81.50
N GLN GA 624 -40.21 32.16 80.43
CA GLN GA 624 -40.47 30.73 80.57
C GLN GA 624 -39.48 30.09 81.53
N LYS GA 625 -38.19 30.41 81.39
CA LYS GA 625 -37.20 29.83 82.28
C LYS GA 625 -37.44 30.27 83.72
N ALA GA 626 -37.74 31.55 83.93
CA ALA GA 626 -38.01 32.00 85.29
C ALA GA 626 -39.21 31.28 85.88
N GLN GA 627 -40.27 31.13 85.11
CA GLN GA 627 -41.49 30.52 85.64
C GLN GA 627 -41.29 29.04 85.90
N LEU GA 628 -40.54 28.34 85.07
CA LEU GA 628 -40.30 26.93 85.36
C LEU GA 628 -39.36 26.78 86.56
N GLU GA 629 -38.44 27.72 86.74
CA GLU GA 629 -37.65 27.71 87.97
C GLU GA 629 -38.55 27.83 89.19
N LEU GA 630 -39.52 28.74 89.12
CA LEU GA 630 -40.45 28.86 90.24
C LEU GA 630 -41.29 27.60 90.40
N MET GA 631 -41.77 27.02 89.29
CA MET GA 631 -42.37 25.70 89.31
C MET GA 631 -41.60 24.76 90.21
N LEU GA 632 -40.34 24.52 89.86
CA LEU GA 632 -39.56 23.53 90.59
C LEU GA 632 -39.36 23.93 92.04
N LEU GA 633 -39.05 25.19 92.29
CA LEU GA 633 -38.76 25.61 93.65
C LEU GA 633 -39.96 25.38 94.56
N GLN GA 634 -41.13 25.81 94.11
CA GLN GA 634 -42.32 25.65 94.92
C GLN GA 634 -42.73 24.19 95.03
N ALA GA 635 -42.69 23.46 93.91
CA ALA GA 635 -43.07 22.06 93.96
C ALA GA 635 -42.18 21.27 94.91
N GLN GA 636 -40.94 21.70 95.11
CA GLN GA 636 -40.13 20.93 96.05
C GLN GA 636 -40.31 21.41 97.48
N ILE GA 637 -40.03 22.68 97.76
CA ILE GA 637 -40.09 23.11 99.16
C ILE GA 637 -41.51 22.99 99.69
N GLU GA 638 -42.47 23.48 98.92
CA GLU GA 638 -43.82 23.63 99.44
C GLU GA 638 -44.54 22.29 99.56
N ALA GA 639 -44.37 21.42 98.57
CA ALA GA 639 -45.16 20.20 98.58
C ALA GA 639 -44.56 19.14 99.50
N GLU GA 640 -43.35 18.69 99.20
CA GLU GA 640 -42.87 17.45 99.77
C GLU GA 640 -42.62 17.55 101.27
N ARG GA 641 -41.92 18.61 101.69
CA ARG GA 641 -41.64 18.77 103.11
C ARG GA 641 -42.93 18.87 103.90
N ALA GA 642 -43.92 19.59 103.36
CA ALA GA 642 -45.21 19.68 104.02
C ALA GA 642 -45.87 18.31 104.14
N ARG GA 643 -45.79 17.49 103.09
CA ARG GA 643 -46.35 16.15 103.17
C ARG GA 643 -45.66 15.34 104.25
N ALA GA 644 -44.34 15.46 104.35
CA ALA GA 644 -43.63 14.73 105.39
C ALA GA 644 -44.12 15.15 106.77
N ALA GA 645 -44.22 16.46 107.00
CA ALA GA 645 -44.68 16.93 108.29
C ALA GA 645 -46.06 16.39 108.60
N HIS GA 646 -46.95 16.42 107.62
CA HIS GA 646 -48.31 15.94 107.83
C HIS GA 646 -48.30 14.47 108.21
N TYR GA 647 -47.52 13.66 107.52
CA TYR GA 647 -47.52 12.23 107.79
C TYR GA 647 -46.94 11.92 109.17
N MET GA 648 -45.86 12.61 109.56
CA MET GA 648 -45.33 12.38 110.89
C MET GA 648 -46.33 12.77 111.96
N SER GA 649 -47.03 13.89 111.75
CA SER GA 649 -48.06 14.28 112.71
C SER GA 649 -49.14 13.20 112.81
N GLY GA 650 -49.56 12.66 111.67
CA GLY GA 650 -50.55 11.60 111.71
C GLY GA 650 -50.07 10.38 112.48
N ALA GA 651 -48.82 10.00 112.27
CA ALA GA 651 -48.28 8.85 112.99
C ALA GA 651 -48.29 9.08 114.50
N GLY GA 652 -47.87 10.28 114.92
CA GLY GA 652 -47.94 10.60 116.34
C GLY GA 652 -49.35 10.52 116.87
N LEU GA 653 -50.32 10.99 116.08
CA LEU GA 653 -51.71 10.95 116.53
C LEU GA 653 -52.18 9.52 116.73
N GLN GA 654 -51.85 8.62 115.80
CA GLN GA 654 -52.25 7.22 115.98
C GLN GA 654 -51.62 6.63 117.24
N ASP GA 655 -50.33 6.88 117.44
CA ASP GA 655 -49.67 6.36 118.62
C ASP GA 655 -50.32 6.90 119.88
N SER GA 656 -50.86 8.11 119.84
CA SER GA 656 -51.61 8.61 120.97
C SER GA 656 -52.93 7.87 121.13
N LYS GA 657 -53.66 7.64 120.03
CA LYS GA 657 -54.98 7.03 120.11
C LYS GA 657 -54.95 5.62 120.67
N VAL GA 658 -53.79 4.96 120.58
CA VAL GA 658 -53.70 3.60 121.14
C VAL GA 658 -54.12 3.58 122.60
N GLY GA 659 -53.65 4.56 123.39
CA GLY GA 659 -53.98 4.57 124.81
C GLY GA 659 -55.46 4.72 125.07
N THR GA 660 -56.13 5.58 124.30
CA THR GA 660 -57.56 5.72 124.45
C THR GA 660 -58.27 4.41 124.15
N GLU GA 661 -57.78 3.67 123.15
CA GLU GA 661 -58.35 2.36 122.90
C GLU GA 661 -58.22 1.46 124.13
N GLN GA 662 -57.04 1.46 124.74
CA GLN GA 662 -56.85 0.65 125.95
C GLN GA 662 -57.86 1.02 127.02
N ALA GA 663 -58.02 2.33 127.25
CA ALA GA 663 -58.93 2.78 128.30
C ALA GA 663 -60.36 2.38 128.02
N LYS GA 664 -60.78 2.49 126.76
CA LYS GA 664 -62.14 2.07 126.41
C LYS GA 664 -62.35 0.60 126.69
N ALA GA 665 -61.37 -0.22 126.34
CA ALA GA 665 -61.49 -1.66 126.60
C ALA GA 665 -61.67 -1.93 128.08
N ARG GA 666 -60.84 -1.29 128.91
CA ARG GA 666 -60.93 -1.53 130.35
C ARG GA 666 -62.29 -1.11 130.90
N ALA GA 667 -62.76 0.08 130.48
CA ALA GA 667 -64.02 0.58 131.01
C ALA GA 667 -65.18 -0.35 130.64
N LEU GA 668 -65.21 -0.82 129.38
CA LEU GA 668 -66.29 -1.71 128.99
C LEU GA 668 -66.23 -3.02 129.76
N ALA GA 669 -65.02 -3.54 130.01
CA ALA GA 669 -64.92 -4.74 130.83
C ALA GA 669 -65.54 -4.52 132.20
N SER GA 670 -65.23 -3.38 132.82
CA SER GA 670 -65.79 -3.10 134.14
C SER GA 670 -67.31 -3.02 134.10
N GLN GA 671 -67.85 -2.39 133.07
CA GLN GA 671 -69.31 -2.28 132.97
C GLN GA 671 -69.95 -3.66 132.83
N ALA GA 672 -69.33 -4.53 132.02
CA ALA GA 672 -69.86 -5.88 131.89
C ALA GA 672 -69.84 -6.61 133.23
N ASP GA 673 -68.78 -6.41 134.01
CA ASP GA 673 -68.72 -7.02 135.33
C ASP GA 673 -69.87 -6.54 136.22
N MET GA 674 -70.14 -5.24 136.20
CA MET GA 674 -71.26 -4.71 136.97
C MET GA 674 -72.57 -5.36 136.57
N THR GA 675 -72.80 -5.47 135.25
CA THR GA 675 -74.05 -6.06 134.79
C THR GA 675 -74.18 -7.50 135.24
N ASP GA 676 -73.08 -8.27 135.15
CA ASP GA 676 -73.12 -9.66 135.59
C ASP GA 676 -73.43 -9.75 137.08
N LEU GA 677 -72.85 -8.86 137.88
CA LEU GA 677 -73.13 -8.86 139.32
C LEU GA 677 -74.62 -8.62 139.58
N ASN GA 678 -75.19 -7.63 138.91
CA ASN GA 678 -76.61 -7.34 139.13
C ASN GA 678 -77.48 -8.51 138.70
N PHE GA 679 -77.12 -9.17 137.60
CA PHE GA 679 -77.85 -10.35 137.16
C PHE GA 679 -77.82 -11.43 138.22
N LEU GA 680 -76.63 -11.69 138.78
CA LEU GA 680 -76.51 -12.70 139.81
C LEU GA 680 -77.37 -12.36 141.02
N GLU GA 681 -77.35 -11.09 141.43
CA GLU GA 681 -78.16 -10.69 142.58
C GLU GA 681 -79.64 -10.90 142.33
N GLN GA 682 -80.14 -10.43 141.18
CA GLN GA 682 -81.56 -10.62 140.87
C GLN GA 682 -81.92 -12.09 140.83
N GLU GA 683 -80.98 -12.95 140.42
CA GLU GA 683 -81.24 -14.37 140.55
C GLU GA 683 -80.97 -14.80 141.99
N SER GA 684 -81.98 -14.60 142.84
CA SER GA 684 -82.02 -15.17 144.18
C SER GA 684 -80.82 -14.73 145.02
N GLY GA 685 -80.79 -13.43 145.32
CA GLY GA 685 -79.85 -12.94 146.30
C GLY GA 685 -80.34 -11.72 147.05
N VAL GA 686 -79.39 -10.86 147.42
CA VAL GA 686 -79.68 -9.66 148.19
C VAL GA 686 -80.73 -8.80 147.51
N GLN GA 687 -80.85 -8.92 146.19
CA GLN GA 687 -81.78 -8.09 145.44
C GLN GA 687 -83.19 -8.16 146.03
N GLN GA 688 -83.69 -9.36 146.28
CA GLN GA 688 -84.98 -9.51 146.93
C GLN GA 688 -84.86 -10.05 148.34
N ALA GA 689 -83.64 -10.22 148.85
CA ALA GA 689 -83.47 -10.54 150.26
C ALA GA 689 -83.51 -9.28 151.12
N ARG GA 690 -82.66 -8.31 150.80
CA ARG GA 690 -82.52 -7.13 151.66
C ARG GA 690 -83.71 -6.18 151.52
N LYS GA 691 -84.16 -5.94 150.29
CA LYS GA 691 -85.03 -4.79 150.03
C LYS GA 691 -86.29 -4.80 150.88
N ARG GA 692 -86.76 -5.96 151.32
CA ARG GA 692 -87.77 -5.95 152.37
C ARG GA 692 -87.12 -5.93 153.74
N GLU GA 693 -86.17 -6.84 153.97
CA GLU GA 693 -85.48 -6.97 155.25
C GLU GA 693 -85.16 -5.63 155.88
N LEU GA 694 -84.50 -4.76 155.11
CA LEU GA 694 -84.13 -3.43 155.60
C LEU GA 694 -85.31 -2.72 156.25
N GLN GA 695 -86.33 -2.43 155.44
CA GLN GA 695 -87.42 -1.59 155.93
C GLN GA 695 -88.24 -2.30 156.99
N GLN GA 696 -88.55 -3.58 156.80
CA GLN GA 696 -89.38 -4.29 157.76
C GLN GA 696 -88.68 -4.36 159.12
N ALA GA 697 -87.42 -4.77 159.13
CA ALA GA 697 -86.69 -4.87 160.39
C ALA GA 697 -86.56 -3.51 161.04
N GLN GA 698 -86.18 -2.48 160.27
CA GLN GA 698 -85.98 -1.17 160.86
C GLN GA 698 -87.27 -0.63 161.46
N SER GA 699 -88.34 -0.61 160.67
CA SER GA 699 -89.60 -0.04 161.14
C SER GA 699 -90.14 -0.83 162.33
N GLU GA 700 -90.15 -2.16 162.22
CA GLU GA 700 -90.67 -2.98 163.31
C GLU GA 700 -89.87 -2.77 164.58
N ALA GA 701 -88.54 -2.87 164.50
CA ALA GA 701 -87.72 -2.75 165.70
C ALA GA 701 -87.86 -1.37 166.31
N GLN GA 702 -87.82 -0.32 165.49
CA GLN GA 702 -87.90 1.03 166.02
C GLN GA 702 -89.24 1.26 166.70
N GLY GA 703 -90.34 0.94 166.00
CA GLY GA 703 -91.66 1.14 166.59
C GLY GA 703 -91.86 0.33 167.85
N LYS GA 704 -91.41 -0.93 167.84
CA LYS GA 704 -91.57 -1.80 169.00
C LYS GA 704 -90.78 -1.29 170.19
N LEU GA 705 -89.53 -0.86 169.96
CA LEU GA 705 -88.73 -0.36 171.07
C LEU GA 705 -89.30 0.94 171.63
N ALA GA 706 -89.74 1.85 170.75
CA ALA GA 706 -90.34 3.10 171.24
C ALA GA 706 -91.62 2.82 172.02
N MET GA 707 -92.46 1.93 171.50
CA MET GA 707 -93.73 1.67 172.15
C MET GA 707 -93.55 0.84 173.43
N LEU GA 708 -92.49 0.04 173.52
CA LEU GA 708 -92.14 -0.61 174.77
C LEU GA 708 -91.64 0.41 175.78
N ASN GA 709 -90.87 1.40 175.33
CA ASN GA 709 -90.50 2.50 176.20
C ASN GA 709 -91.71 3.32 176.62
N SER GA 710 -92.80 3.25 175.86
CA SER GA 710 -94.02 3.93 176.27
C SER GA 710 -94.53 3.40 177.60
N GLN GA 711 -94.51 2.08 177.80
CA GLN GA 711 -94.95 1.54 179.08
C GLN GA 711 -93.99 1.93 180.20
N LEU GA 712 -92.69 2.06 179.90
CA LEU GA 712 -91.76 2.55 180.90
C LEU GA 712 -92.09 3.99 181.30
N LYS GA 713 -92.39 4.83 180.31
CA LYS GA 713 -92.79 6.19 180.61
C LYS GA 713 -94.07 6.22 181.45
N ARG GA 714 -95.03 5.34 181.13
CA ARG GA 714 -96.27 5.31 181.89
C ARG GA 714 -96.04 4.81 183.31
N LEU GA 715 -95.14 3.84 183.49
CA LEU GA 715 -94.80 3.39 184.83
C LEU GA 715 -94.15 4.50 185.63
N ASP GA 716 -93.29 5.29 184.98
CA ASP GA 716 -92.73 6.46 185.65
C ASP GA 716 -93.83 7.46 186.02
N GLU GA 717 -94.80 7.65 185.11
CA GLU GA 717 -95.95 8.49 185.41
C GLU GA 717 -96.66 8.01 186.67
N ALA GA 718 -96.92 6.71 186.75
CA ALA GA 718 -97.65 6.15 187.89
C ALA GA 718 -96.85 6.30 189.17
N THR GA 719 -95.55 6.03 189.11
CA THR GA 719 -94.72 6.11 190.32
C THR GA 719 -94.39 7.54 190.73
N SER GA 720 -94.60 8.52 189.85
CA SER GA 720 -94.34 9.91 190.18
C SER GA 720 -95.60 10.66 190.60
N ALA GA 721 -96.60 10.69 189.73
CA ALA GA 721 -97.83 11.42 190.01
C ALA GA 721 -99.04 10.74 189.37
N ALA HA 2 87.59 -26.02 -88.90
CA ALA HA 2 87.33 -24.89 -88.03
C ALA HA 2 85.88 -24.92 -87.54
N VAL HA 3 85.28 -26.10 -87.53
CA VAL HA 3 83.88 -26.27 -87.17
C VAL HA 3 83.84 -26.92 -85.81
N GLU HA 4 83.64 -26.11 -84.77
CA GLU HA 4 83.41 -26.62 -83.43
C GLU HA 4 81.91 -26.78 -83.23
N PRO HA 5 81.42 -27.99 -82.96
CA PRO HA 5 79.97 -28.18 -82.87
C PRO HA 5 79.47 -27.74 -81.50
N ILE HA 6 78.59 -26.75 -81.48
CA ILE HA 6 78.00 -26.32 -80.23
C ILE HA 6 76.98 -27.36 -79.79
N THR HA 7 77.07 -27.79 -78.54
CA THR HA 7 76.27 -28.89 -78.05
C THR HA 7 75.56 -28.48 -76.77
N ILE HA 8 74.76 -29.41 -76.25
CA ILE HA 8 74.08 -29.20 -74.99
C ILE HA 8 75.10 -28.98 -73.88
N ALA HA 9 76.23 -29.67 -73.96
CA ALA HA 9 77.29 -29.44 -72.98
C ALA HA 9 77.79 -28.01 -73.06
N ASP HA 10 77.91 -27.48 -74.27
CA ASP HA 10 78.31 -26.09 -74.44
C ASP HA 10 77.29 -25.16 -73.81
N LEU HA 11 75.99 -25.43 -74.01
CA LEU HA 11 74.98 -24.58 -73.39
C LEU HA 11 75.04 -24.67 -71.87
N THR HA 12 74.97 -25.88 -71.34
CA THR HA 12 75.07 -26.11 -69.91
C THR HA 12 75.33 -27.58 -69.60
N GLU HA 13 76.38 -27.86 -68.84
CA GLU HA 13 76.51 -29.16 -68.24
C GLU HA 13 75.69 -29.19 -66.95
N VAL HA 14 75.33 -30.41 -66.53
CA VAL HA 14 74.29 -30.54 -65.53
C VAL HA 14 74.74 -30.05 -64.16
N LYS HA 15 76.04 -30.01 -63.91
CA LYS HA 15 76.52 -29.62 -62.58
C LYS HA 15 76.15 -28.19 -62.26
N LEU HA 16 76.00 -27.91 -60.95
CA LEU HA 16 75.68 -26.56 -60.51
C LEU HA 16 76.81 -25.60 -60.80
N ASP HA 17 78.06 -26.03 -60.58
CA ASP HA 17 79.23 -25.17 -60.73
C ASP HA 17 79.85 -25.28 -62.12
N GLY HA 18 79.09 -25.70 -63.12
CA GLY HA 18 79.64 -25.89 -64.44
C GLY HA 18 80.04 -24.58 -65.09
N LYS HA 19 80.44 -24.70 -66.36
CA LYS HA 19 80.87 -23.56 -67.15
C LYS HA 19 79.90 -23.21 -68.27
N GLY HA 20 78.73 -23.82 -68.27
CA GLY HA 20 77.73 -23.46 -69.26
C GLY HA 20 77.26 -22.03 -69.10
N ALA HA 21 76.77 -21.48 -70.21
CA ALA HA 21 76.31 -20.09 -70.18
C ALA HA 21 75.18 -19.90 -69.20
N LEU HA 22 74.20 -20.81 -69.22
CA LEU HA 22 73.11 -20.74 -68.26
C LEU HA 22 73.63 -20.82 -66.84
N ASP HA 23 74.59 -21.71 -66.60
CA ASP HA 23 75.13 -21.88 -65.26
C ASP HA 23 75.78 -20.60 -64.77
N GLN HA 24 76.57 -19.95 -65.62
CA GLN HA 24 77.31 -18.79 -65.14
C GLN HA 24 76.39 -17.58 -65.00
N LEU HA 25 75.38 -17.45 -65.85
CA LEU HA 25 74.41 -16.39 -65.66
C LEU HA 25 73.67 -16.58 -64.34
N LEU HA 26 73.26 -17.81 -64.04
CA LEU HA 26 72.61 -18.05 -62.76
C LEU HA 26 73.54 -17.75 -61.60
N GLN HA 27 74.83 -18.08 -61.76
CA GLN HA 27 75.79 -17.81 -60.69
C GLN HA 27 75.93 -16.32 -60.43
N VAL HA 28 76.00 -15.50 -61.49
CA VAL HA 28 76.16 -14.08 -61.26
C VAL HA 28 74.90 -13.49 -60.64
N THR HA 29 73.73 -13.98 -61.06
CA THR HA 29 72.50 -13.54 -60.41
C THR HA 29 72.51 -13.89 -58.93
N ARG HA 30 72.97 -15.10 -58.61
CA ARG HA 30 73.05 -15.51 -57.22
C ARG HA 30 73.99 -14.61 -56.45
N LEU HA 31 75.12 -14.22 -57.03
CA LEU HA 31 76.06 -13.37 -56.31
C LEU HA 31 75.44 -12.01 -56.02
N HIS HA 32 74.78 -11.43 -57.00
CA HIS HA 32 74.17 -10.12 -56.76
C HIS HA 32 73.11 -10.21 -55.66
N LEU HA 33 72.26 -11.23 -55.73
CA LEU HA 33 71.25 -11.39 -54.70
C LEU HA 33 71.88 -11.67 -53.33
N ALA HA 34 72.98 -12.40 -53.31
CA ALA HA 34 73.64 -12.70 -52.04
C ALA HA 34 74.18 -11.45 -51.40
N LYS HA 35 74.83 -10.58 -52.19
CA LYS HA 35 75.29 -9.32 -51.60
C LYS HA 35 74.11 -8.48 -51.13
N GLU HA 36 73.02 -8.48 -51.89
CA GLU HA 36 71.86 -7.70 -51.46
C GLU HA 36 71.32 -8.21 -50.12
N HIS HA 37 71.26 -9.52 -49.95
CA HIS HA 37 70.78 -10.07 -48.68
C HIS HA 37 71.77 -9.83 -47.56
N ASP HA 38 73.06 -9.86 -47.86
CA ASP HA 38 74.05 -9.60 -46.83
C ASP HA 38 73.91 -8.19 -46.29
N ALA HA 39 73.73 -7.23 -47.17
CA ALA HA 39 73.25 -5.94 -46.70
C ALA HA 39 71.82 -6.10 -46.22
N GLY HA 40 71.40 -5.23 -45.31
CA GLY HA 40 70.08 -5.39 -44.75
C GLY HA 40 68.98 -4.98 -45.71
N ARG HA 41 68.80 -5.71 -46.79
CA ARG HA 41 67.82 -5.30 -47.78
C ARG HA 41 66.94 -6.42 -48.34
N LEU HA 42 67.25 -7.68 -48.14
CA LEU HA 42 66.42 -8.77 -48.63
C LEU HA 42 66.19 -9.80 -47.53
N LYS HA 43 64.96 -10.30 -47.44
CA LYS HA 43 64.71 -11.47 -46.65
C LYS HA 43 65.02 -12.72 -47.46
N GLY HA 44 65.01 -13.86 -46.80
CA GLY HA 44 65.37 -15.08 -47.47
C GLY HA 44 64.33 -15.65 -48.40
N GLN HA 45 63.20 -14.97 -48.57
CA GLN HA 45 62.13 -15.45 -49.43
C GLN HA 45 62.03 -14.72 -50.76
N GLU HA 46 62.24 -13.40 -50.76
CA GLU HA 46 62.35 -12.71 -52.04
C GLU HA 46 63.52 -13.25 -52.84
N TYR HA 47 64.56 -13.72 -52.15
CA TYR HA 47 65.69 -14.35 -52.83
C TYR HA 47 65.22 -15.51 -53.69
N ALA HA 48 64.33 -16.35 -53.15
CA ALA HA 48 63.84 -17.47 -53.94
C ALA HA 48 62.85 -17.00 -55.00
N ALA HA 49 62.00 -16.04 -54.65
CA ALA HA 49 60.97 -15.60 -55.58
C ALA HA 49 61.58 -15.03 -56.85
N VAL HA 50 62.59 -14.17 -56.70
CA VAL HA 50 63.20 -13.54 -57.86
C VAL HA 50 63.85 -14.58 -58.75
N LEU HA 51 64.58 -15.50 -58.15
CA LEU HA 51 65.28 -16.52 -58.94
C LEU HA 51 64.29 -17.37 -59.73
N THR HA 52 63.25 -17.86 -59.05
CA THR HA 52 62.28 -18.71 -59.73
C THR HA 52 61.58 -17.95 -60.83
N GLY HA 53 61.26 -16.68 -60.61
CA GLY HA 53 60.68 -15.89 -61.68
C GLY HA 53 61.62 -15.73 -62.85
N GLY HA 54 62.92 -15.60 -62.58
CA GLY HA 54 63.86 -15.28 -63.62
C GLY HA 54 64.26 -16.45 -64.50
N ILE HA 55 64.18 -17.68 -63.97
CA ILE HA 55 64.72 -18.86 -64.63
C ILE HA 55 64.48 -18.90 -66.13
N THR HA 56 63.21 -18.81 -66.55
CA THR HA 56 62.90 -19.03 -67.96
C THR HA 56 63.40 -17.87 -68.83
N ALA HA 57 63.31 -16.65 -68.35
CA ALA HA 57 63.82 -15.52 -69.12
C ALA HA 57 65.32 -15.63 -69.30
N VAL HA 58 66.03 -16.02 -68.24
CA VAL HA 58 67.47 -16.22 -68.36
C VAL HA 58 67.78 -17.30 -69.38
N LEU HA 59 67.00 -18.38 -69.36
CA LEU HA 59 67.21 -19.45 -70.34
C LEU HA 59 67.04 -18.93 -71.75
N GLN HA 60 65.98 -18.17 -72.00
CA GLN HA 60 65.73 -17.66 -73.34
C GLN HA 60 66.86 -16.73 -73.79
N ASN HA 61 67.32 -15.86 -72.89
CA ASN HA 61 68.41 -14.96 -73.27
C ASN HA 61 69.68 -15.73 -73.58
N ALA HA 62 70.00 -16.76 -72.80
CA ALA HA 62 71.20 -17.53 -73.08
C ALA HA 62 71.10 -18.24 -74.42
N VAL HA 63 69.94 -18.80 -74.74
CA VAL HA 63 69.78 -19.46 -76.02
C VAL HA 63 69.94 -18.45 -77.15
N MET HA 64 69.36 -17.26 -77.01
CA MET HA 64 69.57 -16.22 -78.00
C MET HA 64 71.05 -15.89 -78.14
N PHE HA 65 71.78 -15.89 -77.03
CA PHE HA 65 73.17 -15.47 -77.07
C PHE HA 65 74.04 -16.48 -77.80
N LEU HA 66 73.87 -17.76 -77.50
CA LEU HA 66 74.79 -18.77 -78.05
C LEU HA 66 74.71 -18.82 -79.57
N LEU HA 67 73.51 -18.74 -80.13
CA LEU HA 67 73.37 -18.89 -81.57
C LEU HA 67 74.08 -17.76 -82.32
N GLN HA 68 73.90 -16.53 -81.87
CA GLN HA 68 74.46 -15.39 -82.60
C GLN HA 68 75.87 -15.03 -82.17
N LYS HA 69 76.38 -15.60 -81.08
CA LYS HA 69 77.65 -15.18 -80.54
C LYS HA 69 78.79 -15.27 -81.56
N ASP HA 70 79.09 -16.49 -81.98
CA ASP HA 70 80.36 -16.74 -82.67
C ASP HA 70 80.46 -16.01 -84.00
N GLU HA 71 79.41 -16.06 -84.81
CA GLU HA 71 79.55 -15.62 -86.20
C GLU HA 71 79.67 -14.10 -86.34
N ALA HA 72 79.33 -13.35 -85.29
CA ALA HA 72 79.39 -11.89 -85.40
C ALA HA 72 80.81 -11.40 -85.62
N ALA HA 73 81.76 -11.94 -84.86
CA ALA HA 73 83.15 -11.53 -85.04
C ALA HA 73 83.64 -11.89 -86.44
N ASN HA 74 83.25 -13.06 -86.93
CA ASN HA 74 83.62 -13.45 -88.28
C ASN HA 74 83.06 -12.47 -89.29
N LYS HA 75 81.81 -12.05 -89.11
CA LYS HA 75 81.21 -11.08 -90.02
C LYS HA 75 82.00 -9.78 -90.00
N ALA HA 76 82.39 -9.33 -88.81
CA ALA HA 76 83.16 -8.08 -88.73
C ALA HA 76 84.49 -8.18 -89.46
N ALA HA 77 85.19 -9.30 -89.27
CA ALA HA 77 86.47 -9.46 -89.96
C ALA HA 77 86.26 -9.48 -91.47
N LEU HA 78 85.20 -10.13 -91.93
CA LEU HA 78 84.89 -10.13 -93.36
C LEU HA 78 84.67 -8.70 -93.85
N VAL HA 79 83.97 -7.89 -93.06
CA VAL HA 79 83.70 -6.52 -93.47
C VAL HA 79 84.98 -5.72 -93.60
N GLU HA 80 85.89 -5.85 -92.63
CA GLU HA 80 87.11 -5.06 -92.74
C GLU HA 80 87.99 -5.54 -93.90
N ALA HA 81 87.98 -6.84 -94.19
CA ALA HA 81 88.67 -7.31 -95.38
C ALA HA 81 88.08 -6.67 -96.63
N GLN HA 82 86.75 -6.58 -96.70
CA GLN HA 82 86.13 -5.90 -97.82
C GLN HA 82 86.54 -4.43 -97.87
N ILE HA 83 86.77 -3.81 -96.71
CA ILE HA 83 87.23 -2.44 -96.68
C ILE HA 83 88.56 -2.30 -97.40
N LYS HA 84 89.50 -3.20 -97.07
CA LYS HA 84 90.80 -3.16 -97.76
C LYS HA 84 90.63 -3.41 -99.25
N LEU HA 85 89.74 -4.33 -99.61
CA LEU HA 85 89.51 -4.61 -101.02
C LEU HA 85 89.02 -3.38 -101.76
N THR HA 86 88.09 -2.64 -101.17
CA THR HA 86 87.61 -1.41 -101.79
C THR HA 86 88.71 -0.37 -101.89
N GLU HA 87 89.60 -0.32 -100.88
CA GLU HA 87 90.76 0.55 -100.99
C GLU HA 87 91.52 0.25 -102.28
N LYS HA 88 91.79 -1.02 -102.52
CA LYS HA 88 92.59 -1.39 -103.69
C LYS HA 88 91.84 -1.12 -104.99
N GLN HA 89 90.53 -1.35 -105.02
CA GLN HA 89 89.77 -1.03 -106.22
C GLN HA 89 89.82 0.46 -106.51
N GLY HA 90 89.72 1.29 -105.48
CA GLY HA 90 89.82 2.72 -105.69
C GLY HA 90 91.18 3.11 -106.25
N GLU HA 91 92.24 2.50 -105.74
CA GLU HA 91 93.57 2.78 -106.28
C GLU HA 91 93.65 2.39 -107.75
N LEU HA 92 93.10 1.24 -108.10
CA LEU HA 92 93.15 0.81 -109.50
C LEU HA 92 92.40 1.79 -110.39
N LEU HA 93 91.26 2.29 -109.95
CA LEU HA 93 90.54 3.25 -110.79
C LEU HA 93 91.29 4.57 -110.89
N ASP HA 94 92.02 4.94 -109.83
CA ASP HA 94 92.88 6.11 -109.91
C ASP HA 94 93.93 5.91 -110.99
N LYS HA 95 94.44 4.69 -111.11
CA LYS HA 95 95.32 4.39 -112.24
C LYS HA 95 94.57 4.47 -113.57
N GLN HA 96 93.30 4.05 -113.55
CA GLN HA 96 92.50 3.95 -114.76
C GLN HA 96 92.32 5.31 -115.43
N ILE HA 97 92.05 6.36 -114.64
CA ILE HA 97 91.76 7.66 -115.24
C ILE HA 97 92.98 8.18 -115.99
N ALA HA 98 94.16 8.08 -115.37
CA ALA HA 98 95.37 8.54 -116.02
C ALA HA 98 95.69 7.69 -117.25
N GLN HA 99 95.48 6.37 -117.15
CA GLN HA 99 95.71 5.52 -118.30
C GLN HA 99 94.86 5.95 -119.49
N ALA HA 100 93.57 6.18 -119.26
CA ALA HA 100 92.69 6.59 -120.35
C ALA HA 100 93.09 7.94 -120.91
N ASP HA 101 93.43 8.88 -120.03
CA ASP HA 101 93.80 10.21 -120.49
C ASP HA 101 95.03 10.17 -121.38
N LYS HA 102 96.01 9.33 -121.02
CA LYS HA 102 97.14 9.12 -121.91
C LYS HA 102 96.73 8.40 -123.19
N ASP HA 103 95.75 7.51 -123.12
CA ASP HA 103 95.25 6.80 -124.28
C ASP HA 103 94.45 7.69 -125.22
N ALA HA 104 94.16 8.92 -124.82
CA ALA HA 104 93.20 9.76 -125.55
C ALA HA 104 93.50 9.83 -127.05
N GLU HA 105 94.75 10.11 -127.43
CA GLU HA 105 95.05 10.54 -128.81
C GLU HA 105 95.21 9.39 -129.80
N LEU HA 106 95.22 8.14 -129.34
CA LEU HA 106 95.34 7.03 -130.28
C LEU HA 106 94.21 7.06 -131.30
N ILE HA 107 93.02 7.48 -130.88
CA ILE HA 107 91.91 7.59 -131.82
C ILE HA 107 92.21 8.67 -132.85
N ALA HA 108 92.88 9.75 -132.44
CA ALA HA 108 93.26 10.79 -133.40
C ALA HA 108 94.25 10.25 -134.42
N ALA HA 109 95.21 9.43 -133.97
CA ALA HA 109 96.12 8.79 -134.90
C ALA HA 109 95.36 7.93 -135.89
N LYS HA 110 94.39 7.15 -135.38
CA LYS HA 110 93.57 6.33 -136.26
C LYS HA 110 92.80 7.19 -137.25
N VAL HA 111 92.34 8.36 -136.79
CA VAL HA 111 91.66 9.31 -137.67
C VAL HA 111 92.57 9.71 -138.81
N LYS HA 112 93.83 10.01 -138.49
CA LYS HA 112 94.75 10.42 -139.56
C LYS HA 112 95.00 9.27 -140.54
N LEU HA 113 95.11 8.05 -140.01
CA LEU HA 113 95.19 6.88 -140.89
C LEU HA 113 94.03 6.88 -141.89
N THR HA 114 92.81 7.01 -141.36
CA THR HA 114 91.63 6.98 -142.21
C THR HA 114 91.67 8.09 -143.25
N LEU HA 115 91.99 9.31 -142.82
CA LEU HA 115 92.04 10.46 -143.72
C LEU HA 115 93.00 10.22 -144.87
N GLU HA 116 94.23 9.80 -144.56
CA GLU HA 116 95.22 9.59 -145.61
C GLU HA 116 94.79 8.48 -146.56
N GLN HA 117 94.33 7.36 -145.99
CA GLN HA 117 93.95 6.22 -146.83
C GLN HA 117 92.79 6.58 -147.75
N ALA HA 118 91.81 7.32 -147.24
CA ALA HA 118 90.69 7.73 -148.09
C ALA HA 118 91.14 8.69 -149.18
N LYS HA 119 91.91 9.71 -148.80
CA LYS HA 119 92.26 10.75 -149.76
C LYS HA 119 93.09 10.18 -150.90
N LEU HA 120 94.18 9.47 -150.58
CA LEU HA 120 95.09 9.07 -151.63
C LEU HA 120 94.56 7.90 -152.45
N PRO HA 121 94.33 6.76 -151.80
CA PRO HA 121 94.20 5.49 -152.53
C PRO HA 121 93.05 5.45 -153.52
N ASP HA 122 91.83 5.72 -153.04
CA ASP HA 122 90.65 5.55 -153.88
C ASP HA 122 90.75 6.37 -155.16
N SER HA 123 90.85 7.70 -155.02
CA SER HA 123 90.85 8.57 -156.19
C SER HA 123 92.07 8.33 -157.06
N GLN HA 124 93.26 8.19 -156.45
CA GLN HA 124 94.47 8.01 -157.24
C GLN HA 124 94.37 6.74 -158.09
N ILE HA 125 94.01 5.63 -157.46
CA ILE HA 125 93.89 4.37 -158.17
C ILE HA 125 92.82 4.48 -159.25
N ARG HA 126 91.67 5.06 -158.93
CA ARG HA 126 90.61 5.21 -159.91
C ARG HA 126 91.13 5.90 -161.16
N SER HA 127 91.64 7.13 -161.00
CA SER HA 127 92.05 7.90 -162.17
C SER HA 127 93.16 7.20 -162.94
N ALA HA 128 94.24 6.82 -162.25
CA ALA HA 128 95.41 6.27 -162.94
C ALA HA 128 95.07 4.96 -163.63
N GLY HA 129 94.43 4.03 -162.90
CA GLY HA 129 94.07 2.77 -163.50
C GLY HA 129 93.12 2.92 -164.68
N PHE HA 130 92.11 3.77 -164.54
CA PHE HA 130 91.17 3.96 -165.63
C PHE HA 130 91.87 4.44 -166.89
N GLN HA 131 92.66 5.51 -166.76
CA GLN HA 131 93.32 6.07 -167.94
C GLN HA 131 94.28 5.06 -168.56
N ASP HA 132 95.14 4.46 -167.72
CA ASP HA 132 96.15 3.55 -168.24
C ASP HA 132 95.51 2.33 -168.89
N LEU HA 133 94.53 1.74 -168.23
CA LEU HA 133 93.88 0.54 -168.77
C LEU HA 133 93.17 0.85 -170.08
N LEU HA 134 92.45 1.97 -170.15
CA LEU HA 134 91.74 2.30 -171.38
C LEU HA 134 92.70 2.51 -172.53
N VAL HA 135 93.76 3.30 -172.30
CA VAL HA 135 94.70 3.59 -173.38
C VAL HA 135 95.39 2.31 -173.83
N GLN HA 136 95.88 1.51 -172.87
CA GLN HA 136 96.59 0.28 -173.22
C GLN HA 136 95.68 -0.71 -173.93
N GLU HA 137 94.43 -0.82 -173.49
CA GLU HA 137 93.50 -1.74 -174.14
C GLU HA 137 93.21 -1.32 -175.57
N GLN HA 138 92.99 -0.02 -175.80
CA GLN HA 138 92.74 0.44 -177.16
C GLN HA 138 93.95 0.20 -178.06
N THR HA 139 95.15 0.52 -177.55
CA THR HA 139 96.35 0.31 -178.34
C THR HA 139 96.58 -1.16 -178.63
N LYS HA 140 96.36 -2.02 -177.63
CA LYS HA 140 96.56 -3.45 -177.83
C LYS HA 140 95.54 -4.03 -178.81
N VAL HA 141 94.30 -3.56 -178.76
CA VAL HA 141 93.30 -4.02 -179.71
C VAL HA 141 93.69 -3.63 -181.13
N GLN HA 142 94.11 -2.38 -181.31
CA GLN HA 142 94.54 -1.94 -182.64
C GLN HA 142 95.74 -2.74 -183.13
N THR HA 143 96.71 -2.98 -182.24
CA THR HA 143 97.90 -3.74 -182.62
C THR HA 143 97.54 -5.17 -182.98
N ALA HA 144 96.61 -5.79 -182.24
CA ALA HA 144 96.19 -7.14 -182.56
C ALA HA 144 95.49 -7.20 -183.90
N GLN HA 145 94.64 -6.21 -184.19
CA GLN HA 145 94.00 -6.18 -185.51
C GLN HA 145 95.02 -6.03 -186.62
N THR HA 146 96.01 -5.15 -186.44
CA THR HA 146 97.04 -4.96 -187.45
C THR HA 146 97.85 -6.23 -187.64
N ARG HA 147 98.19 -6.91 -186.55
CA ARG HA 147 98.95 -8.15 -186.65
C ARG HA 147 98.15 -9.23 -187.36
N ARG HA 148 96.84 -9.29 -187.08
CA ARG HA 148 95.99 -10.25 -187.79
C ARG HA 148 95.97 -9.96 -189.27
N ILE HA 149 95.86 -8.68 -189.65
CA ILE HA 149 95.86 -8.32 -191.06
C ILE HA 149 97.18 -8.71 -191.71
N ASP HA 150 98.30 -8.42 -191.05
CA ASP HA 150 99.61 -8.74 -191.62
C ASP HA 150 99.80 -10.25 -191.76
N GLN HA 151 99.37 -11.01 -190.74
CA GLN HA 151 99.48 -12.46 -190.82
C GLN HA 151 98.62 -13.02 -191.95
N GLU HA 152 97.42 -12.47 -192.13
CA GLU HA 152 96.58 -12.89 -193.23
C GLU HA 152 97.22 -12.58 -194.58
N ILE HA 153 97.85 -11.41 -194.70
CA ILE HA 153 98.52 -11.04 -195.94
C ILE HA 153 99.68 -12.00 -196.23
N LEU HA 154 100.48 -12.30 -195.19
CA LEU HA 154 101.59 -13.21 -195.37
C LEU HA 154 101.10 -14.61 -195.75
N SER HA 155 100.02 -15.08 -195.12
CA SER HA 155 99.48 -16.38 -195.44
C SER HA 155 98.95 -16.44 -196.87
N ALA HA 156 98.28 -15.37 -197.31
CA ALA HA 156 97.80 -15.31 -198.69
C ALA HA 156 98.95 -15.30 -199.67
N GLY HA 157 100.02 -14.56 -199.37
CA GLY HA 157 101.19 -14.57 -200.24
C GLY HA 157 101.86 -15.92 -200.28
N PHE HA 158 101.86 -16.64 -199.17
CA PHE HA 158 102.48 -17.95 -199.09
C PHE HA 158 101.74 -18.96 -199.96
N THR IA 2 68.53 -16.96 -11.71
CA THR IA 2 67.80 -16.17 -12.69
C THR IA 2 68.68 -15.87 -13.91
N ILE IA 3 69.52 -16.82 -14.28
CA ILE IA 3 70.55 -16.59 -15.29
C ILE IA 3 70.35 -17.54 -16.46
N GLN IA 4 70.85 -17.12 -17.62
CA GLN IA 4 70.88 -17.93 -18.82
C GLN IA 4 72.15 -17.63 -19.58
N LEU IA 5 72.75 -18.66 -20.15
CA LEU IA 5 73.92 -18.46 -20.99
C LEU IA 5 73.51 -17.77 -22.28
N LYS IA 6 74.32 -16.82 -22.73
CA LYS IA 6 74.06 -16.14 -24.00
C LYS IA 6 74.06 -17.13 -25.15
N GLN IA 7 74.81 -18.21 -25.01
CA GLN IA 7 74.93 -19.19 -26.08
C GLN IA 7 73.56 -19.73 -26.46
N VAL IA 8 72.80 -20.20 -25.47
CA VAL IA 8 71.48 -20.76 -25.74
C VAL IA 8 70.59 -19.72 -26.39
N ILE IA 9 70.71 -18.47 -25.93
CA ILE IA 9 69.84 -17.42 -26.46
C ILE IA 9 70.09 -17.25 -27.95
N ASP IA 10 71.36 -17.13 -28.32
CA ASP IA 10 71.67 -16.90 -29.73
C ASP IA 10 71.31 -18.12 -30.57
N LEU IA 11 71.55 -19.32 -30.05
CA LEU IA 11 71.19 -20.51 -30.81
C LEU IA 11 69.71 -20.56 -31.08
N LEU IA 12 68.89 -20.19 -30.10
CA LEU IA 12 67.45 -20.21 -30.33
C LEU IA 12 67.03 -19.08 -31.27
N ALA IA 13 67.56 -17.87 -31.06
CA ALA IA 13 67.20 -16.74 -31.91
C ALA IA 13 67.63 -16.96 -33.34
N GLU IA 14 68.53 -17.91 -33.58
CA GLU IA 14 68.78 -18.35 -34.94
C GLU IA 14 67.50 -18.86 -35.59
N GLY IA 15 66.64 -19.55 -34.83
CA GLY IA 15 65.47 -20.15 -35.40
C GLY IA 15 64.38 -19.17 -35.83
N GLU IA 16 64.50 -17.91 -35.44
CA GLU IA 16 63.54 -16.89 -35.83
C GLU IA 16 64.17 -15.72 -36.57
N LEU IA 17 65.49 -15.58 -36.54
CA LEU IA 17 66.19 -14.59 -37.34
C LEU IA 17 66.83 -15.22 -38.56
N SER IA 18 66.41 -16.43 -38.93
CA SER IA 18 67.06 -17.14 -40.02
C SER IA 18 66.79 -16.49 -41.38
N ASN IA 19 65.81 -15.60 -41.47
CA ASN IA 19 65.49 -14.97 -42.75
C ASN IA 19 66.51 -13.92 -43.16
N ILE IA 20 67.27 -13.36 -42.22
CA ILE IA 20 67.88 -12.06 -42.47
C ILE IA 20 69.39 -12.10 -42.26
N LYS IA 21 70.02 -10.92 -42.37
CA LYS IA 21 71.47 -10.84 -42.34
C LYS IA 21 72.05 -11.22 -40.98
N TYR IA 22 71.30 -11.00 -39.90
CA TYR IA 22 71.92 -10.92 -38.58
C TYR IA 22 72.69 -12.17 -38.23
N VAL IA 23 72.28 -13.31 -38.74
CA VAL IA 23 72.77 -14.56 -38.19
C VAL IA 23 73.21 -15.50 -39.28
N ASN IA 24 72.91 -15.19 -40.53
CA ASN IA 24 73.07 -16.20 -41.56
C ASN IA 24 73.82 -15.69 -42.77
N ILE IA 25 74.86 -16.43 -43.14
CA ILE IA 25 75.31 -16.43 -44.52
C ILE IA 25 74.29 -17.18 -45.35
N ASP IA 26 74.05 -16.71 -46.58
CA ASP IA 26 73.09 -17.39 -47.43
C ASP IA 26 73.47 -18.85 -47.65
N THR IA 27 74.76 -19.15 -47.61
CA THR IA 27 75.26 -20.51 -47.77
C THR IA 27 75.88 -20.97 -46.46
N GLY IA 28 75.44 -22.13 -45.98
CA GLY IA 28 75.92 -22.64 -44.72
C GLY IA 28 75.63 -21.67 -43.60
N ALA IA 29 74.36 -21.52 -43.25
CA ALA IA 29 73.92 -20.49 -42.31
C ALA IA 29 74.64 -20.59 -40.97
N LEU IA 30 75.48 -19.60 -40.67
CA LEU IA 30 76.24 -19.58 -39.43
C LEU IA 30 76.30 -18.16 -38.90
N VAL IA 31 76.35 -18.05 -37.57
CA VAL IA 31 76.25 -16.73 -36.94
C VAL IA 31 77.37 -15.83 -37.43
N LEU IA 32 76.99 -14.59 -37.76
CA LEU IA 32 77.96 -13.57 -38.17
C LEU IA 32 78.61 -12.94 -36.95
N GLU IA 33 79.24 -11.78 -37.14
CA GLU IA 33 79.81 -11.05 -36.02
C GLU IA 33 79.15 -9.69 -35.86
N ARG IA 34 77.82 -9.67 -35.88
CA ARG IA 34 77.02 -8.55 -35.42
C ARG IA 34 76.53 -8.77 -33.99
N VAL IA 35 77.20 -9.66 -33.27
CA VAL IA 35 76.89 -9.99 -31.89
C VAL IA 35 76.86 -8.75 -31.02
N PRO IA 36 77.74 -7.75 -31.20
CA PRO IA 36 77.57 -6.51 -30.43
C PRO IA 36 76.19 -5.89 -30.57
N SER IA 37 75.68 -5.78 -31.80
CA SER IA 37 74.35 -5.21 -31.98
C SER IA 37 73.29 -6.10 -31.36
N LEU IA 38 73.43 -7.41 -31.51
CA LEU IA 38 72.46 -8.31 -30.87
C LEU IA 38 72.42 -8.10 -29.36
N ILE IA 39 73.59 -8.00 -28.73
CA ILE IA 39 73.63 -7.82 -27.29
C ILE IA 39 72.99 -6.50 -26.91
N ARG IA 40 73.27 -5.45 -27.67
CA ARG IA 40 72.68 -4.15 -27.36
C ARG IA 40 71.17 -4.19 -27.47
N ALA IA 41 70.63 -5.03 -28.37
CA ALA IA 41 69.18 -5.19 -28.43
C ALA IA 41 68.65 -5.99 -27.25
N ILE IA 42 69.35 -7.06 -26.89
CA ILE IA 42 68.87 -7.94 -25.83
C ILE IA 42 68.81 -7.21 -24.50
N ASN IA 43 69.79 -6.33 -24.25
CA ASN IA 43 69.77 -5.58 -23.00
C ASN IA 43 68.52 -4.71 -22.91
N LEU IA 44 68.16 -4.06 -24.02
CA LEU IA 44 66.94 -3.26 -24.05
C LEU IA 44 65.73 -4.13 -23.78
N GLY IA 45 65.68 -5.32 -24.37
CA GLY IA 45 64.57 -6.22 -24.12
C GLY IA 45 64.45 -6.57 -22.65
N VAL IA 46 65.56 -6.89 -22.01
CA VAL IA 46 65.54 -7.24 -20.59
C VAL IA 46 65.03 -6.08 -19.77
N LEU IA 47 65.49 -4.87 -20.08
CA LEU IA 47 65.00 -3.71 -19.35
C LEU IA 47 63.51 -3.55 -19.51
N ASP IA 48 62.99 -3.77 -20.72
CA ASP IA 48 61.56 -3.64 -20.92
C ASP IA 48 60.78 -4.65 -20.08
N LEU IA 49 61.26 -5.89 -20.05
CA LEU IA 49 60.56 -6.90 -19.26
C LEU IA 49 60.57 -6.55 -17.78
N HIS IA 50 61.70 -6.03 -17.30
CA HIS IA 50 61.75 -5.62 -15.90
C HIS IA 50 60.83 -4.43 -15.65
N LYS IA 51 60.57 -3.62 -16.67
CA LYS IA 51 59.56 -2.59 -16.52
C LYS IA 51 58.18 -3.21 -16.36
N ARG IA 52 57.87 -4.21 -17.18
CA ARG IA 52 56.51 -4.73 -17.20
C ARG IA 52 56.19 -5.55 -15.95
N PHE IA 53 57.16 -6.31 -15.44
CA PHE IA 53 56.93 -7.09 -14.23
C PHE IA 53 58.00 -6.80 -13.20
N LEU IA 54 57.67 -7.01 -11.93
CA LEU IA 54 58.61 -6.66 -10.87
C LEU IA 54 59.89 -7.49 -10.96
N LEU IA 55 59.79 -8.77 -10.67
CA LEU IA 55 60.88 -9.72 -10.85
C LEU IA 55 62.07 -9.46 -9.95
N LYS IA 56 62.08 -8.33 -9.23
CA LYS IA 56 63.24 -7.95 -8.43
C LYS IA 56 62.85 -6.83 -7.49
N GLU IA 57 63.64 -6.66 -6.44
CA GLU IA 57 63.54 -5.49 -5.58
C GLU IA 57 64.83 -5.37 -4.78
N GLY IA 58 65.16 -4.14 -4.41
CA GLY IA 58 66.43 -3.90 -3.77
C GLY IA 58 66.34 -3.23 -2.43
N MET IA 59 67.49 -2.87 -1.84
CA MET IA 59 67.51 -2.29 -0.52
C MET IA 59 68.73 -1.38 -0.40
N LEU IA 60 68.56 -0.29 0.33
CA LEU IA 60 69.67 0.58 0.67
C LEU IA 60 69.69 0.85 2.17
N LYS IA 61 70.56 1.75 2.61
CA LYS IA 61 70.53 2.18 3.99
C LYS IA 61 71.23 3.53 4.05
N ILE IA 62 70.47 4.58 4.31
CA ILE IA 62 70.98 5.94 4.31
C ILE IA 62 71.26 6.35 5.75
N GLN IA 63 72.42 6.94 5.99
CA GLN IA 63 72.76 7.48 7.29
C GLN IA 63 72.49 8.97 7.27
N LEU IA 64 71.53 9.41 8.08
CA LEU IA 64 71.05 10.78 8.00
C LEU IA 64 72.10 11.76 8.48
N GLU IA 65 71.89 13.03 8.12
CA GLU IA 65 72.75 14.12 8.54
C GLU IA 65 71.88 15.35 8.76
N GLU IA 66 71.84 15.84 10.00
CA GLU IA 66 70.93 16.93 10.34
C GLU IA 66 71.23 18.16 9.51
N GLY IA 67 70.17 18.86 9.11
CA GLY IA 67 70.31 20.07 8.32
C GLY IA 67 70.42 19.84 6.84
N ARG IA 68 70.43 18.60 6.38
CA ARG IA 68 70.50 18.31 4.95
C ARG IA 68 69.10 18.35 4.36
N ARG IA 69 69.01 18.78 3.10
CA ARG IA 69 67.72 18.92 2.43
C ARG IA 69 67.50 17.89 1.34
N LEU IA 70 68.50 17.67 0.47
CA LEU IA 70 68.39 16.76 -0.65
C LEU IA 70 69.36 15.61 -0.50
N TYR IA 71 68.87 14.38 -0.61
CA TYR IA 71 69.70 13.19 -0.65
C TYR IA 71 69.55 12.54 -2.01
N PRO IA 72 70.50 12.69 -2.91
CA PRO IA 72 70.42 11.98 -4.18
C PRO IA 72 70.93 10.55 -4.04
N LEU IA 73 70.31 9.65 -4.79
CA LEU IA 73 70.70 8.24 -4.78
C LEU IA 73 71.43 7.94 -6.09
N ARG IA 74 72.74 8.13 -6.09
CA ARG IA 74 73.55 7.96 -7.28
C ARG IA 74 74.79 7.17 -6.91
N PRO IA 75 75.42 6.51 -7.87
CA PRO IA 75 76.49 5.56 -7.55
C PRO IA 75 77.80 6.21 -7.14
N ALA IA 76 77.80 7.51 -6.91
CA ALA IA 76 78.98 8.17 -6.36
C ALA IA 76 78.91 8.32 -4.85
N TYR IA 77 77.74 8.17 -4.26
CA TYR IA 77 77.56 8.32 -2.83
C TYR IA 77 77.50 6.97 -2.12
N GLN IA 78 77.62 5.88 -2.84
CA GLN IA 78 77.39 4.55 -2.29
C GLN IA 78 78.70 3.95 -1.84
N VAL IA 79 78.71 3.36 -0.65
CA VAL IA 79 79.93 2.74 -0.13
C VAL IA 79 80.42 1.66 -1.09
N GLY IA 80 81.74 1.58 -1.23
CA GLY IA 80 82.35 0.64 -2.13
C GLY IA 80 82.46 1.10 -3.55
N GLN IA 81 81.84 2.23 -3.89
CA GLN IA 81 81.95 2.80 -5.21
C GLN IA 81 83.15 3.74 -5.24
N LYS IA 82 83.26 4.54 -6.28
CA LYS IA 82 84.35 5.50 -6.37
C LYS IA 82 84.06 6.71 -5.49
N PRO IA 83 84.91 7.01 -4.53
CA PRO IA 83 84.62 8.13 -3.61
C PRO IA 83 84.98 9.49 -4.19
N LYS IA 84 84.07 10.10 -4.95
CA LYS IA 84 84.32 11.44 -5.44
C LYS IA 84 84.54 12.39 -4.27
N PRO IA 85 85.63 13.16 -4.26
CA PRO IA 85 85.96 13.96 -3.06
C PRO IA 85 84.87 14.95 -2.65
N GLY IA 86 84.17 15.56 -3.60
CA GLY IA 86 83.20 16.58 -3.24
C GLY IA 86 81.95 16.05 -2.57
N VAL IA 87 81.79 14.74 -2.50
CA VAL IA 87 80.57 14.17 -1.94
C VAL IA 87 80.90 13.29 -0.75
N PRO IA 88 80.12 13.34 0.31
CA PRO IA 88 80.29 12.36 1.40
C PRO IA 88 79.49 11.11 1.12
N GLN IA 89 80.12 9.96 1.32
CA GLN IA 89 79.54 8.67 0.96
C GLN IA 89 78.62 8.23 2.09
N PHE IA 90 77.32 8.53 1.95
CA PHE IA 90 76.39 8.23 3.04
C PHE IA 90 75.56 6.98 2.83
N ILE IA 91 75.53 6.43 1.63
CA ILE IA 91 74.82 5.17 1.38
C ILE IA 91 75.73 4.04 1.81
N THR IA 92 75.49 3.46 2.98
CA THR IA 92 76.46 2.59 3.62
C THR IA 92 76.19 1.10 3.44
N GLU IA 93 75.12 0.71 2.74
CA GLU IA 93 74.79 -0.70 2.70
C GLU IA 93 73.72 -0.93 1.65
N GLY IA 94 73.84 -2.01 0.90
CA GLY IA 94 72.81 -2.38 -0.05
C GLY IA 94 73.35 -2.93 -1.36
N ASN IA 95 72.44 -3.23 -2.28
CA ASN IA 95 72.86 -3.71 -3.59
C ASN IA 95 73.69 -2.66 -4.30
N LYS IA 96 74.69 -3.10 -5.05
CA LYS IA 96 75.55 -2.17 -5.76
C LYS IA 96 74.74 -1.37 -6.77
N LEU IA 97 74.88 -0.05 -6.73
CA LEU IA 97 74.08 0.83 -7.55
C LEU IA 97 74.69 0.97 -8.93
N GLY IA 98 73.83 1.00 -9.95
CA GLY IA 98 74.28 1.20 -11.30
C GLY IA 98 73.56 2.37 -11.95
N ARG IA 99 73.71 2.53 -13.26
CA ARG IA 99 73.06 3.63 -13.93
C ARG IA 99 71.55 3.45 -13.97
N GLN IA 100 71.08 2.24 -14.26
CA GLN IA 100 69.66 1.95 -14.26
C GLN IA 100 69.42 0.88 -13.18
N SER IA 101 69.13 1.33 -11.98
CA SER IA 101 68.79 0.40 -10.93
C SER IA 101 67.50 0.83 -10.25
N ILE IA 102 67.29 2.13 -10.12
CA ILE IA 102 66.13 2.66 -9.43
C ILE IA 102 65.05 2.92 -10.48
N LEU IA 103 64.07 2.03 -10.53
CA LEU IA 103 62.90 2.28 -11.35
C LEU IA 103 61.82 3.04 -10.59
N LYS IA 104 61.69 2.78 -9.30
CA LYS IA 104 60.74 3.49 -8.46
C LYS IA 104 60.99 3.17 -7.00
N ILE IA 105 61.00 4.18 -6.15
CA ILE IA 105 61.11 3.97 -4.71
C ILE IA 105 59.74 3.62 -4.18
N GLU IA 106 59.68 2.62 -3.30
CA GLU IA 106 58.39 2.11 -2.86
C GLU IA 106 58.16 2.23 -1.37
N LYS IA 107 59.14 1.89 -0.55
CA LYS IA 107 58.97 1.87 0.89
C LYS IA 107 60.13 2.58 1.56
N ILE IA 108 59.84 3.23 2.67
CA ILE IA 108 60.85 3.85 3.51
C ILE IA 108 60.56 3.45 4.94
N ILE IA 109 61.50 2.74 5.55
CA ILE IA 109 61.33 2.22 6.90
C ILE IA 109 62.47 2.73 7.76
N GLY IA 110 62.12 3.32 8.90
N GLY IA 110 62.12 3.32 8.90
CA GLY IA 110 63.11 3.84 9.82
CA GLY IA 110 63.11 3.84 9.82
C GLY IA 110 63.71 2.75 10.68
C GLY IA 110 63.71 2.75 10.68
N ASP IA 111 64.62 3.17 11.56
CA ASP IA 111 65.28 2.23 12.45
C ASP IA 111 64.34 1.73 13.55
N ASN IA 112 63.27 2.45 13.82
CA ASN IA 112 62.34 2.08 14.88
C ASN IA 112 61.25 1.14 14.40
N GLY IA 113 61.24 0.80 13.12
CA GLY IA 113 60.16 0.02 12.57
C GLY IA 113 59.00 0.83 12.04
N VAL IA 114 59.01 2.14 12.21
CA VAL IA 114 57.93 2.96 11.66
C VAL IA 114 58.02 2.96 10.14
N GLU IA 115 56.94 3.39 9.51
CA GLU IA 115 56.84 3.43 8.05
C GLU IA 115 56.41 4.82 7.64
N TYR IA 116 57.30 5.55 6.98
CA TYR IA 116 57.00 6.92 6.60
C TYR IA 116 56.16 6.95 5.33
N TYR IA 117 55.63 8.12 5.02
CA TYR IA 117 54.77 8.32 3.88
C TYR IA 117 55.55 8.89 2.72
N LEU IA 118 55.20 8.47 1.50
CA LEU IA 118 55.89 8.89 0.29
C LEU IA 118 54.92 9.62 -0.62
N ASN IA 119 55.22 10.88 -0.92
CA ASN IA 119 54.41 11.68 -1.83
C ASN IA 119 52.94 11.72 -1.44
N ASP IA 120 52.67 11.71 -0.14
CA ASP IA 120 51.31 11.83 0.36
C ASP IA 120 51.24 13.18 1.07
N THR IA 121 50.80 14.19 0.34
CA THR IA 121 50.86 15.55 0.85
C THR IA 121 50.01 15.69 2.10
N TRP IA 122 50.46 16.55 3.00
CA TRP IA 122 49.80 16.90 4.25
C TRP IA 122 49.77 15.75 5.24
N GLN IA 123 50.38 14.62 4.94
CA GLN IA 123 50.53 13.56 5.91
C GLN IA 123 51.56 13.96 6.95
N PRO IA 124 51.52 13.36 8.15
CA PRO IA 124 52.36 13.84 9.25
C PRO IA 124 53.83 14.05 8.91
N LEU IA 125 54.50 12.99 8.47
CA LEU IA 125 55.92 13.04 8.16
C LEU IA 125 56.08 12.59 6.72
N ASN IA 126 55.93 13.51 5.79
CA ASN IA 126 55.90 13.20 4.37
C ASN IA 126 57.29 13.37 3.78
N ILE IA 127 57.65 12.47 2.89
CA ILE IA 127 58.92 12.52 2.17
C ILE IA 127 58.62 12.70 0.68
N THR IA 128 59.25 13.68 0.07
CA THR IA 128 58.95 14.06 -1.30
C THR IA 128 60.14 13.77 -2.20
N THR IA 129 59.85 13.25 -3.40
CA THR IA 129 60.88 13.00 -4.39
C THR IA 129 60.77 14.07 -5.47
N PRO IA 130 61.66 15.03 -5.51
CA PRO IA 130 61.53 16.11 -6.49
C PRO IA 130 61.97 15.71 -7.88
N GLU IA 131 62.87 14.73 -7.98
CA GLU IA 131 63.47 14.41 -9.27
C GLU IA 131 63.62 12.91 -9.45
N PHE IA 132 62.77 12.12 -8.83
CA PHE IA 132 62.63 10.70 -9.16
C PHE IA 132 63.80 9.85 -8.67
N ASP IA 133 64.88 10.49 -8.25
CA ASP IA 133 66.04 9.78 -7.71
C ASP IA 133 66.63 10.52 -6.53
N VAL IA 134 65.87 11.44 -5.95
CA VAL IA 134 66.33 12.31 -4.89
C VAL IA 134 65.26 12.33 -3.82
N LEU IA 135 65.67 12.29 -2.56
CA LEU IA 135 64.76 12.42 -1.44
C LEU IA 135 64.89 13.83 -0.88
N GLU IA 136 63.77 14.54 -0.81
CA GLU IA 136 63.74 15.84 -0.18
C GLU IA 136 63.16 15.70 1.22
N ILE IA 137 63.94 16.07 2.22
CA ILE IA 137 63.56 15.88 3.62
C ILE IA 137 63.39 17.25 4.26
N SER IA 138 62.16 17.54 4.71
CA SER IA 138 61.88 18.82 5.31
C SER IA 138 62.46 18.89 6.72
N ASP IA 139 62.47 20.10 7.27
CA ASP IA 139 63.04 20.30 8.60
C ASP IA 139 62.15 19.74 9.69
N GLU IA 140 60.83 19.72 9.48
CA GLU IA 140 59.96 19.12 10.48
C GLU IA 140 60.27 17.65 10.69
N PHE IA 141 60.79 16.98 9.65
CA PHE IA 141 61.25 15.63 9.83
C PHE IA 141 62.35 15.55 10.87
N TYR IA 142 63.32 16.46 10.80
CA TYR IA 142 64.37 16.49 11.81
C TYR IA 142 63.81 16.87 13.16
N CYS IA 143 62.83 17.78 13.19
CA CYS IA 143 62.22 18.19 14.45
C CYS IA 143 61.60 17.00 15.16
N HIS IA 144 60.84 16.19 14.43
CA HIS IA 144 60.26 14.96 14.99
C HIS IA 144 60.67 13.81 14.10
N SER IA 145 61.89 13.31 14.29
CA SER IA 145 62.37 12.13 13.58
C SER IA 145 62.66 10.97 14.51
N SER IA 146 63.56 11.17 15.49
CA SER IA 146 63.98 10.12 16.42
C SER IA 146 64.52 8.91 15.68
N SER IA 147 65.07 9.11 14.48
CA SER IA 147 65.59 8.02 13.67
C SER IA 147 66.90 8.47 13.06
N LYS IA 148 67.96 7.68 13.27
CA LYS IA 148 69.28 8.05 12.79
C LYS IA 148 69.61 7.46 11.43
N THR IA 149 68.74 6.64 10.88
CA THR IA 149 69.02 5.99 9.60
C THR IA 149 67.71 5.63 8.92
N LEU IA 150 67.80 5.30 7.64
CA LEU IA 150 66.64 4.95 6.85
C LEU IA 150 66.95 3.70 6.04
N GLU IA 151 65.90 2.97 5.69
CA GLU IA 151 66.00 1.83 4.81
C GLU IA 151 65.04 2.03 3.65
N VAL IA 152 65.55 1.87 2.44
CA VAL IA 152 64.80 2.17 1.22
C VAL IA 152 64.65 0.90 0.42
N ARG IA 153 63.47 0.70 -0.14
CA ARG IA 153 63.24 -0.40 -1.08
C ARG IA 153 62.72 0.17 -2.38
N TYR IA 154 63.03 -0.52 -3.47
CA TYR IA 154 62.77 0.05 -4.78
C TYR IA 154 62.74 -1.06 -5.81
N ARG IA 155 62.12 -0.77 -6.93
CA ARG IA 155 62.03 -1.73 -8.02
C ARG IA 155 63.31 -1.69 -8.84
N ARG IA 156 63.93 -2.85 -9.02
CA ARG IA 156 65.25 -2.93 -9.63
C ARG IA 156 65.18 -3.38 -11.08
N ALA IA 157 66.28 -3.13 -11.79
CA ALA IA 157 66.55 -3.69 -13.09
C ALA IA 157 68.03 -4.06 -13.07
N PRO IA 158 68.40 -5.18 -13.66
CA PRO IA 158 69.78 -5.66 -13.52
C PRO IA 158 70.75 -4.78 -14.29
N THR IA 159 72.00 -4.83 -13.87
CA THR IA 159 73.06 -4.09 -14.55
C THR IA 159 73.68 -4.98 -15.62
N PRO IA 160 73.60 -4.61 -16.89
CA PRO IA 160 74.11 -5.48 -17.95
C PRO IA 160 75.61 -5.66 -17.85
N MET IA 161 76.08 -6.85 -18.23
CA MET IA 161 77.50 -7.14 -18.21
C MET IA 161 78.21 -6.44 -19.36
N LYS IA 162 79.44 -6.02 -19.10
CA LYS IA 162 80.22 -5.24 -20.05
C LYS IA 162 80.90 -6.16 -21.05
N ILE IA 163 80.55 -6.01 -22.32
CA ILE IA 163 81.23 -6.74 -23.38
C ILE IA 163 82.51 -6.00 -23.74
N CYS IA 164 83.48 -6.73 -24.28
CA CYS IA 164 84.76 -6.14 -24.63
C CYS IA 164 85.30 -6.77 -25.90
N VAL IA 165 86.15 -6.00 -26.60
CA VAL IA 165 86.66 -6.43 -27.90
C VAL IA 165 87.50 -7.70 -27.77
N ASP IA 166 88.23 -7.84 -26.67
CA ASP IA 166 88.88 -9.11 -26.39
C ASP IA 166 87.87 -10.18 -25.98
N ASN IA 167 86.79 -9.77 -25.32
CA ASN IA 167 85.73 -10.71 -24.93
C ASN IA 167 84.98 -11.25 -26.13
N LEU IA 168 85.13 -10.65 -27.32
CA LEU IA 168 84.57 -11.25 -28.53
C LEU IA 168 85.03 -12.68 -28.76
N ASP IA 169 86.02 -13.17 -28.02
CA ASP IA 169 86.44 -14.55 -28.17
C ASP IA 169 85.33 -15.52 -27.78
N SER IA 170 84.75 -15.33 -26.59
CA SER IA 170 83.81 -16.30 -26.05
C SER IA 170 82.35 -15.87 -26.22
N TRP IA 171 81.97 -14.73 -25.65
CA TRP IA 171 80.63 -14.17 -25.72
C TRP IA 171 79.60 -15.16 -25.21
N GLY IA 172 80.04 -16.34 -24.79
CA GLY IA 172 79.15 -17.40 -24.36
C GLY IA 172 79.17 -17.55 -22.86
N CYS IA 173 80.09 -16.87 -22.20
CA CYS IA 173 80.10 -16.85 -20.74
C CYS IA 173 79.26 -15.73 -20.16
N ILE IA 174 78.80 -14.80 -20.99
CA ILE IA 174 77.92 -13.75 -20.50
C ILE IA 174 76.60 -14.37 -20.09
N ASP IA 175 75.96 -13.79 -19.07
CA ASP IA 175 74.76 -14.36 -18.49
C ASP IA 175 73.66 -13.29 -18.45
N ILE IA 176 72.59 -13.52 -19.20
CA ILE IA 176 71.40 -12.71 -19.04
C ILE IA 176 70.76 -13.03 -17.70
N ASP IA 177 70.18 -12.00 -17.08
CA ASP IA 177 69.54 -12.15 -15.77
C ASP IA 177 68.02 -12.16 -15.97
N LEU IA 178 67.46 -13.35 -16.19
CA LEU IA 178 66.03 -13.50 -16.38
C LEU IA 178 65.61 -14.91 -16.02
N PRO IA 179 64.37 -15.10 -15.57
CA PRO IA 179 63.79 -16.44 -15.55
C PRO IA 179 63.46 -16.88 -16.97
N TYR IA 180 63.25 -18.18 -17.13
CA TYR IA 180 63.14 -18.74 -18.48
C TYR IA 180 61.82 -18.35 -19.16
N THR IA 181 60.75 -18.19 -18.38
CA THR IA 181 59.48 -17.74 -18.95
C THR IA 181 59.66 -16.44 -19.74
N HIS IA 182 60.17 -15.43 -19.05
CA HIS IA 182 60.38 -14.18 -19.74
C HIS IA 182 61.44 -14.31 -20.81
N LEU IA 183 62.23 -15.38 -20.81
CA LEU IA 183 63.02 -15.69 -22.00
C LEU IA 183 62.15 -15.96 -23.20
N GLN IA 184 61.16 -16.84 -23.04
CA GLN IA 184 60.30 -17.12 -24.18
C GLN IA 184 59.68 -15.83 -24.70
N ALA IA 185 59.34 -14.91 -23.80
CA ALA IA 185 58.81 -13.62 -24.27
C ALA IA 185 59.88 -12.77 -24.95
N LEU IA 186 61.09 -12.75 -24.38
CA LEU IA 186 62.16 -11.92 -24.90
C LEU IA 186 62.49 -12.28 -26.34
N LEU IA 187 62.36 -13.56 -26.69
CA LEU IA 187 62.60 -13.97 -28.07
C LEU IA 187 61.72 -13.17 -29.02
N TYR IA 188 60.42 -13.11 -28.76
CA TYR IA 188 59.53 -12.37 -29.64
C TYR IA 188 59.90 -10.90 -29.66
N PHE IA 189 60.23 -10.33 -28.50
CA PHE IA 189 60.57 -8.91 -28.51
C PHE IA 189 61.73 -8.64 -29.46
N VAL IA 190 62.81 -9.40 -29.31
CA VAL IA 190 64.00 -9.16 -30.13
C VAL IA 190 63.69 -9.40 -31.60
N ALA IA 191 62.94 -10.46 -31.90
CA ALA IA 191 62.64 -10.76 -33.29
C ALA IA 191 61.86 -9.62 -33.93
N SER IA 192 60.87 -9.08 -33.23
CA SER IA 192 60.11 -7.97 -33.79
C SER IA 192 61.02 -6.78 -34.05
N ARG IA 193 61.84 -6.43 -33.07
CA ARG IA 193 62.68 -5.25 -33.24
C ARG IA 193 63.63 -5.39 -34.42
N CYS IA 194 64.21 -6.58 -34.59
CA CYS IA 194 65.17 -6.76 -35.67
C CYS IA 194 64.49 -6.88 -37.03
N GLN IA 195 63.32 -7.49 -37.10
CA GLN IA 195 62.68 -7.72 -38.38
C GLN IA 195 61.88 -6.53 -38.88
N THR IA 196 61.62 -5.54 -38.03
CA THR IA 196 60.77 -4.44 -38.51
C THR IA 196 61.26 -3.80 -39.81
N PRO IA 197 62.52 -3.34 -39.93
CA PRO IA 197 62.92 -2.50 -41.06
C PRO IA 197 63.50 -3.26 -42.25
N ILE IA 198 62.80 -4.29 -42.71
CA ILE IA 198 63.27 -5.10 -43.83
C ILE IA 198 62.07 -5.69 -44.56
N GLY IA 199 62.13 -5.70 -45.88
CA GLY IA 199 61.16 -6.44 -46.65
C GLY IA 199 60.25 -5.53 -47.46
N PHE IA 200 59.91 -5.98 -48.67
CA PHE IA 200 59.07 -5.19 -49.56
C PHE IA 200 57.97 -5.98 -50.25
N MET IA 201 57.77 -7.24 -49.89
CA MET IA 201 56.66 -8.01 -50.43
C MET IA 201 55.47 -7.99 -49.49
N GLU IA 202 54.32 -8.39 -50.02
CA GLU IA 202 53.07 -8.22 -49.30
C GLU IA 202 53.08 -8.95 -47.97
N ASN IA 203 53.48 -10.21 -47.97
CA ASN IA 203 53.48 -10.99 -46.75
C ASN IA 203 54.76 -10.83 -45.94
N THR IA 204 55.83 -10.34 -46.55
CA THR IA 204 57.07 -10.14 -45.82
C THR IA 204 57.17 -8.77 -45.19
N ALA IA 205 56.22 -7.88 -45.45
CA ALA IA 205 56.23 -6.57 -44.82
C ALA IA 205 55.46 -6.54 -43.51
N GLN IA 206 54.95 -7.68 -43.05
CA GLN IA 206 54.11 -7.71 -41.85
C GLN IA 206 54.71 -8.53 -40.72
N GLU IA 207 55.94 -9.03 -40.88
CA GLU IA 207 56.51 -9.88 -39.85
C GLU IA 207 56.75 -9.13 -38.56
N GLY IA 208 57.25 -7.89 -38.65
CA GLY IA 208 57.44 -7.10 -37.45
C GLY IA 208 56.14 -6.89 -36.69
N PHE IA 209 55.07 -6.56 -37.42
CA PHE IA 209 53.79 -6.37 -36.78
C PHE IA 209 53.30 -7.65 -36.12
N ASN IA 210 53.45 -8.78 -36.81
CA ASN IA 210 52.99 -10.05 -36.25
C ASN IA 210 53.75 -10.38 -34.98
N PHE IA 211 55.06 -10.16 -34.99
CA PHE IA 211 55.83 -10.47 -33.80
C PHE IA 211 55.47 -9.55 -32.65
N SER IA 212 55.15 -8.28 -32.94
CA SER IA 212 54.67 -7.41 -31.87
C SER IA 212 53.39 -7.94 -31.28
N GLN IA 213 52.46 -8.39 -32.13
CA GLN IA 213 51.22 -8.94 -31.61
C GLN IA 213 51.47 -10.14 -30.72
N LYS IA 214 52.36 -11.03 -31.15
CA LYS IA 214 52.64 -12.23 -30.35
C LYS IA 214 53.31 -11.87 -29.04
N TYR IA 215 54.16 -10.84 -29.05
CA TYR IA 215 54.81 -10.39 -27.83
C TYR IA 215 53.77 -9.91 -26.83
N GLU IA 216 52.81 -9.11 -27.29
CA GLU IA 216 51.76 -8.65 -26.39
C GLU IA 216 50.94 -9.81 -25.85
N ALA IA 217 50.60 -10.76 -26.72
CA ALA IA 217 49.81 -11.91 -26.28
C ALA IA 217 50.56 -12.68 -25.20
N GLU IA 218 51.86 -12.88 -25.39
CA GLU IA 218 52.63 -13.62 -24.41
C GLU IA 218 52.71 -12.88 -23.08
N CYS IA 219 52.86 -11.57 -23.11
CA CYS IA 219 52.86 -10.82 -21.86
C CYS IA 219 51.53 -10.98 -21.14
N ALA IA 220 50.43 -10.94 -21.88
CA ALA IA 220 49.13 -11.16 -21.25
C ALA IA 220 49.04 -12.54 -20.63
N ASN IA 221 49.56 -13.56 -21.32
CA ASN IA 221 49.50 -14.91 -20.78
C ASN IA 221 50.31 -15.02 -19.49
N LEU IA 222 51.49 -14.40 -19.45
CA LEU IA 222 52.26 -14.45 -18.22
C LEU IA 222 51.52 -13.76 -17.08
N ASP IA 223 50.89 -12.63 -17.37
CA ASP IA 223 50.09 -11.97 -16.33
C ASP IA 223 49.00 -12.90 -15.82
N ALA IA 224 48.31 -13.58 -16.74
CA ALA IA 224 47.25 -14.49 -16.32
C ALA IA 224 47.77 -15.62 -15.48
N GLN IA 225 48.91 -16.20 -15.87
CA GLN IA 225 49.47 -17.30 -15.10
C GLN IA 225 50.07 -16.87 -13.78
N ASN IA 226 50.32 -15.57 -13.61
CA ASN IA 226 50.81 -15.03 -12.35
C ASN IA 226 52.18 -15.62 -12.01
N LEU IA 227 53.12 -15.43 -12.93
CA LEU IA 227 54.50 -15.84 -12.74
C LEU IA 227 55.40 -14.68 -12.35
N ARG IA 228 54.88 -13.73 -11.59
CA ARG IA 228 55.68 -12.63 -11.06
C ARG IA 228 55.31 -12.40 -9.61
N ILE IA 229 56.14 -11.61 -8.93
CA ILE IA 229 55.92 -11.31 -7.52
C ILE IA 229 54.69 -10.41 -7.38
N ASP IA 230 53.89 -10.66 -6.34
CA ASP IA 230 52.70 -9.87 -6.09
C ASP IA 230 52.37 -9.88 -4.61
N PRO IA 231 52.83 -8.88 -3.86
CA PRO IA 231 52.40 -8.75 -2.48
C PRO IA 231 50.91 -8.42 -2.41
N VAL IA 232 50.27 -8.88 -1.35
CA VAL IA 232 48.87 -8.57 -1.07
C VAL IA 232 48.76 -8.21 0.40
N GLY IA 233 48.10 -7.10 0.69
CA GLY IA 233 48.11 -6.54 2.03
C GLY IA 233 46.98 -7.06 2.90
N ASN IA 234 47.32 -7.40 4.13
CA ASN IA 234 46.37 -7.80 5.16
C ASN IA 234 46.71 -6.99 6.41
N GLN IA 235 46.15 -5.78 6.54
CA GLN IA 235 46.41 -5.04 7.76
C GLN IA 235 45.77 -5.70 8.96
N ASP IA 236 46.16 -5.22 10.13
CA ASP IA 236 45.57 -5.73 11.36
C ASP IA 236 44.25 -5.03 11.66
N ARG IA 237 44.29 -3.73 11.90
CA ARG IA 237 43.12 -2.90 12.17
C ARG IA 237 42.51 -3.20 13.53
N PHE IA 238 43.01 -4.23 14.22
CA PHE IA 238 42.43 -4.65 15.49
C PHE IA 238 43.32 -4.33 16.68
N THR IA 239 44.53 -3.83 16.46
CA THR IA 239 45.43 -3.53 17.55
C THR IA 239 45.55 -2.04 17.84
N ARG IA 240 44.92 -1.20 17.02
CA ARG IA 240 44.95 0.24 17.30
C ARG IA 240 44.34 0.53 18.66
N GLY IA 241 43.40 -0.29 19.10
CA GLY IA 241 42.70 -0.07 20.34
C GLY IA 241 41.36 0.56 20.04
N GLY IA 242 40.31 -0.25 20.01
CA GLY IA 242 39.01 0.28 19.67
C GLY IA 242 38.21 -0.58 18.72
N TRP IA 243 38.86 -1.31 17.83
CA TRP IA 243 38.13 -2.17 16.90
C TRP IA 243 37.96 -3.58 17.43
N VAL IA 244 37.49 -3.73 18.66
CA VAL IA 244 37.30 -5.06 19.22
C VAL IA 244 36.42 -5.01 20.45
N ARG JA 21 58.72 0.21 76.32
CA ARG JA 21 58.45 -0.97 75.52
C ARG JA 21 56.95 -1.06 75.20
N LEU JA 22 56.18 -0.23 75.90
CA LEU JA 22 54.76 0.00 75.65
C LEU JA 22 53.88 -1.17 76.09
N GLN JA 23 54.49 -2.30 76.42
CA GLN JA 23 53.76 -3.48 76.85
C GLN JA 23 54.70 -4.41 77.59
N PRO JA 24 55.18 -4.03 78.77
CA PRO JA 24 56.17 -4.88 79.45
C PRO JA 24 55.64 -6.24 79.86
N GLU JA 25 54.33 -6.41 79.98
CA GLU JA 25 53.76 -7.66 80.46
C GLU JA 25 53.42 -8.63 79.35
N TRP JA 26 53.71 -8.29 78.10
CA TRP JA 26 53.44 -9.18 76.98
C TRP JA 26 54.70 -10.01 76.72
N SER JA 27 54.61 -11.30 76.99
CA SER JA 27 55.78 -12.16 76.87
C SER JA 27 56.29 -12.20 75.44
N ASN JA 28 55.40 -12.23 74.47
CA ASN JA 28 55.76 -12.32 73.06
C ASN JA 28 55.04 -11.19 72.32
N ALA JA 29 55.61 -10.05 72.31
CA ALA JA 29 54.93 -9.00 71.57
C ALA JA 29 55.50 -8.90 70.17
N PRO JA 30 54.66 -8.55 69.19
CA PRO JA 30 55.16 -8.41 67.82
C PRO JA 30 56.15 -7.28 67.72
N SER JA 31 57.11 -7.43 66.83
CA SER JA 31 58.05 -6.37 66.51
C SER JA 31 57.71 -5.80 65.14
N LEU JA 32 58.24 -4.61 64.88
CA LEU JA 32 57.95 -3.94 63.62
C LEU JA 32 58.35 -4.79 62.43
N ALA JA 33 59.32 -5.68 62.61
CA ALA JA 33 59.77 -6.52 61.50
C ALA JA 33 58.66 -7.45 61.03
N GLN JA 34 58.02 -8.16 61.96
CA GLN JA 34 56.99 -9.12 61.56
C GLN JA 34 55.80 -8.42 60.93
N LEU JA 35 55.43 -7.26 61.45
CA LEU JA 35 54.28 -6.55 60.90
C LEU JA 35 54.52 -6.18 59.44
N LYS JA 36 55.64 -5.53 59.16
CA LYS JA 36 55.96 -5.21 57.77
C LYS JA 36 56.13 -6.47 56.94
N GLN JA 37 56.60 -7.54 57.55
CA GLN JA 37 56.77 -8.79 56.84
C GLN JA 37 55.43 -9.31 56.32
N ASP JA 38 54.42 -9.35 57.19
CA ASP JA 38 53.10 -9.77 56.76
C ASP JA 38 52.50 -8.79 55.78
N TYR JA 39 52.83 -7.51 55.91
CA TYR JA 39 52.31 -6.52 55.00
C TYR JA 39 52.76 -6.80 53.57
N GLN JA 40 54.02 -7.20 53.40
CA GLN JA 40 54.53 -7.46 52.07
C GLN JA 40 53.82 -8.64 51.42
N GLU JA 41 53.59 -9.71 52.17
CA GLU JA 41 53.09 -10.94 51.58
C GLU JA 41 51.63 -10.84 51.14
N ALA JA 42 50.92 -9.79 51.50
CA ALA JA 42 49.54 -9.63 51.09
C ALA JA 42 49.36 -8.68 49.93
N LYS JA 43 50.27 -7.73 49.75
CA LYS JA 43 50.22 -6.91 48.55
C LYS JA 43 50.39 -7.77 47.30
N GLN JA 44 51.16 -8.84 47.39
CA GLN JA 44 51.36 -9.73 46.25
C GLN JA 44 50.03 -10.27 45.75
N VAL JA 45 49.02 -10.33 46.61
CA VAL JA 45 47.69 -10.77 46.20
C VAL JA 45 46.79 -9.60 45.85
N THR JA 46 46.80 -8.54 46.67
CA THR JA 46 45.88 -7.45 46.42
C THR JA 46 46.20 -6.67 45.15
N ASP JA 47 47.44 -6.74 44.67
CA ASP JA 47 47.79 -5.96 43.48
C ASP JA 47 47.00 -6.40 42.26
N GLU JA 48 46.70 -7.69 42.15
CA GLU JA 48 45.92 -8.16 41.02
C GLU JA 48 44.56 -7.48 40.98
N LYS JA 49 43.86 -7.49 42.12
CA LYS JA 49 42.54 -6.86 42.16
C LYS JA 49 42.63 -5.36 41.97
N ILE JA 50 43.69 -4.74 42.49
CA ILE JA 50 43.83 -3.31 42.29
C ILE JA 50 44.00 -2.98 40.81
N THR JA 51 44.81 -3.75 40.10
CA THR JA 51 44.97 -3.51 38.67
C THR JA 51 43.68 -3.75 37.92
N GLN JA 52 42.93 -4.79 38.32
CA GLN JA 52 41.66 -5.06 37.67
C GLN JA 52 40.71 -3.88 37.83
N ILE JA 53 40.61 -3.36 39.05
CA ILE JA 53 39.71 -2.24 39.29
C ILE JA 53 40.18 -1.00 38.54
N ASN JA 54 41.50 -0.80 38.47
CA ASN JA 54 42.00 0.33 37.70
C ASN JA 54 41.61 0.22 36.23
N ARG JA 55 41.72 -0.99 35.68
CA ARG JA 55 41.31 -1.19 34.30
C ARG JA 55 39.84 -0.87 34.11
N TRP JA 56 39.00 -1.33 35.05
CA TRP JA 56 37.58 -1.02 34.96
C TRP JA 56 37.36 0.49 34.97
N LEU JA 57 38.02 1.19 35.90
CA LEU JA 57 37.80 2.62 36.03
C LEU JA 57 38.28 3.37 34.80
N ASP JA 58 39.35 2.92 34.18
CA ASP JA 58 39.89 3.64 33.02
C ASP JA 58 38.97 3.58 31.81
N TYR JA 59 37.80 2.96 31.91
CA TYR JA 59 36.90 2.91 30.79
C TYR JA 59 35.68 3.80 30.96
N MET JA 60 35.11 3.89 32.16
CA MET JA 60 33.99 4.80 32.34
C MET JA 60 34.43 6.25 32.17
N HIS JA 61 35.61 6.59 32.68
CA HIS JA 61 36.29 7.81 32.27
C HIS JA 61 37.26 7.42 31.18
N VAL JA 62 37.13 8.02 30.01
CA VAL JA 62 37.97 7.61 28.90
C VAL JA 62 39.36 8.15 29.13
N ARG JA 63 40.22 7.35 29.74
CA ARG JA 63 41.58 7.75 30.05
C ARG JA 63 42.50 6.58 29.77
N GLY JA 64 43.80 6.84 29.87
CA GLY JA 64 44.82 5.81 29.79
C GLY JA 64 44.58 4.81 28.68
N GLU JA 65 44.51 3.53 29.05
CA GLU JA 65 44.29 2.50 28.06
C GLU JA 65 42.86 2.48 27.53
N GLY JA 66 41.95 3.24 28.13
CA GLY JA 66 40.62 3.35 27.57
C GLY JA 66 40.51 4.33 26.44
N LYS JA 67 41.51 5.16 26.23
CA LYS JA 67 41.50 6.11 25.13
C LYS JA 67 41.96 5.43 23.86
N PRO JA 68 41.15 5.40 22.81
CA PRO JA 68 41.57 4.71 21.58
C PRO JA 68 42.66 5.49 20.87
N LYS JA 69 43.60 4.76 20.29
CA LYS JA 69 44.68 5.36 19.51
C LYS JA 69 44.26 5.45 18.06
N THR JA 70 44.21 6.66 17.52
CA THR JA 70 43.77 6.89 16.16
C THR JA 70 44.82 7.67 15.38
N GLU JA 71 44.86 7.44 14.08
CA GLU JA 71 45.81 8.12 13.22
C GLU JA 71 45.44 9.59 13.07
N LYS JA 72 46.44 10.40 12.74
CA LYS JA 72 46.19 11.80 12.45
C LYS JA 72 45.45 11.92 11.13
N GLY JA 73 44.39 12.73 11.11
CA GLY JA 73 43.55 12.87 9.94
C GLY JA 73 42.27 12.09 9.99
N LYS JA 74 42.00 11.37 11.08
CA LYS JA 74 40.75 10.65 11.25
C LYS JA 74 40.17 11.02 12.60
N SER JA 75 38.89 10.70 12.79
CA SER JA 75 38.19 11.14 13.97
C SER JA 75 38.71 10.43 15.21
N ALA JA 76 38.41 11.02 16.37
CA ALA JA 76 38.81 10.44 17.65
C ALA JA 76 37.71 10.57 18.69
N VAL JA 77 36.45 10.61 18.25
CA VAL JA 77 35.34 10.70 19.19
C VAL JA 77 35.09 9.35 19.84
N GLN JA 78 34.52 9.37 21.02
CA GLN JA 78 34.26 8.13 21.75
C GLN JA 78 33.09 8.31 22.70
N PRO JA 79 31.92 7.78 22.38
CA PRO JA 79 30.75 7.98 23.23
C PRO JA 79 30.84 7.15 24.50
N PRO JA 80 30.68 7.77 25.66
CA PRO JA 80 30.66 7.00 26.90
C PRO JA 80 29.36 6.22 27.02
N THR JA 81 29.46 4.97 27.42
CA THR JA 81 28.28 4.16 27.72
C THR JA 81 28.26 3.63 29.13
N ILE JA 82 29.41 3.27 29.70
CA ILE JA 82 29.41 2.81 31.08
C ILE JA 82 28.97 3.93 32.01
N ARG JA 83 29.50 5.14 31.81
CA ARG JA 83 29.05 6.27 32.59
C ARG JA 83 27.57 6.55 32.34
N LYS JA 84 27.15 6.43 31.09
CA LYS JA 84 25.75 6.60 30.75
C LYS JA 84 24.87 5.67 31.58
N GLN JA 85 25.28 4.42 31.72
CA GLN JA 85 24.51 3.46 32.49
C GLN JA 85 24.53 3.81 33.97
N ALA JA 86 25.71 4.16 34.50
CA ALA JA 86 25.80 4.42 35.94
C ALA JA 86 24.98 5.63 36.36
N GLU JA 87 24.87 6.62 35.48
CA GLU JA 87 24.12 7.82 35.82
C GLU JA 87 22.65 7.50 36.05
N TRP JA 88 22.12 6.49 35.38
CA TRP JA 88 20.72 6.13 35.50
C TRP JA 88 20.47 5.14 36.62
N ARG JA 89 21.49 4.75 37.36
CA ARG JA 89 21.35 3.85 38.48
C ARG JA 89 21.67 4.50 39.81
N TYR JA 90 22.53 5.51 39.83
CA TYR JA 90 22.91 6.14 41.08
C TYR JA 90 21.69 6.57 41.89
N SER JA 91 20.80 7.32 41.27
CA SER JA 91 19.69 7.89 42.02
C SER JA 91 18.69 6.83 42.43
N SER JA 92 18.37 5.91 41.53
CA SER JA 92 17.43 4.85 41.87
C SER JA 92 17.96 3.97 42.98
N LEU JA 93 19.28 3.92 43.17
CA LEU JA 93 19.81 3.17 44.30
C LEU JA 93 19.82 3.99 45.57
N SER JA 94 20.20 5.26 45.48
CA SER JA 94 20.37 6.07 46.70
C SER JA 94 19.07 6.57 47.28
N GLU JA 95 18.00 6.61 46.49
CA GLU JA 95 16.76 7.22 46.97
C GLU JA 95 16.16 6.52 48.19
N PRO JA 96 16.00 5.19 48.21
CA PRO JA 96 15.25 4.56 49.31
C PRO JA 96 15.84 4.76 50.69
N PHE JA 97 16.99 5.42 50.78
CA PHE JA 97 17.56 5.76 52.08
C PHE JA 97 17.23 7.17 52.50
N LEU JA 98 17.37 8.13 51.61
CA LEU JA 98 17.14 9.52 51.95
C LEU JA 98 15.69 9.96 51.76
N SER JA 99 14.84 9.11 51.21
CA SER JA 99 13.45 9.53 51.00
C SER JA 99 12.68 9.70 52.30
N SER JA 100 13.21 9.24 53.43
CA SER JA 100 12.51 9.27 54.70
C SER JA 100 13.15 10.25 55.66
N PRO JA 101 12.39 10.76 56.64
CA PRO JA 101 12.99 11.72 57.59
C PRO JA 101 14.18 11.16 58.35
N ASN JA 102 14.14 9.90 58.75
CA ASN JA 102 15.26 9.27 59.42
C ASN JA 102 15.43 7.86 58.90
N ILE JA 103 16.67 7.38 58.92
CA ILE JA 103 16.98 6.11 58.29
C ILE JA 103 16.43 4.95 59.10
N PHE JA 104 16.91 4.80 60.32
CA PHE JA 104 16.71 3.56 61.05
C PHE JA 104 15.31 3.50 61.66
N GLU JA 105 15.00 2.33 62.21
CA GLU JA 105 13.71 2.10 62.85
C GLU JA 105 13.89 0.92 63.80
N VAL JA 106 13.73 1.16 65.10
CA VAL JA 106 14.00 0.17 66.12
C VAL JA 106 12.70 -0.26 66.76
N ASN JA 107 12.50 -1.57 66.88
CA ASN JA 107 11.30 -2.12 67.47
C ASN JA 107 11.68 -3.15 68.53
N PRO JA 108 10.88 -3.28 69.57
CA PRO JA 108 11.20 -4.23 70.64
C PRO JA 108 10.97 -5.66 70.18
N VAL JA 109 11.60 -6.58 70.88
CA VAL JA 109 11.40 -8.01 70.67
C VAL JA 109 10.40 -8.58 71.65
N THR JA 110 10.51 -8.18 72.92
CA THR JA 110 9.62 -8.63 73.97
C THR JA 110 9.16 -7.44 74.78
N TRP JA 111 8.02 -7.60 75.46
CA TRP JA 111 7.41 -6.48 76.15
C TRP JA 111 8.32 -5.89 77.23
N GLU JA 112 9.31 -6.65 77.71
CA GLU JA 112 10.29 -6.09 78.62
C GLU JA 112 10.97 -4.87 78.02
N ASP JA 113 11.07 -4.83 76.70
CA ASP JA 113 11.67 -3.73 75.96
C ASP JA 113 10.61 -2.66 75.72
N ALA JA 114 10.85 -1.78 74.76
CA ALA JA 114 10.04 -0.63 74.33
C ALA JA 114 10.30 0.60 75.17
N GLU JA 115 11.21 0.55 76.14
CA GLU JA 115 11.80 1.76 76.68
C GLU JA 115 13.23 1.92 76.20
N SER JA 116 14.06 0.90 76.41
CA SER JA 116 15.39 0.88 75.84
C SER JA 116 15.33 1.02 74.33
N ALA JA 117 14.36 0.35 73.70
CA ALA JA 117 14.22 0.43 72.24
C ALA JA 117 13.97 1.86 71.81
N ARG JA 118 12.99 2.52 72.42
CA ARG JA 118 12.66 3.89 72.02
C ARG JA 118 13.83 4.81 72.26
N GLN JA 119 14.48 4.70 73.42
CA GLN JA 119 15.60 5.57 73.73
C GLN JA 119 16.73 5.41 72.73
N ASN JA 120 17.15 4.17 72.49
CA ASN JA 120 18.26 3.93 71.58
C ASN JA 120 17.93 4.38 70.18
N GLY JA 121 16.72 4.09 69.71
CA GLY JA 121 16.34 4.52 68.38
C GLY JA 121 16.41 6.03 68.23
N LEU JA 122 15.88 6.75 69.22
CA LEU JA 122 15.90 8.20 69.13
C LEU JA 122 17.33 8.73 69.12
N VAL JA 123 18.18 8.20 70.00
CA VAL JA 123 19.56 8.69 70.07
C VAL JA 123 20.26 8.45 68.74
N LEU JA 124 20.16 7.23 68.22
CA LEU JA 124 20.86 6.89 66.99
C LEU JA 124 20.37 7.74 65.82
N ASN JA 125 19.06 7.90 65.69
CA ASN JA 125 18.54 8.69 64.59
C ASN JA 125 19.01 10.13 64.67
N GLN JA 126 19.01 10.71 65.88
CA GLN JA 126 19.50 12.07 66.02
C GLN JA 126 20.95 12.18 65.65
N GLN JA 127 21.76 11.20 66.07
CA GLN JA 127 23.18 11.23 65.74
C GLN JA 127 23.38 11.26 64.23
N PHE JA 128 22.73 10.34 63.52
CA PHE JA 128 22.86 10.34 62.06
C PHE JA 128 22.37 11.63 61.45
N ASN JA 129 21.23 12.15 61.92
CA ASN JA 129 20.68 13.34 61.30
C ASN JA 129 21.60 14.53 61.44
N THR JA 130 22.18 14.73 62.62
CA THR JA 130 22.93 15.96 62.88
C THR JA 130 24.43 15.79 62.73
N LYS JA 131 25.04 14.88 63.49
CA LYS JA 131 26.50 14.89 63.59
C LYS JA 131 27.15 14.48 62.29
N LEU JA 132 26.71 13.38 61.71
CA LEU JA 132 27.24 12.91 60.44
C LEU JA 132 26.47 13.57 59.30
N ASN JA 133 27.14 13.73 58.16
CA ASN JA 133 26.50 14.35 57.01
C ASN JA 133 25.33 13.49 56.54
N LYS JA 134 25.57 12.20 56.37
CA LYS JA 134 24.64 11.20 55.87
C LYS JA 134 24.34 11.40 54.40
N GLN JA 135 24.53 12.62 53.91
CA GLN JA 135 24.23 12.90 52.51
C GLN JA 135 25.45 12.58 51.65
N ARG JA 136 26.56 13.26 51.94
CA ARG JA 136 27.83 12.87 51.36
C ARG JA 136 28.11 11.40 51.59
N PHE JA 137 27.75 10.90 52.76
CA PHE JA 137 28.01 9.50 53.08
C PHE JA 137 27.27 8.57 52.14
N ILE JA 138 25.95 8.75 52.01
CA ILE JA 138 25.18 7.86 51.15
C ILE JA 138 25.64 7.99 49.72
N ASP JA 139 25.92 9.21 49.26
CA ASP JA 139 26.34 9.39 47.88
C ASP JA 139 27.62 8.64 47.59
N GLU JA 140 28.65 8.84 48.42
CA GLU JA 140 29.90 8.13 48.20
C GLU JA 140 29.71 6.64 48.31
N TYR JA 141 28.92 6.21 49.28
CA TYR JA 141 28.60 4.79 49.45
C TYR JA 141 28.13 4.18 48.13
N VAL JA 142 27.02 4.69 47.61
CA VAL JA 142 26.44 4.07 46.42
C VAL JA 142 27.36 4.20 45.23
N ARG JA 143 28.04 5.34 45.09
CA ARG JA 143 28.86 5.53 43.90
C ARG JA 143 30.04 4.57 43.88
N ALA JA 144 30.75 4.47 45.01
CA ALA JA 144 31.85 3.52 45.08
C ALA JA 144 31.34 2.11 44.82
N GLY JA 145 30.20 1.75 45.41
CA GLY JA 145 29.68 0.43 45.19
C GLY JA 145 29.38 0.15 43.74
N VAL JA 146 28.79 1.11 43.04
CA VAL JA 146 28.38 0.88 41.66
C VAL JA 146 29.58 0.75 40.76
N ASP JA 147 30.55 1.66 40.88
CA ASP JA 147 31.61 1.70 39.87
C ASP JA 147 32.94 1.11 40.35
N GLU JA 148 32.97 0.41 41.48
CA GLU JA 148 34.18 -0.27 41.90
C GLU JA 148 33.98 -1.71 42.32
N GLY JA 149 32.76 -2.14 42.61
CA GLY JA 149 32.48 -3.51 42.94
C GLY JA 149 32.50 -3.82 44.42
N THR JA 150 33.13 -2.99 45.24
CA THR JA 150 33.18 -3.26 46.66
C THR JA 150 33.17 -1.97 47.44
N ILE JA 151 32.66 -2.03 48.66
CA ILE JA 151 32.64 -0.91 49.57
C ILE JA 151 33.32 -1.34 50.86
N ILE JA 152 34.28 -0.56 51.32
CA ILE JA 152 34.84 -0.69 52.64
C ILE JA 152 34.39 0.53 53.43
N VAL JA 153 34.01 0.32 54.69
CA VAL JA 153 33.57 1.40 55.56
C VAL JA 153 34.28 1.26 56.89
N LYS JA 154 34.86 2.35 57.38
CA LYS JA 154 35.56 2.36 58.65
C LYS JA 154 34.71 3.06 59.70
N VAL JA 155 34.53 2.40 60.84
CA VAL JA 155 33.71 2.92 61.93
C VAL JA 155 34.62 3.18 63.12
N GLY JA 156 34.53 4.37 63.69
CA GLY JA 156 35.38 4.71 64.81
C GLY JA 156 34.67 5.67 65.74
N TRP JA 157 35.37 6.07 66.79
CA TRP JA 157 34.85 7.00 67.77
C TRP JA 157 35.77 8.19 67.91
N ASN JA 158 35.19 9.38 68.05
CA ASN JA 158 35.95 10.61 68.21
C ASN JA 158 35.65 11.19 69.59
N TYR JA 159 36.72 11.64 70.27
CA TYR JA 159 36.59 12.12 71.64
C TYR JA 159 37.67 13.18 71.87
N GLN JA 160 37.27 14.45 71.80
CA GLN JA 160 38.18 15.57 71.97
C GLN JA 160 37.84 16.31 73.25
N SER JA 161 38.87 16.76 73.97
CA SER JA 161 38.68 17.35 75.28
C SER JA 161 39.91 18.22 75.60
N ARG JA 162 40.14 18.47 76.89
CA ARG JA 162 41.23 19.22 77.52
C ARG JA 162 40.95 20.71 77.56
N THR JA 163 39.85 21.18 77.01
CA THR JA 163 39.61 22.62 76.99
C THR JA 163 39.20 23.08 78.38
N VAL JA 164 40.18 23.42 79.22
CA VAL JA 164 39.92 23.65 80.64
C VAL JA 164 39.17 24.95 80.82
N LYS JA 165 38.32 25.01 81.85
CA LYS JA 165 37.64 26.22 82.27
C LYS JA 165 38.05 26.53 83.71
N GLU JA 166 37.59 27.68 84.22
CA GLU JA 166 38.12 28.22 85.47
C GLU JA 166 37.02 28.90 86.27
N GLN JA 167 37.44 29.53 87.38
CA GLN JA 167 36.65 30.45 88.19
C GLN JA 167 35.41 29.77 88.77
N VAL JA 168 35.66 28.83 89.68
CA VAL JA 168 34.59 28.29 90.50
C VAL JA 168 34.24 29.29 91.60
N VAL JA 169 33.08 29.11 92.22
CA VAL JA 169 32.66 29.95 93.34
C VAL JA 169 32.37 29.09 94.55
N THR JA 170 31.97 29.71 95.66
CA THR JA 170 31.68 29.00 96.89
C THR JA 170 30.44 29.59 97.54
N TYR JA 171 29.59 28.71 98.07
CA TYR JA 171 28.37 29.11 98.75
C TYR JA 171 28.44 28.68 100.20
N GLU JA 172 28.16 29.60 101.11
CA GLU JA 172 28.08 29.29 102.53
C GLU JA 172 26.68 28.84 102.88
N MET JA 173 26.59 27.89 103.81
CA MET JA 173 25.30 27.39 104.23
C MET JA 173 24.62 28.41 105.13
N MET JA 174 23.28 28.38 105.15
CA MET JA 174 22.54 29.31 105.99
C MET JA 174 21.21 28.70 106.41
N PRO JA 175 20.86 28.73 107.69
CA PRO JA 175 19.66 28.05 108.16
C PRO JA 175 18.38 28.87 108.06
N ASP JA 176 18.34 29.88 107.19
CA ASP JA 176 17.14 30.68 107.01
C ASP JA 176 16.14 29.93 106.15
N SER JA 177 14.94 29.71 106.68
CA SER JA 177 13.85 29.07 105.94
C SER JA 177 12.64 29.99 105.93
N SER JA 178 11.93 29.99 104.81
CA SER JA 178 10.77 30.87 104.64
C SER JA 178 9.79 30.17 103.70
N GLU JA 179 8.84 30.93 103.17
CA GLU JA 179 7.77 30.40 102.33
C GLU JA 179 8.15 30.41 100.86
N GLU JA 180 8.80 31.49 100.41
CA GLU JA 180 9.24 31.57 99.03
C GLU JA 180 10.25 30.48 98.70
N LEU JA 181 11.15 30.20 99.65
CA LEU JA 181 12.09 29.10 99.44
C LEU JA 181 11.36 27.79 99.25
N ALA JA 182 10.32 27.54 100.05
CA ALA JA 182 9.56 26.31 99.89
C ALA JA 182 8.90 26.25 98.52
N GLN JA 183 8.31 27.35 98.07
CA GLN JA 183 7.69 27.37 96.74
C GLN JA 183 8.71 27.08 95.65
N ILE JA 184 9.83 27.78 95.69
CA ILE JA 184 10.84 27.63 94.65
C ILE JA 184 11.39 26.21 94.65
N TYR JA 185 11.64 25.67 95.84
CA TYR JA 185 12.17 24.32 95.92
C TYR JA 185 11.17 23.30 95.43
N GLN JA 186 9.89 23.50 95.71
CA GLN JA 186 8.87 22.61 95.18
C GLN JA 186 8.85 22.65 93.66
N THR JA 187 8.92 23.85 93.09
CA THR JA 187 8.92 23.97 91.63
C THR JA 187 10.16 23.30 91.03
N ALA JA 188 11.31 23.50 91.64
CA ALA JA 188 12.53 22.89 91.14
C ALA JA 188 12.47 21.37 91.23
N ALA JA 189 11.89 20.86 92.31
CA ALA JA 189 11.72 19.41 92.41
C ALA JA 189 10.80 18.90 91.31
N GLN JA 190 9.73 19.64 91.03
CA GLN JA 190 8.84 19.23 89.94
C GLN JA 190 9.57 19.21 88.62
N ILE JA 191 10.42 20.22 88.37
CA ILE JA 191 11.19 20.25 87.14
C ILE JA 191 12.14 19.06 87.06
N ARG JA 192 12.90 18.83 88.12
CA ARG JA 192 13.82 17.70 88.14
C ARG JA 192 13.08 16.39 87.97
N GLU JA 193 11.82 16.34 88.36
CA GLU JA 193 11.04 15.13 88.18
C GLU JA 193 10.63 14.93 86.72
N GLU JA 194 9.97 15.93 86.13
CA GLU JA 194 9.31 15.67 84.86
C GLU JA 194 10.07 16.15 83.63
N SER JA 195 11.03 17.05 83.78
CA SER JA 195 11.83 17.54 82.65
C SER JA 195 13.30 17.52 83.06
N PRO JA 196 13.89 16.34 83.18
CA PRO JA 196 15.28 16.26 83.66
C PRO JA 196 16.26 16.98 82.77
N SER JA 197 15.92 17.18 81.50
CA SER JA 197 16.84 17.89 80.60
C SER JA 197 17.08 19.31 81.06
N GLU JA 198 16.03 19.99 81.53
CA GLU JA 198 16.15 21.38 81.93
C GLU JA 198 16.69 21.57 83.34
N TYR JA 199 16.79 20.50 84.12
CA TYR JA 199 17.20 20.65 85.52
C TYR JA 199 18.59 21.27 85.66
N PRO JA 200 19.62 20.85 84.92
CA PRO JA 200 20.93 21.50 85.09
C PRO JA 200 20.93 22.97 84.74
N GLU JA 201 19.95 23.46 83.99
CA GLU JA 201 19.94 24.85 83.60
C GLU JA 201 19.43 25.78 84.70
N ILE JA 202 18.89 25.25 85.78
CA ILE JA 202 18.43 26.08 86.89
C ILE JA 202 19.66 26.62 87.61
N PRO JA 203 19.55 27.73 88.34
CA PRO JA 203 20.74 28.31 88.97
C PRO JA 203 21.40 27.37 89.97
N GLU JA 204 22.72 27.48 90.04
CA GLU JA 204 23.50 26.56 90.85
C GLU JA 204 23.18 26.70 92.33
N ASP JA 205 23.03 27.93 92.81
CA ASP JA 205 22.77 28.15 94.23
C ASP JA 205 21.46 27.49 94.64
N VAL JA 206 20.38 27.77 93.90
CA VAL JA 206 19.09 27.21 94.26
C VAL JA 206 19.12 25.70 94.11
N ARG JA 207 19.85 25.19 93.11
CA ARG JA 207 19.95 23.75 92.95
C ARG JA 207 20.58 23.10 94.18
N LEU JA 208 21.74 23.61 94.61
CA LEU JA 208 22.46 22.97 95.70
C LEU JA 208 21.71 23.15 97.01
N GLY JA 209 21.07 24.30 97.20
CA GLY JA 209 20.17 24.45 98.32
C GLY JA 209 19.03 23.45 98.28
N LEU JA 210 18.57 23.11 97.08
CA LEU JA 210 17.50 22.14 96.95
C LEU JA 210 17.94 20.77 97.45
N GLU JA 211 19.12 20.30 97.04
CA GLU JA 211 19.48 18.98 97.57
C GLU JA 211 19.83 19.07 99.05
N GLU JA 212 20.29 20.23 99.52
CA GLU JA 212 20.45 20.38 100.96
C GLU JA 212 19.11 20.28 101.69
N THR JA 213 18.03 20.70 101.04
CA THR JA 213 16.72 20.68 101.65
C THR JA 213 16.24 19.27 101.96
N GLU JA 214 16.81 18.26 101.30
CA GLU JA 214 16.58 16.88 101.74
C GLU JA 214 17.75 16.31 102.49
N ALA JA 215 18.93 16.93 102.37
CA ALA JA 215 20.03 16.55 103.25
C ALA JA 215 19.70 16.82 104.72
N ASN JA 216 18.87 17.82 104.97
CA ASN JA 216 18.42 18.16 106.32
C ASN JA 216 17.12 18.94 106.20
N GLY JA 217 16.73 19.66 107.24
CA GLY JA 217 15.52 20.46 107.20
C GLY JA 217 15.59 21.56 106.16
N ILE JA 218 14.46 22.24 106.00
CA ILE JA 218 14.27 23.25 104.95
C ILE JA 218 15.05 24.52 105.27
N GLN JA 219 15.72 24.52 106.43
CA GLN JA 219 16.44 25.72 106.85
C GLN JA 219 17.48 26.15 105.82
N VAL JA 220 17.98 25.21 105.01
CA VAL JA 220 19.09 25.51 104.13
C VAL JA 220 18.75 26.66 103.19
N ARG JA 221 19.71 27.58 103.04
CA ARG JA 221 19.54 28.68 102.07
C ARG JA 221 20.76 28.96 101.21
N ALA JA 222 21.96 28.56 101.63
CA ALA JA 222 23.15 28.53 100.76
C ALA JA 222 23.50 29.92 100.21
N VAL JA 223 23.90 30.80 101.12
CA VAL JA 223 24.38 32.13 100.73
C VAL JA 223 25.73 32.00 100.05
N PRO JA 224 26.01 32.76 98.99
CA PRO JA 224 27.30 32.65 98.32
C PRO JA 224 28.44 33.28 99.11
N VAL JA 225 29.66 32.85 98.78
CA VAL JA 225 30.87 33.46 99.32
C VAL JA 225 31.82 33.88 98.21
N GLY JA 226 32.23 32.92 97.38
CA GLY JA 226 33.12 33.20 96.29
C GLY JA 226 34.48 32.54 96.46
N SER JA 227 35.10 32.18 95.34
CA SER JA 227 36.40 31.52 95.31
C SER JA 227 36.91 31.57 93.86
N GLU JA 228 37.96 30.80 93.59
CA GLU JA 228 38.47 30.65 92.22
C GLU JA 228 39.31 29.39 92.15
N GLU JA 229 39.21 28.69 91.02
CA GLU JA 229 39.95 27.44 90.81
C GLU JA 229 39.85 27.06 89.34
N GLU JA 230 40.83 26.28 88.87
CA GLU JA 230 41.01 25.98 87.45
C GLU JA 230 41.11 24.47 87.26
N GLU JA 231 40.01 23.86 86.82
CA GLU JA 231 39.89 22.41 86.64
C GLU JA 231 38.78 22.12 85.64
N ARG JA 232 38.27 20.89 85.68
CA ARG JA 232 37.05 20.45 85.00
C ARG JA 232 37.14 20.68 83.48
N GLU JA 233 38.03 19.90 82.86
CA GLU JA 233 38.12 19.86 81.42
C GLU JA 233 36.78 19.51 80.80
N GLU JA 234 36.45 20.18 79.71
CA GLU JA 234 35.20 19.96 79.01
C GLU JA 234 35.41 19.06 77.80
N THR JA 235 34.43 18.20 77.55
CA THR JA 235 34.44 17.33 76.39
C THR JA 235 33.90 18.13 75.22
N VAL JA 236 34.81 18.70 74.42
CA VAL JA 236 34.38 19.47 73.27
C VAL JA 236 33.78 18.57 72.21
N GLU JA 237 34.23 17.33 72.10
CA GLU JA 237 33.73 16.41 71.09
C GLU JA 237 33.63 15.01 71.66
N ASN JA 238 32.48 14.37 71.46
CA ASN JA 238 32.30 12.99 71.90
C ASN JA 238 31.19 12.38 71.05
N HIS JA 239 31.57 11.58 70.05
CA HIS JA 239 30.57 11.06 69.13
C HIS JA 239 31.16 9.95 68.27
N PRO JA 240 30.35 9.28 67.45
CA PRO JA 240 30.91 8.31 66.50
C PRO JA 240 31.35 8.99 65.21
N THR JA 241 32.04 8.20 64.38
CA THR JA 241 32.56 8.67 63.10
C THR JA 241 32.52 7.51 62.12
N VAL JA 242 32.24 7.84 60.87
CA VAL JA 242 32.14 6.84 59.82
C VAL JA 242 32.73 7.40 58.54
N GLN JA 243 33.80 6.79 58.04
CA GLN JA 243 34.46 7.22 56.83
C GLN JA 243 34.37 6.08 55.83
N VAL JA 244 34.42 6.37 54.53
CA VAL JA 244 34.16 5.26 53.64
C VAL JA 244 35.42 4.42 53.49
N CYS JA 245 36.30 4.80 52.56
CA CYS JA 245 37.75 4.60 52.50
C CYS JA 245 38.18 4.81 51.06
N ASP JA 246 39.47 4.75 50.79
CA ASP JA 246 39.95 4.50 49.44
C ASP JA 246 40.39 3.05 49.34
N TYR JA 247 40.20 2.47 48.16
CA TYR JA 247 40.51 1.06 47.97
C TYR JA 247 41.97 0.81 47.65
N ASN JA 248 42.80 1.85 47.57
CA ASN JA 248 44.22 1.68 47.31
C ASN JA 248 45.05 1.61 48.57
N ASN JA 249 44.49 1.89 49.74
CA ASN JA 249 45.27 2.00 50.96
C ASN JA 249 44.89 0.96 52.00
N ILE JA 250 44.22 -0.11 51.57
CA ILE JA 250 43.68 -1.11 52.48
C ILE JA 250 44.10 -2.49 52.00
N VAL JA 251 44.60 -3.31 52.91
CA VAL JA 251 45.07 -4.65 52.60
C VAL JA 251 44.48 -5.62 53.62
N ILE JA 252 43.91 -6.72 53.13
CA ILE JA 252 43.23 -7.66 54.00
C ILE JA 252 43.89 -9.02 53.90
N ASP JA 253 43.70 -9.83 54.93
CA ASP JA 253 44.08 -11.23 54.84
C ASP JA 253 43.40 -11.86 53.62
N PRO JA 254 44.14 -12.48 52.72
CA PRO JA 254 43.54 -13.12 51.54
C PRO JA 254 43.14 -14.56 51.73
N SER JA 255 43.42 -15.16 52.89
CA SER JA 255 43.09 -16.55 53.14
C SER JA 255 41.69 -16.73 53.71
N CYS JA 256 40.95 -15.64 53.92
CA CYS JA 256 39.66 -15.72 54.59
C CYS JA 256 38.57 -16.32 53.72
N GLY JA 257 38.84 -16.59 52.45
CA GLY JA 257 37.74 -16.94 51.56
C GLY JA 257 36.88 -15.73 51.37
N SER JA 258 35.57 -15.88 51.59
CA SER JA 258 34.67 -14.72 51.63
C SER JA 258 33.82 -14.83 52.88
N ASP JA 259 34.39 -14.45 54.02
CA ASP JA 259 33.62 -14.31 55.26
C ASP JA 259 33.80 -12.92 55.86
N PHE JA 260 35.06 -12.53 56.00
CA PHE JA 260 35.50 -11.35 56.74
C PHE JA 260 35.23 -11.50 58.23
N SER JA 261 34.56 -12.57 58.63
CA SER JA 261 34.49 -12.91 60.04
C SER JA 261 35.63 -13.81 60.45
N LYS JA 262 36.42 -14.29 59.49
CA LYS JA 262 37.56 -15.12 59.76
C LYS JA 262 38.86 -14.52 59.26
N ALA JA 263 38.82 -13.34 58.66
CA ALA JA 263 40.04 -12.66 58.28
C ALA JA 263 40.86 -12.36 59.53
N LYS JA 264 42.16 -12.56 59.43
CA LYS JA 264 43.02 -12.48 60.60
C LYS JA 264 43.74 -11.15 60.75
N PHE JA 265 43.78 -10.32 59.71
CA PHE JA 265 44.42 -9.02 59.87
C PHE JA 265 44.00 -8.10 58.74
N LEU JA 266 43.94 -6.82 59.07
CA LEU JA 266 43.67 -5.76 58.11
C LEU JA 266 44.61 -4.60 58.38
N ILE JA 267 45.16 -4.04 57.31
CA ILE JA 267 46.14 -2.96 57.40
C ILE JA 267 45.65 -1.79 56.57
N GLU JA 268 45.68 -0.61 57.16
CA GLU JA 268 45.25 0.60 56.47
C GLU JA 268 46.31 1.66 56.58
N THR JA 269 46.57 2.37 55.48
CA THR JA 269 47.51 3.48 55.47
C THR JA 269 46.74 4.77 55.23
N PHE JA 270 46.96 5.76 56.09
CA PHE JA 270 46.31 7.04 55.89
C PHE JA 270 47.31 8.16 56.18
N GLU JA 271 46.82 9.39 56.18
CA GLU JA 271 47.66 10.56 56.27
C GLU JA 271 47.15 11.48 57.37
N SER JA 272 48.06 12.05 58.14
CA SER JA 272 47.69 12.91 59.26
C SER JA 272 48.85 13.87 59.53
N SER JA 273 48.77 14.56 60.66
CA SER JA 273 49.76 15.57 61.02
C SER JA 273 50.08 15.47 62.49
N TYR JA 274 51.23 16.05 62.87
CA TYR JA 274 51.69 15.96 64.24
C TYR JA 274 50.70 16.61 65.20
N ALA JA 275 50.17 17.78 64.84
CA ALA JA 275 49.23 18.45 65.72
C ALA JA 275 47.98 17.61 65.91
N GLU JA 276 47.46 17.01 64.85
CA GLU JA 276 46.27 16.19 64.97
C GLU JA 276 46.52 14.96 65.84
N LEU JA 277 47.68 14.32 65.65
CA LEU JA 277 48.01 13.17 66.47
C LEU JA 277 48.10 13.57 67.94
N LYS JA 278 48.74 14.69 68.23
CA LYS JA 278 48.83 15.13 69.62
C LYS JA 278 47.46 15.45 70.18
N ALA JA 279 46.60 16.08 69.39
CA ALA JA 279 45.27 16.42 69.86
C ALA JA 279 44.47 15.17 70.20
N ASP JA 280 44.55 14.15 69.36
CA ASP JA 280 43.89 12.88 69.66
C ASP JA 280 44.75 12.14 70.67
N GLY JA 281 44.34 12.20 71.95
CA GLY JA 281 45.16 11.66 73.00
C GLY JA 281 45.17 10.15 73.09
N ARG JA 282 45.75 9.49 72.10
CA ARG JA 282 45.80 8.03 72.09
C ARG JA 282 47.14 7.52 71.59
N TYR JA 283 48.22 8.24 71.85
CA TYR JA 283 49.50 7.86 71.26
C TYR JA 283 50.63 8.17 72.24
N LYS JA 284 51.76 7.53 72.01
CA LYS JA 284 52.96 7.72 72.80
C LYS JA 284 54.15 7.88 71.86
N ASN JA 285 55.29 8.23 72.44
CA ASN JA 285 56.53 8.41 71.70
C ASN JA 285 56.42 9.47 70.61
N LEU JA 286 55.51 10.42 70.77
CA LEU JA 286 55.24 11.38 69.71
C LEU JA 286 56.43 12.27 69.42
N ASP JA 287 57.41 12.32 70.31
CA ASP JA 287 58.53 13.23 70.18
C ASP JA 287 59.70 12.64 69.40
N LYS JA 288 59.57 11.42 68.90
CA LYS JA 288 60.65 10.77 68.17
C LYS JA 288 60.21 10.46 66.75
N ILE JA 289 59.53 11.39 66.12
CA ILE JA 289 58.96 11.16 64.79
C ILE JA 289 59.87 11.65 63.69
N GLN JA 290 60.57 12.75 63.90
CA GLN JA 290 61.43 13.36 62.88
C GLN JA 290 60.61 13.75 61.65
N VAL JA 291 59.73 14.73 61.88
CA VAL JA 291 58.75 15.16 60.88
C VAL JA 291 59.43 15.80 59.67
N GLU JA 292 60.75 15.96 59.73
CA GLU JA 292 61.52 16.46 58.61
C GLU JA 292 61.92 15.34 57.65
N GLY JA 293 61.17 14.24 57.65
CA GLY JA 293 61.50 13.04 56.90
C GLY JA 293 60.63 12.82 55.70
N GLN JA 294 59.58 12.01 55.89
CA GLN JA 294 58.83 11.34 54.83
C GLN JA 294 58.67 12.17 53.56
N ASN JA 295 58.28 13.44 53.71
CA ASN JA 295 57.97 14.31 52.58
C ASN JA 295 56.88 13.73 51.69
N LEU JA 296 56.12 12.76 52.21
CA LEU JA 296 55.03 12.13 51.47
C LEU JA 296 55.52 11.56 50.14
N LEU JA 297 56.73 11.01 50.15
CA LEU JA 297 57.32 10.42 48.94
C LEU JA 297 57.81 9.02 49.29
N SER JA 298 56.90 8.06 49.21
CA SER JA 298 57.22 6.65 49.38
C SER JA 298 56.24 5.83 48.57
N GLU JA 299 56.66 4.62 48.22
CA GLU JA 299 55.89 3.81 47.27
C GLU JA 299 54.52 3.42 47.81
N PRO JA 300 54.40 2.65 48.88
CA PRO JA 300 53.08 2.16 49.30
C PRO JA 300 52.23 3.22 49.98
N ASP JA 301 52.66 4.47 49.94
CA ASP JA 301 52.14 5.51 50.80
C ASP JA 301 50.70 5.85 50.44
N TYR JA 302 50.17 6.82 51.18
CA TYR JA 302 48.84 7.35 50.93
C TYR JA 302 48.77 7.81 49.49
N THR JA 303 47.94 7.16 48.69
CA THR JA 303 47.70 7.64 47.33
C THR JA 303 46.80 8.86 47.40
N GLY JA 304 47.36 10.03 47.10
CA GLY JA 304 46.68 11.28 47.32
C GLY JA 304 45.44 11.44 46.47
N PRO JA 305 44.66 12.48 46.75
CA PRO JA 305 43.42 12.69 45.98
C PRO JA 305 43.67 12.81 44.49
N SER JA 306 44.77 13.44 44.09
CA SER JA 306 45.10 13.61 42.67
C SER JA 306 46.61 13.50 42.53
N GLU JA 307 47.11 13.91 41.37
CA GLU JA 307 48.54 13.92 41.15
C GLU JA 307 49.18 15.25 41.53
N GLY JA 308 48.48 16.35 41.27
CA GLY JA 308 49.04 17.66 41.60
C GLY JA 308 49.29 17.85 43.07
N VAL JA 309 48.39 17.31 43.91
CA VAL JA 309 48.49 17.49 45.35
C VAL JA 309 49.73 16.83 45.94
N ARG JA 310 50.41 15.98 45.18
CA ARG JA 310 51.63 15.36 45.69
C ARG JA 310 52.72 16.38 45.95
N ASN JA 311 52.66 17.54 45.31
CA ASN JA 311 53.68 18.57 45.47
C ASN JA 311 53.35 19.59 46.54
N PHE JA 312 52.24 19.41 47.26
CA PHE JA 312 51.80 20.39 48.24
C PHE JA 312 52.30 20.02 49.62
N ASP JA 313 52.67 21.04 50.40
CA ASP JA 313 53.12 20.83 51.77
C ASP JA 313 53.01 22.13 52.53
N PHE JA 314 53.23 22.05 53.84
CA PHE JA 314 52.96 23.16 54.74
C PHE JA 314 54.20 23.81 55.34
N GLN JA 315 55.30 23.06 55.47
CA GLN JA 315 56.58 23.55 56.01
C GLN JA 315 56.38 24.32 57.31
N ASP JA 316 55.60 23.74 58.23
CA ASP JA 316 55.35 24.35 59.52
C ASP JA 316 55.75 23.50 60.71
N LYS JA 317 56.02 22.21 60.50
CA LYS JA 317 56.46 21.27 61.54
C LYS JA 317 55.31 20.94 62.49
N SER JA 318 54.20 21.65 62.37
CA SER JA 318 53.00 21.33 63.11
C SER JA 318 51.86 20.89 62.22
N ARG JA 319 51.89 21.24 60.94
CA ARG JA 319 50.89 20.81 59.99
C ARG JA 319 51.50 20.03 58.84
N LYS JA 320 52.77 19.66 58.93
CA LYS JA 320 53.39 18.86 57.88
C LYS JA 320 52.70 17.51 57.81
N ARG JA 321 52.56 17.00 56.59
CA ARG JA 321 51.80 15.77 56.36
C ARG JA 321 52.66 14.55 56.59
N LEU JA 322 52.08 13.53 57.21
CA LEU JA 322 52.76 12.28 57.50
C LEU JA 322 51.94 11.12 56.98
N VAL JA 323 52.54 9.93 57.00
CA VAL JA 323 51.88 8.70 56.59
C VAL JA 323 51.89 7.74 57.77
N VAL JA 324 50.72 7.20 58.09
CA VAL JA 324 50.55 6.37 59.28
C VAL JA 324 49.98 5.03 58.85
N HIS JA 325 50.54 3.95 59.39
CA HIS JA 325 50.06 2.59 59.16
C HIS JA 325 49.35 2.08 60.39
N GLU JA 326 48.22 1.43 60.18
CA GLU JA 326 47.44 0.79 61.23
C GLU JA 326 47.26 -0.68 60.89
N TYR JA 327 47.31 -1.51 61.92
CA TYR JA 327 47.21 -2.96 61.79
C TYR JA 327 46.25 -3.45 62.85
N TRP JA 328 45.06 -3.89 62.44
CA TRP JA 328 44.12 -4.54 63.33
C TRP JA 328 44.17 -6.03 63.08
N GLY JA 329 44.08 -6.84 64.13
CA GLY JA 329 44.02 -8.26 63.88
C GLY JA 329 44.16 -9.08 65.15
N TYR JA 330 44.60 -10.32 64.95
CA TYR JA 330 44.74 -11.28 66.03
C TYR JA 330 46.21 -11.71 66.10
N TYR JA 331 46.68 -11.95 67.31
CA TYR JA 331 48.08 -12.34 67.48
C TYR JA 331 48.21 -13.12 68.76
N ASP JA 332 49.32 -13.86 68.86
CA ASP JA 332 49.61 -14.68 70.04
C ASP JA 332 50.51 -13.87 70.97
N ILE JA 333 49.88 -12.96 71.72
CA ILE JA 333 50.63 -12.03 72.55
C ILE JA 333 51.44 -12.79 73.60
N HIS JA 334 50.83 -13.79 74.22
CA HIS JA 334 51.59 -14.65 75.12
C HIS JA 334 52.09 -15.86 74.33
N GLY JA 335 52.76 -16.77 75.04
CA GLY JA 335 53.19 -17.99 74.41
C GLY JA 335 52.17 -19.10 74.41
N ASP JA 336 50.97 -18.82 74.93
CA ASP JA 336 49.96 -19.86 75.11
C ASP JA 336 49.41 -20.40 73.80
N GLY JA 337 49.71 -19.76 72.67
CA GLY JA 337 49.08 -20.18 71.43
C GLY JA 337 47.59 -19.90 71.43
N VAL JA 338 47.17 -18.79 72.02
CA VAL JA 338 45.80 -18.32 71.95
C VAL JA 338 45.82 -16.90 71.41
N LEU JA 339 44.98 -16.64 70.43
CA LEU JA 339 44.99 -15.35 69.75
C LEU JA 339 44.16 -14.33 70.52
N HIS JA 340 44.64 -13.10 70.53
CA HIS JA 340 43.92 -12.00 71.16
C HIS JA 340 43.75 -10.88 70.15
N PRO JA 341 42.69 -10.08 70.27
CA PRO JA 341 42.46 -8.98 69.31
C PRO JA 341 43.29 -7.77 69.70
N ILE JA 342 44.19 -7.36 68.81
CA ILE JA 342 45.11 -6.26 69.07
C ILE JA 342 45.09 -5.28 67.91
N VAL JA 343 45.61 -4.08 68.21
CA VAL JA 343 45.78 -3.00 67.26
C VAL JA 343 47.16 -2.40 67.45
N ALA JA 344 47.85 -2.15 66.34
CA ALA JA 344 49.19 -1.58 66.37
C ALA JA 344 49.31 -0.51 65.31
N THR JA 345 49.86 0.63 65.69
CA THR JA 345 49.93 1.80 64.81
C THR JA 345 51.35 2.33 64.83
N TRP JA 346 51.90 2.59 63.64
CA TRP JA 346 53.26 3.09 63.56
C TRP JA 346 53.42 4.03 62.39
N VAL JA 347 54.42 4.89 62.49
CA VAL JA 347 54.78 5.84 61.44
C VAL JA 347 56.28 5.74 61.20
N GLY JA 348 56.66 5.73 59.93
CA GLY JA 348 58.07 5.63 59.58
C GLY JA 348 58.69 4.37 60.12
N ALA JA 349 59.54 4.51 61.13
CA ALA JA 349 60.16 3.38 61.80
C ALA JA 349 59.91 3.37 63.29
N VAL JA 350 58.94 4.15 63.76
CA VAL JA 350 58.65 4.30 65.19
C VAL JA 350 57.27 3.74 65.46
N MET JA 351 57.18 2.87 66.46
CA MET JA 351 55.88 2.33 66.88
C MET JA 351 55.21 3.34 67.80
N ILE JA 352 53.99 3.73 67.45
CA ILE JA 352 53.29 4.77 68.19
C ILE JA 352 52.21 4.21 69.11
N ARG JA 353 51.66 3.05 68.81
CA ARG JA 353 50.56 2.55 69.63
C ARG JA 353 50.52 1.03 69.53
N MET JA 354 50.36 0.38 70.67
CA MET JA 354 50.13 -1.06 70.69
C MET JA 354 49.17 -1.37 71.83
N GLU JA 355 48.07 -2.03 71.51
CA GLU JA 355 47.03 -2.20 72.52
C GLU JA 355 46.14 -3.36 72.13
N GLU JA 356 45.35 -3.83 73.09
CA GLU JA 356 44.27 -4.73 72.75
C GLU JA 356 43.10 -3.95 72.19
N ASN JA 357 42.22 -4.65 71.50
CA ASN JA 357 41.10 -4.00 70.83
C ASN JA 357 40.22 -3.30 71.86
N PRO JA 358 39.98 -1.99 71.74
CA PRO JA 358 39.25 -1.26 72.76
C PRO JA 358 37.75 -1.14 72.53
N PHE JA 359 37.24 -1.59 71.41
CA PHE JA 359 35.82 -1.45 71.18
C PHE JA 359 35.03 -2.50 71.96
N PRO JA 360 33.77 -2.21 72.28
CA PRO JA 360 32.99 -3.16 73.10
C PRO JA 360 32.87 -4.53 72.47
N ASP JA 361 32.79 -4.61 71.16
CA ASP JA 361 32.80 -5.88 70.45
C ASP JA 361 34.20 -6.10 69.89
N LYS JA 362 34.87 -7.15 70.36
CA LYS JA 362 36.27 -7.33 70.02
C LYS JA 362 36.43 -7.78 68.58
N LYS JA 363 36.07 -6.91 67.63
CA LYS JA 363 36.19 -7.21 66.21
C LYS JA 363 36.86 -6.04 65.50
N ILE JA 364 37.14 -6.24 64.23
CA ILE JA 364 37.75 -5.20 63.41
C ILE JA 364 36.70 -4.15 63.08
N PRO JA 365 36.96 -2.89 63.31
CA PRO JA 365 35.96 -1.83 63.08
C PRO JA 365 35.76 -1.46 61.61
N TYR JA 366 35.60 -2.45 60.76
CA TYR JA 366 35.38 -2.23 59.34
C TYR JA 366 34.22 -3.09 58.87
N VAL JA 367 33.59 -2.64 57.79
CA VAL JA 367 32.50 -3.36 57.16
C VAL JA 367 32.74 -3.41 55.66
N VAL JA 368 32.67 -4.60 55.08
CA VAL JA 368 32.94 -4.80 53.66
C VAL JA 368 31.69 -5.35 53.00
N VAL JA 369 31.28 -4.71 51.91
CA VAL JA 369 30.09 -5.11 51.17
C VAL JA 369 30.46 -5.29 49.72
N SER JA 370 30.05 -6.40 49.12
CA SER JA 370 30.36 -6.68 47.73
C SER JA 370 29.13 -6.42 46.87
N TYR JA 371 29.30 -5.61 45.82
CA TYR JA 371 28.19 -5.24 44.96
C TYR JA 371 27.61 -6.45 44.26
N ILE JA 372 28.40 -7.08 43.41
CA ILE JA 372 28.03 -8.33 42.72
C ILE JA 372 28.94 -9.43 43.24
N PRO JA 373 28.41 -10.49 43.83
CA PRO JA 373 29.27 -11.47 44.48
C PRO JA 373 30.09 -12.27 43.48
N ARG JA 374 31.22 -12.77 43.96
CA ARG JA 374 32.05 -13.70 43.22
C ARG JA 374 32.30 -14.93 44.07
N LYS JA 375 32.64 -16.03 43.42
CA LYS JA 375 32.76 -17.30 44.11
C LYS JA 375 33.95 -17.26 45.06
N ARG JA 376 33.67 -17.23 46.36
CA ARG JA 376 34.68 -17.30 47.41
C ARG JA 376 35.71 -16.18 47.26
N ASP JA 377 35.22 -14.94 47.34
CA ASP JA 377 36.08 -13.78 47.26
C ASP JA 377 35.38 -12.60 47.89
N LEU JA 378 36.15 -11.75 48.57
CA LEU JA 378 35.58 -10.59 49.23
C LEU JA 378 35.18 -9.53 48.22
N TYR JA 379 36.05 -9.23 47.28
CA TYR JA 379 35.80 -8.17 46.32
C TYR JA 379 34.73 -8.60 45.32
N GLY JA 380 33.86 -7.67 44.97
CA GLY JA 380 32.81 -7.93 44.00
C GLY JA 380 33.25 -7.59 42.59
N GLU JA 381 32.26 -7.34 41.74
CA GLU JA 381 32.50 -6.88 40.38
C GLU JA 381 31.75 -5.58 40.13
N SER JA 382 32.38 -4.67 39.40
CA SER JA 382 31.73 -3.42 39.07
C SER JA 382 30.52 -3.67 38.19
N ASP JA 383 29.65 -2.68 38.14
CA ASP JA 383 28.43 -2.81 37.34
C ASP JA 383 28.74 -2.96 35.87
N GLY JA 384 29.59 -2.08 35.34
CA GLY JA 384 29.93 -2.11 33.94
C GLY JA 384 31.18 -2.90 33.63
N ALA JA 385 31.31 -4.10 34.19
CA ALA JA 385 32.47 -4.93 33.93
C ALA JA 385 32.35 -5.75 32.66
N LEU JA 386 31.19 -5.75 32.02
CA LEU JA 386 30.96 -6.57 30.85
C LEU JA 386 30.57 -5.75 29.62
N LEU JA 387 30.61 -4.43 29.71
CA LEU JA 387 30.18 -3.58 28.62
C LEU JA 387 31.35 -3.02 27.83
N ILE JA 388 32.57 -3.46 28.12
CA ILE JA 388 33.74 -2.88 27.47
C ILE JA 388 33.69 -3.12 25.97
N ASP JA 389 33.34 -4.33 25.57
CA ASP JA 389 33.25 -4.64 24.15
C ASP JA 389 32.20 -3.78 23.46
N ASN JA 390 31.05 -3.61 24.09
CA ASN JA 390 30.01 -2.79 23.50
C ASN JA 390 30.46 -1.35 23.34
N GLN JA 391 31.12 -0.80 24.37
CA GLN JA 391 31.60 0.56 24.27
C GLN JA 391 32.60 0.70 23.13
N ARG JA 392 33.52 -0.26 23.01
CA ARG JA 392 34.52 -0.19 21.95
C ARG JA 392 33.87 -0.25 20.58
N ILE JA 393 32.92 -1.15 20.39
CA ILE JA 393 32.28 -1.31 19.09
C ILE JA 393 31.50 -0.05 18.72
N ILE JA 394 30.76 0.50 19.67
CA ILE JA 394 29.98 1.70 19.37
C ILE JA 394 30.90 2.85 19.02
N GLY JA 395 32.00 3.01 19.77
CA GLY JA 395 32.95 4.04 19.42
C GLY JA 395 33.52 3.87 18.03
N ALA JA 396 33.87 2.64 17.68
CA ALA JA 396 34.45 2.40 16.36
C ALA JA 396 33.46 2.75 15.26
N VAL JA 397 32.21 2.32 15.40
CA VAL JA 397 31.23 2.58 14.35
C VAL JA 397 30.99 4.07 14.21
N THR JA 398 30.86 4.78 15.34
CA THR JA 398 30.62 6.21 15.27
C THR JA 398 31.79 6.92 14.60
N ARG JA 399 33.02 6.54 14.95
CA ARG JA 399 34.17 7.15 14.31
C ARG JA 399 34.17 6.89 12.82
N GLY JA 400 33.78 5.68 12.41
CA GLY JA 400 33.72 5.38 10.99
C GLY JA 400 32.74 6.27 10.26
N MET JA 401 31.56 6.46 10.84
CA MET JA 401 30.56 7.31 10.18
C MET JA 401 31.04 8.76 10.09
N ILE JA 402 31.65 9.26 11.17
CA ILE JA 402 32.21 10.61 11.13
C ILE JA 402 33.23 10.73 10.02
N ASP JA 403 34.14 9.77 9.92
CA ASP JA 403 35.18 9.85 8.89
C ASP JA 403 34.55 9.87 7.51
N THR JA 404 33.57 9.00 7.27
CA THR JA 404 32.93 8.96 5.97
C THR JA 404 32.31 10.30 5.62
N MET JA 405 31.63 10.93 6.58
CA MET JA 405 30.98 12.19 6.26
C MET JA 405 31.97 13.34 6.15
N ALA JA 406 33.08 13.27 6.87
CA ALA JA 406 33.97 14.42 6.94
C ALA JA 406 35.00 14.45 5.83
N ARG JA 407 35.65 13.33 5.53
CA ARG JA 407 36.65 13.32 4.48
C ARG JA 407 36.06 13.39 3.09
N SER JA 408 34.77 13.66 2.96
CA SER JA 408 34.14 13.72 1.66
C SER JA 408 34.46 15.06 1.00
N ALA JA 409 33.79 15.36 -0.11
CA ALA JA 409 34.03 16.58 -0.85
C ALA JA 409 32.81 17.49 -0.86
N ASN JA 410 32.05 17.47 0.23
CA ASN JA 410 30.85 18.30 0.29
C ASN JA 410 31.20 19.77 0.18
N GLY JA 411 30.42 20.48 -0.62
CA GLY JA 411 30.57 21.91 -0.77
C GLY JA 411 31.25 22.34 -2.05
N GLN JA 412 32.07 21.49 -2.65
CA GLN JA 412 32.77 21.87 -3.85
C GLN JA 412 31.92 21.60 -5.08
N VAL JA 413 32.13 22.40 -6.12
CA VAL JA 413 31.39 22.29 -7.37
C VAL JA 413 32.38 22.09 -8.50
N GLY JA 414 32.11 21.13 -9.36
CA GLY JA 414 33.00 20.82 -10.47
C GLY JA 414 32.31 21.05 -11.79
N VAL JA 415 33.07 21.55 -12.77
CA VAL JA 415 32.54 21.90 -14.08
C VAL JA 415 33.35 21.19 -15.14
N MET JA 416 32.66 20.60 -16.11
CA MET JA 416 33.35 19.96 -17.22
C MET JA 416 34.15 20.99 -18.02
N LYS JA 417 35.39 20.64 -18.35
CA LYS JA 417 36.19 21.52 -19.19
C LYS JA 417 35.54 21.62 -20.57
N GLY JA 418 35.60 22.81 -21.16
CA GLY JA 418 35.10 23.00 -22.49
C GLY JA 418 33.61 23.14 -22.60
N ALA JA 419 32.88 23.17 -21.49
CA ALA JA 419 31.45 23.42 -21.56
C ALA JA 419 31.12 24.90 -21.55
N LEU JA 420 31.96 25.72 -20.93
CA LEU JA 420 31.76 27.15 -20.87
C LEU JA 420 33.02 27.85 -21.35
N ASP JA 421 32.84 28.89 -22.16
CA ASP JA 421 33.95 29.72 -22.58
C ASP JA 421 34.33 30.65 -21.42
N VAL JA 422 35.24 31.58 -21.67
CA VAL JA 422 35.71 32.45 -20.59
C VAL JA 422 34.62 33.40 -20.14
N THR JA 423 33.96 34.08 -21.10
CA THR JA 423 32.93 35.04 -20.73
C THR JA 423 31.77 34.36 -20.03
N ASN JA 424 31.30 33.24 -20.56
CA ASN JA 424 30.20 32.54 -19.92
C ASN JA 424 30.61 31.98 -18.57
N ARG JA 425 31.86 31.55 -18.43
CA ARG JA 425 32.34 31.11 -17.13
C ARG JA 425 32.28 32.25 -16.13
N ARG JA 426 32.69 33.44 -16.54
CA ARG JA 426 32.65 34.58 -15.63
C ARG JA 426 31.21 34.92 -15.27
N ARG JA 427 30.30 34.89 -16.24
CA ARG JA 427 28.90 35.17 -15.93
C ARG JA 427 28.35 34.15 -14.94
N PHE JA 428 28.66 32.87 -15.16
CA PHE JA 428 28.16 31.83 -14.29
C PHE JA 428 28.68 32.01 -12.87
N ASP JA 429 29.96 32.37 -12.74
CA ASP JA 429 30.50 32.65 -11.41
C ASP JA 429 29.84 33.87 -10.80
N ARG JA 430 29.63 34.93 -11.60
CA ARG JA 430 29.04 36.14 -11.05
C ARG JA 430 27.65 35.88 -10.51
N GLY JA 431 26.87 35.05 -11.20
CA GLY JA 431 25.58 34.68 -10.67
C GLY JA 431 24.42 35.18 -11.51
N GLU JA 432 24.68 35.48 -12.77
CA GLU JA 432 23.65 35.91 -13.70
C GLU JA 432 23.43 34.81 -14.74
N ASN JA 433 22.53 35.08 -15.67
CA ASN JA 433 22.24 34.11 -16.70
C ASN JA 433 23.43 33.94 -17.62
N TYR JA 434 23.48 32.80 -18.31
CA TYR JA 434 24.67 32.45 -19.07
C TYR JA 434 24.25 31.59 -20.26
N GLU JA 435 25.25 31.06 -20.96
CA GLU JA 435 25.03 30.21 -22.11
C GLU JA 435 26.09 29.13 -22.13
N PHE JA 436 25.71 27.93 -22.57
CA PHE JA 436 26.61 26.79 -22.56
C PHE JA 436 26.68 26.17 -23.93
N ASN JA 437 27.84 25.61 -24.25
CA ASN JA 437 28.07 25.05 -25.57
C ASN JA 437 27.18 23.83 -25.80
N PRO JA 438 26.81 23.56 -27.05
CA PRO JA 438 25.91 22.44 -27.32
C PRO JA 438 26.58 21.11 -27.00
N GLY JA 439 25.74 20.12 -26.73
CA GLY JA 439 26.21 18.80 -26.41
C GLY JA 439 26.59 18.57 -24.97
N ALA JA 440 26.46 19.59 -24.11
CA ALA JA 440 26.76 19.43 -22.69
C ALA JA 440 25.64 20.10 -21.90
N ASP JA 441 24.60 19.33 -21.60
CA ASP JA 441 23.51 19.86 -20.80
C ASP JA 441 23.99 20.09 -19.37
N PRO JA 442 23.53 21.16 -18.72
CA PRO JA 442 24.06 21.49 -17.38
C PRO JA 442 23.87 20.39 -16.37
N ARG JA 443 22.76 19.65 -16.44
CA ARG JA 443 22.48 18.64 -15.43
C ARG JA 443 23.54 17.57 -15.37
N ALA JA 444 24.35 17.42 -16.43
CA ALA JA 444 25.52 16.56 -16.38
C ALA JA 444 26.83 17.33 -16.42
N ALA JA 445 26.83 18.55 -16.93
CA ALA JA 445 28.07 19.31 -17.05
C ALA JA 445 28.53 19.83 -15.69
N VAL JA 446 27.61 20.28 -14.86
CA VAL JA 446 27.96 20.78 -13.54
C VAL JA 446 27.55 19.75 -12.51
N HIS JA 447 28.22 19.77 -11.37
CA HIS JA 447 27.93 18.81 -10.32
C HIS JA 447 28.32 19.43 -8.98
N MET JA 448 27.44 19.26 -7.99
CA MET JA 448 27.61 19.87 -6.69
C MET JA 448 27.68 18.74 -5.67
N HIS JA 449 28.88 18.45 -5.18
CA HIS JA 449 29.05 17.32 -4.28
C HIS JA 449 28.31 17.53 -2.97
N THR JA 450 27.83 16.44 -2.41
CA THR JA 450 27.12 16.46 -1.14
C THR JA 450 27.61 15.30 -0.28
N PHE JA 451 27.04 15.18 0.92
CA PHE JA 451 27.44 14.10 1.81
C PHE JA 451 27.07 12.76 1.19
N PRO JA 452 27.90 11.75 1.39
CA PRO JA 452 27.56 10.41 0.87
C PRO JA 452 26.41 9.79 1.64
N GLU JA 453 26.04 8.58 1.27
CA GLU JA 453 24.89 7.92 1.88
C GLU JA 453 25.35 6.87 2.89
N ILE JA 454 24.86 6.99 4.12
CA ILE JA 454 25.18 6.00 5.14
C ILE JA 454 24.42 4.71 4.83
N PRO JA 455 25.09 3.56 4.81
CA PRO JA 455 24.37 2.31 4.54
C PRO JA 455 23.51 1.92 5.73
N GLN JA 456 22.52 1.09 5.45
CA GLN JA 456 21.54 0.71 6.45
C GLN JA 456 22.06 -0.26 7.45
N SER JA 457 23.36 -0.54 7.55
CA SER JA 457 23.85 -1.53 8.48
C SER JA 457 24.42 -0.92 9.76
N ALA JA 458 25.01 0.27 9.68
CA ALA JA 458 25.56 0.88 10.88
C ALA JA 458 24.47 1.15 11.91
N GLN JA 459 23.32 1.63 11.46
CA GLN JA 459 22.21 1.86 12.36
C GLN JA 459 21.84 0.59 13.09
N TYR JA 460 21.71 -0.51 12.35
CA TYR JA 460 21.34 -1.77 12.96
C TYR JA 460 22.38 -2.21 13.97
N MET JA 461 23.66 -2.06 13.63
CA MET JA 461 24.70 -2.53 14.53
C MET JA 461 24.69 -1.74 15.83
N ILE JA 462 24.53 -0.43 15.74
CA ILE JA 462 24.47 0.38 16.96
C ILE JA 462 23.28 -0.02 17.80
N ASN JA 463 22.12 -0.21 17.17
CA ASN JA 463 20.95 -0.61 17.93
C ASN JA 463 21.18 -1.93 18.63
N LEU JA 464 21.80 -2.88 17.93
CA LEU JA 464 22.06 -4.19 18.53
C LEU JA 464 22.96 -4.08 19.74
N GLN JA 465 24.05 -3.31 19.60
CA GLN JA 465 24.97 -3.19 20.74
C GLN JA 465 24.30 -2.52 21.92
N GLN JA 466 23.53 -1.46 21.69
CA GLN JA 466 22.89 -0.78 22.79
C GLN JA 466 21.88 -1.68 23.48
N ALA JA 467 21.09 -2.42 22.70
CA ALA JA 467 20.11 -3.32 23.30
C ALA JA 467 20.80 -4.39 24.13
N GLU JA 468 21.92 -4.92 23.64
CA GLU JA 468 22.65 -5.93 24.40
C GLU JA 468 23.15 -5.35 25.72
N ALA JA 469 23.68 -4.13 25.69
CA ALA JA 469 24.17 -3.53 26.93
C ALA JA 469 23.03 -3.32 27.92
N GLU JA 470 21.89 -2.84 27.44
CA GLU JA 470 20.75 -2.64 28.32
C GLU JA 470 20.29 -3.95 28.94
N SER JA 471 20.23 -5.01 28.13
CA SER JA 471 19.84 -6.30 28.67
C SER JA 471 20.83 -6.78 29.72
N MET JA 472 22.13 -6.60 29.46
CA MET JA 472 23.12 -7.07 30.41
C MET JA 472 22.97 -6.36 31.75
N THR JA 473 22.94 -5.02 31.74
CA THR JA 473 22.90 -4.30 33.00
C THR JA 473 21.56 -4.47 33.71
N GLY JA 474 20.47 -4.31 32.99
CA GLY JA 474 19.15 -4.37 33.58
C GLY JA 474 18.50 -3.04 33.83
N VAL JA 475 19.11 -1.94 33.39
CA VAL JA 475 18.51 -0.61 33.53
C VAL JA 475 18.32 -0.04 32.13
N LYS JA 476 17.08 0.34 31.81
CA LYS JA 476 16.77 0.83 30.48
C LYS JA 476 17.20 2.27 30.26
N ALA JA 477 17.32 3.04 31.34
CA ALA JA 477 17.88 4.39 31.30
C ALA JA 477 17.03 5.36 30.46
N PHE JA 478 15.91 4.89 29.92
CA PHE JA 478 15.03 5.68 29.07
C PHE JA 478 15.85 6.51 28.09
N ASN JA 479 16.58 5.79 27.25
CA ASN JA 479 17.66 6.37 26.46
C ASN JA 479 17.56 5.80 25.04
N ALA JA 480 18.64 5.96 24.28
CA ALA JA 480 18.65 5.58 22.87
C ALA JA 480 17.52 6.27 22.12
N GLY JA 481 17.32 7.54 22.43
CA GLY JA 481 16.22 8.32 21.93
C GLY JA 481 15.95 9.46 22.87
N ILE JA 482 14.73 10.01 22.79
CA ILE JA 482 14.32 11.04 23.74
C ILE JA 482 14.34 10.45 25.15
N SER JA 483 14.91 11.21 26.09
CA SER JA 483 14.95 10.76 27.48
C SER JA 483 13.55 10.49 27.98
N GLY JA 484 12.57 11.25 27.50
CA GLY JA 484 11.18 10.91 27.66
C GLY JA 484 10.73 9.97 26.58
N ALA JA 485 11.26 8.75 26.58
CA ALA JA 485 11.00 7.79 25.52
C ALA JA 485 9.51 7.48 25.42
N ALA JA 486 9.10 7.05 24.22
CA ALA JA 486 7.70 6.78 23.91
C ALA JA 486 6.85 8.03 24.13
N LEU JA 487 7.13 9.06 23.33
CA LEU JA 487 6.40 10.33 23.40
C LEU JA 487 4.99 10.18 22.81
N GLY JA 488 4.23 9.30 23.44
CA GLY JA 488 2.82 9.11 23.16
C GLY JA 488 2.52 7.90 22.31
N ASP JA 489 2.24 6.80 22.98
CA ASP JA 489 1.54 5.65 22.41
C ASP JA 489 0.54 5.04 23.36
N THR JA 490 0.68 5.26 24.67
CA THR JA 490 -0.23 4.75 25.69
C THR JA 490 -0.05 5.65 26.91
N ALA JA 491 -1.14 5.84 27.66
CA ALA JA 491 -1.09 6.70 28.83
C ALA JA 491 -0.05 6.21 29.83
N THR JA 492 0.03 4.90 30.04
CA THR JA 492 1.04 4.36 30.94
C THR JA 492 2.43 4.42 30.34
N ALA JA 493 2.56 4.22 29.03
CA ALA JA 493 3.86 4.17 28.40
C ALA JA 493 4.56 5.52 28.38
N VAL JA 494 3.88 6.62 28.69
CA VAL JA 494 4.54 7.90 28.85
C VAL JA 494 4.76 8.25 30.32
N ARG JA 495 4.04 7.61 31.24
CA ARG JA 495 4.23 7.89 32.65
C ARG JA 495 5.61 7.43 33.13
N GLY JA 496 6.12 6.33 32.58
CA GLY JA 496 7.41 5.83 33.02
C GLY JA 496 8.55 6.80 32.73
N ALA JA 497 8.52 7.42 31.55
CA ALA JA 497 9.61 8.32 31.17
C ALA JA 497 9.72 9.51 32.11
N LEU JA 498 8.59 10.18 32.36
CA LEU JA 498 8.59 11.30 33.27
C LEU JA 498 8.97 10.86 34.68
N ASP JA 499 8.53 9.67 35.08
CA ASP JA 499 8.90 9.14 36.38
C ASP JA 499 10.42 9.00 36.51
N ALA JA 500 11.05 8.39 35.52
CA ALA JA 500 12.50 8.21 35.59
C ALA JA 500 13.22 9.55 35.58
N ALA JA 501 12.77 10.48 34.76
CA ALA JA 501 13.40 11.79 34.71
C ALA JA 501 13.32 12.49 36.06
N SER JA 502 12.14 12.48 36.67
CA SER JA 502 11.99 13.13 37.97
C SER JA 502 12.84 12.43 39.03
N LYS JA 503 12.87 11.10 38.99
CA LYS JA 503 13.69 10.37 39.96
C LYS JA 503 15.15 10.74 39.82
N ARG JA 504 15.62 10.96 38.60
CA ARG JA 504 17.01 11.38 38.43
C ARG JA 504 17.23 12.79 38.94
N GLU JA 505 16.28 13.69 38.68
CA GLU JA 505 16.43 15.06 39.17
C GLU JA 505 16.46 15.12 40.69
N LEU JA 506 15.81 14.16 41.34
CA LEU JA 506 15.62 14.24 42.78
C LEU JA 506 16.95 14.27 43.53
N GLY JA 507 17.96 13.54 43.04
CA GLY JA 507 19.23 13.53 43.76
C GLY JA 507 19.89 14.89 43.79
N ILE JA 508 19.94 15.57 42.65
CA ILE JA 508 20.49 16.91 42.60
C ILE JA 508 19.70 17.83 43.50
N LEU JA 509 18.37 17.71 43.45
CA LEU JA 509 17.55 18.54 44.31
C LEU JA 509 17.91 18.33 45.78
N ARG JA 510 18.15 17.08 46.17
CA ARG JA 510 18.47 16.80 47.56
C ARG JA 510 19.81 17.39 47.96
N ARG JA 511 20.80 17.31 47.07
CA ARG JA 511 22.10 17.91 47.39
C ARG JA 511 21.97 19.41 47.63
N LEU JA 512 21.26 20.10 46.73
CA LEU JA 512 21.09 21.54 46.91
C LEU JA 512 20.32 21.83 48.19
N SER JA 513 19.31 21.02 48.50
CA SER JA 513 18.57 21.21 49.74
C SER JA 513 19.47 21.08 50.95
N ALA JA 514 20.38 20.11 50.92
CA ALA JA 514 21.31 19.95 52.05
C ALA JA 514 22.16 21.20 52.23
N GLY JA 515 22.64 21.75 51.11
CA GLY JA 515 23.40 22.99 51.22
C GLY JA 515 22.60 24.11 51.88
N ILE JA 516 21.35 24.27 51.45
CA ILE JA 516 20.51 25.32 52.02
C ILE JA 516 20.29 25.10 53.50
N ILE JA 517 20.05 23.85 53.90
CA ILE JA 517 19.86 23.55 55.32
C ILE JA 517 21.09 23.94 56.12
N GLU JA 518 22.27 23.64 55.60
CA GLU JA 518 23.48 24.03 56.33
C GLU JA 518 23.57 25.53 56.50
N ILE JA 519 23.27 26.29 55.44
CA ILE JA 519 23.29 27.74 55.55
C ILE JA 519 22.33 28.18 56.65
N GLY JA 520 21.13 27.61 56.66
CA GLY JA 520 20.14 28.00 57.65
C GLY JA 520 20.60 27.73 59.06
N ARG JA 521 21.24 26.58 59.29
CA ARG JA 521 21.71 26.28 60.63
C ARG JA 521 22.77 27.27 61.07
N LYS JA 522 23.68 27.64 60.17
CA LYS JA 522 24.66 28.66 60.54
C LYS JA 522 23.98 29.97 60.89
N ILE JA 523 22.95 30.35 60.12
CA ILE JA 523 22.27 31.61 60.40
C ILE JA 523 21.59 31.57 61.76
N ILE JA 524 20.98 30.43 62.10
CA ILE JA 524 20.35 30.31 63.41
C ILE JA 524 21.39 30.48 64.51
N ALA JA 525 22.53 29.82 64.34
CA ALA JA 525 23.58 29.93 65.35
C ALA JA 525 23.99 31.38 65.54
N MET JA 526 24.15 32.12 64.45
CA MET JA 526 24.55 33.53 64.61
C MET JA 526 23.43 34.35 65.24
N ASN JA 527 22.17 34.10 64.88
CA ASN JA 527 21.07 34.81 65.52
C ASN JA 527 21.05 34.56 67.02
N ALA JA 528 21.56 33.41 67.45
CA ALA JA 528 21.44 33.04 68.85
C ALA JA 528 21.99 34.11 69.77
N GLU JA 529 23.15 34.66 69.45
CA GLU JA 529 23.81 35.58 70.37
C GLU JA 529 23.97 36.99 69.85
N PHE JA 530 24.17 37.19 68.55
CA PHE JA 530 24.40 38.54 68.05
C PHE JA 530 23.17 39.42 68.14
N LEU JA 531 22.00 38.84 68.39
CA LEU JA 531 20.75 39.57 68.32
C LEU JA 531 20.17 39.73 69.71
N ASP JA 532 19.43 40.81 69.92
CA ASP JA 532 18.97 41.19 71.25
C ASP JA 532 17.52 40.80 71.48
N ASP JA 533 17.20 40.62 72.76
CA ASP JA 533 15.86 40.16 73.13
C ASP JA 533 14.79 41.16 72.73
N VAL JA 534 15.07 42.46 72.88
CA VAL JA 534 14.10 43.46 72.48
C VAL JA 534 13.88 43.40 70.97
N GLU JA 535 14.95 43.14 70.22
CA GLU JA 535 14.82 43.02 68.77
C GLU JA 535 13.96 41.82 68.40
N VAL JA 536 14.14 40.69 69.09
CA VAL JA 536 13.33 39.52 68.78
C VAL JA 536 11.88 39.75 69.19
N VAL JA 537 11.67 40.44 70.31
CA VAL JA 537 10.30 40.72 70.74
C VAL JA 537 9.61 41.64 69.74
N ARG JA 538 10.33 42.62 69.21
CA ARG JA 538 9.72 43.54 68.25
C ARG JA 538 9.13 42.79 67.07
N ILE JA 539 9.69 41.63 66.72
CA ILE JA 539 9.16 40.84 65.63
C ILE JA 539 8.07 39.90 66.10
N THR JA 540 8.34 39.10 67.12
CA THR JA 540 7.43 38.03 67.48
C THR JA 540 6.18 38.51 68.20
N ASN JA 541 6.28 39.63 68.92
CA ASN JA 541 5.21 40.13 69.78
C ASN JA 541 4.81 39.09 70.82
N GLU JA 542 5.79 38.32 71.31
CA GLU JA 542 5.57 37.39 72.39
C GLU JA 542 6.71 37.52 73.37
N HIS JA 543 6.48 37.04 74.59
CA HIS JA 543 7.50 37.15 75.62
C HIS JA 543 8.74 36.37 75.21
N PHE JA 544 9.90 36.95 75.47
CA PHE JA 544 11.14 36.35 75.02
C PHE JA 544 11.35 34.98 75.66
N VAL JA 545 11.71 34.01 74.84
CA VAL JA 545 12.04 32.68 75.31
C VAL JA 545 13.53 32.61 75.54
N ASP JA 546 13.94 32.13 76.70
CA ASP JA 546 15.35 32.07 77.03
C ASP JA 546 16.08 31.15 76.06
N ILE JA 547 17.41 31.22 76.12
CA ILE JA 547 18.28 30.51 75.20
C ILE JA 547 19.14 29.52 75.97
N ARG JA 548 19.31 28.33 75.42
CA ARG JA 548 20.13 27.31 76.05
C ARG JA 548 21.58 27.51 75.63
N ARG JA 549 22.48 27.61 76.60
CA ARG JA 549 23.87 27.91 76.31
C ARG JA 549 24.65 26.69 75.84
N ASP JA 550 24.13 25.48 76.03
CA ASP JA 550 24.83 24.28 75.61
C ASP JA 550 25.04 24.30 74.10
N ASP JA 551 23.94 24.27 73.36
CA ASP JA 551 23.96 24.35 71.91
C ASP JA 551 23.30 25.65 71.48
N LEU JA 552 23.79 26.22 70.38
CA LEU JA 552 23.18 27.42 69.84
C LEU JA 552 22.57 27.20 68.47
N ALA JA 553 23.00 26.18 67.74
CA ALA JA 553 22.49 25.89 66.40
C ALA JA 553 21.48 24.75 66.41
N GLY JA 554 20.79 24.55 67.52
CA GLY JA 554 19.92 23.41 67.63
C GLY JA 554 20.74 22.15 67.84
N ASN JA 555 20.60 21.19 66.92
CA ASN JA 555 21.33 19.93 66.97
C ASN JA 555 20.88 19.09 68.16
N PHE JA 556 20.02 19.65 68.98
CA PHE JA 556 19.42 18.95 70.11
C PHE JA 556 17.93 19.17 70.23
N ASP JA 557 17.39 20.23 69.66
CA ASP JA 557 16.00 20.55 69.88
C ASP JA 557 15.29 21.09 68.64
N LEU JA 558 15.95 21.17 67.49
CA LEU JA 558 15.33 21.73 66.29
C LEU JA 558 15.57 20.82 65.10
N LYS JA 559 14.51 20.60 64.32
CA LYS JA 559 14.61 19.89 63.06
C LYS JA 559 14.31 20.87 61.94
N LEU JA 560 15.22 20.96 60.97
CA LEU JA 560 15.19 22.00 59.96
C LEU JA 560 14.99 21.36 58.59
N ASP JA 561 14.00 21.85 57.84
CA ASP JA 561 13.69 21.29 56.54
C ASP JA 561 13.04 22.34 55.66
N ILE JA 562 13.02 22.06 54.36
CA ILE JA 562 12.44 22.97 53.39
C ILE JA 562 10.92 22.81 53.40
N SER JA 563 10.22 23.93 53.54
CA SER JA 563 8.77 23.89 53.56
C SER JA 563 8.22 23.93 52.14
N THR JA 564 7.11 23.22 51.93
CA THR JA 564 6.44 23.21 50.64
C THR JA 564 4.92 23.15 50.82
N ALA JA 565 4.24 23.64 49.79
CA ALA JA 565 2.80 23.85 49.88
C ALA JA 565 2.05 22.55 50.11
N GLU JA 566 2.51 21.46 49.49
CA GLU JA 566 1.82 20.19 49.64
C GLU JA 566 1.92 19.67 51.07
N GLU JA 567 3.08 19.82 51.70
CA GLU JA 567 3.18 19.45 53.11
C GLU JA 567 2.31 20.34 53.98
N ASP JA 568 2.24 21.63 53.65
CA ASP JA 568 1.33 22.49 54.41
C ASP JA 568 -0.11 22.02 54.29
N ASN JA 569 -0.53 21.67 53.07
CA ASN JA 569 -1.88 21.16 52.86
C ASN JA 569 -2.11 19.87 53.62
N ALA JA 570 -1.11 18.98 53.62
CA ALA JA 570 -1.25 17.74 54.35
C ALA JA 570 -1.43 18.00 55.84
N LYS JA 571 -0.65 18.92 56.39
CA LYS JA 571 -0.78 19.24 57.81
C LYS JA 571 -2.17 19.80 58.11
N VAL JA 572 -2.65 20.70 57.26
CA VAL JA 572 -3.97 21.29 57.48
C VAL JA 572 -5.04 20.21 57.43
N ASN JA 573 -4.96 19.32 56.44
CA ASN JA 573 -5.97 18.26 56.31
C ASN JA 573 -5.95 17.34 57.52
N ASP JA 574 -4.75 16.97 57.99
CA ASP JA 574 -4.66 16.11 59.16
C ASP JA 574 -5.28 16.78 60.36
N LEU JA 575 -4.96 18.05 60.58
CA LEU JA 575 -5.53 18.76 61.71
C LEU JA 575 -7.04 18.80 61.64
N THR JA 576 -7.58 19.19 60.48
CA THR JA 576 -9.02 19.30 60.34
C THR JA 576 -9.69 17.96 60.60
N PHE JA 577 -9.21 16.91 59.94
CA PHE JA 577 -9.84 15.60 60.07
C PHE JA 577 -9.79 15.12 61.51
N MET JA 578 -8.64 15.25 62.14
CA MET JA 578 -8.48 14.60 63.43
C MET JA 578 -9.18 15.39 64.53
N LEU JA 579 -9.30 16.71 64.35
CA LEU JA 579 -10.19 17.49 65.19
C LEU JA 579 -11.64 17.05 65.00
N GLN JA 580 -12.09 16.94 63.75
CA GLN JA 580 -13.51 16.65 63.53
C GLN JA 580 -13.88 15.27 64.04
N THR JA 581 -12.93 14.32 63.99
CA THR JA 581 -13.13 13.00 64.61
C THR JA 581 -11.91 12.72 65.47
N MET JA 582 -11.91 13.28 66.67
CA MET JA 582 -10.98 12.88 67.72
C MET JA 582 -11.67 12.09 68.82
N GLY JA 583 -12.73 12.63 69.41
CA GLY JA 583 -13.44 11.95 70.45
C GLY JA 583 -13.92 12.88 71.54
N PRO JA 584 -14.56 12.31 72.55
CA PRO JA 584 -15.11 13.13 73.64
C PRO JA 584 -14.07 13.53 74.65
N ASN JA 585 -12.79 13.33 74.32
CA ASN JA 585 -11.70 13.62 75.25
C ASN JA 585 -11.80 15.03 75.81
N MET JA 586 -11.45 15.17 77.08
CA MET JA 586 -11.66 16.42 77.79
C MET JA 586 -10.57 17.41 77.40
N ASP JA 587 -10.45 18.48 78.18
CA ASP JA 587 -9.53 19.58 77.93
C ASP JA 587 -9.87 20.25 76.61
N PRO JA 588 -11.03 20.91 76.52
CA PRO JA 588 -11.38 21.61 75.27
C PRO JA 588 -10.43 22.74 74.95
N MET JA 589 -9.62 23.16 75.93
CA MET JA 589 -8.53 24.07 75.63
C MET JA 589 -7.69 23.53 74.48
N MET JA 590 -7.46 22.22 74.45
CA MET JA 590 -6.67 21.63 73.38
C MET JA 590 -7.34 21.81 72.03
N ALA JA 591 -8.66 21.59 71.96
CA ALA JA 591 -9.36 21.80 70.71
C ALA JA 591 -9.26 23.25 70.27
N GLN JA 592 -9.35 24.17 71.22
CA GLN JA 592 -9.17 25.58 70.88
C GLN JA 592 -7.77 25.83 70.33
N GLN JA 593 -6.75 25.24 70.94
CA GLN JA 593 -5.40 25.42 70.42
C GLN JA 593 -5.30 24.93 68.99
N ILE JA 594 -5.87 23.77 68.71
CA ILE JA 594 -5.81 23.22 67.36
C ILE JA 594 -6.48 24.18 66.38
N MET JA 595 -7.71 24.58 66.70
CA MET JA 595 -8.46 25.44 65.78
C MET JA 595 -7.73 26.74 65.53
N GLY JA 596 -7.14 27.31 66.58
CA GLY JA 596 -6.32 28.49 66.40
C GLY JA 596 -5.14 28.24 65.49
N GLN JA 597 -4.57 27.04 65.56
CA GLN JA 597 -3.46 26.73 64.66
C GLN JA 597 -3.93 26.67 63.21
N ILE JA 598 -5.12 26.11 62.95
CA ILE JA 598 -5.62 26.16 61.58
C ILE JA 598 -5.84 27.60 61.13
N MET JA 599 -6.42 28.43 61.99
CA MET JA 599 -6.50 29.86 61.66
C MET JA 599 -5.14 30.44 61.27
N GLU JA 600 -4.13 30.19 62.10
CA GLU JA 600 -2.83 30.79 61.85
C GLU JA 600 -2.23 30.28 60.55
N LEU JA 601 -2.38 28.98 60.28
CA LEU JA 601 -1.90 28.44 59.02
C LEU JA 601 -2.65 29.03 57.84
N LYS JA 602 -3.90 29.40 58.03
CA LYS JA 602 -4.68 30.04 56.97
C LYS JA 602 -4.58 31.55 57.02
N LYS JA 603 -3.68 32.09 57.84
CA LYS JA 603 -3.31 33.51 57.80
C LYS JA 603 -4.45 34.42 58.23
N MET JA 604 -5.01 34.16 59.41
CA MET JA 604 -5.86 35.11 60.12
C MET JA 604 -5.42 35.14 61.57
N PRO JA 605 -4.24 35.71 61.84
CA PRO JA 605 -3.69 35.65 63.20
C PRO JA 605 -4.57 36.29 64.25
N ASP JA 606 -5.30 37.34 63.92
CA ASP JA 606 -6.21 37.94 64.90
C ASP JA 606 -7.27 36.94 65.35
N PHE JA 607 -7.92 36.28 64.39
CA PHE JA 607 -8.89 35.25 64.74
C PHE JA 607 -8.22 34.13 65.51
N ALA JA 608 -7.00 33.76 65.11
CA ALA JA 608 -6.30 32.68 65.80
C ALA JA 608 -6.11 33.01 67.27
N LYS JA 609 -5.60 34.20 67.56
CA LYS JA 609 -5.37 34.58 68.94
C LYS JA 609 -6.68 34.66 69.71
N ARG JA 610 -7.71 35.25 69.08
CA ARG JA 610 -8.97 35.40 69.78
C ARG JA 610 -9.56 34.05 70.14
N ILE JA 611 -9.51 33.09 69.21
CA ILE JA 611 -10.05 31.77 69.49
C ILE JA 611 -9.23 31.08 70.56
N ARG JA 612 -7.90 31.07 70.43
CA ARG JA 612 -7.10 30.31 71.36
C ARG JA 612 -7.17 30.90 72.76
N GLU JA 613 -7.44 32.19 72.90
CA GLU JA 613 -7.59 32.79 74.21
C GLU JA 613 -9.04 32.84 74.65
N PHE JA 614 -9.98 32.45 73.81
CA PHE JA 614 -11.39 32.50 74.18
C PHE JA 614 -11.69 31.55 75.32
N GLN JA 615 -12.45 32.02 76.30
CA GLN JA 615 -12.83 31.23 77.45
C GLN JA 615 -14.33 30.95 77.41
N PRO JA 616 -14.75 29.70 77.23
CA PRO JA 616 -16.18 29.40 77.26
C PRO JA 616 -16.78 29.64 78.64
N GLN JA 617 -18.05 30.01 78.66
CA GLN JA 617 -18.77 30.26 79.90
C GLN JA 617 -20.09 29.52 79.87
N PRO JA 618 -20.42 28.87 80.99
CA PRO JA 618 -21.65 28.10 81.08
C PRO JA 618 -22.84 29.01 81.38
N ASP JA 619 -24.04 28.49 81.10
CA ASP JA 619 -25.27 29.23 81.33
C ASP JA 619 -25.75 29.01 82.76
N PRO JA 620 -26.98 29.44 83.04
CA PRO JA 620 -27.58 29.28 84.37
C PRO JA 620 -28.52 28.08 84.44
N ILE JA 621 -28.21 27.02 83.70
CA ILE JA 621 -29.02 25.81 83.73
C ILE JA 621 -28.60 24.85 84.85
N ALA JA 622 -27.50 25.12 85.53
CA ALA JA 622 -27.15 24.31 86.70
C ALA JA 622 -28.21 24.42 87.79
N GLN JA 623 -29.00 25.49 87.76
CA GLN JA 623 -30.17 25.56 88.63
C GLN JA 623 -31.05 24.35 88.43
N GLN JA 624 -31.22 23.91 87.18
CA GLN JA 624 -32.05 22.75 86.93
C GLN JA 624 -31.53 21.52 87.64
N LYS JA 625 -30.21 21.30 87.57
CA LYS JA 625 -29.64 20.13 88.24
C LYS JA 625 -29.83 20.22 89.74
N ALA JA 626 -29.59 21.41 90.32
CA ALA JA 626 -29.78 21.56 91.75
C ALA JA 626 -31.22 21.29 92.16
N GLN JA 627 -32.17 21.83 91.38
CA GLN JA 627 -33.57 21.67 91.74
C GLN JA 627 -34.04 20.23 91.59
N LEU JA 628 -33.57 19.52 90.57
CA LEU JA 628 -33.95 18.12 90.45
C LEU JA 628 -33.30 17.28 91.54
N GLU JA 629 -32.09 17.66 91.96
CA GLU JA 629 -31.50 16.99 93.11
C GLU JA 629 -32.39 17.16 94.34
N LEU JA 630 -32.89 18.37 94.56
CA LEU JA 630 -33.79 18.59 95.68
C LEU JA 630 -35.09 17.81 95.51
N MET JA 631 -35.64 17.80 94.29
CA MET JA 631 -36.74 16.90 93.94
C MET JA 631 -36.52 15.53 94.53
N LEU JA 632 -35.44 14.88 94.10
CA LEU JA 632 -35.22 13.50 94.49
C LEU JA 632 -35.03 13.38 96.00
N LEU JA 633 -34.24 14.26 96.58
CA LEU JA 633 -33.94 14.16 98.01
C LEU JA 633 -35.21 14.22 98.83
N GLN JA 634 -36.06 15.21 98.55
CA GLN JA 634 -37.28 15.38 99.32
C GLN JA 634 -38.26 14.26 99.02
N ALA JA 635 -38.42 13.89 97.75
CA ALA JA 635 -39.35 12.83 97.40
C ALA JA 635 -38.97 11.52 98.08
N GLN JA 636 -37.69 11.31 98.35
CA GLN JA 636 -37.38 10.05 99.03
C GLN JA 636 -37.48 10.17 100.54
N ILE JA 637 -36.72 11.07 101.17
CA ILE JA 637 -36.73 11.12 102.62
C ILE JA 637 -38.12 11.48 103.12
N GLU JA 638 -38.72 12.51 102.55
CA GLU JA 638 -39.93 13.07 103.12
C GLU JA 638 -41.14 12.19 102.87
N ALA JA 639 -41.26 11.62 101.68
CA ALA JA 639 -42.47 10.91 101.36
C ALA JA 639 -42.46 9.49 101.94
N GLU JA 640 -41.52 8.67 101.51
CA GLU JA 640 -41.67 7.22 101.68
C GLU JA 640 -41.54 6.83 103.14
N ARG JA 641 -40.51 7.34 103.83
CA ARG JA 641 -40.34 6.98 105.23
C ARG JA 641 -41.55 7.41 106.05
N ALA JA 642 -42.08 8.58 105.75
CA ALA JA 642 -43.28 9.05 106.44
C ALA JA 642 -44.46 8.11 106.19
N ARG JA 643 -44.62 7.64 104.95
CA ARG JA 643 -45.68 6.70 104.65
C ARG JA 643 -45.51 5.42 105.46
N ALA JA 644 -44.28 4.93 105.56
CA ALA JA 644 -44.03 3.73 106.34
C ALA JA 644 -44.44 3.93 107.79
N ALA JA 645 -44.01 5.06 108.38
CA ALA JA 645 -44.36 5.31 109.76
C ALA JA 645 -45.87 5.36 109.94
N HIS JA 646 -46.56 6.02 109.02
CA HIS JA 646 -48.01 6.12 109.12
C HIS JA 646 -48.66 4.74 109.07
N TYR JA 647 -48.20 3.89 108.15
CA TYR JA 647 -48.82 2.58 108.03
C TYR JA 647 -48.57 1.71 109.25
N MET JA 648 -47.35 1.74 109.79
CA MET JA 648 -47.09 0.97 111.00
C MET JA 648 -47.95 1.46 112.16
N SER JA 649 -48.10 2.77 112.28
CA SER JA 649 -48.97 3.30 113.34
C SER JA 649 -50.40 2.80 113.15
N GLY JA 650 -50.89 2.81 111.92
CA GLY JA 650 -52.23 2.30 111.68
C GLY JA 650 -52.37 0.84 112.07
N ALA JA 651 -51.38 0.02 111.73
CA ALA JA 651 -51.43 -1.39 112.08
C ALA JA 651 -51.51 -1.56 113.59
N GLY JA 652 -50.67 -0.82 114.32
CA GLY JA 652 -50.74 -0.89 115.77
C GLY JA 652 -52.11 -0.49 116.30
N LEU JA 653 -52.71 0.54 115.70
CA LEU JA 653 -54.02 0.97 116.14
C LEU JA 653 -55.07 -0.12 115.95
N GLN JA 654 -55.04 -0.80 114.80
CA GLN JA 654 -56.00 -1.89 114.59
C GLN JA 654 -55.81 -2.99 115.62
N ASP JA 655 -54.56 -3.37 115.84
CA ASP JA 655 -54.29 -4.42 116.82
C ASP JA 655 -54.78 -4.01 118.20
N SER JA 656 -54.76 -2.72 118.50
CA SER JA 656 -55.35 -2.25 119.75
C SER JA 656 -56.87 -2.39 119.72
N LYS JA 657 -57.51 -1.99 118.62
CA LYS JA 657 -58.96 -1.97 118.55
C LYS JA 657 -59.58 -3.36 118.70
N VAL JA 658 -58.80 -4.39 118.40
CA VAL JA 658 -59.32 -5.76 118.56
C VAL JA 658 -59.86 -5.98 119.96
N GLY JA 659 -59.12 -5.54 120.97
CA GLY JA 659 -59.55 -5.76 122.35
C GLY JA 659 -60.85 -5.07 122.68
N THR JA 660 -61.03 -3.84 122.20
CA THR JA 660 -62.28 -3.14 122.41
C THR JA 660 -63.43 -3.89 121.77
N GLU JA 661 -63.19 -4.49 120.61
CA GLU JA 661 -64.23 -5.32 120.00
C GLU JA 661 -64.61 -6.48 120.92
N GLN JA 662 -63.60 -7.14 121.49
CA GLN JA 662 -63.88 -8.23 122.41
C GLN JA 662 -64.76 -7.76 123.57
N ALA JA 663 -64.39 -6.63 124.15
CA ALA JA 663 -65.12 -6.12 125.32
C ALA JA 663 -66.56 -5.79 124.96
N LYS JA 664 -66.77 -5.18 123.79
CA LYS JA 664 -68.13 -4.87 123.37
C LYS JA 664 -68.95 -6.13 123.23
N ALA JA 665 -68.38 -7.17 122.64
CA ALA JA 665 -69.11 -8.42 122.49
C ALA JA 665 -69.53 -8.97 123.84
N ARG JA 666 -68.60 -9.00 124.80
CA ARG JA 666 -68.92 -9.54 126.12
C ARG JA 666 -70.02 -8.73 126.79
N ALA JA 667 -69.93 -7.41 126.73
CA ALA JA 667 -70.92 -6.57 127.40
C ALA JA 667 -72.31 -6.78 126.82
N LEU JA 668 -72.40 -6.85 125.48
CA LEU JA 668 -73.71 -7.06 124.88
C LEU JA 668 -74.27 -8.43 125.24
N ALA JA 669 -73.42 -9.44 125.32
CA ALA JA 669 -73.92 -10.74 125.76
C ALA JA 669 -74.51 -10.65 127.16
N SER JA 670 -73.82 -9.96 128.06
CA SER JA 670 -74.34 -9.82 129.42
C SER JA 670 -75.69 -9.11 129.44
N GLN JA 671 -75.82 -8.04 128.64
CA GLN JA 671 -77.08 -7.31 128.60
C GLN JA 671 -78.22 -8.19 128.10
N ALA JA 672 -77.94 -9.00 127.07
CA ALA JA 672 -78.96 -9.91 126.57
C ALA JA 672 -79.38 -10.90 127.66
N ASP JA 673 -78.41 -11.39 128.43
CA ASP JA 673 -78.74 -12.29 129.53
C ASP JA 673 -79.67 -11.62 130.54
N MET JA 674 -79.38 -10.36 130.89
CA MET JA 674 -80.24 -9.63 131.81
C MET JA 674 -81.66 -9.53 131.26
N THR JA 675 -81.78 -9.19 129.98
CA THR JA 675 -83.12 -9.04 129.39
C THR JA 675 -83.87 -10.36 129.43
N ASP JA 676 -83.20 -11.46 129.10
CA ASP JA 676 -83.85 -12.76 129.14
C ASP JA 676 -84.31 -13.11 130.55
N LEU JA 677 -83.50 -12.79 131.55
CA LEU JA 677 -83.90 -13.05 132.93
C LEU JA 677 -85.16 -12.28 133.28
N ASN JA 678 -85.21 -11.00 132.93
CA ASN JA 678 -86.39 -10.20 133.26
C ASN JA 678 -87.63 -10.73 132.53
N PHE JA 679 -87.45 -11.17 131.29
CA PHE JA 679 -88.56 -11.76 130.55
C PHE JA 679 -89.09 -12.99 131.27
N LEU JA 680 -88.18 -13.87 131.70
CA LEU JA 680 -88.60 -15.06 132.41
C LEU JA 680 -89.34 -14.72 133.69
N GLU JA 681 -88.85 -13.73 134.44
CA GLU JA 681 -89.53 -13.34 135.67
C GLU JA 681 -90.93 -12.83 135.40
N GLN JA 682 -91.08 -11.90 134.44
CA GLN JA 682 -92.40 -11.39 134.13
C GLN JA 682 -93.33 -12.50 133.67
N GLU JA 683 -92.80 -13.53 133.03
CA GLU JA 683 -93.64 -14.70 132.76
C GLU JA 683 -93.71 -15.55 134.01
N SER JA 684 -94.63 -15.17 134.90
CA SER JA 684 -95.03 -16.01 136.03
C SER JA 684 -93.85 -16.35 136.94
N GLY JA 685 -93.32 -15.33 137.58
CA GLY JA 685 -92.37 -15.54 138.65
C GLY JA 685 -92.38 -14.49 139.73
N VAL JA 686 -91.20 -14.24 140.30
CA VAL JA 686 -91.04 -13.28 141.38
C VAL JA 686 -91.57 -11.91 140.98
N GLN JA 687 -91.59 -11.60 139.69
CA GLN JA 687 -92.02 -10.30 139.22
C GLN JA 687 -93.37 -9.91 139.81
N GLN JA 688 -94.35 -10.81 139.71
CA GLN JA 688 -95.65 -10.56 140.32
C GLN JA 688 -95.91 -11.45 141.53
N ALA JA 689 -94.93 -12.25 141.93
CA ALA JA 689 -95.05 -12.96 143.19
C ALA JA 689 -94.64 -12.08 144.37
N ARG JA 690 -93.44 -11.52 144.31
CA ARG JA 690 -92.92 -10.79 145.46
C ARG JA 690 -93.58 -9.43 145.63
N LYS JA 691 -93.77 -8.70 144.52
CA LYS JA 691 -94.05 -7.27 144.61
C LYS JA 691 -95.27 -6.96 145.46
N ARG JA 692 -96.23 -7.88 145.56
CA ARG JA 692 -97.24 -7.72 146.60
C ARG JA 692 -96.78 -8.33 147.91
N GLU JA 693 -96.33 -9.59 147.85
CA GLU JA 693 -95.87 -10.33 149.03
C GLU JA 693 -95.09 -9.47 150.00
N LEU JA 694 -94.07 -8.79 149.50
CA LEU JA 694 -93.23 -7.93 150.32
C LEU JA 694 -94.06 -6.98 151.17
N GLN JA 695 -94.80 -6.09 150.50
CA GLN JA 695 -95.49 -5.02 151.22
C GLN JA 695 -96.63 -5.56 152.06
N GLN JA 696 -97.41 -6.50 151.52
CA GLN JA 696 -98.55 -7.00 152.28
C GLN JA 696 -98.08 -7.71 153.54
N ALA JA 697 -97.11 -8.62 153.41
CA ALA JA 697 -96.63 -9.34 154.58
C ALA JA 697 -96.00 -8.39 155.58
N GLN JA 698 -95.16 -7.46 155.12
CA GLN JA 698 -94.49 -6.56 156.05
C GLN JA 698 -95.49 -5.70 156.80
N SER JA 699 -96.38 -5.02 156.07
CA SER JA 699 -97.33 -4.12 156.71
C SER JA 699 -98.26 -4.88 157.64
N GLU JA 700 -98.81 -6.00 157.17
CA GLU JA 700 -99.73 -6.78 157.98
C GLU JA 700 -99.05 -7.27 159.26
N ALA JA 701 -97.88 -7.90 159.11
CA ALA JA 701 -97.21 -8.45 160.28
C ALA JA 701 -96.83 -7.37 161.27
N GLN JA 702 -96.27 -6.26 160.77
CA GLN JA 702 -95.84 -5.19 161.66
C GLN JA 702 -97.03 -4.59 162.40
N GLY JA 703 -98.08 -4.22 161.67
CA GLY JA 703 -99.25 -3.65 162.31
C GLY JA 703 -99.89 -4.60 163.29
N LYS JA 704 -100.01 -5.87 162.92
CA LYS JA 704 -100.64 -6.85 163.80
C LYS JA 704 -99.82 -7.06 165.06
N LEU JA 705 -98.50 -7.16 164.94
CA LEU JA 705 -97.67 -7.36 166.13
C LEU JA 705 -97.71 -6.14 167.03
N ALA JA 706 -97.64 -4.94 166.47
CA ALA JA 706 -97.71 -3.74 167.30
C ALA JA 706 -99.06 -3.63 167.99
N MET JA 707 -100.14 -3.90 167.26
CA MET JA 707 -101.46 -3.76 167.84
C MET JA 707 -101.77 -4.89 168.84
N LEU JA 708 -101.15 -6.06 168.67
CA LEU JA 708 -101.24 -7.09 169.68
C LEU JA 708 -100.46 -6.69 170.92
N ASN JA 709 -99.30 -6.05 170.75
CA ASN JA 709 -98.60 -5.48 171.89
C ASN JA 709 -99.40 -4.37 172.56
N SER JA 710 -100.34 -3.77 171.83
CA SER JA 710 -101.21 -2.76 172.44
C SER JA 710 -102.01 -3.35 173.58
N GLN JA 711 -102.57 -4.55 173.40
CA GLN JA 711 -103.31 -5.17 174.48
C GLN JA 711 -102.41 -5.54 175.65
N LEU JA 712 -101.14 -5.89 175.37
CA LEU JA 712 -100.20 -6.13 176.45
C LEU JA 712 -99.94 -4.86 177.24
N LYS JA 713 -99.76 -3.73 176.53
CA LYS JA 713 -99.59 -2.46 177.21
C LYS JA 713 -100.82 -2.12 178.05
N ARG JA 714 -102.01 -2.38 177.52
CA ARG JA 714 -103.23 -2.09 178.27
C ARG JA 714 -103.37 -2.99 179.48
N LEU JA 715 -102.98 -4.25 179.36
CA LEU JA 715 -102.99 -5.15 180.52
C LEU JA 715 -102.03 -4.67 181.58
N ASP JA 716 -100.85 -4.18 181.17
CA ASP JA 716 -99.93 -3.58 182.12
C ASP JA 716 -100.55 -2.34 182.77
N GLU JA 717 -101.26 -1.53 181.98
CA GLU JA 717 -101.99 -0.39 182.53
C GLU JA 717 -102.94 -0.82 183.62
N ALA JA 718 -103.73 -1.86 183.33
CA ALA JA 718 -104.73 -2.33 184.28
C ALA JA 718 -104.08 -2.88 185.55
N THR JA 719 -103.01 -3.65 185.39
CA THR JA 719 -102.35 -4.26 186.55
C THR JA 719 -101.49 -3.27 187.33
N SER JA 720 -101.19 -2.10 186.77
CA SER JA 720 -100.40 -1.09 187.48
C SER JA 720 -101.28 -0.02 188.11
N ALA JA 721 -102.08 0.67 187.30
CA ALA JA 721 -102.93 1.74 187.81
C ALA JA 721 -104.24 1.83 187.03
#